data_6R6G
#
_entry.id   6R6G
#
_cell.length_a   1
_cell.length_b   1
_cell.length_c   1
_cell.angle_alpha   90
_cell.angle_beta   90
_cell.angle_gamma   90
#
_symmetry.space_group_name_H-M   'P 1'
#
loop_
_entity.id
_entity.type
_entity.pdbx_description
1 polymer eS31
2 polymer 'X-box-binding protein 1'
3 polymer P-tRNA
4 polymer E-tRNA
5 polymer mRNA
6 polymer '28S ribosomal RNA'
7 polymer 'ribosomal protein RACK1'
8 polymer '5S ribosomal RNA'
9 polymer '5.8S ribosomal RNA'
10 polymer uS14
11 polymer uL2
12 polymer '40S ribosomal protein S30'
13 polymer uL3
14 polymer '40S ribosomal protein S7'
15 polymer uL4
16 polymer '40S ribosomal protein S8'
17 polymer 'Ribosomal protein S9 (Predicted)'
18 polymer '60S ribosomal protein L5'
19 polymer 'Ribosomal protein S11'
20 polymer '60S ribosomal protein L6'
21 polymer 'Ribosomal protein S28'
22 polymer uL30
23 polymer 'Ribosomal protein S20'
24 polymer eL8
25 polymer uL6
26 polymer '40S ribosomal protein S21'
27 polymer 'Ribosomal protein L10 (Predicted)'
28 polymer uS13
29 polymer '40S ribosomal protein S27'
30 polymer 'Ribosomal protein L11'
31 polymer '18S ribosomal RNA'
32 polymer eS17
33 polymer '60S ribosomal protein L13'
34 polymer '40S ribosomal protein S26'
35 polymer 'Ribosomal protein L14'
36 polymer '40S ribosomal protein S14'
37 polymer 'Ribosomal protein L15'
38 polymer '40S ribosomal protein S24'
39 polymer '60S ribosomal protein L13a'
40 polymer 'ribosomal protein eS25'
41 polymer uL22
42 polymer eS19
43 polymer eL18
44 polymer 'ribosomal protein uS15'
45 polymer '60S ribosomal protein L19'
46 polymer '40S ribosomal protein S12'
47 polymer eL20
48 polymer eS10
49 polymer eL21
50 polymer 'Ribosomal protein S15a'
51 polymer 'Ribosomal protein S16'
52 polymer '60S ribosomal protein L22'
53 polymer 'Ribosomal protein S23'
54 polymer eL14
55 polymer 'Ribosomal protein L24'
56 polymer uS19
57 polymer uL23
58 polymer 'Ribosomal protein L26'
59 polymer '60S ribosomal protein L27'
60 polymer uL15
61 polymer eL29
62 polymer eL30
63 polymer eL31
64 polymer eL32
65 polymer eL33
66 polymer eL34
67 polymer uL29
68 polymer '60S ribosomal protein L36'
69 polymer 'Ribosomal protein L37'
70 polymer '60S ribosomal protein L38'
71 polymer eL39
72 polymer '60S ribosomal protein L40'
73 polymer '60s ribosomal protein l41'
74 polymer eL42
75 polymer 'ribosomal protein eL43'
76 polymer uS2
77 polymer eL28
78 polymer '60S acidic ribosomal protein P0'
79 polymer uL11
80 polymer '40S ribosomal protein S3a'
81 polymer uS5
82 polymer 'Ribosomal protein S3'
83 polymer '40S ribosomal protein S4'
84 polymer 'Ribosomal protein S5'
85 polymer '40S ribosomal protein S6'
86 polymer 'Signal recognition particle 54 kDa protein'
87 polymer '7S RNA'
88 polymer 'Signal recognition particle subunit SRP19'
89 polymer 'Signal recognition particle subunit SRP68'
90 polymer 'Signal recognition particle 9 kDa protein'
91 polymer 'Signal recognition particle 14 kDa protein'
92 polymer 'Signal sequence (HR2)'
93 non-polymer 'MAGNESIUM ION'
94 non-polymer 'ZINC ION'
#
loop_
_entity_poly.entity_id
_entity_poly.type
_entity_poly.pdbx_seq_one_letter_code
_entity_poly.pdbx_strand_id
1 'polypeptide(L)' KSYTTPKKNKHKRKKVKLAVLKYYKVDENGKISRLRRECPSDECGAGVFMASHFDRHYCGKCCLTYCF 0
2 'polypeptide(L)' DPVPYQPPFLCQWGRHQPAWKPLM 1
3 'polyribonucleotide' GCUUCCGUAGUGCAGCGGCAGCACGUUAGGCUCAUAAUCUAAAGGUCCUUGGUUCGAAACCAUCCGGGGGCACCA 2
4 'polyribonucleotide' GCCCGGAUAGCUCAGCUGUAGAGCAUCAGACUUAAAAUCUGAGGGUCCAGGGUUCAAGUCCCUGUUCGGGCGCCA 3
5 'polyribonucleotide' UUAAUG 4
6 'polyribonucleotide'
;CGCGACCUCAGAUCAGACGUGGCGACCCGCUGAAUUUAAGCAUAUUAGUCAGCGGAGGAAAAGAAACUAACCAGGAUUCC
CUCAGUAACGGCGAGUGAACAGGGAAGAGCCCAGCGCCGAAUCCCCGCCCCGCGGCGGGGCGCGGGAAAUGUGGCGUACG
GAAGACCCACUCCCCGGCGCCGGGGGGCCCAAGUCCUUCUGAUCGAGGCCCAGCCCGUGGACGGUGUGAGGCCGGUAGCG
GCCCCCGGCGCGCCGGGCCCGGGUCUUCCCGGAGUCGGGUUGCUUGGGAAUGCAGCCCAAAGCGGGUGGUAAACUCCAUC
UAAGGCUAAAUACCGGCACGAGACCGAUAGUCAACAAGUACCGUAAGGGAAAGUUGAAAAGAACUUUGAAGAGAGAGUUC
AAGAGGGCGUGAAACCGUUAAGAGGUAAACGGGUGGGGUCCGCGCAGUCCGCCCGGAGGAUUCAACCCGGCGGCGCGGUC
CGGCCGUGCCGGCGGGGCGGAUCUCCCGCUCCCGUCGGCGGGGGACCGCCCCCCGGCCGGCGACCGGCCGCCGCCGGGCG
CAUUUCCACCGCGGCGGUGCGCCGCGACCGGCUCCGGGACGGCUGGGAAGGCCCCGGCGGGGAAGGUGGCCCGGGGGCCC
CGGGUGUUACAGCCCCGCCCCGGCAGCAGCAGCUCGCCGAAUCCCGGGGCCGAGGGAGCGAGACCCGUGCGCCGCGCUCU
CCCCCCUCGGGGGGGCCGGGCCACCCCUCCCACGGCGCGACCGCUGGGGCGGACUGUCCAGUGCGCCCCGGGCGGGUCGC
GCCGUCGGGCCCGGGGGGCCACGCGUCCCCCGCGAGCGCACGGGGUCGGCGGCGAUGUCGGCUACCCACCCGACCCGUCU
UGAAACACGGACCAAGGAGUCUAACACGUGCGCGAGUCGGGGGCUACGAAAGCCGCCGUGGCGCAAUGAAGGUGAAGGCC
GGCGCGCGCGCCGCCGGCCGAGGUGGGAUCCCGAGGCCUUCCAGUCCGCCGAGGGCGCACCACCGGCCCGUCUCGCCCGC
CGCGCCGGGGAGGUGGAGCACGAGCGCACGUGUUAGGACCCGAAAGAUGGUGAACUAUGCCUGGGCAGGGCGAAGCCAGA
GGAAACUCUGGUGGAGGUCCGUAGCGGUCCUGACGUGCGAAUCGGUCGUCCGACCUGGGUAUAGGGGCGAAAGACUAAUC
GAACCAUCUAGUAGCUGGUUCCCUCCAAAGUUUCCCUCAGGAUAGCUGGCGCUCUCCGCAGUUUUAUCCGGUAAAGCGAA
UGAUUAGAGGUCUUGGGGCCGAAACGAUCUCAACCUAUUCUCAAACUUUAAAUGGGUAAGAAGCCCGGCUCGCUGGUGUG
GAGCCGGGCGUGGAAUGCGAGUGCCUAGUGGGCCACUUUUGGUAAGCAGAACUGGCGCUGCGGGAUGAACCGAACGCCGG
GUUAAGGCGCCCGAUGCCGACGCUCAUCAGACCCCAGAAAAGGUGUUGGUUGAUAUAGACAGCAGGAUGGUGGCCAUGGA
AGUCGGAAUCCGCUAAGGAGUGUGUAACAACUCACCUGCCGAAUCAACUAGCCCUGAAAAUGGAUGGCGCUGGAGCGUCG
GGCCCAUACCCGGCCGUCGCUGGCAGUCGGCAGAGCGAGAAAGAGAGUGGCGCGGACGCUACGCCGCGACGAGUAGGAGG
GCCGCUGCGGUGAGCCUUGAAGCCUAGGGCGCGGGCCCGGGUGGAGCCGCCGCAGGUGCAGAUCUUGGUGGUAGUAGCAA
AUAUUCAAACGAGAACUUUGAAGGCCGAAGUGGAGAAGGGUUCCAUGUGAACAGCAGUUGAACAUGGGUCAGUCGGUCCU
GAGAGAUGGGCGAGCGCCGUUCCGAAGGGACGGGCGAUGGCCUCCGUUGCCCUCAGCCGAUCGAAAGGGAGUCGGGUUCA
GAUCCCCGAAUCCGGAGUGGCGGAGAUGGGCGCCGCGAGGCGUCCAGUGCGGUAACGCGACCGAUCCCGGAGAAGCCGGC
GGGAGCCCCGGGGAGAGUUCUCUUUUCUUUGUGAAGGGCAGGGCGCCCUGGAAUGGGUUCGCCCCGAGAGAGGGGCCCGU
GCCUUGGAAAGCGUCGCGGUUCCGGCGGCGUCCGGUGAGCUCUCGCUGGCCCUUGAAAAUCCGGGGGAGAGGGUGUAAAU
CUCGCGCCGGGCCGUACCCAUAUCCGCAGCAGGUCUCCAAGGUGAACAGCCUCUGGCAUGUUGGAACAAUGUAGGUAAGG
GAAGUCGGCAAGCCGGAUCCGUAACUUCGGGAUAAGGAUUGGCUCUAAGGGCUGGCAGCCGACUUAGAACUGGUGCGGAC
CAGGGGAAUCCGACUGUUUAAUUAAAACAAAGCAUCGCGAAGGCCCGCGGCGGGUGUUGACGCGAUGUGAUUUCUGCCCA
GUGCUCUGAAUGUCAAAGUGAAGAAAUUCAAUGAAGCGCGGGUAAACGGCGGGAGUAACUAUGACUCUCUUAAGGUAGCC
AAAUGCCUCGUCAUCUAAUUAGUGACGCGCAUGAAUGGAUGAACGAGAUUCCCACUGUCCCUACCUACUAUCCAGCGAAA
CCACAGCCAAGGGAACGGGCUUGGCGGAAUCAGCGGGGAAAGAAGACCCUGUUGAGCUUGACUCUAGUCUGGCACGGUGA
AGAGACGUUUUUUCACUGACCCGGUGAGGCGGGGGGGCGAGCCGGGCUCUCGCUUCUGGCGCCAAGCGCCCGGCCGGCCG
GGCGCGACCCGCUCCGGGGACAGUGCCAGGUGGGGAGUUUGACUGGGGCGGUACACCUGUCAAACGGUAACGCAGGUGUC
CUAAGGCGAGCUCAGGGAGGACAGAAACCUCCCGUGGAGCAGAAGGGCAAAAGCUCGCUUGAUCUUGAUUUUCAGUACGA
AUACAGACCGUGAAAGCGGGGCCUCACGAUCCUUCUGACCUUUUGGGUUUUAAGCAGGAGGUGUCAGAAAAGUUACCACA
GGGAUAACUGGCUUGUGGCGGCCAAGCGUUCAUAGCGACGUCGCUUUUUGAUCCUUCGAUGUCGGCUCUUCCUAUCAUUG
UGAAGCAGAAUUCACCAAGCGUUGGAUUGUUCACCCACUAAUAGGGAACGUGAGCUGGGUUUAGACCGUCGUGAGACAGG
UUAGUUUUACCCUACUGAUGAUGUGUUGUUGCCAUGGUAAUCCUGCUCAGUACGAGAGGAACCGCAGGUUCAGACAUUUG
GUGUAUGUGCUUGGCUGAGGAGCCAAUGGGGCGAAGCUACCAUCUGUGGGAUUAUGACUGAACGCCUCUAAGUCAGAAUC
CCGCCCAGGCGGAACGAUAGCGCCGGAGCCUCGGUUGGCCUCGGAUAGCCGGUCCCCCGCCGGGGUCCGGUGCGGAGAGC
CCUUCGUCCCGGGAAACGGGGCGGCCGGAAAGGGGGCCGCCCUCUCGCCCGUCACGCACCGCACGUUCGUGGGGAACCUG
GCGCUAAACCAUUCGUAGACGACCUGCUUCUGGGUCGGGGUUUCGUACGUAGCAGAGCAGCUGCUGCGAUCUAUUGAAAG
UCAGCCCUCGACACAAGGGUUUGU
;
5
7 'polypeptide(L)'
;TEQMTLRGTLKGHNGWVTQIATTPQFPDMILSASRDKTIIMWKLTRDETNYGIPQRALRGHSHFVSDVVISSDGQFALSG
SWDGTLRLWDLTTGTTTRRFVGHTKDVLSVAFSSDNRQIVSGSRDKTIKLWNTLGVCKYTVQDESHSEWVSCVRFSPNSS
NPIIVSCGWDKLVKVWNLANCKLKTNHIGHTGYLNTVTVSPDGSLCASGGKDGQAMLWDLNEGKHLYTLDGGDIINALCF
SPNRYWLCAATGPSIKIWDLEGKIIVDELKQEVISTSSKAEPPQCTSLAWSADGQTLFAGYTDNLVRVWQVTI
;
6
8 'polyribonucleotide'
;GUCUACGGCCAUACCACCCUGAACGCGCCCGAUCUCGUCUGAUCUCGGAAGCUAAGCAGGGUCGGGCCUGGUUAGUACUU
GGAUGGGAGACCGCCUGGGAAUACCGGGUGCUGUAGGCUU
;
7
9 'polyribonucleotide'
;CGACUCUUAGCGGUGGAUCACUCGGCUCGUGCGUCGAUGAAGAACGCAGCUAGCUGCGAGAAUUAAUGUGAAUUGCAGGU
UGAUCAUCGACACUUCGAACGCACUUGCGGCCCCGGGUUCCUCCCGGGGCUACGCCUGUCUGAGCGUCGCU
;
8
10 'polypeptide(L)' GHQQLYWSHPRKFGQGSRSCRVCSNRHGLIRKYGLNMCRQCFRQYAKDIGFIKLD 9
11 'polypeptide(L)'
;GRVIRGQRKGAGSVFRAHVKHRKGAARLRAVDFAERHGYIKGIVKDIIHDPGRGAPLAKVVFRDPYRFKKRTELFIAAEG
IHTGQFVYCGKKAQLNIGNVLPVGTMPEGTIVCCLEEKPGDRGKLARASGNYATVISHNPETKKTRVKLPSGSKKVISSA
NRAVVGVVAGGGRIDKPILKAGRAYHKYKAKRNCWPRVRGVAMNPVEHPFGGGNHQHIGKPSTIRRDAPAGRKVGLIAAR
RTGRLRGT
;
A
12 'polypeptide(L)' SLARVGKVRGQTLKVAKQEKKKKRTGRAKRRMQYNRRFVNVVPTFGKKKGPNANS AA
13 'polypeptide(L)'
;SHRKFSAPRHGSLGFLPRKRSSRHRGKVKSFPKDDPSKPVHLTAFLGYKAGMTHIVREVDRPGSKVNKKEVVEAVTIVET
PPMVVVGIVGYVETPRGLRTFKTVFAEHISDECKRRFYKNWHKSKKKAFTKYCKKWQDDAGKRQLDKDFSSMKKYCQVIR
VLAHTQMRLLPLRQKKAHLMEIQVNGGTVAEKLDWARERLEQQVPVSQVFGQDEMIDVIGVTKGKGYKGVTSRWHTKKLP
RKTHRGLRKVACIGAWHPARVAFSVARAGQKGYHHRTEINKKIYKIGQGYLIKDGKLIKNNASTDYDLSDKSINPLGGFV
HYGEVTNDFVMLKGCVVGTKKRVLTLRKSLLVQTKRRALEKIDLKFIDTTSKFGHGRFQTVEEKKAFMGPLKKD
;
B
14 'polypeptide(L)'
;AKIVKPNGEKPDEFESGISQALLELEMNSDLKAQLRELNITAAKEIEVGGGRKAIIIFVPVPQLKSFQKIQVRLVRELEK
KFSGKHVVFIAQRRILPKPTRKSRTKNKQKRPRSRTLTAVHDAILEDLVFPSEIVGKRIRVKLDGSRLIKVHLDKAQQNN
VEHKVETFSGVYKKLTGKDVNFEFPEFQL
;
BB
15 'polypeptide(L)'
;ACARPLISVYSEKGESSGKNVTLPAVFKAPIRPDIVNFVHTNLRKNNRQPYAVSELAGHQTSAESWGTGRAVARIPRVRG
GGTHRSGQGAFGNMCRGGRMFAPTKTWRRWHRRVNTTQKRYAICSALAASALPALVMSKGHRIEEVPELPLVVEDKVEGY
KKTKEAVLLLKKLKAWNDIKKVYASQRMRAGKGKMRNRRRIQRRGPCVIYNEDNGIVKAFRNIPGITLLNVTKLNILKLA
PGGHVGRFCIWTESAFRKLDDLYGTWRKAASLKSNYNLPMHKMLNTDLSRILKSPEIQRALRAPRKKIHRRVLKKNPLKN
LRIMLKLNPYAKTMRRNTILRQARNHKLRVERAAAALAAKSD
;
C
16 'polypeptide(L)'
;GISRDNWHKRRKTGGKRKPYHKKRKYELGRPAANTKIGPRRIHTVRVRGGNKKYRALRLDVGNFSWGSECCTRKTRIIDV
VYNASNNELVRTKTLVKNCIVLIDSTPYRQWYESHYALPLGRKKGAKLTPEEEEILNKKRSKKIQKKYDERKKNAKISSL
LEEQFQQGKLLACIASRPGQCGRADGYVLEGKELEFYLRKIKARKG
;
CC
17 'polypeptide(L)'
;PVARSWVCRKTYVTPRRPFEKSRLDQELKLIGEYGLRNKREVWRVKFTLAKIRKAARELLTLDEKDPRRLFEGNALLRRL
VRIGVLDEGKMKLDYILGLKIEDFLERRLQTQVFKLGLAKSIHHARVLIRQRHIRVRKQVVNIPSFIVRLDSQKHIDFSL
RSPYGGGRPGRVKRKNAKKGQGGAG
;
DD
18 'polypeptide(L)'
;FVKVVKNKAYFKRYQVKFRRRREGKTDYYARKRLVIQDKNKYNTPKYRMIVRVTNRDIICQIAYARIEGDMIVCAAYAHE
LPKYGVKVGLTNYAAAYCTGLLLARRLLNRFGMDKIYEGQVEVTGDEYNVESIDGQPGAFTCYLDAGLARTTTGNKVFGA
LKGAVDGGLSIPHSTKRFPGYDSESKEFNAEVHRKHIMGQNVADYMRYLMEEDEDAYKKQFSQYIKNNVTPDMMEEMYKK
AHAAIRENPVYEKKPKREVKKKRWNRPKMSLAQKKDRVAQKKASFLRAQERAA
;
D
19 'polypeptide(L)'
;DIQTERAYQKQPTIFQNKKRVLLGETGKEKLPRYYKNIGLGFKTPKEAIEGTYIDKKCPFTGNVSIRGRILSGVVTKMKM
QRTIVIRRDYLHYIRKYNRFEKRHKNMSVHLSPCFRDVQIGDIVTVGECRPLSKTVRFNVLKVTKAAGTKK
;
EE
20 'polypeptide(L)'
;KGKPHCSRNPVLVRGIGRYSRSAMYSRKALYKRKYAAPKSRIERKKKREKVLATVTKPVGGDKNGGTRVVKLRKMPRYYP
TEDVPRKLLSHGKKPFSQHVRKLRASITPGTILIILTGRHRGKRVVFLKQLSSGLLLVTGPLSLNRVPLRRTHQKFVIAT
STKIDISGVKIPKHLTDAYFKKKKLRKPRHQEGEIFDTEKEKYEITEQRKVDQKAVDSQILPKIKAVPQLQGYLRSVFAL
TNGVYPHKLVF
;
E
21 'polypeptide(L)' QPIKLARVTKVLGRTGSQGQCTQVRVEFMDDTSRSIIRNVKGPVREGDVLTLLESEREARRL FF
22 'polypeptide(L)'
;NFAELKIKRLRKKFAQKMLRKARRKLIYEKAKHYHKEYRQMYRTEIRMARMARKAGNFYVPAEPKLAFVIRIRGINGVSP
KVRKVLQLLRLRQIFNGTFVKLNKASINMLRIVEPYIAWGYPNLKSVNELIYKRGYGKINKKRIALTDNTLIARSLGKYN
IICMEDLIHEIYTVGKHFKEANNFLWPFKLSSPRGGMKKKTTHFVEGGDAGNREDQINRLIRRMN
;
F
23 'polypeptide(L)'
;HRIRITLTSRNVKSLEKVCADLIRGAKEKNLKVKGPVRMPTKTLRITTRKTPCGEGSKTWDRFQMRIHKRLIDLHSPSEI
VKQITSISIEPGVEVEVTIA
;
GG
24 'polypeptide(L)'
;VVNPLFEKRPKNFGIGQDIQPKRDLTRFVKWPRYIRLQRQRAILYKRLKVPPAINQFTQVLDRQTATQLLKLAHKYRPET
KQEKKQRLLARAEKKAAGKGDVPTKRPPVLRAGVNTVTTLVENKKAQLVVIAHDVDPIELVVFLPALCRKMGVPYCILKG
KARLGRLVHRKTCTTVAFTQVNSEDKGALAKLVEAIRTNYNDRYDEIRRHWGGNVLGPKSVARIAKLEKAKAKELATKLG
;
G
25 'polypeptide(L)'
;MKTILSNQTVDIPENVDISLKGRTVIVKGPRGTLRRDFNHINVELSLLGKKKKRLRVDKWWGNRKELATVRTICSHVQNM
IKGVTLGFRYKMRSVYAHFPINVVIQENGSLVEIRNFLGEKYIRRVRMRPGVACSVSQAQKDELVLEGNDIELVSNSAAL
IQQATTVKNKDIRKFLDGIYVSEKGTVQQA
;
H
26 'polypeptide(L)'
;MQNDAGEFVDLYVPRKCSASNRIIGAKDHASIQMNVAEVDKVTGRFNGQFKTYAICGAIRRMGESDDSILRLAKADGIVS
KNF
;
HH
27 'polypeptide(L)'
;GRRPARCYRYCKNKPYPKSRFCRGVPDAKIRIFDLGRKKAKVDEFPLCGHMVSDEYEQLSSEALEAARICANKYMVKSCG
KDGFHIRVRLHPFHVIRINKMLSCAGADRLQTGMRGAFGKPQGTVARVHIGQVIMSIRTKLQNKEHVVEALRRAKFKFPG
RQKIHISKKWGFTKFNADEFEDMVAEKRLIPDGCGVKYIPNRGPLDKWRALHS
;
I
28 'polypeptide(L)'
;SLVIPEKFQHILRVLNTNIDGRRKIAFAITAIKGVGRRYAHVVLRKADIDLTKRAGELTEDEVERVITIMQNPRQYKIPD
WFLNRQKDVKDGKYSQVLANGLDNKLREDLERLKKIRAHRGLRHFWGLRVRGQHTKTTGRRGRT
;
II
29 'polypeptide(L)'
;PLAKDLLHPSPEEEKRKHKKKRLVQSPNSYFMDVKCPGCYKITTVFSHAQTVVLCVGCSTVLCQPTGGKARLTEGCSFRR
KQH
;
JJ
30 'polypeptide(L)'
;KENPMRELRIRKLCLNICVGESGDRLTRAAKVLEQLTGQTPVFSKARYTVRSFGIRRNEKIAVHCTVRGAKAEEILEKGL
KVREYELRKNNFSDTGNFGFGIQEHIDLGIKYDPSIGIYGLDFYVVLGRPGFSIADKKRRTGCIGAKHRISKEEAMRWFQ
QKYDGIILPG
;
J
31 'polyribonucleotide'
;UACCUGGUUGAUCCUGCCAGUAGCAUAUGCUUGUCUCAAAGAUUAAGCCAUGCAUGUCUAAGUACGCACGGCCGGUACAG
UGAAACUGCGAAUGGCUCAUUAAAUCAGUUAUGGUUCCUUUGGUCGCUCGUACUUGGAUAACUGUGGUAAUUCUAGAGCU
AAUACAUGCCGACGGGCGCUGACCCCCUUCGCGGGGGGGAUGCGUGCAUUUAUCAGUGGUGACUCUAGAUAACCUCGGGC
CGAUCGCACGCCCGGCGGCGACGACCCAUUCGAACGUCUGCCCUAUCAACUUUCGAUGGUAGUCGCCGUGCCUACCAUGG
UGACCACGGGUGACGGGGAAUCAGGGUUCGAUUCCGGAGAGGGAGCCUGAGAAACGGCUACCACAUCCAAGGAAGGCAGC
AGGCGCGCAAAUUACCCACUCCCGACCCGGGGAGGUAGUGACGAAAAAUAACAAUACAGGACUCUUUCGAGGCCCUGUAA
UUGGAAUGAGUCCACUUUAAAUCCUUUAACGAGGAUCCAUUGGAGGGCAAGUCUGGUGCCAGCAGCCGCGGUAAUUCCAG
CUCCAAUAGCGUAUAUUAAAGUUGCUGCAGUUAAAAAGCUCGUAGUUGGAUCUUGGGAGCGGCCGUCCCCUGCUCGGCGC
CGGCCCGAAGCGUUUACUUUGAAAAAAUUAGAGUGUUCAAAGCAGGCCGCCUGGAUACCGCAGCUAGGAAUAAUGGAAUA
GGACCGCGGUUCUAUUUUGUUGGUUUUCGGAACUGAGGCCAUGAUUAAGAGGGACGGCCGGGGGCAUUCGUAUUGCGCCG
CUAGAGGUGAAAUUCUUGGACCGGCGCAAGACGGACCAGAGCGAAAGCAUUUGCCAAGAAUGUUUUCAUUAAUCAAGAAC
GAAAGUCGGAGGUUCGAAGACGAUCAGAUACCGUCGUAGUUCCGACCAUAAACGAUGCCGACUGGCGAUGCGGCGGCGUU
AUUCCCAUGACCCGCCGGGCAGCUUCCGGGAAACCAAAGUCUUUGGGUUCCGGGGGGAGUAUGGUUGCAAAGCUGAAACU
UAAAGGAAUUGACGGAAGGGCACCACCAGGAGUGGAGCCUGCGGCUUAAUUUGACUCAACACGGGAAACCUCACCCGGCC
CGGACACGGACAGGAUUGACAGAUUGAUAGCUCUUUCUCGAUUCCGUGGGUGGUGGUGCAUGGCCGUUCUUAGUUGGUGG
AGCGAUUUGUCUGGUUAAUUCCGAUAACGAACGAGACUCUGGCAUGCUAACUAGUUACGCGACCCCGGUCGGCGUAACUU
CUUAGAGGGACAAGUGGCGUUCAGCCACCCGAGAUUGAGCAAUAACAGGUCUGUGAUGCCCUUAGAUGUCCGGGGCUGCA
CGCGCGCUACACUGACUGGCUCAGCGUGUGCCUACCCUACGCCGGCAGGCGCGGGUAACCCGUUGAACCCCAUUCGUGAU
GGGGAUCGGGGAUUGCAAUUAUUCCCCAUGAACGAGGAAUUCCCAGUAAGUGCGGGUCAUAAGCUUGCGUUGAUUAAGUC
CCUGCCCUUUGUACACACCGCCCGUCGCUACUACCGAUUGGAUGGUUUAGUGAGGCCCUCGGAUCGGCCCCGCCGGGGUG
CCCUGGCGGAGCGCUGAGAAGACGGUCGAACUUGACUAUCUAGAGGAAGUAAAAGUCGUAACAAGGUUUCCGUAGGUGAA
CCUGCGGAAGGAUCAUUA
;
K
32 'polypeptide(L)'
;GRVRTKTVKKAARVIIEKYYTRLGNDFHTNKRVCEEIAIIPSKKLRNKIAGYVTHLMKRIQRGPVRGISIKLQEEERERR
DNYVPEVSALDQEIIEVDPDTKEMLKLLDFGSLSNLQVTQPTVGMNFKTPRG
;
KK
33 'polypeptide(L)'
;APSRNGMILKPHFHKDWQRRVATWFNQPARKIRRRKARQARARRIAPRPAAGPIRPIVRCPTVRYHTKVRAGRGFSLEEL
RVAGIHKKVARTIGISVDPRRRNKSTESLQANVQRLKEYRSKLVLFPRKPSAPKKGDSSAEELKLATQLTGPVMPIRNVF
KKEKARVITEEEKNFKAFASLRMARANARLFGIRAKRAKEAAEQDVEKKK
;
L
34 'polypeptide(L)'
;TKKRRNNGRAKKGRGHVQPIRCTNCARCVPKDKAIKKFVIRNIVEAAAVRDISEASVFDAYVLPKLYVKLHYCVSCAIHS
KVVRNRSREARKDRTPPPRFR
;
LL
35 'polypeptide(L)'
;VFRRFVEVGRVAYVSFGPHAGKLVAIVDVIDQNRALVDGPCTRVRRQAMPFKCMQLTDFILKFPHSARQKYVRKAWEKAD
INTKWAATRWAKKIEARERKAKMTDFDRYKVMKAKKMRNRIIKNEVKKLQRAALLKAS
;
M
36 'polypeptide(L)'
;SLGPQVAEGENVFGVCHIFASFNDTFVHVTDLSGKETICRVTGGMKVKADRDESSPYAAMLAAQDVAQRCKELGITALHI
KLRATGGNRTKTPGPGAQSALRALARSGMKIGRIEDVTPIPSDSTRRKGGRRGRRL
;
MM
37 'polypeptide(L)'
;GAYKYIQELWRKKQSDVMRFLLRVRCWQYRQLSALHRAPRPTRPDKARRLGYKAKQGYVIYRIRVRRGGRKRPVPKGATY
GKPVHHGVNQLKFARSLQSVAEERAGRHCGALRVLNSYWVGEDSTYKFFEVILIDPFHKAIRRNPDTQWITKPVHKHREM
RGLTSAGRKSRGLGKGHKFHHTIGGSRRAAWRRRNTLQLHRYR
;
N
38 'polypeptide(L)'
;TVTIRTRKFMTNRLLQRKQMVIDVLHPGKATVPKTEIREKLAKMYKTTPDVIFVFGFRTHFGGGKTTGFGMIYDSLDYAK
KNEPKHRLARHGLYEKKKTSRKQRKERKNRMKKVRGTAKANVGA
;
NN
39 'polypeptide(L)'
;QVLVLDGRGHLLGRLAAIVAKQVLLGRKVVVVRCEGINISGNFYRNKLKYLAFLRKRMNTNPSRGPYHFRAPSRIFWRTV
RGMLPHKTKRGQAALDRLKVFDGIPPPYDKKKRMVVPAALKVVRLKPTRKFAYLGRLAHEVGWKYQAVTATLEEKRKEKA
KIHYRKKKQLMRLRKQAEKNVEKKISKFTDVLKTHGLLV
;
O
40 'polypeptide(L)' RDKLNNLVLFDKATYDKLCKEVPNYKLITPAVVSERLKIRGSLARAALQELLSKGLIKLVSKHRAQVIYTRNTKG OO
41 'polypeptide(L)'
;VRYSLDPENPTKSCKSRGSNLRVHFKNTRETAQAIKGMHIRKATKYLKDVTLKKQCVPFRRYNGGVGRCAQAKQWGWTQG
RWPKKSAEFLLHMLKNAESNAELKGLDVDSLVIEHIQVNKAPKMRRRTYRAHGRINPYMSSPCHIEMILTEKE
;
P
42 'polypeptide(L)'
;GVTVKDVNQQEFVRALAAFLKKSGKLKVPEWVDTVKLAKHKELAPYDENWFYTRAASTARHLYLRGGAGVGSMTKIYGGR
QRNGVMPSHFSRGSKSVARRVLQALEGLKMVEKDQDGGRKLTPQGQRDLDRIAGQVAAAKK
;
PP
43 'polypeptide(L)'
;GVDIRHNKDRKVRRKEPKSQDIYLRLLVKLYRFLARRTNSTFNQVVLKRLFMSRTNRPPLSLSRMIRKMKLPGRENKTAV
VVGTVTDDVRVQEVPKLKVCALRVTSRARSRILKAGGKILTFDQLALDSPKGRGTVLLSGPRKGREVYRHFGKAPGTPHS
HTKPYVRSKGRKFERARGRRASRGYKN
;
Q
44 'polypeptide(L)'
;GRMHAPGKGLSQSALPYRRSVPTWLKLTSDDVKEQIYKLAKKGLTPSQIGVILRDSHGVAQVRFVTGNKILRILKSKGLA
PDLPEDLYHLIKKAVAVRKHLERNRKDKDAKFRLILIESRIHRLARYYKTKRVLPPNWKYESSTASALV
;
QQ
45 'polypeptide(L)'
;SMLRLQKRLASSVLRCGKKKVWLDPNETNEIANANSRQQIRKLIKDGLIIRKPVTVHSRARCRKNTLARRKGRHMGIGKR
KGTANARMPEKVTWMRRMRILRRLLRRYRESKKIDRHMYHSLYLKVKGNVFKNKRILMEHIHKLKADKARKKLLADQAEA
RRSKTKEARKRREERLQAKK
;
R
46 'polypeptide(L)'
;VNTALQEVLKTALIHDGLARGIREAAKALDKRQAHLCVLASNCDEPMYVKLVEALCAEHQINLIKVDDNKKLGEWVGLCK
IDREGKPRKVVGCSCVVVKDYGKESQAKDVIEEYFKC
;
RR
47 'polypeptide(L)'
;MKASGTLREYKVVGRCLPTPKCRTPPLYRMRIFAPNHVVAKSRFWYFVSQLKKMKKSSGEIVYCGQVFEKSPLRVKNFGI
WLRYDSRSGTHNMYREYRDLTTAGAVTQCYRDMGARHRARAHSIQIMKVEEIAASKCRRPAVKQFHDSKIKFPLPHRVLR
RQHKPRFTTKRPNTFF
;
S
48 'polypeptide(L)'
;MLMPKKNRIAIYELLFKEGVMVAKKDVHMPKHPELADKNVPNLHVMKAMQSLKSRGYVKEQFAWRHFYWYLTNEGIQYLR
DYLHLPPEIVPATLRR
;
SS
49 'polypeptide(L)'
;TNTKGKRRGTRYMFSRPFRKHGVVPLATYMRIYKKGDIVDIKGMGTVQKGMPHKCYHGKTGRVYNVTQHAVGIVVNKQVK
GKILAKRINVRIEHIKHSKSRDSFLKRVKENDQKKKEAKEKGTWVQLKRQPAPPREAHFVRTNGKEPELLEPIPYEFMA
;
T
50 'polypeptide(L)'
;VRMNVLADALKSINNAEKRGKRQVLIRPCSKVIVRFLTVMMKHGYIGEFEIIDDHRAGKIVVNLTGRLNKCGVISPRFDV
QLKDLEKWQNNLLPSRQFGFIVLTTSAGIMDHEEARRKHTGGKILGFFF
;
TT
51 'polypeptide(L)'
;GPLQSVQVFGRKKTATAVAHCKRGNGLIKVNGRPLEMIEPRTLQYKLLEPVLLLGKERFAGVDIRVRVKGGGHVAQIYAI
RQSISKALVAYYQKYVDEASKKEIKDILIQYDRTLLVADPRRCESKKFGGPGARARYQKSYR
;
UU
52 'polypeptide(L)'
;QLLKFTLDCTHPVEDGIMDAANFEQFLQERIKVNGKAGNLGGGVVSLERSKSKITVTSEVPFSKRYLKYLTKKYLKKNNL
RDWLRVVANTKESYELRYF
;
U
53 'polypeptide(L)'
;GKCRGLRTARKLRSHRRDQKWHDKQYKKAHLGTALKANPFGGASHAKGIVLEKVGVEAKQPNSAIRKCVRVQLIKNGKKI
TAFVPNDGCLNFIEENDEVLVAGFGRKGHAVGDIPGVRFKVVKVANVSLLALYKGKKERPR
;
VV
54 'polypeptide(L)'
;SGAKFRISLGLPVGAVINCADNTGAKNLYIISVKGIKGRLNRLPAAGVGDMVMATVKKGKPELRKKVHPAVVIRQRKSYR
RKDGVFLYFEDNAGVIVNNKGEMKGSAITGPVAKECADLWPRIASNAGSIA
;
V
55 'polypeptide(L)'
;MKVELCSFSGYKIYPGHGRRYARTDGKVFQFLNAKCESAFLSKRNPRQINWTVLYRRKHKKGQSEEIQKKRTRRAVKFQR
AITGASLADIMAKRNQKPEVRKAQREQAIRAAKEAKKAKQA
;
W
56 'polypeptide(L)'
;FRKFTYRGVDLDQLLDMSYEQLMQLYSARQRRRLSRGLRRKQHSLLKRLRKAKKEAPPMEKPEVVKTHLRDMIILPEMVG
SMVGVYNGKTFNQVEIKPEMIGHYLGEFSITYKPVKHGRP
;
WW
57 'polypeptide(L)'
;KIRTSPTFRRPKTLRLRRQPKYPRKSAPRRNKLDHYAIIKFPLTTESAMKKIEDNNTLVFIVDVKANKHQIKQAVKKLYD
IDVAKVNTLIRPDGEKKAYVRLAPDYDALDVANKIGII
;
X
58 'polypeptide(L)'
;MKFNPFVTSDRSKNRKRHFNAPSHIRRKIMSSPLSKELRQKYNVRSMPIRKDDEVQVVRGHYKGQQIGKVVQVYRKKYVI
YIERVQREKANGTTVHVGIHPSKVVITRLKLDKDRKKILERKAKSRQVGKEKGK
;
Y
59 'polypeptide(L)'
;GKFMKPGKVVLVLAGRYSGRKAVIVKNIDDGTSDRPYSHALVAGIDRYPRKVTAAMGKKKIAKRSKIKSFVKVYNYNHLM
PTRYSVDIPLDKTVVNKDVFRDPALKRKARREAKVKFEERYKTGKNKWFFQKLRF
;
Z
60 'polypeptide(L)'
;PSRLRKTRKLRGHVSHGHGRIGKHRKHPGGRGNAGGMHHHRINFDKYHPGYFGKVGMRHYHLKRNQSFCPTVNLDKLWTL
VSEQTRVNAAKNKTGAAPIIDVVRSGYYKVLGKGKLPKQPVIVKAKFFSRRAEEKIKGVGGACVLVA
;
a
61 'polypeptide(L)'
;AKSKNHTTHNQSRKWHRNGIKKPRSQRYESLKGVDPKFLRNMRFAKKHNKKGLKKMQANNAKAMAARAEAIKALVKPKEV
KPTIPKGVSRKLHRLAYIAHPKLGRRARARIARGLR
;
b
62 'polypeptide(L)'
;SLESINSRLQLVMKSGKYVLGYKQSLKMIRQGKAKLVILANNCPALRKSEIEYYAMLAKTGVHHYSGNNIELGTACGKYY
RVCTLSIIDPGDSDIIRS
;
c
63 'polypeptide(L)'
;NEVVTREYTINIHKRIHGVGFKKRAPRALKEIRKFAMKEMGTPDVRIDTRLNKAVWAKGIRNVPYRIRVRLSRKRNEDED
SPNKLYTLVTYVPVTTFKNLQTVNVDE
;
d
64 'polypeptide(L)'
;AALRPLVKPKIVKKRTKKFIRHQSDRYVKIKRNWRKPRGIDNRVRRRFKGQILMPNIGYGSNKKTKHMLPSGFRKFLVHN
VKELEVLLMCNKSYCAEIAHNVSSKNRKAIVERAAQLAIRVTNPNARL
;
e
65 'polypeptide(L)'
;SGRLWCKAIFAGYKRGLRNQREHTALLKIEGVYARDETEFYLGKRCAYVYKAKNNTVTPGGKPNKTRVIWGKVTRAHGNS
GMVRAKFRSNLPAKAIGHRIRVMLYPSRI
;
f
66 'polypeptide(L)'
;VQRLTYRRRLSYNTASNKTRLSRTPGNRIVYLYTKKVGKAPKSACGVCPGRLRGVRAVRPKVLMRLSKTKKHVSRAYGGS
MCAKCVRDRIKRAFLIEEQKIVVKVLKAQAQSQK
;
g
67 'polypeptide(L)'
;AKIKARDLRGKKKEELLKQLDDLKVELSQLRVAKVTGGAASKLSKIRVVRKSIARVLTVINQTQKENLRKFYKGKKYKPL
DLRPKKTRAMRRRLNKHEESLKTKKQQRKERLYPLRKYAVKA
;
h
68 'polypeptide(L)'
;ALRYPMAVGLNKGHKVTKNVSKPRHSRRRGRLTKHTKFVRDMIREVCGFAPYERRAMELLKVSKDKRALKFIKKRVGTHI
RAKRKREELSSVLAAMRKAAAK
;
i
69 'polypeptide(L)'
;TKGTSSFGKRRNKTHTLCRRCGSKAYHLQKSTCGKCGYPAKRKRKYNWSAKAKRRNTTGTGRMRHLKIVYRRFRHGFREG
TTPKPK
;
j
70 'polypeptide(L)' PRKIEEIKDFLLTARRKDAKSVKIKKNKDNVKFKVRCSRYLYTLVITDKEKAEKLKQSLPPGLAVKELK k
71 'polypeptide(L)' SSHKTFRIKRFLAKKQKQNRPIPQWIWMKTGNKIRYNSKRRHWRRTKLGL l
72 'polypeptide(L)' IIEPSLRQLAQKYNCDKMICRKCYARLHPRAVNCRKKKCGHTNNLRPKKKVK m
73 'polypeptide(L)' MRAKWRKKRMRRLKRKRRKMRQRSK n
74 'polypeptide(L)'
;VNVPKTRRTFCKKCGKHQPHKVTQYKKGKDSLYAQGKRRYDRKQSGYGGQTKPIFRKKAKTTKKIVLRLECVEPNCRSKR
MLAIKRCKHFELGGDKKRKGQVIQ
;
o
75 'polypeptide(L)'
;AKRTKKVGIVGKYGTRYGASLRKMVKKIEISQHAKYTCSFCGKTKMKRRAVGIWHCGSCMKTVAGGAWTYNTTSAVTVKS
AIRRLKELKDQ
;
p
76 'polypeptide(L)'
;SGALDVLQMKEEDVLKFLAAGTHLGGTNLDFQMEQYIYKRKSDGIYIINLKRTWEKLLLAARAIVAIENPADVSVISSRN
TGQRAVLKFAAATGATPIAGRFTPGTFTNQIQTAFREPRLLVVTDPRADHQPLTEASYVNLPTIALCNTDSPLRYVDIAI
PCNNKGAHSVGLMWWMLAREVLRMRGTISREHPWEVMPDLYFYRDPEEIEKEEQAAA
;
q
77 'polypeptide(L)'
;SAHLQWMVVRNCSSFLIKRNKQTYSTEPNNLKARNSFRYNGLIHRKTVGVEPAADGKGVVVVMKRRSGQRKPATSYVRTT
INKNARATLSSIRHMIRKNKYHPDLRMAAIRRASAILRSQKPVM
;
r
78 'polypeptide(L)'
;DRATWKSNYFLKIIQLLDDYPKCFIVGADNVGSKQMQQIRMSLRGKAVVLMGKNTMMRKAIRGHLENNPALEKLLPHIRG
NVGFVFTKEDLTEIRDMLLANKVPAAARAGAIAPCEVTVPAQNTGLGPEKTSFFQALGITTKISRGTIEILSDVQLIKTG
DKVGASEATLLNMLNISPFSFGLIIQQVFDNGSIYN
;
s
79 'polypeptide(L)'
;EIKVVYLRCTGGEVGATSALAPKIGPLGLSPKKVGDDIAKATGDWKGLRITVKLTIQNRQAQIEVVPSASALIIKALKEP
PRDRKKQKNIKHSGNITFDEIVNIARQMRHRSLARELSGTIKEILGTAQSVGCNVDGRHPHDIIDDINSGAVE
;
t
80 'polypeptide(L)'
;VVDPFSKKDWYDVKAPAMFNIRNIGKTLVTRTQGTKIASDGLKGRVFEVSLADLQNDEVAFRKFKLITEDVQGKNCLTNF
HGMDLTRDKMCSMVKKWQTMIEAHVDVKTTDGYLLRLFCVGFTKKRNNQIRKTSYAQHQQVRQIRKKMMEIMTREVQTND
LKEVVNKLIPDSIGKDIEKACQSIYPLHDVFVRKVKMLKKPKFELGKLMELHG
;
u
81 'polypeptide(L)'
;KEWLPVTKLGRLVKDMKIKSLEEIYLFSLPIKESEIIDFFLGASLKDEVLKIMPVQKQTRAGQRTRFKAFVAIGDYNGHV
GLGVKCSKEVATAIRGAIILAKLSIVPVRRGYWGNKIGKPHTVPCKVTGRCGSVLVRLIPAPRGTGIVSAPVPKKLLMMA
GIDDCYTSARGCTATLGNFAKATFDAISKTYSYLTPDLWKETVFTKSPYQEFTDHLVKTHT
;
v
82 'polypeptide(L)'
;MAVQISKKRKFVADGIFKAELNEFLTRELAEDGYSGVEVRVTPTRTEIIILATRTQNVLGEKGRRIRELTAVVQKRFGFP
EGSVELYAEKVATRGLCAIAQAESLRYKLLGGLAVRRACYGVLRFIMESGAKGCEVVVSGKLRGQRAKSMKFVDGLMIHS
GDPVNYYVDTAVRHVLLRQGVLGIKVKIMLPWDPSGKIGPKKPLPDHVSIVEPKDEILPTTPISEQKG
;
w
83 'polypeptide(L)'
;ARGPKKHLKRVAAPKHWMLDKLTGVFAPRPSTGPHKLRECLPLIIFLRNRLKYALTGDEVKKICMQRFIKIDGKVRTDIT
YPAGFMDVISIDKTGENFRLIYDTKGRFAVHRITPEEAKYKLCKVRKIFVGTKGIPHLVTHDARTIRYPDPLIKVNDTIQ
IDLETGKITDFIKFDTGNLCMVTGGANLGRIGVITNRERHPGSFDVVHVKDANGNSFATRLSNIFVIGKGNKPWISLPRG
KGIRLTIAEERDKRLAAKQSSG
;
x
84 'polypeptide(L)'
;TPDIKLFGKWSTDDVQINDISLQDYIAVKEKYAKYLPHSAGRYAAKRFRKAQCPIVERLTNSMMMHGRNNGKKLMTVRIV
KHAFEIIHLLTGENPLQVLVNAIINSGPREDSTRIGRAGTVRRQAVDVSPLRRVNQAIWLLCTGAREAAFRNIKTIAECL
ADELINAAKGSSNSYAIKKKDELERVAKSNR
;
y
85 'polypeptide(L)'
;MKLNISFPATGCQKLIEVDDERKLRTFYEKRMATEVAADALGEEWKGYVVRISGGNDKQGFPMKQGVLTHGRVRLLLSKG
HSCYRPRRTGERKRKSVRGCIVDANLSVLNLVIVKKGEKDIPGLTDTTVPRRLGPKRASRIRKLFNLSKEDDVRQYVVRK
PLNKEGKKPRTKAPKIQRLVTPRVLQHKRRRIALKKQRTKKNKEEAAEYAKLLAKRMKEAKEKRQEQIAKRRRLSSL
;
z
86 'polypeptide(L)'
;ADLGRKITSALRSLSNATIINEEVLNAMLKEVCTALLEADVNIKLVKQLRENVKSAIDLEEMASGLNKRKMIQHAVFKEL
VKLVDPGVKAWTPTKGKQNVIMFVGLQGSGKTTTCSKLAYYYQRKGWKTCLICADTFRAGAFDQLKQNATKARIPFYGSY
TEMDPVIIASEGVEKFKNENFEIIIVDTSGRHKQEDSLFEEMLQVANAIQPDNIVYVMDASIGQACEAQAKAFKDKVDVA
SVIVTKLDGHAKGGGALSAVAATKSPIIFIGTGEHIDDFEPFKTQPFISKLLGMGDIEGLIDKVNELKLDDNEALIEKLK
HGQFTLRDMYEQFQNIMKMGPFSQILGMIPGFGTDFMSKGNEQESMARLKKLMTIMDSMNDQELDSTDGAKVFSKQPGRI
QRVARGSGVSTRDVQELLTQYTKFAQMVKKM
;
AB
87 'polyribonucleotide'
;GCCGGGCGCGGUGGCGCGCGCCUGUAGUCCCAGCUACUCGGGAGGCUGAGGCUGGAGGAUCGCUUGACUAAGUUCGGCAU
CAAUAUGGUGACCUCCCGGGAGCGGGGGACCACCAGGUUGCCUAAGGAGGGGUGAACCGGCCCAGGUCGGAAACGGAGCA
GGUCAAAACUCCCGUGCUGAUCAGUAGUUUAGCGAGACCCCGUCUC
;
AF
88 'polypeptide(L)'
;DRFICIYPAYLNNKKTIAEGRRIPISKAVENPTATEIQDVCSAVGLNVFLEKNKMYSREWNRDVQYRGRVRVQLKQEDGS
LCLVQFPSRKSVMLYAAEMIPKLKT
;
AC
89 'polypeptide(L)'
;LSLEILQIIKESQQQHGLRHGDFQRYRGYCSRRQRRLRKTLNFKMGNRHKFTGKKVTEDLLTDNRYLLLVLMDAERAWSY
AMQLKQEANTEPRKRFHLLSRLRKAVKHAEELERLCESNRVDAKTKLEAQAYTAYLSGMLRFEHQEWKAAIEAFNKCKTI
YEKLASAFTEEQAVLYNQRVEEISPNIRYCAYNIG
;
AI
90 'polypeptide(L)' PQYQTWEEFSRAAEKLYLADPMKARVVLKYRHSDGNLCVKVTDDLVCLVYKTDQAQDVKKIEKFHSQLMRLMVA AD
91 'polypeptide(L)'
;VLLESEQFLTELTRLFQKCRTSGSVYITLKKYDGRTKPIPRKGSVEGFEPSDNKCLLRATDGKKKISTVVSSKEVNKFQM
AYSNLLRANMDGLK
;
AE
92 'polypeptide(L)' LLLLLLLLLLLL AG
#
# COMPACT_ATOMS: atom_id res chain seq x y z
N LYS A 1 33.79 -5.77 76.75
CA LYS A 1 32.40 -5.98 76.37
C LYS A 1 31.45 -5.73 77.54
N SER A 2 30.21 -5.37 77.22
CA SER A 2 29.22 -4.99 78.22
C SER A 2 28.48 -6.22 78.72
N TYR A 3 28.10 -6.18 80.00
CA TYR A 3 27.40 -7.29 80.65
C TYR A 3 26.00 -6.86 81.07
N THR A 4 25.14 -7.85 81.25
CA THR A 4 23.77 -7.60 81.68
C THR A 4 23.65 -7.64 83.21
N THR A 5 23.99 -8.78 83.80
CA THR A 5 23.93 -8.96 85.25
C THR A 5 25.12 -8.30 85.92
N PRO A 6 24.90 -7.49 86.96
CA PRO A 6 26.03 -6.89 87.68
C PRO A 6 26.80 -7.93 88.49
N LYS A 7 28.08 -7.63 88.72
CA LYS A 7 28.98 -8.59 89.33
C LYS A 7 28.74 -8.70 90.83
N LYS A 8 29.23 -9.80 91.39
CA LYS A 8 29.14 -10.02 92.83
C LYS A 8 30.32 -9.35 93.53
N ASN A 9 30.02 -8.62 94.60
CA ASN A 9 31.03 -7.82 95.27
C ASN A 9 32.00 -8.70 96.07
N LYS A 10 33.21 -8.17 96.28
CA LYS A 10 34.19 -8.82 97.13
C LYS A 10 33.79 -8.60 98.59
N HIS A 11 34.06 -9.62 99.41
CA HIS A 11 33.71 -9.58 100.83
C HIS A 11 34.57 -8.53 101.54
N LYS A 12 33.97 -7.40 101.86
CA LYS A 12 34.66 -6.34 102.58
C LYS A 12 34.83 -6.75 104.03
N ARG A 13 36.07 -6.81 104.50
CA ARG A 13 36.36 -7.29 105.83
C ARG A 13 35.96 -6.26 106.88
N LYS A 14 35.17 -6.69 107.85
CA LYS A 14 34.68 -5.81 108.90
C LYS A 14 35.80 -5.59 109.91
N LYS A 15 36.51 -4.47 109.75
CA LYS A 15 37.59 -4.13 110.66
C LYS A 15 37.02 -3.64 111.99
N VAL A 16 37.65 -4.05 113.09
CA VAL A 16 37.20 -3.73 114.43
C VAL A 16 38.32 -3.04 115.18
N LYS A 17 38.07 -1.82 115.65
CA LYS A 17 39.05 -1.07 116.42
C LYS A 17 39.04 -1.54 117.87
N LEU A 18 40.20 -1.99 118.35
CA LEU A 18 40.44 -2.46 119.72
C LEU A 18 39.51 -3.63 120.07
N ALA A 19 39.73 -4.76 119.37
CA ALA A 19 38.94 -5.96 119.64
C ALA A 19 39.38 -6.65 120.93
N VAL A 20 40.55 -6.31 121.45
CA VAL A 20 41.01 -6.87 122.71
C VAL A 20 40.24 -6.25 123.88
N LEU A 21 39.71 -5.04 123.68
CA LEU A 21 38.97 -4.35 124.72
C LEU A 21 37.65 -5.05 125.05
N LYS A 22 37.07 -5.75 124.08
CA LYS A 22 35.84 -6.50 124.31
C LYS A 22 36.09 -7.87 124.90
N TYR A 23 37.35 -8.29 125.05
CA TYR A 23 37.65 -9.63 125.56
C TYR A 23 37.55 -9.67 127.08
N TYR A 24 38.40 -8.90 127.75
CA TYR A 24 38.48 -8.91 129.21
C TYR A 24 37.60 -7.82 129.81
N LYS A 25 37.44 -7.89 131.13
CA LYS A 25 36.82 -6.83 131.91
C LYS A 25 37.77 -6.43 133.02
N VAL A 26 38.11 -5.14 133.08
CA VAL A 26 39.12 -4.68 134.02
C VAL A 26 38.47 -4.43 135.37
N ASP A 27 39.26 -4.56 136.44
CA ASP A 27 38.80 -4.29 137.79
C ASP A 27 39.86 -3.42 138.47
N GLU A 28 39.42 -2.64 139.46
CA GLU A 28 40.35 -1.81 140.21
C GLU A 28 41.25 -2.64 141.12
N ASN A 29 40.81 -3.85 141.46
CA ASN A 29 41.66 -4.78 142.20
C ASN A 29 42.53 -5.59 141.25
N GLY A 30 43.38 -6.42 141.83
CA GLY A 30 44.29 -7.25 141.04
C GLY A 30 43.68 -8.56 140.58
N LYS A 31 42.80 -8.49 139.58
CA LYS A 31 42.17 -9.68 139.03
C LYS A 31 41.81 -9.41 137.58
N ILE A 32 41.40 -10.48 136.89
CA ILE A 32 40.96 -10.43 135.50
C ILE A 32 39.62 -11.15 135.38
N SER A 33 38.78 -10.67 134.46
CA SER A 33 37.45 -11.22 134.25
C SER A 33 37.32 -11.65 132.79
N ARG A 34 37.38 -12.94 132.54
CA ARG A 34 37.28 -13.48 131.18
C ARG A 34 35.82 -13.73 130.83
N LEU A 35 35.33 -13.02 129.81
CA LEU A 35 33.92 -13.15 129.44
C LEU A 35 33.69 -14.41 128.60
N ARG A 36 34.36 -14.49 127.45
CA ARG A 36 34.09 -15.55 126.50
C ARG A 36 34.78 -16.85 126.89
N ARG A 37 34.30 -17.94 126.30
CA ARG A 37 34.79 -19.27 126.63
C ARG A 37 36.17 -19.51 126.03
N GLU A 38 36.98 -20.29 126.73
CA GLU A 38 38.29 -20.72 126.25
C GLU A 38 38.17 -22.11 125.64
N CYS A 39 38.93 -22.35 124.59
CA CYS A 39 38.85 -23.63 123.89
C CYS A 39 39.81 -24.65 124.49
N PRO A 40 39.34 -25.87 124.76
CA PRO A 40 40.21 -26.89 125.36
C PRO A 40 41.01 -27.72 124.36
N SER A 41 41.13 -27.27 123.11
CA SER A 41 41.76 -28.10 122.08
C SER A 41 43.27 -28.14 122.26
N ASP A 42 43.92 -29.07 121.55
CA ASP A 42 45.35 -29.28 121.73
C ASP A 42 46.18 -28.21 121.03
N GLU A 43 45.73 -27.75 119.86
CA GLU A 43 46.47 -26.73 119.14
C GLU A 43 46.27 -25.36 119.78
N CYS A 44 45.13 -25.13 120.44
CA CYS A 44 44.85 -23.89 121.14
C CYS A 44 44.52 -24.22 122.61
N GLY A 45 45.56 -24.23 123.44
CA GLY A 45 45.46 -24.74 124.80
C GLY A 45 44.63 -23.91 125.76
N ALA A 46 45.13 -22.75 126.16
CA ALA A 46 44.45 -21.99 127.19
C ALA A 46 44.23 -20.53 126.83
N GLY A 47 45.10 -19.94 125.99
CA GLY A 47 45.04 -18.51 125.77
C GLY A 47 44.04 -18.06 124.73
N VAL A 48 43.60 -18.96 123.86
CA VAL A 48 42.73 -18.61 122.75
C VAL A 48 41.28 -18.56 123.21
N PHE A 49 40.64 -17.42 123.01
CA PHE A 49 39.22 -17.27 123.28
C PHE A 49 38.40 -17.80 122.12
N MET A 50 37.10 -17.97 122.37
CA MET A 50 36.18 -18.49 121.37
C MET A 50 35.19 -17.41 120.93
N ALA A 51 34.54 -17.66 119.79
CA ALA A 51 33.55 -16.74 119.28
C ALA A 51 32.24 -16.89 120.05
N SER A 52 31.69 -15.77 120.50
CA SER A 52 30.44 -15.74 121.26
C SER A 52 29.33 -15.30 120.31
N HIS A 53 28.65 -16.28 119.72
CA HIS A 53 27.56 -15.99 118.80
C HIS A 53 26.26 -15.76 119.57
N PHE A 54 25.16 -15.64 118.82
CA PHE A 54 23.88 -15.31 119.43
C PHE A 54 23.22 -16.53 120.06
N ASP A 55 23.60 -17.74 119.62
CA ASP A 55 22.96 -18.96 120.06
C ASP A 55 23.91 -19.99 120.66
N ARG A 56 25.08 -20.20 120.08
CA ARG A 56 25.96 -21.26 120.57
C ARG A 56 27.40 -20.87 120.27
N HIS A 57 28.34 -21.58 120.90
CA HIS A 57 29.73 -21.14 120.83
C HIS A 57 30.53 -21.95 119.80
N TYR A 58 31.59 -21.32 119.31
CA TYR A 58 32.40 -21.91 118.25
C TYR A 58 33.80 -21.32 118.31
N CYS A 59 34.79 -22.17 118.07
CA CYS A 59 36.19 -21.75 117.93
C CYS A 59 36.63 -22.01 116.50
N GLY A 60 37.26 -21.00 115.90
CA GLY A 60 37.50 -20.94 114.47
C GLY A 60 38.60 -21.80 113.89
N LYS A 61 39.84 -21.58 114.31
CA LYS A 61 40.98 -22.16 113.60
C LYS A 61 41.14 -23.64 113.92
N CYS A 62 40.55 -24.12 115.00
CA CYS A 62 40.50 -25.55 115.29
C CYS A 62 39.16 -26.15 114.92
N CYS A 63 38.17 -25.32 114.57
CA CYS A 63 36.83 -25.69 114.13
C CYS A 63 36.11 -26.55 115.15
N LEU A 64 35.81 -25.98 116.32
CA LEU A 64 35.18 -26.76 117.37
C LEU A 64 33.89 -26.08 117.80
N THR A 65 32.79 -26.83 117.78
CA THR A 65 31.46 -26.27 117.98
C THR A 65 30.85 -26.82 119.27
N TYR A 66 30.36 -25.91 120.11
CA TYR A 66 29.62 -26.28 121.32
C TYR A 66 28.20 -25.72 121.17
N CYS A 67 27.25 -26.62 121.00
CA CYS A 67 25.86 -26.22 120.82
C CYS A 67 25.11 -26.26 122.14
N PHE A 68 24.01 -25.51 122.19
CA PHE A 68 23.15 -25.47 123.36
C PHE A 68 21.81 -26.14 123.06
N ASP B 1 -41.15 17.61 -49.18
CA ASP B 1 -39.85 17.00 -49.42
C ASP B 1 -39.53 15.93 -48.37
N PRO B 2 -38.30 15.93 -47.89
CA PRO B 2 -37.87 14.97 -46.88
C PRO B 2 -38.75 15.16 -45.67
N VAL B 3 -39.31 14.08 -45.13
CA VAL B 3 -40.10 14.21 -43.94
C VAL B 3 -39.14 14.04 -42.77
N PRO B 4 -38.94 15.11 -42.02
CA PRO B 4 -38.04 15.14 -40.88
C PRO B 4 -38.28 13.97 -39.96
N TYR B 5 -37.33 13.06 -39.85
CA TYR B 5 -37.49 11.86 -39.01
C TYR B 5 -37.70 12.03 -37.50
N GLN B 6 -37.93 10.92 -36.85
CA GLN B 6 -38.18 10.94 -35.42
C GLN B 6 -36.92 11.35 -34.70
N PRO B 7 -36.99 12.38 -33.87
CA PRO B 7 -35.80 12.92 -33.19
C PRO B 7 -34.86 11.91 -32.54
N PRO B 8 -33.67 11.79 -33.13
CA PRO B 8 -32.63 10.85 -32.73
C PRO B 8 -32.44 10.79 -31.25
N PHE B 9 -32.40 9.58 -30.68
CA PHE B 9 -32.23 9.44 -29.25
C PHE B 9 -30.86 9.96 -28.81
N LEU B 10 -30.85 10.86 -27.83
CA LEU B 10 -29.61 11.41 -27.30
C LEU B 10 -29.39 10.77 -25.95
N CYS B 11 -28.58 9.73 -25.91
CA CYS B 11 -28.30 9.03 -24.67
C CYS B 11 -27.81 9.94 -23.58
N GLN B 12 -28.72 10.50 -22.80
CA GLN B 12 -28.33 11.42 -21.76
C GLN B 12 -28.46 10.83 -20.39
N TRP B 13 -29.61 11.05 -19.77
CA TRP B 13 -29.82 10.56 -18.42
C TRP B 13 -29.69 9.06 -18.41
N GLY B 14 -28.51 8.58 -18.04
CA GLY B 14 -28.24 7.16 -18.02
C GLY B 14 -27.31 6.92 -16.88
N ARG B 15 -26.05 6.63 -17.18
CA ARG B 15 -25.08 6.36 -16.16
C ARG B 15 -23.80 7.09 -16.36
N HIS B 16 -23.53 7.50 -17.59
CA HIS B 16 -22.29 8.17 -17.87
C HIS B 16 -22.33 9.65 -17.60
N GLN B 17 -23.50 10.19 -17.29
CA GLN B 17 -23.63 11.60 -16.98
C GLN B 17 -23.53 11.72 -15.49
N PRO B 18 -22.78 12.70 -15.00
CA PRO B 18 -22.68 12.85 -13.57
C PRO B 18 -23.46 14.06 -13.14
N ALA B 19 -24.50 14.45 -13.89
CA ALA B 19 -25.33 15.58 -13.59
C ALA B 19 -26.44 15.12 -12.70
N TRP B 20 -27.07 14.02 -13.08
CA TRP B 20 -28.20 13.48 -12.35
C TRP B 20 -28.02 12.03 -12.00
N LYS B 21 -27.78 11.71 -10.73
CA LYS B 21 -27.58 10.35 -10.30
C LYS B 21 -28.13 10.36 -8.91
N PRO B 22 -29.05 9.44 -8.65
CA PRO B 22 -29.73 9.29 -7.36
C PRO B 22 -28.88 8.61 -6.27
N LEU B 23 -29.92 7.76 -5.72
CA LEU B 23 -29.24 7.19 -4.58
C LEU B 23 -28.61 5.86 -5.00
N MET B 24 -27.33 5.68 -4.74
CA MET B 24 -26.64 4.43 -5.09
C MET B 24 -26.11 3.64 -3.70
N THR G 1 112.22 -94.22 23.54
CA THR G 1 111.87 -95.58 23.15
C THR G 1 110.57 -96.04 23.81
N GLU G 2 109.99 -95.16 24.62
CA GLU G 2 108.74 -95.47 25.31
C GLU G 2 107.91 -94.20 25.43
N GLN G 3 106.61 -94.38 25.55
CA GLN G 3 105.66 -93.27 25.55
C GLN G 3 104.55 -93.60 26.54
N MET G 4 103.98 -92.57 27.15
CA MET G 4 102.88 -92.75 28.09
C MET G 4 101.58 -93.04 27.33
N THR G 5 100.61 -93.62 28.04
CA THR G 5 99.34 -93.94 27.42
C THR G 5 98.21 -93.70 28.42
N LEU G 6 97.00 -93.57 27.88
CA LEU G 6 95.80 -93.31 28.68
C LEU G 6 95.08 -94.63 28.94
N ARG G 7 94.76 -94.89 30.21
CA ARG G 7 93.82 -95.98 30.51
C ARG G 7 92.45 -95.44 30.89
N GLY G 8 92.41 -94.28 31.55
CA GLY G 8 91.13 -93.73 31.98
C GLY G 8 91.28 -92.44 32.74
N THR G 9 90.12 -91.96 33.21
CA THR G 9 90.01 -90.72 33.98
C THR G 9 89.32 -91.01 35.29
N LEU G 10 89.21 -89.97 36.11
CA LEU G 10 88.57 -90.04 37.43
C LEU G 10 87.61 -88.87 37.55
N LYS G 11 86.30 -89.16 37.50
CA LYS G 11 85.27 -88.14 37.54
C LYS G 11 84.54 -88.25 38.88
N GLY G 12 85.08 -87.60 39.90
CA GLY G 12 84.46 -87.61 41.21
C GLY G 12 84.61 -86.28 41.93
N HIS G 13 84.74 -85.19 41.18
CA HIS G 13 85.10 -83.90 41.75
C HIS G 13 84.21 -82.79 41.23
N ASN G 14 83.93 -81.82 42.09
CA ASN G 14 83.25 -80.59 41.71
C ASN G 14 84.24 -79.47 41.41
N GLY G 15 85.16 -79.21 42.34
CA GLY G 15 86.31 -78.36 42.08
C GLY G 15 87.49 -79.20 41.61
N TRP G 16 88.45 -78.53 41.01
CA TRP G 16 89.56 -79.27 40.41
C TRP G 16 90.58 -79.70 41.45
N VAL G 17 91.28 -80.79 41.14
CA VAL G 17 92.18 -81.48 42.05
C VAL G 17 93.43 -80.63 42.26
N THR G 18 93.69 -80.28 43.52
CA THR G 18 94.82 -79.44 43.85
C THR G 18 96.04 -80.25 44.26
N GLN G 19 95.84 -81.46 44.81
CA GLN G 19 96.95 -82.24 45.32
C GLN G 19 96.58 -83.72 45.27
N ILE G 20 97.55 -84.55 44.87
CA ILE G 20 97.40 -86.00 44.83
C ILE G 20 98.41 -86.61 45.78
N ALA G 21 97.94 -87.46 46.69
CA ALA G 21 98.78 -88.10 47.69
C ALA G 21 98.77 -89.60 47.51
N THR G 22 99.99 -90.16 47.54
CA THR G 22 100.28 -91.55 47.29
C THR G 22 100.71 -92.23 48.59
N THR G 23 101.00 -93.53 48.49
CA THR G 23 101.58 -94.29 49.58
C THR G 23 102.31 -95.49 48.99
N PRO G 24 103.39 -95.95 49.64
CA PRO G 24 104.03 -97.18 49.16
C PRO G 24 103.36 -98.45 49.67
N GLN G 25 102.55 -98.35 50.71
CA GLN G 25 101.95 -99.55 51.31
C GLN G 25 100.73 -100.02 50.53
N PHE G 26 99.86 -99.11 50.13
CA PHE G 26 98.61 -99.47 49.44
C PHE G 26 98.72 -99.12 47.96
N PRO G 27 98.85 -100.11 47.08
CA PRO G 27 98.97 -99.80 45.64
C PRO G 27 97.64 -99.39 45.01
N ASP G 28 96.54 -100.02 45.40
CA ASP G 28 95.22 -99.73 44.85
C ASP G 28 94.48 -98.69 45.67
N MET G 29 95.13 -97.57 45.95
CA MET G 29 94.52 -96.51 46.76
C MET G 29 95.26 -95.22 46.46
N ILE G 30 94.51 -94.13 46.27
CA ILE G 30 95.08 -92.80 46.12
C ILE G 30 94.18 -91.84 46.90
N LEU G 31 94.72 -90.69 47.31
CA LEU G 31 93.94 -89.71 48.05
C LEU G 31 94.12 -88.35 47.41
N SER G 32 93.04 -87.81 46.86
CA SER G 32 93.10 -86.57 46.09
C SER G 32 92.34 -85.47 46.80
N ALA G 33 93.05 -84.42 47.20
CA ALA G 33 92.41 -83.19 47.62
C ALA G 33 91.97 -82.41 46.38
N SER G 34 91.08 -81.44 46.60
CA SER G 34 90.48 -80.77 45.46
C SER G 34 90.07 -79.35 45.88
N ARG G 35 89.63 -78.58 44.90
CA ARG G 35 89.21 -77.19 45.15
C ARG G 35 87.90 -77.13 45.94
N ASP G 36 86.98 -78.07 45.70
CA ASP G 36 85.75 -78.07 46.48
C ASP G 36 86.01 -78.58 47.90
N LYS G 37 84.93 -78.66 48.68
CA LYS G 37 85.07 -78.99 50.10
C LYS G 37 85.38 -80.47 50.34
N THR G 38 85.30 -81.31 49.31
CA THR G 38 85.47 -82.73 49.49
C THR G 38 86.89 -83.19 49.11
N ILE G 39 87.35 -84.23 49.81
CA ILE G 39 88.63 -84.89 49.52
C ILE G 39 88.28 -86.34 49.22
N ILE G 40 88.70 -86.83 48.07
CA ILE G 40 88.22 -88.12 47.58
C ILE G 40 89.29 -89.19 47.75
N MET G 41 88.93 -90.28 48.43
CA MET G 41 89.73 -91.49 48.50
C MET G 41 89.27 -92.40 47.37
N TRP G 42 90.21 -92.88 46.56
CA TRP G 42 89.82 -93.69 45.41
C TRP G 42 90.13 -95.16 45.65
N LYS G 43 89.40 -96.03 44.95
CA LYS G 43 89.66 -97.46 44.93
C LYS G 43 89.91 -97.84 43.48
N LEU G 44 91.12 -98.32 43.19
CA LEU G 44 91.57 -98.51 41.82
C LEU G 44 91.13 -99.89 41.36
N THR G 45 90.09 -99.94 40.53
CA THR G 45 89.54 -101.22 40.12
C THR G 45 90.25 -101.76 38.87
N ARG G 46 90.81 -100.86 38.06
CA ARG G 46 91.53 -101.15 36.82
C ARG G 46 90.67 -101.94 35.82
N ASP G 47 89.40 -101.60 35.71
CA ASP G 47 88.47 -102.35 34.88
C ASP G 47 88.26 -101.66 33.53
N GLU G 48 87.32 -102.20 32.75
CA GLU G 48 87.05 -101.67 31.42
C GLU G 48 86.17 -100.43 31.49
N THR G 49 85.21 -100.41 32.43
CA THR G 49 84.26 -99.31 32.49
C THR G 49 84.90 -98.06 33.09
N ASN G 50 85.42 -98.15 34.31
CA ASN G 50 86.06 -97.02 34.96
C ASN G 50 87.34 -97.50 35.62
N TYR G 51 88.28 -96.56 35.77
CA TYR G 51 89.57 -96.91 36.37
C TYR G 51 89.50 -96.93 37.89
N GLY G 52 88.78 -95.98 38.48
CA GLY G 52 88.67 -95.91 39.92
C GLY G 52 87.26 -95.57 40.34
N ILE G 53 86.89 -96.04 41.53
CA ILE G 53 85.59 -95.74 42.13
C ILE G 53 85.82 -94.98 43.42
N PRO G 54 85.15 -93.86 43.66
CA PRO G 54 85.33 -93.12 44.91
C PRO G 54 84.73 -93.88 46.09
N GLN G 55 85.53 -94.08 47.13
CA GLN G 55 85.11 -94.86 48.29
C GLN G 55 84.74 -93.97 49.47
N ARG G 56 85.51 -92.91 49.72
CA ARG G 56 85.32 -92.06 50.87
C ARG G 56 85.44 -90.60 50.48
N ALA G 57 84.55 -89.78 51.02
CA ALA G 57 84.57 -88.34 50.84
C ALA G 57 84.79 -87.69 52.19
N LEU G 58 85.87 -86.92 52.31
CA LEU G 58 86.29 -86.36 53.60
C LEU G 58 85.79 -84.93 53.69
N ARG G 59 84.57 -84.77 54.21
CA ARG G 59 83.96 -83.46 54.38
C ARG G 59 84.33 -82.92 55.76
N GLY G 60 84.32 -81.59 55.89
CA GLY G 60 84.63 -80.97 57.16
C GLY G 60 85.42 -79.67 57.05
N HIS G 61 86.02 -79.43 55.90
CA HIS G 61 86.82 -78.21 55.71
C HIS G 61 85.92 -77.01 55.46
N SER G 62 86.36 -75.84 55.96
CA SER G 62 85.58 -74.62 55.81
C SER G 62 85.86 -73.91 54.50
N HIS G 63 87.05 -74.14 53.91
CA HIS G 63 87.40 -73.40 52.71
C HIS G 63 88.05 -74.37 51.74
N PHE G 64 88.77 -73.85 50.76
CA PHE G 64 89.26 -74.61 49.61
C PHE G 64 90.51 -75.40 49.98
N VAL G 65 90.45 -76.72 49.81
CA VAL G 65 91.52 -77.60 50.30
C VAL G 65 92.70 -77.55 49.35
N SER G 66 93.88 -77.24 49.89
CA SER G 66 95.09 -77.07 49.09
C SER G 66 95.96 -78.32 49.06
N ASP G 67 96.41 -78.80 50.22
CA ASP G 67 97.44 -79.84 50.28
C ASP G 67 96.89 -81.07 50.99
N VAL G 68 97.46 -82.22 50.64
CA VAL G 68 97.15 -83.49 51.31
C VAL G 68 98.41 -84.34 51.29
N VAL G 69 98.63 -85.14 52.34
CA VAL G 69 99.82 -85.96 52.46
C VAL G 69 99.51 -87.18 53.33
N ILE G 70 99.93 -88.35 52.84
CA ILE G 70 99.70 -89.63 53.51
C ILE G 70 101.00 -90.03 54.22
N SER G 71 100.85 -90.50 55.45
CA SER G 71 101.98 -91.01 56.22
C SER G 71 102.54 -92.29 55.60
N SER G 72 103.73 -92.68 56.08
CA SER G 72 104.40 -93.87 55.57
C SER G 72 103.70 -95.15 56.01
N ASP G 73 102.93 -95.09 57.09
CA ASP G 73 102.17 -96.27 57.52
C ASP G 73 100.97 -96.50 56.61
N GLY G 74 100.29 -95.44 56.22
CA GLY G 74 99.09 -95.55 55.40
C GLY G 74 97.80 -95.56 56.17
N GLN G 75 97.83 -95.42 57.49
CA GLN G 75 96.61 -95.42 58.29
C GLN G 75 96.10 -94.02 58.59
N PHE G 76 96.96 -93.02 58.56
CA PHE G 76 96.60 -91.63 58.82
C PHE G 76 97.08 -90.76 57.66
N ALA G 77 96.39 -89.63 57.46
CA ALA G 77 96.76 -88.71 56.40
C ALA G 77 96.29 -87.31 56.78
N LEU G 78 97.16 -86.32 56.57
CA LEU G 78 96.87 -84.95 56.96
C LEU G 78 96.46 -84.16 55.73
N SER G 79 95.50 -83.27 55.90
CA SER G 79 95.06 -82.35 54.87
C SER G 79 95.10 -80.92 55.38
N GLY G 80 95.50 -80.01 54.51
CA GLY G 80 95.54 -78.60 54.81
C GLY G 80 94.74 -77.81 53.79
N SER G 81 93.93 -76.87 54.28
CA SER G 81 92.99 -76.14 53.46
C SER G 81 93.28 -74.65 53.58
N TRP G 82 92.51 -73.85 52.84
CA TRP G 82 92.66 -72.41 52.93
C TRP G 82 91.87 -71.81 54.08
N ASP G 83 91.21 -72.64 54.90
CA ASP G 83 90.55 -72.10 56.08
C ASP G 83 91.55 -71.72 57.16
N GLY G 84 92.70 -72.40 57.21
CA GLY G 84 93.73 -72.17 58.20
C GLY G 84 93.99 -73.38 59.08
N THR G 85 92.98 -74.20 59.31
CA THR G 85 93.11 -75.36 60.16
C THR G 85 93.68 -76.55 59.39
N LEU G 86 94.36 -77.43 60.11
CA LEU G 86 94.89 -78.66 59.55
C LEU G 86 94.17 -79.84 60.16
N ARG G 87 93.92 -80.88 59.35
CA ARG G 87 93.14 -82.02 59.82
C ARG G 87 93.93 -83.30 59.65
N LEU G 88 94.15 -84.03 60.74
CA LEU G 88 94.82 -85.33 60.67
C LEU G 88 93.76 -86.41 60.60
N TRP G 89 93.34 -86.74 59.37
CA TRP G 89 92.26 -87.68 59.15
C TRP G 89 92.75 -89.11 59.38
N ASP G 90 92.03 -89.85 60.22
CA ASP G 90 92.12 -91.30 60.25
C ASP G 90 91.51 -91.82 58.96
N LEU G 91 92.30 -92.53 58.15
CA LEU G 91 91.88 -92.91 56.81
C LEU G 91 90.82 -94.02 56.81
N THR G 92 90.83 -94.90 57.81
CA THR G 92 89.85 -95.99 57.84
C THR G 92 88.48 -95.48 58.27
N THR G 93 88.41 -94.83 59.44
CA THR G 93 87.14 -94.37 59.96
C THR G 93 86.63 -93.11 59.26
N GLY G 94 87.51 -92.29 58.71
CA GLY G 94 87.08 -91.06 58.04
C GLY G 94 86.60 -90.01 59.00
N THR G 95 87.41 -89.69 60.01
CA THR G 95 87.06 -88.66 60.98
C THR G 95 88.33 -87.96 61.43
N THR G 96 88.14 -86.80 62.06
CA THR G 96 89.26 -85.95 62.45
C THR G 96 89.84 -86.44 63.78
N THR G 97 91.15 -86.77 63.77
CA THR G 97 91.82 -87.13 65.01
C THR G 97 92.40 -85.89 65.69
N ARG G 98 93.19 -85.10 64.97
CA ARG G 98 93.79 -83.89 65.50
C ARG G 98 93.51 -82.73 64.58
N ARG G 99 93.10 -81.60 65.16
CA ARG G 99 92.89 -80.37 64.42
C ARG G 99 93.93 -79.35 64.85
N PHE G 100 94.79 -78.94 63.91
CA PHE G 100 95.85 -77.98 64.20
C PHE G 100 95.33 -76.58 63.87
N VAL G 101 95.20 -75.75 64.91
CA VAL G 101 94.69 -74.39 64.79
C VAL G 101 95.81 -73.44 65.23
N GLY G 102 95.93 -72.31 64.54
CA GLY G 102 96.99 -71.36 64.85
C GLY G 102 97.51 -70.60 63.64
N HIS G 103 97.24 -71.11 62.44
CA HIS G 103 97.50 -70.34 61.24
C HIS G 103 96.50 -69.21 61.12
N THR G 104 97.01 -68.01 60.90
CA THR G 104 96.12 -66.85 60.72
C THR G 104 95.55 -66.83 59.31
N LYS G 105 96.40 -66.97 58.31
CA LYS G 105 96.00 -66.90 56.91
C LYS G 105 95.93 -68.30 56.31
N ASP G 106 95.74 -68.35 55.00
CA ASP G 106 95.40 -69.60 54.31
C ASP G 106 96.63 -70.50 54.19
N VAL G 107 96.44 -71.80 54.43
CA VAL G 107 97.54 -72.76 54.45
C VAL G 107 97.73 -73.30 53.03
N LEU G 108 98.96 -73.28 52.55
CA LEU G 108 99.24 -73.73 51.19
C LEU G 108 99.90 -75.10 51.13
N SER G 109 100.73 -75.47 52.09
CA SER G 109 101.43 -76.75 52.01
C SER G 109 101.71 -77.31 53.39
N VAL G 110 101.88 -78.62 53.46
CA VAL G 110 102.15 -79.32 54.72
C VAL G 110 102.97 -80.56 54.38
N ALA G 111 103.80 -80.98 55.33
CA ALA G 111 104.67 -82.14 55.12
C ALA G 111 104.89 -82.91 56.42
N PHE G 112 104.67 -84.23 56.35
CA PHE G 112 105.12 -85.14 57.39
C PHE G 112 106.64 -85.33 57.33
N SER G 113 107.18 -85.88 58.43
CA SER G 113 108.57 -86.30 58.43
C SER G 113 108.69 -87.75 57.96
N SER G 114 109.95 -88.20 57.82
CA SER G 114 110.20 -89.58 57.45
C SER G 114 109.87 -90.52 58.61
N ASP G 115 110.03 -90.06 59.84
CA ASP G 115 109.64 -90.83 61.02
C ASP G 115 108.17 -90.62 61.39
N ASN G 116 107.45 -89.78 60.63
CA ASN G 116 106.06 -89.40 60.89
C ASN G 116 105.88 -88.81 62.29
N ARG G 117 106.84 -87.98 62.69
CA ARG G 117 106.86 -87.33 63.99
C ARG G 117 106.77 -85.81 63.89
N GLN G 118 107.53 -85.20 62.97
CA GLN G 118 107.53 -83.77 62.77
C GLN G 118 106.60 -83.41 61.61
N ILE G 119 105.95 -82.25 61.72
CA ILE G 119 105.07 -81.73 60.69
C ILE G 119 105.45 -80.28 60.42
N VAL G 120 105.65 -79.93 59.16
CA VAL G 120 106.00 -78.55 58.80
C VAL G 120 104.97 -78.01 57.83
N SER G 121 104.42 -76.83 58.15
CA SER G 121 103.35 -76.21 57.39
C SER G 121 103.80 -74.86 56.87
N GLY G 122 103.51 -74.61 55.60
CA GLY G 122 103.72 -73.31 54.99
C GLY G 122 102.38 -72.69 54.60
N SER G 123 102.15 -71.47 55.07
CA SER G 123 100.86 -70.82 54.94
C SER G 123 101.07 -69.40 54.39
N ARG G 124 99.96 -68.73 54.10
CA ARG G 124 100.03 -67.42 53.46
C ARG G 124 100.38 -66.29 54.42
N ASP G 125 100.33 -66.53 55.73
CA ASP G 125 100.96 -65.59 56.65
C ASP G 125 102.47 -65.78 56.59
N LYS G 126 103.22 -64.78 57.04
CA LYS G 126 104.66 -64.81 56.85
C LYS G 126 105.37 -65.68 57.89
N THR G 127 104.93 -66.92 58.04
CA THR G 127 105.48 -67.87 59.01
C THR G 127 105.64 -69.22 58.33
N ILE G 128 106.54 -70.04 58.89
CA ILE G 128 106.67 -71.45 58.54
C ILE G 128 106.59 -72.21 59.86
N LYS G 129 105.48 -72.92 60.09
CA LYS G 129 105.22 -73.47 61.40
C LYS G 129 105.65 -74.93 61.50
N LEU G 130 106.03 -75.34 62.71
CA LEU G 130 106.56 -76.66 62.99
C LEU G 130 105.79 -77.24 64.18
N TRP G 131 105.17 -78.40 63.95
CA TRP G 131 104.17 -79.01 64.82
C TRP G 131 104.57 -80.45 65.11
N ASN G 132 104.04 -80.97 66.22
CA ASN G 132 104.07 -82.40 66.49
C ASN G 132 102.74 -83.01 66.04
N THR G 133 102.59 -84.31 66.29
CA THR G 133 101.33 -84.96 65.97
C THR G 133 100.30 -84.76 67.08
N LEU G 134 100.75 -84.39 68.29
CA LEU G 134 99.83 -84.26 69.41
C LEU G 134 99.14 -82.90 69.45
N GLY G 135 99.53 -81.97 68.59
CA GLY G 135 98.83 -80.70 68.49
C GLY G 135 99.40 -79.60 69.37
N VAL G 136 100.73 -79.44 69.32
CA VAL G 136 101.42 -78.42 70.09
C VAL G 136 102.21 -77.57 69.10
N CYS G 137 102.03 -76.24 69.16
CA CYS G 137 102.77 -75.33 68.31
C CYS G 137 104.22 -75.29 68.77
N LYS G 138 105.08 -76.10 68.16
CA LYS G 138 106.44 -76.25 68.67
C LYS G 138 107.32 -75.09 68.22
N TYR G 139 107.25 -74.70 66.95
CA TYR G 139 108.17 -73.67 66.47
C TYR G 139 107.53 -72.83 65.38
N THR G 140 107.89 -71.55 65.34
CA THR G 140 107.39 -70.61 64.36
C THR G 140 108.41 -69.49 64.15
N VAL G 141 108.76 -69.27 62.88
CA VAL G 141 109.63 -68.17 62.48
C VAL G 141 108.76 -66.94 62.26
N GLN G 142 109.19 -65.79 62.80
CA GLN G 142 108.50 -64.53 62.59
C GLN G 142 109.39 -63.51 61.89
N ASP G 143 110.61 -63.27 62.39
CA ASP G 143 111.49 -62.29 61.77
C ASP G 143 112.23 -62.88 60.58
N GLU G 144 113.07 -63.88 60.83
CA GLU G 144 113.84 -64.53 59.77
C GLU G 144 112.91 -65.54 59.08
N SER G 145 112.26 -65.07 58.02
CA SER G 145 111.34 -65.89 57.24
C SER G 145 111.16 -65.23 55.87
N HIS G 146 110.19 -65.72 55.12
CA HIS G 146 109.87 -65.12 53.84
C HIS G 146 109.13 -63.80 54.03
N SER G 147 109.42 -62.83 53.17
CA SER G 147 108.75 -61.53 53.26
C SER G 147 107.39 -61.56 52.59
N GLU G 148 107.07 -62.64 51.88
CA GLU G 148 105.78 -62.89 51.26
C GLU G 148 105.29 -64.29 51.66
N TRP G 149 104.28 -64.77 50.93
CA TRP G 149 103.65 -66.05 51.22
C TRP G 149 104.64 -67.21 51.12
N VAL G 150 104.33 -68.31 51.80
CA VAL G 150 105.13 -69.52 51.73
C VAL G 150 104.36 -70.50 50.85
N SER G 151 104.88 -70.75 49.65
CA SER G 151 104.12 -71.53 48.67
C SER G 151 104.19 -73.02 48.96
N CYS G 152 105.40 -73.59 49.07
CA CYS G 152 105.52 -75.03 49.24
C CYS G 152 106.68 -75.37 50.17
N VAL G 153 106.52 -76.48 50.89
CA VAL G 153 107.56 -77.03 51.76
C VAL G 153 107.70 -78.52 51.45
N ARG G 154 108.95 -79.00 51.42
CA ARG G 154 109.24 -80.42 51.32
C ARG G 154 110.41 -80.74 52.23
N PHE G 155 110.67 -82.03 52.44
CA PHE G 155 111.76 -82.45 53.30
C PHE G 155 112.85 -83.16 52.50
N SER G 156 113.91 -83.55 53.22
CA SER G 156 114.87 -84.50 52.70
C SER G 156 114.43 -85.91 53.07
N PRO G 157 114.31 -86.84 52.12
CA PRO G 157 113.98 -88.22 52.49
C PRO G 157 115.09 -88.94 53.23
N ASN G 158 116.33 -88.45 53.14
CA ASN G 158 117.45 -89.08 53.84
C ASN G 158 117.31 -88.81 55.35
N SER G 159 117.39 -89.89 56.13
CA SER G 159 117.26 -89.76 57.58
C SER G 159 118.52 -89.19 58.22
N SER G 160 119.66 -89.26 57.51
CA SER G 160 120.90 -88.69 58.04
C SER G 160 120.92 -87.17 57.92
N ASN G 161 120.06 -86.60 57.07
CA ASN G 161 120.05 -85.17 56.83
C ASN G 161 118.77 -84.56 57.38
N PRO G 162 118.80 -83.87 58.53
CA PRO G 162 117.61 -83.12 59.00
C PRO G 162 117.48 -81.77 58.28
N ILE G 163 117.11 -81.86 57.01
CA ILE G 163 117.12 -80.73 56.09
C ILE G 163 115.74 -80.60 55.46
N ILE G 164 115.16 -79.40 55.54
CA ILE G 164 113.87 -79.11 54.91
C ILE G 164 114.09 -77.99 53.90
N VAL G 165 113.24 -77.96 52.87
CA VAL G 165 113.33 -76.95 51.80
C VAL G 165 111.99 -76.23 51.72
N SER G 166 112.04 -74.90 51.80
CA SER G 166 110.84 -74.08 51.77
C SER G 166 110.98 -73.01 50.71
N CYS G 167 110.04 -72.95 49.78
CA CYS G 167 110.00 -71.87 48.82
C CYS G 167 108.90 -70.87 49.17
N GLY G 168 108.68 -69.93 48.26
CA GLY G 168 107.65 -68.94 48.48
C GLY G 168 107.52 -67.99 47.32
N TRP G 169 106.61 -67.04 47.47
CA TRP G 169 106.32 -66.00 46.50
C TRP G 169 107.35 -64.88 46.50
N ASP G 170 108.35 -64.96 47.39
CA ASP G 170 109.43 -63.97 47.47
C ASP G 170 110.60 -64.28 46.54
N LYS G 171 110.41 -65.17 45.56
CA LYS G 171 111.44 -65.62 44.61
C LYS G 171 112.68 -66.18 45.29
N LEU G 172 112.51 -66.92 46.38
CA LEU G 172 113.62 -67.43 47.18
C LEU G 172 113.37 -68.88 47.54
N VAL G 173 114.35 -69.74 47.30
CA VAL G 173 114.34 -71.11 47.83
C VAL G 173 115.22 -71.12 49.07
N LYS G 174 114.63 -71.23 50.25
CA LYS G 174 115.42 -71.35 51.46
C LYS G 174 115.54 -72.81 51.87
N VAL G 175 116.68 -73.15 52.46
CA VAL G 175 116.95 -74.50 52.95
C VAL G 175 117.30 -74.39 54.43
N TRP G 176 116.47 -75.03 55.27
CA TRP G 176 116.48 -74.88 56.72
C TRP G 176 116.93 -76.19 57.36
N ASN G 177 117.43 -76.08 58.59
CA ASN G 177 117.90 -77.23 59.37
C ASN G 177 116.91 -77.48 60.51
N LEU G 178 116.62 -78.76 60.78
CA LEU G 178 115.71 -79.09 61.87
C LEU G 178 116.35 -78.93 63.24
N ALA G 179 117.69 -78.92 63.31
CA ALA G 179 118.37 -78.97 64.60
C ALA G 179 118.33 -77.62 65.31
N ASN G 180 118.91 -76.60 64.70
CA ASN G 180 119.01 -75.27 65.31
C ASN G 180 117.85 -74.38 64.90
N CYS G 181 117.05 -74.82 63.92
CA CYS G 181 115.83 -74.16 63.44
C CYS G 181 116.12 -72.78 62.85
N LYS G 182 117.25 -72.67 62.17
CA LYS G 182 117.55 -71.54 61.31
C LYS G 182 118.05 -72.08 59.97
N LEU G 183 118.06 -71.23 58.96
CA LEU G 183 118.26 -71.68 57.58
C LEU G 183 119.71 -72.06 57.33
N LYS G 184 119.89 -73.20 56.66
CA LYS G 184 121.23 -73.61 56.24
C LYS G 184 121.74 -72.75 55.09
N THR G 185 120.90 -72.50 54.09
CA THR G 185 121.30 -71.66 52.96
C THR G 185 120.10 -71.01 52.29
N ASN G 186 120.39 -70.03 51.45
CA ASN G 186 119.40 -69.40 50.59
C ASN G 186 119.79 -69.61 49.12
N HIS G 187 118.79 -69.48 48.23
CA HIS G 187 119.03 -69.70 46.80
C HIS G 187 118.39 -68.55 46.03
N ILE G 188 119.21 -67.55 45.69
CA ILE G 188 118.74 -66.40 44.93
C ILE G 188 119.01 -66.63 43.45
N GLY G 189 118.07 -66.21 42.60
CA GLY G 189 118.28 -66.33 41.17
C GLY G 189 117.05 -66.61 40.33
N HIS G 190 115.95 -67.03 40.94
CA HIS G 190 114.75 -67.37 40.19
C HIS G 190 113.92 -66.12 39.94
N THR G 191 113.78 -65.73 38.68
CA THR G 191 112.86 -64.68 38.29
C THR G 191 111.44 -65.25 38.21
N GLY G 192 110.48 -64.45 38.68
CA GLY G 192 109.09 -64.87 38.78
C GLY G 192 108.81 -65.68 40.04
N TYR G 193 107.57 -65.66 40.50
CA TYR G 193 107.22 -66.30 41.77
C TYR G 193 107.31 -67.82 41.65
N LEU G 194 107.62 -68.45 42.78
CA LEU G 194 107.76 -69.90 42.85
C LEU G 194 106.42 -70.53 43.18
N ASN G 195 106.00 -71.47 42.32
CA ASN G 195 104.77 -72.23 42.55
C ASN G 195 105.03 -73.58 43.21
N THR G 196 106.10 -74.27 42.85
CA THR G 196 106.30 -75.63 43.33
C THR G 196 107.78 -75.93 43.52
N VAL G 197 108.04 -76.80 44.50
CA VAL G 197 109.37 -77.31 44.83
C VAL G 197 109.23 -78.77 45.22
N THR G 198 110.01 -79.64 44.60
CA THR G 198 110.04 -81.04 44.98
C THR G 198 111.48 -81.49 45.22
N VAL G 199 111.61 -82.55 46.02
CA VAL G 199 112.91 -83.08 46.43
C VAL G 199 112.97 -84.54 45.97
N SER G 200 114.13 -84.92 45.42
CA SER G 200 114.37 -86.28 44.97
C SER G 200 114.38 -87.25 46.17
N PRO G 201 114.06 -88.53 45.93
CA PRO G 201 114.12 -89.51 47.02
C PRO G 201 115.52 -89.78 47.53
N ASP G 202 116.56 -89.48 46.73
CA ASP G 202 117.92 -89.58 47.23
C ASP G 202 118.23 -88.47 48.22
N GLY G 203 117.58 -87.32 48.07
CA GLY G 203 117.80 -86.20 48.97
C GLY G 203 119.01 -85.36 48.63
N SER G 204 119.40 -85.32 47.36
CA SER G 204 120.58 -84.57 46.94
C SER G 204 120.20 -83.39 46.03
N LEU G 205 119.33 -83.61 45.05
CA LEU G 205 118.95 -82.56 44.11
C LEU G 205 117.48 -82.20 44.30
N CYS G 206 117.17 -80.95 43.95
CA CYS G 206 115.87 -80.34 44.24
C CYS G 206 115.40 -79.54 43.04
N ALA G 207 114.15 -79.75 42.64
CA ALA G 207 113.59 -79.04 41.51
C ALA G 207 112.67 -77.91 41.98
N SER G 208 112.81 -76.75 41.33
CA SER G 208 112.00 -75.60 41.66
C SER G 208 111.40 -75.00 40.39
N GLY G 209 110.11 -74.68 40.42
CA GLY G 209 109.43 -74.13 39.27
C GLY G 209 108.32 -73.14 39.60
N GLY G 210 108.00 -72.27 38.65
CA GLY G 210 107.02 -71.23 38.89
C GLY G 210 106.45 -70.65 37.60
N LYS G 211 106.29 -69.32 37.61
CA LYS G 211 105.69 -68.62 36.47
C LYS G 211 106.59 -68.64 35.24
N ASP G 212 107.90 -68.53 35.44
CA ASP G 212 108.82 -68.29 34.33
C ASP G 212 108.99 -69.54 33.46
N GLY G 213 108.56 -70.70 33.96
CA GLY G 213 108.75 -71.93 33.22
C GLY G 213 110.18 -72.40 33.24
N GLN G 214 110.93 -72.04 34.29
CA GLN G 214 112.34 -72.34 34.37
C GLN G 214 112.57 -73.25 35.56
N ALA G 215 112.62 -74.55 35.31
CA ALA G 215 112.84 -75.55 36.34
C ALA G 215 114.32 -75.52 36.71
N MET G 216 114.60 -75.02 37.91
CA MET G 216 115.98 -74.92 38.38
C MET G 216 116.30 -76.11 39.27
N LEU G 217 117.49 -76.69 39.08
CA LEU G 217 117.92 -77.83 39.90
C LEU G 217 119.01 -77.37 40.86
N TRP G 218 118.72 -77.44 42.15
CA TRP G 218 119.66 -77.07 43.20
C TRP G 218 120.20 -78.32 43.89
N ASP G 219 121.32 -78.16 44.58
CA ASP G 219 121.97 -79.24 45.30
C ASP G 219 121.86 -79.01 46.80
N LEU G 220 121.73 -80.10 47.56
CA LEU G 220 121.56 -80.03 49.01
C LEU G 220 122.82 -80.38 49.78
N ASN G 221 123.77 -81.11 49.17
CA ASN G 221 125.02 -81.41 49.85
C ASN G 221 125.89 -80.16 49.92
N GLU G 222 125.88 -79.35 48.86
CA GLU G 222 126.52 -78.04 48.85
C GLU G 222 125.56 -77.08 48.16
N GLY G 223 125.48 -75.86 48.66
CA GLY G 223 124.54 -74.89 48.14
C GLY G 223 124.97 -74.29 46.82
N LYS G 224 124.93 -75.08 45.74
CA LYS G 224 125.37 -74.63 44.43
C LYS G 224 124.29 -74.95 43.40
N HIS G 225 124.26 -74.13 42.35
CA HIS G 225 123.31 -74.32 41.26
C HIS G 225 123.88 -75.29 40.22
N LEU G 226 122.99 -76.06 39.59
CA LEU G 226 123.42 -77.04 38.61
C LEU G 226 123.02 -76.67 37.18
N TYR G 227 121.73 -76.56 36.90
CA TYR G 227 121.23 -76.18 35.57
C TYR G 227 119.74 -75.87 35.64
N THR G 228 119.29 -75.18 34.59
CA THR G 228 117.93 -74.65 34.50
C THR G 228 117.33 -75.07 33.16
N LEU G 229 116.11 -75.60 33.20
CA LEU G 229 115.42 -76.10 32.01
C LEU G 229 114.27 -75.18 31.68
N ASP G 230 114.02 -74.97 30.39
CA ASP G 230 112.94 -74.10 29.93
C ASP G 230 111.65 -74.91 29.73
N GLY G 231 110.53 -74.40 30.25
CA GLY G 231 109.25 -75.06 30.09
C GLY G 231 108.27 -74.35 29.19
N GLY G 232 108.43 -73.04 29.04
CA GLY G 232 107.53 -72.25 28.22
C GLY G 232 106.36 -71.65 28.98
N ASP G 233 105.45 -72.48 29.45
CA ASP G 233 104.30 -72.02 30.21
C ASP G 233 104.61 -72.13 31.71
N ILE G 234 103.64 -71.75 32.54
CA ILE G 234 103.79 -71.75 33.99
C ILE G 234 103.94 -73.17 34.54
N ILE G 235 104.94 -73.37 35.40
CA ILE G 235 105.15 -74.66 36.06
C ILE G 235 104.26 -74.67 37.31
N ASN G 236 103.30 -75.60 37.34
CA ASN G 236 102.39 -75.67 38.47
C ASN G 236 102.80 -76.76 39.47
N ALA G 237 103.26 -77.90 38.97
CA ALA G 237 103.66 -78.99 39.86
C ALA G 237 104.90 -79.67 39.29
N LEU G 238 105.69 -80.23 40.20
CA LEU G 238 106.91 -80.94 39.86
C LEU G 238 106.96 -82.24 40.65
N CYS G 239 107.60 -83.26 40.07
CA CYS G 239 107.70 -84.56 40.75
C CYS G 239 108.91 -85.31 40.22
N PHE G 240 109.74 -85.83 41.11
CA PHE G 240 110.78 -86.77 40.72
C PHE G 240 110.22 -88.17 40.65
N SER G 241 110.73 -88.97 39.70
CA SER G 241 110.30 -90.35 39.57
C SER G 241 110.92 -91.20 40.67
N PRO G 242 110.15 -92.10 41.28
CA PRO G 242 110.69 -92.90 42.39
C PRO G 242 111.69 -93.96 41.97
N ASN G 243 111.41 -94.69 40.88
CA ASN G 243 112.34 -95.70 40.41
C ASN G 243 113.26 -95.17 39.33
N ARG G 244 112.73 -94.37 38.42
CA ARG G 244 113.51 -93.87 37.30
C ARG G 244 114.14 -92.52 37.64
N TYR G 245 115.08 -92.11 36.80
CA TYR G 245 115.86 -90.88 37.00
C TYR G 245 115.25 -89.75 36.18
N TRP G 246 113.97 -89.48 36.44
CA TRP G 246 113.17 -88.57 35.64
C TRP G 246 112.59 -87.44 36.51
N LEU G 247 112.39 -86.28 35.86
CA LEU G 247 111.73 -85.13 36.48
C LEU G 247 110.51 -84.79 35.62
N CYS G 248 109.33 -84.84 36.24
CA CYS G 248 108.07 -84.54 35.57
C CYS G 248 107.56 -83.17 35.99
N ALA G 249 107.00 -82.44 35.02
CA ALA G 249 106.64 -81.05 35.20
C ALA G 249 105.26 -80.77 34.61
N ALA G 250 104.53 -79.87 35.24
CA ALA G 250 103.24 -79.41 34.77
C ALA G 250 103.41 -78.05 34.10
N THR G 251 103.82 -78.06 32.83
CA THR G 251 104.13 -76.84 32.09
C THR G 251 102.89 -76.41 31.32
N GLY G 252 101.94 -75.81 32.03
CA GLY G 252 100.74 -75.29 31.41
C GLY G 252 99.78 -76.38 30.97
N PRO G 253 99.39 -76.35 29.68
CA PRO G 253 98.38 -77.30 29.21
C PRO G 253 98.88 -78.72 29.02
N SER G 254 100.20 -78.95 29.09
CA SER G 254 100.75 -80.26 28.80
C SER G 254 101.66 -80.71 29.92
N ILE G 255 101.84 -82.02 30.01
CA ILE G 255 102.78 -82.66 30.91
C ILE G 255 104.11 -82.79 30.20
N LYS G 256 105.18 -82.29 30.83
CA LYS G 256 106.50 -82.25 30.20
C LYS G 256 107.49 -82.97 31.09
N ILE G 257 108.09 -84.03 30.57
CA ILE G 257 108.97 -84.90 31.35
C ILE G 257 110.38 -84.74 30.80
N TRP G 258 111.38 -84.91 31.67
CA TRP G 258 112.78 -84.93 31.30
C TRP G 258 113.50 -86.07 32.00
N ASP G 259 114.61 -86.49 31.40
CA ASP G 259 115.62 -87.27 32.10
C ASP G 259 116.68 -86.31 32.62
N LEU G 260 117.13 -86.51 33.85
CA LEU G 260 118.09 -85.57 34.42
C LEU G 260 119.50 -85.77 33.90
N GLU G 261 119.84 -87.00 33.50
CA GLU G 261 121.16 -87.23 32.92
C GLU G 261 121.25 -86.66 31.51
N GLY G 262 120.32 -87.06 30.64
CA GLY G 262 120.27 -86.52 29.29
C GLY G 262 119.34 -85.33 29.18
N LYS G 263 119.92 -84.14 29.03
CA LYS G 263 119.16 -82.89 29.10
C LYS G 263 118.31 -82.67 27.86
N ILE G 264 117.19 -83.40 27.76
CA ILE G 264 116.34 -83.34 26.58
C ILE G 264 114.94 -83.77 26.99
N ILE G 265 113.94 -83.29 26.24
CA ILE G 265 112.56 -83.70 26.49
C ILE G 265 112.35 -85.14 26.04
N VAL G 266 111.66 -85.92 26.87
CA VAL G 266 111.33 -87.29 26.50
C VAL G 266 109.98 -87.33 25.79
N ASP G 267 108.91 -86.93 26.47
CA ASP G 267 107.58 -86.90 25.90
C ASP G 267 106.89 -85.60 26.31
N GLU G 268 105.85 -85.25 25.56
CA GLU G 268 104.94 -84.16 25.90
C GLU G 268 103.52 -84.69 25.79
N LEU G 269 102.75 -84.55 26.87
CA LEU G 269 101.48 -85.25 27.00
C LEU G 269 100.34 -84.25 26.86
N LYS G 270 99.67 -84.27 25.71
CA LYS G 270 98.51 -83.44 25.44
C LYS G 270 97.30 -84.33 25.23
N GLN G 271 96.12 -83.82 25.59
CA GLN G 271 94.91 -84.61 25.46
C GLN G 271 94.45 -84.68 24.00
N GLU G 272 93.78 -85.77 23.65
CA GLU G 272 93.27 -85.93 22.29
C GLU G 272 91.79 -85.55 22.22
N VAL G 273 91.22 -85.12 23.34
CA VAL G 273 89.79 -84.84 23.39
C VAL G 273 89.53 -83.34 23.41
N ILE G 274 90.44 -82.57 22.80
CA ILE G 274 90.39 -81.11 22.73
C ILE G 274 89.10 -80.61 22.10
N SER G 275 88.32 -79.86 22.87
CA SER G 275 87.07 -79.31 22.35
C SER G 275 87.06 -77.79 22.41
N THR G 276 87.91 -77.21 23.26
CA THR G 276 88.03 -75.76 23.39
C THR G 276 88.92 -75.23 22.27
N SER G 277 88.34 -75.19 21.07
CA SER G 277 89.05 -74.72 19.88
C SER G 277 88.46 -73.45 19.31
N SER G 278 87.54 -72.80 20.05
CA SER G 278 86.91 -71.55 19.60
C SER G 278 87.01 -70.54 20.74
N LYS G 279 88.15 -69.82 20.78
CA LYS G 279 88.40 -68.68 21.68
C LYS G 279 88.27 -69.08 23.15
N ALA G 280 88.94 -70.16 23.54
CA ALA G 280 88.88 -70.65 24.92
C ALA G 280 90.22 -71.23 25.32
N GLU G 281 90.54 -71.12 26.61
CA GLU G 281 91.77 -71.68 27.12
C GLU G 281 91.59 -73.17 27.40
N PRO G 282 92.53 -74.02 26.96
CA PRO G 282 92.45 -75.45 27.31
C PRO G 282 92.77 -75.66 28.77
N PRO G 283 92.27 -76.76 29.37
CA PRO G 283 92.57 -77.01 30.78
C PRO G 283 94.04 -77.38 31.00
N GLN G 284 94.67 -76.69 31.94
CA GLN G 284 96.11 -76.78 32.14
C GLN G 284 96.41 -77.83 33.21
N CYS G 285 97.59 -78.43 33.14
CA CYS G 285 98.00 -79.39 34.15
C CYS G 285 98.39 -78.67 35.42
N THR G 286 97.74 -79.01 36.53
CA THR G 286 97.97 -78.32 37.79
C THR G 286 98.44 -79.20 38.92
N SER G 287 98.12 -80.50 38.91
CA SER G 287 98.64 -81.38 39.96
C SER G 287 98.84 -82.76 39.38
N LEU G 288 99.96 -83.39 39.71
CA LEU G 288 100.30 -84.70 39.16
C LEU G 288 101.39 -85.33 40.00
N ALA G 289 101.37 -86.66 40.04
CA ALA G 289 102.32 -87.42 40.85
C ALA G 289 102.43 -88.84 40.31
N TRP G 290 103.61 -89.43 40.47
CA TRP G 290 103.84 -90.82 40.09
C TRP G 290 103.25 -91.75 41.16
N SER G 291 103.20 -93.03 40.82
CA SER G 291 102.74 -94.04 41.76
C SER G 291 103.91 -94.53 42.62
N ALA G 292 103.68 -95.61 43.37
CA ALA G 292 104.71 -96.16 44.24
C ALA G 292 105.76 -96.91 43.42
N ASP G 293 105.32 -97.74 42.47
CA ASP G 293 106.24 -98.56 41.70
C ASP G 293 106.97 -97.76 40.63
N GLY G 294 106.30 -96.77 40.03
CA GLY G 294 106.89 -96.03 38.94
C GLY G 294 106.35 -96.40 37.58
N GLN G 295 105.14 -96.94 37.50
CA GLN G 295 104.50 -97.33 36.25
C GLN G 295 103.38 -96.38 35.85
N THR G 296 102.66 -95.81 36.81
CA THR G 296 101.44 -95.05 36.58
C THR G 296 101.64 -93.63 37.10
N LEU G 297 101.07 -92.66 36.40
CA LEU G 297 101.07 -91.26 36.81
C LEU G 297 99.63 -90.78 36.89
N PHE G 298 99.29 -90.08 37.97
CA PHE G 298 97.97 -89.50 38.15
C PHE G 298 98.09 -87.99 37.98
N ALA G 299 97.29 -87.42 37.09
CA ALA G 299 97.34 -85.99 36.80
C ALA G 299 95.94 -85.39 36.90
N GLY G 300 95.68 -84.69 37.99
CA GLY G 300 94.50 -83.87 38.12
C GLY G 300 94.72 -82.53 37.44
N TYR G 301 93.82 -82.21 36.52
CA TYR G 301 93.87 -80.98 35.74
C TYR G 301 92.89 -79.97 36.32
N THR G 302 92.70 -78.87 35.59
CA THR G 302 91.73 -77.86 35.99
C THR G 302 90.32 -78.13 35.46
N ASP G 303 90.10 -79.25 34.76
CA ASP G 303 88.80 -79.60 34.24
C ASP G 303 88.07 -80.62 35.13
N ASN G 304 88.33 -80.58 36.44
CA ASN G 304 87.66 -81.39 37.46
C ASN G 304 87.88 -82.89 37.23
N LEU G 305 89.05 -83.23 36.69
CA LEU G 305 89.33 -84.60 36.29
C LEU G 305 90.76 -84.97 36.64
N VAL G 306 90.98 -86.28 36.78
CA VAL G 306 92.31 -86.87 36.96
C VAL G 306 92.49 -87.89 35.85
N ARG G 307 93.38 -87.59 34.91
CA ARG G 307 93.73 -88.54 33.87
C ARG G 307 94.91 -89.40 34.32
N VAL G 308 94.93 -90.65 33.89
CA VAL G 308 96.04 -91.54 34.23
C VAL G 308 96.99 -91.57 33.03
N TRP G 309 98.24 -91.96 33.31
CA TRP G 309 99.29 -92.01 32.29
C TRP G 309 100.21 -93.17 32.65
N GLN G 310 100.05 -94.29 31.94
CA GLN G 310 100.84 -95.47 32.24
C GLN G 310 101.96 -95.67 31.23
N VAL G 311 103.07 -96.24 31.70
CA VAL G 311 104.23 -96.49 30.84
C VAL G 311 103.96 -97.73 30.01
N THR G 312 104.10 -97.60 28.68
CA THR G 312 103.89 -98.74 27.79
C THR G 312 105.06 -99.72 27.85
N ILE G 313 106.26 -99.24 27.49
CA ILE G 313 107.43 -100.11 27.46
C ILE G 313 108.23 -99.97 28.75
N GLY J 1 35.56 -25.93 100.82
CA GLY J 1 36.46 -24.82 100.59
C GLY J 1 37.20 -24.91 99.26
N HIS J 2 38.13 -23.98 99.04
CA HIS J 2 38.91 -24.00 97.80
C HIS J 2 39.93 -25.11 97.80
N GLN J 3 40.43 -25.50 98.99
CA GLN J 3 41.43 -26.56 99.08
C GLN J 3 40.83 -27.92 98.76
N GLN J 4 39.53 -28.09 98.96
CA GLN J 4 38.85 -29.35 98.67
C GLN J 4 38.25 -29.39 97.27
N LEU J 5 38.48 -28.37 96.45
CA LEU J 5 37.99 -28.35 95.08
C LEU J 5 39.09 -28.00 94.09
N TYR J 6 40.25 -27.57 94.55
CA TYR J 6 41.32 -27.17 93.64
C TYR J 6 41.96 -28.36 92.93
N TRP J 7 42.33 -29.39 93.68
CA TRP J 7 42.97 -30.57 93.11
C TRP J 7 42.35 -31.84 93.68
N SER J 8 41.02 -31.92 93.64
CA SER J 8 40.30 -33.07 94.16
C SER J 8 39.80 -34.02 93.09
N HIS J 9 40.01 -33.71 91.82
CA HIS J 9 39.62 -34.64 90.77
C HIS J 9 40.61 -35.79 90.70
N PRO J 10 40.14 -37.03 90.57
CA PRO J 10 41.07 -38.18 90.57
C PRO J 10 41.87 -38.25 89.28
N ARG J 11 43.20 -38.24 89.42
CA ARG J 11 44.12 -38.31 88.29
C ARG J 11 44.87 -39.64 88.30
N LYS J 12 44.16 -40.72 88.65
CA LYS J 12 44.80 -42.02 88.77
C LYS J 12 44.93 -42.75 87.43
N PHE J 13 44.39 -42.18 86.36
CA PHE J 13 44.30 -42.87 85.08
C PHE J 13 44.09 -41.84 83.98
N GLY J 14 44.05 -42.32 82.73
CA GLY J 14 43.80 -41.47 81.59
C GLY J 14 45.06 -40.87 81.00
N GLN J 15 44.91 -40.31 79.81
CA GLN J 15 46.04 -39.66 79.14
C GLN J 15 46.28 -38.25 79.66
N GLY J 16 45.33 -37.69 80.40
CA GLY J 16 45.53 -36.36 80.97
C GLY J 16 46.34 -36.39 82.26
N SER J 17 46.38 -37.54 82.93
CA SER J 17 47.19 -37.66 84.15
C SER J 17 48.67 -37.69 83.82
N ARG J 18 49.09 -38.64 82.99
CA ARG J 18 50.46 -38.73 82.52
C ARG J 18 50.72 -37.68 81.45
N SER J 19 51.99 -37.33 81.28
CA SER J 19 52.36 -36.32 80.31
C SER J 19 53.77 -36.60 79.80
N CYS J 20 54.19 -35.80 78.82
CA CYS J 20 55.55 -35.88 78.34
C CYS J 20 56.52 -35.33 79.38
N ARG J 21 57.74 -35.85 79.38
CA ARG J 21 58.76 -35.31 80.26
C ARG J 21 59.63 -34.26 79.57
N VAL J 22 59.23 -33.77 78.41
CA VAL J 22 59.89 -32.65 77.76
C VAL J 22 58.87 -31.55 77.55
N CYS J 23 57.79 -31.86 76.82
CA CYS J 23 56.82 -30.84 76.46
C CYS J 23 55.73 -30.68 77.52
N SER J 24 55.52 -31.72 78.34
CA SER J 24 54.40 -31.84 79.27
C SER J 24 53.04 -31.69 78.58
N ASN J 25 52.94 -32.19 77.35
CA ASN J 25 51.67 -32.25 76.63
C ASN J 25 51.04 -33.63 76.80
N ARG J 26 49.78 -33.74 76.36
CA ARG J 26 49.01 -34.94 76.66
C ARG J 26 48.52 -35.63 75.39
N HIS J 27 49.36 -35.68 74.36
CA HIS J 27 49.00 -36.33 73.10
C HIS J 27 50.22 -37.04 72.54
N GLY J 28 50.03 -38.28 72.10
CA GLY J 28 51.07 -39.03 71.43
C GLY J 28 52.19 -39.48 72.33
N LEU J 29 51.85 -39.90 73.56
CA LEU J 29 52.85 -40.25 74.55
C LEU J 29 53.37 -41.66 74.29
N ILE J 30 54.69 -41.82 74.31
CA ILE J 30 55.30 -43.14 74.20
C ILE J 30 55.52 -43.67 75.60
N ARG J 31 54.57 -44.46 76.09
CA ARG J 31 54.64 -45.03 77.44
C ARG J 31 55.41 -46.36 77.45
N LYS J 32 55.82 -46.84 76.29
CA LYS J 32 56.52 -48.12 76.19
C LYS J 32 57.94 -47.98 76.74
N TYR J 33 58.30 -48.93 77.63
CA TYR J 33 59.57 -49.00 78.34
C TYR J 33 59.85 -47.78 79.22
N GLY J 34 58.82 -47.08 79.66
CA GLY J 34 59.03 -45.96 80.57
C GLY J 34 59.64 -44.74 79.92
N LEU J 35 59.45 -44.58 78.61
CA LEU J 35 59.89 -43.36 77.94
C LEU J 35 59.08 -42.15 78.38
N ASN J 36 57.74 -42.30 78.39
CA ASN J 36 56.79 -41.33 78.94
C ASN J 36 56.92 -39.96 78.26
N MET J 37 57.13 -39.98 76.95
CA MET J 37 57.45 -38.76 76.21
C MET J 37 56.81 -38.83 74.83
N CYS J 38 56.64 -37.67 74.21
CA CYS J 38 55.95 -37.60 72.94
C CYS J 38 56.84 -38.09 71.80
N ARG J 39 56.21 -38.44 70.68
CA ARG J 39 56.94 -39.01 69.56
C ARG J 39 57.81 -37.98 68.85
N GLN J 40 57.44 -36.70 68.92
CA GLN J 40 58.24 -35.66 68.30
C GLN J 40 59.56 -35.48 69.03
N CYS J 41 59.53 -35.40 70.36
CA CYS J 41 60.76 -35.33 71.12
C CYS J 41 61.49 -36.67 71.16
N PHE J 42 60.77 -37.77 70.92
CA PHE J 42 61.43 -39.05 70.77
C PHE J 42 62.27 -39.08 69.48
N ARG J 43 61.72 -38.54 68.39
CA ARG J 43 62.49 -38.40 67.16
C ARG J 43 63.63 -37.39 67.35
N GLN J 44 63.41 -36.39 68.20
CA GLN J 44 64.45 -35.40 68.47
C GLN J 44 65.63 -35.99 69.24
N TYR J 45 65.34 -36.83 70.24
CA TYR J 45 66.37 -37.32 71.16
C TYR J 45 66.64 -38.81 71.03
N ALA J 46 66.23 -39.45 69.94
CA ALA J 46 66.49 -40.88 69.76
C ALA J 46 67.98 -41.16 69.57
N LYS J 47 68.71 -40.23 68.94
CA LYS J 47 70.15 -40.40 68.80
C LYS J 47 70.86 -40.23 70.13
N ASP J 48 70.33 -39.37 71.00
CA ASP J 48 70.94 -39.16 72.31
C ASP J 48 70.61 -40.32 73.26
N ILE J 49 69.42 -40.91 73.12
CA ILE J 49 69.09 -42.08 73.93
C ILE J 49 69.84 -43.31 73.44
N GLY J 50 69.80 -43.60 72.15
CA GLY J 50 70.50 -44.75 71.60
C GLY J 50 69.74 -45.46 70.51
N PHE J 51 68.52 -44.99 70.22
CA PHE J 51 67.77 -45.55 69.10
C PHE J 51 68.35 -45.08 67.77
N ILE J 52 68.42 -46.00 66.82
CA ILE J 52 69.00 -45.71 65.51
C ILE J 52 68.24 -46.51 64.47
N LYS J 53 68.05 -45.89 63.29
CA LYS J 53 67.30 -46.52 62.20
C LYS J 53 68.23 -47.48 61.46
N LEU J 54 68.28 -48.72 61.95
CA LEU J 54 69.08 -49.74 61.29
C LEU J 54 68.32 -50.36 60.13
N ASP J 55 67.05 -50.69 60.33
CA ASP J 55 66.22 -51.28 59.28
C ASP J 55 64.76 -50.90 59.44
N GLY K 1 -12.88 -15.89 -26.44
CA GLY K 1 -13.68 -14.79 -26.94
C GLY K 1 -13.42 -14.48 -28.40
N ARG K 2 -12.56 -13.50 -28.66
CA ARG K 2 -12.22 -13.16 -30.03
C ARG K 2 -11.18 -14.13 -30.59
N VAL K 3 -10.87 -13.94 -31.87
CA VAL K 3 -9.82 -14.70 -32.55
C VAL K 3 -8.48 -14.07 -32.16
N ILE K 4 -7.57 -14.89 -31.64
CA ILE K 4 -6.32 -14.40 -31.06
C ILE K 4 -5.34 -14.03 -32.16
N ARG K 5 -4.26 -13.33 -31.79
CA ARG K 5 -3.38 -12.70 -32.77
C ARG K 5 -2.57 -13.73 -33.56
N GLY K 6 -2.20 -14.83 -32.90
CA GLY K 6 -1.50 -15.90 -33.60
C GLY K 6 -2.38 -16.60 -34.61
N GLN K 7 -3.70 -16.64 -34.35
CA GLN K 7 -4.63 -17.15 -35.34
C GLN K 7 -4.85 -16.15 -36.47
N ARG K 8 -4.84 -14.85 -36.15
CA ARG K 8 -5.04 -13.85 -37.20
C ARG K 8 -3.82 -13.72 -38.10
N LYS K 9 -2.63 -14.08 -37.62
CA LYS K 9 -1.44 -14.01 -38.46
C LYS K 9 -1.44 -15.10 -39.53
N GLY K 10 -2.10 -16.23 -39.26
CA GLY K 10 -2.08 -17.32 -40.21
C GLY K 10 -3.01 -17.11 -41.40
N ALA K 11 -4.01 -16.26 -41.25
CA ALA K 11 -4.96 -16.02 -42.34
C ALA K 11 -4.32 -15.20 -43.45
N GLY K 12 -3.69 -14.09 -43.10
CA GLY K 12 -3.02 -13.26 -44.08
C GLY K 12 -3.68 -11.92 -44.31
N SER K 13 -3.32 -11.29 -45.44
CA SER K 13 -3.87 -10.05 -46.01
C SER K 13 -3.49 -8.78 -45.24
N VAL K 14 -2.91 -8.94 -44.05
CA VAL K 14 -2.25 -7.84 -43.37
C VAL K 14 -0.82 -8.24 -43.02
N PHE K 15 -0.66 -9.44 -42.47
CA PHE K 15 0.60 -9.95 -41.97
C PHE K 15 1.48 -10.58 -43.06
N ARG K 16 1.14 -10.37 -44.33
CA ARG K 16 1.95 -10.90 -45.41
C ARG K 16 3.27 -10.13 -45.53
N ALA K 17 4.24 -10.76 -46.18
CA ALA K 17 5.56 -10.17 -46.33
C ALA K 17 5.54 -9.03 -47.34
N HIS K 18 6.43 -8.06 -47.14
CA HIS K 18 6.54 -6.90 -48.01
C HIS K 18 7.60 -7.22 -49.07
N VAL K 19 7.15 -7.72 -50.22
CA VAL K 19 8.08 -8.28 -51.22
C VAL K 19 8.08 -7.43 -52.49
N LYS K 20 7.67 -6.17 -52.37
CA LYS K 20 7.68 -5.29 -53.53
C LYS K 20 9.08 -4.85 -53.90
N HIS K 21 9.80 -4.22 -52.96
CA HIS K 21 11.13 -3.70 -53.23
C HIS K 21 12.21 -4.77 -53.22
N ARG K 22 11.88 -6.02 -52.93
CA ARG K 22 12.86 -7.09 -52.97
C ARG K 22 13.18 -7.45 -54.42
N LYS K 23 14.47 -7.71 -54.69
CA LYS K 23 14.91 -7.90 -56.06
C LYS K 23 14.50 -9.27 -56.60
N GLY K 24 14.59 -10.31 -55.79
CA GLY K 24 14.20 -11.63 -56.23
C GLY K 24 14.60 -12.68 -55.21
N ALA K 25 14.48 -13.94 -55.63
CA ALA K 25 14.79 -15.07 -54.76
C ALA K 25 16.26 -15.44 -54.91
N ALA K 26 16.95 -15.55 -53.77
CA ALA K 26 18.37 -15.89 -53.75
C ALA K 26 18.52 -17.41 -53.93
N ARG K 27 18.56 -17.81 -55.20
CA ARG K 27 18.56 -19.22 -55.57
C ARG K 27 19.82 -19.54 -56.38
N LEU K 28 20.35 -20.75 -56.16
CA LEU K 28 21.57 -21.19 -56.82
C LEU K 28 21.27 -21.67 -58.24
N ARG K 29 22.31 -22.19 -58.89
CA ARG K 29 22.18 -22.70 -60.25
C ARG K 29 21.68 -24.15 -60.22
N ALA K 30 20.85 -24.50 -61.20
CA ALA K 30 20.28 -25.84 -61.27
C ALA K 30 21.33 -26.87 -61.69
N VAL K 31 21.03 -28.14 -61.43
CA VAL K 31 21.94 -29.21 -61.79
C VAL K 31 21.85 -29.47 -63.29
N ASP K 32 23.02 -29.66 -63.90
CA ASP K 32 23.12 -29.96 -65.33
C ASP K 32 24.44 -30.67 -65.58
N PHE K 33 24.83 -30.72 -66.86
CA PHE K 33 26.06 -31.38 -67.25
C PHE K 33 27.29 -30.66 -66.71
N ALA K 34 27.25 -29.33 -66.70
CA ALA K 34 28.40 -28.56 -66.23
C ALA K 34 28.52 -28.61 -64.71
N GLU K 35 27.39 -28.55 -64.00
CA GLU K 35 27.42 -28.71 -62.55
C GLU K 35 27.74 -30.14 -62.15
N ARG K 36 27.49 -31.10 -63.04
CA ARG K 36 27.65 -32.50 -62.66
C ARG K 36 29.06 -32.98 -62.92
N HIS K 37 29.56 -32.82 -64.15
CA HIS K 37 30.84 -33.42 -64.55
C HIS K 37 32.01 -32.45 -64.39
N GLY K 38 31.97 -31.32 -65.09
CA GLY K 38 33.05 -30.36 -65.04
C GLY K 38 32.74 -29.12 -64.23
N TYR K 39 32.93 -27.95 -64.82
CA TYR K 39 32.58 -26.68 -64.18
C TYR K 39 32.36 -25.64 -65.28
N ILE K 40 31.71 -24.55 -64.89
CA ILE K 40 31.49 -23.42 -65.79
C ILE K 40 31.75 -22.13 -65.01
N LYS K 41 32.33 -21.15 -65.69
CA LYS K 41 32.79 -19.90 -65.12
C LYS K 41 31.74 -18.82 -65.26
N GLY K 42 31.67 -17.93 -64.28
CA GLY K 42 30.79 -16.78 -64.41
C GLY K 42 31.30 -15.55 -63.69
N ILE K 43 31.05 -14.37 -64.26
CA ILE K 43 31.59 -13.15 -63.67
C ILE K 43 30.65 -12.63 -62.59
N VAL K 44 31.20 -11.83 -61.68
CA VAL K 44 30.38 -11.09 -60.71
C VAL K 44 30.18 -9.70 -61.28
N LYS K 45 28.94 -9.37 -61.67
CA LYS K 45 28.66 -8.07 -62.25
C LYS K 45 28.65 -6.99 -61.18
N ASP K 46 27.74 -7.08 -60.22
CA ASP K 46 27.67 -6.12 -59.11
C ASP K 46 27.01 -6.75 -57.90
N ILE K 47 27.40 -6.26 -56.73
CA ILE K 47 26.82 -6.67 -55.46
C ILE K 47 25.77 -5.65 -55.05
N ILE K 48 24.57 -6.12 -54.75
CA ILE K 48 23.45 -5.24 -54.44
C ILE K 48 22.94 -5.62 -53.05
N HIS K 49 22.27 -4.68 -52.40
CA HIS K 49 21.63 -4.93 -51.11
C HIS K 49 20.17 -5.27 -51.35
N ASP K 50 19.72 -6.36 -50.74
CA ASP K 50 18.32 -6.79 -50.85
C ASP K 50 17.55 -6.33 -49.63
N PRO K 51 16.39 -5.68 -49.82
CA PRO K 51 15.57 -5.29 -48.67
C PRO K 51 14.99 -6.49 -47.95
N GLY K 52 14.86 -6.38 -46.64
CA GLY K 52 14.35 -7.48 -45.83
C GLY K 52 15.35 -8.62 -45.70
N ARG K 53 16.65 -8.32 -45.75
CA ARG K 53 17.67 -9.35 -45.65
C ARG K 53 18.96 -8.71 -45.16
N GLY K 54 19.60 -9.33 -44.17
CA GLY K 54 20.88 -8.85 -43.72
C GLY K 54 21.99 -9.14 -44.71
N ALA K 55 21.87 -10.25 -45.42
CA ALA K 55 22.89 -10.64 -46.38
C ALA K 55 22.76 -9.83 -47.67
N PRO K 56 23.86 -9.33 -48.21
CA PRO K 56 23.83 -8.72 -49.54
C PRO K 56 23.85 -9.78 -50.64
N LEU K 57 23.20 -9.51 -51.76
CA LEU K 57 23.18 -10.46 -52.86
C LEU K 57 24.12 -10.02 -53.96
N ALA K 58 24.32 -10.89 -54.95
CA ALA K 58 25.28 -10.65 -56.01
C ALA K 58 24.68 -11.10 -57.34
N LYS K 59 24.77 -10.22 -58.35
CA LYS K 59 24.33 -10.54 -59.71
C LYS K 59 25.50 -11.26 -60.40
N VAL K 60 25.41 -12.58 -60.50
CA VAL K 60 26.47 -13.36 -61.12
C VAL K 60 26.03 -13.73 -62.54
N VAL K 61 26.79 -13.31 -63.53
CA VAL K 61 26.46 -13.54 -64.93
C VAL K 61 27.17 -14.80 -65.40
N PHE K 62 26.38 -15.81 -65.76
CA PHE K 62 26.83 -17.09 -66.32
C PHE K 62 26.68 -17.06 -67.83
N ARG K 63 27.45 -17.92 -68.49
CA ARG K 63 27.30 -18.13 -69.93
C ARG K 63 26.64 -19.49 -70.14
N ASP K 64 25.53 -19.49 -70.86
CA ASP K 64 24.76 -20.72 -71.05
C ASP K 64 25.45 -21.62 -72.06
N PRO K 65 25.73 -22.88 -71.72
CA PRO K 65 26.47 -23.75 -72.65
C PRO K 65 25.63 -24.34 -73.75
N TYR K 66 24.31 -24.19 -73.71
CA TYR K 66 23.42 -24.81 -74.69
C TYR K 66 22.86 -23.82 -75.70
N ARG K 67 22.42 -22.64 -75.25
CA ARG K 67 21.93 -21.60 -76.14
C ARG K 67 22.74 -20.34 -75.91
N PHE K 68 22.89 -19.55 -76.97
CA PHE K 68 23.68 -18.33 -76.90
C PHE K 68 22.90 -17.22 -76.20
N LYS K 69 22.95 -17.20 -74.87
CA LYS K 69 22.31 -16.17 -74.06
C LYS K 69 22.94 -16.12 -72.68
N LYS K 70 23.37 -14.94 -72.24
CA LYS K 70 24.01 -14.80 -70.94
C LYS K 70 22.95 -14.83 -69.84
N ARG K 71 23.06 -15.80 -68.94
CA ARG K 71 22.13 -15.91 -67.82
C ARG K 71 22.61 -15.08 -66.64
N THR K 72 21.68 -14.76 -65.75
CA THR K 72 22.00 -14.07 -64.51
C THR K 72 21.47 -14.88 -63.33
N GLU K 73 22.18 -14.80 -62.21
CA GLU K 73 21.81 -15.52 -61.00
C GLU K 73 21.94 -14.59 -59.80
N LEU K 74 21.10 -14.83 -58.80
CA LEU K 74 21.08 -14.06 -57.56
C LEU K 74 21.80 -14.87 -56.49
N PHE K 75 23.13 -14.85 -56.51
CA PHE K 75 23.86 -15.59 -55.49
C PHE K 75 23.91 -14.83 -54.18
N ILE K 76 24.01 -15.58 -53.09
CA ILE K 76 24.21 -14.98 -51.77
C ILE K 76 25.69 -14.69 -51.61
N ALA K 77 26.03 -13.40 -51.58
CA ALA K 77 27.43 -12.98 -51.58
C ALA K 77 28.07 -13.27 -50.24
N ALA K 78 29.03 -14.20 -50.23
CA ALA K 78 29.79 -14.50 -49.03
C ALA K 78 30.83 -13.41 -48.78
N GLU K 79 31.37 -13.40 -47.58
CA GLU K 79 32.27 -12.32 -47.17
C GLU K 79 33.65 -12.53 -47.75
N GLY K 80 34.05 -11.64 -48.67
CA GLY K 80 35.33 -11.71 -49.36
C GLY K 80 35.21 -11.62 -50.86
N ILE K 81 34.01 -11.76 -51.41
CA ILE K 81 33.80 -11.66 -52.85
C ILE K 81 33.70 -10.20 -53.26
N HIS K 82 34.50 -9.82 -54.25
CA HIS K 82 34.46 -8.49 -54.85
C HIS K 82 33.89 -8.61 -56.25
N THR K 83 33.58 -7.46 -56.85
CA THR K 83 33.11 -7.46 -58.23
C THR K 83 34.29 -7.68 -59.18
N GLY K 84 33.97 -8.10 -60.40
CA GLY K 84 35.00 -8.45 -61.35
C GLY K 84 35.74 -9.73 -60.99
N GLN K 85 35.04 -10.68 -60.37
CA GLN K 85 35.63 -11.92 -59.92
C GLN K 85 34.97 -13.08 -60.66
N PHE K 86 35.78 -14.07 -61.03
CA PHE K 86 35.30 -15.24 -61.74
C PHE K 86 34.91 -16.30 -60.72
N VAL K 87 33.61 -16.41 -60.44
CA VAL K 87 33.09 -17.49 -59.61
C VAL K 87 32.91 -18.71 -60.52
N TYR K 88 33.62 -19.78 -60.22
CA TYR K 88 33.41 -21.03 -60.92
C TYR K 88 32.30 -21.81 -60.23
N CYS K 89 31.73 -22.78 -60.95
CA CYS K 89 30.69 -23.61 -60.37
C CYS K 89 30.66 -24.96 -61.07
N GLY K 90 30.81 -26.02 -60.28
CA GLY K 90 30.84 -27.36 -60.83
C GLY K 90 31.53 -28.31 -59.88
N LYS K 91 31.75 -29.53 -60.36
CA LYS K 91 32.37 -30.56 -59.53
C LYS K 91 33.89 -30.43 -59.52
N LYS K 92 34.49 -30.09 -60.67
CA LYS K 92 35.93 -29.99 -60.80
C LYS K 92 36.46 -28.60 -60.47
N ALA K 93 35.74 -27.83 -59.66
CA ALA K 93 36.20 -26.51 -59.28
C ALA K 93 37.13 -26.60 -58.07
N GLN K 94 37.88 -25.53 -57.83
CA GLN K 94 38.83 -25.52 -56.73
C GLN K 94 38.17 -25.04 -55.44
N LEU K 95 38.89 -25.22 -54.33
CA LEU K 95 38.37 -24.93 -53.01
C LEU K 95 38.90 -23.57 -52.56
N ASN K 96 38.11 -22.53 -52.79
CA ASN K 96 38.42 -21.19 -52.29
C ASN K 96 37.13 -20.41 -52.12
N ILE K 97 37.23 -19.27 -51.42
CA ILE K 97 36.05 -18.46 -51.15
C ILE K 97 35.59 -17.77 -52.43
N GLY K 98 34.32 -17.98 -52.77
CA GLY K 98 33.78 -17.48 -54.02
C GLY K 98 33.72 -18.59 -55.06
N ASN K 99 33.34 -19.78 -54.61
CA ASN K 99 33.33 -20.96 -55.45
C ASN K 99 32.44 -22.02 -54.82
N VAL K 100 31.62 -22.67 -55.64
CA VAL K 100 30.66 -23.67 -55.16
C VAL K 100 31.00 -25.01 -55.81
N LEU K 101 31.02 -26.05 -54.98
CA LEU K 101 31.42 -27.40 -55.36
C LEU K 101 30.67 -28.35 -54.44
N PRO K 102 30.45 -29.61 -54.87
CA PRO K 102 29.69 -30.53 -54.02
C PRO K 102 30.44 -30.94 -52.77
N VAL K 103 29.68 -31.46 -51.80
CA VAL K 103 30.20 -31.71 -50.45
C VAL K 103 31.10 -32.95 -50.46
N GLY K 104 30.90 -33.84 -51.42
CA GLY K 104 31.72 -35.05 -51.48
C GLY K 104 33.14 -34.78 -51.93
N THR K 105 33.38 -33.63 -52.56
CA THR K 105 34.72 -33.32 -53.06
C THR K 105 35.51 -32.47 -52.06
N MET K 106 34.82 -31.67 -51.26
CA MET K 106 35.50 -30.80 -50.32
C MET K 106 36.01 -31.61 -49.11
N PRO K 107 37.14 -31.21 -48.52
CA PRO K 107 37.71 -31.99 -47.42
C PRO K 107 37.03 -31.68 -46.09
N GLU K 108 37.60 -32.24 -45.02
CA GLU K 108 37.05 -32.09 -43.69
C GLU K 108 37.31 -30.69 -43.15
N GLY K 109 36.30 -30.14 -42.48
CA GLY K 109 36.43 -28.83 -41.86
C GLY K 109 36.33 -27.68 -42.83
N THR K 110 35.59 -27.83 -43.92
CA THR K 110 35.42 -26.77 -44.91
C THR K 110 34.26 -25.87 -44.51
N ILE K 111 34.54 -24.58 -44.40
CA ILE K 111 33.53 -23.61 -43.98
C ILE K 111 32.67 -23.24 -45.18
N VAL K 112 31.43 -23.74 -45.20
CA VAL K 112 30.51 -23.49 -46.31
C VAL K 112 29.21 -22.90 -45.78
N CYS K 113 28.48 -22.26 -46.70
CA CYS K 113 27.16 -21.73 -46.42
C CYS K 113 26.30 -21.93 -47.66
N CYS K 114 25.03 -21.54 -47.56
CA CYS K 114 23.98 -21.77 -48.57
C CYS K 114 23.91 -23.25 -48.95
N LEU K 115 23.75 -24.10 -47.94
CA LEU K 115 23.79 -25.53 -48.10
C LEU K 115 22.42 -26.05 -48.53
N GLU K 116 22.40 -27.20 -49.20
CA GLU K 116 21.15 -27.83 -49.62
C GLU K 116 20.86 -29.03 -48.71
N GLU K 117 19.59 -29.14 -48.29
CA GLU K 117 19.18 -30.31 -47.52
C GLU K 117 18.89 -31.49 -48.44
N LYS K 118 18.55 -31.21 -49.69
CA LYS K 118 18.31 -32.20 -50.72
C LYS K 118 18.95 -31.71 -52.02
N PRO K 119 19.46 -32.62 -52.86
CA PRO K 119 20.11 -32.19 -54.10
C PRO K 119 19.14 -31.64 -55.13
N GLY K 120 19.14 -30.32 -55.31
CA GLY K 120 18.33 -29.71 -56.35
C GLY K 120 17.56 -28.47 -55.96
N ASP K 121 17.45 -28.17 -54.67
CA ASP K 121 16.58 -27.08 -54.24
C ASP K 121 17.27 -25.72 -54.18
N ARG K 122 18.44 -25.57 -54.82
CA ARG K 122 19.09 -24.28 -55.08
C ARG K 122 19.50 -23.55 -53.80
N GLY K 123 19.77 -24.27 -52.72
CA GLY K 123 20.29 -23.66 -51.50
C GLY K 123 19.24 -23.30 -50.47
N LYS K 124 19.24 -24.01 -49.34
CA LYS K 124 18.29 -23.76 -48.26
C LYS K 124 18.97 -23.55 -46.91
N LEU K 125 20.02 -24.30 -46.60
CA LEU K 125 20.55 -24.34 -45.25
C LEU K 125 21.69 -23.35 -45.05
N ALA K 126 21.66 -22.67 -43.90
CA ALA K 126 22.71 -21.78 -43.39
C ALA K 126 23.02 -20.65 -44.37
N ARG K 127 22.02 -19.82 -44.59
CA ARG K 127 22.11 -18.76 -45.59
C ARG K 127 21.59 -17.43 -45.04
N ALA K 128 21.77 -17.21 -43.74
CA ALA K 128 21.50 -15.92 -43.13
C ALA K 128 22.83 -15.24 -42.85
N SER K 129 22.76 -13.98 -42.41
CA SER K 129 23.94 -13.13 -42.33
C SER K 129 24.86 -13.57 -41.19
N GLY K 130 26.04 -14.06 -41.55
CA GLY K 130 27.04 -14.42 -40.56
C GLY K 130 26.95 -15.84 -40.05
N ASN K 131 26.39 -16.75 -40.83
CA ASN K 131 26.20 -18.14 -40.41
C ASN K 131 26.90 -19.08 -41.38
N TYR K 132 27.34 -20.21 -40.84
CA TYR K 132 28.07 -21.20 -41.62
C TYR K 132 27.88 -22.58 -40.99
N ALA K 133 27.89 -23.60 -41.84
CA ALA K 133 27.79 -24.99 -41.42
C ALA K 133 29.07 -25.72 -41.80
N THR K 134 29.50 -26.64 -40.95
CA THR K 134 30.80 -27.29 -41.12
C THR K 134 30.65 -28.79 -41.29
N VAL K 135 31.44 -29.33 -42.23
CA VAL K 135 31.48 -30.77 -42.49
C VAL K 135 32.25 -31.46 -41.36
N ILE K 136 31.64 -32.46 -40.74
CA ILE K 136 32.27 -33.20 -39.65
C ILE K 136 33.08 -34.36 -40.23
N SER K 137 32.42 -35.22 -41.00
CA SER K 137 33.06 -36.39 -41.57
C SER K 137 32.31 -36.82 -42.80
N HIS K 138 32.99 -37.58 -43.66
CA HIS K 138 32.41 -38.09 -44.89
C HIS K 138 32.09 -39.58 -44.74
N ASN K 139 31.41 -40.11 -45.75
CA ASN K 139 31.09 -41.53 -45.81
C ASN K 139 31.01 -41.94 -47.27
N PRO K 140 31.95 -42.77 -47.74
CA PRO K 140 31.93 -43.18 -49.16
C PRO K 140 30.77 -44.09 -49.52
N GLU K 141 30.46 -45.07 -48.67
CA GLU K 141 29.31 -45.93 -48.94
C GLU K 141 28.02 -45.17 -48.66
N THR K 142 27.05 -45.34 -49.58
CA THR K 142 25.73 -44.69 -49.68
C THR K 142 25.78 -43.18 -49.92
N LYS K 143 26.99 -42.62 -50.07
CA LYS K 143 27.26 -41.23 -50.46
C LYS K 143 26.59 -40.22 -49.51
N LYS K 144 27.01 -40.31 -48.25
CA LYS K 144 26.45 -39.43 -47.21
C LYS K 144 27.58 -38.71 -46.49
N THR K 145 27.20 -37.67 -45.76
CA THR K 145 28.15 -36.76 -45.12
C THR K 145 27.47 -36.10 -43.93
N ARG K 146 28.11 -36.16 -42.76
CA ARG K 146 27.60 -35.47 -41.58
C ARG K 146 28.06 -34.02 -41.60
N VAL K 147 27.12 -33.09 -41.45
CA VAL K 147 27.41 -31.66 -41.40
C VAL K 147 26.68 -31.11 -40.18
N LYS K 148 27.41 -30.36 -39.34
CA LYS K 148 26.75 -29.68 -38.23
C LYS K 148 26.43 -28.24 -38.62
N LEU K 149 25.30 -27.77 -38.13
CA LEU K 149 24.68 -26.51 -38.53
C LEU K 149 25.03 -25.43 -37.52
N PRO K 150 24.82 -24.14 -37.84
CA PRO K 150 25.10 -23.10 -36.83
C PRO K 150 24.16 -23.10 -35.63
N SER K 151 23.05 -23.84 -35.68
CA SER K 151 22.26 -24.04 -34.48
C SER K 151 22.92 -25.03 -33.54
N GLY K 152 23.74 -25.92 -34.07
CA GLY K 152 24.40 -26.97 -33.31
C GLY K 152 23.95 -28.37 -33.66
N SER K 153 22.93 -28.51 -34.52
CA SER K 153 22.40 -29.81 -34.86
C SER K 153 23.27 -30.49 -35.91
N LYS K 154 23.50 -31.79 -35.73
CA LYS K 154 24.27 -32.59 -36.68
C LYS K 154 23.31 -33.33 -37.61
N LYS K 155 23.42 -33.06 -38.90
CA LYS K 155 22.51 -33.63 -39.88
C LYS K 155 23.27 -34.48 -40.89
N VAL K 156 22.72 -35.63 -41.22
CA VAL K 156 23.26 -36.50 -42.26
C VAL K 156 22.68 -36.07 -43.59
N ILE K 157 23.51 -35.47 -44.44
CA ILE K 157 23.10 -34.91 -45.72
C ILE K 157 23.85 -35.66 -46.81
N SER K 158 23.15 -35.97 -47.91
CA SER K 158 23.77 -36.66 -49.03
C SER K 158 24.86 -35.80 -49.67
N SER K 159 25.86 -36.47 -50.24
CA SER K 159 27.06 -35.77 -50.69
C SER K 159 26.92 -35.24 -52.11
N ALA K 160 25.74 -35.39 -52.72
CA ALA K 160 25.58 -34.96 -54.10
C ALA K 160 25.36 -33.45 -54.21
N ASN K 161 24.75 -32.84 -53.20
CA ASN K 161 24.37 -31.44 -53.29
C ASN K 161 25.56 -30.52 -53.02
N ARG K 162 25.33 -29.22 -53.18
CA ARG K 162 26.39 -28.23 -53.23
C ARG K 162 26.13 -27.10 -52.24
N ALA K 163 27.19 -26.30 -52.02
CA ALA K 163 27.15 -25.15 -51.13
C ALA K 163 28.32 -24.23 -51.47
N VAL K 164 28.10 -22.92 -51.37
CA VAL K 164 29.15 -21.95 -51.63
C VAL K 164 30.09 -21.89 -50.43
N VAL K 165 31.35 -21.52 -50.68
CA VAL K 165 32.39 -21.61 -49.66
C VAL K 165 32.59 -20.26 -49.00
N GLY K 166 32.58 -20.23 -47.67
CA GLY K 166 32.87 -19.04 -46.90
C GLY K 166 31.75 -18.69 -45.94
N VAL K 167 32.00 -17.64 -45.16
CA VAL K 167 30.98 -17.11 -44.27
C VAL K 167 30.18 -16.03 -45.01
N VAL K 168 28.92 -15.88 -44.60
CA VAL K 168 28.01 -14.95 -45.26
C VAL K 168 28.39 -13.52 -44.89
N ALA K 169 28.44 -12.65 -45.89
CA ALA K 169 28.67 -11.23 -45.65
C ALA K 169 27.51 -10.63 -44.86
N GLY K 170 27.83 -9.60 -44.08
CA GLY K 170 26.86 -9.04 -43.16
C GLY K 170 26.92 -9.67 -41.78
N GLY K 171 28.05 -10.26 -41.43
CA GLY K 171 28.19 -10.86 -40.11
C GLY K 171 28.49 -9.82 -39.05
N GLY K 172 28.19 -10.17 -37.81
CA GLY K 172 28.34 -9.24 -36.71
C GLY K 172 27.25 -8.17 -36.68
N ARG K 173 26.12 -8.45 -37.31
CA ARG K 173 25.04 -7.47 -37.39
C ARG K 173 24.33 -7.31 -36.05
N ILE K 174 24.20 -8.40 -35.29
CA ILE K 174 23.52 -8.32 -33.99
C ILE K 174 24.41 -7.83 -32.87
N ASP K 175 25.65 -7.42 -33.17
CA ASP K 175 26.54 -6.90 -32.12
C ASP K 175 26.12 -5.50 -31.70
N LYS K 176 25.85 -4.62 -32.67
CA LYS K 176 25.38 -3.28 -32.36
C LYS K 176 23.90 -3.34 -31.97
N PRO K 177 23.51 -2.81 -30.82
CA PRO K 177 22.09 -2.81 -30.46
C PRO K 177 21.31 -1.76 -31.24
N ILE K 178 20.07 -2.11 -31.58
CA ILE K 178 19.08 -1.13 -32.03
C ILE K 178 18.84 -0.15 -30.89
N LEU K 179 19.06 1.13 -31.14
CA LEU K 179 18.92 2.10 -30.05
C LEU K 179 17.46 2.45 -29.79
N LYS K 180 16.67 2.58 -30.84
CA LYS K 180 15.39 3.25 -30.70
C LYS K 180 14.29 2.58 -31.52
N ALA K 181 13.05 2.98 -31.17
CA ALA K 181 11.86 2.49 -31.86
C ALA K 181 11.84 2.92 -33.32
N GLY K 182 12.51 4.02 -33.66
CA GLY K 182 12.60 4.41 -35.06
C GLY K 182 13.42 3.42 -35.88
N ARG K 183 14.58 3.01 -35.35
CA ARG K 183 15.39 2.02 -36.03
C ARG K 183 14.69 0.67 -36.09
N ALA K 184 13.96 0.31 -35.03
CA ALA K 184 13.22 -0.95 -35.05
C ALA K 184 12.03 -0.91 -36.01
N TYR K 185 11.36 0.24 -36.11
CA TYR K 185 10.22 0.38 -37.00
C TYR K 185 10.65 0.36 -38.46
N HIS K 186 11.75 1.07 -38.76
CA HIS K 186 12.28 1.00 -40.12
C HIS K 186 12.88 -0.35 -40.45
N LYS K 187 13.35 -1.09 -39.43
CA LYS K 187 13.77 -2.48 -39.64
C LYS K 187 12.59 -3.34 -40.07
N TYR K 188 11.53 -3.37 -39.26
CA TYR K 188 10.46 -4.33 -39.50
C TYR K 188 9.45 -3.88 -40.55
N LYS K 189 9.38 -2.59 -40.88
CA LYS K 189 8.45 -2.11 -41.89
C LYS K 189 8.80 -2.65 -43.27
N ALA K 190 10.09 -2.79 -43.56
CA ALA K 190 10.50 -3.38 -44.83
C ALA K 190 10.29 -4.88 -44.84
N LYS K 191 10.37 -5.55 -43.69
CA LYS K 191 10.24 -7.01 -43.67
C LYS K 191 8.78 -7.47 -43.64
N ARG K 192 8.08 -7.22 -42.54
CA ARG K 192 6.70 -7.69 -42.36
C ARG K 192 6.12 -7.08 -41.10
N ASN K 193 4.78 -7.06 -41.05
CA ASN K 193 4.04 -6.47 -39.92
C ASN K 193 4.08 -7.46 -38.76
N CYS K 194 5.15 -7.35 -37.94
CA CYS K 194 5.22 -8.17 -36.73
C CYS K 194 5.80 -7.40 -35.55
N TRP K 195 6.03 -6.10 -35.66
CA TRP K 195 6.80 -5.36 -34.67
C TRP K 195 6.06 -4.92 -33.39
N PRO K 196 4.78 -4.39 -33.42
CA PRO K 196 4.16 -4.02 -32.14
C PRO K 196 3.78 -5.22 -31.28
N ARG K 197 4.78 -5.76 -30.57
CA ARG K 197 4.64 -6.98 -29.78
C ARG K 197 3.93 -6.62 -28.48
N VAL K 198 2.61 -6.81 -28.46
CA VAL K 198 1.82 -6.54 -27.27
C VAL K 198 1.78 -7.80 -26.41
N ARG K 199 2.19 -7.67 -25.15
CA ARG K 199 2.13 -8.80 -24.24
C ARG K 199 0.68 -9.09 -23.86
N GLY K 200 0.38 -10.38 -23.64
CA GLY K 200 -0.99 -10.78 -23.46
C GLY K 200 -1.55 -10.53 -22.08
N VAL K 201 -0.70 -10.16 -21.12
CA VAL K 201 -1.17 -9.87 -19.77
C VAL K 201 -1.93 -8.55 -19.77
N ALA K 202 -1.44 -7.56 -20.52
CA ALA K 202 -2.14 -6.28 -20.62
C ALA K 202 -3.37 -6.36 -21.51
N MET K 203 -3.51 -7.42 -22.29
CA MET K 203 -4.66 -7.58 -23.17
C MET K 203 -5.91 -7.91 -22.37
N ASN K 204 -7.05 -7.70 -23.03
CA ASN K 204 -8.32 -8.20 -22.52
C ASN K 204 -8.33 -9.72 -22.62
N PRO K 205 -9.07 -10.41 -21.74
CA PRO K 205 -9.03 -11.88 -21.74
C PRO K 205 -9.82 -12.56 -22.87
N VAL K 206 -10.25 -11.83 -23.90
CA VAL K 206 -10.97 -12.50 -24.97
C VAL K 206 -10.08 -12.68 -26.20
N GLU K 207 -8.98 -11.93 -26.28
CA GLU K 207 -8.03 -12.10 -27.37
C GLU K 207 -6.73 -12.75 -26.92
N HIS K 208 -6.67 -13.22 -25.68
CA HIS K 208 -5.48 -13.87 -25.14
C HIS K 208 -5.88 -14.65 -23.89
N PRO K 209 -5.35 -15.86 -23.68
CA PRO K 209 -5.78 -16.63 -22.50
C PRO K 209 -5.16 -16.13 -21.20
N PHE K 210 -4.12 -15.29 -21.27
CA PHE K 210 -3.44 -14.84 -20.07
C PHE K 210 -4.01 -13.54 -19.51
N GLY K 211 -4.82 -12.82 -20.29
CA GLY K 211 -5.27 -11.51 -19.90
C GLY K 211 -6.37 -11.55 -18.86
N GLY K 212 -6.73 -10.37 -18.39
CA GLY K 212 -7.78 -10.22 -17.41
C GLY K 212 -7.26 -9.98 -16.01
N GLY K 213 -8.21 -9.85 -15.09
CA GLY K 213 -7.89 -9.65 -13.70
C GLY K 213 -7.59 -8.20 -13.38
N ASN K 214 -7.60 -7.90 -12.07
CA ASN K 214 -7.32 -6.54 -11.63
C ASN K 214 -5.82 -6.25 -11.70
N HIS K 215 -4.99 -7.20 -11.30
CA HIS K 215 -3.55 -7.05 -11.36
C HIS K 215 -3.00 -7.68 -12.64
N GLN K 216 -1.83 -7.21 -13.06
CA GLN K 216 -1.16 -7.77 -14.23
C GLN K 216 -0.42 -9.02 -13.83
N HIS K 217 -1.09 -10.17 -13.97
CA HIS K 217 -0.48 -11.46 -13.70
C HIS K 217 -0.95 -12.46 -14.73
N ILE K 218 -0.20 -13.55 -14.87
CA ILE K 218 -0.50 -14.56 -15.87
C ILE K 218 -1.61 -15.48 -15.37
N GLY K 219 -1.52 -15.92 -14.12
CA GLY K 219 -2.55 -16.75 -13.52
C GLY K 219 -2.32 -18.24 -13.65
N LYS K 220 -2.26 -18.72 -14.88
CA LYS K 220 -2.04 -20.13 -15.21
C LYS K 220 -0.58 -20.32 -15.63
N PRO K 221 -0.05 -21.54 -15.54
CA PRO K 221 1.34 -21.78 -15.98
C PRO K 221 1.52 -21.57 -17.48
N SER K 222 2.58 -20.85 -17.84
CA SER K 222 2.77 -20.43 -19.23
C SER K 222 3.24 -21.58 -20.12
N THR K 223 3.90 -22.58 -19.55
CA THR K 223 4.34 -23.72 -20.34
C THR K 223 3.14 -24.59 -20.69
N ILE K 224 3.00 -24.89 -21.98
CA ILE K 224 1.87 -25.67 -22.48
C ILE K 224 2.40 -26.67 -23.50
N ARG K 225 1.70 -27.79 -23.64
CA ARG K 225 2.13 -28.88 -24.51
C ARG K 225 1.94 -28.52 -25.97
N ARG K 226 2.59 -29.30 -26.84
CA ARG K 226 2.42 -29.12 -28.28
C ARG K 226 1.14 -29.76 -28.78
N ASP K 227 0.54 -30.66 -28.00
CA ASP K 227 -0.75 -31.27 -28.31
C ASP K 227 -1.83 -30.39 -27.68
N ALA K 228 -1.95 -29.18 -28.21
CA ALA K 228 -2.81 -28.16 -27.63
C ALA K 228 -3.71 -27.61 -28.73
N PRO K 229 -4.91 -27.15 -28.41
CA PRO K 229 -5.76 -26.50 -29.41
C PRO K 229 -5.22 -25.14 -29.82
N ALA K 230 -5.52 -24.78 -31.06
CA ALA K 230 -5.07 -23.52 -31.63
C ALA K 230 -5.82 -22.37 -30.95
N GLY K 231 -5.07 -21.47 -30.33
CA GLY K 231 -5.66 -20.38 -29.57
C GLY K 231 -5.32 -20.51 -28.10
N ARG K 232 -5.38 -21.75 -27.61
CA ARG K 232 -4.91 -22.04 -26.25
C ARG K 232 -3.39 -22.23 -26.24
N LYS K 233 -2.82 -22.63 -27.38
CA LYS K 233 -1.40 -22.87 -27.49
C LYS K 233 -0.64 -21.55 -27.49
N VAL K 234 -0.52 -20.94 -26.31
CA VAL K 234 0.07 -19.61 -26.15
C VAL K 234 1.00 -19.65 -24.95
N GLY K 235 2.24 -19.24 -25.17
CA GLY K 235 3.24 -19.21 -24.12
C GLY K 235 4.49 -19.97 -24.53
N LEU K 236 5.04 -20.73 -23.59
CA LEU K 236 6.25 -21.52 -23.86
C LEU K 236 5.81 -22.85 -24.46
N ILE K 237 6.07 -23.03 -25.75
CA ILE K 237 5.50 -24.14 -26.51
C ILE K 237 6.38 -25.36 -26.28
N ALA K 238 5.86 -26.31 -25.48
CA ALA K 238 6.52 -27.60 -25.16
C ALA K 238 7.90 -27.40 -24.55
N ALA K 239 7.96 -26.61 -23.49
CA ALA K 239 9.22 -26.23 -22.87
C ALA K 239 9.80 -27.39 -22.08
N ARG K 240 10.99 -27.85 -22.49
CA ARG K 240 11.71 -28.84 -21.71
C ARG K 240 12.22 -28.25 -20.41
N ARG K 241 12.82 -27.07 -20.49
CA ARG K 241 13.29 -26.29 -19.35
C ARG K 241 12.71 -24.90 -19.48
N THR K 242 12.50 -24.22 -18.36
CA THR K 242 11.97 -22.86 -18.43
C THR K 242 12.57 -21.91 -17.40
N GLY K 243 13.68 -21.26 -17.74
CA GLY K 243 14.29 -20.34 -16.82
C GLY K 243 15.62 -19.83 -17.32
N ARG K 244 16.39 -19.28 -16.38
CA ARG K 244 17.73 -18.80 -16.69
C ARG K 244 18.64 -19.97 -16.99
N LEU K 245 19.23 -19.98 -18.18
CA LEU K 245 20.04 -21.10 -18.65
C LEU K 245 21.39 -21.10 -17.93
N ARG K 246 21.54 -22.02 -16.97
CA ARG K 246 22.78 -22.18 -16.24
C ARG K 246 23.59 -23.31 -16.86
N GLY K 247 24.81 -23.03 -17.28
CA GLY K 247 25.66 -24.04 -17.87
C GLY K 247 25.28 -24.33 -19.31
N THR K 248 25.40 -25.60 -19.69
CA THR K 248 25.07 -26.03 -21.05
C THR K 248 23.56 -26.05 -21.27
N SER L 1 32.16 7.48 45.94
CA SER L 1 31.70 8.24 47.09
C SER L 1 32.71 9.30 47.50
N LEU L 2 32.22 10.41 48.06
CA LEU L 2 33.06 11.51 48.49
C LEU L 2 32.88 11.83 49.98
N ALA L 3 32.48 10.86 50.78
CA ALA L 3 32.27 11.10 52.20
C ALA L 3 33.55 10.91 53.01
N ARG L 4 34.55 10.24 52.45
CA ARG L 4 35.79 9.94 53.16
C ARG L 4 36.90 10.95 52.89
N VAL L 5 36.55 12.21 52.61
CA VAL L 5 37.57 13.22 52.33
C VAL L 5 38.17 13.70 53.64
N GLY L 6 39.49 13.71 53.71
CA GLY L 6 40.19 14.19 54.90
C GLY L 6 40.12 13.24 56.07
N LYS L 7 39.92 11.94 55.80
CA LYS L 7 39.72 10.96 56.86
C LYS L 7 40.97 10.77 57.70
N VAL L 8 42.09 10.41 57.06
CA VAL L 8 43.32 10.15 57.77
C VAL L 8 43.91 11.44 58.34
N ARG L 9 43.77 12.55 57.60
CA ARG L 9 44.23 13.85 58.08
C ARG L 9 43.45 14.28 59.32
N GLY L 10 42.18 13.89 59.40
CA GLY L 10 41.42 14.14 60.63
C GLY L 10 41.82 13.22 61.77
N GLN L 11 42.02 11.93 61.48
CA GLN L 11 42.14 10.95 62.55
C GLN L 11 43.57 10.64 62.97
N THR L 12 44.58 11.29 62.37
CA THR L 12 45.92 11.14 62.91
C THR L 12 46.07 11.92 64.21
N LEU L 13 47.02 11.49 65.03
CA LEU L 13 47.26 12.10 66.33
C LEU L 13 48.06 13.39 66.12
N LYS L 14 47.54 14.50 66.64
CA LYS L 14 48.20 15.79 66.49
C LYS L 14 49.37 15.91 67.46
N VAL L 15 50.59 15.77 66.95
CA VAL L 15 51.80 15.86 67.76
C VAL L 15 52.31 17.30 67.69
N ALA L 16 52.51 17.90 68.86
CA ALA L 16 53.01 19.27 68.92
C ALA L 16 54.50 19.31 68.55
N LYS L 17 54.91 20.43 67.97
CA LYS L 17 56.28 20.57 67.52
C LYS L 17 57.20 20.87 68.70
N GLN L 18 58.35 20.19 68.73
CA GLN L 18 59.31 20.36 69.81
C GLN L 18 60.06 21.68 69.66
N GLU L 19 60.23 22.38 70.77
CA GLU L 19 61.02 23.60 70.79
C GLU L 19 62.49 23.28 70.57
N LYS L 20 63.17 24.14 69.80
CA LYS L 20 64.51 23.82 69.33
C LYS L 20 65.36 25.09 69.26
N LYS L 21 66.63 24.93 69.61
CA LYS L 21 67.64 25.97 69.39
C LYS L 21 67.74 26.33 67.92
N LYS L 22 67.84 27.62 67.63
CA LYS L 22 67.86 28.09 66.25
C LYS L 22 69.16 27.72 65.57
N LYS L 23 69.07 27.35 64.30
CA LYS L 23 70.24 26.91 63.57
C LYS L 23 71.01 28.08 63.00
N ARG L 24 72.33 27.95 63.00
CA ARG L 24 73.20 28.88 62.31
C ARG L 24 72.96 28.78 60.79
N THR L 25 73.08 29.92 60.11
CA THR L 25 72.66 30.03 58.73
C THR L 25 73.80 30.57 57.87
N GLY L 26 73.70 30.31 56.57
CA GLY L 26 74.61 30.88 55.58
C GLY L 26 76.02 30.33 55.59
N ARG L 27 76.99 31.25 55.71
CA ARG L 27 78.39 30.86 55.71
C ARG L 27 78.74 30.04 56.95
N ALA L 28 78.07 30.35 58.07
CA ALA L 28 78.33 29.61 59.29
C ALA L 28 77.72 28.22 59.23
N LYS L 29 76.55 28.10 58.58
CA LYS L 29 75.95 26.78 58.37
C LYS L 29 76.80 25.94 57.44
N ARG L 30 77.35 26.55 56.39
CA ARG L 30 78.21 25.80 55.47
C ARG L 30 79.54 25.44 56.13
N ARG L 31 80.04 26.31 57.00
CA ARG L 31 81.26 26.01 57.76
C ARG L 31 81.04 24.86 58.73
N MET L 32 79.90 24.86 59.42
CA MET L 32 79.57 23.77 60.34
C MET L 32 79.29 22.49 59.58
N GLN L 33 78.77 22.60 58.35
CA GLN L 33 78.63 21.44 57.47
C GLN L 33 79.99 20.87 57.09
N TYR L 34 80.94 21.74 56.72
CA TYR L 34 82.31 21.30 56.41
C TYR L 34 82.98 20.65 57.61
N ASN L 35 82.74 21.21 58.80
CA ASN L 35 83.35 20.68 60.01
C ASN L 35 82.77 19.32 60.37
N ARG L 36 81.47 19.12 60.17
CA ARG L 36 80.91 17.81 60.48
C ARG L 36 81.16 16.79 59.37
N ARG L 37 81.47 17.24 58.16
CA ARG L 37 81.82 16.29 57.10
C ARG L 37 83.26 15.82 57.23
N PHE L 38 84.22 16.74 57.18
CA PHE L 38 85.60 16.36 56.90
C PHE L 38 86.47 16.24 58.15
N VAL L 39 86.57 17.30 58.94
CA VAL L 39 87.67 17.41 59.89
C VAL L 39 87.40 16.59 61.15
N ASN L 40 86.17 16.11 61.34
CA ASN L 40 85.84 15.36 62.54
C ASN L 40 86.13 13.87 62.37
N VAL L 41 85.63 13.28 61.28
CA VAL L 41 85.65 11.83 61.11
C VAL L 41 87.05 11.32 60.77
N VAL L 42 87.25 10.02 60.92
CA VAL L 42 88.50 9.35 60.56
C VAL L 42 88.18 8.26 59.56
N PRO L 43 89.14 7.88 58.72
CA PRO L 43 88.92 6.74 57.82
C PRO L 43 88.82 5.43 58.58
N THR L 44 87.70 4.74 58.40
CA THR L 44 87.41 3.49 59.08
C THR L 44 87.22 2.38 58.06
N PHE L 45 87.39 1.14 58.52
CA PHE L 45 87.20 -0.02 57.65
C PHE L 45 85.72 -0.29 57.42
N GLY L 46 85.43 -0.97 56.31
CA GLY L 46 84.08 -1.35 55.99
C GLY L 46 83.31 -0.23 55.30
N LYS L 47 82.01 -0.46 55.16
CA LYS L 47 81.13 0.51 54.52
C LYS L 47 80.84 1.65 55.48
N LYS L 48 81.05 2.88 55.01
CA LYS L 48 80.83 4.06 55.84
C LYS L 48 79.34 4.35 55.95
N LYS L 49 78.89 4.65 57.16
CA LYS L 49 77.48 4.95 57.39
C LYS L 49 77.12 6.33 56.87
N GLY L 50 75.84 6.50 56.55
CA GLY L 50 75.34 7.77 56.05
C GLY L 50 75.13 8.78 57.15
N PRO L 51 74.76 10.00 56.77
CA PRO L 51 74.50 11.04 57.79
C PRO L 51 73.24 10.77 58.60
N ASN L 52 72.19 10.27 57.97
CA ASN L 52 70.94 9.98 58.65
C ASN L 52 70.82 8.49 59.00
N ALA L 53 71.93 7.76 58.98
CA ALA L 53 71.90 6.33 59.25
C ALA L 53 71.74 6.08 60.74
N ASN L 54 70.76 5.25 61.10
CA ASN L 54 70.46 4.93 62.49
C ASN L 54 70.02 3.48 62.63
N SER L 55 70.30 2.92 63.80
CA SER L 55 69.97 1.52 64.09
C SER L 55 69.58 1.32 65.55
N SER M 1 -30.30 21.19 9.10
CA SER M 1 -29.38 21.48 10.19
C SER M 1 -29.28 22.98 10.44
N HIS M 2 -28.47 23.36 11.42
CA HIS M 2 -28.32 24.76 11.76
C HIS M 2 -27.22 25.41 10.93
N ARG M 3 -27.12 26.73 11.03
CA ARG M 3 -25.98 27.44 10.45
C ARG M 3 -24.75 27.18 11.31
N LYS M 4 -23.64 26.85 10.64
CA LYS M 4 -22.37 26.56 11.31
C LYS M 4 -21.83 27.79 12.04
N PHE M 5 -21.50 28.82 11.28
CA PHE M 5 -20.94 30.05 11.83
C PHE M 5 -22.02 31.13 11.74
N SER M 6 -22.55 31.50 12.89
CA SER M 6 -23.66 32.46 12.93
C SER M 6 -23.19 33.85 12.52
N ALA M 7 -24.05 34.57 11.81
CA ALA M 7 -23.72 35.85 11.21
C ALA M 7 -24.85 36.83 11.46
N PRO M 8 -24.55 38.12 11.58
CA PRO M 8 -25.63 39.12 11.64
C PRO M 8 -26.32 39.25 10.29
N ARG M 9 -27.54 39.78 10.32
CA ARG M 9 -28.36 39.79 9.12
C ARG M 9 -28.03 41.01 8.28
N HIS M 10 -28.01 40.81 6.96
CA HIS M 10 -27.74 41.88 6.00
C HIS M 10 -29.06 42.58 5.68
N GLY M 11 -29.25 43.76 6.26
CA GLY M 11 -30.48 44.50 6.09
C GLY M 11 -31.26 44.64 7.39
N SER M 12 -32.33 45.43 7.31
CA SER M 12 -33.17 45.71 8.46
C SER M 12 -34.62 45.42 8.13
N LEU M 13 -35.34 44.84 9.09
CA LEU M 13 -36.77 44.58 8.90
C LEU M 13 -37.60 45.85 9.09
N GLY M 14 -37.03 46.89 9.70
CA GLY M 14 -37.79 48.11 9.92
C GLY M 14 -38.03 48.93 8.67
N PHE M 15 -37.30 48.67 7.58
CA PHE M 15 -37.36 49.49 6.38
C PHE M 15 -37.77 48.69 5.14
N LEU M 16 -38.25 47.45 5.32
CA LEU M 16 -38.47 46.51 4.23
C LEU M 16 -39.46 46.91 3.12
N PRO M 17 -40.44 47.83 3.34
CA PRO M 17 -41.09 48.33 2.09
C PRO M 17 -40.18 49.28 1.31
N ARG M 18 -39.29 48.69 0.51
CA ARG M 18 -38.31 49.46 -0.26
C ARG M 18 -38.86 49.72 -1.66
N LYS M 19 -40.00 50.41 -1.68
CA LYS M 19 -40.66 50.78 -2.93
C LYS M 19 -40.41 52.25 -3.22
N ARG M 20 -40.60 52.66 -4.48
CA ARG M 20 -40.52 54.07 -4.83
C ARG M 20 -41.66 54.80 -4.13
N SER M 21 -41.31 55.89 -3.45
CA SER M 21 -42.28 56.64 -2.67
C SER M 21 -43.26 57.37 -3.58
N SER M 22 -44.52 57.42 -3.17
CA SER M 22 -45.53 58.13 -3.95
C SER M 22 -45.34 59.63 -3.87
N ARG M 23 -45.11 60.14 -2.66
CA ARG M 23 -44.89 61.57 -2.48
C ARG M 23 -43.43 61.92 -2.76
N HIS M 24 -43.22 63.09 -3.35
CA HIS M 24 -41.89 63.56 -3.70
C HIS M 24 -41.37 64.54 -2.64
N ARG M 25 -42.26 65.33 -2.06
CA ARG M 25 -41.88 66.19 -0.95
C ARG M 25 -41.92 65.39 0.35
N GLY M 26 -40.93 65.64 1.22
CA GLY M 26 -40.84 64.96 2.50
C GLY M 26 -41.96 65.30 3.46
N LYS M 27 -42.85 64.34 3.71
CA LYS M 27 -43.98 64.57 4.60
C LYS M 27 -43.58 64.31 6.04
N VAL M 28 -44.00 65.19 6.95
CA VAL M 28 -43.77 65.02 8.37
C VAL M 28 -44.76 63.98 8.89
N LYS M 29 -44.24 62.88 9.42
CA LYS M 29 -45.12 61.86 9.98
C LYS M 29 -45.61 62.25 11.37
N SER M 30 -44.75 62.87 12.18
CA SER M 30 -45.11 63.26 13.53
C SER M 30 -44.45 64.59 13.86
N PHE M 31 -45.25 65.56 14.26
CA PHE M 31 -44.76 66.85 14.73
C PHE M 31 -44.44 66.76 16.21
N PRO M 32 -43.63 67.69 16.75
CA PRO M 32 -43.37 67.70 18.20
C PRO M 32 -44.62 68.06 19.01
N LYS M 33 -44.63 67.58 20.26
CA LYS M 33 -45.80 67.71 21.12
C LYS M 33 -45.90 69.14 21.64
N ASP M 34 -47.13 69.66 21.73
CA ASP M 34 -47.35 71.02 22.18
C ASP M 34 -47.45 71.10 23.70
N ASP M 35 -47.22 72.31 24.21
CA ASP M 35 -47.39 72.61 25.62
C ASP M 35 -47.78 74.07 25.79
N PRO M 36 -48.76 74.38 26.64
CA PRO M 36 -49.25 75.77 26.73
C PRO M 36 -48.28 76.73 27.39
N SER M 37 -47.22 76.22 28.04
CA SER M 37 -46.24 77.12 28.66
C SER M 37 -45.36 77.79 27.62
N LYS M 38 -45.00 77.06 26.56
CA LYS M 38 -44.20 77.63 25.50
C LYS M 38 -45.04 78.53 24.61
N PRO M 39 -44.48 79.62 24.11
CA PRO M 39 -45.22 80.52 23.21
C PRO M 39 -45.37 79.89 21.82
N VAL M 40 -46.12 80.59 20.95
CA VAL M 40 -46.41 80.05 19.63
C VAL M 40 -45.20 80.21 18.71
N HIS M 41 -44.95 79.19 17.90
CA HIS M 41 -43.83 79.15 16.97
C HIS M 41 -44.08 78.05 15.96
N LEU M 42 -43.44 78.17 14.80
CA LEU M 42 -43.49 77.11 13.80
C LEU M 42 -42.55 75.98 14.17
N THR M 43 -42.95 74.75 13.85
CA THR M 43 -42.21 73.57 14.26
C THR M 43 -41.64 72.79 13.08
N ALA M 44 -41.68 73.35 11.88
CA ALA M 44 -41.15 72.68 10.70
C ALA M 44 -40.83 73.72 9.64
N PHE M 45 -40.06 73.30 8.62
CA PHE M 45 -39.69 74.19 7.55
C PHE M 45 -39.35 73.35 6.32
N LEU M 46 -39.30 73.98 5.16
CA LEU M 46 -39.12 73.30 3.88
C LEU M 46 -38.04 74.02 3.07
N GLY M 47 -36.81 73.51 3.12
CA GLY M 47 -35.70 74.08 2.40
C GLY M 47 -35.37 73.34 1.12
N TYR M 48 -34.23 73.70 0.53
CA TYR M 48 -33.77 73.06 -0.69
C TYR M 48 -32.26 72.85 -0.60
N LYS M 49 -31.83 71.60 -0.76
CA LYS M 49 -30.41 71.25 -0.63
C LYS M 49 -29.60 71.84 -1.76
N ALA M 50 -28.67 72.75 -1.43
CA ALA M 50 -27.87 73.45 -2.42
C ALA M 50 -26.56 72.71 -2.72
N GLY M 51 -25.73 72.52 -1.70
CA GLY M 51 -24.43 71.91 -1.89
C GLY M 51 -23.71 71.54 -0.62
N MET M 52 -22.40 71.31 -0.73
CA MET M 52 -21.59 70.77 0.36
C MET M 52 -20.24 71.48 0.35
N THR M 53 -19.68 71.73 1.54
CA THR M 53 -18.35 72.32 1.67
C THR M 53 -17.77 71.93 3.03
N HIS M 54 -16.56 72.42 3.30
CA HIS M 54 -15.93 72.18 4.60
C HIS M 54 -16.46 73.13 5.67
N ILE M 55 -15.86 73.02 6.84
CA ILE M 55 -16.02 74.01 7.92
C ILE M 55 -14.78 73.90 8.80
N VAL M 56 -14.44 74.99 9.48
CA VAL M 56 -13.35 75.02 10.44
C VAL M 56 -13.86 75.66 11.72
N ARG M 57 -13.73 74.96 12.84
CA ARG M 57 -14.26 75.45 14.11
C ARG M 57 -13.42 74.93 15.26
N GLU M 58 -13.59 75.55 16.42
CA GLU M 58 -12.94 75.11 17.65
C GLU M 58 -13.84 74.12 18.38
N VAL M 59 -13.26 73.04 18.89
CA VAL M 59 -14.00 72.04 19.64
C VAL M 59 -13.83 72.31 21.12
N ASP M 60 -14.95 72.51 21.80
CA ASP M 60 -14.98 72.77 23.24
C ASP M 60 -15.67 71.61 23.94
N ARG M 61 -14.89 70.60 24.34
CA ARG M 61 -15.40 69.49 25.13
C ARG M 61 -14.32 69.06 26.12
N PRO M 62 -14.65 69.03 27.42
CA PRO M 62 -13.64 68.72 28.43
C PRO M 62 -13.29 67.24 28.45
N GLY M 63 -12.00 66.95 28.54
CA GLY M 63 -11.54 65.59 28.71
C GLY M 63 -10.99 64.93 27.47
N SER M 64 -11.41 65.40 26.30
CA SER M 64 -11.02 64.77 25.05
C SER M 64 -9.59 65.13 24.68
N LYS M 65 -9.05 64.36 23.74
CA LYS M 65 -7.78 64.71 23.11
C LYS M 65 -7.99 65.81 22.06
N VAL M 66 -9.22 65.97 21.58
CA VAL M 66 -9.55 66.86 20.48
C VAL M 66 -10.00 68.22 21.03
N ASN M 67 -9.78 68.41 22.33
CA ASN M 67 -10.16 69.66 23.00
C ASN M 67 -9.30 70.82 22.49
N LYS M 68 -9.97 71.92 22.12
CA LYS M 68 -9.36 73.15 21.61
C LYS M 68 -8.51 72.89 20.37
N LYS M 69 -9.08 72.17 19.42
CA LYS M 69 -8.43 71.86 18.16
C LYS M 69 -9.30 72.31 17.00
N GLU M 70 -8.69 72.45 15.83
CA GLU M 70 -9.37 72.98 14.65
C GLU M 70 -9.70 71.82 13.72
N VAL M 71 -10.87 71.21 13.94
CA VAL M 71 -11.29 70.08 13.13
C VAL M 71 -11.93 70.58 11.84
N VAL M 72 -12.14 69.67 10.89
CA VAL M 72 -12.98 69.96 9.73
C VAL M 72 -14.15 68.98 9.75
N GLU M 73 -15.30 69.44 9.29
CA GLU M 73 -16.51 68.64 9.28
C GLU M 73 -17.25 68.89 7.97
N ALA M 74 -17.99 67.88 7.52
CA ALA M 74 -18.85 68.04 6.36
C ALA M 74 -20.11 68.80 6.75
N VAL M 75 -20.47 69.80 5.95
CA VAL M 75 -21.67 70.59 6.20
C VAL M 75 -22.51 70.60 4.93
N THR M 76 -23.83 70.74 5.12
CA THR M 76 -24.77 70.87 4.02
C THR M 76 -25.25 72.32 3.97
N ILE M 77 -25.20 72.92 2.79
CA ILE M 77 -25.86 74.20 2.56
C ILE M 77 -27.28 73.89 2.12
N VAL M 78 -28.26 74.46 2.82
CA VAL M 78 -29.65 74.33 2.43
C VAL M 78 -30.17 75.74 2.23
N GLU M 79 -30.44 76.09 0.97
CA GLU M 79 -31.04 77.37 0.68
C GLU M 79 -32.50 77.37 1.13
N THR M 80 -32.83 78.33 1.99
CA THR M 80 -34.11 78.36 2.71
C THR M 80 -34.78 79.71 2.48
N PRO M 81 -35.50 79.87 1.38
CA PRO M 81 -36.24 81.10 1.15
C PRO M 81 -37.41 81.23 2.12
N PRO M 82 -37.80 82.45 2.48
CA PRO M 82 -38.95 82.62 3.40
C PRO M 82 -40.24 82.21 2.71
N MET M 83 -41.07 81.46 3.42
CA MET M 83 -42.26 80.90 2.79
C MET M 83 -43.47 81.79 3.02
N VAL M 84 -44.41 81.73 2.08
CA VAL M 84 -45.61 82.56 2.11
C VAL M 84 -46.73 81.75 2.75
N VAL M 85 -47.42 82.34 3.72
CA VAL M 85 -48.56 81.68 4.36
C VAL M 85 -49.81 81.95 3.53
N VAL M 86 -50.48 80.88 3.09
CA VAL M 86 -51.64 81.03 2.23
C VAL M 86 -52.83 80.22 2.75
N GLY M 87 -52.84 79.91 4.03
CA GLY M 87 -54.00 79.26 4.60
C GLY M 87 -53.69 78.58 5.91
N ILE M 88 -54.77 78.12 6.55
CA ILE M 88 -54.70 77.39 7.80
C ILE M 88 -55.68 76.22 7.75
N VAL M 89 -55.52 75.30 8.70
CA VAL M 89 -56.35 74.10 8.76
C VAL M 89 -56.46 73.67 10.22
N GLY M 90 -57.68 73.32 10.65
CA GLY M 90 -57.88 72.82 12.00
C GLY M 90 -58.09 71.31 12.02
N TYR M 91 -57.83 70.72 13.19
CA TYR M 91 -57.90 69.27 13.32
C TYR M 91 -58.69 68.93 14.57
N VAL M 92 -59.80 68.23 14.40
CA VAL M 92 -60.55 67.69 15.52
C VAL M 92 -59.98 66.33 15.87
N GLU M 93 -60.11 65.94 17.14
CA GLU M 93 -59.58 64.68 17.64
C GLU M 93 -60.72 63.68 17.81
N THR M 94 -60.71 62.64 16.99
CA THR M 94 -61.73 61.60 17.00
C THR M 94 -61.11 60.33 17.55
N PRO M 95 -61.91 59.40 18.08
CA PRO M 95 -61.35 58.08 18.44
C PRO M 95 -60.96 57.23 17.25
N ARG M 96 -61.40 57.57 16.04
CA ARG M 96 -60.95 56.87 14.85
C ARG M 96 -59.61 57.41 14.36
N GLY M 97 -59.44 58.73 14.38
CA GLY M 97 -58.19 59.34 13.97
C GLY M 97 -58.29 60.85 14.00
N LEU M 98 -57.12 61.48 14.03
CA LEU M 98 -57.01 62.95 14.08
C LEU M 98 -57.48 63.50 12.72
N ARG M 99 -58.70 64.00 12.70
CA ARG M 99 -59.37 64.30 11.44
C ARG M 99 -59.34 65.79 11.14
N THR M 100 -59.04 66.13 9.89
CA THR M 100 -59.07 67.54 9.47
C THR M 100 -60.50 68.05 9.39
N PHE M 101 -60.72 69.21 10.00
CA PHE M 101 -62.06 69.75 10.27
C PHE M 101 -62.50 70.72 9.18
N LYS M 102 -61.74 71.80 8.97
CA LYS M 102 -62.13 72.83 8.01
C LYS M 102 -60.89 73.59 7.59
N THR M 103 -60.60 73.60 6.30
CA THR M 103 -59.43 74.29 5.76
C THR M 103 -59.85 75.66 5.22
N VAL M 104 -59.16 76.70 5.66
CA VAL M 104 -59.47 78.07 5.25
C VAL M 104 -58.25 78.61 4.52
N PHE M 105 -58.40 78.85 3.22
CA PHE M 105 -57.35 79.43 2.41
C PHE M 105 -57.28 80.94 2.59
N ALA M 106 -56.35 81.57 1.89
CA ALA M 106 -56.17 83.01 1.96
C ALA M 106 -56.85 83.70 0.79
N GLU M 107 -56.91 85.04 0.88
CA GLU M 107 -57.53 85.82 -0.20
C GLU M 107 -56.60 85.94 -1.40
N HIS M 108 -55.44 86.57 -1.20
CA HIS M 108 -54.48 86.75 -2.28
C HIS M 108 -53.47 85.61 -2.22
N ILE M 109 -53.57 84.71 -3.20
CA ILE M 109 -52.73 83.52 -3.28
C ILE M 109 -51.87 83.63 -4.53
N SER M 110 -50.56 83.53 -4.36
CA SER M 110 -49.61 83.79 -5.43
C SER M 110 -49.66 82.70 -6.50
N ASP M 111 -49.13 83.04 -7.68
CA ASP M 111 -49.18 82.15 -8.83
C ASP M 111 -48.29 80.92 -8.63
N GLU M 112 -47.25 81.03 -7.80
CA GLU M 112 -46.43 79.88 -7.45
C GLU M 112 -47.25 78.84 -6.67
N CYS M 113 -48.18 79.31 -5.84
CA CYS M 113 -49.09 78.38 -5.17
C CYS M 113 -50.21 77.95 -6.11
N LYS M 114 -50.53 78.78 -7.11
CA LYS M 114 -51.52 78.38 -8.11
C LYS M 114 -51.00 77.28 -9.03
N ARG M 115 -49.67 77.16 -9.17
CA ARG M 115 -49.09 76.12 -10.02
C ARG M 115 -49.36 74.72 -9.47
N ARG M 116 -49.47 74.58 -8.14
CA ARG M 116 -49.58 73.27 -7.52
C ARG M 116 -50.92 72.60 -7.81
N PHE M 117 -51.99 73.39 -7.91
CA PHE M 117 -53.32 72.81 -8.10
C PHE M 117 -53.56 72.35 -9.54
N TYR M 118 -52.62 72.59 -10.45
CA TYR M 118 -52.75 72.17 -11.84
C TYR M 118 -51.61 71.24 -12.22
N LYS M 119 -51.93 70.23 -13.04
CA LYS M 119 -50.90 69.35 -13.58
C LYS M 119 -50.30 69.93 -14.86
N ASN M 120 -51.12 70.64 -15.64
CA ASN M 120 -50.68 71.25 -16.89
C ASN M 120 -51.09 72.72 -16.85
N TRP M 121 -50.13 73.61 -16.62
CA TRP M 121 -50.43 75.02 -16.44
C TRP M 121 -50.72 75.72 -17.76
N HIS M 122 -50.19 75.18 -18.87
CA HIS M 122 -50.33 75.85 -20.15
C HIS M 122 -51.74 75.70 -20.72
N LYS M 123 -52.30 74.50 -20.64
CA LYS M 123 -53.63 74.27 -21.21
C LYS M 123 -54.73 74.74 -20.26
N SER M 124 -54.40 74.94 -18.99
CA SER M 124 -55.38 75.37 -18.01
C SER M 124 -55.74 76.84 -18.22
N LYS M 125 -56.98 77.19 -17.87
CA LYS M 125 -57.51 78.54 -18.06
C LYS M 125 -57.24 79.47 -16.88
N LYS M 126 -56.48 79.00 -15.88
CA LYS M 126 -56.07 79.77 -14.69
C LYS M 126 -57.28 80.29 -13.92
N LYS M 127 -58.27 79.42 -13.74
CA LYS M 127 -59.56 79.81 -13.16
C LYS M 127 -59.79 79.21 -11.78
N ALA M 128 -58.73 78.95 -11.02
CA ALA M 128 -58.88 78.45 -9.67
C ALA M 128 -59.09 79.61 -8.70
N PHE M 129 -59.83 79.32 -7.60
CA PHE M 129 -60.02 80.21 -6.45
C PHE M 129 -60.82 81.46 -6.80
N THR M 130 -61.47 81.46 -7.96
CA THR M 130 -62.17 82.64 -8.45
C THR M 130 -63.47 82.87 -7.69
N LYS M 131 -64.25 81.81 -7.48
CA LYS M 131 -65.47 81.95 -6.69
C LYS M 131 -65.17 81.89 -5.18
N TYR M 132 -63.96 81.50 -4.80
CA TYR M 132 -63.62 81.48 -3.38
C TYR M 132 -63.09 82.83 -2.93
N CYS M 133 -62.42 83.57 -3.80
CA CYS M 133 -61.89 84.87 -3.41
C CYS M 133 -62.97 85.96 -3.36
N LYS M 134 -64.20 85.64 -3.75
CA LYS M 134 -65.28 86.62 -3.66
C LYS M 134 -65.84 86.70 -2.24
N LYS M 135 -65.41 85.83 -1.34
CA LYS M 135 -65.96 85.81 0.02
C LYS M 135 -65.30 86.85 0.91
N TRP M 136 -64.28 87.57 0.41
CA TRP M 136 -63.53 88.48 1.24
C TRP M 136 -63.88 89.95 1.02
N GLN M 137 -64.80 90.26 0.11
CA GLN M 137 -65.19 91.64 -0.16
C GLN M 137 -66.72 91.76 -0.24
N ASP M 138 -67.41 90.88 0.50
CA ASP M 138 -68.86 90.94 0.59
C ASP M 138 -69.26 90.80 2.05
N ASP M 139 -70.50 91.18 2.35
CA ASP M 139 -70.97 91.22 3.73
C ASP M 139 -71.28 89.83 4.26
N ALA M 140 -71.86 88.96 3.41
CA ALA M 140 -72.25 87.64 3.87
C ALA M 140 -71.06 86.70 3.93
N GLY M 141 -70.10 86.85 3.02
CA GLY M 141 -68.94 85.99 3.01
C GLY M 141 -68.05 86.19 4.22
N LYS M 142 -67.90 87.45 4.65
CA LYS M 142 -67.16 87.75 5.88
C LYS M 142 -67.86 87.16 7.10
N ARG M 143 -69.20 87.17 7.10
CA ARG M 143 -69.94 86.56 8.21
C ARG M 143 -69.77 85.05 8.24
N GLN M 144 -69.76 84.41 7.06
CA GLN M 144 -69.54 82.97 6.99
C GLN M 144 -68.11 82.60 7.41
N LEU M 145 -67.13 83.41 7.02
CA LEU M 145 -65.76 83.18 7.44
C LEU M 145 -65.58 83.41 8.93
N ASP M 146 -66.29 84.39 9.50
CA ASP M 146 -66.21 84.61 10.94
C ASP M 146 -66.89 83.49 11.71
N LYS M 147 -67.97 82.91 11.15
CA LYS M 147 -68.57 81.74 11.77
C LYS M 147 -67.65 80.52 11.68
N ASP M 148 -66.91 80.40 10.57
CA ASP M 148 -65.94 79.32 10.43
C ASP M 148 -64.80 79.44 11.43
N PHE M 149 -64.23 80.64 11.57
CA PHE M 149 -63.18 80.87 12.56
C PHE M 149 -63.71 80.73 13.99
N SER M 150 -64.97 81.13 14.24
CA SER M 150 -65.52 80.98 15.59
C SER M 150 -65.82 79.52 15.93
N SER M 151 -66.12 78.69 14.93
CA SER M 151 -66.21 77.27 15.18
C SER M 151 -64.84 76.65 15.39
N MET M 152 -63.83 77.17 14.68
CA MET M 152 -62.46 76.65 14.85
C MET M 152 -61.85 77.09 16.17
N LYS M 153 -62.34 78.18 16.77
CA LYS M 153 -61.94 78.54 18.12
C LYS M 153 -62.40 77.48 19.12
N LYS M 154 -63.59 76.91 18.91
CA LYS M 154 -64.18 76.00 19.88
C LYS M 154 -63.70 74.57 19.68
N TYR M 155 -63.88 74.03 18.48
CA TYR M 155 -63.82 72.57 18.33
C TYR M 155 -62.47 72.05 17.85
N CYS M 156 -61.62 72.90 17.28
CA CYS M 156 -60.35 72.42 16.79
C CYS M 156 -59.33 72.26 17.92
N GLN M 157 -58.51 71.23 17.81
CA GLN M 157 -57.46 70.93 18.79
C GLN M 157 -56.08 71.26 18.23
N VAL M 158 -55.77 70.76 17.05
CA VAL M 158 -54.50 70.99 16.38
C VAL M 158 -54.73 71.92 15.20
N ILE M 159 -53.97 73.01 15.13
CA ILE M 159 -54.07 73.97 14.04
C ILE M 159 -52.75 74.00 13.30
N ARG M 160 -52.75 73.51 12.07
CA ARG M 160 -51.59 73.58 11.20
C ARG M 160 -51.76 74.73 10.22
N VAL M 161 -50.65 75.31 9.79
CA VAL M 161 -50.65 76.44 8.87
C VAL M 161 -50.15 75.97 7.51
N LEU M 162 -50.69 76.57 6.45
CA LEU M 162 -50.32 76.21 5.08
C LEU M 162 -49.33 77.26 4.56
N ALA M 163 -48.13 76.81 4.21
CA ALA M 163 -47.10 77.70 3.70
C ALA M 163 -46.46 77.08 2.46
N HIS M 164 -46.21 77.91 1.45
CA HIS M 164 -45.57 77.44 0.24
C HIS M 164 -44.26 78.19 0.02
N THR M 165 -43.32 77.51 -0.63
CA THR M 165 -42.00 78.08 -0.87
C THR M 165 -42.07 79.19 -1.92
N GLN M 166 -41.01 80.00 -1.94
CA GLN M 166 -40.89 81.13 -2.87
C GLN M 166 -39.92 80.71 -3.97
N MET M 167 -40.48 80.22 -5.08
CA MET M 167 -39.69 79.60 -6.14
C MET M 167 -39.07 80.63 -7.09
N ARG M 168 -39.59 81.86 -7.09
CA ARG M 168 -39.11 82.88 -8.03
C ARG M 168 -37.68 83.31 -7.70
N LEU M 169 -37.34 83.37 -6.41
CA LEU M 169 -35.99 83.75 -6.02
C LEU M 169 -35.01 82.58 -6.14
N LEU M 170 -35.53 81.36 -6.31
CA LEU M 170 -34.68 80.20 -6.42
C LEU M 170 -34.19 80.02 -7.85
N PRO M 171 -32.95 79.56 -8.04
CA PRO M 171 -32.40 79.39 -9.39
C PRO M 171 -32.78 78.08 -10.08
N LEU M 172 -33.77 77.36 -9.57
CA LEU M 172 -34.14 76.08 -10.17
C LEU M 172 -34.89 76.29 -11.48
N ARG M 173 -35.00 75.22 -12.26
CA ARG M 173 -35.71 75.29 -13.53
C ARG M 173 -37.22 75.35 -13.33
N GLN M 174 -37.73 74.62 -12.34
CA GLN M 174 -39.17 74.56 -12.12
C GLN M 174 -39.68 75.85 -11.49
N LYS M 175 -40.97 76.11 -11.68
CA LYS M 175 -41.64 77.24 -11.06
C LYS M 175 -42.78 76.83 -10.13
N LYS M 176 -43.12 75.54 -10.10
CA LYS M 176 -44.20 75.04 -9.25
C LYS M 176 -43.70 74.96 -7.82
N ALA M 177 -44.25 75.82 -6.96
CA ALA M 177 -43.81 75.87 -5.58
C ALA M 177 -44.40 74.71 -4.78
N HIS M 178 -43.69 74.31 -3.73
CA HIS M 178 -44.15 73.24 -2.86
C HIS M 178 -44.91 73.83 -1.67
N LEU M 179 -46.05 73.22 -1.34
CA LEU M 179 -46.85 73.58 -0.19
C LEU M 179 -46.59 72.61 0.95
N MET M 180 -46.87 73.07 2.18
CA MET M 180 -46.57 72.28 3.35
C MET M 180 -47.41 72.76 4.52
N GLU M 181 -47.89 71.80 5.31
CA GLU M 181 -48.49 72.06 6.62
C GLU M 181 -47.40 72.12 7.67
N ILE M 182 -47.48 73.11 8.55
CA ILE M 182 -46.58 73.26 9.68
C ILE M 182 -47.43 73.42 10.93
N GLN M 183 -47.29 72.49 11.88
CA GLN M 183 -48.07 72.59 13.11
C GLN M 183 -47.47 73.63 14.03
N VAL M 184 -48.31 74.58 14.46
CA VAL M 184 -47.91 75.58 15.43
C VAL M 184 -48.15 75.00 16.82
N ASN M 185 -47.07 74.87 17.60
CA ASN M 185 -47.15 74.42 18.98
C ASN M 185 -46.90 75.62 19.89
N GLY M 186 -47.85 75.92 20.76
CA GLY M 186 -47.78 77.10 21.59
C GLY M 186 -48.85 77.15 22.66
N GLY M 187 -49.49 78.31 22.82
CA GLY M 187 -50.47 78.49 23.86
C GLY M 187 -51.83 77.89 23.56
N THR M 188 -52.89 78.60 23.91
CA THR M 188 -54.24 78.05 23.74
C THR M 188 -54.66 78.11 22.27
N VAL M 189 -55.81 77.51 21.98
CA VAL M 189 -56.30 77.38 20.62
C VAL M 189 -56.71 78.73 20.06
N ALA M 190 -57.32 79.58 20.89
CA ALA M 190 -57.78 80.89 20.44
C ALA M 190 -56.61 81.80 20.11
N GLU M 191 -55.60 81.84 20.99
CA GLU M 191 -54.40 82.64 20.74
C GLU M 191 -53.61 82.09 19.56
N LYS M 192 -53.59 80.77 19.40
CA LYS M 192 -52.90 80.14 18.26
C LYS M 192 -53.57 80.51 16.94
N LEU M 193 -54.90 80.46 16.90
CA LEU M 193 -55.61 80.78 15.67
C LEU M 193 -55.56 82.28 15.38
N ASP M 194 -55.55 83.12 16.42
CA ASP M 194 -55.38 84.54 16.21
C ASP M 194 -53.99 84.89 15.68
N TRP M 195 -52.95 84.21 16.18
CA TRP M 195 -51.60 84.45 15.67
C TRP M 195 -51.45 83.91 14.25
N ALA M 196 -52.15 82.82 13.93
CA ALA M 196 -52.12 82.30 12.56
C ALA M 196 -52.86 83.22 11.59
N ARG M 197 -53.96 83.84 12.05
CA ARG M 197 -54.67 84.81 11.22
C ARG M 197 -53.85 86.09 11.06
N GLU M 198 -53.07 86.44 12.08
CA GLU M 198 -52.17 87.59 11.96
C GLU M 198 -51.04 87.30 10.98
N ARG M 199 -50.50 86.07 11.00
CA ARG M 199 -49.45 85.67 10.08
C ARG M 199 -49.99 85.20 8.73
N LEU M 200 -51.31 85.26 8.51
CA LEU M 200 -51.87 84.91 7.21
C LEU M 200 -51.49 85.97 6.18
N GLU M 201 -51.23 85.51 4.94
CA GLU M 201 -50.77 86.34 3.82
C GLU M 201 -49.47 87.09 4.17
N GLN M 202 -48.54 86.37 4.79
CA GLN M 202 -47.30 86.98 5.25
C GLN M 202 -46.11 86.09 4.91
N GLN M 203 -44.94 86.71 4.91
CA GLN M 203 -43.68 85.99 4.79
C GLN M 203 -43.29 85.39 6.13
N VAL M 204 -42.68 84.21 6.10
CA VAL M 204 -42.10 83.58 7.28
C VAL M 204 -40.65 83.28 6.98
N PRO M 205 -39.72 83.97 7.63
CA PRO M 205 -38.29 83.68 7.45
C PRO M 205 -37.86 82.49 8.30
N VAL M 206 -36.55 82.26 8.30
CA VAL M 206 -36.01 81.04 8.91
C VAL M 206 -35.61 81.29 10.36
N SER M 207 -35.20 82.52 10.68
CA SER M 207 -34.74 82.83 12.04
C SER M 207 -35.90 82.88 13.03
N GLN M 208 -37.13 83.09 12.54
CA GLN M 208 -38.29 83.05 13.42
C GLN M 208 -38.62 81.61 13.82
N VAL M 209 -38.24 80.65 12.99
CA VAL M 209 -38.55 79.24 13.25
C VAL M 209 -37.40 78.60 14.03
N PHE M 210 -36.22 78.60 13.44
CA PHE M 210 -35.06 77.95 14.04
C PHE M 210 -34.07 78.98 14.58
N GLY M 211 -33.04 78.47 15.26
CA GLY M 211 -31.98 79.29 15.80
C GLY M 211 -30.64 78.63 15.59
N GLN M 212 -29.62 79.21 16.24
CA GLN M 212 -28.28 78.63 16.19
C GLN M 212 -28.24 77.37 17.06
N ASP M 213 -27.27 76.51 16.76
CA ASP M 213 -26.87 75.25 17.44
C ASP M 213 -28.03 74.45 18.03
N GLU M 214 -29.07 74.27 17.22
CA GLU M 214 -30.26 73.51 17.58
C GLU M 214 -30.27 72.20 16.80
N MET M 215 -30.52 71.11 17.52
CA MET M 215 -30.59 69.80 16.89
C MET M 215 -31.93 69.66 16.17
N ILE M 216 -31.88 69.37 14.87
CA ILE M 216 -33.08 69.30 14.05
C ILE M 216 -33.16 67.94 13.37
N ASP M 217 -34.30 67.67 12.74
CA ASP M 217 -34.55 66.43 12.01
C ASP M 217 -34.70 66.77 10.53
N VAL M 218 -34.17 65.91 9.68
CA VAL M 218 -34.19 66.14 8.24
C VAL M 218 -35.01 65.04 7.57
N ILE M 219 -36.08 65.44 6.89
CA ILE M 219 -36.94 64.52 6.16
C ILE M 219 -36.70 64.74 4.67
N GLY M 220 -36.54 63.67 3.92
CA GLY M 220 -36.29 63.83 2.49
C GLY M 220 -36.31 62.50 1.78
N VAL M 221 -36.41 62.59 0.46
CA VAL M 221 -36.41 61.42 -0.40
C VAL M 221 -34.98 61.11 -0.82
N THR M 222 -34.61 59.83 -0.73
CA THR M 222 -33.31 59.32 -1.14
C THR M 222 -33.07 59.59 -2.63
N LYS M 223 -31.81 59.86 -2.98
CA LYS M 223 -31.39 59.93 -4.38
C LYS M 223 -31.68 58.61 -5.10
N GLY M 224 -32.37 58.71 -6.23
CA GLY M 224 -32.82 57.51 -6.92
C GLY M 224 -31.70 56.83 -7.68
N LYS M 225 -31.65 55.51 -7.58
CA LYS M 225 -30.60 54.71 -8.22
C LYS M 225 -31.16 53.63 -9.13
N GLY M 226 -32.49 53.49 -9.19
CA GLY M 226 -33.09 52.56 -10.11
C GLY M 226 -33.13 51.13 -9.60
N TYR M 227 -33.46 50.22 -10.52
CA TYR M 227 -33.57 48.81 -10.22
C TYR M 227 -32.18 48.19 -10.05
N LYS M 228 -31.84 47.80 -8.82
CA LYS M 228 -30.50 47.31 -8.52
C LYS M 228 -30.58 45.88 -8.00
N GLY M 229 -29.45 45.18 -8.12
CA GLY M 229 -29.37 43.81 -7.66
C GLY M 229 -29.31 43.71 -6.16
N VAL M 230 -29.29 42.46 -5.69
CA VAL M 230 -29.34 42.22 -4.26
C VAL M 230 -27.98 42.49 -3.61
N THR M 231 -26.89 42.33 -4.37
CA THR M 231 -25.57 42.67 -3.85
C THR M 231 -25.41 44.18 -3.74
N SER M 232 -25.99 44.92 -4.70
CA SER M 232 -25.91 46.37 -4.67
C SER M 232 -26.85 46.97 -3.61
N ARG M 233 -28.00 46.33 -3.40
CA ARG M 233 -28.98 46.91 -2.47
C ARG M 233 -28.75 46.42 -1.04
N TRP M 234 -28.84 45.11 -0.81
CA TRP M 234 -28.79 44.59 0.55
C TRP M 234 -27.37 44.40 1.06
N HIS M 235 -26.35 44.59 0.20
CA HIS M 235 -24.92 44.47 0.55
C HIS M 235 -24.59 43.09 1.08
N THR M 236 -25.03 42.06 0.37
CA THR M 236 -24.77 40.69 0.77
C THR M 236 -23.37 40.26 0.32
N LYS M 237 -22.96 39.08 0.79
CA LYS M 237 -21.67 38.53 0.41
C LYS M 237 -21.73 37.98 -1.01
N LYS M 238 -20.70 38.27 -1.79
CA LYS M 238 -20.65 37.80 -3.17
C LYS M 238 -20.26 36.33 -3.22
N LEU M 239 -20.89 35.61 -4.13
CA LEU M 239 -20.51 34.24 -4.44
C LEU M 239 -19.18 34.25 -5.19
N PRO M 240 -18.38 33.15 -5.07
CA PRO M 240 -17.05 33.16 -5.72
C PRO M 240 -17.09 33.10 -7.24
N ARG M 241 -15.91 33.05 -7.85
CA ARG M 241 -15.83 33.16 -9.31
C ARG M 241 -16.36 31.91 -10.01
N LYS M 242 -16.20 30.74 -9.40
CA LYS M 242 -16.51 29.46 -10.03
C LYS M 242 -18.00 29.17 -10.16
N THR M 243 -18.88 30.08 -9.73
CA THR M 243 -20.31 29.84 -9.83
C THR M 243 -20.78 29.94 -11.28
N HIS M 244 -21.60 28.99 -11.70
CA HIS M 244 -22.09 28.97 -13.08
C HIS M 244 -23.19 29.99 -13.30
N ARG M 245 -24.21 29.98 -12.44
CA ARG M 245 -25.38 30.85 -12.61
C ARG M 245 -25.26 32.14 -11.83
N GLY M 246 -24.21 32.91 -12.11
CA GLY M 246 -24.07 34.21 -11.49
C GLY M 246 -23.39 34.19 -10.13
N LEU M 247 -22.74 35.30 -9.79
CA LEU M 247 -22.01 35.41 -8.52
C LEU M 247 -22.41 36.60 -7.67
N ARG M 248 -23.04 37.62 -8.26
CA ARG M 248 -23.55 38.76 -7.49
C ARG M 248 -25.04 38.55 -7.20
N LYS M 249 -25.32 37.41 -6.56
CA LYS M 249 -26.69 36.98 -6.32
C LYS M 249 -26.80 36.44 -4.91
N VAL M 250 -28.03 36.10 -4.51
CA VAL M 250 -28.29 35.33 -3.30
C VAL M 250 -28.34 33.86 -3.69
N ALA M 251 -27.51 33.05 -3.04
CA ALA M 251 -27.42 31.64 -3.40
C ALA M 251 -28.65 30.87 -2.93
N CYS M 252 -28.91 30.87 -1.63
CA CYS M 252 -30.02 30.13 -1.04
C CYS M 252 -31.11 31.09 -0.57
N ILE M 253 -32.35 30.84 -0.98
CA ILE M 253 -33.46 31.64 -0.52
C ILE M 253 -33.95 31.16 0.85
N GLY M 254 -34.28 29.87 0.95
CA GLY M 254 -34.81 29.36 2.19
C GLY M 254 -34.82 27.85 2.21
N ALA M 255 -35.51 27.31 3.21
CA ALA M 255 -35.59 25.86 3.42
C ALA M 255 -36.63 25.24 2.51
N TRP M 256 -36.68 23.90 2.52
CA TRP M 256 -37.64 23.15 1.73
C TRP M 256 -39.05 23.28 2.28
N HIS M 257 -39.24 22.82 3.52
CA HIS M 257 -40.54 22.61 4.14
C HIS M 257 -41.36 23.89 4.33
N PRO M 258 -40.76 25.07 4.60
CA PRO M 258 -41.50 26.30 4.27
C PRO M 258 -41.58 26.45 2.76
N ALA M 259 -42.77 26.23 2.21
CA ALA M 259 -42.92 26.18 0.75
C ALA M 259 -42.95 27.55 0.10
N ARG M 260 -42.76 28.62 0.86
CA ARG M 260 -42.75 29.99 0.36
C ARG M 260 -41.41 30.65 0.68
N VAL M 261 -41.15 31.74 -0.02
CA VAL M 261 -40.05 32.63 0.31
C VAL M 261 -40.54 33.64 1.35
N ALA M 262 -39.78 33.78 2.43
CA ALA M 262 -40.19 34.67 3.51
C ALA M 262 -40.03 36.12 3.10
N PHE M 263 -40.63 37.00 3.90
CA PHE M 263 -40.56 38.44 3.62
C PHE M 263 -39.19 39.01 3.95
N SER M 264 -38.41 38.30 4.77
CA SER M 264 -37.10 38.80 5.18
C SER M 264 -35.98 38.39 4.24
N VAL M 265 -36.29 37.60 3.22
CA VAL M 265 -35.26 37.16 2.28
C VAL M 265 -34.83 38.33 1.41
N ALA M 266 -33.51 38.57 1.36
CA ALA M 266 -32.96 39.66 0.57
C ALA M 266 -33.08 39.34 -0.90
N ARG M 267 -33.86 40.15 -1.63
CA ARG M 267 -34.13 39.93 -3.04
C ARG M 267 -33.63 41.14 -3.83
N ALA M 268 -33.70 41.04 -5.15
CA ALA M 268 -33.29 42.14 -6.01
C ALA M 268 -34.49 43.01 -6.34
N GLY M 269 -34.28 44.33 -6.31
CA GLY M 269 -35.39 45.25 -6.53
C GLY M 269 -34.99 46.71 -6.64
N GLN M 270 -35.76 47.57 -5.99
CA GLN M 270 -35.59 49.02 -6.14
C GLN M 270 -34.63 49.55 -5.07
N LYS M 271 -33.53 50.15 -5.51
CA LYS M 271 -32.62 50.86 -4.63
C LYS M 271 -32.66 52.34 -4.95
N GLY M 272 -32.79 53.17 -3.92
CA GLY M 272 -32.93 54.60 -4.09
C GLY M 272 -34.38 55.03 -4.19
N TYR M 273 -34.57 56.36 -4.17
CA TYR M 273 -35.86 57.05 -4.19
C TYR M 273 -36.77 56.58 -3.05
N HIS M 274 -36.27 56.63 -1.83
CA HIS M 274 -37.00 56.23 -0.64
C HIS M 274 -37.19 57.41 0.29
N HIS M 275 -38.41 57.55 0.82
CA HIS M 275 -38.68 58.56 1.83
C HIS M 275 -38.01 58.17 3.15
N ARG M 276 -37.23 59.08 3.72
CA ARG M 276 -36.48 58.81 4.94
C ARG M 276 -36.54 60.02 5.86
N THR M 277 -36.26 59.76 7.13
CA THR M 277 -36.29 60.77 8.20
C THR M 277 -35.06 60.53 9.08
N GLU M 278 -34.03 61.33 8.89
CA GLU M 278 -32.82 61.23 9.69
C GLU M 278 -32.94 62.20 10.86
N ILE M 279 -32.44 61.80 12.03
CA ILE M 279 -32.58 62.59 13.24
C ILE M 279 -31.23 63.17 13.63
N ASN M 280 -31.28 64.17 14.51
CA ASN M 280 -30.14 64.75 15.22
C ASN M 280 -29.09 65.33 14.25
N LYS M 281 -29.51 66.35 13.51
CA LYS M 281 -28.62 67.13 12.66
C LYS M 281 -28.42 68.49 13.30
N LYS M 282 -27.18 68.97 13.33
CA LYS M 282 -26.84 70.18 14.06
C LYS M 282 -26.65 71.36 13.12
N ILE M 283 -27.30 72.48 13.42
CA ILE M 283 -27.17 73.70 12.62
C ILE M 283 -25.98 74.49 13.13
N TYR M 284 -25.03 74.80 12.23
CA TYR M 284 -23.90 75.63 12.62
C TYR M 284 -24.18 77.11 12.43
N LYS M 285 -24.92 77.47 11.38
CA LYS M 285 -25.13 78.88 11.04
C LYS M 285 -26.39 79.01 10.19
N ILE M 286 -27.20 80.01 10.51
CA ILE M 286 -28.32 80.43 9.66
C ILE M 286 -27.85 81.71 8.99
N GLY M 287 -27.44 81.59 7.73
CA GLY M 287 -26.82 82.71 7.05
C GLY M 287 -27.84 83.63 6.39
N GLN M 288 -27.52 84.91 6.40
CA GLN M 288 -28.33 85.92 5.74
C GLN M 288 -28.12 85.84 4.23
N GLY M 289 -29.17 86.16 3.47
CA GLY M 289 -29.09 86.18 2.03
C GLY M 289 -28.57 87.50 1.50
N TYR M 290 -28.73 87.68 0.19
CA TYR M 290 -28.29 88.91 -0.44
C TYR M 290 -29.27 90.05 -0.17
N LEU M 291 -28.73 91.20 0.21
CA LEU M 291 -29.54 92.38 0.45
C LEU M 291 -28.79 93.59 -0.08
N ILE M 292 -29.56 94.58 -0.55
CA ILE M 292 -29.00 95.76 -1.23
C ILE M 292 -29.34 96.99 -0.42
N LYS M 293 -28.31 97.72 0.00
CA LYS M 293 -28.49 99.03 0.62
C LYS M 293 -27.26 99.87 0.31
N ASP M 294 -27.49 101.19 0.16
CA ASP M 294 -26.48 102.20 -0.20
C ASP M 294 -25.80 101.84 -1.52
N GLY M 295 -26.62 101.52 -2.51
CA GLY M 295 -26.14 101.23 -3.85
C GLY M 295 -25.63 99.82 -4.05
N LYS M 296 -24.45 99.52 -3.50
CA LYS M 296 -23.84 98.21 -3.71
C LYS M 296 -24.49 97.15 -2.83
N LEU M 297 -24.42 95.90 -3.29
CA LEU M 297 -25.01 94.79 -2.56
C LEU M 297 -24.04 94.24 -1.53
N ILE M 298 -24.59 93.65 -0.47
CA ILE M 298 -23.81 93.05 0.61
C ILE M 298 -23.91 91.54 0.45
N LYS M 299 -22.76 90.88 0.26
CA LYS M 299 -22.74 89.46 -0.05
C LYS M 299 -21.81 88.65 0.85
N ASN M 300 -21.27 89.23 1.91
CA ASN M 300 -20.29 88.53 2.76
C ASN M 300 -21.02 87.55 3.69
N ASN M 301 -21.41 86.41 3.11
CA ASN M 301 -22.17 85.42 3.87
C ASN M 301 -21.23 84.41 4.52
N ALA M 302 -20.12 84.09 3.86
CA ALA M 302 -19.12 83.20 4.42
C ALA M 302 -18.15 83.91 5.34
N SER M 303 -18.33 85.21 5.55
CA SER M 303 -17.46 85.96 6.44
C SER M 303 -17.76 85.63 7.90
N THR M 304 -16.73 85.22 8.62
CA THR M 304 -16.83 84.94 10.04
C THR M 304 -16.07 86.01 10.82
N ASP M 305 -16.01 85.83 12.14
CA ASP M 305 -15.30 86.78 12.99
C ASP M 305 -13.79 86.64 12.83
N TYR M 306 -13.32 85.51 12.34
CA TYR M 306 -11.88 85.26 12.22
C TYR M 306 -11.39 85.31 10.78
N ASP M 307 -12.29 85.29 9.80
CA ASP M 307 -11.88 85.29 8.40
C ASP M 307 -11.76 86.71 7.86
N LEU M 308 -12.76 87.57 8.14
CA LEU M 308 -12.85 88.97 7.69
C LEU M 308 -12.60 89.14 6.19
N SER M 309 -13.37 88.40 5.40
CA SER M 309 -13.29 88.45 3.95
C SER M 309 -14.63 88.89 3.36
N ASP M 310 -14.61 89.21 2.07
CA ASP M 310 -15.82 89.63 1.36
C ASP M 310 -16.50 88.50 0.60
N LYS M 311 -16.04 87.26 0.75
CA LYS M 311 -16.54 86.16 -0.06
C LYS M 311 -17.89 85.67 0.46
N SER M 312 -18.64 85.02 -0.43
CA SER M 312 -19.93 84.42 -0.13
C SER M 312 -19.77 82.90 -0.03
N ILE M 313 -20.86 82.25 0.38
CA ILE M 313 -20.85 80.79 0.43
C ILE M 313 -20.97 80.17 -0.95
N ASN M 314 -21.33 80.96 -1.96
CA ASN M 314 -21.32 80.49 -3.34
C ASN M 314 -19.88 80.24 -3.77
N PRO M 315 -19.53 79.02 -4.17
CA PRO M 315 -18.15 78.74 -4.56
C PRO M 315 -17.82 79.32 -5.93
N LEU M 316 -16.57 79.08 -6.35
CA LEU M 316 -16.10 79.57 -7.63
C LEU M 316 -16.77 78.79 -8.76
N GLY M 317 -17.52 79.50 -9.59
CA GLY M 317 -18.30 78.85 -10.63
C GLY M 317 -19.63 78.31 -10.17
N GLY M 318 -20.11 78.70 -8.99
CA GLY M 318 -21.38 78.25 -8.48
C GLY M 318 -21.36 76.84 -7.94
N PHE M 319 -22.45 76.41 -7.31
CA PHE M 319 -22.56 75.06 -6.79
C PHE M 319 -22.72 74.07 -7.93
N VAL M 320 -22.31 72.83 -7.68
CA VAL M 320 -22.36 71.79 -8.70
C VAL M 320 -23.79 71.31 -8.87
N HIS M 321 -24.34 71.50 -10.08
CA HIS M 321 -25.68 71.09 -10.48
C HIS M 321 -26.79 71.74 -9.64
N TYR M 322 -26.54 72.91 -9.06
CA TYR M 322 -27.64 73.58 -8.36
C TYR M 322 -27.82 75.04 -8.79
N GLY M 323 -26.73 75.76 -8.99
CA GLY M 323 -26.82 77.19 -9.22
C GLY M 323 -26.17 78.03 -8.13
N GLU M 324 -26.59 79.28 -8.01
CA GLU M 324 -26.05 80.20 -7.01
C GLU M 324 -27.09 80.47 -5.94
N VAL M 325 -26.64 80.55 -4.69
CA VAL M 325 -27.53 80.79 -3.56
C VAL M 325 -27.58 82.30 -3.30
N THR M 326 -28.73 82.91 -3.57
CA THR M 326 -28.95 84.32 -3.28
C THR M 326 -29.81 84.54 -2.04
N ASN M 327 -30.64 83.57 -1.69
CA ASN M 327 -31.52 83.68 -0.53
C ASN M 327 -30.77 83.33 0.74
N ASP M 328 -31.44 83.56 1.88
CA ASP M 328 -30.91 83.15 3.16
C ASP M 328 -30.90 81.63 3.29
N PHE M 329 -29.91 81.12 4.01
CA PHE M 329 -29.58 79.70 3.98
C PHE M 329 -29.31 79.22 5.39
N VAL M 330 -29.26 77.90 5.55
CA VAL M 330 -28.82 77.25 6.77
C VAL M 330 -27.71 76.26 6.43
N MET M 331 -26.94 75.87 7.43
CA MET M 331 -25.74 75.07 7.25
C MET M 331 -25.69 74.00 8.34
N LEU M 332 -25.78 72.74 7.92
CA LEU M 332 -25.97 71.63 8.85
C LEU M 332 -24.74 70.74 8.94
N LYS M 333 -24.56 70.13 10.10
CA LYS M 333 -23.46 69.19 10.33
C LYS M 333 -23.72 67.88 9.58
N GLY M 334 -22.65 67.30 9.03
CA GLY M 334 -22.79 66.01 8.39
C GLY M 334 -23.31 66.10 6.97
N CYS M 335 -23.97 65.03 6.54
CA CYS M 335 -24.65 65.02 5.26
C CYS M 335 -26.12 64.67 5.43
N VAL M 336 -26.95 65.25 4.55
CA VAL M 336 -28.39 65.05 4.61
C VAL M 336 -28.82 64.23 3.41
N VAL M 337 -30.01 63.64 3.52
CA VAL M 337 -30.51 62.74 2.48
C VAL M 337 -31.01 63.58 1.30
N GLY M 338 -30.83 63.06 0.10
CA GLY M 338 -31.28 63.72 -1.10
C GLY M 338 -30.14 64.20 -1.98
N THR M 339 -30.44 64.34 -3.27
CA THR M 339 -29.47 64.79 -4.26
C THR M 339 -29.54 66.31 -4.39
N LYS M 340 -28.87 66.85 -5.41
CA LYS M 340 -28.96 68.27 -5.68
C LYS M 340 -30.36 68.61 -6.24
N LYS M 341 -30.75 69.87 -6.03
CA LYS M 341 -32.06 70.44 -6.39
C LYS M 341 -33.23 69.68 -5.78
N ARG M 342 -33.03 69.01 -4.65
CA ARG M 342 -34.07 68.20 -4.02
C ARG M 342 -34.73 68.99 -2.90
N VAL M 343 -36.06 68.94 -2.87
CA VAL M 343 -36.81 69.56 -1.79
C VAL M 343 -36.55 68.79 -0.50
N LEU M 344 -36.49 69.52 0.63
CA LEU M 344 -35.99 68.93 1.86
C LEU M 344 -36.73 69.55 3.04
N THR M 345 -37.29 68.70 3.90
CA THR M 345 -38.08 69.13 5.05
C THR M 345 -37.18 69.25 6.27
N LEU M 346 -37.21 70.40 6.93
CA LEU M 346 -36.59 70.57 8.24
C LEU M 346 -37.66 70.48 9.31
N ARG M 347 -37.29 69.93 10.46
CA ARG M 347 -38.25 69.76 11.55
C ARG M 347 -37.53 69.96 12.87
N LYS M 348 -38.25 70.49 13.86
CA LYS M 348 -37.71 70.58 15.20
C LYS M 348 -37.58 69.19 15.82
N SER M 349 -36.78 69.12 16.88
CA SER M 349 -36.45 67.83 17.49
C SER M 349 -37.62 67.29 18.30
N LEU M 350 -37.92 66.00 18.09
CA LEU M 350 -38.94 65.32 18.88
C LEU M 350 -38.44 65.02 20.29
N LEU M 351 -37.22 64.52 20.41
CA LEU M 351 -36.67 64.14 21.71
C LEU M 351 -36.23 65.37 22.49
N VAL M 352 -36.41 65.33 23.81
CA VAL M 352 -35.98 66.40 24.69
C VAL M 352 -34.47 66.35 24.77
N GLN M 353 -33.80 67.27 24.09
CA GLN M 353 -32.38 67.13 23.80
C GLN M 353 -31.56 67.84 24.86
N THR M 354 -30.91 67.06 25.75
CA THR M 354 -29.99 67.59 26.74
C THR M 354 -28.79 66.64 26.79
N LYS M 355 -27.79 66.93 25.96
CA LYS M 355 -26.55 66.16 25.88
C LYS M 355 -25.37 67.13 25.79
N ARG M 356 -24.20 66.62 26.15
CA ARG M 356 -23.00 67.45 26.17
C ARG M 356 -22.52 67.75 24.75
N ARG M 357 -22.67 66.79 23.84
CA ARG M 357 -22.29 67.03 22.46
C ARG M 357 -23.33 67.90 21.75
N ALA M 358 -24.59 67.83 22.21
CA ALA M 358 -25.66 68.59 21.57
C ALA M 358 -25.75 70.02 22.08
N LEU M 359 -25.31 70.29 23.31
CA LEU M 359 -25.34 71.64 23.87
C LEU M 359 -24.03 72.37 23.69
N GLU M 360 -23.30 72.09 22.61
CA GLU M 360 -22.05 72.78 22.33
C GLU M 360 -22.29 74.03 21.50
N LYS M 361 -21.67 75.13 21.89
CA LYS M 361 -21.78 76.39 21.17
C LYS M 361 -20.68 76.47 20.11
N ILE M 362 -21.07 76.65 18.86
CA ILE M 362 -20.14 76.59 17.74
C ILE M 362 -19.69 78.00 17.39
N ASP M 363 -18.38 78.21 17.34
CA ASP M 363 -17.77 79.47 16.88
C ASP M 363 -17.01 79.14 15.61
N LEU M 364 -17.47 79.68 14.48
CA LEU M 364 -16.88 79.35 13.19
C LEU M 364 -15.57 80.10 12.99
N LYS M 365 -14.63 79.47 12.28
CA LYS M 365 -13.36 80.08 11.98
C LYS M 365 -13.16 80.34 10.50
N PHE M 366 -13.31 79.30 9.66
CA PHE M 366 -13.07 79.41 8.23
C PHE M 366 -14.09 78.57 7.48
N ILE M 367 -14.60 79.13 6.38
CA ILE M 367 -15.56 78.45 5.51
C ILE M 367 -14.91 78.29 4.15
N ASP M 368 -14.72 77.04 3.74
CA ASP M 368 -14.07 76.75 2.46
C ASP M 368 -15.03 77.05 1.32
N THR M 369 -14.67 78.01 0.48
CA THR M 369 -15.51 78.41 -0.65
C THR M 369 -14.83 78.12 -1.98
N THR M 370 -13.99 77.09 -2.03
CA THR M 370 -13.26 76.75 -3.24
C THR M 370 -14.18 76.09 -4.26
N SER M 371 -13.68 75.99 -5.49
CA SER M 371 -14.46 75.42 -6.58
C SER M 371 -14.63 73.93 -6.38
N LYS M 372 -15.85 73.50 -6.05
CA LYS M 372 -16.12 72.09 -5.85
C LYS M 372 -16.23 71.36 -7.18
N PHE M 373 -16.46 72.09 -8.27
CA PHE M 373 -16.45 71.56 -9.63
C PHE M 373 -15.00 71.35 -10.05
N GLY M 374 -14.45 70.21 -9.67
CA GLY M 374 -13.04 69.90 -9.90
C GLY M 374 -12.22 70.15 -8.66
N HIS M 375 -10.92 69.86 -8.78
CA HIS M 375 -9.98 70.11 -7.68
C HIS M 375 -9.66 71.59 -7.59
N GLY M 376 -10.49 72.34 -6.87
CA GLY M 376 -10.25 73.77 -6.72
C GLY M 376 -9.12 74.05 -5.76
N ARG M 377 -8.44 75.17 -5.98
CA ARG M 377 -7.30 75.56 -5.15
C ARG M 377 -7.30 77.06 -4.85
N PHE M 378 -8.41 77.75 -5.09
CA PHE M 378 -8.50 79.18 -4.80
C PHE M 378 -9.78 79.43 -4.03
N GLN M 379 -9.76 80.44 -3.15
CA GLN M 379 -10.95 80.74 -2.37
C GLN M 379 -11.87 81.72 -3.08
N THR M 380 -11.32 82.76 -3.69
CA THR M 380 -12.13 83.78 -4.33
C THR M 380 -11.44 84.32 -5.58
N VAL M 381 -12.18 85.16 -6.29
CA VAL M 381 -11.75 85.61 -7.62
C VAL M 381 -10.57 86.57 -7.51
N GLU M 382 -10.61 87.48 -6.53
CA GLU M 382 -9.51 88.43 -6.39
C GLU M 382 -8.24 87.75 -5.89
N GLU M 383 -8.36 86.73 -5.05
CA GLU M 383 -7.19 85.96 -4.64
C GLU M 383 -6.62 85.16 -5.79
N LYS M 384 -7.49 84.59 -6.64
CA LYS M 384 -7.01 83.86 -7.81
C LYS M 384 -6.31 84.80 -8.81
N LYS M 385 -6.86 86.00 -9.01
CA LYS M 385 -6.21 86.96 -9.89
C LYS M 385 -4.91 87.49 -9.31
N ALA M 386 -4.84 87.65 -7.98
CA ALA M 386 -3.60 88.10 -7.36
C ALA M 386 -2.53 87.02 -7.39
N PHE M 387 -2.93 85.75 -7.40
CA PHE M 387 -1.94 84.69 -7.49
C PHE M 387 -1.49 84.45 -8.92
N MET M 388 -2.43 84.46 -9.87
CA MET M 388 -2.08 84.19 -11.26
C MET M 388 -1.36 85.36 -11.90
N GLY M 389 -1.90 86.57 -11.75
CA GLY M 389 -1.33 87.74 -12.37
C GLY M 389 -2.11 88.13 -13.62
N PRO M 390 -1.48 88.94 -14.50
CA PRO M 390 -2.14 89.30 -15.76
C PRO M 390 -2.10 88.14 -16.74
N LEU M 391 -3.27 87.77 -17.27
CA LEU M 391 -3.38 86.68 -18.21
C LEU M 391 -3.24 87.18 -19.65
N LYS M 392 -3.32 86.25 -20.59
CA LYS M 392 -3.31 86.62 -22.00
C LYS M 392 -4.64 87.25 -22.41
N LYS M 393 -5.74 86.77 -21.83
CA LYS M 393 -7.05 87.31 -22.17
C LYS M 393 -7.29 88.66 -21.51
N ASP M 394 -6.51 88.99 -20.48
CA ASP M 394 -6.66 90.26 -19.79
C ASP M 394 -5.68 91.29 -20.30
N ALA N 1 123.01 26.52 -50.85
CA ALA N 1 123.13 25.62 -49.70
C ALA N 1 121.77 25.04 -49.32
N LYS N 2 121.78 23.85 -48.72
CA LYS N 2 120.56 23.21 -48.27
C LYS N 2 120.02 23.80 -46.97
N ILE N 3 120.81 24.59 -46.26
CA ILE N 3 120.35 25.18 -45.00
C ILE N 3 119.38 26.32 -45.30
N VAL N 4 118.16 26.20 -44.77
CA VAL N 4 117.10 27.19 -44.98
C VAL N 4 116.55 27.54 -43.61
N LYS N 5 116.88 28.72 -43.11
CA LYS N 5 116.30 29.17 -41.85
C LYS N 5 115.03 29.97 -42.09
N PRO N 6 114.03 29.85 -41.19
CA PRO N 6 112.80 30.63 -41.36
C PRO N 6 112.99 32.12 -41.10
N ASN N 7 113.95 32.45 -40.23
CA ASN N 7 114.25 33.85 -39.97
C ASN N 7 115.40 34.32 -40.86
N GLY N 8 115.47 35.63 -41.04
CA GLY N 8 116.48 36.23 -41.90
C GLY N 8 117.82 36.38 -41.21
N GLU N 9 118.54 35.28 -41.04
CA GLU N 9 119.84 35.30 -40.40
C GLU N 9 120.75 34.28 -41.06
N LYS N 10 122.06 34.51 -40.95
CA LYS N 10 123.04 33.65 -41.58
C LYS N 10 123.29 32.39 -40.75
N PRO N 11 123.50 31.25 -41.40
CA PRO N 11 123.80 30.02 -40.67
C PRO N 11 125.22 30.02 -40.13
N ASP N 12 125.50 29.05 -39.27
CA ASP N 12 126.81 28.90 -38.66
C ASP N 12 127.75 28.13 -39.58
N GLU N 13 129.02 28.07 -39.18
CA GLU N 13 130.03 27.33 -39.93
C GLU N 13 129.75 25.84 -39.89
N PHE N 14 129.26 25.35 -38.76
CA PHE N 14 128.95 23.93 -38.60
C PHE N 14 127.76 23.53 -39.47
N GLU N 15 126.72 24.37 -39.49
CA GLU N 15 125.56 24.09 -40.33
C GLU N 15 125.89 24.24 -41.80
N SER N 16 126.77 25.19 -42.15
CA SER N 16 127.19 25.33 -43.53
C SER N 16 128.02 24.14 -43.99
N GLY N 17 128.86 23.59 -43.10
CA GLY N 17 129.59 22.39 -43.42
C GLY N 17 128.70 21.17 -43.58
N ILE N 18 127.66 21.07 -42.77
CA ILE N 18 126.68 19.99 -42.93
C ILE N 18 125.93 20.13 -44.26
N SER N 19 125.57 21.37 -44.63
CA SER N 19 124.89 21.59 -45.91
C SER N 19 125.78 21.27 -47.09
N GLN N 20 127.08 21.61 -47.01
CA GLN N 20 128.02 21.27 -48.06
C GLN N 20 128.24 19.77 -48.15
N ALA N 21 128.26 19.09 -47.00
CA ALA N 21 128.40 17.64 -47.00
C ALA N 21 127.19 16.96 -47.61
N LEU N 22 125.99 17.49 -47.35
CA LEU N 22 124.79 16.91 -47.94
C LEU N 22 124.69 17.21 -49.43
N LEU N 23 125.19 18.37 -49.86
CA LEU N 23 125.28 18.64 -51.30
C LEU N 23 126.27 17.70 -51.99
N GLU N 24 127.37 17.38 -51.31
CA GLU N 24 128.31 16.41 -51.86
C GLU N 24 127.72 15.01 -51.91
N LEU N 25 126.92 14.65 -50.91
CA LEU N 25 126.23 13.35 -50.93
C LEU N 25 125.19 13.28 -52.04
N GLU N 26 124.51 14.41 -52.30
CA GLU N 26 123.58 14.47 -53.43
C GLU N 26 124.30 14.34 -54.77
N MET N 27 125.43 15.04 -54.93
CA MET N 27 126.12 15.04 -56.21
C MET N 27 126.88 13.73 -56.43
N ASN N 28 127.17 13.00 -55.35
CA ASN N 28 127.94 11.77 -55.50
C ASN N 28 127.08 10.51 -55.53
N SER N 29 126.20 10.33 -54.55
CA SER N 29 125.52 9.05 -54.41
C SER N 29 124.33 8.95 -55.38
N ASP N 30 123.69 7.79 -55.38
CA ASP N 30 122.65 7.49 -56.37
C ASP N 30 121.30 8.11 -56.01
N LEU N 31 121.07 8.44 -54.74
CA LEU N 31 119.75 8.89 -54.31
C LEU N 31 119.64 10.41 -54.33
N LYS N 32 119.90 11.00 -55.51
CA LYS N 32 119.89 12.46 -55.63
C LYS N 32 118.46 13.00 -55.78
N ALA N 33 117.52 12.16 -56.25
CA ALA N 33 116.17 12.63 -56.51
C ALA N 33 115.42 12.92 -55.21
N GLN N 34 115.72 12.16 -54.16
CA GLN N 34 115.08 12.39 -52.86
C GLN N 34 115.83 13.45 -52.07
N LEU N 35 117.08 13.75 -52.47
CA LEU N 35 117.85 14.78 -51.78
C LEU N 35 117.65 16.15 -52.42
N ARG N 36 117.14 16.19 -53.66
CA ARG N 36 117.00 17.46 -54.34
C ARG N 36 115.91 18.34 -53.76
N GLU N 37 114.77 17.75 -53.36
CA GLU N 37 113.62 18.56 -52.97
C GLU N 37 113.57 18.87 -51.48
N LEU N 38 114.49 18.34 -50.69
CA LEU N 38 114.41 18.40 -49.23
C LEU N 38 115.40 19.41 -48.67
N ASN N 39 114.94 20.13 -47.64
CA ASN N 39 115.71 21.21 -47.05
C ASN N 39 115.97 20.92 -45.57
N ILE N 40 116.79 21.78 -44.96
CA ILE N 40 117.26 21.62 -43.58
C ILE N 40 117.10 22.96 -42.87
N THR N 41 116.45 22.94 -41.70
CA THR N 41 116.18 24.15 -40.93
C THR N 41 117.34 24.59 -40.05
N ALA N 42 117.86 23.71 -39.20
CA ALA N 42 118.95 24.05 -38.31
C ALA N 42 119.70 22.78 -37.92
N ALA N 43 120.81 22.97 -37.21
CA ALA N 43 121.61 21.85 -36.74
C ALA N 43 122.38 22.28 -35.51
N LYS N 44 122.63 21.33 -34.60
CA LYS N 44 123.29 21.63 -33.35
C LYS N 44 124.30 20.54 -33.02
N GLU N 45 125.39 20.94 -32.36
CA GLU N 45 126.32 20.00 -31.76
C GLU N 45 126.25 20.12 -30.25
N ILE N 46 125.97 19.00 -29.57
CA ILE N 46 125.77 19.01 -28.14
C ILE N 46 126.73 18.05 -27.45
N GLU N 47 126.95 18.30 -26.17
CA GLU N 47 127.69 17.38 -25.32
C GLU N 47 126.75 16.33 -24.73
N VAL N 48 127.22 15.08 -24.73
CA VAL N 48 126.45 13.97 -24.17
C VAL N 48 127.32 13.38 -23.05
N GLY N 49 126.75 12.47 -22.26
CA GLY N 49 127.44 11.84 -21.15
C GLY N 49 128.70 11.07 -21.52
N GLY N 50 129.77 11.36 -20.81
CA GLY N 50 131.07 10.80 -21.14
C GLY N 50 131.80 11.66 -22.15
N GLY N 51 132.95 11.15 -22.58
CA GLY N 51 133.75 11.83 -23.58
C GLY N 51 133.25 11.59 -24.97
N ARG N 52 132.10 12.18 -25.31
CA ARG N 52 131.48 11.96 -26.61
C ARG N 52 130.64 13.18 -26.97
N LYS N 53 130.63 13.52 -28.26
CA LYS N 53 129.80 14.57 -28.82
C LYS N 53 128.58 13.94 -29.49
N ALA N 54 127.61 14.79 -29.84
CA ALA N 54 126.45 14.31 -30.57
C ALA N 54 126.00 15.42 -31.51
N ILE N 55 125.44 15.03 -32.66
CA ILE N 55 124.98 15.99 -33.65
C ILE N 55 123.49 15.78 -33.93
N ILE N 56 122.72 16.85 -33.74
CA ILE N 56 121.27 16.85 -33.88
C ILE N 56 120.89 17.86 -34.97
N ILE N 57 120.13 17.41 -35.97
CA ILE N 57 119.69 18.26 -37.06
C ILE N 57 118.17 18.35 -37.03
N PHE N 58 117.64 19.57 -37.12
CA PHE N 58 116.20 19.80 -37.11
C PHE N 58 115.66 19.76 -38.53
N VAL N 59 114.43 19.27 -38.65
CA VAL N 59 113.86 18.80 -39.91
C VAL N 59 112.56 19.55 -40.18
N PRO N 60 112.27 19.94 -41.42
CA PRO N 60 110.94 20.43 -41.75
C PRO N 60 109.89 19.34 -41.58
N VAL N 61 108.78 19.70 -40.92
CA VAL N 61 107.74 18.75 -40.53
C VAL N 61 106.92 18.22 -41.71
N PRO N 62 106.54 19.00 -42.75
CA PRO N 62 105.96 18.34 -43.94
C PRO N 62 106.93 17.45 -44.69
N GLN N 63 108.23 17.74 -44.63
CA GLN N 63 109.22 16.88 -45.25
C GLN N 63 109.73 15.81 -44.31
N LEU N 64 109.17 15.70 -43.10
CA LEU N 64 109.64 14.73 -42.12
C LEU N 64 109.35 13.30 -42.57
N LYS N 65 108.25 13.10 -43.32
CA LYS N 65 107.92 11.76 -43.81
C LYS N 65 108.99 11.27 -44.79
N SER N 66 109.42 12.13 -45.71
CA SER N 66 110.48 11.76 -46.64
C SER N 66 111.83 11.65 -45.94
N PHE N 67 112.07 12.48 -44.91
CA PHE N 67 113.29 12.34 -44.13
C PHE N 67 113.34 11.03 -43.34
N GLN N 68 112.20 10.57 -42.81
CA GLN N 68 112.20 9.30 -42.10
C GLN N 68 112.25 8.12 -43.05
N LYS N 69 111.79 8.32 -44.29
CA LYS N 69 112.00 7.29 -45.31
C LYS N 69 113.48 7.21 -45.72
N ILE N 70 114.15 8.36 -45.80
CA ILE N 70 115.55 8.42 -46.22
C ILE N 70 116.49 8.33 -45.01
N GLN N 71 115.94 8.05 -43.83
CA GLN N 71 116.65 8.23 -42.55
C GLN N 71 117.85 7.30 -42.40
N VAL N 72 117.67 6.01 -42.70
CA VAL N 72 118.65 4.99 -42.29
C VAL N 72 119.94 5.10 -43.11
N ARG N 73 119.82 5.14 -44.44
CA ARG N 73 120.99 5.13 -45.31
C ARG N 73 121.76 6.44 -45.22
N LEU N 74 121.07 7.54 -44.95
CA LEU N 74 121.75 8.83 -44.87
C LEU N 74 122.54 8.94 -43.57
N VAL N 75 122.02 8.36 -42.49
CA VAL N 75 122.80 8.21 -41.26
C VAL N 75 123.98 7.27 -41.50
N ARG N 76 123.80 6.25 -42.35
CA ARG N 76 124.91 5.37 -42.70
C ARG N 76 126.01 6.11 -43.48
N GLU N 77 125.64 7.06 -44.33
CA GLU N 77 126.68 7.84 -45.02
C GLU N 77 127.30 8.88 -44.10
N LEU N 78 126.52 9.46 -43.18
CA LEU N 78 127.08 10.48 -42.30
C LEU N 78 127.93 9.87 -41.20
N GLU N 79 127.76 8.57 -40.92
CA GLU N 79 128.50 7.94 -39.83
C GLU N 79 129.96 7.72 -40.22
N LYS N 80 130.24 7.50 -41.50
CA LYS N 80 131.61 7.38 -41.94
C LYS N 80 132.27 8.74 -42.18
N LYS N 81 131.46 9.79 -42.31
CA LYS N 81 132.02 11.13 -42.41
C LYS N 81 132.34 11.71 -41.03
N PHE N 82 131.32 11.88 -40.20
CA PHE N 82 131.51 12.22 -38.80
C PHE N 82 131.66 10.90 -38.05
N SER N 83 132.92 10.52 -37.80
CA SER N 83 133.22 9.18 -37.31
C SER N 83 132.80 9.00 -35.85
N GLY N 84 133.35 9.82 -34.96
CA GLY N 84 133.09 9.66 -33.55
C GLY N 84 131.93 10.50 -33.04
N LYS N 85 130.87 10.62 -33.82
CA LYS N 85 129.68 11.37 -33.43
C LYS N 85 128.44 10.65 -33.94
N HIS N 86 127.43 10.53 -33.08
CA HIS N 86 126.13 10.00 -33.47
C HIS N 86 125.24 11.12 -33.98
N VAL N 87 124.59 10.88 -35.12
CA VAL N 87 123.73 11.87 -35.76
C VAL N 87 122.27 11.47 -35.58
N VAL N 88 121.42 12.47 -35.38
CA VAL N 88 120.00 12.21 -35.16
C VAL N 88 119.20 13.38 -35.74
N PHE N 89 118.04 13.05 -36.30
CA PHE N 89 117.15 14.02 -36.92
C PHE N 89 115.88 14.18 -36.09
N ILE N 90 115.58 15.43 -35.74
CA ILE N 90 114.35 15.76 -35.04
C ILE N 90 113.66 16.90 -35.76
N ALA N 91 112.37 16.72 -36.03
CA ALA N 91 111.58 17.72 -36.73
C ALA N 91 111.42 18.99 -35.89
N GLN N 92 111.62 20.14 -36.53
CA GLN N 92 111.52 21.44 -35.88
C GLN N 92 110.04 21.81 -35.76
N ARG N 93 109.48 21.55 -34.59
CA ARG N 93 108.08 21.85 -34.34
C ARG N 93 107.95 23.08 -33.45
N ARG N 94 107.19 24.07 -33.93
CA ARG N 94 107.02 25.34 -33.24
C ARG N 94 106.10 25.14 -32.04
N ILE N 95 106.58 25.48 -30.85
CA ILE N 95 105.81 25.33 -29.62
C ILE N 95 104.95 26.58 -29.43
N LEU N 96 103.74 26.40 -28.86
CA LEU N 96 102.82 27.49 -28.55
C LEU N 96 102.41 27.46 -27.10
N PRO N 97 102.32 28.62 -26.44
CA PRO N 97 102.03 28.64 -25.01
C PRO N 97 100.55 28.43 -24.71
N LYS N 98 100.28 28.20 -23.42
CA LYS N 98 98.90 28.11 -22.95
C LYS N 98 98.24 29.48 -23.06
N PRO N 99 96.97 29.56 -23.50
CA PRO N 99 96.27 30.85 -23.48
C PRO N 99 96.02 31.35 -22.07
N THR N 100 96.70 32.43 -21.70
CA THR N 100 96.63 33.00 -20.37
C THR N 100 95.37 33.84 -20.25
N ARG N 101 94.90 34.03 -19.01
CA ARG N 101 93.73 34.88 -18.75
C ARG N 101 94.00 36.34 -19.13
N LYS N 102 95.26 36.77 -19.06
CA LYS N 102 95.62 38.12 -19.49
C LYS N 102 95.54 38.25 -21.01
N SER N 103 96.22 37.36 -21.72
CA SER N 103 96.21 37.37 -23.18
C SER N 103 94.95 36.71 -23.72
N LYS N 108 92.93 36.34 -32.20
CA LYS N 108 93.81 35.21 -31.97
C LYS N 108 93.03 33.89 -32.10
N GLN N 109 93.57 32.97 -32.89
CA GLN N 109 92.91 31.71 -33.18
C GLN N 109 93.10 30.72 -32.02
N LYS N 110 92.40 29.59 -32.13
CA LYS N 110 92.54 28.52 -31.16
C LYS N 110 93.88 27.82 -31.35
N ARG N 111 94.56 27.56 -30.25
CA ARG N 111 95.83 26.85 -30.28
C ARG N 111 95.58 25.38 -30.60
N PRO N 112 96.12 24.86 -31.70
CA PRO N 112 95.86 23.46 -32.04
C PRO N 112 96.67 22.51 -31.17
N ARG N 113 96.08 21.34 -30.91
CA ARG N 113 96.65 20.37 -29.99
C ARG N 113 97.81 19.58 -30.59
N SER N 114 98.18 19.83 -31.85
CA SER N 114 99.42 19.26 -32.38
C SER N 114 100.63 20.10 -31.97
N ARG N 115 100.41 21.30 -31.44
CA ARG N 115 101.47 22.24 -31.13
C ARG N 115 101.68 22.39 -29.63
N THR N 116 101.03 21.57 -28.81
CA THR N 116 101.11 21.72 -27.37
C THR N 116 102.39 21.06 -26.83
N LEU N 117 102.49 21.02 -25.50
CA LEU N 117 103.74 20.59 -24.87
C LEU N 117 103.92 19.08 -24.97
N THR N 118 102.86 18.32 -24.65
CA THR N 118 102.99 16.87 -24.56
C THR N 118 103.10 16.24 -25.94
N ALA N 119 102.36 16.76 -26.92
CA ALA N 119 102.34 16.16 -28.25
C ALA N 119 103.65 16.39 -28.99
N VAL N 120 104.23 17.59 -28.85
CA VAL N 120 105.50 17.90 -29.50
C VAL N 120 106.62 17.08 -28.88
N HIS N 121 106.59 16.91 -27.55
CA HIS N 121 107.63 16.10 -26.90
C HIS N 121 107.50 14.62 -27.25
N ASP N 122 106.26 14.12 -27.36
CA ASP N 122 106.07 12.73 -27.80
C ASP N 122 106.51 12.55 -29.24
N ALA N 123 106.30 13.56 -30.09
CA ALA N 123 106.75 13.49 -31.47
C ALA N 123 108.27 13.58 -31.58
N ILE N 124 108.90 14.34 -30.69
CA ILE N 124 110.37 14.41 -30.64
C ILE N 124 110.94 13.07 -30.20
N LEU N 125 110.29 12.41 -29.24
CA LEU N 125 110.74 11.09 -28.81
C LEU N 125 110.53 10.04 -29.91
N GLU N 126 109.45 10.17 -30.67
CA GLU N 126 109.22 9.29 -31.81
C GLU N 126 110.25 9.52 -32.91
N ASP N 127 110.65 10.79 -33.12
CA ASP N 127 111.68 11.09 -34.10
C ASP N 127 113.05 10.63 -33.63
N LEU N 128 113.25 10.57 -32.31
CA LEU N 128 114.46 9.97 -31.76
C LEU N 128 114.51 8.47 -32.06
N VAL N 129 113.60 7.69 -31.49
CA VAL N 129 113.64 6.25 -31.74
C VAL N 129 112.75 5.88 -32.93
N PHE N 130 113.30 6.05 -34.15
CA PHE N 130 112.57 5.62 -35.35
C PHE N 130 112.69 4.13 -35.65
N PRO N 131 113.90 3.50 -35.71
CA PRO N 131 113.93 2.08 -36.12
C PRO N 131 113.37 1.13 -35.06
N SER N 132 113.39 1.53 -33.79
CA SER N 132 112.71 0.79 -32.73
C SER N 132 111.61 1.70 -32.20
N GLU N 133 110.38 1.44 -32.65
CA GLU N 133 109.24 2.26 -32.26
C GLU N 133 108.84 1.98 -30.81
N ILE N 134 108.09 2.92 -30.23
CA ILE N 134 107.84 2.92 -28.79
C ILE N 134 106.84 1.81 -28.44
N VAL N 135 107.22 0.97 -27.49
CA VAL N 135 106.36 -0.13 -27.03
C VAL N 135 105.56 0.28 -25.80
N GLY N 136 106.19 0.97 -24.85
CA GLY N 136 105.50 1.40 -23.65
C GLY N 136 106.20 2.52 -22.92
N LYS N 137 105.45 3.43 -22.33
CA LYS N 137 106.02 4.53 -21.58
C LYS N 137 105.70 4.41 -20.11
N ARG N 138 106.72 4.61 -19.28
CA ARG N 138 106.58 4.66 -17.84
C ARG N 138 107.13 5.98 -17.35
N ILE N 139 106.49 6.56 -16.35
CA ILE N 139 107.02 7.74 -15.67
C ILE N 139 107.14 7.40 -14.19
N ARG N 140 108.37 7.13 -13.75
CA ARG N 140 108.67 6.80 -12.36
C ARG N 140 108.97 8.10 -11.62
N VAL N 141 108.18 8.42 -10.60
CA VAL N 141 108.38 9.65 -9.84
C VAL N 141 109.21 9.29 -8.62
N LYS N 142 110.47 9.72 -8.59
CA LYS N 142 111.36 9.39 -7.50
C LYS N 142 110.97 10.16 -6.24
N LEU N 143 111.58 9.76 -5.11
CA LEU N 143 111.10 10.16 -3.79
C LEU N 143 111.33 11.65 -3.53
N ASP N 144 112.31 12.25 -4.23
CA ASP N 144 112.49 13.69 -4.15
C ASP N 144 111.37 14.45 -4.85
N GLY N 145 110.81 13.87 -5.93
CA GLY N 145 109.73 14.52 -6.65
C GLY N 145 109.97 14.59 -8.15
N SER N 146 111.21 14.36 -8.56
CA SER N 146 111.56 14.44 -9.97
C SER N 146 111.12 13.19 -10.72
N ARG N 147 110.72 13.38 -11.98
CA ARG N 147 110.23 12.29 -12.81
C ARG N 147 111.37 11.68 -13.62
N LEU N 148 111.16 10.44 -14.04
CA LEU N 148 112.12 9.75 -14.89
C LEU N 148 111.34 8.86 -15.85
N ILE N 149 111.55 9.04 -17.15
CA ILE N 149 110.74 8.38 -18.16
C ILE N 149 111.49 7.17 -18.70
N LYS N 150 110.86 6.01 -18.56
CA LYS N 150 111.38 4.74 -19.06
C LYS N 150 110.64 4.41 -20.35
N VAL N 151 111.38 4.32 -21.46
CA VAL N 151 110.77 4.06 -22.76
C VAL N 151 111.14 2.65 -23.20
N HIS N 152 110.14 1.86 -23.58
CA HIS N 152 110.33 0.50 -24.05
C HIS N 152 110.47 0.51 -25.57
N LEU N 153 111.44 -0.25 -26.07
CA LEU N 153 111.72 -0.27 -27.50
C LEU N 153 111.51 -1.67 -28.07
N ASP N 154 111.29 -1.73 -29.38
CA ASP N 154 110.97 -2.98 -30.04
C ASP N 154 112.24 -3.78 -30.29
N LYS N 155 112.09 -5.11 -30.33
CA LYS N 155 113.22 -5.99 -30.63
C LYS N 155 113.58 -5.96 -32.11
N ALA N 156 112.68 -5.48 -32.97
CA ALA N 156 113.02 -5.24 -34.36
C ALA N 156 113.97 -4.04 -34.46
N GLN N 157 115.02 -4.20 -35.27
CA GLN N 157 116.13 -3.26 -35.39
C GLN N 157 116.77 -2.94 -34.04
N GLN N 158 117.06 -3.99 -33.27
CA GLN N 158 117.57 -3.79 -31.91
C GLN N 158 119.04 -3.35 -31.93
N ASN N 159 119.83 -3.89 -32.86
CA ASN N 159 121.27 -3.62 -32.87
C ASN N 159 121.57 -2.22 -33.39
N ASN N 160 120.63 -1.59 -34.11
CA ASN N 160 120.89 -0.28 -34.68
C ASN N 160 120.60 0.83 -33.68
N VAL N 161 119.92 0.51 -32.59
CA VAL N 161 119.45 1.53 -31.64
C VAL N 161 120.12 1.30 -30.29
N GLU N 162 120.83 0.18 -30.16
CA GLU N 162 121.38 -0.20 -28.86
C GLU N 162 122.57 0.67 -28.47
N HIS N 163 123.35 1.12 -29.44
CA HIS N 163 124.50 1.97 -29.13
C HIS N 163 124.16 3.45 -29.13
N LYS N 164 122.88 3.80 -29.26
CA LYS N 164 122.45 5.20 -29.26
C LYS N 164 121.55 5.54 -28.08
N VAL N 165 121.56 4.74 -27.02
CA VAL N 165 120.64 4.94 -25.90
C VAL N 165 121.01 6.19 -25.10
N GLU N 166 122.27 6.27 -24.67
CA GLU N 166 122.72 7.43 -23.91
C GLU N 166 122.77 8.68 -24.79
N THR N 167 122.99 8.50 -26.09
CA THR N 167 122.97 9.63 -27.02
C THR N 167 121.57 10.20 -27.16
N PHE N 168 120.55 9.33 -27.31
CA PHE N 168 119.17 9.80 -27.41
C PHE N 168 118.71 10.42 -26.09
N SER N 169 119.17 9.85 -24.96
CA SER N 169 118.87 10.44 -23.65
C SER N 169 119.50 11.81 -23.50
N GLY N 170 120.73 11.99 -24.01
CA GLY N 170 121.37 13.30 -23.95
C GLY N 170 120.72 14.32 -24.85
N VAL N 171 120.26 13.88 -26.03
CA VAL N 171 119.54 14.79 -26.95
C VAL N 171 118.23 15.24 -26.33
N TYR N 172 117.47 14.31 -25.73
CA TYR N 172 116.19 14.68 -25.14
C TYR N 172 116.39 15.50 -23.87
N LYS N 173 117.49 15.27 -23.14
CA LYS N 173 117.78 16.07 -21.96
C LYS N 173 118.23 17.48 -22.34
N LYS N 174 118.95 17.62 -23.45
CA LYS N 174 119.36 18.95 -23.89
C LYS N 174 118.17 19.74 -24.44
N LEU N 175 117.28 19.07 -25.17
CA LEU N 175 116.17 19.79 -25.77
C LEU N 175 115.06 20.10 -24.76
N THR N 176 114.66 19.10 -23.97
CA THR N 176 113.53 19.27 -23.07
C THR N 176 113.97 19.38 -21.60
N GLY N 177 114.81 18.47 -21.14
CA GLY N 177 115.23 18.45 -19.75
C GLY N 177 114.51 17.41 -18.90
N LYS N 178 114.43 16.18 -19.41
CA LYS N 178 113.81 15.08 -18.67
C LYS N 178 114.73 13.87 -18.74
N ASP N 179 114.98 13.25 -17.60
CA ASP N 179 115.83 12.06 -17.53
C ASP N 179 115.08 10.86 -18.09
N VAL N 180 115.60 10.28 -19.16
CA VAL N 180 114.95 9.20 -19.88
C VAL N 180 115.90 8.02 -20.02
N ASN N 181 115.45 6.86 -19.59
CA ASN N 181 116.14 5.59 -19.80
C ASN N 181 115.38 4.74 -20.80
N PHE N 182 116.08 3.80 -21.43
CA PHE N 182 115.50 2.91 -22.42
C PHE N 182 115.57 1.47 -21.92
N GLU N 183 114.53 0.70 -22.21
CA GLU N 183 114.44 -0.71 -21.84
C GLU N 183 113.98 -1.51 -23.05
N PHE N 184 114.28 -2.81 -23.01
CA PHE N 184 113.93 -3.75 -24.08
C PHE N 184 113.02 -4.83 -23.49
N PRO N 185 111.71 -4.69 -23.65
CA PRO N 185 110.79 -5.72 -23.16
C PRO N 185 110.79 -6.95 -24.06
N GLU N 186 110.38 -8.07 -23.48
CA GLU N 186 110.40 -9.35 -24.16
C GLU N 186 109.14 -10.19 -23.97
N PHE N 187 108.26 -9.84 -23.02
CA PHE N 187 107.13 -10.70 -22.72
C PHE N 187 106.00 -10.53 -23.74
N GLN N 188 105.80 -9.32 -24.26
CA GLN N 188 104.91 -9.12 -25.39
C GLN N 188 105.68 -8.94 -26.70
N LEU N 189 106.53 -7.92 -26.79
CA LEU N 189 107.31 -7.65 -27.99
C LEU N 189 108.54 -6.81 -27.67
N ALA O 1 -106.22 -34.20 -38.21
CA ALA O 1 -107.39 -35.05 -37.97
C ALA O 1 -107.20 -36.42 -38.58
N CYS O 2 -108.25 -37.24 -38.51
CA CYS O 2 -108.17 -38.59 -39.08
C CYS O 2 -108.73 -38.62 -40.50
N ALA O 3 -109.74 -37.79 -40.77
CA ALA O 3 -110.41 -37.83 -42.06
C ALA O 3 -109.65 -37.02 -43.11
N ARG O 4 -109.90 -37.36 -44.38
CA ARG O 4 -109.29 -36.67 -45.51
C ARG O 4 -110.37 -36.27 -46.52
N PRO O 5 -110.51 -34.99 -46.82
CA PRO O 5 -111.58 -34.55 -47.72
C PRO O 5 -111.29 -34.85 -49.18
N LEU O 6 -112.17 -34.35 -50.04
CA LEU O 6 -112.13 -34.62 -51.47
C LEU O 6 -112.02 -33.29 -52.22
N ILE O 7 -110.84 -33.03 -52.80
CA ILE O 7 -110.57 -31.76 -53.47
C ILE O 7 -110.92 -31.90 -54.94
N SER O 8 -111.70 -30.97 -55.45
CA SER O 8 -112.10 -30.96 -56.86
C SER O 8 -110.99 -30.38 -57.72
N VAL O 9 -110.75 -30.98 -58.89
CA VAL O 9 -109.80 -30.45 -59.84
C VAL O 9 -110.46 -29.35 -60.65
N TYR O 10 -109.81 -28.19 -60.72
CA TYR O 10 -110.32 -27.04 -61.44
C TYR O 10 -109.77 -27.03 -62.87
N SER O 11 -110.56 -26.44 -63.77
CA SER O 11 -110.19 -26.38 -65.18
C SER O 11 -109.28 -25.17 -65.44
N GLU O 12 -108.86 -25.06 -66.69
CA GLU O 12 -107.95 -23.97 -67.07
C GLU O 12 -108.69 -22.65 -67.26
N LYS O 13 -110.01 -22.70 -67.44
CA LYS O 13 -110.80 -21.50 -67.66
C LYS O 13 -111.35 -20.90 -66.37
N GLY O 14 -111.03 -21.48 -65.21
CA GLY O 14 -111.47 -20.92 -63.95
C GLY O 14 -112.56 -21.73 -63.29
N GLU O 15 -113.43 -22.33 -64.09
CA GLU O 15 -114.54 -23.11 -63.54
C GLU O 15 -114.05 -24.47 -63.07
N SER O 16 -114.92 -25.18 -62.36
CA SER O 16 -114.58 -26.47 -61.78
C SER O 16 -114.84 -27.59 -62.78
N SER O 17 -113.92 -28.54 -62.85
CA SER O 17 -114.08 -29.71 -63.70
C SER O 17 -114.79 -30.83 -62.91
N GLY O 18 -114.86 -32.01 -63.51
CA GLY O 18 -115.63 -33.09 -62.91
C GLY O 18 -114.81 -33.97 -61.98
N LYS O 19 -113.48 -33.99 -62.18
CA LYS O 19 -112.64 -34.92 -61.44
C LYS O 19 -112.45 -34.48 -59.99
N ASN O 20 -112.37 -35.45 -59.09
CA ASN O 20 -112.31 -35.21 -57.65
C ASN O 20 -111.25 -36.14 -57.06
N VAL O 21 -110.16 -35.58 -56.54
CA VAL O 21 -109.05 -36.35 -56.00
C VAL O 21 -109.09 -36.25 -54.47
N THR O 22 -108.92 -37.39 -53.80
CA THR O 22 -108.86 -37.41 -52.34
C THR O 22 -107.59 -36.72 -51.85
N LEU O 23 -107.72 -35.91 -50.80
CA LEU O 23 -106.58 -35.17 -50.26
C LEU O 23 -105.57 -36.12 -49.63
N PRO O 24 -104.28 -35.98 -49.92
CA PRO O 24 -103.28 -36.82 -49.26
C PRO O 24 -103.10 -36.47 -47.80
N ALA O 25 -102.46 -37.38 -47.07
CA ALA O 25 -102.16 -37.16 -45.66
C ALA O 25 -100.90 -36.34 -45.46
N VAL O 26 -100.19 -36.01 -46.55
CA VAL O 26 -99.08 -35.06 -46.49
C VAL O 26 -99.59 -33.70 -46.04
N PHE O 27 -100.81 -33.33 -46.44
CA PHE O 27 -101.45 -32.12 -45.94
C PHE O 27 -102.00 -32.30 -44.53
N LYS O 28 -102.06 -33.54 -44.03
CA LYS O 28 -102.47 -33.82 -42.66
C LYS O 28 -101.28 -34.10 -41.75
N ALA O 29 -100.06 -33.95 -42.26
CA ALA O 29 -98.85 -34.03 -41.45
C ALA O 29 -98.84 -32.94 -40.36
N PRO O 30 -98.18 -33.21 -39.22
CA PRO O 30 -98.18 -32.21 -38.13
C PRO O 30 -97.29 -31.01 -38.43
N ILE O 31 -97.63 -29.89 -37.80
CA ILE O 31 -96.93 -28.63 -38.01
C ILE O 31 -96.04 -28.35 -36.80
N ARG O 32 -94.75 -28.13 -37.05
CA ARG O 32 -93.83 -27.68 -35.99
C ARG O 32 -92.94 -26.58 -36.55
N PRO O 33 -93.29 -25.32 -36.29
CA PRO O 33 -92.53 -24.19 -36.85
C PRO O 33 -91.12 -24.07 -36.30
N ASP O 34 -90.87 -24.61 -35.09
CA ASP O 34 -89.50 -24.60 -34.57
C ASP O 34 -88.59 -25.52 -35.36
N ILE O 35 -89.11 -26.69 -35.77
CA ILE O 35 -88.33 -27.58 -36.61
C ILE O 35 -88.19 -26.99 -38.02
N VAL O 36 -89.25 -26.35 -38.54
CA VAL O 36 -89.16 -25.72 -39.86
C VAL O 36 -88.13 -24.60 -39.87
N ASN O 37 -88.09 -23.79 -38.80
CA ASN O 37 -87.13 -22.70 -38.71
C ASN O 37 -85.71 -23.22 -38.52
N PHE O 38 -85.57 -24.31 -37.74
CA PHE O 38 -84.26 -24.95 -37.54
C PHE O 38 -83.68 -25.47 -38.86
N VAL O 39 -84.50 -26.24 -39.60
CA VAL O 39 -84.04 -26.81 -40.88
C VAL O 39 -83.80 -25.72 -41.91
N HIS O 40 -84.63 -24.67 -41.90
CA HIS O 40 -84.45 -23.57 -42.86
C HIS O 40 -83.17 -22.80 -42.59
N THR O 41 -82.90 -22.45 -41.33
CA THR O 41 -81.71 -21.67 -41.03
C THR O 41 -80.44 -22.52 -41.08
N ASN O 42 -80.59 -23.85 -41.05
CA ASN O 42 -79.41 -24.67 -41.27
C ASN O 42 -79.14 -24.92 -42.75
N LEU O 43 -80.20 -25.04 -43.57
CA LEU O 43 -79.98 -25.27 -44.99
C LEU O 43 -79.69 -23.99 -45.76
N ARG O 44 -80.02 -22.83 -45.19
CA ARG O 44 -79.72 -21.57 -45.85
C ARG O 44 -78.24 -21.21 -45.70
N LYS O 45 -77.51 -21.89 -44.82
CA LYS O 45 -76.09 -21.68 -44.70
C LYS O 45 -75.30 -22.49 -45.72
N ASN O 46 -75.95 -23.41 -46.43
CA ASN O 46 -75.23 -24.31 -47.32
C ASN O 46 -74.95 -23.72 -48.70
N ASN O 47 -75.72 -22.73 -49.13
CA ASN O 47 -75.45 -22.02 -50.38
C ASN O 47 -74.78 -20.68 -50.11
N ARG O 48 -73.90 -20.66 -49.11
CA ARG O 48 -73.20 -19.46 -48.69
C ARG O 48 -71.74 -19.59 -49.10
N GLN O 49 -71.24 -18.61 -49.86
CA GLN O 49 -69.87 -18.65 -50.31
C GLN O 49 -68.95 -18.04 -49.25
N PRO O 50 -67.74 -18.59 -49.10
CA PRO O 50 -66.84 -18.10 -48.05
C PRO O 50 -66.26 -16.73 -48.37
N TYR O 51 -65.94 -15.99 -47.32
CA TYR O 51 -65.19 -14.75 -47.40
C TYR O 51 -64.08 -14.79 -46.37
N ALA O 52 -62.92 -14.25 -46.72
CA ALA O 52 -61.76 -14.36 -45.86
C ALA O 52 -60.79 -13.22 -46.10
N VAL O 53 -60.33 -12.60 -45.02
CA VAL O 53 -59.24 -11.63 -45.09
C VAL O 53 -57.92 -12.40 -45.19
N SER O 54 -57.05 -11.96 -46.09
CA SER O 54 -55.83 -12.68 -46.39
C SER O 54 -54.84 -12.61 -45.22
N GLU O 55 -54.01 -13.64 -45.11
CA GLU O 55 -53.04 -13.73 -44.03
C GLU O 55 -51.84 -12.82 -44.27
N LEU O 56 -51.62 -12.39 -45.52
CA LEU O 56 -50.50 -11.50 -45.80
C LEU O 56 -50.87 -10.04 -45.53
N ALA O 57 -52.13 -9.77 -45.20
CA ALA O 57 -52.57 -8.40 -44.97
C ALA O 57 -52.06 -7.88 -43.63
N GLY O 58 -51.03 -7.04 -43.67
CA GLY O 58 -50.51 -6.43 -42.47
C GLY O 58 -49.13 -6.92 -42.07
N HIS O 59 -48.84 -8.19 -42.35
CA HIS O 59 -47.58 -8.79 -41.94
C HIS O 59 -46.49 -8.66 -42.99
N GLN O 60 -46.76 -7.98 -44.11
CA GLN O 60 -45.73 -7.74 -45.10
C GLN O 60 -44.75 -6.67 -44.63
N THR O 61 -45.22 -5.75 -43.78
CA THR O 61 -44.35 -4.72 -43.25
C THR O 61 -43.49 -5.25 -42.11
N SER O 62 -42.23 -4.88 -42.11
CA SER O 62 -41.31 -5.26 -41.04
C SER O 62 -41.21 -4.13 -40.02
N ALA O 63 -41.45 -4.48 -38.75
CA ALA O 63 -41.53 -3.47 -37.70
C ALA O 63 -41.00 -4.07 -36.40
N GLU O 64 -39.84 -3.62 -35.97
CA GLU O 64 -39.30 -3.99 -34.67
C GLU O 64 -39.65 -2.95 -33.64
N SER O 65 -40.01 -3.40 -32.44
CA SER O 65 -40.42 -2.49 -31.37
C SER O 65 -39.22 -1.75 -30.81
N TRP O 66 -39.43 -0.46 -30.53
CA TRP O 66 -38.37 0.36 -29.94
C TRP O 66 -38.14 0.01 -28.48
N GLY O 67 -39.16 -0.53 -27.80
CA GLY O 67 -39.00 -0.92 -26.41
C GLY O 67 -39.06 0.27 -25.47
N THR O 68 -38.23 0.22 -24.44
CA THR O 68 -38.18 1.30 -23.47
C THR O 68 -37.46 2.52 -24.05
N GLY O 69 -37.65 3.65 -23.39
CA GLY O 69 -37.08 4.90 -23.83
C GLY O 69 -37.91 5.56 -24.93
N ARG O 70 -37.40 6.69 -25.35
CA ARG O 70 -37.98 7.43 -26.40
C ARG O 70 -39.46 7.68 -26.33
N ALA O 71 -39.97 7.87 -25.09
CA ALA O 71 -41.33 8.32 -24.73
C ALA O 71 -42.37 7.86 -25.75
N VAL O 72 -42.29 6.58 -26.13
CA VAL O 72 -43.18 5.98 -27.11
C VAL O 72 -43.98 4.88 -26.42
N ALA O 73 -45.03 4.42 -27.11
CA ALA O 73 -46.01 3.56 -26.46
C ALA O 73 -45.69 2.07 -26.58
N ARG O 74 -44.44 1.71 -26.84
CA ARG O 74 -43.95 0.32 -26.88
C ARG O 74 -44.69 -0.49 -27.95
N ILE O 75 -44.67 0.03 -29.18
CA ILE O 75 -45.40 -0.53 -30.32
C ILE O 75 -44.37 -0.79 -31.41
N PRO O 76 -44.48 -1.93 -32.10
CA PRO O 76 -43.63 -2.17 -33.27
C PRO O 76 -43.88 -1.16 -34.38
N ARG O 77 -42.87 -0.35 -34.66
CA ARG O 77 -42.96 0.76 -35.60
C ARG O 77 -42.06 0.51 -36.78
N VAL O 78 -42.32 1.23 -37.88
CA VAL O 78 -41.60 1.02 -39.14
C VAL O 78 -40.17 1.51 -38.99
N ARG O 79 -39.22 0.68 -39.42
CA ARG O 79 -37.78 0.88 -39.16
C ARG O 79 -37.25 1.98 -40.06
N GLY O 80 -37.30 3.22 -39.56
CA GLY O 80 -36.68 4.35 -40.21
C GLY O 80 -37.39 4.79 -41.49
N GLY O 81 -36.70 5.64 -42.25
CA GLY O 81 -37.22 6.13 -43.50
C GLY O 81 -37.50 7.62 -43.51
N GLY O 82 -37.40 8.23 -44.67
CA GLY O 82 -37.75 9.63 -44.78
C GLY O 82 -39.04 9.59 -45.57
N THR O 83 -40.13 9.20 -44.92
CA THR O 83 -41.42 9.10 -45.59
C THR O 83 -42.53 9.02 -44.56
N HIS O 84 -43.70 9.57 -44.85
CA HIS O 84 -44.86 9.60 -43.94
C HIS O 84 -45.10 8.44 -42.97
N ARG O 85 -44.67 7.25 -43.40
CA ARG O 85 -44.71 5.99 -42.68
C ARG O 85 -43.29 5.68 -42.20
N SER O 86 -42.95 6.25 -41.05
CA SER O 86 -41.63 6.08 -40.44
C SER O 86 -41.80 6.27 -38.95
N GLY O 87 -41.72 5.17 -38.20
CA GLY O 87 -42.03 5.23 -36.78
C GLY O 87 -43.51 5.41 -36.52
N GLN O 88 -44.35 4.67 -37.23
CA GLN O 88 -45.80 4.85 -37.19
C GLN O 88 -46.52 3.76 -36.41
N GLY O 89 -46.12 2.50 -36.55
CA GLY O 89 -46.82 1.42 -35.90
C GLY O 89 -47.58 0.55 -36.87
N ALA O 90 -47.06 -0.66 -37.11
CA ALA O 90 -47.61 -1.51 -38.15
C ALA O 90 -48.45 -2.65 -37.58
N PHE O 91 -47.86 -3.44 -36.67
CA PHE O 91 -48.55 -4.61 -36.16
C PHE O 91 -49.60 -4.22 -35.12
N GLY O 92 -50.47 -5.16 -34.81
CA GLY O 92 -51.53 -4.94 -33.86
C GLY O 92 -52.85 -4.57 -34.54
N ASN O 93 -53.94 -4.89 -33.84
CA ASN O 93 -55.26 -4.60 -34.38
C ASN O 93 -55.62 -3.12 -34.24
N MET O 94 -55.06 -2.45 -33.25
CA MET O 94 -55.49 -1.09 -32.94
C MET O 94 -54.75 -0.05 -33.78
N CYS O 95 -53.67 -0.44 -34.45
CA CYS O 95 -52.89 0.52 -35.21
C CYS O 95 -53.51 0.79 -36.58
N ARG O 96 -53.22 1.97 -37.12
CA ARG O 96 -53.67 2.33 -38.45
C ARG O 96 -52.93 1.50 -39.49
N GLY O 97 -53.68 0.92 -40.41
CA GLY O 97 -53.09 -0.04 -41.32
C GLY O 97 -52.83 -1.35 -40.60
N GLY O 98 -51.97 -2.17 -41.17
CA GLY O 98 -51.68 -3.42 -40.51
C GLY O 98 -52.80 -4.43 -40.66
N ARG O 99 -52.98 -5.21 -39.60
CA ARG O 99 -53.94 -6.30 -39.59
C ARG O 99 -55.05 -6.03 -38.59
N MET O 100 -56.22 -6.59 -38.85
CA MET O 100 -57.31 -6.59 -37.89
C MET O 100 -57.21 -7.82 -37.00
N PHE O 101 -57.88 -7.75 -35.84
CA PHE O 101 -57.94 -8.90 -34.94
C PHE O 101 -58.79 -10.00 -35.56
N ALA O 102 -58.34 -11.26 -35.38
CA ALA O 102 -59.01 -12.49 -35.77
C ALA O 102 -59.28 -12.52 -37.27
N PRO O 103 -58.27 -12.74 -38.10
CA PRO O 103 -58.51 -12.85 -39.56
C PRO O 103 -59.41 -14.04 -39.87
N THR O 104 -60.51 -13.75 -40.56
CA THR O 104 -61.52 -14.76 -40.90
C THR O 104 -60.91 -15.77 -41.86
N LYS O 105 -61.04 -17.05 -41.52
CA LYS O 105 -60.31 -18.09 -42.21
C LYS O 105 -61.14 -18.68 -43.35
N THR O 106 -60.45 -19.34 -44.28
CA THR O 106 -61.15 -20.05 -45.34
C THR O 106 -61.77 -21.34 -44.84
N TRP O 107 -61.22 -21.91 -43.79
CA TRP O 107 -61.70 -23.20 -43.26
C TRP O 107 -62.72 -23.03 -42.14
N ARG O 108 -63.51 -21.96 -42.19
CA ARG O 108 -64.64 -21.80 -41.29
C ARG O 108 -65.70 -22.87 -41.58
N ARG O 109 -66.43 -23.29 -40.55
CA ARG O 109 -67.50 -24.25 -40.70
C ARG O 109 -68.73 -23.51 -41.25
N TRP O 110 -68.76 -23.37 -42.58
CA TRP O 110 -69.84 -22.65 -43.22
C TRP O 110 -71.09 -23.51 -43.31
N HIS O 111 -70.92 -24.77 -43.71
CA HIS O 111 -72.04 -25.64 -44.05
C HIS O 111 -72.49 -26.42 -42.82
N ARG O 112 -73.79 -26.43 -42.57
CA ARG O 112 -74.40 -27.19 -41.48
C ARG O 112 -75.24 -28.29 -42.11
N ARG O 113 -75.05 -29.53 -41.66
CA ARG O 113 -75.83 -30.64 -42.18
C ARG O 113 -77.04 -30.92 -41.29
N VAL O 114 -78.13 -31.37 -41.91
CA VAL O 114 -79.38 -31.67 -41.24
C VAL O 114 -79.67 -33.15 -41.48
N ASN O 115 -80.29 -33.79 -40.49
CA ASN O 115 -80.74 -35.17 -40.64
C ASN O 115 -81.82 -35.27 -41.73
N THR O 116 -81.84 -36.43 -42.40
CA THR O 116 -82.73 -36.62 -43.54
C THR O 116 -84.18 -36.68 -43.10
N THR O 117 -84.45 -37.30 -41.95
CA THR O 117 -85.81 -37.34 -41.44
C THR O 117 -86.28 -35.96 -40.98
N GLN O 118 -85.36 -35.12 -40.49
CA GLN O 118 -85.73 -33.75 -40.16
C GLN O 118 -86.00 -32.92 -41.41
N LYS O 119 -85.23 -33.15 -42.48
CA LYS O 119 -85.50 -32.49 -43.76
C LYS O 119 -86.86 -32.90 -44.31
N ARG O 120 -87.19 -34.18 -44.24
CA ARG O 120 -88.48 -34.66 -44.72
C ARG O 120 -89.62 -34.18 -43.83
N TYR O 121 -89.36 -34.03 -42.52
CA TYR O 121 -90.37 -33.49 -41.63
C TYR O 121 -90.62 -32.02 -41.93
N ALA O 122 -89.57 -31.27 -42.29
CA ALA O 122 -89.72 -29.89 -42.68
C ALA O 122 -90.51 -29.76 -43.98
N ILE O 123 -90.26 -30.65 -44.94
CA ILE O 123 -91.04 -30.66 -46.18
C ILE O 123 -92.50 -30.98 -45.91
N CYS O 124 -92.76 -31.98 -45.05
CA CYS O 124 -94.14 -32.36 -44.73
C CYS O 124 -94.89 -31.24 -43.99
N SER O 125 -94.21 -30.54 -43.07
CA SER O 125 -94.86 -29.44 -42.37
C SER O 125 -95.09 -28.25 -43.28
N ALA O 126 -94.14 -27.95 -44.18
CA ALA O 126 -94.30 -26.84 -45.11
C ALA O 126 -95.40 -27.11 -46.12
N LEU O 127 -95.62 -28.39 -46.46
CA LEU O 127 -96.75 -28.71 -47.34
C LEU O 127 -98.07 -28.76 -46.60
N ALA O 128 -98.06 -29.21 -45.34
CA ALA O 128 -99.31 -29.34 -44.60
C ALA O 128 -99.83 -27.98 -44.14
N ALA O 129 -98.94 -27.01 -43.98
CA ALA O 129 -99.41 -25.67 -43.64
C ALA O 129 -99.94 -24.93 -44.85
N SER O 130 -99.72 -25.46 -46.06
CA SER O 130 -100.26 -24.84 -47.26
C SER O 130 -101.70 -25.27 -47.53
N ALA O 131 -102.35 -25.97 -46.59
CA ALA O 131 -103.74 -26.34 -46.78
C ALA O 131 -104.67 -25.56 -45.84
N LEU O 132 -104.15 -25.12 -44.70
CA LEU O 132 -104.97 -24.41 -43.71
C LEU O 132 -105.24 -22.99 -44.19
N PRO O 133 -106.41 -22.41 -43.90
CA PRO O 133 -106.72 -21.08 -44.43
C PRO O 133 -106.00 -19.95 -43.72
N ALA O 134 -105.77 -20.07 -42.41
CA ALA O 134 -105.21 -18.95 -41.66
C ALA O 134 -103.70 -18.88 -41.81
N LEU O 135 -103.04 -20.02 -42.05
CA LEU O 135 -101.59 -20.02 -42.13
C LEU O 135 -101.10 -19.42 -43.43
N VAL O 136 -101.93 -19.44 -44.47
CA VAL O 136 -101.53 -18.86 -45.75
C VAL O 136 -101.67 -17.34 -45.72
N MET O 137 -102.75 -16.84 -45.12
CA MET O 137 -102.94 -15.39 -45.02
C MET O 137 -101.95 -14.77 -44.03
N SER O 138 -101.55 -15.54 -43.01
CA SER O 138 -100.55 -15.04 -42.07
C SER O 138 -99.17 -14.99 -42.69
N LYS O 139 -98.93 -15.74 -43.77
CA LYS O 139 -97.76 -15.49 -44.59
C LYS O 139 -97.89 -14.15 -45.31
N GLY O 140 -99.07 -13.84 -45.84
CA GLY O 140 -99.33 -12.55 -46.41
C GLY O 140 -99.98 -12.56 -47.78
N HIS O 141 -100.32 -13.75 -48.27
CA HIS O 141 -100.84 -13.89 -49.62
C HIS O 141 -102.29 -13.42 -49.70
N ARG O 142 -102.58 -12.53 -50.64
CA ARG O 142 -103.95 -12.08 -50.89
C ARG O 142 -104.69 -13.21 -51.61
N ILE O 143 -105.60 -13.86 -50.90
CA ILE O 143 -106.19 -15.11 -51.37
C ILE O 143 -107.71 -14.99 -51.30
N GLU O 144 -108.19 -13.75 -51.21
CA GLU O 144 -109.61 -13.45 -50.99
C GLU O 144 -110.49 -13.92 -52.15
N GLU O 145 -109.98 -13.90 -53.38
CA GLU O 145 -110.79 -14.30 -54.52
C GLU O 145 -110.45 -15.68 -55.05
N VAL O 146 -109.58 -16.43 -54.38
CA VAL O 146 -109.24 -17.78 -54.84
C VAL O 146 -110.35 -18.75 -54.48
N PRO O 147 -110.85 -19.54 -55.43
CA PRO O 147 -112.03 -20.39 -55.15
C PRO O 147 -111.76 -21.57 -54.22
N GLU O 148 -110.56 -22.12 -54.21
CA GLU O 148 -110.23 -23.19 -53.27
C GLU O 148 -108.75 -23.12 -52.95
N LEU O 149 -108.42 -23.21 -51.66
CA LEU O 149 -107.05 -22.99 -51.24
C LEU O 149 -106.14 -24.17 -51.57
N PRO O 150 -106.57 -25.46 -51.45
CA PRO O 150 -105.83 -26.50 -52.19
C PRO O 150 -106.12 -26.42 -53.68
N LEU O 151 -105.45 -25.49 -54.37
CA LEU O 151 -105.74 -25.18 -55.76
C LEU O 151 -105.15 -26.27 -56.65
N VAL O 152 -106.01 -27.19 -57.08
CA VAL O 152 -105.62 -28.27 -57.98
C VAL O 152 -106.14 -27.93 -59.37
N VAL O 153 -105.25 -27.83 -60.34
CA VAL O 153 -105.59 -27.43 -61.70
C VAL O 153 -105.35 -28.66 -62.59
N GLU O 154 -105.93 -28.64 -63.79
CA GLU O 154 -105.82 -29.76 -64.73
C GLU O 154 -104.38 -29.98 -65.21
N ASP O 155 -104.19 -31.05 -65.96
CA ASP O 155 -102.88 -31.39 -66.52
C ASP O 155 -102.55 -30.61 -67.78
N LYS O 156 -103.38 -29.64 -68.17
CA LYS O 156 -103.07 -28.78 -69.31
C LYS O 156 -102.15 -27.64 -68.94
N VAL O 157 -101.72 -27.53 -67.67
CA VAL O 157 -100.84 -26.45 -67.25
C VAL O 157 -99.43 -26.70 -67.77
N GLU O 158 -99.01 -27.97 -67.81
CA GLU O 158 -97.69 -28.31 -68.38
C GLU O 158 -97.69 -28.12 -69.89
N GLY O 159 -98.86 -28.09 -70.53
CA GLY O 159 -98.93 -27.91 -71.97
C GLY O 159 -98.70 -26.49 -72.44
N TYR O 160 -98.74 -25.52 -71.53
CA TYR O 160 -98.55 -24.13 -71.93
C TYR O 160 -97.08 -23.85 -72.23
N LYS O 161 -96.85 -22.99 -73.24
CA LYS O 161 -95.51 -22.54 -73.59
C LYS O 161 -95.44 -21.04 -73.75
N LYS O 162 -96.47 -20.30 -73.32
CA LYS O 162 -96.54 -18.87 -73.49
C LYS O 162 -96.88 -18.20 -72.17
N THR O 163 -96.12 -17.15 -71.85
CA THR O 163 -96.34 -16.43 -70.58
C THR O 163 -97.63 -15.64 -70.60
N LYS O 164 -98.09 -15.24 -71.80
CA LYS O 164 -99.39 -14.59 -71.90
C LYS O 164 -100.52 -15.56 -71.54
N GLU O 165 -100.40 -16.80 -72.00
CA GLU O 165 -101.39 -17.82 -71.63
C GLU O 165 -101.27 -18.19 -70.15
N ALA O 166 -100.07 -18.10 -69.58
CA ALA O 166 -99.92 -18.35 -68.14
C ALA O 166 -100.53 -17.23 -67.30
N VAL O 167 -100.37 -15.97 -67.76
CA VAL O 167 -101.03 -14.83 -67.10
C VAL O 167 -102.54 -14.98 -67.20
N LEU O 168 -103.04 -15.43 -68.36
CA LEU O 168 -104.47 -15.68 -68.53
C LEU O 168 -104.96 -16.79 -67.60
N LEU O 169 -104.15 -17.83 -67.39
CA LEU O 169 -104.47 -18.88 -66.43
C LEU O 169 -104.54 -18.33 -65.01
N LEU O 170 -103.61 -17.44 -64.67
CA LEU O 170 -103.65 -16.80 -63.34
C LEU O 170 -104.84 -15.88 -63.18
N LYS O 171 -105.28 -15.22 -64.26
CA LYS O 171 -106.49 -14.40 -64.20
C LYS O 171 -107.73 -15.27 -64.00
N LYS O 172 -107.79 -16.42 -64.68
CA LYS O 172 -108.94 -17.29 -64.52
C LYS O 172 -108.95 -17.99 -63.16
N LEU O 173 -107.78 -18.26 -62.60
CA LEU O 173 -107.71 -18.81 -61.26
C LEU O 173 -107.82 -17.75 -60.17
N LYS O 174 -107.79 -16.46 -60.55
CA LYS O 174 -108.01 -15.31 -59.67
C LYS O 174 -106.98 -15.25 -58.55
N ALA O 175 -105.77 -15.70 -58.84
CA ALA O 175 -104.63 -15.52 -57.96
C ALA O 175 -103.73 -14.37 -58.41
N TRP O 176 -104.20 -13.54 -59.35
CA TRP O 176 -103.40 -12.45 -59.88
C TRP O 176 -103.19 -11.32 -58.88
N ASN O 177 -103.99 -11.28 -57.80
CA ASN O 177 -103.81 -10.25 -56.78
C ASN O 177 -102.47 -10.38 -56.05
N ASP O 178 -101.97 -11.62 -55.90
CA ASP O 178 -100.66 -11.81 -55.27
C ASP O 178 -99.54 -11.32 -56.18
N ILE O 179 -99.67 -11.55 -57.50
CA ILE O 179 -98.65 -11.07 -58.44
C ILE O 179 -98.70 -9.55 -58.54
N LYS O 180 -99.91 -8.97 -58.46
CA LYS O 180 -100.02 -7.51 -58.44
C LYS O 180 -99.47 -6.93 -57.14
N LYS O 181 -99.58 -7.68 -56.04
CA LYS O 181 -98.92 -7.31 -54.79
C LYS O 181 -97.41 -7.35 -54.93
N VAL O 182 -96.89 -8.30 -55.71
CA VAL O 182 -95.45 -8.35 -55.99
C VAL O 182 -95.02 -7.13 -56.82
N TYR O 183 -95.81 -6.77 -57.83
CA TYR O 183 -95.50 -5.57 -58.63
C TYR O 183 -95.56 -4.30 -57.78
N ALA O 184 -96.51 -4.23 -56.85
CA ALA O 184 -96.57 -3.06 -55.96
C ALA O 184 -95.43 -3.07 -54.95
N SER O 185 -94.92 -4.24 -54.59
CA SER O 185 -93.87 -4.35 -53.59
C SER O 185 -92.48 -4.59 -54.18
N GLN O 186 -92.28 -4.36 -55.46
CA GLN O 186 -90.92 -4.25 -55.99
C GLN O 186 -90.34 -2.92 -55.54
N ARG O 187 -89.35 -2.95 -54.63
CA ARG O 187 -88.78 -1.73 -54.10
C ARG O 187 -87.27 -1.92 -53.92
N MET O 188 -86.62 -0.86 -53.41
CA MET O 188 -85.17 -0.82 -53.29
C MET O 188 -84.73 -1.50 -51.98
N ARG O 189 -83.61 -2.21 -52.04
CA ARG O 189 -83.00 -2.79 -50.86
C ARG O 189 -82.30 -1.73 -50.02
N ALA O 190 -82.46 -1.79 -48.71
CA ALA O 190 -81.85 -0.84 -47.78
C ALA O 190 -80.44 -1.32 -47.44
N GLY O 191 -79.46 -0.44 -47.63
CA GLY O 191 -78.12 -0.66 -47.09
C GLY O 191 -77.09 -0.80 -48.19
N LYS O 192 -75.99 -1.50 -47.86
CA LYS O 192 -74.87 -1.69 -48.76
C LYS O 192 -75.04 -2.88 -49.69
N GLY O 193 -76.25 -3.47 -49.76
CA GLY O 193 -76.46 -4.58 -50.67
C GLY O 193 -76.66 -4.15 -52.11
N LYS O 194 -76.83 -2.84 -52.34
CA LYS O 194 -77.09 -2.35 -53.69
C LYS O 194 -75.84 -2.41 -54.57
N MET O 195 -74.67 -2.32 -53.96
CA MET O 195 -73.40 -2.41 -54.68
C MET O 195 -72.79 -3.80 -54.61
N ARG O 196 -73.57 -4.81 -54.23
CA ARG O 196 -73.09 -6.18 -54.11
C ARG O 196 -74.01 -7.13 -54.88
N ASN O 197 -74.56 -6.64 -56.00
CA ASN O 197 -75.43 -7.40 -56.92
C ASN O 197 -76.68 -7.92 -56.23
N ARG O 198 -77.24 -7.11 -55.34
CA ARG O 198 -78.51 -7.39 -54.68
C ARG O 198 -79.37 -6.13 -54.74
N ARG O 199 -79.47 -5.56 -55.94
CA ARG O 199 -80.07 -4.24 -56.12
C ARG O 199 -81.58 -4.24 -55.90
N ARG O 200 -82.31 -5.02 -56.70
CA ARG O 200 -83.76 -5.01 -56.63
C ARG O 200 -84.27 -6.19 -55.82
N ILE O 201 -85.23 -5.92 -54.93
CA ILE O 201 -85.89 -6.94 -54.14
C ILE O 201 -87.38 -6.92 -54.46
N GLN O 202 -88.03 -8.04 -54.22
CA GLN O 202 -89.45 -8.18 -54.48
C GLN O 202 -90.01 -9.27 -53.59
N ARG O 203 -91.32 -9.21 -53.38
CA ARG O 203 -92.01 -10.22 -52.59
C ARG O 203 -92.09 -11.53 -53.36
N ARG O 204 -91.92 -12.63 -52.64
CA ARG O 204 -92.18 -13.94 -53.22
C ARG O 204 -93.68 -14.11 -53.50
N GLY O 205 -93.99 -14.80 -54.58
CA GLY O 205 -95.35 -15.02 -54.96
C GLY O 205 -95.78 -16.46 -54.75
N PRO O 206 -96.89 -16.86 -55.38
CA PRO O 206 -97.36 -18.24 -55.24
C PRO O 206 -96.44 -19.23 -55.93
N CYS O 207 -96.07 -20.28 -55.21
CA CYS O 207 -95.25 -21.33 -55.80
C CYS O 207 -96.10 -22.19 -56.74
N VAL O 208 -95.46 -22.78 -57.74
CA VAL O 208 -96.12 -23.70 -58.67
C VAL O 208 -95.30 -24.98 -58.70
N ILE O 209 -95.96 -26.12 -58.47
CA ILE O 209 -95.29 -27.42 -58.48
C ILE O 209 -95.74 -28.22 -59.69
N TYR O 210 -94.78 -28.63 -60.52
CA TYR O 210 -95.05 -29.39 -61.73
C TYR O 210 -94.41 -30.77 -61.62
N ASN O 211 -94.99 -31.73 -62.35
CA ASN O 211 -94.43 -33.07 -62.36
C ASN O 211 -93.38 -33.22 -63.46
N GLU O 212 -93.75 -32.95 -64.72
CA GLU O 212 -92.84 -33.00 -65.84
C GLU O 212 -92.70 -31.60 -66.44
N ASP O 213 -91.58 -31.36 -67.11
CA ASP O 213 -91.33 -30.07 -67.75
C ASP O 213 -91.64 -30.21 -69.23
N ASN O 214 -92.81 -29.70 -69.64
CA ASN O 214 -93.18 -29.71 -71.05
C ASN O 214 -93.41 -28.28 -71.50
N GLY O 215 -92.56 -27.36 -71.06
CA GLY O 215 -92.71 -25.94 -71.35
C GLY O 215 -93.33 -25.14 -70.23
N ILE O 216 -93.66 -25.76 -69.10
CA ILE O 216 -94.28 -25.05 -67.99
C ILE O 216 -93.28 -24.11 -67.32
N VAL O 217 -91.99 -24.47 -67.31
CA VAL O 217 -90.97 -23.59 -66.75
C VAL O 217 -90.76 -22.37 -67.63
N LYS O 218 -90.75 -22.57 -68.94
CA LYS O 218 -90.63 -21.45 -69.87
C LYS O 218 -91.89 -20.59 -69.86
N ALA O 219 -93.03 -21.17 -69.49
CA ALA O 219 -94.27 -20.41 -69.45
C ALA O 219 -94.45 -19.65 -68.14
N PHE O 220 -93.87 -20.13 -67.04
CA PHE O 220 -94.14 -19.50 -65.74
C PHE O 220 -92.93 -18.88 -65.06
N ARG O 221 -91.72 -18.93 -65.65
CA ARG O 221 -90.58 -18.35 -64.93
C ARG O 221 -90.45 -16.85 -65.17
N ASN O 222 -91.01 -16.34 -66.27
CA ASN O 222 -90.80 -14.93 -66.60
C ASN O 222 -91.75 -14.00 -65.85
N ILE O 223 -92.71 -14.55 -65.11
CA ILE O 223 -93.57 -13.73 -64.26
C ILE O 223 -92.88 -13.55 -62.91
N PRO O 224 -92.72 -12.31 -62.42
CA PRO O 224 -91.99 -12.10 -61.15
C PRO O 224 -92.82 -12.54 -59.95
N GLY O 225 -92.24 -13.45 -59.16
CA GLY O 225 -92.85 -13.93 -57.93
C GLY O 225 -93.01 -15.43 -57.89
N ILE O 226 -93.39 -16.04 -59.02
CA ILE O 226 -93.67 -17.48 -59.06
C ILE O 226 -92.35 -18.24 -59.05
N THR O 227 -92.19 -19.14 -58.08
CA THR O 227 -91.08 -20.08 -58.05
C THR O 227 -91.60 -21.44 -58.47
N LEU O 228 -90.85 -22.11 -59.33
CA LEU O 228 -91.23 -23.43 -59.82
C LEU O 228 -90.50 -24.51 -59.05
N LEU O 229 -91.25 -25.56 -58.69
CA LEU O 229 -90.67 -26.70 -58.01
C LEU O 229 -91.14 -27.98 -58.70
N ASN O 230 -90.28 -28.98 -58.69
CA ASN O 230 -90.62 -30.32 -59.13
C ASN O 230 -91.14 -31.12 -57.93
N VAL O 231 -91.87 -32.20 -58.23
CA VAL O 231 -92.52 -32.97 -57.17
C VAL O 231 -91.50 -33.77 -56.38
N THR O 232 -90.54 -34.40 -57.06
CA THR O 232 -89.54 -35.19 -56.35
C THR O 232 -88.41 -34.31 -55.82
N LYS O 233 -88.30 -33.09 -56.31
CA LYS O 233 -87.21 -32.20 -55.94
C LYS O 233 -87.70 -30.96 -55.20
N LEU O 234 -88.62 -31.16 -54.26
CA LEU O 234 -89.11 -30.05 -53.43
C LEU O 234 -88.00 -29.53 -52.52
N ASN O 235 -88.08 -28.23 -52.22
CA ASN O 235 -87.05 -27.53 -51.47
C ASN O 235 -87.67 -26.80 -50.29
N ILE O 236 -87.04 -26.95 -49.12
CA ILE O 236 -87.48 -26.31 -47.90
C ILE O 236 -87.34 -24.79 -48.02
N LEU O 237 -86.27 -24.35 -48.69
CA LEU O 237 -85.97 -22.91 -48.81
C LEU O 237 -86.99 -22.19 -49.69
N LYS O 238 -87.71 -22.93 -50.53
CA LYS O 238 -88.74 -22.32 -51.36
C LYS O 238 -90.15 -22.63 -50.88
N LEU O 239 -90.33 -23.71 -50.13
CA LEU O 239 -91.65 -23.98 -49.55
C LEU O 239 -91.91 -23.16 -48.30
N ALA O 240 -90.85 -22.80 -47.56
CA ALA O 240 -90.97 -21.98 -46.36
C ALA O 240 -89.96 -20.84 -46.46
N PRO O 241 -90.33 -19.72 -47.09
CA PRO O 241 -89.38 -18.62 -47.25
C PRO O 241 -89.15 -17.88 -45.94
N GLY O 242 -87.89 -17.85 -45.52
CA GLY O 242 -87.53 -17.13 -44.32
C GLY O 242 -87.91 -17.81 -43.02
N GLY O 243 -88.20 -19.10 -43.06
CA GLY O 243 -88.61 -19.81 -41.86
C GLY O 243 -90.04 -19.59 -41.46
N HIS O 244 -90.81 -18.87 -42.27
CA HIS O 244 -92.23 -18.66 -42.04
C HIS O 244 -92.99 -19.69 -42.86
N VAL O 245 -93.86 -20.42 -42.19
CA VAL O 245 -94.41 -21.66 -42.72
C VAL O 245 -95.72 -21.32 -43.44
N GLY O 246 -96.04 -22.09 -44.48
CA GLY O 246 -97.30 -21.93 -45.18
C GLY O 246 -97.31 -20.98 -46.35
N ARG O 247 -96.45 -21.23 -47.33
CA ARG O 247 -96.49 -20.52 -48.60
C ARG O 247 -97.56 -21.15 -49.50
N PHE O 248 -98.30 -20.29 -50.19
CA PHE O 248 -99.37 -20.74 -51.09
C PHE O 248 -98.78 -21.43 -52.31
N CYS O 249 -99.27 -22.64 -52.58
CA CYS O 249 -98.78 -23.48 -53.66
C CYS O 249 -99.88 -23.75 -54.67
N ILE O 250 -99.48 -24.00 -55.91
CA ILE O 250 -100.39 -24.33 -57.01
C ILE O 250 -99.99 -25.70 -57.51
N TRP O 251 -100.88 -26.67 -57.34
CA TRP O 251 -100.63 -28.04 -57.75
C TRP O 251 -101.40 -28.38 -59.01
N THR O 252 -100.80 -29.23 -59.84
CA THR O 252 -101.53 -29.83 -60.95
C THR O 252 -102.13 -31.15 -60.50
N GLU O 253 -102.78 -31.84 -61.43
CA GLU O 253 -103.45 -33.10 -61.08
C GLU O 253 -102.44 -34.20 -60.80
N SER O 254 -101.44 -34.37 -61.67
CA SER O 254 -100.42 -35.39 -61.44
C SER O 254 -99.53 -35.04 -60.25
N ALA O 255 -99.23 -33.75 -60.07
CA ALA O 255 -98.45 -33.33 -58.91
C ALA O 255 -99.22 -33.48 -57.62
N PHE O 256 -100.55 -33.38 -57.68
CA PHE O 256 -101.36 -33.53 -56.48
C PHE O 256 -101.61 -35.00 -56.16
N ARG O 257 -101.57 -35.86 -57.19
CA ARG O 257 -101.70 -37.29 -56.95
C ARG O 257 -100.36 -37.94 -56.59
N LYS O 258 -99.23 -37.32 -56.95
CA LYS O 258 -97.94 -37.96 -56.75
C LYS O 258 -97.44 -37.84 -55.31
N LEU O 259 -98.11 -37.03 -54.47
CA LEU O 259 -97.71 -36.93 -53.07
C LEU O 259 -98.03 -38.21 -52.30
N ASP O 260 -99.09 -38.91 -52.71
CA ASP O 260 -99.43 -40.18 -52.08
C ASP O 260 -98.45 -41.27 -52.50
N ASP O 261 -97.83 -41.12 -53.67
CA ASP O 261 -96.78 -42.06 -54.06
C ASP O 261 -95.46 -41.73 -53.41
N LEU O 262 -95.19 -40.44 -53.15
CA LEU O 262 -93.98 -40.05 -52.46
C LEU O 262 -94.01 -40.45 -50.98
N TYR O 263 -94.97 -39.91 -50.23
CA TYR O 263 -94.97 -40.06 -48.79
C TYR O 263 -96.00 -41.06 -48.28
N GLY O 264 -97.15 -41.17 -48.94
CA GLY O 264 -98.16 -42.14 -48.52
C GLY O 264 -98.92 -41.72 -47.28
N THR O 265 -99.86 -42.55 -46.84
CA THR O 265 -100.58 -42.32 -45.60
C THR O 265 -99.80 -42.94 -44.43
N TRP O 266 -100.45 -43.01 -43.26
CA TRP O 266 -99.76 -43.54 -42.09
C TRP O 266 -99.66 -45.06 -42.13
N ARG O 267 -100.60 -45.74 -42.79
CA ARG O 267 -100.59 -47.19 -42.86
C ARG O 267 -99.96 -47.72 -44.13
N LYS O 268 -99.63 -46.86 -45.09
CA LYS O 268 -98.94 -47.27 -46.32
C LYS O 268 -97.57 -46.61 -46.32
N ALA O 269 -96.52 -47.40 -46.47
CA ALA O 269 -95.17 -46.87 -46.48
C ALA O 269 -94.88 -46.13 -47.78
N ALA O 270 -93.74 -45.46 -47.82
CA ALA O 270 -93.34 -44.71 -49.01
C ALA O 270 -92.94 -45.66 -50.12
N SER O 271 -93.53 -45.45 -51.30
CA SER O 271 -93.22 -46.32 -52.44
C SER O 271 -91.95 -45.89 -53.14
N LEU O 272 -91.76 -44.57 -53.34
CA LEU O 272 -90.56 -44.11 -54.02
C LEU O 272 -89.36 -44.04 -53.08
N LYS O 273 -89.59 -43.72 -51.81
CA LYS O 273 -88.50 -43.68 -50.85
C LYS O 273 -88.27 -45.07 -50.26
N SER O 274 -87.10 -45.26 -49.65
CA SER O 274 -86.73 -46.58 -49.15
C SER O 274 -87.47 -46.92 -47.86
N ASN O 275 -87.21 -46.16 -46.80
CA ASN O 275 -87.83 -46.43 -45.49
C ASN O 275 -88.18 -45.09 -44.86
N TYR O 276 -89.41 -44.65 -45.08
CA TYR O 276 -89.90 -43.42 -44.48
C TYR O 276 -91.41 -43.51 -44.34
N ASN O 277 -91.90 -43.46 -43.11
CA ASN O 277 -93.32 -43.34 -42.85
C ASN O 277 -93.65 -41.88 -42.54
N LEU O 278 -94.95 -41.60 -42.41
CA LEU O 278 -95.36 -40.29 -41.97
C LEU O 278 -95.03 -40.10 -40.48
N PRO O 279 -94.76 -38.87 -40.06
CA PRO O 279 -94.51 -38.63 -38.64
C PRO O 279 -95.76 -38.77 -37.80
N MET O 280 -95.55 -39.00 -36.50
CA MET O 280 -96.65 -39.28 -35.60
C MET O 280 -97.10 -38.02 -34.88
N HIS O 281 -98.41 -37.82 -34.79
CA HIS O 281 -98.96 -36.71 -34.04
C HIS O 281 -98.77 -36.91 -32.55
N LYS O 282 -98.34 -35.86 -31.87
CA LYS O 282 -98.25 -35.91 -30.41
C LYS O 282 -99.64 -35.90 -29.78
N MET O 283 -100.56 -35.14 -30.37
CA MET O 283 -101.96 -35.17 -29.95
C MET O 283 -102.82 -35.05 -31.21
N LEU O 284 -103.96 -35.74 -31.21
CA LEU O 284 -104.80 -35.78 -32.41
C LEU O 284 -105.81 -34.64 -32.41
N ASN O 285 -106.68 -34.59 -31.41
CA ASN O 285 -107.67 -33.52 -31.30
C ASN O 285 -106.97 -32.28 -30.79
N THR O 286 -106.46 -31.46 -31.71
CA THR O 286 -105.71 -30.28 -31.33
C THR O 286 -106.61 -29.15 -30.84
N ASP O 287 -107.90 -29.20 -31.16
CA ASP O 287 -108.84 -28.20 -30.67
C ASP O 287 -109.14 -28.47 -29.20
N LEU O 288 -108.38 -27.83 -28.30
CA LEU O 288 -108.56 -28.11 -26.88
C LEU O 288 -109.79 -27.44 -26.29
N SER O 289 -110.39 -26.48 -27.00
CA SER O 289 -111.57 -25.79 -26.48
C SER O 289 -112.77 -26.72 -26.40
N ARG O 290 -113.00 -27.51 -27.45
CA ARG O 290 -114.07 -28.51 -27.44
C ARG O 290 -113.77 -29.62 -26.42
N ILE O 291 -112.48 -29.89 -26.18
CA ILE O 291 -112.10 -30.84 -25.14
C ILE O 291 -112.46 -30.30 -23.76
N LEU O 292 -112.24 -29.00 -23.54
CA LEU O 292 -112.51 -28.41 -22.23
C LEU O 292 -114.01 -28.29 -21.97
N LYS O 293 -114.79 -27.82 -22.95
CA LYS O 293 -116.24 -27.73 -22.76
C LYS O 293 -116.95 -28.98 -23.30
N SER O 294 -116.45 -30.12 -22.86
CA SER O 294 -117.01 -31.43 -23.18
C SER O 294 -117.77 -31.99 -21.98
N PRO O 295 -118.77 -32.83 -22.21
CA PRO O 295 -119.50 -33.43 -21.07
C PRO O 295 -118.68 -34.44 -20.28
N GLU O 296 -117.58 -34.95 -20.82
CA GLU O 296 -116.77 -35.93 -20.10
C GLU O 296 -115.96 -35.27 -18.99
N ILE O 297 -115.31 -34.15 -19.30
CA ILE O 297 -114.39 -33.53 -18.33
C ILE O 297 -115.16 -32.67 -17.34
N GLN O 298 -116.17 -31.93 -17.82
CA GLN O 298 -116.86 -30.93 -16.98
C GLN O 298 -117.71 -31.56 -15.87
N ARG O 299 -117.90 -32.88 -15.89
CA ARG O 299 -118.63 -33.54 -14.82
C ARG O 299 -117.82 -33.57 -13.54
N ALA O 300 -116.59 -34.07 -13.60
CA ALA O 300 -115.74 -34.24 -12.42
C ALA O 300 -114.75 -33.08 -12.32
N LEU O 301 -115.28 -31.90 -12.05
CA LEU O 301 -114.47 -30.73 -11.77
C LEU O 301 -115.00 -30.04 -10.52
N ARG O 302 -114.16 -29.21 -9.92
CA ARG O 302 -114.60 -28.45 -8.76
C ARG O 302 -115.21 -27.11 -9.20
N ALA O 303 -115.64 -26.34 -8.22
CA ALA O 303 -116.26 -25.05 -8.50
C ALA O 303 -115.18 -24.00 -8.79
N PRO O 304 -115.43 -23.13 -9.77
CA PRO O 304 -114.47 -22.05 -10.07
C PRO O 304 -114.54 -20.94 -9.02
N ARG O 305 -113.43 -20.72 -8.34
CA ARG O 305 -113.33 -19.66 -7.34
C ARG O 305 -112.85 -18.39 -8.04
N LYS O 306 -113.80 -17.62 -8.57
CA LYS O 306 -113.49 -16.44 -9.36
C LYS O 306 -113.76 -15.13 -8.64
N LYS O 307 -114.03 -15.16 -7.35
CA LYS O 307 -114.24 -13.93 -6.59
C LYS O 307 -112.90 -13.32 -6.21
N ILE O 308 -112.68 -12.08 -6.62
CA ILE O 308 -111.43 -11.39 -6.35
C ILE O 308 -111.44 -10.90 -4.90
N HIS O 309 -110.49 -11.39 -4.11
CA HIS O 309 -110.39 -11.04 -2.70
C HIS O 309 -109.17 -10.14 -2.52
N ARG O 310 -109.42 -8.86 -2.29
CA ARG O 310 -108.35 -7.89 -2.09
C ARG O 310 -108.02 -7.80 -0.61
N ARG O 311 -107.07 -6.92 -0.26
CA ARG O 311 -106.70 -6.76 1.13
C ARG O 311 -107.75 -5.95 1.88
N VAL O 312 -108.03 -6.35 3.11
CA VAL O 312 -108.90 -5.58 3.98
C VAL O 312 -108.05 -4.62 4.80
N LEU O 313 -108.54 -3.40 4.98
CA LEU O 313 -107.81 -2.40 5.77
C LEU O 313 -108.01 -2.70 7.25
N LYS O 314 -106.91 -2.97 7.95
CA LYS O 314 -106.99 -3.28 9.37
C LYS O 314 -107.28 -2.02 10.18
N LYS O 315 -108.52 -1.85 10.59
CA LYS O 315 -108.90 -0.75 11.44
C LYS O 315 -108.66 -1.13 12.90
N ASN O 316 -108.12 -0.19 13.67
CA ASN O 316 -107.65 -0.47 15.02
C ASN O 316 -108.83 -0.66 15.96
N PRO O 317 -108.99 -1.83 16.59
CA PRO O 317 -110.16 -2.05 17.48
C PRO O 317 -110.13 -1.21 18.76
N LEU O 318 -108.99 -0.62 19.12
CA LEU O 318 -108.95 0.28 20.26
C LEU O 318 -109.66 1.59 19.94
N LYS O 319 -109.36 2.17 18.79
CA LYS O 319 -110.00 3.42 18.39
C LYS O 319 -111.37 3.16 17.76
N ASN O 320 -111.45 2.24 16.82
CA ASN O 320 -112.68 1.98 16.09
C ASN O 320 -113.60 1.14 16.97
N LEU O 321 -114.91 1.37 16.87
CA LEU O 321 -115.84 0.69 17.76
C LEU O 321 -116.43 -0.57 17.12
N ARG O 322 -116.80 -0.49 15.84
CA ARG O 322 -117.55 -1.59 15.24
C ARG O 322 -116.63 -2.73 14.83
N ILE O 323 -115.35 -2.44 14.57
CA ILE O 323 -114.37 -3.51 14.38
C ILE O 323 -114.15 -4.25 15.70
N MET O 324 -114.16 -3.51 16.82
CA MET O 324 -114.08 -4.12 18.13
C MET O 324 -115.31 -4.97 18.43
N LEU O 325 -116.48 -4.52 17.97
CA LEU O 325 -117.68 -5.34 18.12
C LEU O 325 -117.64 -6.59 17.26
N LYS O 326 -117.08 -6.47 16.04
CA LYS O 326 -116.98 -7.63 15.15
C LYS O 326 -115.99 -8.66 15.69
N LEU O 327 -114.90 -8.22 16.30
CA LEU O 327 -113.93 -9.15 16.85
C LEU O 327 -114.36 -9.65 18.23
N ASN O 328 -115.20 -8.90 18.93
CA ASN O 328 -115.61 -9.21 20.29
C ASN O 328 -117.01 -8.67 20.54
N PRO O 329 -118.03 -9.53 20.60
CA PRO O 329 -119.39 -9.06 20.90
C PRO O 329 -119.58 -8.60 22.34
N TYR O 330 -118.72 -9.03 23.25
CA TYR O 330 -118.88 -8.66 24.66
C TYR O 330 -118.35 -7.26 24.94
N ALA O 331 -117.64 -6.65 23.97
CA ALA O 331 -117.17 -5.28 24.14
C ALA O 331 -118.32 -4.28 24.13
N LYS O 332 -119.45 -4.66 23.53
CA LYS O 332 -120.66 -3.82 23.59
C LYS O 332 -121.14 -3.68 25.02
N THR O 333 -121.18 -4.78 25.77
CA THR O 333 -121.57 -4.69 27.17
C THR O 333 -120.45 -4.15 28.04
N MET O 334 -119.19 -4.37 27.66
CA MET O 334 -118.07 -3.79 28.40
C MET O 334 -118.05 -2.28 28.30
N ARG O 335 -118.47 -1.73 27.16
CA ARG O 335 -118.50 -0.27 27.03
C ARG O 335 -119.87 0.30 27.40
N ARG O 336 -120.92 -0.53 27.42
CA ARG O 336 -122.17 -0.08 28.01
C ARG O 336 -122.06 0.04 29.52
N ASN O 337 -121.39 -0.92 30.16
CA ASN O 337 -120.95 -0.73 31.53
C ASN O 337 -119.74 0.20 31.54
N THR O 338 -119.35 0.64 32.74
CA THR O 338 -118.34 1.66 33.03
C THR O 338 -118.62 3.01 32.36
N ILE O 339 -119.87 3.26 31.97
CA ILE O 339 -120.33 4.62 31.69
C ILE O 339 -121.39 4.90 32.74
N LEU O 340 -122.36 3.99 32.85
CA LEU O 340 -123.39 4.08 33.88
C LEU O 340 -122.79 3.94 35.26
N ARG O 341 -121.80 3.05 35.41
CA ARG O 341 -121.13 2.86 36.70
C ARG O 341 -120.33 4.10 37.09
N GLN O 342 -119.60 4.68 36.13
CA GLN O 342 -118.82 5.88 36.42
C GLN O 342 -119.73 7.08 36.68
N ALA O 343 -120.87 7.15 35.97
CA ALA O 343 -121.81 8.25 36.19
C ALA O 343 -122.51 8.11 37.53
N ARG O 344 -122.84 6.88 37.94
CA ARG O 344 -123.43 6.66 39.25
C ARG O 344 -122.43 6.95 40.36
N ASN O 345 -121.16 6.60 40.16
CA ASN O 345 -120.13 6.96 41.14
C ASN O 345 -119.91 8.47 41.19
N HIS O 346 -120.05 9.16 40.05
CA HIS O 346 -119.91 10.61 40.04
C HIS O 346 -121.09 11.28 40.74
N LYS O 347 -122.30 10.75 40.56
CA LYS O 347 -123.46 11.28 41.28
C LYS O 347 -123.35 11.02 42.77
N LEU O 348 -122.80 9.86 43.16
CA LEU O 348 -122.54 9.61 44.58
C LEU O 348 -121.47 10.54 45.13
N ARG O 349 -120.48 10.90 44.31
CA ARG O 349 -119.47 11.87 44.72
C ARG O 349 -120.07 13.25 44.91
N VAL O 350 -121.00 13.64 44.02
CA VAL O 350 -121.68 14.93 44.16
C VAL O 350 -122.58 14.94 45.40
N GLU O 351 -123.22 13.80 45.70
CA GLU O 351 -124.04 13.72 46.91
C GLU O 351 -123.20 13.77 48.18
N ARG O 352 -122.01 13.14 48.15
CA ARG O 352 -121.10 13.23 49.29
C ARG O 352 -120.56 14.64 49.47
N ALA O 353 -120.28 15.34 48.37
CA ALA O 353 -119.84 16.73 48.47
C ALA O 353 -120.95 17.64 48.98
N ALA O 354 -122.19 17.37 48.59
CA ALA O 354 -123.32 18.15 49.08
C ALA O 354 -123.57 17.88 50.56
N ALA O 355 -123.40 16.63 51.00
CA ALA O 355 -123.51 16.32 52.42
C ALA O 355 -122.38 16.95 53.23
N ALA O 356 -121.18 17.03 52.65
CA ALA O 356 -120.07 17.70 53.33
C ALA O 356 -120.32 19.20 53.44
N LEU O 357 -120.88 19.82 52.40
CA LEU O 357 -121.21 21.23 52.46
C LEU O 357 -122.35 21.51 53.45
N ALA O 358 -123.31 20.58 53.54
CA ALA O 358 -124.37 20.73 54.52
C ALA O 358 -123.85 20.56 55.95
N ALA O 359 -122.86 19.68 56.13
CA ALA O 359 -122.25 19.53 57.46
C ALA O 359 -121.39 20.73 57.82
N LYS O 360 -120.75 21.35 56.83
CA LYS O 360 -119.99 22.58 57.09
C LYS O 360 -120.91 23.75 57.36
N SER O 361 -122.10 23.76 56.75
CA SER O 361 -123.06 24.82 57.02
C SER O 361 -123.69 24.66 58.41
N ASP O 362 -124.15 23.45 58.73
CA ASP O 362 -124.74 23.19 60.04
C ASP O 362 -123.65 23.05 61.10
N GLY P 1 41.62 61.67 -3.71
CA GLY P 1 41.27 61.97 -5.09
C GLY P 1 41.74 60.92 -6.07
N ILE P 2 41.81 61.31 -7.35
CA ILE P 2 42.35 60.43 -8.38
C ILE P 2 43.86 60.31 -8.20
N SER P 3 44.31 59.15 -7.75
CA SER P 3 45.71 58.97 -7.42
C SER P 3 46.48 58.40 -8.60
N ARG P 4 47.72 58.85 -8.75
CA ARG P 4 48.70 58.23 -9.63
C ARG P 4 49.63 57.41 -8.77
N ASP P 5 49.54 56.10 -8.88
CA ASP P 5 50.27 55.22 -7.97
C ASP P 5 50.45 53.85 -8.61
N ASN P 6 51.54 53.20 -8.24
CA ASN P 6 51.82 51.88 -8.79
C ASN P 6 51.25 50.77 -7.91
N TRP P 7 50.81 51.09 -6.69
CA TRP P 7 50.39 50.03 -5.76
C TRP P 7 48.94 49.62 -5.97
N HIS P 8 48.17 50.39 -6.75
CA HIS P 8 46.76 50.06 -6.87
C HIS P 8 46.50 49.00 -7.94
N LYS P 9 47.50 48.67 -8.74
CA LYS P 9 47.32 47.76 -9.86
C LYS P 9 48.15 46.49 -9.64
N ARG P 10 48.09 45.61 -10.64
CA ARG P 10 48.65 44.27 -10.51
C ARG P 10 50.17 44.28 -10.66
N ARG P 11 50.78 43.14 -10.38
CA ARG P 11 52.22 42.96 -10.52
C ARG P 11 52.59 42.69 -11.97
N LYS P 12 53.84 42.29 -12.17
CA LYS P 12 54.28 41.78 -13.47
C LYS P 12 53.71 40.38 -13.72
N THR P 13 53.72 39.51 -12.71
CA THR P 13 53.28 38.14 -12.90
C THR P 13 51.76 38.03 -13.04
N GLY P 14 51.02 38.99 -12.48
CA GLY P 14 49.57 39.00 -12.55
C GLY P 14 48.89 38.99 -11.21
N GLY P 15 49.64 38.89 -10.11
CA GLY P 15 49.03 38.93 -8.80
C GLY P 15 48.56 40.31 -8.42
N LYS P 16 47.76 40.37 -7.36
CA LYS P 16 47.20 41.63 -6.89
C LYS P 16 48.05 42.21 -5.77
N ARG P 17 48.39 43.49 -5.89
CA ARG P 17 49.06 44.17 -4.79
C ARG P 17 48.05 44.50 -3.70
N LYS P 18 48.36 44.09 -2.47
CA LYS P 18 47.46 44.38 -1.37
C LYS P 18 47.84 45.71 -0.74
N PRO P 19 46.88 46.55 -0.35
CA PRO P 19 47.19 47.91 0.10
C PRO P 19 47.83 47.93 1.48
N TYR P 20 49.05 48.45 1.56
CA TYR P 20 49.71 48.61 2.85
C TYR P 20 49.65 50.05 3.36
N HIS P 21 49.26 50.99 2.51
CA HIS P 21 49.01 52.37 2.93
C HIS P 21 47.84 52.93 2.13
N LYS P 22 47.29 54.03 2.60
CA LYS P 22 46.23 54.72 1.88
C LYS P 22 46.84 55.67 0.84
N LYS P 23 45.97 56.43 0.17
CA LYS P 23 46.43 57.36 -0.85
C LYS P 23 47.15 58.55 -0.21
N ARG P 24 48.25 58.96 -0.84
CA ARG P 24 49.11 60.00 -0.33
C ARG P 24 48.92 61.30 -1.10
N LYS P 25 49.63 62.33 -0.65
CA LYS P 25 49.56 63.64 -1.30
C LYS P 25 50.55 63.77 -2.45
N TYR P 26 51.62 62.97 -2.46
CA TYR P 26 52.54 62.97 -3.58
C TYR P 26 52.10 62.02 -4.69
N GLU P 27 51.29 61.01 -4.36
CA GLU P 27 50.64 60.16 -5.36
C GLU P 27 49.29 60.78 -5.76
N LEU P 28 49.36 61.94 -6.39
CA LEU P 28 48.18 62.76 -6.63
C LEU P 28 48.06 63.10 -8.12
N GLY P 29 46.85 62.94 -8.66
CA GLY P 29 46.50 63.48 -9.94
C GLY P 29 45.34 64.45 -9.84
N ARG P 30 45.20 65.27 -10.88
CA ARG P 30 44.18 66.32 -10.91
C ARG P 30 43.33 66.11 -12.15
N PRO P 31 42.10 66.63 -12.17
CA PRO P 31 41.26 66.49 -13.37
C PRO P 31 41.82 67.23 -14.57
N ALA P 32 41.40 66.80 -15.75
CA ALA P 32 41.97 67.29 -17.00
C ALA P 32 41.55 68.72 -17.28
N ALA P 33 42.44 69.47 -17.94
CA ALA P 33 42.10 70.83 -18.33
C ALA P 33 41.14 70.83 -19.51
N ASN P 34 41.56 70.24 -20.64
CA ASN P 34 40.78 70.14 -21.88
C ASN P 34 40.35 71.53 -22.38
N THR P 35 41.35 72.33 -22.76
CA THR P 35 41.10 73.72 -23.13
C THR P 35 40.42 73.81 -24.50
N LYS P 36 39.58 74.83 -24.66
CA LYS P 36 38.83 75.04 -25.90
C LYS P 36 39.40 76.24 -26.66
N ILE P 37 38.70 76.62 -27.72
CA ILE P 37 39.09 77.79 -28.51
C ILE P 37 38.10 78.92 -28.24
N GLY P 38 38.62 80.06 -27.79
CA GLY P 38 37.80 81.20 -27.46
C GLY P 38 38.60 82.28 -26.75
N PRO P 39 37.91 83.20 -26.07
CA PRO P 39 38.62 84.24 -25.32
C PRO P 39 39.35 83.67 -24.11
N ARG P 40 40.50 84.27 -23.79
CA ARG P 40 41.48 83.65 -22.89
C ARG P 40 40.96 83.56 -21.46
N ARG P 41 41.04 82.34 -20.90
CA ARG P 41 40.59 82.06 -19.54
C ARG P 41 41.60 81.08 -18.92
N ILE P 42 42.51 81.64 -18.13
CA ILE P 42 43.60 80.87 -17.51
C ILE P 42 43.44 80.93 -16.00
N HIS P 43 43.37 79.77 -15.37
CA HIS P 43 43.26 79.65 -13.92
C HIS P 43 44.57 79.09 -13.37
N THR P 44 45.06 79.66 -12.29
CA THR P 44 46.28 79.16 -11.67
C THR P 44 45.95 78.06 -10.66
N VAL P 45 46.86 77.09 -10.55
CA VAL P 45 46.72 75.97 -9.64
C VAL P 45 48.03 75.83 -8.88
N ARG P 46 47.96 75.91 -7.55
CA ARG P 46 49.15 75.66 -6.74
C ARG P 46 49.42 74.17 -6.66
N VAL P 47 50.69 73.81 -6.84
CA VAL P 47 51.13 72.42 -6.92
C VAL P 47 52.21 72.19 -5.88
N ARG P 48 52.79 70.98 -5.91
CA ARG P 48 53.82 70.58 -4.97
C ARG P 48 55.06 71.45 -5.09
N GLY P 49 55.56 71.91 -3.94
CA GLY P 49 56.72 72.79 -3.92
C GLY P 49 56.38 74.26 -3.94
N GLY P 50 55.11 74.62 -3.80
CA GLY P 50 54.71 76.02 -3.80
C GLY P 50 54.76 76.67 -5.16
N ASN P 51 54.73 75.88 -6.23
CA ASN P 51 54.79 76.41 -7.58
C ASN P 51 53.37 76.53 -8.16
N LYS P 52 53.28 77.20 -9.31
CA LYS P 52 52.01 77.45 -9.98
C LYS P 52 52.00 76.79 -11.34
N LYS P 53 50.83 76.28 -11.73
CA LYS P 53 50.60 75.76 -13.07
C LYS P 53 49.39 76.48 -13.65
N TYR P 54 49.49 76.88 -14.91
CA TYR P 54 48.45 77.70 -15.53
C TYR P 54 47.57 76.82 -16.41
N ARG P 55 46.41 76.45 -15.88
CA ARG P 55 45.40 75.69 -16.61
C ARG P 55 44.69 76.63 -17.56
N ALA P 56 44.89 76.42 -18.86
CA ALA P 56 44.07 77.11 -19.85
C ALA P 56 42.73 76.39 -19.98
N LEU P 57 41.68 77.16 -20.22
CA LEU P 57 40.35 76.60 -20.40
C LEU P 57 39.73 77.01 -21.73
N ARG P 58 39.98 78.23 -22.17
CA ARG P 58 39.78 78.66 -23.55
C ARG P 58 41.00 79.47 -23.97
N LEU P 59 41.51 79.20 -25.16
CA LEU P 59 42.73 79.85 -25.60
C LEU P 59 42.71 79.96 -27.11
N ASP P 60 43.04 81.15 -27.64
CA ASP P 60 42.91 81.42 -29.06
C ASP P 60 44.22 81.71 -29.77
N VAL P 61 45.23 82.23 -29.09
CA VAL P 61 46.45 82.71 -29.73
C VAL P 61 47.61 81.80 -29.36
N GLY P 62 48.66 81.88 -30.16
CA GLY P 62 49.85 81.07 -29.93
C GLY P 62 51.05 81.56 -30.71
N ASN P 63 52.25 81.42 -30.15
CA ASN P 63 53.47 81.95 -30.77
C ASN P 63 54.08 80.85 -31.63
N PHE P 64 53.65 80.81 -32.89
CA PHE P 64 54.04 79.77 -33.82
C PHE P 64 55.27 80.18 -34.63
N SER P 65 56.19 79.23 -34.79
CA SER P 65 57.48 79.45 -35.42
C SER P 65 57.47 78.87 -36.83
N TRP P 66 58.04 79.62 -37.77
CA TRP P 66 58.20 79.15 -39.14
C TRP P 66 59.67 78.81 -39.34
N GLY P 67 59.98 77.51 -39.38
CA GLY P 67 61.31 77.05 -39.04
C GLY P 67 62.32 77.24 -40.16
N SER P 68 61.84 77.51 -41.38
CA SER P 68 62.74 77.71 -42.51
C SER P 68 63.48 79.02 -42.40
N GLU P 69 62.82 80.07 -41.91
CA GLU P 69 63.44 81.39 -41.83
C GLU P 69 63.71 81.83 -40.41
N CYS P 70 63.31 81.02 -39.42
CA CYS P 70 63.43 81.31 -37.98
C CYS P 70 62.75 82.64 -37.63
N CYS P 71 61.43 82.70 -37.80
CA CYS P 71 60.64 83.89 -37.49
C CYS P 71 59.27 83.46 -36.94
N THR P 72 59.11 83.60 -35.63
CA THR P 72 57.85 83.27 -34.99
C THR P 72 56.96 84.50 -34.87
N ARG P 73 55.65 84.24 -34.82
CA ARG P 73 54.66 85.29 -34.64
C ARG P 73 53.54 84.78 -33.75
N LYS P 74 52.92 85.72 -33.02
CA LYS P 74 51.71 85.40 -32.26
C LYS P 74 50.51 85.43 -33.19
N THR P 75 49.82 84.29 -33.30
CA THR P 75 48.79 84.11 -34.32
C THR P 75 47.58 83.43 -33.70
N ARG P 76 46.39 83.87 -34.13
CA ARG P 76 45.14 83.30 -33.66
C ARG P 76 44.94 81.89 -34.23
N ILE P 77 44.51 80.96 -33.36
CA ILE P 77 44.19 79.59 -33.76
C ILE P 77 42.68 79.56 -34.02
N ILE P 78 42.28 79.11 -35.21
CA ILE P 78 40.87 79.18 -35.59
C ILE P 78 40.22 77.80 -35.60
N ASP P 79 41.00 76.73 -35.80
CA ASP P 79 40.42 75.41 -35.95
C ASP P 79 41.48 74.35 -35.63
N VAL P 80 41.01 73.21 -35.14
CA VAL P 80 41.86 72.04 -34.93
C VAL P 80 41.38 70.94 -35.87
N VAL P 81 42.30 70.41 -36.68
CA VAL P 81 41.94 69.52 -37.78
C VAL P 81 42.39 68.09 -37.50
N TYR P 82 43.60 67.91 -36.98
CA TYR P 82 44.13 66.57 -36.80
C TYR P 82 44.70 66.42 -35.39
N ASN P 83 44.46 65.26 -34.79
CA ASN P 83 45.01 64.89 -33.50
C ASN P 83 45.21 63.39 -33.50
N ALA P 84 46.46 62.96 -33.28
CA ALA P 84 46.80 61.55 -33.46
C ALA P 84 46.31 60.69 -32.29
N SER P 85 46.08 61.30 -31.13
CA SER P 85 45.69 60.51 -29.97
C SER P 85 44.23 60.07 -30.04
N ASN P 86 43.32 61.04 -30.14
CA ASN P 86 41.89 60.72 -30.10
C ASN P 86 41.17 61.60 -31.11
N ASN P 87 40.31 60.98 -31.93
CA ASN P 87 39.48 61.73 -32.87
C ASN P 87 38.32 62.42 -32.19
N GLU P 88 38.03 62.09 -30.93
CA GLU P 88 37.14 62.90 -30.11
C GLU P 88 37.71 64.30 -29.91
N LEU P 89 39.04 64.41 -29.81
CA LEU P 89 39.69 65.71 -29.72
C LEU P 89 39.74 66.41 -31.07
N VAL P 90 39.51 65.68 -32.17
CA VAL P 90 39.31 66.31 -33.46
C VAL P 90 37.90 66.88 -33.55
N ARG P 91 36.91 66.09 -33.11
CA ARG P 91 35.51 66.51 -33.21
C ARG P 91 35.21 67.67 -32.27
N THR P 92 35.40 67.47 -30.96
CA THR P 92 35.34 68.56 -29.99
C THR P 92 36.69 69.26 -30.02
N LYS P 93 36.69 70.55 -30.35
CA LYS P 93 37.91 71.32 -30.56
C LYS P 93 38.68 71.51 -29.26
N THR P 94 39.77 70.75 -29.09
CA THR P 94 40.51 70.73 -27.83
C THR P 94 42.00 70.75 -28.12
N LEU P 95 42.70 71.70 -27.52
CA LEU P 95 44.14 71.88 -27.73
C LEU P 95 44.90 71.03 -26.72
N VAL P 96 45.64 70.03 -27.21
CA VAL P 96 46.68 69.36 -26.45
C VAL P 96 47.96 69.48 -27.25
N LYS P 97 49.03 68.87 -26.73
CA LYS P 97 50.29 68.83 -27.44
C LYS P 97 50.15 67.93 -28.67
N ASN P 98 50.88 68.27 -29.73
CA ASN P 98 50.86 67.62 -31.05
C ASN P 98 49.49 67.67 -31.70
N CYS P 99 48.78 68.79 -31.59
CA CYS P 99 47.60 69.05 -32.41
C CYS P 99 48.03 69.72 -33.71
N ILE P 100 47.20 69.58 -34.75
CA ILE P 100 47.43 70.23 -36.03
C ILE P 100 46.32 71.27 -36.20
N VAL P 101 46.68 72.54 -36.08
CA VAL P 101 45.71 73.63 -36.09
C VAL P 101 45.85 74.46 -37.35
N LEU P 102 44.79 75.18 -37.70
CA LEU P 102 44.80 76.14 -38.79
C LEU P 102 44.92 77.55 -38.22
N ILE P 103 45.82 78.34 -38.81
CA ILE P 103 46.06 79.71 -38.36
C ILE P 103 46.04 80.67 -39.55
N ASP P 104 45.78 81.95 -39.24
CA ASP P 104 45.74 82.98 -40.27
C ASP P 104 47.16 83.28 -40.75
N SER P 105 47.34 83.34 -42.06
CA SER P 105 48.65 83.49 -42.66
C SER P 105 49.10 84.94 -42.79
N THR P 106 48.31 85.89 -42.27
CA THR P 106 48.61 87.33 -42.45
C THR P 106 49.90 87.84 -41.79
N PRO P 107 50.34 87.41 -40.59
CA PRO P 107 51.64 87.92 -40.11
C PRO P 107 52.83 87.37 -40.88
N TYR P 108 52.77 86.11 -41.30
CA TYR P 108 53.86 85.56 -42.11
C TYR P 108 53.88 86.18 -43.51
N ARG P 109 52.68 86.50 -44.04
CA ARG P 109 52.59 87.21 -45.30
C ARG P 109 53.16 88.62 -45.19
N GLN P 110 52.87 89.30 -44.07
CA GLN P 110 53.41 90.65 -43.84
C GLN P 110 54.93 90.62 -43.68
N TRP P 111 55.45 89.60 -42.99
CA TRP P 111 56.89 89.46 -42.83
C TRP P 111 57.57 89.18 -44.17
N TYR P 112 56.95 88.33 -44.99
CA TYR P 112 57.54 87.99 -46.29
C TYR P 112 57.53 89.19 -47.22
N GLU P 113 56.45 89.97 -47.20
CA GLU P 113 56.37 91.17 -48.02
C GLU P 113 57.33 92.26 -47.53
N SER P 114 57.57 92.31 -46.22
CA SER P 114 58.49 93.32 -45.70
C SER P 114 59.95 92.91 -45.89
N HIS P 115 60.22 91.60 -45.99
CA HIS P 115 61.60 91.14 -46.07
C HIS P 115 62.04 90.93 -47.53
N TYR P 116 61.33 90.08 -48.27
CA TYR P 116 61.76 89.72 -49.61
C TYR P 116 61.13 90.56 -50.71
N ALA P 117 60.12 91.38 -50.37
CA ALA P 117 59.42 92.30 -51.28
C ALA P 117 58.83 91.59 -52.50
N LEU P 118 58.28 90.40 -52.29
CA LEU P 118 57.65 89.60 -53.32
C LEU P 118 56.19 89.35 -52.96
N PRO P 119 55.31 89.15 -53.95
CA PRO P 119 53.93 88.83 -53.63
C PRO P 119 53.78 87.42 -53.06
N LEU P 120 52.81 87.29 -52.16
CA LEU P 120 52.62 86.05 -51.41
C LEU P 120 51.12 85.86 -51.22
N GLY P 121 50.65 84.65 -51.52
CA GLY P 121 49.21 84.44 -51.68
C GLY P 121 48.76 85.16 -52.93
N ARG P 122 47.84 86.12 -52.77
CA ARG P 122 47.48 87.10 -53.80
C ARG P 122 46.99 86.51 -55.11
N LYS P 123 45.80 85.92 -55.10
CA LYS P 123 45.06 85.52 -56.30
C LYS P 123 45.01 86.67 -57.30
N LYS P 124 45.34 86.35 -58.55
CA LYS P 124 45.70 87.34 -59.56
C LYS P 124 44.47 88.15 -59.96
N GLY P 125 44.58 89.47 -59.86
CA GLY P 125 43.49 90.36 -60.20
C GLY P 125 43.27 91.45 -59.16
N ALA P 126 43.56 91.15 -57.91
CA ALA P 126 43.30 92.09 -56.83
C ALA P 126 44.49 93.00 -56.58
N LYS P 127 44.21 94.27 -56.29
CA LYS P 127 45.22 95.24 -55.91
C LYS P 127 44.77 95.94 -54.64
N LEU P 128 45.73 96.44 -53.86
CA LEU P 128 45.41 97.01 -52.56
C LEU P 128 45.04 98.48 -52.71
N THR P 129 43.82 98.83 -52.29
CA THR P 129 43.37 100.22 -52.35
C THR P 129 43.92 101.11 -51.22
N PRO P 130 44.12 100.65 -49.96
CA PRO P 130 44.83 101.53 -49.01
C PRO P 130 46.31 101.75 -49.31
N GLU P 131 46.90 100.97 -50.23
CA GLU P 131 48.20 101.21 -50.88
C GLU P 131 49.38 101.05 -49.91
N GLU P 132 49.14 100.56 -48.68
CA GLU P 132 50.20 100.47 -47.69
C GLU P 132 51.19 99.36 -48.04
N GLU P 133 50.69 98.19 -48.45
CA GLU P 133 51.59 97.11 -48.87
C GLU P 133 52.29 97.46 -50.18
N GLU P 134 51.66 98.29 -51.02
CA GLU P 134 52.32 98.75 -52.23
C GLU P 134 53.47 99.70 -51.91
N ILE P 135 53.28 100.56 -50.90
CA ILE P 135 54.37 101.43 -50.44
C ILE P 135 55.49 100.60 -49.81
N LEU P 136 55.14 99.56 -49.05
CA LEU P 136 56.14 98.69 -48.43
C LEU P 136 56.89 97.87 -49.47
N ASN P 137 56.24 97.56 -50.60
CA ASN P 137 56.91 96.81 -51.65
C ASN P 137 57.79 97.72 -52.51
N LYS P 138 57.31 98.92 -52.83
CA LYS P 138 58.04 99.85 -53.68
C LYS P 138 58.98 100.71 -52.84
N LYS P 139 59.48 101.79 -53.46
CA LYS P 139 60.30 102.84 -52.84
C LYS P 139 61.62 102.31 -52.28
N ARG P 140 62.46 101.74 -53.13
CA ARG P 140 63.76 101.26 -52.70
C ARG P 140 64.88 102.13 -53.22
N SER P 141 65.98 102.19 -52.44
CA SER P 141 67.16 102.92 -52.86
C SER P 141 68.06 102.05 -53.74
N LYS P 142 69.08 102.69 -54.30
CA LYS P 142 69.92 102.03 -55.31
C LYS P 142 70.82 100.96 -54.67
N LYS P 143 71.42 101.27 -53.52
CA LYS P 143 72.33 100.31 -52.92
C LYS P 143 71.58 99.22 -52.16
N ILE P 144 70.31 99.48 -51.81
CA ILE P 144 69.55 98.49 -51.04
C ILE P 144 68.72 97.62 -51.97
N GLN P 145 68.51 98.06 -53.23
CA GLN P 145 67.91 97.19 -54.23
C GLN P 145 68.82 96.01 -54.55
N LYS P 146 70.14 96.21 -54.46
CA LYS P 146 71.08 95.11 -54.52
C LYS P 146 70.86 94.11 -53.38
N LYS P 147 70.57 94.62 -52.18
CA LYS P 147 70.36 93.74 -51.03
C LYS P 147 69.07 92.94 -51.18
N TYR P 148 68.01 93.59 -51.66
CA TYR P 148 66.76 92.86 -51.90
C TYR P 148 66.90 91.88 -53.06
N ASP P 149 67.73 92.20 -54.05
CA ASP P 149 67.95 91.26 -55.16
C ASP P 149 68.78 90.06 -54.70
N GLU P 150 69.69 90.27 -53.75
CA GLU P 150 70.42 89.14 -53.18
C GLU P 150 69.53 88.33 -52.24
N ARG P 151 68.52 88.97 -51.64
CA ARG P 151 67.53 88.22 -50.87
C ARG P 151 66.62 87.40 -51.79
N LYS P 152 66.40 87.89 -53.02
CA LYS P 152 65.46 87.25 -53.94
C LYS P 152 65.98 85.89 -54.43
N LYS P 153 67.30 85.67 -54.35
CA LYS P 153 67.86 84.38 -54.78
C LYS P 153 67.46 83.25 -53.83
N ASN P 154 67.35 83.54 -52.53
CA ASN P 154 66.97 82.55 -51.54
C ASN P 154 65.52 82.69 -51.09
N ALA P 155 64.62 83.08 -52.00
CA ALA P 155 63.21 83.28 -51.67
C ALA P 155 62.32 82.23 -52.31
N LYS P 156 62.83 81.03 -52.51
CA LYS P 156 62.04 79.95 -53.09
C LYS P 156 61.21 79.27 -52.00
N ILE P 157 59.90 79.19 -52.25
CA ILE P 157 58.95 78.64 -51.28
C ILE P 157 58.37 77.35 -51.88
N SER P 158 57.93 76.45 -51.00
CA SER P 158 57.36 75.18 -51.45
C SER P 158 55.96 75.39 -52.01
N SER P 159 55.54 74.45 -52.86
CA SER P 159 54.28 74.61 -53.59
C SER P 159 53.07 74.40 -52.68
N LEU P 160 53.14 73.40 -51.78
CA LEU P 160 52.03 73.16 -50.86
C LEU P 160 51.91 74.27 -49.84
N LEU P 161 53.05 74.78 -49.36
CA LEU P 161 53.06 75.94 -48.47
C LEU P 161 52.51 77.17 -49.19
N GLU P 162 52.81 77.32 -50.48
CA GLU P 162 52.30 78.47 -51.23
C GLU P 162 50.79 78.36 -51.46
N GLU P 163 50.30 77.14 -51.68
CA GLU P 163 48.85 76.94 -51.79
C GLU P 163 48.16 77.19 -50.45
N GLN P 164 48.81 76.87 -49.33
CA GLN P 164 48.21 77.12 -48.03
C GLN P 164 48.24 78.61 -47.69
N PHE P 165 49.28 79.32 -48.12
CA PHE P 165 49.28 80.78 -48.00
C PHE P 165 48.21 81.41 -48.91
N GLN P 166 47.95 80.79 -50.07
CA GLN P 166 46.93 81.31 -50.97
C GLN P 166 45.53 81.09 -50.40
N GLN P 167 45.32 79.95 -49.74
CA GLN P 167 44.05 79.73 -49.05
C GLN P 167 43.89 80.64 -47.85
N GLY P 168 44.97 80.85 -47.09
CA GLY P 168 44.92 81.79 -45.98
C GLY P 168 45.09 81.14 -44.62
N LYS P 169 45.14 79.82 -44.60
CA LYS P 169 45.26 79.05 -43.36
C LYS P 169 46.49 78.14 -43.42
N LEU P 170 47.28 78.19 -42.36
CA LEU P 170 48.50 77.40 -42.25
C LEU P 170 48.33 76.30 -41.22
N LEU P 171 48.97 75.16 -41.47
CA LEU P 171 48.94 74.04 -40.53
C LEU P 171 50.11 74.14 -39.56
N ALA P 172 49.80 74.14 -38.27
CA ALA P 172 50.82 74.27 -37.24
C ALA P 172 50.64 73.18 -36.19
N CYS P 173 51.75 72.56 -35.81
CA CYS P 173 51.77 71.51 -34.81
C CYS P 173 52.07 72.13 -33.45
N ILE P 174 51.23 71.82 -32.47
CA ILE P 174 51.41 72.28 -31.10
C ILE P 174 52.63 71.58 -30.51
N ALA P 175 53.59 72.36 -30.03
CA ALA P 175 54.80 71.83 -29.42
C ALA P 175 54.83 72.01 -27.91
N SER P 176 54.22 73.07 -27.40
CA SER P 176 54.15 73.27 -25.95
C SER P 176 53.02 72.44 -25.36
N ARG P 177 53.09 72.23 -24.05
CA ARG P 177 52.01 71.57 -23.33
C ARG P 177 51.02 72.61 -22.79
N PRO P 178 49.83 72.70 -23.37
CA PRO P 178 48.94 73.84 -23.06
C PRO P 178 48.24 73.72 -21.72
N GLY P 179 48.03 72.51 -21.20
CA GLY P 179 47.41 72.36 -19.91
C GLY P 179 48.33 72.63 -18.75
N GLN P 180 49.64 72.68 -18.98
CA GLN P 180 50.62 72.81 -17.91
C GLN P 180 51.14 74.24 -17.79
N CYS P 181 51.72 74.79 -18.86
CA CYS P 181 52.35 76.11 -18.78
C CYS P 181 51.38 77.24 -19.09
N GLY P 182 50.39 77.00 -19.97
CA GLY P 182 49.39 77.98 -20.31
C GLY P 182 49.48 78.49 -21.74
N ARG P 183 50.60 78.25 -22.41
CA ARG P 183 50.78 78.69 -23.79
C ARG P 183 50.53 77.52 -24.75
N ALA P 184 50.22 77.88 -26.00
CA ALA P 184 49.89 76.91 -27.03
C ALA P 184 50.82 77.10 -28.22
N ASP P 185 52.12 77.16 -27.93
CA ASP P 185 53.13 77.44 -28.94
C ASP P 185 53.39 76.22 -29.81
N GLY P 186 54.15 76.42 -30.88
CA GLY P 186 54.42 75.35 -31.81
C GLY P 186 55.09 75.78 -33.10
N TYR P 187 54.98 74.96 -34.14
CA TYR P 187 55.74 75.18 -35.37
C TYR P 187 54.91 74.86 -36.59
N VAL P 188 55.07 75.67 -37.63
CA VAL P 188 54.35 75.48 -38.88
C VAL P 188 54.94 74.29 -39.63
N LEU P 189 54.09 73.40 -40.14
CA LEU P 189 54.55 72.19 -40.80
C LEU P 189 55.15 72.53 -42.16
N GLU P 190 56.24 71.84 -42.52
CA GLU P 190 56.90 72.03 -43.80
C GLU P 190 57.37 70.69 -44.35
N GLY P 191 57.34 70.57 -45.67
CA GLY P 191 57.94 69.44 -46.37
C GLY P 191 57.24 68.10 -46.22
N LYS P 192 58.01 67.09 -45.83
CA LYS P 192 57.49 65.73 -45.67
C LYS P 192 56.48 65.67 -44.52
N GLU P 193 56.69 66.50 -43.49
CA GLU P 193 55.73 66.63 -42.40
C GLU P 193 54.38 67.11 -42.91
N LEU P 194 54.41 68.16 -43.74
CA LEU P 194 53.17 68.71 -44.29
C LEU P 194 52.51 67.73 -45.24
N GLU P 195 53.31 66.99 -46.02
CA GLU P 195 52.77 66.00 -46.94
C GLU P 195 52.12 64.84 -46.19
N PHE P 196 52.72 64.42 -45.08
CA PHE P 196 52.17 63.33 -44.28
C PHE P 196 50.87 63.74 -43.60
N TYR P 197 50.84 64.95 -43.01
CA TYR P 197 49.61 65.39 -42.37
C TYR P 197 48.51 65.71 -43.37
N LEU P 198 48.86 66.20 -44.57
CA LEU P 198 47.82 66.42 -45.58
C LEU P 198 47.32 65.10 -46.15
N ARG P 199 48.18 64.08 -46.22
CA ARG P 199 47.72 62.76 -46.63
C ARG P 199 46.78 62.15 -45.58
N LYS P 200 47.06 62.38 -44.29
CA LYS P 200 46.18 61.88 -43.25
C LYS P 200 44.86 62.65 -43.22
N ILE P 201 44.89 63.96 -43.50
CA ILE P 201 43.66 64.75 -43.59
C ILE P 201 42.82 64.31 -44.79
N LYS P 202 43.48 64.01 -45.92
CA LYS P 202 42.76 63.54 -47.11
C LYS P 202 42.18 62.14 -46.89
N ALA P 203 42.90 61.30 -46.14
CA ALA P 203 42.39 59.97 -45.83
C ALA P 203 41.22 60.05 -44.84
N ARG P 204 41.24 61.01 -43.92
CA ARG P 204 40.13 61.20 -43.01
C ARG P 204 38.91 61.77 -43.74
N LYS P 205 39.14 62.66 -44.70
CA LYS P 205 38.03 63.26 -45.44
C LYS P 205 37.39 62.26 -46.39
N GLY P 206 38.21 61.57 -47.20
CA GLY P 206 37.71 60.59 -48.13
C GLY P 206 36.98 61.17 -49.32
N PRO Q 1 61.86 55.59 25.09
CA PRO Q 1 63.13 56.32 24.94
C PRO Q 1 63.55 57.02 26.22
N VAL Q 2 64.20 56.29 27.13
CA VAL Q 2 64.74 56.85 28.35
C VAL Q 2 66.25 56.62 28.36
N ALA Q 3 66.95 57.43 29.16
CA ALA Q 3 68.41 57.43 29.17
C ALA Q 3 68.92 56.52 30.29
N ARG Q 4 69.15 55.26 29.92
CA ARG Q 4 69.67 54.26 30.84
C ARG Q 4 70.33 53.12 30.08
N SER Q 5 70.95 52.21 30.82
CA SER Q 5 71.94 51.30 30.25
C SER Q 5 71.31 50.06 29.64
N TRP Q 6 70.49 49.35 30.42
CA TRP Q 6 69.96 48.01 30.16
C TRP Q 6 71.05 46.99 29.85
N VAL Q 7 72.25 47.14 30.43
CA VAL Q 7 73.36 46.23 30.17
C VAL Q 7 73.69 45.48 31.46
N CYS Q 8 73.55 44.16 31.42
CA CYS Q 8 73.85 43.32 32.57
C CYS Q 8 74.17 41.91 32.06
N ARG Q 9 74.80 41.12 32.92
CA ARG Q 9 75.23 39.79 32.56
C ARG Q 9 75.35 38.93 33.81
N LYS Q 10 74.88 37.69 33.70
CA LYS Q 10 75.07 36.73 34.78
C LYS Q 10 76.53 36.35 34.89
N THR Q 11 77.09 36.52 36.09
CA THR Q 11 78.48 36.19 36.35
C THR Q 11 78.69 34.73 36.69
N TYR Q 12 77.63 33.95 36.83
CA TYR Q 12 77.75 32.54 37.19
C TYR Q 12 76.84 31.72 36.30
N VAL Q 13 77.28 30.48 36.03
CA VAL Q 13 76.49 29.51 35.30
C VAL Q 13 76.45 28.21 36.09
N THR Q 14 75.25 27.77 36.42
CA THR Q 14 74.98 26.53 37.15
C THR Q 14 75.45 25.32 36.34
N PRO Q 15 75.92 24.27 37.01
CA PRO Q 15 76.32 23.06 36.30
C PRO Q 15 75.12 22.30 35.75
N ARG Q 16 75.41 21.40 34.79
CA ARG Q 16 74.35 20.66 34.12
C ARG Q 16 73.75 19.60 35.03
N ARG Q 17 74.55 18.97 35.88
CA ARG Q 17 74.06 17.93 36.77
C ARG Q 17 73.97 18.46 38.19
N PRO Q 18 72.81 18.35 38.83
CA PRO Q 18 72.62 19.06 40.11
C PRO Q 18 73.22 18.34 41.32
N PHE Q 19 73.30 17.02 41.30
CA PHE Q 19 73.64 16.26 42.50
C PHE Q 19 74.82 15.33 42.25
N GLU Q 20 75.88 15.84 41.62
CA GLU Q 20 77.11 15.07 41.48
C GLU Q 20 77.86 15.06 42.82
N LYS Q 21 78.14 13.85 43.31
CA LYS Q 21 78.77 13.71 44.63
C LYS Q 21 80.20 14.22 44.63
N SER Q 22 80.96 13.92 43.56
CA SER Q 22 82.33 14.39 43.48
C SER Q 22 82.41 15.90 43.27
N ARG Q 23 81.44 16.46 42.54
CA ARG Q 23 81.40 17.90 42.34
C ARG Q 23 81.05 18.63 43.64
N LEU Q 24 80.09 18.09 44.40
CA LEU Q 24 79.76 18.67 45.69
C LEU Q 24 80.90 18.50 46.68
N ASP Q 25 81.65 17.39 46.57
CA ASP Q 25 82.84 17.16 47.36
C ASP Q 25 83.91 18.22 47.09
N GLN Q 26 84.17 18.49 45.81
CA GLN Q 26 85.21 19.47 45.45
C GLN Q 26 84.79 20.89 45.83
N GLU Q 27 83.53 21.23 45.60
CA GLU Q 27 83.05 22.58 45.95
C GLU Q 27 82.99 22.77 47.47
N LEU Q 28 82.65 21.72 48.20
CA LEU Q 28 82.59 21.81 49.66
C LEU Q 28 83.99 21.92 50.24
N LYS Q 29 84.97 21.23 49.63
CA LYS Q 29 86.36 21.40 50.04
C LYS Q 29 86.87 22.80 49.74
N LEU Q 30 86.47 23.37 48.60
CA LEU Q 30 86.88 24.74 48.26
C LEU Q 30 86.32 25.76 49.25
N ILE Q 31 85.03 25.62 49.61
CA ILE Q 31 84.41 26.55 50.56
C ILE Q 31 85.02 26.38 51.95
N GLY Q 32 85.23 25.12 52.38
CA GLY Q 32 85.80 24.91 53.70
C GLY Q 32 87.28 25.26 53.78
N GLU Q 33 87.96 25.32 52.64
CA GLU Q 33 89.36 25.72 52.64
C GLU Q 33 89.49 27.24 52.66
N TYR Q 34 88.76 27.93 51.79
CA TYR Q 34 89.00 29.36 51.61
C TYR Q 34 87.91 30.26 52.20
N GLY Q 35 86.99 29.71 53.00
CA GLY Q 35 86.05 30.53 53.74
C GLY Q 35 85.02 31.24 52.89
N LEU Q 36 84.17 30.50 52.19
CA LEU Q 36 83.22 31.09 51.27
C LEU Q 36 81.81 31.11 51.87
N ARG Q 37 80.89 31.75 51.16
CA ARG Q 37 79.53 31.91 51.68
C ARG Q 37 78.53 30.93 51.07
N ASN Q 38 78.69 30.54 49.81
CA ASN Q 38 77.74 29.66 49.15
C ASN Q 38 78.41 28.99 47.96
N LYS Q 39 77.59 28.25 47.18
CA LYS Q 39 78.08 27.61 45.96
C LYS Q 39 78.14 28.60 44.80
N ARG Q 40 77.39 29.71 44.90
CA ARG Q 40 77.45 30.74 43.86
C ARG Q 40 78.82 31.42 43.84
N GLU Q 41 79.47 31.49 45.01
CA GLU Q 41 80.82 32.04 45.07
C GLU Q 41 81.83 31.14 44.38
N VAL Q 42 81.58 29.83 44.38
CA VAL Q 42 82.39 28.91 43.60
C VAL Q 42 82.07 29.06 42.11
N TRP Q 43 80.78 29.14 41.79
CA TRP Q 43 80.33 29.08 40.40
C TRP Q 43 80.69 30.34 39.62
N ARG Q 44 80.73 31.50 40.28
CA ARG Q 44 81.07 32.72 39.54
C ARG Q 44 82.56 32.79 39.23
N VAL Q 45 83.40 32.28 40.12
CA VAL Q 45 84.83 32.22 39.82
C VAL Q 45 85.10 31.14 38.78
N LYS Q 46 84.31 30.06 38.81
CA LYS Q 46 84.37 29.05 37.77
C LYS Q 46 83.97 29.61 36.41
N PHE Q 47 83.01 30.53 36.39
CA PHE Q 47 82.58 31.08 35.10
C PHE Q 47 83.54 32.16 34.59
N THR Q 48 84.20 32.89 35.50
CA THR Q 48 85.27 33.80 35.05
C THR Q 48 86.48 33.01 34.56
N LEU Q 49 86.78 31.87 35.21
CA LEU Q 49 87.79 30.96 34.71
C LEU Q 49 87.40 30.38 33.35
N ALA Q 50 86.10 30.15 33.15
CA ALA Q 50 85.62 29.69 31.85
C ALA Q 50 85.79 30.76 30.78
N LYS Q 51 85.56 32.04 31.14
CA LYS Q 51 85.82 33.16 30.24
C LYS Q 51 87.29 33.23 29.84
N ILE Q 52 88.18 33.11 30.84
CA ILE Q 52 89.62 33.25 30.58
C ILE Q 52 90.13 32.07 29.74
N ARG Q 53 89.65 30.86 30.04
CA ARG Q 53 90.06 29.69 29.26
C ARG Q 53 89.47 29.70 27.86
N LYS Q 54 88.26 30.25 27.69
CA LYS Q 54 87.68 30.36 26.36
C LYS Q 54 88.44 31.38 25.52
N ALA Q 55 88.88 32.48 26.14
CA ALA Q 55 89.72 33.45 25.44
C ALA Q 55 91.07 32.84 25.10
N ALA Q 56 91.61 32.00 25.99
CA ALA Q 56 92.88 31.34 25.74
C ALA Q 56 92.79 30.34 24.59
N ARG Q 57 91.70 29.56 24.54
CA ARG Q 57 91.50 28.63 23.44
C ARG Q 57 91.27 29.38 22.13
N GLU Q 58 90.59 30.53 22.19
CA GLU Q 58 90.37 31.33 20.99
C GLU Q 58 91.67 31.94 20.50
N LEU Q 59 92.62 32.21 21.41
CA LEU Q 59 93.93 32.68 20.97
C LEU Q 59 94.78 31.54 20.41
N LEU Q 60 94.68 30.34 20.99
CA LEU Q 60 95.48 29.22 20.50
C LEU Q 60 94.94 28.67 19.18
N THR Q 61 93.66 28.92 18.89
CA THR Q 61 93.16 28.57 17.55
C THR Q 61 93.65 29.54 16.49
N LEU Q 62 94.12 30.72 16.89
CA LEU Q 62 94.67 31.67 15.93
C LEU Q 62 96.09 31.28 15.55
N ASP Q 63 96.55 31.83 14.43
CA ASP Q 63 97.87 31.52 13.91
C ASP Q 63 98.93 32.35 14.65
N GLU Q 64 100.15 31.82 14.67
CA GLU Q 64 101.27 32.53 15.28
C GLU Q 64 101.65 33.74 14.43
N LYS Q 65 102.20 34.75 15.09
CA LYS Q 65 102.53 36.07 14.53
C LYS Q 65 101.32 36.79 13.94
N ASP Q 66 100.13 36.56 14.51
CA ASP Q 66 98.96 37.36 14.20
C ASP Q 66 98.91 38.57 15.13
N PRO Q 67 98.62 39.78 14.63
CA PRO Q 67 98.67 40.97 15.50
C PRO Q 67 97.58 40.99 16.56
N ARG Q 68 96.35 40.59 16.21
CA ARG Q 68 95.28 40.50 17.19
C ARG Q 68 95.60 39.45 18.25
N ARG Q 69 96.18 38.32 17.83
CA ARG Q 69 96.54 37.25 18.76
C ARG Q 69 97.63 37.71 19.73
N LEU Q 70 98.66 38.41 19.21
CA LEU Q 70 99.74 38.88 20.05
C LEU Q 70 99.27 39.96 21.02
N PHE Q 71 98.42 40.89 20.55
CA PHE Q 71 97.93 41.96 21.40
C PHE Q 71 97.02 41.42 22.50
N GLU Q 72 96.10 40.51 22.14
CA GLU Q 72 95.19 39.95 23.14
C GLU Q 72 95.92 39.03 24.11
N GLY Q 73 96.93 38.29 23.62
CA GLY Q 73 97.70 37.45 24.51
C GLY Q 73 98.54 38.25 25.49
N ASN Q 74 99.18 39.32 25.02
CA ASN Q 74 99.98 40.17 25.91
C ASN Q 74 99.08 40.91 26.90
N ALA Q 75 97.89 41.31 26.48
CA ALA Q 75 96.96 41.98 27.39
C ALA Q 75 96.43 41.02 28.45
N LEU Q 76 96.16 39.77 28.06
CA LEU Q 76 95.65 38.80 29.02
C LEU Q 76 96.75 38.35 29.99
N LEU Q 77 98.00 38.26 29.50
CA LEU Q 77 99.11 37.97 30.39
C LEU Q 77 99.37 39.13 31.36
N ARG Q 78 99.20 40.37 30.89
CA ARG Q 78 99.31 41.53 31.75
C ARG Q 78 98.23 41.53 32.83
N ARG Q 79 97.01 41.13 32.45
CA ARG Q 79 95.93 41.05 33.43
C ARG Q 79 96.19 39.95 34.45
N LEU Q 80 96.72 38.80 34.03
CA LEU Q 80 97.01 37.72 34.97
C LEU Q 80 98.17 38.10 35.89
N VAL Q 81 99.16 38.82 35.38
CA VAL Q 81 100.26 39.28 36.23
C VAL Q 81 99.78 40.32 37.24
N ARG Q 82 98.90 41.24 36.81
CA ARG Q 82 98.48 42.30 37.71
C ARG Q 82 97.47 41.79 38.74
N ILE Q 83 96.76 40.70 38.43
CA ILE Q 83 95.95 40.11 39.50
C ILE Q 83 96.81 39.16 40.34
N GLY Q 84 97.96 38.76 39.81
CA GLY Q 84 98.94 38.05 40.61
C GLY Q 84 98.73 36.56 40.72
N VAL Q 85 97.94 35.96 39.83
CA VAL Q 85 97.74 34.51 39.85
C VAL Q 85 98.88 33.86 39.08
N LEU Q 86 99.17 34.37 37.89
CA LEU Q 86 100.25 33.86 37.07
C LEU Q 86 101.52 34.67 37.30
N ASP Q 87 102.65 33.97 37.34
CA ASP Q 87 103.94 34.58 37.63
C ASP Q 87 104.42 35.43 36.47
N GLU Q 88 105.35 36.35 36.77
CA GLU Q 88 105.86 37.25 35.76
C GLU Q 88 106.92 36.60 34.89
N GLY Q 89 107.49 35.48 35.33
CA GLY Q 89 108.40 34.74 34.48
C GLY Q 89 107.71 33.64 33.70
N LYS Q 90 106.54 33.21 34.18
CA LYS Q 90 105.80 32.12 33.59
C LYS Q 90 104.90 32.57 32.43
N MET Q 91 104.81 33.89 32.18
CA MET Q 91 103.79 34.46 31.31
C MET Q 91 103.94 34.05 29.84
N LYS Q 92 103.04 33.17 29.42
CA LYS Q 92 102.93 32.70 28.03
C LYS Q 92 101.50 32.20 27.88
N LEU Q 93 100.93 32.33 26.70
CA LEU Q 93 99.51 32.04 26.51
C LEU Q 93 99.19 30.55 26.52
N ASP Q 94 100.22 29.70 26.54
CA ASP Q 94 99.99 28.26 26.67
C ASP Q 94 99.85 27.84 28.12
N TYR Q 95 100.38 28.65 29.06
CA TYR Q 95 100.28 28.33 30.48
C TYR Q 95 98.98 28.79 31.11
N ILE Q 96 98.12 29.50 30.36
CA ILE Q 96 96.85 29.95 30.92
C ILE Q 96 95.91 28.77 31.12
N LEU Q 97 96.00 27.76 30.25
CA LEU Q 97 95.12 26.61 30.34
C LEU Q 97 95.41 25.77 31.57
N GLY Q 98 96.66 25.77 32.02
CA GLY Q 98 97.02 25.07 33.25
C GLY Q 98 96.91 25.96 34.47
N LEU Q 99 95.70 26.46 34.75
CA LEU Q 99 95.48 27.34 35.88
C LEU Q 99 94.20 26.87 36.57
N LYS Q 100 94.09 27.14 37.88
CA LYS Q 100 93.15 26.42 38.72
C LYS Q 100 92.34 27.34 39.63
N ILE Q 101 91.19 26.80 40.05
CA ILE Q 101 90.23 27.54 40.86
C ILE Q 101 90.81 27.86 42.23
N GLU Q 102 91.67 26.98 42.74
CA GLU Q 102 92.36 27.24 44.00
C GLU Q 102 93.29 28.44 43.89
N ASP Q 103 94.03 28.54 42.80
CA ASP Q 103 94.91 29.69 42.60
C ASP Q 103 94.12 30.97 42.30
N PHE Q 104 92.89 30.84 41.78
CA PHE Q 104 92.03 32.01 41.67
C PHE Q 104 91.49 32.44 43.03
N LEU Q 105 91.16 31.47 43.90
CA LEU Q 105 90.61 31.80 45.22
C LEU Q 105 91.71 32.25 46.20
N GLU Q 106 92.97 31.99 45.85
CA GLU Q 106 94.07 32.46 46.71
C GLU Q 106 94.18 33.99 46.73
N ARG Q 107 93.71 34.67 45.69
CA ARG Q 107 93.83 36.12 45.60
C ARG Q 107 92.64 36.86 46.20
N ARG Q 108 91.84 36.19 47.01
CA ARG Q 108 90.75 36.85 47.72
C ARG Q 108 91.32 37.69 48.87
N LEU Q 109 90.72 38.87 49.08
CA LEU Q 109 91.18 39.77 50.15
C LEU Q 109 90.96 39.14 51.53
N GLN Q 110 89.93 38.30 51.66
CA GLN Q 110 89.75 37.49 52.86
C GLN Q 110 90.92 36.54 53.05
N THR Q 111 91.29 35.82 51.99
CA THR Q 111 92.41 34.89 52.05
C THR Q 111 93.74 35.63 52.22
N GLN Q 112 93.88 36.82 51.63
CA GLN Q 112 95.13 37.56 51.77
C GLN Q 112 95.29 38.13 53.18
N VAL Q 113 94.19 38.56 53.79
CA VAL Q 113 94.23 38.97 55.19
C VAL Q 113 94.57 37.79 56.09
N PHE Q 114 94.05 36.60 55.76
CA PHE Q 114 94.39 35.41 56.54
C PHE Q 114 95.85 35.01 56.37
N LYS Q 115 96.41 35.22 55.18
CA LYS Q 115 97.81 34.87 54.96
C LYS Q 115 98.76 35.90 55.57
N LEU Q 116 98.38 37.18 55.56
CA LEU Q 116 99.19 38.19 56.25
C LEU Q 116 99.08 38.06 57.76
N GLY Q 117 97.97 37.52 58.26
CA GLY Q 117 97.91 37.12 59.65
C GLY Q 117 97.43 38.17 60.62
N LEU Q 118 96.88 39.30 60.15
CA LEU Q 118 96.34 40.28 61.07
C LEU Q 118 95.02 39.83 61.68
N ALA Q 119 94.34 38.87 61.05
CA ALA Q 119 93.12 38.27 61.58
C ALA Q 119 93.41 36.84 62.00
N LYS Q 120 92.58 36.33 62.92
CA LYS Q 120 92.82 34.99 63.46
C LYS Q 120 92.40 33.90 62.47
N SER Q 121 91.15 33.93 62.05
CA SER Q 121 90.58 32.93 61.15
C SER Q 121 90.14 33.57 59.84
N ILE Q 122 89.76 32.73 58.89
CA ILE Q 122 89.29 33.20 57.59
C ILE Q 122 87.92 33.86 57.73
N HIS Q 123 87.03 33.23 58.49
CA HIS Q 123 85.71 33.81 58.71
C HIS Q 123 85.78 35.00 59.65
N HIS Q 124 86.75 35.03 60.55
CA HIS Q 124 86.98 36.21 61.37
C HIS Q 124 87.51 37.37 60.53
N ALA Q 125 88.33 37.06 59.52
CA ALA Q 125 88.74 38.06 58.55
C ALA Q 125 87.54 38.59 57.76
N ARG Q 126 86.60 37.71 57.43
CA ARG Q 126 85.37 38.14 56.75
C ARG Q 126 84.52 39.02 57.66
N VAL Q 127 84.50 38.71 58.97
CA VAL Q 127 83.82 39.55 59.95
C VAL Q 127 84.47 40.93 60.01
N LEU Q 128 85.80 40.99 59.95
CA LEU Q 128 86.50 42.28 59.95
C LEU Q 128 86.21 43.08 58.67
N ILE Q 129 86.10 42.38 57.53
CA ILE Q 129 85.73 43.04 56.28
C ILE Q 129 84.30 43.59 56.36
N ARG Q 130 83.39 42.80 56.95
CA ARG Q 130 82.01 43.25 57.11
C ARG Q 130 81.91 44.45 58.06
N GLN Q 131 82.69 44.43 59.13
CA GLN Q 131 82.63 45.45 60.17
C GLN Q 131 83.57 46.63 59.90
N ARG Q 132 84.26 46.63 58.75
CA ARG Q 132 84.97 47.80 58.22
C ARG Q 132 86.12 48.25 59.12
N HIS Q 133 87.01 47.31 59.46
CA HIS Q 133 88.16 47.64 60.29
C HIS Q 133 89.45 47.75 59.51
N ILE Q 134 89.48 47.27 58.27
CA ILE Q 134 90.70 47.27 57.47
C ILE Q 134 90.50 48.16 56.25
N ARG Q 135 91.63 48.66 55.73
CA ARG Q 135 91.61 49.53 54.57
C ARG Q 135 92.69 49.09 53.60
N VAL Q 136 92.53 49.48 52.34
CA VAL Q 136 93.51 49.22 51.28
C VAL Q 136 93.76 50.53 50.56
N ARG Q 137 94.99 51.05 50.68
CA ARG Q 137 95.45 52.30 50.07
C ARG Q 137 94.56 53.49 50.46
N LYS Q 138 94.40 53.66 51.79
CA LYS Q 138 93.56 54.69 52.43
C LYS Q 138 92.11 54.61 51.97
N GLN Q 139 91.60 53.42 51.69
CA GLN Q 139 90.24 53.21 51.23
C GLN Q 139 89.68 51.99 51.92
N VAL Q 140 88.57 52.17 52.64
CA VAL Q 140 87.96 51.07 53.38
C VAL Q 140 87.27 50.12 52.41
N VAL Q 141 87.59 48.84 52.51
CA VAL Q 141 87.00 47.78 51.68
C VAL Q 141 86.00 47.02 52.55
N ASN Q 142 84.73 47.08 52.18
CA ASN Q 142 83.66 46.46 52.96
C ASN Q 142 83.27 45.08 52.41
N ILE Q 143 83.78 44.71 51.24
CA ILE Q 143 83.31 43.54 50.51
C ILE Q 143 84.49 42.57 50.38
N PRO Q 144 84.33 41.30 50.80
CA PRO Q 144 85.48 40.39 50.80
C PRO Q 144 85.92 39.91 49.43
N SER Q 145 85.12 40.15 48.39
CA SER Q 145 85.45 39.69 47.04
C SER Q 145 86.40 40.63 46.29
N PHE Q 146 87.14 41.48 47.00
CA PHE Q 146 88.07 42.42 46.39
C PHE Q 146 89.28 41.65 45.86
N ILE Q 147 89.47 41.65 44.55
CA ILE Q 147 90.64 41.02 43.95
C ILE Q 147 91.84 41.94 44.17
N VAL Q 148 92.72 41.54 45.08
CA VAL Q 148 93.86 42.38 45.46
C VAL Q 148 94.95 42.24 44.40
N ARG Q 149 95.38 43.37 43.85
CA ARG Q 149 96.47 43.33 42.89
C ARG Q 149 97.80 43.06 43.58
N LEU Q 150 98.77 42.61 42.78
CA LEU Q 150 100.09 42.32 43.32
C LEU Q 150 100.80 43.60 43.73
N ASP Q 151 100.51 44.71 43.05
CA ASP Q 151 101.09 46.00 43.42
C ASP Q 151 100.44 46.55 44.68
N SER Q 152 99.17 46.20 44.90
CA SER Q 152 98.41 46.70 46.05
C SER Q 152 98.33 45.67 47.18
N GLN Q 153 99.13 44.60 47.10
CA GLN Q 153 99.15 43.58 48.14
C GLN Q 153 99.73 44.08 49.46
N LYS Q 154 100.80 44.87 49.40
CA LYS Q 154 101.51 45.24 50.62
C LYS Q 154 100.83 46.36 51.40
N HIS Q 155 99.81 46.99 50.83
CA HIS Q 155 99.13 48.10 51.47
C HIS Q 155 97.94 47.68 52.33
N ILE Q 156 97.82 46.40 52.64
CA ILE Q 156 96.70 45.92 53.45
C ILE Q 156 97.03 46.08 54.92
N ASP Q 157 96.21 46.83 55.64
CA ASP Q 157 96.38 47.08 57.06
C ASP Q 157 95.02 47.46 57.65
N PHE Q 158 95.02 47.81 58.94
CA PHE Q 158 93.79 48.25 59.59
C PHE Q 158 93.43 49.67 59.18
N SER Q 159 92.13 49.95 59.15
CA SER Q 159 91.65 51.29 58.80
C SER Q 159 91.86 52.25 59.96
N LEU Q 160 91.73 53.54 59.67
CA LEU Q 160 91.93 54.56 60.70
C LEU Q 160 90.73 54.63 61.63
N ARG Q 161 89.51 54.64 61.07
CA ARG Q 161 88.30 54.55 61.88
C ARG Q 161 88.09 53.09 62.24
N SER Q 162 88.80 52.65 63.26
CA SER Q 162 88.78 51.26 63.71
C SER Q 162 89.30 51.21 65.13
N PRO Q 163 88.57 50.54 66.03
CA PRO Q 163 89.08 50.36 67.41
C PRO Q 163 90.25 49.40 67.48
N TYR Q 164 90.35 48.46 66.53
CA TYR Q 164 91.49 47.56 66.51
C TYR Q 164 92.75 48.27 66.03
N GLY Q 165 92.57 49.33 65.25
CA GLY Q 165 93.65 50.22 64.90
C GLY Q 165 93.68 51.44 65.81
N GLY Q 166 94.20 52.54 65.27
CA GLY Q 166 94.27 53.78 65.99
C GLY Q 166 92.99 54.60 65.92
N GLY Q 167 91.97 54.18 66.65
CA GLY Q 167 90.71 54.90 66.63
C GLY Q 167 89.95 54.78 67.93
N ARG Q 168 88.70 55.24 67.89
CA ARG Q 168 87.85 55.22 69.07
C ARG Q 168 87.37 53.79 69.35
N PRO Q 169 87.18 53.42 70.62
CA PRO Q 169 86.69 52.07 70.92
C PRO Q 169 85.23 51.89 70.55
N GLY Q 170 84.81 50.62 70.53
CA GLY Q 170 83.51 50.27 70.01
C GLY Q 170 82.38 50.51 71.01
N ARG Q 171 81.19 50.12 70.58
CA ARG Q 171 79.97 50.35 71.35
C ARG Q 171 79.96 49.55 72.63
N VAL Q 172 80.41 48.29 72.58
CA VAL Q 172 80.42 47.43 73.76
C VAL Q 172 81.44 47.93 74.78
N LYS Q 173 82.60 48.40 74.29
CA LYS Q 173 83.62 48.95 75.18
C LYS Q 173 83.16 50.26 75.83
N ARG Q 174 82.52 51.13 75.05
CA ARG Q 174 81.98 52.37 75.61
C ARG Q 174 80.87 52.10 76.61
N LYS Q 175 80.02 51.11 76.33
CA LYS Q 175 78.92 50.78 77.24
C LYS Q 175 79.44 50.16 78.53
N ASN Q 176 80.48 49.32 78.44
CA ASN Q 176 81.06 48.73 79.64
C ASN Q 176 81.81 49.78 80.47
N ALA Q 177 82.50 50.71 79.80
CA ALA Q 177 83.18 51.79 80.52
C ALA Q 177 82.18 52.72 81.20
N LYS Q 178 81.07 53.01 80.52
CA LYS Q 178 80.04 53.86 81.10
C LYS Q 178 79.33 53.17 82.26
N LYS Q 179 79.10 51.86 82.15
CA LYS Q 179 78.49 51.10 83.23
C LYS Q 179 79.42 51.00 84.43
N GLY Q 180 80.73 50.85 84.18
CA GLY Q 180 81.69 50.81 85.28
C GLY Q 180 81.84 52.14 85.98
N GLN Q 181 81.84 53.24 85.22
CA GLN Q 181 81.92 54.56 85.85
C GLN Q 181 80.62 54.92 86.56
N GLY Q 182 79.48 54.43 86.07
CA GLY Q 182 78.24 54.65 86.77
C GLY Q 182 78.14 53.85 88.05
N GLY Q 183 78.71 52.64 88.04
CA GLY Q 183 78.74 51.84 89.27
C GLY Q 183 79.74 52.38 90.28
N ALA Q 184 80.84 52.96 89.80
CA ALA Q 184 81.83 53.53 90.71
C ALA Q 184 81.35 54.86 91.29
N GLY Q 185 80.73 55.70 90.48
CA GLY Q 185 80.24 56.98 90.94
C GLY Q 185 80.68 58.14 90.06
N PHE R 1 -28.28 -39.35 62.61
CA PHE R 1 -29.35 -40.30 62.32
C PHE R 1 -29.51 -40.49 60.81
N VAL R 2 -30.41 -41.40 60.44
CA VAL R 2 -30.66 -41.73 59.04
C VAL R 2 -32.11 -41.40 58.70
N LYS R 3 -32.37 -41.29 57.40
CA LYS R 3 -33.69 -40.90 56.93
C LYS R 3 -34.67 -42.05 57.06
N VAL R 4 -35.84 -41.76 57.64
CA VAL R 4 -36.92 -42.74 57.70
C VAL R 4 -37.56 -42.84 56.33
N VAL R 5 -37.60 -44.06 55.78
CA VAL R 5 -38.17 -44.26 54.45
C VAL R 5 -39.69 -44.15 54.50
N LYS R 6 -40.31 -44.78 55.49
CA LYS R 6 -41.77 -44.82 55.60
C LYS R 6 -42.25 -43.58 56.34
N ASN R 7 -42.42 -42.50 55.57
CA ASN R 7 -42.87 -41.23 56.10
C ASN R 7 -44.31 -40.97 55.67
N LYS R 8 -44.82 -39.78 56.03
CA LYS R 8 -46.18 -39.39 55.63
C LYS R 8 -46.28 -39.24 54.12
N ALA R 9 -45.22 -38.73 53.49
CA ALA R 9 -45.16 -38.66 52.04
C ALA R 9 -45.16 -40.05 51.42
N TYR R 10 -44.51 -41.01 52.08
CA TYR R 10 -44.51 -42.39 51.60
C TYR R 10 -45.90 -43.01 51.69
N PHE R 11 -46.63 -42.74 52.78
CA PHE R 11 -47.99 -43.27 52.87
C PHE R 11 -48.96 -42.55 51.95
N LYS R 12 -48.69 -41.28 51.61
CA LYS R 12 -49.55 -40.59 50.64
C LYS R 12 -49.31 -41.11 49.22
N ARG R 13 -48.04 -41.38 48.87
CA ARG R 13 -47.76 -41.91 47.54
C ARG R 13 -47.92 -43.42 47.47
N TYR R 14 -48.15 -44.08 48.60
CA TYR R 14 -48.21 -45.55 48.62
C TYR R 14 -49.54 -46.02 48.04
N GLN R 15 -49.48 -46.67 46.88
CA GLN R 15 -50.64 -47.37 46.34
C GLN R 15 -50.64 -48.82 46.79
N VAL R 16 -51.76 -49.27 47.32
CA VAL R 16 -51.89 -50.67 47.70
C VAL R 16 -52.22 -51.48 46.46
N LYS R 17 -51.94 -52.77 46.52
CA LYS R 17 -52.37 -53.67 45.45
C LYS R 17 -53.75 -54.22 45.78
N PHE R 18 -54.16 -55.23 45.02
CA PHE R 18 -55.50 -55.79 45.23
C PHE R 18 -55.49 -56.71 46.45
N ARG R 19 -56.69 -57.10 46.88
CA ARG R 19 -56.83 -57.80 48.15
C ARG R 19 -56.28 -59.22 48.08
N ARG R 20 -56.58 -59.93 46.99
CA ARG R 20 -56.05 -61.28 46.81
C ARG R 20 -54.55 -61.27 46.52
N ARG R 21 -54.04 -60.17 45.96
CA ARG R 21 -52.60 -60.04 45.79
C ARG R 21 -51.89 -59.74 47.10
N ARG R 22 -52.53 -58.95 47.97
CA ARG R 22 -51.97 -58.69 49.29
C ARG R 22 -52.01 -59.94 50.16
N GLU R 23 -53.06 -60.75 50.02
CA GLU R 23 -53.09 -62.03 50.73
C GLU R 23 -52.16 -63.05 50.06
N GLY R 24 -51.84 -62.83 48.79
CA GLY R 24 -50.89 -63.67 48.09
C GLY R 24 -51.51 -64.95 47.56
N LYS R 25 -52.79 -64.88 47.15
CA LYS R 25 -53.53 -66.07 46.76
C LYS R 25 -53.68 -66.19 45.25
N THR R 26 -54.05 -65.12 44.56
CA THR R 26 -54.40 -65.22 43.14
C THR R 26 -53.30 -64.65 42.26
N ASP R 27 -52.89 -65.42 41.25
CA ASP R 27 -51.92 -64.99 40.25
C ASP R 27 -52.70 -64.24 39.17
N TYR R 28 -52.58 -62.92 39.18
CA TYR R 28 -53.34 -62.07 38.27
C TYR R 28 -52.84 -62.16 36.83
N TYR R 29 -51.53 -62.33 36.62
CA TYR R 29 -51.02 -62.47 35.26
C TYR R 29 -51.45 -63.78 34.63
N ALA R 30 -51.69 -64.80 35.45
CA ALA R 30 -52.24 -66.05 34.92
C ALA R 30 -53.75 -65.98 34.77
N ARG R 31 -54.44 -65.26 35.66
CA ARG R 31 -55.88 -65.20 35.60
C ARG R 31 -56.36 -64.30 34.46
N LYS R 32 -55.52 -63.34 34.06
CA LYS R 32 -55.79 -62.52 32.89
C LYS R 32 -55.88 -63.37 31.63
N ARG R 33 -55.06 -64.42 31.55
CA ARG R 33 -55.13 -65.32 30.40
C ARG R 33 -56.22 -66.37 30.58
N LEU R 34 -56.45 -66.81 31.83
CA LEU R 34 -57.39 -67.89 32.07
C LEU R 34 -58.85 -67.44 31.97
N VAL R 35 -59.24 -66.47 32.78
CA VAL R 35 -60.65 -66.35 33.14
C VAL R 35 -61.45 -65.57 32.09
N ILE R 36 -60.78 -64.84 31.20
CA ILE R 36 -61.51 -64.01 30.26
C ILE R 36 -62.04 -64.86 29.11
N GLN R 37 -63.15 -64.41 28.53
CA GLN R 37 -63.77 -65.03 27.37
C GLN R 37 -63.69 -64.08 26.18
N ASP R 38 -63.54 -64.64 24.99
CA ASP R 38 -63.57 -63.86 23.76
C ASP R 38 -64.94 -63.23 23.56
N LYS R 39 -64.94 -62.00 23.03
CA LYS R 39 -66.16 -61.19 23.02
C LYS R 39 -67.17 -61.67 21.99
N ASN R 40 -66.73 -62.44 20.99
CA ASN R 40 -67.65 -63.02 20.03
C ASN R 40 -68.37 -64.26 20.56
N LYS R 41 -68.10 -64.66 21.80
CA LYS R 41 -68.78 -65.82 22.37
C LYS R 41 -70.08 -65.42 23.06
N TYR R 42 -70.19 -64.15 23.48
CA TYR R 42 -71.40 -63.52 23.99
C TYR R 42 -72.00 -64.22 25.20
N ASN R 43 -71.32 -64.14 26.35
CA ASN R 43 -71.67 -64.77 27.63
C ASN R 43 -71.69 -66.29 27.56
N THR R 44 -70.83 -66.88 26.74
CA THR R 44 -70.59 -68.31 26.85
C THR R 44 -69.73 -68.57 28.08
N PRO R 45 -70.17 -69.44 29.00
CA PRO R 45 -69.41 -69.65 30.24
C PRO R 45 -68.12 -70.42 29.98
N LYS R 46 -67.02 -69.90 30.53
CA LYS R 46 -65.71 -70.53 30.38
C LYS R 46 -65.39 -71.24 31.69
N TYR R 47 -65.33 -72.57 31.63
CA TYR R 47 -65.18 -73.37 32.84
C TYR R 47 -63.70 -73.62 33.11
N ARG R 48 -63.28 -73.31 34.34
CA ARG R 48 -61.94 -73.65 34.79
C ARG R 48 -62.08 -74.66 35.92
N MET R 49 -61.18 -75.62 35.96
CA MET R 49 -61.18 -76.66 36.98
C MET R 49 -60.02 -76.35 37.91
N ILE R 50 -60.34 -75.82 39.08
CA ILE R 50 -59.36 -75.28 40.01
C ILE R 50 -58.95 -76.36 40.99
N VAL R 51 -57.63 -76.56 41.12
CA VAL R 51 -57.10 -77.52 42.08
C VAL R 51 -56.22 -76.77 43.06
N ARG R 52 -56.53 -76.88 44.35
CA ARG R 52 -55.72 -76.28 45.41
C ARG R 52 -55.32 -77.37 46.39
N VAL R 53 -54.01 -77.61 46.50
CA VAL R 53 -53.49 -78.61 47.41
C VAL R 53 -53.23 -77.92 48.75
N THR R 54 -53.95 -78.37 49.78
CA THR R 54 -53.78 -77.83 51.12
C THR R 54 -52.96 -78.86 51.92
N ASN R 55 -52.79 -78.63 53.22
CA ASN R 55 -52.00 -79.55 54.03
C ASN R 55 -52.75 -80.85 54.29
N ARG R 56 -53.97 -80.76 54.79
CA ARG R 56 -54.76 -81.93 55.16
C ARG R 56 -55.99 -82.10 54.28
N ASP R 57 -56.00 -81.47 53.11
CA ASP R 57 -57.16 -81.51 52.23
C ASP R 57 -56.71 -81.19 50.82
N ILE R 58 -57.49 -81.61 49.84
CA ILE R 58 -57.25 -81.31 48.43
C ILE R 58 -58.57 -80.81 47.86
N ILE R 59 -58.64 -79.52 47.51
CA ILE R 59 -59.87 -78.90 47.04
C ILE R 59 -59.86 -78.89 45.51
N CYS R 60 -60.91 -79.47 44.91
CA CYS R 60 -61.08 -79.49 43.47
C CYS R 60 -62.46 -78.94 43.14
N GLN R 61 -62.50 -77.78 42.48
CA GLN R 61 -63.74 -77.10 42.16
C GLN R 61 -63.78 -76.81 40.66
N ILE R 62 -64.96 -76.44 40.16
CA ILE R 62 -65.15 -76.03 38.78
C ILE R 62 -65.95 -74.73 38.77
N ALA R 63 -65.41 -73.71 38.11
CA ALA R 63 -65.96 -72.37 38.22
C ALA R 63 -66.10 -71.73 36.85
N TYR R 64 -67.17 -70.95 36.68
CA TYR R 64 -67.34 -70.05 35.55
C TYR R 64 -67.61 -68.66 36.10
N ALA R 65 -67.07 -67.65 35.43
CA ALA R 65 -66.97 -66.32 36.00
C ALA R 65 -68.13 -65.43 35.57
N ARG R 66 -68.66 -64.67 36.53
CA ARG R 66 -69.59 -63.57 36.28
C ARG R 66 -69.00 -62.29 36.85
N ILE R 67 -69.66 -61.17 36.56
CA ILE R 67 -69.11 -59.87 36.93
C ILE R 67 -69.26 -59.61 38.43
N GLU R 68 -70.25 -60.25 39.07
CA GLU R 68 -70.39 -60.12 40.52
C GLU R 68 -69.40 -61.04 41.24
N GLY R 69 -69.19 -62.23 40.68
CA GLY R 69 -68.29 -63.21 41.25
C GLY R 69 -68.37 -64.53 40.51
N ASP R 70 -67.26 -65.25 40.47
CA ASP R 70 -67.23 -66.54 39.77
C ASP R 70 -67.96 -67.61 40.60
N MET R 71 -69.07 -68.11 40.05
CA MET R 71 -69.90 -69.07 40.77
C MET R 71 -69.33 -70.49 40.62
N ILE R 72 -69.44 -71.27 41.69
CA ILE R 72 -68.98 -72.66 41.69
C ILE R 72 -70.13 -73.54 41.24
N VAL R 73 -70.00 -74.15 40.06
CA VAL R 73 -71.07 -75.00 39.56
C VAL R 73 -71.00 -76.39 40.20
N CYS R 74 -69.81 -76.82 40.61
CA CYS R 74 -69.63 -78.12 41.26
C CYS R 74 -68.33 -78.08 42.05
N ALA R 75 -68.35 -78.75 43.20
CA ALA R 75 -67.20 -78.74 44.10
C ALA R 75 -67.04 -80.11 44.73
N ALA R 76 -65.79 -80.47 44.98
CA ALA R 76 -65.48 -81.76 45.60
C ALA R 76 -64.25 -81.60 46.48
N TYR R 77 -64.36 -82.09 47.70
CA TYR R 77 -63.30 -81.98 48.69
C TYR R 77 -62.72 -83.36 48.97
N ALA R 78 -61.59 -83.38 49.68
CA ALA R 78 -60.91 -84.64 49.95
C ALA R 78 -61.50 -85.36 51.15
N HIS R 79 -62.22 -84.65 52.02
CA HIS R 79 -62.75 -85.28 53.22
C HIS R 79 -64.09 -85.98 52.99
N GLU R 80 -64.56 -86.05 51.74
CA GLU R 80 -65.73 -86.85 51.41
C GLU R 80 -65.39 -88.30 51.12
N LEU R 81 -64.10 -88.62 51.04
CA LEU R 81 -63.57 -89.97 50.81
C LEU R 81 -63.80 -91.00 51.93
N PRO R 82 -63.92 -90.64 53.23
CA PRO R 82 -64.39 -91.67 54.19
C PRO R 82 -65.81 -92.14 53.97
N LYS R 83 -66.64 -91.41 53.23
CA LYS R 83 -67.95 -91.93 52.84
C LYS R 83 -67.80 -93.05 51.80
N TYR R 84 -66.70 -93.05 51.06
CA TYR R 84 -66.50 -94.01 49.97
C TYR R 84 -65.52 -95.11 50.32
N GLY R 85 -64.77 -94.97 51.40
CA GLY R 85 -63.90 -96.04 51.84
C GLY R 85 -62.42 -95.69 51.88
N VAL R 86 -62.12 -94.40 52.01
CA VAL R 86 -60.75 -93.96 52.25
C VAL R 86 -60.75 -93.24 53.59
N LYS R 87 -60.42 -93.97 54.66
CA LYS R 87 -60.44 -93.39 56.00
C LYS R 87 -59.29 -92.42 56.19
N VAL R 88 -58.11 -92.77 55.70
CA VAL R 88 -56.89 -92.03 55.91
C VAL R 88 -56.11 -91.97 54.59
N GLY R 89 -55.14 -91.07 54.54
CA GLY R 89 -54.46 -90.77 53.29
C GLY R 89 -55.28 -89.84 52.43
N LEU R 90 -55.54 -88.63 52.94
CA LEU R 90 -56.41 -87.67 52.26
C LEU R 90 -55.66 -86.63 51.46
N THR R 91 -54.33 -86.58 51.57
CA THR R 91 -53.54 -85.53 50.98
C THR R 91 -52.48 -86.04 50.00
N ASN R 92 -52.57 -87.29 49.56
CA ASN R 92 -51.59 -87.84 48.65
C ASN R 92 -52.12 -87.87 47.21
N TYR R 93 -51.32 -88.48 46.33
CA TYR R 93 -51.59 -88.43 44.90
C TYR R 93 -52.83 -89.23 44.53
N ALA R 94 -53.03 -90.37 45.19
CA ALA R 94 -54.22 -91.18 44.95
C ALA R 94 -55.48 -90.49 45.45
N ALA R 95 -55.38 -89.75 46.56
CA ALA R 95 -56.53 -88.99 47.03
C ALA R 95 -56.83 -87.80 46.11
N ALA R 96 -55.79 -87.22 45.50
CA ALA R 96 -56.03 -86.19 44.49
C ALA R 96 -56.71 -86.77 43.27
N TYR R 97 -56.31 -87.97 42.86
CA TYR R 97 -56.96 -88.66 41.74
C TYR R 97 -58.42 -88.99 42.06
N CYS R 98 -58.68 -89.47 43.29
CA CYS R 98 -60.05 -89.78 43.70
C CYS R 98 -60.90 -88.52 43.81
N THR R 99 -60.30 -87.40 44.23
CA THR R 99 -61.04 -86.14 44.33
C THR R 99 -61.40 -85.61 42.94
N GLY R 100 -60.46 -85.70 42.00
CA GLY R 100 -60.76 -85.28 40.63
C GLY R 100 -61.79 -86.17 39.97
N LEU R 101 -61.71 -87.48 40.21
CA LEU R 101 -62.70 -88.41 39.68
C LEU R 101 -64.08 -88.17 40.29
N LEU R 102 -64.13 -87.87 41.60
CA LEU R 102 -65.40 -87.58 42.26
C LEU R 102 -66.01 -86.29 41.75
N LEU R 103 -65.16 -85.28 41.50
CA LEU R 103 -65.61 -84.02 40.91
C LEU R 103 -66.20 -84.24 39.53
N ALA R 104 -65.51 -85.03 38.70
CA ALA R 104 -65.95 -85.32 37.34
C ALA R 104 -67.27 -86.07 37.32
N ARG R 105 -67.38 -87.12 38.14
CA ARG R 105 -68.61 -87.91 38.14
C ARG R 105 -69.77 -87.16 38.77
N ARG R 106 -69.50 -86.28 39.76
CA ARG R 106 -70.57 -85.46 40.32
C ARG R 106 -71.06 -84.43 39.31
N LEU R 107 -70.15 -83.85 38.53
CA LEU R 107 -70.55 -82.89 37.49
C LEU R 107 -71.37 -83.58 36.40
N LEU R 108 -70.96 -84.78 36.00
CA LEU R 108 -71.73 -85.50 34.98
C LEU R 108 -73.07 -86.00 35.52
N ASN R 109 -73.15 -86.29 36.83
CA ASN R 109 -74.45 -86.67 37.40
C ASN R 109 -75.38 -85.46 37.50
N ARG R 110 -74.84 -84.28 37.80
CA ARG R 110 -75.68 -83.08 37.84
C ARG R 110 -76.12 -82.66 36.44
N PHE R 111 -75.22 -82.77 35.46
CA PHE R 111 -75.58 -82.44 34.08
C PHE R 111 -76.43 -83.52 33.42
N GLY R 112 -76.47 -84.72 33.97
CA GLY R 112 -77.28 -85.77 33.39
C GLY R 112 -76.57 -86.52 32.29
N MET R 113 -75.30 -86.83 32.51
CA MET R 113 -74.47 -87.57 31.57
C MET R 113 -73.81 -88.73 32.29
N ASP R 114 -74.62 -89.52 33.01
CA ASP R 114 -74.09 -90.63 33.79
C ASP R 114 -73.72 -91.80 32.88
N LYS R 115 -74.65 -92.25 32.03
CA LYS R 115 -74.40 -93.42 31.20
C LYS R 115 -73.51 -93.08 30.01
N ILE R 116 -73.70 -91.91 29.42
CA ILE R 116 -72.91 -91.46 28.28
C ILE R 116 -71.63 -90.86 28.84
N TYR R 117 -70.51 -91.06 28.13
CA TYR R 117 -69.16 -90.62 28.51
C TYR R 117 -68.73 -91.22 29.86
N GLU R 118 -68.60 -92.55 29.86
CA GLU R 118 -68.18 -93.26 31.05
C GLU R 118 -66.72 -92.95 31.39
N GLY R 119 -65.82 -93.07 30.42
CA GLY R 119 -64.42 -92.80 30.66
C GLY R 119 -63.62 -94.07 30.91
N GLN R 120 -62.46 -93.87 31.53
CA GLN R 120 -61.55 -94.97 31.83
C GLN R 120 -62.02 -95.70 33.09
N VAL R 121 -62.27 -97.00 32.96
CA VAL R 121 -62.69 -97.82 34.09
C VAL R 121 -61.57 -98.75 34.53
N GLU R 122 -60.82 -99.29 33.56
CA GLU R 122 -59.71 -100.19 33.82
C GLU R 122 -58.38 -99.47 33.79
N VAL R 123 -58.33 -98.26 34.37
CA VAL R 123 -57.31 -97.22 34.23
C VAL R 123 -55.87 -97.71 34.26
N THR R 124 -55.11 -97.35 33.21
CA THR R 124 -53.70 -97.71 33.17
C THR R 124 -52.82 -96.47 33.30
N GLY R 125 -53.22 -95.38 32.66
CA GLY R 125 -52.45 -94.15 32.68
C GLY R 125 -51.99 -93.66 31.33
N ASP R 126 -52.54 -94.18 30.24
CA ASP R 126 -52.15 -93.79 28.90
C ASP R 126 -52.68 -92.40 28.56
N GLU R 127 -52.22 -91.88 27.43
CA GLU R 127 -52.73 -90.61 26.92
C GLU R 127 -54.17 -90.78 26.44
N TYR R 128 -55.09 -90.13 27.15
CA TYR R 128 -56.51 -90.30 26.89
C TYR R 128 -57.16 -88.93 26.78
N ASN R 129 -58.07 -88.82 25.82
CA ASN R 129 -58.86 -87.62 25.63
C ASN R 129 -60.31 -88.00 25.34
N VAL R 130 -61.23 -87.13 25.75
CA VAL R 130 -62.65 -87.39 25.64
C VAL R 130 -63.12 -86.85 24.30
N GLU R 131 -63.40 -87.75 23.35
CA GLU R 131 -63.89 -87.34 22.04
C GLU R 131 -65.39 -87.15 22.08
N SER R 132 -65.87 -86.18 21.29
CA SER R 132 -67.28 -85.86 21.27
C SER R 132 -68.05 -86.92 20.49
N ILE R 133 -69.22 -87.30 21.02
CA ILE R 133 -70.05 -88.31 20.38
C ILE R 133 -71.13 -87.63 19.56
N ASP R 134 -71.22 -87.99 18.28
CA ASP R 134 -72.19 -87.39 17.37
C ASP R 134 -73.59 -87.92 17.66
N GLY R 135 -74.59 -87.06 17.47
CA GLY R 135 -75.96 -87.42 17.72
C GLY R 135 -76.34 -87.47 19.18
N GLN R 136 -75.50 -86.94 20.05
CA GLN R 136 -75.66 -86.96 21.51
C GLN R 136 -75.38 -85.56 22.04
N PRO R 137 -75.73 -85.22 23.28
CA PRO R 137 -75.21 -83.99 23.87
C PRO R 137 -73.71 -84.07 24.08
N GLY R 138 -73.02 -82.97 23.74
CA GLY R 138 -71.58 -83.01 23.61
C GLY R 138 -70.87 -83.13 24.93
N ALA R 139 -69.58 -83.48 24.84
CA ALA R 139 -68.76 -83.69 26.01
C ALA R 139 -68.43 -82.35 26.68
N PHE R 140 -68.30 -82.40 28.00
CA PHE R 140 -67.95 -81.20 28.76
C PHE R 140 -66.47 -80.90 28.57
N THR R 141 -66.13 -79.61 28.49
CA THR R 141 -64.75 -79.18 28.42
C THR R 141 -64.51 -78.07 29.42
N CYS R 142 -63.28 -78.03 29.94
CA CYS R 142 -62.86 -77.01 30.90
C CYS R 142 -61.35 -76.95 30.85
N TYR R 143 -60.79 -75.93 31.49
CA TYR R 143 -59.35 -75.70 31.46
C TYR R 143 -58.79 -75.65 32.87
N LEU R 144 -57.62 -76.24 33.05
CA LEU R 144 -57.06 -76.48 34.38
C LEU R 144 -56.58 -75.17 34.99
N ASP R 145 -56.69 -75.07 36.32
CA ASP R 145 -56.24 -73.92 37.09
C ASP R 145 -55.46 -74.44 38.30
N ALA R 146 -54.13 -74.43 38.18
CA ALA R 146 -53.27 -74.83 39.30
C ALA R 146 -53.05 -73.68 40.26
N GLY R 147 -52.78 -72.49 39.74
CA GLY R 147 -52.56 -71.33 40.58
C GLY R 147 -51.10 -71.04 40.85
N LEU R 148 -50.72 -71.06 42.12
CA LEU R 148 -49.37 -70.72 42.53
C LEU R 148 -48.50 -71.94 42.82
N ALA R 149 -49.05 -73.15 42.70
CA ALA R 149 -48.25 -74.34 42.86
C ALA R 149 -47.38 -74.55 41.63
N ARG R 150 -46.08 -74.70 41.84
CA ARG R 150 -45.13 -74.91 40.76
C ARG R 150 -45.37 -76.28 40.12
N THR R 151 -45.73 -76.28 38.84
CA THR R 151 -46.19 -77.48 38.14
C THR R 151 -44.99 -78.19 37.51
N THR R 152 -44.33 -79.01 38.31
CA THR R 152 -43.28 -79.89 37.84
C THR R 152 -43.85 -81.28 37.57
N THR R 153 -42.97 -82.20 37.23
CA THR R 153 -43.38 -83.58 36.97
C THR R 153 -43.72 -84.27 38.27
N GLY R 154 -44.92 -84.85 38.35
CA GLY R 154 -45.35 -85.56 39.54
C GLY R 154 -46.10 -84.70 40.53
N ASN R 155 -47.17 -84.06 40.07
CA ASN R 155 -47.93 -83.11 40.88
C ASN R 155 -49.36 -83.63 41.10
N LYS R 156 -49.85 -83.42 42.32
CA LYS R 156 -51.21 -83.81 42.66
C LYS R 156 -52.27 -83.00 41.92
N VAL R 157 -51.91 -81.80 41.45
CA VAL R 157 -52.80 -81.05 40.56
C VAL R 157 -53.01 -81.81 39.26
N PHE R 158 -51.94 -82.36 38.69
CA PHE R 158 -52.09 -83.20 37.50
C PHE R 158 -52.68 -84.55 37.82
N GLY R 159 -52.57 -85.02 39.07
CA GLY R 159 -53.30 -86.20 39.47
C GLY R 159 -54.81 -85.99 39.46
N ALA R 160 -55.25 -84.84 39.98
CA ALA R 160 -56.67 -84.48 39.90
C ALA R 160 -57.09 -84.21 38.45
N LEU R 161 -56.18 -83.70 37.63
CA LEU R 161 -56.45 -83.52 36.21
C LEU R 161 -56.69 -84.85 35.51
N LYS R 162 -55.83 -85.84 35.82
CA LYS R 162 -56.00 -87.20 35.28
C LYS R 162 -57.28 -87.84 35.81
N GLY R 163 -57.66 -87.51 37.05
CA GLY R 163 -58.93 -87.99 37.59
C GLY R 163 -60.12 -87.43 36.84
N ALA R 164 -60.07 -86.13 36.49
CA ALA R 164 -61.15 -85.53 35.74
C ALA R 164 -61.21 -86.06 34.31
N VAL R 165 -60.04 -86.31 33.70
CA VAL R 165 -60.00 -86.87 32.35
C VAL R 165 -60.54 -88.29 32.34
N ASP R 166 -60.19 -89.09 33.35
CA ASP R 166 -60.73 -90.44 33.45
C ASP R 166 -62.21 -90.43 33.83
N GLY R 167 -62.68 -89.38 34.48
CA GLY R 167 -64.11 -89.25 34.73
C GLY R 167 -64.86 -88.78 33.50
N GLY R 168 -64.17 -88.17 32.54
CA GLY R 168 -64.81 -87.81 31.30
C GLY R 168 -64.96 -86.33 31.01
N LEU R 169 -63.97 -85.53 31.43
CA LEU R 169 -63.91 -84.12 31.12
C LEU R 169 -62.86 -83.90 30.04
N SER R 170 -63.31 -83.38 28.89
CA SER R 170 -62.43 -83.17 27.74
C SER R 170 -61.53 -81.97 27.99
N ILE R 171 -60.38 -82.25 28.59
CA ILE R 171 -59.39 -81.24 28.93
C ILE R 171 -58.15 -81.48 28.07
N PRO R 172 -57.67 -80.49 27.31
CA PRO R 172 -56.42 -80.67 26.57
C PRO R 172 -55.21 -80.64 27.50
N HIS R 173 -54.40 -81.69 27.43
CA HIS R 173 -53.22 -81.80 28.28
C HIS R 173 -52.20 -82.70 27.60
N SER R 174 -50.93 -82.40 27.83
CA SER R 174 -49.83 -83.21 27.32
C SER R 174 -49.29 -84.10 28.41
N THR R 175 -48.79 -85.27 28.01
CA THR R 175 -48.24 -86.25 28.94
C THR R 175 -46.77 -85.98 29.23
N LYS R 176 -46.48 -84.80 29.77
CA LYS R 176 -45.13 -84.40 30.14
C LYS R 176 -44.96 -84.17 31.63
N ARG R 177 -45.93 -83.51 32.27
CA ARG R 177 -45.86 -83.25 33.69
C ARG R 177 -46.44 -84.37 34.54
N PHE R 178 -46.93 -85.45 33.93
CA PHE R 178 -47.40 -86.60 34.67
C PHE R 178 -46.21 -87.40 35.21
N PRO R 179 -46.34 -87.99 36.40
CA PRO R 179 -45.24 -88.80 36.97
C PRO R 179 -45.04 -90.07 36.15
N GLY R 180 -43.80 -90.26 35.69
CA GLY R 180 -43.47 -91.37 34.83
C GLY R 180 -42.68 -90.94 33.61
N TYR R 181 -42.88 -89.70 33.18
CA TYR R 181 -42.18 -89.14 32.03
C TYR R 181 -40.75 -88.82 32.43
N ASP R 182 -39.79 -89.53 31.80
CA ASP R 182 -38.38 -89.26 32.05
C ASP R 182 -37.96 -87.99 31.34
N SER R 183 -37.23 -87.13 32.05
CA SER R 183 -36.81 -85.86 31.47
C SER R 183 -35.60 -86.02 30.57
N GLU R 184 -34.82 -87.09 30.75
CA GLU R 184 -33.59 -87.25 29.99
C GLU R 184 -33.87 -87.85 28.62
N SER R 185 -34.44 -89.07 28.59
CA SER R 185 -34.63 -89.77 27.33
C SER R 185 -35.95 -89.42 26.66
N LYS R 186 -36.82 -88.70 27.36
CA LYS R 186 -38.07 -88.11 26.84
C LYS R 186 -39.07 -89.12 26.30
N GLU R 187 -39.54 -90.04 27.13
CA GLU R 187 -40.68 -90.90 26.80
C GLU R 187 -41.53 -91.07 28.04
N PHE R 188 -42.78 -91.46 27.84
CA PHE R 188 -43.70 -91.65 28.95
C PHE R 188 -43.85 -93.13 29.28
N ASN R 189 -43.85 -93.46 30.58
CA ASN R 189 -44.06 -94.81 31.05
C ASN R 189 -45.42 -94.88 31.75
N ALA R 190 -46.28 -95.77 31.28
CA ALA R 190 -47.62 -95.88 31.86
C ALA R 190 -47.61 -96.68 33.16
N GLU R 191 -46.62 -97.53 33.35
CA GLU R 191 -46.60 -98.40 34.53
C GLU R 191 -46.24 -97.61 35.79
N VAL R 192 -45.31 -96.65 35.68
CA VAL R 192 -44.97 -95.81 36.82
C VAL R 192 -46.13 -94.90 37.17
N HIS R 193 -46.87 -94.41 36.16
CA HIS R 193 -48.05 -93.60 36.43
C HIS R 193 -49.16 -94.43 37.06
N ARG R 194 -49.26 -95.71 36.69
CA ARG R 194 -50.22 -96.60 37.34
C ARG R 194 -49.84 -96.86 38.80
N LYS R 195 -48.53 -97.01 39.07
CA LYS R 195 -48.08 -97.19 40.45
C LYS R 195 -48.34 -95.95 41.29
N HIS R 196 -48.16 -94.76 40.71
CA HIS R 196 -48.44 -93.53 41.46
C HIS R 196 -49.93 -93.31 41.67
N ILE R 197 -50.76 -93.70 40.70
CA ILE R 197 -52.20 -93.54 40.85
C ILE R 197 -52.74 -94.52 41.89
N MET R 198 -52.35 -95.79 41.79
CA MET R 198 -52.86 -96.78 42.74
C MET R 198 -52.19 -96.70 44.10
N GLY R 199 -51.04 -96.04 44.21
CA GLY R 199 -50.44 -95.79 45.50
C GLY R 199 -49.37 -96.76 45.95
N GLN R 200 -48.63 -97.35 45.02
CA GLN R 200 -47.58 -98.28 45.41
C GLN R 200 -46.31 -97.57 45.87
N ASN R 201 -46.20 -96.26 45.66
CA ASN R 201 -45.08 -95.52 46.24
C ASN R 201 -45.18 -95.44 47.76
N VAL R 202 -46.39 -95.17 48.27
CA VAL R 202 -46.64 -95.17 49.70
C VAL R 202 -46.43 -96.55 50.29
N ALA R 203 -46.83 -97.59 49.54
CA ALA R 203 -46.66 -98.96 50.00
C ALA R 203 -45.18 -99.36 50.01
N ASP R 204 -44.41 -98.90 49.02
CA ASP R 204 -42.98 -99.20 49.00
C ASP R 204 -42.25 -98.49 50.13
N TYR R 205 -42.65 -97.24 50.43
CA TYR R 205 -42.03 -96.54 51.55
C TYR R 205 -42.45 -97.13 52.89
N MET R 206 -43.67 -97.67 52.96
CA MET R 206 -44.13 -98.37 54.15
C MET R 206 -43.33 -99.65 54.37
N ARG R 207 -43.11 -100.44 53.30
CA ARG R 207 -42.29 -101.65 53.40
C ARG R 207 -40.84 -101.32 53.72
N TYR R 208 -40.35 -100.19 53.20
CA TYR R 208 -38.97 -99.77 53.49
C TYR R 208 -38.80 -99.39 54.95
N LEU R 209 -39.77 -98.66 55.51
CA LEU R 209 -39.70 -98.33 56.94
C LEU R 209 -39.90 -99.56 57.81
N MET R 210 -40.75 -100.50 57.37
CA MET R 210 -40.96 -101.74 58.12
C MET R 210 -39.70 -102.60 58.13
N GLU R 211 -38.96 -102.59 57.03
CA GLU R 211 -37.68 -103.32 56.99
C GLU R 211 -36.61 -102.55 57.77
N GLU R 212 -36.70 -101.22 57.83
CA GLU R 212 -35.65 -100.44 58.47
C GLU R 212 -35.79 -100.44 59.99
N ASP R 213 -36.87 -99.86 60.51
CA ASP R 213 -37.00 -99.68 61.96
C ASP R 213 -38.45 -99.40 62.33
N GLU R 214 -38.84 -99.88 63.52
CA GLU R 214 -40.23 -99.75 63.96
C GLU R 214 -40.53 -98.38 64.56
N ASP R 215 -39.52 -97.73 65.16
CA ASP R 215 -39.75 -96.44 65.81
C ASP R 215 -40.01 -95.34 64.79
N ALA R 216 -39.20 -95.28 63.73
CA ALA R 216 -39.46 -94.34 62.64
C ALA R 216 -40.71 -94.71 61.86
N TYR R 217 -41.06 -96.00 61.84
CA TYR R 217 -42.31 -96.44 61.21
C TYR R 217 -43.52 -95.90 61.96
N LYS R 218 -43.50 -95.99 63.30
CA LYS R 218 -44.61 -95.46 64.08
C LYS R 218 -44.57 -93.93 64.16
N LYS R 219 -43.40 -93.32 63.94
CA LYS R 219 -43.34 -91.87 63.88
C LYS R 219 -43.93 -91.35 62.57
N GLN R 220 -43.62 -92.03 61.46
CA GLN R 220 -44.12 -91.57 60.16
C GLN R 220 -45.60 -91.90 59.99
N PHE R 221 -45.98 -93.15 60.20
CA PHE R 221 -47.36 -93.59 59.94
C PHE R 221 -47.98 -94.04 61.26
N SER R 222 -49.02 -93.31 61.69
CA SER R 222 -49.74 -93.64 62.90
C SER R 222 -51.19 -94.04 62.66
N GLN R 223 -51.95 -93.21 61.93
CA GLN R 223 -53.34 -93.56 61.65
C GLN R 223 -53.46 -94.68 60.62
N TYR R 224 -52.40 -94.95 59.85
CA TYR R 224 -52.40 -96.15 59.01
C TYR R 224 -52.36 -97.41 59.88
N ILE R 225 -51.66 -97.36 61.00
CA ILE R 225 -51.69 -98.46 61.96
C ILE R 225 -53.02 -98.48 62.72
N LYS R 226 -53.57 -97.28 62.99
CA LYS R 226 -54.80 -97.18 63.77
C LYS R 226 -56.00 -97.71 62.99
N ASN R 227 -56.04 -97.48 61.68
CA ASN R 227 -57.10 -98.00 60.83
C ASN R 227 -56.68 -99.24 60.04
N ASN R 228 -55.55 -99.87 60.42
CA ASN R 228 -55.08 -101.16 59.89
C ASN R 228 -54.82 -101.11 58.39
N VAL R 229 -53.98 -100.17 57.95
CA VAL R 229 -53.64 -100.06 56.54
C VAL R 229 -52.37 -100.86 56.26
N THR R 230 -52.48 -101.84 55.38
CA THR R 230 -51.37 -102.70 54.97
C THR R 230 -51.11 -102.47 53.49
N PRO R 231 -49.87 -102.72 53.01
CA PRO R 231 -49.57 -102.49 51.59
C PRO R 231 -50.32 -103.40 50.62
N ASP R 232 -50.70 -104.60 51.06
CA ASP R 232 -51.45 -105.48 50.18
C ASP R 232 -52.92 -105.07 50.10
N MET R 233 -53.39 -104.28 51.06
CA MET R 233 -54.78 -103.81 51.05
C MET R 233 -54.94 -102.55 50.22
N MET R 234 -53.83 -101.93 49.81
CA MET R 234 -53.86 -100.58 49.25
C MET R 234 -54.51 -100.54 47.87
N GLU R 235 -54.13 -101.46 46.99
CA GLU R 235 -54.63 -101.47 45.61
C GLU R 235 -56.12 -101.81 45.57
N GLU R 236 -56.52 -102.84 46.32
CA GLU R 236 -57.93 -103.21 46.38
C GLU R 236 -58.77 -102.15 47.08
N MET R 237 -58.19 -101.42 48.04
CA MET R 237 -58.94 -100.36 48.71
C MET R 237 -59.19 -99.20 47.77
N TYR R 238 -58.20 -98.82 46.95
CA TYR R 238 -58.46 -97.75 45.99
C TYR R 238 -59.33 -98.22 44.83
N LYS R 239 -59.31 -99.51 44.48
CA LYS R 239 -60.26 -100.01 43.48
C LYS R 239 -61.69 -99.96 43.99
N LYS R 240 -61.91 -100.33 45.26
CA LYS R 240 -63.25 -100.22 45.83
C LYS R 240 -63.66 -98.76 46.02
N ALA R 241 -62.69 -97.87 46.27
CA ALA R 241 -62.99 -96.45 46.37
C ALA R 241 -63.41 -95.87 45.02
N HIS R 242 -62.72 -96.26 43.95
CA HIS R 242 -63.10 -95.82 42.60
C HIS R 242 -64.46 -96.39 42.20
N ALA R 243 -64.74 -97.63 42.61
CA ALA R 243 -66.04 -98.23 42.33
C ALA R 243 -67.16 -97.51 43.07
N ALA R 244 -66.93 -97.13 44.33
CA ALA R 244 -67.95 -96.42 45.09
C ALA R 244 -68.16 -95.01 44.57
N ILE R 245 -67.08 -94.34 44.13
CA ILE R 245 -67.18 -93.01 43.54
C ILE R 245 -67.94 -93.04 42.22
N ARG R 246 -67.64 -94.02 41.36
CA ARG R 246 -68.37 -94.13 40.10
C ARG R 246 -69.77 -94.68 40.29
N GLU R 247 -70.05 -95.28 41.45
CA GLU R 247 -71.40 -95.78 41.71
C GLU R 247 -72.32 -94.68 42.23
N ASN R 248 -71.91 -93.96 43.29
CA ASN R 248 -72.76 -92.97 43.94
C ASN R 248 -72.07 -91.61 43.96
N PRO R 249 -72.14 -90.85 42.86
CA PRO R 249 -71.43 -89.56 42.83
C PRO R 249 -72.24 -88.39 43.38
N VAL R 250 -73.52 -88.56 43.73
CA VAL R 250 -74.33 -87.45 44.18
C VAL R 250 -73.99 -87.12 45.64
N TYR R 251 -74.16 -85.86 46.01
CA TYR R 251 -73.78 -85.38 47.33
C TYR R 251 -75.02 -84.92 48.09
N GLU R 252 -75.06 -85.23 49.39
CA GLU R 252 -76.15 -84.83 50.27
C GLU R 252 -75.61 -83.86 51.31
N LYS R 253 -76.25 -82.71 51.45
CA LYS R 253 -75.81 -81.70 52.40
C LYS R 253 -76.16 -82.09 53.83
N LYS R 254 -75.41 -81.54 54.77
CA LYS R 254 -75.66 -81.79 56.19
C LYS R 254 -76.83 -80.93 56.67
N PRO R 255 -77.71 -81.46 57.52
CA PRO R 255 -78.81 -80.66 58.05
C PRO R 255 -78.32 -79.65 59.08
N LYS R 256 -78.88 -78.44 59.02
CA LYS R 256 -78.44 -77.36 59.89
C LYS R 256 -79.29 -77.33 61.16
N ARG R 257 -78.63 -77.44 62.31
CA ARG R 257 -79.29 -77.27 63.59
C ARG R 257 -79.57 -75.78 63.82
N GLU R 258 -80.55 -75.49 64.68
CA GLU R 258 -80.83 -74.12 65.06
C GLU R 258 -79.65 -73.52 65.83
N VAL R 259 -79.24 -72.33 65.41
CA VAL R 259 -78.06 -71.66 65.95
C VAL R 259 -78.40 -71.12 67.33
N LYS R 260 -77.48 -71.28 68.29
CA LYS R 260 -77.70 -70.78 69.65
C LYS R 260 -77.58 -69.26 69.71
N LYS R 261 -77.03 -68.64 68.66
CA LYS R 261 -76.90 -67.20 68.46
C LYS R 261 -76.13 -66.51 69.57
N LYS R 262 -74.85 -66.87 69.72
CA LYS R 262 -73.97 -66.21 70.67
C LYS R 262 -72.74 -65.71 69.93
N ARG R 263 -72.09 -64.69 70.49
CA ARG R 263 -70.98 -64.02 69.82
C ARG R 263 -69.67 -64.44 70.48
N TRP R 264 -68.86 -65.24 69.78
CA TRP R 264 -67.54 -65.57 70.28
C TRP R 264 -66.58 -64.42 70.04
N ASN R 265 -66.87 -63.56 69.08
CA ASN R 265 -65.99 -62.48 68.71
C ASN R 265 -66.14 -61.31 69.69
N ARG R 266 -65.10 -60.49 69.76
CA ARG R 266 -65.14 -59.28 70.57
C ARG R 266 -65.75 -58.15 69.76
N PRO R 267 -66.80 -57.49 70.24
CA PRO R 267 -67.52 -56.51 69.43
C PRO R 267 -66.74 -55.20 69.31
N LYS R 268 -67.25 -54.35 68.43
CA LYS R 268 -66.55 -53.11 68.08
C LYS R 268 -66.90 -51.99 69.06
N MET R 269 -65.88 -51.26 69.48
CA MET R 269 -66.02 -50.20 70.47
C MET R 269 -66.59 -48.94 69.82
N SER R 270 -67.47 -48.24 70.54
CA SER R 270 -68.19 -47.12 69.97
C SER R 270 -67.47 -45.80 70.24
N LEU R 271 -67.98 -44.75 69.58
CA LEU R 271 -67.36 -43.43 69.65
C LEU R 271 -67.49 -42.83 71.04
N ALA R 272 -68.65 -43.03 71.68
CA ALA R 272 -68.85 -42.56 73.05
C ALA R 272 -67.94 -43.28 74.02
N GLN R 273 -67.69 -44.57 73.80
CA GLN R 273 -66.76 -45.31 74.64
C GLN R 273 -65.33 -44.85 74.45
N LYS R 274 -64.94 -44.54 73.21
CA LYS R 274 -63.58 -44.04 72.96
C LYS R 274 -63.38 -42.66 73.55
N LYS R 275 -64.38 -41.79 73.42
CA LYS R 275 -64.33 -40.45 74.00
C LYS R 275 -64.34 -40.50 75.52
N ASP R 276 -65.00 -41.51 76.10
CA ASP R 276 -64.94 -41.72 77.54
C ASP R 276 -63.58 -42.25 77.97
N ARG R 277 -62.99 -43.14 77.18
CA ARG R 277 -61.69 -43.72 77.51
C ARG R 277 -60.58 -42.67 77.52
N VAL R 278 -60.55 -41.80 76.51
CA VAL R 278 -59.50 -40.78 76.46
C VAL R 278 -59.67 -39.76 77.57
N ALA R 279 -60.92 -39.47 77.95
CA ALA R 279 -61.17 -38.54 79.05
C ALA R 279 -60.77 -39.15 80.39
N GLN R 280 -61.03 -40.46 80.57
CA GLN R 280 -60.60 -41.14 81.79
C GLN R 280 -59.07 -41.24 81.87
N LYS R 281 -58.41 -41.44 80.72
CA LYS R 281 -56.94 -41.50 80.74
C LYS R 281 -56.33 -40.14 81.04
N LYS R 282 -56.92 -39.06 80.51
CA LYS R 282 -56.43 -37.71 80.82
C LYS R 282 -56.68 -37.36 82.29
N ALA R 283 -57.85 -37.73 82.81
CA ALA R 283 -58.15 -37.47 84.23
C ALA R 283 -57.25 -38.30 85.15
N SER R 284 -56.93 -39.54 84.74
CA SER R 284 -56.02 -40.38 85.52
C SER R 284 -54.61 -39.82 85.50
N PHE R 285 -54.16 -39.30 84.36
CA PHE R 285 -52.82 -38.69 84.31
C PHE R 285 -52.76 -37.42 85.14
N LEU R 286 -53.83 -36.61 85.13
CA LEU R 286 -53.86 -35.41 85.94
C LEU R 286 -53.88 -35.73 87.43
N ARG R 287 -54.67 -36.72 87.85
CA ARG R 287 -54.71 -37.04 89.28
C ARG R 287 -53.44 -37.76 89.72
N ALA R 288 -52.77 -38.48 88.81
CA ALA R 288 -51.49 -39.08 89.15
C ALA R 288 -50.40 -38.02 89.27
N GLN R 289 -50.44 -36.99 88.42
CA GLN R 289 -49.49 -35.89 88.55
C GLN R 289 -49.74 -35.08 89.81
N GLU R 290 -51.02 -34.93 90.20
CA GLU R 290 -51.35 -34.24 91.45
C GLU R 290 -50.92 -35.06 92.67
N ARG R 291 -51.07 -36.38 92.60
CA ARG R 291 -50.64 -37.24 93.70
C ARG R 291 -49.12 -37.31 93.81
N ALA R 292 -48.43 -37.25 92.68
CA ALA R 292 -46.97 -37.27 92.69
C ALA R 292 -46.40 -35.94 93.17
N ALA R 293 -46.99 -34.83 92.73
CA ALA R 293 -46.54 -33.51 93.16
C ALA R 293 -47.42 -32.98 94.28
N ASP S 1 58.20 51.59 -45.05
CA ASP S 1 59.39 51.42 -44.22
C ASP S 1 59.16 51.93 -42.80
N ILE S 2 59.21 53.25 -42.64
CA ILE S 2 58.99 53.88 -41.36
C ILE S 2 57.71 54.70 -41.41
N GLN S 3 57.35 55.29 -40.26
CA GLN S 3 56.20 56.18 -40.08
C GLN S 3 54.88 55.49 -40.44
N THR S 4 54.60 54.41 -39.71
CA THR S 4 53.38 53.63 -39.89
C THR S 4 52.32 53.95 -38.84
N GLU S 5 52.56 54.95 -38.02
CA GLU S 5 51.64 55.34 -36.95
C GLU S 5 50.84 56.58 -37.38
N ARG S 6 50.02 57.08 -36.45
CA ARG S 6 49.15 58.20 -36.77
C ARG S 6 49.93 59.52 -36.85
N ALA S 7 50.71 59.83 -35.83
CA ALA S 7 51.49 61.05 -35.82
C ALA S 7 52.71 60.93 -36.73
N TYR S 8 53.35 62.06 -36.99
CA TYR S 8 54.56 62.07 -37.79
C TYR S 8 55.72 61.60 -36.92
N GLN S 9 56.26 60.42 -37.22
CA GLN S 9 57.39 59.89 -36.47
C GLN S 9 58.67 60.57 -36.94
N LYS S 10 59.35 61.25 -36.03
CA LYS S 10 60.57 61.97 -36.36
C LYS S 10 61.44 62.08 -35.11
N GLN S 11 62.72 62.39 -35.34
CA GLN S 11 63.62 62.66 -34.22
C GLN S 11 63.39 64.08 -33.72
N PRO S 12 63.33 64.29 -32.40
CA PRO S 12 63.01 65.64 -31.91
C PRO S 12 64.18 66.61 -31.98
N THR S 13 65.41 66.12 -32.12
CA THR S 13 66.57 67.00 -32.05
C THR S 13 66.79 67.74 -33.37
N ILE S 14 67.00 66.99 -34.45
CA ILE S 14 67.44 67.58 -35.71
C ILE S 14 66.27 68.22 -36.45
N PHE S 15 66.57 69.31 -37.14
CA PHE S 15 65.60 69.99 -37.98
C PHE S 15 65.82 69.60 -39.44
N GLN S 16 64.74 69.15 -40.09
CA GLN S 16 64.85 68.50 -41.39
C GLN S 16 64.04 69.22 -42.47
N ASN S 17 63.68 70.48 -42.24
CA ASN S 17 62.90 71.25 -43.21
C ASN S 17 63.62 72.54 -43.59
N LYS S 18 64.94 72.50 -43.74
CA LYS S 18 65.71 73.68 -44.07
C LYS S 18 65.71 73.91 -45.57
N LYS S 19 66.16 75.10 -45.97
CA LYS S 19 66.13 75.51 -47.37
C LYS S 19 67.20 74.75 -48.15
N ARG S 20 66.78 74.01 -49.17
CA ARG S 20 67.73 73.38 -50.08
C ARG S 20 68.09 74.35 -51.20
N VAL S 21 69.40 74.50 -51.41
CA VAL S 21 70.09 75.45 -52.32
C VAL S 21 69.43 76.83 -52.45
N LYS S 30 69.27 63.77 -48.29
CA LYS S 30 69.41 62.83 -47.17
C LYS S 30 69.24 63.55 -45.84
N LEU S 31 68.46 62.96 -44.94
CA LEU S 31 68.18 63.58 -43.67
C LEU S 31 69.38 63.47 -42.74
N PRO S 32 69.76 64.55 -42.04
CA PRO S 32 70.85 64.45 -41.06
C PRO S 32 70.44 63.67 -39.82
N ARG S 33 71.10 62.54 -39.59
CA ARG S 33 70.70 61.65 -38.51
C ARG S 33 71.44 61.98 -37.22
N TYR S 34 70.71 62.08 -36.12
CA TYR S 34 71.29 62.32 -34.81
C TYR S 34 71.69 61.02 -34.14
N TYR S 35 72.90 61.00 -33.59
CA TYR S 35 73.39 59.87 -32.81
C TYR S 35 74.37 60.39 -31.77
N LYS S 36 74.82 59.50 -30.89
CA LYS S 36 75.74 59.88 -29.83
C LYS S 36 76.46 58.64 -29.33
N ASN S 37 77.53 58.88 -28.57
CA ASN S 37 78.28 57.80 -27.92
C ASN S 37 77.59 57.46 -26.59
N ILE S 38 77.58 56.18 -26.25
CA ILE S 38 76.79 55.69 -25.12
C ILE S 38 77.61 55.71 -23.83
N GLY S 39 78.91 55.51 -23.93
CA GLY S 39 79.78 55.48 -22.76
C GLY S 39 80.20 54.07 -22.37
N LEU S 40 81.07 54.03 -21.35
CA LEU S 40 81.66 52.79 -20.81
C LEU S 40 82.38 51.96 -21.87
N GLY S 41 82.96 52.62 -22.87
CA GLY S 41 83.74 51.93 -23.89
C GLY S 41 82.95 51.09 -24.87
N PHE S 42 81.62 51.16 -24.85
CA PHE S 42 80.79 50.38 -25.76
C PHE S 42 80.76 51.04 -27.13
N LYS S 43 81.00 50.25 -28.17
CA LYS S 43 81.05 50.75 -29.53
C LYS S 43 79.63 50.89 -30.09
N THR S 44 79.38 51.98 -30.80
CA THR S 44 78.11 52.17 -31.48
C THR S 44 78.05 51.28 -32.73
N PRO S 45 76.87 50.77 -33.09
CA PRO S 45 76.79 49.93 -34.29
C PRO S 45 76.78 50.77 -35.56
N LYS S 46 77.08 50.10 -36.68
CA LYS S 46 77.10 50.78 -37.97
C LYS S 46 75.70 51.04 -38.48
N GLU S 47 74.75 50.13 -38.19
CA GLU S 47 73.41 50.25 -38.72
C GLU S 47 72.63 51.38 -38.06
N ALA S 48 72.95 51.70 -36.80
CA ALA S 48 72.29 52.81 -36.11
C ALA S 48 72.66 54.15 -36.75
N ILE S 49 73.83 54.22 -37.36
CA ILE S 49 74.25 55.42 -38.07
C ILE S 49 73.72 55.41 -39.50
N GLU S 50 73.82 54.26 -40.18
CA GLU S 50 73.55 54.22 -41.60
C GLU S 50 72.06 54.19 -41.91
N GLY S 51 71.28 53.47 -41.11
CA GLY S 51 69.88 53.25 -41.43
C GLY S 51 69.02 54.48 -41.23
N THR S 52 67.77 54.37 -41.70
CA THR S 52 66.82 55.47 -41.65
C THR S 52 65.71 55.23 -40.64
N TYR S 53 65.84 54.24 -39.76
CA TYR S 53 64.83 54.02 -38.74
C TYR S 53 64.94 55.10 -37.67
N ILE S 54 63.90 55.21 -36.84
CA ILE S 54 64.02 56.00 -35.62
C ILE S 54 63.53 55.16 -34.44
N ASP S 55 63.95 55.54 -33.24
CA ASP S 55 63.42 54.97 -32.00
C ASP S 55 63.71 55.97 -30.89
N LYS S 56 62.67 56.44 -30.21
CA LYS S 56 62.87 57.43 -29.17
C LYS S 56 63.42 56.80 -27.89
N LYS S 57 63.35 55.49 -27.78
CA LYS S 57 63.83 54.77 -26.60
C LYS S 57 65.14 54.04 -26.86
N CYS S 58 65.76 54.25 -28.02
CA CYS S 58 67.05 53.65 -28.32
C CYS S 58 68.14 54.34 -27.51
N PRO S 59 69.08 53.59 -26.92
CA PRO S 59 70.15 54.25 -26.15
C PRO S 59 71.18 54.96 -27.00
N PHE S 60 71.18 54.74 -28.32
CA PHE S 60 72.11 55.41 -29.21
C PHE S 60 71.48 56.63 -29.88
N THR S 61 70.28 56.47 -30.44
CA THR S 61 69.63 57.54 -31.18
C THR S 61 68.29 57.94 -30.55
N GLY S 62 68.26 58.06 -29.24
CA GLY S 62 67.02 58.43 -28.56
C GLY S 62 67.32 59.19 -27.29
N ASN S 63 66.24 59.56 -26.59
CA ASN S 63 66.34 60.38 -25.39
C ASN S 63 66.29 59.46 -24.17
N VAL S 64 67.35 58.68 -24.01
CA VAL S 64 67.52 57.84 -22.83
C VAL S 64 69.01 57.68 -22.56
N SER S 65 69.40 57.75 -21.29
CA SER S 65 70.80 57.68 -20.89
C SER S 65 71.03 56.47 -20.00
N ILE S 66 72.18 55.83 -20.19
CA ILE S 66 72.57 54.63 -19.45
C ILE S 66 73.32 55.06 -18.21
N ARG S 67 72.88 54.58 -17.04
CA ARG S 67 73.47 54.97 -15.78
C ARG S 67 73.55 53.75 -14.87
N GLY S 68 74.55 53.74 -14.00
CA GLY S 68 74.62 52.73 -12.96
C GLY S 68 75.10 51.35 -13.41
N ARG S 69 74.19 50.38 -13.39
CA ARG S 69 74.57 48.98 -13.54
C ARG S 69 74.62 48.57 -15.01
N ILE S 70 75.57 47.68 -15.31
CA ILE S 70 75.71 47.04 -16.62
C ILE S 70 75.72 45.55 -16.37
N LEU S 71 74.66 44.86 -16.79
CA LEU S 71 74.47 43.45 -16.51
C LEU S 71 74.50 42.64 -17.80
N SER S 72 74.40 41.32 -17.65
CA SER S 72 74.36 40.40 -18.78
C SER S 72 73.24 39.40 -18.58
N GLY S 73 72.82 38.78 -19.69
CA GLY S 73 71.78 37.77 -19.63
C GLY S 73 71.76 36.97 -20.91
N VAL S 74 70.74 36.11 -21.04
CA VAL S 74 70.54 35.30 -22.23
C VAL S 74 69.10 35.51 -22.71
N VAL S 75 68.92 35.55 -24.03
CA VAL S 75 67.62 35.90 -24.62
C VAL S 75 66.79 34.64 -24.76
N THR S 76 65.55 34.68 -24.23
CA THR S 76 64.66 33.54 -24.30
C THR S 76 63.34 33.82 -25.03
N LYS S 77 62.95 35.09 -25.16
CA LYS S 77 61.70 35.45 -25.83
C LYS S 77 61.92 36.68 -26.69
N MET S 78 61.39 36.64 -27.92
CA MET S 78 61.42 37.77 -28.83
C MET S 78 60.06 37.99 -29.47
N LYS S 79 59.00 37.67 -28.75
CA LYS S 79 57.64 37.81 -29.28
C LYS S 79 57.10 39.22 -29.12
N MET S 80 57.69 40.03 -28.26
CA MET S 80 57.27 41.41 -28.08
C MET S 80 57.91 42.29 -29.13
N GLN S 81 57.24 43.40 -29.47
CA GLN S 81 57.80 44.33 -30.45
C GLN S 81 58.64 45.40 -29.75
N ARG S 82 59.81 45.69 -30.33
CA ARG S 82 60.79 46.68 -29.87
C ARG S 82 61.32 46.42 -28.47
N THR S 83 61.13 45.21 -27.93
CA THR S 83 61.60 44.82 -26.61
C THR S 83 61.60 43.30 -26.52
N ILE S 84 62.48 42.77 -25.67
CA ILE S 84 62.65 41.33 -25.50
C ILE S 84 62.68 41.00 -24.03
N VAL S 85 62.48 39.72 -23.71
CA VAL S 85 62.60 39.23 -22.34
C VAL S 85 63.87 38.41 -22.25
N ILE S 86 64.77 38.80 -21.36
CA ILE S 86 66.03 38.10 -21.14
C ILE S 86 65.88 37.20 -19.93
N ARG S 87 66.83 36.29 -19.77
CA ARG S 87 66.86 35.35 -18.66
C ARG S 87 68.22 35.43 -17.99
N ARG S 88 68.23 35.56 -16.67
CA ARG S 88 69.46 35.61 -15.89
C ARG S 88 69.58 34.35 -15.05
N ASP S 89 70.82 33.92 -14.82
CA ASP S 89 71.11 32.76 -13.99
C ASP S 89 72.14 33.13 -12.93
N TYR S 90 71.92 32.66 -11.71
CA TYR S 90 72.85 32.87 -10.61
C TYR S 90 72.70 31.74 -9.60
N LEU S 91 73.73 31.51 -8.81
CA LEU S 91 73.76 30.43 -7.83
C LEU S 91 73.79 31.04 -6.43
N HIS S 92 72.64 31.07 -5.77
CA HIS S 92 72.55 31.63 -4.43
C HIS S 92 73.08 30.65 -3.40
N TYR S 93 73.76 31.18 -2.38
CA TYR S 93 74.43 30.38 -1.36
C TYR S 93 73.65 30.47 -0.05
N ILE S 94 73.20 29.33 0.45
CA ILE S 94 72.60 29.21 1.77
C ILE S 94 73.69 28.81 2.76
N ARG S 95 73.76 29.51 3.90
CA ARG S 95 74.77 29.22 4.91
C ARG S 95 74.52 27.92 5.67
N LYS S 96 73.27 27.46 5.77
CA LYS S 96 72.99 26.22 6.48
C LYS S 96 73.50 25.01 5.70
N TYR S 97 72.97 24.80 4.50
CA TYR S 97 73.43 23.76 3.60
C TYR S 97 74.43 24.37 2.63
N ASN S 98 75.71 24.01 2.77
CA ASN S 98 76.79 24.67 2.04
C ASN S 98 76.78 24.28 0.56
N ARG S 99 75.74 24.74 -0.13
CA ARG S 99 75.44 24.34 -1.49
C ARG S 99 75.04 25.59 -2.27
N PHE S 100 74.65 25.39 -3.53
CA PHE S 100 74.11 26.44 -4.38
C PHE S 100 72.69 26.06 -4.78
N GLU S 101 72.04 26.95 -5.52
CA GLU S 101 70.73 26.64 -6.11
C GLU S 101 70.50 27.57 -7.31
N LYS S 102 69.78 27.05 -8.31
CA LYS S 102 69.49 27.83 -9.50
C LYS S 102 68.23 28.65 -9.31
N ARG S 103 68.38 29.97 -9.31
CA ARG S 103 67.24 30.88 -9.34
C ARG S 103 67.37 31.77 -10.57
N HIS S 104 66.27 31.94 -11.29
CA HIS S 104 66.25 32.79 -12.46
C HIS S 104 65.24 33.91 -12.27
N LYS S 105 65.58 35.10 -12.76
CA LYS S 105 64.72 36.26 -12.71
C LYS S 105 64.68 36.89 -14.10
N ASN S 106 63.57 36.71 -14.80
CA ASN S 106 63.45 37.13 -16.20
C ASN S 106 62.86 38.54 -16.27
N MET S 107 63.74 39.51 -16.48
CA MET S 107 63.32 40.90 -16.62
C MET S 107 63.04 41.24 -18.08
N SER S 108 62.19 42.24 -18.29
CA SER S 108 61.92 42.73 -19.63
C SER S 108 62.84 43.89 -19.96
N VAL S 109 63.55 43.78 -21.09
CA VAL S 109 64.56 44.75 -21.50
C VAL S 109 64.17 45.28 -22.87
N HIS S 110 64.19 46.61 -23.02
CA HIS S 110 63.93 47.23 -24.31
C HIS S 110 65.03 46.88 -25.31
N LEU S 111 64.62 46.36 -26.46
CA LEU S 111 65.52 45.93 -27.53
C LEU S 111 65.49 47.00 -28.61
N SER S 112 66.59 47.71 -28.77
CA SER S 112 66.70 48.68 -29.83
C SER S 112 66.81 47.97 -31.18
N PRO S 113 66.20 48.51 -32.23
CA PRO S 113 66.22 47.81 -33.52
C PRO S 113 67.53 47.95 -34.30
N CYS S 114 68.61 48.46 -33.69
CA CYS S 114 69.90 48.45 -34.37
C CYS S 114 70.48 47.05 -34.42
N PHE S 115 70.14 46.20 -33.44
CA PHE S 115 70.57 44.81 -33.44
C PHE S 115 69.53 43.99 -34.18
N ARG S 116 69.81 43.63 -35.42
CA ARG S 116 68.89 42.88 -36.26
C ARG S 116 69.09 41.37 -36.18
N ASP S 117 70.33 40.91 -36.31
CA ASP S 117 70.63 39.48 -36.27
C ASP S 117 70.70 39.03 -34.81
N VAL S 118 69.52 38.86 -34.22
CA VAL S 118 69.38 38.43 -32.83
C VAL S 118 68.49 37.20 -32.81
N GLN S 119 69.02 36.07 -32.35
CA GLN S 119 68.25 34.85 -32.22
C GLN S 119 68.06 34.53 -30.73
N ILE S 120 67.41 33.41 -30.45
CA ILE S 120 67.23 32.98 -29.08
C ILE S 120 68.52 32.33 -28.57
N GLY S 121 68.76 32.48 -27.28
CA GLY S 121 69.95 31.91 -26.68
C GLY S 121 71.22 32.71 -26.88
N ASP S 122 71.10 34.01 -27.15
CA ASP S 122 72.26 34.88 -27.35
C ASP S 122 72.62 35.56 -26.04
N ILE S 123 73.91 35.62 -25.75
CA ILE S 123 74.40 36.30 -24.55
C ILE S 123 74.38 37.79 -24.80
N VAL S 124 73.47 38.49 -24.15
CA VAL S 124 73.21 39.90 -24.40
C VAL S 124 73.68 40.71 -23.19
N THR S 125 74.11 41.95 -23.46
CA THR S 125 74.52 42.88 -22.43
C THR S 125 73.46 43.97 -22.29
N VAL S 126 72.98 44.17 -21.07
CA VAL S 126 71.92 45.13 -20.78
C VAL S 126 72.47 46.19 -19.83
N GLY S 127 71.76 47.30 -19.74
CA GLY S 127 72.19 48.38 -18.87
C GLY S 127 71.03 49.15 -18.26
N GLU S 128 71.20 49.54 -16.99
CA GLU S 128 70.18 50.28 -16.26
C GLU S 128 70.01 51.68 -16.85
N CYS S 129 68.75 52.12 -16.90
CA CYS S 129 68.41 53.45 -17.39
C CYS S 129 67.17 53.93 -16.66
N ARG S 130 66.56 55.00 -17.17
CA ARG S 130 65.30 55.47 -16.64
C ARG S 130 64.19 54.50 -17.05
N PRO S 131 63.12 54.38 -16.26
CA PRO S 131 62.06 53.43 -16.62
C PRO S 131 61.23 53.85 -17.82
N LEU S 132 61.27 53.05 -18.89
CA LEU S 132 60.50 53.40 -20.09
C LEU S 132 59.08 52.85 -20.03
N SER S 133 58.83 51.84 -19.21
CA SER S 133 57.50 51.28 -19.05
C SER S 133 57.38 50.74 -17.62
N LYS S 134 56.41 49.86 -17.39
CA LYS S 134 56.12 49.39 -16.04
C LYS S 134 57.21 48.48 -15.50
N THR S 135 57.75 47.58 -16.33
CA THR S 135 58.78 46.65 -15.90
C THR S 135 60.10 46.79 -16.65
N VAL S 136 60.20 47.66 -17.64
CA VAL S 136 61.42 47.84 -18.40
C VAL S 136 62.21 49.01 -17.82
N ARG S 137 63.42 48.72 -17.34
CA ARG S 137 64.34 49.75 -16.89
C ARG S 137 65.72 49.57 -17.51
N PHE S 138 65.79 48.84 -18.62
CA PHE S 138 67.07 48.39 -19.15
C PHE S 138 67.09 48.54 -20.66
N ASN S 139 68.22 48.97 -21.20
CA ASN S 139 68.42 48.94 -22.64
C ASN S 139 69.44 47.87 -23.02
N VAL S 140 69.41 47.48 -24.29
CA VAL S 140 70.39 46.56 -24.84
C VAL S 140 71.58 47.34 -25.38
N LEU S 141 72.78 46.99 -24.92
CA LEU S 141 73.98 47.75 -25.26
C LEU S 141 74.85 47.07 -26.31
N LYS S 142 75.18 45.80 -26.11
CA LYS S 142 75.88 45.03 -27.14
C LYS S 142 75.39 43.58 -27.08
N VAL S 143 75.44 42.92 -28.23
CA VAL S 143 74.88 41.57 -28.40
C VAL S 143 76.00 40.68 -28.88
N THR S 144 76.38 39.70 -28.07
CA THR S 144 77.30 38.65 -28.52
C THR S 144 76.48 37.46 -29.00
N LYS S 145 76.84 36.93 -30.16
CA LYS S 145 76.10 35.83 -30.75
C LYS S 145 76.43 34.53 -30.00
N ALA S 146 75.52 33.56 -30.09
CA ALA S 146 75.63 32.31 -29.36
C ALA S 146 76.78 31.45 -29.90
N ALA S 147 77.04 30.36 -29.19
CA ALA S 147 78.11 29.45 -29.54
C ALA S 147 77.80 28.73 -30.85
N GLY S 148 78.58 29.02 -31.87
CA GLY S 148 78.32 28.44 -33.18
C GLY S 148 77.22 29.21 -33.88
N THR S 149 76.35 28.46 -34.58
CA THR S 149 75.22 28.97 -35.36
C THR S 149 75.66 30.07 -36.35
N LYS S 150 76.74 29.78 -37.09
CA LYS S 150 77.30 30.75 -38.01
C LYS S 150 76.45 30.92 -39.26
N LYS S 151 75.72 29.88 -39.66
CA LYS S 151 74.85 29.94 -40.82
C LYS S 151 73.62 30.82 -40.57
N LYS T 1 -150.28 -0.93 8.84
CA LYS T 1 -150.68 0.43 9.16
C LYS T 1 -150.40 0.75 10.63
N GLY T 2 -149.63 1.81 10.85
CA GLY T 2 -149.27 2.22 12.20
C GLY T 2 -148.39 3.45 12.22
N LYS T 3 -148.53 4.28 13.25
CA LYS T 3 -147.72 5.49 13.32
C LYS T 3 -146.29 5.14 13.73
N PRO T 4 -145.30 5.87 13.21
CA PRO T 4 -143.91 5.62 13.62
C PRO T 4 -143.61 6.26 14.97
N HIS T 5 -142.96 5.49 15.84
CA HIS T 5 -142.55 6.00 17.14
C HIS T 5 -141.07 6.34 17.10
N CYS T 6 -140.66 7.25 17.98
CA CYS T 6 -139.27 7.68 18.04
C CYS T 6 -138.40 6.60 18.69
N SER T 7 -137.12 6.92 18.86
CA SER T 7 -136.19 5.98 19.48
C SER T 7 -136.49 5.85 20.97
N ARG T 8 -136.74 4.61 21.41
CA ARG T 8 -137.10 4.36 22.80
C ARG T 8 -135.92 4.64 23.73
N ASN T 9 -134.84 3.88 23.57
CA ASN T 9 -133.68 4.06 24.44
C ASN T 9 -132.92 5.33 24.04
N PRO T 10 -132.40 6.08 25.01
CA PRO T 10 -131.72 7.34 24.68
C PRO T 10 -130.33 7.11 24.13
N VAL T 11 -129.76 8.19 23.59
CA VAL T 11 -128.41 8.16 23.04
C VAL T 11 -127.42 8.35 24.19
N LEU T 12 -126.83 7.24 24.65
CA LEU T 12 -125.93 7.28 25.81
C LEU T 12 -124.49 7.51 25.36
N VAL T 13 -123.97 6.61 24.53
CA VAL T 13 -122.76 6.82 23.74
C VAL T 13 -123.21 6.69 22.29
N ARG T 14 -122.55 7.44 21.41
CA ARG T 14 -122.83 7.39 19.97
C ARG T 14 -122.61 5.98 19.42
N GLY T 15 -123.69 5.37 18.94
CA GLY T 15 -123.63 4.00 18.46
C GLY T 15 -123.82 2.94 19.52
N ILE T 16 -124.09 3.32 20.76
CA ILE T 16 -124.28 2.39 21.86
C ILE T 16 -125.58 2.71 22.57
N GLY T 17 -126.50 1.75 22.60
CA GLY T 17 -127.71 1.92 23.36
C GLY T 17 -127.48 1.94 24.85
N ARG T 18 -128.39 2.60 25.54
CA ARG T 18 -128.28 2.72 27.00
C ARG T 18 -128.66 1.41 27.68
N TYR T 19 -129.64 0.70 27.14
CA TYR T 19 -130.00 -0.63 27.64
C TYR T 19 -129.45 -1.72 26.74
N SER T 20 -129.28 -2.91 27.33
CA SER T 20 -128.88 -4.10 26.60
C SER T 20 -130.02 -4.61 25.73
N ARG T 21 -129.74 -5.65 24.96
CA ARG T 21 -130.71 -6.09 23.96
C ARG T 21 -131.89 -6.84 24.58
N SER T 22 -131.69 -7.48 25.74
CA SER T 22 -132.82 -8.17 26.37
C SER T 22 -133.75 -7.20 27.10
N ALA T 23 -133.19 -6.17 27.74
CA ALA T 23 -134.02 -5.11 28.29
C ALA T 23 -134.70 -4.31 27.18
N MET T 24 -134.03 -4.17 26.04
CA MET T 24 -134.65 -3.54 24.87
C MET T 24 -135.76 -4.41 24.29
N TYR T 25 -135.58 -5.73 24.38
CA TYR T 25 -136.63 -6.68 23.97
C TYR T 25 -137.86 -6.55 24.86
N SER T 26 -137.65 -6.47 26.18
CA SER T 26 -138.76 -6.30 27.11
C SER T 26 -139.42 -4.92 26.98
N ARG T 27 -138.65 -3.91 26.52
CA ARG T 27 -139.24 -2.59 26.25
C ARG T 27 -140.04 -2.58 24.96
N LYS T 28 -139.53 -3.23 23.91
CA LYS T 28 -140.27 -3.32 22.65
C LYS T 28 -141.52 -4.19 22.77
N ALA T 29 -141.52 -5.12 23.75
CA ALA T 29 -142.60 -6.07 24.00
C ALA T 29 -142.86 -6.94 22.76
N LEU T 30 -141.80 -7.58 22.28
CA LEU T 30 -141.89 -8.48 21.13
C LEU T 30 -142.34 -9.88 21.52
N TYR T 31 -142.59 -10.12 22.81
CA TYR T 31 -143.17 -11.39 23.24
C TYR T 31 -144.61 -11.51 22.79
N LYS T 32 -145.31 -10.37 22.64
CA LYS T 32 -146.66 -10.33 22.11
C LYS T 32 -146.72 -9.64 20.76
N ARG T 33 -145.57 -9.50 20.09
CA ARG T 33 -145.54 -9.06 18.70
C ARG T 33 -144.90 -10.21 17.89
N LYS T 34 -145.31 -11.44 18.19
CA LYS T 34 -144.80 -12.61 17.50
C LYS T 34 -145.69 -12.94 16.31
N TYR T 35 -145.06 -13.41 15.23
CA TYR T 35 -145.77 -13.71 14.00
C TYR T 35 -145.18 -14.96 13.35
N ALA T 36 -145.93 -15.51 12.40
CA ALA T 36 -145.48 -16.65 11.63
C ALA T 36 -146.13 -16.59 10.25
N ALA T 37 -145.61 -17.41 9.34
CA ALA T 37 -146.14 -17.47 7.97
C ALA T 37 -145.98 -18.86 7.39
N LEU T 52 -144.26 -2.69 -17.75
CA LEU T 52 -143.89 -1.33 -17.35
C LEU T 52 -143.24 -0.57 -18.50
N ALA T 53 -142.42 -1.28 -19.28
CA ALA T 53 -141.67 -0.62 -20.35
C ALA T 53 -142.50 -0.46 -21.62
N THR T 54 -143.62 -1.17 -21.72
CA THR T 54 -144.44 -1.17 -22.93
C THR T 54 -145.68 -0.32 -22.69
N VAL T 55 -145.95 0.60 -23.62
CA VAL T 55 -147.14 1.44 -23.59
C VAL T 55 -147.89 1.26 -24.91
N THR T 56 -149.16 0.89 -24.81
CA THR T 56 -150.01 0.72 -25.99
C THR T 56 -150.65 2.05 -26.36
N LYS T 57 -150.51 2.44 -27.63
CA LYS T 57 -151.05 3.71 -28.11
C LYS T 57 -151.79 3.50 -29.42
N PRO T 58 -153.00 4.03 -29.56
CA PRO T 58 -153.71 3.94 -30.83
C PRO T 58 -153.17 4.93 -31.85
N VAL T 59 -152.90 4.41 -33.05
CA VAL T 59 -152.38 5.21 -34.16
C VAL T 59 -153.31 5.03 -35.35
N GLY T 60 -153.84 6.14 -35.85
CA GLY T 60 -154.72 6.11 -36.99
C GLY T 60 -153.98 5.99 -38.32
N GLY T 65 -153.77 0.63 -40.13
CA GLY T 65 -152.80 0.31 -39.10
C GLY T 65 -153.39 -0.43 -37.92
N GLY T 66 -153.30 0.17 -36.74
CA GLY T 66 -153.83 -0.43 -35.54
C GLY T 66 -153.33 0.24 -34.28
N THR T 67 -152.85 -0.57 -33.32
CA THR T 67 -152.31 -0.04 -32.07
C THR T 67 -150.83 -0.39 -32.00
N ARG T 68 -150.00 0.59 -31.68
CA ARG T 68 -148.56 0.42 -31.63
C ARG T 68 -148.09 0.29 -30.18
N VAL T 69 -147.09 -0.54 -29.96
CA VAL T 69 -146.55 -0.77 -28.63
C VAL T 69 -145.20 -0.05 -28.57
N VAL T 70 -145.20 1.13 -27.92
CA VAL T 70 -143.97 1.89 -27.80
C VAL T 70 -143.22 1.45 -26.54
N LYS T 71 -141.92 1.75 -26.52
CA LYS T 71 -141.02 1.30 -25.48
C LYS T 71 -140.41 2.51 -24.76
N LEU T 72 -140.45 2.47 -23.44
CA LEU T 72 -139.79 3.48 -22.61
C LEU T 72 -138.45 2.95 -22.12
N ARG T 73 -137.48 3.85 -22.04
CA ARG T 73 -136.07 3.56 -21.71
C ARG T 73 -135.50 2.50 -22.66
N LYS T 74 -135.55 2.80 -23.95
CA LYS T 74 -135.07 1.85 -24.95
C LYS T 74 -133.55 1.88 -25.06
N MET T 75 -133.04 1.08 -26.00
CA MET T 75 -131.60 0.92 -26.14
C MET T 75 -130.97 2.20 -26.72
N PRO T 76 -129.74 2.52 -26.35
CA PRO T 76 -129.08 3.72 -26.88
C PRO T 76 -128.68 3.54 -28.34
N ARG T 77 -128.64 4.68 -29.05
CA ARG T 77 -128.30 4.65 -30.47
C ARG T 77 -126.79 4.75 -30.70
N TYR T 78 -126.04 5.22 -29.71
CA TYR T 78 -124.61 5.45 -29.86
C TYR T 78 -123.87 4.92 -28.64
N TYR T 79 -122.84 4.16 -28.88
CA TYR T 79 -121.93 3.67 -27.86
C TYR T 79 -120.54 4.27 -28.05
N PRO T 80 -119.86 4.61 -26.96
CA PRO T 80 -118.47 5.08 -27.07
C PRO T 80 -117.53 3.90 -27.29
N THR T 81 -116.24 4.24 -27.40
CA THR T 81 -115.25 3.22 -27.73
C THR T 81 -114.95 2.33 -26.53
N GLU T 82 -114.87 2.90 -25.33
CA GLU T 82 -114.55 2.13 -24.15
C GLU T 82 -115.23 2.76 -22.94
N ASP T 83 -115.78 1.93 -22.07
CA ASP T 83 -116.42 2.38 -20.84
C ASP T 83 -115.55 2.04 -19.64
N VAL T 84 -115.70 2.84 -18.58
CA VAL T 84 -115.04 2.58 -17.32
C VAL T 84 -115.90 1.61 -16.52
N PRO T 85 -115.32 0.78 -15.65
CA PRO T 85 -116.16 -0.08 -14.79
C PRO T 85 -116.79 0.72 -13.67
N ARG T 86 -117.75 0.09 -13.01
CA ARG T 86 -118.39 0.70 -11.85
C ARG T 86 -117.42 0.71 -10.67
N LYS T 87 -117.60 1.68 -9.78
CA LYS T 87 -116.74 1.85 -8.62
C LYS T 87 -117.30 1.07 -7.44
N LEU T 88 -116.42 0.81 -6.47
CA LEU T 88 -116.82 0.08 -5.28
C LEU T 88 -117.69 0.94 -4.37
N LEU T 89 -118.52 0.27 -3.57
CA LEU T 89 -119.53 0.95 -2.75
C LEU T 89 -118.88 1.44 -1.46
N SER T 90 -118.69 2.75 -1.35
CA SER T 90 -118.25 3.34 -0.10
C SER T 90 -119.43 3.44 0.86
N HIS T 91 -119.14 3.33 2.16
CA HIS T 91 -120.19 3.16 3.16
C HIS T 91 -120.53 4.43 3.92
N GLY T 92 -119.56 5.29 4.21
CA GLY T 92 -119.84 6.46 5.03
C GLY T 92 -119.59 7.79 4.39
N LYS T 93 -119.94 7.93 3.11
CA LYS T 93 -119.65 9.14 2.34
C LYS T 93 -120.96 9.85 2.01
N LYS T 94 -121.26 10.88 2.79
CA LYS T 94 -122.49 11.64 2.68
C LYS T 94 -122.30 12.85 1.77
N PRO T 95 -123.36 13.35 1.15
CA PRO T 95 -123.29 14.63 0.44
C PRO T 95 -123.25 15.79 1.43
N PHE T 96 -123.10 17.00 0.87
CA PHE T 96 -122.85 18.17 1.70
C PHE T 96 -124.09 18.61 2.48
N SER T 97 -125.28 18.30 1.96
CA SER T 97 -126.50 18.70 2.65
C SER T 97 -126.79 17.80 3.84
N GLN T 98 -126.30 16.56 3.81
CA GLN T 98 -126.59 15.61 4.88
C GLN T 98 -125.50 15.52 5.93
N HIS T 99 -124.50 16.41 5.89
CA HIS T 99 -123.45 16.40 6.91
C HIS T 99 -123.97 16.93 8.24
N VAL T 100 -123.21 16.66 9.29
CA VAL T 100 -123.44 17.27 10.60
C VAL T 100 -122.68 18.60 10.64
N ARG T 101 -123.27 19.60 11.27
CA ARG T 101 -122.75 20.97 11.24
C ARG T 101 -122.35 21.36 12.65
N LYS T 102 -121.06 21.59 12.85
CA LYS T 102 -120.49 21.80 14.18
C LYS T 102 -120.55 23.27 14.57
N LEU T 103 -120.26 23.53 15.85
CA LEU T 103 -120.20 24.86 16.41
C LEU T 103 -119.06 24.93 17.41
N ARG T 104 -118.71 26.16 17.79
CA ARG T 104 -117.73 26.35 18.85
C ARG T 104 -118.42 26.70 20.17
N ALA T 105 -117.65 26.60 21.25
CA ALA T 105 -118.19 26.99 22.56
C ALA T 105 -118.22 28.51 22.72
N SER T 106 -117.36 29.21 21.99
CA SER T 106 -117.32 30.67 22.10
C SER T 106 -118.37 31.32 21.21
N ILE T 107 -118.64 30.75 20.03
CA ILE T 107 -119.58 31.33 19.09
C ILE T 107 -120.99 30.99 19.59
N THR T 108 -121.67 31.98 20.17
CA THR T 108 -123.05 31.92 20.60
C THR T 108 -123.84 33.03 19.90
N PRO T 109 -125.15 32.84 19.67
CA PRO T 109 -125.95 33.93 19.09
C PRO T 109 -126.07 35.12 20.03
N GLY T 110 -125.44 36.23 19.65
CA GLY T 110 -125.41 37.42 20.48
C GLY T 110 -124.04 38.04 20.58
N THR T 111 -123.00 37.31 20.20
CA THR T 111 -121.64 37.79 20.39
C THR T 111 -121.24 38.76 19.28
N ILE T 112 -120.07 39.37 19.47
CA ILE T 112 -119.47 40.24 18.47
C ILE T 112 -118.25 39.54 17.89
N LEU T 113 -118.31 39.25 16.60
CA LEU T 113 -117.26 38.55 15.89
C LEU T 113 -116.30 39.55 15.25
N ILE T 114 -115.14 39.04 14.81
CA ILE T 114 -114.17 39.84 14.06
C ILE T 114 -114.01 39.15 12.71
N ILE T 115 -114.54 39.76 11.66
CA ILE T 115 -114.37 39.19 10.32
C ILE T 115 -112.99 39.52 9.78
N LEU T 116 -112.28 38.52 9.27
CA LEU T 116 -110.88 38.69 8.91
C LEU T 116 -110.63 38.58 7.40
N THR T 117 -111.04 37.48 6.80
CA THR T 117 -110.48 37.09 5.51
C THR T 117 -111.25 37.71 4.34
N GLY T 118 -112.43 38.25 4.61
CA GLY T 118 -113.21 38.93 3.59
C GLY T 118 -112.62 40.28 3.23
N ARG T 119 -113.36 41.01 2.38
CA ARG T 119 -112.94 42.37 2.05
C ARG T 119 -113.22 43.34 3.20
N HIS T 120 -114.10 42.95 4.14
CA HIS T 120 -114.30 43.69 5.37
C HIS T 120 -113.29 43.18 6.40
N ARG T 121 -112.07 43.70 6.28
CA ARG T 121 -110.93 43.18 7.04
C ARG T 121 -110.93 43.74 8.44
N GLY T 122 -110.94 42.86 9.44
CA GLY T 122 -110.76 43.26 10.82
C GLY T 122 -111.93 43.97 11.45
N LYS T 123 -113.12 43.85 10.89
CA LYS T 123 -114.27 44.57 11.42
C LYS T 123 -114.98 43.77 12.50
N ARG T 124 -115.40 44.47 13.55
CA ARG T 124 -116.14 43.86 14.64
C ARG T 124 -117.63 43.94 14.34
N VAL T 125 -118.22 42.80 13.98
CA VAL T 125 -119.58 42.74 13.44
C VAL T 125 -120.41 41.81 14.33
N VAL T 126 -121.65 42.20 14.61
CA VAL T 126 -122.51 41.47 15.52
C VAL T 126 -123.03 40.19 14.84
N PHE T 127 -122.98 39.07 15.56
CA PHE T 127 -123.44 37.78 15.06
C PHE T 127 -124.91 37.55 15.42
N LEU T 128 -125.67 37.02 14.47
CA LEU T 128 -127.11 36.81 14.66
C LEU T 128 -127.47 35.38 15.03
N LYS T 129 -127.18 34.42 14.14
CA LYS T 129 -127.73 33.07 14.27
C LYS T 129 -126.99 32.12 13.33
N GLN T 130 -127.33 30.84 13.46
CA GLN T 130 -126.74 29.80 12.62
C GLN T 130 -127.69 29.44 11.49
N LEU T 131 -127.15 29.34 10.28
CA LEU T 131 -127.94 28.98 9.11
C LEU T 131 -128.09 27.46 9.01
N SER T 132 -128.60 27.02 7.85
CA SER T 132 -128.84 25.60 7.66
C SER T 132 -127.62 24.90 7.06
N SER T 133 -126.91 25.58 6.16
CA SER T 133 -125.82 24.92 5.45
C SER T 133 -124.54 24.84 6.29
N GLY T 134 -124.40 25.73 7.26
CA GLY T 134 -123.21 25.77 8.11
C GLY T 134 -122.55 27.12 8.19
N LEU T 135 -122.94 28.08 7.36
CA LEU T 135 -122.30 29.39 7.38
C LEU T 135 -122.96 30.28 8.40
N LEU T 136 -122.16 31.15 9.01
CA LEU T 136 -122.62 32.07 10.05
C LEU T 136 -123.32 33.25 9.40
N LEU T 137 -124.59 33.48 9.77
CA LEU T 137 -125.30 34.68 9.36
C LEU T 137 -124.92 35.83 10.28
N VAL T 138 -124.09 36.76 9.77
CA VAL T 138 -123.52 37.83 10.56
C VAL T 138 -123.94 39.16 9.94
N THR T 139 -124.45 40.07 10.79
CA THR T 139 -125.02 41.32 10.30
C THR T 139 -124.75 42.41 11.33
N GLY T 140 -124.08 43.47 10.91
CA GLY T 140 -123.90 44.64 11.71
C GLY T 140 -124.77 45.76 11.19
N PRO T 141 -124.86 46.86 11.94
CA PRO T 141 -125.56 48.05 11.45
C PRO T 141 -124.88 48.66 10.23
N LEU T 142 -125.67 49.02 9.22
CA LEU T 142 -125.11 49.60 8.01
C LEU T 142 -124.59 51.01 8.28
N SER T 143 -125.17 51.69 9.28
CA SER T 143 -124.67 53.01 9.65
C SER T 143 -123.36 52.91 10.40
N LEU T 144 -123.15 51.81 11.14
CA LEU T 144 -121.97 51.69 12.00
C LEU T 144 -120.84 50.94 11.32
N ASN T 145 -121.08 49.67 10.95
CA ASN T 145 -120.00 48.81 10.48
C ASN T 145 -119.81 48.89 8.97
N ARG T 146 -120.85 49.33 8.23
CA ARG T 146 -120.97 49.21 6.79
C ARG T 146 -120.78 47.75 6.40
N VAL T 147 -121.60 46.87 6.98
CA VAL T 147 -121.55 45.43 6.72
C VAL T 147 -122.96 44.93 6.45
N PRO T 148 -123.22 44.34 5.28
CA PRO T 148 -124.57 43.83 4.99
C PRO T 148 -124.88 42.52 5.69
N LEU T 149 -126.01 41.91 5.30
CA LEU T 149 -126.39 40.58 5.77
C LEU T 149 -125.43 39.57 5.14
N ARG T 150 -124.32 39.25 5.81
CA ARG T 150 -123.24 38.53 5.16
C ARG T 150 -123.04 37.17 5.82
N ARG T 151 -122.77 36.16 5.00
CA ARG T 151 -122.34 34.88 5.51
C ARG T 151 -120.83 34.91 5.75
N THR T 152 -120.42 34.38 6.90
CA THR T 152 -119.01 34.24 7.23
C THR T 152 -118.76 32.80 7.64
N HIS T 153 -117.59 32.27 7.28
CA HIS T 153 -117.29 30.91 7.65
C HIS T 153 -116.87 30.84 9.12
N GLN T 154 -117.11 29.67 9.74
CA GLN T 154 -116.89 29.50 11.17
C GLN T 154 -115.41 29.56 11.52
N LYS T 155 -114.56 28.97 10.67
CA LYS T 155 -113.13 28.94 10.96
C LYS T 155 -112.49 30.31 10.73
N PHE T 156 -113.00 31.08 9.77
CA PHE T 156 -112.38 32.31 9.29
C PHE T 156 -112.73 33.53 10.15
N VAL T 157 -113.10 33.32 11.41
CA VAL T 157 -113.66 34.36 12.27
C VAL T 157 -113.06 34.23 13.67
N ILE T 158 -112.51 35.33 14.18
CA ILE T 158 -112.17 35.45 15.60
C ILE T 158 -113.44 35.83 16.35
N ALA T 159 -113.77 35.06 17.39
CA ALA T 159 -114.96 35.31 18.21
C ALA T 159 -114.52 36.04 19.48
N THR T 160 -115.04 37.25 19.68
CA THR T 160 -114.73 38.04 20.86
C THR T 160 -115.85 37.91 21.88
N SER T 161 -115.49 37.61 23.13
CA SER T 161 -116.47 37.42 24.20
C SER T 161 -116.99 38.78 24.66
N THR T 162 -117.91 39.32 23.86
CA THR T 162 -118.63 40.54 24.20
C THR T 162 -120.05 40.36 23.65
N LYS T 163 -120.96 39.94 24.53
CA LYS T 163 -122.26 39.44 24.13
C LYS T 163 -123.36 40.42 24.49
N ILE T 164 -124.44 40.37 23.71
CA ILE T 164 -125.63 41.18 23.95
C ILE T 164 -126.83 40.24 24.03
N ASP T 165 -127.95 40.78 24.52
CA ASP T 165 -129.19 40.03 24.61
C ASP T 165 -129.90 40.10 23.27
N ILE T 166 -129.72 39.07 22.45
CA ILE T 166 -130.27 39.05 21.10
C ILE T 166 -131.49 38.13 20.98
N SER T 167 -131.82 37.41 22.07
CA SER T 167 -132.85 36.38 22.00
C SER T 167 -134.25 36.97 21.84
N GLY T 168 -134.43 38.24 22.17
CA GLY T 168 -135.73 38.87 22.02
C GLY T 168 -135.90 39.61 20.71
N VAL T 169 -135.60 38.95 19.58
CA VAL T 169 -135.80 39.53 18.27
C VAL T 169 -136.68 38.60 17.44
N LYS T 170 -137.10 39.08 16.28
CA LYS T 170 -137.89 38.31 15.33
C LYS T 170 -137.13 38.30 14.01
N ILE T 171 -136.32 37.27 13.81
CA ILE T 171 -135.57 37.14 12.56
C ILE T 171 -136.52 36.71 11.44
N PRO T 172 -136.35 37.20 10.22
CA PRO T 172 -137.19 36.72 9.12
C PRO T 172 -136.87 35.27 8.75
N LYS T 173 -137.90 34.54 8.33
CA LYS T 173 -137.74 33.14 7.99
C LYS T 173 -137.55 32.90 6.50
N HIS T 174 -137.81 33.91 5.66
CA HIS T 174 -137.65 33.75 4.23
C HIS T 174 -136.18 33.71 3.83
N LEU T 175 -135.31 34.33 4.62
CA LEU T 175 -133.89 34.30 4.35
C LEU T 175 -133.31 32.95 4.75
N THR T 176 -132.41 32.43 3.92
CA THR T 176 -131.80 31.12 4.11
C THR T 176 -130.46 31.13 3.38
N ASP T 177 -129.82 29.95 3.28
CA ASP T 177 -128.57 29.86 2.54
C ASP T 177 -128.79 30.05 1.05
N ALA T 178 -129.95 29.63 0.53
CA ALA T 178 -130.26 29.83 -0.87
C ALA T 178 -130.64 31.27 -1.18
N TYR T 179 -130.96 32.06 -0.15
CA TYR T 179 -131.28 33.47 -0.36
C TYR T 179 -130.03 34.28 -0.69
N PHE T 180 -128.88 33.90 -0.13
CA PHE T 180 -127.64 34.64 -0.34
C PHE T 180 -126.73 33.99 -1.38
N LYS T 181 -127.24 33.04 -2.17
CA LYS T 181 -126.42 32.41 -3.19
C LYS T 181 -126.21 33.39 -4.35
N LYS T 182 -125.01 33.36 -4.92
CA LYS T 182 -124.66 34.33 -5.95
C LYS T 182 -125.34 33.97 -7.28
N LYS T 183 -125.96 34.98 -7.90
CA LYS T 183 -126.75 34.76 -9.11
C LYS T 183 -125.85 34.47 -10.31
N LYS T 184 -124.97 35.41 -10.65
CA LYS T 184 -124.05 35.23 -11.76
C LYS T 184 -122.76 36.00 -11.53
N LYS T 202 -122.11 43.92 -13.50
CA LYS T 202 -122.38 44.71 -12.30
C LYS T 202 -123.39 44.00 -11.41
N TYR T 203 -123.45 44.42 -10.15
CA TYR T 203 -124.37 43.85 -9.17
C TYR T 203 -125.16 44.98 -8.53
N GLU T 204 -126.46 45.02 -8.80
CA GLU T 204 -127.33 46.04 -8.24
C GLU T 204 -128.05 45.50 -7.00
N ILE T 205 -128.27 46.37 -6.03
CA ILE T 205 -128.89 45.97 -4.77
C ILE T 205 -130.40 46.00 -4.94
N THR T 206 -131.05 44.87 -4.63
CA THR T 206 -132.51 44.80 -4.70
C THR T 206 -133.13 45.50 -3.50
N GLU T 207 -134.44 45.72 -3.59
CA GLU T 207 -135.14 46.39 -2.50
C GLU T 207 -135.39 45.45 -1.32
N GLN T 208 -135.42 44.14 -1.56
CA GLN T 208 -135.67 43.19 -0.48
C GLN T 208 -134.48 43.12 0.48
N ARG T 209 -133.27 43.26 -0.05
CA ARG T 209 -132.08 43.33 0.80
C ARG T 209 -132.11 44.57 1.69
N LYS T 210 -132.57 45.70 1.15
CA LYS T 210 -132.63 46.93 1.93
C LYS T 210 -133.73 46.85 3.00
N VAL T 211 -134.87 46.25 2.66
CA VAL T 211 -135.95 46.07 3.64
C VAL T 211 -135.52 45.12 4.76
N ASP T 212 -134.83 44.03 4.40
CA ASP T 212 -134.35 43.09 5.41
C ASP T 212 -133.26 43.71 6.29
N GLN T 213 -132.39 44.51 5.69
CA GLN T 213 -131.33 45.17 6.45
C GLN T 213 -131.90 46.21 7.41
N LYS T 214 -132.91 46.95 6.97
CA LYS T 214 -133.60 47.89 7.86
C LYS T 214 -134.35 47.17 8.98
N ALA T 215 -134.97 46.04 8.67
CA ALA T 215 -135.73 45.31 9.70
C ALA T 215 -134.81 44.68 10.74
N VAL T 216 -133.63 44.21 10.32
CA VAL T 216 -132.69 43.65 11.29
C VAL T 216 -131.97 44.76 12.05
N ASP T 217 -131.72 45.91 11.38
CA ASP T 217 -131.08 47.03 12.04
C ASP T 217 -131.97 47.67 13.10
N SER T 218 -133.29 47.70 12.85
CA SER T 218 -134.21 48.25 13.84
C SER T 218 -134.33 47.36 15.07
N GLN T 219 -133.96 46.09 14.96
CA GLN T 219 -133.96 45.20 16.11
C GLN T 219 -132.63 45.23 16.84
N ILE T 220 -131.53 45.39 16.10
CA ILE T 220 -130.21 45.40 16.72
C ILE T 220 -129.91 46.74 17.39
N LEU T 221 -130.22 47.85 16.72
CA LEU T 221 -129.70 49.16 17.09
C LEU T 221 -130.08 49.67 18.49
N PRO T 222 -131.32 49.57 19.00
CA PRO T 222 -131.52 49.98 20.39
C PRO T 222 -130.87 49.05 21.41
N LYS T 223 -130.74 47.75 21.08
CA LYS T 223 -130.14 46.82 22.02
C LYS T 223 -128.63 47.02 22.11
N ILE T 224 -128.02 47.62 21.09
CA ILE T 224 -126.59 47.91 21.19
C ILE T 224 -126.36 49.36 21.63
N LYS T 225 -127.34 50.24 21.43
CA LYS T 225 -127.20 51.60 21.98
C LYS T 225 -127.57 51.66 23.45
N ALA T 226 -128.22 50.61 23.97
CA ALA T 226 -128.40 50.50 25.42
C ALA T 226 -127.09 50.22 26.13
N VAL T 227 -126.17 49.53 25.47
CA VAL T 227 -124.86 49.23 26.05
C VAL T 227 -123.94 50.44 25.84
N PRO T 228 -123.30 50.96 26.88
CA PRO T 228 -122.45 52.15 26.72
C PRO T 228 -121.17 51.84 25.95
N GLN T 229 -120.79 52.77 25.08
CA GLN T 229 -119.56 52.77 24.28
C GLN T 229 -119.42 51.53 23.39
N LEU T 230 -120.53 50.97 22.91
CA LEU T 230 -120.47 49.79 22.07
C LEU T 230 -120.46 50.13 20.59
N GLN T 231 -121.13 51.21 20.19
CA GLN T 231 -121.19 51.56 18.78
C GLN T 231 -119.83 52.07 18.28
N GLY T 232 -119.06 52.72 19.16
CA GLY T 232 -117.71 53.11 18.79
C GLY T 232 -116.80 51.89 18.65
N TYR T 233 -116.99 50.89 19.50
CA TYR T 233 -116.28 49.62 19.38
C TYR T 233 -116.63 48.91 18.08
N LEU T 234 -117.89 49.02 17.65
CA LEU T 234 -118.28 48.40 16.39
C LEU T 234 -117.73 49.18 15.19
N ARG T 235 -117.66 50.51 15.29
CA ARG T 235 -117.15 51.30 14.18
C ARG T 235 -115.63 51.17 14.05
N SER T 236 -114.92 51.04 15.16
CA SER T 236 -113.47 50.92 15.11
C SER T 236 -113.05 49.55 14.58
N VAL T 237 -111.95 49.53 13.83
CA VAL T 237 -111.45 48.32 13.20
C VAL T 237 -110.44 47.66 14.14
N PHE T 238 -110.30 46.35 14.04
CA PHE T 238 -109.29 45.62 14.79
C PHE T 238 -107.97 45.61 14.03
N ALA T 239 -106.88 45.82 14.75
CA ALA T 239 -105.56 45.90 14.13
C ALA T 239 -104.50 45.55 15.17
N LEU T 240 -103.48 44.82 14.74
CA LEU T 240 -102.37 44.49 15.60
C LEU T 240 -101.33 45.60 15.57
N THR T 241 -100.49 45.63 16.61
CA THR T 241 -99.45 46.65 16.74
C THR T 241 -98.29 46.05 17.52
N ASN T 242 -97.32 46.90 17.84
CA ASN T 242 -96.13 46.45 18.55
C ASN T 242 -96.45 46.15 20.01
N GLY T 243 -95.97 45.00 20.50
CA GLY T 243 -96.22 44.61 21.87
C GLY T 243 -97.57 43.98 22.11
N VAL T 244 -98.25 43.56 21.04
CA VAL T 244 -99.55 42.91 21.12
C VAL T 244 -99.46 41.61 20.34
N TYR T 245 -99.67 40.48 21.00
CA TYR T 245 -99.56 39.18 20.36
C TYR T 245 -100.75 38.30 20.75
N PRO T 246 -101.41 37.64 19.76
CA PRO T 246 -102.67 36.92 20.01
C PRO T 246 -102.57 35.74 20.96
N HIS T 247 -101.37 35.17 21.11
CA HIS T 247 -101.17 34.16 22.14
C HIS T 247 -101.07 34.80 23.52
N LYS T 248 -100.79 36.11 23.58
CA LYS T 248 -100.62 36.78 24.87
C LYS T 248 -101.91 37.42 25.34
N LEU T 249 -102.59 38.18 24.48
CA LEU T 249 -103.79 38.84 24.96
C LEU T 249 -104.97 37.86 24.97
N VAL T 250 -105.99 38.23 25.74
CA VAL T 250 -107.22 37.46 25.87
C VAL T 250 -108.39 38.39 25.55
N PHE T 251 -109.49 37.82 25.08
CA PHE T 251 -110.65 38.59 24.68
C PHE T 251 -111.95 37.79 24.84
N GLN U 1 39.90 -74.44 3.29
CA GLN U 1 40.94 -73.92 4.16
C GLN U 1 41.35 -74.97 5.20
N PRO U 2 42.33 -75.81 4.86
CA PRO U 2 42.77 -76.87 5.77
C PRO U 2 43.62 -76.32 6.91
N ILE U 3 43.85 -77.18 7.89
CA ILE U 3 44.62 -76.82 9.08
C ILE U 3 46.05 -77.28 8.89
N LYS U 4 47.01 -76.37 9.14
CA LYS U 4 48.42 -76.68 8.88
C LYS U 4 49.24 -76.38 10.12
N LEU U 5 50.24 -77.20 10.38
CA LEU U 5 51.13 -76.99 11.53
C LEU U 5 52.38 -76.23 11.08
N ALA U 6 52.91 -75.42 11.99
CA ALA U 6 54.10 -74.63 11.65
C ALA U 6 54.99 -74.50 12.88
N ARG U 7 56.28 -74.78 12.71
CA ARG U 7 57.24 -74.70 13.79
C ARG U 7 57.94 -73.35 13.79
N VAL U 8 58.11 -72.78 14.98
CA VAL U 8 58.79 -71.50 15.16
C VAL U 8 60.28 -71.71 14.93
N THR U 9 60.86 -70.89 14.05
CA THR U 9 62.30 -70.99 13.86
C THR U 9 63.05 -69.74 14.32
N LYS U 10 62.35 -68.60 14.44
CA LYS U 10 62.99 -67.34 14.85
C LYS U 10 61.90 -66.38 15.29
N VAL U 11 62.06 -65.81 16.48
CA VAL U 11 61.18 -64.72 16.91
C VAL U 11 61.82 -63.40 16.50
N LEU U 12 61.01 -62.49 15.93
CA LEU U 12 61.55 -61.24 15.41
C LEU U 12 61.47 -60.12 16.44
N GLY U 13 60.26 -59.83 16.92
CA GLY U 13 60.12 -58.74 17.88
C GLY U 13 58.70 -58.55 18.41
N ARG U 14 58.58 -57.71 19.43
CA ARG U 14 57.28 -57.43 20.03
C ARG U 14 56.48 -56.47 19.16
N THR U 15 55.24 -56.86 18.87
CA THR U 15 54.34 -56.05 18.07
C THR U 15 53.07 -55.79 18.87
N GLY U 16 52.09 -55.20 18.22
CA GLY U 16 50.84 -54.84 18.85
C GLY U 16 50.89 -53.44 19.45
N SER U 17 49.73 -53.00 19.94
CA SER U 17 49.64 -51.67 20.53
C SER U 17 50.20 -51.64 21.94
N GLN U 18 49.76 -52.55 22.81
CA GLN U 18 50.27 -52.66 24.16
C GLN U 18 51.51 -53.53 24.27
N GLY U 19 52.01 -54.05 23.15
CA GLY U 19 53.15 -54.94 23.20
C GLY U 19 52.77 -56.31 23.73
N GLN U 20 51.92 -57.02 22.99
CA GLN U 20 51.38 -58.29 23.42
C GLN U 20 51.41 -59.36 22.33
N CYS U 21 52.11 -59.10 21.22
CA CYS U 21 52.10 -60.00 20.07
C CYS U 21 53.52 -60.18 19.58
N THR U 22 53.98 -61.42 19.53
CA THR U 22 55.32 -61.72 19.07
C THR U 22 55.32 -61.92 17.56
N GLN U 23 56.22 -61.22 16.87
CA GLN U 23 56.40 -61.41 15.44
C GLN U 23 57.31 -62.61 15.21
N VAL U 24 56.78 -63.64 14.56
CA VAL U 24 57.38 -64.98 14.57
C VAL U 24 57.55 -65.48 13.15
N ARG U 25 58.76 -65.92 12.83
CA ARG U 25 59.07 -66.62 11.59
C ARG U 25 58.76 -68.11 11.78
N VAL U 26 57.85 -68.64 10.96
CA VAL U 26 57.44 -70.04 11.07
C VAL U 26 57.78 -70.78 9.78
N GLU U 27 58.40 -71.94 9.96
CA GLU U 27 58.66 -72.93 8.92
C GLU U 27 57.57 -73.98 8.98
N PHE U 28 56.94 -74.27 7.84
CA PHE U 28 55.90 -75.29 7.85
C PHE U 28 56.51 -76.69 7.83
N MET U 29 56.03 -77.54 8.71
CA MET U 29 56.51 -78.92 8.77
C MET U 29 55.87 -79.81 7.71
N ASP U 30 54.80 -79.35 7.04
CA ASP U 30 54.26 -80.09 5.92
C ASP U 30 55.08 -79.84 4.66
N ASP U 31 55.21 -78.57 4.27
CA ASP U 31 56.08 -78.16 3.17
C ASP U 31 57.24 -77.40 3.78
N THR U 32 58.42 -78.03 3.77
CA THR U 32 59.55 -77.49 4.53
C THR U 32 60.23 -76.32 3.82
N SER U 33 59.87 -76.05 2.57
CA SER U 33 60.50 -74.96 1.84
C SER U 33 59.78 -73.64 2.09
N ARG U 34 58.46 -73.70 2.30
CA ARG U 34 57.67 -72.49 2.48
C ARG U 34 57.68 -72.06 3.94
N SER U 35 57.86 -70.75 4.15
CA SER U 35 57.96 -70.18 5.48
C SER U 35 57.42 -68.76 5.46
N ILE U 36 56.72 -68.37 6.53
CA ILE U 36 56.07 -67.05 6.59
C ILE U 36 56.36 -66.38 7.93
N ILE U 37 55.81 -65.17 8.06
CA ILE U 37 55.96 -64.34 9.25
C ILE U 37 54.56 -63.97 9.75
N ARG U 38 54.27 -64.29 11.01
CA ARG U 38 52.96 -63.96 11.56
C ARG U 38 53.11 -63.42 12.97
N ASN U 39 52.14 -62.60 13.37
CA ASN U 39 52.06 -62.14 14.75
C ASN U 39 51.41 -63.22 15.61
N VAL U 40 51.99 -63.46 16.78
CA VAL U 40 51.56 -64.54 17.67
C VAL U 40 51.37 -63.98 19.07
N LYS U 41 50.19 -64.20 19.66
CA LYS U 41 49.98 -63.88 21.07
C LYS U 41 50.54 -64.99 21.95
N GLY U 42 50.99 -64.61 23.15
CA GLY U 42 51.45 -65.57 24.12
C GLY U 42 52.96 -65.68 24.17
N PRO U 43 53.47 -66.39 25.19
CA PRO U 43 54.93 -66.57 25.31
C PRO U 43 55.43 -67.59 24.30
N VAL U 44 56.36 -67.17 23.45
CA VAL U 44 56.87 -67.99 22.36
C VAL U 44 58.38 -68.15 22.51
N ARG U 45 58.82 -69.40 22.60
CA ARG U 45 60.23 -69.75 22.53
C ARG U 45 60.50 -70.38 21.16
N GLU U 46 61.78 -70.50 20.83
CA GLU U 46 62.16 -71.07 19.55
C GLU U 46 62.04 -72.59 19.60
N GLY U 47 61.33 -73.16 18.64
CA GLY U 47 61.21 -74.60 18.54
C GLY U 47 59.93 -75.18 19.12
N ASP U 48 58.78 -74.60 18.78
CA ASP U 48 57.50 -75.17 19.15
C ASP U 48 56.52 -74.97 18.00
N VAL U 49 55.44 -75.75 18.02
CA VAL U 49 54.52 -75.87 16.89
C VAL U 49 53.24 -75.10 17.19
N LEU U 50 52.82 -74.27 16.25
CA LEU U 50 51.50 -73.65 16.24
C LEU U 50 50.60 -74.39 15.25
N THR U 51 49.31 -74.39 15.54
CA THR U 51 48.29 -75.07 14.75
C THR U 51 47.50 -73.99 14.01
N LEU U 52 47.97 -73.61 12.84
CA LEU U 52 47.40 -72.51 12.09
C LEU U 52 46.15 -72.98 11.35
N LEU U 53 45.04 -72.28 11.54
CA LEU U 53 43.81 -72.61 10.84
C LEU U 53 43.86 -72.30 9.36
N GLU U 54 44.66 -71.32 8.94
CA GLU U 54 44.93 -71.10 7.53
C GLU U 54 46.34 -70.57 7.38
N SER U 55 47.02 -70.98 6.32
CA SER U 55 48.39 -70.56 6.04
C SER U 55 48.47 -69.43 5.03
N GLU U 56 47.33 -68.99 4.48
CA GLU U 56 47.35 -68.03 3.39
C GLU U 56 47.55 -66.60 3.90
N ARG U 57 47.23 -66.33 5.16
CA ARG U 57 47.41 -65.00 5.70
C ARG U 57 48.87 -64.74 6.04
N GLU U 58 49.22 -63.46 6.18
CA GLU U 58 50.58 -63.06 6.52
C GLU U 58 50.52 -61.69 7.21
N ALA U 59 51.25 -61.55 8.31
CA ALA U 59 51.30 -60.29 9.03
C ALA U 59 52.24 -59.31 8.33
N ARG U 60 51.92 -58.02 8.44
CA ARG U 60 52.73 -56.97 7.82
C ARG U 60 53.96 -56.71 8.68
N ARG U 61 55.14 -56.76 8.06
CA ARG U 61 56.38 -56.52 8.78
C ARG U 61 56.63 -55.03 8.93
N LEU U 62 56.90 -54.62 10.17
CA LEU U 62 57.17 -53.21 10.47
C LEU U 62 58.67 -52.97 10.53
N ASN V 1 -138.44 -26.91 -13.18
CA ASN V 1 -139.59 -26.29 -12.52
C ASN V 1 -139.13 -25.13 -11.65
N PHE V 2 -138.06 -25.37 -10.89
CA PHE V 2 -137.45 -24.42 -9.95
C PHE V 2 -138.48 -23.94 -8.93
N ALA V 3 -139.26 -24.89 -8.39
CA ALA V 3 -140.22 -24.61 -7.34
C ALA V 3 -139.66 -24.99 -5.97
N GLU V 4 -139.20 -26.23 -5.82
CA GLU V 4 -138.59 -26.65 -4.56
C GLU V 4 -137.16 -26.16 -4.43
N LEU V 5 -136.50 -25.85 -5.56
CA LEU V 5 -135.08 -25.51 -5.56
C LEU V 5 -134.83 -24.17 -4.87
N LYS V 6 -135.64 -23.16 -5.19
CA LYS V 6 -135.48 -21.85 -4.57
C LYS V 6 -135.80 -21.89 -3.08
N ILE V 7 -136.80 -22.69 -2.70
CA ILE V 7 -137.15 -22.85 -1.29
C ILE V 7 -136.01 -23.55 -0.55
N LYS V 8 -135.37 -24.53 -1.18
CA LYS V 8 -134.27 -25.24 -0.54
C LYS V 8 -133.04 -24.35 -0.43
N ARG V 9 -132.81 -23.48 -1.42
CA ARG V 9 -131.73 -22.51 -1.32
C ARG V 9 -131.96 -21.50 -0.20
N LEU V 10 -133.21 -21.03 -0.04
CA LEU V 10 -133.52 -20.13 1.07
C LEU V 10 -133.39 -20.84 2.42
N ARG V 11 -133.73 -22.14 2.48
CA ARG V 11 -133.57 -22.88 3.72
C ARG V 11 -132.09 -23.10 4.06
N LYS V 12 -131.24 -23.31 3.04
CA LYS V 12 -129.80 -23.42 3.30
C LYS V 12 -129.21 -22.08 3.73
N LYS V 13 -129.67 -20.98 3.14
CA LYS V 13 -129.20 -19.66 3.55
C LYS V 13 -129.63 -19.34 4.99
N PHE V 14 -130.86 -19.72 5.34
CA PHE V 14 -131.34 -19.54 6.70
C PHE V 14 -130.60 -20.45 7.69
N ALA V 15 -130.18 -21.62 7.21
CA ALA V 15 -129.41 -22.54 8.05
C ALA V 15 -128.03 -21.98 8.37
N GLN V 16 -127.33 -21.46 7.33
CA GLN V 16 -126.07 -20.77 7.55
C GLN V 16 -126.22 -19.54 8.43
N LYS V 17 -127.36 -18.84 8.32
CA LYS V 17 -127.58 -17.65 9.13
C LYS V 17 -127.76 -18.00 10.61
N MET V 18 -128.58 -19.00 10.91
CA MET V 18 -128.76 -19.42 12.30
C MET V 18 -127.50 -20.09 12.85
N LEU V 19 -126.71 -20.75 11.99
CA LEU V 19 -125.42 -21.29 12.41
C LEU V 19 -124.47 -20.16 12.82
N ARG V 20 -124.43 -19.08 12.03
CA ARG V 20 -123.59 -17.94 12.36
C ARG V 20 -124.06 -17.24 13.64
N LYS V 21 -125.38 -17.16 13.84
CA LYS V 21 -125.92 -16.56 15.06
C LYS V 21 -125.57 -17.39 16.30
N ALA V 22 -125.65 -18.72 16.19
CA ALA V 22 -125.26 -19.57 17.32
C ALA V 22 -123.76 -19.49 17.60
N ARG V 23 -122.94 -19.36 16.56
CA ARG V 23 -121.50 -19.22 16.80
C ARG V 23 -121.16 -17.86 17.41
N ARG V 24 -121.87 -16.79 17.04
CA ARG V 24 -121.69 -15.51 17.71
C ARG V 24 -122.12 -15.57 19.16
N LYS V 25 -123.19 -16.30 19.46
CA LYS V 25 -123.62 -16.48 20.84
C LYS V 25 -122.59 -17.25 21.66
N LEU V 26 -121.98 -18.28 21.06
CA LEU V 26 -120.90 -19.01 21.72
C LEU V 26 -119.70 -18.10 22.00
N ILE V 27 -119.32 -17.26 21.04
CA ILE V 27 -118.20 -16.34 21.23
C ILE V 27 -118.49 -15.33 22.34
N TYR V 28 -119.73 -14.80 22.38
CA TYR V 28 -120.12 -13.87 23.44
C TYR V 28 -120.06 -14.51 24.82
N GLU V 29 -120.57 -15.74 24.94
CA GLU V 29 -120.59 -16.38 26.24
C GLU V 29 -119.19 -16.82 26.68
N LYS V 30 -118.33 -17.21 25.73
CA LYS V 30 -116.94 -17.49 26.06
C LYS V 30 -116.21 -16.24 26.52
N ALA V 31 -116.51 -15.09 25.90
CA ALA V 31 -115.87 -13.85 26.33
C ALA V 31 -116.35 -13.41 27.70
N LYS V 32 -117.64 -13.63 28.01
CA LYS V 32 -118.15 -13.28 29.34
C LYS V 32 -117.58 -14.20 30.41
N HIS V 33 -117.46 -15.50 30.11
CA HIS V 33 -116.84 -16.43 31.06
C HIS V 33 -115.36 -16.11 31.25
N TYR V 34 -114.69 -15.64 30.19
CA TYR V 34 -113.29 -15.22 30.33
C TYR V 34 -113.18 -13.99 31.21
N HIS V 35 -114.11 -13.04 31.07
CA HIS V 35 -114.13 -11.86 31.96
C HIS V 35 -114.32 -12.26 33.42
N LYS V 36 -115.20 -13.23 33.67
CA LYS V 36 -115.37 -13.74 35.03
C LYS V 36 -114.11 -14.42 35.53
N GLU V 37 -113.40 -15.14 34.65
CA GLU V 37 -112.15 -15.79 35.04
C GLU V 37 -111.05 -14.78 35.35
N TYR V 38 -110.99 -13.68 34.58
CA TYR V 38 -109.99 -12.65 34.87
C TYR V 38 -110.30 -11.94 36.16
N ARG V 39 -111.59 -11.73 36.47
CA ARG V 39 -111.96 -11.14 37.75
C ARG V 39 -111.59 -12.05 38.92
N GLN V 40 -111.83 -13.36 38.78
CA GLN V 40 -111.46 -14.31 39.83
C GLN V 40 -109.95 -14.38 40.02
N MET V 41 -109.19 -14.43 38.92
CA MET V 41 -107.74 -14.50 39.02
C MET V 41 -107.12 -13.19 39.51
N TYR V 42 -107.82 -12.06 39.34
CA TYR V 42 -107.31 -10.82 39.89
C TYR V 42 -107.62 -10.70 41.37
N ARG V 43 -108.77 -11.23 41.81
CA ARG V 43 -109.13 -11.10 43.22
C ARG V 43 -108.41 -12.14 44.08
N THR V 44 -108.06 -13.30 43.52
CA THR V 44 -107.52 -14.37 44.37
C THR V 44 -106.10 -14.08 44.83
N GLU V 45 -105.32 -13.34 44.03
CA GLU V 45 -103.97 -12.96 44.45
C GLU V 45 -104.00 -11.94 45.58
N ILE V 46 -104.90 -10.96 45.49
CA ILE V 46 -105.09 -10.00 46.56
C ILE V 46 -105.60 -10.67 47.82
N ARG V 47 -106.48 -11.68 47.67
CA ARG V 47 -107.01 -12.40 48.82
C ARG V 47 -105.93 -13.22 49.52
N MET V 48 -105.08 -13.91 48.73
CA MET V 48 -103.94 -14.63 49.29
C MET V 48 -102.93 -13.68 49.93
N ALA V 49 -102.80 -12.46 49.41
CA ALA V 49 -101.89 -11.50 50.03
C ALA V 49 -102.46 -10.95 51.32
N ARG V 50 -103.79 -10.78 51.39
CA ARG V 50 -104.42 -10.22 52.57
C ARG V 50 -104.43 -11.21 53.73
N MET V 51 -104.75 -12.47 53.46
CA MET V 51 -104.85 -13.43 54.57
C MET V 51 -103.48 -13.79 55.14
N ALA V 52 -102.43 -13.71 54.33
CA ALA V 52 -101.08 -13.97 54.84
C ALA V 52 -100.62 -12.85 55.77
N ARG V 53 -100.90 -11.61 55.41
CA ARG V 53 -100.56 -10.49 56.29
C ARG V 53 -101.47 -10.43 57.50
N LYS V 54 -102.69 -10.95 57.39
CA LYS V 54 -103.58 -11.02 58.55
C LYS V 54 -103.10 -12.10 59.52
N ALA V 55 -102.61 -13.23 58.99
CA ALA V 55 -102.06 -14.27 59.86
C ALA V 55 -100.68 -13.90 60.38
N GLY V 56 -100.02 -12.94 59.73
CA GLY V 56 -98.69 -12.50 60.15
C GLY V 56 -97.55 -13.04 59.31
N ASN V 57 -97.84 -13.82 58.28
CA ASN V 57 -96.82 -14.38 57.43
C ASN V 57 -96.63 -13.51 56.18
N PHE V 58 -95.88 -14.03 55.23
CA PHE V 58 -95.63 -13.33 53.96
C PHE V 58 -96.03 -14.24 52.82
N TYR V 59 -96.73 -13.68 51.84
CA TYR V 59 -97.20 -14.42 50.68
C TYR V 59 -96.22 -14.24 49.52
N VAL V 60 -95.62 -15.34 49.09
CA VAL V 60 -94.82 -15.37 47.87
C VAL V 60 -95.75 -15.68 46.71
N PRO V 61 -95.94 -14.76 45.77
CA PRO V 61 -96.83 -15.05 44.63
C PRO V 61 -96.19 -16.04 43.68
N ALA V 62 -97.06 -16.69 42.89
CA ALA V 62 -96.59 -17.63 41.89
C ALA V 62 -95.88 -16.89 40.77
N GLU V 63 -94.81 -17.50 40.27
CA GLU V 63 -94.05 -16.88 39.18
C GLU V 63 -94.87 -16.90 37.90
N PRO V 64 -94.96 -15.77 37.19
CA PRO V 64 -95.81 -15.72 36.00
C PRO V 64 -95.23 -16.53 34.83
N LYS V 65 -96.11 -17.32 34.21
CA LYS V 65 -95.67 -18.30 33.23
C LYS V 65 -95.32 -17.66 31.89
N LEU V 66 -95.79 -16.44 31.65
CA LEU V 66 -95.69 -15.81 30.34
C LEU V 66 -94.78 -14.59 30.40
N ALA V 67 -94.09 -14.31 29.30
CA ALA V 67 -93.22 -13.14 29.20
C ALA V 67 -93.27 -12.59 27.77
N PHE V 68 -92.91 -11.32 27.65
CA PHE V 68 -92.88 -10.63 26.37
C PHE V 68 -91.44 -10.16 26.16
N VAL V 69 -90.89 -10.49 25.00
CA VAL V 69 -89.46 -10.29 24.71
C VAL V 69 -89.34 -9.36 23.51
N ILE V 70 -88.56 -8.30 23.66
CA ILE V 70 -88.38 -7.31 22.61
C ILE V 70 -86.91 -7.25 22.25
N ARG V 71 -86.59 -7.51 20.98
CA ARG V 71 -85.22 -7.37 20.50
C ARG V 71 -84.90 -5.90 20.31
N ILE V 72 -84.11 -5.32 21.21
CA ILE V 72 -83.88 -3.89 21.19
C ILE V 72 -82.63 -3.47 20.42
N ARG V 73 -81.73 -4.41 20.13
CA ARG V 73 -80.50 -4.06 19.43
C ARG V 73 -80.50 -4.66 18.03
N GLY V 74 -79.65 -4.10 17.17
CA GLY V 74 -79.68 -4.39 15.75
C GLY V 74 -79.03 -5.71 15.39
N ILE V 75 -78.72 -5.83 14.09
CA ILE V 75 -78.20 -7.09 13.56
C ILE V 75 -76.69 -7.00 13.29
N ASN V 76 -76.12 -5.80 13.28
CA ASN V 76 -74.71 -5.65 12.96
C ASN V 76 -73.85 -5.99 14.19
N GLY V 77 -72.86 -6.84 13.99
CA GLY V 77 -71.97 -7.25 15.06
C GLY V 77 -72.65 -8.12 16.09
N VAL V 78 -73.09 -9.31 15.69
CA VAL V 78 -73.82 -10.22 16.56
C VAL V 78 -73.04 -11.52 16.65
N SER V 79 -72.97 -12.08 17.87
CA SER V 79 -72.39 -13.40 18.06
C SER V 79 -73.24 -14.43 17.32
N PRO V 80 -72.61 -15.49 16.78
CA PRO V 80 -73.38 -16.47 16.00
C PRO V 80 -74.32 -17.31 16.84
N LYS V 81 -73.90 -17.70 18.05
CA LYS V 81 -74.79 -18.43 18.95
C LYS V 81 -75.96 -17.55 19.41
N VAL V 82 -75.69 -16.28 19.70
CA VAL V 82 -76.73 -15.33 20.08
C VAL V 82 -77.70 -15.11 18.92
N ARG V 83 -77.18 -15.03 17.69
CA ARG V 83 -78.04 -14.87 16.51
C ARG V 83 -78.89 -16.12 16.28
N LYS V 84 -78.34 -17.29 16.57
CA LYS V 84 -79.11 -18.54 16.49
C LYS V 84 -80.25 -18.55 17.51
N VAL V 85 -79.98 -18.09 18.74
CA VAL V 85 -81.04 -18.04 19.74
C VAL V 85 -82.11 -17.02 19.36
N LEU V 86 -81.69 -15.90 18.77
CA LEU V 86 -82.66 -14.88 18.34
C LEU V 86 -83.52 -15.37 17.17
N GLN V 87 -82.93 -16.12 16.24
CA GLN V 87 -83.75 -16.63 15.14
C GLN V 87 -84.54 -17.87 15.55
N LEU V 88 -84.22 -18.50 16.69
CA LEU V 88 -85.12 -19.51 17.24
C LEU V 88 -86.23 -18.88 18.07
N LEU V 89 -85.99 -17.69 18.61
CA LEU V 89 -87.03 -16.93 19.30
C LEU V 89 -87.80 -16.00 18.37
N ARG V 90 -87.48 -16.03 17.07
CA ARG V 90 -88.14 -15.24 16.02
C ARG V 90 -88.02 -13.73 16.28
N LEU V 91 -86.78 -13.30 16.51
CA LEU V 91 -86.45 -11.88 16.71
C LEU V 91 -85.44 -11.51 15.63
N ARG V 92 -85.95 -10.95 14.53
CA ARG V 92 -85.15 -10.79 13.31
C ARG V 92 -84.77 -9.34 13.06
N GLN V 93 -85.76 -8.46 12.97
CA GLN V 93 -85.45 -7.04 12.88
C GLN V 93 -85.30 -6.44 14.27
N ILE V 94 -85.02 -5.14 14.31
CA ILE V 94 -84.95 -4.44 15.58
C ILE V 94 -86.38 -4.07 16.01
N PHE V 95 -86.58 -4.02 17.33
CA PHE V 95 -87.85 -3.64 17.99
C PHE V 95 -89.00 -4.58 17.59
N ASN V 96 -88.78 -5.89 17.79
CA ASN V 96 -89.80 -6.91 17.59
C ASN V 96 -90.07 -7.61 18.91
N GLY V 97 -91.33 -7.97 19.15
CA GLY V 97 -91.71 -8.59 20.40
C GLY V 97 -92.44 -9.90 20.19
N THR V 98 -92.13 -10.87 21.04
CA THR V 98 -92.74 -12.20 20.99
C THR V 98 -93.17 -12.62 22.39
N PHE V 99 -94.22 -13.45 22.46
CA PHE V 99 -94.63 -14.04 23.72
C PHE V 99 -93.95 -15.39 23.91
N VAL V 100 -93.30 -15.56 25.07
CA VAL V 100 -92.53 -16.76 25.38
C VAL V 100 -92.99 -17.28 26.74
N LYS V 101 -93.29 -18.58 26.83
CA LYS V 101 -93.59 -19.18 28.11
C LYS V 101 -92.30 -19.54 28.84
N LEU V 102 -92.40 -19.65 30.17
CA LEU V 102 -91.22 -19.83 31.01
C LEU V 102 -91.03 -21.28 31.43
N ASN V 103 -89.77 -21.72 31.35
CA ASN V 103 -89.29 -22.92 32.02
C ASN V 103 -87.77 -22.79 32.17
N LYS V 104 -87.14 -23.90 32.57
CA LYS V 104 -85.69 -23.90 32.78
C LYS V 104 -84.95 -23.71 31.46
N ALA V 105 -85.52 -24.19 30.36
CA ALA V 105 -84.93 -23.95 29.06
C ALA V 105 -85.07 -22.48 28.66
N SER V 106 -86.26 -21.90 28.88
CA SER V 106 -86.52 -20.53 28.42
C SER V 106 -85.76 -19.50 29.23
N ILE V 107 -85.55 -19.74 30.52
CA ILE V 107 -84.79 -18.80 31.35
C ILE V 107 -83.34 -18.71 30.87
N ASN V 108 -82.74 -19.85 30.53
CA ASN V 108 -81.37 -19.81 30.03
C ASN V 108 -81.31 -19.33 28.57
N MET V 109 -82.36 -19.56 27.78
CA MET V 109 -82.37 -19.03 26.43
C MET V 109 -82.56 -17.52 26.41
N LEU V 110 -83.17 -16.95 27.45
CA LEU V 110 -83.19 -15.50 27.56
C LEU V 110 -81.90 -15.00 28.22
N ARG V 111 -81.29 -15.83 29.07
CA ARG V 111 -80.05 -15.45 29.74
C ARG V 111 -78.89 -15.35 28.75
N ILE V 112 -78.92 -16.18 27.71
CA ILE V 112 -77.83 -16.19 26.74
C ILE V 112 -77.92 -14.98 25.81
N VAL V 113 -79.09 -14.33 25.75
CA VAL V 113 -79.27 -13.16 24.88
C VAL V 113 -79.69 -11.92 25.67
N GLU V 114 -79.48 -11.91 26.99
CA GLU V 114 -79.72 -10.72 27.84
C GLU V 114 -79.17 -9.37 27.36
N PRO V 115 -77.93 -9.23 26.82
CA PRO V 115 -77.50 -7.87 26.43
C PRO V 115 -78.17 -7.33 25.18
N TYR V 116 -78.87 -8.15 24.40
CA TYR V 116 -79.48 -7.67 23.17
C TYR V 116 -80.99 -7.54 23.23
N ILE V 117 -81.64 -8.06 24.27
CA ILE V 117 -83.10 -8.07 24.36
C ILE V 117 -83.54 -7.32 25.61
N ALA V 118 -84.84 -7.10 25.70
CA ALA V 118 -85.51 -6.61 26.90
C ALA V 118 -86.75 -7.47 27.10
N TRP V 119 -86.75 -8.28 28.15
CA TRP V 119 -87.84 -9.20 28.39
C TRP V 119 -88.50 -8.90 29.72
N GLY V 120 -89.83 -8.92 29.72
CA GLY V 120 -90.55 -8.61 30.93
C GLY V 120 -91.80 -9.43 31.05
N TYR V 121 -92.51 -9.23 32.15
CA TYR V 121 -93.75 -9.96 32.37
C TYR V 121 -94.91 -9.01 32.14
N PRO V 122 -95.62 -9.10 31.01
CA PRO V 122 -96.60 -8.08 30.65
C PRO V 122 -97.89 -8.19 31.46
N ASN V 123 -98.72 -7.16 31.32
CA ASN V 123 -100.00 -7.10 31.98
C ASN V 123 -101.11 -7.50 31.00
N LEU V 124 -102.31 -7.68 31.53
CA LEU V 124 -103.45 -8.13 30.72
C LEU V 124 -103.84 -7.07 29.69
N LYS V 125 -103.88 -5.79 30.09
CA LYS V 125 -104.18 -4.72 29.16
C LYS V 125 -103.09 -4.56 28.11
N SER V 126 -101.83 -4.84 28.49
CA SER V 126 -100.75 -4.79 27.52
C SER V 126 -100.86 -5.90 26.48
N VAL V 127 -101.22 -7.11 26.92
CA VAL V 127 -101.49 -8.21 25.99
C VAL V 127 -102.69 -7.87 25.11
N ASN V 128 -103.68 -7.16 25.68
CA ASN V 128 -104.84 -6.74 24.90
C ASN V 128 -104.47 -5.75 23.80
N GLU V 129 -103.61 -4.76 24.10
CA GLU V 129 -103.17 -3.85 23.04
C GLU V 129 -102.31 -4.55 22.00
N LEU V 130 -101.45 -5.48 22.44
CA LEU V 130 -100.57 -6.19 21.51
C LEU V 130 -101.35 -7.12 20.59
N ILE V 131 -102.46 -7.68 21.07
CA ILE V 131 -103.23 -8.59 20.23
C ILE V 131 -104.22 -7.81 19.35
N TYR V 132 -104.93 -6.83 19.92
CA TYR V 132 -105.93 -6.12 19.12
C TYR V 132 -105.29 -5.17 18.12
N LYS V 133 -104.31 -4.38 18.56
CA LYS V 133 -103.76 -3.35 17.69
C LYS V 133 -102.82 -3.93 16.64
N ARG V 134 -102.06 -4.96 16.99
CA ARG V 134 -101.05 -5.53 16.12
C ARG V 134 -101.32 -7.01 15.86
N GLY V 135 -102.57 -7.35 15.55
CA GLY V 135 -102.93 -8.74 15.33
C GLY V 135 -102.69 -9.23 13.93
N TYR V 136 -101.55 -9.89 13.74
CA TYR V 136 -101.12 -10.42 12.45
C TYR V 136 -100.94 -11.92 12.61
N GLY V 137 -101.72 -12.71 11.89
CA GLY V 137 -101.58 -14.15 11.95
C GLY V 137 -100.82 -14.69 10.76
N LYS V 138 -100.30 -15.91 10.93
CA LYS V 138 -99.53 -16.59 9.88
C LYS V 138 -100.43 -17.66 9.28
N ILE V 139 -101.25 -17.25 8.30
CA ILE V 139 -102.17 -18.14 7.61
C ILE V 139 -101.56 -18.47 6.25
N ASN V 140 -101.29 -19.77 6.03
CA ASN V 140 -100.62 -20.30 4.83
C ASN V 140 -99.27 -19.61 4.61
N LYS V 141 -98.53 -19.44 5.71
CA LYS V 141 -97.21 -18.79 5.75
C LYS V 141 -97.27 -17.36 5.20
N LYS V 142 -98.35 -16.65 5.53
CA LYS V 142 -98.55 -15.27 5.07
C LYS V 142 -99.03 -14.40 6.22
N ARG V 143 -98.45 -13.20 6.30
CA ARG V 143 -98.72 -12.23 7.37
C ARG V 143 -100.03 -11.53 7.08
N ILE V 144 -101.13 -12.12 7.53
CA ILE V 144 -102.47 -11.65 7.21
C ILE V 144 -103.10 -11.08 8.47
N ALA V 145 -103.69 -9.89 8.36
CA ALA V 145 -104.29 -9.22 9.51
C ALA V 145 -105.53 -9.95 10.01
N LEU V 146 -105.65 -10.07 11.33
CA LEU V 146 -106.78 -10.76 11.94
C LEU V 146 -107.92 -9.77 12.13
N THR V 147 -108.61 -9.48 11.03
CA THR V 147 -109.73 -8.56 11.06
C THR V 147 -111.05 -9.27 11.34
N ASP V 148 -111.04 -10.60 11.38
CA ASP V 148 -112.24 -11.39 11.62
C ASP V 148 -111.88 -12.61 12.46
N ASN V 149 -112.86 -13.11 13.20
CA ASN V 149 -112.66 -14.32 14.00
C ASN V 149 -112.66 -15.57 13.14
N THR V 150 -113.17 -15.50 11.91
CA THR V 150 -113.14 -16.65 11.02
C THR V 150 -111.73 -17.02 10.61
N LEU V 151 -110.84 -16.02 10.51
CA LEU V 151 -109.45 -16.27 10.17
C LEU V 151 -108.73 -17.01 11.30
N ILE V 152 -109.13 -16.76 12.54
CA ILE V 152 -108.57 -17.50 13.67
C ILE V 152 -109.17 -18.89 13.74
N ALA V 153 -110.50 -19.00 13.55
CA ALA V 153 -111.18 -20.28 13.72
C ALA V 153 -110.95 -21.23 12.56
N ARG V 154 -110.49 -20.73 11.40
CA ARG V 154 -110.16 -21.62 10.30
C ARG V 154 -108.86 -22.37 10.58
N SER V 155 -107.89 -21.69 11.19
CA SER V 155 -106.60 -22.32 11.46
C SER V 155 -106.60 -23.07 12.78
N LEU V 156 -106.99 -22.41 13.86
CA LEU V 156 -106.89 -22.98 15.20
C LEU V 156 -108.24 -23.39 15.78
N GLY V 157 -109.20 -23.73 14.93
CA GLY V 157 -110.50 -24.17 15.43
C GLY V 157 -110.45 -25.56 16.04
N LYS V 158 -109.48 -26.38 15.61
CA LYS V 158 -109.37 -27.73 16.17
C LYS V 158 -108.66 -27.73 17.53
N TYR V 159 -108.05 -26.62 17.93
CA TYR V 159 -107.45 -26.49 19.25
C TYR V 159 -108.34 -25.69 20.20
N ASN V 160 -109.63 -25.56 19.87
CA ASN V 160 -110.64 -24.83 20.66
C ASN V 160 -110.24 -23.37 20.89
N ILE V 161 -109.62 -22.75 19.89
CA ILE V 161 -109.31 -21.32 19.90
C ILE V 161 -110.01 -20.76 18.67
N ILE V 162 -111.24 -20.27 18.86
CA ILE V 162 -112.11 -19.92 17.73
C ILE V 162 -112.29 -18.42 17.57
N CYS V 163 -111.81 -17.62 18.51
CA CYS V 163 -112.03 -16.18 18.45
C CYS V 163 -110.86 -15.46 19.09
N MET V 164 -110.90 -14.13 19.00
CA MET V 164 -109.84 -13.28 19.52
C MET V 164 -109.76 -13.37 21.05
N GLU V 165 -110.91 -13.56 21.70
CA GLU V 165 -110.92 -13.72 23.16
C GLU V 165 -110.35 -15.07 23.58
N ASP V 166 -110.63 -16.12 22.80
CA ASP V 166 -109.97 -17.41 23.01
C ASP V 166 -108.46 -17.29 22.87
N LEU V 167 -108.00 -16.53 21.89
CA LEU V 167 -106.55 -16.38 21.67
C LEU V 167 -105.91 -15.59 22.80
N ILE V 168 -106.55 -14.50 23.24
CA ILE V 168 -106.03 -13.70 24.35
C ILE V 168 -106.02 -14.52 25.64
N HIS V 169 -107.06 -15.33 25.86
CA HIS V 169 -107.10 -16.17 27.05
C HIS V 169 -106.02 -17.25 27.04
N GLU V 170 -105.73 -17.82 25.87
CA GLU V 170 -104.65 -18.79 25.76
C GLU V 170 -103.29 -18.14 26.03
N ILE V 171 -103.04 -16.99 25.40
CA ILE V 171 -101.75 -16.30 25.54
C ILE V 171 -101.54 -15.84 26.98
N TYR V 172 -102.59 -15.29 27.62
CA TYR V 172 -102.43 -14.81 28.99
C TYR V 172 -102.39 -15.97 29.98
N THR V 173 -103.49 -16.73 30.08
CA THR V 173 -103.43 -17.99 30.80
C THR V 173 -102.94 -19.11 29.91
N VAL V 174 -101.63 -19.17 29.66
CA VAL V 174 -100.90 -20.25 28.99
C VAL V 174 -101.37 -21.62 29.48
N GLY V 175 -101.77 -22.47 28.55
CA GLY V 175 -102.30 -23.77 28.86
C GLY V 175 -101.61 -24.87 28.06
N LYS V 176 -102.42 -25.60 27.29
CA LYS V 176 -101.87 -26.70 26.50
C LYS V 176 -101.28 -26.20 25.20
N HIS V 177 -102.09 -25.62 24.32
CA HIS V 177 -101.66 -25.30 22.96
C HIS V 177 -101.17 -23.86 22.85
N PHE V 178 -100.30 -23.49 23.80
CA PHE V 178 -99.58 -22.23 23.70
C PHE V 178 -98.57 -22.25 22.57
N LYS V 179 -98.02 -23.43 22.26
CA LYS V 179 -97.11 -23.57 21.13
C LYS V 179 -97.81 -23.27 19.81
N GLU V 180 -99.02 -23.80 19.63
CA GLU V 180 -99.78 -23.52 18.42
C GLU V 180 -100.27 -22.08 18.37
N ALA V 181 -100.63 -21.49 19.52
CA ALA V 181 -101.03 -20.08 19.52
C ALA V 181 -99.86 -19.15 19.19
N ASN V 182 -98.68 -19.44 19.74
CA ASN V 182 -97.51 -18.60 19.50
C ASN V 182 -96.99 -18.80 18.08
N ASN V 183 -97.13 -20.01 17.53
CA ASN V 183 -96.71 -20.25 16.15
C ASN V 183 -97.71 -19.64 15.17
N PHE V 184 -98.98 -19.50 15.58
CA PHE V 184 -99.93 -18.78 14.77
C PHE V 184 -99.63 -17.29 14.77
N LEU V 185 -99.32 -16.73 15.94
CA LEU V 185 -99.04 -15.30 16.03
C LEU V 185 -97.71 -14.95 15.39
N TRP V 186 -97.76 -14.04 14.41
CA TRP V 186 -96.56 -13.49 13.80
C TRP V 186 -95.82 -12.63 14.82
N PRO V 187 -94.47 -12.54 14.73
CA PRO V 187 -93.72 -11.65 15.63
C PRO V 187 -94.09 -10.18 15.45
N PHE V 188 -94.44 -9.55 16.57
CA PHE V 188 -95.07 -8.24 16.57
C PHE V 188 -94.08 -7.17 16.16
N LYS V 189 -94.36 -6.51 15.03
CA LYS V 189 -93.48 -5.48 14.47
C LYS V 189 -93.83 -4.18 15.16
N LEU V 190 -93.18 -3.90 16.29
CA LEU V 190 -93.52 -2.73 17.08
C LEU V 190 -92.69 -1.52 16.65
N SER V 191 -93.20 -0.34 16.96
CA SER V 191 -92.54 0.90 16.56
C SER V 191 -91.47 1.28 17.58
N SER V 192 -90.80 2.39 17.32
CA SER V 192 -89.81 2.92 18.24
C SER V 192 -90.48 3.49 19.48
N PRO V 193 -89.83 3.43 20.64
CA PRO V 193 -90.45 3.96 21.87
C PRO V 193 -90.49 5.48 21.87
N ARG V 194 -91.66 6.01 22.19
CA ARG V 194 -91.88 7.47 22.20
C ARG V 194 -91.20 8.11 23.40
N GLY V 195 -90.62 9.28 23.17
CA GLY V 195 -89.94 9.99 24.24
C GLY V 195 -88.46 9.68 24.28
N GLY V 196 -88.10 8.42 24.45
CA GLY V 196 -86.71 8.02 24.39
C GLY V 196 -86.47 6.79 25.23
N MET V 197 -85.22 6.32 25.16
CA MET V 197 -84.75 5.21 25.95
C MET V 197 -83.77 5.71 27.00
N LYS V 198 -83.63 4.94 28.08
CA LYS V 198 -82.61 5.26 29.07
C LYS V 198 -81.22 5.00 28.49
N LYS V 199 -80.93 3.73 28.15
CA LYS V 199 -79.73 3.36 27.40
C LYS V 199 -79.94 1.99 26.78
N LYS V 200 -79.50 1.82 25.53
CA LYS V 200 -79.81 0.58 24.81
C LYS V 200 -78.84 -0.54 25.18
N THR V 201 -77.55 -0.20 25.35
CA THR V 201 -76.53 -1.23 25.46
C THR V 201 -76.50 -1.86 26.85
N THR V 202 -76.54 -1.03 27.89
CA THR V 202 -76.35 -1.52 29.24
C THR V 202 -77.61 -2.23 29.77
N HIS V 203 -77.45 -2.92 30.89
CA HIS V 203 -78.52 -3.67 31.51
C HIS V 203 -79.47 -2.70 32.21
N PHE V 204 -80.68 -3.19 32.54
CA PHE V 204 -81.68 -2.37 33.22
C PHE V 204 -81.25 -2.03 34.65
N VAL V 205 -80.39 -2.86 35.25
CA VAL V 205 -79.94 -2.59 36.61
C VAL V 205 -78.96 -1.42 36.63
N GLU V 206 -78.10 -1.33 35.63
CA GLU V 206 -77.06 -0.31 35.57
C GLU V 206 -77.46 0.88 34.69
N GLY V 207 -78.74 1.24 34.71
CA GLY V 207 -79.20 2.40 33.96
C GLY V 207 -79.33 2.15 32.47
N GLY V 208 -80.24 1.26 32.10
CA GLY V 208 -80.46 0.97 30.70
C GLY V 208 -81.84 0.37 30.50
N ASP V 209 -81.99 -0.32 29.37
CA ASP V 209 -83.24 -0.98 29.03
C ASP V 209 -83.09 -2.48 28.78
N ALA V 210 -81.88 -2.96 28.53
CA ALA V 210 -81.70 -4.38 28.26
C ALA V 210 -81.80 -5.19 29.55
N GLY V 211 -82.09 -6.48 29.39
CA GLY V 211 -82.18 -7.36 30.53
C GLY V 211 -83.60 -7.52 31.05
N ASN V 212 -83.70 -7.88 32.33
CA ASN V 212 -84.97 -8.19 32.94
C ASN V 212 -85.60 -6.92 33.54
N ARG V 213 -86.89 -6.74 33.27
CA ARG V 213 -87.68 -5.69 33.90
C ARG V 213 -89.12 -6.19 34.02
N GLU V 214 -89.48 -6.65 35.22
CA GLU V 214 -90.69 -7.44 35.45
C GLU V 214 -91.96 -6.62 35.31
N ASP V 215 -92.13 -5.61 36.16
CA ASP V 215 -93.31 -4.76 36.11
C ASP V 215 -93.09 -3.50 35.29
N GLN V 216 -91.83 -3.12 35.04
CA GLN V 216 -91.51 -1.94 34.27
C GLN V 216 -91.66 -2.16 32.77
N ILE V 217 -91.99 -3.38 32.32
CA ILE V 217 -92.17 -3.62 30.89
C ILE V 217 -93.52 -3.08 30.42
N ASN V 218 -94.46 -2.85 31.36
CA ASN V 218 -95.76 -2.32 30.98
C ASN V 218 -95.67 -0.84 30.61
N ARG V 219 -94.68 -0.13 31.16
CA ARG V 219 -94.47 1.25 30.74
C ARG V 219 -93.85 1.32 29.35
N LEU V 220 -93.21 0.24 28.90
CA LEU V 220 -92.47 0.27 27.66
C LEU V 220 -93.27 -0.35 26.51
N ILE V 221 -94.14 -1.31 26.81
CA ILE V 221 -95.02 -1.89 25.79
C ILE V 221 -96.01 -0.83 25.29
N ARG V 222 -96.59 -0.05 26.20
CA ARG V 222 -97.48 1.04 25.80
C ARG V 222 -96.70 2.18 25.14
N ARG V 223 -95.41 2.31 25.48
CA ARG V 223 -94.58 3.33 24.86
C ARG V 223 -94.26 2.99 23.41
N MET V 224 -93.91 1.74 23.13
CA MET V 224 -93.60 1.32 21.77
C MET V 224 -94.86 1.14 20.92
N ASN V 225 -95.90 0.56 21.50
CA ASN V 225 -97.11 0.22 20.75
C ASN V 225 -97.93 1.48 20.49
N HIS W 1 82.03 -70.33 95.51
CA HIS W 1 83.02 -70.62 94.47
C HIS W 1 82.49 -70.27 93.09
N ARG W 2 81.21 -70.52 92.87
CA ARG W 2 80.58 -70.31 91.58
C ARG W 2 80.02 -68.90 91.46
N ILE W 3 80.76 -68.00 90.80
CA ILE W 3 80.40 -66.59 90.71
C ILE W 3 80.06 -66.25 89.26
N ARG W 4 78.94 -65.57 89.05
CA ARG W 4 78.35 -65.40 87.74
C ARG W 4 78.45 -63.94 87.31
N ILE W 5 79.23 -63.68 86.26
CA ILE W 5 79.31 -62.34 85.70
C ILE W 5 78.36 -62.23 84.52
N THR W 6 77.49 -61.22 84.56
CA THR W 6 76.53 -60.93 83.49
C THR W 6 76.96 -59.63 82.83
N LEU W 7 77.20 -59.69 81.52
CA LEU W 7 77.70 -58.57 80.76
C LEU W 7 76.61 -58.11 79.79
N THR W 8 76.08 -56.91 80.01
CA THR W 8 75.04 -56.35 79.15
C THR W 8 75.58 -55.13 78.41
N SER W 9 75.36 -55.09 77.10
CA SER W 9 75.94 -54.00 76.32
C SER W 9 75.09 -53.71 75.09
N ARG W 10 75.21 -52.48 74.60
CA ARG W 10 74.53 -52.10 73.37
C ARG W 10 75.44 -52.31 72.16
N ASN W 11 76.72 -51.94 72.29
CA ASN W 11 77.67 -52.19 71.22
C ASN W 11 78.15 -53.63 71.26
N VAL W 12 78.58 -54.13 70.11
CA VAL W 12 78.85 -55.56 69.91
C VAL W 12 80.33 -55.88 70.10
N LYS W 13 81.21 -55.19 69.35
CA LYS W 13 82.62 -55.53 69.37
C LYS W 13 83.28 -55.10 70.68
N SER W 14 82.74 -54.07 71.33
CA SER W 14 83.24 -53.67 72.63
C SER W 14 82.91 -54.71 73.69
N LEU W 15 81.69 -55.26 73.63
CA LEU W 15 81.30 -56.35 74.52
C LEU W 15 82.13 -57.60 74.27
N GLU W 16 82.44 -57.86 72.99
CA GLU W 16 83.30 -59.00 72.65
C GLU W 16 84.71 -58.79 73.19
N LYS W 17 85.20 -57.55 73.14
CA LYS W 17 86.52 -57.24 73.70
C LYS W 17 86.53 -57.39 75.21
N VAL W 18 85.45 -56.99 75.88
CA VAL W 18 85.38 -57.09 77.34
C VAL W 18 85.32 -58.55 77.78
N CYS W 19 84.50 -59.37 77.10
CA CYS W 19 84.40 -60.77 77.49
C CYS W 19 85.67 -61.53 77.14
N ALA W 20 86.33 -61.16 76.04
CA ALA W 20 87.62 -61.77 75.72
C ALA W 20 88.69 -61.36 76.73
N ASP W 21 88.62 -60.14 77.24
CA ASP W 21 89.56 -59.68 78.26
C ASP W 21 89.33 -60.42 79.57
N LEU W 22 88.07 -60.73 79.89
CA LEU W 22 87.79 -61.52 81.08
C LEU W 22 88.26 -62.96 80.92
N ILE W 23 88.14 -63.51 79.70
CA ILE W 23 88.66 -64.85 79.42
C ILE W 23 90.18 -64.88 79.56
N ARG W 24 90.86 -63.87 79.03
CA ARG W 24 92.32 -63.81 79.13
C ARG W 24 92.77 -63.59 80.57
N GLY W 25 91.99 -62.84 81.35
CA GLY W 25 92.31 -62.66 82.76
C GLY W 25 92.15 -63.94 83.55
N ALA W 26 91.08 -64.70 83.26
CA ALA W 26 90.90 -65.99 83.93
C ALA W 26 91.96 -67.00 83.51
N LYS W 27 92.39 -66.94 82.24
CA LYS W 27 93.44 -67.84 81.77
C LYS W 27 94.79 -67.49 82.39
N GLU W 28 95.07 -66.19 82.60
CA GLU W 28 96.32 -65.81 83.23
C GLU W 28 96.30 -66.08 84.73
N LYS W 29 95.13 -65.97 85.36
CA LYS W 29 95.05 -66.25 86.79
C LYS W 29 94.67 -67.69 87.10
N ASN W 30 94.61 -68.57 86.08
CA ASN W 30 94.58 -70.02 86.21
C ASN W 30 93.39 -70.54 87.01
N LEU W 31 92.17 -70.31 86.52
CA LEU W 31 90.98 -70.81 87.18
C LEU W 31 90.09 -71.47 86.15
N LYS W 32 89.19 -72.35 86.63
CA LYS W 32 88.25 -73.01 85.73
C LYS W 32 87.18 -72.02 85.30
N VAL W 33 87.06 -71.82 83.99
CA VAL W 33 86.19 -70.81 83.41
C VAL W 33 85.31 -71.48 82.34
N LYS W 34 84.04 -71.07 82.28
CA LYS W 34 83.17 -71.50 81.21
C LYS W 34 83.29 -70.54 80.03
N GLY W 35 82.76 -70.97 78.88
CA GLY W 35 82.75 -70.13 77.71
C GLY W 35 81.77 -68.99 77.85
N PRO W 36 81.96 -67.92 77.06
CA PRO W 36 81.02 -66.79 77.12
C PRO W 36 79.67 -67.12 76.51
N VAL W 37 78.67 -67.34 77.37
CA VAL W 37 77.37 -67.83 76.94
C VAL W 37 76.57 -66.66 76.41
N ARG W 38 76.21 -66.70 75.13
CA ARG W 38 75.39 -65.66 74.52
C ARG W 38 73.92 -65.90 74.86
N MET W 39 73.19 -64.82 75.14
CA MET W 39 71.75 -64.83 75.21
C MET W 39 71.16 -64.38 73.87
N PRO W 40 69.90 -64.72 73.57
CA PRO W 40 69.24 -64.12 72.41
C PRO W 40 69.06 -62.62 72.61
N THR W 41 69.52 -61.84 71.63
CA THR W 41 69.57 -60.39 71.77
C THR W 41 68.16 -59.79 71.76
N LYS W 42 68.05 -58.56 72.26
CA LYS W 42 66.74 -57.94 72.31
C LYS W 42 66.70 -56.68 71.46
N THR W 43 65.65 -56.57 70.65
CA THR W 43 65.48 -55.47 69.72
C THR W 43 64.31 -54.62 70.19
N LEU W 44 64.61 -53.52 70.86
CA LEU W 44 63.59 -52.58 71.31
C LEU W 44 63.12 -51.80 70.08
N ARG W 45 61.86 -52.01 69.70
CA ARG W 45 61.31 -51.50 68.45
C ARG W 45 60.28 -50.42 68.74
N ILE W 46 60.49 -49.23 68.20
CA ILE W 46 59.52 -48.14 68.29
C ILE W 46 59.16 -47.72 66.88
N THR W 47 57.87 -47.62 66.60
CA THR W 47 57.37 -47.24 65.27
C THR W 47 56.50 -45.99 65.43
N THR W 48 57.09 -44.84 65.10
CA THR W 48 56.38 -43.58 65.17
C THR W 48 56.20 -42.98 63.78
N ARG W 49 55.48 -41.87 63.72
CA ARG W 49 55.33 -41.13 62.48
C ARG W 49 56.53 -40.20 62.28
N LYS W 50 56.91 -40.00 61.02
CA LYS W 50 57.98 -39.06 60.71
C LYS W 50 57.52 -37.61 60.89
N THR W 51 56.28 -37.33 60.53
CA THR W 51 55.79 -35.96 60.56
C THR W 51 55.43 -35.56 61.99
N PRO W 52 55.85 -34.38 62.46
CA PRO W 52 55.41 -33.93 63.79
C PRO W 52 53.91 -33.67 63.88
N CYS W 53 53.33 -33.03 62.87
CA CYS W 53 51.89 -32.88 62.79
C CYS W 53 51.30 -34.12 62.12
N GLY W 54 50.02 -34.05 61.77
CA GLY W 54 49.36 -35.21 61.21
C GLY W 54 49.23 -35.23 59.71
N GLU W 55 49.55 -34.11 59.07
CA GLU W 55 49.31 -33.96 57.63
C GLU W 55 50.57 -34.27 56.85
N GLY W 56 50.56 -35.42 56.17
CA GLY W 56 51.61 -35.82 55.27
C GLY W 56 51.29 -37.15 54.63
N SER W 57 52.23 -37.72 53.89
CA SER W 57 52.05 -39.09 53.42
C SER W 57 52.33 -40.05 54.57
N LYS W 58 51.74 -41.23 54.48
CA LYS W 58 51.78 -42.20 55.57
C LYS W 58 53.16 -42.85 55.60
N THR W 59 54.10 -42.22 56.29
CA THR W 59 55.44 -42.72 56.47
C THR W 59 55.66 -43.08 57.93
N TRP W 60 56.52 -44.07 58.17
CA TRP W 60 56.73 -44.62 59.50
C TRP W 60 58.21 -44.89 59.74
N ASP W 61 58.71 -44.42 60.88
CA ASP W 61 60.08 -44.73 61.30
C ASP W 61 60.13 -46.09 61.99
N ARG W 62 61.34 -46.66 62.03
CA ARG W 62 61.61 -47.91 62.73
C ARG W 62 62.84 -47.70 63.61
N PHE W 63 62.63 -47.18 64.82
CA PHE W 63 63.74 -46.97 65.74
C PHE W 63 64.06 -48.29 66.45
N GLN W 64 65.28 -48.77 66.24
CA GLN W 64 65.74 -50.02 66.83
C GLN W 64 66.80 -49.75 67.88
N MET W 65 66.73 -50.51 68.97
CA MET W 65 67.80 -50.52 69.98
C MET W 65 68.14 -51.97 70.29
N ARG W 66 69.30 -52.43 69.81
CA ARG W 66 69.71 -53.79 70.06
C ARG W 66 70.57 -53.86 71.33
N ILE W 67 70.16 -54.73 72.25
CA ILE W 67 70.91 -54.96 73.48
C ILE W 67 71.34 -56.42 73.49
N HIS W 68 72.49 -56.70 74.10
CA HIS W 68 73.12 -58.01 74.09
C HIS W 68 73.51 -58.37 75.51
N LYS W 69 73.46 -59.66 75.85
CA LYS W 69 73.77 -60.12 77.20
C LYS W 69 74.53 -61.43 77.12
N ARG W 70 75.78 -61.41 77.59
CA ARG W 70 76.58 -62.61 77.75
C ARG W 70 76.74 -62.94 79.23
N LEU W 71 77.11 -64.18 79.50
CA LEU W 71 77.36 -64.55 80.89
C LEU W 71 78.58 -65.47 80.97
N ILE W 72 79.32 -65.34 82.08
CA ILE W 72 80.53 -66.10 82.32
C ILE W 72 80.47 -66.65 83.75
N ASP W 73 80.59 -67.96 83.88
CA ASP W 73 80.59 -68.63 85.18
C ASP W 73 82.03 -68.89 85.59
N LEU W 74 82.40 -68.42 86.78
CA LEU W 74 83.76 -68.56 87.29
C LEU W 74 83.77 -69.47 88.50
N HIS W 75 84.82 -70.29 88.60
CA HIS W 75 85.08 -71.13 89.77
C HIS W 75 86.27 -70.52 90.50
N SER W 76 86.00 -69.53 91.34
CA SER W 76 87.03 -68.73 91.97
C SER W 76 86.43 -68.00 93.16
N PRO W 77 87.25 -67.61 94.15
CA PRO W 77 86.73 -66.78 95.24
C PRO W 77 86.35 -65.36 94.81
N SER W 78 85.81 -64.58 95.75
CA SER W 78 85.26 -63.26 95.46
C SER W 78 86.33 -62.21 95.21
N GLU W 79 87.48 -62.32 95.87
CA GLU W 79 88.54 -61.31 95.73
C GLU W 79 89.15 -61.35 94.34
N ILE W 80 89.28 -62.54 93.75
CA ILE W 80 89.78 -62.68 92.39
C ILE W 80 88.81 -62.04 91.40
N VAL W 81 87.50 -62.24 91.62
CA VAL W 81 86.49 -61.68 90.73
C VAL W 81 86.47 -60.15 90.82
N LYS W 82 86.59 -59.62 92.04
CA LYS W 82 86.64 -58.17 92.22
C LYS W 82 87.91 -57.57 91.60
N GLN W 83 89.05 -58.26 91.75
CA GLN W 83 90.30 -57.78 91.19
C GLN W 83 90.29 -57.80 89.67
N ILE W 84 89.62 -58.80 89.07
CA ILE W 84 89.55 -58.85 87.61
C ILE W 84 88.57 -57.80 87.09
N THR W 85 87.41 -57.67 87.73
CA THR W 85 86.39 -56.76 87.20
C THR W 85 86.70 -55.30 87.53
N SER W 86 87.63 -55.05 88.44
CA SER W 86 88.01 -53.66 88.73
C SER W 86 88.89 -53.10 87.63
N ILE W 87 89.57 -53.96 86.88
CA ILE W 87 90.56 -53.55 85.90
C ILE W 87 89.95 -53.64 84.51
N SER W 88 90.20 -52.60 83.70
CA SER W 88 89.89 -52.51 82.27
C SER W 88 88.41 -52.67 81.95
N ILE W 89 87.58 -51.73 82.39
CA ILE W 89 86.17 -51.68 82.02
C ILE W 89 85.91 -50.42 81.21
N GLU W 90 85.05 -50.53 80.21
CA GLU W 90 84.69 -49.46 79.30
C GLU W 90 83.19 -49.22 79.35
N PRO W 91 82.72 -47.94 79.11
CA PRO W 91 81.34 -47.56 79.48
C PRO W 91 80.21 -48.28 78.76
N GLY W 92 80.49 -48.94 77.64
CA GLY W 92 79.44 -49.60 76.90
C GLY W 92 78.93 -50.86 77.57
N VAL W 93 79.72 -51.45 78.46
CA VAL W 93 79.40 -52.73 79.06
C VAL W 93 79.05 -52.53 80.54
N GLU W 94 77.87 -53.00 80.94
CA GLU W 94 77.47 -53.03 82.34
C GLU W 94 77.69 -54.43 82.88
N VAL W 95 78.30 -54.49 84.07
CA VAL W 95 78.70 -55.74 84.69
C VAL W 95 77.84 -55.98 85.92
N GLU W 96 77.26 -57.18 86.01
CA GLU W 96 76.47 -57.60 87.17
C GLU W 96 77.12 -58.85 87.74
N VAL W 97 77.65 -58.74 88.96
CA VAL W 97 78.40 -59.83 89.58
C VAL W 97 77.51 -60.47 90.63
N THR W 98 77.09 -61.71 90.38
CA THR W 98 76.31 -62.47 91.34
C THR W 98 77.23 -63.44 92.08
N ILE W 99 77.21 -63.37 93.42
CA ILE W 99 78.08 -64.21 94.23
C ILE W 99 77.61 -65.66 94.19
N ALA W 100 76.32 -65.89 94.37
CA ALA W 100 75.78 -67.24 94.34
C ALA W 100 75.70 -67.78 92.91
N VAL X 1 46.49 -25.63 -106.68
CA VAL X 1 45.16 -26.02 -107.14
C VAL X 1 44.11 -25.61 -106.12
N VAL X 2 44.29 -26.03 -104.88
CA VAL X 2 43.33 -25.73 -103.83
C VAL X 2 43.52 -24.28 -103.36
N ASN X 3 42.48 -23.75 -102.74
CA ASN X 3 42.52 -22.39 -102.21
C ASN X 3 43.10 -22.42 -100.80
N PRO X 4 44.23 -21.75 -100.55
CA PRO X 4 44.83 -21.79 -99.20
C PRO X 4 44.07 -20.97 -98.16
N LEU X 5 43.04 -20.22 -98.54
CA LEU X 5 42.28 -19.46 -97.57
C LEU X 5 41.24 -20.32 -96.85
N PHE X 6 41.01 -21.55 -97.31
CA PHE X 6 40.01 -22.44 -96.73
C PHE X 6 40.58 -23.01 -95.42
N GLU X 7 40.29 -22.31 -94.33
CA GLU X 7 40.79 -22.69 -93.03
C GLU X 7 39.86 -23.67 -92.35
N LYS X 8 40.43 -24.78 -91.87
CA LYS X 8 39.69 -25.71 -91.03
C LYS X 8 39.52 -25.13 -89.64
N ARG X 9 38.27 -24.97 -89.21
CA ARG X 9 37.94 -24.35 -87.93
C ARG X 9 37.13 -25.31 -87.08
N PRO X 10 37.80 -26.22 -86.36
CA PRO X 10 37.07 -27.15 -85.50
C PRO X 10 36.62 -26.47 -84.21
N LYS X 11 35.45 -26.85 -83.73
CA LYS X 11 34.96 -26.38 -82.43
C LYS X 11 35.26 -27.43 -81.38
N ASN X 12 35.87 -27.00 -80.27
CA ASN X 12 36.19 -27.88 -79.15
C ASN X 12 34.96 -27.93 -78.26
N PHE X 13 34.20 -29.02 -78.34
CA PHE X 13 32.96 -29.17 -77.58
C PHE X 13 33.23 -29.77 -76.20
N GLY X 14 34.09 -29.09 -75.44
CA GLY X 14 34.39 -29.47 -74.08
C GLY X 14 33.38 -28.88 -73.11
N ILE X 15 33.64 -29.13 -71.81
CA ILE X 15 32.78 -28.59 -70.77
C ILE X 15 33.14 -27.11 -70.57
N GLY X 16 32.22 -26.24 -70.98
CA GLY X 16 32.45 -24.82 -70.84
C GLY X 16 33.43 -24.22 -71.82
N GLN X 17 33.79 -24.96 -72.87
CA GLN X 17 34.72 -24.48 -73.88
C GLN X 17 34.00 -23.81 -75.04
N ASP X 18 32.88 -24.41 -75.48
CA ASP X 18 32.11 -23.88 -76.59
C ASP X 18 30.66 -24.28 -76.40
N ILE X 19 29.77 -23.68 -77.19
CA ILE X 19 28.35 -23.99 -77.11
C ILE X 19 28.10 -25.40 -77.64
N GLN X 20 27.07 -26.06 -77.10
CA GLN X 20 26.77 -27.43 -77.49
C GLN X 20 25.82 -27.44 -78.70
N PRO X 21 26.00 -28.39 -79.61
CA PRO X 21 25.15 -28.44 -80.81
C PRO X 21 23.77 -28.99 -80.51
N LYS X 22 22.89 -28.84 -81.49
CA LYS X 22 21.50 -29.31 -81.37
C LYS X 22 21.46 -30.78 -81.77
N ARG X 23 21.88 -31.63 -80.84
CA ARG X 23 21.93 -33.06 -81.07
C ARG X 23 20.55 -33.69 -80.85
N ASP X 24 20.51 -35.02 -80.96
CA ASP X 24 19.27 -35.76 -80.78
C ASP X 24 18.91 -35.80 -79.29
N LEU X 25 17.68 -35.41 -78.97
CA LEU X 25 17.21 -35.32 -77.60
C LEU X 25 15.81 -35.93 -77.44
N THR X 26 15.59 -37.10 -78.06
CA THR X 26 14.27 -37.71 -78.00
C THR X 26 13.98 -38.31 -76.63
N ARG X 27 15.01 -38.63 -75.87
CA ARG X 27 14.79 -39.22 -74.55
C ARG X 27 14.34 -38.18 -73.53
N PHE X 28 14.79 -36.93 -73.68
CA PHE X 28 14.58 -35.90 -72.68
C PHE X 28 13.45 -34.94 -73.06
N VAL X 29 12.55 -35.36 -73.94
CA VAL X 29 11.39 -34.55 -74.29
C VAL X 29 10.39 -34.59 -73.13
N LYS X 30 9.91 -33.41 -72.72
CA LYS X 30 8.77 -33.34 -71.80
C LYS X 30 7.53 -33.67 -72.61
N TRP X 31 7.21 -34.97 -72.66
CA TRP X 31 6.12 -35.48 -73.47
C TRP X 31 4.77 -35.05 -72.89
N PRO X 32 3.71 -35.06 -73.70
CA PRO X 32 2.37 -34.82 -73.15
C PRO X 32 1.90 -35.96 -72.25
N ARG X 33 0.78 -35.72 -71.59
CA ARG X 33 0.31 -36.61 -70.54
C ARG X 33 -0.18 -37.94 -71.10
N TYR X 34 -0.75 -37.96 -72.31
CA TYR X 34 -1.27 -39.23 -72.83
C TYR X 34 -0.14 -40.12 -73.33
N ILE X 35 0.90 -39.54 -73.93
CA ILE X 35 2.08 -40.30 -74.31
C ILE X 35 2.81 -40.81 -73.08
N ARG X 36 2.96 -39.94 -72.08
CA ARG X 36 3.61 -40.32 -70.82
C ARG X 36 2.81 -41.39 -70.08
N LEU X 37 1.49 -41.41 -70.27
CA LEU X 37 0.67 -42.46 -69.69
C LEU X 37 0.86 -43.77 -70.45
N GLN X 38 0.76 -43.73 -71.78
CA GLN X 38 0.74 -44.97 -72.55
C GLN X 38 2.11 -45.63 -72.63
N ARG X 39 3.18 -44.89 -72.39
CA ARG X 39 4.50 -45.52 -72.32
C ARG X 39 4.69 -46.26 -70.99
N GLN X 40 4.44 -45.57 -69.88
CA GLN X 40 4.65 -46.24 -68.60
C GLN X 40 3.55 -47.24 -68.26
N ARG X 41 2.42 -47.25 -68.99
CA ARG X 41 1.48 -48.35 -68.85
C ARG X 41 2.08 -49.65 -69.37
N ALA X 42 2.65 -49.63 -70.58
CA ALA X 42 3.34 -50.79 -71.11
C ALA X 42 4.58 -51.14 -70.28
N ILE X 43 5.21 -50.14 -69.67
CA ILE X 43 6.28 -50.41 -68.72
C ILE X 43 5.75 -51.17 -67.51
N LEU X 44 4.58 -50.81 -66.99
CA LEU X 44 4.01 -51.56 -65.88
C LEU X 44 3.54 -52.95 -66.31
N TYR X 45 3.14 -53.12 -67.57
CA TYR X 45 2.86 -54.47 -68.07
C TYR X 45 4.14 -55.31 -68.12
N LYS X 46 5.28 -54.67 -68.36
CA LYS X 46 6.55 -55.40 -68.28
C LYS X 46 6.92 -55.68 -66.82
N ARG X 47 6.62 -54.76 -65.90
CA ARG X 47 7.07 -54.91 -64.52
C ARG X 47 6.21 -55.89 -63.71
N LEU X 48 4.90 -55.65 -63.66
CA LEU X 48 4.03 -56.30 -62.68
C LEU X 48 3.80 -57.77 -63.01
N LYS X 49 3.39 -58.51 -61.99
CA LYS X 49 3.24 -59.97 -62.08
C LYS X 49 2.01 -60.28 -62.90
N VAL X 50 2.23 -60.56 -64.19
CA VAL X 50 1.13 -60.84 -65.11
C VAL X 50 0.62 -62.24 -64.86
N PRO X 51 -0.68 -62.44 -64.67
CA PRO X 51 -1.23 -63.79 -64.53
C PRO X 51 -1.19 -64.53 -65.86
N PRO X 52 -1.24 -65.87 -65.84
CA PRO X 52 -1.11 -66.61 -67.11
C PRO X 52 -2.29 -66.44 -68.06
N ALA X 53 -3.46 -66.05 -67.56
CA ALA X 53 -4.61 -65.80 -68.44
C ALA X 53 -4.42 -64.56 -69.31
N ILE X 54 -3.54 -63.65 -68.89
CA ILE X 54 -3.14 -62.53 -69.74
C ILE X 54 -1.83 -62.82 -70.44
N ASN X 55 -0.97 -63.65 -69.81
CA ASN X 55 0.32 -63.99 -70.40
C ASN X 55 0.17 -64.92 -71.60
N GLN X 56 -0.97 -65.59 -71.74
CA GLN X 56 -1.19 -66.45 -72.90
C GLN X 56 -1.30 -65.66 -74.20
N PHE X 57 -1.62 -64.36 -74.14
CA PHE X 57 -1.68 -63.54 -75.34
C PHE X 57 -0.32 -63.01 -75.73
N THR X 58 0.71 -63.21 -74.90
CA THR X 58 2.03 -62.70 -75.23
C THR X 58 2.74 -63.59 -76.24
N GLN X 59 2.43 -64.88 -76.26
CA GLN X 59 2.98 -65.79 -77.25
C GLN X 59 2.16 -65.70 -78.53
N VAL X 60 2.81 -65.29 -79.59
CA VAL X 60 2.15 -65.10 -80.88
C VAL X 60 2.64 -66.17 -81.86
N LEU X 61 1.70 -66.74 -82.61
CA LEU X 61 2.03 -67.58 -83.76
C LEU X 61 2.90 -66.82 -84.75
N ASP X 62 3.95 -67.50 -85.22
CA ASP X 62 5.06 -66.83 -85.90
C ASP X 62 4.67 -66.39 -87.31
N ARG X 63 5.65 -65.73 -87.95
CA ARG X 63 5.38 -65.03 -89.21
C ARG X 63 5.13 -66.00 -90.36
N GLN X 64 5.91 -67.09 -90.43
CA GLN X 64 5.81 -68.02 -91.55
C GLN X 64 4.49 -68.79 -91.53
N THR X 65 3.94 -69.00 -90.33
CA THR X 65 2.62 -69.62 -90.25
C THR X 65 1.52 -68.57 -90.43
N ALA X 66 1.77 -67.34 -89.96
CA ALA X 66 0.75 -66.29 -90.05
C ALA X 66 0.51 -65.86 -91.50
N THR X 67 1.55 -65.84 -92.32
CA THR X 67 1.39 -65.53 -93.73
C THR X 67 0.56 -66.59 -94.46
N GLN X 68 0.78 -67.86 -94.15
CA GLN X 68 -0.02 -68.93 -94.74
C GLN X 68 -1.46 -68.87 -94.24
N LEU X 69 -1.66 -68.48 -92.98
CA LEU X 69 -3.02 -68.36 -92.45
C LEU X 69 -3.75 -67.19 -93.09
N LEU X 70 -3.04 -66.09 -93.39
CA LEU X 70 -3.65 -64.99 -94.13
C LEU X 70 -3.94 -65.37 -95.58
N LYS X 71 -3.07 -66.19 -96.19
CA LYS X 71 -3.33 -66.69 -97.54
C LYS X 71 -4.55 -67.61 -97.57
N LEU X 72 -4.75 -68.37 -96.51
CA LEU X 72 -5.93 -69.24 -96.43
C LEU X 72 -7.20 -68.43 -96.13
N ALA X 73 -7.09 -67.40 -95.29
CA ALA X 73 -8.26 -66.60 -94.93
C ALA X 73 -8.64 -65.63 -96.03
N HIS X 74 -7.73 -65.35 -96.97
CA HIS X 74 -8.06 -64.47 -98.08
C HIS X 74 -9.00 -65.14 -99.08
N LYS X 75 -8.99 -66.47 -99.13
CA LYS X 75 -9.87 -67.18 -100.06
C LYS X 75 -11.31 -67.16 -99.58
N TYR X 76 -11.52 -67.20 -98.27
CA TYR X 76 -12.86 -67.30 -97.68
C TYR X 76 -13.33 -65.99 -97.05
N ARG X 77 -12.99 -64.85 -97.65
CA ARG X 77 -13.40 -63.55 -97.13
C ARG X 77 -14.90 -63.35 -97.33
N PRO X 78 -15.57 -62.67 -96.40
CA PRO X 78 -17.01 -62.45 -96.53
C PRO X 78 -17.35 -61.43 -97.60
N GLU X 79 -18.65 -61.23 -97.79
CA GLU X 79 -19.15 -60.42 -98.89
C GLU X 79 -18.88 -58.95 -98.66
N THR X 80 -18.87 -58.18 -99.74
CA THR X 80 -18.82 -56.72 -99.68
C THR X 80 -20.25 -56.20 -99.82
N LYS X 81 -20.47 -54.94 -99.43
CA LYS X 81 -21.78 -54.33 -99.57
C LYS X 81 -22.18 -54.19 -101.04
N GLN X 82 -21.20 -53.97 -101.92
CA GLN X 82 -21.50 -53.95 -103.35
C GLN X 82 -21.73 -55.36 -103.90
N GLU X 83 -21.01 -56.35 -103.36
CA GLU X 83 -21.20 -57.73 -103.80
C GLU X 83 -22.55 -58.28 -103.34
N LYS X 84 -23.05 -57.82 -102.20
CA LYS X 84 -24.40 -58.18 -101.77
C LYS X 84 -25.45 -57.63 -102.71
N LYS X 85 -25.27 -56.39 -103.18
CA LYS X 85 -26.20 -55.81 -104.15
C LYS X 85 -26.10 -56.51 -105.50
N GLN X 86 -24.88 -56.94 -105.88
CA GLN X 86 -24.74 -57.71 -107.11
C GLN X 86 -25.40 -59.07 -107.03
N ARG X 87 -25.30 -59.75 -105.88
CA ARG X 87 -25.96 -61.05 -105.73
C ARG X 87 -27.47 -60.90 -105.66
N LEU X 88 -27.96 -59.81 -105.06
CA LEU X 88 -29.40 -59.53 -105.08
C LEU X 88 -29.89 -59.20 -106.49
N LEU X 89 -29.07 -58.50 -107.29
CA LEU X 89 -29.45 -58.23 -108.67
C LEU X 89 -29.46 -59.51 -109.50
N ALA X 90 -28.50 -60.40 -109.26
CA ALA X 90 -28.48 -61.69 -109.94
C ALA X 90 -29.67 -62.55 -109.54
N ARG X 91 -30.07 -62.48 -108.26
CA ARG X 91 -31.25 -63.22 -107.80
C ARG X 91 -32.53 -62.64 -108.39
N ALA X 92 -32.59 -61.32 -108.55
CA ALA X 92 -33.75 -60.69 -109.19
C ALA X 92 -33.83 -61.06 -110.67
N GLU X 93 -32.69 -61.11 -111.35
CA GLU X 93 -32.70 -61.53 -112.75
C GLU X 93 -33.04 -63.01 -112.90
N LYS X 94 -32.62 -63.83 -111.93
CA LYS X 94 -32.98 -65.25 -111.95
C LYS X 94 -34.47 -65.45 -111.68
N LYS X 95 -35.05 -64.62 -110.80
CA LYS X 95 -36.48 -64.71 -110.54
C LYS X 95 -37.29 -64.19 -111.73
N ALA X 96 -36.78 -63.17 -112.42
CA ALA X 96 -37.46 -62.66 -113.61
C ALA X 96 -37.36 -63.64 -114.76
N ALA X 97 -36.24 -64.35 -114.88
CA ALA X 97 -36.07 -65.34 -115.93
C ALA X 97 -36.46 -66.73 -115.44
N LYS X 105 -26.99 -73.03 -103.46
CA LYS X 105 -26.03 -73.41 -102.42
C LYS X 105 -25.08 -72.25 -102.12
N ARG X 106 -25.01 -71.86 -100.84
CA ARG X 106 -24.15 -70.75 -100.46
C ARG X 106 -22.74 -71.25 -100.17
N PRO X 107 -21.72 -70.45 -100.48
CA PRO X 107 -20.35 -70.85 -100.15
C PRO X 107 -20.05 -70.55 -98.69
N PRO X 108 -19.16 -71.32 -98.06
CA PRO X 108 -18.80 -71.04 -96.67
C PRO X 108 -17.89 -69.82 -96.55
N VAL X 109 -18.19 -68.99 -95.56
CA VAL X 109 -17.45 -67.75 -95.31
C VAL X 109 -17.00 -67.74 -93.85
N LEU X 110 -16.38 -66.63 -93.47
CA LEU X 110 -15.91 -66.46 -92.10
C LEU X 110 -17.08 -66.22 -91.15
N ARG X 111 -16.84 -66.48 -89.87
CA ARG X 111 -17.77 -66.16 -88.79
C ARG X 111 -17.01 -65.34 -87.76
N ALA X 112 -17.25 -64.03 -87.76
CA ALA X 112 -16.53 -63.10 -86.91
C ALA X 112 -17.35 -62.77 -85.67
N GLY X 113 -16.68 -62.31 -84.63
CA GLY X 113 -17.33 -61.90 -83.41
C GLY X 113 -17.30 -62.97 -82.34
N VAL X 114 -17.03 -62.56 -81.10
CA VAL X 114 -16.84 -63.50 -80.00
C VAL X 114 -18.13 -64.27 -79.71
N ASN X 115 -19.29 -63.65 -79.95
CA ASN X 115 -20.57 -64.32 -79.72
C ASN X 115 -20.77 -65.49 -80.66
N THR X 116 -20.71 -65.23 -81.98
CA THR X 116 -20.87 -66.29 -82.97
C THR X 116 -19.78 -67.34 -82.85
N VAL X 117 -18.54 -66.92 -82.56
CA VAL X 117 -17.42 -67.83 -82.45
C VAL X 117 -17.60 -68.78 -81.28
N THR X 118 -17.94 -68.27 -80.09
CA THR X 118 -18.10 -69.15 -78.94
C THR X 118 -19.34 -70.02 -79.05
N THR X 119 -20.41 -69.51 -79.67
CA THR X 119 -21.61 -70.35 -79.87
C THR X 119 -21.30 -71.52 -80.80
N LEU X 120 -20.55 -71.28 -81.87
CA LEU X 120 -20.26 -72.41 -82.75
C LEU X 120 -19.13 -73.27 -82.20
N VAL X 121 -18.30 -72.78 -81.27
CA VAL X 121 -17.34 -73.66 -80.62
C VAL X 121 -18.04 -74.59 -79.64
N GLU X 122 -19.01 -74.08 -78.85
CA GLU X 122 -19.80 -75.01 -78.03
C GLU X 122 -20.73 -75.88 -78.89
N ASN X 123 -21.03 -75.45 -80.12
CA ASN X 123 -21.71 -76.31 -81.09
C ASN X 123 -20.74 -77.25 -81.80
N LYS X 124 -19.43 -77.09 -81.56
CA LYS X 124 -18.35 -77.91 -82.11
C LYS X 124 -18.34 -77.86 -83.64
N LYS X 125 -18.27 -76.65 -84.19
CA LYS X 125 -18.21 -76.43 -85.62
C LYS X 125 -16.88 -75.83 -86.07
N ALA X 126 -16.14 -75.23 -85.15
CA ALA X 126 -14.88 -74.58 -85.51
C ALA X 126 -13.79 -75.62 -85.75
N GLN X 127 -12.94 -75.38 -86.74
CA GLN X 127 -11.73 -76.18 -86.92
C GLN X 127 -10.47 -75.37 -86.63
N LEU X 128 -10.57 -74.04 -86.63
CA LEU X 128 -9.43 -73.18 -86.35
C LEU X 128 -9.97 -71.82 -85.93
N VAL X 129 -9.51 -71.33 -84.78
CA VAL X 129 -10.01 -70.07 -84.21
C VAL X 129 -8.84 -69.10 -84.11
N VAL X 130 -8.94 -67.99 -84.84
CA VAL X 130 -7.93 -66.95 -84.85
C VAL X 130 -8.31 -65.89 -83.82
N ILE X 131 -7.33 -65.49 -83.01
CA ILE X 131 -7.49 -64.53 -81.92
C ILE X 131 -6.50 -63.40 -82.18
N ALA X 132 -6.94 -62.16 -81.95
CA ALA X 132 -6.04 -61.03 -81.93
C ALA X 132 -5.55 -60.81 -80.50
N HIS X 133 -4.26 -60.51 -80.34
CA HIS X 133 -3.71 -60.43 -78.99
C HIS X 133 -3.94 -59.09 -78.32
N ASP X 134 -4.33 -58.06 -79.08
CA ASP X 134 -4.26 -56.68 -78.63
C ASP X 134 -5.63 -56.02 -78.50
N VAL X 135 -6.58 -56.72 -77.89
CA VAL X 135 -7.86 -56.11 -77.55
C VAL X 135 -7.66 -55.20 -76.34
N ASP X 136 -8.39 -54.08 -76.31
CA ASP X 136 -8.16 -53.11 -75.23
C ASP X 136 -8.91 -53.51 -73.95
N PRO X 137 -10.19 -53.97 -73.98
CA PRO X 137 -10.66 -54.75 -72.82
C PRO X 137 -10.33 -56.23 -72.98
N ILE X 138 -9.49 -56.74 -72.09
CA ILE X 138 -8.95 -58.08 -72.28
C ILE X 138 -9.96 -59.14 -71.86
N GLU X 139 -10.99 -58.76 -71.09
CA GLU X 139 -11.91 -59.73 -70.50
C GLU X 139 -12.84 -60.34 -71.53
N LEU X 140 -12.85 -59.82 -72.76
CA LEU X 140 -13.66 -60.37 -73.82
C LEU X 140 -13.15 -61.73 -74.27
N VAL X 141 -11.83 -61.92 -74.24
CA VAL X 141 -11.19 -63.06 -74.91
C VAL X 141 -10.36 -63.91 -73.94
N VAL X 142 -10.44 -63.66 -72.62
CA VAL X 142 -9.65 -64.44 -71.65
C VAL X 142 -10.08 -65.90 -71.64
N PHE X 143 -11.39 -66.13 -71.57
CA PHE X 143 -11.93 -67.48 -71.42
C PHE X 143 -11.80 -68.33 -72.69
N LEU X 144 -11.68 -67.71 -73.85
CA LEU X 144 -11.75 -68.41 -75.13
C LEU X 144 -10.60 -69.39 -75.42
N PRO X 145 -9.32 -69.14 -75.05
CA PRO X 145 -8.31 -70.20 -75.21
C PRO X 145 -8.57 -71.45 -74.37
N ALA X 146 -8.94 -71.29 -73.11
CA ALA X 146 -9.24 -72.46 -72.30
C ALA X 146 -10.54 -73.12 -72.73
N LEU X 147 -11.44 -72.34 -73.32
CA LEU X 147 -12.69 -72.91 -73.83
C LEU X 147 -12.43 -73.74 -75.07
N CYS X 148 -11.53 -73.27 -75.93
CA CYS X 148 -11.12 -74.08 -77.08
C CYS X 148 -10.28 -75.27 -76.65
N ARG X 149 -9.54 -75.15 -75.55
CA ARG X 149 -8.86 -76.30 -74.95
C ARG X 149 -9.84 -77.36 -74.49
N LYS X 150 -10.92 -76.95 -73.83
CA LYS X 150 -11.88 -77.92 -73.32
C LYS X 150 -12.71 -78.52 -74.46
N MET X 151 -13.07 -77.72 -75.47
CA MET X 151 -13.84 -78.25 -76.58
C MET X 151 -12.96 -79.00 -77.58
N GLY X 152 -11.64 -78.88 -77.46
CA GLY X 152 -10.75 -79.56 -78.38
C GLY X 152 -10.62 -78.84 -79.71
N VAL X 153 -10.67 -77.52 -79.70
CA VAL X 153 -10.64 -76.73 -80.93
C VAL X 153 -9.28 -76.04 -81.02
N PRO X 154 -8.59 -76.12 -82.17
CA PRO X 154 -7.31 -75.42 -82.33
C PRO X 154 -7.50 -73.91 -82.37
N TYR X 155 -6.71 -73.21 -81.56
CA TYR X 155 -6.77 -71.75 -81.49
C TYR X 155 -5.37 -71.19 -81.67
N CYS X 156 -5.27 -70.10 -82.42
CA CYS X 156 -4.02 -69.41 -82.66
C CYS X 156 -4.19 -67.94 -82.28
N ILE X 157 -3.07 -67.30 -81.95
CA ILE X 157 -3.05 -65.91 -81.51
C ILE X 157 -2.08 -65.13 -82.39
N LEU X 158 -2.56 -64.02 -82.96
CA LEU X 158 -1.79 -63.23 -83.89
C LEU X 158 -1.65 -61.79 -83.41
N LYS X 159 -0.61 -61.14 -83.92
CA LYS X 159 -0.34 -59.74 -83.64
C LYS X 159 -1.27 -58.85 -84.44
N GLY X 160 -1.90 -57.89 -83.76
CA GLY X 160 -2.64 -56.86 -84.46
C GLY X 160 -4.07 -57.25 -84.75
N LYS X 161 -5.02 -56.44 -84.28
CA LYS X 161 -6.42 -56.66 -84.67
C LYS X 161 -6.76 -55.93 -85.96
N ALA X 162 -5.91 -54.98 -86.39
CA ALA X 162 -6.16 -54.27 -87.64
C ALA X 162 -5.96 -55.19 -88.85
N ARG X 163 -4.91 -56.01 -88.81
CA ARG X 163 -4.64 -56.92 -89.91
C ARG X 163 -5.65 -58.06 -89.95
N LEU X 164 -6.33 -58.32 -88.84
CA LEU X 164 -7.37 -59.33 -88.82
C LEU X 164 -8.72 -58.74 -89.24
N GLY X 165 -8.97 -57.48 -88.89
CA GLY X 165 -10.15 -56.77 -89.32
C GLY X 165 -10.10 -56.22 -90.72
N ARG X 166 -8.94 -56.24 -91.38
CA ARG X 166 -8.88 -55.93 -92.79
C ARG X 166 -8.97 -57.15 -93.69
N LEU X 167 -8.96 -58.36 -93.12
CA LEU X 167 -9.40 -59.53 -93.87
C LEU X 167 -10.90 -59.42 -94.18
N VAL X 168 -11.69 -59.13 -93.16
CA VAL X 168 -13.08 -58.73 -93.36
C VAL X 168 -13.12 -57.27 -93.77
N HIS X 169 -14.31 -56.80 -94.15
CA HIS X 169 -14.47 -55.43 -94.63
C HIS X 169 -14.92 -54.52 -93.49
N ARG X 170 -14.12 -54.50 -92.42
CA ARG X 170 -14.37 -53.68 -91.24
C ARG X 170 -13.05 -53.07 -90.78
N LYS X 171 -13.07 -52.55 -89.54
CA LYS X 171 -11.86 -51.97 -88.96
C LYS X 171 -11.15 -52.98 -88.06
N THR X 172 -11.85 -53.46 -87.03
CA THR X 172 -11.27 -54.38 -86.05
C THR X 172 -12.07 -55.67 -86.03
N CYS X 173 -11.40 -56.73 -85.58
CA CYS X 173 -12.03 -58.03 -85.43
C CYS X 173 -11.21 -58.84 -84.43
N THR X 174 -11.89 -59.32 -83.39
CA THR X 174 -11.17 -60.05 -82.34
C THR X 174 -10.99 -61.53 -82.71
N THR X 175 -12.09 -62.24 -82.93
CA THR X 175 -12.03 -63.68 -83.15
C THR X 175 -12.63 -64.03 -84.49
N VAL X 176 -11.95 -64.93 -85.20
CA VAL X 176 -12.38 -65.43 -86.51
C VAL X 176 -12.46 -66.95 -86.43
N ALA X 177 -13.55 -67.52 -86.92
CA ALA X 177 -13.71 -68.97 -86.89
C ALA X 177 -13.63 -69.51 -88.31
N PHE X 178 -12.99 -70.68 -88.46
CA PHE X 178 -12.96 -71.41 -89.73
C PHE X 178 -13.94 -72.57 -89.61
N THR X 179 -15.17 -72.36 -90.04
CA THR X 179 -16.20 -73.39 -89.86
C THR X 179 -16.07 -74.49 -90.90
N GLN X 180 -16.27 -74.13 -92.18
CA GLN X 180 -16.24 -75.10 -93.27
C GLN X 180 -15.36 -74.55 -94.38
N VAL X 181 -14.62 -75.46 -95.02
CA VAL X 181 -13.78 -75.12 -96.16
C VAL X 181 -14.12 -76.08 -97.30
N ASN X 182 -13.66 -75.71 -98.49
CA ASN X 182 -13.88 -76.55 -99.66
C ASN X 182 -12.87 -77.71 -99.70
N SER X 183 -12.99 -78.53 -100.73
CA SER X 183 -12.06 -79.64 -100.90
C SER X 183 -10.70 -79.17 -101.41
N GLU X 184 -10.64 -77.98 -102.01
CA GLU X 184 -9.38 -77.47 -102.51
C GLU X 184 -8.51 -76.93 -101.37
N ASP X 185 -9.13 -76.49 -100.28
CA ASP X 185 -8.40 -75.85 -99.18
C ASP X 185 -8.52 -76.71 -97.93
N LYS X 186 -8.35 -78.02 -98.08
CA LYS X 186 -8.44 -78.95 -96.96
C LYS X 186 -7.07 -79.37 -96.43
N GLY X 187 -6.12 -79.66 -97.33
CA GLY X 187 -4.84 -80.18 -96.89
C GLY X 187 -3.97 -79.14 -96.21
N ALA X 188 -3.91 -77.93 -96.77
CA ALA X 188 -3.19 -76.85 -96.12
C ALA X 188 -3.86 -76.44 -94.82
N LEU X 189 -5.18 -76.52 -94.75
CA LEU X 189 -5.90 -76.25 -93.50
C LEU X 189 -5.54 -77.28 -92.44
N ALA X 190 -5.43 -78.55 -92.83
CA ALA X 190 -5.03 -79.59 -91.88
C ALA X 190 -3.58 -79.43 -91.44
N LYS X 191 -2.69 -79.01 -92.35
CA LYS X 191 -1.30 -78.76 -91.98
C LYS X 191 -1.16 -77.56 -91.06
N LEU X 192 -2.04 -76.56 -91.19
CA LEU X 192 -2.03 -75.45 -90.25
C LEU X 192 -2.65 -75.84 -88.90
N VAL X 193 -3.70 -76.66 -88.94
CA VAL X 193 -4.35 -77.14 -87.71
C VAL X 193 -3.39 -77.98 -86.88
N GLU X 194 -2.57 -78.81 -87.54
CA GLU X 194 -1.62 -79.65 -86.83
C GLU X 194 -0.53 -78.82 -86.14
N ALA X 195 0.01 -77.81 -86.83
CA ALA X 195 1.04 -76.96 -86.24
C ALA X 195 0.49 -76.11 -85.10
N ILE X 196 -0.72 -75.56 -85.28
CA ILE X 196 -1.33 -74.73 -84.24
C ILE X 196 -1.72 -75.58 -83.03
N ARG X 197 -2.15 -76.82 -83.27
CA ARG X 197 -2.50 -77.71 -82.17
C ARG X 197 -1.28 -78.12 -81.37
N THR X 198 -0.17 -78.46 -82.05
CA THR X 198 1.06 -78.79 -81.34
C THR X 198 1.70 -77.56 -80.71
N ASN X 199 1.35 -76.37 -81.17
CA ASN X 199 1.87 -75.17 -80.53
C ASN X 199 1.10 -74.83 -79.25
N TYR X 200 -0.23 -75.03 -79.26
CA TYR X 200 -1.08 -74.52 -78.18
C TYR X 200 -1.73 -75.63 -77.35
N ASN X 201 -2.46 -76.55 -77.97
CA ASN X 201 -3.30 -77.46 -77.19
C ASN X 201 -2.48 -78.57 -76.53
N ASP X 202 -1.36 -78.93 -77.14
CA ASP X 202 -0.47 -79.91 -76.52
C ASP X 202 0.28 -79.32 -75.33
N ARG X 203 0.43 -77.99 -75.29
CA ARG X 203 1.31 -77.37 -74.31
C ARG X 203 0.56 -76.23 -73.61
N TYR X 204 -0.75 -76.37 -73.43
CA TYR X 204 -1.49 -75.35 -72.68
C TYR X 204 -1.22 -75.41 -71.18
N ASP X 205 -0.83 -76.58 -70.65
CA ASP X 205 -0.57 -76.69 -69.22
C ASP X 205 0.68 -75.90 -68.82
N GLU X 206 1.68 -75.89 -69.68
CA GLU X 206 2.86 -75.05 -69.42
C GLU X 206 2.53 -73.56 -69.56
N ILE X 207 1.54 -73.22 -70.40
CA ILE X 207 1.06 -71.84 -70.46
C ILE X 207 0.37 -71.46 -69.15
N ARG X 208 -0.36 -72.41 -68.54
CA ARG X 208 -0.97 -72.16 -67.24
C ARG X 208 0.08 -72.03 -66.14
N ARG X 209 1.18 -72.78 -66.24
CA ARG X 209 2.22 -72.68 -65.22
C ARG X 209 3.13 -71.47 -65.42
N HIS X 210 3.18 -70.93 -66.64
CA HIS X 210 4.07 -69.82 -66.96
C HIS X 210 3.47 -68.51 -66.44
N TRP X 211 4.12 -67.93 -65.42
CA TRP X 211 3.73 -66.62 -64.92
C TRP X 211 4.40 -65.52 -65.75
N GLY X 212 3.98 -64.28 -65.50
CA GLY X 212 4.43 -63.16 -66.28
C GLY X 212 5.08 -62.05 -65.47
N GLY X 213 5.75 -61.14 -66.18
CA GLY X 213 6.35 -59.99 -65.55
C GLY X 213 7.61 -60.33 -64.78
N ASN X 214 7.77 -59.66 -63.64
CA ASN X 214 8.94 -59.75 -62.74
C ASN X 214 10.23 -59.42 -63.50
N VAL X 215 10.16 -58.45 -64.41
CA VAL X 215 11.30 -58.01 -65.20
C VAL X 215 11.55 -56.54 -64.88
N LEU X 216 12.68 -56.24 -64.26
CA LEU X 216 12.97 -54.88 -63.85
C LEU X 216 13.53 -54.08 -65.02
N GLY X 217 13.71 -52.77 -64.78
CA GLY X 217 14.24 -51.88 -65.79
C GLY X 217 15.70 -52.11 -66.05
N PRO X 218 16.21 -51.61 -67.18
CA PRO X 218 17.59 -51.92 -67.57
C PRO X 218 18.64 -51.28 -66.67
N LYS X 219 18.36 -50.12 -66.09
CA LYS X 219 19.30 -49.48 -65.18
C LYS X 219 19.41 -50.27 -63.87
N SER X 220 18.28 -50.71 -63.32
CA SER X 220 18.31 -51.47 -62.08
C SER X 220 18.88 -52.87 -62.30
N VAL X 221 18.59 -53.48 -63.46
CA VAL X 221 19.19 -54.76 -63.81
C VAL X 221 20.70 -54.63 -63.98
N ALA X 222 21.15 -53.54 -64.59
CA ALA X 222 22.59 -53.31 -64.76
C ALA X 222 23.27 -53.08 -63.42
N ARG X 223 22.59 -52.39 -62.49
CA ARG X 223 23.20 -52.16 -61.18
C ARG X 223 23.28 -53.43 -60.34
N ILE X 224 22.19 -54.22 -60.34
CA ILE X 224 22.18 -55.51 -59.63
C ILE X 224 23.20 -56.46 -60.24
N ALA X 225 23.33 -56.45 -61.57
CA ALA X 225 24.31 -57.31 -62.23
C ALA X 225 25.73 -56.84 -61.96
N LYS X 226 25.93 -55.53 -61.81
CA LYS X 226 27.25 -55.01 -61.46
C LYS X 226 27.65 -55.43 -60.06
N LEU X 227 26.72 -55.34 -59.11
CA LEU X 227 27.02 -55.78 -57.74
C LEU X 227 27.22 -57.29 -57.66
N GLU X 228 26.45 -58.06 -58.43
CA GLU X 228 26.61 -59.51 -58.40
C GLU X 228 27.90 -59.96 -59.08
N LYS X 229 28.29 -59.31 -60.18
CA LYS X 229 29.57 -59.63 -60.80
C LYS X 229 30.74 -59.17 -59.95
N ALA X 230 30.58 -58.08 -59.20
CA ALA X 230 31.63 -57.66 -58.27
C ALA X 230 31.79 -58.65 -57.12
N LYS X 231 30.67 -59.12 -56.57
CA LYS X 231 30.75 -60.11 -55.50
C LYS X 231 31.25 -61.46 -56.02
N ALA X 232 30.94 -61.78 -57.28
CA ALA X 232 31.44 -63.02 -57.87
C ALA X 232 32.95 -62.94 -58.12
N LYS X 233 33.43 -61.79 -58.59
CA LYS X 233 34.87 -61.59 -58.77
C LYS X 233 35.60 -61.60 -57.44
N GLU X 234 34.98 -61.02 -56.40
CA GLU X 234 35.54 -61.10 -55.05
C GLU X 234 35.61 -62.53 -54.55
N LEU X 235 34.50 -63.28 -54.60
CA LEU X 235 34.50 -64.65 -54.10
C LEU X 235 35.32 -65.59 -54.97
N ALA X 236 35.63 -65.19 -56.21
CA ALA X 236 36.56 -65.96 -57.01
C ALA X 236 38.01 -65.67 -56.61
N THR X 237 38.33 -64.40 -56.34
CA THR X 237 39.73 -64.05 -56.09
C THR X 237 40.16 -64.32 -54.66
N LYS X 238 39.25 -64.68 -53.76
CA LYS X 238 39.69 -65.11 -52.43
C LYS X 238 40.12 -66.58 -52.47
N LEU X 239 39.38 -67.41 -53.22
CA LEU X 239 39.74 -68.81 -53.37
C LEU X 239 40.95 -68.97 -54.29
N GLY X 240 40.91 -68.35 -55.47
CA GLY X 240 42.01 -68.44 -56.41
C GLY X 240 42.08 -69.73 -57.18
N MET Y 1 -66.77 24.26 54.29
CA MET Y 1 -68.19 24.46 54.09
C MET Y 1 -68.56 25.93 54.25
N LYS Y 2 -69.81 26.27 53.93
CA LYS Y 2 -70.30 27.64 54.05
C LYS Y 2 -70.65 27.91 55.51
N THR Y 3 -69.87 28.75 56.17
CA THR Y 3 -70.20 29.17 57.53
C THR Y 3 -71.27 30.26 57.47
N ILE Y 4 -72.30 30.10 58.30
CA ILE Y 4 -73.53 30.90 58.17
C ILE Y 4 -73.29 32.34 58.60
N LEU Y 5 -72.39 32.58 59.55
CA LEU Y 5 -72.23 33.92 60.08
C LEU Y 5 -70.85 34.09 60.68
N SER Y 6 -70.18 35.18 60.32
CA SER Y 6 -68.98 35.62 61.02
C SER Y 6 -69.04 37.12 61.25
N ASN Y 7 -68.63 37.55 62.44
CA ASN Y 7 -68.71 38.96 62.80
C ASN Y 7 -67.63 39.31 63.81
N GLN Y 8 -67.31 40.61 63.86
CA GLN Y 8 -66.32 41.14 64.80
C GLN Y 8 -66.61 42.62 65.01
N THR Y 9 -66.72 43.03 66.27
CA THR Y 9 -67.05 44.42 66.58
C THR Y 9 -65.78 45.25 66.77
N VAL Y 10 -65.90 46.54 66.45
CA VAL Y 10 -64.82 47.51 66.61
C VAL Y 10 -65.38 48.60 67.52
N ASP Y 11 -64.88 48.67 68.75
CA ASP Y 11 -65.32 49.69 69.71
C ASP Y 11 -64.47 50.93 69.52
N ILE Y 12 -65.05 51.99 68.96
CA ILE Y 12 -64.28 53.18 68.61
C ILE Y 12 -64.18 54.09 69.84
N PRO Y 13 -63.09 54.82 70.02
CA PRO Y 13 -62.99 55.75 71.15
C PRO Y 13 -63.87 56.98 70.94
N GLU Y 14 -64.13 57.67 72.06
CA GLU Y 14 -65.12 58.74 72.06
C GLU Y 14 -64.62 60.00 71.37
N ASN Y 15 -63.31 60.10 71.11
CA ASN Y 15 -62.79 61.29 70.44
C ASN Y 15 -63.07 61.25 68.94
N VAL Y 16 -63.35 60.06 68.40
CA VAL Y 16 -63.52 59.87 66.97
C VAL Y 16 -65.01 59.73 66.64
N ASP Y 17 -65.43 60.38 65.55
CA ASP Y 17 -66.82 60.32 65.06
C ASP Y 17 -66.79 59.77 63.64
N ILE Y 18 -67.02 58.46 63.51
CA ILE Y 18 -66.98 57.83 62.18
C ILE Y 18 -68.38 57.83 61.56
N SER Y 19 -68.39 57.76 60.23
CA SER Y 19 -69.60 57.56 59.46
C SER Y 19 -69.20 56.90 58.15
N LEU Y 20 -70.21 56.44 57.41
CA LEU Y 20 -69.95 55.68 56.19
C LEU Y 20 -71.10 55.86 55.22
N LYS Y 21 -70.75 56.00 53.94
CA LYS Y 21 -71.72 56.09 52.85
C LYS Y 21 -71.59 54.83 52.01
N GLY Y 22 -72.56 53.93 52.13
CA GLY Y 22 -72.47 52.64 51.46
C GLY Y 22 -71.53 51.71 52.19
N ARG Y 23 -70.37 51.44 51.59
CA ARG Y 23 -69.36 50.61 52.23
C ARG Y 23 -68.03 51.32 52.40
N THR Y 24 -67.82 52.41 51.67
CA THR Y 24 -66.60 53.23 51.79
C THR Y 24 -66.65 54.00 53.11
N VAL Y 25 -65.60 53.83 53.93
CA VAL Y 25 -65.56 54.41 55.26
C VAL Y 25 -64.71 55.67 55.28
N ILE Y 26 -65.06 56.60 56.15
CA ILE Y 26 -64.26 57.79 56.46
C ILE Y 26 -64.07 57.83 57.97
N VAL Y 27 -62.87 58.21 58.41
CA VAL Y 27 -62.55 58.34 59.82
C VAL Y 27 -61.90 59.70 60.04
N LYS Y 28 -62.54 60.54 60.86
CA LYS Y 28 -62.05 61.89 61.13
C LYS Y 28 -61.86 62.08 62.63
N GLY Y 29 -61.05 63.07 62.98
CA GLY Y 29 -60.77 63.36 64.37
C GLY Y 29 -59.84 64.54 64.56
N PRO Y 30 -58.91 64.41 65.51
CA PRO Y 30 -57.99 65.54 65.79
C PRO Y 30 -57.00 65.83 64.67
N ARG Y 31 -56.31 64.80 64.17
CA ARG Y 31 -55.23 65.04 63.21
C ARG Y 31 -55.78 65.32 61.81
N GLY Y 32 -56.63 64.44 61.30
CA GLY Y 32 -57.17 64.63 59.97
C GLY Y 32 -58.15 63.54 59.61
N THR Y 33 -58.54 63.53 58.34
CA THR Y 33 -59.49 62.58 57.80
C THR Y 33 -58.77 61.51 56.98
N LEU Y 34 -59.32 60.29 57.03
CA LEU Y 34 -58.77 59.18 56.24
C LEU Y 34 -59.92 58.40 55.63
N ARG Y 35 -59.85 58.18 54.32
CA ARG Y 35 -60.88 57.46 53.58
C ARG Y 35 -60.36 56.08 53.19
N ARG Y 36 -61.27 55.11 53.09
CA ARG Y 36 -60.89 53.84 52.48
C ARG Y 36 -62.11 53.20 51.84
N ASP Y 37 -61.94 52.77 50.58
CA ASP Y 37 -63.02 52.15 49.83
C ASP Y 37 -63.00 50.64 50.01
N PHE Y 38 -64.17 50.06 50.28
CA PHE Y 38 -64.30 48.64 50.55
C PHE Y 38 -65.09 47.90 49.48
N ASN Y 39 -65.07 48.41 48.24
CA ASN Y 39 -65.88 47.81 47.17
C ASN Y 39 -65.32 46.50 46.64
N HIS Y 40 -64.21 46.01 47.19
CA HIS Y 40 -63.68 44.72 46.76
C HIS Y 40 -63.99 43.61 47.75
N ILE Y 41 -64.33 43.97 48.99
CA ILE Y 41 -64.33 42.97 50.05
C ILE Y 41 -65.71 42.34 50.26
N ASN Y 42 -66.78 43.04 49.86
CA ASN Y 42 -68.17 42.56 49.81
C ASN Y 42 -68.69 42.07 51.16
N VAL Y 43 -68.83 42.98 52.14
CA VAL Y 43 -69.36 42.64 53.46
C VAL Y 43 -70.48 43.62 53.82
N GLU Y 44 -71.01 43.45 55.03
CA GLU Y 44 -72.08 44.31 55.56
C GLU Y 44 -71.51 45.09 56.74
N LEU Y 45 -71.48 46.42 56.60
CA LEU Y 45 -71.00 47.30 57.67
C LEU Y 45 -72.20 47.92 58.37
N SER Y 46 -72.47 47.44 59.58
CA SER Y 46 -73.54 47.99 60.41
C SER Y 46 -72.95 49.01 61.37
N LEU Y 47 -73.35 50.27 61.21
CA LEU Y 47 -72.91 51.34 62.11
C LEU Y 47 -74.03 51.55 63.12
N LEU Y 48 -74.01 50.73 64.18
CA LEU Y 48 -75.09 50.67 65.14
C LEU Y 48 -74.72 51.39 66.43
N GLY Y 49 -75.73 51.60 67.28
CA GLY Y 49 -75.54 52.22 68.57
C GLY Y 49 -75.59 53.73 68.55
N LYS Y 50 -76.18 54.33 69.60
CA LYS Y 50 -76.16 55.77 69.75
C LYS Y 50 -74.75 56.25 70.04
N LYS Y 51 -74.42 57.43 69.47
CA LYS Y 51 -73.10 58.07 69.40
C LYS Y 51 -72.10 57.27 68.56
N LYS Y 52 -72.57 56.27 67.80
CA LYS Y 52 -71.80 55.47 66.86
C LYS Y 52 -70.61 54.80 67.53
N LYS Y 53 -70.85 54.22 68.72
CA LYS Y 53 -69.77 53.74 69.58
C LYS Y 53 -69.08 52.49 69.04
N ARG Y 54 -69.71 51.76 68.13
CA ARG Y 54 -69.08 50.54 67.61
C ARG Y 54 -69.47 50.33 66.16
N LEU Y 55 -68.60 49.65 65.43
CA LEU Y 55 -68.78 49.29 64.03
C LEU Y 55 -68.80 47.77 63.95
N ARG Y 56 -69.82 47.22 63.31
CA ARG Y 56 -69.94 45.77 63.19
C ARG Y 56 -69.81 45.37 61.72
N VAL Y 57 -69.16 44.23 61.49
CA VAL Y 57 -68.97 43.75 60.12
C VAL Y 57 -69.43 42.29 59.99
N ASP Y 58 -70.52 42.09 59.24
CA ASP Y 58 -71.06 40.76 59.04
C ASP Y 58 -70.49 40.10 57.79
N LYS Y 59 -70.50 38.77 57.80
CA LYS Y 59 -70.24 38.00 56.59
C LYS Y 59 -71.13 36.77 56.66
N TRP Y 60 -72.06 36.66 55.71
CA TRP Y 60 -73.08 35.62 55.68
C TRP Y 60 -72.79 34.68 54.52
N TRP Y 61 -72.76 33.37 54.81
CA TRP Y 61 -72.61 32.29 53.83
C TRP Y 61 -71.32 32.42 53.01
N GLY Y 62 -70.20 32.32 53.72
CA GLY Y 62 -68.88 32.34 53.11
C GLY Y 62 -67.97 31.29 53.72
N ASN Y 63 -67.25 30.59 52.87
CA ASN Y 63 -66.27 29.61 53.32
C ASN Y 63 -64.97 30.31 53.74
N ARG Y 64 -63.92 29.49 53.89
CA ARG Y 64 -62.73 29.85 54.66
C ARG Y 64 -61.98 31.05 54.07
N LYS Y 65 -61.97 31.18 52.75
CA LYS Y 65 -61.24 32.28 52.11
C LYS Y 65 -61.91 33.62 52.33
N GLU Y 66 -63.25 33.62 52.46
CA GLU Y 66 -63.95 34.85 52.80
C GLU Y 66 -64.13 35.03 54.30
N LEU Y 67 -63.99 33.95 55.08
CA LEU Y 67 -63.93 34.10 56.54
C LEU Y 67 -62.62 34.76 56.96
N ALA Y 68 -61.54 34.52 56.20
CA ALA Y 68 -60.28 35.21 56.45
C ALA Y 68 -60.37 36.70 56.16
N THR Y 69 -61.34 37.14 55.35
CA THR Y 69 -61.49 38.54 54.98
C THR Y 69 -62.30 39.36 55.97
N VAL Y 70 -62.58 38.84 57.16
CA VAL Y 70 -63.43 39.55 58.10
C VAL Y 70 -62.59 40.30 59.13
N ARG Y 71 -61.56 39.64 59.67
CA ARG Y 71 -60.73 40.26 60.69
C ARG Y 71 -59.82 41.33 60.09
N THR Y 72 -59.53 41.24 58.79
CA THR Y 72 -58.67 42.24 58.17
C THR Y 72 -59.36 43.60 58.07
N ILE Y 73 -60.69 43.62 57.97
CA ILE Y 73 -61.42 44.89 57.92
C ILE Y 73 -61.36 45.57 59.30
N CYS Y 74 -61.55 44.78 60.36
CA CYS Y 74 -61.36 45.25 61.73
C CYS Y 74 -59.95 45.79 61.95
N SER Y 75 -58.94 45.10 61.39
CA SER Y 75 -57.57 45.52 61.58
C SER Y 75 -57.25 46.81 60.82
N HIS Y 76 -57.78 46.95 59.60
CA HIS Y 76 -57.58 48.19 58.86
C HIS Y 76 -58.31 49.36 59.50
N VAL Y 77 -59.50 49.11 60.06
CA VAL Y 77 -60.22 50.17 60.76
C VAL Y 77 -59.49 50.57 62.04
N GLN Y 78 -58.94 49.61 62.77
CA GLN Y 78 -58.19 49.93 63.99
C GLN Y 78 -56.89 50.65 63.67
N ASN Y 79 -56.24 50.30 62.55
CA ASN Y 79 -55.04 51.02 62.13
C ASN Y 79 -55.37 52.45 61.69
N MET Y 80 -56.54 52.64 61.06
CA MET Y 80 -56.95 53.98 60.68
C MET Y 80 -57.31 54.83 61.89
N ILE Y 81 -57.95 54.22 62.89
CA ILE Y 81 -58.25 54.92 64.15
C ILE Y 81 -56.97 55.28 64.88
N LYS Y 82 -55.98 54.37 64.88
CA LYS Y 82 -54.68 54.68 65.49
C LYS Y 82 -53.97 55.81 64.73
N GLY Y 83 -54.12 55.84 63.40
CA GLY Y 83 -53.51 56.91 62.63
C GLY Y 83 -54.19 58.27 62.85
N VAL Y 84 -55.50 58.26 63.08
CA VAL Y 84 -56.21 59.51 63.31
C VAL Y 84 -55.97 60.03 64.73
N THR Y 85 -56.04 59.16 65.73
CA THR Y 85 -55.82 59.58 67.11
C THR Y 85 -54.34 59.89 67.36
N LEU Y 86 -53.48 58.90 67.18
CA LEU Y 86 -52.08 59.02 67.57
C LEU Y 86 -51.19 59.32 66.37
N GLY Y 87 -51.32 58.54 65.31
CA GLY Y 87 -50.47 58.67 64.15
C GLY Y 87 -49.50 57.51 64.06
N PHE Y 88 -48.57 57.62 63.12
CA PHE Y 88 -47.53 56.60 62.95
C PHE Y 88 -46.18 57.29 62.81
N ARG Y 89 -45.38 57.22 63.87
CA ARG Y 89 -44.03 57.79 63.89
C ARG Y 89 -43.06 56.63 63.75
N TYR Y 90 -42.67 56.34 62.51
CA TYR Y 90 -41.69 55.28 62.26
C TYR Y 90 -40.29 55.87 62.41
N LYS Y 91 -39.59 55.43 63.44
CA LYS Y 91 -38.19 55.78 63.63
C LYS Y 91 -37.31 54.71 62.98
N MET Y 92 -36.23 55.15 62.33
CA MET Y 92 -35.40 54.19 61.60
C MET Y 92 -33.97 54.66 61.56
N ARG Y 93 -33.04 53.71 61.48
CA ARG Y 93 -31.62 53.98 61.69
C ARG Y 93 -30.82 53.82 60.40
N SER Y 94 -29.77 54.62 60.29
CA SER Y 94 -28.84 54.56 59.16
C SER Y 94 -27.59 53.81 59.59
N VAL Y 95 -27.52 52.51 59.28
CA VAL Y 95 -26.40 51.67 59.65
C VAL Y 95 -25.35 51.72 58.54
N TYR Y 96 -24.11 52.00 58.90
CA TYR Y 96 -23.04 52.06 57.92
C TYR Y 96 -21.76 51.52 58.53
N ALA Y 97 -20.89 51.01 57.67
CA ALA Y 97 -19.61 50.44 58.09
C ALA Y 97 -18.47 51.45 58.02
N HIS Y 98 -18.21 51.97 56.81
CA HIS Y 98 -17.10 52.91 56.60
C HIS Y 98 -17.58 54.28 56.14
N PHE Y 99 -18.40 54.34 55.10
CA PHE Y 99 -18.83 55.62 54.56
C PHE Y 99 -20.05 56.13 55.30
N PRO Y 100 -20.02 57.33 55.87
CA PRO Y 100 -21.22 57.87 56.53
C PRO Y 100 -22.29 58.26 55.51
N ILE Y 101 -23.49 57.72 55.71
CA ILE Y 101 -24.62 57.96 54.80
C ILE Y 101 -25.14 59.36 55.07
N ASN Y 102 -25.14 60.21 54.04
CA ASN Y 102 -25.59 61.59 54.19
C ASN Y 102 -27.04 61.71 53.75
N VAL Y 103 -27.93 61.99 54.69
CA VAL Y 103 -29.36 62.10 54.41
C VAL Y 103 -29.81 63.53 54.67
N VAL Y 104 -30.45 64.15 53.67
CA VAL Y 104 -31.05 65.47 53.86
C VAL Y 104 -32.43 65.44 53.22
N ILE Y 105 -33.27 66.42 53.58
CA ILE Y 105 -34.68 66.43 53.20
C ILE Y 105 -34.98 67.72 52.46
N GLN Y 106 -35.53 67.59 51.24
CA GLN Y 106 -35.93 68.72 50.43
C GLN Y 106 -37.45 68.76 50.32
N GLU Y 107 -37.97 69.99 50.19
CA GLU Y 107 -39.40 70.30 50.07
C GLU Y 107 -40.18 69.74 51.26
N ASN Y 108 -39.82 70.24 52.46
CA ASN Y 108 -40.40 70.05 53.79
C ASN Y 108 -40.97 68.66 54.09
N GLY Y 109 -40.28 67.61 53.64
CA GLY Y 109 -40.72 66.25 53.84
C GLY Y 109 -41.16 65.52 52.58
N SER Y 110 -40.99 66.10 51.40
CA SER Y 110 -41.46 65.44 50.19
C SER Y 110 -40.37 64.59 49.55
N LEU Y 111 -39.12 65.06 49.55
CA LEU Y 111 -38.04 64.35 48.89
C LEU Y 111 -36.91 64.14 49.88
N VAL Y 112 -36.22 63.01 49.74
CA VAL Y 112 -35.07 62.68 50.56
C VAL Y 112 -33.88 62.50 49.64
N GLU Y 113 -32.83 63.29 49.87
CA GLU Y 113 -31.55 63.11 49.20
C GLU Y 113 -30.68 62.18 50.04
N ILE Y 114 -30.32 61.04 49.45
CA ILE Y 114 -29.46 60.04 50.08
C ILE Y 114 -28.16 60.05 49.30
N ARG Y 115 -27.05 60.29 49.99
CA ARG Y 115 -25.72 60.43 49.42
C ARG Y 115 -24.73 59.59 50.20
N ASN Y 116 -23.57 59.34 49.57
CA ASN Y 116 -22.38 58.77 50.20
C ASN Y 116 -22.64 57.37 50.76
N PHE Y 117 -23.05 56.46 49.89
CA PHE Y 117 -23.38 55.09 50.26
C PHE Y 117 -22.44 54.16 49.51
N LEU Y 118 -21.52 53.52 50.24
CA LEU Y 118 -20.48 52.63 49.71
C LEU Y 118 -19.59 53.33 48.68
N GLY Y 119 -19.40 54.62 48.83
CA GLY Y 119 -18.57 55.38 47.90
C GLY Y 119 -19.19 55.57 46.53
N GLU Y 120 -20.51 55.57 46.44
CA GLU Y 120 -21.21 55.79 45.18
C GLU Y 120 -21.44 57.29 44.99
N LYS Y 121 -21.11 57.79 43.79
CA LYS Y 121 -21.39 59.18 43.49
C LYS Y 121 -22.82 59.40 43.05
N TYR Y 122 -23.54 58.34 42.68
CA TYR Y 122 -24.95 58.47 42.35
C TYR Y 122 -25.77 58.73 43.62
N ILE Y 123 -26.63 59.74 43.55
CA ILE Y 123 -27.47 60.16 44.66
C ILE Y 123 -28.87 59.60 44.43
N ARG Y 124 -29.62 59.43 45.51
CA ARG Y 124 -31.00 58.97 45.40
C ARG Y 124 -31.94 60.08 45.86
N ARG Y 125 -32.83 60.51 44.96
CA ARG Y 125 -33.87 61.48 45.26
C ARG Y 125 -35.18 60.73 45.43
N VAL Y 126 -35.38 60.19 46.63
CA VAL Y 126 -36.53 59.32 46.88
C VAL Y 126 -37.69 60.18 47.37
N ARG Y 127 -38.81 60.13 46.66
CA ARG Y 127 -39.97 60.97 46.96
C ARG Y 127 -41.00 60.17 47.74
N MET Y 128 -41.46 60.74 48.85
CA MET Y 128 -42.54 60.14 49.63
C MET Y 128 -43.88 60.40 48.95
N ARG Y 129 -44.87 59.59 49.34
CA ARG Y 129 -46.25 59.88 49.00
C ARG Y 129 -46.71 61.09 49.81
N PRO Y 130 -47.55 61.96 49.23
CA PRO Y 130 -48.11 63.09 50.00
C PRO Y 130 -48.98 62.59 51.15
N GLY Y 131 -48.67 63.07 52.36
CA GLY Y 131 -49.22 62.55 53.60
C GLY Y 131 -48.15 62.10 54.58
N VAL Y 132 -46.94 61.88 54.09
CA VAL Y 132 -45.83 61.44 54.94
C VAL Y 132 -44.83 62.59 55.08
N ALA Y 133 -44.38 62.84 56.30
CA ALA Y 133 -43.41 63.90 56.58
C ALA Y 133 -42.12 63.25 57.10
N CYS Y 134 -41.02 63.46 56.39
CA CYS Y 134 -39.73 62.94 56.79
C CYS Y 134 -38.92 64.00 57.52
N SER Y 135 -38.19 63.58 58.55
CA SER Y 135 -37.41 64.54 59.33
C SER Y 135 -36.22 63.83 59.97
N VAL Y 136 -35.24 64.64 60.38
CA VAL Y 136 -34.16 64.16 61.22
C VAL Y 136 -34.44 64.59 62.66
N SER Y 137 -34.39 63.64 63.59
CA SER Y 137 -34.77 63.95 64.96
C SER Y 137 -33.62 64.60 65.72
N GLN Y 138 -33.82 64.75 67.02
CA GLN Y 138 -32.83 65.33 67.92
C GLN Y 138 -32.28 64.26 68.85
N ALA Y 139 -31.11 64.57 69.43
CA ALA Y 139 -30.38 63.73 70.37
C ALA Y 139 -30.03 62.35 69.80
N GLN Y 140 -29.78 62.27 68.50
CA GLN Y 140 -29.42 61.02 67.85
C GLN Y 140 -28.60 61.35 66.61
N LYS Y 141 -27.55 60.57 66.39
CA LYS Y 141 -26.63 60.83 65.28
C LYS Y 141 -27.26 60.49 63.93
N ASP Y 142 -27.71 59.26 63.77
CA ASP Y 142 -28.28 58.78 62.51
C ASP Y 142 -29.71 58.32 62.79
N GLU Y 143 -30.68 59.11 62.31
CA GLU Y 143 -32.09 58.82 62.57
C GLU Y 143 -32.94 59.45 61.47
N LEU Y 144 -33.86 58.69 60.92
CA LEU Y 144 -34.93 59.24 60.09
C LEU Y 144 -36.28 58.95 60.74
N VAL Y 145 -37.13 59.98 60.77
CA VAL Y 145 -38.42 59.91 61.43
C VAL Y 145 -39.50 60.19 60.38
N LEU Y 146 -40.41 59.24 60.21
CA LEU Y 146 -41.52 59.36 59.27
C LEU Y 146 -42.81 59.54 60.07
N GLU Y 147 -43.44 60.70 59.92
CA GLU Y 147 -44.70 61.01 60.57
C GLU Y 147 -45.83 60.94 59.55
N GLY Y 148 -47.01 60.55 60.02
CA GLY Y 148 -48.16 60.48 59.14
C GLY Y 148 -49.37 59.78 59.72
N ASN Y 149 -50.44 59.69 58.92
CA ASN Y 149 -51.69 59.09 59.39
C ASN Y 149 -51.89 57.71 58.81
N ASP Y 150 -51.78 57.59 57.48
CA ASP Y 150 -52.04 56.33 56.80
C ASP Y 150 -50.85 55.38 56.96
N ILE Y 151 -51.11 54.23 57.60
CA ILE Y 151 -50.05 53.24 57.85
C ILE Y 151 -49.51 52.66 56.55
N GLU Y 152 -50.38 52.52 55.53
CA GLU Y 152 -49.96 52.05 54.21
C GLU Y 152 -48.96 53.00 53.60
N LEU Y 153 -49.26 54.30 53.61
CA LEU Y 153 -48.41 55.29 52.95
C LEU Y 153 -47.11 55.50 53.73
N VAL Y 154 -47.18 55.48 55.06
CA VAL Y 154 -45.97 55.72 55.87
C VAL Y 154 -45.02 54.52 55.77
N SER Y 155 -45.55 53.30 55.87
CA SER Y 155 -44.68 52.13 55.76
C SER Y 155 -44.22 51.90 54.31
N ASN Y 156 -45.00 52.36 53.32
CA ASN Y 156 -44.54 52.31 51.94
C ASN Y 156 -43.40 53.30 51.71
N SER Y 157 -43.48 54.48 52.32
CA SER Y 157 -42.39 55.44 52.25
C SER Y 157 -41.14 54.94 52.97
N ALA Y 158 -41.32 54.16 54.04
CA ALA Y 158 -40.18 53.52 54.68
C ALA Y 158 -39.56 52.44 53.78
N ALA Y 159 -40.41 51.64 53.13
CA ALA Y 159 -39.93 50.57 52.27
C ALA Y 159 -39.23 51.12 51.03
N LEU Y 160 -39.62 52.30 50.56
CA LEU Y 160 -38.96 52.92 49.41
C LEU Y 160 -37.49 53.23 49.70
N ILE Y 161 -37.20 53.90 50.82
CA ILE Y 161 -35.82 54.18 51.13
C ILE Y 161 -35.08 52.94 51.61
N GLN Y 162 -35.80 51.95 52.18
CA GLN Y 162 -35.16 50.71 52.61
C GLN Y 162 -34.70 49.89 51.41
N GLN Y 163 -35.49 49.88 50.32
CA GLN Y 163 -35.04 49.21 49.11
C GLN Y 163 -34.19 50.11 48.22
N ALA Y 164 -34.14 51.42 48.49
CA ALA Y 164 -33.19 52.28 47.80
C ALA Y 164 -31.79 52.09 48.34
N THR Y 165 -31.66 51.92 49.66
CA THR Y 165 -30.36 51.68 50.28
C THR Y 165 -30.10 50.17 50.31
N THR Y 166 -29.72 49.64 49.14
CA THR Y 166 -29.36 48.23 48.99
C THR Y 166 -28.02 48.11 48.30
N VAL Y 167 -27.30 47.03 48.60
CA VAL Y 167 -25.99 46.78 48.04
C VAL Y 167 -26.12 45.73 46.94
N LYS Y 168 -25.61 46.03 45.76
CA LYS Y 168 -25.77 45.18 44.58
C LYS Y 168 -24.47 44.43 44.28
N ASN Y 169 -24.62 43.15 43.89
CA ASN Y 169 -23.54 42.29 43.41
C ASN Y 169 -22.42 42.12 44.44
N LYS Y 170 -22.79 42.14 45.72
CA LYS Y 170 -21.83 41.93 46.80
C LYS Y 170 -22.42 41.00 47.83
N ASP Y 171 -21.62 40.69 48.84
CA ASP Y 171 -22.09 39.89 49.98
C ASP Y 171 -22.76 40.84 50.96
N ILE Y 172 -24.09 40.80 51.02
CA ILE Y 172 -24.81 41.69 51.92
C ILE Y 172 -24.76 41.18 53.35
N ARG Y 173 -24.32 39.93 53.56
CA ARG Y 173 -24.10 39.44 54.90
C ARG Y 173 -22.87 40.09 55.54
N LYS Y 174 -21.88 40.45 54.72
CA LYS Y 174 -20.72 41.19 55.22
C LYS Y 174 -20.97 42.69 55.17
N PHE Y 175 -21.45 43.19 54.04
CA PHE Y 175 -21.73 44.62 53.87
C PHE Y 175 -23.09 44.93 54.49
N LEU Y 176 -23.08 45.12 55.80
CA LEU Y 176 -24.30 45.44 56.55
C LEU Y 176 -24.49 46.96 56.59
N ASP Y 177 -24.95 47.48 55.45
CA ASP Y 177 -25.14 48.92 55.28
C ASP Y 177 -26.55 49.20 54.80
N GLY Y 178 -26.99 50.44 55.02
CA GLY Y 178 -28.28 50.89 54.55
C GLY Y 178 -29.11 51.53 55.65
N ILE Y 179 -30.27 52.03 55.26
CA ILE Y 179 -31.21 52.63 56.19
C ILE Y 179 -32.33 51.64 56.45
N TYR Y 180 -32.50 51.23 57.71
CA TYR Y 180 -33.40 50.14 58.04
C TYR Y 180 -34.34 50.56 59.17
N VAL Y 181 -35.55 49.99 59.14
CA VAL Y 181 -36.60 50.34 60.09
C VAL Y 181 -36.28 49.73 61.44
N SER Y 182 -36.25 50.58 62.48
CA SER Y 182 -35.89 50.17 63.83
C SER Y 182 -37.08 50.17 64.77
N GLU Y 183 -37.85 51.25 64.81
CA GLU Y 183 -38.95 51.41 65.76
C GLU Y 183 -40.23 51.75 65.01
N LYS Y 184 -41.27 50.96 65.25
CA LYS Y 184 -42.59 51.20 64.68
C LYS Y 184 -43.55 51.58 65.81
N GLY Y 185 -43.78 52.87 65.98
CA GLY Y 185 -44.62 53.36 67.07
C GLY Y 185 -45.48 54.53 66.63
N THR Y 186 -46.05 55.23 67.61
CA THR Y 186 -46.99 56.31 67.36
C THR Y 186 -46.31 57.65 67.59
N VAL Y 187 -46.98 58.72 67.15
CA VAL Y 187 -46.44 60.07 67.34
C VAL Y 187 -46.56 60.50 68.79
N GLN Y 188 -47.76 60.42 69.35
CA GLN Y 188 -47.98 60.74 70.76
C GLN Y 188 -48.47 59.49 71.47
N GLN Y 189 -48.18 59.42 72.77
CA GLN Y 189 -48.57 58.25 73.55
C GLN Y 189 -49.93 58.47 74.21
N ALA Y 190 -50.54 57.36 74.62
CA ALA Y 190 -51.85 57.41 75.25
C ALA Y 190 -51.97 56.30 76.30
N MET Z 1 108.15 10.82 19.51
CA MET Z 1 107.46 10.68 20.79
C MET Z 1 108.01 11.69 21.78
N GLN Z 2 108.71 12.69 21.27
CA GLN Z 2 109.33 13.69 22.12
C GLN Z 2 108.32 14.76 22.52
N ASN Z 3 108.70 15.51 23.54
CA ASN Z 3 107.97 16.71 23.94
C ASN Z 3 108.57 17.92 23.23
N ASP Z 4 108.23 19.13 23.69
CA ASP Z 4 108.82 20.34 23.12
C ASP Z 4 110.30 20.44 23.45
N ALA Z 5 110.70 19.92 24.62
CA ALA Z 5 112.11 19.92 24.99
C ALA Z 5 112.90 18.86 24.24
N GLY Z 6 112.28 17.74 23.91
CA GLY Z 6 112.95 16.65 23.24
C GLY Z 6 113.13 15.40 24.08
N GLU Z 7 112.36 15.25 25.15
CA GLU Z 7 112.52 14.11 26.06
C GLU Z 7 111.62 12.95 25.61
N PHE Z 8 112.19 11.73 25.63
CA PHE Z 8 111.39 10.54 25.45
C PHE Z 8 110.43 10.38 26.63
N VAL Z 9 109.15 10.64 26.39
CA VAL Z 9 108.18 10.80 27.46
C VAL Z 9 107.20 9.63 27.51
N ASP Z 10 107.10 8.86 26.43
CA ASP Z 10 106.24 7.67 26.45
C ASP Z 10 106.88 6.57 27.29
N LEU Z 11 106.05 5.63 27.73
CA LEU Z 11 106.51 4.64 28.69
C LEU Z 11 106.96 3.32 28.05
N TYR Z 12 106.52 3.01 26.83
CA TYR Z 12 107.22 2.00 26.03
C TYR Z 12 107.01 2.35 24.56
N VAL Z 13 107.99 2.03 23.73
CA VAL Z 13 107.86 2.15 22.28
C VAL Z 13 107.49 0.77 21.74
N PRO Z 14 106.33 0.60 21.12
CA PRO Z 14 105.89 -0.74 20.73
C PRO Z 14 106.62 -1.25 19.49
N ARG Z 15 106.52 -2.56 19.29
CA ARG Z 15 107.15 -3.21 18.16
C ARG Z 15 106.41 -2.89 16.86
N LYS Z 16 107.05 -3.20 15.75
CA LYS Z 16 106.50 -2.91 14.43
C LYS Z 16 106.71 -4.12 13.53
N CYS Z 17 105.65 -4.55 12.85
CA CYS Z 17 105.75 -5.68 11.94
C CYS Z 17 106.54 -5.28 10.69
N SER Z 18 107.47 -6.15 10.29
CA SER Z 18 108.32 -5.85 9.16
C SER Z 18 107.67 -6.17 7.83
N ALA Z 19 106.48 -6.77 7.83
CA ALA Z 19 105.79 -7.13 6.60
C ALA Z 19 104.71 -6.11 6.23
N SER Z 20 103.86 -5.73 7.18
CA SER Z 20 102.76 -4.83 6.91
C SER Z 20 103.04 -3.39 7.35
N ASN Z 21 104.16 -3.17 8.06
CA ASN Z 21 104.58 -1.85 8.56
C ASN Z 21 103.52 -1.24 9.47
N ARG Z 22 103.12 -2.02 10.46
CA ARG Z 22 102.06 -1.64 11.40
C ARG Z 22 102.50 -2.06 12.79
N ILE Z 23 102.16 -1.24 13.80
CA ILE Z 23 102.66 -1.50 15.16
C ILE Z 23 101.89 -2.64 15.80
N ILE Z 24 102.49 -3.25 16.81
CA ILE Z 24 101.90 -4.36 17.55
C ILE Z 24 101.35 -3.85 18.86
N GLY Z 25 100.08 -4.15 19.14
CA GLY Z 25 99.45 -3.70 20.37
C GLY Z 25 99.94 -4.43 21.60
N ALA Z 26 99.42 -4.01 22.75
CA ALA Z 26 99.86 -4.56 24.02
C ALA Z 26 99.32 -5.97 24.27
N LYS Z 27 98.19 -6.32 23.67
CA LYS Z 27 97.60 -7.65 23.83
C LYS Z 27 97.38 -8.31 22.48
N ASP Z 28 98.34 -8.12 21.58
CA ASP Z 28 98.37 -8.86 20.31
C ASP Z 28 99.12 -10.15 20.60
N HIS Z 29 98.38 -11.12 21.16
CA HIS Z 29 98.97 -12.33 21.70
C HIS Z 29 99.45 -13.31 20.64
N ALA Z 30 99.17 -13.05 19.36
CA ALA Z 30 99.62 -13.93 18.29
C ALA Z 30 100.89 -13.44 17.61
N SER Z 31 101.49 -12.34 18.08
CA SER Z 31 102.65 -11.78 17.40
C SER Z 31 103.89 -12.66 17.62
N ILE Z 32 104.82 -12.58 16.67
CA ILE Z 32 105.97 -13.47 16.62
C ILE Z 32 107.24 -12.63 16.67
N GLN Z 33 108.31 -13.24 17.17
CA GLN Z 33 109.68 -12.84 16.81
C GLN Z 33 110.36 -14.08 16.25
N MET Z 34 110.25 -14.25 14.93
CA MET Z 34 110.97 -15.28 14.18
C MET Z 34 112.46 -15.00 14.29
N ASN Z 35 113.21 -15.97 14.80
CA ASN Z 35 114.67 -15.87 14.86
C ASN Z 35 115.27 -16.78 13.79
N VAL Z 36 115.95 -16.18 12.82
CA VAL Z 36 116.68 -16.92 11.79
C VAL Z 36 118.14 -16.92 12.21
N ALA Z 37 118.75 -18.10 12.25
CA ALA Z 37 120.14 -18.21 12.68
C ALA Z 37 121.08 -17.78 11.56
N GLU Z 38 122.36 -17.65 11.91
CA GLU Z 38 123.39 -17.36 10.92
C GLU Z 38 124.33 -18.55 10.76
N VAL Z 39 124.87 -18.68 9.55
CA VAL Z 39 125.73 -19.79 9.17
C VAL Z 39 127.03 -19.22 8.59
N ASP Z 40 128.15 -19.66 9.17
CA ASP Z 40 129.47 -19.26 8.68
C ASP Z 40 129.70 -19.85 7.29
N LYS Z 41 130.33 -19.08 6.41
CA LYS Z 41 130.43 -19.51 5.01
C LYS Z 41 131.54 -20.53 4.82
N VAL Z 42 132.51 -20.57 5.74
CA VAL Z 42 133.61 -21.53 5.59
C VAL Z 42 133.39 -22.73 6.51
N THR Z 43 132.58 -22.56 7.57
CA THR Z 43 132.35 -23.65 8.51
C THR Z 43 131.04 -24.37 8.22
N GLY Z 44 129.95 -23.63 8.10
CA GLY Z 44 128.65 -24.25 7.89
C GLY Z 44 127.90 -24.55 9.16
N ARG Z 45 128.18 -23.83 10.25
CA ARG Z 45 127.58 -24.08 11.54
C ARG Z 45 127.08 -22.78 12.15
N PHE Z 46 126.58 -22.88 13.38
CA PHE Z 46 125.92 -21.76 14.04
C PHE Z 46 126.94 -20.75 14.56
N ASN Z 47 126.63 -19.46 14.37
CA ASN Z 47 127.55 -18.40 14.78
C ASN Z 47 127.20 -17.85 16.15
N GLY Z 48 125.98 -17.36 16.31
CA GLY Z 48 125.57 -16.73 17.55
C GLY Z 48 124.68 -15.51 17.38
N GLN Z 49 124.85 -14.79 16.27
CA GLN Z 49 123.98 -13.66 15.99
C GLN Z 49 122.74 -14.12 15.23
N PHE Z 50 121.66 -13.36 15.38
CA PHE Z 50 120.35 -13.75 14.87
C PHE Z 50 119.84 -12.70 13.88
N LYS Z 51 118.76 -13.06 13.18
CA LYS Z 51 118.00 -12.14 12.35
C LYS Z 51 116.55 -12.26 12.80
N THR Z 52 116.03 -11.20 13.41
CA THR Z 52 114.71 -11.26 14.01
C THR Z 52 113.67 -10.59 13.11
N TYR Z 53 112.45 -11.12 13.16
CA TYR Z 53 111.36 -10.64 12.31
C TYR Z 53 110.07 -10.67 13.11
N ALA Z 54 109.33 -9.57 13.10
CA ALA Z 54 108.07 -9.46 13.83
C ALA Z 54 106.89 -9.61 12.88
N ILE Z 55 105.94 -10.45 13.27
CA ILE Z 55 104.71 -10.65 12.53
C ILE Z 55 103.52 -10.48 13.48
N CYS Z 56 102.60 -9.60 13.10
CA CYS Z 56 101.38 -9.42 13.88
C CYS Z 56 100.40 -10.55 13.62
N GLY Z 57 99.36 -10.63 14.45
CA GLY Z 57 98.43 -11.75 14.36
C GLY Z 57 97.49 -11.65 13.17
N ALA Z 58 97.35 -10.46 12.59
CA ALA Z 58 96.45 -10.27 11.45
C ALA Z 58 96.97 -10.98 10.21
N ILE Z 59 98.29 -10.95 10.00
CA ILE Z 59 98.89 -11.63 8.86
C ILE Z 59 98.83 -13.14 9.05
N ARG Z 60 98.89 -13.60 10.31
CA ARG Z 60 98.76 -15.03 10.58
C ARG Z 60 97.34 -15.52 10.32
N ARG Z 61 96.34 -14.78 10.82
CA ARG Z 61 94.97 -15.20 10.58
C ARG Z 61 94.49 -14.91 9.17
N MET Z 62 95.25 -14.13 8.40
CA MET Z 62 94.97 -14.00 6.97
C MET Z 62 95.63 -15.14 6.18
N GLY Z 63 96.87 -15.47 6.51
CA GLY Z 63 97.55 -16.59 5.92
C GLY Z 63 98.82 -16.30 5.13
N GLU Z 64 99.42 -15.12 5.28
CA GLU Z 64 100.57 -14.72 4.50
C GLU Z 64 101.83 -14.55 5.34
N SER Z 65 102.07 -15.48 6.27
CA SER Z 65 103.19 -15.35 7.21
C SER Z 65 104.49 -15.91 6.64
N ASP Z 66 104.45 -17.14 6.11
CA ASP Z 66 105.68 -17.75 5.61
C ASP Z 66 106.12 -17.12 4.31
N ASP Z 67 105.17 -16.59 3.53
CA ASP Z 67 105.52 -15.81 2.33
C ASP Z 67 106.28 -14.54 2.70
N SER Z 68 105.84 -13.87 3.77
CA SER Z 68 106.52 -12.67 4.23
C SER Z 68 107.90 -13.01 4.82
N ILE Z 69 108.00 -14.13 5.54
CA ILE Z 69 109.29 -14.61 6.04
C ILE Z 69 110.23 -14.92 4.90
N LEU Z 70 109.73 -15.56 3.84
CA LEU Z 70 110.55 -15.90 2.68
C LEU Z 70 111.01 -14.65 1.95
N ARG Z 71 110.13 -13.66 1.80
CA ARG Z 71 110.50 -12.43 1.11
C ARG Z 71 111.51 -11.62 1.91
N LEU Z 72 111.34 -11.55 3.23
CA LEU Z 72 112.27 -10.80 4.06
C LEU Z 72 113.63 -11.51 4.15
N ALA Z 73 113.63 -12.84 4.16
CA ALA Z 73 114.88 -13.58 4.20
C ALA Z 73 115.60 -13.49 2.86
N LYS Z 74 114.85 -13.44 1.75
CA LYS Z 74 115.46 -13.25 0.44
C LYS Z 74 115.99 -11.83 0.29
N ALA Z 75 115.34 -10.86 0.94
CA ALA Z 75 115.83 -9.49 0.90
C ALA Z 75 117.08 -9.31 1.75
N ASP Z 76 117.13 -9.96 2.91
CA ASP Z 76 118.28 -9.87 3.80
C ASP Z 76 119.41 -10.83 3.42
N GLY Z 77 119.17 -11.74 2.48
CA GLY Z 77 120.24 -12.61 2.00
C GLY Z 77 120.32 -13.96 2.65
N ILE Z 78 119.21 -14.48 3.19
CA ILE Z 78 119.22 -15.82 3.78
C ILE Z 78 118.83 -16.84 2.72
N VAL Z 79 117.78 -16.58 1.97
CA VAL Z 79 117.33 -17.44 0.88
C VAL Z 79 118.04 -17.00 -0.39
N SER Z 80 118.38 -17.97 -1.25
CA SER Z 80 119.04 -17.68 -2.51
C SER Z 80 118.14 -16.86 -3.43
N LYS Z 81 118.78 -16.08 -4.32
CA LYS Z 81 118.03 -15.21 -5.21
C LYS Z 81 117.35 -15.98 -6.33
N ASN Z 82 117.78 -17.22 -6.58
CA ASN Z 82 117.14 -18.03 -7.61
C ASN Z 82 115.76 -18.49 -7.15
N PHE Z 83 115.71 -19.27 -6.07
CA PHE Z 83 114.50 -19.79 -5.43
C PHE Z 83 113.57 -20.55 -6.38
N GLY AA 1 -24.35 0.22 32.47
CA GLY AA 1 -24.83 -0.93 33.21
C GLY AA 1 -25.95 -1.67 32.51
N ARG AA 2 -27.03 -1.93 33.24
CA ARG AA 2 -28.17 -2.63 32.67
C ARG AA 2 -29.33 -1.66 32.47
N ARG AA 3 -30.45 -2.18 31.96
CA ARG AA 3 -31.56 -1.35 31.50
C ARG AA 3 -32.35 -0.78 32.68
N PRO AA 4 -33.04 0.34 32.48
CA PRO AA 4 -33.95 0.84 33.52
C PRO AA 4 -35.12 -0.11 33.75
N ALA AA 5 -35.73 0.03 34.93
CA ALA AA 5 -36.82 -0.84 35.34
C ALA AA 5 -38.14 -0.53 34.63
N ARG AA 6 -38.18 0.56 33.85
CA ARG AA 6 -39.37 0.88 33.06
C ARG AA 6 -39.63 -0.19 32.00
N CYS AA 7 -38.57 -0.87 31.54
CA CYS AA 7 -38.72 -1.93 30.56
C CYS AA 7 -39.43 -3.13 31.16
N TYR AA 8 -38.80 -3.77 32.14
CA TYR AA 8 -39.40 -4.92 32.82
C TYR AA 8 -40.08 -4.51 34.12
N ARG AA 9 -40.91 -3.47 34.08
CA ARG AA 9 -41.71 -3.08 35.24
C ARG AA 9 -42.94 -3.97 35.40
N TYR AA 10 -43.66 -4.19 34.31
CA TYR AA 10 -44.94 -4.89 34.38
C TYR AA 10 -44.78 -6.37 34.07
N CYS AA 11 -45.79 -7.15 34.46
CA CYS AA 11 -45.80 -8.58 34.23
C CYS AA 11 -46.30 -8.83 32.81
N LYS AA 12 -45.40 -9.30 31.95
CA LYS AA 12 -45.73 -9.49 30.54
C LYS AA 12 -45.72 -10.97 30.14
N ASN AA 13 -44.64 -11.68 30.46
CA ASN AA 13 -44.46 -13.05 30.00
C ASN AA 13 -44.89 -14.05 31.07
N LYS AA 14 -44.80 -15.33 30.71
CA LYS AA 14 -45.02 -16.42 31.65
C LYS AA 14 -43.89 -16.46 32.68
N PRO AA 15 -44.13 -17.04 33.86
CA PRO AA 15 -43.04 -17.22 34.83
C PRO AA 15 -41.99 -18.19 34.30
N TYR AA 16 -40.75 -17.70 34.21
CA TYR AA 16 -39.65 -18.38 33.53
C TYR AA 16 -38.51 -18.57 34.51
N PRO AA 17 -38.56 -19.62 35.32
CA PRO AA 17 -37.60 -19.77 36.42
C PRO AA 17 -36.28 -20.38 35.96
N LYS AA 18 -35.32 -20.36 36.87
CA LYS AA 18 -34.06 -21.07 36.66
C LYS AA 18 -34.26 -22.56 36.88
N SER AA 19 -33.90 -23.36 35.88
CA SER AA 19 -34.18 -24.79 35.91
C SER AA 19 -33.15 -25.50 35.03
N ARG AA 20 -33.45 -26.75 34.68
CA ARG AA 20 -32.57 -27.52 33.81
C ARG AA 20 -32.55 -26.94 32.40
N PHE AA 21 -33.68 -26.38 31.96
CA PHE AA 21 -33.80 -25.80 30.62
C PHE AA 21 -33.19 -24.41 30.55
N CYS AA 22 -33.42 -23.58 31.56
CA CYS AA 22 -32.84 -22.24 31.63
C CYS AA 22 -31.55 -22.30 32.44
N ARG AA 23 -30.43 -22.37 31.72
CA ARG AA 23 -29.11 -22.42 32.34
C ARG AA 23 -28.24 -21.27 31.86
N GLY AA 24 -27.17 -20.99 32.59
CA GLY AA 24 -26.35 -19.85 32.27
C GLY AA 24 -26.88 -18.55 32.82
N VAL AA 25 -27.36 -18.55 34.05
CA VAL AA 25 -27.96 -17.38 34.68
C VAL AA 25 -26.99 -16.84 35.71
N PRO AA 26 -26.70 -15.53 35.70
CA PRO AA 26 -25.83 -14.98 36.75
C PRO AA 26 -26.53 -14.94 38.09
N ASP AA 27 -25.72 -14.94 39.15
CA ASP AA 27 -26.25 -15.00 40.50
C ASP AA 27 -26.86 -13.67 40.90
N ALA AA 28 -27.96 -13.73 41.65
CA ALA AA 28 -28.63 -12.54 42.13
C ALA AA 28 -27.81 -11.87 43.23
N LYS AA 29 -28.04 -10.57 43.40
CA LYS AA 29 -27.28 -9.82 44.40
C LYS AA 29 -27.79 -10.10 45.80
N ILE AA 30 -29.11 -10.10 45.99
CA ILE AA 30 -29.69 -10.41 47.28
C ILE AA 30 -29.60 -11.91 47.55
N ARG AA 31 -28.93 -12.27 48.64
CA ARG AA 31 -28.81 -13.66 49.08
C ARG AA 31 -29.11 -13.82 50.56
N ILE AA 32 -28.94 -12.77 51.36
CA ILE AA 32 -29.27 -12.79 52.78
C ILE AA 32 -30.65 -12.14 52.91
N PHE AA 33 -31.67 -12.96 53.16
CA PHE AA 33 -33.05 -12.46 53.16
C PHE AA 33 -33.57 -12.06 54.53
N ASP AA 34 -32.75 -12.13 55.58
CA ASP AA 34 -33.16 -11.68 56.89
C ASP AA 34 -31.95 -11.24 57.71
N LEU AA 35 -32.21 -10.34 58.67
CA LEU AA 35 -31.17 -9.76 59.51
C LEU AA 35 -31.82 -9.12 60.73
N GLY AA 36 -30.97 -8.65 61.63
CA GLY AA 36 -31.40 -8.12 62.90
C GLY AA 36 -30.95 -9.01 64.03
N ARG AA 37 -31.89 -9.57 64.78
CA ARG AA 37 -31.60 -10.64 65.73
C ARG AA 37 -32.56 -11.78 65.41
N LYS AA 38 -32.15 -12.62 64.46
CA LYS AA 38 -32.98 -13.75 64.06
C LYS AA 38 -32.94 -14.88 65.08
N LYS AA 39 -31.88 -14.94 65.89
CA LYS AA 39 -31.81 -15.88 67.00
C LYS AA 39 -32.61 -15.27 68.16
N ALA AA 40 -33.93 -15.46 68.09
CA ALA AA 40 -34.82 -14.81 69.05
C ALA AA 40 -36.08 -15.63 69.19
N LYS AA 41 -36.83 -15.34 70.25
CA LYS AA 41 -38.08 -16.02 70.52
C LYS AA 41 -39.26 -15.14 70.07
N VAL AA 42 -40.45 -15.75 70.10
CA VAL AA 42 -41.63 -15.04 69.62
C VAL AA 42 -42.18 -14.10 70.69
N ASP AA 43 -41.78 -14.29 71.96
CA ASP AA 43 -42.35 -13.50 73.04
C ASP AA 43 -41.67 -12.14 73.15
N GLU AA 44 -40.39 -12.05 72.75
CA GLU AA 44 -39.63 -10.83 73.00
C GLU AA 44 -39.76 -9.81 71.88
N PHE AA 45 -40.56 -10.08 70.84
CA PHE AA 45 -40.85 -9.10 69.78
C PHE AA 45 -42.32 -9.22 69.39
N PRO AA 46 -43.22 -8.50 70.07
CA PRO AA 46 -44.65 -8.62 69.76
C PRO AA 46 -45.08 -7.97 68.46
N LEU AA 47 -44.54 -6.79 68.15
CA LEU AA 47 -45.09 -5.99 67.07
C LEU AA 47 -44.56 -6.47 65.72
N CYS AA 48 -45.42 -6.44 64.70
CA CYS AA 48 -45.06 -6.85 63.35
C CYS AA 48 -45.71 -5.93 62.32
N GLY AA 49 -44.92 -5.52 61.34
CA GLY AA 49 -45.40 -4.65 60.29
C GLY AA 49 -44.98 -5.16 58.92
N HIS AA 50 -45.90 -5.05 57.96
CA HIS AA 50 -45.71 -5.57 56.61
C HIS AA 50 -45.78 -4.43 55.60
N MET AA 51 -45.06 -4.63 54.50
CA MET AA 51 -45.12 -3.77 53.33
C MET AA 51 -45.90 -4.53 52.26
N VAL AA 52 -47.13 -4.12 52.02
CA VAL AA 52 -48.03 -4.84 51.11
C VAL AA 52 -48.11 -4.09 49.80
N SER AA 53 -47.82 -4.79 48.70
CA SER AA 53 -47.89 -4.16 47.39
C SER AA 53 -49.33 -3.95 46.96
N ASP AA 54 -49.50 -3.10 45.95
CA ASP AA 54 -50.83 -2.76 45.43
C ASP AA 54 -50.80 -2.69 43.90
N GLU AA 55 -49.75 -3.26 43.29
CA GLU AA 55 -49.67 -3.34 41.84
C GLU AA 55 -49.16 -4.72 41.46
N TYR AA 56 -49.71 -5.26 40.37
CA TYR AA 56 -49.30 -6.56 39.84
C TYR AA 56 -48.11 -6.32 38.90
N GLU AA 57 -46.93 -6.21 39.52
CA GLU AA 57 -45.71 -5.81 38.82
C GLU AA 57 -44.58 -6.78 39.15
N GLN AA 58 -43.39 -6.46 38.64
CA GLN AA 58 -42.19 -7.25 38.84
C GLN AA 58 -41.15 -6.41 39.55
N LEU AA 59 -40.91 -6.72 40.83
CA LEU AA 59 -39.90 -6.02 41.62
C LEU AA 59 -38.55 -6.69 41.45
N SER AA 60 -37.53 -5.89 41.17
CA SER AA 60 -36.23 -6.45 40.85
C SER AA 60 -35.45 -6.79 42.12
N SER AA 61 -34.54 -7.75 41.96
CA SER AA 61 -33.72 -8.22 43.08
C SER AA 61 -32.76 -7.15 43.57
N GLU AA 62 -32.31 -6.27 42.66
CA GLU AA 62 -31.42 -5.19 43.08
C GLU AA 62 -32.20 -4.13 43.87
N ALA AA 63 -33.48 -3.92 43.53
CA ALA AA 63 -34.32 -3.04 44.34
C ALA AA 63 -34.61 -3.65 45.70
N LEU AA 64 -34.77 -4.98 45.74
CA LEU AA 64 -34.91 -5.68 47.02
C LEU AA 64 -33.67 -5.51 47.88
N GLU AA 65 -32.48 -5.60 47.27
CA GLU AA 65 -31.22 -5.39 47.97
C GLU AA 65 -31.08 -3.96 48.49
N ALA AA 66 -31.43 -2.98 47.66
CA ALA AA 66 -31.32 -1.58 48.06
C ALA AA 66 -32.30 -1.24 49.18
N ALA AA 67 -33.52 -1.78 49.12
CA ALA AA 67 -34.49 -1.55 50.18
C ALA AA 67 -34.09 -2.28 51.47
N ARG AA 68 -33.44 -3.43 51.33
CA ARG AA 68 -32.95 -4.15 52.51
C ARG AA 68 -31.85 -3.36 53.21
N ILE AA 69 -30.92 -2.78 52.45
CA ILE AA 69 -29.86 -1.97 53.05
C ILE AA 69 -30.42 -0.67 53.63
N CYS AA 70 -31.41 -0.08 52.96
CA CYS AA 70 -32.03 1.15 53.46
C CYS AA 70 -32.83 0.91 54.74
N ALA AA 71 -33.47 -0.25 54.86
CA ALA AA 71 -34.16 -0.58 56.11
C ALA AA 71 -33.16 -0.93 57.21
N ASN AA 72 -32.07 -1.62 56.84
CA ASN AA 72 -31.04 -2.03 57.78
C ASN AA 72 -30.37 -0.81 58.44
N LYS AA 73 -30.09 0.22 57.65
CA LYS AA 73 -29.38 1.38 58.19
C LYS AA 73 -30.22 2.14 59.20
N TYR AA 74 -31.52 2.31 58.90
CA TYR AA 74 -32.38 3.01 59.83
C TYR AA 74 -32.69 2.18 61.06
N MET AA 75 -32.78 0.85 60.90
CA MET AA 75 -33.01 0.00 62.08
C MET AA 75 -31.77 -0.07 62.99
N VAL AA 76 -30.57 0.00 62.41
CA VAL AA 76 -29.36 0.07 63.23
C VAL AA 76 -29.27 1.43 63.93
N LYS AA 77 -29.63 2.51 63.23
CA LYS AA 77 -29.57 3.83 63.85
C LYS AA 77 -30.65 4.03 64.90
N SER AA 78 -31.79 3.35 64.76
CA SER AA 78 -32.90 3.56 65.69
C SER AA 78 -32.93 2.53 66.82
N CYS AA 79 -33.06 1.26 66.47
CA CYS AA 79 -33.40 0.22 67.45
C CYS AA 79 -32.18 -0.56 67.92
N GLY AA 80 -30.97 -0.13 67.57
CA GLY AA 80 -29.78 -0.88 67.90
C GLY AA 80 -29.51 -1.97 66.88
N LYS AA 81 -28.48 -2.77 67.17
CA LYS AA 81 -28.11 -3.84 66.25
C LYS AA 81 -28.80 -5.16 66.58
N ASP AA 82 -29.43 -5.27 67.75
CA ASP AA 82 -30.08 -6.51 68.18
C ASP AA 82 -31.46 -6.21 68.77
N GLY AA 83 -32.22 -5.37 68.08
CA GLY AA 83 -33.53 -4.98 68.56
C GLY AA 83 -34.62 -4.99 67.51
N PHE AA 84 -34.41 -5.75 66.44
CA PHE AA 84 -35.36 -5.81 65.33
C PHE AA 84 -35.13 -7.13 64.60
N HIS AA 85 -36.02 -7.42 63.64
CA HIS AA 85 -35.81 -8.55 62.73
C HIS AA 85 -36.54 -8.21 61.43
N ILE AA 86 -35.76 -8.04 60.36
CA ILE AA 86 -36.31 -7.77 59.04
C ILE AA 86 -36.33 -9.07 58.25
N ARG AA 87 -37.36 -9.27 57.43
CA ARG AA 87 -37.48 -10.47 56.61
C ARG AA 87 -38.05 -10.06 55.25
N VAL AA 88 -37.29 -10.30 54.18
CA VAL AA 88 -37.80 -10.06 52.83
C VAL AA 88 -38.56 -11.29 52.37
N ARG AA 89 -39.87 -11.14 52.13
CA ARG AA 89 -40.69 -12.29 51.78
C ARG AA 89 -40.96 -12.34 50.28
N LEU AA 90 -39.99 -11.90 49.48
CA LEU AA 90 -40.10 -12.03 48.03
C LEU AA 90 -38.76 -12.57 47.52
N HIS AA 91 -38.72 -13.85 47.18
CA HIS AA 91 -37.53 -14.47 46.64
C HIS AA 91 -37.59 -14.41 45.12
N PRO AA 92 -36.61 -13.80 44.45
CA PRO AA 92 -36.67 -13.69 42.99
C PRO AA 92 -36.31 -14.98 42.26
N PHE AA 93 -37.25 -15.49 41.46
CA PHE AA 93 -37.03 -16.68 40.64
C PHE AA 93 -37.19 -16.42 39.15
N HIS AA 94 -37.92 -15.36 38.78
CA HIS AA 94 -38.22 -15.10 37.38
C HIS AA 94 -36.96 -14.62 36.66
N VAL AA 95 -36.40 -15.47 35.82
CA VAL AA 95 -35.18 -15.15 35.08
C VAL AA 95 -35.54 -14.27 33.90
N ILE AA 96 -35.12 -13.02 33.96
CA ILE AA 96 -35.47 -12.03 32.94
C ILE AA 96 -34.27 -11.89 31.99
N ARG AA 97 -34.57 -11.51 30.74
CA ARG AA 97 -33.66 -11.69 29.62
C ARG AA 97 -33.22 -10.35 29.03
N ILE AA 98 -32.23 -10.42 28.14
CA ILE AA 98 -31.62 -9.25 27.50
C ILE AA 98 -31.48 -9.53 26.01
N ASN AA 99 -31.76 -8.52 25.18
CA ASN AA 99 -31.57 -8.62 23.74
C ASN AA 99 -30.56 -7.54 23.34
N LYS AA 100 -29.28 -7.92 23.39
CA LYS AA 100 -28.20 -6.98 23.11
C LYS AA 100 -27.98 -6.85 21.60
N MET AA 101 -28.00 -5.61 21.13
CA MET AA 101 -27.74 -5.29 19.72
C MET AA 101 -26.32 -4.75 19.62
N LEU AA 102 -25.36 -5.67 19.52
CA LEU AA 102 -23.91 -5.41 19.45
C LEU AA 102 -23.39 -4.55 20.60
N GLN AA 111 -24.88 -7.49 11.83
CA GLN AA 111 -26.17 -6.92 12.23
C GLN AA 111 -27.33 -7.81 11.81
N THR AA 112 -27.67 -8.77 12.66
CA THR AA 112 -28.78 -9.67 12.35
C THR AA 112 -30.13 -8.99 12.57
N GLY AA 113 -30.34 -8.43 13.74
CA GLY AA 113 -31.58 -7.72 14.04
C GLY AA 113 -32.54 -8.60 14.80
N MET AA 114 -33.76 -8.74 14.27
CA MET AA 114 -34.84 -9.45 14.94
C MET AA 114 -34.90 -10.93 14.57
N ARG AA 115 -34.08 -11.37 13.62
CA ARG AA 115 -34.07 -12.78 13.26
C ARG AA 115 -33.32 -13.60 14.31
N GLY AA 116 -33.93 -14.70 14.72
CA GLY AA 116 -33.36 -15.52 15.78
C GLY AA 116 -33.31 -14.82 17.13
N ALA AA 117 -34.28 -13.97 17.42
CA ALA AA 117 -34.26 -13.13 18.61
C ALA AA 117 -34.83 -13.92 19.78
N PHE AA 118 -33.96 -14.51 20.58
CA PHE AA 118 -34.33 -15.07 21.87
C PHE AA 118 -33.28 -14.61 22.87
N GLY AA 119 -33.74 -14.10 24.02
CA GLY AA 119 -32.83 -13.43 24.92
C GLY AA 119 -31.95 -14.39 25.71
N LYS AA 120 -30.70 -13.98 25.90
CA LYS AA 120 -29.84 -14.59 26.88
C LYS AA 120 -30.29 -14.14 28.26
N PRO AA 121 -30.10 -14.97 29.30
CA PRO AA 121 -30.56 -14.62 30.65
C PRO AA 121 -29.78 -13.43 31.21
N GLN AA 122 -30.51 -12.37 31.56
CA GLN AA 122 -29.91 -11.15 32.08
C GLN AA 122 -29.83 -11.16 33.61
N GLY AA 123 -30.93 -11.43 34.28
CA GLY AA 123 -30.92 -11.34 35.73
C GLY AA 123 -32.15 -12.01 36.31
N THR AA 124 -32.39 -11.69 37.58
CA THR AA 124 -33.55 -12.21 38.29
C THR AA 124 -34.51 -11.09 38.64
N VAL AA 125 -35.79 -11.46 38.76
CA VAL AA 125 -36.84 -10.52 39.13
C VAL AA 125 -37.96 -11.34 39.76
N ALA AA 126 -38.69 -10.72 40.69
CA ALA AA 126 -39.68 -11.42 41.49
C ALA AA 126 -41.09 -11.04 41.03
N ARG AA 127 -41.92 -12.04 40.82
CA ARG AA 127 -43.33 -11.81 40.46
C ARG AA 127 -44.12 -11.45 41.70
N VAL AA 128 -44.84 -10.33 41.64
CA VAL AA 128 -45.55 -9.78 42.78
C VAL AA 128 -47.04 -9.70 42.44
N HIS AA 129 -47.87 -10.29 43.29
CA HIS AA 129 -49.31 -10.20 43.18
C HIS AA 129 -49.84 -9.02 43.99
N ILE AA 130 -51.07 -8.63 43.70
CA ILE AA 130 -51.70 -7.54 44.45
C ILE AA 130 -52.17 -8.07 45.79
N GLY AA 131 -51.67 -7.44 46.86
CA GLY AA 131 -51.99 -7.89 48.20
C GLY AA 131 -51.01 -8.94 48.69
N GLN AA 132 -49.72 -8.66 48.53
CA GLN AA 132 -48.67 -9.60 48.90
C GLN AA 132 -47.59 -8.87 49.68
N VAL AA 133 -47.07 -9.52 50.71
CA VAL AA 133 -46.13 -8.90 51.63
C VAL AA 133 -44.75 -8.84 50.97
N ILE AA 134 -44.20 -7.63 50.87
CA ILE AA 134 -42.85 -7.46 50.33
C ILE AA 134 -41.81 -7.66 51.42
N MET AA 135 -41.85 -6.82 52.45
CA MET AA 135 -40.94 -6.90 53.58
C MET AA 135 -41.76 -6.97 54.85
N SER AA 136 -41.16 -7.53 55.89
CA SER AA 136 -41.83 -7.69 57.18
C SER AA 136 -40.85 -7.48 58.30
N ILE AA 137 -41.14 -6.53 59.18
CA ILE AA 137 -40.26 -6.18 60.28
C ILE AA 137 -40.99 -6.47 61.59
N ARG AA 138 -40.37 -7.31 62.43
CA ARG AA 138 -40.90 -7.58 63.76
C ARG AA 138 -39.95 -7.01 64.81
N THR AA 139 -40.55 -6.48 65.87
CA THR AA 139 -39.84 -5.67 66.85
C THR AA 139 -40.65 -5.63 68.13
N LYS AA 140 -40.18 -4.86 69.11
CA LYS AA 140 -40.91 -4.67 70.35
C LYS AA 140 -42.12 -3.76 70.12
N LEU AA 141 -42.97 -3.68 71.14
CA LEU AA 141 -44.19 -2.88 71.02
C LEU AA 141 -43.91 -1.39 71.10
N GLN AA 142 -42.76 -1.01 71.64
CA GLN AA 142 -42.41 0.40 71.75
C GLN AA 142 -42.01 0.98 70.40
N ASN AA 143 -41.49 0.14 69.50
CA ASN AA 143 -40.99 0.61 68.20
C ASN AA 143 -42.09 0.44 67.15
N LYS AA 144 -42.93 1.47 67.03
CA LYS AA 144 -44.01 1.50 66.06
C LYS AA 144 -43.78 2.56 64.98
N GLU AA 145 -43.57 3.81 65.40
CA GLU AA 145 -43.29 4.88 64.45
C GLU AA 145 -41.93 4.70 63.81
N HIS AA 146 -40.99 4.02 64.48
CA HIS AA 146 -39.71 3.70 63.87
C HIS AA 146 -39.87 2.71 62.72
N VAL AA 147 -40.75 1.72 62.87
CA VAL AA 147 -41.01 0.77 61.79
C VAL AA 147 -41.76 1.45 60.65
N VAL AA 148 -42.70 2.36 60.99
CA VAL AA 148 -43.39 3.15 59.98
C VAL AA 148 -42.40 4.01 59.19
N GLU AA 149 -41.44 4.61 59.88
CA GLU AA 149 -40.45 5.45 59.23
C GLU AA 149 -39.47 4.63 58.38
N ALA AA 150 -39.10 3.43 58.85
CA ALA AA 150 -38.20 2.57 58.10
C ALA AA 150 -38.87 2.06 56.83
N LEU AA 151 -40.13 1.64 56.92
CA LEU AA 151 -40.85 1.19 55.74
C LEU AA 151 -41.20 2.35 54.81
N ARG AA 152 -41.37 3.56 55.36
CA ARG AA 152 -41.59 4.74 54.52
C ARG AA 152 -40.33 5.08 53.73
N ARG AA 153 -39.16 4.95 54.37
CA ARG AA 153 -37.91 5.17 53.64
C ARG AA 153 -37.61 4.02 52.69
N ALA AA 154 -38.17 2.84 52.94
CA ALA AA 154 -37.97 1.71 52.03
C ALA AA 154 -38.95 1.72 50.85
N LYS AA 155 -40.05 2.49 50.94
CA LYS AA 155 -40.98 2.58 49.81
C LYS AA 155 -40.36 3.29 48.59
N PHE AA 156 -39.36 4.14 48.81
CA PHE AA 156 -38.83 4.92 47.69
C PHE AA 156 -37.92 4.10 46.79
N LYS AA 157 -37.52 2.90 47.22
CA LYS AA 157 -36.65 2.07 46.39
C LYS AA 157 -37.46 1.26 45.38
N PHE AA 158 -38.71 0.91 45.73
CA PHE AA 158 -39.52 0.12 44.81
C PHE AA 158 -40.33 1.03 43.88
N PRO AA 159 -40.54 0.61 42.64
CA PRO AA 159 -41.44 1.36 41.75
C PRO AA 159 -42.90 1.16 42.15
N GLY AA 160 -43.74 2.02 41.59
CA GLY AA 160 -45.17 1.88 41.83
C GLY AA 160 -45.58 2.44 43.18
N ARG AA 161 -46.49 1.74 43.84
CA ARG AA 161 -47.07 2.18 45.09
C ARG AA 161 -47.37 0.97 45.95
N GLN AA 162 -47.02 1.06 47.22
CA GLN AA 162 -47.30 0.02 48.19
C GLN AA 162 -47.63 0.65 49.54
N LYS AA 163 -48.37 -0.08 50.36
CA LYS AA 163 -48.89 0.41 51.62
C LYS AA 163 -48.15 -0.23 52.79
N ILE AA 164 -48.21 0.43 53.94
CA ILE AA 164 -47.60 -0.06 55.17
C ILE AA 164 -48.72 -0.45 56.12
N HIS AA 165 -48.76 -1.72 56.52
CA HIS AA 165 -49.82 -2.20 57.39
C HIS AA 165 -49.21 -2.91 58.60
N ILE AA 166 -49.55 -2.43 59.79
CA ILE AA 166 -49.12 -3.10 61.01
C ILE AA 166 -50.11 -4.22 61.31
N SER AA 167 -49.60 -5.45 61.36
CA SER AA 167 -50.47 -6.62 61.43
C SER AA 167 -50.97 -6.85 62.85
N LYS AA 168 -52.11 -7.53 62.95
CA LYS AA 168 -52.66 -7.97 64.21
C LYS AA 168 -52.08 -9.30 64.68
N LYS AA 169 -51.23 -9.93 63.87
CA LYS AA 169 -50.63 -11.20 64.21
C LYS AA 169 -49.47 -10.99 65.19
N TRP AA 170 -49.12 -12.07 65.90
CA TRP AA 170 -48.02 -12.05 66.86
C TRP AA 170 -46.73 -12.38 66.12
N GLY AA 171 -46.08 -11.33 65.60
CA GLY AA 171 -44.82 -11.54 64.91
C GLY AA 171 -44.99 -12.19 63.55
N PHE AA 172 -44.13 -13.17 63.27
CA PHE AA 172 -44.17 -13.89 61.98
C PHE AA 172 -44.98 -15.18 62.15
N THR AA 173 -46.19 -15.01 62.67
CA THR AA 173 -47.09 -16.13 62.93
C THR AA 173 -48.43 -15.86 62.26
N LYS AA 174 -49.30 -16.87 62.28
CA LYS AA 174 -50.63 -16.78 61.71
C LYS AA 174 -51.72 -16.75 62.79
N PHE AA 175 -51.35 -16.40 64.02
CA PHE AA 175 -52.28 -16.37 65.13
C PHE AA 175 -52.36 -14.95 65.68
N ASN AA 176 -53.52 -14.61 66.23
CA ASN AA 176 -53.78 -13.25 66.67
C ASN AA 176 -53.06 -12.96 67.99
N ALA AA 177 -52.78 -11.67 68.21
CA ALA AA 177 -51.99 -11.27 69.38
C ALA AA 177 -52.82 -11.32 70.66
N ASP AA 178 -54.12 -11.06 70.56
CA ASP AA 178 -54.96 -11.10 71.76
C ASP AA 178 -55.27 -12.54 72.18
N GLU AA 179 -55.08 -13.49 71.27
CA GLU AA 179 -55.32 -14.90 71.53
C GLU AA 179 -54.02 -15.68 71.80
N PHE AA 180 -52.87 -15.09 71.44
CA PHE AA 180 -51.59 -15.79 71.51
C PHE AA 180 -51.20 -16.10 72.95
N GLU AA 181 -51.38 -15.13 73.86
CA GLU AA 181 -51.01 -15.35 75.26
C GLU AA 181 -51.90 -16.40 75.92
N ASP AA 182 -53.19 -16.42 75.57
CA ASP AA 182 -54.09 -17.43 76.11
C ASP AA 182 -53.77 -18.82 75.56
N MET AA 183 -53.37 -18.90 74.28
CA MET AA 183 -53.01 -20.19 73.71
C MET AA 183 -51.70 -20.73 74.28
N VAL AA 184 -50.72 -19.87 74.51
CA VAL AA 184 -49.47 -20.30 75.16
C VAL AA 184 -49.73 -20.68 76.61
N ALA AA 185 -50.69 -19.99 77.27
CA ALA AA 185 -51.03 -20.33 78.65
C ALA AA 185 -51.75 -21.68 78.74
N GLU AA 186 -52.60 -21.99 77.76
CA GLU AA 186 -53.28 -23.28 77.75
C GLU AA 186 -52.50 -24.36 76.99
N LYS AA 187 -51.27 -24.04 76.56
CA LYS AA 187 -50.31 -25.00 75.99
C LYS AA 187 -50.81 -25.60 74.69
N ARG AA 188 -51.28 -24.73 73.79
CA ARG AA 188 -51.63 -25.11 72.44
C ARG AA 188 -50.55 -24.66 71.46
N LEU AA 189 -49.81 -23.62 71.84
CA LEU AA 189 -48.69 -23.13 71.05
C LEU AA 189 -47.40 -23.24 71.86
N ILE AA 190 -46.30 -23.56 71.16
CA ILE AA 190 -44.97 -23.59 71.77
C ILE AA 190 -44.05 -22.63 71.01
N PRO AA 191 -43.32 -21.75 71.70
CA PRO AA 191 -42.30 -20.95 71.03
C PRO AA 191 -41.17 -21.83 70.52
N ASP AA 192 -40.87 -21.71 69.23
CA ASP AA 192 -39.93 -22.58 68.56
C ASP AA 192 -38.99 -21.72 67.72
N GLY AA 193 -38.45 -20.67 68.32
CA GLY AA 193 -37.54 -19.80 67.61
C GLY AA 193 -38.30 -18.70 66.90
N CYS AA 194 -38.14 -18.62 65.57
CA CYS AA 194 -38.86 -17.63 64.79
C CYS AA 194 -40.32 -18.01 64.64
N GLY AA 195 -40.59 -19.28 64.36
CA GLY AA 195 -41.95 -19.77 64.21
C GLY AA 195 -42.57 -20.18 65.53
N VAL AA 196 -43.71 -20.87 65.40
CA VAL AA 196 -44.46 -21.35 66.55
C VAL AA 196 -44.96 -22.76 66.21
N LYS AA 197 -45.12 -23.61 67.22
CA LYS AA 197 -45.62 -24.95 67.03
C LYS AA 197 -47.06 -25.04 67.54
N TYR AA 198 -47.98 -25.44 66.68
CA TYR AA 198 -49.40 -25.57 67.01
C TYR AA 198 -49.73 -27.05 67.23
N ILE AA 199 -50.03 -27.42 68.46
CA ILE AA 199 -50.35 -28.80 68.81
C ILE AA 199 -51.87 -28.95 68.83
N PRO AA 200 -52.44 -29.80 67.98
CA PRO AA 200 -53.88 -30.07 68.07
C PRO AA 200 -54.19 -31.21 69.03
N ASN AA 201 -55.46 -31.58 69.13
CA ASN AA 201 -55.85 -32.80 69.84
C ASN AA 201 -55.89 -34.01 68.94
N ARG AA 202 -55.32 -33.91 67.73
CA ARG AA 202 -55.37 -35.01 66.77
C ARG AA 202 -54.23 -35.99 67.00
N GLY AA 203 -53.17 -35.57 67.72
CA GLY AA 203 -52.05 -36.43 67.96
C GLY AA 203 -52.35 -37.49 69.01
N PRO AA 204 -51.38 -38.38 69.23
CA PRO AA 204 -51.57 -39.44 70.22
C PRO AA 204 -51.44 -38.91 71.64
N LEU AA 205 -51.73 -39.79 72.60
CA LEU AA 205 -51.73 -39.40 74.01
C LEU AA 205 -50.32 -39.30 74.57
N ASP AA 206 -49.33 -39.92 73.93
CA ASP AA 206 -47.97 -39.85 74.43
C ASP AA 206 -47.37 -38.46 74.26
N LYS AA 207 -47.74 -37.76 73.17
CA LYS AA 207 -47.31 -36.37 73.00
C LYS AA 207 -47.98 -35.45 74.02
N TRP AA 208 -49.25 -35.74 74.35
CA TRP AA 208 -49.95 -34.99 75.38
C TRP AA 208 -49.31 -35.18 76.74
N ARG AA 209 -48.92 -36.43 77.06
CA ARG AA 209 -48.26 -36.71 78.33
C ARG AA 209 -46.85 -36.15 78.39
N ALA AA 210 -46.15 -36.11 77.25
CA ALA AA 210 -44.84 -35.48 77.22
C ALA AA 210 -44.94 -33.97 77.36
N LEU AA 211 -46.04 -33.37 76.89
CA LEU AA 211 -46.26 -31.95 77.10
C LEU AA 211 -46.61 -31.64 78.54
N HIS AA 212 -47.57 -32.39 79.11
CA HIS AA 212 -48.08 -32.04 80.43
C HIS AA 212 -47.32 -32.76 81.55
N SER AA 213 -46.23 -33.45 81.23
CA SER AA 213 -45.39 -34.07 82.24
C SER AA 213 -44.23 -33.17 82.63
N SER BA 1 9.33 -96.01 57.61
CA SER BA 1 10.04 -94.90 58.23
C SER BA 1 10.60 -93.96 57.18
N LEU BA 2 11.31 -94.52 56.21
CA LEU BA 2 11.90 -93.72 55.14
C LEU BA 2 10.82 -93.25 54.17
N VAL BA 3 9.80 -94.07 53.96
CA VAL BA 3 8.64 -93.63 53.19
C VAL BA 3 7.79 -92.71 54.07
N ILE BA 4 6.82 -92.04 53.43
CA ILE BA 4 5.93 -91.14 54.16
C ILE BA 4 5.00 -91.96 55.05
N PRO BA 5 4.98 -91.73 56.36
CA PRO BA 5 4.11 -92.52 57.23
C PRO BA 5 2.67 -92.04 57.15
N GLU BA 6 1.79 -92.75 57.85
CA GLU BA 6 0.43 -92.28 58.02
C GLU BA 6 0.40 -91.09 58.96
N LYS BA 7 -0.74 -90.40 58.99
CA LYS BA 7 -1.02 -89.17 59.76
C LYS BA 7 0.14 -88.15 59.71
N PHE BA 8 0.70 -88.01 58.51
CA PHE BA 8 1.88 -87.17 58.31
C PHE BA 8 1.45 -85.71 58.23
N GLN BA 9 1.74 -84.95 59.27
CA GLN BA 9 1.34 -83.55 59.34
C GLN BA 9 2.33 -82.70 58.55
N HIS BA 10 1.87 -82.10 57.47
CA HIS BA 10 2.72 -81.22 56.68
C HIS BA 10 2.93 -79.89 57.39
N ILE BA 11 1.92 -79.39 58.10
CA ILE BA 11 2.04 -78.22 58.95
C ILE BA 11 1.42 -78.52 60.30
N LEU BA 12 2.23 -78.41 61.35
CA LEU BA 12 1.76 -78.43 62.73
C LEU BA 12 1.34 -77.03 63.14
N ARG BA 13 0.40 -76.96 64.08
CA ARG BA 13 -0.12 -75.68 64.57
C ARG BA 13 0.08 -75.59 66.08
N VAL BA 14 1.04 -74.76 66.49
CA VAL BA 14 1.36 -74.56 67.90
C VAL BA 14 1.45 -73.06 68.16
N LEU BA 15 0.58 -72.55 69.05
CA LEU BA 15 0.63 -71.17 69.57
C LEU BA 15 0.52 -70.14 68.45
N ASN BA 16 -0.64 -70.14 67.79
CA ASN BA 16 -1.10 -69.32 66.65
C ASN BA 16 -0.02 -68.94 65.64
N THR BA 17 0.79 -69.93 65.25
CA THR BA 17 1.89 -69.75 64.32
C THR BA 17 2.13 -71.07 63.60
N ASN BA 18 2.19 -71.01 62.26
CA ASN BA 18 2.38 -72.21 61.46
C ASN BA 18 3.79 -72.75 61.61
N ILE BA 19 3.92 -74.07 61.55
CA ILE BA 19 5.20 -74.76 61.68
C ILE BA 19 5.39 -75.63 60.45
N ASP BA 20 6.51 -75.42 59.75
CA ASP BA 20 6.81 -76.23 58.57
C ASP BA 20 7.23 -77.64 58.99
N GLY BA 21 6.44 -78.64 58.61
CA GLY BA 21 6.76 -80.00 58.95
C GLY BA 21 7.86 -80.60 58.10
N ARG BA 22 8.21 -79.93 57.00
CA ARG BA 22 9.31 -80.41 56.16
C ARG BA 22 10.65 -80.21 56.85
N ARG BA 23 10.75 -79.16 57.68
CA ARG BA 23 11.99 -78.84 58.37
C ARG BA 23 12.17 -79.76 59.57
N LYS BA 24 13.42 -79.90 60.02
CA LYS BA 24 13.74 -80.69 61.19
C LYS BA 24 13.19 -80.00 62.44
N ILE BA 25 12.90 -80.79 63.48
CA ILE BA 25 12.11 -80.36 64.63
C ILE BA 25 12.80 -79.24 65.39
N ALA BA 26 14.13 -79.35 65.59
CA ALA BA 26 14.89 -78.35 66.33
C ALA BA 26 14.92 -77.01 65.62
N PHE BA 27 14.60 -77.00 64.34
CA PHE BA 27 14.54 -75.78 63.55
C PHE BA 27 13.12 -75.45 63.11
N ALA BA 28 12.21 -76.43 63.15
CA ALA BA 28 10.81 -76.15 62.89
C ALA BA 28 10.15 -75.48 64.09
N ILE BA 29 10.68 -75.70 65.29
CA ILE BA 29 10.21 -74.95 66.46
C ILE BA 29 10.63 -73.48 66.36
N THR BA 30 11.75 -73.20 65.68
CA THR BA 30 12.29 -71.84 65.62
C THR BA 30 11.44 -70.89 64.78
N ALA BA 31 10.46 -71.39 64.02
CA ALA BA 31 9.55 -70.50 63.30
C ALA BA 31 8.62 -69.76 64.25
N ILE BA 32 8.35 -70.33 65.42
CA ILE BA 32 7.61 -69.63 66.46
C ILE BA 32 8.47 -68.53 67.04
N LYS BA 33 7.89 -67.33 67.17
CA LYS BA 33 8.60 -66.22 67.80
C LYS BA 33 8.78 -66.46 69.29
N GLY BA 34 9.92 -66.01 69.82
CA GLY BA 34 10.22 -66.22 71.21
C GLY BA 34 11.00 -67.48 71.53
N VAL BA 35 11.21 -68.36 70.56
CA VAL BA 35 12.01 -69.57 70.73
C VAL BA 35 12.96 -69.69 69.53
N GLY BA 36 14.22 -69.98 69.82
CA GLY BA 36 15.22 -70.16 68.80
C GLY BA 36 15.89 -71.52 68.87
N ARG BA 37 17.10 -71.57 68.32
CA ARG BA 37 17.82 -72.82 68.13
C ARG BA 37 18.25 -73.42 69.47
N ARG BA 38 18.77 -72.57 70.37
CA ARG BA 38 19.27 -73.02 71.66
C ARG BA 38 18.14 -73.55 72.53
N TYR BA 39 17.07 -72.76 72.72
CA TYR BA 39 15.98 -73.18 73.58
C TYR BA 39 15.19 -74.32 72.95
N ALA BA 40 15.18 -74.40 71.62
CA ALA BA 40 14.58 -75.54 70.93
C ALA BA 40 15.34 -76.83 71.24
N HIS BA 41 16.68 -76.78 71.19
CA HIS BA 41 17.48 -77.95 71.53
C HIS BA 41 17.37 -78.28 73.02
N VAL BA 42 17.16 -77.27 73.87
CA VAL BA 42 16.99 -77.50 75.30
C VAL BA 42 15.67 -78.22 75.57
N VAL BA 43 14.59 -77.80 74.90
CA VAL BA 43 13.30 -78.46 75.05
C VAL BA 43 13.35 -79.90 74.52
N LEU BA 44 13.99 -80.09 73.36
CA LEU BA 44 14.09 -81.44 72.80
C LEU BA 44 15.02 -82.33 73.62
N ARG BA 45 15.93 -81.74 74.39
CA ARG BA 45 16.79 -82.55 75.25
C ARG BA 45 16.09 -82.90 76.55
N LYS BA 46 15.37 -81.92 77.15
CA LYS BA 46 14.69 -82.17 78.41
C LYS BA 46 13.51 -83.13 78.23
N ALA BA 47 12.90 -83.12 77.06
CA ALA BA 47 11.94 -84.18 76.75
C ALA BA 47 12.66 -85.37 76.12
N ASP BA 48 12.01 -86.53 76.18
CA ASP BA 48 12.58 -87.76 75.63
C ASP BA 48 12.23 -87.83 74.15
N ILE BA 49 13.01 -87.12 73.35
CA ILE BA 49 12.75 -86.95 71.92
C ILE BA 49 14.01 -87.33 71.15
N ASP BA 50 13.87 -88.26 70.21
CA ASP BA 50 14.90 -88.51 69.20
C ASP BA 50 14.81 -87.38 68.20
N LEU BA 51 15.81 -86.48 68.20
CA LEU BA 51 15.75 -85.28 67.38
C LEU BA 51 16.12 -85.52 65.92
N THR BA 52 16.45 -86.76 65.54
CA THR BA 52 16.77 -87.04 64.15
C THR BA 52 15.53 -87.12 63.27
N LYS BA 53 14.35 -87.27 63.86
CA LYS BA 53 13.12 -87.40 63.09
C LYS BA 53 12.68 -86.04 62.54
N ARG BA 54 11.84 -86.09 61.51
CA ARG BA 54 11.29 -84.88 60.92
C ARG BA 54 10.11 -84.37 61.74
N ALA BA 55 9.58 -83.22 61.33
CA ALA BA 55 8.48 -82.60 62.06
C ALA BA 55 7.11 -83.03 61.57
N GLY BA 56 7.00 -84.22 60.96
CA GLY BA 56 5.70 -84.74 60.58
C GLY BA 56 5.44 -86.12 61.14
N GLU BA 57 6.49 -86.81 61.56
CA GLU BA 57 6.35 -88.18 62.05
C GLU BA 57 5.94 -88.21 63.52
N LEU BA 58 6.19 -87.12 64.25
CA LEU BA 58 6.03 -87.08 65.69
C LEU BA 58 4.55 -86.90 66.05
N THR BA 59 4.17 -87.47 67.20
CA THR BA 59 2.78 -87.71 67.54
C THR BA 59 2.16 -86.53 68.30
N GLU BA 60 0.84 -86.58 68.45
CA GLU BA 60 0.09 -85.42 68.93
C GLU BA 60 0.15 -85.29 70.46
N ASP BA 61 0.17 -86.41 71.18
CA ASP BA 61 0.37 -86.33 72.63
C ASP BA 61 1.78 -85.88 72.96
N GLU BA 62 2.74 -86.25 72.11
CA GLU BA 62 4.11 -85.83 72.29
C GLU BA 62 4.28 -84.34 71.98
N VAL BA 63 3.56 -83.81 70.98
CA VAL BA 63 3.67 -82.37 70.76
C VAL BA 63 2.88 -81.60 71.82
N GLU BA 64 1.86 -82.21 72.42
CA GLU BA 64 1.21 -81.59 73.58
C GLU BA 64 2.17 -81.52 74.76
N ARG BA 65 2.98 -82.57 74.94
CA ARG BA 65 4.04 -82.53 75.95
C ARG BA 65 5.07 -81.45 75.63
N VAL BA 66 5.40 -81.27 74.35
CA VAL BA 66 6.32 -80.20 73.94
C VAL BA 66 5.72 -78.82 74.23
N ILE BA 67 4.42 -78.65 73.99
CA ILE BA 67 3.73 -77.39 74.29
C ILE BA 67 3.76 -77.10 75.79
N THR BA 68 3.53 -78.13 76.62
CA THR BA 68 3.55 -77.92 78.07
C THR BA 68 4.96 -77.60 78.57
N ILE BA 69 5.98 -78.23 77.99
CA ILE BA 69 7.36 -77.95 78.41
C ILE BA 69 7.78 -76.54 77.98
N MET BA 70 7.38 -76.13 76.77
CA MET BA 70 7.70 -74.79 76.30
C MET BA 70 6.97 -73.71 77.09
N GLN BA 71 5.73 -74.01 77.52
CA GLN BA 71 5.00 -73.01 78.31
C GLN BA 71 5.45 -73.00 79.77
N ASN BA 72 5.98 -74.12 80.27
CA ASN BA 72 6.44 -74.21 81.66
C ASN BA 72 7.90 -74.62 81.68
N PRO BA 73 8.82 -73.65 81.62
CA PRO BA 73 10.25 -74.00 81.66
C PRO BA 73 10.74 -74.41 83.03
N ARG BA 74 10.29 -73.76 84.11
CA ARG BA 74 10.82 -74.03 85.44
C ARG BA 74 10.35 -75.39 85.96
N GLN BA 75 9.12 -75.80 85.61
CA GLN BA 75 8.58 -77.04 86.15
C GLN BA 75 9.17 -78.27 85.47
N TYR BA 76 9.88 -78.10 84.35
CA TYR BA 76 10.55 -79.21 83.68
C TYR BA 76 12.07 -79.07 83.71
N LYS BA 77 12.62 -78.47 84.78
CA LYS BA 77 14.06 -78.35 85.05
C LYS BA 77 14.80 -77.63 83.92
N ILE BA 78 14.47 -76.36 83.73
CA ILE BA 78 15.26 -75.48 82.88
C ILE BA 78 15.73 -74.31 83.74
N PRO BA 79 17.02 -74.00 83.75
CA PRO BA 79 17.50 -72.88 84.57
C PRO BA 79 17.03 -71.53 84.04
N ASP BA 80 17.23 -70.50 84.87
CA ASP BA 80 16.62 -69.20 84.60
C ASP BA 80 17.38 -68.41 83.54
N TRP BA 81 18.54 -68.91 83.11
CA TRP BA 81 19.36 -68.14 82.18
C TRP BA 81 19.11 -68.50 80.71
N PHE BA 82 18.18 -69.41 80.43
CA PHE BA 82 17.74 -69.66 79.07
C PHE BA 82 16.55 -68.81 78.67
N LEU BA 83 16.08 -67.93 79.57
CA LEU BA 83 14.82 -67.24 79.38
C LEU BA 83 15.06 -65.83 78.86
N ASN BA 84 14.05 -65.28 78.20
CA ASN BA 84 14.11 -63.94 77.62
C ASN BA 84 13.34 -62.89 78.43
N ARG BA 85 12.77 -63.28 79.58
CA ARG BA 85 12.10 -62.35 80.48
C ARG BA 85 12.60 -62.66 81.90
N GLN BA 86 13.92 -62.67 82.04
CA GLN BA 86 14.56 -62.80 83.34
C GLN BA 86 14.26 -61.55 84.16
N LYS BA 87 13.62 -61.74 85.32
CA LYS BA 87 13.31 -60.68 86.30
C LYS BA 87 12.45 -59.57 85.66
N ASP BA 88 11.21 -59.94 85.35
CA ASP BA 88 10.28 -59.02 84.71
C ASP BA 88 9.93 -57.85 85.64
N VAL BA 89 9.51 -56.74 85.04
CA VAL BA 89 9.23 -55.55 85.82
C VAL BA 89 7.86 -55.65 86.48
N LYS BA 90 6.87 -56.18 85.75
CA LYS BA 90 5.50 -56.11 86.22
C LYS BA 90 5.18 -57.18 87.26
N ASP BA 91 5.54 -58.43 86.99
CA ASP BA 91 5.25 -59.50 87.94
C ASP BA 91 6.49 -60.13 88.58
N GLY BA 92 7.67 -59.95 88.00
CA GLY BA 92 8.89 -60.44 88.64
C GLY BA 92 9.05 -61.93 88.61
N LYS BA 93 8.72 -62.57 87.48
CA LYS BA 93 8.76 -64.02 87.35
C LYS BA 93 9.61 -64.40 86.15
N TYR BA 94 10.49 -65.38 86.36
CA TYR BA 94 11.30 -65.94 85.28
C TYR BA 94 10.41 -66.81 84.40
N SER BA 95 10.18 -66.39 83.16
CA SER BA 95 9.22 -67.07 82.30
C SER BA 95 9.65 -66.94 80.84
N GLN BA 96 9.15 -67.87 80.03
CA GLN BA 96 9.34 -67.85 78.59
C GLN BA 96 7.99 -67.66 77.90
N VAL BA 97 7.85 -66.56 77.16
CA VAL BA 97 6.57 -66.16 76.58
C VAL BA 97 6.71 -66.25 75.06
N LEU BA 98 5.67 -66.75 74.39
CA LEU BA 98 5.80 -67.24 73.02
C LEU BA 98 4.82 -66.58 72.06
N ALA BA 99 5.37 -65.70 71.22
CA ALA BA 99 4.88 -65.36 69.87
C ALA BA 99 3.64 -64.48 69.88
N ASN BA 100 2.98 -64.24 71.01
CA ASN BA 100 1.99 -63.17 71.05
C ASN BA 100 2.20 -62.30 72.26
N GLY BA 101 2.48 -62.91 73.41
CA GLY BA 101 2.80 -62.15 74.59
C GLY BA 101 4.19 -61.56 74.53
N LEU BA 102 5.04 -62.08 73.64
CA LEU BA 102 6.32 -61.45 73.36
C LEU BA 102 6.12 -60.04 72.81
N ASP BA 103 5.33 -59.90 71.74
CA ASP BA 103 5.03 -58.59 71.19
C ASP BA 103 4.17 -57.76 72.14
N ASN BA 104 3.32 -58.43 72.93
CA ASN BA 104 2.47 -57.71 73.88
C ASN BA 104 3.30 -57.09 75.00
N LYS BA 105 4.25 -57.84 75.55
CA LYS BA 105 5.12 -57.28 76.58
C LYS BA 105 6.13 -56.30 75.98
N LEU BA 106 6.47 -56.47 74.70
CA LEU BA 106 7.35 -55.51 74.04
C LEU BA 106 6.66 -54.15 73.89
N ARG BA 107 5.40 -54.15 73.46
CA ARG BA 107 4.70 -52.89 73.32
C ARG BA 107 4.29 -52.33 74.69
N GLU BA 108 4.16 -53.19 75.70
CA GLU BA 108 3.94 -52.67 77.05
C GLU BA 108 5.20 -52.05 77.64
N ASP BA 109 6.39 -52.58 77.29
CA ASP BA 109 7.63 -51.93 77.71
C ASP BA 109 7.84 -50.60 76.99
N LEU BA 110 7.45 -50.55 75.72
CA LEU BA 110 7.46 -49.28 75.00
C LEU BA 110 6.46 -48.29 75.59
N GLU BA 111 5.31 -48.79 76.06
CA GLU BA 111 4.32 -47.94 76.72
C GLU BA 111 4.83 -47.46 78.07
N ARG BA 112 5.61 -48.29 78.78
CA ARG BA 112 6.19 -47.89 80.05
C ARG BA 112 7.25 -46.81 79.84
N LEU BA 113 8.06 -46.95 78.79
CA LEU BA 113 9.04 -45.92 78.46
C LEU BA 113 8.36 -44.63 78.00
N LYS BA 114 7.22 -44.76 77.30
CA LYS BA 114 6.45 -43.60 76.88
C LYS BA 114 5.81 -42.90 78.09
N LYS BA 115 5.42 -43.68 79.10
CA LYS BA 115 4.79 -43.10 80.28
C LYS BA 115 5.82 -42.41 81.16
N ILE BA 116 7.04 -42.97 81.24
CA ILE BA 116 8.07 -42.33 82.04
C ILE BA 116 8.79 -41.23 81.28
N ARG BA 117 8.58 -41.14 79.95
CA ARG BA 117 9.11 -40.08 79.08
C ARG BA 117 10.64 -40.03 79.10
N ALA BA 118 11.27 -41.20 79.10
CA ALA BA 118 12.72 -41.26 79.14
C ALA BA 118 13.32 -40.89 77.79
N HIS BA 119 14.65 -40.73 77.76
CA HIS BA 119 15.35 -40.54 76.50
C HIS BA 119 15.27 -41.79 75.64
N ARG BA 120 15.24 -42.96 76.28
CA ARG BA 120 15.08 -44.22 75.56
C ARG BA 120 13.70 -44.31 74.92
N GLY BA 121 12.66 -43.89 75.65
CA GLY BA 121 11.32 -43.85 75.08
C GLY BA 121 11.16 -42.80 74.00
N LEU BA 122 11.85 -41.67 74.14
CA LEU BA 122 11.79 -40.64 73.11
C LEU BA 122 12.49 -41.09 71.83
N ARG BA 123 13.59 -41.83 71.96
CA ARG BA 123 14.25 -42.33 70.75
C ARG BA 123 13.45 -43.46 70.12
N HIS BA 124 12.74 -44.26 70.92
CA HIS BA 124 11.84 -45.26 70.34
C HIS BA 124 10.65 -44.61 69.63
N PHE BA 125 10.13 -43.51 70.17
CA PHE BA 125 9.04 -42.80 69.53
C PHE BA 125 9.50 -42.08 68.27
N TRP BA 126 10.73 -41.57 68.27
CA TRP BA 126 11.26 -40.91 67.09
C TRP BA 126 11.62 -41.92 66.01
N GLY BA 127 12.06 -43.12 66.40
CA GLY BA 127 12.43 -44.14 65.42
C GLY BA 127 13.89 -44.03 65.02
N LEU BA 128 14.77 -43.96 66.02
CA LEU BA 128 16.20 -43.82 65.79
C LEU BA 128 16.94 -44.92 66.54
N ARG BA 129 18.27 -44.90 66.41
CA ARG BA 129 19.11 -45.88 67.08
C ARG BA 129 19.21 -45.53 68.55
N VAL BA 130 18.75 -46.43 69.42
CA VAL BA 130 18.62 -46.08 70.84
C VAL BA 130 19.81 -46.62 71.64
N ARG BA 131 20.53 -47.61 71.11
CA ARG BA 131 21.63 -48.22 71.84
C ARG BA 131 22.93 -47.43 71.72
N GLY BA 132 22.90 -46.24 71.13
CA GLY BA 132 24.07 -45.41 71.03
C GLY BA 132 24.82 -45.49 69.72
N GLN BA 133 24.15 -45.73 68.60
CA GLN BA 133 24.83 -45.86 67.33
C GLN BA 133 24.94 -44.51 66.63
N HIS BA 134 25.86 -44.46 65.68
CA HIS BA 134 26.13 -43.25 64.90
C HIS BA 134 25.19 -43.19 63.71
N THR BA 135 24.24 -42.25 63.75
CA THR BA 135 23.28 -42.08 62.67
C THR BA 135 23.73 -41.09 61.62
N LYS BA 136 24.96 -40.58 61.72
CA LYS BA 136 25.47 -39.67 60.70
C LYS BA 136 25.76 -40.41 59.39
N THR BA 137 26.33 -41.60 59.48
CA THR BA 137 26.73 -42.36 58.30
C THR BA 137 25.83 -43.54 57.99
N THR BA 138 25.06 -44.02 58.96
CA THR BA 138 24.24 -45.20 58.82
C THR BA 138 22.78 -44.85 59.10
N GLY BA 139 21.89 -45.76 58.70
CA GLY BA 139 20.47 -45.54 58.88
C GLY BA 139 19.89 -44.66 57.79
N ARG BA 140 20.01 -45.10 56.54
CA ARG BA 140 19.51 -44.34 55.40
C ARG BA 140 18.34 -45.01 54.71
N ARG BA 141 18.29 -46.34 54.69
CA ARG BA 141 17.23 -47.03 53.94
C ARG BA 141 15.91 -47.00 54.70
N GLY BA 142 15.96 -46.74 56.01
CA GLY BA 142 14.72 -46.65 56.77
C GLY BA 142 13.99 -45.35 56.51
N ARG BA 143 14.70 -44.23 56.67
CA ARG BA 143 14.11 -42.90 56.48
C ARG BA 143 14.39 -42.44 55.05
N THR BA 144 13.41 -42.69 54.18
CA THR BA 144 13.40 -42.36 52.74
C THR BA 144 14.62 -42.89 51.99
N PRO CA 1 98.50 -13.61 -2.03
CA PRO CA 1 99.84 -13.02 -1.95
C PRO CA 1 99.81 -11.50 -1.80
N LEU CA 2 100.66 -10.97 -0.93
CA LEU CA 2 100.72 -9.53 -0.70
C LEU CA 2 101.58 -8.83 -1.74
N ALA CA 3 102.87 -9.18 -1.82
CA ALA CA 3 103.76 -8.57 -2.79
C ALA CA 3 103.61 -9.29 -4.13
N LYS CA 4 103.04 -8.60 -5.12
CA LYS CA 4 102.91 -9.14 -6.46
C LYS CA 4 103.56 -8.17 -7.43
N ASP CA 5 104.38 -8.69 -8.34
CA ASP CA 5 105.14 -7.86 -9.27
C ASP CA 5 104.21 -7.35 -10.37
N LEU CA 6 103.43 -6.31 -10.04
CA LEU CA 6 102.58 -5.66 -11.03
C LEU CA 6 103.38 -4.84 -12.03
N LEU CA 7 104.60 -4.44 -11.66
CA LEU CA 7 105.46 -3.69 -12.55
C LEU CA 7 105.99 -4.54 -13.69
N HIS CA 8 106.38 -5.79 -13.41
CA HIS CA 8 106.93 -6.70 -14.42
C HIS CA 8 106.12 -7.99 -14.44
N PRO CA 9 105.03 -8.02 -15.20
CA PRO CA 9 104.20 -9.23 -15.25
C PRO CA 9 104.81 -10.30 -16.16
N SER CA 10 104.42 -11.55 -15.91
CA SER CA 10 104.90 -12.65 -16.71
C SER CA 10 104.07 -12.79 -17.98
N PRO CA 11 104.68 -13.29 -19.07
CA PRO CA 11 103.90 -13.50 -20.30
C PRO CA 11 102.87 -14.62 -20.18
N GLU CA 12 103.09 -15.57 -19.27
CA GLU CA 12 102.09 -16.62 -19.05
C GLU CA 12 100.85 -16.08 -18.34
N GLU CA 13 100.96 -14.91 -17.70
CA GLU CA 13 99.78 -14.23 -17.17
C GLU CA 13 99.22 -13.23 -18.17
N GLU CA 14 100.11 -12.61 -18.96
CA GLU CA 14 99.65 -11.62 -19.94
C GLU CA 14 98.94 -12.25 -21.12
N LYS CA 15 99.25 -13.50 -21.46
CA LYS CA 15 98.47 -14.20 -22.49
C LYS CA 15 97.23 -14.84 -21.88
N ARG CA 16 97.15 -14.87 -20.55
CA ARG CA 16 96.03 -15.47 -19.82
C ARG CA 16 94.92 -14.48 -19.54
N LYS CA 17 95.27 -13.24 -19.20
CA LYS CA 17 94.30 -12.23 -18.78
C LYS CA 17 93.51 -11.71 -19.97
N HIS CA 18 92.46 -10.94 -19.67
CA HIS CA 18 91.55 -10.42 -20.68
C HIS CA 18 92.23 -9.36 -21.53
N LYS CA 19 91.75 -9.20 -22.76
CA LYS CA 19 92.36 -8.30 -23.74
C LYS CA 19 92.28 -6.83 -23.30
N LYS CA 20 91.26 -6.49 -22.52
CA LYS CA 20 91.10 -5.14 -21.98
C LYS CA 20 91.72 -5.01 -20.59
N LYS CA 21 91.88 -6.11 -19.88
CA LYS CA 21 92.34 -6.10 -18.49
C LYS CA 21 93.84 -6.28 -18.33
N ARG CA 22 94.62 -6.23 -19.41
CA ARG CA 22 96.05 -6.38 -19.27
C ARG CA 22 96.67 -5.11 -18.65
N LEU CA 23 97.97 -5.21 -18.35
CA LEU CA 23 98.69 -4.07 -17.80
C LEU CA 23 98.80 -2.96 -18.84
N VAL CA 24 99.21 -3.32 -20.05
CA VAL CA 24 99.18 -2.42 -21.21
C VAL CA 24 98.18 -3.01 -22.19
N GLN CA 25 97.26 -2.19 -22.67
CA GLN CA 25 96.16 -2.67 -23.51
C GLN CA 25 96.67 -3.10 -24.88
N SER CA 26 96.53 -4.39 -25.18
CA SER CA 26 96.99 -4.98 -26.43
C SER CA 26 96.00 -6.03 -26.90
N PRO CA 27 95.69 -6.08 -28.20
CA PRO CA 27 94.73 -7.06 -28.70
C PRO CA 27 95.32 -8.45 -28.82
N ASN CA 28 94.44 -9.39 -29.19
CA ASN CA 28 94.84 -10.78 -29.38
C ASN CA 28 94.86 -11.20 -30.84
N SER CA 29 94.32 -10.39 -31.75
CA SER CA 29 94.21 -10.78 -33.14
C SER CA 29 95.51 -10.46 -33.89
N TYR CA 30 95.52 -10.82 -35.18
CA TYR CA 30 96.71 -10.72 -36.00
C TYR CA 30 96.30 -10.78 -37.47
N PHE CA 31 97.12 -10.16 -38.31
CA PHE CA 31 97.05 -10.35 -39.76
C PHE CA 31 97.82 -11.61 -40.11
N MET CA 32 97.43 -12.24 -41.23
CA MET CA 32 98.08 -13.46 -41.67
C MET CA 32 98.00 -13.58 -43.19
N ASP CA 33 99.01 -14.19 -43.79
CA ASP CA 33 99.11 -14.37 -45.23
C ASP CA 33 98.43 -15.67 -45.62
N VAL CA 34 97.16 -15.57 -46.03
CA VAL CA 34 96.38 -16.71 -46.48
C VAL CA 34 96.41 -16.74 -48.00
N LYS CA 35 96.80 -17.88 -48.56
CA LYS CA 35 96.86 -18.05 -50.00
C LYS CA 35 96.19 -19.36 -50.41
N CYS CA 36 95.65 -19.38 -51.61
CA CYS CA 36 95.05 -20.58 -52.17
C CYS CA 36 96.03 -21.23 -53.15
N PRO CA 37 95.99 -22.56 -53.28
CA PRO CA 37 96.92 -23.22 -54.21
C PRO CA 37 96.59 -23.02 -55.67
N GLY CA 38 95.39 -22.53 -55.99
CA GLY CA 38 95.04 -22.31 -57.38
C GLY CA 38 95.69 -21.06 -57.96
N CYS CA 39 95.52 -19.93 -57.28
CA CYS CA 39 96.03 -18.67 -57.78
C CYS CA 39 97.48 -18.45 -57.34
N TYR CA 40 98.02 -17.28 -57.70
CA TYR CA 40 99.44 -16.98 -57.48
C TYR CA 40 99.65 -16.05 -56.28
N LYS CA 41 98.98 -14.91 -56.27
CA LYS CA 41 99.26 -13.87 -55.29
C LYS CA 41 98.69 -14.24 -53.91
N ILE CA 42 99.13 -13.51 -52.91
CA ILE CA 42 98.81 -13.79 -51.52
C ILE CA 42 98.09 -12.58 -50.95
N THR CA 43 96.93 -12.81 -50.34
CA THR CA 43 96.16 -11.73 -49.74
C THR CA 43 96.52 -11.56 -48.26
N THR CA 44 96.03 -10.46 -47.68
CA THR CA 44 96.22 -10.14 -46.26
C THR CA 44 94.88 -10.32 -45.57
N VAL CA 45 94.76 -11.32 -44.72
CA VAL CA 45 93.51 -11.71 -44.11
C VAL CA 45 93.59 -11.51 -42.60
N PHE CA 46 92.60 -10.79 -42.05
CA PHE CA 46 92.46 -10.60 -40.62
C PHE CA 46 91.98 -11.91 -39.99
N SER CA 47 92.36 -12.14 -38.73
CA SER CA 47 92.10 -13.43 -38.11
C SER CA 47 90.62 -13.62 -37.80
N HIS CA 48 89.99 -12.62 -37.19
CA HIS CA 48 88.56 -12.66 -36.90
C HIS CA 48 87.86 -11.99 -38.08
N ALA CA 49 87.88 -12.70 -39.22
CA ALA CA 49 87.61 -12.07 -40.51
C ALA CA 49 86.14 -11.74 -40.71
N GLN CA 50 85.26 -12.63 -40.25
CA GLN CA 50 83.79 -12.50 -40.19
C GLN CA 50 83.10 -12.12 -41.50
N THR CA 51 83.80 -12.21 -42.63
CA THR CA 51 83.22 -11.95 -43.95
C THR CA 51 83.71 -13.05 -44.88
N VAL CA 52 82.95 -13.30 -45.93
CA VAL CA 52 83.37 -14.28 -46.94
C VAL CA 52 84.47 -13.66 -47.81
N VAL CA 53 85.71 -14.04 -47.54
CA VAL CA 53 86.84 -13.46 -48.25
C VAL CA 53 87.01 -14.16 -49.60
N LEU CA 54 86.75 -13.42 -50.68
CA LEU CA 54 86.93 -13.97 -52.01
C LEU CA 54 88.30 -13.59 -52.57
N CYS CA 55 88.79 -14.42 -53.48
CA CYS CA 55 90.06 -14.15 -54.14
C CYS CA 55 89.87 -13.15 -55.28
N VAL CA 56 90.98 -12.79 -55.92
CA VAL CA 56 90.92 -11.87 -57.04
C VAL CA 56 90.37 -12.60 -58.26
N GLY CA 57 89.57 -11.87 -59.05
CA GLY CA 57 88.91 -12.48 -60.20
C GLY CA 57 87.77 -13.40 -59.86
N CYS CA 58 87.31 -13.39 -58.60
CA CYS CA 58 86.23 -14.24 -58.08
C CYS CA 58 86.53 -15.73 -58.30
N SER CA 59 87.74 -16.14 -57.90
CA SER CA 59 88.19 -17.51 -58.15
C SER CA 59 87.56 -18.48 -57.16
N THR CA 60 87.83 -18.30 -55.87
CA THR CA 60 87.32 -19.20 -54.84
C THR CA 60 87.21 -18.43 -53.53
N VAL CA 61 86.48 -19.03 -52.58
CA VAL CA 61 86.32 -18.42 -51.27
C VAL CA 61 87.50 -18.84 -50.38
N LEU CA 62 87.95 -17.92 -49.53
CA LEU CA 62 89.07 -18.18 -48.62
C LEU CA 62 88.59 -18.48 -47.21
N CYS CA 63 87.71 -17.64 -46.67
CA CYS CA 63 87.26 -17.77 -45.29
C CYS CA 63 85.76 -17.97 -45.20
N GLN CA 64 85.35 -18.87 -44.33
CA GLN CA 64 83.95 -19.03 -43.95
C GLN CA 64 83.83 -18.54 -42.51
N PRO CA 65 82.93 -17.60 -42.24
CA PRO CA 65 82.96 -16.93 -40.94
C PRO CA 65 82.35 -17.76 -39.82
N THR CA 66 82.86 -17.53 -38.62
CA THR CA 66 82.38 -18.20 -37.42
C THR CA 66 82.20 -17.12 -36.34
N GLY CA 67 82.02 -17.57 -35.10
CA GLY CA 67 81.89 -16.65 -33.98
C GLY CA 67 83.18 -15.93 -33.66
N GLY CA 68 84.29 -16.65 -33.63
CA GLY CA 68 85.58 -16.05 -33.39
C GLY CA 68 86.46 -16.04 -34.63
N LYS CA 69 87.48 -16.88 -34.65
CA LYS CA 69 88.37 -16.98 -35.79
C LYS CA 69 87.67 -17.70 -36.94
N ALA CA 70 87.89 -17.20 -38.15
CA ALA CA 70 87.24 -17.77 -39.33
C ALA CA 70 87.91 -19.08 -39.73
N ARG CA 71 87.10 -20.06 -40.09
CA ARG CA 71 87.62 -21.34 -40.58
C ARG CA 71 88.06 -21.20 -42.03
N LEU CA 72 89.31 -21.53 -42.29
CA LEU CA 72 89.87 -21.41 -43.63
C LEU CA 72 89.33 -22.51 -44.54
N THR CA 73 89.46 -22.27 -45.84
CA THR CA 73 89.12 -23.28 -46.84
C THR CA 73 90.15 -24.41 -46.77
N GLU CA 74 89.71 -25.63 -47.09
CA GLU CA 74 90.54 -26.82 -47.02
C GLU CA 74 91.74 -26.72 -47.96
N GLY CA 75 92.93 -26.65 -47.37
CA GLY CA 75 94.17 -26.54 -48.13
C GLY CA 75 94.63 -25.12 -48.32
N CYS CA 76 94.67 -24.35 -47.24
CA CYS CA 76 95.09 -22.94 -47.27
C CYS CA 76 96.09 -22.71 -46.14
N SER CA 77 97.35 -22.54 -46.50
CA SER CA 77 98.38 -22.26 -45.50
C SER CA 77 98.31 -20.80 -45.05
N PHE CA 78 98.84 -20.55 -43.86
CA PHE CA 78 98.83 -19.20 -43.29
C PHE CA 78 100.09 -19.00 -42.47
N ARG CA 79 100.59 -17.76 -42.50
CA ARG CA 79 101.76 -17.37 -41.70
C ARG CA 79 101.43 -16.07 -41.01
N ARG CA 80 101.55 -16.03 -39.69
CA ARG CA 80 101.23 -14.83 -38.94
C ARG CA 80 102.34 -13.80 -39.05
N LYS CA 81 101.98 -12.55 -39.32
CA LYS CA 81 102.96 -11.51 -39.52
C LYS CA 81 103.01 -10.56 -38.33
N GLN CA 82 104.14 -9.87 -38.19
CA GLN CA 82 104.39 -9.01 -37.05
C GLN CA 82 105.14 -7.76 -37.52
N HIS CA 83 105.18 -6.76 -36.66
CA HIS CA 83 105.92 -5.53 -36.93
C HIS CA 83 106.45 -4.90 -35.65
N LYS DA 1 -43.80 -69.82 81.95
CA LYS DA 1 -43.71 -71.01 81.11
C LYS DA 1 -43.47 -70.62 79.65
N GLU DA 2 -42.31 -71.01 79.12
CA GLU DA 2 -41.97 -70.67 77.75
C GLU DA 2 -42.63 -71.64 76.78
N ASN DA 3 -43.19 -71.09 75.70
CA ASN DA 3 -43.84 -71.84 74.65
C ASN DA 3 -42.79 -72.64 73.86
N PRO DA 4 -42.97 -73.96 73.70
CA PRO DA 4 -41.98 -74.75 72.96
C PRO DA 4 -41.88 -74.45 71.47
N MET DA 5 -42.79 -73.65 70.91
CA MET DA 5 -42.64 -73.20 69.53
C MET DA 5 -41.72 -72.00 69.40
N ARG DA 6 -41.18 -71.48 70.50
CA ARG DA 6 -40.26 -70.36 70.45
C ARG DA 6 -38.85 -70.79 70.83
N GLU DA 7 -38.45 -72.00 70.43
CA GLU DA 7 -37.11 -72.50 70.68
C GLU DA 7 -36.17 -71.94 69.63
N LEU DA 8 -35.27 -71.05 70.05
CA LEU DA 8 -34.40 -70.32 69.12
C LEU DA 8 -33.34 -71.27 68.58
N ARG DA 9 -33.51 -71.68 67.34
CA ARG DA 9 -32.60 -72.59 66.65
C ARG DA 9 -31.69 -71.80 65.71
N ILE DA 10 -30.92 -72.54 64.91
CA ILE DA 10 -30.07 -71.95 63.89
C ILE DA 10 -30.65 -72.30 62.53
N ARG DA 11 -30.94 -71.27 61.72
CA ARG DA 11 -31.32 -71.54 60.33
C ARG DA 11 -30.14 -72.03 59.51
N LYS DA 12 -29.10 -71.21 59.37
CA LYS DA 12 -28.02 -71.63 58.48
C LYS DA 12 -26.67 -71.12 58.96
N LEU DA 13 -25.63 -71.64 58.31
CA LEU DA 13 -24.26 -71.17 58.48
C LEU DA 13 -23.71 -70.86 57.08
N CYS DA 14 -23.37 -69.60 56.84
CA CYS DA 14 -22.92 -69.17 55.51
C CYS DA 14 -21.40 -69.10 55.50
N LEU DA 15 -20.77 -70.02 54.79
CA LEU DA 15 -19.34 -70.06 54.60
C LEU DA 15 -18.96 -69.26 53.37
N ASN DA 16 -17.98 -68.37 53.51
CA ASN DA 16 -17.45 -67.77 52.29
C ASN DA 16 -15.94 -67.56 52.39
N ILE DA 17 -15.29 -67.67 51.23
CA ILE DA 17 -13.86 -67.39 51.06
C ILE DA 17 -13.75 -66.42 49.91
N CYS DA 18 -13.13 -65.26 50.14
CA CYS DA 18 -12.95 -64.24 49.11
C CYS DA 18 -11.46 -64.07 48.86
N VAL DA 19 -10.95 -64.82 47.88
CA VAL DA 19 -9.52 -64.80 47.60
C VAL DA 19 -9.15 -63.58 46.75
N GLY DA 20 -10.09 -63.06 45.97
CA GLY DA 20 -9.80 -61.94 45.09
C GLY DA 20 -9.01 -62.28 43.84
N GLU DA 21 -8.78 -63.55 43.57
CA GLU DA 21 -8.02 -63.99 42.40
C GLU DA 21 -8.69 -65.21 41.80
N SER DA 22 -8.96 -65.15 40.50
CA SER DA 22 -9.63 -66.26 39.84
C SER DA 22 -8.64 -67.36 39.49
N GLY DA 23 -9.17 -68.53 39.18
CA GLY DA 23 -8.36 -69.64 38.74
C GLY DA 23 -7.94 -70.61 39.83
N ASP DA 24 -6.63 -70.69 40.07
CA ASP DA 24 -6.08 -71.75 40.91
C ASP DA 24 -6.38 -71.52 42.38
N ARG DA 25 -6.20 -70.29 42.87
CA ARG DA 25 -6.53 -69.95 44.25
C ARG DA 25 -8.02 -70.14 44.52
N LEU DA 26 -8.86 -69.80 43.54
CA LEU DA 26 -10.30 -69.95 43.65
C LEU DA 26 -10.71 -71.42 43.72
N THR DA 27 -10.14 -72.27 42.85
CA THR DA 27 -10.54 -73.67 42.87
C THR DA 27 -9.96 -74.41 44.06
N ARG DA 28 -8.84 -73.93 44.61
CA ARG DA 28 -8.34 -74.55 45.83
C ARG DA 28 -9.13 -74.10 47.05
N ALA DA 29 -9.65 -72.88 47.05
CA ALA DA 29 -10.59 -72.48 48.09
C ALA DA 29 -11.90 -73.24 47.99
N ALA DA 30 -12.32 -73.58 46.77
CA ALA DA 30 -13.46 -74.48 46.58
C ALA DA 30 -13.16 -75.87 47.14
N LYS DA 31 -11.93 -76.36 46.96
CA LYS DA 31 -11.56 -77.64 47.56
C LYS DA 31 -11.53 -77.57 49.08
N VAL DA 32 -11.14 -76.41 49.65
CA VAL DA 32 -11.19 -76.23 51.10
C VAL DA 32 -12.62 -76.30 51.61
N LEU DA 33 -13.55 -75.59 50.94
CA LEU DA 33 -14.96 -75.65 51.36
C LEU DA 33 -15.57 -77.03 51.12
N GLU DA 34 -15.11 -77.74 50.09
CA GLU DA 34 -15.61 -79.09 49.84
C GLU DA 34 -15.12 -80.07 50.89
N GLN DA 35 -13.86 -79.94 51.33
CA GLN DA 35 -13.36 -80.79 52.41
C GLN DA 35 -14.00 -80.42 53.74
N LEU DA 36 -14.41 -79.16 53.91
CA LEU DA 36 -15.07 -78.78 55.16
C LEU DA 36 -16.50 -79.30 55.21
N THR DA 37 -17.23 -79.19 54.11
CA THR DA 37 -18.64 -79.54 54.13
C THR DA 37 -18.89 -80.98 53.70
N GLY DA 38 -18.51 -81.33 52.47
CA GLY DA 38 -18.94 -82.57 51.88
C GLY DA 38 -19.96 -82.32 50.79
N GLN DA 39 -19.88 -81.14 50.18
CA GLN DA 39 -20.78 -80.72 49.12
C GLN DA 39 -20.08 -79.63 48.31
N THR DA 40 -20.53 -79.46 47.07
CA THR DA 40 -19.85 -78.55 46.16
C THR DA 40 -20.27 -77.11 46.43
N PRO DA 41 -19.33 -76.19 46.64
CA PRO DA 41 -19.71 -74.79 46.83
C PRO DA 41 -19.91 -74.09 45.50
N VAL DA 42 -20.48 -72.88 45.58
CA VAL DA 42 -20.82 -72.10 44.40
C VAL DA 42 -19.96 -70.85 44.37
N PHE DA 43 -19.40 -70.56 43.19
CA PHE DA 43 -18.54 -69.41 42.99
C PHE DA 43 -19.38 -68.16 42.79
N SER DA 44 -19.01 -67.08 43.48
CA SER DA 44 -19.65 -65.79 43.31
C SER DA 44 -18.75 -64.88 42.50
N LYS DA 45 -19.31 -64.30 41.44
CA LYS DA 45 -18.60 -63.42 40.53
C LYS DA 45 -18.81 -61.97 40.93
N ALA DA 46 -18.19 -61.07 40.18
CA ALA DA 46 -18.20 -59.66 40.53
C ALA DA 46 -19.45 -58.96 40.01
N ARG DA 47 -19.66 -57.73 40.50
CA ARG DA 47 -20.74 -56.87 40.04
C ARG DA 47 -20.22 -55.78 39.10
N TYR DA 48 -19.06 -55.20 39.41
CA TYR DA 48 -18.50 -54.15 38.58
C TYR DA 48 -16.98 -54.16 38.73
N THR DA 49 -16.31 -53.62 37.71
CA THR DA 49 -14.85 -53.65 37.65
C THR DA 49 -14.24 -52.61 38.58
N VAL DA 50 -13.31 -53.06 39.43
CA VAL DA 50 -12.51 -52.17 40.25
C VAL DA 50 -11.06 -52.38 39.83
N ARG DA 51 -10.44 -51.33 39.27
CA ARG DA 51 -9.07 -51.43 38.79
C ARG DA 51 -8.04 -51.29 39.90
N SER DA 52 -8.46 -50.93 41.11
CA SER DA 52 -7.50 -50.76 42.20
C SER DA 52 -7.05 -52.11 42.74
N PHE DA 53 -7.98 -53.05 42.90
CA PHE DA 53 -7.63 -54.34 43.50
C PHE DA 53 -7.25 -55.37 42.44
N GLY DA 54 -7.68 -55.16 41.20
CA GLY DA 54 -7.33 -56.07 40.12
C GLY DA 54 -8.44 -57.06 39.79
N ILE DA 55 -9.68 -56.58 39.78
CA ILE DA 55 -10.83 -57.41 39.45
C ILE DA 55 -11.54 -56.78 38.27
N ARG DA 56 -12.37 -57.57 37.60
CA ARG DA 56 -13.17 -57.11 36.46
C ARG DA 56 -14.61 -57.58 36.65
N ARG DA 57 -15.51 -57.01 35.85
CA ARG DA 57 -16.92 -57.36 35.95
C ARG DA 57 -17.17 -58.76 35.38
N ASN DA 58 -18.05 -59.51 36.06
CA ASN DA 58 -18.41 -60.91 35.75
C ASN DA 58 -17.18 -61.83 35.81
N GLU DA 59 -16.23 -61.49 36.68
CA GLU DA 59 -15.08 -62.33 36.96
C GLU DA 59 -15.29 -63.01 38.30
N LYS DA 60 -15.02 -64.31 38.35
CA LYS DA 60 -15.28 -65.11 39.54
C LYS DA 60 -14.28 -64.75 40.63
N ILE DA 61 -14.78 -64.19 41.74
CA ILE DA 61 -13.91 -63.75 42.83
C ILE DA 61 -13.99 -64.71 43.99
N ALA DA 62 -15.17 -64.88 44.56
CA ALA DA 62 -15.30 -65.57 45.83
C ALA DA 62 -15.96 -66.93 45.65
N VAL DA 63 -16.07 -67.66 46.75
CA VAL DA 63 -16.73 -68.96 46.77
C VAL DA 63 -17.50 -69.08 48.09
N HIS DA 64 -18.69 -69.68 48.04
CA HIS DA 64 -19.54 -69.69 49.22
C HIS DA 64 -20.37 -70.97 49.25
N CYS DA 65 -20.92 -71.25 50.44
CA CYS DA 65 -21.69 -72.46 50.68
C CYS DA 65 -22.55 -72.27 51.92
N THR DA 66 -23.84 -72.56 51.83
CA THR DA 66 -24.71 -72.48 52.98
C THR DA 66 -24.98 -73.87 53.55
N VAL DA 67 -24.72 -74.04 54.84
CA VAL DA 67 -24.81 -75.33 55.50
C VAL DA 67 -25.97 -75.31 56.49
N ARG DA 68 -26.75 -76.39 56.51
CA ARG DA 68 -27.94 -76.48 57.33
C ARG DA 68 -27.78 -77.60 58.35
N GLY DA 69 -28.52 -77.50 59.45
CA GLY DA 69 -28.72 -78.59 60.36
C GLY DA 69 -27.56 -78.99 61.25
N ALA DA 70 -27.42 -80.30 61.48
CA ALA DA 70 -26.42 -80.81 62.41
C ALA DA 70 -25.01 -80.65 61.88
N LYS DA 71 -24.84 -80.64 60.56
CA LYS DA 71 -23.53 -80.35 59.99
C LYS DA 71 -23.12 -78.91 60.25
N ALA DA 72 -24.06 -77.97 60.14
CA ALA DA 72 -23.79 -76.58 60.46
C ALA DA 72 -23.53 -76.41 61.95
N GLU DA 73 -24.25 -77.17 62.79
CA GLU DA 73 -24.01 -77.17 64.22
C GLU DA 73 -22.61 -77.68 64.56
N GLU DA 74 -22.16 -78.71 63.85
CA GLU DA 74 -20.84 -79.29 64.13
C GLU DA 74 -19.72 -78.41 63.64
N ILE DA 75 -19.91 -77.74 62.48
CA ILE DA 75 -18.92 -76.79 61.99
C ILE DA 75 -18.86 -75.56 62.88
N LEU DA 76 -20.01 -75.12 63.41
CA LEU DA 76 -20.03 -73.99 64.32
C LEU DA 76 -19.40 -74.36 65.67
N GLU DA 77 -19.54 -75.62 66.08
CA GLU DA 77 -18.85 -76.09 67.28
C GLU DA 77 -17.35 -76.12 67.09
N LYS DA 78 -16.89 -76.55 65.91
CA LYS DA 78 -15.49 -76.44 65.53
C LYS DA 78 -15.01 -74.98 65.56
N GLY DA 79 -15.83 -74.06 65.06
CA GLY DA 79 -15.43 -72.67 65.00
C GLY DA 79 -15.34 -72.02 66.36
N LEU DA 80 -16.25 -72.36 67.27
CA LEU DA 80 -16.15 -71.83 68.62
C LEU DA 80 -15.03 -72.51 69.40
N LYS DA 81 -14.68 -73.76 69.06
CA LYS DA 81 -13.48 -74.37 69.64
C LYS DA 81 -12.22 -73.66 69.14
N VAL DA 82 -12.23 -73.16 67.91
CA VAL DA 82 -11.12 -72.35 67.41
C VAL DA 82 -11.05 -71.02 68.14
N ARG DA 83 -12.17 -70.28 68.16
CA ARG DA 83 -12.21 -68.95 68.75
C ARG DA 83 -12.55 -68.95 70.24
N GLU DA 84 -12.26 -70.07 70.93
CA GLU DA 84 -12.23 -70.26 72.39
C GLU DA 84 -13.47 -69.76 73.14
N TYR DA 85 -14.62 -69.79 72.46
CA TYR DA 85 -15.94 -69.44 73.01
C TYR DA 85 -15.97 -68.01 73.55
N GLU DA 86 -15.68 -67.07 72.64
CA GLU DA 86 -15.77 -65.66 72.99
C GLU DA 86 -16.05 -64.84 71.74
N LEU DA 87 -16.88 -63.82 71.90
CA LEU DA 87 -17.20 -62.86 70.85
C LEU DA 87 -17.34 -61.48 71.47
N ARG DA 88 -17.56 -60.49 70.62
CA ARG DA 88 -17.66 -59.10 71.06
C ARG DA 88 -19.09 -58.59 70.94
N LYS DA 89 -19.30 -57.36 71.42
CA LYS DA 89 -20.61 -56.72 71.32
C LYS DA 89 -20.93 -56.34 69.89
N ASN DA 90 -19.94 -55.79 69.15
CA ASN DA 90 -20.20 -55.30 67.81
C ASN DA 90 -20.28 -56.41 66.77
N ASN DA 91 -19.94 -57.65 67.12
CA ASN DA 91 -20.10 -58.76 66.19
C ASN DA 91 -21.56 -59.14 66.03
N PHE DA 92 -22.38 -58.82 67.03
CA PHE DA 92 -23.79 -59.17 67.02
C PHE DA 92 -24.58 -58.12 66.25
N SER DA 93 -25.53 -58.58 65.44
CA SER DA 93 -26.31 -57.67 64.61
C SER DA 93 -27.62 -57.27 65.31
N ASP DA 94 -28.23 -56.21 64.79
CA ASP DA 94 -29.49 -55.73 65.36
C ASP DA 94 -30.67 -56.59 64.93
N THR DA 95 -30.52 -57.34 63.83
CA THR DA 95 -31.61 -58.18 63.33
C THR DA 95 -31.67 -59.53 64.01
N GLY DA 96 -30.66 -59.91 64.78
CA GLY DA 96 -30.64 -61.17 65.49
C GLY DA 96 -29.64 -62.20 65.00
N ASN DA 97 -28.88 -61.93 63.95
CA ASN DA 97 -27.90 -62.87 63.42
C ASN DA 97 -26.50 -62.45 63.87
N PHE DA 98 -25.52 -63.32 63.63
CA PHE DA 98 -24.16 -62.95 63.98
C PHE DA 98 -23.19 -63.65 63.03
N GLY DA 99 -21.91 -63.50 63.31
CA GLY DA 99 -20.91 -64.15 62.48
C GLY DA 99 -19.53 -63.70 62.90
N PHE DA 100 -18.53 -64.46 62.45
CA PHE DA 100 -17.13 -64.19 62.80
C PHE DA 100 -16.23 -64.94 61.83
N GLY DA 101 -14.97 -64.55 61.80
CA GLY DA 101 -14.04 -65.12 60.84
C GLY DA 101 -12.76 -65.65 61.45
N ILE DA 102 -12.41 -66.90 61.11
CA ILE DA 102 -11.15 -67.47 61.54
C ILE DA 102 -10.04 -67.00 60.62
N GLN DA 103 -8.79 -67.15 61.08
CA GLN DA 103 -7.65 -66.70 60.29
C GLN DA 103 -7.29 -67.69 59.20
N GLU DA 104 -7.35 -68.99 59.51
CA GLU DA 104 -7.00 -70.02 58.53
C GLU DA 104 -7.72 -71.32 58.92
N HIS DA 105 -7.97 -72.16 57.93
CA HIS DA 105 -8.85 -73.31 58.12
C HIS DA 105 -8.13 -74.52 58.70
N ILE DA 106 -6.85 -74.41 59.04
CA ILE DA 106 -6.11 -75.55 59.59
C ILE DA 106 -6.47 -75.75 61.06
N ASP DA 107 -7.06 -74.73 61.69
CA ASP DA 107 -7.46 -74.84 63.09
C ASP DA 107 -8.74 -75.65 63.26
N LEU DA 108 -9.50 -75.83 62.18
CA LEU DA 108 -10.78 -76.51 62.28
C LEU DA 108 -10.61 -78.01 62.47
N GLY DA 109 -9.49 -78.56 61.99
CA GLY DA 109 -9.24 -79.98 62.11
C GLY DA 109 -8.85 -80.62 60.79
N ILE DA 110 -9.01 -79.85 59.71
CA ILE DA 110 -8.67 -80.36 58.38
C ILE DA 110 -7.15 -80.41 58.23
N LYS DA 111 -6.64 -81.56 57.81
CA LYS DA 111 -5.21 -81.73 57.62
C LYS DA 111 -4.73 -80.91 56.42
N TYR DA 112 -3.50 -80.42 56.53
CA TYR DA 112 -2.93 -79.53 55.53
C TYR DA 112 -2.59 -80.30 54.26
N ASP DA 113 -2.84 -79.68 53.11
CA ASP DA 113 -2.44 -80.22 51.83
C ASP DA 113 -1.42 -79.28 51.20
N PRO DA 114 -0.22 -79.74 50.87
CA PRO DA 114 0.75 -78.85 50.18
C PRO DA 114 0.32 -78.44 48.79
N SER DA 115 -0.54 -79.24 48.13
CA SER DA 115 -1.08 -78.84 46.84
C SER DA 115 -2.10 -77.72 46.98
N ILE DA 116 -2.92 -77.77 48.04
CA ILE DA 116 -3.98 -76.79 48.21
C ILE DA 116 -3.45 -75.52 48.86
N GLY DA 117 -2.97 -75.63 50.10
CA GLY DA 117 -2.41 -74.48 50.78
C GLY DA 117 -3.24 -73.97 51.94
N ILE DA 118 -3.07 -72.70 52.28
CA ILE DA 118 -3.73 -72.07 53.42
C ILE DA 118 -4.81 -71.13 52.92
N TYR DA 119 -6.03 -71.35 53.39
CA TYR DA 119 -7.15 -70.49 53.04
C TYR DA 119 -8.01 -70.28 54.27
N GLY DA 120 -8.36 -69.03 54.54
CA GLY DA 120 -9.28 -68.73 55.61
C GLY DA 120 -10.70 -68.60 55.11
N LEU DA 121 -11.65 -68.84 56.01
CA LEU DA 121 -13.06 -68.84 55.69
C LEU DA 121 -13.83 -68.07 56.75
N ASP DA 122 -14.91 -67.43 56.33
CA ASP DA 122 -15.67 -66.53 57.19
C ASP DA 122 -17.06 -67.14 57.41
N PHE DA 123 -17.42 -67.29 58.70
CA PHE DA 123 -18.68 -67.77 59.23
C PHE DA 123 -19.69 -66.63 59.33
N TYR DA 124 -20.93 -66.93 58.94
CA TYR DA 124 -22.03 -66.06 59.32
C TYR DA 124 -23.19 -66.94 59.76
N VAL DA 125 -23.51 -66.92 61.05
CA VAL DA 125 -24.57 -67.73 61.62
C VAL DA 125 -25.89 -66.96 61.52
N VAL DA 126 -26.85 -67.54 60.81
CA VAL DA 126 -28.19 -67.02 60.72
C VAL DA 126 -29.03 -67.87 61.66
N LEU DA 127 -29.37 -67.29 62.81
CA LEU DA 127 -30.20 -67.97 63.81
C LEU DA 127 -31.64 -68.08 63.31
N GLY DA 128 -32.40 -68.94 63.97
CA GLY DA 128 -33.74 -69.22 63.51
C GLY DA 128 -34.75 -69.43 64.61
N ARG DA 129 -35.95 -69.75 64.19
CA ARG DA 129 -37.11 -69.94 65.05
C ARG DA 129 -38.20 -70.62 64.23
N PRO DA 130 -38.96 -71.53 64.83
CA PRO DA 130 -40.08 -72.14 64.09
C PRO DA 130 -41.14 -71.10 63.74
N GLY DA 131 -41.24 -70.81 62.45
CA GLY DA 131 -42.14 -69.79 61.95
C GLY DA 131 -41.43 -68.73 61.14
N PHE DA 132 -40.24 -69.05 60.63
CA PHE DA 132 -39.50 -68.16 59.74
C PHE DA 132 -39.66 -68.53 58.28
N SER DA 133 -40.38 -69.60 57.96
CA SER DA 133 -40.58 -70.04 56.58
C SER DA 133 -41.79 -69.38 55.93
N ILE DA 134 -42.31 -68.29 56.51
CA ILE DA 134 -43.47 -67.64 55.94
C ILE DA 134 -43.07 -66.58 54.91
N ALA DA 135 -42.00 -65.82 55.19
CA ALA DA 135 -41.65 -64.68 54.35
C ALA DA 135 -41.05 -65.13 53.03
N ASP DA 136 -40.40 -66.29 53.01
CA ASP DA 136 -39.70 -66.73 51.81
C ASP DA 136 -40.46 -67.77 51.00
N LYS DA 137 -41.62 -68.23 51.47
CA LYS DA 137 -42.37 -69.21 50.71
C LYS DA 137 -43.26 -68.53 49.66
N LYS DA 138 -43.88 -69.36 48.82
CA LYS DA 138 -44.63 -68.89 47.66
C LYS DA 138 -46.12 -68.73 47.95
N ARG DA 139 -46.68 -69.57 48.82
CA ARG DA 139 -48.13 -69.63 48.96
C ARG DA 139 -48.68 -68.45 49.77
N ARG DA 140 -48.15 -68.21 50.97
CA ARG DA 140 -48.68 -67.13 51.80
C ARG DA 140 -47.51 -66.29 52.30
N THR DA 141 -47.16 -65.27 51.52
CA THR DA 141 -46.11 -64.35 51.90
C THR DA 141 -46.58 -63.41 53.00
N GLY DA 142 -45.63 -62.82 53.73
CA GLY DA 142 -45.96 -61.88 54.77
C GLY DA 142 -44.90 -61.75 55.85
N CYS DA 143 -44.96 -60.67 56.62
CA CYS DA 143 -44.04 -60.48 57.73
C CYS DA 143 -44.37 -61.43 58.87
N ILE DA 144 -43.40 -61.68 59.74
CA ILE DA 144 -43.56 -62.67 60.80
C ILE DA 144 -43.97 -62.08 62.14
N GLY DA 145 -44.03 -60.76 62.26
CA GLY DA 145 -44.52 -60.13 63.46
C GLY DA 145 -43.43 -59.52 64.32
N ALA DA 146 -43.87 -58.84 65.38
CA ALA DA 146 -42.93 -58.15 66.27
C ALA DA 146 -42.51 -59.05 67.42
N LYS DA 147 -43.42 -59.91 67.89
CA LYS DA 147 -43.09 -60.81 69.00
C LYS DA 147 -42.18 -61.94 68.53
N HIS DA 148 -42.19 -62.24 67.24
CA HIS DA 148 -41.53 -63.43 66.73
C HIS DA 148 -40.09 -63.15 66.30
N ARG DA 149 -39.69 -61.88 66.22
CA ARG DA 149 -38.33 -61.53 65.84
C ARG DA 149 -37.32 -61.88 66.92
N ILE DA 150 -36.05 -61.94 66.52
CA ILE DA 150 -34.96 -62.21 67.46
C ILE DA 150 -34.19 -60.92 67.68
N SER DA 151 -34.09 -60.50 68.94
CA SER DA 151 -33.40 -59.28 69.30
C SER DA 151 -31.96 -59.55 69.70
N LYS DA 152 -31.21 -58.47 69.94
CA LYS DA 152 -29.79 -58.61 70.28
C LYS DA 152 -29.60 -59.15 71.68
N GLU DA 153 -30.43 -58.71 72.64
CA GLU DA 153 -30.39 -59.25 73.98
C GLU DA 153 -30.78 -60.73 73.99
N GLU DA 154 -31.78 -61.09 73.19
CA GLU DA 154 -32.23 -62.47 73.09
C GLU DA 154 -31.19 -63.35 72.40
N ALA DA 155 -30.38 -62.76 71.50
CA ALA DA 155 -29.29 -63.51 70.89
C ALA DA 155 -28.14 -63.70 71.87
N MET DA 156 -27.81 -62.67 72.65
CA MET DA 156 -26.73 -62.77 73.63
C MET DA 156 -27.05 -63.77 74.73
N ARG DA 157 -28.28 -63.75 75.25
CA ARG DA 157 -28.62 -64.69 76.31
C ARG DA 157 -28.74 -66.11 75.78
N TRP DA 158 -29.12 -66.27 74.51
CA TRP DA 158 -29.13 -67.61 73.90
C TRP DA 158 -27.73 -68.16 73.74
N PHE DA 159 -26.80 -67.32 73.26
CA PHE DA 159 -25.42 -67.75 73.08
C PHE DA 159 -24.76 -68.07 74.42
N GLN DA 160 -25.03 -67.25 75.44
CA GLN DA 160 -24.45 -67.48 76.76
C GLN DA 160 -25.06 -68.70 77.44
N GLN DA 161 -26.32 -69.00 77.16
CA GLN DA 161 -26.95 -70.18 77.74
C GLN DA 161 -26.55 -71.45 77.00
N LYS DA 162 -26.30 -71.35 75.70
CA LYS DA 162 -26.01 -72.54 74.90
C LYS DA 162 -24.54 -72.93 74.98
N TYR DA 163 -23.65 -72.02 74.60
CA TYR DA 163 -22.24 -72.38 74.44
C TYR DA 163 -21.37 -71.89 75.59
N ASP DA 164 -21.96 -71.22 76.59
CA ASP DA 164 -21.26 -70.64 77.75
C ASP DA 164 -20.16 -69.67 77.30
N GLY DA 165 -20.42 -68.92 76.24
CA GLY DA 165 -19.43 -68.02 75.67
C GLY DA 165 -19.42 -66.67 76.33
N ILE DA 166 -18.23 -66.23 76.76
CA ILE DA 166 -18.12 -64.91 77.37
C ILE DA 166 -18.18 -63.83 76.29
N ILE DA 167 -18.73 -62.68 76.65
CA ILE DA 167 -18.90 -61.56 75.74
C ILE DA 167 -18.19 -60.36 76.34
N LEU DA 168 -17.21 -59.83 75.61
CA LEU DA 168 -16.39 -58.72 76.06
C LEU DA 168 -16.74 -57.47 75.28
N PRO DA 169 -16.76 -56.31 75.94
CA PRO DA 169 -17.10 -55.07 75.25
C PRO DA 169 -15.98 -54.58 74.33
N GLY DA 170 -16.39 -53.99 73.21
CA GLY DA 170 -15.45 -53.48 72.25
C GLY DA 170 -16.09 -53.14 70.91
N GLY FA 1 71.80 -55.10 36.28
CA GLY FA 1 72.97 -54.54 35.64
C GLY FA 1 74.24 -54.74 36.45
N ARG FA 2 75.06 -55.69 36.02
CA ARG FA 2 76.31 -56.03 36.70
C ARG FA 2 77.46 -55.26 36.06
N VAL FA 3 77.41 -53.94 36.17
CA VAL FA 3 78.41 -53.05 35.57
C VAL FA 3 79.32 -52.52 36.66
N ARG FA 4 80.62 -52.65 36.45
CA ARG FA 4 81.63 -52.22 37.42
C ARG FA 4 81.78 -50.71 37.37
N THR FA 5 82.01 -50.10 38.53
CA THR FA 5 82.12 -48.65 38.61
C THR FA 5 83.58 -48.19 38.45
N LYS FA 6 83.75 -46.87 38.39
CA LYS FA 6 85.08 -46.30 38.14
C LYS FA 6 86.01 -46.50 39.33
N THR FA 7 85.47 -46.54 40.56
CA THR FA 7 86.28 -46.81 41.73
C THR FA 7 86.77 -48.24 41.76
N VAL FA 8 86.05 -49.14 41.10
CA VAL FA 8 86.55 -50.51 40.89
C VAL FA 8 87.59 -50.53 39.78
N LYS FA 9 87.27 -49.89 38.65
CA LYS FA 9 88.05 -50.09 37.43
C LYS FA 9 89.41 -49.39 37.50
N LYS FA 10 89.44 -48.15 37.99
CA LYS FA 10 90.70 -47.41 38.07
C LYS FA 10 91.62 -48.03 39.12
N ALA FA 11 91.06 -48.47 40.24
CA ALA FA 11 91.87 -49.14 41.26
C ALA FA 11 92.39 -50.48 40.77
N ALA FA 12 91.59 -51.20 39.97
CA ALA FA 12 92.06 -52.45 39.39
C ALA FA 12 93.17 -52.21 38.37
N ARG FA 13 93.06 -51.13 37.58
CA ARG FA 13 94.12 -50.79 36.63
C ARG FA 13 95.40 -50.41 37.36
N VAL FA 14 95.29 -49.70 38.49
CA VAL FA 14 96.46 -49.36 39.30
C VAL FA 14 97.10 -50.62 39.89
N ILE FA 15 96.28 -51.56 40.35
CA ILE FA 15 96.79 -52.82 40.92
C ILE FA 15 97.52 -53.64 39.87
N ILE FA 16 96.96 -53.73 38.66
CA ILE FA 16 97.60 -54.52 37.60
C ILE FA 16 98.84 -53.80 37.07
N GLU FA 17 98.83 -52.46 37.09
CA GLU FA 17 99.99 -51.71 36.65
C GLU FA 17 101.16 -51.84 37.63
N LYS FA 18 100.87 -51.88 38.93
CA LYS FA 18 101.95 -51.93 39.93
C LYS FA 18 102.38 -53.36 40.23
N TYR FA 19 101.50 -54.34 40.04
CA TYR FA 19 101.72 -55.72 40.48
C TYR FA 19 101.35 -56.71 39.39
N TYR FA 20 101.87 -56.50 38.18
CA TYR FA 20 101.56 -57.40 37.07
C TYR FA 20 102.19 -58.77 37.26
N THR FA 21 103.34 -58.84 37.93
CA THR FA 21 104.05 -60.11 38.09
C THR FA 21 103.35 -61.01 39.09
N ARG FA 22 102.69 -60.43 40.10
CA ARG FA 22 102.09 -61.23 41.16
C ARG FA 22 100.75 -61.81 40.74
N LEU FA 23 100.00 -61.08 39.93
CA LEU FA 23 98.63 -61.48 39.61
C LEU FA 23 98.63 -62.60 38.58
N GLY FA 24 97.53 -63.33 38.54
CA GLY FA 24 97.41 -64.45 37.63
C GLY FA 24 96.03 -64.62 37.04
N ASN FA 25 95.74 -65.80 36.51
CA ASN FA 25 94.45 -66.04 35.88
C ASN FA 25 93.42 -66.51 36.89
N ASP FA 26 93.86 -67.20 37.95
CA ASP FA 26 92.91 -67.81 38.88
C ASP FA 26 92.35 -66.76 39.84
N PHE FA 27 91.01 -66.73 39.89
CA PHE FA 27 90.28 -65.72 40.67
C PHE FA 27 90.58 -65.84 42.15
N HIS FA 28 90.58 -67.07 42.68
CA HIS FA 28 90.74 -67.25 44.12
C HIS FA 28 92.19 -67.04 44.56
N THR FA 29 93.13 -67.04 43.61
CA THR FA 29 94.51 -66.68 43.95
C THR FA 29 94.70 -65.17 43.91
N ASN FA 30 94.37 -64.53 42.78
CA ASN FA 30 94.66 -63.11 42.68
C ASN FA 30 93.69 -62.24 43.49
N LYS FA 31 92.55 -62.80 43.91
CA LYS FA 31 91.69 -62.15 44.90
C LYS FA 31 92.42 -61.98 46.22
N ARG FA 32 93.05 -63.05 46.72
CA ARG FA 32 93.83 -62.97 47.95
C ARG FA 32 95.07 -62.11 47.76
N VAL FA 33 95.64 -62.11 46.55
CA VAL FA 33 96.81 -61.26 46.26
C VAL FA 33 96.41 -59.78 46.34
N CYS FA 34 95.26 -59.42 45.76
CA CYS FA 34 94.78 -58.04 45.83
C CYS FA 34 94.37 -57.66 47.25
N GLU FA 35 93.86 -58.63 48.01
CA GLU FA 35 93.58 -58.40 49.44
C GLU FA 35 94.86 -58.09 50.20
N GLU FA 36 95.96 -58.78 49.87
CA GLU FA 36 97.23 -58.53 50.56
C GLU FA 36 97.81 -57.18 50.17
N ILE FA 37 97.80 -56.85 48.88
CA ILE FA 37 98.56 -55.68 48.43
C ILE FA 37 97.76 -54.41 48.63
N ALA FA 38 96.44 -54.49 48.55
CA ALA FA 38 95.59 -53.31 48.60
C ALA FA 38 94.79 -53.26 49.89
N ILE FA 39 94.57 -52.04 50.38
CA ILE FA 39 93.74 -51.82 51.56
C ILE FA 39 92.30 -51.65 51.10
N ILE FA 40 91.56 -52.75 51.07
CA ILE FA 40 90.16 -52.72 50.64
C ILE FA 40 89.27 -52.90 51.86
N PRO FA 41 88.33 -51.99 52.12
CA PRO FA 41 87.55 -52.07 53.36
C PRO FA 41 86.49 -53.17 53.37
N SER FA 42 85.87 -53.46 52.24
CA SER FA 42 84.73 -54.36 52.21
C SER FA 42 84.92 -55.50 51.22
N LYS FA 43 84.30 -56.64 51.56
CA LYS FA 43 84.50 -57.87 50.79
C LYS FA 43 83.83 -57.80 49.43
N LYS FA 44 82.68 -57.12 49.33
CA LYS FA 44 81.99 -57.01 48.05
C LYS FA 44 82.78 -56.15 47.07
N LEU FA 45 83.34 -55.04 47.55
CA LEU FA 45 84.20 -54.21 46.71
C LEU FA 45 85.48 -54.95 46.34
N ARG FA 46 86.00 -55.77 47.28
CA ARG FA 46 87.18 -56.58 47.02
C ARG FA 46 86.90 -57.60 45.92
N ASN FA 47 85.71 -58.20 45.93
CA ASN FA 47 85.34 -59.17 44.92
C ASN FA 47 85.12 -58.52 43.56
N LYS FA 48 84.54 -57.31 43.54
CA LYS FA 48 84.38 -56.57 42.28
C LYS FA 48 85.74 -56.22 41.68
N ILE FA 49 86.67 -55.74 42.52
CA ILE FA 49 88.02 -55.38 42.04
C ILE FA 49 88.75 -56.62 41.55
N ALA FA 50 88.62 -57.74 42.26
CA ALA FA 50 89.29 -58.98 41.86
C ALA FA 50 88.72 -59.53 40.55
N GLY FA 51 87.40 -59.41 40.37
CA GLY FA 51 86.79 -59.85 39.12
C GLY FA 51 87.22 -59.00 37.93
N TYR FA 52 87.33 -57.69 38.14
CA TYR FA 52 87.78 -56.84 37.03
C TYR FA 52 89.27 -57.02 36.77
N VAL FA 53 90.05 -57.41 37.78
CA VAL FA 53 91.45 -57.76 37.58
C VAL FA 53 91.57 -59.03 36.74
N THR FA 54 90.74 -60.04 37.04
CA THR FA 54 90.74 -61.26 36.23
C THR FA 54 90.32 -60.98 34.79
N HIS FA 55 89.34 -60.08 34.61
CA HIS FA 55 88.86 -59.78 33.26
C HIS FA 55 89.91 -58.99 32.46
N LEU FA 56 90.62 -58.06 33.12
CA LEU FA 56 91.69 -57.35 32.44
C LEU FA 56 92.88 -58.27 32.15
N MET FA 57 93.13 -59.26 33.00
CA MET FA 57 94.21 -60.21 32.70
C MET FA 57 93.84 -61.12 31.53
N LYS FA 58 92.55 -61.45 31.40
CA LYS FA 58 92.08 -62.15 30.21
C LYS FA 58 92.25 -61.28 28.97
N ARG FA 59 91.98 -59.97 29.10
CA ARG FA 59 92.20 -59.05 27.99
C ARG FA 59 93.68 -58.93 27.63
N ILE FA 60 94.57 -59.01 28.64
CA ILE FA 60 96.01 -58.95 28.39
C ILE FA 60 96.48 -60.22 27.69
N GLN FA 61 95.98 -61.39 28.13
CA GLN FA 61 96.31 -62.65 27.46
C GLN FA 61 95.74 -62.71 26.06
N ARG FA 62 94.63 -62.03 25.79
CA ARG FA 62 94.10 -61.99 24.43
C ARG FA 62 94.89 -61.03 23.54
N GLY FA 63 95.23 -59.84 24.06
CA GLY FA 63 95.96 -58.87 23.29
C GLY FA 63 96.41 -57.65 24.08
N PRO FA 64 96.77 -56.58 23.37
CA PRO FA 64 97.20 -55.35 24.05
C PRO FA 64 96.03 -54.55 24.57
N VAL FA 65 96.20 -53.96 25.76
CA VAL FA 65 95.19 -53.14 26.39
C VAL FA 65 95.63 -51.69 26.32
N ARG FA 66 94.70 -50.82 25.91
CA ARG FA 66 94.96 -49.40 25.70
C ARG FA 66 95.32 -48.68 27.00
N GLY FA 67 94.42 -48.73 28.00
CA GLY FA 67 94.63 -48.00 29.23
C GLY FA 67 95.44 -48.72 30.28
N ILE FA 68 96.67 -49.09 29.95
CA ILE FA 68 97.56 -49.79 30.88
C ILE FA 68 99.00 -49.51 30.43
N SER FA 69 99.95 -49.61 31.35
CA SER FA 69 101.37 -49.44 31.05
C SER FA 69 102.12 -50.67 31.58
N ILE FA 70 102.17 -51.72 30.77
CA ILE FA 70 102.87 -52.95 31.14
C ILE FA 70 104.33 -52.79 30.72
N LYS FA 71 105.24 -53.22 31.60
CA LYS FA 71 106.68 -53.08 31.32
C LYS FA 71 107.11 -53.99 30.19
N LEU FA 72 106.56 -55.20 30.12
CA LEU FA 72 106.92 -56.13 29.06
C LEU FA 72 106.41 -55.67 27.69
N GLN FA 73 105.16 -55.19 27.64
CA GLN FA 73 104.64 -54.68 26.37
C GLN FA 73 105.30 -53.35 26.00
N GLU FA 74 105.75 -52.58 26.99
CA GLU FA 74 106.48 -51.35 26.71
C GLU FA 74 107.85 -51.66 26.13
N GLU FA 75 108.52 -52.70 26.65
CA GLU FA 75 109.79 -53.12 26.10
C GLU FA 75 109.62 -53.71 24.69
N GLU FA 76 108.51 -54.41 24.47
CA GLU FA 76 108.22 -54.92 23.13
C GLU FA 76 107.95 -53.79 22.14
N ARG FA 77 107.23 -52.75 22.58
CA ARG FA 77 106.97 -51.59 21.73
C ARG FA 77 108.26 -50.82 21.44
N GLU FA 78 109.15 -50.74 22.44
CA GLU FA 78 110.45 -50.10 22.24
C GLU FA 78 111.30 -50.90 21.26
N ARG FA 79 111.22 -52.23 21.32
CA ARG FA 79 111.94 -53.07 20.35
C ARG FA 79 111.38 -52.92 18.94
N ARG FA 80 110.06 -52.82 18.82
CA ARG FA 80 109.44 -52.64 17.50
C ARG FA 80 109.77 -51.27 16.92
N ASP FA 81 109.93 -50.27 17.78
CA ASP FA 81 110.34 -48.95 17.30
C ASP FA 81 111.83 -48.92 16.95
N ASN FA 82 112.65 -49.66 17.69
CA ASN FA 82 114.09 -49.61 17.45
C ASN FA 82 114.53 -50.64 16.42
N TYR FA 83 113.61 -51.44 15.87
CA TYR FA 83 113.96 -52.36 14.80
C TYR FA 83 114.32 -51.61 13.53
N VAL FA 84 115.49 -51.89 12.99
CA VAL FA 84 115.98 -51.28 11.76
C VAL FA 84 116.33 -52.39 10.76
N PRO FA 85 115.78 -52.37 9.54
CA PRO FA 85 116.08 -53.44 8.58
C PRO FA 85 117.47 -53.35 7.97
N GLU FA 86 117.78 -54.27 7.05
CA GLU FA 86 119.13 -54.36 6.50
C GLU FA 86 119.35 -53.30 5.43
N VAL FA 87 118.60 -53.34 4.34
CA VAL FA 87 118.73 -52.38 3.26
C VAL FA 87 117.44 -51.57 3.15
N SER FA 88 117.60 -50.31 2.74
CA SER FA 88 116.47 -49.38 2.73
C SER FA 88 115.71 -49.46 1.41
N ALA FA 89 114.42 -49.16 1.48
CA ALA FA 89 113.60 -49.10 0.26
C ALA FA 89 113.86 -47.82 -0.52
N LEU FA 90 114.52 -46.83 0.09
CA LEU FA 90 114.88 -45.61 -0.64
C LEU FA 90 116.04 -45.86 -1.58
N ASP FA 91 116.89 -46.85 -1.29
CA ASP FA 91 118.03 -47.17 -2.13
C ASP FA 91 117.55 -48.15 -3.21
N GLN FA 92 117.35 -47.64 -4.42
CA GLN FA 92 116.83 -48.45 -5.52
C GLN FA 92 117.76 -48.35 -6.72
N GLU FA 93 117.87 -49.46 -7.45
CA GLU FA 93 118.68 -49.47 -8.67
C GLU FA 93 117.96 -48.80 -9.83
N ILE FA 94 116.62 -48.92 -9.87
CA ILE FA 94 115.81 -48.30 -10.90
C ILE FA 94 114.75 -47.45 -10.22
N ILE FA 95 114.76 -46.15 -10.50
CA ILE FA 95 113.77 -45.21 -9.98
C ILE FA 95 112.95 -44.68 -11.14
N GLU FA 96 111.63 -44.87 -11.06
CA GLU FA 96 110.74 -44.41 -12.11
C GLU FA 96 110.61 -42.89 -12.08
N VAL FA 97 110.80 -42.27 -13.25
CA VAL FA 97 110.86 -40.82 -13.36
C VAL FA 97 109.83 -40.37 -14.39
N ASP FA 98 108.95 -39.48 -13.99
CA ASP FA 98 107.99 -38.85 -14.88
C ASP FA 98 108.69 -37.80 -15.73
N PRO FA 99 108.19 -37.52 -16.94
CA PRO FA 99 108.92 -36.62 -17.84
C PRO FA 99 108.95 -35.16 -17.39
N ASP FA 100 107.90 -34.69 -16.69
CA ASP FA 100 107.93 -33.33 -16.18
C ASP FA 100 108.90 -33.23 -15.00
N THR FA 101 109.01 -34.30 -14.21
CA THR FA 101 110.04 -34.35 -13.16
C THR FA 101 111.43 -34.39 -13.77
N LYS FA 102 111.58 -35.05 -14.92
CA LYS FA 102 112.85 -35.03 -15.63
C LYS FA 102 113.18 -33.63 -16.14
N GLU FA 103 112.15 -32.89 -16.59
CA GLU FA 103 112.37 -31.53 -17.06
C GLU FA 103 112.77 -30.60 -15.92
N MET FA 104 112.12 -30.72 -14.75
CA MET FA 104 112.50 -29.84 -13.65
C MET FA 104 113.85 -30.22 -13.06
N LEU FA 105 114.22 -31.51 -13.07
CA LEU FA 105 115.56 -31.89 -12.66
C LEU FA 105 116.61 -31.48 -13.69
N LYS FA 106 116.23 -31.40 -14.96
CA LYS FA 106 117.13 -30.86 -15.98
C LYS FA 106 117.36 -29.37 -15.78
N LEU FA 107 116.31 -28.63 -15.44
CA LEU FA 107 116.48 -27.20 -15.14
C LEU FA 107 117.22 -26.99 -13.82
N LEU FA 108 117.17 -27.97 -12.93
CA LEU FA 108 118.02 -27.95 -11.74
C LEU FA 108 119.44 -28.37 -12.09
N ASP FA 109 120.30 -28.44 -11.06
CA ASP FA 109 121.70 -28.75 -11.27
C ASP FA 109 121.93 -30.22 -11.61
N PHE FA 110 121.09 -31.11 -11.10
CA PHE FA 110 121.28 -32.55 -11.30
C PHE FA 110 120.39 -33.03 -12.45
N GLY FA 111 120.87 -32.79 -13.66
CA GLY FA 111 120.16 -33.19 -14.86
C GLY FA 111 120.33 -34.66 -15.19
N SER FA 112 121.58 -35.11 -15.31
CA SER FA 112 121.89 -36.49 -15.63
C SER FA 112 122.28 -37.22 -14.36
N LEU FA 113 121.62 -38.33 -14.08
CA LEU FA 113 121.87 -39.14 -12.90
C LEU FA 113 122.27 -40.55 -13.30
N SER FA 114 122.67 -41.34 -12.30
CA SER FA 114 123.19 -42.67 -12.56
C SER FA 114 122.09 -43.72 -12.59
N ASN FA 115 121.13 -43.64 -11.68
CA ASN FA 115 120.15 -44.72 -11.51
C ASN FA 115 118.70 -44.26 -11.66
N LEU FA 116 118.40 -43.47 -12.68
CA LEU FA 116 117.04 -43.07 -12.96
C LEU FA 116 116.55 -43.75 -14.23
N GLN FA 117 115.23 -43.70 -14.43
CA GLN FA 117 114.61 -44.30 -15.61
C GLN FA 117 113.37 -43.48 -15.95
N VAL FA 118 113.45 -42.72 -17.04
CA VAL FA 118 112.32 -41.91 -17.48
C VAL FA 118 111.26 -42.80 -18.12
N THR FA 119 110.05 -42.76 -17.57
CA THR FA 119 108.97 -43.60 -18.08
C THR FA 119 108.12 -42.83 -19.08
N GLN FA 120 107.28 -43.57 -19.79
CA GLN FA 120 106.34 -42.97 -20.73
C GLN FA 120 105.20 -42.32 -19.97
N PRO FA 121 104.69 -41.19 -20.45
CA PRO FA 121 103.60 -40.50 -19.75
C PRO FA 121 102.28 -41.22 -19.93
N THR FA 122 101.49 -41.24 -18.85
CA THR FA 122 100.19 -41.91 -18.85
C THR FA 122 99.23 -41.13 -19.72
N VAL FA 123 99.06 -41.58 -20.96
CA VAL FA 123 98.23 -40.87 -21.93
C VAL FA 123 96.76 -41.10 -21.60
N GLY FA 124 95.95 -40.06 -21.78
CA GLY FA 124 94.55 -40.13 -21.39
C GLY FA 124 94.37 -39.55 -19.99
N MET FA 125 93.81 -38.35 -19.92
CA MET FA 125 93.74 -37.62 -18.65
C MET FA 125 92.35 -37.83 -18.05
N ASN FA 126 92.21 -38.87 -17.22
CA ASN FA 126 90.95 -39.21 -16.58
C ASN FA 126 91.27 -39.57 -15.13
N PHE FA 127 91.16 -38.57 -14.24
CA PHE FA 127 91.55 -38.73 -12.86
C PHE FA 127 90.51 -38.27 -11.84
N LYS FA 128 89.39 -37.70 -12.29
CA LYS FA 128 88.41 -37.17 -11.36
C LYS FA 128 87.26 -38.16 -11.16
N THR FA 129 86.65 -38.08 -9.98
CA THR FA 129 85.50 -38.93 -9.67
C THR FA 129 84.27 -38.38 -10.37
N PRO FA 130 83.43 -39.25 -10.96
CA PRO FA 130 82.16 -38.78 -11.54
C PRO FA 130 81.23 -38.22 -10.46
N ARG FA 131 80.46 -37.22 -10.86
CA ARG FA 131 79.72 -36.39 -9.92
C ARG FA 131 78.41 -37.05 -9.53
N GLY FA 132 77.91 -36.67 -8.35
CA GLY FA 132 76.66 -37.20 -7.84
C GLY FA 132 76.81 -38.52 -7.10
N ALA GA 1 -53.24 -26.19 -17.87
CA ALA GA 1 -53.88 -26.25 -16.56
C ALA GA 1 -55.25 -26.94 -16.65
N PRO GA 2 -55.29 -28.25 -16.45
CA PRO GA 2 -56.57 -28.96 -16.53
C PRO GA 2 -57.44 -28.69 -15.31
N SER GA 3 -58.75 -28.69 -15.54
CA SER GA 3 -59.75 -28.49 -14.49
C SER GA 3 -60.13 -29.82 -13.87
N ARG GA 4 -61.28 -29.84 -13.19
CA ARG GA 4 -61.75 -30.88 -12.27
C ARG GA 4 -61.77 -32.25 -12.94
N ASN GA 5 -62.57 -32.48 -13.98
CA ASN GA 5 -62.74 -33.82 -14.52
C ASN GA 5 -62.93 -33.73 -16.04
N GLY GA 6 -62.22 -34.58 -16.77
CA GLY GA 6 -62.34 -34.61 -18.21
C GLY GA 6 -61.39 -35.65 -18.79
N MET GA 7 -61.58 -35.93 -20.08
CA MET GA 7 -60.71 -36.88 -20.77
C MET GA 7 -59.31 -36.30 -20.95
N ILE GA 8 -58.30 -37.16 -20.81
CA ILE GA 8 -56.97 -36.80 -21.27
C ILE GA 8 -56.95 -36.83 -22.79
N LEU GA 9 -56.19 -35.92 -23.39
CA LEU GA 9 -56.22 -35.77 -24.84
C LEU GA 9 -54.88 -35.24 -25.34
N LYS GA 10 -54.61 -35.52 -26.61
CA LYS GA 10 -53.38 -35.11 -27.29
C LYS GA 10 -53.74 -34.46 -28.62
N PRO GA 11 -54.02 -33.15 -28.63
CA PRO GA 11 -54.28 -32.49 -29.90
C PRO GA 11 -53.00 -32.30 -30.70
N HIS GA 12 -53.06 -32.70 -31.98
CA HIS GA 12 -51.90 -32.63 -32.86
C HIS GA 12 -51.89 -31.33 -33.66
N PHE GA 13 -51.68 -30.23 -32.94
CA PHE GA 13 -51.65 -28.90 -33.55
C PHE GA 13 -50.37 -28.17 -33.17
N HIS GA 14 -49.36 -28.92 -32.73
CA HIS GA 14 -48.06 -28.33 -32.44
C HIS GA 14 -47.28 -27.99 -33.69
N LYS GA 15 -47.60 -28.63 -34.82
CA LYS GA 15 -46.97 -28.29 -36.09
C LYS GA 15 -47.63 -27.04 -36.67
N ASP GA 16 -47.03 -26.54 -37.75
CA ASP GA 16 -47.59 -25.42 -38.51
C ASP GA 16 -48.64 -25.97 -39.47
N TRP GA 17 -49.84 -26.19 -38.93
CA TRP GA 17 -50.89 -26.83 -39.70
C TRP GA 17 -51.67 -25.85 -40.57
N GLN GA 18 -51.61 -24.56 -40.26
CA GLN GA 18 -52.42 -23.58 -40.98
C GLN GA 18 -51.91 -23.30 -42.38
N ARG GA 19 -50.65 -23.59 -42.67
CA ARG GA 19 -50.15 -23.45 -44.04
C ARG GA 19 -50.73 -24.54 -44.93
N ARG GA 20 -50.85 -25.76 -44.40
CA ARG GA 20 -51.37 -26.90 -45.14
C ARG GA 20 -52.77 -27.23 -44.64
N VAL GA 21 -53.75 -26.53 -45.20
CA VAL GA 21 -55.16 -26.78 -44.91
C VAL GA 21 -55.83 -27.10 -46.25
N ALA GA 22 -56.23 -28.35 -46.42
CA ALA GA 22 -56.90 -28.78 -47.64
C ALA GA 22 -58.37 -28.39 -47.54
N THR GA 23 -58.73 -27.25 -48.11
CA THR GA 23 -60.11 -26.84 -48.17
C THR GA 23 -60.86 -27.68 -49.19
N TRP GA 24 -62.08 -28.07 -48.84
CA TRP GA 24 -62.88 -28.98 -49.64
C TRP GA 24 -64.02 -28.26 -50.35
N PHE GA 25 -63.81 -27.00 -50.71
CA PHE GA 25 -64.79 -26.26 -51.50
C PHE GA 25 -64.71 -26.59 -52.98
N ASN GA 26 -63.73 -27.40 -53.39
CA ASN GA 26 -63.68 -27.90 -54.77
C ASN GA 26 -64.68 -29.03 -55.01
N GLN GA 27 -65.32 -29.54 -53.95
CA GLN GA 27 -66.06 -30.79 -53.99
C GLN GA 27 -67.26 -30.83 -54.95
N PRO GA 28 -68.20 -29.86 -54.99
CA PRO GA 28 -69.28 -29.99 -55.99
C PRO GA 28 -68.81 -29.76 -57.41
N ALA GA 29 -67.81 -28.89 -57.62
CA ALA GA 29 -67.22 -28.73 -58.94
C ALA GA 29 -66.49 -29.97 -59.40
N ARG GA 30 -65.88 -30.72 -58.47
CA ARG GA 30 -65.24 -31.97 -58.86
C ARG GA 30 -66.27 -33.06 -59.12
N LYS GA 31 -67.41 -33.02 -58.42
CA LYS GA 31 -68.50 -33.95 -58.75
C LYS GA 31 -69.04 -33.68 -60.15
N ILE GA 32 -69.20 -32.40 -60.50
CA ILE GA 32 -69.63 -32.03 -61.86
C ILE GA 32 -68.55 -32.41 -62.88
N ARG GA 33 -67.27 -32.29 -62.51
CA ARG GA 33 -66.19 -32.64 -63.43
C ARG GA 33 -66.12 -34.14 -63.68
N ARG GA 34 -66.26 -34.95 -62.62
CA ARG GA 34 -66.35 -36.41 -62.78
C ARG GA 34 -67.58 -36.80 -63.59
N ARG GA 35 -68.70 -36.11 -63.38
CA ARG GA 35 -69.92 -36.40 -64.13
C ARG GA 35 -69.73 -36.12 -65.62
N LYS GA 36 -69.10 -34.99 -65.94
CA LYS GA 36 -68.86 -34.64 -67.34
C LYS GA 36 -67.82 -35.56 -67.97
N ALA GA 37 -66.82 -35.99 -67.19
CA ALA GA 37 -65.82 -36.91 -67.73
C ALA GA 37 -66.41 -38.29 -67.99
N ARG GA 38 -67.32 -38.73 -67.11
CA ARG GA 38 -67.97 -40.02 -67.30
C ARG GA 38 -68.96 -39.98 -68.47
N GLN GA 39 -69.67 -38.87 -68.64
CA GLN GA 39 -70.54 -38.72 -69.80
C GLN GA 39 -69.73 -38.61 -71.08
N ALA GA 40 -68.54 -37.99 -71.01
CA ALA GA 40 -67.68 -37.90 -72.19
C ALA GA 40 -67.12 -39.26 -72.57
N ARG GA 41 -66.78 -40.09 -71.58
CA ARG GA 41 -66.34 -41.45 -71.88
C ARG GA 41 -67.48 -42.29 -72.44
N ALA GA 42 -68.70 -42.11 -71.90
CA ALA GA 42 -69.85 -42.85 -72.39
C ALA GA 42 -70.23 -42.44 -73.81
N ARG GA 43 -70.01 -41.17 -74.16
CA ARG GA 43 -70.24 -40.75 -75.54
C ARG GA 43 -69.07 -41.13 -76.44
N ARG GA 44 -67.88 -41.33 -75.88
CA ARG GA 44 -66.74 -41.80 -76.66
C ARG GA 44 -66.95 -43.26 -77.09
N ILE GA 45 -67.12 -44.15 -76.12
CA ILE GA 45 -67.42 -45.54 -76.47
C ILE GA 45 -68.94 -45.72 -76.55
N ALA GA 46 -69.46 -45.76 -77.78
CA ALA GA 46 -70.92 -45.71 -77.96
C ALA GA 46 -71.61 -47.05 -77.74
N PRO GA 47 -71.14 -48.22 -78.29
CA PRO GA 47 -71.87 -49.46 -77.96
C PRO GA 47 -71.39 -50.12 -76.68
N ARG GA 48 -70.16 -49.78 -76.26
CA ARG GA 48 -69.53 -50.38 -75.09
C ARG GA 48 -70.19 -49.88 -73.82
N PRO GA 49 -70.15 -50.68 -72.74
CA PRO GA 49 -70.72 -50.22 -71.46
C PRO GA 49 -69.93 -49.06 -70.87
N ALA GA 50 -70.65 -48.24 -70.10
CA ALA GA 50 -70.04 -47.02 -69.55
C ALA GA 50 -69.16 -47.34 -68.35
N ALA GA 51 -69.45 -48.43 -67.63
CA ALA GA 51 -68.65 -48.79 -66.48
C ALA GA 51 -67.30 -49.36 -66.91
N GLY GA 52 -67.33 -50.43 -67.71
CA GLY GA 52 -66.11 -51.03 -68.19
C GLY GA 52 -66.27 -52.52 -68.41
N PRO GA 53 -65.14 -53.23 -68.49
CA PRO GA 53 -65.20 -54.70 -68.63
C PRO GA 53 -65.62 -55.36 -67.33
N ILE GA 54 -65.90 -56.66 -67.43
CA ILE GA 54 -66.41 -57.39 -66.27
C ILE GA 54 -65.28 -57.73 -65.31
N ARG GA 55 -65.66 -58.02 -64.06
CA ARG GA 55 -64.73 -58.19 -62.96
C ARG GA 55 -65.11 -59.45 -62.17
N PRO GA 56 -64.13 -60.20 -61.67
CA PRO GA 56 -64.41 -61.55 -61.19
C PRO GA 56 -65.13 -61.61 -59.84
N ILE GA 57 -65.89 -62.69 -59.69
CA ILE GA 57 -66.38 -63.11 -58.38
C ILE GA 57 -65.18 -63.51 -57.52
N VAL GA 58 -64.99 -62.81 -56.41
CA VAL GA 58 -63.76 -62.85 -55.64
C VAL GA 58 -64.07 -63.06 -54.17
N ARG GA 59 -63.48 -64.10 -53.58
CA ARG GA 59 -63.52 -64.28 -52.14
C ARG GA 59 -62.45 -63.40 -51.48
N CYS GA 60 -62.76 -62.89 -50.30
CA CYS GA 60 -61.84 -61.96 -49.66
C CYS GA 60 -60.85 -62.71 -48.77
N PRO GA 61 -59.64 -62.17 -48.60
CA PRO GA 61 -58.73 -62.69 -47.58
C PRO GA 61 -59.09 -62.15 -46.20
N THR GA 62 -58.18 -62.38 -45.25
CA THR GA 62 -58.09 -61.73 -43.93
C THR GA 62 -59.39 -61.85 -43.11
N VAL GA 63 -59.47 -62.96 -42.35
CA VAL GA 63 -60.67 -63.69 -41.90
C VAL GA 63 -61.82 -62.80 -41.38
N ARG GA 64 -61.55 -61.53 -41.04
CA ARG GA 64 -62.64 -60.57 -40.78
C ARG GA 64 -63.60 -60.44 -41.96
N TYR GA 65 -63.10 -60.51 -43.20
CA TYR GA 65 -63.89 -60.13 -44.36
C TYR GA 65 -64.18 -61.26 -45.34
N HIS GA 66 -63.85 -62.52 -45.04
CA HIS GA 66 -63.87 -63.56 -46.06
C HIS GA 66 -65.29 -64.02 -46.43
N THR GA 67 -66.32 -63.57 -45.73
CA THR GA 67 -67.68 -63.96 -46.12
C THR GA 67 -68.19 -63.13 -47.28
N LYS GA 68 -67.70 -61.90 -47.43
CA LYS GA 68 -68.16 -61.01 -48.49
C LYS GA 68 -67.48 -61.35 -49.81
N VAL GA 69 -68.15 -60.97 -50.90
CA VAL GA 69 -67.67 -61.22 -52.26
C VAL GA 69 -67.57 -59.91 -53.02
N ARG GA 70 -66.40 -59.67 -53.61
CA ARG GA 70 -66.10 -58.41 -54.28
C ARG GA 70 -66.14 -58.60 -55.79
N ALA GA 71 -65.90 -57.51 -56.50
CA ALA GA 71 -65.59 -57.53 -57.94
C ALA GA 71 -64.11 -57.22 -58.09
N GLY GA 72 -63.35 -58.22 -58.53
CA GLY GA 72 -61.89 -58.16 -58.45
C GLY GA 72 -61.23 -57.40 -59.58
N ARG GA 73 -59.94 -57.65 -59.72
CA ARG GA 73 -59.13 -56.95 -60.72
C ARG GA 73 -59.36 -57.52 -62.12
N GLY GA 74 -59.26 -58.84 -62.27
CA GLY GA 74 -59.43 -59.45 -63.58
C GLY GA 74 -59.42 -60.95 -63.48
N PHE GA 75 -59.65 -61.59 -64.62
CA PHE GA 75 -59.71 -63.04 -64.68
C PHE GA 75 -58.30 -63.63 -64.73
N SER GA 76 -58.18 -64.89 -64.34
CA SER GA 76 -56.89 -65.55 -64.31
C SER GA 76 -56.61 -66.25 -65.65
N LEU GA 77 -55.33 -66.58 -65.85
CA LEU GA 77 -54.92 -67.24 -67.08
C LEU GA 77 -55.45 -68.66 -67.16
N GLU GA 78 -55.48 -69.37 -66.03
CA GLU GA 78 -56.08 -70.70 -66.00
C GLU GA 78 -57.59 -70.64 -66.20
N GLU GA 79 -58.23 -69.58 -65.70
CA GLU GA 79 -59.65 -69.37 -65.94
C GLU GA 79 -59.94 -69.17 -67.43
N LEU GA 80 -59.16 -68.32 -68.09
CA LEU GA 80 -59.33 -68.12 -69.52
C LEU GA 80 -58.93 -69.36 -70.33
N ARG GA 81 -58.02 -70.18 -69.80
CA ARG GA 81 -57.63 -71.40 -70.48
C ARG GA 81 -58.73 -72.46 -70.41
N VAL GA 82 -59.41 -72.55 -69.27
CA VAL GA 82 -60.54 -73.48 -69.15
C VAL GA 82 -61.71 -72.99 -69.98
N ALA GA 83 -61.93 -71.66 -70.03
CA ALA GA 83 -63.03 -71.14 -70.83
C ALA GA 83 -62.74 -71.21 -72.33
N GLY GA 84 -61.46 -71.20 -72.72
CA GLY GA 84 -61.11 -71.29 -74.12
C GLY GA 84 -60.99 -69.94 -74.79
N ILE GA 85 -60.56 -68.93 -74.05
CA ILE GA 85 -60.41 -67.57 -74.55
C ILE GA 85 -58.95 -67.16 -74.37
N HIS GA 86 -58.33 -66.71 -75.46
CA HIS GA 86 -56.94 -66.26 -75.40
C HIS GA 86 -56.86 -64.93 -74.66
N LYS GA 87 -55.72 -64.69 -74.02
CA LYS GA 87 -55.60 -63.54 -73.11
C LYS GA 87 -55.49 -62.22 -73.88
N LYS GA 88 -55.09 -62.28 -75.15
CA LYS GA 88 -55.07 -61.08 -75.96
C LYS GA 88 -56.38 -60.89 -76.71
N VAL GA 89 -57.19 -61.95 -76.81
CA VAL GA 89 -58.54 -61.80 -77.33
C VAL GA 89 -59.45 -61.20 -76.26
N ALA GA 90 -59.23 -61.60 -74.99
CA ALA GA 90 -60.11 -61.19 -73.91
C ALA GA 90 -60.00 -59.70 -73.61
N ARG GA 91 -58.79 -59.15 -73.67
CA ARG GA 91 -58.61 -57.72 -73.43
C ARG GA 91 -59.24 -56.89 -74.54
N THR GA 92 -59.25 -57.42 -75.77
CA THR GA 92 -59.85 -56.69 -76.88
C THR GA 92 -61.37 -56.80 -76.91
N ILE GA 93 -61.95 -57.91 -76.45
CA ILE GA 93 -63.40 -58.06 -76.43
C ILE GA 93 -64.00 -57.50 -75.13
N GLY GA 94 -63.19 -56.91 -74.27
CA GLY GA 94 -63.70 -56.29 -73.06
C GLY GA 94 -63.77 -57.22 -71.86
N ILE GA 95 -62.64 -57.83 -71.51
CA ILE GA 95 -62.52 -58.68 -70.33
C ILE GA 95 -61.24 -58.31 -69.59
N SER GA 96 -61.36 -58.01 -68.30
CA SER GA 96 -60.20 -57.67 -67.49
C SER GA 96 -59.33 -58.92 -67.27
N VAL GA 97 -58.03 -58.77 -67.52
CA VAL GA 97 -57.08 -59.88 -67.43
C VAL GA 97 -55.91 -59.44 -66.55
N ASP GA 98 -55.61 -60.24 -65.52
CA ASP GA 98 -54.38 -60.04 -64.78
C ASP GA 98 -53.63 -61.37 -64.63
N PRO GA 99 -52.30 -61.34 -64.75
CA PRO GA 99 -51.53 -62.60 -64.68
C PRO GA 99 -51.11 -63.02 -63.28
N ARG GA 100 -51.26 -62.14 -62.28
CA ARG GA 100 -50.69 -62.42 -60.97
C ARG GA 100 -51.58 -63.32 -60.13
N ARG GA 101 -52.83 -63.54 -60.55
CA ARG GA 101 -53.76 -64.30 -59.73
C ARG GA 101 -53.51 -65.80 -59.84
N ARG GA 102 -54.00 -66.54 -58.85
CA ARG GA 102 -53.87 -67.98 -58.81
C ARG GA 102 -55.26 -68.63 -58.74
N ASN GA 103 -55.26 -69.98 -58.72
CA ASN GA 103 -56.50 -70.75 -58.57
C ASN GA 103 -56.21 -71.90 -57.59
N LYS GA 104 -56.46 -71.62 -56.31
CA LYS GA 104 -56.35 -72.67 -55.29
C LYS GA 104 -57.69 -73.35 -55.06
N SER GA 105 -58.75 -72.56 -54.86
CA SER GA 105 -60.08 -73.11 -54.72
C SER GA 105 -60.63 -73.54 -56.08
N THR GA 106 -61.38 -74.64 -56.09
CA THR GA 106 -61.94 -75.15 -57.34
C THR GA 106 -63.32 -74.57 -57.59
N GLU GA 107 -64.06 -74.24 -56.53
CA GLU GA 107 -65.41 -73.72 -56.68
C GLU GA 107 -65.41 -72.31 -57.25
N SER GA 108 -64.49 -71.45 -56.81
CA SER GA 108 -64.40 -70.11 -57.37
C SER GA 108 -63.87 -70.15 -58.80
N LEU GA 109 -63.02 -71.13 -59.10
CA LEU GA 109 -62.58 -71.37 -60.48
C LEU GA 109 -63.76 -71.73 -61.38
N GLN GA 110 -64.61 -72.65 -60.92
CA GLN GA 110 -65.79 -73.03 -61.69
C GLN GA 110 -66.78 -71.88 -61.81
N ALA GA 111 -66.87 -71.03 -60.77
CA ALA GA 111 -67.76 -69.88 -60.82
C ALA GA 111 -67.28 -68.84 -61.83
N ASN GA 112 -65.97 -68.59 -61.88
CA ASN GA 112 -65.45 -67.63 -62.86
C ASN GA 112 -65.53 -68.19 -64.28
N VAL GA 113 -65.35 -69.51 -64.45
CA VAL GA 113 -65.53 -70.12 -65.76
C VAL GA 113 -66.99 -70.05 -66.21
N GLN GA 114 -67.93 -70.26 -65.28
CA GLN GA 114 -69.35 -70.16 -65.62
C GLN GA 114 -69.75 -68.72 -65.94
N ARG GA 115 -69.12 -67.76 -65.26
CA ARG GA 115 -69.40 -66.35 -65.55
C ARG GA 115 -68.81 -65.95 -66.90
N LEU GA 116 -67.67 -66.53 -67.28
CA LEU GA 116 -67.15 -66.39 -68.63
C LEU GA 116 -68.09 -66.97 -69.68
N LYS GA 117 -68.67 -68.14 -69.39
CA LYS GA 117 -69.59 -68.77 -70.36
C LYS GA 117 -70.89 -67.98 -70.46
N GLU GA 118 -71.31 -67.32 -69.38
CA GLU GA 118 -72.48 -66.46 -69.46
C GLU GA 118 -72.16 -65.17 -70.22
N TYR GA 119 -70.97 -64.61 -70.01
CA TYR GA 119 -70.63 -63.35 -70.67
C TYR GA 119 -70.37 -63.54 -72.15
N ARG GA 120 -69.86 -64.71 -72.55
CA ARG GA 120 -69.69 -64.99 -73.97
C ARG GA 120 -71.03 -65.14 -74.68
N SER GA 121 -72.03 -65.69 -73.98
CA SER GA 121 -73.37 -65.78 -74.56
C SER GA 121 -74.06 -64.43 -74.60
N LYS GA 122 -73.85 -63.60 -73.58
CA LYS GA 122 -74.47 -62.29 -73.54
C LYS GA 122 -73.73 -61.25 -74.37
N LEU GA 123 -72.54 -61.57 -74.86
CA LEU GA 123 -71.73 -60.62 -75.61
C LEU GA 123 -72.27 -60.48 -77.04
N VAL GA 124 -72.39 -59.24 -77.50
CA VAL GA 124 -72.81 -58.96 -78.88
C VAL GA 124 -71.60 -58.31 -79.56
N LEU GA 125 -70.91 -59.09 -80.40
CA LEU GA 125 -69.70 -58.62 -81.04
C LEU GA 125 -70.04 -58.01 -82.40
N PHE GA 126 -69.67 -56.75 -82.59
CA PHE GA 126 -69.86 -56.12 -83.89
C PHE GA 126 -68.72 -56.52 -84.82
N PRO GA 127 -68.98 -56.65 -86.12
CA PRO GA 127 -67.91 -56.98 -87.06
C PRO GA 127 -66.96 -55.82 -87.28
N ARG GA 128 -65.81 -56.14 -87.88
CA ARG GA 128 -64.83 -55.10 -88.21
C ARG GA 128 -65.34 -54.23 -89.35
N LYS GA 129 -65.61 -54.83 -90.50
CA LYS GA 129 -66.17 -54.10 -91.63
C LYS GA 129 -67.68 -54.29 -91.63
N PRO GA 130 -68.48 -53.22 -91.67
CA PRO GA 130 -69.95 -53.40 -91.62
C PRO GA 130 -70.52 -54.03 -92.89
N SER GA 131 -69.89 -53.80 -94.04
CA SER GA 131 -70.42 -54.36 -95.28
C SER GA 131 -70.04 -55.82 -95.44
N ALA GA 132 -68.94 -56.26 -94.81
CA ALA GA 132 -68.44 -57.62 -94.92
C ALA GA 132 -68.30 -58.21 -93.52
N PRO GA 133 -69.32 -58.94 -93.03
CA PRO GA 133 -69.19 -59.61 -91.74
C PRO GA 133 -68.24 -60.80 -91.81
N LYS GA 134 -67.85 -61.27 -90.63
CA LYS GA 134 -66.96 -62.41 -90.48
C LYS GA 134 -67.73 -63.57 -89.84
N LYS GA 135 -66.99 -64.64 -89.54
CA LYS GA 135 -67.61 -65.85 -88.98
C LYS GA 135 -68.07 -65.62 -87.54
N GLY GA 136 -67.15 -65.23 -86.67
CA GLY GA 136 -67.49 -65.00 -85.28
C GLY GA 136 -68.06 -63.63 -85.01
N ASP GA 137 -69.24 -63.35 -85.56
CA ASP GA 137 -69.88 -62.06 -85.39
C ASP GA 137 -71.33 -62.26 -84.98
N SER GA 138 -71.99 -61.17 -84.64
CA SER GA 138 -73.39 -61.20 -84.24
C SER GA 138 -74.31 -61.08 -85.45
N SER GA 139 -75.61 -61.22 -85.19
CA SER GA 139 -76.60 -61.14 -86.25
C SER GA 139 -77.08 -59.71 -86.46
N ALA GA 140 -77.72 -59.47 -87.60
CA ALA GA 140 -78.18 -58.14 -87.96
C ALA GA 140 -79.33 -57.67 -87.09
N GLU GA 141 -80.12 -58.61 -86.54
CA GLU GA 141 -81.15 -58.24 -85.60
C GLU GA 141 -80.55 -57.83 -84.26
N GLU GA 142 -79.37 -58.37 -83.92
CA GLU GA 142 -78.70 -57.97 -82.70
C GLU GA 142 -77.89 -56.69 -82.90
N LEU GA 143 -77.54 -56.37 -84.15
CA LEU GA 143 -76.83 -55.12 -84.44
C LEU GA 143 -77.68 -53.90 -84.09
N LYS GA 144 -79.00 -53.99 -84.27
CA LYS GA 144 -79.87 -52.87 -83.93
C LYS GA 144 -80.28 -52.89 -82.48
N LEU GA 145 -80.45 -54.08 -81.90
CA LEU GA 145 -80.91 -54.19 -80.52
C LEU GA 145 -79.78 -54.06 -79.50
N ALA GA 146 -78.53 -54.05 -79.94
CA ALA GA 146 -77.42 -53.86 -79.01
C ALA GA 146 -77.34 -52.42 -78.54
N THR GA 147 -77.12 -52.25 -77.24
CA THR GA 147 -77.06 -50.92 -76.62
C THR GA 147 -76.23 -51.01 -75.34
N GLN GA 148 -76.06 -49.86 -74.69
CA GLN GA 148 -75.27 -49.80 -73.47
C GLN GA 148 -76.04 -50.38 -72.29
N LEU GA 149 -75.30 -50.71 -71.23
CA LEU GA 149 -75.87 -51.16 -69.97
C LEU GA 149 -75.46 -50.17 -68.88
N THR GA 150 -76.45 -49.54 -68.25
CA THR GA 150 -76.16 -48.55 -67.23
C THR GA 150 -75.74 -49.21 -65.92
N GLY GA 151 -74.58 -48.79 -65.41
CA GLY GA 151 -74.03 -49.33 -64.19
C GLY GA 151 -73.05 -50.45 -64.45
N PRO GA 152 -72.67 -51.18 -63.40
CA PRO GA 152 -71.72 -52.28 -63.58
C PRO GA 152 -72.39 -53.47 -64.28
N VAL GA 153 -71.74 -53.97 -65.32
CA VAL GA 153 -72.29 -55.07 -66.10
C VAL GA 153 -72.14 -56.38 -65.32
N MET GA 154 -73.25 -57.11 -65.16
CA MET GA 154 -73.44 -58.29 -64.31
C MET GA 154 -72.99 -58.01 -62.89
N PRO GA 155 -73.76 -57.24 -62.11
CA PRO GA 155 -73.31 -56.88 -60.76
C PRO GA 155 -73.31 -58.08 -59.83
N ILE GA 156 -72.19 -58.25 -59.11
CA ILE GA 156 -72.00 -59.41 -58.25
C ILE GA 156 -72.78 -59.19 -56.96
N ARG GA 157 -73.81 -60.01 -56.76
CA ARG GA 157 -74.65 -59.95 -55.57
C ARG GA 157 -74.21 -61.06 -54.63
N ASN GA 158 -74.01 -60.71 -53.36
CA ASN GA 158 -73.58 -61.69 -52.37
C ASN GA 158 -74.75 -62.58 -52.00
N VAL GA 159 -74.97 -63.63 -52.80
CA VAL GA 159 -76.12 -64.51 -52.59
C VAL GA 159 -75.80 -65.53 -51.50
N PHE GA 160 -76.81 -65.87 -50.71
CA PHE GA 160 -76.70 -66.89 -49.67
C PHE GA 160 -77.75 -67.95 -49.95
N LYS GA 161 -77.36 -69.21 -49.84
CA LYS GA 161 -78.28 -70.31 -50.11
C LYS GA 161 -79.31 -70.44 -48.99
N LYS GA 162 -80.51 -70.87 -49.35
CA LYS GA 162 -81.60 -71.02 -48.39
C LYS GA 162 -81.65 -72.47 -47.91
N GLU GA 163 -81.60 -72.67 -46.60
CA GLU GA 163 -81.69 -74.00 -46.01
C GLU GA 163 -83.08 -74.19 -45.42
N LYS GA 164 -83.53 -75.45 -45.40
CA LYS GA 164 -84.86 -75.75 -44.88
C LYS GA 164 -84.78 -76.24 -43.44
N ALA GA 165 -85.94 -76.36 -42.82
CA ALA GA 165 -86.03 -76.80 -41.43
C ALA GA 165 -85.87 -78.31 -41.36
N ARG GA 166 -84.80 -78.77 -40.71
CA ARG GA 166 -84.49 -80.20 -40.61
C ARG GA 166 -84.86 -80.72 -39.23
N VAL GA 167 -84.97 -82.04 -39.13
CA VAL GA 167 -85.22 -82.70 -37.85
C VAL GA 167 -83.89 -83.01 -37.18
N ILE GA 168 -83.76 -82.62 -35.92
CA ILE GA 168 -82.51 -82.74 -35.19
C ILE GA 168 -82.30 -84.20 -34.80
N THR GA 169 -81.11 -84.73 -35.11
CA THR GA 169 -80.81 -86.12 -34.80
C THR GA 169 -80.20 -86.24 -33.41
N GLU GA 170 -80.10 -87.49 -32.95
CA GLU GA 170 -79.54 -87.77 -31.63
C GLU GA 170 -78.06 -87.49 -31.57
N GLU GA 171 -77.35 -87.62 -32.70
CA GLU GA 171 -75.94 -87.27 -32.73
C GLU GA 171 -75.75 -85.75 -32.64
N GLU GA 172 -76.67 -85.00 -33.25
CA GLU GA 172 -76.62 -83.54 -33.13
C GLU GA 172 -76.99 -83.10 -31.72
N LYS GA 173 -77.85 -83.87 -31.05
CA LYS GA 173 -78.15 -83.57 -29.65
C LYS GA 173 -76.98 -83.94 -28.74
N ASN GA 174 -76.25 -85.00 -29.08
CA ASN GA 174 -75.18 -85.49 -28.23
C ASN GA 174 -73.87 -84.77 -28.52
N PHE GA 175 -73.82 -83.96 -29.58
CA PHE GA 175 -72.60 -83.24 -29.92
C PHE GA 175 -72.29 -82.15 -28.89
N LYS GA 176 -71.01 -82.03 -28.54
CA LYS GA 176 -70.54 -81.10 -27.52
C LYS GA 176 -69.62 -80.07 -28.16
N ALA GA 177 -70.18 -78.90 -28.49
CA ALA GA 177 -69.48 -77.90 -29.29
C ALA GA 177 -68.35 -77.24 -28.50
N PHE GA 178 -68.62 -76.80 -27.27
CA PHE GA 178 -67.59 -76.10 -26.50
C PHE GA 178 -66.49 -77.05 -26.05
N ALA GA 179 -66.84 -78.30 -25.74
CA ALA GA 179 -65.83 -79.29 -25.39
C ALA GA 179 -64.96 -79.64 -26.60
N SER GA 180 -65.57 -79.71 -27.80
CA SER GA 180 -64.80 -79.95 -29.01
C SER GA 180 -63.88 -78.77 -29.32
N LEU GA 181 -64.36 -77.55 -29.07
CA LEU GA 181 -63.54 -76.36 -29.28
C LEU GA 181 -62.35 -76.32 -28.32
N ARG GA 182 -62.58 -76.64 -27.04
CA ARG GA 182 -61.47 -76.63 -26.08
C ARG GA 182 -60.47 -77.75 -26.33
N MET GA 183 -60.94 -78.94 -26.77
CA MET GA 183 -60.03 -80.01 -27.14
C MET GA 183 -59.23 -79.65 -28.40
N ALA GA 184 -59.85 -78.92 -29.33
CA ALA GA 184 -59.12 -78.49 -30.52
C ALA GA 184 -58.09 -77.43 -30.19
N ARG GA 185 -58.41 -76.50 -29.26
CA ARG GA 185 -57.43 -75.54 -28.77
C ARG GA 185 -56.26 -76.22 -28.07
N ALA GA 186 -56.56 -77.24 -27.25
CA ALA GA 186 -55.52 -77.96 -26.53
C ALA GA 186 -54.62 -78.76 -27.49
N ASN GA 187 -55.21 -79.37 -28.52
CA ASN GA 187 -54.41 -80.12 -29.47
C ASN GA 187 -53.57 -79.20 -30.36
N ALA GA 188 -54.14 -78.06 -30.76
CA ALA GA 188 -53.39 -77.11 -31.59
C ALA GA 188 -52.31 -76.40 -30.78
N ARG GA 189 -52.47 -76.37 -29.45
CA ARG GA 189 -51.42 -75.79 -28.61
C ARG GA 189 -50.33 -76.82 -28.31
N LEU GA 190 -50.71 -78.08 -28.13
CA LEU GA 190 -49.75 -79.11 -27.73
C LEU GA 190 -49.48 -80.14 -28.82
N PHE GA 191 -49.53 -79.75 -30.10
CA PHE GA 191 -49.27 -80.72 -31.17
C PHE GA 191 -47.80 -81.15 -31.21
N GLY GA 192 -46.88 -80.21 -31.03
CA GLY GA 192 -45.47 -80.55 -31.16
C GLY GA 192 -44.88 -81.17 -29.91
N ILE GA 193 -45.44 -80.83 -28.75
CA ILE GA 193 -44.88 -81.28 -27.47
C ILE GA 193 -45.13 -82.77 -27.28
N ARG GA 194 -46.31 -83.26 -27.68
CA ARG GA 194 -46.61 -84.69 -27.61
C ARG GA 194 -45.74 -85.49 -28.57
N ALA GA 195 -45.44 -84.93 -29.74
CA ALA GA 195 -44.57 -85.62 -30.70
C ALA GA 195 -43.13 -85.67 -30.20
N LYS GA 196 -42.67 -84.60 -29.54
CA LYS GA 196 -41.33 -84.61 -28.97
C LYS GA 196 -41.23 -85.58 -27.80
N ARG GA 197 -42.28 -85.66 -26.96
CA ARG GA 197 -42.29 -86.62 -25.87
C ARG GA 197 -42.37 -88.05 -26.38
N ALA GA 198 -43.06 -88.26 -27.51
CA ALA GA 198 -43.12 -89.60 -28.10
C ALA GA 198 -41.77 -90.00 -28.70
N LYS GA 199 -41.07 -89.05 -29.31
CA LYS GA 199 -39.72 -89.32 -29.82
C LYS GA 199 -38.75 -89.61 -28.68
N GLU GA 200 -38.87 -88.88 -27.57
CA GLU GA 200 -37.98 -89.13 -26.44
C GLU GA 200 -38.32 -90.45 -25.75
N ALA GA 201 -39.60 -90.83 -25.72
CA ALA GA 201 -39.98 -92.12 -25.15
C ALA GA 201 -39.51 -93.27 -26.04
N ALA GA 202 -39.53 -93.07 -27.36
CA ALA GA 202 -38.98 -94.07 -28.28
C ALA GA 202 -37.47 -94.18 -28.12
N GLU GA 203 -36.79 -93.06 -27.88
CA GLU GA 203 -35.36 -93.09 -27.62
C GLU GA 203 -35.04 -93.83 -26.32
N GLN GA 204 -35.87 -93.63 -25.29
CA GLN GA 204 -35.69 -94.36 -24.04
C GLN GA 204 -36.00 -95.84 -24.21
N ASP GA 205 -36.95 -96.18 -25.08
CA ASP GA 205 -37.24 -97.59 -25.34
C ASP GA 205 -36.10 -98.27 -26.11
N VAL GA 206 -35.49 -97.55 -27.06
CA VAL GA 206 -34.32 -98.07 -27.76
C VAL GA 206 -33.14 -98.23 -26.80
N GLU GA 207 -32.97 -97.26 -25.89
CA GLU GA 207 -31.89 -97.34 -24.90
C GLU GA 207 -32.13 -98.46 -23.89
N LYS GA 208 -33.39 -98.78 -23.61
CA LYS GA 208 -33.69 -99.89 -22.70
C LYS GA 208 -33.53 -101.24 -23.38
N LYS GA 209 -33.91 -101.34 -24.66
CA LYS GA 209 -33.77 -102.60 -25.38
C LYS GA 209 -32.31 -102.90 -25.70
N LYS GA 210 -31.57 -101.90 -26.15
CA LYS GA 210 -30.17 -102.09 -26.51
C LYS GA 210 -29.27 -101.87 -25.29
N THR HA 1 62.54 -14.73 11.92
CA THR HA 1 63.84 -14.56 11.30
C THR HA 1 63.98 -15.46 10.06
N LYS HA 2 65.04 -15.23 9.28
CA LYS HA 2 65.28 -16.03 8.10
C LYS HA 2 65.84 -17.39 8.50
N LYS HA 3 65.01 -18.43 8.35
CA LYS HA 3 65.37 -19.75 8.86
C LYS HA 3 66.29 -20.50 7.90
N ARG HA 4 66.01 -20.40 6.59
CA ARG HA 4 66.82 -21.04 5.57
C ARG HA 4 67.28 -20.00 4.55
N ARG HA 5 68.42 -20.27 3.92
CA ARG HA 5 68.92 -19.37 2.88
C ARG HA 5 68.07 -19.49 1.62
N ASN HA 6 68.05 -20.68 1.00
CA ASN HA 6 67.00 -20.98 0.05
C ASN HA 6 65.74 -21.38 0.80
N ASN HA 7 64.68 -20.60 0.62
CA ASN HA 7 63.53 -20.62 1.53
C ASN HA 7 62.64 -21.84 1.28
N GLY HA 8 63.15 -23.01 1.66
CA GLY HA 8 62.40 -24.25 1.53
C GLY HA 8 62.21 -24.72 0.10
N ARG HA 9 62.97 -24.18 -0.85
CA ARG HA 9 62.79 -24.49 -2.25
C ARG HA 9 64.12 -24.27 -2.97
N ALA HA 10 64.09 -24.27 -4.30
CA ALA HA 10 65.31 -24.15 -5.10
C ALA HA 10 65.25 -22.98 -6.08
N LYS HA 11 64.39 -21.99 -5.82
CA LYS HA 11 64.24 -20.85 -6.71
C LYS HA 11 65.21 -19.76 -6.28
N LYS HA 12 66.12 -19.39 -7.18
CA LYS HA 12 67.06 -18.29 -6.95
C LYS HA 12 66.95 -17.20 -8.01
N GLY HA 13 66.66 -17.55 -9.26
CA GLY HA 13 66.61 -16.54 -10.30
C GLY HA 13 65.35 -16.58 -11.16
N ARG HA 14 64.41 -17.44 -10.81
CA ARG HA 14 63.22 -17.64 -11.64
C ARG HA 14 62.05 -16.76 -11.21
N GLY HA 15 61.56 -16.96 -9.99
CA GLY HA 15 60.42 -16.23 -9.48
C GLY HA 15 59.11 -16.97 -9.55
N HIS HA 16 58.92 -17.84 -10.53
CA HIS HA 16 57.65 -18.55 -10.67
C HIS HA 16 57.88 -19.90 -11.35
N VAL HA 17 57.28 -20.94 -10.78
CA VAL HA 17 57.27 -22.28 -11.35
C VAL HA 17 55.84 -22.79 -11.40
N GLN HA 18 55.63 -23.89 -12.11
CA GLN HA 18 54.29 -24.44 -12.24
C GLN HA 18 53.93 -25.24 -10.98
N PRO HA 19 52.66 -25.27 -10.59
CA PRO HA 19 52.29 -26.04 -9.39
C PRO HA 19 52.03 -27.50 -9.72
N ILE HA 20 52.24 -28.34 -8.71
CA ILE HA 20 51.98 -29.78 -8.78
C ILE HA 20 51.08 -30.15 -7.61
N ARG HA 21 50.05 -30.95 -7.88
CA ARG HA 21 49.15 -31.41 -6.85
C ARG HA 21 49.84 -32.52 -6.06
N CYS HA 22 49.62 -32.54 -4.75
CA CYS HA 22 50.27 -33.52 -3.91
C CYS HA 22 49.65 -34.90 -4.07
N THR HA 23 50.29 -35.92 -3.50
CA THR HA 23 49.80 -37.29 -3.66
C THR HA 23 48.90 -37.69 -2.51
N ASN HA 24 49.27 -37.35 -1.28
CA ASN HA 24 48.44 -37.70 -0.13
C ASN HA 24 47.25 -36.75 -0.02
N CYS HA 25 47.52 -35.45 0.06
CA CYS HA 25 46.49 -34.43 -0.01
C CYS HA 25 46.36 -33.93 -1.45
N ALA HA 26 45.61 -32.85 -1.68
CA ALA HA 26 45.56 -32.19 -2.98
C ALA HA 26 46.18 -30.80 -2.87
N ARG HA 27 47.22 -30.67 -2.07
CA ARG HA 27 47.90 -29.40 -1.87
C ARG HA 27 48.65 -28.99 -3.14
N CYS HA 28 48.48 -27.73 -3.52
CA CYS HA 28 49.17 -27.18 -4.69
C CYS HA 28 50.55 -26.70 -4.27
N VAL HA 29 51.58 -27.46 -4.60
CA VAL HA 29 52.93 -27.16 -4.13
C VAL HA 29 53.75 -26.67 -5.33
N PRO HA 30 54.61 -25.67 -5.17
CA PRO HA 30 55.59 -25.37 -6.22
C PRO HA 30 56.53 -26.55 -6.45
N LYS HA 31 57.07 -26.62 -7.67
CA LYS HA 31 57.78 -27.82 -8.13
C LYS HA 31 59.08 -28.05 -7.35
N ASP HA 32 59.86 -26.99 -7.16
CA ASP HA 32 61.12 -27.12 -6.43
C ASP HA 32 60.89 -27.22 -4.93
N LYS HA 33 59.71 -26.85 -4.45
CA LYS HA 33 59.45 -26.87 -3.02
C LYS HA 33 59.01 -28.24 -2.55
N ALA HA 34 58.44 -29.04 -3.46
CA ALA HA 34 57.89 -30.33 -3.08
C ALA HA 34 59.00 -31.35 -2.83
N ILE HA 35 58.75 -32.25 -1.87
CA ILE HA 35 59.64 -33.38 -1.64
C ILE HA 35 59.31 -34.47 -2.64
N LYS HA 36 60.32 -34.93 -3.37
CA LYS HA 36 60.13 -35.86 -4.47
C LYS HA 36 60.81 -37.19 -4.13
N LYS HA 37 60.01 -38.25 -4.08
CA LYS HA 37 60.55 -39.61 -3.92
C LYS HA 37 60.29 -40.41 -5.17
N PHE HA 38 61.36 -40.89 -5.81
CA PHE HA 38 61.21 -41.78 -6.96
C PHE HA 38 61.24 -43.20 -6.43
N VAL HA 39 60.07 -43.72 -6.09
CA VAL HA 39 59.93 -45.05 -5.51
C VAL HA 39 60.00 -46.09 -6.63
N ILE HA 40 61.00 -46.96 -6.55
CA ILE HA 40 61.08 -48.18 -7.35
C ILE HA 40 60.55 -49.31 -6.49
N ARG HA 41 59.83 -50.25 -7.11
CA ARG HA 41 59.21 -51.30 -6.30
C ARG HA 41 59.02 -52.54 -7.15
N ASN HA 42 59.66 -53.63 -6.74
CA ASN HA 42 59.35 -54.93 -7.32
C ASN HA 42 57.94 -55.34 -6.90
N ILE HA 43 57.09 -55.64 -7.87
CA ILE HA 43 55.63 -55.69 -7.75
C ILE HA 43 55.12 -56.64 -6.67
N VAL HA 44 55.91 -57.65 -6.34
CA VAL HA 44 55.73 -58.42 -5.12
C VAL HA 44 57.01 -58.27 -4.29
N GLU HA 45 56.84 -57.99 -3.00
CA GLU HA 45 57.98 -57.60 -2.17
C GLU HA 45 58.77 -58.76 -1.56
N ALA HA 46 58.16 -59.57 -0.70
CA ALA HA 46 58.95 -60.54 0.05
C ALA HA 46 58.53 -61.98 -0.18
N ALA HA 47 57.24 -62.29 0.06
CA ALA HA 47 56.85 -63.69 0.20
C ALA HA 47 56.13 -64.22 -1.03
N ALA HA 48 55.60 -63.35 -1.88
CA ALA HA 48 54.83 -63.81 -3.02
C ALA HA 48 55.74 -64.24 -4.16
N VAL HA 49 56.97 -63.73 -4.20
CA VAL HA 49 57.90 -64.05 -5.29
C VAL HA 49 58.33 -65.50 -5.24
N ARG HA 50 58.40 -66.08 -4.02
CA ARG HA 50 58.76 -67.48 -3.85
C ARG HA 50 57.71 -68.42 -4.45
N ASP HA 51 56.46 -67.99 -4.45
CA ASP HA 51 55.37 -68.78 -5.01
C ASP HA 51 55.20 -68.49 -6.50
N ILE HA 52 55.49 -67.25 -6.93
CA ILE HA 52 55.39 -66.90 -8.35
C ILE HA 52 56.48 -67.62 -9.14
N SER HA 53 57.66 -67.78 -8.55
CA SER HA 53 58.76 -68.46 -9.25
C SER HA 53 58.47 -69.95 -9.45
N GLU HA 54 57.59 -70.53 -8.63
CA GLU HA 54 57.21 -71.92 -8.84
C GLU HA 54 55.97 -72.04 -9.72
N ALA HA 55 55.04 -71.09 -9.62
CA ALA HA 55 53.79 -71.21 -10.36
C ALA HA 55 53.85 -70.55 -11.72
N SER HA 56 54.99 -69.96 -12.09
CA SER HA 56 55.10 -69.26 -13.37
C SER HA 56 55.22 -70.26 -14.52
N VAL HA 57 54.94 -69.77 -15.72
CA VAL HA 57 55.03 -70.61 -16.91
C VAL HA 57 56.43 -70.57 -17.51
N PHE HA 58 56.91 -69.37 -17.82
CA PHE HA 58 58.18 -69.21 -18.51
C PHE HA 58 59.33 -69.35 -17.52
N ASP HA 59 60.32 -70.14 -17.88
CA ASP HA 59 61.46 -70.41 -17.00
C ASP HA 59 62.40 -69.22 -16.99
N ALA HA 60 62.73 -68.75 -15.78
CA ALA HA 60 63.65 -67.63 -15.52
C ALA HA 60 63.19 -66.34 -16.23
N TYR HA 61 62.01 -65.89 -15.82
CA TYR HA 61 61.41 -64.66 -16.30
C TYR HA 61 61.51 -63.61 -15.20
N VAL HA 62 62.11 -62.46 -15.52
CA VAL HA 62 62.28 -61.40 -14.53
C VAL HA 62 60.95 -60.71 -14.27
N LEU HA 63 60.69 -60.36 -13.01
CA LEU HA 63 59.43 -59.74 -12.64
C LEU HA 63 59.49 -58.23 -12.92
N PRO HA 64 58.35 -57.60 -13.25
CA PRO HA 64 58.37 -56.16 -13.56
C PRO HA 64 58.56 -55.27 -12.34
N LYS HA 65 58.69 -53.97 -12.58
CA LYS HA 65 58.85 -52.99 -11.52
C LYS HA 65 57.81 -51.90 -11.68
N LEU HA 66 57.62 -51.14 -10.60
CA LEU HA 66 56.57 -50.13 -10.52
C LEU HA 66 57.22 -48.81 -10.11
N TYR HA 67 57.37 -47.91 -11.09
CA TYR HA 67 58.13 -46.67 -10.93
C TYR HA 67 57.15 -45.52 -10.68
N VAL HA 68 57.14 -44.99 -9.45
CA VAL HA 68 56.23 -43.90 -9.12
C VAL HA 68 57.03 -42.75 -8.52
N LYS HA 69 56.86 -41.56 -9.08
CA LYS HA 69 57.50 -40.34 -8.58
C LYS HA 69 56.49 -39.62 -7.70
N LEU HA 70 56.52 -39.90 -6.40
CA LEU HA 70 55.63 -39.26 -5.46
C LEU HA 70 56.08 -37.84 -5.15
N HIS HA 71 55.13 -36.92 -5.17
CA HIS HA 71 55.33 -35.52 -4.80
C HIS HA 71 54.58 -35.25 -3.52
N TYR HA 72 55.30 -35.11 -2.42
CA TYR HA 72 54.71 -34.78 -1.13
C TYR HA 72 54.98 -33.32 -0.79
N CYS HA 73 54.10 -32.73 0.01
CA CYS HA 73 54.39 -31.42 0.57
C CYS HA 73 55.13 -31.58 1.89
N VAL HA 74 55.30 -30.45 2.58
CA VAL HA 74 56.02 -30.45 3.86
C VAL HA 74 55.19 -31.17 4.92
N SER HA 75 53.90 -30.85 5.01
CA SER HA 75 53.04 -31.45 6.01
C SER HA 75 52.83 -32.94 5.75
N CYS HA 76 52.63 -33.32 4.48
CA CYS HA 76 52.46 -34.73 4.14
C CYS HA 76 53.74 -35.51 4.37
N ALA HA 77 54.89 -34.91 4.07
CA ALA HA 77 56.17 -35.60 4.26
C ALA HA 77 56.49 -35.81 5.72
N ILE HA 78 56.22 -34.81 6.57
CA ILE HA 78 56.53 -34.96 7.99
C ILE HA 78 55.48 -35.82 8.68
N HIS HA 79 54.23 -35.82 8.18
CA HIS HA 79 53.20 -36.66 8.77
C HIS HA 79 53.40 -38.12 8.39
N SER HA 80 53.89 -38.39 7.18
CA SER HA 80 54.25 -39.74 6.79
C SER HA 80 55.70 -40.09 7.13
N LYS HA 81 56.41 -39.17 7.81
CA LYS HA 81 57.76 -39.41 8.35
C LYS HA 81 58.77 -39.68 7.24
N VAL HA 82 58.60 -39.01 6.10
CA VAL HA 82 59.62 -39.05 5.06
C VAL HA 82 60.83 -38.21 5.46
N VAL HA 83 60.60 -36.96 5.85
CA VAL HA 83 61.65 -36.07 6.33
C VAL HA 83 61.36 -35.70 7.77
N ARG HA 84 62.40 -35.36 8.52
CA ARG HA 84 62.27 -34.97 9.91
C ARG HA 84 62.98 -33.65 10.18
N ASN HA 85 62.74 -33.10 11.36
CA ASN HA 85 63.44 -31.90 11.78
C ASN HA 85 64.86 -32.22 12.27
N ARG HA 86 65.76 -31.29 12.07
CA ARG HA 86 67.17 -31.44 12.43
C ARG HA 86 67.64 -30.22 13.21
N SER HA 87 68.81 -30.35 13.82
CA SER HA 87 69.43 -29.24 14.53
C SER HA 87 69.96 -28.20 13.54
N ARG HA 88 70.28 -27.02 14.08
CA ARG HA 88 70.68 -25.89 13.23
C ARG HA 88 72.03 -26.08 12.55
N GLU HA 89 72.87 -26.99 13.08
CA GLU HA 89 74.11 -27.32 12.38
C GLU HA 89 73.87 -28.46 11.39
N ALA HA 90 72.85 -29.29 11.64
CA ALA HA 90 72.57 -30.42 10.76
C ALA HA 90 71.62 -30.06 9.63
N ARG HA 91 71.02 -28.87 9.66
CA ARG HA 91 70.13 -28.46 8.57
C ARG HA 91 70.90 -28.21 7.29
N LYS HA 92 72.12 -27.66 7.40
CA LYS HA 92 72.91 -27.30 6.22
C LYS HA 92 73.42 -28.51 5.47
N ASP HA 93 73.55 -29.66 6.13
CA ASP HA 93 73.99 -30.89 5.47
C ASP HA 93 72.84 -31.45 4.66
N ARG HA 94 72.80 -31.13 3.36
CA ARG HA 94 71.75 -31.61 2.47
C ARG HA 94 72.14 -32.90 1.74
N THR HA 95 73.02 -33.70 2.33
CA THR HA 95 73.38 -34.98 1.74
C THR HA 95 72.23 -35.98 1.92
N PRO HA 96 71.95 -36.81 0.92
CA PRO HA 96 70.84 -37.77 1.01
C PRO HA 96 71.19 -38.91 1.94
N PRO HA 97 70.19 -39.61 2.49
CA PRO HA 97 70.47 -40.81 3.30
C PRO HA 97 70.98 -41.94 2.42
N PRO HA 98 71.75 -42.88 2.98
CA PRO HA 98 72.43 -43.88 2.13
C PRO HA 98 71.49 -44.93 1.58
N ARG HA 99 72.03 -45.76 0.69
CA ARG HA 99 71.29 -46.77 -0.05
C ARG HA 99 71.84 -48.17 0.27
N PHE HA 100 72.01 -48.47 1.56
CA PHE HA 100 72.39 -49.82 1.95
C PHE HA 100 71.16 -50.73 2.03
N ARG HA 101 70.01 -50.16 2.35
CA ARG HA 101 68.76 -50.91 2.42
C ARG HA 101 67.56 -50.01 2.13
N VAL IA 1 -76.66 47.18 53.97
CA VAL IA 1 -77.27 46.68 55.18
C VAL IA 1 -78.60 45.98 54.86
N PHE IA 2 -78.81 44.82 55.47
CA PHE IA 2 -79.98 44.01 55.16
C PHE IA 2 -81.15 44.36 56.06
N ARG IA 3 -82.36 44.27 55.52
CA ARG IA 3 -83.60 44.47 56.27
C ARG IA 3 -84.42 43.19 56.39
N ARG IA 4 -84.47 42.40 55.32
CA ARG IA 4 -85.23 41.16 55.33
C ARG IA 4 -84.32 39.99 55.70
N PHE IA 5 -84.83 39.12 56.58
CA PHE IA 5 -84.05 38.02 57.12
C PHE IA 5 -84.91 36.76 57.16
N VAL IA 6 -84.34 35.63 56.76
CA VAL IA 6 -85.05 34.37 56.86
C VAL IA 6 -85.10 33.97 58.33
N GLU IA 7 -86.23 34.24 58.98
CA GLU IA 7 -86.43 33.99 60.39
C GLU IA 7 -87.60 33.03 60.54
N VAL IA 8 -87.60 32.27 61.63
CA VAL IA 8 -88.66 31.30 61.88
C VAL IA 8 -89.95 32.06 62.16
N GLY IA 9 -90.86 32.05 61.20
CA GLY IA 9 -92.12 32.74 61.36
C GLY IA 9 -92.41 33.76 60.27
N ARG IA 10 -91.50 33.92 59.32
CA ARG IA 10 -91.67 34.94 58.29
C ARG IA 10 -92.61 34.46 57.20
N VAL IA 11 -93.50 35.36 56.77
CA VAL IA 11 -94.42 35.14 55.66
C VAL IA 11 -93.75 35.59 54.38
N ALA IA 12 -93.90 34.81 53.31
CA ALA IA 12 -93.21 35.03 52.05
C ALA IA 12 -94.13 34.75 50.89
N TYR IA 13 -93.85 35.41 49.76
CA TYR IA 13 -94.60 35.23 48.53
C TYR IA 13 -93.89 34.22 47.63
N VAL IA 14 -94.67 33.39 46.94
CA VAL IA 14 -94.08 32.38 46.06
C VAL IA 14 -94.12 32.89 44.62
N SER IA 15 -92.98 32.84 43.95
CA SER IA 15 -92.91 33.33 42.57
C SER IA 15 -93.38 32.28 41.57
N PHE IA 16 -92.67 31.16 41.49
CA PHE IA 16 -92.99 30.12 40.51
C PHE IA 16 -93.25 28.81 41.24
N GLY IA 17 -93.45 27.75 40.45
CA GLY IA 17 -93.69 26.44 40.99
C GLY IA 17 -95.15 26.04 40.89
N PRO IA 18 -95.52 24.97 41.59
CA PRO IA 18 -96.94 24.57 41.60
C PRO IA 18 -97.83 25.55 42.34
N HIS IA 19 -97.43 25.96 43.54
CA HIS IA 19 -98.18 26.94 44.33
C HIS IA 19 -97.69 28.35 44.07
N ALA IA 20 -97.64 28.75 42.80
CA ALA IA 20 -97.12 30.05 42.42
C ALA IA 20 -98.13 31.15 42.76
N GLY IA 21 -97.62 32.25 43.31
CA GLY IA 21 -98.47 33.38 43.66
C GLY IA 21 -99.27 33.17 44.92
N LYS IA 22 -98.62 32.68 45.97
CA LYS IA 22 -99.32 32.38 47.23
C LYS IA 22 -98.46 32.84 48.40
N LEU IA 23 -99.14 33.15 49.52
CA LEU IA 23 -98.46 33.42 50.78
C LEU IA 23 -98.17 32.13 51.52
N VAL IA 24 -97.01 32.08 52.18
CA VAL IA 24 -96.59 30.87 52.86
C VAL IA 24 -95.57 31.24 53.94
N ALA IA 25 -95.58 30.51 55.05
CA ALA IA 25 -94.75 30.87 56.20
C ALA IA 25 -93.61 29.87 56.39
N ILE IA 26 -92.51 30.36 56.94
CA ILE IA 26 -91.30 29.55 57.15
C ILE IA 26 -91.41 28.89 58.53
N VAL IA 27 -91.68 27.58 58.56
CA VAL IA 27 -91.79 26.91 59.84
C VAL IA 27 -90.40 26.55 60.37
N ASP IA 28 -89.54 25.97 59.53
CA ASP IA 28 -88.21 25.59 59.95
C ASP IA 28 -87.27 25.70 58.75
N VAL IA 29 -85.98 25.83 59.04
CA VAL IA 29 -84.94 25.90 58.01
C VAL IA 29 -84.22 24.56 57.96
N ILE IA 30 -84.22 23.93 56.79
CA ILE IA 30 -83.66 22.58 56.65
C ILE IA 30 -82.21 22.63 56.22
N ASP IA 31 -81.96 23.21 55.05
CA ASP IA 31 -80.65 23.09 54.43
C ASP IA 31 -80.16 24.49 54.09
N GLN IA 32 -79.05 24.58 53.35
CA GLN IA 32 -78.54 25.87 52.89
C GLN IA 32 -79.52 26.52 51.91
N ASN IA 33 -80.18 25.71 51.08
CA ASN IA 33 -81.07 26.18 50.03
C ASN IA 33 -82.34 25.32 49.99
N ARG IA 34 -82.88 25.00 51.16
CA ARG IA 34 -84.14 24.28 51.31
C ARG IA 34 -84.67 24.55 52.71
N ALA IA 35 -85.99 24.76 52.81
CA ALA IA 35 -86.60 25.09 54.08
C ALA IA 35 -87.90 24.34 54.27
N LEU IA 36 -88.28 24.16 55.53
CA LEU IA 36 -89.56 23.53 55.88
C LEU IA 36 -90.62 24.62 55.97
N VAL IA 37 -91.55 24.60 55.02
CA VAL IA 37 -92.40 25.75 54.71
C VAL IA 37 -93.85 25.27 54.68
N ASP IA 38 -94.76 26.07 55.24
CA ASP IA 38 -96.16 25.67 55.34
C ASP IA 38 -97.06 26.90 55.29
N GLY IA 39 -98.22 26.76 54.67
CA GLY IA 39 -99.21 27.80 54.70
C GLY IA 39 -100.62 27.29 54.98
N PRO IA 40 -101.18 27.65 56.14
CA PRO IA 40 -102.46 27.04 56.53
C PRO IA 40 -103.67 27.61 55.80
N CYS IA 41 -103.75 28.93 55.65
CA CYS IA 41 -104.96 29.53 55.09
C CYS IA 41 -104.88 29.68 53.58
N THR IA 42 -103.67 29.80 53.03
CA THR IA 42 -103.48 30.05 51.61
C THR IA 42 -103.30 28.76 50.81
N ARG IA 43 -103.71 27.62 51.38
CA ARG IA 43 -103.81 26.33 50.67
C ARG IA 43 -102.45 25.85 50.15
N VAL IA 44 -101.45 25.83 51.02
CA VAL IA 44 -100.15 25.26 50.72
C VAL IA 44 -99.83 24.22 51.78
N ARG IA 45 -99.64 22.98 51.37
CA ARG IA 45 -99.42 21.92 52.33
C ARG IA 45 -98.00 22.00 52.89
N ARG IA 46 -97.83 21.50 54.11
CA ARG IA 46 -96.53 21.40 54.77
C ARG IA 46 -95.54 20.64 53.90
N GLN IA 47 -94.47 21.31 53.48
CA GLN IA 47 -93.57 20.70 52.51
C GLN IA 47 -92.19 21.33 52.62
N ALA IA 48 -91.21 20.66 52.02
CA ALA IA 48 -89.91 21.26 51.83
C ALA IA 48 -89.90 22.07 50.54
N MET IA 49 -89.24 23.21 50.59
CA MET IA 49 -89.28 24.14 49.47
C MET IA 49 -88.01 25.00 49.48
N PRO IA 50 -87.34 25.15 48.34
CA PRO IA 50 -86.08 25.91 48.32
C PRO IA 50 -86.33 27.41 48.42
N PHE IA 51 -85.23 28.16 48.53
CA PHE IA 51 -85.31 29.61 48.68
C PHE IA 51 -85.33 30.34 47.34
N LYS IA 52 -85.28 29.63 46.22
CA LYS IA 52 -85.26 30.30 44.92
C LYS IA 52 -86.66 30.81 44.55
N CYS IA 53 -87.69 30.01 44.82
CA CYS IA 53 -89.02 30.38 44.38
C CYS IA 53 -89.68 31.35 45.35
N MET IA 54 -89.45 31.16 46.65
CA MET IA 54 -90.06 32.03 47.63
C MET IA 54 -89.35 33.38 47.68
N GLN IA 55 -90.13 34.43 47.90
CA GLN IA 55 -89.62 35.79 48.02
C GLN IA 55 -90.06 36.32 49.38
N LEU IA 56 -89.09 36.54 50.27
CA LEU IA 56 -89.40 36.85 51.65
C LEU IA 56 -89.89 38.29 51.79
N THR IA 57 -90.93 38.48 52.59
CA THR IA 57 -91.59 39.76 52.77
C THR IA 57 -91.43 40.26 54.20
N ASP IA 58 -91.99 41.42 54.47
CA ASP IA 58 -91.87 42.08 55.78
C ASP IA 58 -93.04 41.77 56.69
N PHE IA 59 -93.24 40.49 56.99
CA PHE IA 59 -94.27 40.05 57.92
C PHE IA 59 -93.73 38.89 58.73
N ILE IA 60 -93.77 39.01 60.06
CA ILE IA 60 -93.25 37.97 60.94
C ILE IA 60 -94.23 37.68 62.08
N LEU IA 61 -94.92 36.55 61.98
CA LEU IA 61 -95.78 36.08 63.05
C LEU IA 61 -95.08 34.97 63.82
N LYS IA 62 -95.18 35.01 65.15
CA LYS IA 62 -94.32 34.22 66.02
C LYS IA 62 -94.95 32.87 66.34
N PHE IA 63 -94.22 31.80 66.02
CA PHE IA 63 -94.56 30.44 66.42
C PHE IA 63 -93.28 29.62 66.48
N PRO IA 64 -93.22 28.59 67.32
CA PRO IA 64 -91.98 27.79 67.44
C PRO IA 64 -91.65 27.02 66.18
N HIS IA 65 -90.39 26.57 66.11
CA HIS IA 65 -89.86 25.99 64.88
C HIS IA 65 -90.44 24.60 64.59
N SER IA 66 -90.98 23.92 65.60
CA SER IA 66 -91.61 22.63 65.42
C SER IA 66 -93.12 22.67 65.59
N ALA IA 67 -93.70 23.86 65.66
CA ALA IA 67 -95.13 24.00 65.89
C ALA IA 67 -95.92 23.53 64.68
N ARG IA 68 -97.04 22.87 64.95
CA ARG IA 68 -97.79 22.23 63.88
C ARG IA 68 -98.83 23.18 63.28
N GLN IA 69 -99.60 22.65 62.33
CA GLN IA 69 -100.41 23.49 61.45
C GLN IA 69 -101.57 24.15 62.18
N LYS IA 70 -102.03 23.56 63.29
CA LYS IA 70 -103.04 24.20 64.12
C LYS IA 70 -102.52 25.50 64.73
N TYR IA 71 -101.32 25.45 65.32
CA TYR IA 71 -100.73 26.64 65.91
C TYR IA 71 -100.30 27.65 64.86
N VAL IA 72 -99.86 27.18 63.69
CA VAL IA 72 -99.54 28.09 62.60
C VAL IA 72 -100.80 28.79 62.09
N ARG IA 73 -101.92 28.07 62.04
CA ARG IA 73 -103.19 28.68 61.63
C ARG IA 73 -103.69 29.69 62.67
N LYS IA 74 -103.50 29.38 63.95
CA LYS IA 74 -103.93 30.32 64.99
C LYS IA 74 -103.06 31.57 65.00
N ALA IA 75 -101.74 31.42 64.78
CA ALA IA 75 -100.88 32.60 64.67
C ALA IA 75 -101.17 33.40 63.41
N TRP IA 76 -101.55 32.72 62.32
CA TRP IA 76 -101.94 33.40 61.09
C TRP IA 76 -103.20 34.23 61.29
N GLU IA 77 -104.21 33.65 61.95
CA GLU IA 77 -105.46 34.37 62.18
C GLU IA 77 -105.30 35.44 63.24
N LYS IA 78 -104.30 35.31 64.12
CA LYS IA 78 -104.03 36.37 65.08
C LYS IA 78 -103.30 37.54 64.43
N ALA IA 79 -102.36 37.24 63.54
CA ALA IA 79 -101.58 38.30 62.89
C ALA IA 79 -102.39 38.99 61.80
N ASP IA 80 -103.36 38.28 61.20
CA ASP IA 80 -104.26 38.76 60.15
C ASP IA 80 -103.48 39.26 58.94
N ILE IA 81 -102.78 38.35 58.26
CA ILE IA 81 -101.92 38.73 57.15
C ILE IA 81 -102.74 38.98 55.89
N ASN IA 82 -103.94 38.40 55.81
CA ASN IA 82 -104.72 38.45 54.56
C ASN IA 82 -105.26 39.85 54.29
N THR IA 83 -105.44 40.66 55.33
CA THR IA 83 -105.93 42.02 55.12
C THR IA 83 -104.77 42.99 54.87
N LYS IA 84 -103.70 42.90 55.66
CA LYS IA 84 -102.56 43.79 55.48
C LYS IA 84 -101.81 43.50 54.18
N TRP IA 85 -101.87 42.26 53.70
CA TRP IA 85 -101.28 41.91 52.42
C TRP IA 85 -101.98 42.64 51.28
N ALA IA 86 -103.31 42.67 51.32
CA ALA IA 86 -104.07 43.42 50.31
C ALA IA 86 -103.93 44.92 50.50
N ALA IA 87 -103.71 45.36 51.74
CA ALA IA 87 -103.51 46.80 51.99
C ALA IA 87 -102.14 47.25 51.49
N THR IA 88 -101.18 46.33 51.43
CA THR IA 88 -99.85 46.64 50.92
C THR IA 88 -99.91 46.83 49.40
N ARG IA 89 -99.08 47.76 48.89
CA ARG IA 89 -99.01 48.04 47.46
C ARG IA 89 -98.41 46.90 46.63
N TRP IA 90 -97.78 45.92 47.27
CA TRP IA 90 -97.24 44.75 46.58
C TRP IA 90 -98.36 43.93 45.93
N ALA IA 91 -99.34 43.51 46.73
CA ALA IA 91 -100.42 42.70 46.19
C ALA IA 91 -101.35 43.52 45.31
N LYS IA 92 -101.41 44.84 45.52
CA LYS IA 92 -102.25 45.68 44.68
C LYS IA 92 -101.66 45.80 43.27
N LYS IA 93 -100.33 45.93 43.16
CA LYS IA 93 -99.74 45.93 41.82
C LYS IA 93 -99.72 44.54 41.20
N ILE IA 94 -99.69 43.48 42.03
CA ILE IA 94 -99.86 42.12 41.49
C ILE IA 94 -101.26 41.94 40.89
N GLU IA 95 -102.30 42.35 41.61
CA GLU IA 95 -103.65 42.18 41.07
C GLU IA 95 -103.93 43.17 39.94
N ALA IA 96 -103.19 44.29 39.91
CA ALA IA 96 -103.25 45.17 38.74
C ALA IA 96 -102.67 44.49 37.51
N ARG IA 97 -101.55 43.77 37.68
CA ARG IA 97 -100.99 42.99 36.60
C ARG IA 97 -101.93 41.86 36.17
N GLU IA 98 -102.64 41.27 37.14
CA GLU IA 98 -103.60 40.22 36.81
C GLU IA 98 -104.81 40.78 36.06
N ARG IA 99 -105.26 41.98 36.40
CA ARG IA 99 -106.36 42.60 35.66
C ARG IA 99 -105.91 43.02 34.26
N LYS IA 100 -104.66 43.46 34.12
CA LYS IA 100 -104.13 43.78 32.80
C LYS IA 100 -104.00 42.52 31.94
N ALA IA 101 -103.68 41.38 32.57
CA ALA IA 101 -103.65 40.12 31.83
C ALA IA 101 -105.06 39.66 31.44
N LYS IA 102 -106.03 39.81 32.35
CA LYS IA 102 -107.41 39.42 32.06
C LYS IA 102 -108.21 40.52 31.37
N MET IA 103 -107.55 41.58 30.86
CA MET IA 103 -108.21 42.63 30.11
C MET IA 103 -108.86 42.11 28.82
N THR IA 104 -110.12 42.48 28.59
CA THR IA 104 -110.85 42.05 27.41
C THR IA 104 -110.59 43.06 26.28
N ASP IA 105 -110.95 42.69 25.04
CA ASP IA 105 -110.72 43.57 23.90
C ASP IA 105 -111.64 44.79 23.94
N PHE IA 106 -112.91 44.60 24.31
CA PHE IA 106 -113.81 45.73 24.52
C PHE IA 106 -113.34 46.58 25.69
N ASP IA 107 -112.85 45.93 26.75
CA ASP IA 107 -112.25 46.63 27.88
C ASP IA 107 -111.01 47.40 27.44
N ARG IA 108 -110.23 46.84 26.53
CA ARG IA 108 -109.03 47.53 26.03
C ARG IA 108 -109.40 48.71 25.14
N TYR IA 109 -110.53 48.63 24.42
CA TYR IA 109 -111.01 49.77 23.65
C TYR IA 109 -111.46 50.90 24.57
N LYS IA 110 -112.14 50.55 25.68
CA LYS IA 110 -112.52 51.57 26.66
C LYS IA 110 -111.30 52.19 27.32
N VAL IA 111 -110.28 51.36 27.60
CA VAL IA 111 -109.02 51.85 28.17
C VAL IA 111 -108.33 52.80 27.21
N MET IA 112 -108.31 52.47 25.92
CA MET IA 112 -107.63 53.32 24.94
C MET IA 112 -108.36 54.64 24.74
N LYS IA 113 -109.70 54.59 24.67
CA LYS IA 113 -110.48 55.83 24.54
C LYS IA 113 -110.45 56.66 25.81
N ALA IA 114 -110.11 56.06 26.96
CA ALA IA 114 -109.88 56.86 28.15
C ALA IA 114 -108.48 57.46 28.15
N LYS IA 115 -107.48 56.68 27.74
CA LYS IA 115 -106.08 57.12 27.75
C LYS IA 115 -105.84 58.27 26.79
N LYS IA 116 -106.57 58.29 25.67
CA LYS IA 116 -106.41 59.37 24.69
C LYS IA 116 -106.72 60.73 25.29
N MET IA 117 -107.92 60.88 25.86
CA MET IA 117 -108.31 62.12 26.52
C MET IA 117 -107.48 62.38 27.78
N ARG IA 118 -107.12 61.32 28.51
CA ARG IA 118 -106.37 61.47 29.75
C ARG IA 118 -104.93 61.92 29.48
N ASN IA 119 -104.43 61.69 28.26
CA ASN IA 119 -103.10 62.20 27.91
C ASN IA 119 -103.19 63.57 27.24
N ARG IA 120 -104.29 63.85 26.53
CA ARG IA 120 -104.46 65.20 25.97
C ARG IA 120 -104.61 66.24 27.07
N ILE IA 121 -105.34 65.91 28.15
CA ILE IA 121 -105.49 66.84 29.26
C ILE IA 121 -104.16 67.05 29.99
N ILE IA 122 -103.37 65.98 30.15
CA ILE IA 122 -102.03 66.09 30.74
C ILE IA 122 -101.12 66.95 29.87
N LYS IA 123 -101.19 66.79 28.55
CA LYS IA 123 -100.35 67.59 27.65
C LYS IA 123 -100.72 69.07 27.70
N ASN IA 124 -102.02 69.38 27.73
CA ASN IA 124 -102.47 70.76 27.83
C ASN IA 124 -102.07 71.39 29.16
N GLU IA 125 -102.20 70.65 30.26
CA GLU IA 125 -101.83 71.21 31.56
C GLU IA 125 -100.33 71.38 31.71
N VAL IA 126 -99.54 70.46 31.13
CA VAL IA 126 -98.09 70.61 31.16
C VAL IA 126 -97.65 71.78 30.30
N LYS IA 127 -98.35 72.03 29.19
CA LYS IA 127 -98.06 73.20 28.37
C LYS IA 127 -98.37 74.50 29.11
N LYS IA 128 -99.49 74.52 29.86
CA LYS IA 128 -99.82 75.70 30.66
C LYS IA 128 -98.83 75.92 31.80
N LEU IA 129 -98.37 74.85 32.45
CA LEU IA 129 -97.33 75.01 33.47
C LEU IA 129 -95.99 75.43 32.87
N GLN IA 130 -95.69 75.00 31.64
CA GLN IA 130 -94.46 75.46 30.97
C GLN IA 130 -94.52 76.95 30.69
N ARG IA 131 -95.63 77.43 30.12
CA ARG IA 131 -95.71 78.87 29.84
C ARG IA 131 -95.83 79.70 31.11
N ALA IA 132 -96.41 79.12 32.18
CA ALA IA 132 -96.47 79.85 33.46
C ALA IA 132 -95.10 79.92 34.11
N ALA IA 133 -94.30 78.86 34.02
CA ALA IA 133 -92.94 78.90 34.54
C ALA IA 133 -92.07 79.85 33.73
N LEU IA 134 -92.31 79.93 32.41
CA LEU IA 134 -91.57 80.90 31.60
C LEU IA 134 -91.97 82.33 31.92
N LEU IA 135 -93.25 82.56 32.23
CA LEU IA 135 -93.69 83.89 32.64
C LEU IA 135 -93.15 84.27 34.01
N LYS IA 136 -93.03 83.29 34.91
CA LYS IA 136 -92.44 83.57 36.22
C LYS IA 136 -90.95 83.81 36.13
N ALA IA 137 -90.26 83.10 35.22
CA ALA IA 137 -88.82 83.28 35.07
C ALA IA 137 -88.50 84.60 34.37
N SER IA 138 -89.31 84.97 33.38
CA SER IA 138 -89.10 86.22 32.66
C SER IA 138 -89.60 87.41 33.48
N SER JA 1 31.55 -74.39 -20.17
CA SER JA 1 32.34 -75.10 -19.17
C SER JA 1 33.00 -76.33 -19.77
N LEU JA 2 33.44 -76.22 -21.02
CA LEU JA 2 34.05 -77.34 -21.74
C LEU JA 2 35.36 -76.84 -22.35
N GLY JA 3 36.47 -77.43 -21.93
CA GLY JA 3 37.76 -77.07 -22.44
C GLY JA 3 38.20 -77.93 -23.61
N PRO JA 4 38.43 -77.31 -24.77
CA PRO JA 4 38.88 -78.07 -25.94
C PRO JA 4 40.36 -78.43 -25.91
N GLN JA 5 41.11 -77.92 -24.92
CA GLN JA 5 42.55 -78.11 -24.83
C GLN JA 5 42.93 -79.55 -24.50
N VAL JA 6 44.02 -80.04 -25.11
CA VAL JA 6 44.62 -81.28 -24.66
C VAL JA 6 45.29 -81.06 -23.30
N ALA JA 7 45.11 -82.02 -22.39
CA ALA JA 7 45.36 -81.83 -20.97
C ALA JA 7 46.82 -81.58 -20.61
N GLU JA 8 47.74 -82.35 -21.19
CA GLU JA 8 49.14 -82.28 -20.76
C GLU JA 8 49.97 -81.40 -21.68
N GLY JA 9 49.50 -81.12 -22.90
CA GLY JA 9 50.32 -80.44 -23.88
C GLY JA 9 50.51 -78.95 -23.58
N GLU JA 10 49.41 -78.23 -23.40
CA GLU JA 10 49.51 -76.78 -23.21
C GLU JA 10 48.42 -76.33 -22.25
N ASN JA 11 48.46 -75.03 -21.94
CA ASN JA 11 47.49 -74.39 -21.07
C ASN JA 11 46.69 -73.35 -21.86
N VAL JA 12 45.52 -73.03 -21.33
CA VAL JA 12 44.66 -71.99 -21.91
C VAL JA 12 44.97 -70.69 -21.18
N PHE JA 13 45.22 -69.64 -21.95
CA PHE JA 13 45.56 -68.34 -21.38
C PHE JA 13 44.32 -67.47 -21.22
N GLY JA 14 44.25 -66.76 -20.10
CA GLY JA 14 43.33 -65.67 -19.90
C GLY JA 14 44.10 -64.50 -19.33
N VAL JA 15 43.43 -63.41 -18.94
CA VAL JA 15 44.15 -62.33 -18.30
C VAL JA 15 43.30 -61.71 -17.19
N CYS JA 16 43.92 -61.53 -16.03
CA CYS JA 16 43.24 -60.83 -14.93
C CYS JA 16 43.66 -59.37 -14.92
N HIS JA 17 42.70 -58.51 -14.61
CA HIS JA 17 42.90 -57.06 -14.47
C HIS JA 17 42.71 -56.75 -12.99
N ILE JA 18 43.81 -56.77 -12.24
CA ILE JA 18 43.74 -56.63 -10.79
C ILE JA 18 43.66 -55.13 -10.52
N PHE JA 19 42.43 -54.64 -10.33
CA PHE JA 19 42.19 -53.25 -9.95
C PHE JA 19 42.34 -53.12 -8.45
N ALA JA 20 43.12 -52.13 -8.03
CA ALA JA 20 43.44 -51.92 -6.62
C ALA JA 20 43.23 -50.47 -6.23
N SER JA 21 42.01 -50.16 -5.76
CA SER JA 21 41.76 -48.87 -5.14
C SER JA 21 42.03 -48.94 -3.63
N PHE JA 22 41.90 -47.79 -2.98
CA PHE JA 22 42.05 -47.71 -1.53
C PHE JA 22 40.73 -47.93 -0.79
N ASN JA 23 39.68 -48.38 -1.47
CA ASN JA 23 38.41 -48.69 -0.82
C ASN JA 23 37.80 -49.99 -1.30
N ASP JA 24 38.26 -50.56 -2.42
CA ASP JA 24 37.77 -51.83 -2.93
C ASP JA 24 38.81 -52.38 -3.90
N THR JA 25 38.74 -53.69 -4.16
CA THR JA 25 39.69 -54.39 -5.01
C THR JA 25 38.92 -55.30 -5.98
N PHE JA 26 39.16 -55.12 -7.27
CA PHE JA 26 38.52 -55.94 -8.30
C PHE JA 26 39.50 -56.98 -8.83
N VAL JA 27 39.04 -58.24 -8.87
CA VAL JA 27 39.75 -59.31 -9.54
C VAL JA 27 38.88 -59.77 -10.70
N HIS JA 28 39.28 -59.45 -11.93
CA HIS JA 28 38.44 -59.62 -13.11
C HIS JA 28 39.22 -60.37 -14.18
N VAL JA 29 38.81 -61.61 -14.46
CA VAL JA 29 39.46 -62.41 -15.49
C VAL JA 29 38.65 -62.33 -16.79
N THR JA 30 39.31 -61.89 -17.85
CA THR JA 30 38.73 -61.85 -19.18
C THR JA 30 39.58 -62.70 -20.12
N ASP JA 31 39.15 -62.77 -21.38
CA ASP JA 31 39.88 -63.48 -22.42
C ASP JA 31 41.00 -62.60 -22.96
N LEU JA 32 41.60 -63.05 -24.06
CA LEU JA 32 42.71 -62.34 -24.70
C LEU JA 32 42.25 -61.01 -25.28
N SER JA 33 40.99 -60.94 -25.71
CA SER JA 33 40.45 -59.69 -26.22
C SER JA 33 40.16 -58.72 -25.09
N GLY JA 34 39.58 -59.22 -24.00
CA GLY JA 34 39.04 -58.38 -22.95
C GLY JA 34 37.57 -58.06 -23.14
N LYS JA 35 37.05 -58.26 -24.35
CA LYS JA 35 35.62 -58.10 -24.62
C LYS JA 35 34.80 -59.17 -23.93
N GLU JA 36 35.29 -60.40 -23.88
CA GLU JA 36 34.60 -61.51 -23.23
C GLU JA 36 35.24 -61.79 -21.88
N THR JA 37 34.41 -61.89 -20.84
CA THR JA 37 34.88 -62.07 -19.48
C THR JA 37 34.56 -63.47 -18.99
N ILE JA 38 35.18 -63.85 -17.88
CA ILE JA 38 34.99 -65.17 -17.28
C ILE JA 38 34.42 -65.07 -15.88
N CYS JA 39 35.07 -64.31 -14.99
CA CYS JA 39 34.63 -64.23 -13.60
C CYS JA 39 35.01 -62.88 -13.04
N ARG JA 40 34.05 -62.21 -12.40
CA ARG JA 40 34.29 -60.97 -11.69
C ARG JA 40 33.62 -61.01 -10.32
N VAL JA 41 34.43 -60.96 -9.26
CA VAL JA 41 33.91 -60.90 -7.90
C VAL JA 41 34.80 -59.93 -7.14
N THR JA 42 34.20 -59.22 -6.18
CA THR JA 42 34.86 -58.12 -5.49
C THR JA 42 35.10 -58.48 -4.03
N GLY JA 43 35.72 -57.55 -3.32
CA GLY JA 43 35.89 -57.72 -1.89
C GLY JA 43 34.60 -57.52 -1.11
N GLY JA 44 33.73 -56.64 -1.60
CA GLY JA 44 32.46 -56.41 -0.93
C GLY JA 44 31.47 -57.55 -1.13
N MET JA 45 31.64 -58.33 -2.20
CA MET JA 45 30.80 -59.50 -2.39
C MET JA 45 31.16 -60.61 -1.40
N LYS JA 46 32.41 -60.62 -0.92
CA LYS JA 46 32.86 -61.61 0.04
C LYS JA 46 32.70 -61.14 1.48
N VAL JA 47 32.92 -59.86 1.77
CA VAL JA 47 32.83 -59.31 3.12
C VAL JA 47 31.77 -58.23 3.12
N LYS JA 48 30.77 -58.38 3.99
CA LYS JA 48 29.64 -57.45 4.06
C LYS JA 48 29.94 -56.39 5.12
N ALA JA 49 31.01 -55.64 4.89
CA ALA JA 49 31.34 -54.47 5.72
C ALA JA 49 32.14 -53.53 4.83
N ASP JA 50 31.77 -52.25 4.84
CA ASP JA 50 32.29 -51.32 3.84
C ASP JA 50 33.72 -50.89 4.13
N ARG JA 51 34.13 -50.95 5.41
CA ARG JA 51 35.43 -50.40 5.78
C ARG JA 51 36.57 -51.33 5.44
N ASP JA 52 36.30 -52.62 5.26
CA ASP JA 52 37.35 -53.57 4.91
C ASP JA 52 37.05 -54.27 3.58
N GLU JA 53 36.52 -53.51 2.61
CA GLU JA 53 36.34 -54.04 1.27
C GLU JA 53 37.66 -54.13 0.54
N SER JA 54 38.58 -53.20 0.81
CA SER JA 54 39.92 -53.24 0.24
C SER JA 54 40.90 -54.04 1.10
N SER JA 55 40.39 -54.83 2.04
CA SER JA 55 41.24 -55.60 2.94
C SER JA 55 41.90 -56.76 2.20
N PRO JA 56 43.10 -57.18 2.61
CA PRO JA 56 43.74 -58.34 1.97
C PRO JA 56 42.97 -59.64 2.16
N TYR JA 57 42.21 -59.77 3.25
CA TYR JA 57 41.38 -60.96 3.46
C TYR JA 57 40.25 -61.03 2.44
N ALA JA 58 39.60 -59.89 2.18
CA ALA JA 58 38.52 -59.86 1.19
C ALA JA 58 39.06 -60.03 -0.22
N ALA JA 59 40.23 -59.45 -0.51
CA ALA JA 59 40.86 -59.64 -1.81
C ALA JA 59 41.30 -61.09 -2.01
N MET JA 60 41.73 -61.74 -0.92
CA MET JA 60 42.13 -63.14 -0.96
C MET JA 60 40.94 -64.05 -1.22
N LEU JA 61 39.81 -63.76 -0.57
CA LEU JA 61 38.60 -64.55 -0.82
C LEU JA 61 38.07 -64.34 -2.24
N ALA JA 62 38.17 -63.10 -2.74
CA ALA JA 62 37.76 -62.84 -4.12
C ALA JA 62 38.67 -63.55 -5.11
N ALA JA 63 39.98 -63.61 -4.81
CA ALA JA 63 40.91 -64.31 -5.69
C ALA JA 63 40.66 -65.82 -5.67
N GLN JA 64 40.35 -66.38 -4.50
CA GLN JA 64 40.05 -67.81 -4.41
C GLN JA 64 38.75 -68.14 -5.13
N ASP JA 65 37.76 -67.24 -5.06
CA ASP JA 65 36.51 -67.46 -5.78
C ASP JA 65 36.70 -67.36 -7.29
N VAL JA 66 37.54 -66.41 -7.73
CA VAL JA 66 37.88 -66.29 -9.15
C VAL JA 66 38.60 -67.55 -9.63
N ALA JA 67 39.55 -68.05 -8.82
CA ALA JA 67 40.33 -69.22 -9.21
C ALA JA 67 39.46 -70.48 -9.26
N GLN JA 68 38.51 -70.61 -8.34
CA GLN JA 68 37.59 -71.75 -8.37
C GLN JA 68 36.65 -71.68 -9.56
N ARG JA 69 36.07 -70.49 -9.80
CA ARG JA 69 35.15 -70.31 -10.94
C ARG JA 69 35.87 -70.45 -12.27
N CYS JA 70 37.18 -70.20 -12.30
CA CYS JA 70 37.95 -70.35 -13.54
C CYS JA 70 38.42 -71.79 -13.74
N LYS JA 71 38.68 -72.51 -12.64
CA LYS JA 71 38.97 -73.94 -12.77
C LYS JA 71 37.71 -74.75 -13.09
N GLU JA 72 36.52 -74.17 -12.84
CA GLU JA 72 35.30 -74.82 -13.29
C GLU JA 72 35.24 -74.91 -14.81
N LEU JA 73 35.82 -73.93 -15.51
CA LEU JA 73 35.88 -73.96 -16.97
C LEU JA 73 37.16 -74.58 -17.51
N GLY JA 74 38.30 -74.38 -16.86
CA GLY JA 74 39.52 -75.04 -17.26
C GLY JA 74 40.62 -74.16 -17.83
N ILE JA 75 40.46 -72.83 -17.77
CA ILE JA 75 41.51 -71.92 -18.19
C ILE JA 75 42.61 -71.99 -17.13
N THR JA 76 43.84 -72.28 -17.55
CA THR JA 76 44.88 -72.65 -16.58
C THR JA 76 45.83 -71.48 -16.30
N ALA JA 77 46.32 -70.82 -17.35
CA ALA JA 77 47.28 -69.75 -17.18
C ALA JA 77 46.59 -68.39 -17.28
N LEU JA 78 47.12 -67.44 -16.53
CA LEU JA 78 46.61 -66.07 -16.51
C LEU JA 78 47.76 -65.09 -16.61
N HIS JA 79 47.67 -64.18 -17.57
CA HIS JA 79 48.49 -62.98 -17.55
C HIS JA 79 47.93 -62.02 -16.51
N ILE JA 80 48.78 -61.14 -16.01
CA ILE JA 80 48.42 -60.24 -14.92
C ILE JA 80 48.60 -58.80 -15.39
N LYS JA 81 47.52 -58.01 -15.27
CA LYS JA 81 47.52 -56.59 -15.61
C LYS JA 81 47.10 -55.84 -14.35
N LEU JA 82 48.09 -55.32 -13.63
CA LEU JA 82 47.82 -54.53 -12.45
C LEU JA 82 47.34 -53.13 -12.83
N ARG JA 83 46.29 -52.67 -12.15
CA ARG JA 83 45.70 -51.39 -12.47
C ARG JA 83 45.37 -50.67 -11.16
N ALA JA 84 45.58 -49.36 -11.15
CA ALA JA 84 45.54 -48.57 -9.94
C ALA JA 84 44.36 -47.60 -9.98
N THR JA 85 44.33 -46.68 -9.01
CA THR JA 85 43.31 -45.64 -8.97
C THR JA 85 43.44 -44.72 -10.18
N GLY JA 86 44.66 -44.30 -10.49
CA GLY JA 86 44.99 -43.70 -11.77
C GLY JA 86 44.42 -42.30 -11.98
N GLY JA 87 44.71 -41.77 -13.18
CA GLY JA 87 44.23 -40.46 -13.57
C GLY JA 87 44.91 -39.36 -12.79
N ASN JA 88 44.15 -38.31 -12.48
CA ASN JA 88 44.68 -37.23 -11.65
C ASN JA 88 44.89 -37.65 -10.20
N ARG JA 89 44.25 -38.74 -9.77
CA ARG JA 89 44.39 -39.25 -8.41
C ARG JA 89 45.67 -40.06 -8.23
N THR JA 90 45.76 -40.81 -7.13
CA THR JA 90 46.99 -41.53 -6.79
C THR JA 90 47.24 -42.67 -7.76
N LYS JA 91 48.51 -43.09 -7.86
CA LYS JA 91 48.93 -44.10 -8.81
C LYS JA 91 49.51 -45.34 -8.13
N THR JA 92 49.59 -45.34 -6.80
CA THR JA 92 50.09 -46.49 -6.04
C THR JA 92 48.94 -47.47 -5.79
N PRO JA 93 49.11 -48.76 -6.11
CA PRO JA 93 48.03 -49.73 -5.89
C PRO JA 93 47.80 -49.97 -4.40
N GLY JA 94 46.60 -50.45 -4.09
CA GLY JA 94 46.20 -50.70 -2.73
C GLY JA 94 46.83 -51.95 -2.14
N PRO JA 95 46.50 -52.25 -0.88
CA PRO JA 95 47.10 -53.42 -0.23
C PRO JA 95 46.54 -54.75 -0.72
N GLY JA 96 45.37 -54.74 -1.37
CA GLY JA 96 44.73 -55.98 -1.75
C GLY JA 96 45.30 -56.62 -3.01
N ALA JA 97 46.09 -55.88 -3.78
CA ALA JA 97 46.55 -56.36 -5.08
C ALA JA 97 47.54 -57.51 -4.93
N GLN JA 98 48.58 -57.30 -4.12
CA GLN JA 98 49.58 -58.33 -3.89
C GLN JA 98 48.99 -59.54 -3.16
N SER JA 99 48.01 -59.30 -2.28
CA SER JA 99 47.38 -60.39 -1.56
C SER JA 99 46.53 -61.25 -2.49
N ALA JA 100 45.76 -60.62 -3.38
CA ALA JA 100 44.95 -61.38 -4.33
C ALA JA 100 45.82 -62.09 -5.37
N LEU JA 101 46.93 -61.47 -5.76
CA LEU JA 101 47.83 -62.08 -6.73
C LEU JA 101 48.52 -63.30 -6.12
N ARG JA 102 48.98 -63.17 -4.87
CA ARG JA 102 49.58 -64.30 -4.16
C ARG JA 102 48.54 -65.38 -3.86
N ALA JA 103 47.28 -64.97 -3.65
CA ALA JA 103 46.23 -65.94 -3.36
C ALA JA 103 45.90 -66.77 -4.59
N LEU JA 104 45.81 -66.14 -5.77
CA LEU JA 104 45.58 -66.94 -6.97
C LEU JA 104 46.82 -67.75 -7.35
N ALA JA 105 48.01 -67.26 -7.00
CA ALA JA 105 49.22 -68.04 -7.23
C ALA JA 105 49.26 -69.28 -6.34
N ARG JA 106 48.76 -69.18 -5.10
CA ARG JA 106 48.67 -70.35 -4.24
C ARG JA 106 47.54 -71.27 -4.67
N SER JA 107 46.43 -70.71 -5.14
CA SER JA 107 45.31 -71.53 -5.56
C SER JA 107 45.59 -72.27 -6.86
N GLY JA 108 46.54 -71.80 -7.66
CA GLY JA 108 47.07 -72.58 -8.74
C GLY JA 108 46.83 -72.05 -10.14
N MET JA 109 46.75 -70.74 -10.31
CA MET JA 109 46.63 -70.17 -11.65
C MET JA 109 48.03 -69.87 -12.16
N LYS JA 110 48.35 -70.38 -13.36
CA LYS JA 110 49.73 -70.32 -13.85
C LYS JA 110 50.09 -68.89 -14.27
N ILE JA 111 51.09 -68.32 -13.60
CA ILE JA 111 51.42 -66.91 -13.74
C ILE JA 111 52.11 -66.69 -15.08
N GLY JA 112 51.58 -65.77 -15.88
CA GLY JA 112 52.21 -65.39 -17.13
C GLY JA 112 53.08 -64.15 -16.97
N ARG JA 113 52.98 -63.22 -17.92
CA ARG JA 113 53.75 -61.99 -17.83
C ARG JA 113 52.94 -60.92 -17.10
N ILE JA 114 53.57 -60.26 -16.15
CA ILE JA 114 52.92 -59.26 -15.32
C ILE JA 114 53.26 -57.88 -15.88
N GLU JA 115 52.27 -56.99 -15.92
CA GLU JA 115 52.50 -55.63 -16.40
C GLU JA 115 51.52 -54.70 -15.69
N ASP JA 116 51.74 -53.41 -15.88
CA ASP JA 116 50.89 -52.38 -15.30
C ASP JA 116 50.06 -51.71 -16.39
N VAL JA 117 48.74 -51.76 -16.22
CA VAL JA 117 47.82 -51.07 -17.14
C VAL JA 117 47.21 -49.89 -16.41
N THR JA 118 47.95 -49.37 -15.43
CA THR JA 118 47.51 -48.23 -14.64
C THR JA 118 47.39 -47.00 -15.54
N PRO JA 119 46.21 -46.37 -15.63
CA PRO JA 119 46.05 -45.25 -16.57
C PRO JA 119 46.75 -43.99 -16.12
N ILE JA 120 48.07 -43.97 -16.23
CA ILE JA 120 48.84 -42.77 -15.90
C ILE JA 120 48.59 -41.72 -16.98
N PRO JA 121 48.02 -40.57 -16.63
CA PRO JA 121 47.79 -39.53 -17.63
C PRO JA 121 49.10 -38.87 -18.04
N SER JA 122 49.15 -38.44 -19.29
CA SER JA 122 50.23 -37.57 -19.71
C SER JA 122 50.06 -36.26 -18.97
N ASP JA 123 48.94 -35.58 -19.20
CA ASP JA 123 48.59 -34.36 -18.50
C ASP JA 123 47.08 -34.34 -18.30
N SER JA 124 46.66 -34.54 -17.06
CA SER JA 124 45.25 -34.68 -16.73
C SER JA 124 44.62 -33.33 -16.45
N THR JA 125 43.35 -33.38 -16.06
CA THR JA 125 42.63 -32.19 -15.64
C THR JA 125 42.95 -31.86 -14.18
N ARG JA 126 42.16 -30.96 -13.61
CA ARG JA 126 42.41 -30.50 -12.24
C ARG JA 126 42.03 -31.59 -11.24
N ARG JA 127 42.91 -31.79 -10.26
CA ARG JA 127 42.70 -32.81 -9.23
C ARG JA 127 41.50 -32.47 -8.36
N LYS JA 128 40.76 -33.50 -7.93
CA LYS JA 128 39.63 -33.32 -7.03
C LYS JA 128 40.15 -32.88 -5.66
N GLY JA 129 40.03 -31.60 -5.37
CA GLY JA 129 40.53 -31.06 -4.12
C GLY JA 129 40.70 -29.57 -4.23
N GLY JA 130 40.83 -28.92 -3.08
CA GLY JA 130 40.99 -27.49 -3.06
C GLY JA 130 42.41 -27.07 -3.41
N ARG JA 131 42.62 -25.75 -3.36
CA ARG JA 131 43.95 -25.20 -3.59
C ARG JA 131 44.87 -25.49 -2.40
N ARG JA 132 44.29 -25.68 -1.22
CA ARG JA 132 45.02 -26.07 -0.02
C ARG JA 132 44.94 -27.56 0.24
N GLY JA 133 43.98 -28.27 -0.37
CA GLY JA 133 44.01 -29.71 -0.36
C GLY JA 133 43.04 -30.33 0.63
N ARG JA 134 43.06 -31.67 0.66
CA ARG JA 134 42.24 -32.46 1.58
C ARG JA 134 42.90 -32.49 2.96
N ARG JA 135 42.65 -31.48 3.77
CA ARG JA 135 43.23 -31.38 5.11
C ARG JA 135 42.27 -32.00 6.11
N LEU JA 136 42.83 -32.59 7.17
CA LEU JA 136 42.03 -33.27 8.18
C LEU JA 136 42.80 -33.36 9.50
N GLY KA 1 -23.66 -67.57 -75.53
CA GLY KA 1 -22.62 -66.81 -76.20
C GLY KA 1 -21.50 -66.40 -75.28
N ALA KA 2 -20.84 -65.28 -75.61
CA ALA KA 2 -19.67 -64.84 -74.86
C ALA KA 2 -20.05 -63.99 -73.66
N TYR KA 3 -21.26 -63.43 -73.65
CA TYR KA 3 -21.62 -62.42 -72.65
C TYR KA 3 -21.77 -63.03 -71.27
N LYS KA 4 -22.18 -64.28 -71.17
CA LYS KA 4 -22.29 -64.89 -69.85
C LYS KA 4 -20.92 -65.20 -69.26
N TYR KA 5 -19.96 -65.63 -70.10
CA TYR KA 5 -18.58 -65.81 -69.65
C TYR KA 5 -17.97 -64.49 -69.20
N ILE KA 6 -18.19 -63.42 -69.98
CA ILE KA 6 -17.72 -62.08 -69.61
C ILE KA 6 -18.40 -61.60 -68.33
N GLN KA 7 -19.67 -61.98 -68.14
CA GLN KA 7 -20.43 -61.56 -66.98
C GLN KA 7 -19.90 -62.16 -65.68
N GLU KA 8 -19.74 -63.49 -65.63
CA GLU KA 8 -19.18 -64.05 -64.41
C GLU KA 8 -17.68 -63.79 -64.28
N LEU KA 9 -16.99 -63.46 -65.39
CA LEU KA 9 -15.60 -63.04 -65.28
C LEU KA 9 -15.49 -61.66 -64.62
N TRP KA 10 -16.43 -60.76 -64.91
CA TRP KA 10 -16.48 -59.51 -64.16
C TRP KA 10 -17.02 -59.71 -62.74
N ARG KA 11 -17.79 -60.77 -62.51
CA ARG KA 11 -18.26 -61.06 -61.16
C ARG KA 11 -17.13 -61.49 -60.24
N LYS KA 12 -16.34 -62.48 -60.66
CA LYS KA 12 -15.31 -63.07 -59.80
C LYS KA 12 -14.14 -62.10 -59.68
N LYS KA 13 -14.30 -61.12 -58.78
CA LYS KA 13 -13.35 -60.02 -58.69
C LYS KA 13 -12.15 -60.34 -57.80
N GLN KA 14 -12.30 -61.27 -56.84
CA GLN KA 14 -11.21 -61.52 -55.90
C GLN KA 14 -10.12 -62.41 -56.49
N SER KA 15 -10.26 -62.87 -57.73
CA SER KA 15 -9.22 -63.68 -58.35
C SER KA 15 -8.02 -62.81 -58.75
N ASP KA 16 -6.92 -63.49 -59.09
CA ASP KA 16 -5.66 -62.81 -59.39
C ASP KA 16 -5.72 -61.98 -60.66
N VAL KA 17 -6.31 -62.53 -61.73
CA VAL KA 17 -6.46 -61.83 -62.99
C VAL KA 17 -7.29 -60.56 -62.81
N MET KA 18 -8.39 -60.68 -62.09
CA MET KA 18 -9.31 -59.55 -61.96
C MET KA 18 -8.77 -58.50 -60.98
N ARG KA 19 -8.06 -58.92 -59.93
CA ARG KA 19 -7.41 -57.94 -59.06
C ARG KA 19 -6.30 -57.20 -59.80
N PHE KA 20 -5.58 -57.91 -60.67
CA PHE KA 20 -4.56 -57.27 -61.51
C PHE KA 20 -5.18 -56.26 -62.47
N LEU KA 21 -6.31 -56.63 -63.08
CA LEU KA 21 -6.97 -55.74 -64.04
C LEU KA 21 -7.56 -54.52 -63.33
N LEU KA 22 -8.16 -54.71 -62.15
CA LEU KA 22 -8.69 -53.58 -61.40
C LEU KA 22 -7.56 -52.65 -60.93
N ARG KA 23 -6.40 -53.21 -60.57
CA ARG KA 23 -5.28 -52.38 -60.14
C ARG KA 23 -4.72 -51.56 -61.30
N VAL KA 24 -4.53 -52.19 -62.46
CA VAL KA 24 -3.98 -51.48 -63.62
C VAL KA 24 -4.98 -50.45 -64.15
N ARG KA 25 -6.28 -50.79 -64.16
CA ARG KA 25 -7.30 -49.86 -64.62
C ARG KA 25 -7.46 -48.68 -63.66
N CYS KA 26 -7.40 -48.93 -62.35
CA CYS KA 26 -7.55 -47.85 -61.39
C CYS KA 26 -6.34 -46.92 -61.41
N TRP KA 27 -5.15 -47.48 -61.63
CA TRP KA 27 -3.94 -46.67 -61.83
C TRP KA 27 -4.07 -45.79 -63.06
N GLN KA 28 -4.46 -46.39 -64.20
CA GLN KA 28 -4.57 -45.64 -65.46
C GLN KA 28 -5.64 -44.55 -65.38
N TYR KA 29 -6.76 -44.85 -64.73
CA TYR KA 29 -7.83 -43.88 -64.62
C TYR KA 29 -7.50 -42.79 -63.59
N ARG KA 30 -6.62 -43.11 -62.63
CA ARG KA 30 -6.16 -42.08 -61.70
C ARG KA 30 -5.18 -41.13 -62.38
N GLN KA 31 -4.35 -41.65 -63.29
CA GLN KA 31 -3.52 -40.75 -64.10
C GLN KA 31 -4.36 -39.94 -65.09
N LEU KA 32 -5.49 -40.47 -65.55
CA LEU KA 32 -6.36 -39.70 -66.43
C LEU KA 32 -7.07 -38.58 -65.66
N SER KA 33 -7.77 -37.74 -66.41
CA SER KA 33 -8.41 -36.56 -65.85
C SER KA 33 -9.64 -36.94 -65.02
N ALA KA 34 -10.23 -35.94 -64.36
CA ALA KA 34 -11.34 -36.20 -63.45
C ALA KA 34 -12.63 -36.47 -64.21
N LEU KA 35 -12.71 -36.00 -65.45
CA LEU KA 35 -13.91 -36.11 -66.27
C LEU KA 35 -13.47 -36.16 -67.73
N HIS KA 36 -13.65 -37.32 -68.38
CA HIS KA 36 -13.27 -37.42 -69.78
C HIS KA 36 -14.19 -38.40 -70.49
N ARG KA 37 -13.94 -38.57 -71.78
CA ARG KA 37 -14.76 -39.45 -72.60
C ARG KA 37 -14.09 -40.80 -72.82
N ALA KA 38 -14.80 -41.85 -72.46
CA ALA KA 38 -14.39 -43.17 -72.91
C ALA KA 38 -15.16 -43.52 -74.18
N PRO KA 39 -14.49 -43.62 -75.33
CA PRO KA 39 -15.22 -43.87 -76.58
C PRO KA 39 -15.78 -45.28 -76.69
N ARG KA 40 -15.32 -46.19 -75.86
CA ARG KA 40 -15.85 -47.55 -75.78
C ARG KA 40 -15.95 -47.94 -74.32
N PRO KA 41 -16.93 -48.78 -73.96
CA PRO KA 41 -17.11 -49.12 -72.54
C PRO KA 41 -16.01 -50.04 -72.03
N THR KA 42 -15.69 -49.87 -70.75
CA THR KA 42 -14.80 -50.81 -70.08
C THR KA 42 -15.53 -52.10 -69.75
N ARG KA 43 -16.81 -52.01 -69.40
CA ARG KA 43 -17.67 -53.17 -69.20
C ARG KA 43 -18.73 -53.18 -70.29
N PRO KA 44 -18.48 -53.81 -71.45
CA PRO KA 44 -19.49 -53.84 -72.52
C PRO KA 44 -20.73 -54.62 -72.14
N ASP KA 45 -20.54 -55.70 -71.36
CA ASP KA 45 -21.67 -56.51 -70.92
C ASP KA 45 -22.55 -55.74 -69.95
N LYS KA 46 -21.95 -55.05 -68.98
CA LYS KA 46 -22.73 -54.27 -68.03
C LYS KA 46 -23.38 -53.06 -68.71
N ALA KA 47 -22.72 -52.51 -69.73
CA ALA KA 47 -23.31 -51.44 -70.52
C ALA KA 47 -24.53 -51.93 -71.30
N ARG KA 48 -24.46 -53.14 -71.85
CA ARG KA 48 -25.61 -53.70 -72.55
C ARG KA 48 -26.73 -54.08 -71.60
N ARG KA 49 -26.40 -54.45 -70.36
CA ARG KA 49 -27.44 -54.62 -69.35
C ARG KA 49 -28.12 -53.30 -69.00
N LEU KA 50 -27.34 -52.22 -68.88
CA LEU KA 50 -27.95 -50.95 -68.50
C LEU KA 50 -28.68 -50.27 -69.65
N GLY KA 51 -28.35 -50.61 -70.89
CA GLY KA 51 -29.12 -50.09 -72.01
C GLY KA 51 -28.29 -49.44 -73.10
N TYR KA 52 -26.97 -49.49 -72.96
CA TYR KA 52 -26.08 -48.97 -73.99
C TYR KA 52 -26.12 -49.86 -75.23
N LYS KA 53 -26.17 -49.24 -76.40
CA LYS KA 53 -26.12 -49.95 -77.67
C LYS KA 53 -25.00 -49.34 -78.49
N ALA KA 54 -24.63 -50.00 -79.59
CA ALA KA 54 -23.54 -49.52 -80.44
C ALA KA 54 -24.12 -48.79 -81.65
N LYS KA 55 -24.46 -47.52 -81.45
CA LYS KA 55 -24.92 -46.66 -82.52
C LYS KA 55 -24.48 -45.23 -82.24
N GLN KA 56 -24.78 -44.35 -83.19
CA GLN KA 56 -24.36 -42.97 -83.07
C GLN KA 56 -25.24 -42.21 -82.10
N GLY KA 57 -24.60 -41.44 -81.22
CA GLY KA 57 -25.31 -40.66 -80.23
C GLY KA 57 -25.33 -41.25 -78.83
N TYR KA 58 -24.70 -42.40 -78.63
CA TYR KA 58 -24.55 -43.00 -77.31
C TYR KA 58 -23.11 -42.84 -76.85
N VAL KA 59 -22.89 -41.94 -75.89
CA VAL KA 59 -21.57 -41.54 -75.45
C VAL KA 59 -21.40 -42.05 -74.02
N ILE KA 60 -20.16 -42.37 -73.64
CA ILE KA 60 -19.87 -42.82 -72.29
C ILE KA 60 -18.78 -41.93 -71.72
N TYR KA 61 -19.04 -41.32 -70.56
CA TYR KA 61 -18.05 -40.48 -69.88
C TYR KA 61 -17.50 -41.20 -68.66
N ARG KA 62 -16.18 -41.29 -68.59
CA ARG KA 62 -15.49 -41.83 -67.43
C ARG KA 62 -15.16 -40.65 -66.51
N ILE KA 63 -15.80 -40.61 -65.34
CA ILE KA 63 -15.52 -39.56 -64.37
C ILE KA 63 -15.10 -40.21 -63.07
N ARG KA 64 -14.49 -39.42 -62.18
CA ARG KA 64 -14.07 -39.90 -60.86
C ARG KA 64 -14.83 -39.13 -59.78
N VAL KA 65 -15.05 -39.80 -58.66
CA VAL KA 65 -15.66 -39.21 -57.47
C VAL KA 65 -14.68 -39.35 -56.32
N ARG KA 66 -14.43 -38.24 -55.61
CA ARG KA 66 -13.58 -38.30 -54.43
C ARG KA 66 -14.27 -39.09 -53.32
N ARG KA 67 -13.57 -40.09 -52.81
CA ARG KA 67 -14.16 -41.09 -51.94
C ARG KA 67 -14.17 -40.61 -50.48
N GLY KA 68 -15.26 -40.88 -49.79
CA GLY KA 68 -15.37 -40.55 -48.38
C GLY KA 68 -16.71 -39.93 -48.02
N GLY KA 69 -16.88 -39.74 -46.72
CA GLY KA 69 -18.10 -39.13 -46.21
C GLY KA 69 -18.11 -37.62 -46.36
N ARG KA 70 -19.26 -37.04 -46.02
CA ARG KA 70 -19.47 -35.60 -46.12
C ARG KA 70 -19.44 -35.00 -44.72
N LYS KA 71 -18.56 -34.02 -44.51
CA LYS KA 71 -18.58 -33.25 -43.28
C LYS KA 71 -19.37 -31.96 -43.47
N ARG KA 72 -19.80 -31.38 -42.35
CA ARG KA 72 -20.72 -30.25 -42.38
C ARG KA 72 -20.01 -28.98 -42.82
N PRO KA 73 -20.52 -28.24 -43.82
CA PRO KA 73 -19.86 -27.01 -44.26
C PRO KA 73 -20.04 -25.84 -43.31
N VAL KA 74 -19.27 -25.85 -42.23
CA VAL KA 74 -19.31 -24.84 -41.17
C VAL KA 74 -17.87 -24.43 -40.86
N PRO KA 75 -17.61 -23.39 -40.07
CA PRO KA 75 -16.26 -23.21 -39.49
C PRO KA 75 -15.97 -24.25 -38.41
N LYS KA 76 -14.86 -24.04 -37.69
CA LYS KA 76 -14.00 -25.04 -36.99
C LYS KA 76 -14.86 -26.06 -36.23
N GLY KA 77 -15.54 -25.67 -35.16
CA GLY KA 77 -16.63 -26.44 -34.61
C GLY KA 77 -17.89 -25.62 -34.80
N ALA KA 78 -18.33 -24.99 -33.70
CA ALA KA 78 -19.15 -23.77 -33.72
C ALA KA 78 -20.50 -23.96 -34.38
N THR KA 79 -21.00 -25.20 -34.37
CA THR KA 79 -22.35 -25.45 -34.87
C THR KA 79 -23.33 -25.02 -33.78
N TYR KA 80 -23.90 -23.84 -33.95
CA TYR KA 80 -24.69 -23.19 -32.91
C TYR KA 80 -26.01 -23.93 -32.74
N GLY KA 81 -26.14 -24.67 -31.65
CA GLY KA 81 -27.40 -25.36 -31.38
C GLY KA 81 -27.31 -26.30 -30.22
N LYS KA 82 -28.28 -27.20 -30.15
CA LYS KA 82 -28.37 -28.22 -29.13
C LYS KA 82 -27.28 -29.27 -29.37
N PRO KA 83 -26.90 -30.04 -28.32
CA PRO KA 83 -25.83 -31.05 -28.49
C PRO KA 83 -26.15 -32.23 -29.42
N VAL KA 84 -27.36 -32.28 -29.97
CA VAL KA 84 -27.65 -33.26 -31.03
C VAL KA 84 -26.83 -32.96 -32.28
N HIS KA 85 -26.79 -31.69 -32.69
CA HIS KA 85 -26.33 -31.33 -34.02
C HIS KA 85 -24.89 -30.85 -34.04
N HIS KA 86 -24.08 -31.17 -33.03
CA HIS KA 86 -22.67 -30.80 -33.07
C HIS KA 86 -21.82 -31.80 -33.85
N GLY KA 87 -22.44 -32.86 -34.36
CA GLY KA 87 -21.68 -33.83 -35.13
C GLY KA 87 -21.33 -33.30 -36.51
N VAL KA 88 -20.03 -33.34 -36.83
CA VAL KA 88 -19.55 -32.82 -38.11
C VAL KA 88 -18.77 -33.89 -38.89
N ASN KA 89 -17.91 -34.65 -38.22
CA ASN KA 89 -17.04 -35.60 -38.93
C ASN KA 89 -17.81 -36.82 -39.40
N GLN KA 90 -18.61 -37.43 -38.53
CA GLN KA 90 -19.25 -38.70 -38.82
C GLN KA 90 -20.61 -38.55 -39.49
N LEU KA 91 -20.86 -37.44 -40.15
CA LEU KA 91 -22.06 -37.30 -40.96
C LEU KA 91 -21.87 -38.05 -42.28
N LYS KA 92 -22.97 -38.60 -42.79
CA LYS KA 92 -22.96 -39.33 -44.05
C LYS KA 92 -23.97 -38.71 -45.01
N PHE KA 93 -23.56 -38.57 -46.26
CA PHE KA 93 -24.40 -37.96 -47.28
C PHE KA 93 -25.49 -38.93 -47.71
N ALA KA 94 -26.67 -38.38 -48.01
CA ALA KA 94 -27.87 -39.21 -48.14
C ALA KA 94 -27.88 -39.98 -49.45
N ARG KA 95 -27.36 -39.38 -50.53
CA ARG KA 95 -27.31 -40.07 -51.81
C ARG KA 95 -25.99 -40.81 -51.96
N SER KA 96 -25.96 -41.71 -52.95
CA SER KA 96 -24.78 -42.52 -53.19
C SER KA 96 -23.81 -41.81 -54.12
N LEU KA 97 -22.55 -42.26 -54.09
CA LEU KA 97 -21.51 -41.65 -54.90
C LEU KA 97 -21.70 -41.95 -56.38
N GLN KA 98 -22.39 -43.04 -56.70
CA GLN KA 98 -22.76 -43.31 -58.10
C GLN KA 98 -23.75 -42.27 -58.59
N SER KA 99 -24.70 -41.87 -57.75
CA SER KA 99 -25.62 -40.80 -58.11
C SER KA 99 -24.94 -39.44 -58.12
N VAL KA 100 -23.91 -39.26 -57.28
CA VAL KA 100 -23.07 -38.07 -57.35
C VAL KA 100 -22.35 -38.01 -58.70
N ALA KA 101 -21.87 -39.16 -59.18
CA ALA KA 101 -21.23 -39.25 -60.48
C ALA KA 101 -22.21 -38.92 -61.60
N GLU KA 102 -23.44 -39.44 -61.50
CA GLU KA 102 -24.47 -39.16 -62.49
C GLU KA 102 -24.83 -37.68 -62.54
N GLU KA 103 -24.98 -37.05 -61.37
CA GLU KA 103 -25.38 -35.64 -61.37
C GLU KA 103 -24.23 -34.74 -61.78
N ARG KA 104 -22.98 -35.16 -61.53
CA ARG KA 104 -21.84 -34.40 -62.03
C ARG KA 104 -21.71 -34.48 -63.54
N ALA KA 105 -21.94 -35.68 -64.11
CA ALA KA 105 -21.92 -35.81 -65.57
C ALA KA 105 -23.08 -35.05 -66.21
N GLY KA 106 -24.26 -35.08 -65.58
CA GLY KA 106 -25.39 -34.35 -66.12
C GLY KA 106 -25.26 -32.85 -65.95
N ARG KA 107 -24.49 -32.40 -64.95
CA ARG KA 107 -24.26 -30.97 -64.81
C ARG KA 107 -23.17 -30.50 -65.78
N HIS KA 108 -22.23 -31.38 -66.10
CA HIS KA 108 -21.23 -31.02 -67.11
C HIS KA 108 -21.84 -30.99 -68.50
N CYS KA 109 -22.77 -31.90 -68.79
CA CYS KA 109 -23.45 -31.92 -70.09
C CYS KA 109 -24.95 -31.83 -69.90
N GLY KA 110 -25.48 -30.64 -70.17
CA GLY KA 110 -26.92 -30.46 -70.10
C GLY KA 110 -27.64 -30.95 -71.35
N ALA KA 111 -26.94 -30.97 -72.48
CA ALA KA 111 -27.54 -31.47 -73.71
C ALA KA 111 -27.69 -32.99 -73.67
N LEU KA 112 -26.64 -33.69 -73.24
CA LEU KA 112 -26.71 -35.13 -73.06
C LEU KA 112 -27.63 -35.49 -71.89
N ARG KA 113 -28.24 -36.66 -71.97
CA ARG KA 113 -29.17 -37.10 -70.93
C ARG KA 113 -28.68 -38.43 -70.36
N VAL KA 114 -28.67 -38.53 -69.04
CA VAL KA 114 -28.14 -39.69 -68.34
C VAL KA 114 -29.11 -40.86 -68.52
N LEU KA 115 -28.60 -42.00 -68.98
CA LEU KA 115 -29.38 -43.23 -68.93
C LEU KA 115 -29.16 -43.95 -67.61
N ASN KA 116 -27.92 -44.35 -67.34
CA ASN KA 116 -27.53 -44.91 -66.05
C ASN KA 116 -26.00 -44.79 -65.96
N SER KA 117 -25.42 -45.50 -65.01
CA SER KA 117 -23.97 -45.50 -64.82
C SER KA 117 -23.55 -46.77 -64.10
N TYR KA 118 -22.25 -47.05 -64.14
CA TYR KA 118 -21.72 -48.23 -63.48
C TYR KA 118 -20.30 -47.98 -62.99
N TRP KA 119 -19.87 -48.85 -62.08
CA TRP KA 119 -18.56 -48.78 -61.44
C TRP KA 119 -17.52 -49.52 -62.27
N VAL KA 120 -16.30 -48.97 -62.32
CA VAL KA 120 -15.21 -49.71 -62.96
C VAL KA 120 -14.04 -49.93 -62.01
N GLY KA 121 -13.67 -48.92 -61.23
CA GLY KA 121 -12.54 -49.07 -60.35
C GLY KA 121 -12.64 -48.14 -59.16
N GLU KA 122 -11.96 -48.53 -58.07
CA GLU KA 122 -11.95 -47.67 -56.89
C GLU KA 122 -10.54 -47.67 -56.30
N ASP KA 123 -10.18 -46.53 -55.74
CA ASP KA 123 -8.94 -46.37 -55.01
C ASP KA 123 -9.33 -46.09 -53.55
N SER KA 124 -8.34 -45.85 -52.69
CA SER KA 124 -8.65 -45.38 -51.35
C SER KA 124 -9.13 -43.94 -51.37
N THR KA 125 -8.64 -43.15 -52.32
CA THR KA 125 -9.00 -41.75 -52.40
C THR KA 125 -9.97 -41.43 -53.52
N TYR KA 126 -10.27 -42.39 -54.40
CA TYR KA 126 -11.16 -42.14 -55.52
C TYR KA 126 -12.02 -43.38 -55.81
N LYS KA 127 -13.13 -43.13 -56.51
CA LYS KA 127 -13.88 -44.14 -57.25
C LYS KA 127 -13.90 -43.72 -58.72
N PHE KA 128 -14.35 -44.64 -59.58
CA PHE KA 128 -14.38 -44.37 -61.01
C PHE KA 128 -15.67 -44.93 -61.60
N PHE KA 129 -16.43 -44.07 -62.30
CA PHE KA 129 -17.72 -44.45 -62.84
C PHE KA 129 -17.81 -44.11 -64.31
N GLU KA 130 -18.35 -45.04 -65.09
CA GLU KA 130 -18.71 -44.78 -66.48
C GLU KA 130 -20.19 -44.41 -66.48
N VAL KA 131 -20.50 -43.20 -66.94
CA VAL KA 131 -21.86 -42.70 -67.03
C VAL KA 131 -22.28 -42.76 -68.49
N ILE KA 132 -23.40 -43.40 -68.77
CA ILE KA 132 -23.92 -43.48 -70.13
C ILE KA 132 -24.78 -42.27 -70.42
N LEU KA 133 -24.39 -41.49 -71.43
CA LEU KA 133 -25.10 -40.30 -71.86
C LEU KA 133 -25.67 -40.55 -73.25
N ILE KA 134 -26.84 -40.00 -73.51
CA ILE KA 134 -27.58 -40.23 -74.76
C ILE KA 134 -27.95 -38.87 -75.33
N ASP KA 135 -27.76 -38.73 -76.65
CA ASP KA 135 -28.29 -37.57 -77.38
C ASP KA 135 -29.81 -37.70 -77.52
N PRO KA 136 -30.59 -36.74 -77.01
CA PRO KA 136 -32.02 -36.72 -77.29
C PRO KA 136 -32.39 -36.03 -78.59
N PHE KA 137 -31.40 -35.58 -79.35
CA PHE KA 137 -31.61 -34.74 -80.51
C PHE KA 137 -31.00 -35.33 -81.77
N HIS KA 138 -30.24 -36.41 -81.65
CA HIS KA 138 -29.66 -37.09 -82.80
C HIS KA 138 -30.74 -37.94 -83.48
N LYS KA 139 -30.60 -38.11 -84.80
CA LYS KA 139 -31.64 -38.75 -85.59
C LYS KA 139 -31.73 -40.25 -85.33
N ALA KA 140 -30.62 -40.91 -84.99
CA ALA KA 140 -30.65 -42.35 -84.74
C ALA KA 140 -31.40 -42.68 -83.46
N ILE KA 141 -31.40 -41.77 -82.48
CA ILE KA 141 -32.21 -41.94 -81.29
C ILE KA 141 -33.63 -41.45 -81.52
N ARG KA 142 -33.77 -40.40 -82.32
CA ARG KA 142 -35.07 -39.76 -82.51
C ARG KA 142 -36.02 -40.63 -83.34
N ARG KA 143 -35.52 -41.23 -84.42
CA ARG KA 143 -36.40 -42.01 -85.29
C ARG KA 143 -36.60 -43.43 -84.79
N ASN KA 144 -35.85 -43.84 -83.77
CA ASN KA 144 -36.06 -45.14 -83.13
C ASN KA 144 -37.15 -44.98 -82.07
N PRO KA 145 -38.28 -45.68 -82.18
CA PRO KA 145 -39.37 -45.47 -81.21
C PRO KA 145 -39.12 -46.09 -79.85
N ASP KA 146 -38.13 -46.98 -79.72
CA ASP KA 146 -37.84 -47.59 -78.42
C ASP KA 146 -37.16 -46.61 -77.47
N THR KA 147 -36.45 -45.61 -78.00
CA THR KA 147 -35.71 -44.68 -77.19
C THR KA 147 -36.21 -43.24 -77.30
N GLN KA 148 -37.30 -43.01 -78.03
CA GLN KA 148 -37.80 -41.65 -78.20
C GLN KA 148 -38.43 -41.07 -76.94
N TRP KA 149 -38.64 -41.89 -75.91
CA TRP KA 149 -39.00 -41.35 -74.59
C TRP KA 149 -37.88 -40.50 -74.01
N ILE KA 150 -36.63 -40.76 -74.42
CA ILE KA 150 -35.53 -39.88 -74.04
C ILE KA 150 -35.68 -38.52 -74.73
N THR KA 151 -36.28 -38.50 -75.92
CA THR KA 151 -36.43 -37.26 -76.67
C THR KA 151 -37.54 -36.37 -76.12
N LYS KA 152 -38.37 -36.89 -75.23
CA LYS KA 152 -39.46 -36.10 -74.65
C LYS KA 152 -38.89 -35.08 -73.66
N PRO KA 153 -39.52 -33.90 -73.55
CA PRO KA 153 -39.00 -32.89 -72.60
C PRO KA 153 -39.33 -33.18 -71.15
N VAL KA 154 -40.06 -34.25 -70.84
CA VAL KA 154 -40.35 -34.60 -69.44
C VAL KA 154 -39.09 -35.11 -68.76
N HIS KA 155 -38.26 -35.87 -69.47
CA HIS KA 155 -37.08 -36.50 -68.90
C HIS KA 155 -35.83 -35.63 -68.98
N LYS KA 156 -35.99 -34.31 -68.99
CA LYS KA 156 -34.84 -33.41 -68.91
C LYS KA 156 -34.24 -33.46 -67.52
N HIS KA 157 -32.93 -33.77 -67.46
CA HIS KA 157 -32.12 -33.82 -66.23
C HIS KA 157 -32.72 -34.81 -65.23
N ARG KA 158 -32.70 -36.09 -65.63
CA ARG KA 158 -33.14 -37.17 -64.75
C ARG KA 158 -32.20 -37.32 -63.56
N GLU KA 159 -30.92 -36.95 -63.74
CA GLU KA 159 -29.90 -37.15 -62.72
C GLU KA 159 -30.10 -36.24 -61.51
N MET KA 160 -30.81 -35.12 -61.67
CA MET KA 160 -31.02 -34.24 -60.53
C MET KA 160 -32.27 -34.63 -59.76
N ARG KA 161 -33.34 -34.96 -60.46
CA ARG KA 161 -34.55 -35.42 -59.77
C ARG KA 161 -34.43 -36.84 -59.23
N GLY KA 162 -33.44 -37.61 -59.68
CA GLY KA 162 -33.29 -38.96 -59.18
C GLY KA 162 -34.14 -39.98 -59.91
N LEU KA 163 -34.16 -39.93 -61.23
CA LEU KA 163 -34.95 -40.85 -62.02
C LEU KA 163 -34.15 -42.06 -62.52
N THR KA 164 -32.82 -41.98 -62.49
CA THR KA 164 -31.98 -43.12 -62.83
C THR KA 164 -31.89 -44.07 -61.65
N SER KA 165 -31.14 -45.17 -61.84
CA SER KA 165 -31.11 -46.23 -60.85
C SER KA 165 -30.36 -45.83 -59.59
N ALA KA 166 -29.23 -45.12 -59.76
CA ALA KA 166 -28.45 -44.70 -58.61
C ALA KA 166 -29.18 -43.63 -57.80
N GLY KA 167 -30.03 -42.83 -58.46
CA GLY KA 167 -30.87 -41.90 -57.74
C GLY KA 167 -32.04 -42.55 -57.05
N ARG KA 168 -32.65 -43.55 -57.69
CA ARG KA 168 -33.79 -44.25 -57.10
C ARG KA 168 -33.36 -45.17 -55.97
N LYS KA 169 -32.10 -45.60 -55.93
CA LYS KA 169 -31.61 -46.32 -54.77
C LYS KA 169 -31.45 -45.41 -53.56
N SER KA 170 -31.30 -44.10 -53.79
CA SER KA 170 -31.13 -43.18 -52.67
C SER KA 170 -32.46 -42.65 -52.16
N ARG KA 171 -33.52 -42.74 -52.96
CA ARG KA 171 -34.81 -42.20 -52.56
C ARG KA 171 -35.50 -43.07 -51.52
N GLY KA 172 -35.25 -44.38 -51.56
CA GLY KA 172 -35.84 -45.30 -50.59
C GLY KA 172 -37.31 -45.58 -50.87
N LEU KA 173 -37.63 -45.78 -52.14
CA LEU KA 173 -39.00 -46.07 -52.57
C LEU KA 173 -39.15 -47.54 -52.92
N GLY KA 174 -40.34 -48.06 -52.68
CA GLY KA 174 -40.62 -49.46 -52.92
C GLY KA 174 -42.00 -49.83 -52.39
N LYS KA 175 -42.30 -51.11 -52.48
CA LYS KA 175 -43.59 -51.65 -52.05
C LYS KA 175 -43.44 -52.47 -50.78
N GLY KA 176 -44.38 -52.32 -49.88
CA GLY KA 176 -44.52 -53.22 -48.75
C GLY KA 176 -44.32 -52.53 -47.41
N HIS KA 177 -44.10 -53.36 -46.39
CA HIS KA 177 -43.96 -52.86 -45.03
C HIS KA 177 -42.63 -52.15 -44.80
N LYS KA 178 -41.62 -52.45 -45.60
CA LYS KA 178 -40.33 -51.80 -45.44
C LYS KA 178 -40.26 -50.43 -46.10
N PHE KA 179 -41.33 -49.97 -46.73
CA PHE KA 179 -41.37 -48.70 -47.44
C PHE KA 179 -42.66 -47.94 -47.13
N HIS KA 180 -43.01 -47.86 -45.85
CA HIS KA 180 -44.20 -47.13 -45.44
C HIS KA 180 -44.00 -45.63 -45.54
N HIS KA 181 -42.78 -45.15 -45.27
CA HIS KA 181 -42.55 -43.71 -45.16
C HIS KA 181 -42.42 -43.04 -46.53
N THR KA 182 -42.49 -43.79 -47.62
CA THR KA 182 -42.51 -43.21 -48.97
C THR KA 182 -43.74 -43.64 -49.77
N ILE KA 183 -44.89 -43.82 -49.11
CA ILE KA 183 -46.10 -44.18 -49.84
C ILE KA 183 -46.64 -42.95 -50.55
N GLY KA 184 -47.12 -43.13 -51.77
CA GLY KA 184 -47.56 -42.03 -52.59
C GLY KA 184 -46.54 -41.68 -53.66
N GLY KA 185 -46.30 -40.38 -53.80
CA GLY KA 185 -45.29 -39.93 -54.75
C GLY KA 185 -43.88 -40.16 -54.28
N SER KA 186 -43.55 -39.70 -53.09
CA SER KA 186 -42.20 -39.80 -52.53
C SER KA 186 -42.32 -39.64 -51.02
N ARG KA 187 -41.16 -39.44 -50.37
CA ARG KA 187 -41.15 -39.16 -48.94
C ARG KA 187 -41.80 -37.82 -48.63
N ARG KA 188 -41.57 -36.82 -49.49
CA ARG KA 188 -42.19 -35.51 -49.30
C ARG KA 188 -43.70 -35.58 -49.50
N ALA KA 189 -44.14 -36.33 -50.52
CA ALA KA 189 -45.58 -36.51 -50.74
C ALA KA 189 -46.23 -37.31 -49.63
N ALA KA 190 -45.50 -38.29 -49.07
CA ALA KA 190 -46.01 -39.05 -47.92
C ALA KA 190 -46.18 -38.15 -46.71
N TRP KA 191 -45.17 -37.32 -46.42
CA TRP KA 191 -45.24 -36.43 -45.27
C TRP KA 191 -46.33 -35.38 -45.44
N ARG KA 192 -46.50 -34.86 -46.65
CA ARG KA 192 -47.51 -33.83 -46.88
C ARG KA 192 -48.92 -34.42 -46.87
N ARG KA 193 -49.08 -35.66 -47.35
CA ARG KA 193 -50.38 -36.30 -47.30
C ARG KA 193 -50.75 -36.68 -45.88
N ARG KA 194 -49.75 -36.99 -45.05
CA ARG KA 194 -50.06 -37.35 -43.67
C ARG KA 194 -50.31 -36.13 -42.80
N ASN KA 195 -49.56 -35.05 -42.97
CA ASN KA 195 -49.70 -33.87 -42.13
C ASN KA 195 -50.53 -32.78 -42.80
N THR KA 196 -51.79 -33.12 -43.07
CA THR KA 196 -52.80 -32.14 -43.47
C THR KA 196 -54.11 -32.44 -42.76
N LEU KA 197 -54.87 -31.40 -42.46
CA LEU KA 197 -56.23 -31.55 -41.97
C LEU KA 197 -57.17 -31.58 -43.17
N GLN KA 198 -58.06 -32.57 -43.20
CA GLN KA 198 -59.10 -32.59 -44.19
C GLN KA 198 -60.38 -31.99 -43.62
N LEU KA 199 -60.46 -30.66 -43.59
CA LEU KA 199 -61.60 -29.94 -43.04
C LEU KA 199 -62.66 -29.85 -44.12
N HIS KA 200 -63.67 -30.72 -44.04
CA HIS KA 200 -64.66 -30.89 -45.08
C HIS KA 200 -65.67 -29.74 -45.08
N ARG KA 201 -66.65 -29.84 -45.98
CA ARG KA 201 -67.73 -28.87 -46.01
C ARG KA 201 -68.71 -29.11 -44.87
N TYR KA 202 -69.26 -30.32 -44.79
CA TYR KA 202 -70.23 -30.63 -43.75
C TYR KA 202 -69.57 -31.19 -42.50
N ARG KA 203 -68.25 -31.40 -42.56
CA ARG KA 203 -67.42 -31.94 -41.47
C ARG KA 203 -67.92 -33.28 -40.95
N THR LA 1 91.37 70.86 60.73
CA THR LA 1 91.86 69.61 60.16
C THR LA 1 91.25 69.35 58.78
N VAL LA 2 90.40 70.29 58.33
CA VAL LA 2 89.76 70.20 57.03
C VAL LA 2 90.66 70.85 55.99
N THR LA 3 90.97 70.10 54.94
CA THR LA 3 91.91 70.53 53.91
C THR LA 3 91.22 70.58 52.55
N ILE LA 4 91.37 71.69 51.85
CA ILE LA 4 90.76 71.87 50.53
C ILE LA 4 91.89 72.00 49.50
N ARG LA 5 91.90 71.11 48.52
CA ARG LA 5 92.77 71.21 47.36
C ARG LA 5 91.94 71.44 46.10
N THR LA 6 92.59 71.96 45.07
CA THR LA 6 91.94 72.28 43.81
C THR LA 6 92.60 71.51 42.67
N ARG LA 7 91.78 70.98 41.76
CA ARG LA 7 92.27 70.33 40.56
C ARG LA 7 91.55 70.92 39.35
N LYS LA 8 92.14 70.75 38.17
CA LYS LA 8 91.56 71.13 36.87
C LYS LA 8 91.18 72.60 36.82
N PHE LA 9 92.14 73.46 37.16
CA PHE LA 9 91.87 74.89 37.25
C PHE LA 9 91.75 75.50 35.86
N MET LA 10 90.70 76.30 35.67
CA MET LA 10 90.41 76.88 34.36
C MET LA 10 89.88 78.29 34.55
N THR LA 11 90.27 79.19 33.67
CA THR LA 11 89.86 80.59 33.72
C THR LA 11 88.96 80.88 32.52
N ASN LA 12 87.67 81.06 32.77
CA ASN LA 12 86.72 81.34 31.70
C ASN LA 12 86.53 82.86 31.61
N ARG LA 13 87.28 83.49 30.71
CA ARG LA 13 87.06 84.91 30.42
C ARG LA 13 85.76 85.14 29.68
N LEU LA 14 85.31 84.16 28.89
CA LEU LA 14 84.02 84.21 28.23
C LEU LA 14 82.84 83.97 29.17
N LEU LA 15 83.09 83.48 30.38
CA LEU LA 15 82.09 83.42 31.43
C LEU LA 15 82.44 84.35 32.59
N GLN LA 16 83.63 84.96 32.56
CA GLN LA 16 84.17 85.86 33.59
C GLN LA 16 84.19 85.20 34.97
N ARG LA 17 84.89 84.07 35.04
CA ARG LA 17 84.94 83.29 36.28
C ARG LA 17 86.18 82.41 36.30
N LYS LA 18 86.45 81.87 37.48
CA LYS LA 18 87.39 80.77 37.68
C LYS LA 18 86.59 79.50 37.92
N GLN LA 19 87.21 78.35 37.66
CA GLN LA 19 86.54 77.09 37.99
C GLN LA 19 87.58 76.03 38.30
N MET LA 20 87.20 75.11 39.19
CA MET LA 20 88.07 74.01 39.61
C MET LA 20 87.22 72.93 40.28
N VAL LA 21 87.80 71.74 40.36
CA VAL LA 21 87.20 70.63 41.09
C VAL LA 21 87.78 70.65 42.50
N ILE LA 22 86.89 70.70 43.50
CA ILE LA 22 87.31 70.87 44.89
C ILE LA 22 87.41 69.50 45.56
N ASP LA 23 88.56 69.22 46.18
CA ASP LA 23 88.79 67.98 46.90
C ASP LA 23 88.94 68.33 48.38
N VAL LA 24 87.99 67.85 49.20
CA VAL LA 24 87.98 68.16 50.62
C VAL LA 24 88.32 66.91 51.43
N LEU LA 25 89.33 67.04 52.27
CA LEU LA 25 89.75 65.99 53.20
C LEU LA 25 89.31 66.41 54.59
N HIS LA 26 88.45 65.62 55.22
CA HIS LA 26 87.97 65.91 56.56
C HIS LA 26 87.93 64.67 57.44
N PRO LA 27 89.07 64.25 58.01
CA PRO LA 27 89.06 63.08 58.89
C PRO LA 27 88.47 63.42 60.25
N GLY LA 28 87.69 62.48 60.80
CA GLY LA 28 87.17 62.65 62.13
C GLY LA 28 85.89 63.45 62.25
N LYS LA 29 85.26 63.79 61.13
CA LYS LA 29 84.00 64.52 61.16
C LYS LA 29 83.20 64.19 59.92
N ALA LA 30 82.02 64.81 59.82
CA ALA LA 30 81.13 64.58 58.69
C ALA LA 30 81.52 65.48 57.52
N THR LA 31 80.63 65.53 56.52
CA THR LA 31 80.80 66.43 55.39
C THR LA 31 80.63 67.87 55.84
N VAL LA 32 81.64 68.70 55.59
CA VAL LA 32 81.61 70.11 56.02
C VAL LA 32 80.63 70.89 55.14
N PRO LA 33 79.95 71.90 55.66
CA PRO LA 33 78.92 72.59 54.87
C PRO LA 33 79.51 73.55 53.83
N LYS LA 34 78.62 73.94 52.91
CA LYS LA 34 79.02 74.77 51.78
C LYS LA 34 79.41 76.17 52.23
N THR LA 35 78.85 76.64 53.36
CA THR LA 35 79.26 77.93 53.91
C THR LA 35 80.72 77.89 54.36
N GLU LA 36 81.14 76.81 55.01
CA GLU LA 36 82.54 76.65 55.40
C GLU LA 36 83.43 76.47 54.18
N ILE LA 37 82.91 75.80 53.14
CA ILE LA 37 83.67 75.68 51.88
C ILE LA 37 83.89 77.06 51.25
N ARG LA 38 82.85 77.89 51.22
CA ARG LA 38 82.97 79.23 50.64
C ARG LA 38 83.90 80.11 51.47
N GLU LA 39 83.86 79.96 52.81
CA GLU LA 39 84.76 80.72 53.66
C GLU LA 39 86.21 80.31 53.48
N LYS LA 40 86.47 79.01 53.33
CA LYS LA 40 87.86 78.56 53.19
C LYS LA 40 88.40 78.88 51.80
N LEU LA 41 87.55 78.82 50.77
CA LEU LA 41 87.97 79.29 49.45
C LEU LA 41 88.18 80.80 49.43
N ALA LA 42 87.40 81.54 50.23
CA ALA LA 42 87.56 82.99 50.29
C ALA LA 42 88.88 83.36 50.94
N LYS LA 43 89.22 82.71 52.06
CA LYS LA 43 90.50 82.99 52.71
C LYS LA 43 91.67 82.38 51.94
N MET LA 44 91.41 81.43 51.03
CA MET LA 44 92.47 80.93 50.17
C MET LA 44 92.77 81.90 49.03
N TYR LA 45 91.74 82.29 48.27
CA TYR LA 45 91.91 83.10 47.07
C TYR LA 45 91.83 84.61 47.34
N LYS LA 46 91.74 85.02 48.60
CA LYS LA 46 91.79 86.42 49.04
C LYS LA 46 90.67 87.26 48.43
N THR LA 47 89.50 86.67 48.23
CA THR LA 47 88.36 87.37 47.67
C THR LA 47 87.18 87.28 48.64
N THR LA 48 86.11 88.00 48.30
CA THR LA 48 84.91 87.96 49.11
C THR LA 48 84.16 86.65 48.86
N PRO LA 49 83.58 86.04 49.91
CA PRO LA 49 82.85 84.78 49.73
C PRO LA 49 81.50 84.92 49.06
N ASP LA 50 81.07 86.13 48.69
CA ASP LA 50 79.75 86.30 48.10
C ASP LA 50 79.71 85.79 46.66
N VAL LA 51 80.85 85.82 45.97
CA VAL LA 51 80.88 85.41 44.58
C VAL LA 51 81.19 83.93 44.41
N ILE LA 52 81.68 83.27 45.45
CA ILE LA 52 82.07 81.86 45.36
C ILE LA 52 80.82 81.00 45.49
N PHE LA 53 80.53 80.22 44.46
CA PHE LA 53 79.40 79.31 44.44
C PHE LA 53 79.93 77.88 44.28
N VAL LA 54 79.59 77.02 45.24
CA VAL LA 54 80.05 75.63 45.29
C VAL LA 54 78.84 74.72 45.40
N PHE LA 55 78.82 73.66 44.59
CA PHE LA 55 77.69 72.75 44.56
C PHE LA 55 78.19 71.35 44.21
N GLY LA 56 77.29 70.37 44.33
CA GLY LA 56 77.53 69.04 43.80
C GLY LA 56 78.58 68.22 44.52
N PHE LA 57 78.43 68.05 45.83
CA PHE LA 57 79.36 67.21 46.57
C PHE LA 57 78.99 65.73 46.46
N ARG LA 58 80.02 64.89 46.31
CA ARG LA 58 79.85 63.45 46.38
C ARG LA 58 80.89 62.91 47.36
N THR LA 59 80.43 62.20 48.38
CA THR LA 59 81.34 61.69 49.41
C THR LA 59 81.76 60.27 49.08
N HIS LA 60 83.07 60.02 49.08
CA HIS LA 60 83.57 58.68 48.82
C HIS LA 60 83.31 57.76 50.00
N PHE LA 61 83.45 56.46 49.76
CA PHE LA 61 83.29 55.47 50.80
C PHE LA 61 84.50 55.48 51.73
N GLY LA 62 84.28 55.05 52.97
CA GLY LA 62 85.31 55.17 53.99
C GLY LA 62 85.15 56.41 54.84
N GLY LA 63 84.95 57.55 54.20
CA GLY LA 63 84.64 58.77 54.92
C GLY LA 63 85.80 59.71 55.19
N GLY LA 64 86.58 60.00 54.16
CA GLY LA 64 87.67 60.94 54.31
C GLY LA 64 87.89 61.81 53.09
N LYS LA 65 86.94 61.80 52.15
CA LYS LA 65 87.12 62.51 50.90
C LYS LA 65 85.78 62.85 50.25
N THR LA 66 85.63 64.09 49.78
CA THR LA 66 84.50 64.49 48.94
C THR LA 66 85.02 65.15 47.68
N THR LA 67 84.17 65.14 46.66
CA THR LA 67 84.48 65.77 45.37
C THR LA 67 83.33 66.69 45.00
N GLY LA 68 83.64 67.96 44.76
CA GLY LA 68 82.61 68.93 44.41
C GLY LA 68 83.15 69.95 43.44
N PHE LA 69 82.24 70.54 42.68
CA PHE LA 69 82.61 71.55 41.71
C PHE LA 69 82.22 72.94 42.23
N GLY LA 70 83.08 73.92 41.93
CA GLY LA 70 82.82 75.27 42.39
C GLY LA 70 83.43 76.29 41.45
N MET LA 71 82.72 77.40 41.29
CA MET LA 71 83.21 78.50 40.47
C MET LA 71 83.33 79.75 41.31
N ILE LA 72 84.24 80.64 40.89
CA ILE LA 72 84.54 81.88 41.60
C ILE LA 72 84.36 83.02 40.61
N TYR LA 73 83.27 83.78 40.76
CA TYR LA 73 82.99 84.88 39.86
C TYR LA 73 83.88 86.07 40.15
N ASP LA 74 83.82 87.06 39.25
CA ASP LA 74 84.52 88.31 39.49
C ASP LA 74 83.68 89.27 40.32
N SER LA 75 82.38 89.37 40.03
CA SER LA 75 81.49 90.26 40.74
C SER LA 75 80.10 89.65 40.85
N LEU LA 76 79.30 90.20 41.77
CA LEU LA 76 77.94 89.71 41.96
C LEU LA 76 77.06 90.06 40.78
N ASP LA 77 77.37 91.15 40.08
CA ASP LA 77 76.64 91.50 38.86
C ASP LA 77 76.90 90.49 37.75
N TYR LA 78 78.14 90.03 37.63
CA TYR LA 78 78.46 88.98 36.66
C TYR LA 78 77.86 87.64 37.08
N ALA LA 79 77.80 87.39 38.40
CA ALA LA 79 77.18 86.16 38.90
C ALA LA 79 75.69 86.14 38.59
N LYS LA 80 75.01 87.27 38.75
CA LYS LA 80 73.60 87.36 38.39
C LYS LA 80 73.41 87.41 36.88
N LYS LA 81 74.46 87.80 36.14
CA LYS LA 81 74.38 87.80 34.69
C LYS LA 81 74.40 86.38 34.13
N ASN LA 82 75.40 85.57 34.51
CA ASN LA 82 75.40 84.15 34.16
C ASN LA 82 75.66 83.30 35.42
N GLU LA 83 74.57 83.06 36.15
CA GLU LA 83 74.46 82.04 37.18
C GLU LA 83 73.00 81.62 37.25
N PRO LA 84 72.72 80.30 37.31
CA PRO LA 84 71.33 79.84 37.41
C PRO LA 84 70.57 80.32 38.65
N LYS LA 85 69.28 80.61 38.44
CA LYS LA 85 68.44 81.21 39.47
C LYS LA 85 68.19 80.25 40.62
N HIS LA 86 68.24 78.94 40.37
CA HIS LA 86 68.05 77.99 41.46
C HIS LA 86 69.25 77.97 42.40
N ARG LA 87 70.46 78.08 41.86
CA ARG LA 87 71.63 78.12 42.74
C ARG LA 87 71.78 79.50 43.35
N LEU LA 88 71.21 80.54 42.74
CA LEU LA 88 71.08 81.82 43.44
C LEU LA 88 70.12 81.72 44.61
N ALA LA 89 69.00 81.00 44.42
CA ALA LA 89 68.01 80.85 45.49
C ALA LA 89 68.46 79.86 46.56
N ARG LA 90 69.47 79.04 46.27
CA ARG LA 90 70.10 78.23 47.31
C ARG LA 90 70.70 79.10 48.41
N HIS LA 91 71.24 80.25 48.05
CA HIS LA 91 71.86 81.16 49.01
C HIS LA 91 70.91 82.26 49.45
N GLY LA 92 70.03 82.73 48.56
CA GLY LA 92 68.93 83.58 48.95
C GLY LA 92 68.90 84.97 48.34
N LEU LA 93 69.74 85.27 47.35
CA LEU LA 93 69.65 86.59 46.72
C LEU LA 93 68.48 86.66 45.74
N TYR LA 94 68.08 85.52 45.17
CA TYR LA 94 66.94 85.42 44.30
C TYR LA 94 65.86 84.57 44.96
N GLU LA 95 64.60 84.92 44.71
CA GLU LA 95 63.46 84.17 45.22
C GLU LA 95 62.49 83.92 44.09
N LYS LA 96 62.31 82.66 43.72
CA LYS LA 96 61.36 82.30 42.68
C LYS LA 96 59.93 82.39 43.20
N LYS LA 97 58.99 82.52 42.27
CA LYS LA 97 57.59 82.61 42.64
C LYS LA 97 57.04 81.24 43.05
N LYS LA 98 55.90 81.26 43.74
CA LYS LA 98 55.36 80.06 44.36
C LYS LA 98 54.15 79.53 43.61
N THR LA 99 53.93 80.02 42.39
CA THR LA 99 52.79 79.61 41.57
C THR LA 99 53.00 78.17 41.09
N SER LA 100 52.10 77.28 41.53
CA SER LA 100 52.27 75.86 41.24
C SER LA 100 51.96 75.56 39.78
N ARG LA 101 52.61 74.52 39.25
CA ARG LA 101 52.68 74.31 37.80
C ARG LA 101 51.36 73.80 37.24
N LYS LA 102 50.66 72.93 37.99
CA LYS LA 102 49.37 72.43 37.53
C LYS LA 102 48.31 73.53 37.55
N GLN LA 103 48.36 74.41 38.55
CA GLN LA 103 47.45 75.54 38.59
C GLN LA 103 47.78 76.57 37.50
N ARG LA 104 49.06 76.69 37.14
CA ARG LA 104 49.42 77.55 36.00
C ARG LA 104 48.89 76.97 34.69
N LYS LA 105 48.95 75.64 34.54
CA LYS LA 105 48.38 75.00 33.36
C LYS LA 105 46.87 75.16 33.31
N GLU LA 106 46.20 75.06 34.48
CA GLU LA 106 44.76 75.27 34.54
C GLU LA 106 44.39 76.71 34.22
N ARG LA 107 45.20 77.67 34.69
CA ARG LA 107 44.96 79.07 34.39
C ARG LA 107 45.16 79.36 32.90
N LYS LA 108 46.16 78.72 32.29
CA LYS LA 108 46.38 78.90 30.86
C LYS LA 108 45.26 78.29 30.02
N ASN LA 109 44.76 77.11 30.43
CA ASN LA 109 43.65 76.51 29.69
C ASN LA 109 42.34 77.26 29.93
N ARG LA 110 42.21 77.96 31.06
CA ARG LA 110 41.03 78.80 31.25
C ARG LA 110 41.13 80.10 30.46
N MET LA 111 42.34 80.63 30.30
CA MET LA 111 42.52 81.82 29.46
C MET LA 111 42.39 81.47 27.98
N LYS LA 112 42.62 80.21 27.63
CA LYS LA 112 42.46 79.78 26.24
C LYS LA 112 40.99 79.75 25.84
N LYS LA 113 40.08 79.54 26.80
CA LYS LA 113 38.66 79.39 26.48
C LYS LA 113 38.03 80.74 26.13
N VAL LA 114 38.29 81.76 26.94
CA VAL LA 114 37.64 83.06 26.80
C VAL LA 114 38.47 83.92 25.86
N ARG LA 115 37.83 84.44 24.82
CA ARG LA 115 38.50 85.29 23.85
C ARG LA 115 38.24 86.77 24.14
N GLY LA 116 39.30 87.56 24.13
CA GLY LA 116 39.19 88.99 24.32
C GLY LA 116 40.04 89.51 25.47
N THR LA 117 39.63 90.67 25.97
CA THR LA 117 40.35 91.32 27.07
C THR LA 117 40.09 90.60 28.39
N ALA LA 118 39.02 89.81 28.47
CA ALA LA 118 38.63 89.17 29.72
C ALA LA 118 39.50 87.98 30.10
N LYS LA 119 40.59 87.71 29.38
CA LYS LA 119 41.56 86.70 29.76
C LYS LA 119 42.23 87.06 31.08
N ALA LA 120 42.44 88.36 31.31
CA ALA LA 120 42.95 88.81 32.61
C ALA LA 120 41.88 88.73 33.68
N ASN LA 121 40.61 88.90 33.31
CA ASN LA 121 39.52 88.85 34.28
C ASN LA 121 39.11 87.43 34.66
N VAL LA 122 39.47 86.44 33.84
CA VAL LA 122 39.28 85.04 34.23
C VAL LA 122 40.13 84.70 35.45
N GLY LA 123 41.41 85.06 35.42
CA GLY LA 123 42.28 84.84 36.55
C GLY LA 123 41.95 85.74 37.74
N ALA LA 124 41.42 85.12 38.79
CA ALA LA 124 40.99 85.78 40.04
C ALA LA 124 39.99 86.92 39.82
N GLN MA 1 -86.42 49.31 15.16
CA GLN MA 1 -86.07 48.06 14.48
C GLN MA 1 -84.57 47.77 14.62
N VAL MA 2 -83.88 48.60 15.40
CA VAL MA 2 -82.44 48.48 15.61
C VAL MA 2 -82.20 48.25 17.09
N LEU MA 3 -81.60 47.11 17.44
CA LEU MA 3 -81.29 46.80 18.83
C LEU MA 3 -80.00 47.52 19.20
N VAL MA 4 -80.12 48.67 19.87
CA VAL MA 4 -78.98 49.42 20.36
C VAL MA 4 -78.64 48.85 21.74
N LEU MA 5 -77.54 48.11 21.82
CA LEU MA 5 -77.13 47.42 23.03
C LEU MA 5 -76.01 48.16 23.75
N ASP MA 6 -76.14 48.24 25.08
CA ASP MA 6 -75.08 48.79 25.92
C ASP MA 6 -73.93 47.79 26.00
N GLY MA 7 -72.73 48.31 26.26
CA GLY MA 7 -71.56 47.48 26.36
C GLY MA 7 -70.97 47.43 27.75
N ARG MA 8 -71.44 48.29 28.64
CA ARG MA 8 -70.88 48.37 29.98
C ARG MA 8 -71.33 47.17 30.81
N GLY MA 9 -70.37 46.49 31.44
CA GLY MA 9 -70.67 45.40 32.35
C GLY MA 9 -71.09 44.12 31.68
N HIS MA 10 -71.03 44.04 30.35
CA HIS MA 10 -71.43 42.85 29.62
C HIS MA 10 -70.22 41.99 29.31
N LEU MA 11 -70.44 40.68 29.27
CA LEU MA 11 -69.37 39.74 28.98
C LEU MA 11 -69.16 39.64 27.48
N LEU MA 12 -67.91 39.37 27.09
CA LEU MA 12 -67.52 39.44 25.67
C LEU MA 12 -68.15 38.31 24.87
N GLY MA 13 -67.81 37.06 25.19
CA GLY MA 13 -68.37 35.94 24.46
C GLY MA 13 -69.83 35.67 24.74
N ARG MA 14 -70.25 35.89 25.99
CA ARG MA 14 -71.66 35.70 26.35
C ARG MA 14 -72.54 36.76 25.68
N LEU MA 15 -71.98 37.95 25.45
CA LEU MA 15 -72.73 38.95 24.70
C LEU MA 15 -72.72 38.65 23.20
N ALA MA 16 -71.59 38.18 22.69
CA ALA MA 16 -71.48 37.94 21.24
C ALA MA 16 -72.31 36.76 20.79
N ALA MA 17 -72.47 35.73 21.66
CA ALA MA 17 -73.29 34.59 21.32
C ALA MA 17 -74.77 34.97 21.25
N ILE MA 18 -75.18 35.98 22.02
CA ILE MA 18 -76.55 36.47 21.96
C ILE MA 18 -76.73 37.40 20.77
N VAL MA 19 -75.71 38.20 20.46
CA VAL MA 19 -75.79 39.15 19.35
C VAL MA 19 -75.84 38.43 18.01
N ALA MA 20 -75.00 37.40 17.84
CA ALA MA 20 -74.81 36.79 16.52
C ALA MA 20 -76.06 36.04 16.05
N LYS MA 21 -76.84 35.49 16.98
CA LYS MA 21 -78.08 34.83 16.61
C LYS MA 21 -79.11 35.84 16.09
N GLN MA 22 -79.24 36.98 16.78
CA GLN MA 22 -80.18 38.01 16.33
C GLN MA 22 -79.69 38.69 15.05
N VAL MA 23 -78.39 38.69 14.81
CA VAL MA 23 -77.86 39.24 13.57
C VAL MA 23 -78.15 38.29 12.40
N LEU MA 24 -78.00 36.98 12.63
CA LEU MA 24 -78.40 36.00 11.62
C LEU MA 24 -79.89 35.96 11.38
N LEU MA 25 -80.70 36.33 12.38
CA LEU MA 25 -82.16 36.33 12.24
C LEU MA 25 -82.70 37.67 11.73
N GLY MA 26 -81.89 38.45 11.02
CA GLY MA 26 -82.41 39.60 10.32
C GLY MA 26 -82.66 40.84 11.15
N ARG MA 27 -82.07 40.94 12.34
CA ARG MA 27 -82.26 42.10 13.20
C ARG MA 27 -80.95 42.88 13.29
N LYS MA 28 -81.01 44.17 13.00
CA LYS MA 28 -79.83 45.03 12.99
C LYS MA 28 -79.46 45.36 14.44
N VAL MA 29 -78.37 44.76 14.90
CA VAL MA 29 -77.90 44.95 16.26
C VAL MA 29 -76.68 45.85 16.25
N VAL MA 30 -76.75 46.96 17.00
CA VAL MA 30 -75.64 47.90 17.14
C VAL MA 30 -75.20 47.87 18.60
N VAL MA 31 -74.07 47.22 18.88
CA VAL MA 31 -73.50 47.15 20.21
C VAL MA 31 -72.55 48.33 20.37
N VAL MA 32 -72.72 49.09 21.44
CA VAL MA 32 -72.07 50.38 21.56
C VAL MA 32 -71.35 50.45 22.90
N ARG MA 33 -70.30 51.28 22.95
CA ARG MA 33 -69.40 51.46 24.09
C ARG MA 33 -68.81 50.11 24.54
N CYS MA 34 -68.00 49.55 23.64
CA CYS MA 34 -67.45 48.22 23.86
C CYS MA 34 -66.20 48.22 24.72
N GLU MA 35 -65.70 49.39 25.14
CA GLU MA 35 -64.60 49.41 26.08
C GLU MA 35 -65.09 49.11 27.49
N GLY MA 36 -66.40 49.17 27.72
CA GLY MA 36 -66.97 48.76 28.99
C GLY MA 36 -67.20 47.26 29.12
N ILE MA 37 -66.95 46.51 28.05
CA ILE MA 37 -67.06 45.05 28.11
C ILE MA 37 -65.94 44.49 28.98
N ASN MA 38 -66.32 43.64 29.93
CA ASN MA 38 -65.35 43.03 30.84
C ASN MA 38 -65.34 41.52 30.67
N ILE MA 39 -64.14 40.94 30.56
CA ILE MA 39 -63.96 39.51 30.36
C ILE MA 39 -63.70 38.86 31.72
N SER MA 40 -64.32 37.70 31.94
CA SER MA 40 -64.15 36.98 33.19
C SER MA 40 -62.72 36.47 33.35
N GLY MA 41 -62.34 36.24 34.61
CA GLY MA 41 -60.99 35.86 34.95
C GLY MA 41 -60.12 37.07 35.23
N ASN MA 42 -58.96 36.80 35.81
CA ASN MA 42 -58.02 37.87 36.12
C ASN MA 42 -57.40 38.44 34.85
N PHE MA 43 -56.79 39.63 35.00
CA PHE MA 43 -56.36 40.41 33.84
C PHE MA 43 -55.14 39.80 33.18
N TYR MA 44 -54.28 39.12 33.95
CA TYR MA 44 -52.99 38.70 33.43
C TYR MA 44 -53.13 37.51 32.49
N ARG MA 45 -54.09 36.62 32.78
CA ARG MA 45 -54.39 35.51 31.85
C ARG MA 45 -54.96 36.01 30.54
N ASN MA 46 -55.86 37.00 30.58
CA ASN MA 46 -56.40 37.55 29.33
C ASN MA 46 -55.34 38.32 28.55
N LYS MA 47 -54.44 39.01 29.26
CA LYS MA 47 -53.35 39.72 28.59
C LYS MA 47 -52.41 38.74 27.90
N LEU MA 48 -52.04 37.65 28.58
CA LEU MA 48 -51.14 36.68 27.97
C LEU MA 48 -51.84 35.87 26.89
N LYS MA 49 -53.17 35.69 26.99
CA LYS MA 49 -53.92 35.07 25.91
C LYS MA 49 -53.90 35.95 24.66
N TYR MA 50 -54.08 37.25 24.82
CA TYR MA 50 -54.05 38.13 23.66
C TYR MA 50 -52.62 38.32 23.13
N LEU MA 51 -51.62 38.18 24.00
CA LEU MA 51 -50.24 38.27 23.52
C LEU MA 51 -49.82 37.01 22.76
N ALA MA 52 -50.29 35.84 23.20
CA ALA MA 52 -50.11 34.62 22.40
C ALA MA 52 -50.86 34.72 21.08
N PHE MA 53 -52.04 35.35 21.11
CA PHE MA 53 -52.80 35.60 19.89
C PHE MA 53 -52.05 36.54 18.95
N LEU MA 54 -51.32 37.51 19.50
CA LEU MA 54 -50.49 38.39 18.67
C LEU MA 54 -49.26 37.66 18.13
N ARG MA 55 -48.68 36.76 18.93
CA ARG MA 55 -47.51 36.02 18.48
C ARG MA 55 -47.86 35.02 17.38
N LYS MA 56 -49.11 34.54 17.37
CA LYS MA 56 -49.55 33.67 16.29
C LYS MA 56 -49.78 34.45 15.00
N ARG MA 57 -48.76 34.48 14.14
CA ARG MA 57 -48.80 35.21 12.88
C ARG MA 57 -48.21 34.35 11.77
N MET MA 58 -48.47 34.73 10.53
CA MET MA 58 -47.93 34.00 9.39
C MET MA 58 -46.45 34.32 9.24
N ASN MA 59 -45.63 33.29 9.00
CA ASN MA 59 -44.18 33.46 9.02
C ASN MA 59 -43.68 34.12 7.76
N THR MA 60 -44.13 33.65 6.58
CA THR MA 60 -43.55 34.13 5.33
C THR MA 60 -44.03 35.52 4.96
N ASN MA 61 -45.27 35.86 5.31
CA ASN MA 61 -45.80 37.20 5.04
C ASN MA 61 -46.88 37.52 6.07
N PRO MA 62 -46.62 38.41 7.03
CA PRO MA 62 -47.63 38.73 8.04
C PRO MA 62 -48.79 39.56 7.51
N SER MA 63 -48.62 40.20 6.37
CA SER MA 63 -49.72 40.95 5.76
C SER MA 63 -50.80 40.01 5.23
N ARG MA 64 -50.39 38.82 4.76
CA ARG MA 64 -51.37 37.80 4.42
C ARG MA 64 -51.91 37.11 5.66
N GLY MA 65 -51.27 37.29 6.80
CA GLY MA 65 -51.62 36.58 8.01
C GLY MA 65 -52.84 37.12 8.72
N PRO MA 66 -53.04 36.68 9.97
CA PRO MA 66 -54.25 37.07 10.71
C PRO MA 66 -54.18 38.52 11.15
N TYR MA 67 -55.20 39.29 10.78
CA TYR MA 67 -55.24 40.70 11.17
C TYR MA 67 -55.71 40.78 12.62
N HIS MA 68 -54.76 41.01 13.53
CA HIS MA 68 -55.06 41.09 14.97
C HIS MA 68 -55.40 42.54 15.29
N PHE MA 69 -56.68 42.87 15.28
CA PHE MA 69 -57.11 44.25 15.51
C PHE MA 69 -56.98 44.61 16.99
N ARG MA 70 -56.70 45.88 17.27
CA ARG MA 70 -56.41 46.30 18.64
C ARG MA 70 -57.57 47.05 19.29
N ALA MA 71 -58.45 47.67 18.50
CA ALA MA 71 -59.54 48.43 19.07
C ALA MA 71 -60.59 47.48 19.66
N PRO MA 72 -61.24 47.86 20.77
CA PRO MA 72 -62.22 46.95 21.39
C PRO MA 72 -63.45 46.68 20.54
N SER MA 73 -63.88 47.66 19.73
CA SER MA 73 -65.00 47.43 18.81
C SER MA 73 -64.62 46.42 17.74
N ARG MA 74 -63.37 46.46 17.28
CA ARG MA 74 -62.94 45.48 16.30
C ARG MA 74 -62.61 44.13 16.93
N ILE MA 75 -62.31 44.10 18.23
CA ILE MA 75 -62.19 42.82 18.93
C ILE MA 75 -63.56 42.17 19.10
N PHE MA 76 -64.59 42.98 19.36
CA PHE MA 76 -65.95 42.44 19.40
C PHE MA 76 -66.41 42.01 18.02
N TRP MA 77 -66.04 42.76 16.98
CA TRP MA 77 -66.29 42.31 15.61
C TRP MA 77 -65.54 41.03 15.27
N ARG MA 78 -64.33 40.88 15.83
CA ARG MA 78 -63.54 39.66 15.66
C ARG MA 78 -64.23 38.45 16.29
N THR MA 79 -64.73 38.60 17.52
CA THR MA 79 -65.36 37.44 18.15
C THR MA 79 -66.74 37.15 17.57
N VAL MA 80 -67.46 38.17 17.07
CA VAL MA 80 -68.72 37.88 16.39
C VAL MA 80 -68.45 37.20 15.05
N ARG MA 81 -67.40 37.63 14.33
CA ARG MA 81 -67.02 36.99 13.08
C ARG MA 81 -66.52 35.56 13.31
N GLY MA 82 -65.95 35.31 14.49
CA GLY MA 82 -65.72 33.93 14.90
C GLY MA 82 -66.99 33.16 15.12
N MET MA 83 -68.01 33.80 15.69
CA MET MA 83 -69.29 33.16 15.99
C MET MA 83 -70.29 33.27 14.85
N LEU MA 84 -69.82 33.47 13.61
CA LEU MA 84 -70.68 33.54 12.44
C LEU MA 84 -70.10 32.66 11.35
N PRO MA 85 -70.93 32.16 10.42
CA PRO MA 85 -70.37 31.47 9.24
C PRO MA 85 -69.92 32.48 8.18
N HIS MA 86 -68.76 33.10 8.45
CA HIS MA 86 -68.29 34.23 7.65
C HIS MA 86 -67.81 33.81 6.25
N LYS MA 87 -67.63 32.51 6.00
CA LYS MA 87 -67.26 32.07 4.67
C LYS MA 87 -68.44 32.14 3.70
N THR MA 88 -69.67 32.14 4.21
CA THR MA 88 -70.83 32.10 3.35
C THR MA 88 -71.40 33.50 3.13
N LYS MA 89 -72.32 33.59 2.17
CA LYS MA 89 -72.91 34.87 1.80
C LYS MA 89 -73.85 35.38 2.88
N ARG MA 90 -74.53 34.49 3.59
CA ARG MA 90 -75.38 34.93 4.70
C ARG MA 90 -74.54 35.41 5.87
N GLY MA 91 -73.34 34.85 6.06
CA GLY MA 91 -72.44 35.37 7.06
C GLY MA 91 -71.83 36.71 6.68
N GLN MA 92 -71.55 36.92 5.40
CA GLN MA 92 -71.08 38.23 4.94
C GLN MA 92 -72.18 39.27 5.06
N ALA MA 93 -73.43 38.88 4.78
CA ALA MA 93 -74.56 39.78 5.01
C ALA MA 93 -74.76 40.07 6.50
N ALA MA 94 -74.46 39.08 7.35
CA ALA MA 94 -74.52 39.30 8.80
C ALA MA 94 -73.46 40.28 9.26
N LEU MA 95 -72.25 40.17 8.69
CA LEU MA 95 -71.19 41.13 9.01
C LEU MA 95 -71.51 42.52 8.47
N ASP MA 96 -72.26 42.60 7.36
CA ASP MA 96 -72.70 43.90 6.87
C ASP MA 96 -73.78 44.49 7.76
N ARG MA 97 -74.68 43.64 8.28
CA ARG MA 97 -75.73 44.12 9.18
C ARG MA 97 -75.18 44.54 10.53
N LEU MA 98 -74.09 43.91 10.97
CA LEU MA 98 -73.48 44.27 12.23
C LEU MA 98 -72.78 45.63 12.14
N LYS MA 99 -72.89 46.41 13.21
CA LYS MA 99 -72.32 47.75 13.25
C LYS MA 99 -71.87 48.04 14.68
N VAL MA 100 -70.56 48.02 14.91
CA VAL MA 100 -69.99 48.10 16.26
C VAL MA 100 -69.10 49.34 16.34
N PHE MA 101 -69.30 50.13 17.41
CA PHE MA 101 -68.63 51.42 17.54
C PHE MA 101 -67.68 51.43 18.73
N ASP MA 102 -66.61 52.22 18.60
CA ASP MA 102 -65.80 52.62 19.74
C ASP MA 102 -66.43 53.85 20.37
N GLY MA 103 -66.58 53.83 21.69
CA GLY MA 103 -67.32 54.90 22.35
C GLY MA 103 -68.78 54.83 21.97
N ILE MA 104 -69.42 56.00 21.86
CA ILE MA 104 -70.82 56.03 21.46
C ILE MA 104 -71.10 57.26 20.60
N PRO MA 105 -71.46 57.07 19.33
CA PRO MA 105 -71.49 58.17 18.36
C PRO MA 105 -72.71 59.06 18.55
N PRO MA 106 -72.67 60.29 18.05
CA PRO MA 106 -73.84 61.18 18.06
C PRO MA 106 -75.05 60.67 17.29
N PRO MA 107 -74.92 59.81 16.25
CA PRO MA 107 -76.15 59.15 15.77
C PRO MA 107 -76.76 58.16 16.76
N TYR MA 108 -75.99 57.67 17.74
CA TYR MA 108 -76.51 56.64 18.64
C TYR MA 108 -76.42 57.03 20.12
N ASP MA 109 -76.03 58.25 20.46
CA ASP MA 109 -76.02 58.62 21.87
C ASP MA 109 -77.39 59.07 22.35
N LYS MA 110 -78.18 59.66 21.48
CA LYS MA 110 -79.51 60.16 21.83
C LYS MA 110 -80.57 59.09 21.55
N LYS MA 111 -80.31 57.88 22.06
CA LYS MA 111 -81.21 56.76 21.92
C LYS MA 111 -81.21 55.96 23.22
N LYS MA 112 -82.39 55.50 23.63
CA LYS MA 112 -82.48 54.65 24.80
C LYS MA 112 -81.95 53.26 24.47
N ARG MA 113 -80.73 52.95 24.93
CA ARG MA 113 -80.07 51.71 24.57
C ARG MA 113 -80.60 50.55 25.41
N MET MA 114 -80.48 49.35 24.87
CA MET MA 114 -80.94 48.14 25.53
C MET MA 114 -79.79 47.50 26.33
N VAL MA 115 -80.15 46.66 27.30
CA VAL MA 115 -79.20 45.97 28.16
C VAL MA 115 -79.61 44.51 28.19
N VAL MA 116 -78.67 43.60 27.93
CA VAL MA 116 -78.93 42.17 28.05
C VAL MA 116 -78.56 41.70 29.45
N PRO MA 117 -79.52 41.19 30.24
CA PRO MA 117 -79.17 40.66 31.56
C PRO MA 117 -78.64 39.24 31.52
N ALA MA 118 -78.73 38.55 30.38
CA ALA MA 118 -78.24 37.19 30.25
C ALA MA 118 -76.74 37.12 30.00
N ALA MA 119 -76.06 38.27 29.89
CA ALA MA 119 -74.63 38.30 29.65
C ALA MA 119 -73.94 39.35 30.51
N LEU MA 120 -74.51 39.65 31.67
CA LEU MA 120 -74.05 40.74 32.51
C LEU MA 120 -73.10 40.20 33.58
N LYS MA 121 -72.25 41.08 34.11
CA LYS MA 121 -71.20 40.66 35.03
C LYS MA 121 -71.78 40.29 36.39
N VAL MA 122 -72.79 41.04 36.85
CA VAL MA 122 -73.36 40.78 38.17
C VAL MA 122 -74.29 39.57 38.12
N VAL MA 123 -74.69 39.16 36.93
CA VAL MA 123 -75.63 38.06 36.79
C VAL MA 123 -74.88 36.74 36.64
N ARG MA 124 -73.85 36.73 35.80
CA ARG MA 124 -73.21 35.47 35.41
C ARG MA 124 -71.92 35.18 36.19
N LEU MA 125 -71.38 36.14 36.92
CA LEU MA 125 -70.17 35.91 37.70
C LEU MA 125 -70.43 36.05 39.19
N LYS MA 126 -69.66 35.30 39.96
CA LYS MA 126 -69.62 35.46 41.41
C LYS MA 126 -68.94 36.78 41.76
N PRO MA 127 -69.34 37.42 42.86
CA PRO MA 127 -68.74 38.72 43.18
C PRO MA 127 -67.30 38.63 43.68
N THR MA 128 -66.84 37.45 44.07
CA THR MA 128 -65.45 37.30 44.50
C THR MA 128 -64.51 37.05 43.34
N ARG MA 129 -65.03 36.85 42.13
CA ARG MA 129 -64.18 36.54 40.99
C ARG MA 129 -63.80 37.82 40.25
N LYS MA 130 -62.58 37.83 39.70
CA LYS MA 130 -62.03 39.02 39.07
C LYS MA 130 -62.46 39.10 37.61
N PHE MA 131 -62.40 40.31 37.07
CA PHE MA 131 -62.76 40.58 35.69
C PHE MA 131 -61.75 41.54 35.10
N ALA MA 132 -61.67 41.57 33.76
CA ALA MA 132 -60.65 42.34 33.06
C ALA MA 132 -61.31 43.24 32.04
N TYR MA 133 -61.01 44.54 32.12
CA TYR MA 133 -61.59 45.50 31.20
C TYR MA 133 -60.97 45.38 29.81
N LEU MA 134 -61.83 45.24 28.80
CA LEU MA 134 -61.36 45.15 27.43
C LEU MA 134 -60.77 46.47 26.95
N GLY MA 135 -61.31 47.59 27.43
CA GLY MA 135 -60.75 48.88 27.07
C GLY MA 135 -59.37 49.11 27.64
N ARG MA 136 -59.16 48.72 28.90
CA ARG MA 136 -57.85 48.85 29.52
C ARG MA 136 -56.85 47.87 28.90
N LEU MA 137 -57.32 46.66 28.58
CA LEU MA 137 -56.50 45.67 27.89
C LEU MA 137 -56.08 46.16 26.52
N ALA MA 138 -56.99 46.80 25.80
CA ALA MA 138 -56.70 47.30 24.46
C ALA MA 138 -55.73 48.49 24.52
N HIS MA 139 -55.92 49.40 25.48
CA HIS MA 139 -55.03 50.55 25.58
C HIS MA 139 -53.64 50.13 26.03
N GLU MA 140 -53.55 49.08 26.84
CA GLU MA 140 -52.25 48.55 27.21
C GLU MA 140 -51.59 47.80 26.06
N VAL MA 141 -52.36 47.12 25.22
CA VAL MA 141 -51.78 46.36 24.11
C VAL MA 141 -51.63 47.21 22.86
N GLY MA 142 -52.03 48.48 22.89
CA GLY MA 142 -51.77 49.35 21.76
C GLY MA 142 -52.94 50.05 21.10
N TRP MA 143 -53.99 50.35 21.86
CA TRP MA 143 -55.08 51.20 21.40
C TRP MA 143 -54.86 52.61 21.95
N LYS MA 144 -54.81 53.59 21.06
CA LYS MA 144 -54.26 54.90 21.36
C LYS MA 144 -55.31 55.90 21.83
N TYR MA 145 -56.57 55.51 21.93
CA TYR MA 145 -57.66 56.47 22.07
C TYR MA 145 -58.50 56.16 23.31
N GLN MA 146 -57.85 55.95 24.45
CA GLN MA 146 -58.61 55.81 25.68
C GLN MA 146 -58.96 57.17 26.28
N ALA MA 147 -57.99 58.09 26.31
CA ALA MA 147 -58.21 59.38 26.93
C ALA MA 147 -59.11 60.28 26.08
N VAL MA 148 -59.04 60.15 24.76
CA VAL MA 148 -59.91 60.92 23.87
C VAL MA 148 -61.35 60.48 24.04
N THR MA 149 -61.58 59.17 24.07
CA THR MA 149 -62.89 58.60 24.34
C THR MA 149 -63.37 58.96 25.74
N ALA MA 150 -62.43 59.06 26.71
CA ALA MA 150 -62.80 59.46 28.06
C ALA MA 150 -63.28 60.91 28.12
N THR MA 151 -62.60 61.82 27.42
CA THR MA 151 -63.03 63.21 27.41
C THR MA 151 -64.34 63.39 26.67
N LEU MA 152 -64.52 62.68 25.55
CA LEU MA 152 -65.78 62.77 24.80
C LEU MA 152 -66.93 62.16 25.59
N GLU MA 153 -66.69 61.07 26.32
CA GLU MA 153 -67.72 60.49 27.16
C GLU MA 153 -68.02 61.38 28.36
N GLU MA 154 -67.03 62.09 28.88
CA GLU MA 154 -67.29 63.04 29.97
C GLU MA 154 -68.17 64.20 29.50
N LYS MA 155 -67.89 64.70 28.30
CA LYS MA 155 -68.71 65.76 27.71
C LYS MA 155 -70.14 65.30 27.47
N ARG MA 156 -70.32 64.08 26.93
CA ARG MA 156 -71.68 63.63 26.66
C ARG MA 156 -72.40 63.20 27.94
N LYS MA 157 -71.65 62.82 28.99
CA LYS MA 157 -72.30 62.55 30.27
C LYS MA 157 -72.79 63.84 30.92
N GLU MA 158 -72.04 64.94 30.77
CA GLU MA 158 -72.53 66.23 31.22
C GLU MA 158 -73.77 66.67 30.44
N LYS MA 159 -73.76 66.45 29.11
CA LYS MA 159 -74.91 66.79 28.29
C LYS MA 159 -76.14 65.94 28.63
N ALA MA 160 -75.93 64.64 28.86
CA ALA MA 160 -77.04 63.77 29.24
C ALA MA 160 -77.51 64.04 30.65
N LYS MA 161 -76.64 64.54 31.52
CA LYS MA 161 -77.07 64.96 32.85
C LYS MA 161 -77.97 66.19 32.77
N ILE MA 162 -77.64 67.13 31.88
CA ILE MA 162 -78.52 68.29 31.66
C ILE MA 162 -79.86 67.86 31.07
N HIS MA 163 -79.83 66.91 30.11
CA HIS MA 163 -81.06 66.41 29.50
C HIS MA 163 -81.92 65.66 30.52
N TYR MA 164 -81.30 64.87 31.39
CA TYR MA 164 -82.07 64.15 32.40
C TYR MA 164 -82.59 65.08 33.49
N ARG MA 165 -81.87 66.19 33.76
CA ARG MA 165 -82.39 67.21 34.65
C ARG MA 165 -83.65 67.86 34.06
N LYS MA 166 -83.63 68.15 32.76
CA LYS MA 166 -84.83 68.67 32.10
C LYS MA 166 -85.97 67.64 32.09
N LYS MA 167 -85.62 66.35 31.96
CA LYS MA 167 -86.63 65.29 32.01
C LYS MA 167 -87.23 65.17 33.40
N LYS MA 168 -86.42 65.34 34.45
CA LYS MA 168 -86.93 65.37 35.82
C LYS MA 168 -87.85 66.57 36.04
N GLN MA 169 -87.50 67.72 35.46
CA GLN MA 169 -88.36 68.90 35.60
C GLN MA 169 -89.70 68.69 34.88
N LEU MA 170 -89.67 68.07 33.71
CA LEU MA 170 -90.92 67.75 33.01
C LEU MA 170 -91.74 66.69 33.75
N MET MA 171 -91.07 65.75 34.41
CA MET MA 171 -91.79 64.73 35.17
C MET MA 171 -92.45 65.34 36.41
N ARG MA 172 -91.76 66.29 37.05
CA ARG MA 172 -92.37 67.03 38.17
C ARG MA 172 -93.56 67.86 37.71
N LEU MA 173 -93.46 68.49 36.54
CA LEU MA 173 -94.60 69.22 35.97
C LEU MA 173 -95.77 68.29 35.67
N ARG MA 174 -95.48 67.09 35.15
CA ARG MA 174 -96.53 66.12 34.85
C ARG MA 174 -97.24 65.64 36.11
N LYS MA 175 -96.46 65.32 37.15
CA LYS MA 175 -97.07 64.83 38.40
C LYS MA 175 -97.84 65.93 39.11
N GLN MA 176 -97.35 67.17 39.06
CA GLN MA 176 -98.06 68.25 39.74
C GLN MA 176 -99.32 68.65 38.97
N ALA MA 177 -99.29 68.51 37.64
CA ALA MA 177 -100.50 68.72 36.85
C ALA MA 177 -101.53 67.63 37.11
N GLU MA 178 -101.08 66.37 37.27
CA GLU MA 178 -102.01 65.31 37.67
C GLU MA 178 -102.61 65.57 39.05
N LYS MA 179 -101.79 66.06 39.99
CA LYS MA 179 -102.27 66.35 41.33
C LYS MA 179 -103.26 67.52 41.32
N ASN MA 180 -103.07 68.47 40.41
CA ASN MA 180 -104.04 69.56 40.28
C ASN MA 180 -105.35 69.07 39.66
N VAL MA 181 -105.25 68.31 38.58
CA VAL MA 181 -106.40 68.11 37.68
C VAL MA 181 -107.11 66.76 37.93
N GLU MA 182 -106.65 65.97 38.91
CA GLU MA 182 -107.25 64.66 39.23
C GLU MA 182 -108.75 64.63 39.51
N LYS MA 183 -109.33 65.77 39.91
CA LYS MA 183 -110.76 65.81 40.21
C LYS MA 183 -111.60 65.67 38.95
N LYS MA 184 -111.27 66.41 37.90
CA LYS MA 184 -112.04 66.37 36.67
C LYS MA 184 -111.64 65.23 35.74
N ILE MA 185 -110.57 64.49 36.06
CA ILE MA 185 -110.18 63.34 35.26
C ILE MA 185 -110.25 62.08 36.11
N SER MA 186 -110.95 62.17 37.25
CA SER MA 186 -111.19 60.99 38.09
C SER MA 186 -112.10 59.99 37.40
N LYS MA 187 -112.93 60.43 36.45
CA LYS MA 187 -113.73 59.48 35.66
C LYS MA 187 -112.85 58.67 34.72
N PHE MA 188 -111.82 59.30 34.15
CA PHE MA 188 -110.91 58.58 33.26
C PHE MA 188 -109.87 57.81 34.06
N THR MA 189 -109.66 58.17 35.32
CA THR MA 189 -108.64 57.50 36.12
C THR MA 189 -109.17 56.19 36.71
N ASP MA 190 -110.45 56.18 37.11
CA ASP MA 190 -111.02 55.01 37.77
C ASP MA 190 -111.22 53.86 36.80
N VAL MA 191 -111.44 54.16 35.52
CA VAL MA 191 -111.64 53.10 34.53
C VAL MA 191 -110.33 52.42 34.17
N LEU MA 192 -109.19 53.07 34.46
CA LEU MA 192 -107.91 52.39 34.31
C LEU MA 192 -107.55 51.62 35.59
N LYS MA 193 -108.10 52.04 36.74
CA LYS MA 193 -107.83 51.34 37.99
C LYS MA 193 -108.59 50.02 38.07
N THR MA 194 -109.74 49.92 37.40
CA THR MA 194 -110.46 48.65 37.40
C THR MA 194 -109.87 47.67 36.39
N HIS MA 195 -109.01 48.16 35.49
CA HIS MA 195 -108.34 47.30 34.52
C HIS MA 195 -106.88 47.04 34.88
N GLY MA 196 -106.34 47.73 35.88
CA GLY MA 196 -105.03 47.42 36.38
C GLY MA 196 -103.87 48.10 35.70
N LEU MA 197 -103.86 49.43 35.64
CA LEU MA 197 -102.77 50.13 34.99
C LEU MA 197 -102.07 51.12 35.91
N LEU MA 198 -102.84 51.86 36.72
CA LEU MA 198 -102.28 52.84 37.63
C LEU MA 198 -102.45 52.45 39.09
N VAL MA 199 -102.63 51.16 39.39
CA VAL MA 199 -102.79 50.72 40.75
C VAL MA 199 -101.42 50.29 41.31
N ARG NA 1 11.89 -66.78 41.25
CA ARG NA 1 11.45 -67.24 39.93
C ARG NA 1 11.27 -68.76 39.94
N ASP NA 2 12.36 -69.49 40.17
CA ASP NA 2 12.36 -70.93 40.22
C ASP NA 2 12.50 -71.40 41.67
N LYS NA 3 11.82 -72.50 41.99
CA LYS NA 3 11.86 -73.06 43.33
C LYS NA 3 11.93 -74.58 43.23
N LEU NA 4 12.84 -75.17 44.01
CA LEU NA 4 13.05 -76.61 44.02
C LEU NA 4 12.19 -77.22 45.12
N ASN NA 5 11.12 -77.92 44.72
CA ASN NA 5 10.23 -78.59 45.66
C ASN NA 5 10.58 -80.08 45.72
N ASN NA 6 11.61 -80.37 46.52
CA ASN NA 6 12.09 -81.73 46.65
C ASN NA 6 11.32 -82.47 47.74
N LEU NA 7 11.25 -83.80 47.60
CA LEU NA 7 10.50 -84.63 48.53
C LEU NA 7 11.30 -84.88 49.80
N VAL NA 8 10.66 -84.70 50.95
CA VAL NA 8 11.32 -84.89 52.23
C VAL NA 8 11.45 -86.37 52.55
N LEU NA 9 10.42 -87.15 52.25
CA LEU NA 9 10.44 -88.59 52.44
C LEU NA 9 9.95 -89.27 51.16
N PHE NA 10 10.05 -90.59 51.13
CA PHE NA 10 9.72 -91.33 49.91
C PHE NA 10 8.22 -91.41 49.69
N ASP NA 11 7.81 -91.17 48.45
CA ASP NA 11 6.56 -91.73 47.96
C ASP NA 11 6.78 -93.20 47.62
N LYS NA 12 5.68 -93.91 47.39
CA LYS NA 12 5.78 -95.33 47.06
C LYS NA 12 6.36 -95.53 45.67
N ALA NA 13 5.91 -94.71 44.70
CA ALA NA 13 6.44 -94.79 43.34
C ALA NA 13 7.89 -94.33 43.28
N THR NA 14 8.25 -93.31 44.07
CA THR NA 14 9.63 -92.85 44.08
C THR NA 14 10.55 -93.85 44.77
N TYR NA 15 10.04 -94.55 45.79
CA TYR NA 15 10.84 -95.58 46.44
C TYR NA 15 11.03 -96.78 45.54
N ASP NA 16 9.99 -97.14 44.77
CA ASP NA 16 10.13 -98.22 43.79
C ASP NA 16 11.09 -97.82 42.67
N LYS NA 17 11.08 -96.53 42.29
CA LYS NA 17 11.98 -96.06 41.26
C LYS NA 17 13.42 -96.02 41.77
N LEU NA 18 13.61 -95.74 43.05
CA LEU NA 18 14.96 -95.78 43.61
C LEU NA 18 15.44 -97.22 43.79
N CYS NA 19 14.52 -98.15 44.05
CA CYS NA 19 14.90 -99.56 44.10
C CYS NA 19 15.18 -100.11 42.71
N LYS NA 20 14.57 -99.52 41.68
CA LYS NA 20 14.71 -100.06 40.33
C LYS NA 20 15.91 -99.46 39.59
N GLU NA 21 15.99 -98.14 39.52
CA GLU NA 21 16.89 -97.46 38.60
C GLU NA 21 18.19 -96.98 39.24
N VAL NA 22 18.20 -96.73 40.55
CA VAL NA 22 19.40 -96.17 41.20
C VAL NA 22 20.55 -97.19 41.31
N PRO NA 23 20.33 -98.47 41.66
CA PRO NA 23 21.45 -99.43 41.55
C PRO NA 23 21.86 -99.78 40.12
N ASN NA 24 21.22 -99.23 39.10
CA ASN NA 24 21.68 -99.37 37.72
C ASN NA 24 22.51 -98.18 37.24
N TYR NA 25 22.64 -97.14 38.06
CA TYR NA 25 23.38 -95.95 37.67
C TYR NA 25 24.87 -96.12 37.94
N LYS NA 26 25.69 -95.61 37.02
CA LYS NA 26 27.13 -95.64 37.22
C LYS NA 26 27.58 -94.63 38.26
N LEU NA 27 26.97 -93.45 38.29
CA LEU NA 27 27.16 -92.47 39.34
C LEU NA 27 26.07 -92.65 40.38
N ILE NA 28 26.45 -93.12 41.57
CA ILE NA 28 25.53 -93.23 42.70
C ILE NA 28 26.11 -92.34 43.80
N THR NA 29 25.71 -91.08 43.81
CA THR NA 29 26.09 -90.06 44.77
C THR NA 29 24.83 -89.30 45.16
N PRO NA 30 24.72 -88.82 46.41
CA PRO NA 30 23.43 -88.26 46.86
C PRO NA 30 23.01 -86.98 46.15
N ALA NA 31 23.96 -86.17 45.66
CA ALA NA 31 23.60 -84.98 44.90
C ALA NA 31 22.97 -85.36 43.55
N VAL NA 32 23.55 -86.33 42.86
CA VAL NA 32 23.02 -86.77 41.58
C VAL NA 32 21.68 -87.48 41.77
N VAL NA 33 21.55 -88.27 42.85
CA VAL NA 33 20.29 -88.95 43.15
C VAL NA 33 19.19 -87.93 43.47
N SER NA 34 19.55 -86.89 44.23
CA SER NA 34 18.58 -85.84 44.58
C SER NA 34 18.18 -85.04 43.34
N GLU NA 35 19.13 -84.78 42.45
CA GLU NA 35 18.82 -84.03 41.23
C GLU NA 35 17.94 -84.84 40.28
N ARG NA 36 18.16 -86.16 40.22
CA ARG NA 36 17.39 -86.98 39.29
C ARG NA 36 16.01 -87.33 39.83
N LEU NA 37 15.89 -87.48 41.15
CA LEU NA 37 14.65 -87.97 41.74
C LEU NA 37 13.86 -86.91 42.49
N LYS NA 38 14.35 -85.67 42.55
CA LYS NA 38 13.70 -84.52 43.20
C LYS NA 38 13.41 -84.81 44.67
N ILE NA 39 14.46 -85.16 45.40
CA ILE NA 39 14.39 -85.50 46.83
C ILE NA 39 15.47 -84.71 47.56
N ARG NA 40 15.43 -84.81 48.89
CA ARG NA 40 16.41 -84.11 49.72
C ARG NA 40 17.77 -84.80 49.64
N GLY NA 41 18.82 -84.01 49.88
CA GLY NA 41 20.16 -84.57 49.89
C GLY NA 41 20.40 -85.45 51.11
N SER NA 42 19.85 -85.05 52.26
CA SER NA 42 19.94 -85.87 53.47
C SER NA 42 19.15 -87.17 53.31
N LEU NA 43 17.98 -87.08 52.69
CA LEU NA 43 17.19 -88.26 52.38
C LEU NA 43 17.93 -89.18 51.42
N ALA NA 44 18.65 -88.59 50.46
CA ALA NA 44 19.46 -89.37 49.53
C ALA NA 44 20.62 -90.06 50.24
N ARG NA 45 21.26 -89.36 51.18
CA ARG NA 45 22.36 -89.95 51.94
C ARG NA 45 21.88 -91.10 52.81
N ALA NA 46 20.73 -90.93 53.47
CA ALA NA 46 20.18 -92.01 54.29
C ALA NA 46 19.75 -93.20 53.42
N ALA NA 47 19.22 -92.91 52.22
CA ALA NA 47 18.84 -93.97 51.29
C ALA NA 47 20.05 -94.76 50.81
N LEU NA 48 21.16 -94.06 50.54
CA LEU NA 48 22.35 -94.77 50.07
C LEU NA 48 23.04 -95.52 51.20
N GLN NA 49 22.95 -95.02 52.43
CA GLN NA 49 23.48 -95.77 53.56
C GLN NA 49 22.65 -97.03 53.81
N GLU NA 50 21.32 -96.96 53.66
CA GLU NA 50 20.52 -98.16 53.83
C GLU NA 50 20.66 -99.10 52.63
N LEU NA 51 21.02 -98.57 51.46
CA LEU NA 51 21.36 -99.44 50.34
C LEU NA 51 22.71 -100.13 50.55
N LEU NA 52 23.63 -99.46 51.24
CA LEU NA 52 24.86 -100.12 51.67
C LEU NA 52 24.55 -101.22 52.69
N SER NA 53 23.59 -100.97 53.58
CA SER NA 53 23.20 -101.98 54.56
C SER NA 53 22.48 -103.15 53.89
N LYS NA 54 21.74 -102.88 52.81
CA LYS NA 54 21.05 -103.95 52.10
C LYS NA 54 22.02 -104.77 51.25
N GLY NA 55 22.96 -104.11 50.59
CA GLY NA 55 23.98 -104.82 49.83
C GLY NA 55 23.76 -104.81 48.33
N LEU NA 56 23.34 -103.67 47.78
CA LEU NA 56 23.13 -103.52 46.35
C LEU NA 56 24.10 -102.57 45.67
N ILE NA 57 24.77 -101.71 46.41
CA ILE NA 57 25.70 -100.73 45.85
C ILE NA 57 27.08 -100.95 46.45
N LYS NA 58 28.10 -100.45 45.78
CA LYS NA 58 29.48 -100.65 46.18
C LYS NA 58 30.14 -99.32 46.53
N LEU NA 59 30.78 -99.26 47.69
CA LEU NA 59 31.46 -98.06 48.14
C LEU NA 59 32.78 -97.90 47.39
N VAL NA 60 33.14 -96.66 47.07
CA VAL NA 60 34.42 -96.39 46.42
C VAL NA 60 35.32 -95.63 47.39
N SER NA 61 34.89 -94.44 47.79
CA SER NA 61 35.66 -93.61 48.72
C SER NA 61 34.69 -92.67 49.43
N LYS NA 62 34.60 -92.77 50.75
CA LYS NA 62 33.74 -91.92 51.53
C LYS NA 62 34.53 -90.74 52.09
N HIS NA 63 33.83 -89.63 52.33
CA HIS NA 63 34.46 -88.39 52.73
C HIS NA 63 33.40 -87.51 53.38
N ARG NA 64 33.85 -86.52 54.16
CA ARG NA 64 32.91 -85.62 54.84
C ARG NA 64 32.17 -84.70 53.86
N ALA NA 65 32.72 -84.52 52.67
CA ALA NA 65 32.06 -83.69 51.66
C ALA NA 65 31.20 -84.54 50.73
N GLN NA 66 31.77 -85.64 50.21
CA GLN NA 66 31.09 -86.43 49.20
C GLN NA 66 31.43 -87.90 49.39
N VAL NA 67 30.39 -88.74 49.40
CA VAL NA 67 30.56 -90.19 49.37
C VAL NA 67 30.29 -90.67 47.95
N ILE NA 68 30.99 -91.72 47.54
CA ILE NA 68 30.94 -92.22 46.16
C ILE NA 68 30.53 -93.68 46.18
N TYR NA 69 29.44 -94.00 45.48
CA TYR NA 69 28.98 -95.37 45.32
C TYR NA 69 28.80 -95.68 43.84
N THR NA 70 28.90 -96.97 43.52
CA THR NA 70 28.68 -97.46 42.16
C THR NA 70 27.87 -98.75 42.21
N ARG NA 71 27.75 -99.37 41.04
CA ARG NA 71 27.00 -100.61 40.90
C ARG NA 71 27.75 -101.78 41.54
N ASN NA 72 27.07 -102.91 41.64
CA ASN NA 72 27.72 -104.14 42.08
C ASN NA 72 28.61 -104.67 40.95
N THR NA 73 29.45 -105.65 41.29
CA THR NA 73 30.40 -106.22 40.34
C THR NA 73 29.68 -106.97 39.23
N LYS NA 74 30.30 -107.00 38.04
CA LYS NA 74 29.65 -107.56 36.87
C LYS NA 74 29.77 -109.08 36.85
N GLY NA 75 30.97 -109.61 37.06
CA GLY NA 75 31.18 -111.05 37.05
C GLY NA 75 30.78 -111.70 38.36
N VAL OA 1 -70.69 37.29 -50.60
CA VAL OA 1 -70.94 35.94 -50.10
C VAL OA 1 -71.66 35.99 -48.77
N ARG OA 2 -71.83 34.83 -48.15
CA ARG OA 2 -72.52 34.73 -46.87
C ARG OA 2 -71.63 35.25 -45.75
N TYR OA 3 -72.06 36.33 -45.11
CA TYR OA 3 -71.33 36.90 -43.99
C TYR OA 3 -71.90 36.40 -42.68
N SER OA 4 -71.35 36.92 -41.58
CA SER OA 4 -71.75 36.44 -40.27
C SER OA 4 -73.01 37.15 -39.78
N LEU OA 5 -72.94 38.46 -39.61
CA LEU OA 5 -74.03 39.25 -39.05
C LEU OA 5 -74.64 40.10 -40.16
N ASP OA 6 -75.93 39.88 -40.41
CA ASP OA 6 -76.65 40.69 -41.38
C ASP OA 6 -76.89 42.10 -40.83
N PRO OA 7 -76.77 43.12 -41.67
CA PRO OA 7 -77.07 44.48 -41.22
C PRO OA 7 -78.57 44.70 -41.04
N GLU OA 8 -78.88 45.73 -40.25
CA GLU OA 8 -80.27 46.09 -40.00
C GLU OA 8 -80.93 46.66 -41.26
N ASN OA 9 -80.18 47.42 -42.06
CA ASN OA 9 -80.69 48.01 -43.29
C ASN OA 9 -79.68 47.84 -44.42
N PRO OA 10 -79.98 46.95 -45.38
CA PRO OA 10 -79.02 46.71 -46.49
C PRO OA 10 -78.87 47.87 -47.46
N THR OA 11 -79.87 48.75 -47.56
CA THR OA 11 -79.77 49.88 -48.49
C THR OA 11 -78.78 50.92 -47.96
N LYS OA 12 -78.80 51.15 -46.65
CA LYS OA 12 -77.94 52.16 -46.05
C LYS OA 12 -76.52 51.64 -45.84
N SER OA 13 -76.34 50.32 -45.83
CA SER OA 13 -75.07 49.72 -45.44
C SER OA 13 -74.25 49.32 -46.65
N CYS OA 14 -72.95 49.09 -46.41
CA CYS OA 14 -72.05 48.55 -47.40
C CYS OA 14 -71.09 47.57 -46.71
N LYS OA 15 -70.53 46.66 -47.48
CA LYS OA 15 -69.80 45.51 -46.98
C LYS OA 15 -68.45 45.36 -47.67
N SER OA 16 -67.51 44.73 -46.99
CA SER OA 16 -66.25 44.32 -47.61
C SER OA 16 -65.64 43.15 -46.86
N ARG OA 17 -64.75 42.43 -47.53
CA ARG OA 17 -64.05 41.28 -46.96
C ARG OA 17 -62.73 41.10 -47.69
N GLY OA 18 -61.68 40.85 -46.91
CA GLY OA 18 -60.41 40.41 -47.45
C GLY OA 18 -60.00 39.05 -46.89
N SER OA 19 -59.78 38.09 -47.78
CA SER OA 19 -59.48 36.72 -47.41
C SER OA 19 -57.99 36.44 -47.56
N ASN OA 20 -57.46 35.63 -46.62
CA ASN OA 20 -56.07 35.12 -46.63
C ASN OA 20 -55.05 36.26 -46.64
N LEU OA 21 -55.06 37.06 -45.58
CA LEU OA 21 -54.16 38.19 -45.45
C LEU OA 21 -53.06 37.84 -44.45
N ARG OA 22 -51.80 38.04 -44.88
CA ARG OA 22 -50.64 37.58 -44.09
C ARG OA 22 -50.27 38.66 -43.06
N VAL OA 23 -51.08 38.72 -42.01
CA VAL OA 23 -50.75 39.43 -40.77
C VAL OA 23 -51.16 38.54 -39.61
N HIS OA 24 -50.67 38.87 -38.42
CA HIS OA 24 -50.91 38.03 -37.25
C HIS OA 24 -52.34 38.19 -36.76
N PHE OA 25 -52.93 37.08 -36.31
CA PHE OA 25 -54.32 37.09 -35.83
C PHE OA 25 -54.45 37.87 -34.54
N LYS OA 26 -53.50 37.70 -33.61
CA LYS OA 26 -53.59 38.36 -32.31
C LYS OA 26 -53.28 39.85 -32.43
N ASN OA 27 -52.54 40.24 -33.47
CA ASN OA 27 -52.31 41.66 -33.71
C ASN OA 27 -53.44 42.28 -34.53
N THR OA 28 -54.19 41.44 -35.26
CA THR OA 28 -55.27 41.97 -36.10
C THR OA 28 -56.58 42.12 -35.34
N ARG OA 29 -56.87 41.17 -34.45
CA ARG OA 29 -58.14 41.18 -33.71
C ARG OA 29 -58.25 42.40 -32.80
N GLU OA 30 -57.14 42.80 -32.17
CA GLU OA 30 -57.23 43.87 -31.18
C GLU OA 30 -57.34 45.24 -31.85
N THR OA 31 -56.67 45.43 -32.99
CA THR OA 31 -56.88 46.68 -33.71
C THR OA 31 -58.25 46.71 -34.38
N ALA OA 32 -58.82 45.53 -34.70
CA ALA OA 32 -60.21 45.50 -35.15
C ALA OA 32 -61.17 45.88 -34.04
N GLN OA 33 -60.90 45.43 -32.81
CA GLN OA 33 -61.73 45.84 -31.68
C GLN OA 33 -61.55 47.30 -31.33
N ALA OA 34 -60.35 47.83 -31.54
CA ALA OA 34 -60.11 49.26 -31.31
C ALA OA 34 -60.79 50.11 -32.37
N ILE OA 35 -60.91 49.59 -33.60
CA ILE OA 35 -61.55 50.36 -34.68
C ILE OA 35 -63.03 50.03 -34.83
N LYS OA 36 -63.56 49.14 -33.98
CA LYS OA 36 -64.92 48.63 -34.16
C LYS OA 36 -66.00 49.70 -33.99
N GLY OA 37 -65.78 50.66 -33.10
CA GLY OA 37 -66.84 51.61 -32.79
C GLY OA 37 -66.62 53.03 -33.27
N MET OA 38 -65.77 53.24 -34.25
CA MET OA 38 -65.41 54.59 -34.66
C MET OA 38 -66.17 55.03 -35.91
N HIS OA 39 -66.00 56.30 -36.26
CA HIS OA 39 -66.37 56.83 -37.57
C HIS OA 39 -65.27 56.48 -38.56
N ILE OA 40 -65.57 56.62 -39.86
CA ILE OA 40 -64.61 56.19 -40.88
C ILE OA 40 -63.43 57.16 -40.97
N ARG OA 41 -63.67 58.47 -40.83
CA ARG OA 41 -62.58 59.43 -40.94
C ARG OA 41 -61.70 59.41 -39.69
N LYS OA 42 -62.32 59.35 -38.52
CA LYS OA 42 -61.58 59.16 -37.27
C LYS OA 42 -60.87 57.82 -37.25
N ALA OA 43 -61.42 56.81 -37.92
CA ALA OA 43 -60.79 55.50 -37.98
C ALA OA 43 -59.54 55.53 -38.85
N THR OA 44 -59.60 56.19 -40.01
CA THR OA 44 -58.42 56.33 -40.85
C THR OA 44 -57.36 57.21 -40.19
N LYS OA 45 -57.78 58.24 -39.46
CA LYS OA 45 -56.83 59.05 -38.70
C LYS OA 45 -56.19 58.24 -37.57
N TYR OA 46 -56.96 57.36 -36.94
CA TYR OA 46 -56.43 56.49 -35.89
C TYR OA 46 -55.43 55.48 -36.46
N LEU OA 47 -55.71 54.96 -37.66
CA LEU OA 47 -54.76 54.04 -38.29
C LEU OA 47 -53.49 54.74 -38.73
N LYS OA 48 -53.59 55.99 -39.20
CA LYS OA 48 -52.39 56.75 -39.50
C LYS OA 48 -51.61 57.08 -38.24
N ASP OA 49 -52.30 57.26 -37.11
CA ASP OA 49 -51.61 57.47 -35.84
C ASP OA 49 -50.94 56.20 -35.34
N VAL OA 50 -51.54 55.03 -35.59
CA VAL OA 50 -50.90 53.76 -35.26
C VAL OA 50 -49.67 53.55 -36.14
N THR OA 51 -49.76 53.93 -37.41
CA THR OA 51 -48.62 53.78 -38.33
C THR OA 51 -47.48 54.73 -37.95
N LEU OA 52 -47.80 55.97 -37.60
CA LEU OA 52 -46.80 56.96 -37.24
C LEU OA 52 -46.48 56.99 -35.75
N LYS OA 53 -47.00 56.02 -34.98
CA LYS OA 53 -46.73 55.82 -33.55
C LYS OA 53 -47.16 57.04 -32.73
N LYS OA 54 -48.40 57.46 -32.92
CA LYS OA 54 -49.00 58.56 -32.18
C LYS OA 54 -50.08 58.11 -31.20
N GLN OA 55 -50.94 57.18 -31.61
CA GLN OA 55 -51.93 56.58 -30.73
C GLN OA 55 -51.80 55.07 -30.84
N CYS OA 56 -51.95 54.37 -29.72
CA CYS OA 56 -51.64 52.95 -29.67
C CYS OA 56 -52.90 52.09 -29.72
N VAL OA 57 -52.68 50.79 -29.83
CA VAL OA 57 -53.75 49.80 -29.73
C VAL OA 57 -53.54 49.01 -28.44
N PRO OA 58 -54.39 49.18 -27.42
CA PRO OA 58 -54.18 48.48 -26.15
C PRO OA 58 -54.59 47.01 -26.26
N PHE OA 59 -53.62 46.11 -26.09
CA PHE OA 59 -53.87 44.67 -26.15
C PHE OA 59 -54.62 44.27 -24.88
N ARG OA 60 -55.90 43.91 -25.05
CA ARG OA 60 -56.76 43.56 -23.93
C ARG OA 60 -56.81 42.05 -23.68
N ARG OA 61 -57.14 41.27 -24.70
CA ARG OA 61 -57.25 39.83 -24.52
C ARG OA 61 -55.89 39.14 -24.66
N TYR OA 62 -55.27 39.27 -25.82
CA TYR OA 62 -53.96 38.64 -26.07
C TYR OA 62 -52.86 39.57 -25.56
N ASN OA 63 -52.66 39.54 -24.24
CA ASN OA 63 -51.86 40.54 -23.56
C ASN OA 63 -50.69 39.94 -22.77
N GLY OA 64 -50.23 38.75 -23.14
CA GLY OA 64 -49.15 38.12 -22.42
C GLY OA 64 -47.77 38.58 -22.86
N GLY OA 65 -47.01 39.15 -21.93
CA GLY OA 65 -45.66 39.58 -22.23
C GLY OA 65 -45.54 40.86 -23.01
N VAL OA 66 -46.63 41.60 -23.16
CA VAL OA 66 -46.65 42.83 -23.94
C VAL OA 66 -46.18 43.98 -23.05
N GLY OA 67 -45.23 44.77 -23.54
CA GLY OA 67 -44.76 45.92 -22.79
C GLY OA 67 -45.80 47.03 -22.72
N ARG OA 68 -45.71 47.82 -21.66
CA ARG OA 68 -46.65 48.89 -21.43
C ARG OA 68 -46.26 50.14 -22.22
N CYS OA 69 -47.20 51.08 -22.32
CA CYS OA 69 -46.94 52.37 -22.92
C CYS OA 69 -47.89 53.38 -22.30
N ALA OA 70 -47.54 54.67 -22.45
CA ALA OA 70 -48.31 55.73 -21.81
C ALA OA 70 -49.59 56.05 -22.58
N GLN OA 71 -49.65 55.68 -23.86
CA GLN OA 71 -50.74 56.12 -24.73
C GLN OA 71 -52.03 55.34 -24.51
N ALA OA 72 -52.00 54.27 -23.72
CA ALA OA 72 -53.19 53.44 -23.54
C ALA OA 72 -54.09 53.95 -22.42
N LYS OA 73 -53.69 55.02 -21.73
CA LYS OA 73 -54.56 55.60 -20.70
C LYS OA 73 -55.74 56.35 -21.30
N GLN OA 74 -55.70 56.65 -22.59
CA GLN OA 74 -56.89 57.14 -23.29
C GLN OA 74 -57.98 56.08 -23.30
N TRP OA 75 -57.60 54.84 -23.62
CA TRP OA 75 -58.58 53.76 -23.62
C TRP OA 75 -58.88 53.25 -22.22
N GLY OA 76 -57.96 53.44 -21.28
CA GLY OA 76 -58.15 52.97 -19.93
C GLY OA 76 -57.55 51.58 -19.75
N TRP OA 77 -56.31 51.43 -20.21
CA TRP OA 77 -55.63 50.16 -20.17
C TRP OA 77 -54.14 50.44 -19.96
N THR OA 78 -53.40 49.42 -19.56
CA THR OA 78 -52.00 49.61 -19.22
C THR OA 78 -51.07 49.29 -20.38
N GLN OA 79 -51.32 48.18 -21.06
CA GLN OA 79 -50.44 47.76 -22.14
C GLN OA 79 -50.89 48.32 -23.48
N GLY OA 80 -49.99 48.29 -24.45
CA GLY OA 80 -50.29 48.79 -25.78
C GLY OA 80 -49.17 48.58 -26.77
N ARG OA 81 -49.52 48.55 -28.06
CA ARG OA 81 -48.54 48.32 -29.12
C ARG OA 81 -49.09 48.97 -30.38
N TRP OA 82 -48.23 49.14 -31.39
CA TRP OA 82 -48.57 49.85 -32.62
C TRP OA 82 -48.45 48.95 -33.84
N PRO OA 83 -49.46 48.09 -34.10
CA PRO OA 83 -49.33 47.11 -35.18
C PRO OA 83 -49.41 47.71 -36.58
N LYS OA 84 -48.26 47.75 -37.27
CA LYS OA 84 -48.13 48.52 -38.50
C LYS OA 84 -48.85 47.87 -39.67
N LYS OA 85 -48.49 46.61 -39.99
CA LYS OA 85 -49.11 45.93 -41.12
C LYS OA 85 -50.56 45.57 -40.82
N SER OA 86 -50.86 45.26 -39.54
CA SER OA 86 -52.23 45.01 -39.13
C SER OA 86 -53.08 46.27 -39.21
N ALA OA 87 -52.45 47.44 -39.10
CA ALA OA 87 -53.16 48.69 -39.36
C ALA OA 87 -53.33 48.94 -40.85
N GLU OA 88 -52.27 48.69 -41.64
CA GLU OA 88 -52.25 49.09 -43.04
C GLU OA 88 -53.16 48.22 -43.91
N PHE OA 89 -53.28 46.92 -43.61
CA PHE OA 89 -54.13 46.06 -44.45
C PHE OA 89 -55.60 46.37 -44.24
N LEU OA 90 -56.02 46.60 -43.00
CA LEU OA 90 -57.41 47.02 -42.85
C LEU OA 90 -57.60 48.51 -43.16
N LEU OA 91 -56.53 49.30 -43.27
CA LEU OA 91 -56.66 50.63 -43.87
C LEU OA 91 -56.99 50.53 -45.36
N HIS OA 92 -56.33 49.61 -46.06
CA HIS OA 92 -56.71 49.30 -47.44
C HIS OA 92 -58.13 48.74 -47.52
N MET OA 93 -58.56 48.02 -46.49
CA MET OA 93 -59.93 47.50 -46.48
C MET OA 93 -60.95 48.60 -46.24
N LEU OA 94 -60.63 49.59 -45.40
CA LEU OA 94 -61.51 50.75 -45.27
C LEU OA 94 -61.52 51.59 -46.56
N LYS OA 95 -60.40 51.62 -47.28
CA LYS OA 95 -60.39 52.28 -48.59
C LYS OA 95 -61.27 51.56 -49.59
N ASN OA 96 -61.23 50.22 -49.58
CA ASN OA 96 -62.08 49.42 -50.46
C ASN OA 96 -63.55 49.56 -50.06
N ALA OA 97 -63.84 49.65 -48.75
CA ALA OA 97 -65.22 49.81 -48.32
C ALA OA 97 -65.76 51.20 -48.63
N GLU OA 98 -64.91 52.23 -48.59
CA GLU OA 98 -65.31 53.56 -49.02
C GLU OA 98 -65.56 53.59 -50.52
N SER OA 99 -64.75 52.85 -51.29
CA SER OA 99 -65.01 52.71 -52.72
C SER OA 99 -66.31 51.96 -52.99
N ASN OA 100 -66.63 50.96 -52.17
CA ASN OA 100 -67.89 50.24 -52.33
C ASN OA 100 -69.08 51.11 -51.98
N ALA OA 101 -68.94 51.98 -50.97
CA ALA OA 101 -70.01 52.92 -50.64
C ALA OA 101 -70.18 53.97 -51.72
N GLU OA 102 -69.07 54.38 -52.35
CA GLU OA 102 -69.16 55.32 -53.48
C GLU OA 102 -69.80 54.66 -54.69
N LEU OA 103 -69.54 53.36 -54.89
CA LEU OA 103 -70.17 52.63 -55.98
C LEU OA 103 -71.67 52.45 -55.73
N LYS OA 104 -72.05 52.13 -54.49
CA LYS OA 104 -73.45 51.92 -54.17
C LYS OA 104 -74.22 53.24 -54.13
N GLY OA 105 -73.54 54.34 -53.85
CA GLY OA 105 -74.19 55.63 -53.80
C GLY OA 105 -74.55 56.04 -52.39
N LEU OA 106 -73.59 55.92 -51.48
CA LEU OA 106 -73.80 56.24 -50.07
C LEU OA 106 -73.00 57.48 -49.71
N ASP OA 107 -73.41 58.12 -48.62
CA ASP OA 107 -72.69 59.27 -48.09
C ASP OA 107 -71.38 58.82 -47.45
N VAL OA 108 -70.29 59.51 -47.79
CA VAL OA 108 -68.96 59.05 -47.38
C VAL OA 108 -68.67 59.43 -45.93
N ASP OA 109 -68.89 60.70 -45.57
CA ASP OA 109 -68.51 61.20 -44.26
C ASP OA 109 -69.54 60.93 -43.16
N SER OA 110 -70.43 59.96 -43.34
CA SER OA 110 -71.36 59.54 -42.29
C SER OA 110 -71.29 58.05 -42.02
N LEU OA 111 -70.28 57.36 -42.52
CA LEU OA 111 -70.18 55.90 -42.38
C LEU OA 111 -69.61 55.55 -41.01
N VAL OA 112 -70.37 54.79 -40.22
CA VAL OA 112 -69.91 54.25 -38.95
C VAL OA 112 -69.82 52.74 -39.12
N ILE OA 113 -68.67 52.18 -38.76
CA ILE OA 113 -68.48 50.74 -38.80
C ILE OA 113 -69.32 50.08 -37.72
N GLU OA 114 -70.15 49.11 -38.11
CA GLU OA 114 -71.03 48.47 -37.15
C GLU OA 114 -70.57 47.05 -36.85
N HIS OA 115 -69.83 46.44 -37.76
CA HIS OA 115 -69.37 45.07 -37.60
C HIS OA 115 -67.99 44.91 -38.21
N ILE OA 116 -67.11 44.22 -37.48
CA ILE OA 116 -65.80 43.82 -37.99
C ILE OA 116 -65.46 42.47 -37.35
N GLN OA 117 -64.84 41.60 -38.14
CA GLN OA 117 -64.57 40.24 -37.69
C GLN OA 117 -63.26 39.77 -38.29
N VAL OA 118 -62.44 39.15 -37.44
CA VAL OA 118 -61.14 38.60 -37.81
C VAL OA 118 -61.13 37.13 -37.45
N ASN OA 119 -60.84 36.27 -38.41
CA ASN OA 119 -60.90 34.83 -38.23
C ASN OA 119 -59.59 34.19 -38.68
N LYS OA 120 -59.32 32.99 -38.17
CA LYS OA 120 -58.08 32.29 -38.50
C LYS OA 120 -58.20 31.65 -39.89
N ALA OA 121 -57.17 31.81 -40.70
CA ALA OA 121 -57.12 31.31 -42.07
C ALA OA 121 -56.40 29.96 -42.09
N PRO OA 122 -56.40 29.24 -43.22
CA PRO OA 122 -55.52 28.06 -43.31
C PRO OA 122 -54.05 28.45 -43.22
N LYS OA 123 -53.35 27.81 -42.28
CA LYS OA 123 -52.00 28.22 -41.92
C LYS OA 123 -50.97 27.68 -42.91
N MET OA 124 -50.06 28.56 -43.33
CA MET OA 124 -48.90 28.11 -44.10
C MET OA 124 -47.87 27.51 -43.15
N ARG OA 125 -47.13 26.51 -43.65
CA ARG OA 125 -46.27 25.73 -42.77
C ARG OA 125 -44.85 25.76 -43.30
N ARG OA 126 -43.92 26.33 -42.54
CA ARG OA 126 -42.49 26.27 -42.87
C ARG OA 126 -41.78 25.39 -41.82
N ARG OA 127 -40.46 25.52 -41.69
CA ARG OA 127 -39.75 24.72 -40.68
C ARG OA 127 -38.49 25.40 -40.23
N THR OA 128 -38.17 25.23 -38.95
CA THR OA 128 -36.99 25.83 -38.34
C THR OA 128 -36.22 24.76 -37.64
N TYR OA 129 -34.89 24.85 -37.66
CA TYR OA 129 -34.05 23.83 -37.05
C TYR OA 129 -33.62 24.12 -35.63
N ARG OA 130 -33.62 23.11 -34.78
CA ARG OA 130 -33.31 23.27 -33.37
C ARG OA 130 -32.17 22.32 -32.99
N ALA OA 131 -31.90 22.26 -31.69
CA ALA OA 131 -30.77 21.49 -31.19
C ALA OA 131 -31.00 20.00 -31.33
N HIS OA 132 -29.90 19.25 -31.28
CA HIS OA 132 -29.91 17.80 -31.37
C HIS OA 132 -30.62 17.23 -32.60
N GLY OA 133 -30.49 17.94 -33.70
CA GLY OA 133 -31.02 17.47 -34.96
C GLY OA 133 -32.52 17.30 -34.99
N ARG OA 134 -33.26 18.33 -34.56
CA ARG OA 134 -34.71 18.30 -34.55
C ARG OA 134 -35.27 19.44 -35.40
N ILE OA 135 -36.49 19.27 -35.89
CA ILE OA 135 -37.11 20.27 -36.73
C ILE OA 135 -38.53 20.62 -36.34
N ASN OA 136 -38.75 21.80 -35.78
CA ASN OA 136 -40.07 22.21 -35.37
C ASN OA 136 -40.78 23.02 -36.41
N PRO OA 137 -42.11 23.04 -36.37
CA PRO OA 137 -42.86 23.86 -37.34
C PRO OA 137 -42.70 25.34 -37.06
N TYR OA 138 -42.90 26.16 -38.09
CA TYR OA 138 -42.77 27.61 -37.99
C TYR OA 138 -43.94 28.12 -38.79
N MET OA 139 -45.12 27.77 -38.33
CA MET OA 139 -46.36 28.02 -39.04
C MET OA 139 -46.81 29.47 -38.91
N SER OA 140 -47.35 30.00 -40.01
CA SER OA 140 -47.96 31.32 -40.03
C SER OA 140 -49.32 31.28 -39.34
N SER OA 141 -49.89 32.45 -39.12
CA SER OA 141 -51.29 32.59 -38.69
C SER OA 141 -51.97 33.72 -39.45
N PRO OA 142 -52.34 33.49 -40.71
CA PRO OA 142 -53.05 34.53 -41.46
C PRO OA 142 -54.51 34.61 -41.04
N CYS OA 143 -55.18 35.64 -41.52
CA CYS OA 143 -56.53 35.93 -41.05
C CYS OA 143 -57.44 36.35 -42.19
N HIS OA 144 -58.71 35.98 -42.07
CA HIS OA 144 -59.78 36.48 -42.92
C HIS OA 144 -60.49 37.62 -42.19
N ILE OA 145 -60.58 38.78 -42.83
CA ILE OA 145 -61.16 39.95 -42.19
C ILE OA 145 -62.40 40.35 -42.97
N GLU OA 146 -63.46 40.76 -42.28
CA GLU OA 146 -64.65 41.25 -42.97
C GLU OA 146 -65.31 42.34 -42.13
N MET OA 147 -65.89 43.33 -42.81
CA MET OA 147 -66.43 44.48 -42.10
C MET OA 147 -67.62 45.05 -42.84
N ILE OA 148 -68.43 45.81 -42.10
CA ILE OA 148 -69.68 46.40 -42.57
C ILE OA 148 -69.75 47.84 -42.06
N LEU OA 149 -69.95 48.78 -42.99
CA LEU OA 149 -70.20 50.18 -42.68
C LEU OA 149 -71.68 50.50 -42.85
N THR OA 150 -72.17 51.47 -42.07
CA THR OA 150 -73.56 51.88 -42.12
C THR OA 150 -73.65 53.39 -41.90
N GLU OA 151 -74.47 54.06 -42.70
CA GLU OA 151 -74.69 55.48 -42.53
C GLU OA 151 -75.52 55.76 -41.27
N LYS OA 152 -74.96 56.52 -40.35
CA LYS OA 152 -75.68 56.99 -39.17
C LYS OA 152 -75.36 58.45 -38.93
N GLU OA 153 -76.37 59.30 -38.94
CA GLU OA 153 -76.18 60.73 -38.73
C GLU OA 153 -75.97 61.05 -37.25
N GLY PA 1 54.21 -104.69 72.94
CA GLY PA 1 53.02 -104.49 72.14
C GLY PA 1 53.05 -103.20 71.35
N VAL PA 2 51.97 -102.40 71.47
CA VAL PA 2 51.84 -101.13 70.76
C VAL PA 2 51.54 -100.04 71.78
N THR PA 3 51.58 -98.79 71.30
CA THR PA 3 51.21 -97.62 72.08
C THR PA 3 50.06 -96.92 71.37
N VAL PA 4 49.64 -95.78 71.91
CA VAL PA 4 48.52 -95.07 71.31
C VAL PA 4 48.99 -94.23 70.13
N LYS PA 5 50.31 -94.03 69.99
CA LYS PA 5 50.84 -93.25 68.89
C LYS PA 5 50.84 -94.05 67.60
N ASP PA 6 50.82 -95.39 67.70
CA ASP PA 6 50.67 -96.23 66.53
C ASP PA 6 49.19 -96.37 66.16
N VAL PA 7 48.31 -95.90 67.03
CA VAL PA 7 46.87 -96.01 66.83
C VAL PA 7 46.33 -94.71 66.24
N ASN PA 8 45.47 -94.84 65.22
CA ASN PA 8 44.75 -93.70 64.67
C ASN PA 8 43.82 -93.11 65.73
N GLN PA 9 43.98 -91.82 66.03
CA GLN PA 9 43.37 -91.22 67.20
C GLN PA 9 41.87 -90.94 67.02
N GLN PA 10 41.41 -90.79 65.78
CA GLN PA 10 40.04 -90.35 65.53
C GLN PA 10 39.03 -91.42 65.93
N GLU PA 11 39.33 -92.69 65.66
CA GLU PA 11 38.52 -93.78 66.17
C GLU PA 11 38.93 -94.19 67.58
N PHE PA 12 40.13 -93.79 68.02
CA PHE PA 12 40.60 -94.17 69.34
C PHE PA 12 39.85 -93.41 70.44
N VAL PA 13 39.53 -92.14 70.18
CA VAL PA 13 38.76 -91.37 71.16
C VAL PA 13 37.32 -91.88 71.22
N ARG PA 14 36.80 -92.37 70.09
CA ARG PA 14 35.47 -92.99 70.10
C ARG PA 14 35.49 -94.33 70.82
N ALA PA 15 36.61 -95.06 70.72
CA ALA PA 15 36.74 -96.33 71.42
C ALA PA 15 36.83 -96.13 72.93
N LEU PA 16 37.54 -95.08 73.37
CA LEU PA 16 37.59 -94.81 74.80
C LEU PA 16 36.27 -94.21 75.29
N ALA PA 17 35.53 -93.52 74.42
CA ALA PA 17 34.18 -93.09 74.77
C ALA PA 17 33.26 -94.30 74.94
N ALA PA 18 33.42 -95.31 74.08
CA ALA PA 18 32.66 -96.55 74.26
C ALA PA 18 33.10 -97.30 75.52
N PHE PA 19 34.38 -97.17 75.88
CA PHE PA 19 34.86 -97.76 77.14
C PHE PA 19 34.25 -97.07 78.35
N LEU PA 20 34.08 -95.75 78.28
CA LEU PA 20 33.41 -95.03 79.36
C LEU PA 20 31.92 -95.33 79.39
N LYS PA 21 31.33 -95.60 78.21
CA LYS PA 21 29.95 -96.10 78.15
C LYS PA 21 29.84 -97.47 78.81
N LYS PA 22 30.85 -98.32 78.66
CA LYS PA 22 30.83 -99.63 79.29
C LYS PA 22 31.05 -99.52 80.79
N SER PA 23 31.89 -98.57 81.22
CA SER PA 23 32.16 -98.41 82.65
C SER PA 23 30.97 -97.77 83.36
N GLY PA 24 30.63 -96.53 82.99
CA GLY PA 24 29.43 -95.90 83.47
C GLY PA 24 29.40 -95.50 84.93
N LYS PA 25 30.51 -94.95 85.45
CA LYS PA 25 30.54 -94.52 86.84
C LYS PA 25 31.35 -93.22 86.99
N LEU PA 26 31.31 -92.37 85.95
CA LEU PA 26 32.07 -91.13 85.98
C LEU PA 26 31.41 -90.04 86.83
N LYS PA 27 30.16 -90.26 87.27
CA LYS PA 27 29.37 -89.33 88.09
C LYS PA 27 29.23 -87.98 87.36
N VAL PA 28 28.48 -87.99 86.26
CA VAL PA 28 28.28 -86.80 85.43
C VAL PA 28 27.51 -85.74 86.21
N PRO PA 29 27.78 -84.46 85.98
CA PRO PA 29 26.97 -83.41 86.62
C PRO PA 29 25.56 -83.34 86.07
N GLU PA 30 24.76 -82.49 86.71
CA GLU PA 30 23.35 -82.36 86.35
C GLU PA 30 23.17 -81.47 85.13
N TRP PA 31 24.00 -80.44 84.99
CA TRP PA 31 23.88 -79.47 83.91
C TRP PA 31 24.58 -79.89 82.62
N VAL PA 32 24.81 -81.20 82.42
CA VAL PA 32 25.47 -81.68 81.21
C VAL PA 32 24.56 -81.53 80.00
N ASP PA 33 23.28 -81.85 80.16
CA ASP PA 33 22.41 -82.05 79.00
C ASP PA 33 22.03 -80.74 78.32
N THR PA 34 22.20 -79.61 79.02
CA THR PA 34 21.62 -78.37 78.51
C THR PA 34 22.67 -77.28 78.28
N VAL PA 35 23.92 -77.51 78.67
CA VAL PA 35 24.92 -76.43 78.66
C VAL PA 35 25.59 -76.33 77.28
N LYS PA 36 26.05 -75.14 76.95
CA LYS PA 36 26.92 -74.88 75.80
C LYS PA 36 28.37 -74.89 76.27
N LEU PA 37 29.23 -75.55 75.49
CA LEU PA 37 30.57 -75.90 75.96
C LEU PA 37 31.57 -74.76 75.92
N ALA PA 38 31.22 -73.62 75.31
CA ALA PA 38 32.16 -72.51 75.21
C ALA PA 38 31.42 -71.22 74.97
N LYS PA 39 32.11 -70.11 75.26
CA LYS PA 39 31.58 -68.78 74.94
C LYS PA 39 31.67 -68.49 73.45
N HIS PA 40 32.53 -69.21 72.72
CA HIS PA 40 32.64 -68.96 71.29
C HIS PA 40 31.81 -69.92 70.45
N LYS PA 41 31.41 -71.06 71.00
CA LYS PA 41 30.47 -71.94 70.32
C LYS PA 41 29.09 -71.31 70.26
N GLU PA 42 28.26 -71.82 69.35
CA GLU PA 42 26.93 -71.27 69.17
C GLU PA 42 25.84 -72.21 69.68
N LEU PA 43 25.90 -73.48 69.31
CA LEU PA 43 24.86 -74.44 69.64
C LEU PA 43 25.35 -75.45 70.67
N ALA PA 44 24.40 -76.27 71.12
CA ALA PA 44 24.72 -77.48 71.86
C ALA PA 44 25.22 -78.55 70.89
N PRO PA 45 26.02 -79.50 71.36
CA PRO PA 45 26.53 -80.55 70.46
C PRO PA 45 25.43 -81.48 69.97
N TYR PA 46 25.65 -82.01 68.76
CA TYR PA 46 24.68 -82.94 68.17
C TYR PA 46 24.69 -84.28 68.88
N ASP PA 47 25.82 -84.64 69.49
CA ASP PA 47 25.93 -85.94 70.15
C ASP PA 47 25.46 -85.84 71.59
N GLU PA 48 24.76 -86.87 72.06
CA GLU PA 48 24.17 -86.80 73.40
C GLU PA 48 25.18 -87.14 74.49
N ASN PA 49 26.29 -87.78 74.12
CA ASN PA 49 27.30 -88.16 75.11
C ASN PA 49 28.64 -87.52 74.79
N TRP PA 50 28.63 -86.20 74.54
CA TRP PA 50 29.85 -85.45 74.29
C TRP PA 50 30.79 -85.42 75.49
N PHE PA 51 30.25 -85.58 76.70
CA PHE PA 51 31.07 -85.57 77.92
C PHE PA 51 32.04 -86.75 77.95
N TYR PA 52 31.58 -87.92 77.49
CA TYR PA 52 32.44 -89.11 77.52
C TYR PA 52 33.51 -89.01 76.44
N THR PA 53 33.16 -88.45 75.27
CA THR PA 53 34.14 -88.29 74.19
C THR PA 53 35.19 -87.25 74.58
N ARG PA 54 34.78 -86.16 75.23
CA ARG PA 54 35.74 -85.17 75.66
C ARG PA 54 36.59 -85.66 76.82
N ALA PA 55 36.04 -86.54 77.68
CA ALA PA 55 36.86 -87.17 78.71
C ALA PA 55 37.87 -88.15 78.11
N ALA PA 56 37.49 -88.82 77.02
CA ALA PA 56 38.43 -89.66 76.27
C ALA PA 56 39.57 -88.82 75.69
N SER PA 57 39.22 -87.68 75.10
CA SER PA 57 40.22 -86.77 74.55
C SER PA 57 41.11 -86.18 75.64
N THR PA 58 40.52 -85.88 76.80
CA THR PA 58 41.30 -85.41 77.96
C THR PA 58 42.28 -86.47 78.43
N ALA PA 59 41.86 -87.74 78.45
CA ALA PA 59 42.74 -88.83 78.84
C ALA PA 59 43.91 -88.98 77.88
N ARG PA 60 43.66 -88.91 76.57
CA ARG PA 60 44.80 -89.07 75.66
C ARG PA 60 45.69 -87.82 75.58
N HIS PA 61 45.13 -86.62 75.82
CA HIS PA 61 45.99 -85.44 75.93
C HIS PA 61 46.87 -85.51 77.17
N LEU PA 62 46.32 -85.98 78.29
CA LEU PA 62 47.12 -86.09 79.50
C LEU PA 62 48.10 -87.26 79.41
N TYR PA 63 47.81 -88.22 78.53
CA TYR PA 63 48.80 -89.25 78.24
C TYR PA 63 49.96 -88.69 77.40
N LEU PA 64 49.64 -87.85 76.42
CA LEU PA 64 50.69 -87.27 75.58
C LEU PA 64 51.54 -86.27 76.36
N ARG PA 65 50.92 -85.44 77.20
CA ARG PA 65 51.67 -84.51 78.04
C ARG PA 65 50.90 -84.24 79.33
N GLY PA 66 51.61 -84.32 80.45
CA GLY PA 66 51.02 -84.16 81.75
C GLY PA 66 51.18 -82.74 82.29
N GLY PA 67 50.62 -82.53 83.48
CA GLY PA 67 50.67 -81.22 84.11
C GLY PA 67 49.83 -80.17 83.43
N ALA PA 68 48.77 -80.58 82.74
CA ALA PA 68 47.90 -79.66 82.01
C ALA PA 68 46.68 -79.34 82.88
N GLY PA 69 46.63 -78.11 83.38
CA GLY PA 69 45.52 -77.68 84.20
C GLY PA 69 44.38 -77.11 83.37
N VAL PA 70 43.53 -76.36 84.06
CA VAL PA 70 42.27 -75.88 83.48
C VAL PA 70 42.54 -74.84 82.39
N GLY PA 71 43.55 -74.00 82.58
CA GLY PA 71 43.92 -73.05 81.53
C GLY PA 71 44.44 -73.71 80.27
N SER PA 72 45.24 -74.78 80.43
CA SER PA 72 45.72 -75.53 79.27
C SER PA 72 44.58 -76.29 78.60
N MET PA 73 43.58 -76.72 79.37
CA MET PA 73 42.44 -77.40 78.76
C MET PA 73 41.54 -76.43 78.01
N THR PA 74 41.39 -75.20 78.52
CA THR PA 74 40.70 -74.18 77.75
C THR PA 74 41.50 -73.76 76.52
N LYS PA 75 42.84 -73.86 76.60
CA LYS PA 75 43.67 -73.56 75.44
C LYS PA 75 43.52 -74.62 74.36
N ILE PA 76 43.43 -75.90 74.74
CA ILE PA 76 43.27 -76.96 73.75
C ILE PA 76 41.83 -77.01 73.24
N TYR PA 77 40.87 -76.51 74.02
CA TYR PA 77 39.48 -76.44 73.55
C TYR PA 77 39.03 -75.02 73.23
N GLY PA 78 39.95 -74.13 72.87
CA GLY PA 78 39.58 -72.84 72.30
C GLY PA 78 39.31 -72.97 70.82
N GLY PA 79 38.81 -71.87 70.24
CA GLY PA 79 38.49 -71.87 68.84
C GLY PA 79 38.18 -70.47 68.35
N ARG PA 80 37.50 -70.41 67.20
CA ARG PA 80 37.12 -69.14 66.61
C ARG PA 80 35.94 -68.53 67.36
N GLN PA 81 36.06 -67.25 67.70
CA GLN PA 81 34.96 -66.49 68.29
C GLN PA 81 34.37 -65.62 67.19
N ARG PA 82 33.32 -66.13 66.54
CA ARG PA 82 32.65 -65.38 65.50
C ARG PA 82 31.84 -64.24 66.11
N ASN PA 83 32.39 -63.02 66.02
CA ASN PA 83 31.80 -61.84 66.65
C ASN PA 83 30.74 -61.17 65.77
N GLY PA 84 30.28 -61.85 64.72
CA GLY PA 84 29.28 -61.27 63.85
C GLY PA 84 29.84 -60.24 62.90
N VAL PA 85 29.53 -58.96 63.15
CA VAL PA 85 29.96 -57.90 62.24
C VAL PA 85 31.44 -57.59 62.44
N MET PA 86 32.02 -57.98 63.58
CA MET PA 86 33.42 -57.77 63.86
C MET PA 86 34.23 -58.97 63.39
N PRO PA 87 35.53 -58.78 63.12
CA PRO PA 87 36.38 -59.93 62.77
C PRO PA 87 36.55 -60.89 63.93
N SER PA 88 36.85 -62.13 63.59
CA SER PA 88 36.95 -63.20 64.58
C SER PA 88 38.31 -63.21 65.25
N HIS PA 89 38.35 -63.84 66.43
CA HIS PA 89 39.58 -63.97 67.20
C HIS PA 89 39.63 -65.37 67.80
N PHE PA 90 40.70 -65.62 68.57
CA PHE PA 90 40.78 -66.85 69.34
C PHE PA 90 40.11 -66.66 70.70
N SER PA 91 39.36 -67.66 71.13
CA SER PA 91 38.68 -67.63 72.42
C SER PA 91 38.84 -68.98 73.09
N ARG PA 92 39.20 -68.95 74.38
CA ARG PA 92 39.34 -70.18 75.14
C ARG PA 92 37.98 -70.80 75.45
N GLY PA 93 37.99 -72.07 75.80
CA GLY PA 93 36.77 -72.77 76.14
C GLY PA 93 36.32 -72.49 77.55
N SER PA 94 35.27 -73.21 77.95
CA SER PA 94 34.73 -73.08 79.31
C SER PA 94 35.62 -73.79 80.31
N LYS PA 95 35.78 -73.19 81.48
CA LYS PA 95 36.67 -73.74 82.50
C LYS PA 95 35.99 -74.86 83.28
N SER PA 96 34.70 -74.71 83.54
CA SER PA 96 34.02 -75.61 84.47
C SER PA 96 33.78 -76.98 83.87
N VAL PA 97 33.67 -77.06 82.53
CA VAL PA 97 33.46 -78.36 81.90
C VAL PA 97 34.70 -79.23 82.00
N ALA PA 98 35.88 -78.64 81.78
CA ALA PA 98 37.12 -79.39 81.94
C ALA PA 98 37.42 -79.62 83.42
N ARG PA 99 36.94 -78.71 84.28
CA ARG PA 99 37.03 -78.92 85.72
C ARG PA 99 36.24 -80.16 86.15
N ARG PA 100 35.04 -80.34 85.58
CA ARG PA 100 34.23 -81.52 85.92
C ARG PA 100 34.82 -82.78 85.29
N VAL PA 101 35.45 -82.65 84.12
CA VAL PA 101 36.15 -83.80 83.51
C VAL PA 101 37.30 -84.26 84.41
N LEU PA 102 38.08 -83.30 84.91
CA LEU PA 102 39.19 -83.64 85.81
C LEU PA 102 38.69 -84.14 87.16
N GLN PA 103 37.54 -83.65 87.63
CA GLN PA 103 36.96 -84.18 88.86
C GLN PA 103 36.45 -85.61 88.67
N ALA PA 104 35.91 -85.94 87.49
CA ALA PA 104 35.51 -87.31 87.21
C ALA PA 104 36.71 -88.23 87.11
N LEU PA 105 37.79 -87.75 86.48
CA LEU PA 105 38.99 -88.57 86.33
C LEU PA 105 39.82 -88.59 87.61
N GLU PA 106 39.49 -87.74 88.58
CA GLU PA 106 40.09 -87.87 89.90
C GLU PA 106 39.22 -88.74 90.81
N GLY PA 107 37.92 -88.76 90.56
CA GLY PA 107 37.00 -89.65 91.24
C GLY PA 107 37.30 -91.10 90.93
N LEU PA 108 37.23 -91.48 89.64
CA LEU PA 108 37.74 -92.80 89.27
C LEU PA 108 39.14 -92.67 88.70
N LYS PA 109 40.04 -93.53 89.19
CA LYS PA 109 41.49 -93.29 89.11
C LYS PA 109 42.01 -93.45 87.68
N MET PA 110 41.97 -92.33 86.95
CA MET PA 110 42.65 -92.24 85.66
C MET PA 110 43.66 -91.09 85.61
N VAL PA 111 43.47 -90.05 86.43
CA VAL PA 111 44.45 -88.99 86.56
C VAL PA 111 44.79 -88.82 88.04
N GLU PA 112 45.79 -87.98 88.30
CA GLU PA 112 46.21 -87.66 89.66
C GLU PA 112 46.81 -86.27 89.65
N LYS PA 113 46.51 -85.46 90.68
CA LYS PA 113 47.06 -84.12 90.78
C LYS PA 113 48.56 -84.20 91.10
N ASP PA 114 49.36 -83.47 90.33
CA ASP PA 114 50.81 -83.54 90.47
C ASP PA 114 51.33 -82.27 91.15
N GLN PA 115 52.53 -82.38 91.72
CA GLN PA 115 53.21 -81.23 92.31
C GLN PA 115 53.57 -80.21 91.24
N ASP PA 116 53.79 -78.97 91.69
CA ASP PA 116 53.95 -77.77 90.86
C ASP PA 116 52.77 -77.56 89.92
N GLY PA 117 51.56 -77.91 90.38
CA GLY PA 117 50.35 -77.70 89.62
C GLY PA 117 50.10 -78.68 88.49
N GLY PA 118 48.83 -78.91 88.16
CA GLY PA 118 48.48 -79.69 87.00
C GLY PA 118 48.06 -81.12 87.31
N ARG PA 119 47.57 -81.79 86.28
CA ARG PA 119 47.14 -83.17 86.34
C ARG PA 119 48.08 -84.06 85.53
N LYS PA 120 48.53 -85.15 86.13
CA LYS PA 120 49.29 -86.17 85.43
C LYS PA 120 48.42 -87.41 85.28
N LEU PA 121 48.90 -88.35 84.48
CA LEU PA 121 48.16 -89.58 84.25
C LEU PA 121 48.78 -90.73 85.03
N THR PA 122 47.93 -91.48 85.72
CA THR PA 122 48.35 -92.55 86.63
C THR PA 122 48.68 -93.79 85.81
N PRO PA 123 49.51 -94.69 86.36
CA PRO PA 123 49.80 -95.96 85.66
C PRO PA 123 48.59 -96.85 85.41
N GLN PA 124 47.53 -96.75 86.22
CA GLN PA 124 46.29 -97.47 85.92
C GLN PA 124 45.65 -96.93 84.65
N GLY PA 125 45.65 -95.60 84.49
CA GLY PA 125 45.16 -95.01 83.26
C GLY PA 125 46.03 -95.34 82.06
N GLN PA 126 47.35 -95.43 82.28
CA GLN PA 126 48.25 -95.86 81.20
C GLN PA 126 48.00 -97.30 80.80
N ARG PA 127 47.70 -98.15 81.79
CA ARG PA 127 47.36 -99.55 81.53
C ARG PA 127 46.08 -99.66 80.71
N ASP PA 128 45.05 -98.90 81.09
CA ASP PA 128 43.78 -98.94 80.36
C ASP PA 128 43.92 -98.36 78.96
N LEU PA 129 44.72 -97.30 78.81
CA LEU PA 129 44.94 -96.68 77.52
C LEU PA 129 45.72 -97.59 76.58
N ASP PA 130 46.70 -98.34 77.09
CA ASP PA 130 47.42 -99.24 76.22
C ASP PA 130 46.61 -100.49 75.90
N ARG PA 131 45.72 -100.90 76.83
CA ARG PA 131 44.80 -102.00 76.53
C ARG PA 131 43.83 -101.62 75.42
N ILE PA 132 43.25 -100.42 75.48
CA ILE PA 132 42.33 -100.05 74.42
C ILE PA 132 43.08 -99.68 73.15
N ALA PA 133 44.37 -99.32 73.24
CA ALA PA 133 45.18 -99.15 72.04
C ALA PA 133 45.39 -100.49 71.33
N GLY PA 134 45.66 -101.53 72.11
CA GLY PA 134 45.72 -102.88 71.54
C GLY PA 134 44.37 -103.34 71.01
N GLN PA 135 43.28 -102.88 71.62
CA GLN PA 135 41.94 -103.20 71.11
C GLN PA 135 41.69 -102.57 69.75
N VAL PA 136 42.05 -101.30 69.59
CA VAL PA 136 41.85 -100.62 68.30
C VAL PA 136 42.80 -101.18 67.25
N ALA PA 137 44.00 -101.60 67.68
CA ALA PA 137 44.93 -102.25 66.76
C ALA PA 137 44.40 -103.60 66.28
N ALA PA 138 43.82 -104.40 67.19
CA ALA PA 138 43.25 -105.68 66.80
C ALA PA 138 41.98 -105.48 65.97
N ALA PA 139 41.28 -104.35 66.17
CA ALA PA 139 40.12 -104.05 65.35
C ALA PA 139 40.52 -103.67 63.93
N LYS PA 140 41.57 -102.87 63.78
CA LYS PA 140 41.97 -102.43 62.45
C LYS PA 140 42.77 -103.50 61.70
N LYS PA 141 43.36 -104.46 62.42
CA LYS PA 141 44.00 -105.59 61.75
C LYS PA 141 42.95 -106.57 61.23
N GLY QA 1 -82.85 -4.29 8.73
CA GLY QA 1 -82.05 -5.40 9.20
C GLY QA 1 -82.79 -6.72 9.24
N VAL QA 2 -82.78 -7.45 8.13
CA VAL QA 2 -83.48 -8.72 8.01
C VAL QA 2 -82.45 -9.82 7.82
N ASP QA 3 -82.34 -10.71 8.81
CA ASP QA 3 -81.32 -11.76 8.79
C ASP QA 3 -81.93 -13.08 8.29
N ILE QA 4 -82.17 -13.12 6.98
CA ILE QA 4 -82.45 -14.35 6.25
C ILE QA 4 -81.57 -14.37 5.03
N ARG QA 5 -80.78 -15.44 4.89
CA ARG QA 5 -79.93 -15.60 3.71
C ARG QA 5 -80.78 -15.82 2.47
N HIS QA 6 -80.50 -15.03 1.42
CA HIS QA 6 -81.23 -15.10 0.16
C HIS QA 6 -80.63 -16.10 -0.81
N ASN QA 7 -79.90 -17.10 -0.30
CA ASN QA 7 -79.24 -18.07 -1.16
C ASN QA 7 -80.26 -19.02 -1.80
N LYS QA 8 -81.17 -19.55 -0.99
CA LYS QA 8 -82.16 -20.53 -1.46
C LYS QA 8 -83.59 -20.01 -1.30
N ASP QA 9 -83.79 -18.72 -1.56
CA ASP QA 9 -85.14 -18.17 -1.52
C ASP QA 9 -85.88 -18.43 -2.83
N ARG QA 10 -85.16 -18.53 -3.94
CA ARG QA 10 -85.75 -18.84 -5.24
C ARG QA 10 -85.69 -20.34 -5.49
N LYS QA 11 -86.83 -20.92 -5.85
CA LYS QA 11 -86.88 -22.32 -6.22
C LYS QA 11 -86.55 -22.44 -7.71
N VAL QA 12 -85.50 -23.18 -8.02
CA VAL QA 12 -84.99 -23.23 -9.39
C VAL QA 12 -85.74 -24.22 -10.28
N ARG QA 13 -86.82 -24.83 -9.78
CA ARG QA 13 -87.65 -25.73 -10.57
C ARG QA 13 -88.35 -25.00 -11.71
N ARG QA 14 -88.81 -25.74 -12.71
CA ARG QA 14 -89.35 -25.12 -13.91
C ARG QA 14 -90.78 -24.64 -13.70
N LYS QA 15 -91.12 -23.56 -14.40
CA LYS QA 15 -92.48 -23.03 -14.44
C LYS QA 15 -93.10 -23.26 -15.81
N GLU QA 16 -92.35 -22.99 -16.87
CA GLU QA 16 -92.74 -23.20 -18.25
C GLU QA 16 -91.64 -23.98 -18.96
N PRO QA 17 -91.98 -24.79 -19.96
CA PRO QA 17 -90.94 -25.57 -20.64
C PRO QA 17 -90.11 -24.72 -21.59
N LYS QA 18 -88.83 -25.11 -21.72
CA LYS QA 18 -87.94 -24.41 -22.62
C LYS QA 18 -88.10 -24.85 -24.08
N SER QA 19 -88.91 -25.88 -24.32
CA SER QA 19 -89.15 -26.33 -25.69
C SER QA 19 -90.06 -25.35 -26.43
N GLN QA 20 -89.81 -25.19 -27.73
CA GLN QA 20 -90.58 -24.29 -28.56
C GLN QA 20 -91.54 -25.02 -29.49
N ASP QA 21 -91.78 -26.30 -29.25
CA ASP QA 21 -92.80 -27.02 -30.01
C ASP QA 21 -94.20 -26.62 -29.54
N ILE QA 22 -95.19 -26.86 -30.40
CA ILE QA 22 -96.51 -26.32 -30.09
C ILE QA 22 -97.46 -27.39 -29.54
N TYR QA 23 -97.28 -28.67 -29.91
CA TYR QA 23 -98.15 -29.73 -29.40
C TYR QA 23 -97.94 -29.96 -27.92
N LEU QA 24 -96.66 -29.94 -27.49
CA LEU QA 24 -96.35 -30.06 -26.07
C LEU QA 24 -96.89 -28.88 -25.28
N ARG QA 25 -96.84 -27.68 -25.88
CA ARG QA 25 -97.40 -26.51 -25.21
C ARG QA 25 -98.92 -26.58 -25.14
N LEU QA 26 -99.59 -27.18 -26.13
CA LEU QA 26 -101.03 -27.35 -26.04
C LEU QA 26 -101.41 -28.34 -24.96
N LEU QA 27 -100.66 -29.45 -24.84
CA LEU QA 27 -100.90 -30.40 -23.76
C LEU QA 27 -100.63 -29.77 -22.39
N VAL QA 28 -99.62 -28.88 -22.32
CA VAL QA 28 -99.35 -28.14 -21.09
C VAL QA 28 -100.50 -27.18 -20.77
N LYS QA 29 -101.02 -26.49 -21.78
CA LYS QA 29 -102.15 -25.56 -21.57
C LYS QA 29 -103.40 -26.30 -21.10
N LEU QA 30 -103.59 -27.54 -21.54
CA LEU QA 30 -104.74 -28.31 -21.09
C LEU QA 30 -104.54 -28.82 -19.67
N TYR QA 31 -103.31 -29.28 -19.36
CA TYR QA 31 -103.08 -29.83 -18.03
C TYR QA 31 -102.86 -28.76 -16.96
N ARG QA 32 -102.55 -27.52 -17.35
CA ARG QA 32 -102.62 -26.41 -16.40
C ARG QA 32 -104.03 -26.20 -15.89
N PHE QA 33 -105.02 -26.37 -16.76
CA PHE QA 33 -106.41 -26.29 -16.34
C PHE QA 33 -106.79 -27.49 -15.49
N LEU QA 34 -106.42 -28.70 -15.95
CA LEU QA 34 -106.83 -29.90 -15.22
C LEU QA 34 -106.15 -30.05 -13.86
N ALA QA 35 -104.92 -29.53 -13.72
CA ALA QA 35 -104.21 -29.67 -12.45
C ALA QA 35 -104.81 -28.79 -11.37
N ARG QA 36 -105.23 -27.58 -11.75
CA ARG QA 36 -105.80 -26.68 -10.75
C ARG QA 36 -107.32 -26.85 -10.64
N ARG QA 37 -107.95 -27.60 -11.55
CA ARG QA 37 -109.38 -27.79 -11.41
C ARG QA 37 -109.75 -29.18 -10.89
N THR QA 38 -108.90 -30.19 -11.06
CA THR QA 38 -109.16 -31.51 -10.51
C THR QA 38 -108.43 -31.66 -9.18
N ASN QA 39 -109.08 -32.37 -8.26
CA ASN QA 39 -108.50 -32.59 -6.93
C ASN QA 39 -107.47 -33.71 -6.92
N SER QA 40 -107.39 -34.51 -7.99
CA SER QA 40 -106.45 -35.61 -8.05
C SER QA 40 -105.03 -35.09 -8.25
N THR QA 41 -104.07 -35.82 -7.69
CA THR QA 41 -102.65 -35.46 -7.80
C THR QA 41 -102.04 -35.97 -9.10
N PHE QA 42 -102.75 -36.85 -9.82
CA PHE QA 42 -102.25 -37.44 -11.05
C PHE QA 42 -102.04 -36.39 -12.14
N ASN QA 43 -102.99 -35.46 -12.28
CA ASN QA 43 -102.87 -34.41 -13.28
C ASN QA 43 -101.71 -33.47 -12.95
N GLN QA 44 -101.48 -33.22 -11.66
CA GLN QA 44 -100.35 -32.41 -11.23
C GLN QA 44 -99.02 -33.12 -11.53
N VAL QA 45 -98.96 -34.43 -11.32
CA VAL QA 45 -97.72 -35.16 -11.58
C VAL QA 45 -97.44 -35.24 -13.08
N VAL QA 46 -98.47 -35.42 -13.90
CA VAL QA 46 -98.28 -35.47 -15.35
C VAL QA 46 -97.90 -34.08 -15.88
N LEU QA 47 -98.51 -33.02 -15.34
CA LEU QA 47 -98.15 -31.66 -15.72
C LEU QA 47 -96.71 -31.34 -15.32
N LYS QA 48 -96.29 -31.82 -14.15
CA LYS QA 48 -94.91 -31.62 -13.70
C LYS QA 48 -93.92 -32.35 -14.59
N ARG QA 49 -94.24 -33.59 -14.96
CA ARG QA 49 -93.30 -34.36 -15.78
C ARG QA 49 -93.33 -33.96 -17.24
N LEU QA 50 -94.33 -33.20 -17.68
CA LEU QA 50 -94.27 -32.64 -19.03
C LEU QA 50 -93.30 -31.47 -19.12
N PHE QA 51 -92.96 -30.83 -17.99
CA PHE QA 51 -92.01 -29.73 -18.06
C PHE QA 51 -90.57 -30.21 -18.23
N MET QA 52 -90.29 -31.47 -17.93
CA MET QA 52 -88.90 -31.90 -17.81
C MET QA 52 -88.24 -32.05 -19.19
N SER QA 53 -86.92 -32.25 -19.15
CA SER QA 53 -86.11 -32.33 -20.35
C SER QA 53 -86.10 -33.74 -20.91
N ARG QA 54 -85.30 -33.93 -21.96
CA ARG QA 54 -85.19 -35.23 -22.63
C ARG QA 54 -84.51 -36.26 -21.74
N THR QA 55 -83.47 -35.85 -21.01
CA THR QA 55 -82.77 -36.78 -20.14
C THR QA 55 -83.57 -37.09 -18.87
N ASN QA 56 -84.49 -36.19 -18.49
CA ASN QA 56 -85.24 -36.41 -17.27
C ASN QA 56 -86.47 -37.29 -17.48
N ARG QA 57 -86.96 -37.43 -18.71
CA ARG QA 57 -87.96 -38.44 -19.06
C ARG QA 57 -87.30 -39.46 -19.98
N PRO QA 58 -86.70 -40.50 -19.42
CA PRO QA 58 -85.97 -41.48 -20.24
C PRO QA 58 -86.92 -42.38 -20.99
N PRO QA 59 -86.47 -43.01 -22.08
CA PRO QA 59 -87.35 -43.92 -22.83
C PRO QA 59 -87.62 -45.19 -22.06
N LEU QA 60 -88.90 -45.57 -22.00
CA LEU QA 60 -89.33 -46.78 -21.32
C LEU QA 60 -89.46 -47.90 -22.35
N SER QA 61 -88.97 -49.09 -21.99
CA SER QA 61 -88.95 -50.17 -22.96
C SER QA 61 -90.18 -51.06 -22.80
N LEU QA 62 -90.46 -51.81 -23.88
CA LEU QA 62 -91.73 -52.52 -23.99
C LEU QA 62 -91.78 -53.74 -23.07
N SER QA 63 -90.66 -54.45 -22.94
CA SER QA 63 -90.62 -55.60 -22.02
C SER QA 63 -90.68 -55.14 -20.57
N ARG QA 64 -90.12 -53.97 -20.28
CA ARG QA 64 -90.22 -53.41 -18.92
C ARG QA 64 -91.64 -52.94 -18.62
N MET QA 65 -92.38 -52.53 -19.65
CA MET QA 65 -93.80 -52.26 -19.47
C MET QA 65 -94.60 -53.55 -19.27
N ILE QA 66 -94.24 -54.61 -20.01
CA ILE QA 66 -94.89 -55.91 -19.89
C ILE QA 66 -94.68 -56.48 -18.48
N ARG QA 67 -93.47 -56.30 -17.92
CA ARG QA 67 -93.19 -56.76 -16.56
C ARG QA 67 -94.05 -56.03 -15.52
N LYS QA 68 -94.12 -54.70 -15.62
CA LYS QA 68 -94.92 -53.94 -14.65
C LYS QA 68 -96.41 -54.19 -14.81
N MET QA 69 -96.85 -54.61 -15.99
CA MET QA 69 -98.24 -55.03 -16.13
C MET QA 69 -98.47 -56.47 -15.65
N LYS QA 70 -97.45 -57.33 -15.72
CA LYS QA 70 -97.57 -58.67 -15.15
C LYS QA 70 -97.50 -58.66 -13.63
N LEU QA 71 -97.01 -57.57 -13.03
CA LEU QA 71 -97.24 -57.34 -11.60
C LEU QA 71 -98.74 -57.34 -11.31
N PRO QA 72 -99.17 -58.06 -10.26
CA PRO QA 72 -100.59 -58.35 -10.09
C PRO QA 72 -101.38 -57.18 -9.51
N GLY QA 73 -102.69 -57.20 -9.76
CA GLY QA 73 -103.58 -56.21 -9.20
C GLY QA 73 -104.04 -55.18 -10.22
N ARG QA 74 -103.10 -54.74 -11.07
CA ARG QA 74 -103.39 -53.73 -12.08
C ARG QA 74 -103.80 -54.35 -13.42
N GLU QA 75 -104.76 -55.26 -13.37
CA GLU QA 75 -105.32 -55.87 -14.57
C GLU QA 75 -106.42 -54.98 -15.11
N ASN QA 76 -106.46 -54.85 -16.44
CA ASN QA 76 -107.34 -53.93 -17.17
C ASN QA 76 -107.17 -52.49 -16.69
N LYS QA 77 -105.92 -52.11 -16.46
CA LYS QA 77 -105.57 -50.79 -15.96
C LYS QA 77 -104.64 -50.17 -16.99
N THR QA 78 -104.90 -48.93 -17.40
CA THR QA 78 -104.09 -48.35 -18.45
C THR QA 78 -102.75 -47.88 -17.91
N ALA QA 79 -101.77 -47.78 -18.81
CA ALA QA 79 -100.42 -47.34 -18.44
C ALA QA 79 -100.16 -45.95 -19.02
N VAL QA 80 -99.61 -45.07 -18.19
CA VAL QA 80 -99.32 -43.69 -18.59
C VAL QA 80 -97.81 -43.48 -18.48
N VAL QA 81 -97.17 -43.27 -19.61
CA VAL QA 81 -95.73 -42.99 -19.68
C VAL QA 81 -95.57 -41.59 -20.23
N VAL QA 82 -94.85 -40.74 -19.49
CA VAL QA 82 -94.66 -39.37 -19.95
C VAL QA 82 -93.67 -39.31 -21.10
N GLY QA 83 -92.61 -40.10 -21.04
CA GLY QA 83 -91.62 -40.13 -22.12
C GLY QA 83 -92.04 -40.95 -23.32
N THR QA 84 -91.08 -41.64 -23.93
CA THR QA 84 -91.32 -42.43 -25.13
C THR QA 84 -91.33 -43.92 -24.80
N VAL QA 85 -92.29 -44.63 -25.38
CA VAL QA 85 -92.41 -46.08 -25.20
C VAL QA 85 -91.72 -46.71 -26.40
N THR QA 86 -90.51 -47.20 -26.19
CA THR QA 86 -89.76 -47.83 -27.27
C THR QA 86 -89.94 -49.34 -27.24
N ASP QA 87 -89.72 -49.96 -28.39
CA ASP QA 87 -89.83 -51.41 -28.49
C ASP QA 87 -88.60 -52.10 -27.95
N ASP QA 88 -88.83 -53.16 -27.18
CA ASP QA 88 -87.77 -54.04 -26.71
C ASP QA 88 -87.86 -55.32 -27.53
N VAL QA 89 -86.78 -55.63 -28.25
CA VAL QA 89 -86.84 -56.70 -29.24
C VAL QA 89 -86.66 -58.08 -28.62
N ARG QA 90 -86.15 -58.16 -27.39
CA ARG QA 90 -85.86 -59.46 -26.77
C ARG QA 90 -87.04 -59.94 -25.91
N VAL QA 91 -88.23 -59.89 -26.49
CA VAL QA 91 -89.42 -60.45 -25.84
C VAL QA 91 -90.29 -61.11 -26.92
N GLN QA 92 -90.91 -62.24 -26.58
CA GLN QA 92 -91.73 -62.98 -27.53
C GLN QA 92 -93.22 -62.76 -27.32
N GLU QA 93 -93.71 -63.06 -26.12
CA GLU QA 93 -95.13 -62.92 -25.83
C GLU QA 93 -95.44 -61.48 -25.42
N VAL QA 94 -96.61 -61.00 -25.82
CA VAL QA 94 -97.04 -59.65 -25.48
C VAL QA 94 -98.57 -59.57 -25.38
N PRO QA 95 -99.11 -59.31 -24.19
CA PRO QA 95 -100.56 -59.13 -24.08
C PRO QA 95 -101.02 -57.79 -24.65
N LYS QA 96 -102.34 -57.63 -24.73
CA LYS QA 96 -102.90 -56.36 -25.19
C LYS QA 96 -102.93 -55.37 -24.03
N LEU QA 97 -102.54 -54.13 -24.32
CA LEU QA 97 -102.43 -53.10 -23.29
C LEU QA 97 -103.13 -51.83 -23.77
N LYS QA 98 -103.20 -50.86 -22.86
CA LYS QA 98 -103.80 -49.56 -23.12
C LYS QA 98 -102.75 -48.51 -22.76
N VAL QA 99 -101.95 -48.11 -23.74
CA VAL QA 99 -100.75 -47.31 -23.51
C VAL QA 99 -101.01 -45.87 -23.90
N CYS QA 100 -100.57 -44.95 -23.05
CA CYS QA 100 -100.70 -43.52 -23.28
C CYS QA 100 -99.32 -42.88 -23.17
N ALA QA 101 -98.84 -42.29 -24.25
CA ALA QA 101 -97.52 -41.68 -24.27
C ALA QA 101 -97.50 -40.56 -25.31
N LEU QA 102 -96.41 -39.79 -25.29
CA LEU QA 102 -96.23 -38.75 -26.29
C LEU QA 102 -95.91 -39.34 -27.66
N ARG QA 103 -94.82 -40.10 -27.75
CA ARG QA 103 -94.39 -40.70 -29.00
C ARG QA 103 -93.99 -42.15 -28.76
N VAL QA 104 -94.59 -43.05 -29.53
CA VAL QA 104 -94.29 -44.48 -29.46
C VAL QA 104 -93.67 -44.88 -30.79
N THR QA 105 -92.59 -45.65 -30.73
CA THR QA 105 -91.83 -46.04 -31.92
C THR QA 105 -92.65 -46.96 -32.81
N SER QA 106 -92.19 -47.10 -34.06
CA SER QA 106 -92.96 -47.79 -35.08
C SER QA 106 -93.03 -49.29 -34.83
N ARG QA 107 -91.91 -49.88 -34.37
CA ARG QA 107 -91.90 -51.30 -34.04
C ARG QA 107 -92.79 -51.59 -32.85
N ALA QA 108 -92.80 -50.70 -31.86
CA ALA QA 108 -93.65 -50.88 -30.69
C ALA QA 108 -95.12 -50.73 -31.04
N ARG QA 109 -95.45 -49.78 -31.92
CA ARG QA 109 -96.84 -49.62 -32.34
C ARG QA 109 -97.31 -50.81 -33.17
N SER QA 110 -96.43 -51.33 -34.03
CA SER QA 110 -96.77 -52.52 -34.81
C SER QA 110 -96.97 -53.72 -33.91
N ARG QA 111 -96.14 -53.87 -32.87
CA ARG QA 111 -96.26 -54.99 -31.95
C ARG QA 111 -97.55 -54.89 -31.11
N ILE QA 112 -97.88 -53.69 -30.65
CA ILE QA 112 -99.08 -53.52 -29.83
C ILE QA 112 -100.35 -53.69 -30.67
N LEU QA 113 -100.36 -53.14 -31.89
CA LEU QA 113 -101.54 -53.30 -32.74
C LEU QA 113 -101.65 -54.70 -33.33
N LYS QA 114 -100.54 -55.46 -33.35
CA LYS QA 114 -100.63 -56.87 -33.73
C LYS QA 114 -101.13 -57.71 -32.57
N ALA QA 115 -100.75 -57.35 -31.33
CA ALA QA 115 -101.26 -58.04 -30.16
C ALA QA 115 -102.73 -57.70 -29.91
N GLY QA 116 -103.19 -56.55 -30.40
CA GLY QA 116 -104.58 -56.18 -30.27
C GLY QA 116 -104.84 -55.24 -29.11
N GLY QA 117 -103.93 -54.32 -28.87
CA GLY QA 117 -104.07 -53.39 -27.76
C GLY QA 117 -104.65 -52.05 -28.17
N LYS QA 118 -104.23 -51.00 -27.48
CA LYS QA 118 -104.71 -49.66 -27.78
C LYS QA 118 -103.63 -48.66 -27.38
N ILE QA 119 -103.36 -47.70 -28.26
CA ILE QA 119 -102.35 -46.67 -28.04
C ILE QA 119 -103.07 -45.33 -28.12
N LEU QA 120 -103.12 -44.63 -26.99
CA LEU QA 120 -103.83 -43.36 -26.91
C LEU QA 120 -102.84 -42.21 -26.72
N THR QA 121 -103.34 -40.99 -26.92
CA THR QA 121 -102.58 -39.78 -26.64
C THR QA 121 -103.06 -39.15 -25.33
N PHE QA 122 -102.43 -38.03 -24.96
CA PHE QA 122 -102.74 -37.44 -23.67
C PHE QA 122 -104.06 -36.67 -23.69
N ASP QA 123 -104.45 -36.11 -24.83
CA ASP QA 123 -105.75 -35.46 -24.93
C ASP QA 123 -106.88 -36.48 -24.88
N GLN QA 124 -106.69 -37.64 -25.52
CA GLN QA 124 -107.69 -38.71 -25.43
C GLN QA 124 -107.70 -39.34 -24.04
N LEU QA 125 -106.54 -39.35 -23.36
CA LEU QA 125 -106.51 -39.81 -21.98
C LEU QA 125 -107.23 -38.84 -21.05
N ALA QA 126 -107.15 -37.53 -21.34
CA ALA QA 126 -107.89 -36.55 -20.54
C ALA QA 126 -109.39 -36.61 -20.84
N LEU QA 127 -109.76 -36.96 -22.07
CA LEU QA 127 -111.17 -37.17 -22.38
C LEU QA 127 -111.70 -38.44 -21.71
N ASP QA 128 -110.88 -39.49 -21.62
CA ASP QA 128 -111.33 -40.73 -21.03
C ASP QA 128 -111.41 -40.64 -19.52
N SER QA 129 -110.33 -40.20 -18.88
CA SER QA 129 -110.26 -40.04 -17.43
C SER QA 129 -109.75 -38.65 -17.11
N PRO QA 130 -110.64 -37.74 -16.68
CA PRO QA 130 -110.18 -36.37 -16.35
C PRO QA 130 -109.27 -36.31 -15.14
N LYS QA 131 -109.70 -36.88 -14.01
CA LYS QA 131 -108.84 -36.94 -12.83
C LYS QA 131 -107.75 -37.98 -12.98
N GLY QA 132 -107.92 -38.93 -13.90
CA GLY QA 132 -106.92 -39.94 -14.14
C GLY QA 132 -107.14 -41.21 -13.33
N ARG QA 133 -108.35 -41.74 -13.36
CA ARG QA 133 -108.68 -42.96 -12.64
C ARG QA 133 -108.52 -44.16 -13.55
N GLY QA 134 -108.05 -45.27 -12.98
CA GLY QA 134 -107.81 -46.47 -13.75
C GLY QA 134 -106.45 -46.43 -14.44
N THR QA 135 -105.59 -45.54 -13.96
CA THR QA 135 -104.30 -45.28 -14.57
C THR QA 135 -103.17 -45.73 -13.65
N VAL QA 136 -102.07 -46.18 -14.25
CA VAL QA 136 -100.84 -46.46 -13.53
C VAL QA 136 -99.75 -45.67 -14.23
N LEU QA 137 -99.11 -44.75 -13.51
CA LEU QA 137 -98.06 -43.91 -14.08
C LEU QA 137 -96.73 -44.63 -13.96
N LEU QA 138 -96.00 -44.74 -15.06
CA LEU QA 138 -94.71 -45.43 -15.10
C LEU QA 138 -93.62 -44.46 -15.53
N SER QA 139 -92.37 -44.89 -15.39
CA SER QA 139 -91.23 -44.05 -15.74
C SER QA 139 -90.06 -44.94 -16.11
N GLY QA 140 -89.18 -44.41 -16.97
CA GLY QA 140 -88.07 -45.18 -17.48
C GLY QA 140 -86.89 -45.20 -16.53
N PRO QA 141 -85.78 -45.80 -17.00
CA PRO QA 141 -84.56 -45.83 -16.19
C PRO QA 141 -83.88 -44.47 -16.09
N ARG QA 142 -83.92 -43.87 -14.91
CA ARG QA 142 -83.34 -42.54 -14.73
C ARG QA 142 -81.82 -42.59 -14.68
N LYS QA 143 -81.26 -43.48 -13.86
CA LYS QA 143 -79.83 -43.65 -13.76
C LYS QA 143 -79.26 -44.62 -14.78
N GLY QA 144 -80.02 -44.96 -15.81
CA GLY QA 144 -79.58 -45.94 -16.79
C GLY QA 144 -78.63 -45.41 -17.84
N ARG QA 145 -78.45 -44.10 -17.92
CA ARG QA 145 -77.59 -43.54 -18.95
C ARG QA 145 -76.11 -43.77 -18.61
N GLU QA 146 -75.26 -43.66 -19.63
CA GLU QA 146 -73.82 -43.82 -19.44
C GLU QA 146 -73.21 -42.62 -18.73
N VAL QA 147 -73.92 -41.49 -18.72
CA VAL QA 147 -73.42 -40.26 -18.10
C VAL QA 147 -73.35 -40.41 -16.58
N TYR QA 148 -74.28 -41.17 -15.99
CA TYR QA 148 -74.27 -41.36 -14.55
C TYR QA 148 -73.22 -42.36 -14.09
N ARG QA 149 -72.60 -43.10 -15.01
CA ARG QA 149 -71.51 -43.98 -14.63
C ARG QA 149 -70.24 -43.20 -14.34
N HIS QA 150 -70.10 -42.00 -14.91
CA HIS QA 150 -68.93 -41.17 -14.65
C HIS QA 150 -69.12 -40.33 -13.39
N PHE QA 151 -70.34 -40.19 -12.90
CA PHE QA 151 -70.62 -39.29 -11.79
C PHE QA 151 -70.39 -39.98 -10.45
N GLY QA 152 -70.54 -39.21 -9.39
CA GLY QA 152 -70.43 -39.75 -8.05
C GLY QA 152 -69.05 -39.57 -7.45
N LYS QA 153 -68.53 -40.64 -6.85
CA LYS QA 153 -67.22 -40.59 -6.22
C LYS QA 153 -66.13 -40.65 -7.29
N ALA QA 154 -65.03 -39.96 -7.03
CA ALA QA 154 -63.97 -39.86 -8.02
C ALA QA 154 -63.18 -41.16 -8.11
N PRO QA 155 -62.67 -41.51 -9.29
CA PRO QA 155 -61.82 -42.69 -9.42
C PRO QA 155 -60.44 -42.44 -8.83
N GLY QA 156 -59.64 -43.50 -8.79
CA GLY QA 156 -58.34 -43.43 -8.16
C GLY QA 156 -58.44 -43.23 -6.66
N THR QA 157 -59.45 -43.84 -6.04
CA THR QA 157 -59.89 -43.60 -4.68
C THR QA 157 -60.49 -44.91 -4.19
N PRO QA 158 -60.14 -45.35 -2.98
CA PRO QA 158 -60.65 -46.65 -2.48
C PRO QA 158 -62.16 -46.65 -2.29
N HIS QA 159 -62.78 -47.77 -2.71
CA HIS QA 159 -64.23 -47.97 -2.74
C HIS QA 159 -64.92 -46.90 -3.58
N SER QA 160 -64.60 -46.90 -4.88
CA SER QA 160 -65.17 -45.96 -5.85
C SER QA 160 -65.27 -46.69 -7.19
N HIS QA 161 -66.45 -47.25 -7.47
CA HIS QA 161 -66.71 -47.95 -8.73
C HIS QA 161 -67.28 -46.94 -9.73
N THR QA 162 -66.38 -46.19 -10.35
CA THR QA 162 -66.74 -45.10 -11.24
C THR QA 162 -65.87 -45.17 -12.50
N LYS QA 163 -66.51 -45.05 -13.66
CA LYS QA 163 -65.79 -45.12 -14.92
C LYS QA 163 -64.95 -43.87 -15.14
N PRO QA 164 -63.63 -43.99 -15.27
CA PRO QA 164 -62.83 -42.81 -15.59
C PRO QA 164 -62.99 -42.40 -17.03
N TYR QA 165 -62.80 -41.11 -17.28
CA TYR QA 165 -62.87 -40.58 -18.63
C TYR QA 165 -61.65 -41.02 -19.41
N VAL QA 166 -61.82 -42.07 -20.22
CA VAL QA 166 -60.75 -42.61 -21.04
C VAL QA 166 -61.13 -42.40 -22.50
N ARG QA 167 -60.17 -41.93 -23.30
CA ARG QA 167 -60.46 -41.63 -24.69
C ARG QA 167 -60.59 -42.90 -25.53
N SER QA 168 -59.92 -43.98 -25.12
CA SER QA 168 -60.02 -45.28 -25.78
C SER QA 168 -59.52 -46.34 -24.82
N LYS QA 169 -60.34 -47.35 -24.56
CA LYS QA 169 -59.94 -48.41 -23.64
C LYS QA 169 -58.92 -49.34 -24.30
N GLY QA 170 -58.08 -49.94 -23.47
CA GLY QA 170 -57.03 -50.81 -23.99
C GLY QA 170 -56.07 -51.23 -22.90
N ARG QA 171 -54.88 -51.62 -23.33
CA ARG QA 171 -53.89 -52.13 -22.37
C ARG QA 171 -53.10 -51.00 -21.71
N LYS QA 172 -52.77 -49.95 -22.46
CA LYS QA 172 -51.87 -48.93 -21.93
C LYS QA 172 -52.60 -47.61 -21.69
N PHE QA 173 -53.90 -47.67 -21.43
CA PHE QA 173 -54.72 -46.49 -21.17
C PHE QA 173 -55.27 -46.60 -19.76
N GLU QA 174 -54.59 -45.94 -18.82
CA GLU QA 174 -54.95 -45.86 -17.40
C GLU QA 174 -55.04 -47.25 -16.76
N ARG QA 175 -53.90 -47.95 -16.75
CA ARG QA 175 -53.81 -49.28 -16.17
C ARG QA 175 -52.60 -49.50 -15.27
N ALA QA 176 -51.60 -48.63 -15.28
CA ALA QA 176 -50.30 -48.98 -14.73
C ALA QA 176 -50.07 -48.53 -13.30
N ARG QA 177 -50.14 -47.21 -13.03
CA ARG QA 177 -49.65 -46.70 -11.75
C ARG QA 177 -50.72 -46.74 -10.68
N GLY QA 178 -51.89 -46.15 -10.94
CA GLY QA 178 -52.93 -46.10 -9.93
C GLY QA 178 -53.76 -47.36 -9.82
N ARG QA 179 -53.51 -48.35 -10.68
CA ARG QA 179 -54.33 -49.55 -10.73
C ARG QA 179 -53.63 -50.80 -10.24
N ARG QA 180 -52.35 -50.96 -10.55
CA ARG QA 180 -51.62 -52.17 -10.21
C ARG QA 180 -51.00 -52.05 -8.82
N ALA QA 181 -51.05 -53.15 -8.06
CA ALA QA 181 -50.43 -53.17 -6.74
C ALA QA 181 -48.91 -53.25 -6.85
N SER QA 182 -48.41 -53.78 -7.97
CA SER QA 182 -46.96 -53.88 -8.16
C SER QA 182 -46.36 -52.51 -8.44
N ARG QA 183 -46.93 -51.79 -9.40
CA ARG QA 183 -46.40 -50.49 -9.83
C ARG QA 183 -47.05 -49.39 -9.02
N GLY QA 184 -46.45 -49.06 -7.88
CA GLY QA 184 -46.94 -47.97 -7.06
C GLY QA 184 -47.95 -48.37 -6.00
N TYR QA 185 -49.23 -48.16 -6.30
CA TYR QA 185 -50.30 -48.37 -5.32
C TYR QA 185 -51.59 -48.69 -6.07
N LYS QA 186 -52.60 -49.11 -5.31
CA LYS QA 186 -53.92 -49.29 -5.88
C LYS QA 186 -54.95 -48.86 -4.84
N ASN QA 187 -56.17 -48.63 -5.31
CA ASN QA 187 -57.23 -48.13 -4.45
C ASN QA 187 -58.54 -48.90 -4.66
N GLY RA 1 76.83 -0.74 -17.19
CA GLY RA 1 75.77 -1.58 -17.73
C GLY RA 1 75.25 -1.08 -19.06
N ARG RA 2 74.37 -1.87 -19.69
CA ARG RA 2 73.75 -1.46 -20.93
C ARG RA 2 72.70 -0.36 -20.68
N MET RA 3 72.23 0.25 -21.76
CA MET RA 3 71.28 1.35 -21.64
C MET RA 3 69.88 0.83 -21.32
N HIS RA 4 69.33 0.01 -22.21
CA HIS RA 4 67.98 -0.52 -22.02
C HIS RA 4 68.02 -2.03 -21.85
N ALA RA 5 69.00 -2.50 -21.09
CA ALA RA 5 69.19 -3.92 -20.84
C ALA RA 5 69.98 -4.07 -19.54
N PRO RA 6 69.73 -5.13 -18.77
CA PRO RA 6 70.48 -5.32 -17.52
C PRO RA 6 71.86 -5.94 -17.70
N GLY RA 7 72.34 -6.08 -18.93
CA GLY RA 7 73.63 -6.72 -19.15
C GLY RA 7 74.79 -5.83 -18.75
N LYS RA 8 75.89 -6.49 -18.38
CA LYS RA 8 77.13 -5.84 -17.99
C LYS RA 8 78.29 -6.40 -18.80
N GLY RA 9 78.09 -6.49 -20.11
CA GLY RA 9 79.05 -7.18 -20.96
C GLY RA 9 80.27 -6.34 -21.24
N LEU RA 10 81.44 -6.99 -21.26
CA LEU RA 10 82.70 -6.37 -21.60
C LEU RA 10 83.22 -7.04 -22.87
N SER RA 11 82.83 -6.49 -24.02
CA SER RA 11 83.21 -7.02 -25.31
C SER RA 11 83.27 -5.87 -26.31
N GLN RA 12 84.47 -5.34 -26.53
CA GLN RA 12 84.67 -4.30 -27.53
C GLN RA 12 86.10 -4.39 -28.04
N SER RA 13 86.39 -3.61 -29.08
CA SER RA 13 87.71 -3.65 -29.72
C SER RA 13 88.75 -2.98 -28.83
N ALA RA 14 89.93 -3.58 -28.76
CA ALA RA 14 91.05 -3.06 -27.98
C ALA RA 14 92.14 -2.64 -28.96
N LEU RA 15 92.16 -1.34 -29.29
CA LEU RA 15 93.14 -0.81 -30.24
C LEU RA 15 94.55 -0.89 -29.66
N PRO RA 16 95.55 -1.21 -30.48
CA PRO RA 16 96.91 -1.36 -29.95
C PRO RA 16 97.54 -0.03 -29.58
N TYR RA 17 98.72 -0.13 -28.95
CA TYR RA 17 99.43 1.05 -28.47
C TYR RA 17 99.99 1.86 -29.63
N ARG RA 18 100.62 1.19 -30.59
CA ARG RA 18 101.40 1.87 -31.62
C ARG RA 18 100.48 2.42 -32.71
N ARG RA 19 100.61 3.71 -33.01
CA ARG RA 19 99.85 4.34 -34.08
C ARG RA 19 100.55 4.28 -35.43
N SER RA 20 101.78 3.76 -35.48
CA SER RA 20 102.54 3.78 -36.72
C SER RA 20 102.00 2.76 -37.71
N VAL RA 21 102.23 3.04 -39.00
CA VAL RA 21 101.83 2.15 -40.07
C VAL RA 21 102.74 0.92 -40.07
N PRO RA 22 102.25 -0.26 -40.42
CA PRO RA 22 103.11 -1.45 -40.43
C PRO RA 22 104.04 -1.47 -41.65
N THR RA 23 104.92 -2.47 -41.64
CA THR RA 23 105.92 -2.58 -42.69
C THR RA 23 105.32 -3.15 -43.97
N TRP RA 24 104.44 -4.15 -43.84
CA TRP RA 24 103.92 -4.85 -45.02
C TRP RA 24 102.92 -4.02 -45.80
N LEU RA 25 102.27 -3.05 -45.16
CA LEU RA 25 101.24 -2.26 -45.83
C LEU RA 25 101.91 -1.27 -46.77
N LYS RA 26 101.83 -1.55 -48.08
CA LYS RA 26 102.43 -0.69 -49.09
C LYS RA 26 101.38 0.15 -49.79
N LEU RA 27 100.12 0.03 -49.34
CA LEU RA 27 99.01 0.81 -49.88
C LEU RA 27 99.14 2.24 -49.39
N THR RA 28 99.22 3.18 -50.32
CA THR RA 28 99.35 4.58 -49.96
C THR RA 28 98.04 5.13 -49.41
N SER RA 29 98.15 6.28 -48.73
CA SER RA 29 96.98 6.93 -48.16
C SER RA 29 96.02 7.40 -49.24
N ASP RA 30 96.54 7.82 -50.38
CA ASP RA 30 95.70 8.20 -51.51
C ASP RA 30 94.97 6.98 -52.08
N ASP RA 31 95.62 5.82 -52.10
CA ASP RA 31 94.96 4.60 -52.56
C ASP RA 31 93.88 4.16 -51.59
N VAL RA 32 94.12 4.34 -50.29
CA VAL RA 32 93.10 4.04 -49.29
C VAL RA 32 91.90 4.98 -49.44
N LYS RA 33 92.17 6.26 -49.70
CA LYS RA 33 91.08 7.22 -49.91
C LYS RA 33 90.30 6.93 -51.18
N GLU RA 34 90.98 6.46 -52.23
CA GLU RA 34 90.27 6.10 -53.46
C GLU RA 34 89.45 4.82 -53.29
N GLN RA 35 89.94 3.89 -52.46
CA GLN RA 35 89.14 2.69 -52.17
C GLN RA 35 87.92 3.03 -51.33
N ILE RA 36 88.06 3.99 -50.41
CA ILE RA 36 86.92 4.49 -49.63
C ILE RA 36 85.93 5.21 -50.55
N TYR RA 37 86.45 5.94 -51.54
CA TYR RA 37 85.60 6.61 -52.52
C TYR RA 37 84.83 5.61 -53.37
N LYS RA 38 85.48 4.51 -53.74
CA LYS RA 38 84.82 3.47 -54.52
C LYS RA 38 83.74 2.76 -53.72
N LEU RA 39 84.02 2.47 -52.44
CA LEU RA 39 83.02 1.81 -51.60
C LEU RA 39 81.84 2.74 -51.30
N ALA RA 40 82.11 4.03 -51.07
CA ALA RA 40 81.03 4.97 -50.80
C ALA RA 40 80.23 5.28 -52.06
N LYS RA 41 80.88 5.18 -53.23
CA LYS RA 41 80.16 5.37 -54.48
C LYS RA 41 79.28 4.15 -54.79
N LYS RA 42 79.77 2.95 -54.46
CA LYS RA 42 78.94 1.76 -54.60
C LYS RA 42 77.79 1.77 -53.62
N GLY RA 43 78.00 2.31 -52.43
CA GLY RA 43 76.94 2.45 -51.45
C GLY RA 43 77.12 1.51 -50.28
N LEU RA 44 77.67 2.02 -49.18
CA LEU RA 44 78.06 1.18 -48.07
C LEU RA 44 78.25 2.07 -46.84
N THR RA 45 77.75 1.60 -45.70
CA THR RA 45 77.92 2.33 -44.44
C THR RA 45 79.39 2.34 -44.04
N PRO RA 46 79.85 3.43 -43.39
CA PRO RA 46 81.29 3.54 -43.05
C PRO RA 46 81.80 2.48 -42.10
N SER RA 47 80.94 1.93 -41.25
CA SER RA 47 81.32 0.78 -40.42
C SER RA 47 81.67 -0.42 -41.29
N GLN RA 48 80.83 -0.71 -42.28
CA GLN RA 48 81.10 -1.85 -43.16
C GLN RA 48 82.25 -1.54 -44.11
N ILE RA 49 82.48 -0.26 -44.42
CA ILE RA 49 83.65 0.14 -45.18
C ILE RA 49 84.92 -0.19 -44.40
N GLY RA 50 84.95 0.17 -43.12
CA GLY RA 50 86.09 -0.17 -42.28
C GLY RA 50 86.28 -1.65 -42.10
N VAL RA 51 85.17 -2.41 -42.02
CA VAL RA 51 85.24 -3.86 -41.89
C VAL RA 51 85.83 -4.49 -43.16
N ILE RA 52 85.38 -4.05 -44.33
CA ILE RA 52 85.89 -4.59 -45.60
C ILE RA 52 87.35 -4.19 -45.80
N LEU RA 53 87.73 -2.99 -45.35
CA LEU RA 53 89.13 -2.58 -45.45
C LEU RA 53 90.03 -3.38 -44.53
N ARG RA 54 89.57 -3.71 -43.32
CA ARG RA 54 90.43 -4.48 -42.43
C ARG RA 54 90.38 -5.98 -42.76
N ASP RA 55 89.41 -6.42 -43.55
CA ASP RA 55 89.39 -7.82 -43.96
C ASP RA 55 90.19 -8.05 -45.23
N SER RA 56 89.81 -7.37 -46.32
CA SER RA 56 90.37 -7.67 -47.63
C SER RA 56 91.70 -6.96 -47.88
N HIS RA 57 91.73 -5.64 -47.75
CA HIS RA 57 92.91 -4.86 -48.10
C HIS RA 57 93.99 -4.88 -47.04
N GLY RA 58 93.68 -5.37 -45.83
CA GLY RA 58 94.68 -5.47 -44.78
C GLY RA 58 95.11 -4.14 -44.20
N VAL RA 59 94.21 -3.16 -44.16
CA VAL RA 59 94.46 -1.88 -43.52
C VAL RA 59 93.56 -1.80 -42.29
N ALA RA 60 94.17 -1.76 -41.11
CA ALA RA 60 93.42 -1.91 -39.87
C ALA RA 60 92.68 -0.62 -39.52
N GLN RA 61 93.40 0.50 -39.44
CA GLN RA 61 92.81 1.77 -39.05
C GLN RA 61 93.08 2.80 -40.13
N VAL RA 62 92.00 3.36 -40.67
CA VAL RA 62 92.12 4.45 -41.63
C VAL RA 62 92.66 5.71 -40.95
N ARG RA 63 92.31 5.91 -39.67
CA ARG RA 63 92.79 7.07 -38.92
C ARG RA 63 94.30 7.00 -38.68
N PHE RA 64 94.87 5.80 -38.58
CA PHE RA 64 96.31 5.67 -38.41
C PHE RA 64 97.05 5.89 -39.73
N VAL RA 65 96.54 5.34 -40.83
CA VAL RA 65 97.23 5.44 -42.11
C VAL RA 65 97.06 6.83 -42.70
N THR RA 66 95.82 7.22 -42.97
CA THR RA 66 95.53 8.54 -43.52
C THR RA 66 95.46 9.56 -42.38
N GLY RA 67 95.03 10.77 -42.71
CA GLY RA 67 94.90 11.82 -41.73
C GLY RA 67 93.54 11.83 -41.03
N ASN RA 68 92.50 11.50 -41.77
CA ASN RA 68 91.14 11.61 -41.25
C ASN RA 68 90.50 10.23 -41.12
N LYS RA 69 89.31 10.21 -40.51
CA LYS RA 69 88.49 9.02 -40.38
C LYS RA 69 87.47 8.95 -41.51
N ILE RA 70 86.72 7.83 -41.54
CA ILE RA 70 86.04 7.42 -42.77
C ILE RA 70 84.85 8.32 -43.06
N LEU RA 71 83.98 8.55 -42.07
CA LEU RA 71 82.83 9.41 -42.27
C LEU RA 71 83.25 10.86 -42.46
N ARG RA 72 84.41 11.23 -41.91
CA ARG RA 72 84.98 12.55 -42.15
C ARG RA 72 85.45 12.70 -43.59
N ILE RA 73 86.00 11.64 -44.17
CA ILE RA 73 86.42 11.68 -45.58
C ILE RA 73 85.19 11.72 -46.50
N LEU RA 74 84.15 10.97 -46.13
CA LEU RA 74 82.88 11.06 -46.87
C LEU RA 74 82.24 12.44 -46.75
N LYS RA 75 82.42 13.10 -45.60
CA LYS RA 75 81.90 14.45 -45.46
C LYS RA 75 82.75 15.44 -46.24
N SER RA 76 84.05 15.16 -46.40
CA SER RA 76 84.93 16.05 -47.16
C SER RA 76 84.64 15.96 -48.65
N LYS RA 77 84.37 14.77 -49.17
CA LYS RA 77 84.06 14.63 -50.59
C LYS RA 77 82.60 14.93 -50.93
N GLY RA 78 81.67 14.45 -50.12
CA GLY RA 78 80.26 14.60 -50.44
C GLY RA 78 79.50 13.31 -50.59
N LEU RA 79 79.96 12.24 -49.93
CA LEU RA 79 79.28 10.95 -49.96
C LEU RA 79 78.61 10.60 -48.64
N ALA RA 80 78.68 11.48 -47.64
CA ALA RA 80 78.04 11.21 -46.37
C ALA RA 80 76.52 11.37 -46.50
N PRO RA 81 75.74 10.55 -45.80
CA PRO RA 81 74.28 10.68 -45.88
C PRO RA 81 73.73 11.88 -45.13
N ASP RA 82 72.41 12.05 -45.17
CA ASP RA 82 71.79 13.22 -44.56
C ASP RA 82 71.78 13.13 -43.04
N LEU RA 83 71.67 11.93 -42.51
CA LEU RA 83 71.61 11.66 -41.08
C LEU RA 83 72.54 10.49 -40.76
N PRO RA 84 73.05 10.41 -39.53
CA PRO RA 84 74.09 9.39 -39.23
C PRO RA 84 73.54 7.97 -39.23
N GLU RA 85 74.47 7.01 -39.37
CA GLU RA 85 74.12 5.65 -39.75
C GLU RA 85 73.53 4.87 -38.57
N ASP RA 86 73.95 5.18 -37.35
CA ASP RA 86 73.35 4.53 -36.19
C ASP RA 86 71.91 4.97 -35.98
N LEU RA 87 71.64 6.27 -36.18
CA LEU RA 87 70.27 6.77 -36.16
C LEU RA 87 69.45 6.18 -37.31
N TYR RA 88 70.10 5.97 -38.46
CA TYR RA 88 69.45 5.36 -39.61
C TYR RA 88 69.02 3.92 -39.32
N HIS RA 89 69.92 3.13 -38.72
CA HIS RA 89 69.59 1.75 -38.39
C HIS RA 89 68.55 1.67 -37.28
N LEU RA 90 68.56 2.62 -36.33
CA LEU RA 90 67.52 2.61 -35.30
C LEU RA 90 66.17 3.01 -35.87
N ILE RA 91 66.14 3.92 -36.85
CA ILE RA 91 64.89 4.27 -37.52
C ILE RA 91 64.37 3.07 -38.33
N LYS RA 92 65.28 2.36 -39.01
CA LYS RA 92 64.89 1.16 -39.76
C LYS RA 92 64.34 0.07 -38.83
N LYS RA 93 64.97 -0.11 -37.68
CA LYS RA 93 64.50 -1.09 -36.70
C LYS RA 93 63.15 -0.68 -36.11
N ALA RA 94 62.94 0.64 -35.95
CA ALA RA 94 61.66 1.12 -35.44
C ALA RA 94 60.54 0.89 -36.46
N VAL RA 95 60.83 1.10 -37.75
CA VAL RA 95 59.85 0.82 -38.80
C VAL RA 95 59.54 -0.67 -38.86
N ALA RA 96 60.56 -1.51 -38.69
CA ALA RA 96 60.36 -2.96 -38.71
C ALA RA 96 59.50 -3.42 -37.54
N VAL RA 97 59.76 -2.89 -36.33
CA VAL RA 97 58.97 -3.29 -35.16
C VAL RA 97 57.55 -2.70 -35.25
N ARG RA 98 57.40 -1.52 -35.85
CA ARG RA 98 56.06 -0.95 -36.01
C ARG RA 98 55.24 -1.74 -37.02
N LYS RA 99 55.88 -2.24 -38.07
CA LYS RA 99 55.18 -3.15 -38.99
C LYS RA 99 54.83 -4.47 -38.32
N HIS RA 100 55.72 -4.95 -37.43
CA HIS RA 100 55.43 -6.18 -36.69
C HIS RA 100 54.25 -6.01 -35.74
N LEU RA 101 54.15 -4.85 -35.09
CA LEU RA 101 52.99 -4.58 -34.23
C LEU RA 101 51.72 -4.38 -35.05
N GLU RA 102 51.84 -3.79 -36.24
CA GLU RA 102 50.69 -3.61 -37.11
C GLU RA 102 50.14 -4.95 -37.57
N ARG RA 103 51.03 -5.92 -37.80
CA ARG RA 103 50.56 -7.27 -38.13
C ARG RA 103 50.07 -8.02 -36.90
N ASN RA 104 50.71 -7.80 -35.75
CA ASN RA 104 50.35 -8.46 -34.49
C ASN RA 104 50.30 -7.40 -33.39
N ARG RA 105 49.11 -6.84 -33.18
CA ARG RA 105 48.86 -5.89 -32.10
C ARG RA 105 49.06 -6.50 -30.71
N LYS RA 106 48.96 -7.82 -30.58
CA LYS RA 106 49.01 -8.45 -29.26
C LYS RA 106 50.43 -8.56 -28.69
N ASP RA 107 51.45 -8.22 -29.47
CA ASP RA 107 52.82 -8.48 -29.05
C ASP RA 107 53.31 -7.38 -28.10
N LYS RA 108 53.02 -7.55 -26.81
CA LYS RA 108 53.32 -6.52 -25.81
C LYS RA 108 54.81 -6.38 -25.56
N ASP RA 109 55.56 -7.49 -25.67
CA ASP RA 109 57.01 -7.44 -25.51
C ASP RA 109 57.67 -6.64 -26.63
N ALA RA 110 57.19 -6.83 -27.86
CA ALA RA 110 57.70 -6.05 -28.98
C ALA RA 110 57.24 -4.60 -28.89
N LYS RA 111 56.08 -4.36 -28.27
CA LYS RA 111 55.66 -2.99 -27.99
C LYS RA 111 56.60 -2.29 -27.00
N PHE RA 112 57.03 -3.03 -25.97
CA PHE RA 112 57.99 -2.49 -25.01
C PHE RA 112 59.34 -2.23 -25.67
N ARG RA 113 59.78 -3.14 -26.54
CA ARG RA 113 61.01 -2.91 -27.30
C ARG RA 113 60.88 -1.73 -28.25
N LEU RA 114 59.68 -1.50 -28.80
CA LEU RA 114 59.45 -0.34 -29.64
C LEU RA 114 59.55 0.95 -28.83
N ILE RA 115 59.05 0.93 -27.59
CA ILE RA 115 59.18 2.09 -26.69
C ILE RA 115 60.65 2.36 -26.37
N LEU RA 116 61.43 1.29 -26.17
CA LEU RA 116 62.87 1.46 -25.92
C LEU RA 116 63.59 2.04 -27.15
N ILE RA 117 63.23 1.56 -28.34
CA ILE RA 117 63.84 2.06 -29.58
C ILE RA 117 63.46 3.52 -29.82
N GLU RA 118 62.22 3.89 -29.50
CA GLU RA 118 61.80 5.30 -29.60
C GLU RA 118 62.57 6.18 -28.63
N SER RA 119 62.79 5.70 -27.40
CA SER RA 119 63.57 6.46 -26.43
C SER RA 119 65.01 6.68 -26.88
N ARG RA 120 65.62 5.64 -27.46
CA ARG RA 120 66.98 5.79 -27.96
C ARG RA 120 67.06 6.68 -29.20
N ILE RA 121 66.02 6.62 -30.06
CA ILE RA 121 65.96 7.48 -31.24
C ILE RA 121 65.84 8.95 -30.82
N HIS RA 122 65.01 9.24 -29.82
CA HIS RA 122 64.85 10.63 -29.42
C HIS RA 122 66.05 11.14 -28.62
N ARG RA 123 66.75 10.25 -27.91
CA ARG RA 123 68.02 10.62 -27.28
C ARG RA 123 69.08 10.99 -28.32
N LEU RA 124 69.23 10.16 -29.35
CA LEU RA 124 70.20 10.49 -30.41
C LEU RA 124 69.73 11.69 -31.23
N ALA RA 125 68.43 11.90 -31.34
CA ALA RA 125 67.90 13.03 -32.08
C ALA RA 125 68.23 14.34 -31.38
N ARG RA 126 68.02 14.40 -30.05
CA ARG RA 126 68.39 15.62 -29.34
C ARG RA 126 69.90 15.79 -29.25
N TYR RA 127 70.66 14.69 -29.26
CA TYR RA 127 72.12 14.80 -29.27
C TYR RA 127 72.64 15.39 -30.59
N TYR RA 128 72.10 14.93 -31.72
CA TYR RA 128 72.56 15.52 -32.98
C TYR RA 128 71.94 16.90 -33.21
N LYS RA 129 70.85 17.23 -32.53
CA LYS RA 129 70.41 18.63 -32.52
C LYS RA 129 71.39 19.52 -31.77
N THR RA 130 71.95 19.03 -30.66
CA THR RA 130 72.95 19.82 -29.95
C THR RA 130 74.26 19.88 -30.74
N LYS RA 131 74.60 18.83 -31.47
CA LYS RA 131 75.84 18.83 -32.25
C LYS RA 131 75.69 19.55 -33.59
N ARG RA 132 74.46 19.84 -34.02
CA ARG RA 132 74.15 20.65 -35.21
C ARG RA 132 74.68 20.02 -36.50
N VAL RA 133 74.31 18.76 -36.73
CA VAL RA 133 74.53 18.11 -38.01
C VAL RA 133 73.21 17.89 -38.74
N LEU RA 134 72.08 18.01 -38.03
CA LEU RA 134 70.67 17.97 -38.36
C LEU RA 134 70.01 19.32 -38.04
N PRO RA 135 68.99 19.72 -38.79
CA PRO RA 135 68.32 20.99 -38.50
C PRO RA 135 67.49 20.89 -37.23
N PRO RA 136 67.28 22.00 -36.51
CA PRO RA 136 66.47 21.94 -35.29
C PRO RA 136 65.00 21.69 -35.55
N ASN RA 137 64.51 21.98 -36.76
CA ASN RA 137 63.12 21.72 -37.11
C ASN RA 137 62.87 20.27 -37.50
N TRP RA 138 63.91 19.44 -37.53
CA TRP RA 138 63.73 18.01 -37.80
C TRP RA 138 63.04 17.36 -36.60
N LYS RA 139 62.15 16.40 -36.88
CA LYS RA 139 61.40 15.74 -35.82
C LYS RA 139 61.00 14.36 -36.30
N TYR RA 140 61.11 13.37 -35.42
CA TYR RA 140 60.68 12.02 -35.75
C TYR RA 140 59.15 11.95 -35.73
N GLU RA 141 58.56 11.65 -36.87
CA GLU RA 141 57.11 11.50 -36.99
C GLU RA 141 56.84 10.12 -37.58
N SER RA 142 56.05 9.31 -36.87
CA SER RA 142 55.87 7.90 -37.24
C SER RA 142 55.07 7.74 -38.52
N SER RA 143 54.29 8.74 -38.90
CA SER RA 143 53.59 8.70 -40.18
C SER RA 143 54.57 8.90 -41.34
N THR RA 144 55.62 9.66 -41.11
CA THR RA 144 56.63 9.95 -42.14
C THR RA 144 57.94 9.22 -41.90
N ALA RA 145 57.98 8.28 -40.93
CA ALA RA 145 59.23 7.61 -40.62
C ALA RA 145 59.50 6.44 -41.56
N SER RA 146 58.46 5.81 -42.10
CA SER RA 146 58.63 4.59 -42.86
C SER RA 146 59.18 4.85 -44.26
N ALA RA 147 59.05 6.08 -44.77
CA ALA RA 147 59.59 6.40 -46.09
C ALA RA 147 61.11 6.41 -46.09
N LEU RA 148 61.71 6.80 -44.97
CA LEU RA 148 63.14 6.69 -44.78
C LEU RA 148 63.46 5.32 -44.21
N VAL RA 149 64.16 4.51 -45.00
CA VAL RA 149 64.44 3.13 -44.61
C VAL RA 149 65.54 3.07 -43.57
N SER SA 1 -30.85 51.63 -62.34
CA SER SA 1 -31.73 50.46 -62.30
C SER SA 1 -30.95 49.18 -62.01
N MET SA 2 -30.20 48.71 -63.02
CA MET SA 2 -29.41 47.50 -62.86
C MET SA 2 -28.16 47.66 -63.73
N LEU SA 3 -27.00 47.79 -63.08
CA LEU SA 3 -25.75 48.06 -63.79
C LEU SA 3 -24.65 47.10 -63.38
N ARG SA 4 -24.99 46.02 -62.66
CA ARG SA 4 -23.96 45.05 -62.29
C ARG SA 4 -23.50 44.23 -63.48
N LEU SA 5 -24.39 44.00 -64.46
CA LEU SA 5 -24.00 43.33 -65.70
C LEU SA 5 -23.02 44.19 -66.49
N GLN SA 6 -23.32 45.48 -66.63
CA GLN SA 6 -22.42 46.38 -67.33
C GLN SA 6 -21.12 46.60 -66.58
N LYS SA 7 -21.15 46.55 -65.25
CA LYS SA 7 -19.91 46.69 -64.48
C LYS SA 7 -19.02 45.45 -64.60
N ARG SA 8 -19.62 44.25 -64.59
CA ARG SA 8 -18.86 43.02 -64.79
C ARG SA 8 -18.28 42.94 -66.19
N LEU SA 9 -19.06 43.33 -67.20
CA LEU SA 9 -18.57 43.32 -68.58
C LEU SA 9 -17.50 44.40 -68.79
N ALA SA 10 -17.64 45.55 -68.14
CA ALA SA 10 -16.62 46.59 -68.25
C ALA SA 10 -15.34 46.18 -67.55
N SER SA 11 -15.44 45.46 -66.42
CA SER SA 11 -14.25 44.90 -65.78
C SER SA 11 -13.59 43.85 -66.68
N SER SA 12 -14.40 43.04 -67.37
CA SER SA 12 -13.83 42.04 -68.27
C SER SA 12 -13.17 42.66 -69.50
N VAL SA 13 -13.68 43.79 -69.98
CA VAL SA 13 -13.04 44.48 -71.11
C VAL SA 13 -11.78 45.19 -70.65
N LEU SA 14 -11.85 45.92 -69.53
CA LEU SA 14 -10.71 46.71 -69.08
C LEU SA 14 -9.65 45.88 -68.36
N ARG SA 15 -9.89 44.57 -68.18
CA ARG SA 15 -8.90 43.60 -67.66
C ARG SA 15 -8.45 43.96 -66.25
N CYS SA 16 -9.39 44.43 -65.45
CA CYS SA 16 -9.14 44.74 -64.05
C CYS SA 16 -10.34 44.30 -63.24
N GLY SA 17 -10.41 44.75 -61.99
CA GLY SA 17 -11.54 44.43 -61.17
C GLY SA 17 -12.69 45.40 -61.38
N LYS SA 18 -13.86 45.04 -60.84
CA LYS SA 18 -15.01 45.93 -60.88
C LYS SA 18 -14.97 47.01 -59.80
N LYS SA 19 -13.94 46.99 -58.95
CA LYS SA 19 -13.75 48.08 -58.00
C LYS SA 19 -13.29 49.35 -58.71
N LYS SA 20 -12.47 49.21 -59.74
CA LYS SA 20 -11.94 50.35 -60.49
C LYS SA 20 -12.84 50.79 -61.64
N VAL SA 21 -13.99 50.15 -61.82
CA VAL SA 21 -14.91 50.51 -62.90
C VAL SA 21 -15.80 51.64 -62.39
N TRP SA 22 -15.61 52.84 -62.94
CA TRP SA 22 -16.42 54.00 -62.57
C TRP SA 22 -17.51 54.17 -63.62
N LEU SA 23 -18.75 53.93 -63.22
CA LEU SA 23 -19.90 54.12 -64.10
C LEU SA 23 -20.42 55.54 -63.95
N ASP SA 24 -21.11 56.01 -64.98
CA ASP SA 24 -21.59 57.38 -64.97
C ASP SA 24 -22.91 57.46 -64.20
N PRO SA 25 -23.01 58.24 -63.12
CA PRO SA 25 -24.29 58.35 -62.42
C PRO SA 25 -25.32 59.18 -63.14
N ASN SA 26 -24.90 60.08 -64.03
CA ASN SA 26 -25.86 60.92 -64.75
C ASN SA 26 -26.51 60.15 -65.90
N GLU SA 27 -25.69 59.51 -66.73
CA GLU SA 27 -26.19 58.79 -67.91
C GLU SA 27 -26.37 57.31 -67.56
N THR SA 28 -27.36 57.05 -66.70
CA THR SA 28 -27.62 55.68 -66.26
C THR SA 28 -28.35 54.88 -67.34
N ASN SA 29 -29.35 55.50 -67.98
CA ASN SA 29 -30.15 54.79 -68.97
C ASN SA 29 -29.37 54.55 -70.27
N GLU SA 30 -28.34 55.35 -70.53
CA GLU SA 30 -27.53 55.13 -71.73
C GLU SA 30 -26.59 53.95 -71.53
N ILE SA 31 -26.20 53.68 -70.28
CA ILE SA 31 -25.35 52.52 -70.01
C ILE SA 31 -26.19 51.27 -69.83
N ALA SA 32 -27.42 51.42 -69.30
CA ALA SA 32 -28.22 50.27 -68.91
C ALA SA 32 -28.72 49.45 -70.09
N ASN SA 33 -28.80 50.06 -71.28
CA ASN SA 33 -29.26 49.35 -72.47
C ASN SA 33 -28.15 48.96 -73.43
N ALA SA 34 -26.90 48.93 -72.97
CA ALA SA 34 -25.80 48.52 -73.84
C ALA SA 34 -25.84 47.02 -74.05
N ASN SA 35 -25.65 46.26 -72.95
CA ASN SA 35 -25.84 44.80 -72.88
C ASN SA 35 -24.89 44.04 -73.81
N SER SA 36 -23.80 44.66 -74.25
CA SER SA 36 -22.86 44.00 -75.15
C SER SA 36 -21.51 44.70 -75.08
N ARG SA 37 -20.47 43.91 -75.32
CA ARG SA 37 -19.09 44.41 -75.25
C ARG SA 37 -18.82 45.42 -76.36
N GLN SA 38 -19.48 45.27 -77.51
CA GLN SA 38 -19.30 46.21 -78.61
C GLN SA 38 -19.90 47.58 -78.30
N GLN SA 39 -20.98 47.60 -77.51
CA GLN SA 39 -21.51 48.89 -77.06
C GLN SA 39 -20.72 49.45 -75.89
N ILE SA 40 -20.13 48.57 -75.06
CA ILE SA 40 -19.35 49.06 -73.94
C ILE SA 40 -18.01 49.65 -74.41
N ARG SA 41 -17.44 49.13 -75.50
CA ARG SA 41 -16.28 49.78 -76.10
C ARG SA 41 -16.63 51.15 -76.68
N LYS SA 42 -17.85 51.30 -77.20
CA LYS SA 42 -18.31 52.61 -77.64
C LYS SA 42 -18.48 53.56 -76.45
N LEU SA 43 -18.92 53.02 -75.31
CA LEU SA 43 -18.99 53.83 -74.09
C LEU SA 43 -17.60 54.23 -73.59
N ILE SA 44 -16.60 53.36 -73.79
CA ILE SA 44 -15.20 53.69 -73.48
C ILE SA 44 -14.73 54.83 -74.37
N LYS SA 45 -15.02 54.76 -75.67
CA LYS SA 45 -14.58 55.81 -76.59
C LYS SA 45 -15.33 57.11 -76.35
N ASP SA 46 -16.59 57.03 -75.92
CA ASP SA 46 -17.32 58.24 -75.55
C ASP SA 46 -16.84 58.82 -74.22
N GLY SA 47 -16.29 57.98 -73.35
CA GLY SA 47 -15.78 58.47 -72.09
C GLY SA 47 -16.79 58.50 -70.97
N LEU SA 48 -17.90 57.78 -71.11
CA LEU SA 48 -18.92 57.75 -70.06
C LEU SA 48 -18.47 56.89 -68.88
N ILE SA 49 -17.77 55.79 -69.15
CA ILE SA 49 -17.17 54.99 -68.08
C ILE SA 49 -15.66 55.16 -68.16
N ILE SA 50 -15.03 55.27 -67.00
CA ILE SA 50 -13.62 55.65 -66.89
C ILE SA 50 -12.92 54.69 -65.94
N ARG SA 51 -11.74 54.21 -66.33
CA ARG SA 51 -10.89 53.43 -65.43
C ARG SA 51 -10.44 54.31 -64.27
N LYS SA 52 -10.75 53.89 -63.05
CA LYS SA 52 -10.29 54.61 -61.87
C LYS SA 52 -8.80 54.42 -61.68
N PRO SA 53 -8.08 55.44 -61.24
CA PRO SA 53 -6.65 55.29 -60.98
C PRO SA 53 -6.39 54.45 -59.73
N VAL SA 54 -5.15 53.95 -59.65
CA VAL SA 54 -4.76 53.11 -58.52
C VAL SA 54 -4.61 53.97 -57.27
N THR SA 55 -5.15 53.48 -56.16
CA THR SA 55 -4.96 54.14 -54.87
C THR SA 55 -3.48 54.09 -54.49
N VAL SA 56 -2.94 55.24 -54.10
CA VAL SA 56 -1.49 55.38 -53.96
C VAL SA 56 -1.02 54.67 -52.69
N HIS SA 57 0.21 54.19 -52.73
CA HIS SA 57 0.88 53.54 -51.59
C HIS SA 57 2.29 54.12 -51.57
N SER SA 58 2.54 55.04 -50.64
CA SER SA 58 3.76 55.84 -50.68
C SER SA 58 4.97 55.02 -50.25
N ARG SA 59 6.09 55.32 -50.90
CA ARG SA 59 7.39 54.74 -50.59
C ARG SA 59 8.35 55.79 -50.03
N ALA SA 60 7.92 57.06 -50.01
CA ALA SA 60 8.80 58.15 -49.59
C ALA SA 60 9.08 58.11 -48.09
N ARG SA 61 8.10 57.65 -47.29
CA ARG SA 61 8.35 57.45 -45.87
C ARG SA 61 9.38 56.35 -45.64
N CYS SA 62 9.30 55.28 -46.44
CA CYS SA 62 10.30 54.22 -46.34
C CYS SA 62 11.67 54.67 -46.81
N ARG SA 63 11.72 55.54 -47.82
CA ARG SA 63 13.01 56.08 -48.27
C ARG SA 63 13.61 57.00 -47.20
N LYS SA 64 12.77 57.80 -46.54
CA LYS SA 64 13.23 58.65 -45.46
C LYS SA 64 13.69 57.83 -44.26
N ASN SA 65 13.10 56.65 -44.05
CA ASN SA 65 13.59 55.76 -43.01
C ASN SA 65 14.90 55.10 -43.42
N THR SA 66 15.00 54.62 -44.67
CA THR SA 66 16.16 53.84 -45.07
C THR SA 66 17.38 54.70 -45.32
N LEU SA 67 17.20 56.01 -45.53
CA LEU SA 67 18.38 56.89 -45.52
C LEU SA 67 19.02 56.93 -44.14
N ALA SA 68 18.21 56.99 -43.07
CA ALA SA 68 18.75 56.89 -41.72
C ALA SA 68 19.28 55.50 -41.43
N ARG SA 69 18.68 54.46 -42.01
CA ARG SA 69 19.21 53.11 -41.87
C ARG SA 69 20.58 52.95 -42.53
N ARG SA 70 20.79 53.59 -43.69
CA ARG SA 70 22.11 53.57 -44.30
C ARG SA 70 23.10 54.42 -43.52
N LYS SA 71 22.62 55.50 -42.90
CA LYS SA 71 23.49 56.30 -42.03
C LYS SA 71 23.86 55.55 -40.75
N GLY SA 72 23.02 54.63 -40.31
CA GLY SA 72 23.26 53.88 -39.09
C GLY SA 72 22.26 54.13 -37.98
N ARG SA 73 21.03 54.51 -38.30
CA ARG SA 73 20.04 54.85 -37.29
C ARG SA 73 18.92 53.82 -37.29
N HIS SA 74 18.10 53.85 -36.22
CA HIS SA 74 17.05 52.87 -35.94
C HIS SA 74 17.59 51.43 -35.87
N MET SA 75 18.86 51.28 -35.46
CA MET SA 75 19.50 49.97 -35.37
C MET SA 75 20.26 49.82 -34.05
N GLY SA 76 19.71 50.33 -32.95
CA GLY SA 76 20.37 50.27 -31.68
C GLY SA 76 20.17 48.93 -30.98
N ILE SA 77 20.37 48.96 -29.67
CA ILE SA 77 20.18 47.75 -28.85
C ILE SA 77 18.69 47.44 -28.72
N GLY SA 78 17.86 48.47 -28.61
CA GLY SA 78 16.43 48.31 -28.40
C GLY SA 78 15.67 47.76 -29.58
N LYS SA 79 15.78 48.41 -30.74
CA LYS SA 79 15.06 47.98 -31.94
C LYS SA 79 15.83 46.83 -32.60
N ARG SA 80 15.81 45.68 -31.94
CA ARG SA 80 16.49 44.48 -32.42
C ARG SA 80 15.80 43.28 -31.79
N LYS SA 81 15.07 42.52 -32.60
CA LYS SA 81 14.32 41.38 -32.08
C LYS SA 81 15.09 40.07 -32.19
N GLY SA 82 15.91 39.93 -33.23
CA GLY SA 82 16.63 38.69 -33.45
C GLY SA 82 18.06 38.73 -32.98
N THR SA 83 18.67 37.55 -32.97
CA THR SA 83 20.06 37.42 -32.56
C THR SA 83 20.99 37.93 -33.65
N ALA SA 84 22.29 37.97 -33.32
CA ALA SA 84 23.30 38.36 -34.30
C ALA SA 84 23.40 37.32 -35.41
N ASN SA 85 23.26 36.04 -35.06
CA ASN SA 85 23.27 34.98 -36.06
C ASN SA 85 22.02 35.04 -36.93
N ALA SA 86 20.91 35.55 -36.40
CA ALA SA 86 19.71 35.72 -37.20
C ALA SA 86 19.82 36.92 -38.13
N ARG SA 87 20.45 38.00 -37.66
CA ARG SA 87 20.56 39.20 -38.48
C ARG SA 87 21.66 39.08 -39.53
N MET SA 88 22.91 38.94 -39.08
CA MET SA 88 24.05 38.80 -39.99
C MET SA 88 24.80 37.55 -39.54
N PRO SA 89 24.55 36.41 -40.19
CA PRO SA 89 25.03 35.13 -39.64
C PRO SA 89 26.54 34.95 -39.76
N GLU SA 90 27.08 34.23 -38.79
CA GLU SA 90 28.53 34.00 -38.73
C GLU SA 90 29.00 33.07 -39.83
N LYS SA 91 28.11 32.19 -40.31
CA LYS SA 91 28.44 31.34 -41.46
C LYS SA 91 28.64 32.17 -42.72
N VAL SA 92 27.74 33.11 -42.98
CA VAL SA 92 27.88 33.97 -44.16
C VAL SA 92 29.02 34.97 -43.96
N THR SA 93 29.31 35.33 -42.70
CA THR SA 93 30.49 36.17 -42.43
C THR SA 93 31.79 35.42 -42.76
N TRP SA 94 31.88 34.16 -42.35
CA TRP SA 94 33.01 33.32 -42.72
C TRP SA 94 33.09 33.12 -44.23
N MET SA 95 31.94 32.98 -44.88
CA MET SA 95 31.90 32.87 -46.35
C MET SA 95 32.45 34.12 -47.03
N ARG SA 96 32.06 35.30 -46.55
CA ARG SA 96 32.53 36.54 -47.16
C ARG SA 96 34.02 36.74 -46.92
N ARG SA 97 34.49 36.41 -45.71
CA ARG SA 97 35.91 36.56 -45.42
C ARG SA 97 36.76 35.58 -46.23
N MET SA 98 36.27 34.36 -46.44
CA MET SA 98 37.00 33.41 -47.28
C MET SA 98 36.98 33.84 -48.74
N ARG SA 99 35.82 34.30 -49.23
CA ARG SA 99 35.73 34.80 -50.59
C ARG SA 99 36.57 36.05 -50.83
N ILE SA 100 36.91 36.81 -49.79
CA ILE SA 100 37.86 37.91 -49.95
C ILE SA 100 39.30 37.41 -49.93
N LEU SA 101 39.67 36.66 -48.89
CA LEU SA 101 41.08 36.37 -48.65
C LEU SA 101 41.63 35.32 -49.63
N ARG SA 102 40.80 34.36 -50.05
CA ARG SA 102 41.27 33.36 -51.00
C ARG SA 102 41.50 33.96 -52.37
N ARG SA 103 40.61 34.83 -52.83
CA ARG SA 103 40.84 35.48 -54.12
C ARG SA 103 41.95 36.52 -54.01
N LEU SA 104 42.19 37.04 -52.81
CA LEU SA 104 43.32 37.95 -52.60
C LEU SA 104 44.64 37.21 -52.76
N LEU SA 105 44.77 36.05 -52.11
CA LEU SA 105 45.96 35.23 -52.28
C LEU SA 105 46.09 34.71 -53.70
N ARG SA 106 44.96 34.46 -54.39
CA ARG SA 106 45.02 34.01 -55.77
C ARG SA 106 45.51 35.12 -56.70
N ARG SA 107 45.06 36.36 -56.47
CA ARG SA 107 45.57 37.50 -57.23
C ARG SA 107 47.04 37.76 -56.97
N TYR SA 108 47.48 37.70 -55.71
CA TYR SA 108 48.88 37.93 -55.41
C TYR SA 108 49.76 36.78 -55.92
N ARG SA 109 49.18 35.59 -56.09
CA ARG SA 109 49.93 34.51 -56.72
C ARG SA 109 50.04 34.71 -58.23
N GLU SA 110 48.93 35.07 -58.88
CA GLU SA 110 48.93 35.18 -60.34
C GLU SA 110 49.61 36.45 -60.82
N SER SA 111 49.81 37.43 -59.93
CA SER SA 111 50.52 38.66 -60.28
C SER SA 111 52.02 38.56 -60.06
N LYS SA 112 52.54 37.33 -59.86
CA LYS SA 112 53.96 37.05 -59.63
C LYS SA 112 54.52 37.80 -58.41
N LYS SA 113 53.69 37.94 -57.37
CA LYS SA 113 54.12 38.68 -56.19
C LYS SA 113 54.54 37.73 -55.07
N ILE SA 114 53.82 36.62 -54.88
CA ILE SA 114 54.15 35.61 -53.89
C ILE SA 114 54.39 34.29 -54.60
N ASP SA 115 55.11 33.40 -53.93
CA ASP SA 115 55.44 32.10 -54.52
C ASP SA 115 54.52 31.01 -53.96
N ARG SA 116 54.76 29.77 -54.42
CA ARG SA 116 53.81 28.69 -54.22
C ARG SA 116 53.83 28.18 -52.79
N HIS SA 117 55.01 28.06 -52.19
CA HIS SA 117 55.13 27.52 -50.83
C HIS SA 117 54.56 28.46 -49.78
N MET SA 118 54.91 29.74 -49.88
CA MET SA 118 54.34 30.75 -48.97
C MET SA 118 52.86 30.96 -49.26
N TYR SA 119 52.44 30.79 -50.52
CA TYR SA 119 51.02 30.79 -50.86
C TYR SA 119 50.27 29.68 -50.14
N HIS SA 120 50.85 28.47 -50.12
CA HIS SA 120 50.17 27.35 -49.49
C HIS SA 120 50.14 27.49 -47.96
N SER SA 121 51.25 28.00 -47.39
CA SER SA 121 51.30 28.21 -45.94
C SER SA 121 50.31 29.27 -45.50
N LEU SA 122 50.23 30.38 -46.25
CA LEU SA 122 49.26 31.42 -45.88
C LEU SA 122 47.84 31.02 -46.24
N TYR SA 123 47.66 30.09 -47.19
CA TYR SA 123 46.34 29.53 -47.46
C TYR SA 123 45.85 28.70 -46.27
N LEU SA 124 46.76 27.92 -45.69
CA LEU SA 124 46.42 27.17 -44.48
C LEU SA 124 46.20 28.12 -43.29
N LYS SA 125 46.94 29.22 -43.22
CA LYS SA 125 46.72 30.19 -42.15
C LYS SA 125 45.41 30.96 -42.32
N VAL SA 126 44.99 31.20 -43.56
CA VAL SA 126 43.69 31.78 -43.82
C VAL SA 126 42.57 30.82 -43.43
N LYS SA 127 42.76 29.53 -43.73
CA LYS SA 127 41.76 28.53 -43.34
C LYS SA 127 41.69 28.35 -41.82
N GLY SA 128 42.83 28.48 -41.15
CA GLY SA 128 42.86 28.26 -39.71
C GLY SA 128 42.56 29.48 -38.84
N ASN SA 129 41.93 30.50 -39.44
CA ASN SA 129 41.42 31.69 -38.74
C ASN SA 129 42.53 32.45 -38.01
N VAL SA 130 43.48 32.98 -38.78
CA VAL SA 130 44.53 33.80 -38.21
C VAL SA 130 44.19 35.27 -38.41
N PHE SA 131 43.86 35.63 -39.65
CA PHE SA 131 43.68 37.02 -40.04
C PHE SA 131 42.19 37.34 -40.10
N LYS SA 132 41.77 38.43 -39.47
CA LYS SA 132 40.37 38.79 -39.45
C LYS SA 132 39.96 39.68 -40.61
N ASN SA 133 40.93 40.27 -41.34
CA ASN SA 133 40.62 41.12 -42.48
C ASN SA 133 41.79 41.12 -43.45
N LYS SA 134 41.76 42.07 -44.39
CA LYS SA 134 42.72 42.07 -45.49
C LYS SA 134 43.93 42.95 -45.19
N ARG SA 135 43.76 43.96 -44.33
CA ARG SA 135 44.83 44.92 -44.05
C ARG SA 135 45.99 44.30 -43.29
N ILE SA 136 45.69 43.56 -42.21
CA ILE SA 136 46.75 42.92 -41.44
C ILE SA 136 47.35 41.75 -42.22
N LEU SA 137 46.58 41.17 -43.15
CA LEU SA 137 47.13 40.12 -44.00
C LEU SA 137 48.12 40.69 -45.01
N MET SA 138 47.82 41.87 -45.57
CA MET SA 138 48.79 42.56 -46.43
C MET SA 138 50.03 42.97 -45.65
N GLU SA 139 49.85 43.41 -44.39
CA GLU SA 139 50.99 43.75 -43.56
C GLU SA 139 51.84 42.52 -43.23
N HIS SA 140 51.20 41.35 -43.05
CA HIS SA 140 51.95 40.14 -42.78
C HIS SA 140 52.69 39.65 -44.03
N ILE SA 141 52.08 39.83 -45.20
CA ILE SA 141 52.75 39.53 -46.47
C ILE SA 141 53.97 40.41 -46.66
N HIS SA 142 53.85 41.72 -46.39
CA HIS SA 142 54.99 42.61 -46.56
C HIS SA 142 56.06 42.37 -45.50
N LYS SA 143 55.67 41.94 -44.30
CA LYS SA 143 56.65 41.57 -43.28
C LYS SA 143 57.41 40.32 -43.67
N LEU SA 144 56.72 39.32 -44.25
CA LEU SA 144 57.42 38.14 -44.74
C LEU SA 144 58.28 38.45 -45.95
N LYS SA 145 57.88 39.43 -46.76
CA LYS SA 145 58.72 39.87 -47.88
C LYS SA 145 60.01 40.52 -47.37
N ALA SA 146 59.92 41.35 -46.32
CA ALA SA 146 61.11 41.94 -45.74
C ALA SA 146 62.03 40.88 -45.11
N ASP SA 147 61.43 39.92 -44.40
CA ASP SA 147 62.21 38.86 -43.76
C ASP SA 147 62.91 37.98 -44.79
N LYS SA 148 62.17 37.53 -45.81
CA LYS SA 148 62.78 36.71 -46.85
C LYS SA 148 63.76 37.50 -47.71
N ALA SA 149 63.57 38.82 -47.85
CA ALA SA 149 64.53 39.63 -48.57
C ALA SA 149 65.85 39.72 -47.80
N ARG SA 150 65.79 39.92 -46.48
CA ARG SA 150 67.00 39.96 -45.67
C ARG SA 150 67.70 38.60 -45.65
N LYS SA 151 66.93 37.52 -45.52
CA LYS SA 151 67.52 36.18 -45.52
C LYS SA 151 68.13 35.82 -46.87
N LYS SA 152 67.48 36.24 -47.96
CA LYS SA 152 68.00 35.95 -49.30
C LYS SA 152 69.25 36.79 -49.58
N LEU SA 153 69.30 38.02 -49.07
CA LEU SA 153 70.50 38.84 -49.24
C LEU SA 153 71.68 38.28 -48.47
N LEU SA 154 71.44 37.81 -47.23
CA LEU SA 154 72.50 37.18 -46.46
C LEU SA 154 72.94 35.85 -47.07
N ALA SA 155 72.00 35.08 -47.61
CA ALA SA 155 72.35 33.82 -48.26
C ALA SA 155 73.14 34.05 -49.54
N ASP SA 156 72.80 35.11 -50.30
CA ASP SA 156 73.55 35.42 -51.51
C ASP SA 156 74.94 35.94 -51.20
N GLN SA 157 75.08 36.72 -50.11
CA GLN SA 157 76.42 37.18 -49.71
C GLN SA 157 77.27 36.01 -49.23
N ALA SA 158 76.68 35.08 -48.48
CA ALA SA 158 77.43 33.90 -48.02
C ALA SA 158 77.79 32.99 -49.19
N GLU SA 159 76.89 32.84 -50.16
CA GLU SA 159 77.18 32.04 -51.34
C GLU SA 159 78.26 32.68 -52.20
N ALA SA 160 78.27 34.01 -52.29
CA ALA SA 160 79.31 34.71 -53.05
C ALA SA 160 80.67 34.57 -52.37
N ARG SA 161 80.71 34.68 -51.04
CA ARG SA 161 81.98 34.49 -50.32
C ARG SA 161 82.47 33.06 -50.44
N ARG SA 162 81.56 32.09 -50.35
CA ARG SA 162 81.94 30.67 -50.47
C ARG SA 162 82.42 30.33 -51.88
N SER SA 163 81.77 30.90 -52.90
CA SER SA 163 82.19 30.66 -54.27
C SER SA 163 83.53 31.32 -54.57
N LYS SA 164 83.76 32.52 -54.02
CA LYS SA 164 85.06 33.19 -54.17
C LYS SA 164 86.17 32.39 -53.49
N THR SA 165 85.88 31.84 -52.31
CA THR SA 165 86.85 31.01 -51.60
C THR SA 165 87.15 29.72 -52.35
N LYS SA 166 86.11 29.08 -52.91
CA LYS SA 166 86.32 27.84 -53.65
C LYS SA 166 87.09 28.07 -54.95
N GLU SA 167 86.81 29.19 -55.64
CA GLU SA 167 87.55 29.50 -56.85
C GLU SA 167 88.99 29.90 -56.54
N ALA SA 168 89.21 30.55 -55.40
CA ALA SA 168 90.58 30.87 -54.99
C ALA SA 168 91.37 29.61 -54.66
N ARG SA 169 90.71 28.64 -54.00
CA ARG SA 169 91.36 27.36 -53.72
C ARG SA 169 91.66 26.60 -55.00
N LYS SA 170 90.74 26.66 -55.96
CA LYS SA 170 90.94 25.99 -57.25
C LYS SA 170 92.09 26.61 -58.03
N ARG SA 171 92.19 27.94 -58.02
CA ARG SA 171 93.30 28.60 -58.71
C ARG SA 171 94.63 28.38 -58.00
N ARG SA 172 94.62 28.29 -56.66
CA ARG SA 172 95.83 27.99 -55.92
C ARG SA 172 96.33 26.57 -56.23
N GLU SA 173 95.41 25.61 -56.28
CA GLU SA 173 95.79 24.24 -56.63
C GLU SA 173 96.21 24.14 -58.10
N GLU SA 174 95.62 24.98 -58.96
CA GLU SA 174 96.04 25.03 -60.35
C GLU SA 174 97.46 25.58 -60.48
N ARG SA 175 97.82 26.59 -59.69
CA ARG SA 175 99.19 27.09 -59.69
C ARG SA 175 100.15 26.06 -59.12
N LEU SA 176 99.71 25.28 -58.12
CA LEU SA 176 100.56 24.23 -57.56
C LEU SA 176 100.82 23.12 -58.57
N GLN SA 177 99.78 22.67 -59.28
CA GLN SA 177 99.97 21.65 -60.31
C GLN SA 177 100.67 22.21 -61.55
N ALA SA 178 100.65 23.52 -61.75
CA ALA SA 178 101.36 24.11 -62.88
C ALA SA 178 102.85 24.25 -62.57
N LYS SA 179 103.18 24.63 -61.33
CA LYS SA 179 104.57 24.71 -60.93
C LYS SA 179 105.19 23.32 -60.80
N LYS SA 180 104.53 22.43 -60.07
CA LYS SA 180 105.03 21.06 -59.93
C LYS SA 180 104.24 20.11 -60.80
N VAL TA 1 69.54 1.90 130.85
CA VAL TA 1 69.53 0.53 130.35
C VAL TA 1 68.69 0.45 129.07
N ASN TA 2 68.46 1.61 128.45
CA ASN TA 2 67.72 1.65 127.20
C ASN TA 2 68.52 1.05 126.04
N THR TA 3 69.84 1.24 126.03
CA THR TA 3 70.68 0.60 125.01
C THR TA 3 70.74 -0.91 125.22
N ALA TA 4 70.74 -1.36 126.48
CA ALA TA 4 70.69 -2.78 126.76
C ALA TA 4 69.34 -3.37 126.34
N LEU TA 5 68.26 -2.62 126.53
CA LEU TA 5 66.95 -3.04 126.08
C LEU TA 5 66.88 -3.11 124.56
N GLN TA 6 67.53 -2.15 123.89
CA GLN TA 6 67.65 -2.17 122.43
C GLN TA 6 68.42 -3.42 121.95
N GLU TA 7 69.49 -3.77 122.66
CA GLU TA 7 70.28 -4.95 122.27
C GLU TA 7 69.50 -6.24 122.49
N VAL TA 8 68.76 -6.33 123.60
CA VAL TA 8 67.94 -7.52 123.87
C VAL TA 8 66.81 -7.62 122.85
N LEU TA 9 66.24 -6.47 122.45
CA LEU TA 9 65.18 -6.45 121.45
C LEU TA 9 65.71 -6.86 120.08
N LYS TA 10 66.92 -6.45 119.74
CA LYS TA 10 67.52 -6.84 118.46
C LYS TA 10 67.88 -8.33 118.45
N THR TA 11 68.40 -8.86 119.56
CA THR TA 11 68.68 -10.30 119.62
C THR TA 11 67.40 -11.13 119.61
N ALA TA 12 66.32 -10.60 120.18
CA ALA TA 12 65.02 -11.28 120.09
C ALA TA 12 64.46 -11.22 118.68
N LEU TA 13 64.70 -10.13 117.95
CA LEU TA 13 64.31 -10.07 116.53
C LEU TA 13 65.13 -11.04 115.69
N ILE TA 14 66.39 -11.27 116.07
CA ILE TA 14 67.22 -12.23 115.35
C ILE TA 14 66.74 -13.66 115.63
N HIS TA 15 66.55 -14.00 116.91
CA HIS TA 15 66.17 -15.36 117.28
C HIS TA 15 64.69 -15.66 117.11
N ASP TA 16 63.87 -14.63 116.79
CA ASP TA 16 62.44 -14.75 116.49
C ASP TA 16 61.66 -15.38 117.66
N GLY TA 17 61.62 -14.66 118.78
CA GLY TA 17 60.94 -15.14 119.96
C GLY TA 17 59.84 -14.21 120.45
N LEU TA 18 59.95 -12.92 120.14
CA LEU TA 18 59.03 -11.93 120.67
C LEU TA 18 57.65 -12.05 120.01
N ALA TA 19 56.61 -11.87 120.83
CA ALA TA 19 55.23 -11.89 120.37
C ALA TA 19 54.69 -10.46 120.54
N ARG TA 20 54.76 -9.67 119.48
CA ARG TA 20 54.43 -8.26 119.57
C ARG TA 20 53.03 -8.01 119.04
N GLY TA 21 52.48 -6.86 119.42
CA GLY TA 21 51.08 -6.57 119.23
C GLY TA 21 50.27 -6.86 120.48
N ILE TA 22 49.07 -6.29 120.55
CA ILE TA 22 48.22 -6.46 121.72
C ILE TA 22 47.64 -7.88 121.75
N ARG TA 23 47.32 -8.43 120.58
CA ARG TA 23 46.72 -9.76 120.53
C ARG TA 23 47.75 -10.85 120.81
N GLU TA 24 48.93 -10.74 120.18
CA GLU TA 24 50.00 -11.70 120.49
C GLU TA 24 50.57 -11.46 121.88
N ALA TA 25 50.42 -10.24 122.40
CA ALA TA 25 50.79 -9.97 123.79
C ALA TA 25 49.86 -10.70 124.75
N ALA TA 26 48.56 -10.71 124.43
CA ALA TA 26 47.61 -11.50 125.23
C ALA TA 26 47.89 -12.98 125.11
N LYS TA 27 48.31 -13.43 123.92
CA LYS TA 27 48.69 -14.83 123.73
C LYS TA 27 49.91 -15.20 124.58
N ALA TA 28 50.94 -14.35 124.59
CA ALA TA 28 52.14 -14.64 125.36
C ALA TA 28 51.90 -14.55 126.85
N LEU TA 29 51.10 -13.57 127.29
CA LEU TA 29 50.80 -13.41 128.71
C LEU TA 29 49.80 -14.44 129.22
N ASP TA 30 49.07 -15.11 128.32
CA ASP TA 30 48.19 -16.18 128.77
C ASP TA 30 48.89 -17.55 128.69
N LYS TA 31 49.80 -17.72 127.74
CA LYS TA 31 50.57 -18.95 127.63
C LYS TA 31 51.85 -18.94 128.45
N ARG TA 32 52.11 -17.83 129.16
CA ARG TA 32 53.23 -17.69 130.10
C ARG TA 32 54.58 -17.84 129.41
N GLN TA 33 54.66 -17.37 128.18
CA GLN TA 33 55.92 -17.29 127.44
C GLN TA 33 56.53 -15.89 127.49
N ALA TA 34 56.17 -15.11 128.50
CA ALA TA 34 56.59 -13.70 128.59
C ALA TA 34 57.68 -13.54 129.63
N HIS TA 35 58.69 -12.73 129.30
CA HIS TA 35 59.74 -12.36 130.23
C HIS TA 35 59.82 -10.85 130.44
N LEU TA 36 59.43 -10.06 129.44
CA LEU TA 36 59.52 -8.61 129.51
C LEU TA 36 58.51 -7.97 128.56
N CYS TA 37 57.98 -6.81 128.95
CA CYS TA 37 57.04 -6.06 128.13
C CYS TA 37 57.44 -4.59 128.12
N VAL TA 38 57.04 -3.90 127.06
CA VAL TA 38 57.26 -2.46 126.95
C VAL TA 38 55.91 -1.80 126.65
N LEU TA 39 55.74 -0.58 127.13
CA LEU TA 39 54.48 0.15 127.03
C LEU TA 39 54.76 1.63 126.82
N ALA TA 40 54.19 2.18 125.76
CA ALA TA 40 54.35 3.60 125.47
C ALA TA 40 53.38 4.43 126.29
N SER TA 41 53.69 5.72 126.42
CA SER TA 41 52.92 6.62 127.26
C SER TA 41 52.40 7.81 126.46
N ASN TA 42 51.90 8.82 127.19
CA ASN TA 42 51.41 10.16 126.75
C ASN TA 42 50.63 10.13 125.43
N CYS TA 43 49.73 9.15 125.32
CA CYS TA 43 48.83 9.06 124.18
C CYS TA 43 47.41 8.85 124.70
N ASP TA 44 46.43 9.25 123.90
CA ASP TA 44 45.03 9.15 124.29
C ASP TA 44 44.54 7.71 124.17
N GLU TA 45 44.93 6.87 125.12
CA GLU TA 45 44.52 5.47 125.17
C GLU TA 45 44.02 5.16 126.58
N PRO TA 46 42.80 5.58 126.94
CA PRO TA 46 42.36 5.47 128.34
C PRO TA 46 42.12 4.05 128.84
N MET TA 47 41.29 3.27 128.13
CA MET TA 47 40.95 1.91 128.57
C MET TA 47 42.05 0.93 128.20
N TYR TA 48 42.80 1.23 127.13
CA TYR TA 48 43.85 0.35 126.64
C TYR TA 48 44.98 0.22 127.64
N VAL TA 49 45.41 1.34 128.23
CA VAL TA 49 46.52 1.30 129.19
C VAL TA 49 46.08 0.62 130.48
N LYS TA 50 44.81 0.74 130.85
CA LYS TA 50 44.34 0.09 132.07
C LYS TA 50 44.22 -1.41 131.86
N LEU TA 51 43.80 -1.84 130.67
CA LEU TA 51 43.74 -3.27 130.37
C LEU TA 51 45.14 -3.89 130.29
N VAL TA 52 46.09 -3.20 129.66
CA VAL TA 52 47.43 -3.78 129.55
C VAL TA 52 48.15 -3.73 130.90
N GLU TA 53 47.84 -2.74 131.76
CA GLU TA 53 48.42 -2.75 133.09
C GLU TA 53 47.81 -3.83 133.97
N ALA TA 54 46.52 -4.15 133.76
CA ALA TA 54 45.93 -5.28 134.49
C ALA TA 54 46.54 -6.60 134.05
N LEU TA 55 46.69 -6.80 132.73
CA LEU TA 55 47.27 -8.06 132.25
C LEU TA 55 48.76 -8.16 132.57
N CYS TA 56 49.45 -7.03 132.75
CA CYS TA 56 50.86 -7.10 133.11
C CYS TA 56 51.06 -7.14 134.63
N ALA TA 57 50.04 -6.72 135.39
CA ALA TA 57 50.13 -6.85 136.84
C ALA TA 57 49.46 -8.14 137.32
N GLU TA 58 48.97 -8.95 136.40
CA GLU TA 58 48.43 -10.28 136.72
C GLU TA 58 49.43 -11.18 137.46
N HIS TA 59 50.52 -11.58 136.81
CA HIS TA 59 51.49 -12.48 137.45
C HIS TA 59 52.85 -12.39 136.75
N GLN TA 60 53.84 -11.84 137.46
CA GLN TA 60 55.28 -12.01 137.20
C GLN TA 60 55.68 -11.51 135.80
N ILE TA 61 55.51 -10.21 135.59
CA ILE TA 61 55.77 -9.57 134.30
C ILE TA 61 56.53 -8.27 134.55
N ASN TA 62 57.71 -8.16 133.93
CA ASN TA 62 58.50 -6.95 134.05
C ASN TA 62 58.13 -5.95 132.96
N LEU TA 63 58.21 -4.66 133.29
CA LEU TA 63 57.68 -3.60 132.44
C LEU TA 63 58.71 -2.52 132.20
N ILE TA 64 58.76 -2.02 130.97
CA ILE TA 64 59.42 -0.77 130.63
C ILE TA 64 58.35 0.22 130.18
N LYS TA 65 58.39 1.42 130.75
CA LYS TA 65 57.43 2.48 130.40
C LYS TA 65 58.19 3.55 129.62
N VAL TA 66 57.97 3.59 128.31
CA VAL TA 66 58.68 4.51 127.42
C VAL TA 66 57.69 5.61 127.02
N ASP TA 67 58.23 6.73 126.54
CA ASP TA 67 57.40 7.90 126.28
C ASP TA 67 56.54 7.79 125.01
N ASP TA 68 57.17 7.63 123.85
CA ASP TA 68 56.50 7.86 122.58
C ASP TA 68 56.22 6.58 121.82
N ASN TA 69 55.28 6.67 120.87
CA ASN TA 69 55.00 5.59 119.94
C ASN TA 69 56.03 5.53 118.82
N LYS TA 70 56.43 6.72 118.31
CA LYS TA 70 57.34 6.78 117.18
C LYS TA 70 58.74 6.31 117.57
N LYS TA 71 59.14 6.59 118.81
CA LYS TA 71 60.45 6.12 119.28
C LYS TA 71 60.46 4.61 119.46
N LEU TA 72 59.36 4.03 119.95
CA LEU TA 72 59.26 2.59 120.08
C LEU TA 72 59.22 1.92 118.71
N GLY TA 73 58.56 2.54 117.74
CA GLY TA 73 58.56 2.01 116.39
C GLY TA 73 59.92 2.09 115.72
N GLU TA 74 60.65 3.17 115.97
CA GLU TA 74 62.01 3.29 115.43
C GLU TA 74 62.96 2.31 116.11
N TRP TA 75 62.72 2.00 117.39
CA TRP TA 75 63.54 1.03 118.09
C TRP TA 75 63.26 -0.39 117.60
N VAL TA 76 61.99 -0.68 117.29
CA VAL TA 76 61.67 -2.04 116.88
C VAL TA 76 62.01 -2.26 115.40
N GLY TA 77 61.96 -1.21 114.59
CA GLY TA 77 62.42 -1.25 113.21
C GLY TA 77 61.65 -2.17 112.28
N LEU TA 78 60.35 -1.98 112.16
CA LEU TA 78 59.52 -2.82 111.30
C LEU TA 78 59.74 -2.51 109.83
N CYS TA 79 59.86 -1.23 109.47
CA CYS TA 79 59.88 -0.85 108.08
C CYS TA 79 61.12 -0.02 107.77
N LYS TA 80 62.29 -0.53 108.15
CA LYS TA 80 63.54 0.15 107.89
C LYS TA 80 63.90 -0.04 106.42
N ILE TA 81 63.60 0.97 105.61
CA ILE TA 81 63.94 0.99 104.19
C ILE TA 81 64.96 2.10 104.00
N ASP TA 82 65.93 1.87 103.10
CA ASP TA 82 67.06 2.76 102.82
C ASP TA 82 67.89 2.98 104.09
N ARG TA 83 68.51 1.88 104.53
CA ARG TA 83 69.29 1.82 105.76
C ARG TA 83 70.52 2.72 105.75
N GLU TA 84 70.96 3.22 104.60
CA GLU TA 84 72.05 4.19 104.52
C GLU TA 84 71.48 5.59 104.70
N GLY TA 85 71.02 5.85 105.92
CA GLY TA 85 70.38 7.11 106.25
C GLY TA 85 69.24 6.87 107.23
N LYS TA 86 68.29 7.80 107.21
CA LYS TA 86 67.16 7.74 108.11
C LYS TA 86 66.12 6.73 107.61
N PRO TA 87 65.29 6.18 108.49
CA PRO TA 87 64.17 5.35 108.04
C PRO TA 87 63.13 6.20 107.30
N ARG TA 88 62.63 5.64 106.19
CA ARG TA 88 61.75 6.42 105.32
C ARG TA 88 60.34 6.52 105.89
N LYS TA 89 59.75 5.39 106.27
CA LYS TA 89 58.38 5.38 106.79
C LYS TA 89 58.32 4.39 107.95
N VAL TA 90 58.42 4.91 109.17
CA VAL TA 90 58.34 4.06 110.35
C VAL TA 90 57.03 4.33 111.09
N VAL TA 91 56.40 3.27 111.59
CA VAL TA 91 55.09 3.36 112.21
C VAL TA 91 55.26 3.41 113.72
N GLY TA 92 54.23 3.89 114.42
CA GLY TA 92 54.26 3.92 115.87
C GLY TA 92 53.54 2.73 116.46
N CYS TA 93 54.24 1.93 117.27
CA CYS TA 93 53.66 0.77 117.93
C CYS TA 93 53.52 1.04 119.42
N SER TA 94 52.59 0.32 120.06
CA SER TA 94 52.31 0.52 121.48
C SER TA 94 52.97 -0.51 122.38
N CYS TA 95 52.70 -1.80 122.16
CA CYS TA 95 53.13 -2.85 123.08
C CYS TA 95 53.97 -3.89 122.36
N VAL TA 96 55.13 -4.22 122.94
CA VAL TA 96 55.95 -5.34 122.50
C VAL TA 96 56.27 -6.19 123.73
N VAL TA 97 55.98 -7.49 123.64
CA VAL TA 97 56.32 -8.47 124.65
C VAL TA 97 57.35 -9.42 124.06
N VAL TA 98 58.45 -9.63 124.76
CA VAL TA 98 59.59 -10.37 124.22
C VAL TA 98 59.76 -11.68 124.95
N LYS TA 99 60.20 -12.69 124.21
CA LYS TA 99 60.67 -13.96 124.76
C LYS TA 99 62.10 -14.17 124.27
N ASP TA 100 63.04 -14.26 125.20
CA ASP TA 100 64.47 -14.26 124.89
C ASP TA 100 64.94 -15.71 124.88
N TYR TA 101 65.25 -16.23 123.69
CA TYR TA 101 65.89 -17.53 123.59
C TYR TA 101 67.38 -17.42 123.88
N GLY TA 102 68.04 -16.41 123.33
CA GLY TA 102 69.44 -16.18 123.59
C GLY TA 102 69.69 -15.25 124.77
N LYS TA 103 69.46 -15.75 125.99
CA LYS TA 103 69.61 -14.95 127.19
C LYS TA 103 71.06 -14.75 127.61
N GLU TA 104 72.00 -15.42 126.95
CA GLU TA 104 73.43 -15.32 127.29
C GLU TA 104 73.96 -13.99 126.76
N SER TA 105 73.77 -12.94 127.55
CA SER TA 105 74.23 -11.61 127.18
C SER TA 105 74.44 -10.79 128.44
N GLN TA 106 75.46 -9.94 128.41
CA GLN TA 106 75.73 -9.03 129.53
C GLN TA 106 74.64 -7.98 129.65
N ALA TA 107 74.03 -7.60 128.52
CA ALA TA 107 72.89 -6.68 128.55
C ALA TA 107 71.68 -7.34 129.21
N LYS TA 108 71.43 -8.62 128.89
CA LYS TA 108 70.34 -9.35 129.53
C LYS TA 108 70.60 -9.53 131.02
N ASP TA 109 71.88 -9.73 131.38
CA ASP TA 109 72.25 -9.87 132.78
C ASP TA 109 72.07 -8.56 133.55
N VAL TA 110 72.41 -7.43 132.94
CA VAL TA 110 72.26 -6.16 133.66
C VAL TA 110 70.80 -5.71 133.69
N ILE TA 111 69.99 -6.13 132.71
CA ILE TA 111 68.56 -5.88 132.78
C ILE TA 111 67.91 -6.72 133.88
N GLU TA 112 68.37 -7.96 134.04
CA GLU TA 112 67.88 -8.79 135.14
C GLU TA 112 68.33 -8.24 136.49
N GLU TA 113 69.56 -7.71 136.55
CA GLU TA 113 70.04 -7.08 137.79
C GLU TA 113 69.23 -5.81 138.11
N TYR TA 114 68.83 -5.07 137.07
CA TYR TA 114 68.09 -3.83 137.28
C TYR TA 114 66.65 -4.12 137.71
N PHE TA 115 66.04 -5.17 137.17
CA PHE TA 115 64.70 -5.53 137.62
C PHE TA 115 64.73 -6.25 138.96
N LYS TA 116 65.87 -6.85 139.31
CA LYS TA 116 66.02 -7.38 140.67
C LYS TA 116 66.17 -6.25 141.68
N CYS TA 117 66.89 -5.21 141.30
CA CYS TA 117 67.05 -4.04 142.17
C CYS TA 117 65.88 -3.07 142.00
N MET UA 1 -75.74 0.01 39.54
CA MET UA 1 -76.96 0.73 39.86
C MET UA 1 -76.85 2.21 39.51
N LYS UA 2 -77.88 2.73 38.85
CA LYS UA 2 -77.96 4.14 38.50
C LYS UA 2 -78.90 4.83 39.48
N ALA UA 3 -78.37 5.83 40.20
CA ALA UA 3 -79.17 6.60 41.16
C ALA UA 3 -80.02 7.62 40.42
N SER UA 4 -81.08 7.12 39.78
CA SER UA 4 -81.89 7.93 38.88
C SER UA 4 -82.95 8.71 39.66
N GLY UA 5 -82.89 10.03 39.55
CA GLY UA 5 -83.88 10.87 40.19
C GLY UA 5 -83.70 10.88 41.69
N THR UA 6 -84.70 10.34 42.40
CA THR UA 6 -84.65 10.18 43.84
C THR UA 6 -84.68 8.70 44.17
N LEU UA 7 -84.30 8.36 45.39
CA LEU UA 7 -84.23 6.96 45.80
C LEU UA 7 -85.52 6.56 46.52
N ARG UA 8 -85.69 5.25 46.71
CA ARG UA 8 -86.81 4.68 47.45
C ARG UA 8 -86.26 3.57 48.35
N GLU UA 9 -86.90 3.38 49.50
CA GLU UA 9 -86.37 2.45 50.50
C GLU UA 9 -87.28 1.24 50.66
N TYR UA 10 -86.73 0.06 50.34
CA TYR UA 10 -87.46 -1.19 50.24
C TYR UA 10 -87.03 -2.13 51.34
N LYS UA 11 -87.98 -2.65 52.11
CA LYS UA 11 -87.70 -3.66 53.12
C LYS UA 11 -87.84 -5.03 52.46
N VAL UA 12 -86.69 -5.60 52.10
CA VAL UA 12 -86.65 -6.82 51.29
C VAL UA 12 -86.22 -7.98 52.16
N VAL UA 13 -87.02 -9.04 52.19
CA VAL UA 13 -86.70 -10.26 52.93
C VAL UA 13 -86.46 -11.40 51.95
N GLY UA 14 -85.56 -12.30 52.31
CA GLY UA 14 -85.23 -13.41 51.42
C GLY UA 14 -84.75 -14.61 52.21
N ARG UA 15 -84.76 -15.76 51.56
CA ARG UA 15 -84.32 -16.99 52.19
C ARG UA 15 -83.83 -17.96 51.12
N CYS UA 16 -83.42 -19.14 51.57
CA CYS UA 16 -83.04 -20.22 50.67
C CYS UA 16 -84.26 -21.05 50.30
N LEU UA 17 -84.13 -21.80 49.21
CA LEU UA 17 -85.20 -22.71 48.82
C LEU UA 17 -85.24 -23.90 49.78
N PRO UA 18 -86.40 -24.56 49.91
CA PRO UA 18 -86.46 -25.76 50.74
C PRO UA 18 -85.65 -26.90 50.16
N THR UA 19 -84.87 -27.56 51.02
CA THR UA 19 -83.93 -28.61 50.65
C THR UA 19 -84.28 -29.89 51.40
N PRO UA 20 -83.79 -31.06 50.97
CA PRO UA 20 -83.93 -32.25 51.83
C PRO UA 20 -83.04 -32.21 53.05
N LYS UA 21 -82.00 -31.38 53.05
CA LYS UA 21 -81.18 -31.20 54.25
C LYS UA 21 -81.94 -30.43 55.33
N CYS UA 22 -82.34 -29.20 55.01
CA CYS UA 22 -83.11 -28.36 55.93
C CYS UA 22 -84.43 -27.99 55.27
N ARG UA 23 -85.53 -28.12 56.01
CA ARG UA 23 -86.85 -27.88 55.44
C ARG UA 23 -87.25 -26.41 55.47
N THR UA 24 -86.76 -25.65 56.45
CA THR UA 24 -87.13 -24.24 56.60
C THR UA 24 -85.89 -23.39 56.86
N PRO UA 25 -85.41 -22.67 55.85
CA PRO UA 25 -84.28 -21.77 56.05
C PRO UA 25 -84.69 -20.52 56.81
N PRO UA 26 -83.76 -19.86 57.49
CA PRO UA 26 -84.09 -18.60 58.16
C PRO UA 26 -84.24 -17.46 57.15
N LEU UA 27 -84.98 -16.44 57.57
CA LEU UA 27 -85.25 -15.31 56.70
C LEU UA 27 -84.35 -14.12 57.04
N TYR UA 28 -83.93 -13.40 56.00
CA TYR UA 28 -82.96 -12.33 56.12
C TYR UA 28 -83.58 -11.06 55.57
N ARG UA 29 -83.56 -9.99 56.36
CA ARG UA 29 -84.18 -8.72 56.03
C ARG UA 29 -83.12 -7.65 55.81
N MET UA 30 -83.32 -6.84 54.77
CA MET UA 30 -82.46 -5.69 54.54
C MET UA 30 -83.29 -4.48 54.10
N ARG UA 31 -82.65 -3.31 54.17
CA ARG UA 31 -83.24 -2.04 53.76
C ARG UA 31 -82.47 -1.56 52.54
N ILE UA 32 -82.99 -1.87 51.36
CA ILE UA 32 -82.31 -1.56 50.11
C ILE UA 32 -82.75 -0.20 49.62
N PHE UA 33 -81.79 0.68 49.34
CA PHE UA 33 -82.05 1.98 48.74
C PHE UA 33 -81.90 1.86 47.22
N ALA UA 34 -82.99 2.06 46.50
CA ALA UA 34 -83.02 1.80 45.07
C ALA UA 34 -84.09 2.66 44.43
N PRO UA 35 -83.96 3.00 43.14
CA PRO UA 35 -85.05 3.71 42.44
C PRO UA 35 -86.32 2.90 42.29
N ASN UA 36 -86.22 1.64 41.86
CA ASN UA 36 -87.41 0.79 41.71
C ASN UA 36 -87.11 -0.63 42.19
N HIS UA 37 -88.14 -1.47 42.16
CA HIS UA 37 -88.09 -2.75 42.85
C HIS UA 37 -87.22 -3.78 42.14
N VAL UA 38 -87.05 -3.64 40.82
CA VAL UA 38 -86.20 -4.56 40.07
C VAL UA 38 -84.74 -4.42 40.50
N VAL UA 39 -84.24 -3.19 40.53
CA VAL UA 39 -82.88 -2.98 40.99
C VAL UA 39 -82.78 -3.11 42.50
N ALA UA 40 -83.90 -2.98 43.23
CA ALA UA 40 -83.89 -3.31 44.66
C ALA UA 40 -83.63 -4.80 44.87
N LYS UA 41 -84.31 -5.65 44.10
CA LYS UA 41 -84.06 -7.09 44.19
C LYS UA 41 -82.66 -7.45 43.70
N SER UA 42 -82.17 -6.77 42.67
CA SER UA 42 -80.81 -7.05 42.17
C SER UA 42 -79.75 -6.67 43.20
N ARG UA 43 -79.88 -5.50 43.83
CA ARG UA 43 -78.94 -5.09 44.87
C ARG UA 43 -79.09 -5.94 46.13
N PHE UA 44 -80.30 -6.44 46.41
CA PHE UA 44 -80.50 -7.34 47.54
C PHE UA 44 -79.77 -8.66 47.31
N TRP UA 45 -79.86 -9.22 46.09
CA TRP UA 45 -79.11 -10.42 45.79
C TRP UA 45 -77.61 -10.17 45.80
N TYR UA 46 -77.18 -8.95 45.43
CA TYR UA 46 -75.76 -8.59 45.52
C TYR UA 46 -75.26 -8.60 46.96
N PHE UA 47 -76.01 -7.97 47.87
CA PHE UA 47 -75.61 -7.95 49.28
C PHE UA 47 -75.71 -9.33 49.94
N VAL UA 48 -76.70 -10.14 49.54
CA VAL UA 48 -76.82 -11.47 50.13
C VAL UA 48 -75.72 -12.38 49.60
N SER UA 49 -75.35 -12.22 48.33
CA SER UA 49 -74.23 -12.99 47.78
C SER UA 49 -72.90 -12.55 48.39
N GLN UA 50 -72.81 -11.28 48.80
CA GLN UA 50 -71.62 -10.87 49.56
C GLN UA 50 -71.60 -11.50 50.96
N LEU UA 51 -72.72 -11.42 51.68
CA LEU UA 51 -72.70 -11.80 53.09
C LEU UA 51 -72.80 -13.32 53.30
N LYS UA 52 -73.90 -13.92 52.86
CA LYS UA 52 -74.17 -15.33 53.14
C LYS UA 52 -73.90 -16.20 51.91
N LYS UA 53 -73.91 -17.50 52.12
CA LYS UA 53 -73.79 -18.48 51.05
C LYS UA 53 -75.14 -18.66 50.37
N MET UA 54 -75.53 -17.74 49.49
CA MET UA 54 -76.86 -17.77 48.90
C MET UA 54 -76.83 -17.00 47.59
N LYS UA 55 -77.35 -17.62 46.54
CA LYS UA 55 -77.48 -16.98 45.24
C LYS UA 55 -78.95 -16.99 44.83
N LYS UA 56 -79.26 -16.41 43.67
CA LYS UA 56 -80.67 -16.23 43.29
C LYS UA 56 -81.30 -17.57 42.90
N SER UA 57 -80.56 -18.41 42.17
CA SER UA 57 -81.13 -19.70 41.77
C SER UA 57 -81.19 -20.67 42.95
N SER UA 58 -80.35 -20.46 43.96
CA SER UA 58 -80.40 -21.26 45.17
C SER UA 58 -81.24 -20.62 46.27
N GLY UA 59 -81.92 -19.52 45.98
CA GLY UA 59 -82.74 -18.87 46.98
C GLY UA 59 -84.01 -18.27 46.40
N GLU UA 60 -84.69 -17.44 47.19
CA GLU UA 60 -85.88 -16.73 46.76
C GLU UA 60 -86.11 -15.53 47.65
N ILE UA 61 -86.59 -14.44 47.05
CA ILE UA 61 -87.01 -13.27 47.81
C ILE UA 61 -88.45 -13.46 48.23
N VAL UA 62 -88.70 -13.40 49.54
CA VAL UA 62 -90.02 -13.69 50.08
C VAL UA 62 -90.95 -12.50 49.88
N TYR UA 63 -90.46 -11.29 50.16
CA TYR UA 63 -91.25 -10.07 50.00
C TYR UA 63 -90.33 -8.90 49.71
N CYS UA 64 -90.68 -8.10 48.70
CA CYS UA 64 -89.95 -6.90 48.31
C CYS UA 64 -90.96 -5.75 48.21
N GLY UA 65 -91.06 -4.97 49.27
CA GLY UA 65 -92.01 -3.87 49.30
C GLY UA 65 -91.39 -2.62 49.89
N GLN UA 66 -91.82 -1.47 49.37
CA GLN UA 66 -91.34 -0.19 49.85
C GLN UA 66 -91.96 0.14 51.20
N VAL UA 67 -91.12 0.59 52.14
CA VAL UA 67 -91.60 1.08 53.43
C VAL UA 67 -91.27 2.57 53.52
N PHE UA 68 -92.27 3.36 53.87
CA PHE UA 68 -92.20 4.81 53.78
C PHE UA 68 -91.62 5.40 55.07
N GLU UA 69 -91.46 6.73 55.06
CA GLU UA 69 -91.00 7.45 56.24
C GLU UA 69 -92.15 7.62 57.22
N LYS UA 70 -91.89 7.36 58.50
CA LYS UA 70 -92.92 7.46 59.52
C LYS UA 70 -93.18 8.91 59.93
N SER UA 71 -92.28 9.83 59.58
CA SER UA 71 -92.48 11.25 59.85
C SER UA 71 -91.74 12.06 58.78
N PRO UA 72 -92.35 12.23 57.60
CA PRO UA 72 -91.66 12.95 56.52
C PRO UA 72 -91.65 14.45 56.70
N LEU UA 73 -92.55 14.96 57.56
CA LEU UA 73 -92.65 16.41 57.70
C LEU UA 73 -91.62 16.97 58.66
N ARG UA 74 -91.18 16.17 59.64
CA ARG UA 74 -90.14 16.62 60.55
C ARG UA 74 -88.78 16.51 59.89
N VAL UA 75 -87.90 17.44 60.24
CA VAL UA 75 -86.53 17.46 59.76
C VAL UA 75 -85.65 16.71 60.76
N LYS UA 76 -84.80 15.82 60.24
CA LYS UA 76 -84.00 14.94 61.09
C LYS UA 76 -82.56 14.95 60.61
N ASN UA 77 -81.72 14.24 61.34
CA ASN UA 77 -80.28 14.18 61.09
C ASN UA 77 -79.90 12.72 60.94
N PHE UA 78 -79.70 12.27 59.70
CA PHE UA 78 -79.37 10.87 59.46
C PHE UA 78 -77.85 10.72 59.36
N GLY UA 79 -77.30 9.83 60.18
CA GLY UA 79 -75.88 9.53 60.09
C GLY UA 79 -75.65 8.25 59.32
N ILE UA 80 -75.18 8.37 58.09
CA ILE UA 80 -75.05 7.27 57.17
C ILE UA 80 -73.62 6.74 57.23
N TRP UA 81 -73.48 5.43 57.44
CA TRP UA 81 -72.18 4.77 57.33
C TRP UA 81 -71.94 4.40 55.87
N LEU UA 82 -70.77 4.76 55.36
CA LEU UA 82 -70.40 4.61 53.96
C LEU UA 82 -69.27 3.62 53.82
N ARG UA 83 -69.34 2.81 52.76
CA ARG UA 83 -68.23 1.94 52.38
C ARG UA 83 -68.06 2.09 50.87
N TYR UA 84 -67.10 2.92 50.46
CA TYR UA 84 -66.97 3.25 49.05
C TYR UA 84 -65.62 2.77 48.52
N ASP UA 85 -65.49 2.80 47.20
CA ASP UA 85 -64.31 2.31 46.51
C ASP UA 85 -63.66 3.49 45.81
N SER UA 86 -62.43 3.82 46.22
CA SER UA 86 -61.69 4.91 45.60
C SER UA 86 -61.05 4.44 44.30
N ARG UA 87 -60.24 5.33 43.71
CA ARG UA 87 -59.45 4.92 42.55
C ARG UA 87 -58.24 4.11 43.01
N SER UA 88 -57.86 4.23 44.28
CA SER UA 88 -56.77 3.47 44.88
C SER UA 88 -57.20 3.01 46.26
N GLY UA 89 -57.76 1.80 46.35
CA GLY UA 89 -58.17 1.25 47.63
C GLY UA 89 -59.63 1.50 47.92
N THR UA 90 -60.10 0.90 49.03
CA THR UA 90 -61.47 1.02 49.47
C THR UA 90 -61.49 1.65 50.86
N HIS UA 91 -62.46 2.52 51.12
CA HIS UA 91 -62.49 3.29 52.36
C HIS UA 91 -63.87 3.28 53.00
N ASN UA 92 -63.89 3.69 54.26
CA ASN UA 92 -65.09 3.80 55.09
C ASN UA 92 -65.30 5.23 55.55
N MET UA 93 -66.57 5.61 55.70
CA MET UA 93 -66.93 6.94 56.17
C MET UA 93 -68.14 6.87 57.09
N TYR UA 94 -68.37 7.98 57.79
CA TYR UA 94 -69.53 8.18 58.65
C TYR UA 94 -69.95 9.64 58.50
N ARG UA 95 -70.99 9.88 57.72
CA ARG UA 95 -71.33 11.23 57.29
C ARG UA 95 -72.77 11.57 57.67
N GLU UA 96 -72.97 12.78 58.18
CA GLU UA 96 -74.29 13.21 58.63
C GLU UA 96 -74.97 14.03 57.54
N TYR UA 97 -76.30 13.96 57.52
CA TYR UA 97 -77.12 14.73 56.58
C TYR UA 97 -78.37 15.22 57.29
N ARG UA 98 -78.62 16.52 57.22
CA ARG UA 98 -79.84 17.11 57.77
C ARG UA 98 -80.89 17.11 56.68
N ASP UA 99 -81.87 16.20 56.79
CA ASP UA 99 -82.84 15.98 55.73
C ASP UA 99 -84.13 15.43 56.35
N LEU UA 100 -85.19 15.40 55.54
CA LEU UA 100 -86.49 14.93 56.03
C LEU UA 100 -86.55 13.40 56.09
N THR UA 101 -86.40 12.74 54.94
CA THR UA 101 -86.63 11.31 54.85
C THR UA 101 -85.32 10.54 54.64
N THR UA 102 -85.39 9.23 54.84
CA THR UA 102 -84.23 8.38 54.64
C THR UA 102 -83.86 8.26 53.17
N ALA UA 103 -84.87 8.16 52.31
CA ALA UA 103 -84.64 8.04 50.87
C ALA UA 103 -84.03 9.31 50.31
N GLY UA 104 -84.53 10.47 50.75
CA GLY UA 104 -83.93 11.73 50.34
C GLY UA 104 -82.54 11.95 50.91
N ALA UA 105 -82.30 11.47 52.14
CA ALA UA 105 -80.99 11.60 52.75
C ALA UA 105 -79.95 10.74 52.03
N VAL UA 106 -80.34 9.54 51.62
CA VAL UA 106 -79.40 8.67 50.89
C VAL UA 106 -79.25 9.15 49.45
N THR UA 107 -80.30 9.77 48.88
CA THR UA 107 -80.16 10.43 47.58
C THR UA 107 -79.13 11.54 47.63
N GLN UA 108 -79.24 12.42 48.65
CA GLN UA 108 -78.27 13.48 48.86
C GLN UA 108 -76.88 12.92 49.17
N CYS UA 109 -76.83 11.75 49.80
CA CYS UA 109 -75.55 11.07 50.05
C CYS UA 109 -74.87 10.64 48.76
N TYR UA 110 -75.62 10.06 47.82
CA TYR UA 110 -75.04 9.69 46.53
C TYR UA 110 -74.62 10.92 45.75
N ARG UA 111 -75.45 11.97 45.76
CA ARG UA 111 -75.11 13.21 45.05
C ARG UA 111 -73.86 13.87 45.62
N ASP UA 112 -73.72 13.85 46.95
CA ASP UA 112 -72.59 14.50 47.59
C ASP UA 112 -71.31 13.69 47.46
N MET UA 113 -71.39 12.35 47.51
CA MET UA 113 -70.20 11.56 47.28
C MET UA 113 -69.74 11.63 45.83
N GLY UA 114 -70.69 11.67 44.89
CA GLY UA 114 -70.32 11.91 43.50
C GLY UA 114 -69.83 13.33 43.25
N ALA UA 115 -70.22 14.26 44.12
CA ALA UA 115 -69.68 15.62 44.05
C ALA UA 115 -68.23 15.66 44.48
N ARG UA 116 -67.98 15.31 45.74
CA ARG UA 116 -66.64 15.49 46.30
C ARG UA 116 -65.65 14.45 45.79
N HIS UA 117 -66.00 13.17 45.89
CA HIS UA 117 -65.01 12.12 45.68
C HIS UA 117 -65.14 11.40 44.34
N ARG UA 118 -66.12 11.79 43.52
CA ARG UA 118 -66.45 11.16 42.22
C ARG UA 118 -66.69 9.66 42.37
N ALA UA 119 -67.31 9.27 43.48
CA ALA UA 119 -67.60 7.87 43.76
C ALA UA 119 -68.89 7.48 43.08
N ARG UA 120 -68.85 6.44 42.25
CA ARG UA 120 -70.01 6.00 41.50
C ARG UA 120 -70.94 5.19 42.38
N ALA UA 121 -72.20 5.08 41.94
CA ALA UA 121 -73.21 4.43 42.76
C ALA UA 121 -73.03 2.92 42.81
N HIS UA 122 -72.31 2.35 41.85
CA HIS UA 122 -72.00 0.92 41.93
C HIS UA 122 -70.87 0.66 42.91
N SER UA 123 -70.06 1.68 43.21
CA SER UA 123 -68.98 1.51 44.18
C SER UA 123 -69.44 1.88 45.58
N ILE UA 124 -70.39 2.81 45.70
CA ILE UA 124 -70.90 3.21 47.00
C ILE UA 124 -71.81 2.11 47.56
N GLN UA 125 -71.52 1.67 48.78
CA GLN UA 125 -72.30 0.65 49.47
C GLN UA 125 -72.81 1.22 50.78
N ILE UA 126 -74.13 1.40 50.88
CA ILE UA 126 -74.77 1.89 52.10
C ILE UA 126 -75.03 0.70 53.02
N MET UA 127 -74.52 0.75 54.24
CA MET UA 127 -74.74 -0.32 55.19
C MET UA 127 -75.69 0.03 56.33
N LYS UA 128 -75.75 1.28 56.76
CA LYS UA 128 -76.57 1.65 57.91
C LYS UA 128 -76.90 3.13 57.89
N VAL UA 129 -78.19 3.43 58.02
CA VAL UA 129 -78.69 4.81 58.13
C VAL UA 129 -79.46 4.88 59.45
N GLU UA 130 -79.04 5.75 60.35
CA GLU UA 130 -79.65 5.89 61.66
C GLU UA 130 -80.00 7.34 61.94
N GLU UA 131 -81.22 7.57 62.43
CA GLU UA 131 -81.63 8.91 62.85
C GLU UA 131 -80.94 9.27 64.17
N ILE UA 132 -80.53 10.52 64.29
CA ILE UA 132 -79.71 11.00 65.40
C ILE UA 132 -80.36 12.27 65.94
N ALA UA 133 -80.38 12.42 67.26
CA ALA UA 133 -80.81 13.67 67.88
C ALA UA 133 -79.79 14.78 67.64
N ALA UA 134 -80.14 15.98 68.10
CA ALA UA 134 -79.29 17.14 67.83
C ALA UA 134 -78.04 17.16 68.70
N SER UA 135 -78.03 16.39 69.78
CA SER UA 135 -76.89 16.44 70.70
C SER UA 135 -75.72 15.60 70.20
N LYS UA 136 -76.00 14.45 69.59
CA LYS UA 136 -74.94 13.53 69.18
C LYS UA 136 -74.36 13.83 67.81
N CYS UA 137 -74.69 14.97 67.21
CA CYS UA 137 -74.13 15.31 65.91
C CYS UA 137 -72.66 15.71 66.03
N ARG UA 138 -71.89 15.37 65.01
CA ARG UA 138 -70.45 15.62 65.01
C ARG UA 138 -70.02 16.65 63.98
N ARG UA 139 -70.67 16.70 62.82
CA ARG UA 139 -70.21 17.56 61.75
C ARG UA 139 -70.68 18.99 61.98
N PRO UA 140 -69.77 19.98 61.85
CA PRO UA 140 -70.16 21.37 62.13
C PRO UA 140 -71.07 21.97 61.07
N ALA UA 141 -71.02 21.45 59.84
CA ALA UA 141 -71.92 21.94 58.79
C ALA UA 141 -73.37 21.53 59.06
N VAL UA 142 -73.57 20.47 59.85
CA VAL UA 142 -74.89 20.11 60.32
C VAL UA 142 -75.21 20.79 61.65
N LYS UA 143 -74.19 20.96 62.51
CA LYS UA 143 -74.42 21.54 63.83
C LYS UA 143 -74.64 23.05 63.78
N GLN UA 144 -74.31 23.70 62.67
CA GLN UA 144 -74.51 25.14 62.59
C GLN UA 144 -75.99 25.50 62.40
N PHE UA 145 -76.80 24.55 61.93
CA PHE UA 145 -78.22 24.82 61.74
C PHE UA 145 -79.04 24.62 63.01
N HIS UA 146 -78.46 24.03 64.05
CA HIS UA 146 -79.18 23.77 65.29
C HIS UA 146 -79.33 25.04 66.11
N ASP UA 147 -80.43 25.77 65.89
CA ASP UA 147 -80.67 27.03 66.60
C ASP UA 147 -82.17 27.26 66.63
N SER UA 148 -82.68 27.68 67.80
CA SER UA 148 -84.10 27.99 67.92
C SER UA 148 -84.43 29.30 67.21
N LYS UA 149 -83.67 30.35 67.51
CA LYS UA 149 -83.84 31.64 66.83
C LYS UA 149 -82.80 31.81 65.73
N ILE UA 150 -82.90 30.94 64.72
CA ILE UA 150 -81.99 31.02 63.58
C ILE UA 150 -82.39 32.20 62.70
N LYS UA 151 -81.39 32.91 62.18
CA LYS UA 151 -81.64 34.15 61.45
C LYS UA 151 -80.50 34.39 60.47
N PHE UA 152 -80.85 34.50 59.19
CA PHE UA 152 -79.86 34.76 58.15
C PHE UA 152 -80.57 35.39 56.96
N PRO UA 153 -79.96 36.36 56.27
CA PRO UA 153 -80.57 36.90 55.05
C PRO UA 153 -80.15 36.11 53.82
N LEU UA 154 -80.74 36.50 52.70
CA LEU UA 154 -80.29 36.00 51.40
C LEU UA 154 -79.39 37.05 50.77
N PRO UA 155 -78.07 36.85 50.80
CA PRO UA 155 -77.14 37.94 50.49
C PRO UA 155 -77.13 38.41 49.04
N HIS UA 156 -76.98 37.49 48.10
CA HIS UA 156 -76.88 37.82 46.69
C HIS UA 156 -77.90 36.99 45.92
N ARG UA 157 -78.99 37.62 45.51
CA ARG UA 157 -80.06 36.95 44.78
C ARG UA 157 -79.74 37.07 43.29
N VAL UA 158 -78.96 36.10 42.79
CA VAL UA 158 -78.72 35.98 41.36
C VAL UA 158 -80.04 35.63 40.67
N LEU UA 159 -80.49 36.50 39.79
CA LEU UA 159 -81.83 36.34 39.23
C LEU UA 159 -81.83 35.28 38.15
N ARG UA 160 -82.88 34.47 38.15
CA ARG UA 160 -83.15 33.54 37.06
C ARG UA 160 -84.27 34.10 36.20
N ARG UA 161 -84.75 33.27 35.26
CA ARG UA 161 -85.56 33.68 34.11
C ARG UA 161 -84.86 34.80 33.37
N GLN UA 162 -83.62 34.52 32.98
CA GLN UA 162 -82.74 35.54 32.41
C GLN UA 162 -83.11 35.83 30.96
N HIS UA 163 -83.64 34.83 30.26
CA HIS UA 163 -83.80 34.91 28.82
C HIS UA 163 -85.22 35.23 28.38
N LYS UA 164 -86.13 35.58 29.30
CA LYS UA 164 -87.39 36.19 28.86
C LYS UA 164 -87.25 37.71 28.71
N PRO UA 165 -86.62 38.46 29.63
CA PRO UA 165 -86.26 39.85 29.29
C PRO UA 165 -84.90 40.01 28.64
N ARG UA 166 -84.62 39.34 27.50
CA ARG UA 166 -83.35 39.43 26.75
C ARG UA 166 -82.98 40.88 26.48
N PHE UA 167 -83.82 41.67 25.81
CA PHE UA 167 -83.39 43.01 25.45
C PHE UA 167 -84.19 44.05 26.24
N THR UA 168 -83.73 44.37 27.45
CA THR UA 168 -84.44 45.25 28.34
C THR UA 168 -83.67 46.55 28.53
N THR UA 169 -84.36 47.54 29.10
CA THR UA 169 -83.76 48.84 29.32
C THR UA 169 -83.09 48.93 30.68
N LYS UA 170 -83.80 48.55 31.73
CA LYS UA 170 -83.35 48.75 33.10
C LYS UA 170 -82.33 47.69 33.50
N ARG UA 171 -81.45 48.07 34.42
CA ARG UA 171 -80.51 47.12 35.00
C ARG UA 171 -81.20 46.29 36.08
N PRO UA 172 -80.93 44.98 36.14
CA PRO UA 172 -81.61 44.11 37.10
C PRO UA 172 -81.11 44.33 38.51
N ASN UA 173 -82.03 44.61 39.43
CA ASN UA 173 -81.67 44.77 40.83
C ASN UA 173 -81.58 43.40 41.46
N THR UA 174 -80.61 43.23 42.38
CA THR UA 174 -80.33 41.94 42.98
C THR UA 174 -80.00 42.12 44.47
N PHE UA 175 -80.79 42.97 45.13
CA PHE UA 175 -80.74 43.10 46.58
C PHE UA 175 -82.15 42.88 47.11
N PHE UA 176 -82.44 41.66 47.57
CA PHE UA 176 -83.76 41.38 48.10
C PHE UA 176 -83.67 40.47 49.34
N MET VA 1 51.23 -14.06 96.94
CA MET VA 1 51.59 -15.29 97.63
C MET VA 1 51.70 -15.12 99.13
N LEU VA 2 50.59 -15.37 99.82
CA LEU VA 2 50.54 -15.38 101.29
C LEU VA 2 51.16 -16.69 101.79
N MET VA 3 52.50 -16.67 101.86
CA MET VA 3 53.27 -17.85 102.23
C MET VA 3 53.37 -17.96 103.75
N PRO VA 4 53.55 -19.18 104.27
CA PRO VA 4 53.89 -19.34 105.69
C PRO VA 4 55.31 -18.82 105.95
N LYS VA 5 55.47 -18.14 107.09
CA LYS VA 5 56.77 -17.59 107.45
C LYS VA 5 57.78 -18.69 107.76
N LYS VA 6 57.32 -19.77 108.39
CA LYS VA 6 58.20 -20.88 108.73
C LYS VA 6 58.68 -21.59 107.47
N ASN VA 7 57.79 -21.78 106.49
CA ASN VA 7 58.19 -22.41 105.23
C ASN VA 7 59.07 -21.49 104.42
N ARG VA 8 58.84 -20.17 104.48
CA ARG VA 8 59.69 -19.22 103.77
C ARG VA 8 61.10 -19.21 104.34
N ILE VA 9 61.22 -19.21 105.67
CA ILE VA 9 62.52 -19.27 106.33
C ILE VA 9 63.20 -20.61 106.08
N ALA VA 10 62.42 -21.69 105.99
CA ALA VA 10 62.99 -23.01 105.71
C ALA VA 10 63.54 -23.11 104.28
N ILE VA 11 62.81 -22.55 103.31
CA ILE VA 11 63.28 -22.57 101.93
C ILE VA 11 64.49 -21.65 101.75
N TYR VA 12 64.50 -20.49 102.43
CA TYR VA 12 65.67 -19.61 102.36
C TYR VA 12 66.87 -20.23 103.06
N GLU VA 13 66.63 -21.00 104.13
CA GLU VA 13 67.73 -21.66 104.82
C GLU VA 13 68.28 -22.83 104.00
N LEU VA 14 67.42 -23.53 103.26
CA LEU VA 14 67.90 -24.55 102.33
C LEU VA 14 68.70 -23.91 101.20
N LEU VA 15 68.23 -22.76 100.71
CA LEU VA 15 68.94 -22.04 99.66
C LEU VA 15 70.27 -21.48 100.15
N PHE VA 16 70.39 -21.23 101.45
CA PHE VA 16 71.66 -20.75 101.98
C PHE VA 16 72.60 -21.91 102.31
N LYS VA 17 72.06 -23.05 102.75
CA LYS VA 17 72.92 -24.18 103.10
C LYS VA 17 73.42 -24.88 101.86
N GLU VA 18 72.73 -24.71 100.73
CA GLU VA 18 73.27 -25.06 99.42
C GLU VA 18 72.73 -24.03 98.44
N GLY VA 19 73.64 -23.29 97.80
CA GLY VA 19 73.32 -22.16 96.95
C GLY VA 19 72.41 -22.46 95.77
N VAL VA 20 72.81 -23.38 94.92
CA VAL VA 20 71.97 -23.80 93.82
C VAL VA 20 70.86 -24.72 94.33
N MET VA 21 69.63 -24.43 93.91
CA MET VA 21 68.50 -25.25 94.32
C MET VA 21 67.64 -25.58 93.12
N VAL VA 22 67.04 -26.78 93.15
CA VAL VA 22 66.26 -27.32 92.06
C VAL VA 22 64.78 -27.31 92.45
N ALA VA 23 63.93 -27.44 91.45
CA ALA VA 23 62.49 -27.56 91.65
C ALA VA 23 61.86 -28.22 90.43
N LYS VA 24 60.64 -28.72 90.60
CA LYS VA 24 59.92 -29.35 89.50
C LYS VA 24 58.73 -28.48 89.08
N LYS VA 25 58.53 -28.31 87.77
CA LYS VA 25 57.39 -27.53 87.32
C LYS VA 25 56.11 -28.35 87.47
N ASP VA 26 55.50 -28.27 88.65
CA ASP VA 26 54.21 -28.88 88.90
C ASP VA 26 53.60 -28.14 90.08
N VAL VA 27 52.53 -27.39 89.82
CA VAL VA 27 51.85 -26.66 90.87
C VAL VA 27 51.15 -27.63 91.82
N HIS VA 28 50.66 -28.74 91.30
CA HIS VA 28 49.86 -29.69 92.08
C HIS VA 28 50.77 -30.72 92.73
N MET VA 29 51.51 -30.27 93.74
CA MET VA 29 52.40 -31.14 94.49
C MET VA 29 52.15 -30.98 95.98
N PRO VA 30 52.01 -32.07 96.73
CA PRO VA 30 51.85 -31.94 98.19
C PRO VA 30 53.09 -31.41 98.89
N LYS VA 31 54.24 -32.04 98.68
CA LYS VA 31 55.48 -31.67 99.36
C LYS VA 31 56.62 -31.58 98.38
N HIS VA 32 57.68 -30.89 98.81
CA HIS VA 32 58.91 -30.78 98.04
C HIS VA 32 59.67 -32.10 98.11
N PRO VA 33 60.22 -32.58 96.98
CA PRO VA 33 60.84 -33.91 97.00
C PRO VA 33 62.18 -33.96 97.72
N GLU VA 34 62.93 -32.86 97.73
CA GLU VA 34 64.23 -32.88 98.40
C GLU VA 34 64.08 -32.66 99.90
N LEU VA 35 63.28 -31.68 100.30
CA LEU VA 35 63.03 -31.37 101.70
C LEU VA 35 61.59 -31.82 101.98
N ALA VA 36 61.45 -33.09 102.35
CA ALA VA 36 60.13 -33.68 102.61
C ALA VA 36 59.77 -33.69 104.08
N ASP VA 37 60.56 -33.04 104.93
CA ASP VA 37 60.24 -33.01 106.36
C ASP VA 37 59.12 -32.02 106.66
N LYS VA 38 59.26 -30.80 106.18
CA LYS VA 38 58.24 -29.78 106.38
C LYS VA 38 57.14 -29.90 105.32
N ASN VA 39 56.23 -28.93 105.31
CA ASN VA 39 55.21 -28.90 104.28
C ASN VA 39 55.79 -28.48 102.94
N VAL VA 40 56.28 -27.24 102.86
CA VAL VA 40 56.99 -26.56 101.75
C VAL VA 40 56.50 -26.94 100.34
N PRO VA 41 55.31 -26.50 99.92
CA PRO VA 41 54.79 -26.90 98.62
C PRO VA 41 55.60 -26.32 97.45
N ASN VA 42 55.58 -27.07 96.34
CA ASN VA 42 56.37 -26.78 95.15
C ASN VA 42 55.96 -25.45 94.52
N LEU VA 43 54.67 -25.10 94.62
CA LEU VA 43 54.22 -23.81 94.11
C LEU VA 43 54.78 -22.67 94.95
N HIS VA 44 54.85 -22.85 96.27
CA HIS VA 44 55.47 -21.85 97.13
C HIS VA 44 56.95 -21.72 96.86
N VAL VA 45 57.63 -22.85 96.59
CA VAL VA 45 59.05 -22.82 96.25
C VAL VA 45 59.28 -22.08 94.94
N MET VA 46 58.47 -22.39 93.92
CA MET VA 46 58.56 -21.73 92.61
C MET VA 46 58.31 -20.24 92.72
N LYS VA 47 57.29 -19.83 93.48
CA LYS VA 47 56.98 -18.41 93.54
C LYS VA 47 57.97 -17.64 94.41
N ALA VA 48 58.53 -18.29 95.45
CA ALA VA 48 59.54 -17.63 96.27
C ALA VA 48 60.83 -17.45 95.50
N MET VA 49 61.25 -18.47 94.75
CA MET VA 49 62.46 -18.33 93.94
C MET VA 49 62.21 -17.42 92.74
N GLN VA 50 60.96 -17.30 92.30
CA GLN VA 50 60.63 -16.33 91.26
C GLN VA 50 60.70 -14.91 91.80
N SER VA 51 60.31 -14.72 93.07
CA SER VA 51 60.47 -13.41 93.70
C SER VA 51 61.94 -13.09 93.93
N LEU VA 52 62.78 -14.11 94.13
CA LEU VA 52 64.23 -13.86 94.20
C LEU VA 52 64.80 -13.57 92.83
N LYS VA 53 64.20 -14.17 91.78
CA LYS VA 53 64.69 -13.99 90.43
C LYS VA 53 64.34 -12.61 89.88
N SER VA 54 63.16 -12.10 90.24
CA SER VA 54 62.65 -10.89 89.61
C SER VA 54 63.41 -9.63 90.05
N ARG VA 55 64.01 -9.64 91.23
CA ARG VA 55 64.79 -8.50 91.71
C ARG VA 55 66.29 -8.74 91.55
N GLY VA 56 66.66 -9.65 90.65
CA GLY VA 56 68.05 -9.83 90.26
C GLY VA 56 68.97 -10.38 91.31
N TYR VA 57 68.55 -11.42 92.05
CA TYR VA 57 69.39 -12.02 93.07
C TYR VA 57 69.85 -13.43 92.72
N VAL VA 58 69.13 -14.13 91.85
CA VAL VA 58 69.42 -15.52 91.56
C VAL VA 58 69.42 -15.72 90.05
N LYS VA 59 69.99 -16.83 89.59
CA LYS VA 59 70.14 -17.12 88.17
C LYS VA 59 69.29 -18.32 87.78
N GLU VA 60 68.65 -18.23 86.62
CA GLU VA 60 67.62 -19.15 86.16
C GLU VA 60 68.15 -20.10 85.09
N GLN VA 61 67.75 -21.37 85.17
CA GLN VA 61 67.97 -22.32 84.09
C GLN VA 61 66.84 -23.36 84.15
N PHE VA 62 66.54 -24.01 83.02
CA PHE VA 62 65.41 -24.93 82.93
C PHE VA 62 65.78 -26.13 82.06
N ALA VA 63 65.45 -27.34 82.53
CA ALA VA 63 65.62 -28.57 81.77
C ALA VA 63 64.33 -29.38 81.77
N TRP VA 64 63.44 -29.03 80.85
CA TRP VA 64 62.24 -29.73 80.35
C TRP VA 64 61.05 -29.80 81.31
N ARG VA 65 61.29 -29.88 82.63
CA ARG VA 65 60.25 -29.83 83.64
C ARG VA 65 60.76 -29.24 84.95
N HIS VA 66 62.01 -28.80 85.00
CA HIS VA 66 62.68 -28.56 86.27
C HIS VA 66 63.39 -27.20 86.25
N PHE VA 67 63.15 -26.41 87.28
CA PHE VA 67 63.83 -25.15 87.43
C PHE VA 67 65.12 -25.32 88.24
N TYR VA 68 66.12 -24.51 87.89
CA TYR VA 68 67.42 -24.55 88.53
C TYR VA 68 67.82 -23.11 88.84
N TRP VA 69 68.25 -22.87 90.09
CA TRP VA 69 68.62 -21.52 90.49
C TRP VA 69 70.02 -21.51 91.07
N TYR VA 70 70.92 -20.77 90.41
CA TYR VA 70 72.27 -20.49 90.86
C TYR VA 70 72.26 -19.25 91.73
N LEU VA 71 72.67 -19.40 92.99
CA LEU VA 71 72.63 -18.29 93.93
C LEU VA 71 73.92 -17.48 93.81
N THR VA 72 73.78 -16.18 93.52
CA THR VA 72 74.91 -15.29 93.34
C THR VA 72 75.32 -14.66 94.68
N ASN VA 73 76.38 -13.85 94.62
CA ASN VA 73 76.94 -13.25 95.83
C ASN VA 73 76.02 -12.18 96.41
N GLU VA 74 75.27 -11.50 95.54
CA GLU VA 74 74.27 -10.55 96.03
C GLU VA 74 73.14 -11.29 96.75
N GLY VA 75 72.79 -12.47 96.26
CA GLY VA 75 71.84 -13.31 96.98
C GLY VA 75 72.39 -13.83 98.29
N ILE VA 76 73.71 -14.10 98.33
CA ILE VA 76 74.38 -14.48 99.58
C ILE VA 76 74.27 -13.36 100.60
N GLN VA 77 74.55 -12.12 100.17
CA GLN VA 77 74.48 -10.97 101.05
C GLN VA 77 73.04 -10.70 101.51
N TYR VA 78 72.07 -10.89 100.62
CA TYR VA 78 70.67 -10.64 100.97
C TYR VA 78 70.15 -11.70 101.94
N LEU VA 79 70.52 -12.98 101.73
CA LEU VA 79 70.10 -14.02 102.67
C LEU VA 79 70.80 -13.89 104.01
N ARG VA 80 72.04 -13.40 104.01
CA ARG VA 80 72.74 -13.12 105.26
C ARG VA 80 72.09 -11.97 106.02
N ASP VA 81 71.71 -10.90 105.33
CA ASP VA 81 71.03 -9.79 105.99
C ASP VA 81 69.61 -10.16 106.42
N TYR VA 82 69.00 -11.12 105.72
CA TYR VA 82 67.66 -11.58 106.10
C TYR VA 82 67.71 -12.45 107.34
N LEU VA 83 68.56 -13.47 107.35
CA LEU VA 83 68.61 -14.44 108.43
C LEU VA 83 69.53 -14.02 109.57
N HIS VA 84 70.18 -12.85 109.46
CA HIS VA 84 71.02 -12.25 110.51
C HIS VA 84 72.15 -13.18 110.94
N LEU VA 85 72.76 -13.84 109.97
CA LEU VA 85 73.82 -14.81 110.20
C LEU VA 85 75.18 -14.13 110.18
N PRO VA 86 76.16 -14.67 110.90
CA PRO VA 86 77.52 -14.11 110.84
C PRO VA 86 78.16 -14.35 109.49
N PRO VA 87 79.05 -13.45 109.04
CA PRO VA 87 79.65 -13.59 107.71
C PRO VA 87 80.77 -14.62 107.60
N GLU VA 88 81.07 -15.37 108.67
CA GLU VA 88 82.14 -16.35 108.60
C GLU VA 88 81.70 -17.62 107.87
N ILE VA 89 80.50 -18.13 108.20
CA ILE VA 89 80.01 -19.35 107.59
C ILE VA 89 79.58 -19.09 106.14
N VAL VA 90 79.89 -20.05 105.27
CA VAL VA 90 79.65 -19.94 103.83
C VAL VA 90 78.84 -21.15 103.40
N PRO VA 91 78.19 -21.12 102.22
CA PRO VA 91 77.55 -22.34 101.71
C PRO VA 91 78.55 -23.40 101.28
N ALA VA 92 78.07 -24.62 101.03
CA ALA VA 92 78.96 -25.72 100.70
C ALA VA 92 79.45 -25.65 99.26
N THR VA 93 78.81 -24.85 98.42
CA THR VA 93 79.27 -24.72 97.04
C THR VA 93 80.49 -23.80 96.95
N LEU VA 94 80.72 -22.98 97.97
CA LEU VA 94 81.96 -22.22 98.07
C LEU VA 94 83.01 -22.98 98.87
N ARG VA 95 82.57 -23.95 99.67
CA ARG VA 95 83.48 -24.74 100.48
C ARG VA 95 84.20 -25.77 99.62
N ARG VA 96 85.47 -26.03 99.96
CA ARG VA 96 86.25 -27.05 99.30
C ARG VA 96 87.28 -27.63 100.27
N THR WA 1 -43.65 -25.49 12.69
CA THR WA 1 -44.84 -26.33 12.68
C THR WA 1 -44.75 -27.43 13.74
N ASN WA 2 -45.90 -27.97 14.13
CA ASN WA 2 -45.94 -29.03 15.11
C ASN WA 2 -45.70 -30.39 14.46
N THR WA 3 -45.48 -31.39 15.29
CA THR WA 3 -45.36 -32.76 14.81
C THR WA 3 -46.75 -33.39 14.72
N LYS WA 4 -46.88 -34.35 13.80
CA LYS WA 4 -48.18 -34.94 13.52
C LYS WA 4 -48.20 -36.41 13.94
N GLY WA 5 -47.59 -36.72 15.09
CA GLY WA 5 -47.48 -38.09 15.54
C GLY WA 5 -48.78 -38.65 16.09
N LYS WA 6 -48.72 -39.92 16.48
CA LYS WA 6 -49.89 -40.60 17.01
C LYS WA 6 -50.21 -40.11 18.42
N ARG WA 7 -49.19 -39.90 19.25
CA ARG WA 7 -49.41 -39.56 20.64
C ARG WA 7 -48.78 -38.21 21.00
N ARG WA 8 -49.02 -37.19 20.17
CA ARG WA 8 -48.49 -35.86 20.40
C ARG WA 8 -49.37 -35.13 21.41
N GLY WA 9 -48.74 -34.62 22.47
CA GLY WA 9 -49.46 -33.88 23.50
C GLY WA 9 -50.40 -34.75 24.32
N THR WA 10 -50.00 -35.96 24.66
CA THR WA 10 -50.82 -36.88 25.43
C THR WA 10 -50.09 -37.27 26.71
N ARG WA 11 -49.54 -36.26 27.40
CA ARG WA 11 -48.84 -36.50 28.65
C ARG WA 11 -49.81 -36.80 29.79
N TYR WA 12 -50.83 -35.96 29.95
CA TYR WA 12 -51.80 -36.12 31.02
C TYR WA 12 -52.96 -37.03 30.65
N MET WA 13 -53.18 -37.27 29.35
CA MET WA 13 -54.45 -37.88 28.94
C MET WA 13 -54.40 -39.40 29.07
N PHE WA 14 -53.43 -40.04 28.42
CA PHE WA 14 -53.26 -41.49 28.57
C PHE WA 14 -52.65 -41.89 29.90
N SER WA 15 -52.20 -40.94 30.71
CA SER WA 15 -51.63 -41.27 32.01
C SER WA 15 -52.71 -41.77 32.96
N ARG WA 16 -52.36 -42.82 33.72
CA ARG WA 16 -53.26 -43.38 34.69
C ARG WA 16 -53.45 -42.43 35.87
N PRO WA 17 -54.62 -42.45 36.51
CA PRO WA 17 -54.86 -41.56 37.65
C PRO WA 17 -54.03 -41.93 38.87
N PHE WA 18 -54.11 -41.07 39.88
CA PHE WA 18 -53.31 -41.24 41.08
C PHE WA 18 -53.81 -42.42 41.90
N ARG WA 19 -52.87 -43.29 42.29
CA ARG WA 19 -53.14 -44.55 43.01
C ARG WA 19 -54.13 -45.44 42.27
N LYS WA 20 -54.00 -45.48 40.93
CA LYS WA 20 -54.79 -46.38 40.10
C LYS WA 20 -53.91 -47.09 39.06
N HIS WA 21 -52.63 -47.24 39.37
CA HIS WA 21 -51.70 -47.94 38.50
C HIS WA 21 -51.81 -49.44 38.69
N GLY WA 22 -50.98 -50.18 37.96
CA GLY WA 22 -50.86 -51.62 38.19
C GLY WA 22 -51.73 -52.48 37.32
N VAL WA 23 -52.36 -53.49 37.93
CA VAL WA 23 -53.13 -54.50 37.22
C VAL WA 23 -54.46 -53.89 36.79
N VAL WA 24 -54.84 -54.12 35.54
CA VAL WA 24 -56.12 -53.65 35.00
C VAL WA 24 -57.24 -54.45 35.66
N PRO WA 25 -58.32 -53.79 36.10
CA PRO WA 25 -59.48 -54.52 36.63
C PRO WA 25 -60.13 -55.41 35.57
N LEU WA 26 -60.48 -56.63 35.97
CA LEU WA 26 -60.85 -57.69 35.04
C LEU WA 26 -62.33 -57.72 34.68
N ALA WA 27 -63.18 -57.00 35.44
CA ALA WA 27 -64.57 -56.87 35.03
C ALA WA 27 -64.68 -56.04 33.75
N THR WA 28 -63.75 -55.11 33.56
CA THR WA 28 -63.65 -54.36 32.30
C THR WA 28 -63.36 -55.30 31.14
N TYR WA 29 -62.55 -56.34 31.37
CA TYR WA 29 -62.30 -57.35 30.34
C TYR WA 29 -63.56 -58.17 30.08
N MET WA 30 -64.13 -58.74 31.14
CA MET WA 30 -65.16 -59.75 30.95
C MET WA 30 -66.55 -59.17 30.82
N ARG WA 31 -66.69 -57.83 30.76
CA ARG WA 31 -67.98 -57.25 30.45
C ARG WA 31 -68.26 -57.37 28.96
N ILE WA 32 -69.36 -58.04 28.61
CA ILE WA 32 -69.67 -58.39 27.24
C ILE WA 32 -70.22 -57.18 26.49
N TYR WA 33 -69.94 -57.14 25.19
CA TYR WA 33 -70.26 -56.00 24.33
C TYR WA 33 -71.19 -56.49 23.24
N LYS WA 34 -72.47 -56.16 23.34
CA LYS WA 34 -73.42 -56.56 22.31
C LYS WA 34 -73.35 -55.60 21.12
N LYS WA 35 -73.97 -56.01 20.02
CA LYS WA 35 -74.01 -55.16 18.84
C LYS WA 35 -75.08 -54.09 18.97
N GLY WA 36 -74.74 -52.86 18.61
CA GLY WA 36 -75.70 -51.78 18.66
C GLY WA 36 -75.88 -51.15 20.03
N ASP WA 37 -74.85 -51.16 20.87
CA ASP WA 37 -74.89 -50.54 22.18
C ASP WA 37 -74.11 -49.23 22.13
N ILE WA 38 -74.67 -48.17 22.73
CA ILE WA 38 -74.00 -46.87 22.75
C ILE WA 38 -72.83 -46.91 23.69
N VAL WA 39 -71.62 -46.65 23.15
CA VAL WA 39 -70.36 -46.91 23.83
C VAL WA 39 -69.49 -45.66 23.76
N ASP WA 40 -69.05 -45.17 24.92
CA ASP WA 40 -68.07 -44.10 24.96
C ASP WA 40 -66.66 -44.67 25.06
N ILE WA 41 -65.67 -43.87 24.69
CA ILE WA 41 -64.27 -44.31 24.62
C ILE WA 41 -63.44 -43.49 25.60
N LYS WA 42 -62.71 -44.19 26.46
CA LYS WA 42 -61.77 -43.55 27.38
C LYS WA 42 -60.45 -44.30 27.30
N GLY WA 43 -59.38 -43.60 26.93
CA GLY WA 43 -58.11 -44.25 26.72
C GLY WA 43 -57.44 -44.68 28.02
N MET WA 44 -56.44 -45.54 27.87
CA MET WA 44 -55.73 -46.12 28.99
C MET WA 44 -54.29 -46.38 28.57
N GLY WA 45 -53.35 -46.10 29.47
CA GLY WA 45 -51.95 -46.19 29.13
C GLY WA 45 -51.27 -47.50 29.50
N THR WA 46 -52.02 -48.40 30.15
CA THR WA 46 -51.44 -49.68 30.56
C THR WA 46 -51.22 -50.59 29.36
N VAL WA 47 -52.30 -50.94 28.66
CA VAL WA 47 -52.21 -51.78 27.47
C VAL WA 47 -51.98 -50.87 26.27
N GLN WA 48 -50.82 -51.02 25.62
CA GLN WA 48 -50.46 -50.13 24.52
C GLN WA 48 -51.08 -50.60 23.21
N LYS WA 49 -51.36 -51.89 23.07
CA LYS WA 49 -51.94 -52.41 21.85
C LYS WA 49 -53.41 -52.04 21.75
N GLY WA 50 -53.83 -51.54 20.59
CA GLY WA 50 -55.22 -51.19 20.37
C GLY WA 50 -55.64 -49.89 21.01
N MET WA 51 -54.77 -48.89 21.08
CA MET WA 51 -55.19 -47.61 21.64
C MET WA 51 -55.95 -46.80 20.60
N PRO WA 52 -57.00 -46.10 20.99
CA PRO WA 52 -57.65 -45.16 20.09
C PRO WA 52 -56.83 -43.89 19.95
N HIS WA 53 -57.27 -43.03 19.04
CA HIS WA 53 -56.53 -41.80 18.80
C HIS WA 53 -56.96 -40.72 19.79
N LYS WA 54 -56.10 -39.72 19.94
CA LYS WA 54 -56.33 -38.63 20.89
C LYS WA 54 -57.52 -37.77 20.50
N CYS WA 55 -57.93 -37.81 19.23
CA CYS WA 55 -59.18 -37.16 18.84
C CYS WA 55 -60.39 -38.00 19.23
N TYR WA 56 -60.22 -39.32 19.36
CA TYR WA 56 -61.36 -40.15 19.76
C TYR WA 56 -61.41 -40.41 21.26
N HIS WA 57 -60.42 -39.92 22.01
CA HIS WA 57 -60.52 -39.96 23.48
C HIS WA 57 -61.71 -39.11 23.92
N GLY WA 58 -62.77 -39.77 24.40
CA GLY WA 58 -63.94 -39.07 24.88
C GLY WA 58 -65.15 -39.19 23.99
N LYS WA 59 -64.94 -39.58 22.73
CA LYS WA 59 -66.04 -39.68 21.77
C LYS WA 59 -66.90 -40.90 22.07
N THR WA 60 -68.13 -40.85 21.56
CA THR WA 60 -69.13 -41.86 21.85
C THR WA 60 -69.77 -42.36 20.56
N GLY WA 61 -69.71 -43.67 20.34
CA GLY WA 61 -70.33 -44.26 19.17
C GLY WA 61 -71.14 -45.49 19.51
N ARG WA 62 -71.30 -46.40 18.55
CA ARG WA 62 -71.99 -47.66 18.80
C ARG WA 62 -71.28 -48.79 18.06
N VAL WA 63 -71.46 -50.00 18.55
CA VAL WA 63 -70.67 -51.15 18.12
C VAL WA 63 -71.32 -51.77 16.88
N TYR WA 64 -70.53 -52.02 15.85
CA TYR WA 64 -71.00 -52.69 14.64
C TYR WA 64 -70.37 -54.05 14.43
N ASN WA 65 -69.15 -54.25 14.95
CA ASN WA 65 -68.40 -55.48 14.77
C ASN WA 65 -67.80 -55.88 16.11
N VAL WA 66 -67.82 -57.18 16.38
CA VAL WA 66 -67.28 -57.75 17.61
C VAL WA 66 -66.32 -58.88 17.23
N THR WA 67 -65.08 -58.78 17.72
CA THR WA 67 -64.06 -59.80 17.48
C THR WA 67 -63.67 -60.43 18.81
N GLN WA 68 -62.58 -61.19 18.83
CA GLN WA 68 -62.18 -61.94 20.02
C GLN WA 68 -61.79 -61.00 21.16
N HIS WA 69 -60.79 -60.15 20.96
CA HIS WA 69 -60.26 -59.30 22.02
C HIS WA 69 -60.44 -57.82 21.72
N ALA WA 70 -61.28 -57.49 20.75
CA ALA WA 70 -61.53 -56.10 20.39
C ALA WA 70 -62.88 -56.02 19.71
N VAL WA 71 -63.45 -54.81 19.67
CA VAL WA 71 -64.70 -54.57 18.95
C VAL WA 71 -64.53 -53.33 18.08
N GLY WA 72 -65.33 -53.24 17.03
CA GLY WA 72 -65.34 -52.05 16.19
C GLY WA 72 -66.48 -51.14 16.56
N ILE WA 73 -66.29 -49.84 16.34
CA ILE WA 73 -67.24 -48.81 16.76
C ILE WA 73 -67.28 -47.70 15.71
N VAL WA 74 -68.48 -47.23 15.40
CA VAL WA 74 -68.67 -46.15 14.43
C VAL WA 74 -68.88 -44.86 15.19
N VAL WA 75 -67.85 -44.01 15.22
CA VAL WA 75 -67.89 -42.74 15.94
C VAL WA 75 -67.89 -41.59 14.94
N ASN WA 76 -68.33 -40.43 15.42
CA ASN WA 76 -68.51 -39.25 14.58
C ASN WA 76 -67.32 -38.32 14.73
N LYS WA 77 -66.57 -38.13 13.65
CA LYS WA 77 -65.42 -37.24 13.66
C LYS WA 77 -65.70 -36.03 12.76
N GLN WA 78 -65.44 -34.84 13.27
CA GLN WA 78 -65.64 -33.61 12.50
C GLN WA 78 -64.32 -33.15 11.92
N VAL WA 79 -64.15 -33.28 10.60
CA VAL WA 79 -62.91 -32.89 9.94
C VAL WA 79 -63.24 -31.84 8.89
N LYS WA 80 -63.26 -30.57 9.31
CA LYS WA 80 -62.98 -29.37 8.50
C LYS WA 80 -64.10 -29.06 7.50
N GLY WA 81 -65.03 -29.97 7.20
CA GLY WA 81 -66.15 -29.60 6.38
C GLY WA 81 -67.47 -30.22 6.73
N LYS WA 82 -67.45 -31.28 7.54
CA LYS WA 82 -68.56 -32.20 7.71
C LYS WA 82 -68.24 -33.21 8.80
N ILE WA 83 -69.29 -33.80 9.36
CA ILE WA 83 -69.17 -34.84 10.37
C ILE WA 83 -69.28 -36.19 9.68
N LEU WA 84 -68.24 -37.01 9.82
CA LEU WA 84 -68.19 -38.33 9.18
C LEU WA 84 -68.39 -39.39 10.24
N ALA WA 85 -69.33 -40.30 9.99
CA ALA WA 85 -69.54 -41.46 10.85
C ALA WA 85 -68.58 -42.57 10.42
N LYS WA 86 -67.39 -42.58 11.01
CA LYS WA 86 -66.32 -43.45 10.58
C LYS WA 86 -66.02 -44.48 11.66
N ARG WA 87 -65.47 -45.62 11.24
CA ARG WA 87 -65.34 -46.80 12.08
C ARG WA 87 -63.89 -47.02 12.49
N ILE WA 88 -63.69 -47.41 13.75
CA ILE WA 88 -62.37 -47.71 14.31
C ILE WA 88 -62.49 -48.98 15.15
N ASN WA 89 -61.39 -49.74 15.19
CA ASN WA 89 -61.33 -50.99 15.93
C ASN WA 89 -60.56 -50.77 17.23
N VAL WA 90 -61.24 -50.93 18.36
CA VAL WA 90 -60.69 -50.59 19.67
C VAL WA 90 -60.68 -51.85 20.54
N ARG WA 91 -59.58 -52.06 21.26
CA ARG WA 91 -59.46 -53.15 22.21
C ARG WA 91 -60.31 -52.86 23.45
N ILE WA 92 -60.48 -53.89 24.29
CA ILE WA 92 -61.48 -53.88 25.36
C ILE WA 92 -61.13 -52.86 26.45
N GLU WA 93 -59.84 -52.62 26.70
CA GLU WA 93 -59.39 -51.75 27.78
C GLU WA 93 -59.81 -50.30 27.63
N HIS WA 94 -60.09 -49.84 26.40
CA HIS WA 94 -60.31 -48.43 26.14
C HIS WA 94 -61.79 -48.12 25.95
N ILE WA 95 -62.67 -48.91 26.58
CA ILE WA 95 -64.09 -48.91 26.26
C ILE WA 95 -64.88 -49.12 27.56
N LYS WA 96 -65.86 -48.24 27.78
CA LYS WA 96 -66.84 -48.42 28.84
C LYS WA 96 -68.24 -48.29 28.24
N HIS WA 97 -69.25 -48.55 29.05
CA HIS WA 97 -70.62 -48.35 28.62
C HIS WA 97 -71.12 -46.98 29.04
N SER WA 98 -71.88 -46.33 28.17
CA SER WA 98 -72.55 -45.09 28.53
C SER WA 98 -73.94 -45.39 29.06
N LYS WA 99 -74.31 -44.73 30.16
CA LYS WA 99 -75.62 -44.93 30.77
C LYS WA 99 -76.68 -43.98 30.21
N SER WA 100 -76.33 -43.21 29.18
CA SER WA 100 -77.31 -42.36 28.50
C SER WA 100 -78.35 -43.20 27.78
N ARG WA 101 -77.96 -44.36 27.27
CA ARG WA 101 -78.92 -45.29 26.70
C ARG WA 101 -79.67 -46.05 27.79
N ASP WA 102 -79.00 -46.32 28.92
CA ASP WA 102 -79.61 -47.12 29.97
C ASP WA 102 -80.72 -46.37 30.69
N SER WA 103 -80.51 -45.08 30.99
CA SER WA 103 -81.56 -44.27 31.59
C SER WA 103 -82.72 -44.07 30.62
N PHE WA 104 -82.43 -43.98 29.32
CA PHE WA 104 -83.49 -43.91 28.32
C PHE WA 104 -84.30 -45.20 28.27
N LEU WA 105 -83.63 -46.35 28.41
CA LEU WA 105 -84.35 -47.62 28.42
C LEU WA 105 -85.18 -47.79 29.69
N LYS WA 106 -84.68 -47.31 30.82
CA LYS WA 106 -85.48 -47.32 32.05
C LYS WA 106 -86.71 -46.42 31.92
N ARG WA 107 -86.56 -45.27 31.27
CA ARG WA 107 -87.70 -44.38 31.07
C ARG WA 107 -88.69 -44.96 30.06
N VAL WA 108 -88.20 -45.68 29.05
CA VAL WA 108 -89.07 -46.36 28.10
C VAL WA 108 -89.84 -47.49 28.79
N LYS WA 109 -89.16 -48.22 29.69
CA LYS WA 109 -89.84 -49.26 30.48
C LYS WA 109 -90.90 -48.68 31.40
N GLU WA 110 -90.60 -47.52 32.02
CA GLU WA 110 -91.58 -46.84 32.86
C GLU WA 110 -92.77 -46.34 32.04
N ASN WA 111 -92.52 -45.82 30.84
CA ASN WA 111 -93.62 -45.33 30.01
C ASN WA 111 -94.46 -46.48 29.47
N ASP WA 112 -93.84 -47.63 29.18
CA ASP WA 112 -94.61 -48.79 28.74
C ASP WA 112 -95.45 -49.37 29.87
N GLN WA 113 -94.90 -49.36 31.10
CA GLN WA 113 -95.67 -49.81 32.26
C GLN WA 113 -96.83 -48.87 32.56
N LYS WA 114 -96.59 -47.55 32.47
CA LYS WA 114 -97.65 -46.58 32.69
C LYS WA 114 -98.60 -46.47 31.52
N LYS WA 115 -98.26 -47.04 30.36
CA LYS WA 115 -99.20 -47.12 29.25
C LYS WA 115 -100.07 -48.36 29.34
N LYS WA 116 -99.51 -49.49 29.80
CA LYS WA 116 -100.33 -50.66 30.10
C LYS WA 116 -101.24 -50.39 31.30
N GLU WA 117 -100.77 -49.58 32.25
CA GLU WA 117 -101.59 -49.14 33.36
C GLU WA 117 -102.49 -47.98 32.93
N ALA WA 118 -103.64 -47.88 33.61
CA ALA WA 118 -104.60 -46.78 33.46
C ALA WA 118 -105.18 -46.69 32.05
N LYS WA 119 -105.33 -47.84 31.39
CA LYS WA 119 -106.04 -47.94 30.12
C LYS WA 119 -107.52 -48.28 30.32
N GLU WA 120 -107.80 -49.23 31.23
CA GLU WA 120 -109.19 -49.56 31.55
C GLU WA 120 -109.79 -48.53 32.49
N LYS WA 121 -108.97 -47.74 33.18
CA LYS WA 121 -109.48 -46.75 34.12
C LYS WA 121 -110.00 -45.52 33.39
N GLY WA 122 -109.16 -44.90 32.57
CA GLY WA 122 -109.54 -43.71 31.83
C GLY WA 122 -108.80 -42.45 32.22
N THR WA 123 -107.86 -42.52 33.16
CA THR WA 123 -107.10 -41.35 33.55
C THR WA 123 -105.99 -41.08 32.53
N TRP WA 124 -105.86 -39.82 32.12
CA TRP WA 124 -104.87 -39.41 31.13
C TRP WA 124 -103.65 -38.89 31.87
N VAL WA 125 -102.67 -39.77 32.08
CA VAL WA 125 -101.45 -39.40 32.79
C VAL WA 125 -100.39 -38.98 31.78
N GLN WA 126 -99.71 -37.88 32.07
CA GLN WA 126 -98.73 -37.30 31.15
C GLN WA 126 -97.51 -38.20 31.05
N LEU WA 127 -97.13 -38.56 29.83
CA LEU WA 127 -95.97 -39.42 29.62
C LEU WA 127 -94.75 -38.63 29.20
N LYS WA 128 -94.94 -37.48 28.55
CA LYS WA 128 -93.82 -36.67 28.08
C LYS WA 128 -93.15 -35.96 29.26
N ARG WA 129 -91.84 -35.76 29.14
CA ARG WA 129 -91.10 -35.02 30.15
C ARG WA 129 -91.38 -33.54 30.02
N GLN WA 130 -91.92 -32.95 31.06
CA GLN WA 130 -92.18 -31.52 31.07
C GLN WA 130 -91.09 -30.84 31.88
N PRO WA 131 -90.49 -29.75 31.39
CA PRO WA 131 -89.33 -29.16 32.07
C PRO WA 131 -89.71 -28.48 33.37
N ALA WA 132 -88.69 -27.95 34.06
CA ALA WA 132 -88.84 -27.30 35.37
C ALA WA 132 -89.71 -26.06 35.28
N PRO WA 133 -90.91 -26.09 35.84
CA PRO WA 133 -91.86 -25.01 35.62
C PRO WA 133 -91.60 -23.85 36.56
N PRO WA 134 -92.24 -22.70 36.33
CA PRO WA 134 -92.32 -21.69 37.40
C PRO WA 134 -93.09 -22.25 38.58
N ARG WA 135 -92.53 -22.07 39.77
CA ARG WA 135 -93.05 -22.74 40.96
C ARG WA 135 -94.37 -22.13 41.42
N GLU WA 136 -95.19 -22.95 42.06
CA GLU WA 136 -96.48 -22.55 42.58
C GLU WA 136 -96.30 -21.65 43.81
N ALA WA 137 -97.29 -20.80 44.06
CA ALA WA 137 -97.26 -19.90 45.21
C ALA WA 137 -97.33 -20.69 46.51
N HIS WA 138 -96.51 -20.29 47.48
CA HIS WA 138 -96.40 -21.02 48.74
C HIS WA 138 -96.30 -20.01 49.89
N PHE WA 139 -96.74 -20.45 51.07
CA PHE WA 139 -96.82 -19.61 52.25
C PHE WA 139 -95.55 -19.79 53.08
N VAL WA 140 -94.70 -18.77 53.10
CA VAL WA 140 -93.51 -18.77 53.94
C VAL WA 140 -93.96 -18.47 55.36
N ARG WA 141 -93.79 -19.43 56.26
CA ARG WA 141 -94.25 -19.33 57.64
C ARG WA 141 -93.12 -18.77 58.50
N THR WA 142 -93.20 -17.47 58.81
CA THR WA 142 -92.22 -16.80 59.63
C THR WA 142 -92.71 -16.76 61.09
N ASN WA 143 -92.93 -17.96 61.62
CA ASN WA 143 -93.41 -18.11 62.99
C ASN WA 143 -92.34 -17.71 64.00
N GLY WA 144 -92.78 -17.08 65.09
CA GLY WA 144 -91.87 -16.70 66.15
C GLY WA 144 -91.03 -15.47 65.84
N LYS WA 145 -89.73 -15.68 65.61
CA LYS WA 145 -88.80 -14.59 65.47
C LYS WA 145 -88.96 -13.87 64.14
N GLU WA 146 -88.73 -12.56 64.17
CA GLU WA 146 -88.68 -11.72 62.98
C GLU WA 146 -87.45 -12.06 62.16
N PRO WA 147 -87.45 -11.74 60.86
CA PRO WA 147 -86.26 -12.03 60.04
C PRO WA 147 -85.04 -11.23 60.46
N GLU WA 148 -83.88 -11.85 60.35
CA GLU WA 148 -82.64 -11.27 60.87
C GLU WA 148 -82.14 -10.18 59.94
N LEU WA 149 -81.86 -9.01 60.51
CA LEU WA 149 -81.41 -7.84 59.75
C LEU WA 149 -79.96 -8.05 59.35
N LEU WA 150 -79.70 -8.15 58.06
CA LEU WA 150 -78.33 -8.28 57.56
C LEU WA 150 -77.69 -6.91 57.48
N GLU WA 151 -76.58 -6.74 58.17
CA GLU WA 151 -75.78 -5.53 58.09
C GLU WA 151 -74.52 -5.80 57.26
N PRO WA 152 -74.26 -5.01 56.22
CA PRO WA 152 -73.01 -5.18 55.46
C PRO WA 152 -71.80 -4.78 56.32
N ILE WA 153 -70.78 -5.62 56.30
CA ILE WA 153 -69.61 -5.48 57.15
C ILE WA 153 -68.74 -4.32 56.69
N PRO WA 154 -68.11 -3.57 57.60
CA PRO WA 154 -67.19 -2.51 57.18
C PRO WA 154 -65.86 -3.08 56.73
N TYR WA 155 -65.12 -2.29 55.97
CA TYR WA 155 -63.86 -2.74 55.42
C TYR WA 155 -62.75 -2.64 56.45
N GLU WA 156 -61.90 -3.66 56.50
CA GLU WA 156 -60.67 -3.63 57.28
C GLU WA 156 -59.64 -4.47 56.54
N PHE WA 157 -58.40 -3.98 56.50
CA PHE WA 157 -57.37 -4.57 55.65
C PHE WA 157 -56.71 -5.72 56.39
N MET WA 158 -56.85 -6.94 55.87
CA MET WA 158 -56.34 -8.12 56.56
C MET WA 158 -54.85 -8.30 56.36
N ALA WA 159 -54.36 -8.01 55.15
CA ALA WA 159 -52.96 -8.26 54.80
C ALA WA 159 -51.99 -7.29 55.48
N VAL XA 1 77.46 5.66 -13.48
CA VAL XA 1 78.79 5.45 -14.06
C VAL XA 1 79.86 6.05 -13.16
N ARG XA 2 81.08 6.12 -13.67
CA ARG XA 2 82.21 6.64 -12.90
C ARG XA 2 82.11 8.16 -12.80
N MET XA 3 81.86 8.66 -11.59
CA MET XA 3 81.68 10.09 -11.39
C MET XA 3 82.95 10.76 -10.86
N ASN XA 4 83.46 10.30 -9.72
CA ASN XA 4 84.62 10.92 -9.08
C ASN XA 4 85.78 9.92 -9.15
N VAL XA 5 86.67 10.16 -10.11
CA VAL XA 5 87.80 9.28 -10.37
C VAL XA 5 88.78 9.31 -9.20
N LEU XA 6 88.98 10.50 -8.64
CA LEU XA 6 89.85 10.68 -7.47
C LEU XA 6 89.31 9.92 -6.26
N ALA XA 7 88.00 9.99 -6.02
CA ALA XA 7 87.39 9.27 -4.90
C ALA XA 7 87.49 7.76 -5.11
N ASP XA 8 87.30 7.30 -6.34
CA ASP XA 8 87.41 5.87 -6.63
C ASP XA 8 88.85 5.36 -6.42
N ALA XA 9 89.83 6.14 -6.87
CA ALA XA 9 91.23 5.74 -6.72
C ALA XA 9 91.66 5.75 -5.25
N LEU XA 10 91.19 6.73 -4.47
CA LEU XA 10 91.59 6.77 -3.07
C LEU XA 10 90.86 5.72 -2.25
N LYS XA 11 89.64 5.37 -2.63
CA LYS XA 11 88.97 4.25 -1.98
C LYS XA 11 89.66 2.93 -2.31
N SER XA 12 90.19 2.82 -3.54
CA SER XA 12 90.97 1.64 -3.91
C SER XA 12 92.26 1.53 -3.09
N ILE XA 13 92.99 2.64 -2.92
CA ILE XA 13 94.22 2.55 -2.14
C ILE XA 13 93.92 2.42 -0.65
N ASN XA 14 92.73 2.87 -0.21
CA ASN XA 14 92.33 2.65 1.18
C ASN XA 14 92.02 1.18 1.44
N ASN XA 15 91.36 0.52 0.48
CA ASN XA 15 91.14 -0.92 0.60
C ASN XA 15 92.46 -1.68 0.55
N ALA XA 16 93.41 -1.21 -0.26
CA ALA XA 16 94.72 -1.84 -0.32
C ALA XA 16 95.50 -1.65 0.97
N GLU XA 17 95.34 -0.49 1.62
CA GLU XA 17 95.98 -0.28 2.92
C GLU XA 17 95.32 -1.11 4.00
N LYS XA 18 94.00 -1.29 3.92
CA LYS XA 18 93.31 -2.08 4.95
C LYS XA 18 93.60 -3.57 4.82
N ARG XA 19 93.84 -4.05 3.60
CA ARG XA 19 94.24 -5.44 3.41
C ARG XA 19 95.74 -5.66 3.64
N GLY XA 20 96.57 -4.70 3.28
CA GLY XA 20 98.00 -4.81 3.51
C GLY XA 20 98.82 -5.15 2.28
N LYS XA 21 98.42 -4.67 1.12
CA LYS XA 21 99.17 -4.92 -0.10
C LYS XA 21 100.43 -4.07 -0.14
N ARG XA 22 101.46 -4.57 -0.83
CA ARG XA 22 102.69 -3.79 -0.98
C ARG XA 22 102.53 -2.72 -2.05
N GLN XA 23 101.80 -3.03 -3.12
CA GLN XA 23 101.54 -2.08 -4.18
C GLN XA 23 100.16 -2.33 -4.77
N VAL XA 24 99.57 -1.26 -5.33
CA VAL XA 24 98.20 -1.29 -5.80
C VAL XA 24 98.16 -0.68 -7.21
N LEU XA 25 97.30 -1.23 -8.06
CA LEU XA 25 97.03 -0.68 -9.39
C LEU XA 25 95.69 0.03 -9.35
N ILE XA 26 95.72 1.36 -9.37
CA ILE XA 26 94.52 2.16 -9.62
C ILE XA 26 94.44 2.44 -11.11
N ARG XA 27 93.25 2.28 -11.66
CA ARG XA 27 93.08 2.12 -13.09
C ARG XA 27 93.12 3.41 -13.92
N PRO XA 28 92.51 4.54 -13.52
CA PRO XA 28 92.71 5.76 -14.33
C PRO XA 28 93.86 6.60 -13.78
N CYS XA 29 94.45 7.42 -14.65
CA CYS XA 29 95.48 8.37 -14.27
C CYS XA 29 94.96 9.78 -14.52
N SER XA 30 94.72 10.52 -13.45
CA SER XA 30 94.33 11.93 -13.56
C SER XA 30 95.41 12.80 -12.94
N LYS XA 31 95.48 14.06 -13.41
CA LYS XA 31 96.45 15.04 -12.95
C LYS XA 31 96.24 15.35 -11.47
N VAL XA 32 94.98 15.37 -11.05
CA VAL XA 32 94.65 15.61 -9.64
C VAL XA 32 95.14 14.45 -8.79
N ILE XA 33 95.03 13.22 -9.32
CA ILE XA 33 95.50 12.04 -8.60
C ILE XA 33 97.02 12.05 -8.51
N VAL XA 34 97.70 12.46 -9.58
CA VAL XA 34 99.17 12.50 -9.60
C VAL XA 34 99.69 13.55 -8.62
N ARG XA 35 99.03 14.72 -8.58
CA ARG XA 35 99.44 15.76 -7.63
C ARG XA 35 99.12 15.37 -6.19
N PHE XA 36 98.02 14.63 -5.98
CA PHE XA 36 97.71 14.10 -4.66
C PHE XA 36 98.77 13.10 -4.20
N LEU XA 37 99.25 12.26 -5.12
CA LEU XA 37 100.29 11.31 -4.80
C LEU XA 37 101.61 12.00 -4.50
N THR XA 38 101.92 13.09 -5.21
CA THR XA 38 103.15 13.83 -4.90
C THR XA 38 103.03 14.57 -3.56
N VAL XA 39 101.83 15.02 -3.21
CA VAL XA 39 101.63 15.67 -1.91
C VAL XA 39 101.78 14.65 -0.78
N MET XA 40 101.29 13.41 -0.98
CA MET XA 40 101.55 12.38 0.02
C MET XA 40 103.01 11.95 0.02
N MET XA 41 103.69 12.08 -1.12
CA MET XA 41 105.10 11.74 -1.21
C MET XA 41 105.96 12.72 -0.42
N LYS XA 42 105.63 14.02 -0.49
CA LYS XA 42 106.44 15.04 0.19
C LYS XA 42 106.37 14.93 1.71
N HIS XA 43 105.34 14.26 2.24
CA HIS XA 43 105.25 14.01 3.67
C HIS XA 43 105.62 12.57 4.03
N GLY XA 44 105.64 11.67 3.05
CA GLY XA 44 106.17 10.33 3.28
C GLY XA 44 105.19 9.30 3.75
N TYR XA 45 103.90 9.45 3.44
CA TYR XA 45 102.92 8.42 3.79
C TYR XA 45 103.00 7.22 2.87
N ILE XA 46 103.44 7.42 1.62
CA ILE XA 46 103.56 6.35 0.65
C ILE XA 46 104.98 6.31 0.14
N GLY XA 47 105.27 5.33 -0.71
CA GLY XA 47 106.55 5.21 -1.35
C GLY XA 47 106.63 6.04 -2.62
N GLU XA 48 107.52 5.62 -3.51
CA GLU XA 48 107.67 6.27 -4.82
C GLU XA 48 106.85 5.50 -5.84
N PHE XA 49 106.08 6.22 -6.64
CA PHE XA 49 105.15 5.57 -7.55
C PHE XA 49 105.61 5.71 -9.00
N GLU XA 50 104.78 5.20 -9.90
CA GLU XA 50 104.99 5.38 -11.32
C GLU XA 50 103.63 5.36 -12.02
N ILE XA 51 103.59 5.94 -13.21
CA ILE XA 51 102.41 5.85 -14.06
C ILE XA 51 102.79 5.14 -15.35
N ILE XA 52 101.85 4.36 -15.87
CA ILE XA 52 101.99 3.65 -17.14
C ILE XA 52 101.18 4.44 -18.15
N ASP XA 53 101.88 5.07 -19.09
CA ASP XA 53 101.26 6.02 -20.01
C ASP XA 53 101.07 5.38 -21.38
N ASP XA 54 99.85 4.97 -21.66
CA ASP XA 54 99.38 4.81 -23.03
C ASP XA 54 98.78 6.13 -23.48
N HIS XA 55 98.26 6.16 -24.71
CA HIS XA 55 97.65 7.38 -25.23
C HIS XA 55 96.15 7.35 -24.94
N ARG XA 56 95.82 7.05 -23.68
CA ARG XA 56 94.48 6.81 -23.19
C ARG XA 56 94.40 7.34 -21.77
N ALA XA 57 93.40 6.91 -21.01
CA ALA XA 57 93.45 7.06 -19.57
C ALA XA 57 94.48 6.09 -19.01
N GLY XA 58 95.64 6.61 -18.61
CA GLY XA 58 96.74 5.77 -18.18
C GLY XA 58 96.51 5.11 -16.84
N LYS XA 59 97.46 4.26 -16.45
CA LYS XA 59 97.37 3.56 -15.18
C LYS XA 59 98.42 4.08 -14.22
N ILE XA 60 98.24 3.80 -12.93
CA ILE XA 60 99.16 4.24 -11.89
C ILE XA 60 99.46 3.07 -10.96
N VAL XA 61 100.75 2.80 -10.72
CA VAL XA 61 101.17 1.80 -9.74
C VAL XA 61 101.89 2.54 -8.61
N VAL XA 62 101.38 2.39 -7.39
CA VAL XA 62 101.90 3.06 -6.21
C VAL XA 62 102.44 2.02 -5.25
N ASN XA 63 103.72 2.11 -4.91
CA ASN XA 63 104.31 1.28 -3.86
C ASN XA 63 103.84 1.82 -2.51
N LEU XA 64 103.25 0.95 -1.70
CA LEU XA 64 102.59 1.37 -0.48
C LEU XA 64 103.41 1.02 0.75
N THR XA 65 103.41 1.95 1.71
CA THR XA 65 103.96 1.71 3.04
C THR XA 65 102.81 1.38 3.99
N GLY XA 66 103.11 1.30 5.28
CA GLY XA 66 102.07 1.05 6.26
C GLY XA 66 101.76 2.28 7.09
N ARG XA 67 102.31 3.42 6.70
CA ARG XA 67 102.12 4.67 7.43
C ARG XA 67 100.76 5.29 7.16
N LEU XA 68 100.16 5.02 6.00
CA LEU XA 68 98.86 5.58 5.66
C LEU XA 68 97.77 4.83 6.41
N ASN XA 69 97.21 5.46 7.45
CA ASN XA 69 96.12 4.85 8.19
C ASN XA 69 94.84 4.83 7.37
N LYS XA 70 94.39 6.01 6.94
CA LYS XA 70 93.23 6.09 6.06
C LYS XA 70 93.41 7.24 5.09
N CYS XA 71 93.22 6.96 3.80
CA CYS XA 71 93.18 7.97 2.77
C CYS XA 71 91.72 8.22 2.39
N GLY XA 72 91.25 9.45 2.58
CA GLY XA 72 89.86 9.77 2.39
C GLY XA 72 89.65 10.80 1.29
N VAL XA 73 88.39 11.19 1.11
CA VAL XA 73 87.99 12.11 0.05
C VAL XA 73 86.83 12.97 0.58
N ILE XA 74 86.79 14.22 0.12
CA ILE XA 74 85.69 15.13 0.42
C ILE XA 74 85.03 15.48 -0.91
N SER XA 75 83.87 14.87 -1.18
CA SER XA 75 83.07 15.10 -2.39
C SER XA 75 81.75 15.75 -2.00
N PRO XA 76 81.34 16.86 -2.65
CA PRO XA 76 81.98 17.57 -3.76
C PRO XA 76 83.09 18.50 -3.31
N ARG XA 77 83.48 19.43 -4.17
CA ARG XA 77 84.59 20.33 -3.88
C ARG XA 77 84.07 21.59 -3.20
N PHE XA 78 84.04 21.58 -1.88
CA PHE XA 78 83.57 22.73 -1.11
C PHE XA 78 84.64 23.81 -1.06
N ASP XA 79 84.20 25.07 -1.05
CA ASP XA 79 85.12 26.17 -0.87
C ASP XA 79 85.57 26.29 0.59
N VAL XA 80 86.86 26.54 0.77
CA VAL XA 80 87.48 26.61 2.09
C VAL XA 80 88.22 27.93 2.19
N GLN XA 81 87.83 28.78 3.12
CA GLN XA 81 88.54 30.01 3.39
C GLN XA 81 89.53 29.82 4.53
N LEU XA 82 90.33 30.86 4.77
CA LEU XA 82 91.29 30.83 5.86
C LEU XA 82 90.62 30.88 7.23
N LYS XA 83 89.43 31.46 7.31
CA LYS XA 83 88.69 31.47 8.57
C LYS XA 83 88.09 30.11 8.87
N ASP XA 84 87.61 29.43 7.83
CA ASP XA 84 86.93 28.15 8.01
C ASP XA 84 87.88 26.95 8.03
N LEU XA 85 89.14 27.13 7.59
CA LEU XA 85 90.07 26.01 7.50
C LEU XA 85 90.43 25.45 8.87
N GLU XA 86 90.40 26.30 9.91
CA GLU XA 86 90.60 25.82 11.27
C GLU XA 86 89.47 24.89 11.69
N LYS XA 87 88.24 25.22 11.31
CA LYS XA 87 87.11 24.34 11.64
C LYS XA 87 87.14 23.06 10.80
N TRP XA 88 87.62 23.15 9.56
CA TRP XA 88 87.78 21.96 8.72
C TRP XA 88 88.81 21.00 9.31
N GLN XA 89 89.97 21.52 9.71
CA GLN XA 89 90.97 20.65 10.32
C GLN XA 89 90.61 20.25 11.75
N ASN XA 90 89.66 20.95 12.37
CA ASN XA 90 89.15 20.52 13.66
C ASN XA 90 88.20 19.33 13.51
N ASN XA 91 87.30 19.37 12.52
CA ASN XA 91 86.30 18.32 12.46
C ASN XA 91 86.62 17.20 11.47
N LEU XA 92 87.72 17.29 10.71
CA LEU XA 92 88.05 16.23 9.76
C LEU XA 92 89.34 15.49 10.10
N LEU XA 93 90.28 16.13 10.77
CA LEU XA 93 91.56 15.52 11.12
C LEU XA 93 91.46 14.90 12.51
N PRO XA 94 92.22 13.83 12.76
CA PRO XA 94 92.19 13.23 14.10
C PRO XA 94 92.89 14.08 15.16
N SER XA 95 93.77 14.98 14.77
CA SER XA 95 94.51 15.79 15.75
C SER XA 95 94.99 17.06 15.04
N ARG XA 96 95.62 17.93 15.83
CA ARG XA 96 96.28 19.12 15.32
C ARG XA 96 97.79 18.97 15.23
N GLN XA 97 98.32 17.81 15.65
CA GLN XA 97 99.75 17.53 15.54
C GLN XA 97 100.11 16.93 14.19
N PHE XA 98 99.32 15.97 13.71
CA PHE XA 98 99.55 15.35 12.41
C PHE XA 98 98.26 15.40 11.61
N GLY XA 99 98.27 14.74 10.46
CA GLY XA 99 97.13 14.77 9.57
C GLY XA 99 97.16 15.98 8.65
N PHE XA 100 96.69 15.76 7.43
CA PHE XA 100 96.72 16.80 6.42
C PHE XA 100 95.42 16.81 5.65
N ILE XA 101 94.98 18.02 5.28
CA ILE XA 101 93.84 18.22 4.40
C ILE XA 101 94.38 19.02 3.23
N VAL XA 102 94.67 18.36 2.12
CA VAL XA 102 95.14 19.02 0.92
C VAL XA 102 93.92 19.67 0.27
N LEU XA 103 94.13 20.79 -0.41
CA LEU XA 103 93.08 21.52 -1.10
C LEU XA 103 93.74 22.36 -2.19
N THR XA 104 93.11 22.38 -3.37
CA THR XA 104 93.69 23.10 -4.49
C THR XA 104 93.56 24.61 -4.30
N THR XA 105 94.66 25.33 -4.56
CA THR XA 105 94.76 26.76 -4.34
C THR XA 105 95.09 27.44 -5.66
N SER XA 106 95.18 28.77 -5.61
CA SER XA 106 95.54 29.53 -6.80
C SER XA 106 96.99 29.31 -7.20
N ALA XA 107 97.87 29.10 -6.22
CA ALA XA 107 99.27 28.81 -6.52
C ALA XA 107 99.42 27.38 -7.03
N GLY XA 108 98.62 26.47 -6.52
CA GLY XA 108 98.69 25.09 -6.95
C GLY XA 108 98.16 24.17 -5.86
N ILE XA 109 98.15 22.87 -6.18
CA ILE XA 109 97.73 21.85 -5.24
C ILE XA 109 98.78 21.73 -4.15
N MET XA 110 98.38 21.99 -2.91
CA MET XA 110 99.27 21.97 -1.76
C MET XA 110 98.42 21.79 -0.51
N ASP XA 111 99.06 21.28 0.54
CA ASP XA 111 98.33 20.95 1.77
C ASP XA 111 97.98 22.18 2.60
N HIS XA 112 97.32 21.97 3.75
CA HIS XA 112 96.76 23.08 4.50
C HIS XA 112 97.83 23.89 5.21
N GLU XA 113 98.95 23.26 5.57
CA GLU XA 113 100.05 24.00 6.20
C GLU XA 113 100.71 24.95 5.22
N GLU XA 114 100.96 24.50 3.99
CA GLU XA 114 101.53 25.39 2.98
C GLU XA 114 100.48 26.40 2.51
N ALA XA 115 99.20 26.06 2.64
CA ALA XA 115 98.14 27.03 2.39
C ALA XA 115 98.14 28.14 3.44
N ARG XA 116 98.39 27.79 4.70
CA ARG XA 116 98.56 28.81 5.74
C ARG XA 116 99.82 29.63 5.52
N ARG XA 117 100.86 29.01 4.96
CA ARG XA 117 102.10 29.73 4.66
C ARG XA 117 101.89 30.74 3.53
N LYS XA 118 101.21 30.33 2.46
CA LYS XA 118 101.09 31.19 1.28
C LYS XA 118 99.83 32.05 1.30
N HIS XA 119 98.96 31.89 2.31
CA HIS XA 119 97.74 32.66 2.53
C HIS XA 119 96.80 32.58 1.33
N THR XA 120 96.28 31.39 1.05
CA THR XA 120 95.36 31.18 -0.08
C THR XA 120 94.45 30.01 0.23
N GLY XA 121 93.13 30.25 0.20
CA GLY XA 121 92.16 29.18 0.31
C GLY XA 121 91.77 28.62 -1.06
N GLY XA 122 90.75 27.78 -1.07
CA GLY XA 122 90.30 27.23 -2.34
C GLY XA 122 89.39 26.03 -2.17
N LYS XA 123 89.21 25.29 -3.25
CA LYS XA 123 88.34 24.12 -3.25
C LYS XA 123 89.05 22.96 -2.56
N ILE XA 124 88.30 22.22 -1.76
CA ILE XA 124 88.88 21.12 -1.00
C ILE XA 124 89.05 19.91 -1.92
N LEU XA 125 90.14 19.16 -1.73
CA LEU XA 125 90.39 17.95 -2.50
C LEU XA 125 89.94 16.71 -1.73
N GLY XA 126 90.48 16.52 -0.53
CA GLY XA 126 90.13 15.39 0.31
C GLY XA 126 90.90 15.45 1.62
N PHE XA 127 91.22 14.30 2.19
CA PHE XA 127 92.01 14.28 3.42
C PHE XA 127 92.79 12.97 3.46
N PHE XA 128 93.95 13.03 4.11
CA PHE XA 128 94.82 11.88 4.21
C PHE XA 128 95.66 12.02 5.47
N PHE XA 129 95.82 10.90 6.19
CA PHE XA 129 96.58 10.89 7.44
C PHE XA 129 97.13 9.51 7.73
N GLY YA 1 77.65 -102.90 68.69
CA GLY YA 1 78.84 -102.36 69.33
C GLY YA 1 79.02 -100.87 69.08
N PRO YA 2 79.65 -100.52 67.96
CA PRO YA 2 79.82 -99.11 67.61
C PRO YA 2 78.49 -98.46 67.27
N LEU YA 3 78.26 -97.27 67.81
CA LEU YA 3 77.01 -96.55 67.55
C LEU YA 3 77.13 -95.77 66.25
N GLN YA 4 76.28 -96.12 65.28
CA GLN YA 4 76.24 -95.44 63.99
C GLN YA 4 75.18 -94.34 63.99
N SER YA 5 75.35 -93.39 64.92
CA SER YA 5 74.38 -92.31 65.09
C SER YA 5 74.62 -91.21 64.07
N VAL YA 6 73.60 -90.93 63.25
CA VAL YA 6 73.68 -89.85 62.27
C VAL YA 6 72.54 -88.87 62.48
N GLN YA 7 72.89 -87.62 62.81
CA GLN YA 7 71.88 -86.59 63.06
C GLN YA 7 71.91 -85.54 61.96
N VAL YA 8 70.81 -85.44 61.21
CA VAL YA 8 70.75 -84.59 60.02
C VAL YA 8 69.49 -83.72 60.09
N PHE YA 9 69.67 -82.42 59.95
CA PHE YA 9 68.56 -81.47 60.00
C PHE YA 9 67.97 -81.26 58.61
N GLY YA 10 66.71 -80.80 58.59
CA GLY YA 10 66.02 -80.45 57.38
C GLY YA 10 65.12 -79.26 57.63
N ARG YA 11 65.09 -78.31 56.70
CA ARG YA 11 64.49 -77.00 56.93
C ARG YA 11 63.48 -76.67 55.86
N LYS YA 12 62.31 -76.19 56.30
CA LYS YA 12 61.33 -75.52 55.46
C LYS YA 12 61.40 -74.05 55.90
N LYS YA 13 60.43 -73.24 55.47
CA LYS YA 13 60.24 -71.80 55.76
C LYS YA 13 60.52 -71.50 57.24
N THR YA 14 59.92 -72.22 58.18
CA THR YA 14 60.24 -72.06 59.60
C THR YA 14 60.43 -73.41 60.30
N ALA YA 15 59.80 -74.47 59.79
CA ALA YA 15 59.85 -75.76 60.46
C ALA YA 15 61.21 -76.42 60.31
N THR YA 16 61.73 -76.93 61.42
CA THR YA 16 62.98 -77.66 61.45
C THR YA 16 62.70 -79.08 61.91
N ALA YA 17 63.32 -80.05 61.25
CA ALA YA 17 63.10 -81.46 61.55
C ALA YA 17 64.44 -82.17 61.50
N VAL YA 18 64.87 -82.72 62.63
CA VAL YA 18 66.16 -83.39 62.73
C VAL YA 18 65.88 -84.89 62.76
N ALA YA 19 66.35 -85.59 61.72
CA ALA YA 19 66.28 -87.03 61.66
C ALA YA 19 67.53 -87.65 62.27
N HIS YA 20 67.37 -88.88 62.74
CA HIS YA 20 68.41 -89.59 63.48
C HIS YA 20 68.40 -91.04 62.99
N CYS YA 21 69.49 -91.44 62.35
CA CYS YA 21 69.63 -92.80 61.83
C CYS YA 21 70.61 -93.60 62.66
N LYS YA 22 70.31 -94.90 62.81
CA LYS YA 22 71.15 -95.84 63.54
C LYS YA 22 71.18 -97.17 62.79
N ARG YA 23 71.81 -98.16 63.41
CA ARG YA 23 71.70 -99.54 62.97
C ARG YA 23 70.50 -100.19 63.64
N GLY YA 24 69.61 -100.77 62.84
CA GLY YA 24 68.42 -101.39 63.39
C GLY YA 24 67.55 -101.97 62.31
N ASN YA 25 66.28 -102.15 62.65
CA ASN YA 25 65.30 -102.73 61.73
C ASN YA 25 64.60 -101.64 60.93
N GLY YA 26 63.82 -102.08 59.94
CA GLY YA 26 63.17 -101.16 59.02
C GLY YA 26 61.92 -100.49 59.56
N LEU YA 27 62.09 -99.59 60.52
CA LEU YA 27 60.99 -98.79 61.05
C LEU YA 27 61.37 -97.31 60.98
N ILE YA 28 60.43 -96.48 60.54
CA ILE YA 28 60.61 -95.04 60.44
C ILE YA 28 59.47 -94.37 61.20
N LYS YA 29 59.82 -93.53 62.16
CA LYS YA 29 58.80 -92.85 62.95
C LYS YA 29 59.22 -91.42 63.20
N VAL YA 30 58.21 -90.55 63.32
CA VAL YA 30 58.40 -89.11 63.52
C VAL YA 30 57.65 -88.71 64.78
N ASN YA 31 58.38 -88.14 65.74
CA ASN YA 31 57.86 -87.70 67.05
C ASN YA 31 57.19 -88.85 67.80
N GLY YA 32 57.80 -90.03 67.72
CA GLY YA 32 57.30 -91.19 68.44
C GLY YA 32 56.14 -91.91 67.80
N ARG YA 33 55.79 -91.53 66.56
CA ARG YA 33 54.70 -92.20 65.86
C ARG YA 33 55.12 -92.40 64.42
N PRO YA 34 54.71 -93.49 63.76
CA PRO YA 34 55.18 -93.76 62.40
C PRO YA 34 54.49 -92.87 61.38
N LEU YA 35 54.84 -93.10 60.11
CA LEU YA 35 54.42 -92.21 59.03
C LEU YA 35 52.96 -92.40 58.63
N GLU YA 36 52.32 -93.47 59.09
CA GLU YA 36 50.96 -93.77 58.65
C GLU YA 36 49.91 -92.85 59.26
N MET YA 37 50.24 -92.16 60.36
CA MET YA 37 49.31 -91.21 60.98
C MET YA 37 50.02 -89.87 61.24
N ILE YA 38 50.07 -89.05 60.19
CA ILE YA 38 50.55 -87.67 60.25
C ILE YA 38 49.52 -86.85 59.47
N GLU YA 39 48.68 -86.12 60.18
CA GLU YA 39 47.63 -85.38 59.50
C GLU YA 39 48.18 -84.06 58.96
N PRO YA 40 47.74 -83.62 57.76
CA PRO YA 40 46.73 -84.16 56.84
C PRO YA 40 47.16 -85.42 56.08
N ARG YA 41 46.19 -86.29 55.82
CA ARG YA 41 46.47 -87.60 55.23
C ARG YA 41 46.50 -87.58 53.71
N THR YA 42 46.27 -86.42 53.08
CA THR YA 42 46.43 -86.34 51.63
C THR YA 42 47.90 -86.41 51.23
N LEU YA 43 48.80 -85.94 52.10
CA LEU YA 43 50.22 -86.06 51.85
C LEU YA 43 50.80 -87.26 52.58
N GLN YA 44 50.26 -88.45 52.28
CA GLN YA 44 50.80 -89.71 52.77
C GLN YA 44 51.78 -90.33 51.79
N TYR YA 45 51.43 -90.33 50.50
CA TYR YA 45 52.37 -90.80 49.50
C TYR YA 45 53.56 -89.86 49.35
N LYS YA 46 53.36 -88.58 49.67
CA LYS YA 46 54.47 -87.63 49.70
C LYS YA 46 55.47 -87.99 50.80
N LEU YA 47 54.98 -88.50 51.92
CA LEU YA 47 55.86 -89.02 52.96
C LEU YA 47 56.50 -90.34 52.54
N LEU YA 48 55.75 -91.16 51.78
CA LEU YA 48 56.26 -92.47 51.38
C LEU YA 48 57.21 -92.42 50.19
N GLU YA 49 57.34 -91.26 49.51
CA GLU YA 49 58.21 -91.04 48.35
C GLU YA 49 59.65 -91.57 48.43
N PRO YA 50 60.44 -91.36 49.50
CA PRO YA 50 61.78 -91.97 49.49
C PRO YA 50 61.74 -93.49 49.60
N VAL YA 51 60.76 -94.04 50.34
CA VAL YA 51 60.61 -95.49 50.42
C VAL YA 51 60.15 -96.06 49.07
N LEU YA 52 59.25 -95.35 48.38
CA LEU YA 52 58.77 -95.84 47.09
C LEU YA 52 59.84 -95.72 46.01
N LEU YA 53 60.71 -94.71 46.10
CA LEU YA 53 61.76 -94.55 45.12
C LEU YA 53 62.92 -95.52 45.37
N LEU YA 54 63.27 -95.74 46.64
CA LEU YA 54 64.48 -96.49 46.93
C LEU YA 54 64.23 -97.94 47.29
N GLY YA 55 62.99 -98.34 47.50
CA GLY YA 55 62.68 -99.70 47.90
C GLY YA 55 62.85 -99.91 49.40
N LYS YA 56 62.33 -101.05 49.87
CA LYS YA 56 62.43 -101.37 51.28
C LYS YA 56 63.79 -101.96 51.65
N GLU YA 57 64.61 -102.31 50.66
CA GLU YA 57 65.92 -102.90 50.93
C GLU YA 57 66.88 -101.88 51.52
N ARG YA 58 66.81 -100.63 51.05
CA ARG YA 58 67.68 -99.59 51.59
C ARG YA 58 67.26 -99.18 52.99
N PHE YA 59 65.94 -99.08 53.22
CA PHE YA 59 65.42 -98.67 54.52
C PHE YA 59 65.28 -99.82 55.51
N ALA YA 60 65.62 -101.05 55.12
CA ALA YA 60 65.45 -102.19 56.02
C ALA YA 60 66.47 -102.16 57.15
N GLY YA 61 67.71 -101.74 56.86
CA GLY YA 61 68.72 -101.69 57.89
C GLY YA 61 68.82 -100.38 58.65
N VAL YA 62 68.00 -99.39 58.30
CA VAL YA 62 68.10 -98.07 58.88
C VAL YA 62 66.81 -97.74 59.64
N ASP YA 63 66.96 -97.33 60.89
CA ASP YA 63 65.84 -96.85 61.69
C ASP YA 63 65.99 -95.36 61.92
N ILE YA 64 64.90 -94.62 61.70
CA ILE YA 64 64.93 -93.15 61.66
C ILE YA 64 63.98 -92.61 62.72
N ARG YA 65 64.51 -91.78 63.61
CA ARG YA 65 63.71 -91.06 64.60
C ARG YA 65 63.88 -89.56 64.38
N VAL YA 66 62.77 -88.84 64.29
CA VAL YA 66 62.78 -87.44 63.86
C VAL YA 66 62.17 -86.59 64.97
N ARG YA 67 62.87 -85.54 65.39
CA ARG YA 67 62.29 -84.53 66.26
C ARG YA 67 61.99 -83.27 65.45
N VAL YA 68 60.80 -82.70 65.66
CA VAL YA 68 60.27 -81.65 64.79
C VAL YA 68 59.83 -80.48 65.65
N LYS YA 69 60.15 -79.25 65.22
CA LYS YA 69 59.54 -78.08 65.84
C LYS YA 69 59.46 -76.95 64.82
N GLY YA 70 58.41 -76.14 64.97
CA GLY YA 70 58.22 -74.95 64.14
C GLY YA 70 57.32 -75.20 62.95
N GLY YA 71 56.98 -74.10 62.27
CA GLY YA 71 56.26 -74.16 61.01
C GLY YA 71 54.79 -74.53 61.13
N GLY YA 72 54.24 -74.97 60.00
CA GLY YA 72 52.89 -75.47 59.92
C GLY YA 72 52.85 -76.94 59.54
N HIS YA 73 51.66 -77.38 59.11
CA HIS YA 73 51.46 -78.80 58.79
C HIS YA 73 52.25 -79.21 57.56
N VAL YA 74 52.04 -78.50 56.44
CA VAL YA 74 52.73 -78.83 55.19
C VAL YA 74 54.22 -78.54 55.33
N ALA YA 75 54.57 -77.54 56.16
CA ALA YA 75 55.97 -77.23 56.42
C ALA YA 75 56.67 -78.37 57.16
N GLN YA 76 56.01 -78.96 58.17
CA GLN YA 76 56.62 -80.06 58.90
C GLN YA 76 56.66 -81.33 58.05
N ILE YA 77 55.63 -81.55 57.22
CA ILE YA 77 55.61 -82.70 56.32
C ILE YA 77 56.75 -82.63 55.32
N TYR YA 78 56.96 -81.46 54.71
CA TYR YA 78 58.06 -81.34 53.75
C TYR YA 78 59.41 -81.27 54.45
N ALA YA 79 59.43 -80.83 55.72
CA ALA YA 79 60.68 -80.86 56.50
C ALA YA 79 61.12 -82.28 56.80
N ILE YA 80 60.20 -83.15 57.22
CA ILE YA 80 60.59 -84.53 57.49
C ILE YA 80 60.83 -85.28 56.18
N ARG YA 81 60.14 -84.89 55.10
CA ARG YA 81 60.39 -85.39 53.76
C ARG YA 81 61.83 -85.15 53.32
N GLN YA 82 62.32 -83.92 53.49
CA GLN YA 82 63.70 -83.64 53.13
C GLN YA 82 64.67 -84.28 54.11
N SER YA 83 64.31 -84.32 55.40
CA SER YA 83 65.28 -84.66 56.43
C SER YA 83 65.59 -86.16 56.44
N ILE YA 84 64.59 -87.02 56.23
CA ILE YA 84 64.88 -88.45 56.25
C ILE YA 84 65.69 -88.87 55.03
N SER YA 85 65.49 -88.18 53.90
CA SER YA 85 66.27 -88.47 52.70
C SER YA 85 67.71 -87.98 52.83
N LYS YA 86 67.91 -86.78 53.38
CA LYS YA 86 69.25 -86.28 53.61
C LYS YA 86 69.98 -87.09 54.68
N ALA YA 87 69.24 -87.59 55.67
CA ALA YA 87 69.83 -88.42 56.70
C ALA YA 87 70.27 -89.76 56.15
N LEU YA 88 69.47 -90.35 55.25
CA LEU YA 88 69.88 -91.61 54.63
C LEU YA 88 71.07 -91.40 53.70
N VAL YA 89 71.13 -90.26 52.99
CA VAL YA 89 72.27 -89.98 52.12
C VAL YA 89 73.55 -89.77 52.95
N ALA YA 90 73.44 -89.07 54.08
CA ALA YA 90 74.61 -88.86 54.93
C ALA YA 90 75.05 -90.16 55.60
N TYR YA 91 74.10 -91.02 55.96
CA TYR YA 91 74.43 -92.32 56.55
C TYR YA 91 75.13 -93.22 55.55
N TYR YA 92 74.64 -93.25 54.31
CA TYR YA 92 75.27 -94.09 53.29
C TYR YA 92 76.55 -93.45 52.75
N GLN YA 93 76.75 -92.16 53.00
CA GLN YA 93 78.05 -91.57 52.70
C GLN YA 93 79.07 -91.93 53.77
N LYS YA 94 78.67 -91.91 55.03
CA LYS YA 94 79.63 -92.10 56.12
C LYS YA 94 79.98 -93.57 56.31
N TYR YA 95 78.98 -94.46 56.32
CA TYR YA 95 79.24 -95.81 56.79
C TYR YA 95 79.35 -96.87 55.68
N VAL YA 96 78.85 -96.60 54.48
CA VAL YA 96 79.09 -97.51 53.36
C VAL YA 96 79.67 -96.71 52.20
N ASP YA 97 79.84 -97.38 51.05
CA ASP YA 97 80.58 -96.83 49.93
C ASP YA 97 79.89 -95.62 49.30
N GLU YA 98 80.68 -94.79 48.62
CA GLU YA 98 80.18 -93.54 48.06
C GLU YA 98 79.43 -93.77 46.75
N ALA YA 99 79.60 -94.94 46.12
CA ALA YA 99 78.94 -95.20 44.84
C ALA YA 99 77.43 -95.36 45.00
N SER YA 100 77.00 -96.11 46.02
CA SER YA 100 75.56 -96.26 46.27
C SER YA 100 74.95 -94.95 46.76
N LYS YA 101 75.73 -94.17 47.52
CA LYS YA 101 75.31 -92.83 47.92
C LYS YA 101 75.11 -91.93 46.71
N LYS YA 102 76.00 -92.02 45.72
CA LYS YA 102 75.89 -91.22 44.52
C LYS YA 102 74.71 -91.67 43.66
N GLU YA 103 74.44 -92.97 43.62
CA GLU YA 103 73.29 -93.48 42.86
C GLU YA 103 71.98 -93.05 43.50
N ILE YA 104 71.89 -93.13 44.84
CA ILE YA 104 70.69 -92.69 45.55
C ILE YA 104 70.51 -91.18 45.43
N LYS YA 105 71.62 -90.44 45.43
CA LYS YA 105 71.56 -88.99 45.21
C LYS YA 105 71.06 -88.67 43.81
N ASP YA 106 71.48 -89.45 42.81
CA ASP YA 106 70.98 -89.27 41.45
C ASP YA 106 69.49 -89.60 41.35
N ILE YA 107 69.05 -90.64 42.06
CA ILE YA 107 67.63 -91.01 42.06
C ILE YA 107 66.79 -89.91 42.71
N LEU YA 108 67.30 -89.30 43.78
CA LEU YA 108 66.56 -88.22 44.44
C LEU YA 108 66.55 -86.95 43.60
N ILE YA 109 67.67 -86.63 42.95
CA ILE YA 109 67.76 -85.40 42.16
C ILE YA 109 66.91 -85.52 40.89
N GLN YA 110 66.85 -86.72 40.29
CA GLN YA 110 66.02 -86.90 39.11
C GLN YA 110 64.53 -86.89 39.44
N TYR YA 111 64.17 -87.06 40.72
CA TYR YA 111 62.77 -86.89 41.11
C TYR YA 111 62.47 -85.43 41.45
N ASP YA 112 63.16 -84.89 42.45
CA ASP YA 112 62.86 -83.54 42.92
C ASP YA 112 64.06 -82.96 43.66
N ARG YA 113 64.31 -81.67 43.42
CA ARG YA 113 65.38 -80.97 44.12
C ARG YA 113 65.01 -80.69 45.57
N THR YA 114 63.70 -80.72 45.89
CA THR YA 114 63.24 -80.41 47.24
C THR YA 114 63.64 -81.49 48.24
N LEU YA 115 63.87 -82.73 47.77
CA LEU YA 115 64.25 -83.83 48.65
C LEU YA 115 65.63 -83.64 49.26
N LEU YA 116 66.52 -82.91 48.59
CA LEU YA 116 67.87 -82.69 49.08
C LEU YA 116 68.15 -81.20 49.35
N VAL YA 117 67.91 -80.34 48.38
CA VAL YA 117 68.22 -78.92 48.53
C VAL YA 117 67.01 -78.20 49.12
N ALA YA 118 67.24 -77.45 50.18
CA ALA YA 118 66.16 -76.72 50.84
C ALA YA 118 65.81 -75.46 50.07
N ASP YA 119 64.55 -75.07 50.15
CA ASP YA 119 64.08 -73.87 49.48
C ASP YA 119 64.49 -72.64 50.27
N PRO YA 120 65.25 -71.71 49.70
CA PRO YA 120 65.67 -70.52 50.44
C PRO YA 120 64.62 -69.43 50.56
N ARG YA 121 63.40 -69.68 50.09
CA ARG YA 121 62.35 -68.67 50.12
C ARG YA 121 61.77 -68.55 51.53
N ARG YA 122 61.82 -67.35 52.09
CA ARG YA 122 61.20 -67.07 53.38
C ARG YA 122 60.28 -65.87 53.23
N CYS YA 123 59.56 -65.56 54.30
CA CYS YA 123 58.53 -64.54 54.27
C CYS YA 123 59.14 -63.14 54.20
N GLU YA 124 58.76 -62.39 53.16
CA GLU YA 124 59.21 -61.00 53.02
C GLU YA 124 58.53 -60.13 54.06
N SER YA 125 59.28 -59.17 54.58
CA SER YA 125 58.78 -58.28 55.63
C SER YA 125 57.70 -57.34 55.11
N LYS YA 126 56.67 -57.12 55.92
CA LYS YA 126 55.62 -56.19 55.56
C LYS YA 126 56.13 -54.76 55.70
N LYS YA 127 55.75 -53.89 54.76
CA LYS YA 127 56.22 -52.52 54.75
C LYS YA 127 55.15 -51.60 55.34
N PHE YA 128 55.56 -50.38 55.66
CA PHE YA 128 54.61 -49.38 56.13
C PHE YA 128 53.80 -48.84 54.95
N GLY YA 129 52.51 -48.63 55.20
CA GLY YA 129 51.63 -48.16 54.16
C GLY YA 129 50.97 -49.24 53.33
N GLY YA 130 50.92 -50.47 53.83
CA GLY YA 130 50.31 -51.56 53.10
C GLY YA 130 49.85 -52.69 54.02
N PRO YA 131 48.83 -53.43 53.58
CA PRO YA 131 48.39 -54.59 54.38
C PRO YA 131 49.31 -55.78 54.25
N GLY YA 132 50.13 -55.85 53.21
CA GLY YA 132 51.08 -56.91 53.01
C GLY YA 132 52.45 -56.35 52.62
N ALA YA 133 53.27 -57.24 52.06
CA ALA YA 133 54.64 -56.86 51.71
C ALA YA 133 54.66 -55.94 50.50
N ARG YA 134 54.05 -56.36 49.39
CA ARG YA 134 54.08 -55.55 48.18
C ARG YA 134 52.82 -54.71 48.03
N ALA YA 135 51.69 -55.21 48.50
CA ALA YA 135 50.42 -54.51 48.32
C ALA YA 135 50.35 -53.29 49.21
N ARG YA 136 49.76 -52.22 48.69
CA ARG YA 136 49.52 -50.99 49.43
C ARG YA 136 48.04 -50.87 49.75
N TYR YA 137 47.72 -49.92 50.64
CA TYR YA 137 46.31 -49.64 50.89
C TYR YA 137 45.70 -48.91 49.71
N GLN YA 138 44.38 -48.88 49.68
CA GLN YA 138 43.66 -48.34 48.53
C GLN YA 138 43.74 -46.82 48.54
N LYS YA 139 44.47 -46.27 47.57
CA LYS YA 139 44.61 -44.82 47.46
C LYS YA 139 43.31 -44.20 46.98
N SER YA 140 42.87 -43.16 47.69
CA SER YA 140 41.57 -42.54 47.45
C SER YA 140 41.76 -41.15 46.86
N TYR YA 141 41.43 -41.02 45.58
CA TYR YA 141 41.39 -39.70 44.97
C TYR YA 141 40.08 -39.01 45.31
N ARG YA 142 40.11 -37.67 45.29
CA ARG YA 142 38.94 -36.79 45.31
C ARG YA 142 38.06 -36.94 46.57
N GLN ZA 1 26.36 67.93 -76.23
CA GLN ZA 1 24.91 67.97 -76.45
C GLN ZA 1 24.33 69.33 -76.09
N LEU ZA 2 23.09 69.56 -76.52
CA LEU ZA 2 22.41 70.84 -76.28
C LEU ZA 2 20.91 70.54 -76.21
N LEU ZA 3 20.36 70.58 -75.00
CA LEU ZA 3 18.96 70.24 -74.81
C LEU ZA 3 18.08 71.47 -74.98
N LYS ZA 4 16.93 71.28 -75.65
CA LYS ZA 4 15.99 72.35 -75.91
C LYS ZA 4 14.58 71.89 -75.55
N PHE ZA 5 13.89 72.69 -74.75
CA PHE ZA 5 12.55 72.37 -74.28
C PHE ZA 5 11.66 73.56 -74.56
N THR ZA 6 10.70 73.40 -75.47
CA THR ZA 6 9.81 74.49 -75.86
C THR ZA 6 8.45 74.34 -75.19
N LEU ZA 7 7.82 75.48 -74.92
CA LEU ZA 7 6.47 75.53 -74.36
C LEU ZA 7 5.71 76.56 -75.19
N ASP ZA 8 4.84 76.09 -76.08
CA ASP ZA 8 4.09 77.03 -76.91
C ASP ZA 8 2.66 77.17 -76.37
N CYS ZA 9 2.53 78.03 -75.37
CA CYS ZA 9 1.25 78.32 -74.72
C CYS ZA 9 0.52 79.38 -75.53
N THR ZA 10 -0.15 78.93 -76.58
CA THR ZA 10 -0.83 79.84 -77.49
C THR ZA 10 -2.26 80.12 -77.07
N HIS ZA 11 -2.99 79.07 -76.66
CA HIS ZA 11 -4.42 79.19 -76.38
C HIS ZA 11 -4.76 80.07 -75.16
N PRO ZA 12 -4.14 79.91 -73.97
CA PRO ZA 12 -4.53 80.82 -72.88
C PRO ZA 12 -4.03 82.24 -73.06
N VAL ZA 13 -2.97 82.46 -73.83
CA VAL ZA 13 -2.53 83.83 -74.12
C VAL ZA 13 -3.49 84.50 -75.12
N GLU ZA 14 -3.95 83.74 -76.12
CA GLU ZA 14 -4.91 84.31 -77.07
C GLU ZA 14 -6.29 84.48 -76.43
N ASP ZA 15 -6.62 83.65 -75.44
CA ASP ZA 15 -7.88 83.84 -74.73
C ASP ZA 15 -7.79 84.98 -73.71
N GLY ZA 16 -6.61 85.19 -73.13
CA GLY ZA 16 -6.40 86.30 -72.23
C GLY ZA 16 -6.65 85.97 -70.77
N ILE ZA 17 -6.23 84.78 -70.33
CA ILE ZA 17 -6.39 84.42 -68.93
C ILE ZA 17 -5.06 84.44 -68.18
N MET ZA 18 -3.94 84.42 -68.91
CA MET ZA 18 -2.62 84.44 -68.31
C MET ZA 18 -1.65 85.17 -69.23
N ASP ZA 19 -0.50 85.55 -68.66
CA ASP ZA 19 0.55 86.23 -69.40
C ASP ZA 19 1.83 85.40 -69.39
N ALA ZA 20 2.72 85.72 -70.33
CA ALA ZA 20 3.92 84.92 -70.50
C ALA ZA 20 5.11 85.47 -69.72
N ALA ZA 21 5.10 86.77 -69.41
CA ALA ZA 21 6.23 87.38 -68.70
C ALA ZA 21 6.28 86.92 -67.25
N ASN ZA 22 5.11 86.79 -66.61
CA ASN ZA 22 5.07 86.28 -65.23
C ASN ZA 22 5.50 84.83 -65.16
N PHE ZA 23 5.15 84.04 -66.18
CA PHE ZA 23 5.57 82.65 -66.23
C PHE ZA 23 7.07 82.53 -66.52
N GLU ZA 24 7.62 83.46 -67.31
CA GLU ZA 24 9.06 83.53 -67.52
C GLU ZA 24 9.80 83.85 -66.23
N GLN ZA 25 9.31 84.85 -65.48
CA GLN ZA 25 9.92 85.20 -64.20
C GLN ZA 25 9.78 84.06 -63.19
N PHE ZA 26 8.66 83.33 -63.23
CA PHE ZA 26 8.45 82.20 -62.32
C PHE ZA 26 9.43 81.07 -62.64
N LEU ZA 27 9.65 80.77 -63.92
CA LEU ZA 27 10.63 79.75 -64.27
C LEU ZA 27 12.05 80.20 -63.92
N GLN ZA 28 12.36 81.48 -64.17
CA GLN ZA 28 13.69 82.00 -63.87
C GLN ZA 28 13.97 82.01 -62.37
N GLU ZA 29 12.93 82.14 -61.55
CA GLU ZA 29 13.11 82.06 -60.11
C GLU ZA 29 13.15 80.63 -59.61
N ARG ZA 30 12.35 79.73 -60.20
CA ARG ZA 30 12.09 78.44 -59.58
C ARG ZA 30 12.72 77.25 -60.29
N ILE ZA 31 13.52 77.45 -61.34
CA ILE ZA 31 14.31 76.32 -61.85
C ILE ZA 31 15.46 76.09 -60.88
N LYS ZA 32 15.48 74.90 -60.27
CA LYS ZA 32 16.54 74.53 -59.34
C LYS ZA 32 17.55 73.64 -60.04
N VAL ZA 33 18.81 74.05 -60.04
CA VAL ZA 33 19.90 73.30 -60.65
C VAL ZA 33 20.91 72.95 -59.57
N ASN ZA 34 21.16 71.65 -59.40
CA ASN ZA 34 22.10 71.09 -58.42
C ASN ZA 34 21.76 71.51 -56.99
N GLY ZA 35 20.48 71.52 -56.67
CA GLY ZA 35 20.03 71.89 -55.34
C GLY ZA 35 20.13 73.36 -55.02
N LYS ZA 36 20.22 74.22 -56.04
CA LYS ZA 36 20.30 75.65 -55.83
C LYS ZA 36 19.34 76.35 -56.79
N ALA ZA 37 18.42 77.13 -56.23
CA ALA ZA 37 17.46 77.87 -57.05
C ALA ZA 37 18.01 79.22 -57.50
N GLY ZA 38 19.00 79.75 -56.79
CA GLY ZA 38 19.56 81.04 -57.14
C GLY ZA 38 20.54 80.92 -58.31
N ASN ZA 39 20.53 81.95 -59.16
CA ASN ZA 39 21.46 82.18 -60.27
C ASN ZA 39 21.37 81.09 -61.35
N LEU ZA 40 20.27 80.33 -61.36
CA LEU ZA 40 19.96 79.26 -62.33
C LEU ZA 40 21.03 78.18 -62.39
N GLY ZA 41 21.76 77.97 -61.29
CA GLY ZA 41 22.88 77.04 -61.31
C GLY ZA 41 24.03 77.55 -62.17
N GLY ZA 42 24.25 78.85 -62.18
CA GLY ZA 42 25.19 79.45 -63.10
C GLY ZA 42 24.55 79.72 -64.45
N GLY ZA 43 25.38 80.14 -65.39
CA GLY ZA 43 24.89 80.42 -66.74
C GLY ZA 43 24.80 79.17 -67.57
N VAL ZA 44 23.87 78.27 -67.23
CA VAL ZA 44 23.74 77.00 -67.93
C VAL ZA 44 22.42 76.98 -68.69
N VAL ZA 45 21.31 77.17 -67.98
CA VAL ZA 45 19.98 77.11 -68.60
C VAL ZA 45 19.68 78.52 -69.11
N SER ZA 46 19.96 78.72 -70.39
CA SER ZA 46 19.70 80.00 -71.03
C SER ZA 46 18.24 80.03 -71.48
N LEU ZA 47 17.39 80.66 -70.67
CA LEU ZA 47 15.95 80.67 -70.93
C LEU ZA 47 15.58 81.89 -71.76
N GLU ZA 48 14.83 81.66 -72.84
CA GLU ZA 48 14.35 82.72 -73.71
C GLU ZA 48 12.84 82.64 -73.84
N ARG ZA 49 12.26 83.68 -74.41
CA ARG ZA 49 10.81 83.73 -74.58
C ARG ZA 49 10.49 84.37 -75.92
N SER ZA 50 9.83 83.62 -76.80
CA SER ZA 50 9.32 84.15 -78.04
C SER ZA 50 7.87 84.61 -77.84
N LYS ZA 51 7.17 84.88 -78.94
CA LYS ZA 51 5.76 85.24 -78.86
C LYS ZA 51 4.95 84.00 -78.52
N SER ZA 52 4.44 83.95 -77.27
CA SER ZA 52 3.67 82.84 -76.72
C SER ZA 52 4.44 81.52 -76.76
N LYS ZA 53 5.75 81.60 -76.53
CA LYS ZA 53 6.61 80.41 -76.58
C LYS ZA 53 7.81 80.65 -75.68
N ILE ZA 54 7.96 79.81 -74.66
CA ILE ZA 54 9.06 79.90 -73.71
C ILE ZA 54 10.00 78.73 -73.94
N THR ZA 55 11.28 79.01 -74.16
CA THR ZA 55 12.27 78.00 -74.49
C THR ZA 55 13.31 77.92 -73.38
N VAL ZA 56 13.54 76.69 -72.89
CA VAL ZA 56 14.56 76.41 -71.89
C VAL ZA 56 15.67 75.65 -72.62
N THR ZA 57 16.85 76.26 -72.69
CA THR ZA 57 17.99 75.66 -73.37
C THR ZA 57 19.05 75.28 -72.35
N SER ZA 58 19.27 73.98 -72.17
CA SER ZA 58 20.14 73.46 -71.12
C SER ZA 58 21.39 72.83 -71.72
N GLU ZA 59 22.52 73.02 -71.02
CA GLU ZA 59 23.78 72.37 -71.35
C GLU ZA 59 23.94 71.04 -70.63
N VAL ZA 60 23.63 71.03 -69.33
CA VAL ZA 60 23.70 69.84 -68.48
C VAL ZA 60 22.47 68.98 -68.77
N PRO ZA 61 22.46 67.70 -68.40
CA PRO ZA 61 21.21 66.92 -68.48
C PRO ZA 61 20.15 67.49 -67.54
N PHE ZA 62 18.97 67.73 -68.11
CA PHE ZA 62 17.92 68.48 -67.43
C PHE ZA 62 16.60 67.72 -67.57
N SER ZA 63 15.81 67.72 -66.51
CA SER ZA 63 14.58 66.94 -66.47
C SER ZA 63 13.46 67.65 -67.21
N LYS ZA 64 12.56 66.86 -67.80
CA LYS ZA 64 11.45 67.42 -68.57
C LYS ZA 64 10.14 67.32 -67.79
N ARG ZA 65 9.97 66.23 -67.02
CA ARG ZA 65 8.82 66.15 -66.11
C ARG ZA 65 8.94 67.14 -64.95
N TYR ZA 66 10.15 67.56 -64.59
CA TYR ZA 66 10.30 68.64 -63.62
C TYR ZA 66 9.80 69.97 -64.17
N LEU ZA 67 10.02 70.22 -65.46
CA LEU ZA 67 9.49 71.43 -66.08
C LEU ZA 67 7.97 71.35 -66.21
N LYS ZA 68 7.44 70.16 -66.48
CA LYS ZA 68 5.99 69.94 -66.42
C LYS ZA 68 5.45 70.21 -65.02
N TYR ZA 69 6.19 69.82 -63.99
CA TYR ZA 69 5.74 70.08 -62.62
C TYR ZA 69 5.84 71.56 -62.27
N LEU ZA 70 6.81 72.27 -62.84
CA LEU ZA 70 6.90 73.71 -62.62
C LEU ZA 70 5.74 74.44 -63.25
N THR ZA 71 5.36 74.08 -64.48
CA THR ZA 71 4.22 74.77 -65.08
C THR ZA 71 2.90 74.33 -64.43
N LYS ZA 72 2.81 73.10 -63.91
CA LYS ZA 72 1.62 72.72 -63.15
C LYS ZA 72 1.54 73.45 -61.81
N LYS ZA 73 2.69 73.69 -61.16
CA LYS ZA 73 2.69 74.46 -59.93
C LYS ZA 73 2.35 75.93 -60.19
N TYR ZA 74 2.77 76.44 -61.36
CA TYR ZA 74 2.36 77.79 -61.77
C TYR ZA 74 0.85 77.88 -61.98
N LEU ZA 75 0.26 76.87 -62.64
CA LEU ZA 75 -1.18 76.89 -62.87
C LEU ZA 75 -1.95 76.70 -61.57
N LYS ZA 76 -1.41 75.91 -60.63
CA LYS ZA 76 -2.06 75.74 -59.34
C LYS ZA 76 -1.95 77.00 -58.49
N LYS ZA 77 -0.82 77.72 -58.60
CA LYS ZA 77 -0.66 78.95 -57.84
C LYS ZA 77 -1.56 80.06 -58.39
N ASN ZA 78 -1.73 80.13 -59.70
CA ASN ZA 78 -2.59 81.14 -60.30
C ASN ZA 78 -4.00 80.62 -60.61
N ASN ZA 79 -4.38 79.48 -60.01
CA ASN ZA 79 -5.75 78.95 -60.02
C ASN ZA 79 -6.22 78.63 -61.44
N LEU ZA 80 -5.36 77.97 -62.19
CA LEU ZA 80 -5.67 77.58 -63.57
C LEU ZA 80 -5.59 76.08 -63.78
N ARG ZA 81 -5.62 75.29 -62.71
CA ARG ZA 81 -5.60 73.83 -62.84
C ARG ZA 81 -6.94 73.31 -63.37
N ASP ZA 82 -8.04 73.97 -63.01
CA ASP ZA 82 -9.36 73.52 -63.45
C ASP ZA 82 -9.56 73.77 -64.93
N TRP ZA 83 -9.12 74.93 -65.43
CA TRP ZA 83 -9.32 75.24 -66.84
C TRP ZA 83 -8.22 74.64 -67.72
N LEU ZA 84 -6.97 75.02 -67.49
CA LEU ZA 84 -5.88 74.63 -68.36
C LEU ZA 84 -5.37 73.22 -68.02
N ARG ZA 85 -4.69 72.63 -68.99
CA ARG ZA 85 -4.14 71.29 -68.82
C ARG ZA 85 -2.87 71.18 -69.67
N VAL ZA 86 -1.88 70.48 -69.13
CA VAL ZA 86 -0.57 70.37 -69.77
C VAL ZA 86 -0.56 69.14 -70.66
N VAL ZA 87 -0.17 69.32 -71.92
CA VAL ZA 87 -0.18 68.27 -72.92
C VAL ZA 87 1.20 68.17 -73.54
N ALA ZA 88 1.75 66.95 -73.59
CA ALA ZA 88 2.95 66.68 -74.37
C ALA ZA 88 2.50 66.47 -75.82
N ASN ZA 89 2.50 67.55 -76.60
CA ASN ZA 89 2.03 67.49 -77.98
C ASN ZA 89 2.98 66.68 -78.84
N THR ZA 90 4.22 67.13 -78.95
CA THR ZA 90 5.30 66.33 -79.52
C THR ZA 90 6.36 66.14 -78.45
N LYS ZA 91 7.49 65.57 -78.84
CA LYS ZA 91 8.61 65.50 -77.93
C LYS ZA 91 9.23 66.88 -77.76
N GLU ZA 92 9.85 67.10 -76.58
CA GLU ZA 92 10.62 68.29 -76.24
C GLU ZA 92 9.75 69.55 -76.23
N SER ZA 93 8.45 69.39 -75.98
CA SER ZA 93 7.52 70.51 -76.12
C SER ZA 93 6.34 70.36 -75.17
N TYR ZA 94 5.66 71.48 -74.94
CA TYR ZA 94 4.48 71.51 -74.08
C TYR ZA 94 3.43 72.45 -74.65
N GLU ZA 95 2.19 71.96 -74.74
CA GLU ZA 95 1.04 72.74 -75.16
C GLU ZA 95 0.05 72.85 -74.01
N LEU ZA 96 -0.45 74.06 -73.76
CA LEU ZA 96 -1.50 74.22 -72.75
C LEU ZA 96 -2.86 74.24 -73.44
N ARG ZA 97 -3.72 73.30 -73.07
CA ARG ZA 97 -5.01 73.11 -73.72
C ARG ZA 97 -6.13 73.15 -72.70
N TYR ZA 98 -7.34 72.93 -73.17
CA TYR ZA 98 -8.53 72.88 -72.33
C TYR ZA 98 -9.00 71.45 -72.13
N PHE ZA 99 -10.02 71.30 -71.30
CA PHE ZA 99 -10.66 70.00 -71.09
C PHE ZA 99 -11.85 69.82 -72.03
N GLY AB 1 72.35 13.08 4.90
CA GLY AB 1 72.24 13.47 3.51
C GLY AB 1 72.46 12.31 2.56
N LYS AB 2 71.65 12.28 1.49
CA LYS AB 2 71.76 11.21 0.52
C LYS AB 2 72.26 11.77 -0.82
N CYS AB 3 71.62 12.84 -1.29
CA CYS AB 3 72.10 13.53 -2.49
C CYS AB 3 73.19 14.54 -2.11
N ARG AB 4 74.41 14.26 -2.53
CA ARG AB 4 75.56 15.08 -2.16
C ARG AB 4 76.09 15.95 -3.29
N GLY AB 5 75.22 16.58 -4.06
CA GLY AB 5 75.68 17.45 -5.12
C GLY AB 5 76.22 18.78 -4.60
N LEU AB 6 76.74 19.58 -5.52
CA LEU AB 6 77.26 20.88 -5.15
C LEU AB 6 76.15 21.93 -5.06
N ARG AB 7 75.04 21.71 -5.76
CA ARG AB 7 73.95 22.67 -5.84
C ARG AB 7 72.58 22.05 -5.52
N THR AB 8 72.54 21.16 -4.53
CA THR AB 8 71.30 20.48 -4.13
C THR AB 8 70.68 21.12 -2.88
N ALA AB 9 70.82 22.44 -2.74
CA ALA AB 9 70.30 23.13 -1.56
C ALA AB 9 68.78 23.11 -1.53
N ARG AB 10 68.15 23.37 -2.67
CA ARG AB 10 66.68 23.39 -2.72
C ARG AB 10 66.12 21.98 -2.58
N LYS AB 11 66.86 20.97 -3.04
CA LYS AB 11 66.41 19.58 -2.89
C LYS AB 11 66.48 19.15 -1.43
N LEU AB 12 67.60 19.44 -0.76
CA LEU AB 12 67.73 19.11 0.66
C LEU AB 12 66.76 19.90 1.51
N ARG AB 13 66.53 21.18 1.17
CA ARG AB 13 65.63 22.02 1.94
C ARG AB 13 64.18 21.58 1.77
N SER AB 14 63.78 21.22 0.54
CA SER AB 14 62.41 20.76 0.32
C SER AB 14 62.18 19.39 0.94
N HIS AB 15 63.20 18.52 0.91
CA HIS AB 15 63.04 17.20 1.51
C HIS AB 15 62.95 17.29 3.03
N ARG AB 16 63.78 18.13 3.65
CA ARG AB 16 63.69 18.31 5.09
C ARG AB 16 62.40 19.05 5.48
N ARG AB 17 61.93 19.95 4.63
CA ARG AB 17 60.70 20.67 4.93
C ARG AB 17 59.49 19.75 4.80
N ASP AB 18 59.58 18.74 3.94
CA ASP AB 18 58.52 17.73 3.87
C ASP AB 18 58.61 16.77 5.06
N GLN AB 19 59.83 16.42 5.48
CA GLN AB 19 59.99 15.40 6.51
C GLN AB 19 59.95 15.94 7.94
N LYS AB 20 59.94 17.26 8.13
CA LYS AB 20 59.74 17.78 9.49
C LYS AB 20 58.33 17.54 9.99
N TRP AB 21 57.34 17.52 9.09
CA TRP AB 21 55.94 17.38 9.51
C TRP AB 21 55.58 15.98 10.00
N HIS AB 22 56.46 15.01 9.84
CA HIS AB 22 56.23 13.67 10.39
C HIS AB 22 56.68 13.55 11.84
N ASP AB 23 57.36 14.56 12.38
CA ASP AB 23 57.72 14.56 13.78
C ASP AB 23 56.48 14.85 14.62
N LYS AB 24 56.41 14.26 15.82
CA LYS AB 24 55.22 14.42 16.64
C LYS AB 24 55.17 15.79 17.29
N GLN AB 25 56.32 16.31 17.75
CA GLN AB 25 56.33 17.60 18.44
C GLN AB 25 56.21 18.75 17.45
N TYR AB 26 56.82 18.60 16.26
CA TYR AB 26 56.82 19.66 15.26
C TYR AB 26 55.41 19.89 14.72
N LYS AB 27 54.70 18.80 14.40
CA LYS AB 27 53.37 18.90 13.81
C LYS AB 27 52.35 19.41 14.82
N LYS AB 28 52.47 18.96 16.08
CA LYS AB 28 51.61 19.44 17.14
C LYS AB 28 51.88 20.91 17.46
N ALA AB 29 53.14 21.34 17.35
CA ALA AB 29 53.48 22.73 17.66
C ALA AB 29 53.09 23.66 16.53
N HIS AB 30 53.08 23.17 15.28
CA HIS AB 30 52.87 24.06 14.14
C HIS AB 30 51.51 23.91 13.47
N LEU AB 31 50.68 22.96 13.91
CA LEU AB 31 49.28 22.97 13.48
C LEU AB 31 48.40 23.55 14.58
N GLY AB 32 47.34 24.25 14.18
CA GLY AB 32 46.40 24.84 15.09
C GLY AB 32 45.33 23.92 15.62
N THR AB 33 45.33 22.65 15.22
CA THR AB 33 44.32 21.71 15.69
C THR AB 33 44.55 21.35 17.16
N ALA AB 34 45.82 21.18 17.56
CA ALA AB 34 46.12 20.92 18.96
C ALA AB 34 45.84 22.14 19.82
N LEU AB 35 46.09 23.33 19.28
CA LEU AB 35 45.80 24.56 20.02
C LEU AB 35 44.30 24.78 20.15
N LYS AB 36 43.52 24.33 19.16
CA LYS AB 36 42.07 24.40 19.27
C LYS AB 36 41.54 23.35 20.26
N ALA AB 37 42.18 22.18 20.29
CA ALA AB 37 41.73 21.13 21.20
C ALA AB 37 42.14 21.43 22.64
N ASN AB 38 43.19 22.21 22.83
CA ASN AB 38 43.65 22.62 24.15
C ASN AB 38 42.62 23.55 24.80
N PRO AB 39 42.10 23.22 25.99
CA PRO AB 39 41.13 24.12 26.63
C PRO AB 39 41.74 25.44 27.10
N PHE AB 40 43.04 25.46 27.40
CA PHE AB 40 43.67 26.71 27.81
C PHE AB 40 43.88 27.67 26.65
N GLY AB 41 44.09 27.14 25.45
CA GLY AB 41 44.33 27.98 24.28
C GLY AB 41 45.70 28.62 24.30
N GLY AB 42 46.71 27.85 24.69
CA GLY AB 42 48.06 28.38 24.78
C GLY AB 42 48.24 29.24 26.01
N ALA AB 43 47.73 28.78 27.14
CA ALA AB 43 47.79 29.52 28.39
C ALA AB 43 48.36 28.64 29.50
N SER AB 44 49.06 29.28 30.43
CA SER AB 44 49.65 28.54 31.54
C SER AB 44 48.63 28.29 32.65
N HIS AB 45 47.82 29.29 32.96
CA HIS AB 45 46.80 29.20 34.01
C HIS AB 45 45.46 29.65 33.43
N ALA AB 46 44.38 29.29 34.12
CA ALA AB 46 43.04 29.64 33.67
C ALA AB 46 42.09 29.62 34.86
N LYS AB 47 41.27 30.65 34.96
CA LYS AB 47 40.22 30.70 35.98
C LYS AB 47 38.94 30.07 35.44
N GLY AB 48 38.15 29.49 36.36
CA GLY AB 48 36.92 28.85 35.96
C GLY AB 48 35.95 28.62 37.11
N ILE AB 49 34.69 28.32 36.78
CA ILE AB 49 33.64 28.22 37.77
C ILE AB 49 33.41 26.75 38.14
N VAL AB 50 33.45 26.47 39.44
CA VAL AB 50 33.09 25.15 39.96
C VAL AB 50 31.59 24.95 39.80
N LEU AB 51 31.20 23.78 39.29
CA LEU AB 51 29.78 23.44 39.26
C LEU AB 51 29.45 22.11 39.93
N GLU AB 52 30.33 21.10 39.85
CA GLU AB 52 30.10 19.88 40.60
C GLU AB 52 31.44 19.22 40.92
N LYS AB 53 31.42 18.33 41.91
CA LYS AB 53 32.59 17.59 42.35
C LYS AB 53 32.37 16.11 42.06
N VAL AB 54 33.34 15.48 41.40
CA VAL AB 54 33.19 14.13 40.86
C VAL AB 54 34.25 13.23 41.48
N GLY AB 55 33.83 12.07 41.98
CA GLY AB 55 34.76 11.04 42.42
C GLY AB 55 35.12 10.09 41.30
N VAL AB 56 36.33 10.25 40.76
CA VAL AB 56 36.76 9.47 39.60
C VAL AB 56 37.46 8.21 40.09
N GLU AB 57 37.01 7.05 39.60
CA GLU AB 57 37.64 5.78 39.92
C GLU AB 57 39.01 5.67 39.26
N ALA AB 58 39.89 4.91 39.88
CA ALA AB 58 41.26 4.82 39.37
C ALA AB 58 41.40 3.69 38.35
N LYS AB 59 42.58 3.68 37.72
CA LYS AB 59 42.98 2.72 36.70
C LYS AB 59 43.46 1.41 37.34
N GLN AB 60 44.28 0.68 36.57
CA GLN AB 60 44.85 -0.63 36.88
C GLN AB 60 45.94 -0.44 37.95
N PRO AB 61 46.73 -1.48 38.35
CA PRO AB 61 46.69 -1.99 39.74
C PRO AB 61 46.29 -1.04 40.86
N ASN AB 62 46.81 0.19 40.88
CA ASN AB 62 46.44 1.16 41.91
C ASN AB 62 44.95 1.53 41.80
N SER AB 63 44.21 1.27 42.87
CA SER AB 63 42.75 1.40 42.83
C SER AB 63 42.31 2.30 43.97
N ALA AB 64 41.71 3.43 43.64
CA ALA AB 64 41.27 4.42 44.60
C ALA AB 64 40.21 5.30 43.95
N ILE AB 65 39.76 6.30 44.70
CA ILE AB 65 38.76 7.26 44.22
C ILE AB 65 39.42 8.64 44.30
N ARG AB 66 39.93 9.12 43.17
CA ARG AB 66 40.48 10.46 43.11
C ARG AB 66 39.37 11.48 43.05
N LYS AB 67 39.70 12.73 43.36
CA LYS AB 67 38.72 13.80 43.51
C LYS AB 67 38.95 14.83 42.40
N CYS AB 68 37.91 15.13 41.64
CA CYS AB 68 38.00 16.08 40.54
C CYS AB 68 36.84 17.06 40.62
N VAL AB 69 36.97 18.15 39.84
CA VAL AB 69 36.04 19.27 39.84
C VAL AB 69 35.71 19.60 38.40
N ARG AB 70 34.41 19.71 38.09
CA ARG AB 70 33.94 20.06 36.75
C ARG AB 70 34.05 21.58 36.58
N VAL AB 71 35.20 22.04 36.12
CA VAL AB 71 35.46 23.47 35.99
C VAL AB 71 35.00 23.94 34.62
N GLN AB 72 34.16 24.98 34.61
CA GLN AB 72 33.71 25.63 33.38
C GLN AB 72 34.49 26.93 33.21
N LEU AB 73 35.21 27.05 32.10
CA LEU AB 73 36.14 28.15 31.93
C LEU AB 73 35.40 29.46 31.62
N ILE AB 74 36.17 30.56 31.66
CA ILE AB 74 35.62 31.88 31.37
C ILE AB 74 36.01 32.32 29.97
N LYS AB 75 37.24 32.01 29.55
CA LYS AB 75 37.74 32.52 28.27
C LYS AB 75 37.17 31.74 27.10
N ASN AB 76 36.73 30.50 27.33
CA ASN AB 76 36.16 29.67 26.28
C ASN AB 76 34.79 29.11 26.66
N GLY AB 77 34.60 28.75 27.93
CA GLY AB 77 33.41 28.07 28.37
C GLY AB 77 33.51 26.57 28.34
N LYS AB 78 34.71 26.03 28.08
CA LYS AB 78 34.89 24.60 28.00
C LYS AB 78 34.92 23.98 29.40
N LYS AB 79 34.69 22.67 29.45
CA LYS AB 79 34.65 21.95 30.71
C LYS AB 79 35.92 21.13 30.89
N ILE AB 80 36.49 21.21 32.10
CA ILE AB 80 37.73 20.53 32.47
C ILE AB 80 37.49 19.74 33.74
N THR AB 81 37.85 18.45 33.72
CA THR AB 81 37.90 17.66 34.95
C THR AB 81 39.21 17.96 35.68
N ALA AB 82 39.21 19.07 36.40
CA ALA AB 82 40.45 19.50 37.07
C ALA AB 82 40.64 18.70 38.35
N PHE AB 83 41.91 18.50 38.72
CA PHE AB 83 42.27 17.60 39.83
C PHE AB 83 42.57 18.41 41.09
N VAL AB 84 42.00 17.97 42.20
CA VAL AB 84 42.31 18.53 43.52
C VAL AB 84 43.57 17.85 44.03
N PRO AB 85 44.70 18.57 44.13
CA PRO AB 85 45.99 17.90 44.39
C PRO AB 85 46.17 17.27 45.77
N ASN AB 86 45.97 18.04 46.85
CA ASN AB 86 46.44 17.62 48.15
C ASN AB 86 45.34 16.87 48.92
N ASP AB 87 45.71 16.41 50.12
CA ASP AB 87 44.82 15.60 50.93
C ASP AB 87 43.83 16.47 51.68
N GLY AB 88 42.56 16.09 51.63
CA GLY AB 88 41.52 16.78 52.38
C GLY AB 88 41.20 18.17 51.90
N CYS AB 89 41.54 18.49 50.65
CA CYS AB 89 41.31 19.82 50.11
C CYS AB 89 40.07 19.91 49.24
N LEU AB 90 39.29 18.82 49.13
CA LEU AB 90 38.02 18.90 48.44
C LEU AB 90 37.00 19.68 49.27
N ASN AB 91 37.16 19.65 50.61
CA ASN AB 91 36.21 20.31 51.50
C ASN AB 91 36.34 21.83 51.43
N PHE AB 92 37.50 22.34 51.03
CA PHE AB 92 37.66 23.79 50.88
C PHE AB 92 36.90 24.30 49.67
N ILE AB 93 36.92 23.54 48.58
CA ILE AB 93 36.26 23.93 47.33
C ILE AB 93 34.76 23.73 47.45
N GLU AB 94 34.00 24.82 47.40
CA GLU AB 94 32.55 24.74 47.42
C GLU AB 94 31.99 24.96 46.02
N GLU AB 95 30.67 24.86 45.93
CA GLU AB 95 29.98 25.05 44.66
C GLU AB 95 29.95 26.53 44.29
N ASN AB 96 30.06 26.80 42.97
CA ASN AB 96 30.00 28.14 42.38
C ASN AB 96 31.11 29.05 42.90
N ASP AB 97 32.35 28.58 42.74
CA ASP AB 97 33.53 29.33 43.14
C ASP AB 97 34.49 29.42 41.97
N GLU AB 98 35.28 30.50 41.95
CA GLU AB 98 36.31 30.65 40.93
C GLU AB 98 37.62 30.01 41.40
N VAL AB 99 38.12 29.06 40.61
CA VAL AB 99 39.37 28.36 40.93
C VAL AB 99 40.34 28.53 39.77
N LEU AB 100 41.63 28.54 40.09
CA LEU AB 100 42.67 28.68 39.07
C LEU AB 100 43.14 27.30 38.64
N VAL AB 101 43.20 27.07 37.34
CA VAL AB 101 43.45 25.75 36.76
C VAL AB 101 44.74 25.80 35.96
N ALA AB 102 45.67 24.89 36.28
CA ALA AB 102 46.95 24.78 35.60
C ALA AB 102 47.13 23.36 35.06
N GLY AB 103 48.26 23.13 34.40
CA GLY AB 103 48.58 21.81 33.88
C GLY AB 103 49.11 20.89 34.97
N PHE AB 104 49.68 19.76 34.52
CA PHE AB 104 50.20 18.76 35.45
C PHE AB 104 51.62 18.35 35.07
N GLY AB 105 52.19 18.99 34.05
CA GLY AB 105 53.60 18.79 33.73
C GLY AB 105 53.89 17.78 32.65
N ARG AB 106 52.88 17.20 32.00
CA ARG AB 106 53.09 16.31 30.85
C ARG AB 106 52.61 17.00 29.57
N LYS AB 107 52.38 18.32 29.63
CA LYS AB 107 52.04 19.16 28.48
C LYS AB 107 50.74 18.71 27.80
N GLY AB 108 49.70 18.58 28.61
CA GLY AB 108 48.40 18.16 28.12
C GLY AB 108 48.28 16.66 27.91
N HIS AB 109 48.52 15.88 28.97
CA HIS AB 109 48.42 14.44 28.85
C HIS AB 109 48.05 13.86 30.21
N ALA AB 110 47.26 12.79 30.18
CA ALA AB 110 46.85 12.12 31.42
C ALA AB 110 48.04 11.44 32.07
N VAL AB 111 48.05 11.47 33.41
CA VAL AB 111 49.22 11.11 34.20
C VAL AB 111 48.81 10.05 35.23
N GLY AB 112 49.41 8.87 35.14
CA GLY AB 112 49.30 7.84 36.15
C GLY AB 112 47.95 7.19 36.36
N ASP AB 113 47.47 7.25 37.60
CA ASP AB 113 46.30 6.47 38.01
C ASP AB 113 45.00 7.07 37.52
N ILE AB 114 45.02 8.34 37.09
CA ILE AB 114 43.78 9.05 36.81
C ILE AB 114 43.53 9.06 35.30
N PRO AB 115 42.42 8.47 34.82
CA PRO AB 115 42.13 8.49 33.39
C PRO AB 115 41.38 9.76 32.99
N GLY AB 116 41.82 10.38 31.90
CA GLY AB 116 41.11 11.51 31.32
C GLY AB 116 41.19 12.80 32.12
N VAL AB 117 42.26 13.01 32.88
CA VAL AB 117 42.47 14.25 33.63
C VAL AB 117 43.84 14.77 33.25
N ARG AB 118 43.88 16.00 32.71
CA ARG AB 118 45.11 16.66 32.29
C ARG AB 118 45.50 17.80 33.22
N PHE AB 119 44.53 18.41 33.90
CA PHE AB 119 44.72 19.69 34.56
C PHE AB 119 44.43 19.56 36.05
N LYS AB 120 44.89 20.54 36.83
CA LYS AB 120 44.71 20.54 38.27
C LYS AB 120 44.39 21.95 38.76
N VAL AB 121 44.12 22.05 40.07
CA VAL AB 121 43.70 23.30 40.69
C VAL AB 121 44.85 23.84 41.54
N VAL AB 122 45.15 25.13 41.40
CA VAL AB 122 46.21 25.78 42.18
C VAL AB 122 45.60 26.68 43.24
N LYS AB 123 44.78 27.65 42.84
CA LYS AB 123 44.19 28.62 43.74
C LYS AB 123 42.68 28.44 43.80
N VAL AB 124 42.11 28.81 44.95
CA VAL AB 124 40.67 28.70 45.20
C VAL AB 124 40.18 30.05 45.74
N ALA AB 125 39.43 30.79 44.89
CA ALA AB 125 38.82 32.07 45.22
C ALA AB 125 39.85 33.10 45.70
N ASN AB 126 40.92 33.24 44.91
CA ASN AB 126 42.06 34.13 45.18
C ASN AB 126 42.75 33.82 46.51
N VAL AB 127 42.63 32.58 46.98
CA VAL AB 127 43.34 32.07 48.15
C VAL AB 127 43.94 30.73 47.76
N SER AB 128 45.25 30.57 47.97
CA SER AB 128 45.95 29.42 47.42
C SER AB 128 45.64 28.16 48.21
N LEU AB 129 45.47 27.06 47.47
CA LEU AB 129 45.16 25.77 48.08
C LEU AB 129 46.34 25.22 48.86
N LEU AB 130 47.57 25.64 48.51
CA LEU AB 130 48.74 25.24 49.28
C LEU AB 130 48.71 25.86 50.68
N ALA AB 131 48.30 27.14 50.77
CA ALA AB 131 48.19 27.77 52.08
C ALA AB 131 46.96 27.27 52.83
N LEU AB 132 45.90 26.89 52.09
CA LEU AB 132 44.75 26.27 52.75
C LEU AB 132 45.09 24.89 53.29
N TYR AB 133 46.01 24.19 52.63
CA TYR AB 133 46.47 22.89 53.11
C TYR AB 133 47.42 23.06 54.30
N LYS AB 134 48.30 24.05 54.24
CA LYS AB 134 49.27 24.24 55.32
C LYS AB 134 48.61 24.86 56.55
N GLY AB 135 47.53 25.61 56.36
CA GLY AB 135 46.86 26.25 57.47
C GLY AB 135 47.30 27.68 57.74
N LYS AB 136 47.92 28.33 56.77
CA LYS AB 136 48.40 29.70 56.98
C LYS AB 136 47.27 30.71 56.85
N LYS AB 137 46.55 30.68 55.74
CA LYS AB 137 45.45 31.60 55.50
C LYS AB 137 44.12 30.89 55.71
N GLU AB 138 43.05 31.69 55.73
CA GLU AB 138 41.70 31.21 55.95
C GLU AB 138 40.83 31.55 54.75
N ARG AB 139 39.88 30.67 54.45
CA ARG AB 139 38.91 30.94 53.40
C ARG AB 139 38.02 32.12 53.78
N PRO AB 140 37.87 33.12 52.91
CA PRO AB 140 37.09 34.31 53.27
C PRO AB 140 35.59 34.06 53.32
N ARG AB 141 35.04 34.06 54.53
CA ARG AB 141 33.60 33.87 54.72
C ARG AB 141 33.03 35.00 55.57
N SER BB 1 -6.92 59.81 29.56
CA SER BB 1 -8.10 60.66 29.44
C SER BB 1 -8.60 60.69 28.00
N GLY BB 2 -7.79 61.25 27.11
CA GLY BB 2 -8.15 61.34 25.72
C GLY BB 2 -8.11 60.02 25.00
N ALA BB 3 -9.28 59.53 24.58
CA ALA BB 3 -9.37 58.23 23.94
C ALA BB 3 -8.88 58.30 22.49
N LYS BB 4 -8.67 57.13 21.90
CA LYS BB 4 -8.19 57.03 20.53
C LYS BB 4 -9.37 57.08 19.57
N PHE BB 5 -9.30 57.98 18.59
CA PHE BB 5 -10.30 58.05 17.54
C PHE BB 5 -10.09 56.92 16.52
N ARG BB 6 -11.08 56.74 15.66
CA ARG BB 6 -10.94 55.75 14.61
C ARG BB 6 -10.07 56.28 13.47
N ILE BB 7 -9.26 55.39 12.90
CA ILE BB 7 -8.41 55.71 11.78
C ILE BB 7 -8.56 54.61 10.73
N SER BB 8 -8.03 54.87 9.54
CA SER BB 8 -8.11 53.89 8.48
C SER BB 8 -7.17 52.71 8.76
N LEU BB 9 -7.61 51.52 8.38
CA LEU BB 9 -6.93 50.27 8.71
C LEU BB 9 -6.59 49.54 7.41
N GLY BB 10 -5.31 49.18 7.25
CA GLY BB 10 -4.87 48.53 6.04
C GLY BB 10 -3.81 47.46 6.25
N LEU BB 11 -3.80 46.84 7.42
CA LEU BB 11 -2.86 45.75 7.71
C LEU BB 11 -3.61 44.57 8.33
N PRO BB 12 -4.24 43.72 7.50
CA PRO BB 12 -4.91 42.53 8.04
C PRO BB 12 -3.95 41.42 8.45
N VAL BB 13 -4.51 40.27 8.80
CA VAL BB 13 -3.72 39.09 9.15
C VAL BB 13 -3.00 38.58 7.92
N GLY BB 14 -1.67 38.67 7.93
CA GLY BB 14 -0.87 38.21 6.80
C GLY BB 14 0.25 39.17 6.45
N ALA BB 15 0.14 40.41 6.91
CA ALA BB 15 1.12 41.43 6.56
C ALA BB 15 2.41 41.24 7.34
N VAL BB 16 3.54 41.40 6.65
CA VAL BB 16 4.84 41.44 7.30
C VAL BB 16 5.32 42.88 7.41
N ILE BB 17 5.21 43.45 8.61
CA ILE BB 17 5.70 44.80 8.84
C ILE BB 17 7.15 44.74 9.29
N ASN BB 18 7.93 45.75 8.94
CA ASN BB 18 9.32 45.70 9.37
C ASN BB 18 9.46 46.24 10.80
N CYS BB 19 10.43 45.67 11.52
CA CYS BB 19 10.55 45.87 12.96
C CYS BB 19 11.53 47.00 13.21
N ALA BB 20 11.03 48.13 13.69
CA ALA BB 20 11.79 49.38 13.72
C ALA BB 20 12.43 49.60 15.09
N ASP BB 21 13.38 48.72 15.43
CA ASP BB 21 14.19 48.88 16.64
C ASP BB 21 15.51 48.17 16.46
N ASN BB 22 16.28 48.08 17.55
CA ASN BB 22 17.61 47.48 17.56
C ASN BB 22 17.64 46.11 18.23
N THR BB 23 16.58 45.31 18.08
CA THR BB 23 16.59 43.97 18.64
C THR BB 23 17.27 42.98 17.71
N GLY BB 24 16.97 43.07 16.41
CA GLY BB 24 17.58 42.18 15.43
C GLY BB 24 16.60 41.65 14.42
N ALA BB 25 15.31 41.81 14.70
CA ALA BB 25 14.28 41.30 13.79
C ALA BB 25 14.13 42.21 12.58
N LYS BB 26 13.94 41.58 11.42
CA LYS BB 26 13.69 42.30 10.17
C LYS BB 26 12.21 42.36 9.83
N ASN BB 27 11.50 41.24 9.93
CA ASN BB 27 10.08 41.19 9.61
C ASN BB 27 9.25 40.79 10.82
N LEU BB 28 7.96 41.09 10.74
CA LEU BB 28 6.96 40.77 11.77
C LEU BB 28 5.68 40.39 11.04
N TYR BB 29 5.42 39.09 10.98
CA TYR BB 29 4.18 38.56 10.42
C TYR BB 29 3.05 38.75 11.42
N ILE BB 30 2.04 39.52 11.04
CA ILE BB 30 0.88 39.76 11.90
C ILE BB 30 0.01 38.51 11.94
N ILE BB 31 -0.21 37.97 13.14
CA ILE BB 31 -0.98 36.73 13.22
C ILE BB 31 -2.42 36.99 13.67
N SER BB 32 -2.64 38.06 14.44
CA SER BB 32 -3.94 38.46 14.96
C SER BB 32 -3.79 39.85 15.59
N VAL BB 33 -4.90 40.57 15.65
CA VAL BB 33 -4.94 41.93 16.20
C VAL BB 33 -5.68 41.88 17.52
N LYS BB 34 -5.07 42.47 18.56
CA LYS BB 34 -5.63 42.45 19.89
C LYS BB 34 -6.69 43.53 20.03
N GLY BB 35 -7.91 43.13 20.39
CA GLY BB 35 -8.98 44.06 20.64
C GLY BB 35 -9.99 44.18 19.53
N ILE BB 36 -10.30 43.07 18.86
CA ILE BB 36 -11.32 43.04 17.82
C ILE BB 36 -12.29 41.91 18.13
N LYS BB 37 -13.59 42.22 18.14
CA LYS BB 37 -14.63 41.24 18.44
C LYS BB 37 -14.74 40.20 17.32
N GLY BB 38 -15.02 40.65 16.10
CA GLY BB 38 -15.04 39.76 14.96
C GLY BB 38 -16.43 39.55 14.39
N ARG BB 39 -16.43 39.07 13.14
CA ARG BB 39 -17.63 38.84 12.36
C ARG BB 39 -17.23 37.89 11.23
N LEU BB 40 -18.22 37.18 10.68
CA LEU BB 40 -18.00 36.16 9.66
C LEU BB 40 -17.36 36.72 8.40
N ASN BB 41 -16.17 36.19 8.06
CA ASN BB 41 -15.33 36.61 6.92
C ASN BB 41 -14.97 38.09 7.01
N ARG BB 42 -14.29 38.43 8.10
CA ARG BB 42 -13.63 39.74 8.23
C ARG BB 42 -12.24 39.49 8.80
N LEU BB 43 -11.22 39.96 8.12
CA LEU BB 43 -9.86 39.81 8.63
C LEU BB 43 -9.60 40.88 9.69
N PRO BB 44 -9.07 40.50 10.86
CA PRO BB 44 -8.70 41.52 11.85
C PRO BB 44 -7.49 42.32 11.39
N ALA BB 45 -7.64 43.64 11.40
CA ALA BB 45 -6.63 44.55 10.87
C ALA BB 45 -6.18 45.54 11.94
N ALA BB 46 -4.95 46.02 11.81
CA ALA BB 46 -4.32 46.92 12.77
C ALA BB 46 -3.84 48.17 12.06
N GLY BB 47 -4.14 49.33 12.63
CA GLY BB 47 -3.67 50.60 12.10
C GLY BB 47 -2.53 51.17 12.93
N VAL BB 48 -2.44 52.50 12.90
CA VAL BB 48 -1.41 53.20 13.66
C VAL BB 48 -1.76 53.18 15.14
N GLY BB 49 -0.83 52.71 15.96
CA GLY BB 49 -1.05 52.69 17.39
C GLY BB 49 -1.89 51.54 17.87
N ASP BB 50 -1.87 50.42 17.17
CA ASP BB 50 -2.66 49.25 17.54
C ASP BB 50 -1.78 48.18 18.18
N MET BB 51 -2.26 47.65 19.29
CA MET BB 51 -1.68 46.49 19.94
C MET BB 51 -2.03 45.25 19.12
N VAL BB 52 -1.01 44.52 18.68
CA VAL BB 52 -1.17 43.46 17.71
C VAL BB 52 -0.35 42.26 18.18
N MET BB 53 -0.65 41.08 17.64
CA MET BB 53 0.15 39.89 17.90
C MET BB 53 0.98 39.60 16.65
N ALA BB 54 2.29 39.53 16.81
CA ALA BB 54 3.19 39.35 15.69
C ALA BB 54 4.08 38.14 15.90
N THR BB 55 4.81 37.77 14.86
CA THR BB 55 5.79 36.69 14.94
C THR BB 55 6.96 37.06 14.06
N VAL BB 56 8.18 36.96 14.59
CA VAL BB 56 9.37 37.27 13.82
C VAL BB 56 9.57 36.19 12.76
N LYS BB 57 9.39 36.55 11.49
CA LYS BB 57 9.53 35.60 10.41
C LYS BB 57 11.00 35.30 10.11
N LYS BB 58 11.81 36.36 9.96
CA LYS BB 58 13.24 36.22 9.72
C LYS BB 58 14.01 37.18 10.61
N GLY BB 59 15.22 36.80 10.96
CA GLY BB 59 16.05 37.61 11.85
C GLY BB 59 16.90 36.73 12.74
N LYS BB 60 16.94 37.09 14.02
CA LYS BB 60 17.69 36.31 14.99
C LYS BB 60 16.95 35.04 15.36
N PRO BB 61 17.67 33.92 15.55
CA PRO BB 61 17.01 32.66 15.92
C PRO BB 61 16.39 32.69 17.31
N GLU BB 62 16.85 33.57 18.19
CA GLU BB 62 16.20 33.73 19.48
C GLU BB 62 14.85 34.42 19.36
N LEU BB 63 14.65 35.17 18.27
CA LEU BB 63 13.37 35.84 18.05
C LEU BB 63 12.45 35.03 17.14
N ARG BB 64 13.02 34.19 16.26
CA ARG BB 64 12.19 33.43 15.34
C ARG BB 64 11.43 32.32 16.05
N LYS BB 65 10.33 31.90 15.42
CA LYS BB 65 9.54 30.72 15.80
C LYS BB 65 8.94 30.83 17.20
N LYS BB 66 8.49 32.03 17.54
CA LYS BB 66 7.74 32.27 18.78
C LYS BB 66 6.90 33.53 18.62
N VAL BB 67 5.81 33.59 19.37
CA VAL BB 67 4.84 34.67 19.25
C VAL BB 67 5.28 35.84 20.14
N HIS BB 68 5.33 37.03 19.56
CA HIS BB 68 5.60 38.24 20.33
C HIS BB 68 4.38 39.14 20.32
N PRO BB 69 4.21 39.96 21.36
CA PRO BB 69 3.27 41.07 21.26
C PRO BB 69 3.94 42.32 20.70
N ALA BB 70 3.20 43.05 19.87
CA ALA BB 70 3.80 44.14 19.12
C ALA BB 70 2.84 45.32 19.11
N VAL BB 71 3.36 46.47 18.72
CA VAL BB 71 2.59 47.68 18.50
C VAL BB 71 2.92 48.21 17.11
N VAL BB 72 1.90 48.39 16.28
CA VAL BB 72 2.09 48.89 14.93
C VAL BB 72 2.21 50.41 14.98
N ILE BB 73 3.32 50.93 14.46
CA ILE BB 73 3.57 52.36 14.45
C ILE BB 73 3.21 53.00 13.10
N ARG BB 74 3.84 52.54 12.03
CA ARG BB 74 3.69 53.18 10.73
C ARG BB 74 2.86 52.29 9.81
N GLN BB 75 2.00 52.92 9.01
CA GLN BB 75 1.27 52.20 7.97
C GLN BB 75 1.29 53.01 6.69
N ARG BB 76 1.15 52.31 5.56
CA ARG BB 76 1.18 52.96 4.26
C ARG BB 76 -0.21 53.51 3.87
N LYS BB 77 -1.27 52.91 4.42
CA LYS BB 77 -2.63 53.34 4.10
C LYS BB 77 -2.92 54.72 4.66
N SER BB 78 -3.46 55.60 3.81
CA SER BB 78 -3.79 56.96 4.20
C SER BB 78 -4.96 56.99 5.17
N TYR BB 79 -4.73 57.58 6.34
CA TYR BB 79 -5.73 57.68 7.40
C TYR BB 79 -5.97 59.15 7.71
N ARG BB 80 -7.20 59.46 8.12
CA ARG BB 80 -7.61 60.84 8.32
C ARG BB 80 -7.33 61.28 9.76
N ARG BB 81 -6.61 62.38 9.92
CA ARG BB 81 -6.45 63.00 11.22
C ARG BB 81 -7.68 63.85 11.55
N LYS BB 82 -7.77 64.26 12.82
CA LYS BB 82 -8.95 64.99 13.26
C LYS BB 82 -8.92 66.45 12.78
N ASP BB 83 -7.73 67.03 12.66
CA ASP BB 83 -7.64 68.41 12.19
C ASP BB 83 -7.84 68.52 10.67
N GLY BB 84 -7.83 67.41 9.96
CA GLY BB 84 -8.19 67.39 8.55
C GLY BB 84 -7.04 67.20 7.59
N VAL BB 85 -6.05 66.40 7.97
CA VAL BB 85 -4.94 66.07 7.08
C VAL BB 85 -4.87 64.56 6.91
N PHE BB 86 -4.55 64.11 5.70
CA PHE BB 86 -4.40 62.70 5.37
C PHE BB 86 -2.91 62.40 5.36
N LEU BB 87 -2.36 62.07 6.53
CA LEU BB 87 -0.94 61.78 6.66
C LEU BB 87 -0.68 60.29 6.42
N TYR BB 88 0.17 60.00 5.44
CA TYR BB 88 0.50 58.62 5.17
C TYR BB 88 2.01 58.48 5.04
N PHE BB 89 2.49 57.26 5.21
CA PHE BB 89 3.90 56.97 5.39
C PHE BB 89 4.45 56.16 4.22
N GLU BB 90 5.74 55.85 4.29
CA GLU BB 90 6.37 55.11 3.20
C GLU BB 90 6.22 53.60 3.37
N ASP BB 91 6.39 53.09 4.59
CA ASP BB 91 6.39 51.65 4.81
C ASP BB 91 5.51 51.30 5.99
N ASN BB 92 5.37 50.00 6.21
CA ASN BB 92 4.57 49.47 7.31
C ASN BB 92 5.52 48.97 8.40
N ALA BB 93 5.46 49.60 9.58
CA ALA BB 93 6.48 49.39 10.59
C ALA BB 93 5.85 49.19 11.97
N GLY BB 94 6.48 48.32 12.75
CA GLY BB 94 6.04 48.08 14.11
C GLY BB 94 7.21 47.74 15.00
N VAL BB 95 6.94 47.71 16.31
CA VAL BB 95 7.95 47.37 17.31
C VAL BB 95 7.40 46.31 18.25
N ILE BB 96 8.31 45.59 18.91
CA ILE BB 96 7.92 44.53 19.83
C ILE BB 96 7.77 45.12 21.23
N VAL BB 97 6.55 45.06 21.76
CA VAL BB 97 6.19 45.72 23.03
C VAL BB 97 5.37 44.73 23.84
N ASN BB 98 5.72 44.57 25.12
CA ASN BB 98 5.11 43.54 25.96
C ASN BB 98 3.66 43.90 26.33
N ASN BB 99 3.07 43.06 27.18
CA ASN BB 99 1.65 43.17 27.50
C ASN BB 99 1.35 44.39 28.37
N LYS BB 100 2.36 44.91 29.08
CA LYS BB 100 2.11 46.07 29.94
C LYS BB 100 2.41 47.39 29.22
N GLY BB 101 3.30 47.38 28.24
CA GLY BB 101 3.57 48.59 27.49
C GLY BB 101 5.04 48.94 27.34
N GLU BB 102 5.92 48.22 28.03
CA GLU BB 102 7.34 48.52 27.96
C GLU BB 102 7.95 47.95 26.69
N MET BB 103 8.90 48.68 26.11
CA MET BB 103 9.52 48.21 24.88
C MET BB 103 10.63 47.21 25.17
N LYS BB 104 11.00 46.45 24.14
CA LYS BB 104 12.12 45.52 24.22
C LYS BB 104 13.39 46.13 23.64
N GLY BB 105 13.26 46.91 22.57
CA GLY BB 105 14.40 47.60 22.00
C GLY BB 105 14.61 48.96 22.64
N SER BB 106 15.77 49.55 22.32
CA SER BB 106 16.15 50.83 22.90
C SER BB 106 15.77 51.99 21.98
N ALA BB 107 16.29 52.00 20.76
CA ALA BB 107 16.06 53.09 19.82
C ALA BB 107 14.98 52.72 18.81
N ILE BB 108 14.46 53.74 18.15
CA ILE BB 108 13.42 53.58 17.13
C ILE BB 108 13.86 54.33 15.89
N THR BB 109 14.01 53.60 14.79
CA THR BB 109 14.26 54.23 13.49
C THR BB 109 12.94 54.68 12.87
N GLY BB 110 13.01 55.74 12.07
CA GLY BB 110 11.82 56.27 11.43
C GLY BB 110 10.97 57.12 12.35
N PRO BB 111 10.07 57.91 11.77
CA PRO BB 111 9.19 58.74 12.58
C PRO BB 111 8.01 57.96 13.12
N VAL BB 112 7.61 58.29 14.35
CA VAL BB 112 6.46 57.71 15.01
C VAL BB 112 5.32 58.71 14.96
N ALA BB 113 4.15 58.26 14.51
CA ALA BB 113 2.99 59.13 14.38
C ALA BB 113 2.47 59.54 15.76
N LYS BB 114 1.86 60.73 15.82
CA LYS BB 114 1.37 61.23 17.09
C LYS BB 114 0.14 60.48 17.59
N GLU BB 115 -0.59 59.82 16.68
CA GLU BB 115 -1.71 58.97 17.10
C GLU BB 115 -1.21 57.76 17.90
N CYS BB 116 -0.01 57.28 17.58
CA CYS BB 116 0.59 56.23 18.39
C CYS BB 116 1.33 56.80 19.59
N ALA BB 117 1.88 58.01 19.44
CA ALA BB 117 2.70 58.61 20.49
C ALA BB 117 1.84 59.06 21.67
N ASP BB 118 0.62 59.50 21.41
CA ASP BB 118 -0.27 59.90 22.50
C ASP BB 118 -0.83 58.70 23.24
N LEU BB 119 -0.93 57.55 22.56
CA LEU BB 119 -1.50 56.38 23.20
C LEU BB 119 -0.45 55.60 23.98
N TRP BB 120 0.73 55.38 23.38
CA TRP BB 120 1.79 54.64 24.06
C TRP BB 120 2.85 55.62 24.53
N PRO BB 121 3.02 55.82 25.84
CA PRO BB 121 4.00 56.82 26.30
C PRO BB 121 5.44 56.33 26.24
N ARG BB 122 5.68 55.03 26.41
CA ARG BB 122 7.04 54.52 26.43
C ARG BB 122 7.64 54.45 25.03
N ILE BB 123 6.81 54.28 24.01
CA ILE BB 123 7.30 54.33 22.64
C ILE BB 123 7.61 55.76 22.23
N ALA BB 124 6.83 56.72 22.72
CA ALA BB 124 7.04 58.12 22.39
C ALA BB 124 8.30 58.68 23.05
N SER BB 125 8.70 58.09 24.18
CA SER BB 125 9.89 58.57 24.87
C SER BB 125 11.17 58.14 24.15
N ASN BB 126 11.16 56.94 23.56
CA ASN BB 126 12.34 56.46 22.85
C ASN BB 126 12.42 57.05 21.44
N ALA BB 127 11.30 57.55 20.93
CA ALA BB 127 11.28 58.08 19.57
C ALA BB 127 11.88 59.48 19.53
N GLY BB 128 12.80 59.69 18.58
CA GLY BB 128 13.40 60.99 18.38
C GLY BB 128 12.52 61.92 17.60
N SER BB 129 12.19 61.54 16.37
CA SER BB 129 11.28 62.34 15.55
C SER BB 129 9.86 61.84 15.69
N ILE BB 130 8.92 62.77 15.80
CA ILE BB 130 7.51 62.45 15.98
C ILE BB 130 6.74 62.94 14.76
N ALA BB 131 6.07 62.01 14.08
CA ALA BB 131 5.26 62.23 12.89
C ALA BB 131 5.99 62.93 11.75
N MET CB 1 -5.29 78.60 12.07
CA MET CB 1 -5.01 77.75 10.91
C MET CB 1 -3.66 78.10 10.29
N LYS CB 2 -2.93 77.06 9.90
CA LYS CB 2 -1.60 77.22 9.32
C LYS CB 2 -1.64 76.82 7.86
N VAL CB 3 -1.67 77.81 6.97
CA VAL CB 3 -1.66 77.55 5.53
C VAL CB 3 -0.24 77.23 5.07
N GLU CB 4 0.05 75.95 4.93
CA GLU CB 4 1.38 75.52 4.52
C GLU CB 4 1.42 75.35 3.00
N LEU CB 5 2.57 75.68 2.42
CA LEU CB 5 2.72 75.63 0.97
C LEU CB 5 2.96 74.19 0.50
N CYS CB 6 2.74 73.98 -0.79
CA CYS CB 6 2.95 72.65 -1.37
C CYS CB 6 4.44 72.40 -1.57
N SER CB 7 4.86 71.15 -1.38
CA SER CB 7 6.27 70.81 -1.53
C SER CB 7 6.68 70.75 -2.99
N PHE CB 8 5.88 70.07 -3.82
CA PHE CB 8 6.20 69.98 -5.24
C PHE CB 8 5.84 71.27 -5.97
N SER CB 9 4.58 71.68 -5.88
CA SER CB 9 4.09 72.81 -6.67
C SER CB 9 4.53 74.14 -6.06
N GLY CB 10 4.19 74.36 -4.79
CA GLY CB 10 4.30 75.68 -4.20
C GLY CB 10 2.99 76.41 -4.05
N TYR CB 11 1.87 75.70 -4.20
CA TYR CB 11 0.55 76.29 -4.08
C TYR CB 11 0.12 76.36 -2.61
N LYS CB 12 -0.89 77.17 -2.35
CA LYS CB 12 -1.39 77.38 -1.00
C LYS CB 12 -2.37 76.28 -0.64
N ILE CB 13 -1.92 75.35 0.20
CA ILE CB 13 -2.78 74.25 0.63
C ILE CB 13 -3.60 74.69 1.83
N TYR CB 14 -4.91 74.57 1.71
CA TYR CB 14 -5.86 74.87 2.76
C TYR CB 14 -6.13 73.62 3.59
N PRO CB 15 -6.49 73.78 4.89
CA PRO CB 15 -6.65 72.60 5.76
C PRO CB 15 -7.77 71.65 5.39
N GLY CB 16 -8.71 72.08 4.55
CA GLY CB 16 -9.72 71.15 4.07
C GLY CB 16 -9.19 70.18 3.03
N HIS CB 17 -8.07 70.50 2.41
CA HIS CB 17 -7.53 69.71 1.31
C HIS CB 17 -6.17 69.13 1.66
N GLY CB 18 -5.56 68.48 0.68
CA GLY CB 18 -4.19 68.03 0.76
C GLY CB 18 -4.06 66.59 1.20
N ARG CB 19 -2.89 66.02 0.88
CA ARG CB 19 -2.52 64.69 1.33
C ARG CB 19 -1.06 64.76 1.77
N ARG CB 20 -0.84 64.69 3.08
CA ARG CB 20 0.49 64.87 3.65
C ARG CB 20 1.23 63.53 3.68
N TYR CB 21 2.52 63.57 3.37
CA TYR CB 21 3.31 62.35 3.20
C TYR CB 21 4.61 62.47 3.95
N ALA CB 22 4.88 61.50 4.83
CA ALA CB 22 6.09 61.50 5.65
C ALA CB 22 6.93 60.27 5.30
N ARG CB 23 8.21 60.49 5.01
CA ARG CB 23 9.09 59.39 4.63
C ARG CB 23 9.68 58.73 5.87
N THR CB 24 10.58 57.77 5.62
CA THR CB 24 11.21 57.04 6.71
C THR CB 24 12.33 57.84 7.37
N ASP CB 25 12.92 58.78 6.64
CA ASP CB 25 14.01 59.56 7.22
C ASP CB 25 13.50 60.83 7.89
N GLY CB 26 12.30 61.26 7.56
CA GLY CB 26 11.76 62.50 8.02
C GLY CB 26 11.32 63.34 6.83
N LYS CB 27 11.43 64.67 6.98
CA LYS CB 27 11.16 65.66 5.93
C LYS CB 27 9.73 65.51 5.40
N VAL CB 28 8.79 65.83 6.29
CA VAL CB 28 7.38 65.64 6.01
C VAL CB 28 6.92 66.62 4.95
N PHE CB 29 6.45 66.10 3.80
CA PHE CB 29 6.04 66.92 2.68
C PHE CB 29 4.53 67.07 2.66
N GLN CB 30 4.05 68.18 2.13
CA GLN CB 30 2.63 68.40 1.89
C GLN CB 30 2.37 68.40 0.38
N PHE CB 31 1.25 67.84 -0.02
CA PHE CB 31 0.88 67.74 -1.42
C PHE CB 31 -0.55 68.19 -1.63
N LEU CB 32 -0.78 68.97 -2.68
CA LEU CB 32 -2.10 69.48 -2.96
C LEU CB 32 -3.02 68.40 -3.55
N ASN CB 33 -2.49 67.58 -4.46
CA ASN CB 33 -3.34 66.61 -5.15
C ASN CB 33 -2.50 65.42 -5.60
N ALA CB 34 -3.20 64.46 -6.23
CA ALA CB 34 -2.56 63.24 -6.68
C ALA CB 34 -1.68 63.47 -7.90
N LYS CB 35 -1.85 64.58 -8.61
CA LYS CB 35 -0.93 64.96 -9.67
C LYS CB 35 0.46 65.23 -9.11
N CYS CB 36 0.54 66.08 -8.07
CA CYS CB 36 1.81 66.34 -7.41
C CYS CB 36 2.32 65.12 -6.67
N GLU CB 37 1.41 64.30 -6.13
CA GLU CB 37 1.80 63.05 -5.48
C GLU CB 37 2.46 62.09 -6.45
N SER CB 38 1.86 61.88 -7.63
CA SER CB 38 2.43 60.98 -8.63
C SER CB 38 3.71 61.55 -9.22
N ALA CB 39 3.80 62.88 -9.35
CA ALA CB 39 5.04 63.49 -9.83
C ALA CB 39 6.18 63.32 -8.83
N PHE CB 40 5.91 63.45 -7.54
CA PHE CB 40 6.97 63.26 -6.56
C PHE CB 40 7.34 61.78 -6.41
N LEU CB 41 6.36 60.89 -6.52
CA LEU CB 41 6.66 59.46 -6.42
C LEU CB 41 7.36 58.94 -7.67
N SER CB 42 7.17 59.60 -8.81
CA SER CB 42 7.96 59.29 -9.99
C SER CB 42 9.22 60.14 -10.08
N LYS CB 43 9.45 61.03 -9.11
CA LYS CB 43 10.68 61.79 -8.90
C LYS CB 43 11.00 62.72 -10.07
N ARG CB 44 10.07 63.61 -10.39
CA ARG CB 44 10.27 64.61 -11.44
C ARG CB 44 10.79 65.89 -10.82
N ASN CB 45 11.60 66.61 -11.59
CA ASN CB 45 12.19 67.87 -11.13
C ASN CB 45 11.13 68.97 -11.19
N PRO CB 46 10.86 69.67 -10.09
CA PRO CB 46 9.89 70.79 -10.15
C PRO CB 46 10.36 71.97 -10.97
N ARG CB 47 11.67 72.13 -11.17
CA ARG CB 47 12.19 73.26 -11.94
C ARG CB 47 12.05 73.05 -13.44
N GLN CB 48 11.74 71.83 -13.88
CA GLN CB 48 11.60 71.54 -15.31
C GLN CB 48 10.15 71.55 -15.76
N ILE CB 49 9.22 71.15 -14.90
CA ILE CB 49 7.81 71.13 -15.26
C ILE CB 49 7.26 72.55 -15.20
N ASN CB 50 6.48 72.92 -16.23
CA ASN CB 50 6.24 74.33 -16.53
C ASN CB 50 5.26 74.98 -15.56
N TRP CB 51 4.22 74.26 -15.15
CA TRP CB 51 3.12 74.91 -14.44
C TRP CB 51 3.41 75.14 -12.96
N THR CB 52 4.57 74.71 -12.46
CA THR CB 52 4.87 74.87 -11.04
C THR CB 52 5.27 76.32 -10.74
N VAL CB 53 5.50 76.58 -9.46
CA VAL CB 53 5.93 77.91 -9.02
C VAL CB 53 7.45 78.03 -9.09
N LEU CB 54 8.16 76.92 -8.89
CA LEU CB 54 9.61 76.95 -8.96
C LEU CB 54 10.11 77.19 -10.38
N TYR CB 55 9.35 76.76 -11.39
CA TYR CB 55 9.69 77.06 -12.77
C TYR CB 55 9.59 78.57 -13.04
N ARG CB 56 8.58 79.22 -12.46
CA ARG CB 56 8.43 80.65 -12.61
C ARG CB 56 9.51 81.41 -11.86
N ARG CB 57 9.87 80.93 -10.66
CA ARG CB 57 10.94 81.58 -9.90
C ARG CB 57 12.30 81.36 -10.56
N LYS CB 58 12.46 80.28 -11.31
CA LYS CB 58 13.72 80.03 -12.00
C LYS CB 58 13.82 80.85 -13.29
N HIS CB 59 12.76 80.87 -14.09
CA HIS CB 59 12.81 81.49 -15.40
C HIS CB 59 12.26 82.91 -15.44
N LYS CB 60 11.92 83.50 -14.27
CA LYS CB 60 11.59 84.92 -14.12
C LYS CB 60 10.36 85.32 -14.96
N LYS CB 61 9.26 84.60 -14.76
CA LYS CB 61 8.01 84.91 -15.44
C LYS CB 61 7.11 85.73 -14.53
N GLY CB 62 6.18 86.47 -15.15
CA GLY CB 62 5.25 87.29 -14.41
C GLY CB 62 5.83 88.62 -13.96
N GLN CB 63 5.58 88.97 -12.71
CA GLN CB 63 6.09 90.18 -12.04
C GLN CB 63 5.74 91.48 -12.77
N GLN CB 79 31.31 116.09 8.83
CA GLN CB 79 32.13 115.25 9.70
C GLN CB 79 31.56 115.17 11.12
N ARG CB 80 32.24 114.43 11.98
CA ARG CB 80 31.82 114.22 13.35
C ARG CB 80 33.00 114.43 14.29
N ALA CB 81 32.71 115.01 15.46
CA ALA CB 81 33.75 115.38 16.41
C ALA CB 81 34.42 114.13 17.01
N ILE CB 82 35.63 114.34 17.55
CA ILE CB 82 36.45 113.27 18.12
C ILE CB 82 36.52 113.52 19.61
N THR CB 83 36.72 112.45 20.40
CA THR CB 83 36.92 112.60 21.84
C THR CB 83 38.23 113.32 22.11
N GLY CB 84 38.13 114.57 22.54
CA GLY CB 84 39.29 115.43 22.69
C GLY CB 84 39.53 116.39 21.56
N ALA CB 85 38.63 116.44 20.58
CA ALA CB 85 38.73 117.38 19.47
C ALA CB 85 37.31 117.72 19.04
N SER CB 86 36.79 118.85 19.51
CA SER CB 86 35.41 119.22 19.28
C SER CB 86 35.19 119.62 17.81
N LEU CB 87 33.91 119.63 17.43
CA LEU CB 87 33.54 119.89 16.04
C LEU CB 87 33.85 121.34 15.64
N ALA CB 88 33.72 122.27 16.58
CA ALA CB 88 34.10 123.65 16.32
C ALA CB 88 35.60 123.79 16.10
N ASP CB 89 36.40 123.03 16.87
CA ASP CB 89 37.85 123.04 16.69
C ASP CB 89 38.26 122.41 15.36
N ILE CB 90 37.58 121.32 14.97
CA ILE CB 90 37.88 120.66 13.70
C ILE CB 90 37.51 121.56 12.52
N MET CB 91 36.34 122.20 12.59
CA MET CB 91 35.95 123.11 11.51
C MET CB 91 36.80 124.37 11.48
N ALA CB 92 37.30 124.82 12.65
CA ALA CB 92 38.19 125.98 12.67
C ALA CB 92 39.54 125.64 12.06
N LYS CB 93 40.08 124.45 12.37
CA LYS CB 93 41.34 124.03 11.76
C LYS CB 93 41.17 123.73 10.27
N ARG CB 94 39.96 123.35 9.85
CA ARG CB 94 39.72 123.13 8.43
C ARG CB 94 39.60 124.45 7.68
N ASN CB 95 38.85 125.41 8.24
CA ASN CB 95 38.62 126.70 7.62
C ASN CB 95 39.66 127.73 8.02
N GLN CB 96 40.78 127.31 8.59
CA GLN CB 96 41.91 128.19 8.87
C GLN CB 96 42.47 128.77 7.58
N LYS CB 97 42.85 130.05 7.63
CA LYS CB 97 43.31 130.75 6.45
C LYS CB 97 44.68 130.23 6.00
N PRO CB 98 44.88 130.10 4.69
CA PRO CB 98 46.16 129.55 4.20
C PRO CB 98 47.34 130.48 4.38
N GLU CB 99 47.12 131.80 4.40
CA GLU CB 99 48.20 132.72 4.73
C GLU CB 99 48.62 132.60 6.19
N VAL CB 100 47.66 132.35 7.08
CA VAL CB 100 47.97 132.08 8.48
C VAL CB 100 48.71 130.77 8.62
N ARG CB 101 48.31 129.75 7.85
CA ARG CB 101 49.04 128.48 7.81
C ARG CB 101 50.48 128.67 7.35
N LYS CB 102 50.68 129.48 6.30
CA LYS CB 102 52.02 129.71 5.78
C LYS CB 102 52.87 130.53 6.75
N ALA CB 103 52.25 131.47 7.48
CA ALA CB 103 53.00 132.23 8.48
C ALA CB 103 53.43 131.34 9.65
N GLN CB 104 52.54 130.45 10.10
CA GLN CB 104 52.92 129.52 11.16
C GLN CB 104 53.97 128.51 10.69
N ARG CB 105 53.90 128.09 9.43
CA ARG CB 105 54.92 127.21 8.87
C ARG CB 105 56.27 127.91 8.77
N GLU CB 106 56.29 129.20 8.39
CA GLU CB 106 57.55 129.91 8.30
C GLU CB 106 58.14 130.17 9.68
N GLN CB 107 57.28 130.41 10.68
CA GLN CB 107 57.76 130.54 12.06
C GLN CB 107 58.34 129.21 12.56
N ALA CB 108 57.71 128.08 12.20
CA ALA CB 108 58.23 126.78 12.61
C ALA CB 108 59.54 126.45 11.90
N ILE CB 109 59.67 126.83 10.63
CA ILE CB 109 60.90 126.58 9.88
C ILE CB 109 62.04 127.45 10.41
N ARG CB 110 61.75 128.71 10.75
CA ARG CB 110 62.78 129.57 11.32
C ARG CB 110 63.20 129.10 12.71
N ALA CB 111 62.25 128.59 13.50
CA ALA CB 111 62.60 128.03 14.81
C ALA CB 111 63.43 126.76 14.67
N ALA CB 112 63.11 125.92 13.67
CA ALA CB 112 63.90 124.71 13.44
C ALA CB 112 65.29 125.02 12.94
N LYS CB 113 65.43 126.05 12.10
CA LYS CB 113 66.75 126.45 11.63
C LYS CB 113 67.58 127.08 12.75
N GLU CB 114 66.93 127.84 13.64
CA GLU CB 114 67.64 128.39 14.80
C GLU CB 114 68.08 127.29 15.75
N ALA CB 115 67.24 126.27 15.94
CA ALA CB 115 67.63 125.14 16.78
C ALA CB 115 68.75 124.33 16.14
N LYS CB 116 68.74 124.22 14.80
CA LYS CB 116 69.81 123.51 14.10
C LYS CB 116 71.14 124.26 14.19
N LYS CB 117 71.11 125.59 14.07
CA LYS CB 117 72.33 126.37 14.23
C LYS CB 117 72.80 126.38 15.68
N ALA CB 118 71.87 126.25 16.64
CA ALA CB 118 72.28 126.12 18.04
C ALA CB 118 72.91 124.75 18.32
N LYS CB 119 72.43 123.71 17.63
CA LYS CB 119 73.05 122.39 17.77
C LYS CB 119 74.42 122.35 17.10
N GLN CB 120 74.57 123.07 15.99
CA GLN CB 120 75.88 123.11 15.32
C GLN CB 120 76.88 123.93 16.12
N ALA CB 121 76.48 125.11 16.59
CA ALA CB 121 77.36 125.96 17.38
C ALA CB 121 77.50 125.44 18.80
N PHE DB 1 -5.03 -48.31 86.93
CA PHE DB 1 -6.17 -48.56 87.79
C PHE DB 1 -5.75 -49.29 89.08
N ARG DB 2 -5.20 -50.48 88.91
CA ARG DB 2 -4.78 -51.30 90.04
C ARG DB 2 -3.45 -50.77 90.57
N LYS DB 3 -2.96 -51.37 91.66
CA LYS DB 3 -1.68 -50.96 92.22
C LYS DB 3 -0.53 -51.42 91.34
N PHE DB 4 0.41 -50.51 91.11
CA PHE DB 4 1.65 -50.83 90.42
C PHE DB 4 2.46 -51.85 91.23
N THR DB 5 3.10 -52.78 90.51
CA THR DB 5 3.86 -53.85 91.15
C THR DB 5 5.28 -53.85 90.63
N TYR DB 6 6.18 -53.19 91.36
CA TYR DB 6 7.61 -53.37 91.15
C TYR DB 6 7.92 -54.75 91.74
N ARG DB 7 8.99 -55.39 91.24
CA ARG DB 7 9.08 -56.83 90.85
C ARG DB 7 8.17 -57.70 91.69
N GLY DB 8 8.24 -57.63 93.03
CA GLY DB 8 7.23 -58.26 93.86
C GLY DB 8 6.79 -57.45 95.05
N VAL DB 9 7.18 -56.18 95.10
CA VAL DB 9 7.14 -55.38 96.32
C VAL DB 9 6.18 -54.20 96.11
N ASP DB 10 5.36 -53.91 97.12
CA ASP DB 10 4.50 -52.73 97.09
C ASP DB 10 5.32 -51.50 97.49
N LEU DB 11 4.69 -50.32 97.39
CA LEU DB 11 5.40 -49.06 97.56
C LEU DB 11 5.85 -48.84 99.00
N ASP DB 12 4.99 -49.17 99.96
CA ASP DB 12 5.35 -49.00 101.38
C ASP DB 12 6.47 -49.96 101.77
N GLN DB 13 6.47 -51.17 101.20
CA GLN DB 13 7.54 -52.11 101.51
C GLN DB 13 8.82 -51.76 100.75
N LEU DB 14 8.71 -51.05 99.62
CA LEU DB 14 9.88 -50.47 98.98
C LEU DB 14 10.48 -49.36 99.83
N LEU DB 15 9.63 -48.53 100.44
CA LEU DB 15 10.13 -47.47 101.31
C LEU DB 15 10.75 -48.04 102.57
N ASP DB 16 10.15 -49.10 103.12
CA ASP DB 16 10.72 -49.81 104.27
C ASP DB 16 11.48 -51.04 103.78
N MET DB 17 12.61 -50.80 103.14
CA MET DB 17 13.45 -51.86 102.61
C MET DB 17 14.92 -51.54 102.88
N SER DB 18 15.66 -52.55 103.33
CA SER DB 18 17.09 -52.42 103.54
C SER DB 18 17.82 -52.32 102.20
N TYR DB 19 19.05 -51.78 102.28
CA TYR DB 19 19.84 -51.53 101.06
C TYR DB 19 20.32 -52.83 100.43
N GLU DB 20 20.62 -53.84 101.25
CA GLU DB 20 21.05 -55.13 100.69
C GLU DB 20 19.90 -55.83 99.98
N GLN DB 21 18.69 -55.74 100.54
CA GLN DB 21 17.51 -56.26 99.87
C GLN DB 21 17.21 -55.47 98.58
N LEU DB 22 17.54 -54.19 98.58
CA LEU DB 22 17.35 -53.35 97.39
C LEU DB 22 18.30 -53.75 96.27
N MET DB 23 19.57 -54.00 96.63
CA MET DB 23 20.58 -54.50 95.71
C MET DB 23 20.20 -55.87 95.15
N GLN DB 24 19.67 -56.74 96.02
CA GLN DB 24 19.21 -58.05 95.56
C GLN DB 24 17.93 -57.94 94.75
N LEU DB 25 17.18 -56.85 94.91
CA LEU DB 25 15.95 -56.67 94.15
C LEU DB 25 16.27 -56.31 92.70
N TYR DB 26 16.86 -55.15 92.47
CA TYR DB 26 16.98 -54.72 91.08
C TYR DB 26 18.42 -54.79 90.55
N SER DB 27 18.61 -54.24 89.34
CA SER DB 27 19.50 -54.76 88.31
C SER DB 27 20.98 -54.68 88.66
N ALA DB 28 21.80 -55.24 87.75
CA ALA DB 28 23.18 -55.59 88.05
C ALA DB 28 24.09 -54.37 88.09
N ARG DB 29 23.98 -53.49 87.08
CA ARG DB 29 24.73 -52.24 87.08
C ARG DB 29 24.35 -51.38 88.28
N GLN DB 30 23.06 -51.35 88.60
CA GLN DB 30 22.59 -50.53 89.71
C GLN DB 30 23.02 -51.12 91.04
N ARG DB 31 22.99 -52.45 91.17
CA ARG DB 31 23.40 -53.05 92.45
C ARG DB 31 24.93 -52.99 92.61
N ARG DB 32 25.67 -52.95 91.50
CA ARG DB 32 27.12 -52.76 91.61
C ARG DB 32 27.44 -51.34 92.02
N ARG DB 33 26.68 -50.37 91.49
CA ARG DB 33 26.82 -48.98 91.90
C ARG DB 33 26.48 -48.79 93.38
N LEU DB 34 25.42 -49.47 93.85
CA LEU DB 34 25.05 -49.39 95.26
C LEU DB 34 26.06 -50.11 96.15
N SER DB 35 26.61 -51.23 95.69
CA SER DB 35 27.58 -51.97 96.49
C SER DB 35 28.90 -51.23 96.58
N ARG DB 36 29.25 -50.46 95.55
CA ARG DB 36 30.42 -49.59 95.68
C ARG DB 36 30.09 -48.39 96.56
N GLY DB 37 28.88 -47.89 96.49
CA GLY DB 37 28.47 -47.00 97.55
C GLY DB 37 28.10 -45.60 97.05
N LEU DB 38 27.42 -44.85 97.92
CA LEU DB 38 26.98 -43.50 97.59
C LEU DB 38 28.01 -42.50 98.10
N ARG DB 39 28.20 -41.41 97.35
CA ARG DB 39 29.14 -40.38 97.78
C ARG DB 39 28.40 -39.27 98.53
N ARG DB 40 29.18 -38.44 99.23
CA ARG DB 40 28.62 -37.45 100.16
C ARG DB 40 27.88 -36.34 99.43
N LYS DB 41 28.24 -36.09 98.16
CA LYS DB 41 27.54 -35.10 97.35
C LYS DB 41 26.15 -35.59 96.99
N GLN DB 42 25.96 -36.91 97.01
CA GLN DB 42 24.63 -37.47 96.77
C GLN DB 42 23.89 -37.73 98.08
N HIS DB 43 24.63 -37.94 99.18
CA HIS DB 43 23.99 -37.97 100.49
C HIS DB 43 23.42 -36.60 100.86
N SER DB 44 24.10 -35.53 100.47
CA SER DB 44 23.54 -34.19 100.63
C SER DB 44 22.28 -34.00 99.77
N LEU DB 45 22.24 -34.65 98.61
CA LEU DB 45 21.03 -34.62 97.78
C LEU DB 45 19.88 -35.33 98.47
N LEU DB 46 20.14 -36.48 99.09
CA LEU DB 46 19.10 -37.18 99.86
C LEU DB 46 18.63 -36.35 101.05
N LYS DB 47 19.56 -35.64 101.71
CA LYS DB 47 19.16 -34.76 102.82
C LYS DB 47 18.31 -33.60 102.33
N ARG DB 48 18.65 -33.04 101.16
CA ARG DB 48 17.85 -31.95 100.60
C ARG DB 48 16.47 -32.44 100.16
N LEU DB 49 16.39 -33.67 99.66
CA LEU DB 49 15.10 -34.25 99.29
C LEU DB 49 14.24 -34.50 100.51
N ARG DB 50 14.85 -34.97 101.61
CA ARG DB 50 14.11 -35.15 102.85
C ARG DB 50 13.63 -33.82 103.42
N LYS DB 51 14.47 -32.78 103.32
CA LYS DB 51 14.07 -31.45 103.79
C LYS DB 51 12.93 -30.88 102.94
N ALA DB 52 12.98 -31.10 101.63
CA ALA DB 52 11.90 -30.63 100.76
C ALA DB 52 10.61 -31.41 101.01
N LYS DB 53 10.72 -32.71 101.29
CA LYS DB 53 9.53 -33.51 101.58
C LYS DB 53 8.91 -33.12 102.92
N LYS DB 54 9.73 -32.72 103.90
CA LYS DB 54 9.19 -32.26 105.17
C LYS DB 54 8.61 -30.85 105.06
N GLU DB 55 9.20 -30.01 104.19
CA GLU DB 55 8.66 -28.67 104.01
C GLU DB 55 7.43 -28.65 103.11
N ALA DB 56 7.20 -29.73 102.36
CA ALA DB 56 6.07 -29.78 101.46
C ALA DB 56 4.76 -29.91 102.22
N PRO DB 57 3.72 -29.16 101.86
CA PRO DB 57 2.39 -29.39 102.41
C PRO DB 57 1.81 -30.69 101.89
N PRO DB 58 0.79 -31.25 102.58
CA PRO DB 58 0.20 -32.51 102.09
C PRO DB 58 -0.57 -32.36 100.78
N MET DB 59 -1.45 -31.37 100.67
CA MET DB 59 -2.24 -31.17 99.44
C MET DB 59 -1.56 -30.21 98.48
N GLU DB 60 -0.27 -30.47 98.20
CA GLU DB 60 0.51 -29.67 97.27
C GLU DB 60 1.74 -30.47 96.88
N LYS DB 61 2.14 -30.34 95.62
CA LYS DB 61 3.37 -30.95 95.15
C LYS DB 61 4.57 -30.29 95.81
N PRO DB 62 5.65 -31.04 96.08
CA PRO DB 62 6.78 -30.47 96.80
C PRO DB 62 7.58 -29.48 95.95
N GLU DB 63 8.47 -28.77 96.63
CA GLU DB 63 9.23 -27.71 95.99
C GLU DB 63 10.29 -28.29 95.06
N VAL DB 64 10.80 -27.42 94.20
CA VAL DB 64 11.73 -27.84 93.16
C VAL DB 64 13.16 -27.81 93.70
N VAL DB 65 13.85 -28.93 93.59
CA VAL DB 65 15.26 -29.01 93.98
C VAL DB 65 16.10 -29.08 92.71
N LYS DB 66 17.14 -28.26 92.63
CA LYS DB 66 17.89 -28.11 91.40
C LYS DB 66 19.18 -28.91 91.45
N THR DB 67 19.38 -29.76 90.44
CA THR DB 67 20.49 -30.71 90.45
C THR DB 67 21.25 -30.62 89.14
N HIS DB 68 22.58 -30.59 89.24
CA HIS DB 68 23.42 -30.96 88.10
C HIS DB 68 23.82 -32.42 88.16
N LEU DB 69 23.30 -33.17 89.12
CA LEU DB 69 23.57 -34.60 89.27
C LEU DB 69 22.65 -35.38 88.33
N ARG DB 70 23.20 -35.74 87.17
CA ARG DB 70 22.47 -36.56 86.22
C ARG DB 70 22.56 -38.03 86.60
N ASP DB 71 23.75 -38.48 86.99
CA ASP DB 71 24.00 -39.87 87.37
C ASP DB 71 23.57 -40.09 88.83
N MET DB 72 22.28 -40.35 89.00
CA MET DB 72 21.72 -40.60 90.33
C MET DB 72 20.60 -41.61 90.20
N ILE DB 73 20.61 -42.62 91.06
CA ILE DB 73 19.60 -43.69 91.02
C ILE DB 73 18.31 -43.14 91.62
N ILE DB 74 17.19 -43.34 90.91
CA ILE DB 74 15.90 -42.91 91.42
C ILE DB 74 15.40 -43.96 92.40
N LEU DB 75 15.61 -43.69 93.68
CA LEU DB 75 15.25 -44.61 94.74
C LEU DB 75 13.76 -44.51 95.06
N PRO DB 76 13.17 -45.56 95.64
CA PRO DB 76 11.80 -45.43 96.15
C PRO DB 76 11.69 -44.47 97.33
N GLU DB 77 12.80 -44.23 98.05
CA GLU DB 77 12.84 -43.12 98.99
C GLU DB 77 12.86 -41.79 98.24
N MET DB 78 13.43 -41.77 97.05
CA MET DB 78 13.53 -40.54 96.26
C MET DB 78 12.21 -40.19 95.58
N VAL DB 79 11.37 -41.20 95.30
CA VAL DB 79 10.11 -41.01 94.57
C VAL DB 79 9.17 -40.08 95.32
N GLY DB 80 8.64 -39.09 94.59
CA GLY DB 80 7.77 -38.08 95.16
C GLY DB 80 8.47 -36.75 95.40
N SER DB 81 9.15 -36.23 94.39
CA SER DB 81 9.79 -34.93 94.50
C SER DB 81 9.83 -34.27 93.12
N MET DB 82 10.05 -32.96 93.09
CA MET DB 82 10.17 -32.22 91.85
C MET DB 82 11.63 -31.82 91.66
N VAL DB 83 12.26 -32.30 90.59
CA VAL DB 83 13.70 -32.14 90.41
C VAL DB 83 13.97 -31.40 89.10
N GLY DB 84 14.82 -30.37 89.16
CA GLY DB 84 15.28 -29.69 87.98
C GLY DB 84 16.63 -30.19 87.55
N VAL DB 85 16.64 -31.06 86.54
CA VAL DB 85 17.86 -31.75 86.13
C VAL DB 85 18.58 -30.90 85.09
N TYR DB 86 19.89 -30.80 85.22
CA TYR DB 86 20.70 -29.95 84.35
C TYR DB 86 21.19 -30.73 83.13
N ASN DB 87 21.14 -30.08 81.97
CA ASN DB 87 21.65 -30.63 80.72
C ASN DB 87 22.87 -29.90 80.19
N GLY DB 88 23.03 -28.63 80.55
CA GLY DB 88 24.06 -27.80 79.97
C GLY DB 88 23.63 -26.36 79.81
N LYS DB 89 22.33 -26.13 79.69
CA LYS DB 89 21.82 -24.76 79.66
C LYS DB 89 20.83 -24.48 80.79
N THR DB 90 19.79 -25.32 80.91
CA THR DB 90 18.63 -25.01 81.74
C THR DB 90 18.43 -26.07 82.81
N PHE DB 91 17.30 -25.96 83.50
CA PHE DB 91 16.89 -26.85 84.58
C PHE DB 91 15.56 -27.49 84.15
N ASN DB 92 15.63 -28.69 83.57
CA ASN DB 92 14.44 -29.34 83.08
C ASN DB 92 13.62 -29.92 84.23
N GLN DB 93 12.33 -29.58 84.27
CA GLN DB 93 11.45 -29.99 85.35
C GLN DB 93 11.06 -31.45 85.17
N VAL DB 94 11.25 -32.25 86.22
CA VAL DB 94 10.95 -33.68 86.19
C VAL DB 94 10.17 -33.99 87.46
N GLU DB 95 8.94 -34.48 87.29
CA GLU DB 95 8.21 -35.17 88.34
C GLU DB 95 8.51 -36.66 88.24
N ILE DB 96 8.53 -37.34 89.38
CA ILE DB 96 8.92 -38.75 89.42
C ILE DB 96 7.79 -39.56 90.04
N LYS DB 97 6.96 -40.16 89.17
CA LYS DB 97 6.00 -41.20 89.49
C LYS DB 97 6.74 -42.47 89.89
N PRO DB 98 6.10 -43.41 90.62
CA PRO DB 98 6.84 -44.59 91.10
C PRO DB 98 7.28 -45.59 90.03
N GLU DB 99 7.07 -45.32 88.73
CA GLU DB 99 7.65 -46.17 87.70
C GLU DB 99 9.08 -45.76 87.36
N MET DB 100 9.62 -44.72 88.00
CA MET DB 100 10.96 -44.24 87.66
C MET DB 100 12.07 -45.06 88.31
N ILE DB 101 11.72 -46.09 89.08
CA ILE DB 101 12.71 -46.81 89.87
C ILE DB 101 13.54 -47.70 88.97
N GLY DB 102 14.87 -47.56 89.07
CA GLY DB 102 15.77 -48.31 88.23
C GLY DB 102 16.27 -47.53 87.04
N HIS DB 103 16.38 -46.21 87.17
CA HIS DB 103 16.81 -45.35 86.09
C HIS DB 103 17.64 -44.21 86.66
N TYR DB 104 18.28 -43.46 85.77
CA TYR DB 104 19.06 -42.29 86.16
C TYR DB 104 18.26 -41.02 85.92
N LEU DB 105 18.64 -39.96 86.63
CA LEU DB 105 18.02 -38.65 86.41
C LEU DB 105 18.47 -38.04 85.09
N GLY DB 106 19.60 -38.50 84.53
CA GLY DB 106 20.07 -37.98 83.27
C GLY DB 106 19.26 -38.46 82.08
N GLU DB 107 18.45 -39.51 82.27
CA GLU DB 107 17.63 -40.00 81.18
C GLU DB 107 16.46 -39.06 80.89
N PHE DB 108 15.89 -38.47 81.93
CA PHE DB 108 14.62 -37.77 81.82
C PHE DB 108 14.79 -36.28 81.54
N SER DB 109 15.98 -35.85 81.17
CA SER DB 109 16.23 -34.51 80.65
C SER DB 109 17.12 -34.66 79.43
N ILE DB 110 16.58 -34.37 78.25
CA ILE DB 110 17.33 -34.48 77.01
C ILE DB 110 18.28 -33.30 76.90
N THR DB 111 19.53 -33.58 76.50
CA THR DB 111 20.54 -32.54 76.43
C THR DB 111 20.49 -31.81 75.09
N TYR DB 112 20.57 -32.57 74.00
CA TYR DB 112 20.50 -31.97 72.68
C TYR DB 112 19.05 -31.71 72.29
N LYS DB 113 18.84 -30.62 71.56
CA LYS DB 113 17.54 -30.35 70.98
C LYS DB 113 17.35 -31.24 69.76
N PRO DB 114 16.17 -31.87 69.61
CA PRO DB 114 15.94 -32.74 68.44
C PRO DB 114 15.94 -31.96 67.14
N VAL DB 115 16.65 -32.49 66.15
CA VAL DB 115 16.95 -31.75 64.93
C VAL DB 115 15.77 -31.80 63.98
N LYS DB 116 15.58 -30.69 63.26
CA LYS DB 116 14.63 -30.60 62.16
C LYS DB 116 15.36 -29.94 61.00
N HIS DB 117 15.56 -30.70 59.91
CA HIS DB 117 16.44 -30.26 58.84
C HIS DB 117 15.80 -29.16 58.00
N GLY DB 118 14.61 -29.42 57.46
CA GLY DB 118 13.95 -28.43 56.63
C GLY DB 118 13.08 -27.47 57.41
N ARG DB 119 13.63 -26.30 57.74
CA ARG DB 119 12.88 -25.25 58.40
C ARG DB 119 12.01 -24.45 57.42
N PRO DB 120 12.51 -24.02 56.23
CA PRO DB 120 11.48 -23.42 55.37
C PRO DB 120 10.69 -24.46 54.60
N LYS EB 1 13.37 -37.82 -87.88
CA LYS EB 1 13.48 -36.41 -87.54
C LYS EB 1 13.95 -36.27 -86.09
N ILE EB 2 15.03 -35.49 -85.90
CA ILE EB 2 15.58 -35.32 -84.57
C ILE EB 2 14.84 -34.21 -83.82
N ARG EB 3 14.77 -34.35 -82.50
CA ARG EB 3 14.13 -33.36 -81.64
C ARG EB 3 15.16 -32.31 -81.26
N THR EB 4 15.01 -31.10 -81.78
CA THR EB 4 15.96 -30.03 -81.51
C THR EB 4 15.75 -29.48 -80.09
N SER EB 5 14.57 -28.95 -79.82
CA SER EB 5 14.21 -28.40 -78.53
C SER EB 5 13.63 -29.49 -77.63
N PRO EB 6 13.92 -29.45 -76.33
CA PRO EB 6 13.36 -30.46 -75.42
C PRO EB 6 11.86 -30.29 -75.18
N THR EB 7 11.31 -29.09 -75.38
CA THR EB 7 9.88 -28.90 -75.24
C THR EB 7 9.15 -29.44 -76.47
N PHE EB 8 7.95 -29.97 -76.22
CA PHE EB 8 7.09 -30.50 -77.29
C PHE EB 8 5.83 -29.64 -77.32
N ARG EB 9 5.83 -28.62 -78.18
CA ARG EB 9 4.66 -27.77 -78.32
C ARG EB 9 3.61 -28.46 -79.21
N ARG EB 10 2.45 -27.82 -79.32
CA ARG EB 10 1.38 -28.36 -80.13
C ARG EB 10 1.72 -28.18 -81.61
N PRO EB 11 1.57 -29.22 -82.44
CA PRO EB 11 1.89 -29.07 -83.86
C PRO EB 11 0.86 -28.24 -84.59
N LYS EB 12 1.32 -27.51 -85.60
CA LYS EB 12 0.48 -26.59 -86.36
C LYS EB 12 -0.41 -27.40 -87.31
N THR EB 13 -1.60 -27.72 -86.83
CA THR EB 13 -2.56 -28.47 -87.62
C THR EB 13 -3.26 -27.56 -88.63
N LEU EB 14 -4.00 -28.19 -89.54
CA LEU EB 14 -4.72 -27.45 -90.56
C LEU EB 14 -6.14 -27.19 -90.10
N ARG EB 15 -6.62 -25.96 -90.29
CA ARG EB 15 -7.99 -25.59 -90.03
C ARG EB 15 -8.55 -24.85 -91.24
N LEU EB 16 -9.86 -24.96 -91.44
CA LEU EB 16 -10.49 -24.39 -92.61
C LEU EB 16 -11.28 -23.14 -92.24
N ARG EB 17 -11.68 -22.40 -93.27
CA ARG EB 17 -12.44 -21.18 -93.10
C ARG EB 17 -13.93 -21.48 -93.07
N ARG EB 18 -14.72 -20.44 -92.80
CA ARG EB 18 -16.17 -20.55 -92.86
C ARG EB 18 -16.63 -20.66 -94.31
N GLN EB 19 -17.13 -21.85 -94.68
CA GLN EB 19 -17.83 -22.06 -95.94
C GLN EB 19 -19.23 -22.60 -95.61
N PRO EB 20 -20.15 -21.72 -95.19
CA PRO EB 20 -21.45 -22.20 -94.72
C PRO EB 20 -22.35 -22.59 -95.89
N LYS EB 21 -23.27 -23.51 -95.61
CA LYS EB 21 -24.22 -23.94 -96.63
C LYS EB 21 -25.36 -22.93 -96.77
N TYR EB 22 -25.70 -22.23 -95.70
CA TYR EB 22 -26.74 -21.22 -95.72
C TYR EB 22 -26.38 -20.14 -94.70
N PRO EB 23 -26.66 -18.86 -95.00
CA PRO EB 23 -26.32 -17.80 -94.05
C PRO EB 23 -27.22 -17.84 -92.83
N ARG EB 24 -26.74 -17.18 -91.77
CA ARG EB 24 -27.46 -17.17 -90.50
C ARG EB 24 -28.77 -16.39 -90.62
N LYS EB 25 -28.69 -15.16 -91.12
CA LYS EB 25 -29.87 -14.35 -91.39
C LYS EB 25 -30.17 -14.34 -92.88
N SER EB 26 -31.44 -14.09 -93.20
CA SER EB 26 -31.89 -14.16 -94.58
C SER EB 26 -31.44 -12.94 -95.38
N ALA EB 27 -31.71 -11.76 -94.86
CA ALA EB 27 -31.40 -10.51 -95.53
C ALA EB 27 -30.41 -9.72 -94.68
N PRO EB 28 -29.45 -9.05 -95.31
CA PRO EB 28 -28.59 -8.14 -94.54
C PRO EB 28 -29.37 -6.92 -94.10
N ARG EB 29 -29.07 -6.45 -92.90
CA ARG EB 29 -29.80 -5.32 -92.31
C ARG EB 29 -29.46 -4.04 -93.06
N ARG EB 30 -30.49 -3.27 -93.39
CA ARG EB 30 -30.30 -2.00 -94.08
C ARG EB 30 -29.69 -0.98 -93.13
N ASN EB 31 -29.06 0.04 -93.71
CA ASN EB 31 -28.39 1.09 -92.92
C ASN EB 31 -29.46 1.94 -92.27
N LYS EB 32 -29.68 1.72 -90.97
CA LYS EB 32 -30.66 2.52 -90.24
C LYS EB 32 -30.08 3.88 -89.85
N LEU EB 33 -28.76 4.03 -89.92
CA LEU EB 33 -28.12 5.33 -89.73
C LEU EB 33 -27.89 5.92 -91.11
N ASP EB 34 -28.99 6.35 -91.73
CA ASP EB 34 -28.96 6.99 -93.03
C ASP EB 34 -28.41 8.41 -92.92
N HIS EB 35 -28.13 9.01 -94.08
CA HIS EB 35 -27.71 10.40 -94.13
C HIS EB 35 -28.85 11.32 -93.71
N TYR EB 36 -30.08 10.98 -94.09
CA TYR EB 36 -31.23 11.77 -93.69
C TYR EB 36 -31.55 11.60 -92.20
N ALA EB 37 -31.24 10.42 -91.66
CA ALA EB 37 -31.52 10.16 -90.25
C ALA EB 37 -30.39 10.65 -89.35
N ILE EB 38 -29.20 10.88 -89.90
CA ILE EB 38 -28.07 11.26 -89.07
C ILE EB 38 -28.05 12.78 -88.86
N ILE EB 39 -28.78 13.52 -89.69
CA ILE EB 39 -28.89 14.96 -89.53
C ILE EB 39 -30.34 15.28 -89.19
N LYS EB 40 -30.58 15.75 -87.96
CA LYS EB 40 -31.94 16.05 -87.54
C LYS EB 40 -32.37 17.42 -88.04
N PHE EB 41 -31.71 18.48 -87.59
CA PHE EB 41 -32.08 19.85 -87.93
C PHE EB 41 -30.94 20.83 -87.67
N PRO EB 42 -30.87 21.93 -88.43
CA PRO EB 42 -29.96 23.02 -88.06
C PRO EB 42 -30.61 23.97 -87.07
N LEU EB 43 -29.78 24.59 -86.24
CA LEU EB 43 -30.28 25.49 -85.20
C LEU EB 43 -30.53 26.89 -85.74
N THR EB 44 -31.50 27.57 -85.14
CA THR EB 44 -31.81 28.95 -85.51
C THR EB 44 -31.52 29.89 -84.34
N THR EB 45 -30.48 29.57 -83.58
CA THR EB 45 -30.04 30.36 -82.45
C THR EB 45 -29.38 31.63 -82.95
N GLU EB 46 -29.53 32.73 -82.19
CA GLU EB 46 -28.82 33.96 -82.50
C GLU EB 46 -27.31 33.78 -82.45
N SER EB 47 -26.83 32.98 -81.48
CA SER EB 47 -25.40 32.69 -81.41
C SER EB 47 -24.95 31.81 -82.58
N ALA EB 48 -25.82 30.90 -83.02
CA ALA EB 48 -25.50 30.06 -84.17
C ALA EB 48 -25.46 30.88 -85.46
N MET EB 49 -26.38 31.83 -85.60
CA MET EB 49 -26.38 32.71 -86.77
C MET EB 49 -25.19 33.66 -86.75
N LYS EB 50 -24.77 34.11 -85.56
CA LYS EB 50 -23.55 34.91 -85.44
C LYS EB 50 -22.33 34.08 -85.82
N LYS EB 51 -22.30 32.80 -85.43
CA LYS EB 51 -21.21 31.90 -85.79
C LYS EB 51 -21.16 31.65 -87.29
N ILE EB 52 -22.33 31.48 -87.92
CA ILE EB 52 -22.41 31.29 -89.37
C ILE EB 52 -21.96 32.55 -90.11
N GLU EB 53 -22.42 33.71 -89.64
CA GLU EB 53 -22.11 34.97 -90.33
C GLU EB 53 -20.65 35.36 -90.15
N ASP EB 54 -20.04 34.98 -89.03
CA ASP EB 54 -18.65 35.39 -88.79
C ASP EB 54 -17.65 34.35 -89.28
N ASN EB 55 -17.74 33.13 -88.76
CA ASN EB 55 -16.65 32.17 -88.92
C ASN EB 55 -16.88 31.16 -90.05
N ASN EB 56 -17.88 31.39 -90.91
CA ASN EB 56 -18.12 30.63 -92.15
C ASN EB 56 -18.38 29.15 -91.85
N THR EB 57 -19.35 28.90 -90.98
CA THR EB 57 -19.67 27.56 -90.51
C THR EB 57 -21.14 27.28 -90.70
N LEU EB 58 -21.56 26.09 -90.25
CA LEU EB 58 -22.97 25.72 -90.19
C LEU EB 58 -23.18 24.92 -88.91
N VAL EB 59 -24.30 25.17 -88.23
CA VAL EB 59 -24.58 24.54 -86.94
C VAL EB 59 -25.69 23.52 -87.14
N PHE EB 60 -25.40 22.25 -86.91
CA PHE EB 60 -26.38 21.19 -87.07
C PHE EB 60 -26.58 20.42 -85.78
N ILE EB 61 -27.71 19.71 -85.70
CA ILE EB 61 -27.99 18.80 -84.59
C ILE EB 61 -28.02 17.37 -85.14
N VAL EB 62 -27.20 16.51 -84.54
CA VAL EB 62 -26.82 15.22 -85.08
C VAL EB 62 -27.17 14.16 -84.03
N ASP EB 63 -27.51 12.96 -84.52
CA ASP EB 63 -27.65 11.79 -83.67
C ASP EB 63 -26.32 11.47 -82.98
N VAL EB 64 -26.41 10.89 -81.79
CA VAL EB 64 -25.24 10.77 -80.92
C VAL EB 64 -24.32 9.64 -81.38
N LYS EB 65 -24.81 8.75 -82.23
CA LYS EB 65 -24.01 7.61 -82.67
C LYS EB 65 -23.09 7.92 -83.84
N ALA EB 66 -22.92 9.20 -84.19
CA ALA EB 66 -22.23 9.54 -85.41
C ALA EB 66 -20.72 9.67 -85.21
N ASN EB 67 -20.01 9.78 -86.33
CA ASN EB 67 -18.60 10.09 -86.38
C ASN EB 67 -18.42 11.44 -87.06
N LYS EB 68 -17.22 12.02 -86.90
CA LYS EB 68 -16.89 13.25 -87.62
C LYS EB 68 -16.82 13.03 -89.12
N HIS EB 69 -16.31 11.86 -89.54
CA HIS EB 69 -16.31 11.52 -90.96
C HIS EB 69 -17.73 11.29 -91.47
N GLN EB 70 -18.60 10.73 -90.62
CA GLN EB 70 -20.00 10.55 -91.00
C GLN EB 70 -20.71 11.89 -91.17
N ILE EB 71 -20.45 12.84 -90.26
CA ILE EB 71 -21.03 14.17 -90.39
C ILE EB 71 -20.48 14.90 -91.61
N LYS EB 72 -19.19 14.70 -91.90
CA LYS EB 72 -18.55 15.34 -93.05
C LYS EB 72 -19.12 14.82 -94.37
N GLN EB 73 -19.20 13.50 -94.52
CA GLN EB 73 -19.81 12.93 -95.72
C GLN EB 73 -21.30 13.21 -95.80
N ALA EB 74 -22.00 13.32 -94.65
CA ALA EB 74 -23.43 13.60 -94.69
C ALA EB 74 -23.71 15.04 -95.14
N VAL EB 75 -22.91 16.01 -94.66
CA VAL EB 75 -23.05 17.38 -95.12
C VAL EB 75 -22.63 17.50 -96.58
N LYS EB 76 -21.58 16.78 -96.99
CA LYS EB 76 -21.12 16.81 -98.37
C LYS EB 76 -22.15 16.20 -99.33
N LYS EB 77 -22.91 15.21 -98.85
CA LYS EB 77 -23.91 14.58 -99.71
C LYS EB 77 -25.22 15.36 -99.72
N LEU EB 78 -25.68 15.82 -98.55
CA LEU EB 78 -27.02 16.38 -98.47
C LEU EB 78 -26.99 17.90 -98.46
N TYR EB 79 -25.84 18.49 -98.77
CA TYR EB 79 -25.81 19.94 -98.98
C TYR EB 79 -24.98 20.35 -100.19
N ASP EB 80 -24.30 19.38 -100.83
CA ASP EB 80 -23.51 19.57 -102.05
C ASP EB 80 -22.43 20.65 -101.86
N ILE EB 81 -21.64 20.46 -100.82
CA ILE EB 81 -20.68 21.48 -100.40
C ILE EB 81 -19.50 20.78 -99.74
N ASP EB 82 -18.31 21.34 -99.94
CA ASP EB 82 -17.11 20.78 -99.32
C ASP EB 82 -16.94 21.28 -97.88
N VAL EB 83 -16.41 20.41 -97.04
CA VAL EB 83 -16.26 20.65 -95.61
C VAL EB 83 -14.79 20.80 -95.27
N ALA EB 84 -14.44 21.91 -94.62
CA ALA EB 84 -13.08 22.06 -94.11
C ALA EB 84 -12.85 21.17 -92.89
N LYS EB 85 -13.67 21.31 -91.86
CA LYS EB 85 -13.56 20.45 -90.68
C LYS EB 85 -14.89 20.39 -89.96
N VAL EB 86 -14.99 19.48 -89.00
CA VAL EB 86 -16.19 19.27 -88.20
C VAL EB 86 -15.78 19.26 -86.73
N ASN EB 87 -16.42 20.09 -85.92
CA ASN EB 87 -16.21 20.12 -84.48
C ASN EB 87 -17.50 19.67 -83.79
N THR EB 88 -17.41 18.62 -82.98
CA THR EB 88 -18.58 18.00 -82.38
C THR EB 88 -18.59 18.20 -80.87
N LEU EB 89 -19.79 18.33 -80.31
CA LEU EB 89 -19.99 18.34 -78.87
C LEU EB 89 -21.32 17.66 -78.60
N ILE EB 90 -21.48 17.12 -77.41
CA ILE EB 90 -22.75 16.53 -77.01
C ILE EB 90 -23.40 17.44 -75.97
N ARG EB 91 -24.57 17.98 -76.32
CA ARG EB 91 -25.28 18.91 -75.47
C ARG EB 91 -25.85 18.22 -74.24
N PRO EB 92 -26.15 18.96 -73.17
CA PRO EB 92 -26.86 18.36 -72.04
C PRO EB 92 -28.31 18.00 -72.35
N ASP EB 93 -28.87 18.46 -73.47
CA ASP EB 93 -30.15 17.95 -73.92
C ASP EB 93 -30.03 16.50 -74.38
N GLY EB 94 -28.91 16.15 -75.03
CA GLY EB 94 -28.66 14.78 -75.41
C GLY EB 94 -28.08 14.61 -76.80
N GLU EB 95 -28.42 15.51 -77.72
CA GLU EB 95 -27.98 15.37 -79.10
C GLU EB 95 -26.63 16.04 -79.32
N LYS EB 96 -26.04 15.78 -80.50
CA LYS EB 96 -24.70 16.23 -80.82
C LYS EB 96 -24.78 17.53 -81.63
N LYS EB 97 -24.33 18.62 -81.03
CA LYS EB 97 -24.17 19.86 -81.79
C LYS EB 97 -22.90 19.77 -82.62
N ALA EB 98 -23.02 20.11 -83.90
CA ALA EB 98 -21.93 19.96 -84.86
C ALA EB 98 -21.70 21.31 -85.54
N TYR EB 99 -20.52 21.89 -85.31
CA TYR EB 99 -20.05 23.08 -86.02
C TYR EB 99 -19.25 22.60 -87.23
N VAL EB 100 -19.87 22.69 -88.40
CA VAL EB 100 -19.24 22.27 -89.65
C VAL EB 100 -18.59 23.50 -90.25
N ARG EB 101 -17.27 23.61 -90.13
CA ARG EB 101 -16.50 24.66 -90.79
C ARG EB 101 -16.34 24.29 -92.26
N LEU EB 102 -16.76 25.19 -93.13
CA LEU EB 102 -16.79 24.97 -94.57
C LEU EB 102 -15.52 25.52 -95.21
N ALA EB 103 -15.39 25.27 -96.51
CA ALA EB 103 -14.32 25.84 -97.29
C ALA EB 103 -14.68 27.27 -97.70
N PRO EB 104 -13.70 28.17 -97.86
CA PRO EB 104 -14.03 29.57 -98.16
C PRO EB 104 -14.46 29.83 -99.60
N ASP EB 105 -14.52 28.82 -100.46
CA ASP EB 105 -15.03 29.03 -101.81
C ASP EB 105 -16.53 29.26 -101.83
N TYR EB 106 -17.26 28.59 -100.93
CA TYR EB 106 -18.69 28.79 -100.79
C TYR EB 106 -18.97 29.68 -99.58
N ASP EB 107 -20.15 30.29 -99.58
CA ASP EB 107 -20.54 31.19 -98.50
C ASP EB 107 -21.55 30.53 -97.57
N ALA EB 108 -21.30 30.68 -96.26
CA ALA EB 108 -22.19 30.11 -95.26
C ALA EB 108 -23.54 30.81 -95.23
N LEU EB 109 -23.55 32.13 -95.41
CA LEU EB 109 -24.81 32.87 -95.48
C LEU EB 109 -25.60 32.50 -96.72
N ASP EB 110 -24.91 32.27 -97.84
CA ASP EB 110 -25.58 31.89 -99.08
C ASP EB 110 -26.17 30.48 -98.99
N VAL EB 111 -25.42 29.54 -98.38
CA VAL EB 111 -25.97 28.20 -98.26
C VAL EB 111 -27.05 28.14 -97.16
N ALA EB 112 -27.00 29.05 -96.18
CA ALA EB 112 -28.05 29.11 -95.19
C ALA EB 112 -29.34 29.67 -95.78
N ASN EB 113 -29.23 30.69 -96.64
CA ASN EB 113 -30.39 31.18 -97.37
C ASN EB 113 -30.87 30.16 -98.39
N LYS EB 114 -29.97 29.30 -98.87
CA LYS EB 114 -30.37 28.25 -99.81
C LYS EB 114 -31.16 27.15 -99.11
N ILE EB 115 -30.76 26.80 -97.88
CA ILE EB 115 -31.48 25.73 -97.18
C ILE EB 115 -32.63 26.30 -96.36
N GLY EB 116 -32.75 27.62 -96.28
CA GLY EB 116 -33.95 28.21 -95.73
C GLY EB 116 -33.80 28.87 -94.36
N ILE EB 117 -32.75 28.53 -93.62
CA ILE EB 117 -32.60 29.06 -92.27
C ILE EB 117 -32.13 30.51 -92.34
N ILE EB 118 -32.64 31.32 -91.41
CA ILE EB 118 -32.28 32.73 -91.33
C ILE EB 118 -32.52 33.23 -89.90
N MET FB 1 -84.32 -13.72 -66.40
CA MET FB 1 -82.96 -13.79 -65.89
C MET FB 1 -81.98 -14.12 -67.01
N LYS FB 2 -80.71 -14.28 -66.65
CA LYS FB 2 -79.71 -14.71 -67.62
C LYS FB 2 -79.30 -16.16 -67.33
N PHE FB 3 -79.16 -16.94 -68.41
CA PHE FB 3 -78.78 -18.34 -68.30
C PHE FB 3 -77.42 -18.63 -68.92
N ASN FB 4 -76.75 -17.61 -69.44
CA ASN FB 4 -75.41 -17.78 -69.98
C ASN FB 4 -74.40 -17.50 -68.87
N PRO FB 5 -73.56 -18.46 -68.50
CA PRO FB 5 -72.59 -18.21 -67.41
C PRO FB 5 -71.41 -17.33 -67.78
N PHE FB 6 -71.36 -16.79 -69.00
CA PHE FB 6 -70.31 -15.86 -69.39
C PHE FB 6 -70.77 -14.40 -69.41
N VAL FB 7 -72.08 -14.16 -69.45
CA VAL FB 7 -72.60 -12.80 -69.46
C VAL FB 7 -72.51 -12.21 -68.06
N THR FB 8 -71.91 -11.02 -67.97
CA THR FB 8 -71.64 -10.37 -66.70
C THR FB 8 -72.90 -9.76 -66.13
N SER FB 9 -73.21 -10.10 -64.88
CA SER FB 9 -74.32 -9.51 -64.12
C SER FB 9 -73.74 -8.79 -62.90
N ASP FB 10 -72.57 -8.19 -63.08
CA ASP FB 10 -71.87 -7.52 -61.99
C ASP FB 10 -71.81 -6.03 -62.30
N ARG FB 11 -72.13 -5.21 -61.30
CA ARG FB 11 -72.24 -3.76 -61.50
C ARG FB 11 -70.90 -3.11 -61.84
N SER FB 12 -69.86 -3.43 -61.05
CA SER FB 12 -68.56 -2.79 -61.26
C SER FB 12 -67.93 -3.23 -62.57
N LYS FB 13 -68.11 -4.50 -62.94
CA LYS FB 13 -67.58 -4.98 -64.21
C LYS FB 13 -68.35 -4.40 -65.39
N ASN FB 14 -69.68 -4.26 -65.26
CA ASN FB 14 -70.46 -3.65 -66.34
C ASN FB 14 -70.14 -2.17 -66.51
N ARG FB 15 -69.92 -1.45 -65.40
CA ARG FB 15 -69.53 -0.05 -65.49
C ARG FB 15 -68.11 0.09 -66.02
N LYS FB 16 -67.24 -0.88 -65.74
CA LYS FB 16 -65.90 -0.88 -66.32
C LYS FB 16 -65.95 -1.10 -67.83
N ARG FB 17 -66.73 -2.08 -68.29
CA ARG FB 17 -66.85 -2.34 -69.72
C ARG FB 17 -67.58 -1.21 -70.43
N HIS FB 18 -68.41 -0.45 -69.71
CA HIS FB 18 -69.06 0.71 -70.30
C HIS FB 18 -68.09 1.87 -70.44
N PHE FB 19 -67.45 2.28 -69.35
CA PHE FB 19 -66.65 3.51 -69.39
C PHE FB 19 -65.24 3.29 -69.90
N ASN FB 20 -64.86 2.04 -70.20
CA ASN FB 20 -63.56 1.82 -70.82
C ASN FB 20 -63.73 1.05 -72.13
N ALA FB 21 -64.74 1.39 -72.90
CA ALA FB 21 -65.01 0.70 -74.15
C ALA FB 21 -64.29 1.39 -75.31
N PRO FB 22 -63.78 0.63 -76.26
CA PRO FB 22 -63.22 1.23 -77.48
C PRO FB 22 -64.31 1.77 -78.38
N SER FB 23 -63.88 2.49 -79.43
CA SER FB 23 -64.75 3.40 -80.15
C SER FB 23 -65.83 2.67 -80.95
N HIS FB 24 -65.54 1.45 -81.42
CA HIS FB 24 -66.56 0.70 -82.16
C HIS FB 24 -67.65 0.18 -81.23
N ILE FB 25 -67.35 0.03 -79.94
CA ILE FB 25 -68.38 -0.30 -78.97
C ILE FB 25 -69.08 0.97 -78.48
N ARG FB 26 -68.34 2.09 -78.47
CA ARG FB 26 -68.95 3.39 -78.15
C ARG FB 26 -70.03 3.76 -79.16
N ARG FB 27 -69.76 3.54 -80.44
CA ARG FB 27 -70.74 3.81 -81.49
C ARG FB 27 -71.95 2.89 -81.37
N LYS FB 28 -71.72 1.64 -80.95
CA LYS FB 28 -72.82 0.68 -80.81
C LYS FB 28 -73.71 1.03 -79.62
N ILE FB 29 -73.10 1.50 -78.52
CA ILE FB 29 -73.88 1.89 -77.36
C ILE FB 29 -74.65 3.17 -77.64
N MET FB 30 -73.97 4.17 -78.22
CA MET FB 30 -74.61 5.46 -78.52
C MET FB 30 -75.48 5.31 -79.77
N SER FB 31 -76.67 4.77 -79.57
CA SER FB 31 -77.65 4.62 -80.64
C SER FB 31 -78.96 5.26 -80.21
N SER FB 32 -79.74 5.69 -81.19
CA SER FB 32 -80.98 6.39 -80.95
C SER FB 32 -82.11 5.76 -81.74
N PRO FB 33 -83.32 5.70 -81.16
CA PRO FB 33 -84.44 5.07 -81.85
C PRO FB 33 -84.98 5.94 -82.98
N LEU FB 34 -85.49 5.28 -84.01
CA LEU FB 34 -86.10 5.97 -85.14
C LEU FB 34 -87.51 6.41 -84.78
N SER FB 35 -88.07 7.29 -85.62
CA SER FB 35 -89.43 7.74 -85.42
C SER FB 35 -90.43 6.67 -85.88
N LYS FB 36 -91.72 6.99 -85.72
CA LYS FB 36 -92.76 6.03 -86.10
C LYS FB 36 -92.84 5.86 -87.61
N GLU FB 37 -92.66 6.93 -88.37
CA GLU FB 37 -92.74 6.85 -89.84
C GLU FB 37 -91.57 6.05 -90.40
N LEU FB 38 -90.34 6.37 -89.98
CA LEU FB 38 -89.17 5.63 -90.45
C LEU FB 38 -89.17 4.21 -89.93
N ARG FB 39 -89.74 3.98 -88.73
CA ARG FB 39 -89.83 2.62 -88.20
C ARG FB 39 -90.82 1.78 -88.97
N GLN FB 40 -91.97 2.35 -89.36
CA GLN FB 40 -92.91 1.65 -90.22
C GLN FB 40 -92.34 1.44 -91.62
N LYS FB 41 -91.48 2.36 -92.08
CA LYS FB 41 -90.97 2.27 -93.44
C LYS FB 41 -89.87 1.23 -93.57
N TYR FB 42 -88.91 1.22 -92.63
CA TYR FB 42 -87.77 0.32 -92.75
C TYR FB 42 -87.86 -0.93 -91.88
N ASN FB 43 -88.82 -0.96 -90.95
CA ASN FB 43 -88.95 -2.00 -89.92
C ASN FB 43 -87.66 -2.15 -89.12
N VAL FB 44 -87.12 -1.01 -88.68
CA VAL FB 44 -85.89 -0.94 -87.90
C VAL FB 44 -86.18 -0.19 -86.61
N ARG FB 45 -85.85 -0.80 -85.48
CA ARG FB 45 -86.19 -0.21 -84.18
C ARG FB 45 -85.26 0.95 -83.84
N SER FB 46 -83.95 0.75 -84.00
CA SER FB 46 -82.99 1.78 -83.63
C SER FB 46 -81.75 1.67 -84.51
N MET FB 47 -80.98 2.75 -84.55
CA MET FB 47 -79.76 2.85 -85.32
C MET FB 47 -78.75 3.71 -84.58
N PRO FB 48 -77.45 3.45 -84.76
CA PRO FB 48 -76.44 4.38 -84.27
C PRO FB 48 -76.49 5.71 -85.01
N ILE FB 49 -76.37 6.81 -84.25
CA ILE FB 49 -76.53 8.13 -84.84
C ILE FB 49 -75.25 8.52 -85.57
N ARG FB 50 -75.38 9.43 -86.55
CA ARG FB 50 -74.28 9.89 -87.37
C ARG FB 50 -74.21 11.41 -87.26
N LYS FB 51 -73.11 11.99 -87.79
CA LYS FB 51 -72.89 13.42 -87.71
C LYS FB 51 -73.89 14.19 -88.57
N ASP FB 52 -74.42 13.56 -89.62
CA ASP FB 52 -75.27 14.22 -90.60
C ASP FB 52 -76.73 13.79 -90.49
N ASP FB 53 -77.23 13.64 -89.26
CA ASP FB 53 -78.59 13.20 -89.03
C ASP FB 53 -79.45 14.33 -88.49
N GLU FB 54 -80.76 14.18 -88.67
CA GLU FB 54 -81.74 15.14 -88.17
C GLU FB 54 -82.40 14.58 -86.91
N VAL FB 55 -82.62 15.47 -85.94
CA VAL FB 55 -82.95 15.09 -84.56
C VAL FB 55 -84.06 16.01 -84.05
N GLN FB 56 -85.09 15.41 -83.47
CA GLN FB 56 -85.99 16.11 -82.54
C GLN FB 56 -85.62 15.71 -81.13
N VAL FB 57 -85.60 16.69 -80.23
CA VAL FB 57 -85.27 16.43 -78.83
C VAL FB 57 -86.54 15.98 -78.11
N VAL FB 58 -86.44 14.87 -77.38
CA VAL FB 58 -87.60 14.27 -76.73
C VAL FB 58 -87.76 14.74 -75.29
N ARG FB 59 -86.69 14.66 -74.50
CA ARG FB 59 -86.72 15.04 -73.10
C ARG FB 59 -85.66 16.08 -72.81
N GLY FB 60 -85.85 16.80 -71.71
CA GLY FB 60 -84.92 17.79 -71.25
C GLY FB 60 -85.50 19.19 -71.26
N HIS FB 61 -84.61 20.16 -71.06
CA HIS FB 61 -85.02 21.56 -71.07
C HIS FB 61 -85.24 22.06 -72.48
N TYR FB 62 -84.54 21.47 -73.46
CA TYR FB 62 -84.63 21.87 -74.85
C TYR FB 62 -85.50 20.94 -75.68
N LYS FB 63 -86.50 20.32 -75.07
CA LYS FB 63 -87.37 19.42 -75.82
C LYS FB 63 -88.38 20.22 -76.63
N GLY FB 64 -88.94 19.56 -77.65
CA GLY FB 64 -89.91 20.22 -78.50
C GLY FB 64 -90.10 19.47 -79.81
N GLN FB 65 -90.50 20.22 -80.83
CA GLN FB 65 -90.76 19.68 -82.16
C GLN FB 65 -89.90 20.38 -83.21
N GLN FB 66 -88.64 20.64 -82.87
CA GLN FB 66 -87.70 21.32 -83.76
C GLN FB 66 -86.76 20.27 -84.35
N ILE FB 67 -86.68 20.22 -85.68
CA ILE FB 67 -85.81 19.28 -86.37
C ILE FB 67 -84.47 19.95 -86.63
N GLY FB 68 -83.43 19.53 -85.91
CA GLY FB 68 -82.12 20.12 -86.04
C GLY FB 68 -81.09 19.11 -86.51
N LYS FB 69 -80.12 19.59 -87.28
CA LYS FB 69 -79.03 18.74 -87.75
C LYS FB 69 -78.00 18.57 -86.63
N VAL FB 70 -77.41 17.38 -86.54
CA VAL FB 70 -76.36 17.14 -85.58
C VAL FB 70 -75.11 17.93 -85.97
N VAL FB 71 -74.50 18.61 -84.99
CA VAL FB 71 -73.23 19.28 -85.24
C VAL FB 71 -72.15 18.22 -85.36
N GLN FB 72 -71.89 17.48 -84.28
CA GLN FB 72 -70.97 16.36 -84.29
C GLN FB 72 -71.24 15.45 -83.10
N VAL FB 73 -70.85 14.19 -83.24
CA VAL FB 73 -71.07 13.17 -82.21
C VAL FB 73 -69.76 13.02 -81.44
N TYR FB 74 -69.80 13.36 -80.15
CA TYR FB 74 -68.62 13.33 -79.30
C TYR FB 74 -68.73 12.10 -78.39
N ARG FB 75 -68.04 11.04 -78.78
CA ARG FB 75 -68.23 9.74 -78.12
C ARG FB 75 -67.41 9.62 -76.83
N LYS FB 76 -66.51 10.56 -76.56
CA LYS FB 76 -65.74 10.49 -75.31
C LYS FB 76 -66.62 10.79 -74.11
N LYS FB 77 -67.45 11.82 -74.18
CA LYS FB 77 -68.39 12.14 -73.11
C LYS FB 77 -69.76 11.51 -73.31
N TYR FB 78 -69.90 10.61 -74.30
CA TYR FB 78 -71.14 9.94 -74.68
C TYR FB 78 -72.25 10.96 -74.97
N VAL FB 79 -72.01 11.81 -75.98
CA VAL FB 79 -72.91 12.93 -76.21
C VAL FB 79 -72.93 13.23 -77.70
N ILE FB 80 -73.97 13.91 -78.16
CA ILE FB 80 -74.03 14.50 -79.48
C ILE FB 80 -74.26 15.99 -79.30
N TYR FB 81 -74.03 16.76 -80.36
CA TYR FB 81 -74.32 18.18 -80.34
C TYR FB 81 -75.26 18.53 -81.49
N ILE FB 82 -76.34 19.24 -81.16
CA ILE FB 82 -77.39 19.58 -82.09
C ILE FB 82 -77.26 21.06 -82.43
N GLU FB 83 -77.65 21.44 -83.65
CA GLU FB 83 -77.44 22.77 -84.19
C GLU FB 83 -78.15 23.88 -83.40
N ARG FB 84 -79.48 23.84 -83.35
CA ARG FB 84 -80.21 24.88 -82.65
C ARG FB 84 -80.31 24.64 -81.16
N VAL FB 85 -79.85 23.51 -80.66
CA VAL FB 85 -79.80 23.25 -79.22
C VAL FB 85 -78.47 23.81 -78.72
N GLN FB 86 -78.49 25.04 -78.21
CA GLN FB 86 -77.29 25.72 -77.75
C GLN FB 86 -77.70 26.78 -76.74
N ARG FB 87 -76.72 27.25 -75.97
CA ARG FB 87 -76.95 28.28 -74.97
C ARG FB 87 -75.81 29.28 -75.00
N GLU FB 88 -76.07 30.47 -74.47
CA GLU FB 88 -75.11 31.56 -74.54
C GLU FB 88 -74.24 31.56 -73.29
N LYS FB 89 -72.92 31.52 -73.49
CA LYS FB 89 -71.97 31.70 -72.41
C LYS FB 89 -71.98 33.18 -72.01
N ALA FB 90 -71.44 33.47 -70.82
CA ALA FB 90 -71.43 34.83 -70.28
C ALA FB 90 -70.71 35.83 -71.17
N ASN FB 91 -69.62 35.40 -71.83
CA ASN FB 91 -68.86 36.31 -72.69
C ASN FB 91 -69.63 36.62 -73.98
N GLY FB 92 -70.49 35.71 -74.42
CA GLY FB 92 -71.33 35.99 -75.57
C GLY FB 92 -71.37 34.88 -76.60
N THR FB 93 -70.39 33.99 -76.57
CA THR FB 93 -70.30 32.91 -77.54
C THR FB 93 -71.35 31.84 -77.27
N THR FB 94 -71.86 31.24 -78.33
CA THR FB 94 -72.84 30.17 -78.21
C THR FB 94 -72.15 28.82 -78.13
N VAL FB 95 -72.54 28.03 -77.12
CA VAL FB 95 -71.99 26.70 -76.90
C VAL FB 95 -73.14 25.71 -76.99
N HIS FB 96 -72.94 24.64 -77.77
CA HIS FB 96 -74.00 23.67 -78.00
C HIS FB 96 -74.24 22.84 -76.74
N VAL FB 97 -75.50 22.77 -76.32
CA VAL FB 97 -75.87 22.06 -75.10
C VAL FB 97 -75.80 20.57 -75.33
N GLY FB 98 -75.14 19.87 -74.43
CA GLY FB 98 -74.93 18.44 -74.56
C GLY FB 98 -76.18 17.60 -74.36
N ILE FB 99 -76.52 16.78 -75.35
CA ILE FB 99 -77.69 15.91 -75.31
C ILE FB 99 -77.24 14.47 -75.50
N HIS FB 100 -77.66 13.58 -74.59
CA HIS FB 100 -77.37 12.16 -74.68
C HIS FB 100 -78.24 11.52 -75.76
N PRO FB 101 -77.71 10.56 -76.53
CA PRO FB 101 -78.49 10.00 -77.65
C PRO FB 101 -79.65 9.11 -77.26
N SER FB 102 -79.83 8.79 -75.98
CA SER FB 102 -80.98 7.99 -75.57
C SER FB 102 -82.27 8.80 -75.59
N LYS FB 103 -82.16 10.12 -75.46
CA LYS FB 103 -83.31 11.03 -75.50
C LYS FB 103 -83.47 11.67 -76.87
N VAL FB 104 -83.15 10.93 -77.92
CA VAL FB 104 -83.00 11.45 -79.27
C VAL FB 104 -83.79 10.57 -80.23
N VAL FB 105 -84.61 11.19 -81.06
CA VAL FB 105 -85.36 10.49 -82.10
C VAL FB 105 -84.91 11.02 -83.46
N ILE FB 106 -84.89 10.15 -84.47
CA ILE FB 106 -84.43 10.51 -85.81
C ILE FB 106 -85.63 10.73 -86.71
N THR FB 107 -85.67 11.88 -87.40
CA THR FB 107 -86.70 12.18 -88.38
C THR FB 107 -86.29 11.84 -89.81
N ARG FB 108 -85.02 12.03 -90.17
CA ARG FB 108 -84.50 11.66 -91.48
C ARG FB 108 -83.10 11.09 -91.33
N LEU FB 109 -82.81 10.02 -92.07
CA LEU FB 109 -81.51 9.38 -92.04
C LEU FB 109 -80.64 9.86 -93.20
N LYS FB 110 -79.32 9.79 -92.99
CA LYS FB 110 -78.36 10.05 -94.05
C LYS FB 110 -77.89 8.69 -94.58
N LEU FB 111 -78.26 8.37 -95.82
CA LEU FB 111 -78.19 7.01 -96.34
C LEU FB 111 -76.94 6.84 -97.20
N ASP FB 112 -76.02 6.00 -96.74
CA ASP FB 112 -74.91 5.52 -97.55
C ASP FB 112 -75.07 4.02 -97.83
N LYS FB 113 -74.06 3.44 -98.47
CA LYS FB 113 -74.13 2.02 -98.84
C LYS FB 113 -74.03 1.11 -97.61
N ASP FB 114 -73.12 1.44 -96.69
CA ASP FB 114 -73.02 0.69 -95.45
C ASP FB 114 -74.26 0.89 -94.58
N ARG FB 115 -74.85 2.09 -94.63
CA ARG FB 115 -76.08 2.37 -93.90
C ARG FB 115 -77.25 1.53 -94.42
N LYS FB 116 -77.36 1.44 -95.75
CA LYS FB 116 -78.39 0.60 -96.36
C LYS FB 116 -78.13 -0.88 -96.09
N LYS FB 117 -76.86 -1.28 -96.01
CA LYS FB 117 -76.53 -2.66 -95.67
C LYS FB 117 -76.95 -3.00 -94.25
N ILE FB 118 -76.71 -2.08 -93.30
CA ILE FB 118 -77.12 -2.31 -91.92
C ILE FB 118 -78.65 -2.37 -91.81
N LEU FB 119 -79.35 -1.48 -92.52
CA LEU FB 119 -80.82 -1.48 -92.47
C LEU FB 119 -81.41 -2.73 -93.11
N GLU FB 120 -80.80 -3.21 -94.20
CA GLU FB 120 -81.28 -4.44 -94.83
C GLU FB 120 -80.98 -5.66 -93.96
N ARG FB 121 -79.84 -5.67 -93.27
CA ARG FB 121 -79.52 -6.79 -92.38
C ARG FB 121 -80.45 -6.82 -91.17
N LYS FB 122 -80.77 -5.64 -90.62
CA LYS FB 122 -81.71 -5.59 -89.50
C LYS FB 122 -83.12 -5.95 -89.92
N ALA FB 123 -83.55 -5.53 -91.13
CA ALA FB 123 -84.87 -5.92 -91.62
C ALA FB 123 -84.94 -7.41 -91.90
N LYS FB 124 -83.84 -8.00 -92.40
CA LYS FB 124 -83.80 -9.44 -92.65
C LYS FB 124 -83.85 -10.22 -91.34
N SER FB 125 -83.11 -9.76 -90.32
CA SER FB 125 -83.15 -10.42 -89.02
C SER FB 125 -84.52 -10.27 -88.35
N ARG FB 126 -85.17 -9.11 -88.55
CA ARG FB 126 -86.52 -8.92 -88.03
C ARG FB 126 -87.53 -9.84 -88.72
N GLN FB 127 -87.39 -10.04 -90.03
CA GLN FB 127 -88.27 -10.95 -90.74
C GLN FB 127 -88.04 -12.41 -90.34
N VAL FB 128 -86.77 -12.77 -90.08
CA VAL FB 128 -86.47 -14.13 -89.61
C VAL FB 128 -87.03 -14.35 -88.21
N GLY FB 129 -86.93 -13.35 -87.33
CA GLY FB 129 -87.52 -13.45 -86.01
C GLY FB 129 -89.04 -13.51 -86.04
N LYS FB 130 -89.66 -12.78 -86.96
CA LYS FB 130 -91.11 -12.83 -87.10
C LYS FB 130 -91.56 -14.16 -87.68
N GLU FB 131 -90.76 -14.75 -88.57
CA GLU FB 131 -91.05 -16.08 -89.08
C GLU FB 131 -90.91 -17.15 -88.01
N LYS FB 132 -89.92 -17.00 -87.12
CA LYS FB 132 -89.76 -17.93 -86.01
C LYS FB 132 -90.88 -17.77 -84.99
N GLY FB 133 -91.38 -16.54 -84.82
CA GLY FB 133 -92.49 -16.32 -83.92
C GLY FB 133 -93.82 -16.79 -84.50
N LYS FB 134 -93.93 -16.79 -85.83
CA LYS FB 134 -95.13 -17.26 -86.49
C LYS FB 134 -95.22 -18.78 -86.46
N GLY GB 1 66.17 -2.97 -76.34
CA GLY GB 1 66.26 -2.12 -77.51
C GLY GB 1 64.92 -1.57 -77.97
N LYS GB 2 64.96 -0.62 -78.90
CA LYS GB 2 63.75 -0.01 -79.42
C LYS GB 2 63.05 -0.98 -80.38
N PHE GB 3 61.75 -1.17 -80.18
CA PHE GB 3 60.97 -2.09 -81.00
C PHE GB 3 59.93 -1.40 -81.87
N MET GB 4 59.93 -0.07 -81.94
CA MET GB 4 58.93 0.67 -82.71
C MET GB 4 59.45 0.80 -84.15
N LYS GB 5 59.44 -0.32 -84.86
CA LYS GB 5 60.07 -0.48 -86.15
C LYS GB 5 59.03 -0.56 -87.27
N PRO GB 6 59.42 -0.25 -88.52
CA PRO GB 6 58.46 -0.39 -89.64
C PRO GB 6 58.11 -1.83 -90.00
N GLY GB 7 58.75 -2.84 -89.42
CA GLY GB 7 58.36 -4.21 -89.66
C GLY GB 7 57.41 -4.79 -88.65
N LYS GB 8 56.64 -3.97 -87.95
CA LYS GB 8 55.79 -4.42 -86.86
C LYS GB 8 54.32 -4.34 -87.23
N VAL GB 9 53.52 -5.22 -86.65
CA VAL GB 9 52.07 -5.19 -86.78
C VAL GB 9 51.50 -4.54 -85.53
N VAL GB 10 50.53 -3.64 -85.68
CA VAL GB 10 50.08 -2.81 -84.57
C VAL GB 10 48.55 -2.75 -84.57
N LEU GB 11 47.95 -3.06 -83.43
CA LEU GB 11 46.53 -2.80 -83.19
C LEU GB 11 46.33 -1.30 -82.92
N VAL GB 12 45.32 -0.72 -83.55
CA VAL GB 12 44.96 0.67 -83.29
C VAL GB 12 44.02 0.70 -82.09
N LEU GB 13 44.35 1.53 -81.10
CA LEU GB 13 43.72 1.46 -79.78
C LEU GB 13 42.67 2.55 -79.58
N ALA GB 14 42.75 3.66 -80.31
CA ALA GB 14 41.81 4.75 -80.14
C ALA GB 14 41.45 5.32 -81.50
N GLY GB 15 40.51 6.27 -81.49
CA GLY GB 15 40.03 6.85 -82.72
C GLY GB 15 38.85 6.09 -83.30
N ARG GB 16 38.50 6.43 -84.54
CA ARG GB 16 37.38 5.79 -85.21
C ARG GB 16 37.73 4.36 -85.62
N TYR GB 17 39.00 4.10 -85.88
CA TYR GB 17 39.48 2.77 -86.26
C TYR GB 17 39.88 1.95 -85.03
N SER GB 18 38.99 1.87 -84.04
CA SER GB 18 39.30 1.17 -82.80
C SER GB 18 39.23 -0.34 -83.01
N GLY GB 19 40.32 -1.03 -82.71
CA GLY GB 19 40.41 -2.46 -82.93
C GLY GB 19 40.65 -2.81 -84.38
N ARG GB 20 41.57 -2.10 -85.03
CA ARG GB 20 41.91 -2.35 -86.42
C ARG GB 20 43.41 -2.62 -86.52
N LYS GB 21 43.77 -3.66 -87.26
CA LYS GB 21 45.17 -4.02 -87.42
C LYS GB 21 45.83 -3.15 -88.48
N ALA GB 22 47.12 -2.88 -88.31
CA ALA GB 22 47.81 -1.93 -89.18
C ALA GB 22 49.28 -2.31 -89.28
N VAL GB 23 49.92 -1.81 -90.33
CA VAL GB 23 51.35 -2.01 -90.58
C VAL GB 23 52.03 -0.65 -90.59
N ILE GB 24 53.07 -0.52 -89.77
CA ILE GB 24 53.86 0.72 -89.70
C ILE GB 24 54.63 0.88 -91.00
N VAL GB 25 54.61 2.08 -91.56
CA VAL GB 25 55.51 2.43 -92.66
C VAL GB 25 56.48 3.54 -92.25
N LYS GB 26 56.13 4.35 -91.26
CA LYS GB 26 57.04 5.39 -90.77
C LYS GB 26 56.93 5.51 -89.26
N ASN GB 27 58.03 5.93 -88.64
CA ASN GB 27 58.09 6.16 -87.20
C ASN GB 27 58.97 7.37 -86.89
N ILE GB 28 58.56 8.16 -85.90
CA ILE GB 28 59.31 9.35 -85.48
C ILE GB 28 59.33 9.31 -83.94
N ASP GB 29 60.51 9.09 -83.38
CA ASP GB 29 60.65 8.94 -81.93
C ASP GB 29 60.96 10.28 -81.25
N ASP GB 30 61.56 11.21 -81.98
CA ASP GB 30 61.75 12.58 -81.52
C ASP GB 30 60.97 13.48 -82.46
N GLY GB 31 59.84 13.99 -81.99
CA GLY GB 31 58.85 14.60 -82.87
C GLY GB 31 59.30 15.93 -83.44
N THR GB 32 58.53 16.39 -84.42
CA THR GB 32 58.83 17.57 -85.21
C THR GB 32 58.31 18.81 -84.46
N SER GB 33 58.58 20.01 -84.99
CA SER GB 33 58.03 21.23 -84.41
C SER GB 33 56.52 21.29 -84.55
N ASP GB 34 55.99 20.73 -85.64
CA ASP GB 34 54.54 20.74 -85.85
C ASP GB 34 53.84 19.69 -84.98
N ARG GB 35 54.50 18.56 -84.75
CA ARG GB 35 53.99 17.50 -83.89
C ARG GB 35 55.04 17.23 -82.81
N PRO GB 36 54.94 17.90 -81.65
CA PRO GB 36 55.97 17.71 -80.61
C PRO GB 36 55.96 16.33 -80.00
N TYR GB 37 54.79 15.68 -79.95
CA TYR GB 37 54.70 14.29 -79.53
C TYR GB 37 55.39 13.39 -80.54
N SER GB 38 55.96 12.29 -80.03
CA SER GB 38 56.46 11.24 -80.91
C SER GB 38 55.28 10.48 -81.49
N HIS GB 39 55.44 9.96 -82.71
CA HIS GB 39 54.30 9.39 -83.43
C HIS GB 39 54.77 8.36 -84.44
N ALA GB 40 53.80 7.75 -85.12
CA ALA GB 40 54.09 6.73 -86.11
C ALA GB 40 53.01 6.76 -87.19
N LEU GB 41 53.44 6.77 -88.44
CA LEU GB 41 52.52 6.76 -89.57
C LEU GB 41 52.31 5.33 -90.02
N VAL GB 42 51.06 4.86 -89.94
CA VAL GB 42 50.71 3.48 -90.23
C VAL GB 42 49.73 3.45 -91.39
N ALA GB 43 49.63 2.29 -92.04
CA ALA GB 43 48.67 2.04 -93.10
C ALA GB 43 47.96 0.73 -92.77
N GLY GB 44 46.70 0.84 -92.37
CA GLY GB 44 45.95 -0.32 -91.92
C GLY GB 44 44.78 -0.68 -92.79
N ILE GB 45 43.91 -1.56 -92.30
CA ILE GB 45 42.76 -2.04 -93.05
C ILE GB 45 41.51 -1.83 -92.19
N ASP GB 46 40.43 -1.34 -92.81
CA ASP GB 46 39.20 -1.10 -92.07
C ASP GB 46 38.21 -2.25 -92.22
N ARG GB 47 37.81 -2.52 -93.46
CA ARG GB 47 36.80 -3.54 -93.73
C ARG GB 47 37.48 -4.88 -93.96
N TYR GB 48 37.35 -5.78 -93.01
CA TYR GB 48 38.02 -7.06 -93.06
C TYR GB 48 37.38 -7.97 -94.11
N PRO GB 49 38.19 -8.80 -94.78
CA PRO GB 49 37.60 -9.85 -95.61
C PRO GB 49 36.94 -10.91 -94.75
N ARG GB 50 35.73 -11.28 -95.13
CA ARG GB 50 34.88 -12.10 -94.27
C ARG GB 50 35.30 -13.58 -94.35
N LYS GB 51 34.52 -14.42 -93.68
CA LYS GB 51 34.82 -15.85 -93.62
C LYS GB 51 34.53 -16.51 -94.96
N VAL GB 52 35.57 -16.73 -95.75
CA VAL GB 52 35.41 -17.41 -97.03
C VAL GB 52 35.13 -18.88 -96.78
N THR GB 53 34.32 -19.49 -97.64
CA THR GB 53 33.80 -20.82 -97.43
C THR GB 53 33.86 -21.60 -98.74
N ALA GB 54 34.27 -22.86 -98.65
CA ALA GB 54 34.30 -23.74 -99.82
C ALA GB 54 32.88 -24.09 -100.27
N ALA GB 55 32.82 -24.77 -101.42
CA ALA GB 55 31.57 -25.08 -102.15
C ALA GB 55 30.76 -23.82 -102.43
N MET GB 56 31.47 -22.73 -102.76
CA MET GB 56 30.85 -21.49 -103.21
C MET GB 56 31.50 -21.07 -104.51
N GLY GB 57 30.87 -20.11 -105.19
CA GLY GB 57 31.36 -19.67 -106.47
C GLY GB 57 32.59 -18.78 -106.35
N LYS GB 58 33.42 -18.81 -107.40
CA LYS GB 58 34.64 -18.00 -107.40
C LYS GB 58 34.33 -16.52 -107.54
N LYS GB 59 33.23 -16.16 -108.21
CA LYS GB 59 32.80 -14.76 -108.22
C LYS GB 59 32.37 -14.31 -106.84
N LYS GB 60 31.71 -15.20 -106.09
CA LYS GB 60 31.32 -14.88 -104.71
C LYS GB 60 32.55 -14.79 -103.81
N ILE GB 61 33.57 -15.61 -104.06
CA ILE GB 61 34.82 -15.52 -103.29
C ILE GB 61 35.55 -14.21 -103.60
N ALA GB 62 35.57 -13.80 -104.87
CA ALA GB 62 36.21 -12.55 -105.24
C ALA GB 62 35.45 -11.34 -104.72
N LYS GB 63 34.13 -11.46 -104.60
CA LYS GB 63 33.35 -10.37 -104.02
C LYS GB 63 33.50 -10.33 -102.51
N ARG GB 64 33.62 -11.49 -101.86
CA ARG GB 64 33.69 -11.56 -100.40
C ARG GB 64 35.07 -11.15 -99.90
N SER GB 65 36.12 -11.66 -100.51
CA SER GB 65 37.48 -11.30 -100.14
C SER GB 65 37.80 -9.90 -100.64
N LYS GB 66 37.41 -8.89 -99.88
CA LYS GB 66 37.54 -7.50 -100.30
C LYS GB 66 38.05 -6.69 -99.13
N ILE GB 67 39.11 -5.91 -99.36
CA ILE GB 67 39.83 -5.20 -98.31
C ILE GB 67 39.75 -3.70 -98.56
N LYS GB 68 39.26 -2.96 -97.56
CA LYS GB 68 39.19 -1.50 -97.60
C LYS GB 68 40.21 -0.96 -96.61
N SER GB 69 41.23 -0.27 -97.12
CA SER GB 69 42.35 0.14 -96.30
C SER GB 69 42.21 1.60 -95.87
N PHE GB 70 43.17 2.04 -95.05
CA PHE GB 70 43.28 3.42 -94.61
C PHE GB 70 44.73 3.71 -94.26
N VAL GB 71 45.04 4.99 -94.08
CA VAL GB 71 46.38 5.43 -93.69
C VAL GB 71 46.23 6.59 -92.71
N LYS GB 72 46.99 6.53 -91.60
CA LYS GB 72 46.75 7.49 -90.53
C LYS GB 72 48.00 7.58 -89.64
N VAL GB 73 48.18 8.75 -89.02
CA VAL GB 73 49.18 8.96 -87.97
C VAL GB 73 48.49 8.86 -86.62
N TYR GB 74 49.09 8.14 -85.69
CA TYR GB 74 48.54 8.00 -84.35
C TYR GB 74 49.60 8.34 -83.30
N ASN GB 75 49.24 8.12 -82.04
CA ASN GB 75 50.16 8.28 -80.93
C ASN GB 75 50.72 6.93 -80.49
N TYR GB 76 51.81 6.98 -79.74
CA TYR GB 76 52.41 5.74 -79.26
C TYR GB 76 51.56 5.07 -78.19
N ASN GB 77 50.89 5.85 -77.35
CA ASN GB 77 49.97 5.25 -76.39
C ASN GB 77 48.61 4.96 -77.02
N HIS GB 78 48.36 5.46 -78.23
CA HIS GB 78 47.18 5.07 -78.99
C HIS GB 78 47.45 3.95 -79.97
N LEU GB 79 48.69 3.46 -80.04
CA LEU GB 79 49.02 2.29 -80.83
C LEU GB 79 49.38 1.11 -79.94
N MET GB 80 48.94 -0.08 -80.34
CA MET GB 80 49.16 -1.32 -79.59
C MET GB 80 49.93 -2.31 -80.45
N PRO GB 81 51.23 -2.47 -80.25
CA PRO GB 81 52.01 -3.38 -81.09
C PRO GB 81 51.82 -4.83 -80.70
N THR GB 82 52.36 -5.72 -81.54
CA THR GB 82 52.38 -7.15 -81.27
C THR GB 82 53.71 -7.73 -81.73
N ARG GB 83 53.89 -9.02 -81.47
CA ARG GB 83 55.12 -9.71 -81.85
C ARG GB 83 55.08 -10.17 -83.30
N TYR GB 84 53.91 -10.14 -83.93
CA TYR GB 84 53.79 -10.58 -85.30
C TYR GB 84 54.36 -9.53 -86.26
N SER GB 85 54.77 -9.98 -87.44
CA SER GB 85 55.46 -9.14 -88.40
C SER GB 85 54.95 -9.44 -89.80
N VAL GB 86 54.50 -8.42 -90.51
CA VAL GB 86 54.12 -8.54 -91.91
C VAL GB 86 55.19 -7.90 -92.77
N ASP GB 87 55.77 -8.69 -93.69
CA ASP GB 87 56.81 -8.20 -94.57
C ASP GB 87 56.23 -7.71 -95.90
N ILE GB 88 55.41 -6.67 -95.83
CA ILE GB 88 54.79 -6.06 -97.01
C ILE GB 88 55.66 -4.86 -97.41
N PRO GB 89 55.88 -4.61 -98.72
CA PRO GB 89 56.73 -3.47 -99.12
C PRO GB 89 56.17 -2.10 -98.75
N LEU GB 90 54.99 -1.74 -99.27
CA LEU GB 90 54.32 -0.46 -99.02
C LEU GB 90 55.21 0.75 -99.25
N ASP GB 91 55.55 1.01 -100.53
CA ASP GB 91 56.55 1.99 -100.92
C ASP GB 91 56.30 3.40 -100.38
N LYS GB 92 57.39 4.14 -100.17
CA LYS GB 92 57.39 5.40 -99.45
C LYS GB 92 57.12 6.60 -100.35
N THR GB 93 57.27 6.45 -101.67
CA THR GB 93 57.02 7.56 -102.58
C THR GB 93 55.53 7.90 -102.65
N VAL GB 94 54.67 6.90 -102.46
CA VAL GB 94 53.23 7.14 -102.51
C VAL GB 94 52.72 7.58 -101.14
N VAL GB 95 53.10 6.86 -100.10
CA VAL GB 95 52.62 7.12 -98.74
C VAL GB 95 53.67 7.93 -97.98
N ASN GB 96 53.28 9.12 -97.53
CA ASN GB 96 54.23 10.08 -96.98
C ASN GB 96 53.47 10.99 -96.02
N LYS GB 97 54.24 11.77 -95.24
CA LYS GB 97 53.62 12.73 -94.32
C LYS GB 97 52.98 13.91 -95.05
N ASP GB 98 53.43 14.20 -96.27
CA ASP GB 98 52.89 15.32 -97.04
C ASP GB 98 51.58 14.96 -97.73
N VAL GB 99 51.15 13.70 -97.62
CA VAL GB 99 49.97 13.22 -98.34
C VAL GB 99 48.69 13.71 -97.68
N PHE GB 100 48.72 13.94 -96.36
CA PHE GB 100 47.48 14.22 -95.60
C PHE GB 100 46.89 15.59 -95.91
N ARG GB 101 47.66 16.49 -96.53
CA ARG GB 101 47.11 17.79 -96.87
C ARG GB 101 46.28 17.73 -98.15
N ASP GB 102 46.45 16.65 -98.93
CA ASP GB 102 45.75 16.56 -100.21
C ASP GB 102 44.88 15.31 -100.24
N PRO GB 103 43.53 15.45 -100.30
CA PRO GB 103 42.65 14.26 -100.27
C PRO GB 103 42.74 13.40 -101.52
N ALA GB 104 43.11 13.98 -102.66
CA ALA GB 104 43.31 13.19 -103.87
C ALA GB 104 44.51 12.27 -103.74
N LEU GB 105 45.63 12.78 -103.22
CA LEU GB 105 46.78 11.93 -102.95
C LEU GB 105 46.51 10.97 -101.82
N LYS GB 106 45.62 11.32 -100.87
CA LYS GB 106 45.28 10.36 -99.83
C LYS GB 106 44.44 9.21 -100.37
N ARG GB 107 43.56 9.50 -101.33
CA ARG GB 107 42.84 8.42 -102.02
C ARG GB 107 43.78 7.59 -102.87
N LYS GB 108 44.80 8.21 -103.47
CA LYS GB 108 45.80 7.45 -104.22
C LYS GB 108 46.62 6.54 -103.33
N ALA GB 109 46.99 7.03 -102.13
CA ALA GB 109 47.72 6.20 -101.19
C ALA GB 109 46.85 5.09 -100.62
N ARG GB 110 45.55 5.37 -100.44
CA ARG GB 110 44.62 4.33 -100.01
C ARG GB 110 44.46 3.26 -101.08
N ARG GB 111 44.45 3.66 -102.36
CA ARG GB 111 44.39 2.68 -103.45
C ARG GB 111 45.66 1.85 -103.51
N GLU GB 112 46.82 2.48 -103.31
CA GLU GB 112 48.09 1.76 -103.35
C GLU GB 112 48.21 0.78 -102.20
N ALA GB 113 47.71 1.15 -101.01
CA ALA GB 113 47.72 0.22 -99.89
C ALA GB 113 46.67 -0.88 -100.08
N LYS GB 114 45.54 -0.55 -100.71
CA LYS GB 114 44.49 -1.52 -100.99
C LYS GB 114 44.97 -2.62 -101.93
N VAL GB 115 45.73 -2.24 -102.98
CA VAL GB 115 46.27 -3.22 -103.92
C VAL GB 115 47.21 -4.20 -103.22
N LYS GB 116 48.09 -3.68 -102.37
CA LYS GB 116 49.07 -4.52 -101.67
C LYS GB 116 48.41 -5.44 -100.65
N PHE GB 117 47.45 -4.94 -99.87
CA PHE GB 117 46.83 -5.82 -98.88
C PHE GB 117 45.88 -6.83 -99.53
N GLU GB 118 45.24 -6.47 -100.65
CA GLU GB 118 44.39 -7.43 -101.36
C GLU GB 118 45.24 -8.52 -102.00
N GLU GB 119 46.39 -8.16 -102.60
CA GLU GB 119 47.21 -9.21 -103.21
C GLU GB 119 47.89 -10.07 -102.15
N ARG GB 120 48.20 -9.51 -100.97
CA ARG GB 120 48.76 -10.34 -99.92
C ARG GB 120 47.71 -11.26 -99.31
N TYR GB 121 46.46 -10.81 -99.22
CA TYR GB 121 45.39 -11.70 -98.75
C TYR GB 121 45.07 -12.77 -99.78
N LYS GB 122 45.24 -12.46 -101.08
CA LYS GB 122 45.03 -13.49 -102.09
C LYS GB 122 46.15 -14.51 -102.11
N THR GB 123 47.39 -14.09 -101.80
CA THR GB 123 48.47 -15.06 -101.66
C THR GB 123 48.32 -15.90 -100.40
N GLY GB 124 47.87 -15.29 -99.30
CA GLY GB 124 47.60 -16.04 -98.09
C GLY GB 124 48.78 -16.20 -97.17
N LYS GB 125 49.39 -15.09 -96.77
CA LYS GB 125 50.44 -15.06 -95.78
C LYS GB 125 50.05 -14.11 -94.66
N ASN GB 126 50.42 -14.47 -93.43
CA ASN GB 126 50.06 -13.73 -92.21
C ASN GB 126 48.55 -13.57 -92.08
N LYS GB 127 47.86 -14.70 -91.91
CA LYS GB 127 46.41 -14.71 -91.85
C LYS GB 127 45.86 -14.13 -90.54
N TRP GB 128 46.71 -14.00 -89.51
CA TRP GB 128 46.27 -13.35 -88.28
C TRP GB 128 46.01 -11.87 -88.50
N PHE GB 129 46.72 -11.26 -89.45
CA PHE GB 129 46.54 -9.85 -89.74
C PHE GB 129 45.16 -9.59 -90.36
N PHE GB 130 44.62 -10.57 -91.08
CA PHE GB 130 43.32 -10.40 -91.69
C PHE GB 130 42.19 -11.02 -90.88
N GLN GB 131 42.49 -11.91 -89.94
CA GLN GB 131 41.49 -12.35 -88.98
C GLN GB 131 41.15 -11.21 -88.01
N LYS GB 132 39.88 -11.13 -87.64
CA LYS GB 132 39.42 -10.04 -86.80
C LYS GB 132 39.77 -10.29 -85.34
N LEU GB 133 39.89 -9.20 -84.58
CA LEU GB 133 40.06 -9.28 -83.14
C LEU GB 133 38.70 -9.25 -82.48
N ARG GB 134 38.38 -10.28 -81.72
CA ARG GB 134 37.06 -10.44 -81.11
C ARG GB 134 37.05 -9.72 -79.77
N PHE GB 135 36.46 -8.53 -79.74
CA PHE GB 135 36.32 -7.78 -78.49
C PHE GB 135 34.88 -7.34 -78.30
N PRO HB 1 -73.84 -17.98 -33.38
CA PRO HB 1 -74.48 -16.77 -32.87
C PRO HB 1 -73.64 -16.05 -31.81
N SER HB 2 -73.01 -14.95 -32.22
CA SER HB 2 -72.22 -14.17 -31.27
C SER HB 2 -73.11 -13.32 -30.37
N ARG HB 3 -74.36 -13.10 -30.77
CA ARG HB 3 -75.28 -12.33 -29.93
C ARG HB 3 -75.80 -13.14 -28.76
N LEU HB 4 -75.66 -14.47 -28.82
CA LEU HB 4 -76.11 -15.32 -27.72
C LEU HB 4 -74.98 -15.73 -26.79
N ARG HB 5 -73.73 -15.40 -27.12
CA ARG HB 5 -72.61 -15.80 -26.29
C ARG HB 5 -72.47 -14.88 -25.08
N LYS HB 6 -71.43 -15.15 -24.29
CA LYS HB 6 -71.24 -14.47 -23.01
C LYS HB 6 -70.58 -13.10 -23.20
N THR HB 7 -69.89 -12.89 -24.32
CA THR HB 7 -69.07 -11.69 -24.48
C THR HB 7 -69.91 -10.44 -24.71
N ARG HB 8 -71.21 -10.61 -25.02
CA ARG HB 8 -72.08 -9.44 -25.13
C ARG HB 8 -72.44 -8.91 -23.74
N LYS HB 9 -72.64 -9.80 -22.78
CA LYS HB 9 -72.99 -9.37 -21.43
C LYS HB 9 -71.77 -8.85 -20.67
N LEU HB 10 -70.57 -9.24 -21.10
CA LEU HB 10 -69.38 -8.85 -20.36
C LEU HB 10 -68.80 -7.52 -20.83
N ARG HB 11 -69.42 -6.86 -21.81
CA ARG HB 11 -68.97 -5.54 -22.21
C ARG HB 11 -69.35 -4.51 -21.15
N GLY HB 12 -68.34 -3.84 -20.61
CA GLY HB 12 -68.56 -2.92 -19.51
C GLY HB 12 -67.78 -3.35 -18.27
N HIS HB 13 -67.72 -4.66 -18.06
CA HIS HB 13 -66.89 -5.22 -17.01
C HIS HB 13 -65.41 -5.15 -17.42
N VAL HB 14 -64.58 -4.67 -16.51
CA VAL HB 14 -63.17 -4.42 -16.86
C VAL HB 14 -62.42 -5.73 -17.02
N SER HB 15 -62.56 -6.65 -16.07
CA SER HB 15 -61.79 -7.89 -16.12
C SER HB 15 -62.38 -8.91 -17.09
N HIS HB 16 -63.61 -8.67 -17.58
CA HIS HB 16 -64.28 -9.47 -18.61
C HIS HB 16 -64.48 -10.92 -18.15
N GLY HB 17 -64.93 -11.08 -16.91
CA GLY HB 17 -65.22 -12.41 -16.39
C GLY HB 17 -64.01 -13.25 -16.07
N HIS HB 18 -62.84 -12.64 -15.90
CA HIS HB 18 -61.61 -13.38 -15.63
C HIS HB 18 -60.82 -12.83 -14.46
N GLY HB 19 -61.46 -12.16 -13.51
CA GLY HB 19 -60.80 -11.81 -12.27
C GLY HB 19 -59.97 -10.54 -12.30
N ARG HB 20 -60.00 -9.80 -11.19
CA ARG HB 20 -59.30 -8.54 -11.06
C ARG HB 20 -57.98 -8.67 -10.32
N ILE HB 21 -57.90 -9.55 -9.31
CA ILE HB 21 -56.66 -9.72 -8.56
C ILE HB 21 -55.61 -10.42 -9.39
N GLY HB 22 -55.91 -11.64 -9.85
CA GLY HB 22 -55.04 -12.33 -10.78
C GLY HB 22 -55.58 -12.23 -12.19
N LYS HB 23 -54.89 -11.49 -13.05
CA LYS HB 23 -55.36 -11.21 -14.39
C LYS HB 23 -55.33 -12.45 -15.26
N HIS HB 24 -56.06 -12.40 -16.36
CA HIS HB 24 -56.09 -13.51 -17.33
C HIS HB 24 -54.79 -13.48 -18.11
N ARG HB 25 -53.79 -14.16 -17.56
CA ARG HB 25 -52.50 -14.29 -18.21
C ARG HB 25 -52.57 -15.36 -19.30
N LYS HB 26 -51.46 -15.54 -20.00
CA LYS HB 26 -51.48 -16.38 -21.19
C LYS HB 26 -51.52 -17.87 -20.83
N HIS HB 27 -50.50 -18.34 -20.10
CA HIS HB 27 -50.43 -19.74 -19.69
C HIS HB 27 -49.88 -19.80 -18.27
N PRO HB 28 -50.76 -19.75 -17.26
CA PRO HB 28 -50.26 -19.73 -15.88
C PRO HB 28 -49.69 -21.04 -15.39
N GLY HB 29 -50.35 -22.17 -15.70
CA GLY HB 29 -49.91 -23.44 -15.19
C GLY HB 29 -49.35 -24.37 -16.25
N GLY HB 30 -48.59 -23.81 -17.18
CA GLY HB 30 -48.00 -24.59 -18.26
C GLY HB 30 -49.00 -24.88 -19.38
N ARG HB 31 -48.47 -25.37 -20.49
CA ARG HB 31 -49.26 -25.66 -21.67
C ARG HB 31 -49.73 -27.11 -21.67
N GLY HB 32 -51.04 -27.30 -21.73
CA GLY HB 32 -51.61 -28.63 -21.87
C GLY HB 32 -51.48 -29.50 -20.64
N ASN HB 33 -50.62 -30.52 -20.72
CA ASN HB 33 -50.43 -31.50 -19.66
C ASN HB 33 -49.08 -31.29 -18.97
N ALA HB 34 -48.71 -30.04 -18.75
CA ALA HB 34 -47.40 -29.69 -18.22
C ALA HB 34 -47.30 -30.06 -16.74
N GLY HB 35 -46.24 -30.80 -16.41
CA GLY HB 35 -45.96 -31.13 -15.02
C GLY HB 35 -46.94 -32.09 -14.39
N GLY HB 36 -47.22 -33.21 -15.07
CA GLY HB 36 -48.11 -34.20 -14.50
C GLY HB 36 -47.50 -34.96 -13.35
N MET HB 37 -46.17 -35.03 -13.29
CA MET HB 37 -45.47 -35.68 -12.19
C MET HB 37 -44.97 -34.70 -11.14
N HIS HB 38 -45.07 -33.40 -11.38
CA HIS HB 38 -44.46 -32.43 -10.48
C HIS HB 38 -45.48 -31.61 -9.70
N HIS HB 39 -46.36 -30.89 -10.40
CA HIS HB 39 -47.30 -29.99 -9.73
C HIS HB 39 -48.75 -30.24 -10.09
N HIS HB 40 -49.02 -31.00 -11.14
CA HIS HB 40 -50.37 -31.49 -11.45
C HIS HB 40 -50.48 -32.96 -11.07
N ARG HB 41 -49.81 -33.33 -9.98
CA ARG HB 41 -49.84 -34.71 -9.50
C ARG HB 41 -51.20 -35.06 -8.91
N ILE HB 42 -51.83 -34.13 -8.21
CA ILE HB 42 -53.05 -34.41 -7.47
C ILE HB 42 -54.23 -34.59 -8.42
N ASN HB 43 -54.28 -33.82 -9.51
CA ASN HB 43 -55.36 -33.94 -10.48
C ASN HB 43 -55.30 -35.29 -11.20
N PHE HB 44 -54.09 -35.72 -11.55
CA PHE HB 44 -53.94 -37.02 -12.20
C PHE HB 44 -54.10 -38.17 -11.22
N ASP HB 45 -53.85 -37.95 -9.93
CA ASP HB 45 -54.12 -39.00 -8.95
C ASP HB 45 -55.60 -39.15 -8.68
N LYS HB 46 -56.34 -38.03 -8.68
CA LYS HB 46 -57.75 -38.08 -8.32
C LYS HB 46 -58.67 -38.30 -9.52
N TYR HB 47 -58.16 -38.13 -10.75
CA TYR HB 47 -59.03 -38.21 -11.91
C TYR HB 47 -58.51 -39.05 -13.07
N HIS HB 48 -57.23 -39.45 -13.08
CA HIS HB 48 -56.70 -40.32 -14.13
C HIS HB 48 -55.77 -41.36 -13.54
N PRO HB 49 -56.31 -42.40 -12.89
CA PRO HB 49 -55.45 -43.39 -12.22
C PRO HB 49 -54.84 -44.36 -13.22
N GLY HB 50 -53.51 -44.46 -13.20
CA GLY HB 50 -52.80 -45.40 -14.05
C GLY HB 50 -52.25 -44.80 -15.33
N TYR HB 51 -52.19 -43.48 -15.45
CA TYR HB 51 -51.80 -42.84 -16.71
C TYR HB 51 -50.30 -42.99 -16.95
N PHE HB 52 -49.51 -43.08 -15.88
CA PHE HB 52 -48.07 -43.16 -16.01
C PHE HB 52 -47.58 -44.60 -15.88
N GLY HB 53 -46.64 -44.97 -16.75
CA GLY HB 53 -46.02 -46.27 -16.68
C GLY HB 53 -46.54 -47.23 -17.74
N LYS HB 54 -45.82 -48.33 -17.90
CA LYS HB 54 -46.16 -49.38 -18.86
C LYS HB 54 -46.70 -50.61 -18.14
N VAL HB 55 -47.44 -51.42 -18.90
CA VAL HB 55 -47.97 -52.69 -18.42
C VAL HB 55 -48.21 -53.59 -19.62
N GLY HB 56 -47.99 -54.88 -19.43
CA GLY HB 56 -48.32 -55.86 -20.46
C GLY HB 56 -47.29 -55.96 -21.57
N MET HB 57 -47.45 -56.99 -22.38
CA MET HB 57 -46.54 -57.28 -23.49
C MET HB 57 -46.75 -56.29 -24.62
N ARG HB 58 -45.72 -56.13 -25.44
CA ARG HB 58 -45.74 -55.20 -26.56
C ARG HB 58 -46.00 -55.99 -27.84
N HIS HB 59 -47.27 -56.13 -28.20
CA HIS HB 59 -47.65 -56.77 -29.45
C HIS HB 59 -47.35 -55.77 -30.57
N TYR HB 60 -46.39 -56.11 -31.43
CA TYR HB 60 -45.83 -55.13 -32.35
C TYR HB 60 -46.79 -54.81 -33.49
N HIS HB 61 -47.13 -55.82 -34.29
CA HIS HB 61 -47.98 -55.60 -35.46
C HIS HB 61 -49.35 -56.23 -35.17
N LEU HB 62 -50.22 -55.43 -34.54
CA LEU HB 62 -51.54 -55.90 -34.18
C LEU HB 62 -52.46 -55.86 -35.39
N LYS HB 63 -53.42 -56.79 -35.41
CA LYS HB 63 -54.36 -56.91 -36.52
C LYS HB 63 -55.77 -56.98 -35.94
N ARG HB 64 -56.54 -55.91 -36.14
CA ARG HB 64 -57.96 -55.94 -35.78
C ARG HB 64 -58.74 -56.91 -36.65
N ASN HB 65 -58.24 -57.21 -37.85
CA ASN HB 65 -58.84 -58.24 -38.68
C ASN HB 65 -58.73 -59.62 -38.03
N GLN HB 66 -57.59 -59.90 -37.40
CA GLN HB 66 -57.45 -61.16 -36.66
C GLN HB 66 -58.24 -61.12 -35.35
N SER HB 67 -58.23 -59.96 -34.69
CA SER HB 67 -58.94 -59.82 -33.41
C SER HB 67 -60.45 -59.65 -33.57
N PHE HB 68 -60.96 -59.61 -34.79
CA PHE HB 68 -62.39 -59.46 -35.03
C PHE HB 68 -63.16 -60.73 -34.67
N CYS HB 69 -64.05 -60.63 -33.69
CA CYS HB 69 -64.91 -61.73 -33.26
C CYS HB 69 -66.13 -61.16 -32.58
N PRO HB 70 -67.18 -60.80 -33.34
CA PRO HB 70 -68.36 -60.16 -32.74
C PRO HB 70 -69.24 -61.19 -32.03
N THR HB 71 -69.84 -60.79 -30.93
CA THR HB 71 -70.68 -61.69 -30.15
C THR HB 71 -72.15 -61.31 -30.31
N VAL HB 72 -73.00 -62.34 -30.26
CA VAL HB 72 -74.44 -62.13 -30.25
C VAL HB 72 -75.02 -63.01 -29.14
N ASN HB 73 -76.03 -62.49 -28.45
CA ASN HB 73 -76.60 -63.18 -27.31
C ASN HB 73 -77.76 -64.07 -27.74
N LEU HB 74 -78.10 -65.03 -26.88
CA LEU HB 74 -79.29 -65.85 -27.11
C LEU HB 74 -80.57 -65.10 -26.77
N ASP HB 75 -80.47 -63.97 -26.08
CA ASP HB 75 -81.66 -63.23 -25.70
C ASP HB 75 -82.29 -62.54 -26.91
N LYS HB 76 -81.46 -62.11 -27.86
CA LYS HB 76 -81.92 -61.43 -29.06
C LYS HB 76 -81.44 -62.19 -30.30
N LEU HB 77 -81.40 -63.52 -30.19
CA LEU HB 77 -81.04 -64.35 -31.33
C LEU HB 77 -82.15 -64.38 -32.38
N TRP HB 78 -83.41 -64.23 -31.94
CA TRP HB 78 -84.55 -64.25 -32.84
C TRP HB 78 -84.76 -62.92 -33.56
N THR HB 79 -83.93 -61.90 -33.28
CA THR HB 79 -84.01 -60.66 -34.05
C THR HB 79 -83.32 -60.80 -35.40
N LEU HB 80 -82.43 -61.78 -35.53
CA LEU HB 80 -81.69 -61.97 -36.77
C LEU HB 80 -82.58 -62.62 -37.83
N VAL HB 81 -83.30 -63.66 -37.46
CA VAL HB 81 -84.16 -64.42 -38.36
C VAL HB 81 -85.57 -63.85 -38.24
N SER HB 82 -86.33 -63.88 -39.34
CA SER HB 82 -87.64 -63.23 -39.40
C SER HB 82 -88.65 -63.91 -38.47
N GLU HB 83 -89.75 -63.20 -38.24
CA GLU HB 83 -90.71 -63.60 -37.21
C GLU HB 83 -91.60 -64.75 -37.67
N GLN HB 84 -91.83 -64.86 -38.98
CA GLN HB 84 -92.65 -65.96 -39.50
C GLN HB 84 -91.94 -67.30 -39.37
N THR HB 85 -90.61 -67.31 -39.27
CA THR HB 85 -89.89 -68.54 -38.93
C THR HB 85 -90.23 -69.00 -37.52
N ARG HB 86 -90.32 -68.06 -36.57
CA ARG HB 86 -90.74 -68.38 -35.22
C ARG HB 86 -92.20 -68.83 -35.18
N VAL HB 87 -93.05 -68.22 -36.01
CA VAL HB 87 -94.46 -68.62 -36.08
C VAL HB 87 -94.59 -70.04 -36.62
N ASN HB 88 -93.85 -70.37 -37.69
CA ASN HB 88 -93.90 -71.71 -38.25
C ASN HB 88 -93.25 -72.74 -37.33
N ALA HB 89 -92.22 -72.35 -36.58
CA ALA HB 89 -91.61 -73.27 -35.63
C ALA HB 89 -92.53 -73.54 -34.45
N ALA HB 90 -93.33 -72.56 -34.05
CA ALA HB 90 -94.34 -72.80 -33.03
C ALA HB 90 -95.53 -73.56 -33.59
N LYS HB 91 -95.78 -73.47 -34.89
CA LYS HB 91 -96.96 -74.07 -35.48
C LYS HB 91 -96.75 -75.54 -35.85
N ASN HB 92 -95.52 -75.92 -36.24
CA ASN HB 92 -95.25 -77.26 -36.73
C ASN HB 92 -95.36 -78.29 -35.61
N LYS HB 93 -96.17 -79.32 -35.84
CA LYS HB 93 -96.35 -80.38 -34.86
C LYS HB 93 -95.27 -81.44 -34.97
N THR HB 94 -94.68 -81.58 -36.17
CA THR HB 94 -93.67 -82.62 -36.40
C THR HB 94 -92.38 -82.32 -35.63
N GLY HB 95 -91.96 -81.07 -35.61
CA GLY HB 95 -90.75 -80.69 -34.90
C GLY HB 95 -89.61 -80.33 -35.81
N ALA HB 96 -89.93 -79.69 -36.94
CA ALA HB 96 -88.92 -79.24 -37.89
C ALA HB 96 -88.31 -77.96 -37.36
N ALA HB 97 -87.11 -78.07 -36.80
CA ALA HB 97 -86.47 -76.93 -36.16
C ALA HB 97 -85.85 -75.99 -37.19
N PRO HB 98 -86.00 -74.68 -37.04
CA PRO HB 98 -85.37 -73.76 -37.98
C PRO HB 98 -83.86 -73.66 -37.75
N ILE HB 99 -83.14 -73.37 -38.83
CA ILE HB 99 -81.70 -73.22 -38.79
C ILE HB 99 -81.37 -71.73 -38.74
N ILE HB 100 -80.74 -71.30 -37.65
CA ILE HB 100 -80.30 -69.92 -37.48
C ILE HB 100 -78.82 -69.89 -37.86
N ASP HB 101 -78.52 -69.31 -39.02
CA ASP HB 101 -77.15 -69.15 -39.47
C ASP HB 101 -76.64 -67.81 -38.95
N VAL HB 102 -75.68 -67.86 -38.03
CA VAL HB 102 -75.23 -66.65 -37.35
C VAL HB 102 -74.18 -65.91 -38.17
N VAL HB 103 -73.33 -66.65 -38.91
CA VAL HB 103 -72.33 -66.04 -39.76
C VAL HB 103 -72.97 -65.33 -40.94
N ARG HB 104 -74.12 -65.84 -41.41
CA ARG HB 104 -74.89 -65.15 -42.43
C ARG HB 104 -75.47 -63.84 -41.90
N SER HB 105 -75.85 -63.82 -40.63
CA SER HB 105 -76.37 -62.59 -40.04
C SER HB 105 -75.25 -61.58 -39.77
N GLY HB 106 -74.05 -62.06 -39.50
CA GLY HB 106 -72.91 -61.17 -39.31
C GLY HB 106 -72.31 -61.18 -37.92
N TYR HB 107 -72.40 -62.33 -37.24
CA TYR HB 107 -71.78 -62.51 -35.95
C TYR HB 107 -71.05 -63.85 -35.96
N TYR HB 108 -69.98 -63.94 -35.16
CA TYR HB 108 -69.17 -65.15 -35.11
C TYR HB 108 -69.46 -65.99 -33.87
N LYS HB 109 -69.41 -65.38 -32.70
CA LYS HB 109 -69.57 -66.11 -31.45
C LYS HB 109 -70.95 -65.86 -30.86
N VAL HB 110 -71.55 -66.93 -30.32
CA VAL HB 110 -72.88 -66.89 -29.72
C VAL HB 110 -72.72 -67.11 -28.22
N LEU HB 111 -73.07 -66.11 -27.44
CA LEU HB 111 -73.07 -66.21 -25.98
C LEU HB 111 -74.49 -66.41 -25.49
N GLY HB 112 -74.63 -67.05 -24.33
CA GLY HB 112 -75.95 -67.26 -23.78
C GLY HB 112 -76.30 -66.35 -22.63
N LYS HB 113 -77.05 -65.29 -22.89
CA LYS HB 113 -77.34 -64.28 -21.88
C LYS HB 113 -78.74 -64.42 -21.28
N GLY HB 114 -79.77 -64.39 -22.12
CA GLY HB 114 -81.11 -64.35 -21.62
C GLY HB 114 -81.91 -65.61 -21.88
N LYS HB 115 -83.22 -65.48 -21.72
CA LYS HB 115 -84.13 -66.61 -21.87
C LYS HB 115 -84.33 -66.94 -23.35
N LEU HB 116 -84.33 -68.24 -23.65
CA LEU HB 116 -84.63 -68.75 -24.97
C LEU HB 116 -86.00 -69.44 -24.95
N PRO HB 117 -86.88 -69.14 -25.91
CA PRO HB 117 -88.23 -69.75 -25.87
C PRO HB 117 -88.19 -71.23 -26.22
N LYS HB 118 -89.12 -71.97 -25.63
CA LYS HB 118 -89.09 -73.43 -25.64
C LYS HB 118 -89.52 -73.96 -27.00
N GLN HB 119 -88.57 -73.98 -27.92
CA GLN HB 119 -88.72 -74.58 -29.24
C GLN HB 119 -87.34 -74.92 -29.81
N PRO HB 120 -87.22 -76.01 -30.58
CA PRO HB 120 -85.89 -76.44 -31.02
C PRO HB 120 -85.30 -75.53 -32.09
N VAL HB 121 -83.99 -75.36 -32.05
CA VAL HB 121 -83.25 -74.55 -33.02
C VAL HB 121 -82.06 -75.34 -33.52
N ILE HB 122 -81.51 -74.92 -34.65
CA ILE HB 122 -80.22 -75.41 -35.11
C ILE HB 122 -79.32 -74.20 -35.34
N VAL HB 123 -78.44 -73.91 -34.39
CA VAL HB 123 -77.65 -72.69 -34.45
C VAL HB 123 -76.32 -73.03 -35.12
N LYS HB 124 -76.10 -72.47 -36.31
CA LYS HB 124 -74.84 -72.64 -37.04
C LYS HB 124 -74.00 -71.39 -36.82
N ALA HB 125 -72.98 -71.50 -35.96
CA ALA HB 125 -72.13 -70.38 -35.61
C ALA HB 125 -70.68 -70.81 -35.66
N LYS HB 126 -69.79 -69.82 -35.48
CA LYS HB 126 -68.36 -70.10 -35.56
C LYS HB 126 -67.82 -70.56 -34.21
N PHE HB 127 -68.28 -69.95 -33.12
CA PHE HB 127 -67.87 -70.34 -31.77
C PHE HB 127 -69.11 -70.41 -30.88
N PHE HB 128 -68.95 -71.07 -29.73
CA PHE HB 128 -70.01 -71.20 -28.75
C PHE HB 128 -69.43 -71.06 -27.36
N SER HB 129 -70.26 -70.61 -26.43
CA SER HB 129 -69.94 -70.62 -25.01
C SER HB 129 -70.55 -71.84 -24.37
N ARG HB 130 -70.00 -72.22 -23.20
CA ARG HB 130 -70.54 -73.37 -22.47
C ARG HB 130 -71.93 -73.05 -21.92
N ARG HB 131 -72.13 -71.82 -21.45
CA ARG HB 131 -73.45 -71.42 -20.96
C ARG HB 131 -74.47 -71.38 -22.10
N ALA HB 132 -74.04 -70.93 -23.28
CA ALA HB 132 -74.92 -70.91 -24.44
C ALA HB 132 -75.26 -72.33 -24.88
N GLU HB 133 -74.30 -73.25 -24.84
CA GLU HB 133 -74.55 -74.64 -25.18
C GLU HB 133 -75.50 -75.29 -24.18
N GLU HB 134 -75.34 -74.98 -22.89
CA GLU HB 134 -76.24 -75.51 -21.88
C GLU HB 134 -77.65 -74.96 -22.04
N LYS HB 135 -77.80 -73.68 -22.39
CA LYS HB 135 -79.13 -73.11 -22.63
C LYS HB 135 -79.79 -73.73 -23.86
N ILE HB 136 -79.03 -73.91 -24.94
CA ILE HB 136 -79.60 -74.46 -26.17
C ILE HB 136 -79.96 -75.94 -25.99
N LYS HB 137 -79.13 -76.70 -25.28
CA LYS HB 137 -79.45 -78.11 -25.06
C LYS HB 137 -80.52 -78.29 -23.99
N GLY HB 138 -80.69 -77.30 -23.10
CA GLY HB 138 -81.76 -77.38 -22.12
C GLY HB 138 -83.10 -77.04 -22.72
N VAL HB 139 -83.13 -76.07 -23.63
CA VAL HB 139 -84.37 -75.77 -24.37
C VAL HB 139 -84.67 -76.90 -25.35
N GLY HB 140 -83.64 -77.40 -26.02
CA GLY HB 140 -83.80 -78.32 -27.12
C GLY HB 140 -83.21 -77.68 -28.36
N GLY HB 141 -82.33 -78.39 -29.05
CA GLY HB 141 -81.66 -77.83 -30.21
C GLY HB 141 -80.24 -78.34 -30.39
N ALA HB 142 -79.63 -77.88 -31.48
CA ALA HB 142 -78.30 -78.31 -31.87
C ALA HB 142 -77.39 -77.11 -32.09
N CYS HB 143 -76.11 -77.33 -31.83
CA CYS HB 143 -75.07 -76.31 -31.98
C CYS HB 143 -74.09 -76.81 -33.05
N VAL HB 144 -74.31 -76.40 -34.29
CA VAL HB 144 -73.48 -76.86 -35.40
C VAL HB 144 -72.31 -75.91 -35.58
N LEU HB 145 -71.10 -76.44 -35.53
CA LEU HB 145 -69.90 -75.65 -35.79
C LEU HB 145 -69.69 -75.48 -37.28
N VAL HB 146 -69.10 -74.34 -37.65
CA VAL HB 146 -68.81 -74.04 -39.05
C VAL HB 146 -67.59 -73.14 -39.08
N ALA HB 147 -66.79 -73.29 -40.14
CA ALA HB 147 -65.58 -72.49 -40.29
C ALA HB 147 -65.82 -71.33 -41.25
N ALA IB 1 -39.32 -11.23 1.43
CA ALA IB 1 -40.74 -11.23 1.14
C ALA IB 1 -41.46 -12.32 1.92
N LYS IB 2 -41.82 -12.02 3.16
CA LYS IB 2 -42.49 -12.98 4.00
C LYS IB 2 -43.98 -13.05 3.65
N SER IB 3 -44.69 -13.97 4.30
CA SER IB 3 -46.11 -14.17 4.06
C SER IB 3 -46.74 -14.76 5.32
N LYS IB 4 -48.06 -14.61 5.41
CA LYS IB 4 -48.80 -15.20 6.51
C LYS IB 4 -48.92 -16.71 6.31
N ASN IB 5 -48.63 -17.47 7.37
CA ASN IB 5 -48.43 -18.90 7.20
C ASN IB 5 -49.74 -19.68 7.37
N HIS IB 6 -50.35 -19.60 8.54
CA HIS IB 6 -51.49 -20.45 8.86
C HIS IB 6 -52.44 -19.69 9.78
N THR IB 7 -53.73 -19.80 9.49
CA THR IB 7 -54.74 -19.20 10.34
C THR IB 7 -56.03 -20.01 10.21
N THR IB 8 -56.94 -19.78 11.15
CA THR IB 8 -58.24 -20.43 11.15
C THR IB 8 -59.30 -19.36 11.41
N HIS IB 9 -59.19 -18.25 10.68
CA HIS IB 9 -60.01 -17.07 10.97
C HIS IB 9 -61.42 -17.22 10.40
N ASN IB 10 -61.54 -17.37 9.09
CA ASN IB 10 -62.82 -17.37 8.42
C ASN IB 10 -63.37 -18.78 8.25
N GLN IB 11 -62.67 -19.79 8.78
CA GLN IB 11 -63.04 -21.18 8.57
C GLN IB 11 -64.36 -21.52 9.25
N SER IB 12 -64.59 -20.98 10.45
CA SER IB 12 -65.83 -21.29 11.16
C SER IB 12 -67.04 -20.60 10.54
N ARG IB 13 -66.82 -19.56 9.74
CA ARG IB 13 -67.93 -18.96 9.00
C ARG IB 13 -68.18 -19.71 7.71
N LYS IB 14 -67.10 -20.12 7.02
CA LYS IB 14 -67.25 -20.83 5.75
C LYS IB 14 -67.84 -22.22 5.95
N TRP IB 15 -67.59 -22.83 7.13
CA TRP IB 15 -68.21 -24.12 7.40
C TRP IB 15 -69.72 -23.97 7.60
N HIS IB 16 -70.14 -22.95 8.34
CA HIS IB 16 -71.54 -22.77 8.72
C HIS IB 16 -72.35 -22.02 7.68
N ARG IB 17 -71.73 -21.53 6.61
CA ARG IB 17 -72.53 -21.04 5.48
C ARG IB 17 -73.34 -22.16 4.85
N ASN IB 18 -72.67 -23.20 4.35
CA ASN IB 18 -73.41 -24.36 3.84
C ASN IB 18 -73.82 -25.30 4.97
N GLY IB 19 -73.28 -25.12 6.17
CA GLY IB 19 -73.73 -25.89 7.31
C GLY IB 19 -72.99 -27.19 7.51
N ILE IB 20 -72.54 -27.43 8.75
CA ILE IB 20 -71.83 -28.67 9.07
C ILE IB 20 -72.87 -29.78 9.18
N LYS IB 21 -72.98 -30.61 8.14
CA LYS IB 21 -74.03 -31.60 8.08
C LYS IB 21 -73.67 -32.84 8.88
N LYS IB 22 -74.65 -33.35 9.63
CA LYS IB 22 -74.53 -34.65 10.26
C LYS IB 22 -74.55 -35.73 9.19
N PRO IB 23 -73.93 -36.89 9.44
CA PRO IB 23 -73.96 -37.96 8.45
C PRO IB 23 -75.35 -38.55 8.27
N ARG IB 24 -75.64 -38.97 7.05
CA ARG IB 24 -76.98 -39.43 6.68
C ARG IB 24 -77.26 -40.78 7.33
N SER IB 25 -78.11 -40.78 8.35
CA SER IB 25 -78.50 -42.03 8.99
C SER IB 25 -79.41 -42.83 8.08
N GLN IB 26 -79.10 -44.12 7.94
CA GLN IB 26 -79.86 -44.99 7.05
C GLN IB 26 -79.81 -46.40 7.63
N ARG IB 27 -80.98 -47.03 7.74
CA ARG IB 27 -81.04 -48.40 8.25
C ARG IB 27 -80.53 -49.35 7.17
N TYR IB 28 -80.15 -50.57 7.62
CA TYR IB 28 -79.36 -51.53 6.87
C TYR IB 28 -78.05 -50.90 6.38
N GLU IB 29 -77.15 -50.58 7.31
CA GLU IB 29 -75.84 -50.04 6.98
C GLU IB 29 -74.96 -51.10 6.34
N SER IB 30 -73.84 -50.64 5.78
CA SER IB 30 -72.92 -51.53 5.08
C SER IB 30 -72.18 -52.43 6.07
N LEU IB 31 -71.74 -53.58 5.56
CA LEU IB 31 -71.08 -54.60 6.37
C LEU IB 31 -69.59 -54.71 6.05
N LYS IB 32 -68.93 -53.57 5.84
CA LYS IB 32 -67.50 -53.54 5.56
C LYS IB 32 -66.70 -53.54 6.86
N GLY IB 33 -65.74 -54.45 6.97
CA GLY IB 33 -64.97 -54.56 8.19
C GLY IB 33 -65.57 -55.51 9.21
N VAL IB 34 -66.42 -56.43 8.77
CA VAL IB 34 -67.01 -57.46 9.61
C VAL IB 34 -66.14 -58.70 9.50
N ASP IB 35 -65.95 -59.40 10.63
CA ASP IB 35 -65.07 -60.56 10.71
C ASP IB 35 -65.49 -61.68 9.76
N PRO IB 36 -64.54 -62.29 9.02
CA PRO IB 36 -64.92 -63.17 7.90
C PRO IB 36 -65.58 -64.47 8.32
N LYS IB 37 -65.30 -64.97 9.53
CA LYS IB 37 -65.87 -66.24 9.96
C LYS IB 37 -67.35 -66.07 10.30
N PHE IB 38 -67.70 -65.02 11.05
CA PHE IB 38 -69.10 -64.69 11.29
C PHE IB 38 -69.79 -64.24 10.01
N LEU IB 39 -69.04 -63.64 9.09
CA LEU IB 39 -69.61 -63.27 7.80
C LEU IB 39 -69.98 -64.51 6.97
N ARG IB 40 -69.13 -65.54 6.99
CA ARG IB 40 -69.47 -66.81 6.35
C ARG IB 40 -70.65 -67.48 7.03
N ASN IB 41 -70.71 -67.41 8.37
CA ASN IB 41 -71.87 -67.91 9.11
C ASN IB 41 -73.16 -67.23 8.67
N MET IB 42 -73.12 -65.90 8.54
CA MET IB 42 -74.31 -65.16 8.12
C MET IB 42 -74.69 -65.47 6.68
N ARG IB 43 -73.68 -65.68 5.82
CA ARG IB 43 -73.97 -66.04 4.43
C ARG IB 43 -74.63 -67.41 4.32
N PHE IB 44 -74.13 -68.41 5.06
CA PHE IB 44 -74.78 -69.72 4.98
C PHE IB 44 -76.13 -69.73 5.67
N ALA IB 45 -76.31 -68.91 6.71
CA ALA IB 45 -77.62 -68.81 7.36
C ALA IB 45 -78.65 -68.13 6.45
N LYS IB 46 -78.20 -67.18 5.63
CA LYS IB 46 -79.09 -66.58 4.64
C LYS IB 46 -79.30 -67.49 3.43
N LYS IB 47 -78.33 -68.34 3.13
CA LYS IB 47 -78.45 -69.24 1.99
C LYS IB 47 -79.43 -70.38 2.29
N HIS IB 48 -79.38 -70.93 3.50
CA HIS IB 48 -80.22 -72.07 3.84
C HIS IB 48 -81.57 -71.67 4.44
N ASN IB 49 -82.09 -70.49 4.14
CA ASN IB 49 -83.44 -70.14 4.60
C ASN IB 49 -84.53 -70.78 3.75
N LYS IB 50 -84.18 -71.31 2.58
CA LYS IB 50 -85.20 -71.92 1.72
C LYS IB 50 -85.58 -73.32 2.20
N LYS IB 51 -84.81 -73.88 3.14
CA LYS IB 51 -85.08 -75.24 3.60
C LYS IB 51 -86.31 -75.29 4.51
N GLY IB 52 -86.34 -74.45 5.54
CA GLY IB 52 -87.45 -74.45 6.47
C GLY IB 52 -88.54 -73.48 6.09
N LEU IB 53 -89.18 -73.70 4.94
CA LEU IB 53 -90.25 -72.84 4.45
C LEU IB 53 -91.63 -73.43 4.67
N LYS IB 54 -91.78 -74.75 4.48
CA LYS IB 54 -93.08 -75.38 4.65
C LYS IB 54 -93.48 -75.47 6.12
N LYS IB 55 -92.49 -75.56 7.01
CA LYS IB 55 -92.80 -75.54 8.44
C LYS IB 55 -93.17 -74.14 8.90
N MET IB 56 -92.54 -73.12 8.32
CA MET IB 56 -92.78 -71.74 8.72
C MET IB 56 -94.17 -71.28 8.29
N GLN IB 57 -94.59 -71.63 7.07
CA GLN IB 57 -95.90 -71.24 6.58
C GLN IB 57 -97.02 -71.95 7.34
N ALA IB 58 -96.83 -73.24 7.64
CA ALA IB 58 -97.82 -73.98 8.42
C ALA IB 58 -97.89 -73.49 9.86
N ASN IB 59 -96.74 -73.10 10.43
CA ASN IB 59 -96.73 -72.57 11.80
C ASN IB 59 -97.38 -71.20 11.85
N ASN IB 60 -97.17 -70.37 10.82
CA ASN IB 60 -97.86 -69.08 10.74
C ASN IB 60 -99.37 -69.27 10.51
N ALA IB 61 -99.76 -70.31 9.78
CA ALA IB 61 -101.18 -70.58 9.58
C ALA IB 61 -101.84 -71.04 10.87
N LYS IB 62 -101.15 -71.87 11.67
CA LYS IB 62 -101.69 -72.25 12.97
C LYS IB 62 -101.70 -71.08 13.95
N ALA IB 63 -100.75 -70.16 13.82
CA ALA IB 63 -100.77 -68.95 14.65
C ALA IB 63 -101.93 -68.03 14.27
N MET IB 64 -102.22 -67.92 12.98
CA MET IB 64 -103.40 -67.18 12.54
C MET IB 64 -104.68 -67.86 12.99
N ALA IB 65 -104.69 -69.20 13.04
CA ALA IB 65 -105.86 -69.90 13.57
C ALA IB 65 -106.02 -69.66 15.06
N ALA IB 66 -104.91 -69.58 15.80
CA ALA IB 66 -104.98 -69.28 17.23
C ALA IB 66 -105.47 -67.86 17.48
N ARG IB 67 -105.01 -66.89 16.66
CA ARG IB 67 -105.50 -65.52 16.79
C ARG IB 67 -106.97 -65.42 16.40
N ALA IB 68 -107.40 -66.20 15.38
CA ALA IB 68 -108.79 -66.21 15.00
C ALA IB 68 -109.67 -66.81 16.09
N GLU IB 69 -109.19 -67.85 16.76
CA GLU IB 69 -109.94 -68.41 17.88
C GLU IB 69 -109.94 -67.49 19.09
N ALA IB 70 -108.88 -66.72 19.30
CA ALA IB 70 -108.85 -65.76 20.40
C ALA IB 70 -109.84 -64.61 20.16
N ILE IB 71 -109.89 -64.09 18.92
CA ILE IB 71 -110.86 -63.05 18.59
C ILE IB 71 -112.29 -63.60 18.58
N LYS IB 72 -112.45 -64.88 18.21
CA LYS IB 72 -113.78 -65.50 18.28
C LYS IB 72 -114.24 -65.68 19.72
N ALA IB 73 -113.33 -66.05 20.62
CA ALA IB 73 -113.70 -66.18 22.03
C ALA IB 73 -113.86 -64.82 22.70
N LEU IB 74 -113.19 -63.78 22.19
CA LEU IB 74 -113.37 -62.44 22.73
C LEU IB 74 -114.72 -61.87 22.32
N VAL IB 75 -115.08 -61.98 21.05
CA VAL IB 75 -116.36 -61.48 20.57
C VAL IB 75 -117.42 -62.57 20.62
N VAL IB 88 -116.34 -26.15 30.03
CA VAL IB 88 -115.93 -25.91 31.41
C VAL IB 88 -117.13 -25.48 32.25
N SER IB 89 -118.27 -25.30 31.60
CA SER IB 89 -119.51 -24.93 32.28
C SER IB 89 -120.68 -25.41 31.45
N ARG IB 90 -121.86 -25.38 32.07
CA ARG IB 90 -123.06 -25.90 31.42
C ARG IB 90 -123.49 -25.02 30.25
N LYS IB 91 -123.44 -23.69 30.43
CA LYS IB 91 -123.81 -22.77 29.36
C LYS IB 91 -122.87 -22.89 28.17
N LEU IB 92 -121.56 -22.92 28.43
CA LEU IB 92 -120.59 -23.02 27.34
C LEU IB 92 -120.65 -24.38 26.65
N HIS IB 93 -120.89 -25.45 27.41
CA HIS IB 93 -121.00 -26.78 26.82
C HIS IB 93 -122.25 -26.89 25.95
N ARG IB 94 -123.38 -26.38 26.44
CA ARG IB 94 -124.62 -26.44 25.67
C ARG IB 94 -124.56 -25.56 24.43
N LEU IB 95 -123.98 -24.36 24.54
CA LEU IB 95 -123.94 -23.48 23.38
C LEU IB 95 -122.87 -23.92 22.38
N ALA IB 96 -121.81 -24.58 22.84
CA ALA IB 96 -120.87 -25.17 21.90
C ALA IB 96 -121.49 -26.36 21.18
N TYR IB 97 -122.31 -27.15 21.90
CA TYR IB 97 -123.06 -28.25 21.30
C TYR IB 97 -124.03 -27.76 20.24
N ILE IB 98 -124.68 -26.62 20.50
CA ILE IB 98 -125.52 -25.99 19.50
C ILE IB 98 -124.67 -25.44 18.36
N ALA IB 99 -123.46 -24.96 18.66
CA ALA IB 99 -122.65 -24.23 17.69
C ALA IB 99 -122.07 -25.16 16.62
N HIS IB 100 -121.59 -26.33 17.02
CA HIS IB 100 -121.05 -27.22 15.99
C HIS IB 100 -122.19 -27.88 15.22
N PRO IB 101 -122.12 -27.88 13.88
CA PRO IB 101 -123.32 -28.18 13.07
C PRO IB 101 -123.69 -29.65 12.99
N LYS IB 102 -122.81 -30.54 13.46
CA LYS IB 102 -123.05 -31.97 13.29
C LYS IB 102 -124.17 -32.49 14.19
N LEU IB 103 -124.16 -32.10 15.47
CA LEU IB 103 -125.18 -32.59 16.38
C LEU IB 103 -126.15 -31.48 16.79
N GLY IB 104 -125.76 -30.22 16.63
CA GLY IB 104 -126.60 -29.12 17.04
C GLY IB 104 -127.56 -28.64 15.97
N ARG IB 105 -127.70 -29.43 14.91
CA ARG IB 105 -128.57 -29.07 13.79
C ARG IB 105 -130.04 -29.11 14.21
N ARG IB 106 -130.43 -30.16 14.94
CA ARG IB 106 -131.81 -30.25 15.42
C ARG IB 106 -132.09 -29.23 16.51
N ALA IB 107 -131.08 -28.85 17.29
CA ALA IB 107 -131.25 -27.81 18.30
C ALA IB 107 -131.48 -26.45 17.65
N ARG IB 108 -130.68 -26.12 16.62
CA ARG IB 108 -130.91 -24.89 15.87
C ARG IB 108 -132.24 -24.92 15.13
N ALA IB 109 -132.67 -26.11 14.68
CA ALA IB 109 -133.98 -26.26 14.05
C ALA IB 109 -135.10 -25.97 15.05
N ARG IB 110 -134.96 -26.47 16.28
CA ARG IB 110 -135.97 -26.22 17.31
C ARG IB 110 -136.01 -24.75 17.70
N ILE IB 111 -134.86 -24.10 17.80
CA ILE IB 111 -134.82 -22.67 18.13
C ILE IB 111 -135.40 -21.84 16.97
N ALA IB 112 -135.13 -22.25 15.73
CA ALA IB 112 -135.65 -21.52 14.57
C ALA IB 112 -137.16 -21.68 14.44
N ARG IB 113 -137.67 -22.87 14.75
CA ARG IB 113 -139.13 -23.04 14.74
C ARG IB 113 -139.77 -22.39 15.96
N GLY IB 114 -139.01 -22.17 17.02
CA GLY IB 114 -139.57 -21.53 18.20
C GLY IB 114 -139.55 -20.02 18.17
N LEU IB 115 -138.70 -19.44 17.31
CA LEU IB 115 -138.67 -17.98 17.20
C LEU IB 115 -139.95 -17.42 16.56
N ARG IB 116 -140.68 -18.23 15.80
CA ARG IB 116 -141.97 -17.81 15.27
C ARG IB 116 -143.02 -17.73 16.37
N SER JB 1 64.84 -12.02 -49.59
CA SER JB 1 65.72 -10.87 -49.41
C SER JB 1 65.00 -9.57 -49.77
N LEU JB 2 63.81 -9.39 -49.19
CA LEU JB 2 63.01 -8.19 -49.46
C LEU JB 2 63.67 -6.93 -48.92
N GLU JB 3 64.33 -7.02 -47.76
CA GLU JB 3 65.08 -5.89 -47.23
C GLU JB 3 66.27 -5.55 -48.11
N SER JB 4 66.90 -6.56 -48.71
CA SER JB 4 67.99 -6.31 -49.66
C SER JB 4 67.47 -5.66 -50.94
N ILE JB 5 66.30 -6.07 -51.41
CA ILE JB 5 65.69 -5.45 -52.59
C ILE JB 5 65.32 -3.99 -52.29
N ASN JB 6 64.81 -3.72 -51.09
CA ASN JB 6 64.47 -2.36 -50.71
C ASN JB 6 65.72 -1.49 -50.56
N SER JB 7 66.82 -2.06 -50.06
CA SER JB 7 68.07 -1.31 -49.97
C SER JB 7 68.65 -1.03 -51.36
N ARG JB 8 68.53 -1.98 -52.28
CA ARG JB 8 68.95 -1.74 -53.66
C ARG JB 8 68.10 -0.66 -54.32
N LEU JB 9 66.80 -0.64 -54.01
CA LEU JB 9 65.93 0.41 -54.55
C LEU JB 9 66.28 1.78 -53.98
N GLN JB 10 66.65 1.83 -52.69
CA GLN JB 10 67.09 3.09 -52.10
C GLN JB 10 68.41 3.54 -52.71
N LEU JB 11 69.29 2.59 -53.04
CA LEU JB 11 70.55 2.91 -53.73
C LEU JB 11 70.29 3.45 -55.13
N VAL JB 12 69.32 2.88 -55.84
CA VAL JB 12 68.98 3.37 -57.18
C VAL JB 12 68.37 4.77 -57.10
N MET JB 13 67.48 5.01 -56.14
CA MET JB 13 66.89 6.33 -55.97
C MET JB 13 67.92 7.36 -55.53
N LYS JB 14 68.96 6.93 -54.82
CA LYS JB 14 70.03 7.85 -54.44
C LYS JB 14 70.90 8.20 -55.65
N SER JB 15 71.42 7.17 -56.33
CA SER JB 15 72.45 7.40 -57.35
C SER JB 15 71.87 7.52 -58.76
N GLY JB 16 71.19 6.48 -59.22
CA GLY JB 16 70.86 6.40 -60.64
C GLY JB 16 69.59 7.14 -61.01
N LYS JB 17 69.43 7.33 -62.33
CA LYS JB 17 68.22 7.93 -62.86
C LYS JB 17 67.08 6.93 -62.83
N TYR JB 18 65.86 7.45 -62.71
CA TYR JB 18 64.68 6.61 -62.58
C TYR JB 18 63.47 7.36 -63.11
N VAL JB 19 62.41 6.60 -63.41
CA VAL JB 19 61.15 7.14 -63.89
C VAL JB 19 60.03 6.46 -63.12
N LEU JB 20 59.24 7.26 -62.40
CA LEU JB 20 58.07 6.77 -61.69
C LEU JB 20 56.80 7.08 -62.48
N GLY JB 21 55.83 6.17 -62.38
CA GLY JB 21 54.55 6.35 -63.02
C GLY JB 21 54.37 5.49 -64.25
N TYR JB 22 53.12 5.06 -64.44
CA TYR JB 22 52.76 4.13 -65.52
C TYR JB 22 52.87 4.77 -66.90
N LYS JB 23 52.34 5.98 -67.06
CA LYS JB 23 52.27 6.61 -68.39
C LYS JB 23 53.65 7.03 -68.88
N GLN JB 24 54.53 7.46 -67.99
CA GLN JB 24 55.86 7.86 -68.43
C GLN JB 24 56.79 6.65 -68.53
N SER JB 25 56.59 5.64 -67.67
CA SER JB 25 57.35 4.41 -67.78
C SER JB 25 56.99 3.65 -69.04
N LEU JB 26 55.74 3.77 -69.51
CA LEU JB 26 55.33 3.21 -70.79
C LEU JB 26 56.12 3.82 -71.95
N LYS JB 27 56.28 5.15 -71.95
CA LYS JB 27 57.05 5.82 -72.99
C LYS JB 27 58.53 5.43 -72.90
N MET JB 28 59.05 5.27 -71.69
CA MET JB 28 60.46 4.87 -71.54
C MET JB 28 60.69 3.44 -72.02
N ILE JB 29 59.74 2.54 -71.76
CA ILE JB 29 59.83 1.17 -72.28
C ILE JB 29 59.75 1.17 -73.79
N ARG JB 30 58.84 1.95 -74.37
CA ARG JB 30 58.66 1.91 -75.82
C ARG JB 30 59.82 2.58 -76.55
N GLN JB 31 60.44 3.60 -75.94
CA GLN JB 31 61.67 4.14 -76.52
C GLN JB 31 62.85 3.21 -76.30
N GLY JB 32 62.81 2.39 -75.25
CA GLY JB 32 63.84 1.38 -75.05
C GLY JB 32 64.93 1.83 -74.12
N LYS JB 33 64.59 2.69 -73.15
CA LYS JB 33 65.54 3.18 -72.17
C LYS JB 33 65.51 2.37 -70.88
N ALA JB 34 64.33 1.94 -70.45
CA ALA JB 34 64.17 1.26 -69.16
C ALA JB 34 64.82 -0.12 -69.20
N LYS JB 35 65.73 -0.37 -68.26
CA LYS JB 35 66.42 -1.65 -68.20
C LYS JB 35 65.80 -2.63 -67.22
N LEU JB 36 65.11 -2.15 -66.18
CA LEU JB 36 64.46 -3.06 -65.26
C LEU JB 36 63.14 -2.47 -64.80
N VAL JB 37 62.04 -3.21 -64.99
CA VAL JB 37 60.71 -2.73 -64.65
C VAL JB 37 60.17 -3.56 -63.49
N ILE JB 38 59.73 -2.86 -62.45
CA ILE JB 38 59.20 -3.50 -61.24
C ILE JB 38 57.72 -3.16 -61.12
N LEU JB 39 56.90 -4.20 -60.93
CA LEU JB 39 55.46 -4.05 -60.83
C LEU JB 39 55.00 -4.46 -59.44
N ALA JB 40 54.08 -3.68 -58.87
CA ALA JB 40 53.46 -4.02 -57.60
C ALA JB 40 52.45 -5.16 -57.79
N ASN JB 41 52.03 -5.75 -56.67
CA ASN JB 41 51.13 -6.89 -56.75
C ASN JB 41 49.67 -6.48 -56.89
N ASN JB 42 49.28 -5.36 -56.28
CA ASN JB 42 47.87 -4.95 -56.31
C ASN JB 42 47.48 -4.16 -57.55
N CYS JB 43 48.36 -4.07 -58.55
CA CYS JB 43 48.01 -3.41 -59.80
C CYS JB 43 47.01 -4.28 -60.56
N PRO JB 44 46.22 -3.67 -61.46
CA PRO JB 44 45.31 -4.47 -62.29
C PRO JB 44 46.07 -5.42 -63.21
N ALA JB 45 45.49 -6.61 -63.39
CA ALA JB 45 46.18 -7.66 -64.15
C ALA JB 45 46.27 -7.33 -65.63
N LEU JB 46 45.35 -6.50 -66.14
CA LEU JB 46 45.46 -5.99 -67.50
C LEU JB 46 46.71 -5.14 -67.67
N ARG JB 47 46.94 -4.21 -66.75
CA ARG JB 47 48.13 -3.35 -66.79
C ARG JB 47 49.39 -4.17 -66.54
N LYS JB 48 49.30 -5.20 -65.68
CA LYS JB 48 50.44 -6.07 -65.40
C LYS JB 48 50.85 -6.87 -66.62
N SER JB 49 49.88 -7.52 -67.28
CA SER JB 49 50.18 -8.26 -68.51
C SER JB 49 50.56 -7.33 -69.66
N GLU JB 50 50.09 -6.09 -69.62
CA GLU JB 50 50.49 -5.10 -70.62
C GLU JB 50 51.96 -4.75 -70.49
N ILE JB 51 52.42 -4.48 -69.26
CA ILE JB 51 53.83 -4.18 -69.02
C ILE JB 51 54.69 -5.41 -69.29
N GLU JB 52 54.19 -6.61 -68.95
CA GLU JB 52 54.96 -7.82 -69.21
C GLU JB 52 55.08 -8.13 -70.70
N TYR JB 53 54.01 -7.89 -71.47
CA TYR JB 53 54.07 -8.13 -72.91
C TYR JB 53 54.96 -7.11 -73.60
N TYR JB 54 54.91 -5.85 -73.16
CA TYR JB 54 55.79 -4.84 -73.75
C TYR JB 54 57.25 -5.06 -73.36
N ALA JB 55 57.50 -5.58 -72.15
CA ALA JB 55 58.87 -5.90 -71.77
C ALA JB 55 59.36 -7.16 -72.46
N MET JB 56 58.45 -8.06 -72.83
CA MET JB 56 58.81 -9.19 -73.68
C MET JB 56 59.18 -8.72 -75.08
N LEU JB 57 58.49 -7.70 -75.57
CA LEU JB 57 58.82 -7.15 -76.89
C LEU JB 57 60.15 -6.38 -76.84
N ALA JB 58 60.40 -5.66 -75.75
CA ALA JB 58 61.57 -4.79 -75.67
C ALA JB 58 62.76 -5.44 -74.99
N LYS JB 59 62.64 -6.71 -74.56
CA LYS JB 59 63.68 -7.49 -73.89
C LYS JB 59 64.16 -6.79 -72.61
N THR JB 60 63.22 -6.66 -71.68
CA THR JB 60 63.44 -5.94 -70.43
C THR JB 60 62.96 -6.82 -69.26
N GLY JB 61 63.79 -6.91 -68.23
CA GLY JB 61 63.46 -7.71 -67.07
C GLY JB 61 62.34 -7.12 -66.25
N VAL JB 62 61.52 -8.01 -65.69
CA VAL JB 62 60.36 -7.65 -64.88
C VAL JB 62 60.53 -8.27 -63.50
N HIS JB 63 60.42 -7.44 -62.46
CA HIS JB 63 60.48 -7.89 -61.07
C HIS JB 63 59.13 -7.61 -60.42
N HIS JB 64 58.51 -8.65 -59.88
CA HIS JB 64 57.25 -8.51 -59.16
C HIS JB 64 57.54 -8.23 -57.70
N TYR JB 65 57.28 -7.00 -57.26
CA TYR JB 65 57.51 -6.62 -55.87
C TYR JB 65 56.44 -7.24 -54.98
N SER JB 66 56.86 -7.66 -53.78
CA SER JB 66 55.95 -8.41 -52.91
C SER JB 66 54.89 -7.51 -52.29
N GLY JB 67 55.29 -6.33 -51.83
CA GLY JB 67 54.34 -5.43 -51.21
C GLY JB 67 53.44 -4.74 -52.21
N ASN JB 68 52.53 -3.92 -51.67
CA ASN JB 68 51.59 -3.20 -52.51
C ASN JB 68 52.22 -1.92 -53.05
N ASN JB 69 51.39 -1.11 -53.71
CA ASN JB 69 51.87 0.14 -54.28
C ASN JB 69 52.19 1.19 -53.22
N ILE JB 70 51.60 1.07 -52.04
CA ILE JB 70 51.97 1.95 -50.93
C ILE JB 70 53.37 1.61 -50.43
N GLU JB 71 53.62 0.32 -50.17
CA GLU JB 71 54.91 -0.11 -49.65
C GLU JB 71 56.03 0.01 -50.68
N LEU JB 72 55.70 -0.08 -51.98
CA LEU JB 72 56.71 0.09 -53.01
C LEU JB 72 57.22 1.53 -53.04
N GLY JB 73 56.31 2.50 -53.02
CA GLY JB 73 56.73 3.89 -52.96
C GLY JB 73 57.35 4.26 -51.62
N THR JB 74 56.91 3.59 -50.55
CA THR JB 74 57.50 3.82 -49.24
C THR JB 74 58.95 3.31 -49.19
N ALA JB 75 59.22 2.20 -49.87
CA ALA JB 75 60.59 1.69 -49.95
C ALA JB 75 61.43 2.52 -50.92
N CYS JB 76 60.81 3.09 -51.94
CA CYS JB 76 61.54 4.01 -52.82
C CYS JB 76 61.88 5.31 -52.11
N GLY JB 77 61.06 5.71 -51.14
CA GLY JB 77 61.29 6.91 -50.37
C GLY JB 77 60.24 7.99 -50.53
N LYS JB 78 59.29 7.81 -51.45
CA LYS JB 78 58.23 8.80 -51.65
C LYS JB 78 57.03 8.48 -50.78
N TYR JB 79 56.22 9.49 -50.49
CA TYR JB 79 55.05 9.29 -49.63
C TYR JB 79 53.84 8.83 -50.42
N TYR JB 80 53.77 9.22 -51.70
CA TYR JB 80 52.70 8.75 -52.56
C TYR JB 80 52.95 7.31 -53.00
N ARG JB 81 51.93 6.68 -53.56
CA ARG JB 81 52.04 5.30 -53.99
C ARG JB 81 52.38 5.23 -55.48
N VAL JB 82 52.93 4.09 -55.89
CA VAL JB 82 53.35 3.85 -57.26
C VAL JB 82 53.30 2.36 -57.54
N CYS JB 83 52.68 2.01 -58.67
CA CYS JB 83 52.57 0.61 -59.08
C CYS JB 83 53.73 0.19 -59.97
N THR JB 84 54.15 1.05 -60.88
CA THR JB 84 55.14 0.71 -61.89
C THR JB 84 56.40 1.56 -61.73
N LEU JB 85 57.54 0.89 -61.56
CA LEU JB 85 58.84 1.54 -61.55
C LEU JB 85 59.62 1.08 -62.78
N SER JB 86 60.33 2.01 -63.42
CA SER JB 86 61.17 1.68 -64.56
C SER JB 86 62.55 2.27 -64.34
N ILE JB 87 63.48 1.43 -63.88
CA ILE JB 87 64.88 1.82 -63.70
C ILE JB 87 65.53 1.81 -65.07
N ILE JB 88 65.93 3.01 -65.52
CA ILE JB 88 66.64 3.16 -66.79
C ILE JB 88 68.13 2.93 -66.61
N ASP JB 89 68.75 3.70 -65.71
CA ASP JB 89 70.18 3.62 -65.45
C ASP JB 89 70.40 3.38 -63.98
N PRO JB 90 70.96 2.23 -63.56
CA PRO JB 90 71.31 2.06 -62.15
C PRO JB 90 72.44 2.98 -61.72
N GLY JB 91 73.41 3.22 -62.59
CA GLY JB 91 74.50 4.11 -62.29
C GLY JB 91 75.54 3.43 -61.41
N ASP JB 92 75.22 3.33 -60.12
CA ASP JB 92 76.06 2.66 -59.13
C ASP JB 92 75.13 1.76 -58.31
N SER JB 93 74.89 0.55 -58.82
CA SER JB 93 73.98 -0.40 -58.20
C SER JB 93 74.21 -1.76 -58.82
N ASP JB 94 73.54 -2.77 -58.26
CA ASP JB 94 73.55 -4.13 -58.77
C ASP JB 94 72.14 -4.70 -58.76
N ILE JB 95 71.17 -3.90 -59.23
CA ILE JB 95 69.78 -4.32 -59.20
C ILE JB 95 69.44 -5.15 -60.44
N ILE JB 96 70.12 -4.91 -61.56
CA ILE JB 96 69.77 -5.59 -62.79
C ILE JB 96 70.46 -6.96 -62.89
N ARG JB 97 71.51 -7.18 -62.10
CA ARG JB 97 72.22 -8.46 -62.16
C ARG JB 97 71.69 -9.43 -61.12
N SER JB 98 71.31 -8.95 -59.95
CA SER JB 98 70.79 -9.80 -58.89
C SER JB 98 69.34 -10.21 -59.18
N ASN KB 1 -39.80 84.80 -46.26
CA ASN KB 1 -40.38 84.18 -45.07
C ASN KB 1 -40.31 82.66 -45.22
N GLU KB 2 -40.59 82.18 -46.43
CA GLU KB 2 -40.54 80.74 -46.68
C GLU KB 2 -39.18 80.33 -47.23
N VAL KB 3 -38.72 81.01 -48.27
CA VAL KB 3 -37.40 80.72 -48.82
C VAL KB 3 -36.35 81.48 -48.00
N VAL KB 4 -35.83 80.81 -46.97
CA VAL KB 4 -34.87 81.40 -46.04
C VAL KB 4 -33.61 80.55 -46.04
N THR KB 5 -32.50 81.17 -46.41
CA THR KB 5 -31.18 80.58 -46.29
C THR KB 5 -30.43 81.27 -45.15
N ARG KB 6 -29.88 80.48 -44.22
CA ARG KB 6 -29.28 81.08 -43.04
C ARG KB 6 -28.22 80.15 -42.46
N GLU KB 7 -27.30 80.73 -41.70
CA GLU KB 7 -26.17 79.98 -41.16
C GLU KB 7 -26.42 79.56 -39.71
N TYR KB 8 -25.77 78.46 -39.33
CA TYR KB 8 -25.82 77.94 -37.97
C TYR KB 8 -24.49 77.26 -37.68
N THR KB 9 -24.10 77.22 -36.40
CA THR KB 9 -22.98 76.39 -35.96
C THR KB 9 -23.51 75.34 -35.00
N ILE KB 10 -23.38 74.07 -35.40
CA ILE KB 10 -23.85 72.95 -34.58
C ILE KB 10 -22.70 72.49 -33.69
N ASN KB 11 -22.96 72.38 -32.40
CA ASN KB 11 -22.02 71.73 -31.49
C ASN KB 11 -22.39 70.25 -31.42
N ILE KB 12 -21.60 69.42 -32.11
CA ILE KB 12 -21.92 68.00 -32.21
C ILE KB 12 -21.62 67.28 -30.89
N HIS KB 13 -20.74 67.86 -30.05
CA HIS KB 13 -20.23 67.16 -28.87
C HIS KB 13 -21.30 67.00 -27.79
N LYS KB 14 -22.10 68.03 -27.57
CA LYS KB 14 -23.16 67.98 -26.56
C LYS KB 14 -24.33 67.09 -26.95
N ARG KB 15 -24.40 66.64 -28.21
CA ARG KB 15 -25.41 65.69 -28.65
C ARG KB 15 -24.83 64.29 -28.81
N ILE KB 16 -23.51 64.20 -29.02
CA ILE KB 16 -22.87 62.91 -29.28
C ILE KB 16 -22.30 62.34 -27.98
N HIS KB 17 -22.30 63.12 -26.90
CA HIS KB 17 -21.81 62.65 -25.61
C HIS KB 17 -22.70 61.55 -25.06
N GLY KB 18 -22.15 60.34 -24.97
CA GLY KB 18 -22.87 59.23 -24.37
C GLY KB 18 -22.87 57.94 -25.17
N VAL KB 19 -22.69 58.03 -26.49
CA VAL KB 19 -22.85 56.85 -27.35
C VAL KB 19 -21.51 56.14 -27.53
N GLY KB 20 -21.59 54.88 -27.99
CA GLY KB 20 -20.41 54.07 -28.18
C GLY KB 20 -19.75 54.28 -29.53
N PHE KB 21 -18.56 53.67 -29.67
CA PHE KB 21 -17.62 54.02 -30.74
C PHE KB 21 -18.15 53.71 -32.14
N LYS KB 22 -18.84 52.57 -32.28
CA LYS KB 22 -19.35 52.21 -33.60
C LYS KB 22 -20.66 52.92 -33.95
N LYS KB 23 -21.19 53.75 -33.05
CA LYS KB 23 -22.45 54.46 -33.25
C LYS KB 23 -22.29 55.92 -32.86
N ARG KB 24 -21.26 56.60 -33.38
CA ARG KB 24 -21.12 58.03 -33.13
C ARG KB 24 -21.48 58.88 -34.34
N ALA KB 25 -20.87 58.63 -35.49
CA ALA KB 25 -21.14 59.44 -36.69
C ALA KB 25 -22.54 59.28 -37.31
N PRO KB 26 -23.16 58.08 -37.38
CA PRO KB 26 -24.58 58.05 -37.80
C PRO KB 26 -25.53 58.73 -36.82
N ARG KB 27 -25.26 58.60 -35.51
CA ARG KB 27 -26.03 59.37 -34.53
C ARG KB 27 -25.81 60.86 -34.66
N ALA KB 28 -24.63 61.27 -35.11
CA ALA KB 28 -24.37 62.68 -35.34
C ALA KB 28 -25.17 63.19 -36.53
N LEU KB 29 -25.25 62.38 -37.59
CA LEU KB 29 -26.13 62.67 -38.72
C LEU KB 29 -27.58 62.76 -38.29
N LYS KB 30 -28.00 61.86 -37.40
CA LYS KB 30 -29.38 61.86 -36.91
C LYS KB 30 -29.68 63.09 -36.06
N GLU KB 31 -28.72 63.54 -35.23
CA GLU KB 31 -29.02 64.75 -34.47
C GLU KB 31 -28.91 66.01 -35.32
N ILE KB 32 -28.13 65.98 -36.42
CA ILE KB 32 -28.16 67.12 -37.34
C ILE KB 32 -29.50 67.18 -38.07
N ARG KB 33 -30.06 66.02 -38.43
CA ARG KB 33 -31.39 65.97 -39.03
C ARG KB 33 -32.46 66.43 -38.04
N LYS KB 34 -32.33 66.05 -36.77
CA LYS KB 34 -33.27 66.49 -35.75
C LYS KB 34 -33.11 67.98 -35.45
N PHE KB 35 -31.90 68.51 -35.60
CA PHE KB 35 -31.67 69.95 -35.46
C PHE KB 35 -32.34 70.73 -36.59
N ALA KB 36 -32.23 70.22 -37.81
CA ALA KB 36 -32.89 70.86 -38.95
C ALA KB 36 -34.40 70.81 -38.81
N MET KB 37 -34.94 69.67 -38.34
CA MET KB 37 -36.38 69.57 -38.07
C MET KB 37 -36.79 70.44 -36.87
N LYS KB 38 -35.84 70.74 -35.98
CA LYS KB 38 -36.16 71.54 -34.80
C LYS KB 38 -36.29 73.02 -35.16
N GLU KB 39 -35.26 73.60 -35.80
CA GLU KB 39 -35.40 74.99 -36.23
C GLU KB 39 -36.45 75.13 -37.34
N MET KB 40 -36.30 74.40 -38.44
CA MET KB 40 -37.22 74.52 -39.57
C MET KB 40 -38.24 73.40 -39.50
N GLY KB 41 -39.51 73.75 -39.43
CA GLY KB 41 -40.55 72.76 -39.30
C GLY KB 41 -40.89 72.03 -40.58
N THR KB 42 -39.92 71.32 -41.16
CA THR KB 42 -40.11 70.52 -42.37
C THR KB 42 -39.61 69.11 -42.13
N PRO KB 43 -40.47 68.09 -42.29
CA PRO KB 43 -40.00 66.70 -42.13
C PRO KB 43 -39.10 66.24 -43.27
N ASP KB 44 -39.13 66.92 -44.42
CA ASP KB 44 -38.31 66.53 -45.55
C ASP KB 44 -36.99 67.26 -45.54
N VAL KB 45 -36.00 66.66 -44.87
CA VAL KB 45 -34.65 67.23 -44.75
C VAL KB 45 -33.69 66.40 -45.59
N ARG KB 46 -33.05 67.04 -46.57
CA ARG KB 46 -32.12 66.37 -47.47
C ARG KB 46 -30.74 67.00 -47.27
N ILE KB 47 -29.85 66.25 -46.62
CA ILE KB 47 -28.53 66.73 -46.24
C ILE KB 47 -27.53 66.40 -47.35
N ASP KB 48 -26.47 67.20 -47.46
CA ASP KB 48 -25.61 67.14 -48.63
C ASP KB 48 -24.44 66.18 -48.42
N THR KB 49 -23.95 65.63 -49.53
CA THR KB 49 -22.82 64.69 -49.50
C THR KB 49 -21.52 65.39 -49.09
N ARG KB 50 -21.41 66.70 -49.28
CA ARG KB 50 -20.26 67.43 -48.78
C ARG KB 50 -20.24 67.45 -47.25
N LEU KB 51 -21.42 67.63 -46.63
CA LEU KB 51 -21.49 67.55 -45.18
C LEU KB 51 -21.35 66.11 -44.69
N ASN KB 52 -21.78 65.13 -45.50
CA ASN KB 52 -21.49 63.72 -45.20
C ASN KB 52 -19.99 63.48 -45.11
N LYS KB 53 -19.23 63.98 -46.10
CA LYS KB 53 -17.78 63.83 -46.09
C LYS KB 53 -17.15 64.65 -44.96
N ALA KB 54 -17.75 65.79 -44.61
CA ALA KB 54 -17.20 66.64 -43.56
C ALA KB 54 -17.37 66.01 -42.18
N VAL KB 55 -18.47 65.28 -41.97
CA VAL KB 55 -18.64 64.57 -40.71
C VAL KB 55 -17.78 63.31 -40.68
N TRP KB 56 -17.78 62.55 -41.77
CA TRP KB 56 -17.01 61.31 -41.86
C TRP KB 56 -15.58 61.52 -42.35
N ALA KB 57 -15.04 62.74 -42.18
CA ALA KB 57 -13.66 63.01 -42.61
C ALA KB 57 -12.65 62.28 -41.74
N LYS KB 58 -12.77 62.41 -40.42
CA LYS KB 58 -11.83 61.76 -39.52
C LYS KB 58 -12.10 60.27 -39.40
N GLY KB 59 -13.27 59.89 -38.89
CA GLY KB 59 -13.58 58.50 -38.73
C GLY KB 59 -14.98 58.32 -38.15
N ILE KB 60 -15.24 57.10 -37.67
CA ILE KB 60 -16.53 56.83 -37.06
C ILE KB 60 -16.49 57.14 -35.57
N ARG KB 61 -15.29 57.18 -34.98
CA ARG KB 61 -15.17 57.43 -33.55
C ARG KB 61 -14.93 58.90 -33.27
N ASN KB 62 -13.87 59.46 -33.85
CA ASN KB 62 -13.54 60.87 -33.64
C ASN KB 62 -14.36 61.72 -34.59
N VAL KB 63 -15.35 62.40 -34.04
CA VAL KB 63 -16.22 63.30 -34.79
C VAL KB 63 -15.83 64.71 -34.38
N PRO KB 64 -15.75 65.67 -35.31
CA PRO KB 64 -15.41 67.05 -34.94
C PRO KB 64 -16.47 67.67 -34.04
N TYR KB 65 -16.03 68.61 -33.19
CA TYR KB 65 -16.89 69.11 -32.14
C TYR KB 65 -17.90 70.12 -32.67
N ARG KB 66 -17.41 71.18 -33.31
CA ARG KB 66 -18.27 72.22 -33.88
C ARG KB 66 -18.22 72.12 -35.40
N ILE KB 67 -19.35 72.42 -36.03
CA ILE KB 67 -19.44 72.35 -37.49
C ILE KB 67 -20.32 73.49 -37.97
N ARG KB 68 -20.14 73.90 -39.22
CA ARG KB 68 -20.82 75.07 -39.76
C ARG KB 68 -21.76 74.64 -40.88
N VAL KB 69 -23.04 75.01 -40.75
CA VAL KB 69 -24.10 74.50 -41.61
C VAL KB 69 -24.93 75.66 -42.15
N ARG KB 70 -25.04 75.75 -43.47
CA ARG KB 70 -26.02 76.59 -44.13
C ARG KB 70 -27.31 75.79 -44.25
N LEU KB 71 -28.36 76.26 -43.60
CA LEU KB 71 -29.66 75.61 -43.55
C LEU KB 71 -30.60 76.44 -44.41
N SER KB 72 -31.24 75.82 -45.40
CA SER KB 72 -32.03 76.55 -46.38
C SER KB 72 -33.39 75.89 -46.55
N ARG KB 73 -34.45 76.61 -46.23
CA ARG KB 73 -35.80 76.14 -46.53
C ARG KB 73 -36.17 76.50 -47.95
N LYS KB 74 -36.58 75.50 -48.73
CA LYS KB 74 -36.85 75.71 -50.15
C LYS KB 74 -38.24 75.20 -50.51
N ARG KB 75 -38.85 75.87 -51.49
CA ARG KB 75 -40.11 75.42 -52.06
C ARG KB 75 -39.91 74.13 -52.83
N ASN KB 76 -40.94 73.29 -52.83
CA ASN KB 76 -40.82 71.92 -53.34
C ASN KB 76 -40.93 71.93 -54.87
N GLU KB 77 -40.03 71.19 -55.52
CA GLU KB 77 -40.04 70.97 -56.96
C GLU KB 77 -41.07 69.85 -57.25
N ASP KB 78 -41.09 69.34 -58.47
CA ASP KB 78 -42.01 68.29 -58.95
C ASP KB 78 -41.71 66.97 -58.20
N GLU KB 79 -42.52 65.93 -58.43
CA GLU KB 79 -42.76 64.82 -57.49
C GLU KB 79 -43.24 65.39 -56.15
N ASP KB 80 -44.45 65.98 -56.24
CA ASP KB 80 -45.06 66.70 -55.13
C ASP KB 80 -45.35 65.77 -53.95
N SER KB 81 -45.34 66.33 -52.76
CA SER KB 81 -45.46 65.60 -51.51
C SER KB 81 -46.48 66.29 -50.61
N PRO KB 82 -47.05 65.60 -49.62
CA PRO KB 82 -47.83 66.31 -48.59
C PRO KB 82 -46.98 67.27 -47.77
N ASN KB 83 -45.68 67.06 -47.68
CA ASN KB 83 -44.75 68.05 -47.13
C ASN KB 83 -44.59 69.16 -48.15
N LYS KB 84 -44.93 70.39 -47.76
CA LYS KB 84 -45.05 71.47 -48.74
C LYS KB 84 -43.69 72.05 -49.11
N LEU KB 85 -42.75 72.08 -48.17
CA LEU KB 85 -41.42 72.61 -48.40
C LEU KB 85 -40.40 71.63 -47.87
N TYR KB 86 -39.15 71.76 -48.34
CA TYR KB 86 -38.09 70.89 -47.86
C TYR KB 86 -36.95 71.74 -47.31
N THR KB 87 -35.96 71.07 -46.74
CA THR KB 87 -34.82 71.74 -46.12
C THR KB 87 -33.52 71.14 -46.62
N LEU KB 88 -32.71 71.96 -47.28
CA LEU KB 88 -31.40 71.56 -47.77
C LEU KB 88 -30.35 71.98 -46.74
N VAL KB 89 -29.43 71.07 -46.46
CA VAL KB 89 -28.45 71.22 -45.39
C VAL KB 89 -27.06 71.13 -45.99
N THR KB 90 -26.29 72.21 -45.91
CA THR KB 90 -25.03 72.33 -46.64
C THR KB 90 -23.89 72.64 -45.67
N TYR KB 91 -22.72 72.07 -45.93
CA TYR KB 91 -21.54 72.34 -45.13
C TYR KB 91 -20.87 73.64 -45.58
N VAL KB 92 -20.37 74.40 -44.60
CA VAL KB 92 -19.60 75.61 -44.88
C VAL KB 92 -18.21 75.49 -44.25
N PRO KB 93 -17.14 75.53 -45.04
CA PRO KB 93 -15.78 75.39 -44.48
C PRO KB 93 -15.37 76.66 -43.74
N VAL KB 94 -15.26 76.54 -42.41
CA VAL KB 94 -14.82 77.63 -41.54
C VAL KB 94 -13.64 77.12 -40.72
N THR KB 95 -12.58 77.93 -40.66
CA THR KB 95 -11.35 77.51 -40.00
C THR KB 95 -11.52 77.41 -38.49
N THR KB 96 -11.88 78.52 -37.84
CA THR KB 96 -12.00 78.53 -36.39
C THR KB 96 -13.39 79.03 -35.99
N PHE KB 97 -13.95 78.39 -34.97
CA PHE KB 97 -15.28 78.72 -34.45
C PHE KB 97 -15.20 79.66 -33.27
N LYS KB 98 -14.51 80.79 -33.41
CA LYS KB 98 -14.41 81.79 -32.35
C LYS KB 98 -15.26 82.98 -32.76
N ASN KB 99 -16.29 83.26 -31.95
CA ASN KB 99 -17.28 84.33 -32.17
C ASN KB 99 -17.96 84.17 -33.53
N LEU KB 100 -18.65 83.06 -33.71
CA LEU KB 100 -19.44 82.78 -34.91
C LEU KB 100 -20.92 82.78 -34.52
N GLN KB 101 -21.64 83.80 -34.95
CA GLN KB 101 -23.06 83.92 -34.68
C GLN KB 101 -23.87 83.18 -35.75
N THR KB 102 -25.18 83.08 -35.50
CA THR KB 102 -26.11 82.51 -36.46
C THR KB 102 -26.50 83.61 -37.45
N VAL KB 103 -25.64 83.82 -38.43
CA VAL KB 103 -25.80 84.93 -39.38
C VAL KB 103 -26.90 84.58 -40.37
N ASN KB 104 -27.91 85.43 -40.46
CA ASN KB 104 -29.00 85.26 -41.43
C ASN KB 104 -28.58 85.94 -42.72
N VAL KB 105 -28.03 85.14 -43.64
CA VAL KB 105 -27.56 85.67 -44.92
C VAL KB 105 -28.75 85.90 -45.84
N ASP KB 106 -28.56 86.76 -46.84
CA ASP KB 106 -29.60 87.06 -47.80
C ASP KB 106 -29.32 86.39 -49.15
N GLU KB 107 -30.37 86.22 -49.93
CA GLU KB 107 -30.26 85.60 -51.24
C GLU KB 107 -29.67 86.57 -52.26
N ALA LB 1 -111.86 22.49 -28.88
CA ALA LB 1 -112.40 21.25 -28.36
C ALA LB 1 -111.45 20.08 -28.64
N ALA LB 2 -110.47 19.90 -27.76
CA ALA LB 2 -109.51 18.83 -27.91
C ALA LB 2 -110.14 17.49 -27.53
N LEU LB 3 -109.49 16.41 -27.93
CA LEU LB 3 -109.98 15.06 -27.67
C LEU LB 3 -109.57 14.65 -26.26
N ARG LB 4 -110.53 14.65 -25.33
CA ARG LB 4 -110.26 14.26 -23.96
C ARG LB 4 -110.19 12.74 -23.84
N PRO LB 5 -109.34 12.22 -22.96
CA PRO LB 5 -109.25 10.77 -22.76
C PRO LB 5 -110.44 10.25 -21.96
N LEU LB 6 -110.47 8.93 -21.81
CA LEU LB 6 -111.54 8.30 -21.05
C LEU LB 6 -111.37 8.54 -19.56
N VAL LB 7 -110.17 8.30 -19.03
CA VAL LB 7 -109.85 8.57 -17.64
C VAL LB 7 -108.58 9.42 -17.60
N LYS LB 8 -108.54 10.39 -16.69
CA LYS LB 8 -107.41 11.30 -16.53
C LYS LB 8 -106.92 11.20 -15.09
N PRO LB 9 -106.02 10.27 -14.81
CA PRO LB 9 -105.45 10.17 -13.46
C PRO LB 9 -104.36 11.21 -13.26
N LYS LB 10 -103.95 11.36 -12.00
CA LYS LB 10 -102.84 12.24 -11.67
C LYS LB 10 -101.53 11.53 -11.98
N ILE LB 11 -100.83 12.00 -13.00
CA ILE LB 11 -99.59 11.36 -13.43
C ILE LB 11 -98.49 11.80 -12.48
N VAL LB 12 -98.19 10.97 -11.50
CA VAL LB 12 -97.15 11.28 -10.53
C VAL LB 12 -95.81 10.74 -11.04
N LYS LB 13 -94.76 11.52 -10.82
CA LYS LB 13 -93.41 11.13 -11.24
C LYS LB 13 -92.48 11.24 -10.05
N LYS LB 14 -91.67 10.20 -9.84
CA LYS LB 14 -90.77 10.19 -8.68
C LYS LB 14 -89.54 11.05 -8.94
N ARG LB 15 -89.09 11.12 -10.19
CA ARG LB 15 -87.92 11.90 -10.56
C ARG LB 15 -88.01 12.25 -12.04
N THR LB 16 -87.78 13.52 -12.37
CA THR LB 16 -87.87 13.99 -13.73
C THR LB 16 -86.55 14.40 -14.34
N LYS LB 17 -85.51 14.58 -13.52
CA LYS LB 17 -84.22 14.99 -14.03
C LYS LB 17 -83.48 13.81 -14.66
N LYS LB 18 -82.66 14.11 -15.66
CA LYS LB 18 -81.94 13.08 -16.39
C LYS LB 18 -80.74 12.58 -15.59
N PHE LB 19 -80.55 11.26 -15.59
CA PHE LB 19 -79.41 10.64 -14.96
C PHE LB 19 -78.20 10.86 -15.86
N ILE LB 20 -77.49 11.98 -15.64
CA ILE LB 20 -76.30 12.27 -16.43
C ILE LB 20 -75.15 11.39 -15.97
N ARG LB 21 -74.24 11.10 -16.89
CA ARG LB 21 -73.10 10.26 -16.59
C ARG LB 21 -72.09 11.05 -15.77
N HIS LB 22 -71.34 10.31 -14.93
CA HIS LB 22 -70.30 10.92 -14.10
C HIS LB 22 -69.18 11.47 -14.97
N GLN LB 23 -68.68 12.65 -14.61
CA GLN LB 23 -67.68 13.42 -15.36
C GLN LB 23 -68.09 13.69 -16.80
N SER LB 24 -69.39 13.92 -17.03
CA SER LB 24 -69.82 14.40 -18.33
C SER LB 24 -69.67 15.91 -18.44
N ASP LB 25 -69.66 16.59 -17.29
CA ASP LB 25 -69.50 18.05 -17.28
C ASP LB 25 -68.08 18.46 -17.62
N ARG LB 26 -67.10 17.67 -17.21
CA ARG LB 26 -65.70 18.03 -17.43
C ARG LB 26 -65.28 17.76 -18.87
N TYR LB 27 -65.43 16.51 -19.29
CA TYR LB 27 -65.03 16.09 -20.60
C TYR LB 27 -66.09 16.27 -21.68
N VAL LB 28 -65.70 16.65 -22.89
CA VAL LB 28 -66.67 16.82 -23.97
C VAL LB 28 -66.90 15.47 -24.66
N LYS LB 29 -65.92 14.57 -24.59
CA LYS LB 29 -66.05 13.25 -25.22
C LYS LB 29 -67.07 12.37 -24.49
N ILE LB 30 -67.33 12.65 -23.23
CA ILE LB 30 -68.30 11.88 -22.45
C ILE LB 30 -69.70 12.39 -22.79
N LYS LB 31 -70.55 11.47 -23.22
CA LYS LB 31 -71.93 11.80 -23.56
C LYS LB 31 -72.79 11.86 -22.30
N ARG LB 32 -74.02 12.34 -22.47
CA ARG LB 32 -74.93 12.45 -21.35
C ARG LB 32 -75.65 11.13 -21.05
N ASN LB 33 -75.41 10.10 -21.84
CA ASN LB 33 -76.06 8.81 -21.62
C ASN LB 33 -75.45 8.12 -20.41
N TRP LB 34 -76.31 7.49 -19.59
CA TRP LB 34 -75.83 6.87 -18.37
C TRP LB 34 -75.11 5.56 -18.65
N ARG LB 35 -73.93 5.42 -18.07
CA ARG LB 35 -73.20 4.15 -18.02
C ARG LB 35 -72.81 3.90 -16.58
N LYS LB 36 -73.02 2.68 -16.10
CA LYS LB 36 -72.70 2.34 -14.72
C LYS LB 36 -71.19 2.33 -14.50
N PRO LB 37 -70.66 3.14 -13.59
CA PRO LB 37 -69.21 3.10 -13.32
C PRO LB 37 -68.85 1.88 -12.50
N ARG LB 38 -67.77 1.20 -12.88
CA ARG LB 38 -67.36 -0.03 -12.23
C ARG LB 38 -65.92 0.05 -11.76
N GLY LB 39 -65.54 1.18 -11.16
CA GLY LB 39 -64.20 1.34 -10.65
C GLY LB 39 -64.02 0.72 -9.28
N ILE LB 40 -62.78 0.82 -8.77
CA ILE LB 40 -62.50 0.24 -7.46
C ILE LB 40 -62.79 1.24 -6.34
N ASP LB 41 -62.58 2.53 -6.60
CA ASP LB 41 -62.67 3.58 -5.59
C ASP LB 41 -63.42 4.79 -6.13
N ASN LB 42 -64.50 4.54 -6.85
CA ASN LB 42 -65.29 5.65 -7.40
C ASN LB 42 -66.39 6.03 -6.42
N ARG LB 43 -66.83 7.28 -6.51
CA ARG LB 43 -67.69 7.88 -5.49
C ARG LB 43 -69.17 7.72 -5.80
N VAL LB 44 -69.55 7.76 -7.09
CA VAL LB 44 -70.96 7.69 -7.46
C VAL LB 44 -71.48 6.26 -7.32
N ARG LB 45 -70.64 5.27 -7.64
CA ARG LB 45 -71.12 3.89 -7.76
C ARG LB 45 -71.40 3.26 -6.40
N ARG LB 46 -70.79 3.79 -5.33
CA ARG LB 46 -71.02 3.28 -3.98
C ARG LB 46 -71.76 4.30 -3.11
N ARG LB 47 -72.42 5.27 -3.75
CA ARG LB 47 -73.49 6.08 -3.17
C ARG LB 47 -73.01 6.96 -2.02
N PHE LB 48 -71.98 7.77 -2.27
CA PHE LB 48 -71.59 8.78 -1.30
C PHE LB 48 -72.63 9.88 -1.22
N LYS LB 49 -72.63 10.60 -0.09
CA LYS LB 49 -73.60 11.65 0.13
C LYS LB 49 -73.26 12.88 -0.71
N GLY LB 50 -74.28 13.43 -1.37
CA GLY LB 50 -74.08 14.60 -2.20
C GLY LB 50 -73.39 14.32 -3.51
N GLN LB 51 -73.74 13.21 -4.16
CA GLN LB 51 -73.15 12.82 -5.45
C GLN LB 51 -74.28 12.61 -6.45
N ILE LB 52 -73.90 12.07 -7.61
CA ILE LB 52 -74.88 11.79 -8.66
C ILE LB 52 -75.70 10.58 -8.28
N LEU LB 53 -77.03 10.71 -8.35
CA LEU LB 53 -77.93 9.64 -8.02
C LEU LB 53 -77.89 8.56 -9.09
N MET LB 54 -78.05 7.31 -8.67
CA MET LB 54 -77.99 6.20 -9.61
C MET LB 54 -79.38 5.76 -10.03
N PRO LB 55 -79.55 5.34 -11.29
CA PRO LB 55 -80.87 4.89 -11.75
C PRO LB 55 -81.27 3.53 -11.20
N ASN LB 56 -81.79 3.50 -9.97
CA ASN LB 56 -82.22 2.26 -9.36
C ASN LB 56 -83.60 1.84 -9.85
N ILE LB 57 -84.04 0.68 -9.37
CA ILE LB 57 -85.34 0.14 -9.73
C ILE LB 57 -86.48 0.93 -9.10
N GLY LB 58 -86.19 1.66 -8.02
CA GLY LB 58 -87.25 2.36 -7.29
C GLY LB 58 -87.81 3.56 -8.00
N TYR LB 59 -87.13 4.05 -9.05
CA TYR LB 59 -87.60 5.21 -9.78
C TYR LB 59 -88.62 4.86 -10.85
N GLY LB 60 -89.18 3.65 -10.85
CA GLY LB 60 -90.13 3.27 -11.87
C GLY LB 60 -91.48 3.95 -11.67
N SER LB 61 -92.06 4.38 -12.79
CA SER LB 61 -93.36 5.02 -12.76
C SER LB 61 -94.46 3.96 -12.63
N ASN LB 62 -95.68 4.43 -12.38
CA ASN LB 62 -96.81 3.54 -12.18
C ASN LB 62 -97.20 2.89 -13.51
N LYS LB 63 -97.73 1.66 -13.42
CA LYS LB 63 -98.10 0.93 -14.63
C LYS LB 63 -99.33 1.52 -15.30
N LYS LB 64 -100.17 2.21 -14.53
CA LYS LB 64 -101.32 2.87 -15.15
C LYS LB 64 -100.91 4.13 -15.89
N THR LB 65 -99.89 4.83 -15.39
CA THR LB 65 -99.44 6.06 -16.04
C THR LB 65 -98.06 5.86 -16.65
N LYS LB 66 -97.82 4.70 -17.26
CA LYS LB 66 -96.57 4.41 -17.94
C LYS LB 66 -96.73 4.69 -19.43
N HIS LB 67 -95.70 5.30 -20.02
CA HIS LB 67 -95.65 5.72 -21.43
C HIS LB 67 -96.75 6.72 -21.78
N MET LB 68 -97.21 7.49 -20.80
CA MET LB 68 -98.38 8.34 -20.96
C MET LB 68 -97.97 9.79 -21.18
N LEU LB 69 -98.58 10.43 -22.17
CA LEU LB 69 -98.38 11.83 -22.45
C LEU LB 69 -99.03 12.67 -21.35
N PRO LB 70 -98.64 13.95 -21.21
CA PRO LB 70 -99.33 14.83 -20.25
C PRO LB 70 -100.78 15.11 -20.61
N SER LB 71 -101.18 14.92 -21.87
CA SER LB 71 -102.59 15.05 -22.23
C SER LB 71 -103.40 13.87 -21.70
N GLY LB 72 -102.79 12.69 -21.64
CA GLY LB 72 -103.46 11.52 -21.11
C GLY LB 72 -103.44 10.33 -22.04
N PHE LB 73 -102.80 10.50 -23.19
CA PHE LB 73 -102.78 9.49 -24.24
C PHE LB 73 -101.44 8.74 -24.26
N ARG LB 74 -101.42 7.65 -25.04
CA ARG LB 74 -100.22 6.85 -25.27
C ARG LB 74 -99.84 6.97 -26.74
N LYS LB 75 -98.54 7.11 -27.01
CA LYS LB 75 -98.10 7.37 -28.36
C LYS LB 75 -98.13 6.10 -29.22
N PHE LB 76 -98.32 6.30 -30.52
CA PHE LB 76 -98.26 5.23 -31.49
C PHE LB 76 -97.84 5.82 -32.83
N LEU LB 77 -96.75 5.30 -33.40
CA LEU LB 77 -96.21 5.82 -34.65
C LEU LB 77 -97.03 5.28 -35.81
N VAL LB 78 -97.50 6.17 -36.68
CA VAL LB 78 -98.37 5.81 -37.80
C VAL LB 78 -97.67 6.19 -39.09
N HIS LB 79 -97.57 5.23 -40.02
CA HIS LB 79 -96.93 5.44 -41.31
C HIS LB 79 -97.85 5.95 -42.39
N ASN LB 80 -99.09 5.44 -42.49
CA ASN LB 80 -99.95 5.78 -43.61
C ASN LB 80 -101.41 5.78 -43.15
N VAL LB 81 -102.32 5.79 -44.12
CA VAL LB 81 -103.75 5.86 -43.83
C VAL LB 81 -104.25 4.51 -43.31
N LYS LB 82 -103.56 3.43 -43.68
CA LYS LB 82 -104.02 2.08 -43.38
C LYS LB 82 -103.90 1.77 -41.88
N GLU LB 83 -102.96 2.42 -41.19
CA GLU LB 83 -102.76 2.14 -39.78
C GLU LB 83 -103.69 2.95 -38.87
N LEU LB 84 -104.62 3.72 -39.44
CA LEU LB 84 -105.61 4.42 -38.63
C LEU LB 84 -106.88 3.60 -38.43
N GLU LB 85 -107.14 2.62 -39.31
CA GLU LB 85 -108.22 1.67 -39.06
C GLU LB 85 -107.89 0.75 -37.89
N VAL LB 86 -106.61 0.61 -37.53
CA VAL LB 86 -106.23 -0.09 -36.32
C VAL LB 86 -106.66 0.72 -35.09
N LEU LB 87 -106.46 2.04 -35.12
CA LEU LB 87 -106.72 2.88 -33.96
C LEU LB 87 -108.09 3.52 -33.94
N LEU LB 88 -108.98 3.24 -34.92
CA LEU LB 88 -110.34 3.77 -34.83
C LEU LB 88 -111.09 3.19 -33.64
N MET LB 89 -110.82 1.92 -33.29
CA MET LB 89 -111.49 1.33 -32.14
C MET LB 89 -110.92 1.80 -30.81
N CYS LB 90 -109.61 1.70 -30.63
CA CYS LB 90 -108.98 2.18 -29.40
C CYS LB 90 -108.67 3.67 -29.55
N ASN LB 91 -109.72 4.47 -29.38
CA ASN LB 91 -109.64 5.90 -29.66
C ASN LB 91 -109.51 6.71 -28.37
N LYS LB 92 -110.34 6.39 -27.37
CA LYS LB 92 -110.34 7.16 -26.12
C LYS LB 92 -109.12 6.91 -25.26
N SER LB 93 -108.39 5.82 -25.51
CA SER LB 93 -107.23 5.51 -24.68
C SER LB 93 -105.93 5.95 -25.35
N TYR LB 94 -105.72 5.55 -26.60
CA TYR LB 94 -104.44 5.74 -27.27
C TYR LB 94 -104.60 6.77 -28.37
N CYS LB 95 -103.49 7.35 -28.80
CA CYS LB 95 -103.49 8.34 -29.87
C CYS LB 95 -102.56 7.93 -30.99
N ALA LB 96 -102.52 8.75 -32.03
CA ALA LB 96 -101.69 8.51 -33.20
C ALA LB 96 -100.55 9.52 -33.28
N GLU LB 97 -99.54 9.17 -34.07
CA GLU LB 97 -98.40 10.05 -34.32
C GLU LB 97 -97.82 9.73 -35.68
N ILE LB 98 -97.56 10.77 -36.47
CA ILE LB 98 -97.12 10.60 -37.86
C ILE LB 98 -95.61 10.56 -37.92
N ALA LB 99 -95.07 9.66 -38.74
CA ALA LB 99 -93.62 9.49 -38.86
C ALA LB 99 -92.97 10.68 -39.55
N HIS LB 100 -91.65 10.80 -39.38
CA HIS LB 100 -90.92 11.95 -39.89
C HIS LB 100 -90.77 11.89 -41.41
N ASN LB 101 -90.66 10.69 -41.97
CA ASN LB 101 -90.38 10.57 -43.39
C ASN LB 101 -91.63 10.66 -44.26
N VAL LB 102 -92.80 10.83 -43.64
CA VAL LB 102 -94.03 10.94 -44.41
C VAL LB 102 -94.14 12.34 -45.00
N SER LB 103 -94.40 12.41 -46.31
CA SER LB 103 -94.51 13.67 -47.02
C SER LB 103 -95.82 14.36 -46.68
N SER LB 104 -95.95 15.63 -47.09
CA SER LB 104 -97.05 16.47 -46.64
C SER LB 104 -98.37 16.08 -47.29
N LYS LB 105 -98.34 15.61 -48.54
CA LYS LB 105 -99.55 15.22 -49.24
C LYS LB 105 -100.15 13.95 -48.65
N ASN LB 106 -99.35 13.15 -47.94
CA ASN LB 106 -99.89 12.01 -47.23
C ASN LB 106 -100.19 12.34 -45.78
N ARG LB 107 -99.46 13.31 -45.19
CA ARG LB 107 -99.78 13.77 -43.84
C ARG LB 107 -101.14 14.44 -43.79
N LYS LB 108 -101.51 15.16 -44.86
CA LYS LB 108 -102.83 15.77 -44.92
C LYS LB 108 -103.93 14.70 -44.97
N ALA LB 109 -103.69 13.62 -45.70
CA ALA LB 109 -104.66 12.53 -45.76
C ALA LB 109 -104.75 11.79 -44.43
N ILE LB 110 -103.63 11.65 -43.72
CA ILE LB 110 -103.63 11.01 -42.40
C ILE LB 110 -104.40 11.87 -41.40
N VAL LB 111 -104.17 13.19 -41.43
CA VAL LB 111 -104.89 14.11 -40.52
C VAL LB 111 -106.39 14.13 -40.84
N GLU LB 112 -106.74 14.05 -42.13
CA GLU LB 112 -108.15 14.04 -42.53
C GLU LB 112 -108.84 12.74 -42.11
N ARG LB 113 -108.14 11.61 -42.27
CA ARG LB 113 -108.70 10.32 -41.85
C ARG LB 113 -108.83 10.24 -40.33
N ALA LB 114 -107.86 10.80 -39.60
CA ALA LB 114 -107.95 10.80 -38.14
C ALA LB 114 -109.01 11.77 -37.64
N ALA LB 115 -109.27 12.85 -38.39
CA ALA LB 115 -110.35 13.75 -38.02
C ALA LB 115 -111.71 13.12 -38.30
N GLN LB 116 -111.79 12.26 -39.32
CA GLN LB 116 -113.00 11.48 -39.52
C GLN LB 116 -113.18 10.44 -38.42
N LEU LB 117 -112.09 9.78 -38.02
CA LEU LB 117 -112.16 8.74 -37.01
C LEU LB 117 -112.06 9.26 -35.58
N ALA LB 118 -112.04 10.59 -35.40
CA ALA LB 118 -111.96 11.28 -34.10
C ALA LB 118 -110.72 10.89 -33.30
N ILE LB 119 -109.60 10.68 -33.98
CA ILE LB 119 -108.35 10.32 -33.33
C ILE LB 119 -107.46 11.55 -33.22
N ARG LB 120 -106.99 11.83 -32.01
CA ARG LB 120 -106.11 12.98 -31.79
C ARG LB 120 -104.71 12.69 -32.32
N VAL LB 121 -104.20 13.60 -33.15
CA VAL LB 121 -102.85 13.53 -33.69
C VAL LB 121 -101.98 14.47 -32.88
N THR LB 122 -100.82 13.97 -32.43
CA THR LB 122 -99.93 14.78 -31.61
C THR LB 122 -99.28 15.90 -32.42
N ASN LB 123 -99.17 15.73 -33.73
CA ASN LB 123 -98.63 16.75 -34.63
C ASN LB 123 -99.58 16.97 -35.82
N PRO LB 124 -100.66 17.72 -35.61
CA PRO LB 124 -101.59 17.99 -36.73
C PRO LB 124 -101.09 19.07 -37.68
N ASN LB 125 -100.02 19.76 -37.34
CA ASN LB 125 -99.46 20.88 -38.10
C ASN LB 125 -98.00 20.62 -38.46
N ALA LB 126 -97.76 19.43 -39.00
CA ALA LB 126 -96.41 18.92 -39.20
C ALA LB 126 -95.64 19.60 -40.32
N ARG LB 127 -96.24 19.77 -41.49
CA ARG LB 127 -95.53 20.42 -42.59
C ARG LB 127 -96.21 21.73 -42.98
N LEU LB 128 -97.50 21.66 -43.27
CA LEU LB 128 -98.33 22.78 -43.76
C LEU LB 128 -97.75 23.45 -45.00
N SER MB 1 -107.95 48.79 8.89
CA SER MB 1 -106.79 49.48 8.35
C SER MB 1 -105.57 49.29 9.24
N GLY MB 2 -105.09 48.05 9.33
CA GLY MB 2 -103.93 47.75 10.12
C GLY MB 2 -103.37 46.39 9.77
N ARG MB 3 -102.36 45.99 10.55
CA ARG MB 3 -101.70 44.71 10.32
C ARG MB 3 -102.58 43.58 10.85
N LEU MB 4 -102.87 42.60 10.00
CA LEU MB 4 -103.65 41.43 10.37
C LEU MB 4 -102.82 40.15 10.22
N TRP MB 5 -101.53 40.25 10.50
CA TRP MB 5 -100.63 39.09 10.41
C TRP MB 5 -99.53 39.27 11.45
N CYS MB 6 -99.16 38.17 12.10
CA CYS MB 6 -98.14 38.22 13.14
C CYS MB 6 -96.76 38.14 12.51
N LYS MB 7 -95.79 38.77 13.16
CA LYS MB 7 -94.44 38.83 12.64
C LYS MB 7 -93.72 37.51 12.94
N ALA MB 8 -93.20 36.87 11.90
CA ALA MB 8 -92.45 35.64 12.03
C ALA MB 8 -91.22 35.70 11.13
N ILE MB 9 -90.07 35.30 11.66
CA ILE MB 9 -88.81 35.34 10.93
C ILE MB 9 -88.42 33.92 10.55
N PHE MB 10 -88.23 33.69 9.26
CA PHE MB 10 -87.84 32.38 8.73
C PHE MB 10 -86.39 32.12 9.07
N ALA MB 11 -86.16 31.18 10.00
CA ALA MB 11 -84.80 30.90 10.46
C ALA MB 11 -84.06 30.00 9.48
N GLY MB 12 -84.62 28.84 9.18
CA GLY MB 12 -83.93 27.90 8.31
C GLY MB 12 -84.82 26.72 8.01
N TYR MB 13 -84.22 25.68 7.45
CA TYR MB 13 -84.96 24.47 7.13
C TYR MB 13 -84.82 23.45 8.26
N LYS MB 14 -85.62 22.38 8.17
CA LYS MB 14 -85.44 21.23 9.04
C LYS MB 14 -84.12 20.55 8.71
N ARG MB 15 -83.12 20.74 9.56
CA ARG MB 15 -81.79 20.30 9.19
C ARG MB 15 -81.09 19.61 10.35
N GLY MB 16 -80.13 18.75 10.02
CA GLY MB 16 -79.21 18.21 10.98
C GLY MB 16 -77.89 18.95 10.94
N LEU MB 17 -76.83 18.25 11.36
CA LEU MB 17 -75.51 18.85 11.30
C LEU MB 17 -74.95 18.84 9.88
N ARG MB 18 -75.19 17.76 9.14
CA ARG MB 18 -74.64 17.59 7.79
C ARG MB 18 -75.72 17.18 6.79
N ASN MB 19 -76.98 17.33 7.17
CA ASN MB 19 -78.10 17.06 6.26
C ASN MB 19 -79.19 18.08 6.50
N GLN MB 20 -79.96 18.39 5.47
CA GLN MB 20 -81.14 19.22 5.61
C GLN MB 20 -82.31 18.59 4.87
N ARG MB 21 -83.50 18.74 5.44
CA ARG MB 21 -84.74 18.33 4.82
C ARG MB 21 -85.53 19.60 4.57
N GLU MB 22 -85.40 20.12 3.34
CA GLU MB 22 -85.94 21.42 2.98
C GLU MB 22 -87.44 21.41 2.73
N HIS MB 23 -88.10 20.26 2.83
CA HIS MB 23 -89.55 20.24 2.67
C HIS MB 23 -90.27 20.73 3.91
N THR MB 24 -89.63 20.68 5.07
CA THR MB 24 -90.18 21.19 6.30
C THR MB 24 -89.43 22.46 6.70
N ALA MB 25 -90.17 23.56 6.85
CA ALA MB 25 -89.58 24.86 7.13
C ALA MB 25 -89.70 25.18 8.62
N LEU MB 26 -88.64 25.73 9.19
CA LEU MB 26 -88.64 26.18 10.57
C LEU MB 26 -89.00 27.66 10.62
N LEU MB 27 -89.89 28.02 11.53
CA LEU MB 27 -90.45 29.36 11.65
C LEU MB 27 -90.29 29.87 13.08
N LYS MB 28 -89.83 31.10 13.22
CA LYS MB 28 -89.62 31.72 14.52
C LYS MB 28 -90.58 32.90 14.64
N ILE MB 29 -91.71 32.66 15.30
CA ILE MB 29 -92.73 33.69 15.44
C ILE MB 29 -92.35 34.61 16.59
N GLU MB 30 -92.43 35.92 16.34
CA GLU MB 30 -91.99 36.91 17.33
C GLU MB 30 -92.96 36.99 18.50
N GLY MB 31 -92.42 37.05 19.71
CA GLY MB 31 -93.22 37.18 20.90
C GLY MB 31 -93.52 35.88 21.61
N VAL MB 32 -93.33 34.74 20.95
CA VAL MB 32 -93.62 33.46 21.56
C VAL MB 32 -92.36 32.61 21.67
N TYR MB 33 -92.00 32.23 22.89
CA TYR MB 33 -90.78 31.47 23.14
C TYR MB 33 -91.01 30.40 24.19
N ALA MB 34 -92.13 29.68 24.08
CA ALA MB 34 -92.44 28.60 25.00
C ALA MB 34 -93.33 27.59 24.30
N ARG MB 35 -93.20 26.33 24.72
CA ARG MB 35 -94.02 25.27 24.13
C ARG MB 35 -95.48 25.38 24.56
N ASP MB 36 -95.74 25.92 25.74
CA ASP MB 36 -97.12 26.14 26.16
C ASP MB 36 -97.71 27.35 25.45
N GLU MB 37 -96.86 28.25 24.96
CA GLU MB 37 -97.36 29.47 24.33
C GLU MB 37 -97.49 29.29 22.81
N THR MB 38 -96.75 28.34 22.24
CA THR MB 38 -96.84 28.10 20.80
C THR MB 38 -98.00 27.19 20.40
N GLU MB 39 -98.86 26.80 21.35
CA GLU MB 39 -99.99 25.95 21.02
C GLU MB 39 -101.09 26.72 20.31
N PHE MB 40 -101.05 28.05 20.36
CA PHE MB 40 -102.06 28.85 19.68
C PHE MB 40 -101.84 28.86 18.18
N TYR MB 41 -100.57 28.85 17.75
CA TYR MB 41 -100.24 28.97 16.33
C TYR MB 41 -100.35 27.66 15.57
N LEU MB 42 -100.82 26.58 16.20
CA LEU MB 42 -100.90 25.29 15.54
C LEU MB 42 -102.05 25.29 14.54
N GLY MB 43 -101.73 25.22 13.25
CA GLY MB 43 -102.72 25.12 12.21
C GLY MB 43 -102.94 26.37 11.39
N LYS MB 44 -102.18 27.43 11.65
CA LYS MB 44 -102.36 28.68 10.92
C LYS MB 44 -101.77 28.57 9.52
N ARG MB 45 -102.12 29.54 8.67
CA ARG MB 45 -101.63 29.60 7.30
C ARG MB 45 -100.59 30.70 7.18
N CYS MB 46 -99.46 30.39 6.55
CA CYS MB 46 -98.37 31.35 6.42
C CYS MB 46 -97.85 31.40 4.99
N ALA MB 47 -97.23 32.52 4.66
CA ALA MB 47 -96.79 32.79 3.29
C ALA MB 47 -95.62 33.77 3.31
N TYR MB 48 -94.63 33.54 2.46
CA TYR MB 48 -93.53 34.47 2.27
C TYR MB 48 -93.83 35.37 1.08
N VAL MB 49 -94.02 36.66 1.36
CA VAL MB 49 -94.37 37.64 0.34
C VAL MB 49 -93.10 38.19 -0.30
N TYR MB 50 -93.00 38.06 -1.61
CA TYR MB 50 -91.86 38.60 -2.33
C TYR MB 50 -92.31 39.08 -3.70
N LYS MB 51 -91.77 40.20 -4.14
CA LYS MB 51 -92.14 40.79 -5.42
C LYS MB 51 -91.04 40.53 -6.44
N ALA MB 52 -91.46 40.34 -7.69
CA ALA MB 52 -90.58 39.92 -8.77
C ALA MB 52 -90.55 40.97 -9.87
N LYS MB 53 -89.90 40.62 -10.98
CA LYS MB 53 -89.76 41.54 -12.10
C LYS MB 53 -91.05 41.62 -12.92
N ASN MB 54 -91.51 40.48 -13.43
CA ASN MB 54 -92.71 40.45 -14.26
C ASN MB 54 -93.97 40.53 -13.42
N ASN MB 55 -95.04 41.01 -14.04
CA ASN MB 55 -96.32 41.15 -13.36
C ASN MB 55 -97.08 39.84 -13.34
N THR MB 56 -97.71 39.55 -12.20
CA THR MB 56 -98.60 38.41 -12.07
C THR MB 56 -99.96 38.89 -11.60
N VAL MB 57 -100.98 38.05 -11.83
CA VAL MB 57 -102.35 38.44 -11.54
C VAL MB 57 -102.59 38.45 -10.04
N THR MB 58 -103.64 39.17 -9.62
CA THR MB 58 -104.00 39.31 -8.23
C THR MB 58 -105.51 39.17 -8.10
N PRO MB 59 -106.00 38.28 -7.24
CA PRO MB 59 -107.45 38.13 -7.06
C PRO MB 59 -108.05 39.31 -6.33
N GLY MB 60 -109.06 39.91 -6.92
CA GLY MB 60 -109.72 41.07 -6.34
C GLY MB 60 -108.94 42.35 -6.52
N GLY MB 61 -108.45 42.58 -7.73
CA GLY MB 61 -107.70 43.78 -8.01
C GLY MB 61 -106.84 43.62 -9.26
N LYS MB 62 -106.12 44.69 -9.57
CA LYS MB 62 -105.25 44.74 -10.73
C LYS MB 62 -104.02 43.87 -10.51
N PRO MB 63 -103.41 43.38 -11.59
CA PRO MB 63 -102.17 42.59 -11.43
C PRO MB 63 -101.00 43.45 -10.95
N ASN MB 64 -100.23 42.88 -10.03
CA ASN MB 64 -99.11 43.57 -9.41
C ASN MB 64 -97.85 42.72 -9.50
N LYS MB 65 -96.77 43.24 -8.93
CA LYS MB 65 -95.49 42.54 -8.97
C LYS MB 65 -95.32 41.52 -7.85
N THR MB 66 -96.20 41.54 -6.84
CA THR MB 66 -95.99 40.72 -5.66
C THR MB 66 -96.39 39.27 -5.91
N ARG MB 67 -95.71 38.36 -5.20
CA ARG MB 67 -95.95 36.93 -5.28
C ARG MB 67 -95.88 36.35 -3.89
N VAL MB 68 -96.52 35.19 -3.68
CA VAL MB 68 -96.49 34.49 -2.40
C VAL MB 68 -96.26 33.01 -2.65
N ILE MB 69 -95.92 32.31 -1.58
CA ILE MB 69 -95.89 30.85 -1.55
C ILE MB 69 -96.67 30.45 -0.29
N TRP MB 70 -97.88 29.92 -0.47
CA TRP MB 70 -98.73 29.61 0.67
C TRP MB 70 -98.25 28.37 1.41
N GLY MB 71 -98.81 28.16 2.59
CA GLY MB 71 -98.46 27.02 3.40
C GLY MB 71 -99.37 26.78 4.56
N LYS MB 72 -98.84 26.08 5.57
CA LYS MB 72 -99.66 25.61 6.68
C LYS MB 72 -98.72 25.27 7.84
N VAL MB 73 -98.99 25.82 9.01
CA VAL MB 73 -98.15 25.59 10.19
C VAL MB 73 -98.54 24.25 10.80
N THR MB 74 -97.62 23.30 10.77
CA THR MB 74 -97.94 21.92 11.14
C THR MB 74 -97.89 21.70 12.65
N ARG MB 75 -96.71 21.83 13.25
CA ARG MB 75 -96.55 21.47 14.66
C ARG MB 75 -95.36 22.24 15.24
N ALA MB 76 -95.26 22.20 16.57
CA ALA MB 76 -94.22 22.91 17.29
C ALA MB 76 -92.84 22.28 17.05
N HIS MB 77 -91.80 23.03 17.42
CA HIS MB 77 -90.42 22.62 17.22
C HIS MB 77 -89.57 23.13 18.38
N GLY MB 78 -88.82 22.24 19.00
CA GLY MB 78 -87.92 22.65 20.05
C GLY MB 78 -88.64 23.04 21.33
N ASN MB 79 -87.95 23.84 22.14
CA ASN MB 79 -88.46 24.32 23.41
C ASN MB 79 -88.38 25.84 23.53
N SER MB 80 -87.95 26.53 22.49
CA SER MB 80 -87.80 27.99 22.51
C SER MB 80 -88.75 28.68 21.53
N GLY MB 81 -89.93 28.10 21.34
CA GLY MB 81 -90.95 28.78 20.54
C GLY MB 81 -90.75 28.71 19.05
N MET MB 82 -89.89 27.81 18.57
CA MET MB 82 -89.82 27.54 17.14
C MET MB 82 -91.02 26.69 16.74
N VAL MB 83 -91.37 26.71 15.47
CA VAL MB 83 -92.54 25.97 15.01
C VAL MB 83 -92.25 25.47 13.59
N ARG MB 84 -92.95 24.42 13.18
CA ARG MB 84 -92.71 23.87 11.85
C ARG MB 84 -93.81 24.29 10.89
N ALA MB 85 -93.53 24.14 9.59
CA ALA MB 85 -94.54 24.35 8.56
C ALA MB 85 -94.21 23.47 7.37
N LYS MB 86 -95.24 23.01 6.68
CA LYS MB 86 -95.09 22.31 5.40
C LYS MB 86 -95.63 23.22 4.31
N PHE MB 87 -94.84 23.41 3.26
CA PHE MB 87 -95.23 24.28 2.16
C PHE MB 87 -95.50 23.43 0.91
N ARG MB 88 -96.28 24.02 0.00
CA ARG MB 88 -96.55 23.34 -1.26
C ARG MB 88 -95.36 23.42 -2.20
N SER MB 89 -94.83 24.63 -2.39
CA SER MB 89 -93.54 24.84 -3.02
C SER MB 89 -92.53 25.22 -1.94
N ASN MB 90 -91.33 24.66 -2.03
CA ASN MB 90 -90.31 24.92 -1.03
C ASN MB 90 -89.79 26.34 -1.16
N LEU MB 91 -89.38 26.93 -0.02
CA LEU MB 91 -88.85 28.28 -0.07
C LEU MB 91 -87.46 28.29 -0.67
N PRO MB 92 -87.09 29.35 -1.39
CA PRO MB 92 -85.69 29.54 -1.75
C PRO MB 92 -84.90 29.95 -0.52
N ALA MB 93 -83.59 29.65 -0.55
CA ALA MB 93 -82.74 30.04 0.56
C ALA MB 93 -82.25 31.48 0.44
N LYS MB 94 -82.77 32.24 -0.54
CA LYS MB 94 -82.63 33.68 -0.52
C LYS MB 94 -83.42 34.28 0.64
N ALA MB 95 -84.49 33.62 1.06
CA ALA MB 95 -85.36 34.10 2.14
C ALA MB 95 -84.88 33.72 3.53
N ILE MB 96 -83.61 33.32 3.70
CA ILE MB 96 -83.08 33.01 5.02
C ILE MB 96 -82.98 34.31 5.82
N GLY MB 97 -83.74 34.37 6.92
CA GLY MB 97 -83.76 35.54 7.77
C GLY MB 97 -84.56 36.69 7.18
N HIS MB 98 -85.75 36.40 6.68
CA HIS MB 98 -86.64 37.43 6.17
C HIS MB 98 -88.04 37.23 6.73
N ARG MB 99 -88.83 38.28 6.70
CA ARG MB 99 -90.17 38.28 7.29
C ARG MB 99 -91.14 37.53 6.40
N ILE MB 100 -91.94 36.67 7.02
CA ILE MB 100 -93.08 36.05 6.37
C ILE MB 100 -94.32 36.51 7.13
N ARG MB 101 -95.48 36.12 6.62
CA ARG MB 101 -96.74 36.44 7.26
C ARG MB 101 -97.35 35.13 7.73
N VAL MB 102 -97.44 34.95 9.05
CA VAL MB 102 -98.34 33.94 9.60
C VAL MB 102 -99.68 34.64 9.85
N MET MB 103 -100.77 33.91 9.67
CA MET MB 103 -102.08 34.54 9.70
C MET MB 103 -102.85 34.13 10.95
N LEU MB 104 -104.10 34.58 11.00
CA LEU MB 104 -104.98 34.27 12.12
C LEU MB 104 -106.28 33.60 11.69
N TYR MB 105 -106.75 33.83 10.46
CA TYR MB 105 -108.03 33.32 9.98
C TYR MB 105 -108.18 31.80 9.90
N PRO MB 106 -107.11 30.96 9.86
CA PRO MB 106 -107.35 29.57 10.27
C PRO MB 106 -107.41 29.42 11.78
N SER MB 107 -108.48 29.94 12.39
CA SER MB 107 -108.53 30.07 13.83
C SER MB 107 -109.19 28.87 14.48
N ARG MB 108 -109.00 28.75 15.79
CA ARG MB 108 -109.55 27.69 16.62
C ARG MB 108 -110.13 28.27 17.90
N ILE MB 109 -110.60 29.51 17.80
CA ILE MB 109 -111.03 30.26 18.96
C ILE MB 109 -112.53 30.17 19.16
N VAL NB 1 1.86 42.37 -58.10
CA VAL NB 1 2.32 41.02 -58.44
C VAL NB 1 1.23 40.27 -59.18
N GLN NB 2 1.54 39.85 -60.41
CA GLN NB 2 0.58 39.13 -61.25
C GLN NB 2 0.52 37.68 -60.78
N ARG NB 3 -0.50 37.37 -59.99
CA ARG NB 3 -0.74 35.99 -59.59
C ARG NB 3 -1.46 35.24 -60.70
N LEU NB 4 -1.01 34.01 -60.95
CA LEU NB 4 -1.36 33.29 -62.16
C LEU NB 4 -1.63 31.82 -61.84
N THR NB 5 -2.51 31.23 -62.63
CA THR NB 5 -3.05 29.91 -62.40
C THR NB 5 -2.56 28.92 -63.44
N TYR NB 6 -2.88 27.65 -63.22
CA TYR NB 6 -2.55 26.60 -64.19
C TYR NB 6 -3.46 26.69 -65.41
N ARG NB 7 -3.10 25.94 -66.45
CA ARG NB 7 -3.91 25.77 -67.64
C ARG NB 7 -4.32 24.32 -67.85
N ARG NB 8 -4.24 23.50 -66.81
CA ARG NB 8 -4.64 22.09 -66.87
C ARG NB 8 -5.70 21.83 -65.80
N ARG NB 9 -6.12 20.58 -65.72
CA ARG NB 9 -6.97 20.14 -64.61
C ARG NB 9 -6.18 19.39 -63.54
N LEU NB 10 -4.91 19.13 -63.79
CA LEU NB 10 -4.01 18.55 -62.79
C LEU NB 10 -3.46 19.69 -61.93
N SER NB 11 -4.10 19.95 -60.79
CA SER NB 11 -3.73 21.11 -59.98
C SER NB 11 -2.57 20.82 -59.04
N TYR NB 12 -2.25 19.55 -58.82
CA TYR NB 12 -1.22 19.19 -57.85
C TYR NB 12 0.16 19.44 -58.43
N ASN NB 13 1.10 19.80 -57.56
CA ASN NB 13 2.48 20.06 -57.97
C ASN NB 13 3.17 18.71 -58.16
N THR NB 14 2.93 18.07 -59.30
CA THR NB 14 3.37 16.71 -59.53
C THR NB 14 4.58 16.77 -60.47
N ALA NB 15 5.36 15.68 -60.49
CA ALA NB 15 6.59 15.64 -61.29
C ALA NB 15 6.30 15.69 -62.79
N SER NB 16 5.10 15.27 -63.18
CA SER NB 16 4.69 15.44 -64.57
C SER NB 16 4.40 16.90 -64.87
N ASN NB 17 3.92 17.64 -63.88
CA ASN NB 17 3.53 19.04 -64.04
C ASN NB 17 4.66 19.99 -63.63
N LYS NB 18 5.82 19.87 -64.25
CA LYS NB 18 6.91 20.81 -63.99
C LYS NB 18 6.78 22.02 -64.89
N THR NB 19 6.88 23.20 -64.29
CA THR NB 19 6.53 24.45 -64.93
C THR NB 19 7.75 25.37 -64.99
N ARG NB 20 7.59 26.47 -65.74
CA ARG NB 20 8.49 27.61 -65.65
C ARG NB 20 7.68 28.86 -65.94
N LEU NB 21 8.20 30.01 -65.50
CA LEU NB 21 7.52 31.28 -65.71
C LEU NB 21 8.02 31.92 -67.00
N SER NB 22 7.11 32.55 -67.74
CA SER NB 22 7.49 33.18 -69.00
C SER NB 22 6.59 34.38 -69.27
N ARG NB 23 7.14 35.39 -69.93
CA ARG NB 23 6.40 36.60 -70.23
C ARG NB 23 5.92 36.59 -71.68
N THR NB 24 4.64 36.85 -71.88
CA THR NB 24 4.04 36.90 -73.21
C THR NB 24 4.29 38.27 -73.83
N PRO NB 25 4.15 38.40 -75.15
CA PRO NB 25 4.15 39.75 -75.75
C PRO NB 25 2.90 40.55 -75.43
N GLY NB 26 1.84 39.92 -74.89
CA GLY NB 26 0.70 40.63 -74.36
C GLY NB 26 0.88 41.18 -72.96
N ASN NB 27 2.12 41.20 -72.45
CA ASN NB 27 2.53 41.79 -71.18
C ASN NB 27 1.81 41.14 -70.00
N ARG NB 28 1.97 39.83 -69.85
CA ARG NB 28 1.50 39.12 -68.67
C ARG NB 28 2.37 37.89 -68.48
N ILE NB 29 2.52 37.47 -67.22
CA ILE NB 29 3.35 36.33 -66.87
C ILE NB 29 2.47 35.09 -66.83
N VAL NB 30 2.99 33.96 -67.33
CA VAL NB 30 2.18 32.76 -67.44
C VAL NB 30 3.12 31.54 -67.41
N TYR NB 31 2.56 30.37 -67.11
CA TYR NB 31 3.36 29.16 -67.11
C TYR NB 31 3.66 28.70 -68.52
N LEU NB 32 4.83 28.10 -68.70
CA LEU NB 32 5.10 27.19 -69.81
C LEU NB 32 5.56 25.87 -69.20
N TYR NB 33 4.95 24.79 -69.67
CA TYR NB 33 5.15 23.47 -69.07
C TYR NB 33 6.40 22.84 -69.65
N THR NB 34 7.41 22.64 -68.81
CA THR NB 34 8.70 22.15 -69.27
C THR NB 34 8.65 20.66 -69.54
N LYS NB 35 9.44 20.22 -70.51
CA LYS NB 35 9.67 18.80 -70.70
C LYS NB 35 10.52 18.27 -69.56
N LYS NB 36 10.31 17.01 -69.23
CA LYS NB 36 11.08 16.39 -68.16
C LYS NB 36 12.52 16.15 -68.62
N VAL NB 37 13.44 16.25 -67.66
CA VAL NB 37 14.87 16.31 -67.96
C VAL NB 37 15.35 14.88 -68.22
N GLY NB 38 15.72 14.61 -69.47
CA GLY NB 38 16.31 13.32 -69.80
C GLY NB 38 17.80 13.28 -69.48
N LYS NB 39 18.32 12.06 -69.34
CA LYS NB 39 19.71 11.86 -68.96
C LYS NB 39 20.48 11.20 -70.10
N ALA NB 40 21.81 11.33 -70.03
CA ALA NB 40 22.70 10.74 -71.00
C ALA NB 40 22.78 9.22 -70.78
N PRO NB 41 23.10 8.44 -71.82
CA PRO NB 41 23.17 6.98 -71.65
C PRO NB 41 24.39 6.55 -70.86
N LYS NB 42 24.21 5.52 -70.03
CA LYS NB 42 25.26 4.96 -69.20
C LYS NB 42 25.96 3.82 -69.95
N SER NB 43 27.23 3.58 -69.60
CA SER NB 43 28.04 2.60 -70.29
C SER NB 43 27.56 1.18 -70.02
N ALA NB 44 27.79 0.30 -71.00
CA ALA NB 44 27.37 -1.10 -70.88
C ALA NB 44 28.25 -1.89 -69.94
N CYS NB 45 29.47 -1.42 -69.66
CA CYS NB 45 30.33 -2.10 -68.71
C CYS NB 45 29.82 -1.90 -67.28
N GLY NB 46 29.50 -0.67 -66.91
CA GLY NB 46 28.97 -0.39 -65.60
C GLY NB 46 30.02 -0.19 -64.52
N VAL NB 47 31.21 0.29 -64.89
CA VAL NB 47 32.26 0.52 -63.91
C VAL NB 47 32.51 2.03 -63.81
N CYS NB 48 32.15 2.77 -64.85
CA CYS NB 48 32.33 4.22 -64.82
C CYS NB 48 31.06 4.88 -64.31
N PRO NB 49 31.15 5.76 -63.30
CA PRO NB 49 29.94 6.48 -62.88
C PRO NB 49 29.54 7.57 -63.85
N GLY NB 50 30.47 8.04 -64.69
CA GLY NB 50 30.15 9.07 -65.64
C GLY NB 50 29.35 8.55 -66.82
N ARG NB 51 28.68 9.46 -67.50
CA ARG NB 51 27.86 9.13 -68.65
C ARG NB 51 28.59 9.48 -69.94
N LEU NB 52 28.15 8.86 -71.03
CA LEU NB 52 28.83 9.02 -72.32
C LEU NB 52 28.56 10.39 -72.92
N ARG NB 53 29.36 10.73 -73.93
CA ARG NB 53 29.31 12.03 -74.57
C ARG NB 53 29.04 11.88 -76.06
N GLY NB 54 28.67 12.99 -76.69
CA GLY NB 54 28.28 12.95 -78.08
C GLY NB 54 26.86 12.48 -78.31
N VAL NB 55 26.11 12.25 -77.25
CA VAL NB 55 24.72 11.81 -77.33
C VAL NB 55 23.86 12.83 -76.60
N ARG NB 56 22.79 13.28 -77.24
CA ARG NB 56 21.90 14.29 -76.67
C ARG NB 56 21.11 13.68 -75.52
N ALA NB 57 21.30 14.22 -74.31
CA ALA NB 57 20.60 13.73 -73.14
C ALA NB 57 19.15 14.17 -73.16
N VAL NB 58 18.26 13.27 -73.58
CA VAL NB 58 16.85 13.60 -73.75
C VAL NB 58 16.04 12.34 -73.43
N ARG NB 59 14.72 12.51 -73.28
CA ARG NB 59 13.74 11.46 -73.03
C ARG NB 59 13.75 10.46 -74.19
N PRO NB 60 13.41 9.17 -73.96
CA PRO NB 60 13.77 8.15 -74.96
C PRO NB 60 12.92 8.16 -76.21
N LYS NB 61 11.64 8.52 -76.12
CA LYS NB 61 10.79 8.49 -77.30
C LYS NB 61 11.08 9.67 -78.23
N VAL NB 62 11.81 10.68 -77.75
CA VAL NB 62 12.34 11.75 -78.59
C VAL NB 62 13.35 11.23 -79.61
N LEU NB 63 14.02 10.11 -79.33
CA LEU NB 63 15.12 9.63 -80.18
C LEU NB 63 14.68 9.13 -81.56
N MET NB 64 13.37 9.04 -81.83
CA MET NB 64 12.94 8.82 -83.20
C MET NB 64 13.15 10.07 -84.04
N ARG NB 65 13.13 11.25 -83.41
CA ARG NB 65 13.23 12.49 -84.17
C ARG NB 65 14.69 12.79 -84.52
N LEU NB 66 15.62 12.45 -83.63
CA LEU NB 66 17.01 12.77 -83.83
C LEU NB 66 17.61 11.91 -84.95
N SER NB 67 18.68 12.43 -85.56
CA SER NB 67 19.32 11.77 -86.67
C SER NB 67 20.20 10.63 -86.18
N LYS NB 68 20.91 9.99 -87.11
CA LYS NB 68 21.75 8.85 -86.76
C LYS NB 68 23.00 9.31 -86.02
N THR NB 69 23.59 10.42 -86.45
CA THR NB 69 24.82 10.91 -85.82
C THR NB 69 24.54 11.57 -84.48
N LYS NB 70 23.30 12.00 -84.25
CA LYS NB 70 22.97 12.65 -82.98
C LYS NB 70 22.79 11.63 -81.86
N LYS NB 71 22.66 10.35 -82.18
CA LYS NB 71 22.34 9.35 -81.18
C LYS NB 71 23.52 8.49 -80.76
N HIS NB 72 24.58 8.40 -81.58
CA HIS NB 72 25.77 7.67 -81.22
C HIS NB 72 27.00 8.43 -81.70
N VAL NB 73 28.16 7.82 -81.51
CA VAL NB 73 29.43 8.40 -81.91
C VAL NB 73 30.09 7.46 -82.91
N SER NB 74 30.82 8.04 -83.86
CA SER NB 74 31.48 7.25 -84.90
C SER NB 74 32.72 6.55 -84.34
N ARG NB 75 32.50 5.41 -83.70
CA ARG NB 75 33.56 4.64 -83.06
C ARG NB 75 33.01 3.24 -82.81
N ALA NB 76 33.92 2.27 -82.70
CA ALA NB 76 33.55 0.94 -82.21
C ALA NB 76 33.00 1.06 -80.80
N TYR NB 77 31.91 0.34 -80.53
CA TYR NB 77 31.04 0.51 -79.36
C TYR NB 77 30.58 1.96 -79.24
N GLY NB 78 30.04 2.50 -80.35
CA GLY NB 78 29.60 3.87 -80.39
C GLY NB 78 28.29 4.12 -79.66
N GLY NB 79 28.32 4.98 -78.65
CA GLY NB 79 27.12 5.28 -77.90
C GLY NB 79 26.72 4.23 -76.88
N SER NB 80 27.51 3.17 -76.72
CA SER NB 80 27.23 2.11 -75.78
C SER NB 80 28.27 2.02 -74.66
N MET NB 81 29.54 2.27 -74.98
CA MET NB 81 30.63 2.13 -74.03
C MET NB 81 31.63 3.27 -74.21
N CYS NB 82 32.15 3.77 -73.10
CA CYS NB 82 33.14 4.84 -73.11
C CYS NB 82 34.48 4.33 -73.62
N ALA NB 83 35.27 5.26 -74.19
CA ALA NB 83 36.46 4.89 -74.97
C ALA NB 83 37.56 4.29 -74.10
N LYS NB 84 37.62 4.66 -72.82
CA LYS NB 84 38.60 4.08 -71.91
C LYS NB 84 38.33 2.60 -71.68
N CYS NB 85 37.07 2.25 -71.44
CA CYS NB 85 36.72 0.85 -71.28
C CYS NB 85 36.78 0.11 -72.62
N VAL NB 86 36.57 0.82 -73.74
CA VAL NB 86 36.73 0.19 -75.05
C VAL NB 86 38.17 -0.19 -75.30
N ARG NB 87 39.12 0.72 -75.03
CA ARG NB 87 40.52 0.41 -75.26
C ARG NB 87 41.05 -0.61 -74.24
N ASP NB 88 40.51 -0.60 -73.02
CA ASP NB 88 40.85 -1.64 -72.06
C ASP NB 88 40.32 -3.01 -72.49
N ARG NB 89 39.12 -3.05 -73.09
CA ARG NB 89 38.57 -4.30 -73.58
C ARG NB 89 39.35 -4.81 -74.79
N ILE NB 90 39.86 -3.89 -75.61
CA ILE NB 90 40.71 -4.29 -76.74
C ILE NB 90 42.04 -4.86 -76.23
N LYS NB 91 42.65 -4.21 -75.24
CA LYS NB 91 43.88 -4.73 -74.62
C LYS NB 91 43.66 -6.11 -74.01
N ARG NB 92 42.53 -6.30 -73.34
CA ARG NB 92 42.25 -7.59 -72.71
C ARG NB 92 41.97 -8.67 -73.75
N ALA NB 93 41.24 -8.32 -74.81
CA ALA NB 93 40.90 -9.28 -75.86
C ALA NB 93 42.15 -9.67 -76.66
N PHE NB 94 43.14 -8.80 -76.71
CA PHE NB 94 44.41 -9.18 -77.32
C PHE NB 94 45.24 -10.04 -76.38
N LEU NB 95 45.32 -9.66 -75.10
CA LEU NB 95 46.29 -10.30 -74.21
C LEU NB 95 45.82 -11.66 -73.72
N ILE NB 96 44.52 -11.91 -73.59
CA ILE NB 96 44.06 -13.25 -73.23
C ILE NB 96 44.27 -14.22 -74.41
N GLU NB 97 44.12 -13.71 -75.64
CA GLU NB 97 44.41 -14.51 -76.82
C GLU NB 97 45.90 -14.84 -76.92
N GLU NB 98 46.76 -13.87 -76.59
CA GLU NB 98 48.20 -14.13 -76.59
C GLU NB 98 48.60 -15.08 -75.47
N GLN NB 99 47.90 -15.01 -74.33
CA GLN NB 99 48.14 -15.97 -73.26
C GLN NB 99 47.71 -17.38 -73.67
N LYS NB 100 46.63 -17.49 -74.44
CA LYS NB 100 46.22 -18.80 -74.97
C LYS NB 100 47.24 -19.33 -75.96
N ILE NB 101 47.86 -18.43 -76.76
CA ILE NB 101 48.93 -18.86 -77.67
C ILE NB 101 50.15 -19.34 -76.87
N VAL NB 102 50.49 -18.66 -75.78
CA VAL NB 102 51.62 -19.07 -74.94
C VAL NB 102 51.34 -20.42 -74.27
N VAL NB 103 50.10 -20.65 -73.83
CA VAL NB 103 49.72 -21.93 -73.24
C VAL NB 103 49.76 -23.04 -74.28
N LYS NB 104 49.38 -22.74 -75.53
CA LYS NB 104 49.46 -23.72 -76.59
C LYS NB 104 50.91 -24.08 -76.92
N VAL NB 105 51.81 -23.08 -76.90
CA VAL NB 105 53.23 -23.35 -77.14
C VAL NB 105 53.82 -24.17 -75.99
N LEU NB 106 53.42 -23.88 -74.75
CA LEU NB 106 53.91 -24.65 -73.62
C LEU NB 106 53.37 -26.08 -73.63
N LYS NB 107 52.14 -26.27 -74.11
CA LYS NB 107 51.59 -27.62 -74.23
C LYS NB 107 52.28 -28.40 -75.34
N ALA NB 108 52.62 -27.72 -76.45
CA ALA NB 108 53.40 -28.35 -77.51
C ALA NB 108 54.80 -28.73 -77.02
N GLN NB 109 55.40 -27.90 -76.18
CA GLN NB 109 56.71 -28.25 -75.61
C GLN NB 109 56.61 -29.38 -74.60
N ALA NB 110 55.52 -29.44 -73.84
CA ALA NB 110 55.32 -30.55 -72.91
C ALA NB 110 55.11 -31.86 -73.67
N GLN NB 111 54.39 -31.83 -74.79
CA GLN NB 111 54.26 -33.04 -75.60
C GLN NB 111 55.54 -33.37 -76.34
N SER NB 112 56.39 -32.36 -76.59
CA SER NB 112 57.67 -32.62 -77.25
C SER NB 112 58.65 -33.29 -76.30
N GLN NB 113 58.72 -32.82 -75.05
CA GLN NB 113 59.56 -33.50 -74.06
C GLN NB 113 58.99 -34.86 -73.68
N LYS NB 114 57.72 -34.91 -73.31
CA LYS NB 114 57.09 -36.17 -72.96
C LYS NB 114 56.68 -36.94 -74.21
N ALA OB 1 -50.61 13.83 -102.36
CA ALA OB 1 -51.63 12.80 -102.41
C ALA OB 1 -51.41 11.75 -101.31
N LYS OB 2 -52.47 11.02 -100.99
CA LYS OB 2 -52.42 10.00 -99.96
C LYS OB 2 -51.67 8.78 -100.51
N ILE OB 3 -50.47 8.53 -99.98
CA ILE OB 3 -49.67 7.38 -100.39
C ILE OB 3 -50.27 6.16 -99.71
N LYS OB 4 -51.00 5.35 -100.48
CA LYS OB 4 -51.66 4.16 -99.96
C LYS OB 4 -50.73 2.97 -100.05
N ALA OB 5 -51.13 1.86 -99.42
CA ALA OB 5 -50.26 0.69 -99.36
C ALA OB 5 -50.51 -0.28 -100.50
N ARG OB 6 -51.60 -0.12 -101.25
CA ARG OB 6 -51.94 -1.09 -102.29
C ARG OB 6 -51.10 -0.87 -103.54
N ASP OB 7 -50.93 0.40 -103.95
CA ASP OB 7 -50.24 0.67 -105.21
C ASP OB 7 -48.73 0.61 -105.07
N LEU OB 8 -48.21 0.56 -103.84
CA LEU OB 8 -46.76 0.50 -103.67
C LEU OB 8 -46.22 -0.90 -103.93
N ARG OB 9 -47.07 -1.92 -103.85
CA ARG OB 9 -46.59 -3.29 -104.03
C ARG OB 9 -46.37 -3.62 -105.49
N GLY OB 10 -47.13 -3.00 -106.39
CA GLY OB 10 -47.03 -3.32 -107.80
C GLY OB 10 -45.90 -2.62 -108.51
N LYS OB 11 -45.38 -1.53 -107.93
CA LYS OB 11 -44.36 -0.74 -108.61
C LYS OB 11 -42.99 -1.40 -108.48
N LYS OB 12 -42.04 -0.84 -109.23
CA LYS OB 12 -40.67 -1.33 -109.27
C LYS OB 12 -39.91 -0.84 -108.05
N LYS OB 13 -38.83 -1.55 -107.71
CA LYS OB 13 -38.10 -1.27 -106.47
C LYS OB 13 -37.34 0.04 -106.56
N GLU OB 14 -36.85 0.40 -107.76
CA GLU OB 14 -36.12 1.67 -107.91
C GLU OB 14 -37.07 2.86 -107.83
N GLU OB 15 -38.31 2.69 -108.25
CA GLU OB 15 -39.31 3.75 -108.07
C GLU OB 15 -39.66 3.91 -106.59
N LEU OB 16 -39.69 2.80 -105.84
CA LEU OB 16 -39.89 2.87 -104.40
C LEU OB 16 -38.73 3.57 -103.71
N LEU OB 17 -37.50 3.34 -104.19
CA LEU OB 17 -36.35 4.03 -103.62
C LEU OB 17 -36.37 5.52 -103.96
N LYS OB 18 -36.80 5.89 -105.17
CA LYS OB 18 -36.89 7.29 -105.54
C LYS OB 18 -37.98 8.01 -104.72
N GLN OB 19 -39.12 7.35 -104.53
CA GLN OB 19 -40.18 7.93 -103.71
C GLN OB 19 -39.76 8.02 -102.23
N LEU OB 20 -38.99 7.03 -101.76
CA LEU OB 20 -38.48 7.07 -100.40
C LEU OB 20 -37.50 8.22 -100.19
N ASP OB 21 -36.62 8.44 -101.18
CA ASP OB 21 -35.67 9.55 -101.08
C ASP OB 21 -36.37 10.90 -101.18
N ASP OB 22 -37.43 11.00 -101.99
CA ASP OB 22 -38.21 12.22 -102.05
C ASP OB 22 -38.93 12.48 -100.73
N LEU OB 23 -39.42 11.42 -100.08
CA LEU OB 23 -40.06 11.58 -98.78
C LEU OB 23 -39.05 11.93 -97.69
N LYS OB 24 -37.81 11.44 -97.81
CA LYS OB 24 -36.78 11.83 -96.84
C LYS OB 24 -36.39 13.29 -97.00
N VAL OB 25 -36.27 13.76 -98.25
CA VAL OB 25 -36.00 15.18 -98.50
C VAL OB 25 -37.14 16.05 -97.98
N GLU OB 26 -38.38 15.61 -98.20
CA GLU OB 26 -39.53 16.40 -97.75
C GLU OB 26 -39.68 16.36 -96.24
N LEU OB 27 -39.27 15.28 -95.58
CA LEU OB 27 -39.25 15.24 -94.12
C LEU OB 27 -38.18 16.16 -93.55
N SER OB 28 -37.01 16.22 -94.20
CA SER OB 28 -35.96 17.13 -93.76
C SER OB 28 -36.39 18.59 -93.93
N GLN OB 29 -37.11 18.89 -95.02
CA GLN OB 29 -37.64 20.23 -95.22
C GLN OB 29 -38.67 20.61 -94.16
N LEU OB 30 -39.49 19.63 -93.73
CA LEU OB 30 -40.48 19.94 -92.70
C LEU OB 30 -39.85 20.07 -91.33
N ARG OB 31 -38.75 19.36 -91.07
CA ARG OB 31 -38.02 19.56 -89.82
C ARG OB 31 -37.34 20.94 -89.79
N VAL OB 32 -36.76 21.36 -90.93
CA VAL OB 32 -36.18 22.69 -91.03
C VAL OB 32 -37.26 23.77 -90.85
N ALA OB 33 -38.44 23.54 -91.43
CA ALA OB 33 -39.54 24.49 -91.28
C ALA OB 33 -40.06 24.54 -89.85
N LYS OB 34 -40.06 23.39 -89.16
CA LYS OB 34 -40.46 23.35 -87.76
C LYS OB 34 -39.49 24.12 -86.87
N VAL OB 35 -38.19 23.97 -87.12
CA VAL OB 35 -37.22 24.62 -86.25
C VAL OB 35 -37.13 26.11 -86.54
N THR OB 36 -37.24 26.51 -87.82
CA THR OB 36 -37.28 27.93 -88.15
C THR OB 36 -38.58 28.58 -87.71
N GLY OB 37 -39.65 27.80 -87.61
CA GLY OB 37 -40.94 28.34 -87.27
C GLY OB 37 -41.84 28.40 -88.49
N GLY OB 38 -42.73 27.41 -88.63
CA GLY OB 38 -43.54 27.26 -89.80
C GLY OB 38 -45.03 27.20 -89.50
N ALA OB 39 -45.77 26.66 -90.47
CA ALA OB 39 -47.21 26.61 -90.36
C ALA OB 39 -47.66 25.33 -89.64
N ALA OB 40 -48.85 25.40 -89.03
CA ALA OB 40 -49.45 24.23 -88.41
C ALA OB 40 -49.84 23.19 -89.46
N SER OB 41 -50.07 23.62 -90.71
CA SER OB 41 -50.24 22.68 -91.81
C SER OB 41 -48.99 21.81 -92.00
N LYS OB 42 -47.80 22.41 -91.95
CA LYS OB 42 -46.57 21.62 -92.02
C LYS OB 42 -46.35 20.79 -90.75
N LEU OB 43 -46.74 21.35 -89.60
CA LEU OB 43 -46.60 20.64 -88.33
C LEU OB 43 -47.50 19.40 -88.26
N SER OB 44 -48.63 19.42 -88.96
CA SER OB 44 -49.45 18.22 -89.06
C SER OB 44 -49.05 17.36 -90.26
N LYS OB 45 -48.40 17.96 -91.26
CA LYS OB 45 -47.99 17.23 -92.45
C LYS OB 45 -46.79 16.32 -92.16
N ILE OB 46 -45.96 16.69 -91.18
CA ILE OB 46 -44.75 15.91 -90.89
C ILE OB 46 -45.10 14.52 -90.34
N ARG OB 47 -46.25 14.39 -89.65
CA ARG OB 47 -46.68 13.08 -89.17
C ARG OB 47 -47.14 12.20 -90.33
N VAL OB 48 -47.81 12.79 -91.31
CA VAL OB 48 -48.23 12.06 -92.50
C VAL OB 48 -47.02 11.62 -93.32
N VAL OB 49 -45.98 12.46 -93.36
CA VAL OB 49 -44.75 12.11 -94.06
C VAL OB 49 -44.03 10.95 -93.35
N ARG OB 50 -44.01 10.97 -92.01
CA ARG OB 50 -43.41 9.86 -91.25
C ARG OB 50 -44.17 8.55 -91.47
N LYS OB 51 -45.51 8.60 -91.46
CA LYS OB 51 -46.28 7.39 -91.70
C LYS OB 51 -46.15 6.89 -93.14
N SER OB 52 -45.96 7.81 -94.10
CA SER OB 52 -45.76 7.40 -95.48
C SER OB 52 -44.39 6.74 -95.67
N ILE OB 53 -43.37 7.25 -94.99
CA ILE OB 53 -42.06 6.59 -95.00
C ILE OB 53 -42.15 5.21 -94.36
N ALA OB 54 -42.91 5.08 -93.28
CA ALA OB 54 -43.13 3.78 -92.65
C ALA OB 54 -43.84 2.81 -93.60
N ARG OB 55 -44.82 3.30 -94.36
CA ARG OB 55 -45.53 2.46 -95.32
C ARG OB 55 -44.61 2.02 -96.47
N VAL OB 56 -43.80 2.94 -96.99
CA VAL OB 56 -42.91 2.60 -98.11
C VAL OB 56 -41.85 1.60 -97.68
N LEU OB 57 -41.27 1.79 -96.50
CA LEU OB 57 -40.30 0.82 -95.98
C LEU OB 57 -40.94 -0.54 -95.67
N THR OB 58 -42.21 -0.54 -95.23
CA THR OB 58 -42.92 -1.79 -94.99
C THR OB 58 -43.15 -2.55 -96.29
N VAL OB 59 -43.54 -1.84 -97.35
CA VAL OB 59 -43.78 -2.49 -98.65
C VAL OB 59 -42.47 -2.99 -99.25
N ILE OB 60 -41.37 -2.24 -99.09
CA ILE OB 60 -40.06 -2.69 -99.56
C ILE OB 60 -39.62 -3.94 -98.80
N ASN OB 61 -39.84 -3.96 -97.48
CA ASN OB 61 -39.49 -5.14 -96.70
C ASN OB 61 -40.34 -6.36 -97.06
N GLN OB 62 -41.63 -6.17 -97.39
CA GLN OB 62 -42.47 -7.28 -97.83
C GLN OB 62 -42.00 -7.84 -99.17
N THR OB 63 -41.76 -6.96 -100.15
CA THR OB 63 -41.29 -7.41 -101.46
C THR OB 63 -39.90 -8.03 -101.38
N GLN OB 64 -39.11 -7.68 -100.36
CA GLN OB 64 -37.83 -8.36 -100.19
C GLN OB 64 -38.02 -9.74 -99.56
N LYS OB 65 -38.79 -9.82 -98.47
CA LYS OB 65 -38.72 -11.03 -97.65
C LYS OB 65 -39.63 -12.14 -98.18
N GLU OB 66 -40.76 -11.79 -98.81
CA GLU OB 66 -41.55 -12.82 -99.48
C GLU OB 66 -40.83 -13.39 -100.69
N ASN OB 67 -40.06 -12.57 -101.40
CA ASN OB 67 -39.25 -13.08 -102.50
C ASN OB 67 -38.08 -13.93 -102.01
N LEU OB 68 -37.49 -13.57 -100.86
CA LEU OB 68 -36.43 -14.39 -100.28
C LEU OB 68 -36.97 -15.73 -99.79
N ARG OB 69 -38.18 -15.76 -99.21
CA ARG OB 69 -38.71 -17.05 -98.76
C ARG OB 69 -39.23 -17.87 -99.93
N LYS OB 70 -39.65 -17.22 -101.03
CA LYS OB 70 -39.96 -17.95 -102.25
C LYS OB 70 -38.69 -18.56 -102.84
N PHE OB 71 -37.55 -17.85 -102.71
CA PHE OB 71 -36.29 -18.40 -103.17
C PHE OB 71 -35.82 -19.56 -102.31
N TYR OB 72 -35.90 -19.43 -100.99
CA TYR OB 72 -35.45 -20.48 -100.07
C TYR OB 72 -36.55 -21.48 -99.71
N LYS OB 73 -37.67 -21.48 -100.43
CA LYS OB 73 -38.74 -22.44 -100.13
C LYS OB 73 -38.35 -23.85 -100.55
N GLY OB 74 -37.73 -23.99 -101.72
CA GLY OB 74 -37.48 -25.32 -102.26
C GLY OB 74 -36.34 -26.06 -101.59
N LYS OB 75 -35.44 -25.33 -100.95
CA LYS OB 75 -34.28 -25.98 -100.34
C LYS OB 75 -34.64 -26.58 -98.98
N LYS OB 76 -33.78 -27.47 -98.49
CA LYS OB 76 -33.98 -28.09 -97.19
C LYS OB 76 -33.50 -27.18 -96.07
N TYR OB 77 -32.34 -26.55 -96.27
CA TYR OB 77 -31.81 -25.60 -95.30
C TYR OB 77 -32.22 -24.19 -95.66
N LYS OB 78 -32.75 -23.46 -94.69
CA LYS OB 78 -33.27 -22.12 -94.87
C LYS OB 78 -32.82 -21.27 -93.70
N PRO OB 79 -32.68 -19.95 -93.89
CA PRO OB 79 -32.16 -19.11 -92.81
C PRO OB 79 -33.10 -19.01 -91.62
N LEU OB 80 -32.54 -18.54 -90.50
CA LEU OB 80 -33.24 -18.57 -89.23
C LEU OB 80 -34.39 -17.57 -89.17
N ASP OB 81 -34.30 -16.49 -89.94
CA ASP OB 81 -35.43 -15.55 -90.02
C ASP OB 81 -36.57 -16.14 -90.84
N LEU OB 82 -36.25 -16.97 -91.83
CA LEU OB 82 -37.28 -17.59 -92.65
C LEU OB 82 -37.85 -18.86 -92.02
N ARG OB 83 -37.15 -19.45 -91.07
CA ARG OB 83 -37.71 -20.54 -90.28
C ARG OB 83 -38.86 -20.04 -89.43
N PRO OB 84 -39.90 -20.88 -89.18
CA PRO OB 84 -41.08 -20.40 -88.44
C PRO OB 84 -40.80 -20.11 -86.98
N LYS OB 85 -40.94 -18.83 -86.60
CA LYS OB 85 -40.67 -18.38 -85.24
C LYS OB 85 -41.87 -18.65 -84.36
N LYS OB 86 -41.81 -19.76 -83.64
CA LYS OB 86 -42.75 -20.07 -82.56
C LYS OB 86 -41.95 -20.39 -81.30
N THR OB 87 -42.64 -20.91 -80.29
CA THR OB 87 -42.01 -21.10 -78.99
C THR OB 87 -40.98 -22.22 -79.01
N ARG OB 88 -40.01 -22.11 -78.10
CA ARG OB 88 -38.82 -22.97 -78.13
C ARG OB 88 -39.18 -24.41 -77.76
N ALA OB 89 -40.07 -24.59 -76.78
CA ALA OB 89 -40.48 -25.93 -76.37
C ALA OB 89 -41.34 -26.59 -77.43
N MET OB 90 -41.99 -25.81 -78.28
CA MET OB 90 -42.76 -26.39 -79.38
C MET OB 90 -41.88 -26.68 -80.59
N ARG OB 91 -40.83 -25.87 -80.78
CA ARG OB 91 -39.87 -26.15 -81.85
C ARG OB 91 -39.00 -27.37 -81.55
N ARG OB 92 -38.69 -27.61 -80.28
CA ARG OB 92 -37.80 -28.70 -79.89
C ARG OB 92 -38.54 -30.00 -79.60
N ARG OB 93 -39.71 -30.19 -80.23
CA ARG OB 93 -40.47 -31.41 -80.09
C ARG OB 93 -39.99 -32.48 -81.07
N LEU OB 94 -40.78 -33.54 -81.19
CA LEU OB 94 -40.57 -34.53 -82.22
C LEU OB 94 -41.28 -34.11 -83.50
N ASN OB 95 -40.95 -34.78 -84.61
CA ASN OB 95 -41.60 -34.48 -85.87
C ASN OB 95 -42.96 -35.17 -85.94
N LYS OB 96 -43.76 -34.78 -86.93
CA LYS OB 96 -45.12 -35.30 -87.06
C LYS OB 96 -45.12 -36.76 -87.49
N HIS OB 97 -44.21 -37.14 -88.39
CA HIS OB 97 -44.09 -38.54 -88.78
C HIS OB 97 -43.39 -39.35 -87.68
N GLU OB 98 -42.49 -38.71 -86.94
CA GLU OB 98 -41.75 -39.41 -85.89
C GLU OB 98 -42.62 -39.64 -84.67
N GLU OB 99 -43.71 -38.87 -84.51
CA GLU OB 99 -44.71 -39.21 -83.51
C GLU OB 99 -45.53 -40.42 -83.92
N SER OB 100 -45.60 -40.69 -85.22
CA SER OB 100 -46.36 -41.81 -85.74
C SER OB 100 -45.50 -43.05 -86.02
N LEU OB 101 -44.18 -42.93 -85.89
CA LEU OB 101 -43.29 -44.08 -86.06
C LEU OB 101 -43.48 -45.05 -84.90
N LYS OB 102 -44.06 -46.22 -85.20
CA LYS OB 102 -44.22 -47.28 -84.23
C LYS OB 102 -43.24 -48.42 -84.53
N THR OB 103 -43.00 -49.26 -83.53
CA THR OB 103 -42.11 -50.39 -83.72
C THR OB 103 -42.82 -51.52 -84.46
N LYS OB 104 -42.02 -52.47 -84.92
CA LYS OB 104 -42.55 -53.60 -85.69
C LYS OB 104 -43.42 -54.50 -84.81
N LYS OB 105 -43.02 -54.69 -83.56
CA LYS OB 105 -43.80 -55.54 -82.66
C LYS OB 105 -45.08 -54.86 -82.22
N GLN OB 106 -45.07 -53.53 -82.10
CA GLN OB 106 -46.28 -52.80 -81.78
C GLN OB 106 -47.23 -52.77 -82.97
N GLN OB 107 -46.70 -52.68 -84.19
CA GLN OB 107 -47.53 -52.80 -85.39
C GLN OB 107 -48.11 -54.20 -85.53
N ARG OB 108 -47.33 -55.22 -85.15
CA ARG OB 108 -47.83 -56.59 -85.18
C ARG OB 108 -48.94 -56.80 -84.16
N LYS OB 109 -48.81 -56.22 -82.96
CA LYS OB 109 -49.87 -56.34 -81.96
C LYS OB 109 -51.11 -55.56 -82.37
N GLU OB 110 -50.94 -54.39 -82.99
CA GLU OB 110 -52.09 -53.63 -83.47
C GLU OB 110 -52.76 -54.29 -84.67
N ARG OB 111 -52.01 -55.07 -85.44
CA ARG OB 111 -52.62 -55.82 -86.53
C ARG OB 111 -53.38 -57.04 -86.00
N LEU OB 112 -52.76 -57.80 -85.11
CA LEU OB 112 -53.36 -59.07 -84.67
C LEU OB 112 -54.52 -58.83 -83.71
N TYR OB 113 -54.39 -57.89 -82.78
CA TYR OB 113 -55.39 -57.67 -81.74
C TYR OB 113 -55.78 -56.20 -81.69
N PRO OB 114 -56.69 -55.76 -82.55
CA PRO OB 114 -57.24 -54.40 -82.42
C PRO OB 114 -58.34 -54.35 -81.38
N LEU OB 115 -58.60 -53.15 -80.89
CA LEU OB 115 -59.67 -52.94 -79.90
C LEU OB 115 -61.00 -53.12 -80.60
N ARG OB 116 -61.69 -54.22 -80.29
CA ARG OB 116 -62.90 -54.58 -81.00
C ARG OB 116 -64.07 -53.72 -80.57
N LYS OB 117 -65.06 -53.64 -81.46
CA LYS OB 117 -66.30 -52.94 -81.19
C LYS OB 117 -67.34 -53.96 -80.73
N TYR OB 118 -67.94 -53.73 -79.57
CA TYR OB 118 -68.79 -54.74 -78.96
C TYR OB 118 -69.86 -54.06 -78.12
N ALA OB 119 -70.84 -54.86 -77.69
CA ALA OB 119 -71.90 -54.41 -76.81
C ALA OB 119 -72.40 -55.61 -76.01
N VAL OB 120 -73.15 -55.33 -74.95
CA VAL OB 120 -73.69 -56.37 -74.08
C VAL OB 120 -75.21 -56.23 -74.04
N LYS OB 121 -75.87 -57.29 -73.56
CA LYS OB 121 -77.30 -57.29 -73.38
C LYS OB 121 -77.66 -57.05 -71.92
N ALA OB 122 -78.94 -56.73 -71.69
CA ALA OB 122 -79.43 -56.50 -70.34
C ALA OB 122 -79.60 -57.82 -69.60
N ALA PB 1 -69.36 -90.60 -34.76
CA ALA PB 1 -69.12 -89.21 -34.40
C ALA PB 1 -68.87 -88.36 -35.65
N LEU PB 2 -69.65 -87.29 -35.79
CA LEU PB 2 -69.50 -86.37 -36.90
C LEU PB 2 -68.38 -85.37 -36.62
N ARG PB 3 -67.77 -84.88 -37.69
CA ARG PB 3 -66.63 -83.97 -37.62
C ARG PB 3 -66.99 -82.73 -38.42
N TYR PB 4 -67.48 -81.70 -37.74
CA TYR PB 4 -67.82 -80.45 -38.39
C TYR PB 4 -66.54 -79.69 -38.74
N PRO PB 5 -66.57 -78.91 -39.84
CA PRO PB 5 -65.40 -78.07 -40.15
C PRO PB 5 -65.23 -76.93 -39.16
N MET PB 6 -64.16 -76.98 -38.38
CA MET PB 6 -63.94 -76.07 -37.29
C MET PB 6 -63.03 -74.93 -37.71
N ALA PB 7 -63.27 -73.74 -37.14
CA ALA PB 7 -62.49 -72.57 -37.51
C ALA PB 7 -61.12 -72.57 -36.86
N VAL PB 8 -60.97 -73.28 -35.74
CA VAL PB 8 -59.70 -73.36 -35.04
C VAL PB 8 -59.41 -74.84 -34.74
N GLY PB 9 -58.15 -75.22 -34.82
CA GLY PB 9 -57.74 -76.57 -34.54
C GLY PB 9 -56.55 -76.96 -35.40
N LEU PB 10 -56.28 -78.26 -35.43
CA LEU PB 10 -55.17 -78.78 -36.21
C LEU PB 10 -55.52 -78.81 -37.70
N ASN PB 11 -56.78 -79.07 -38.02
CA ASN PB 11 -57.26 -79.12 -39.39
C ASN PB 11 -58.28 -78.02 -39.66
N LYS PB 12 -57.97 -76.80 -39.20
CA LYS PB 12 -58.90 -75.69 -39.25
C LYS PB 12 -59.07 -75.18 -40.69
N GLY PB 13 -60.02 -74.26 -40.85
CA GLY PB 13 -60.33 -73.71 -42.14
C GLY PB 13 -61.54 -74.39 -42.77
N HIS PB 14 -62.18 -73.67 -43.69
CA HIS PB 14 -63.33 -74.21 -44.40
C HIS PB 14 -62.87 -75.25 -45.41
N LYS PB 15 -63.61 -76.34 -45.52
CA LYS PB 15 -63.18 -77.47 -46.35
C LYS PB 15 -63.38 -77.14 -47.82
N VAL PB 16 -62.29 -76.87 -48.52
CA VAL PB 16 -62.28 -76.58 -49.95
C VAL PB 16 -61.27 -77.50 -50.62
N THR PB 17 -61.71 -78.18 -51.68
CA THR PB 17 -60.83 -79.10 -52.40
C THR PB 17 -59.74 -78.36 -53.14
N LYS PB 18 -58.61 -79.04 -53.35
CA LYS PB 18 -57.45 -78.43 -53.98
C LYS PB 18 -57.17 -79.08 -55.32
N ASN PB 19 -56.87 -78.25 -56.32
CA ASN PB 19 -56.56 -78.69 -57.67
C ASN PB 19 -55.05 -78.74 -57.90
N VAL PB 20 -54.65 -79.59 -58.83
CA VAL PB 20 -53.23 -79.71 -59.18
C VAL PB 20 -52.95 -78.99 -60.49
N SER PB 21 -52.53 -77.73 -60.39
CA SER PB 21 -52.26 -76.92 -61.57
C SER PB 21 -50.76 -76.89 -61.85
N LYS PB 22 -50.43 -76.36 -63.03
CA LYS PB 22 -49.03 -76.18 -63.38
C LYS PB 22 -48.45 -75.01 -62.58
N PRO PB 23 -47.28 -75.18 -61.97
CA PRO PB 23 -46.67 -74.08 -61.22
C PRO PB 23 -46.16 -72.99 -62.15
N ARG PB 24 -45.91 -71.82 -61.55
CA ARG PB 24 -45.50 -70.65 -62.31
C ARG PB 24 -44.10 -70.80 -62.86
N HIS PB 25 -43.85 -70.16 -64.00
CA HIS PB 25 -42.52 -70.20 -64.61
C HIS PB 25 -41.54 -69.28 -63.89
N SER PB 26 -42.03 -68.31 -63.12
CA SER PB 26 -41.14 -67.44 -62.38
C SER PB 26 -40.57 -68.14 -61.15
N ARG PB 27 -41.16 -69.28 -60.75
CA ARG PB 27 -40.69 -69.98 -59.56
C ARG PB 27 -39.36 -70.70 -59.80
N ARG PB 28 -39.09 -71.11 -61.03
CA ARG PB 28 -37.91 -71.92 -61.31
C ARG PB 28 -36.67 -71.10 -61.65
N ARG PB 29 -36.62 -69.82 -61.28
CA ARG PB 29 -35.40 -69.05 -61.49
C ARG PB 29 -34.32 -69.52 -60.52
N GLY PB 30 -33.09 -69.64 -61.03
CA GLY PB 30 -32.00 -70.16 -60.24
C GLY PB 30 -31.82 -71.65 -60.34
N ARG PB 31 -32.61 -72.32 -61.17
CA ARG PB 31 -32.47 -73.75 -61.39
C ARG PB 31 -31.18 -74.01 -62.15
N LEU PB 32 -30.43 -75.03 -61.73
CA LEU PB 32 -29.11 -75.30 -62.27
C LEU PB 32 -29.24 -75.85 -63.68
N THR PB 33 -28.96 -75.00 -64.67
CA THR PB 33 -28.94 -75.41 -66.05
C THR PB 33 -27.56 -75.97 -66.38
N LYS PB 34 -27.51 -76.93 -67.31
CA LYS PB 34 -26.25 -77.57 -67.66
C LYS PB 34 -25.28 -76.59 -68.33
N HIS PB 35 -25.82 -75.68 -69.16
CA HIS PB 35 -24.98 -74.66 -69.79
C HIS PB 35 -24.43 -73.68 -68.77
N THR PB 36 -25.26 -73.27 -67.79
CA THR PB 36 -24.78 -72.39 -66.75
C THR PB 36 -23.78 -73.08 -65.84
N LYS PB 37 -23.94 -74.39 -65.61
CA LYS PB 37 -22.94 -75.15 -64.87
C LYS PB 37 -21.62 -75.22 -65.62
N PHE PB 38 -21.69 -75.36 -66.95
CA PHE PB 38 -20.49 -75.37 -67.78
C PHE PB 38 -19.77 -74.02 -67.73
N VAL PB 39 -20.53 -72.92 -67.83
CA VAL PB 39 -19.95 -71.57 -67.73
C VAL PB 39 -19.33 -71.34 -66.36
N ARG PB 40 -20.01 -71.82 -65.30
CA ARG PB 40 -19.55 -71.60 -63.94
C ARG PB 40 -18.26 -72.37 -63.66
N ASP PB 41 -18.22 -73.67 -63.98
CA ASP PB 41 -17.02 -74.47 -63.78
C ASP PB 41 -15.89 -74.03 -64.72
N MET PB 42 -16.25 -73.52 -65.90
CA MET PB 42 -15.30 -72.92 -66.83
C MET PB 42 -14.57 -71.74 -66.20
N ILE PB 43 -15.32 -70.84 -65.58
CA ILE PB 43 -14.69 -69.65 -65.01
C ILE PB 43 -14.02 -69.97 -63.66
N ARG PB 44 -14.49 -71.00 -62.94
CA ARG PB 44 -13.76 -71.51 -61.79
C ARG PB 44 -12.40 -72.07 -62.22
N GLU PB 45 -12.33 -72.66 -63.42
CA GLU PB 45 -11.05 -73.14 -63.92
C GLU PB 45 -10.16 -71.98 -64.36
N VAL PB 46 -10.73 -70.96 -65.00
CA VAL PB 46 -9.94 -69.86 -65.54
C VAL PB 46 -9.41 -68.95 -64.43
N CYS PB 47 -10.32 -68.34 -63.65
CA CYS PB 47 -9.87 -67.27 -62.75
C CYS PB 47 -9.24 -67.82 -61.49
N GLY PB 48 -9.82 -68.87 -60.91
CA GLY PB 48 -9.27 -69.48 -59.73
C GLY PB 48 -10.10 -69.20 -58.49
N PHE PB 49 -9.42 -69.31 -57.35
CA PHE PB 49 -10.08 -69.11 -56.07
C PHE PB 49 -9.67 -67.78 -55.44
N ALA PB 50 -10.50 -67.33 -54.51
CA ALA PB 50 -10.26 -66.11 -53.75
C ALA PB 50 -9.24 -66.38 -52.66
N PRO PB 51 -8.59 -65.34 -52.11
CA PRO PB 51 -7.63 -65.57 -51.01
C PRO PB 51 -8.26 -66.12 -49.75
N TYR PB 52 -9.44 -65.64 -49.36
CA TYR PB 52 -10.10 -66.22 -48.18
C TYR PB 52 -10.56 -67.64 -48.46
N GLU PB 53 -10.93 -67.93 -49.72
CA GLU PB 53 -11.27 -69.29 -50.10
C GLU PB 53 -10.06 -70.21 -50.03
N ARG PB 54 -8.89 -69.71 -50.42
CA ARG PB 54 -7.66 -70.50 -50.32
C ARG PB 54 -7.29 -70.75 -48.86
N ARG PB 55 -7.49 -69.74 -48.01
CA ARG PB 55 -7.20 -69.94 -46.59
C ARG PB 55 -8.20 -70.92 -45.95
N ALA PB 56 -9.46 -70.87 -46.39
CA ALA PB 56 -10.43 -71.84 -45.89
C ALA PB 56 -10.14 -73.25 -46.41
N MET PB 57 -9.60 -73.35 -47.63
CA MET PB 57 -9.11 -74.64 -48.13
C MET PB 57 -7.95 -75.16 -47.30
N GLU PB 58 -7.05 -74.27 -46.87
CA GLU PB 58 -5.95 -74.69 -46.00
C GLU PB 58 -6.45 -75.11 -44.62
N LEU PB 59 -7.46 -74.42 -44.09
CA LEU PB 59 -8.06 -74.81 -42.82
C LEU PB 59 -8.81 -76.13 -42.93
N LEU PB 60 -9.34 -76.45 -44.12
CA LEU PB 60 -9.94 -77.77 -44.31
C LEU PB 60 -8.89 -78.85 -44.54
N LYS PB 61 -7.71 -78.47 -45.07
CA LYS PB 61 -6.63 -79.44 -45.23
C LYS PB 61 -5.99 -79.77 -43.89
N VAL PB 62 -5.99 -78.82 -42.95
CA VAL PB 62 -5.42 -79.10 -41.62
C VAL PB 62 -6.51 -79.62 -40.70
N SER PB 63 -7.70 -79.87 -41.26
CA SER PB 63 -8.84 -80.51 -40.60
C SER PB 63 -9.32 -79.74 -39.36
N LYS PB 64 -9.75 -78.50 -39.62
CA LYS PB 64 -10.41 -77.67 -38.61
C LYS PB 64 -11.73 -77.17 -39.20
N ASP PB 65 -12.77 -78.00 -39.10
CA ASP PB 65 -14.04 -77.70 -39.75
C ASP PB 65 -14.82 -76.61 -39.02
N LYS PB 66 -14.78 -76.62 -37.68
CA LYS PB 66 -15.49 -75.59 -36.92
C LYS PB 66 -14.81 -74.23 -37.06
N ARG PB 67 -13.47 -74.22 -37.04
CA ARG PB 67 -12.74 -72.98 -37.26
C ARG PB 67 -12.91 -72.47 -38.68
N ALA PB 68 -12.98 -73.38 -39.66
CA ALA PB 68 -13.23 -72.97 -41.04
C ALA PB 68 -14.64 -72.42 -41.21
N LEU PB 69 -15.62 -73.01 -40.52
CA LEU PB 69 -17.00 -72.50 -40.56
C LEU PB 69 -17.09 -71.11 -39.94
N LYS PB 70 -16.39 -70.90 -38.81
CA LYS PB 70 -16.38 -69.58 -38.19
C LYS PB 70 -15.68 -68.55 -39.06
N PHE PB 71 -14.60 -68.96 -39.75
CA PHE PB 71 -13.88 -68.05 -40.62
C PHE PB 71 -14.71 -67.66 -41.84
N ILE PB 72 -15.36 -68.64 -42.47
CA ILE PB 72 -16.20 -68.36 -43.63
C ILE PB 72 -17.43 -67.56 -43.21
N LYS PB 73 -17.94 -67.78 -41.99
CA LYS PB 73 -19.07 -67.00 -41.50
C LYS PB 73 -18.68 -65.55 -41.25
N LYS PB 74 -17.47 -65.34 -40.71
CA LYS PB 74 -16.95 -63.98 -40.53
C LYS PB 74 -16.70 -63.29 -41.87
N ARG PB 75 -16.30 -64.06 -42.88
CA ARG PB 75 -16.02 -63.45 -44.18
C ARG PB 75 -17.29 -63.13 -44.97
N VAL PB 76 -18.26 -64.03 -45.00
CA VAL PB 76 -19.39 -63.87 -45.92
C VAL PB 76 -20.67 -63.42 -45.24
N GLY PB 77 -20.75 -63.49 -43.91
CA GLY PB 77 -21.98 -63.07 -43.25
C GLY PB 77 -22.81 -64.18 -42.65
N THR PB 78 -23.90 -64.55 -43.34
CA THR PB 78 -24.90 -65.44 -42.78
C THR PB 78 -24.40 -66.88 -42.70
N HIS PB 79 -24.99 -67.62 -41.76
CA HIS PB 79 -24.56 -68.99 -41.47
C HIS PB 79 -24.98 -69.95 -42.58
N ILE PB 80 -26.08 -69.66 -43.27
CA ILE PB 80 -26.56 -70.52 -44.35
C ILE PB 80 -25.62 -70.43 -45.54
N ARG PB 81 -25.25 -69.20 -45.94
CA ARG PB 81 -24.27 -69.00 -46.99
C ARG PB 81 -22.89 -69.52 -46.59
N ALA PB 82 -22.56 -69.42 -45.30
CA ALA PB 82 -21.30 -69.96 -44.80
C ALA PB 82 -21.27 -71.49 -44.92
N LYS PB 83 -22.37 -72.14 -44.58
CA LYS PB 83 -22.44 -73.61 -44.69
C LYS PB 83 -22.41 -74.05 -46.14
N ARG PB 84 -23.06 -73.29 -47.02
CA ARG PB 84 -23.03 -73.62 -48.45
C ARG PB 84 -21.63 -73.44 -49.03
N LYS PB 85 -20.93 -72.38 -48.62
CA LYS PB 85 -19.57 -72.17 -49.08
C LYS PB 85 -18.62 -73.23 -48.52
N ARG PB 86 -18.84 -73.67 -47.27
CA ARG PB 86 -18.02 -74.73 -46.70
C ARG PB 86 -18.26 -76.06 -47.40
N GLU PB 87 -19.51 -76.35 -47.77
CA GLU PB 87 -19.80 -77.56 -48.52
C GLU PB 87 -19.21 -77.52 -49.93
N GLU PB 88 -19.23 -76.34 -50.57
CA GLU PB 88 -18.62 -76.22 -51.90
C GLU PB 88 -17.10 -76.37 -51.84
N LEU PB 89 -16.48 -75.81 -50.79
CA LEU PB 89 -15.04 -75.97 -50.63
C LEU PB 89 -14.65 -77.39 -50.25
N SER PB 90 -15.49 -78.08 -49.47
CA SER PB 90 -15.22 -79.48 -49.20
C SER PB 90 -15.40 -80.35 -50.44
N SER PB 91 -16.35 -79.99 -51.32
CA SER PB 91 -16.53 -80.71 -52.57
C SER PB 91 -15.34 -80.52 -53.50
N VAL PB 92 -14.83 -79.30 -53.62
CA VAL PB 92 -13.67 -79.11 -54.50
C VAL PB 92 -12.40 -79.65 -53.86
N LEU PB 93 -12.36 -79.73 -52.51
CA LEU PB 93 -11.24 -80.39 -51.84
C LEU PB 93 -11.26 -81.90 -52.09
N ALA PB 94 -12.44 -82.51 -52.06
CA ALA PB 94 -12.55 -83.94 -52.40
C ALA PB 94 -12.23 -84.19 -53.87
N ALA PB 95 -12.59 -83.25 -54.76
CA ALA PB 95 -12.24 -83.38 -56.17
C ALA PB 95 -10.74 -83.28 -56.38
N MET PB 96 -10.07 -82.35 -55.70
CA MET PB 96 -8.61 -82.23 -55.80
C MET PB 96 -7.92 -83.44 -55.18
N ARG PB 97 -8.49 -83.99 -54.11
CA ARG PB 97 -7.91 -85.19 -53.50
C ARG PB 97 -8.05 -86.41 -54.41
N LYS PB 98 -9.20 -86.53 -55.09
CA LYS PB 98 -9.37 -87.62 -56.04
C LYS PB 98 -8.46 -87.45 -57.25
N ALA PB 99 -8.24 -86.20 -57.69
CA ALA PB 99 -7.35 -85.95 -58.81
C ALA PB 99 -5.88 -86.21 -58.43
N ALA PB 100 -5.53 -85.96 -57.15
CA ALA PB 100 -4.17 -86.22 -56.71
C ALA PB 100 -3.95 -87.72 -56.47
N ALA PB 101 -5.00 -88.43 -56.06
CA ALA PB 101 -4.87 -89.87 -55.85
C ALA PB 101 -4.81 -90.62 -57.18
N LYS PB 102 -5.77 -90.36 -58.07
CA LYS PB 102 -5.79 -91.01 -59.37
C LYS PB 102 -6.01 -89.98 -60.48
N THR QB 1 -16.39 13.44 -32.38
CA THR QB 1 -16.11 13.82 -33.76
C THR QB 1 -16.49 12.73 -34.74
N LYS QB 2 -17.32 11.78 -34.28
CA LYS QB 2 -17.71 10.67 -35.13
C LYS QB 2 -18.95 11.01 -35.97
N GLY QB 3 -19.56 12.17 -35.72
CA GLY QB 3 -20.80 12.52 -36.37
C GLY QB 3 -20.68 13.55 -37.49
N THR QB 4 -20.95 14.81 -37.13
CA THR QB 4 -21.03 15.90 -38.11
C THR QB 4 -19.68 16.19 -38.76
N SER QB 5 -18.61 16.19 -37.96
CA SER QB 5 -17.29 16.44 -38.52
C SER QB 5 -16.79 15.26 -39.35
N SER QB 6 -17.28 14.05 -39.06
CA SER QB 6 -16.89 12.89 -39.83
C SER QB 6 -17.73 12.71 -41.09
N PHE QB 7 -18.90 13.35 -41.16
CA PHE QB 7 -19.71 13.25 -42.37
C PHE QB 7 -19.14 14.10 -43.51
N GLY QB 8 -18.23 15.03 -43.21
CA GLY QB 8 -17.70 15.88 -44.25
C GLY QB 8 -16.68 15.21 -45.14
N LYS QB 9 -16.07 14.12 -44.65
CA LYS QB 9 -15.04 13.42 -45.42
C LYS QB 9 -15.62 12.50 -46.49
N ARG QB 10 -16.95 12.37 -46.57
CA ARG QB 10 -17.59 11.45 -47.50
C ARG QB 10 -17.75 12.08 -48.87
N ARG QB 11 -16.79 11.86 -49.78
CA ARG QB 11 -16.87 12.40 -51.13
C ARG QB 11 -16.63 11.34 -52.20
N ASN QB 12 -15.76 10.36 -51.96
CA ASN QB 12 -15.57 9.30 -52.93
C ASN QB 12 -16.71 8.27 -52.85
N LYS QB 13 -16.98 7.61 -53.96
CA LYS QB 13 -18.11 6.69 -54.05
C LYS QB 13 -17.64 5.25 -54.22
N THR QB 14 -18.32 4.33 -53.53
CA THR QB 14 -18.06 2.90 -53.70
C THR QB 14 -19.05 2.26 -54.66
N HIS QB 15 -20.34 2.42 -54.40
CA HIS QB 15 -21.37 1.93 -55.30
C HIS QB 15 -21.53 2.85 -56.50
N THR QB 16 -22.14 2.34 -57.57
CA THR QB 16 -22.43 3.10 -58.76
C THR QB 16 -23.60 2.46 -59.49
N LEU QB 17 -24.02 3.09 -60.59
CA LEU QB 17 -25.16 2.60 -61.37
C LEU QB 17 -24.80 1.31 -62.09
N CYS QB 18 -25.53 0.24 -61.81
CA CYS QB 18 -25.28 -1.02 -62.49
C CYS QB 18 -25.90 -1.00 -63.88
N ARG QB 19 -25.66 -2.08 -64.63
CA ARG QB 19 -26.01 -2.13 -66.04
C ARG QB 19 -26.81 -3.38 -66.39
N ARG QB 20 -27.29 -4.11 -65.38
CA ARG QB 20 -28.18 -5.23 -65.63
C ARG QB 20 -29.50 -5.04 -64.87
N CYS QB 21 -29.41 -4.62 -63.61
CA CYS QB 21 -30.61 -4.34 -62.82
C CYS QB 21 -31.01 -2.88 -62.85
N GLY QB 22 -30.08 -1.97 -63.12
CA GLY QB 22 -30.36 -0.56 -63.20
C GLY QB 22 -30.23 0.21 -61.89
N SER QB 23 -30.36 -0.48 -60.77
CA SER QB 23 -30.24 0.18 -59.47
C SER QB 23 -28.79 0.49 -59.16
N LYS QB 24 -28.58 1.53 -58.35
CA LYS QB 24 -27.25 1.98 -57.97
C LYS QB 24 -26.74 1.06 -56.87
N ALA QB 25 -26.28 -0.13 -57.27
CA ALA QB 25 -25.80 -1.10 -56.31
C ALA QB 25 -24.60 -1.87 -56.83
N TYR QB 26 -23.80 -1.26 -57.69
CA TYR QB 26 -22.65 -1.94 -58.30
C TYR QB 26 -21.39 -1.47 -57.58
N HIS QB 27 -20.80 -2.35 -56.79
CA HIS QB 27 -19.62 -2.02 -56.01
C HIS QB 27 -18.40 -1.96 -56.91
N LEU QB 28 -17.54 -0.96 -56.72
CA LEU QB 28 -16.38 -0.82 -57.59
C LEU QB 28 -15.18 -1.60 -57.06
N GLN QB 29 -15.12 -1.83 -55.75
CA GLN QB 29 -13.97 -2.52 -55.17
C GLN QB 29 -14.09 -4.02 -55.35
N LYS QB 30 -15.23 -4.60 -54.99
CA LYS QB 30 -15.43 -6.03 -55.17
C LYS QB 30 -15.88 -6.38 -56.58
N SER QB 31 -16.21 -5.38 -57.40
CA SER QB 31 -16.64 -5.51 -58.80
C SER QB 31 -17.89 -6.37 -58.96
N THR QB 32 -18.74 -6.43 -57.92
CA THR QB 32 -19.97 -7.20 -57.96
C THR QB 32 -21.15 -6.29 -57.64
N CYS QB 33 -22.32 -6.70 -58.11
CA CYS QB 33 -23.56 -5.97 -57.86
C CYS QB 33 -24.20 -6.48 -56.57
N GLY QB 34 -24.59 -5.55 -55.69
CA GLY QB 34 -25.21 -5.95 -54.45
C GLY QB 34 -26.70 -6.22 -54.57
N LYS QB 35 -27.28 -5.89 -55.72
CA LYS QB 35 -28.72 -6.08 -55.92
C LYS QB 35 -29.01 -7.39 -56.65
N CYS QB 36 -28.35 -7.61 -57.79
CA CYS QB 36 -28.67 -8.75 -58.64
C CYS QB 36 -27.51 -9.71 -58.88
N GLY QB 37 -26.30 -9.38 -58.43
CA GLY QB 37 -25.17 -10.26 -58.63
C GLY QB 37 -24.72 -10.36 -60.07
N TYR QB 38 -24.15 -9.27 -60.61
CA TYR QB 38 -23.85 -9.20 -62.04
C TYR QB 38 -22.73 -10.14 -62.50
N PRO QB 39 -21.61 -10.33 -61.77
CA PRO QB 39 -20.67 -11.38 -62.24
C PRO QB 39 -21.21 -12.79 -62.12
N ALA QB 40 -22.17 -13.03 -61.23
CA ALA QB 40 -22.87 -14.31 -61.22
C ALA QB 40 -23.78 -14.40 -62.43
N LYS QB 41 -23.85 -15.60 -63.02
CA LYS QB 41 -24.66 -15.78 -64.22
C LYS QB 41 -26.15 -15.76 -63.93
N ARG QB 42 -26.53 -16.03 -62.68
CA ARG QB 42 -27.93 -16.10 -62.31
C ARG QB 42 -28.39 -14.85 -61.57
N LYS QB 43 -29.68 -14.57 -61.68
CA LYS QB 43 -30.28 -13.43 -60.98
C LYS QB 43 -30.36 -13.74 -59.49
N ARG QB 44 -29.79 -12.86 -58.68
CA ARG QB 44 -29.74 -13.07 -57.23
C ARG QB 44 -31.11 -12.75 -56.64
N LYS QB 45 -31.89 -13.79 -56.36
CA LYS QB 45 -33.19 -13.65 -55.71
C LYS QB 45 -33.22 -14.56 -54.48
N TYR QB 46 -34.10 -14.22 -53.54
CA TYR QB 46 -34.22 -14.96 -52.30
C TYR QB 46 -35.67 -15.03 -51.86
N ASN QB 47 -35.95 -15.96 -50.93
CA ASN QB 47 -37.31 -16.11 -50.44
C ASN QB 47 -37.52 -15.33 -49.14
N TRP QB 48 -36.44 -14.95 -48.45
CA TRP QB 48 -36.58 -14.07 -47.30
C TRP QB 48 -36.94 -12.65 -47.72
N SER QB 49 -36.57 -12.26 -48.94
CA SER QB 49 -36.90 -10.95 -49.47
C SER QB 49 -38.18 -11.09 -50.29
N ALA QB 50 -39.27 -11.38 -49.59
CA ALA QB 50 -40.55 -11.59 -50.25
C ALA QB 50 -41.14 -10.29 -50.79
N LYS QB 51 -40.87 -9.16 -50.13
CA LYS QB 51 -41.28 -7.87 -50.66
C LYS QB 51 -40.41 -7.46 -51.84
N ALA QB 52 -39.12 -7.81 -51.80
CA ALA QB 52 -38.22 -7.50 -52.90
C ALA QB 52 -38.37 -8.46 -54.06
N LYS QB 53 -39.15 -9.55 -53.89
CA LYS QB 53 -39.56 -10.35 -55.04
C LYS QB 53 -40.39 -9.52 -56.01
N ARG QB 54 -41.53 -9.00 -55.53
CA ARG QB 54 -42.51 -8.35 -56.40
C ARG QB 54 -42.05 -6.99 -56.91
N ARG QB 55 -40.94 -6.46 -56.40
CA ARG QB 55 -40.35 -5.27 -57.02
C ARG QB 55 -39.78 -5.60 -58.39
N ASN QB 56 -39.28 -6.83 -58.56
CA ASN QB 56 -38.66 -7.26 -59.82
C ASN QB 56 -39.17 -8.66 -60.17
N THR QB 57 -40.28 -8.72 -60.89
CA THR QB 57 -40.81 -9.98 -61.44
C THR QB 57 -41.23 -9.76 -62.88
N THR QB 58 -41.94 -10.74 -63.42
CA THR QB 58 -42.38 -10.67 -64.81
C THR QB 58 -43.52 -9.68 -64.98
N GLY QB 59 -44.34 -9.48 -63.94
CA GLY QB 59 -45.49 -8.61 -64.09
C GLY QB 59 -45.17 -7.13 -63.91
N THR QB 60 -43.92 -6.82 -63.58
CA THR QB 60 -43.57 -5.43 -63.26
C THR QB 60 -43.17 -4.65 -64.51
N GLY QB 61 -42.29 -5.22 -65.33
CA GLY QB 61 -41.66 -4.51 -66.41
C GLY QB 61 -42.50 -4.37 -67.66
N ARG QB 62 -41.83 -4.41 -68.82
CA ARG QB 62 -42.48 -4.08 -70.08
C ARG QB 62 -43.28 -5.25 -70.63
N MET QB 63 -42.70 -6.47 -70.59
CA MET QB 63 -43.20 -7.65 -71.28
C MET QB 63 -43.42 -7.39 -72.77
N ARG QB 64 -42.35 -7.06 -73.49
CA ARG QB 64 -42.48 -6.74 -74.90
C ARG QB 64 -42.58 -8.01 -75.75
N HIS QB 65 -42.19 -9.16 -75.20
CA HIS QB 65 -42.27 -10.41 -75.92
C HIS QB 65 -43.30 -11.36 -75.31
N LEU QB 66 -43.51 -11.28 -74.00
CA LEU QB 66 -44.39 -12.22 -73.33
C LEU QB 66 -45.86 -11.96 -73.67
N LYS QB 67 -46.22 -10.69 -73.92
CA LYS QB 67 -47.61 -10.40 -74.25
C LYS QB 67 -47.96 -10.88 -75.66
N ILE QB 68 -46.99 -10.84 -76.60
CA ILE QB 68 -47.30 -11.38 -77.92
C ILE QB 68 -47.15 -12.89 -77.94
N VAL QB 69 -46.38 -13.48 -77.02
CA VAL QB 69 -46.44 -14.94 -76.82
C VAL QB 69 -47.83 -15.34 -76.34
N TYR QB 70 -48.41 -14.59 -75.40
CA TYR QB 70 -49.78 -14.85 -74.94
C TYR QB 70 -50.79 -14.64 -76.07
N ARG QB 71 -50.56 -13.61 -76.90
CA ARG QB 71 -51.46 -13.31 -78.01
C ARG QB 71 -51.42 -14.39 -79.08
N ARG QB 72 -50.24 -14.97 -79.33
CA ARG QB 72 -50.18 -16.10 -80.26
C ARG QB 72 -50.69 -17.38 -79.61
N PHE QB 73 -50.63 -17.47 -78.27
CA PHE QB 73 -51.12 -18.66 -77.59
C PHE QB 73 -52.64 -18.72 -77.60
N ARG QB 74 -53.31 -17.57 -77.53
CA ARG QB 74 -54.77 -17.59 -77.42
C ARG QB 74 -55.46 -17.98 -78.72
N HIS QB 75 -54.71 -18.10 -79.82
CA HIS QB 75 -55.22 -18.64 -81.08
C HIS QB 75 -54.40 -19.83 -81.56
N GLY QB 76 -53.63 -20.45 -80.67
CA GLY QB 76 -53.01 -21.73 -80.97
C GLY QB 76 -51.79 -21.67 -81.87
N PHE QB 77 -51.09 -20.53 -81.90
CA PHE QB 77 -49.78 -20.34 -82.55
C PHE QB 77 -49.83 -20.63 -84.05
N ARG QB 78 -50.65 -19.87 -84.76
CA ARG QB 78 -50.65 -19.97 -86.22
C ARG QB 78 -49.48 -19.18 -86.79
N GLU QB 79 -48.87 -19.73 -87.83
CA GLU QB 79 -47.71 -19.13 -88.46
C GLU QB 79 -47.82 -19.28 -89.97
N GLY QB 80 -47.73 -18.16 -90.69
CA GLY QB 80 -47.73 -18.16 -92.13
C GLY QB 80 -49.09 -17.98 -92.77
N THR QB 81 -50.16 -18.26 -92.06
CA THR QB 81 -51.50 -18.08 -92.61
C THR QB 81 -51.85 -16.60 -92.68
N THR QB 82 -52.56 -16.24 -93.75
CA THR QB 82 -53.00 -14.88 -93.99
C THR QB 82 -54.51 -14.87 -94.14
N PRO QB 83 -55.19 -13.83 -93.65
CA PRO QB 83 -56.64 -13.76 -93.81
C PRO QB 83 -57.03 -13.49 -95.27
N LYS QB 84 -58.29 -13.73 -95.56
CA LYS QB 84 -58.81 -13.61 -96.92
C LYS QB 84 -58.90 -12.14 -97.31
N PRO QB 85 -58.21 -11.71 -98.36
CA PRO QB 85 -58.25 -10.29 -98.75
C PRO QB 85 -59.56 -9.92 -99.42
N LYS QB 86 -59.76 -8.61 -99.55
CA LYS QB 86 -60.97 -8.07 -100.17
C LYS QB 86 -60.95 -8.28 -101.69
N PRO RB 1 10.05 29.27 -88.61
CA PRO RB 1 10.57 30.34 -89.47
C PRO RB 1 12.07 30.19 -89.73
N ARG RB 2 12.50 30.50 -90.95
CA ARG RB 2 13.89 30.36 -91.34
C ARG RB 2 14.36 31.65 -91.98
N LYS RB 3 15.47 32.20 -91.48
CA LYS RB 3 16.07 33.40 -92.05
C LYS RB 3 17.09 32.99 -93.11
N ILE RB 4 16.90 33.46 -94.34
CA ILE RB 4 17.78 33.12 -95.46
C ILE RB 4 18.87 34.18 -95.56
N GLU RB 5 20.11 33.73 -95.73
CA GLU RB 5 21.24 34.64 -95.86
C GLU RB 5 21.46 35.11 -97.29
N GLU RB 6 21.40 34.19 -98.25
CA GLU RB 6 21.73 34.50 -99.64
C GLU RB 6 20.50 34.92 -100.43
N ILE RB 7 20.73 35.69 -101.50
CA ILE RB 7 19.63 36.12 -102.38
C ILE RB 7 19.19 34.99 -103.30
N LYS RB 8 20.13 34.15 -103.75
CA LYS RB 8 19.81 33.09 -104.71
C LYS RB 8 18.99 32.00 -104.04
N ASP RB 9 19.27 31.73 -102.77
CA ASP RB 9 18.47 30.75 -102.02
C ASP RB 9 17.05 31.26 -101.79
N PHE RB 10 16.87 32.56 -101.58
CA PHE RB 10 15.52 33.11 -101.44
C PHE RB 10 14.77 33.08 -102.77
N LEU RB 11 15.48 33.31 -103.87
CA LEU RB 11 14.84 33.21 -105.19
C LEU RB 11 14.43 31.78 -105.51
N LEU RB 12 15.28 30.81 -105.16
CA LEU RB 12 14.93 29.41 -105.37
C LEU RB 12 13.82 28.96 -104.42
N THR RB 13 13.71 29.62 -103.26
CA THR RB 13 12.61 29.33 -102.35
C THR RB 13 11.30 29.90 -102.88
N ALA RB 14 11.34 31.11 -103.43
CA ALA RB 14 10.13 31.72 -103.99
C ALA RB 14 9.71 31.08 -105.30
N ARG RB 15 10.64 30.42 -105.99
CA ARG RB 15 10.33 29.70 -107.22
C ARG RB 15 9.54 28.42 -106.97
N ARG RB 16 9.52 27.91 -105.74
CA ARG RB 16 8.91 26.63 -105.42
C ARG RB 16 7.39 26.67 -105.56
N LYS RB 17 6.79 25.47 -105.56
CA LYS RB 17 5.36 25.36 -105.80
C LYS RB 17 4.56 25.65 -104.53
N ASP RB 18 5.09 25.29 -103.36
CA ASP RB 18 4.37 25.49 -102.11
C ASP RB 18 4.32 26.95 -101.66
N ALA RB 19 5.06 27.84 -102.33
CA ALA RB 19 5.04 29.27 -102.03
C ALA RB 19 3.68 29.87 -102.36
N LYS RB 20 2.91 30.20 -101.32
CA LYS RB 20 1.55 30.68 -101.52
C LYS RB 20 1.54 32.18 -101.80
N SER RB 21 2.33 32.96 -101.06
CA SER RB 21 2.35 34.40 -101.23
C SER RB 21 3.70 34.93 -100.76
N VAL RB 22 3.98 36.19 -101.11
CA VAL RB 22 5.14 36.92 -100.64
C VAL RB 22 4.66 38.29 -100.18
N LYS RB 23 5.21 38.74 -99.06
CA LYS RB 23 4.84 40.04 -98.51
C LYS RB 23 6.11 40.81 -98.15
N ILE RB 24 5.99 42.12 -98.19
CA ILE RB 24 7.11 43.05 -98.00
C ILE RB 24 6.79 43.93 -96.81
N LYS RB 25 7.60 43.83 -95.76
CA LYS RB 25 7.48 44.69 -94.60
C LYS RB 25 8.58 45.74 -94.64
N LYS RB 26 8.18 47.01 -94.81
CA LYS RB 26 9.12 48.11 -94.93
C LYS RB 26 9.09 48.94 -93.65
N ASN RB 27 9.91 48.53 -92.69
CA ASN RB 27 10.15 49.34 -91.51
C ASN RB 27 11.44 50.15 -91.68
N LYS RB 28 11.86 50.79 -90.59
CA LYS RB 28 13.05 51.62 -90.66
C LYS RB 28 14.31 50.76 -90.59
N ASP RB 29 15.30 51.12 -91.44
CA ASP RB 29 16.64 50.53 -91.51
C ASP RB 29 16.65 49.04 -91.90
N ASN RB 30 15.52 48.50 -92.34
CA ASN RB 30 15.38 47.10 -92.73
C ASN RB 30 14.25 46.99 -93.74
N VAL RB 31 14.35 45.99 -94.61
CA VAL RB 31 13.26 45.58 -95.50
C VAL RB 31 13.17 44.07 -95.38
N LYS RB 32 11.99 43.56 -95.02
CA LYS RB 32 11.82 42.14 -94.73
C LYS RB 32 10.91 41.51 -95.77
N PHE RB 33 11.44 40.50 -96.46
CA PHE RB 33 10.71 39.74 -97.48
C PHE RB 33 10.28 38.42 -96.85
N LYS RB 34 8.97 38.21 -96.72
CA LYS RB 34 8.44 36.96 -96.20
C LYS RB 34 7.80 36.18 -97.33
N VAL RB 35 8.10 34.89 -97.44
CA VAL RB 35 7.42 34.02 -98.40
C VAL RB 35 6.80 32.85 -97.64
N ARG RB 36 5.55 32.55 -97.96
CA ARG RB 36 4.75 31.57 -97.23
C ARG RB 36 4.78 30.26 -97.98
N CYS RB 37 5.66 29.35 -97.58
CA CYS RB 37 5.66 28.00 -98.10
C CYS RB 37 4.66 27.15 -97.32
N SER RB 38 4.72 25.84 -97.54
CA SER RB 38 3.79 24.94 -96.85
C SER RB 38 4.19 24.75 -95.40
N ARG RB 39 5.47 24.52 -95.14
CA ARG RB 39 5.93 24.22 -93.79
C ARG RB 39 6.43 25.46 -93.06
N TYR RB 40 7.43 26.14 -93.61
CA TYR RB 40 8.05 27.28 -92.97
C TYR RB 40 7.61 28.59 -93.61
N LEU RB 41 7.91 29.68 -92.90
CA LEU RB 41 7.76 31.05 -93.39
C LEU RB 41 9.17 31.58 -93.61
N TYR RB 42 9.63 31.56 -94.85
CA TYR RB 42 11.02 31.91 -95.12
C TYR RB 42 11.17 33.42 -95.24
N THR RB 43 12.05 34.00 -94.43
CA THR RB 43 12.20 35.44 -94.36
C THR RB 43 13.59 35.85 -94.84
N LEU RB 44 13.69 37.11 -95.25
CA LEU RB 44 14.92 37.67 -95.79
C LEU RB 44 15.03 39.12 -95.31
N VAL RB 45 16.14 39.44 -94.66
CA VAL RB 45 16.38 40.79 -94.14
C VAL RB 45 17.38 41.51 -95.01
N ILE RB 46 16.95 42.55 -95.71
CA ILE RB 46 17.83 43.34 -96.56
C ILE RB 46 17.99 44.71 -95.92
N THR RB 47 19.24 45.13 -95.69
CA THR RB 47 19.48 46.42 -95.05
C THR RB 47 19.61 47.53 -96.09
N ASP RB 48 19.67 47.17 -97.37
CA ASP RB 48 19.85 48.16 -98.42
C ASP RB 48 18.55 48.38 -99.18
N LYS RB 49 18.13 49.64 -99.26
CA LYS RB 49 16.89 50.01 -99.94
C LYS RB 49 17.02 49.81 -101.45
N GLU RB 50 18.20 50.09 -102.01
CA GLU RB 50 18.40 49.88 -103.44
C GLU RB 50 18.41 48.39 -103.79
N LYS RB 51 18.99 47.57 -102.91
CA LYS RB 51 18.98 46.13 -103.13
C LYS RB 51 17.57 45.56 -102.99
N ALA RB 52 16.78 46.10 -102.06
CA ALA RB 52 15.40 45.68 -101.92
C ALA RB 52 14.56 46.09 -103.13
N GLU RB 53 14.80 47.29 -103.66
CA GLU RB 53 14.10 47.74 -104.87
C GLU RB 53 14.50 46.92 -106.09
N LYS RB 54 15.76 46.47 -106.14
CA LYS RB 54 16.20 45.62 -107.24
C LYS RB 54 15.62 44.21 -107.11
N LEU RB 55 15.44 43.73 -105.89
CA LEU RB 55 14.91 42.38 -105.68
C LEU RB 55 13.41 42.36 -105.90
N LYS RB 56 12.74 43.50 -105.66
CA LYS RB 56 11.28 43.57 -105.75
C LYS RB 56 10.79 43.36 -107.18
N GLN RB 57 11.60 43.76 -108.17
CA GLN RB 57 11.23 43.51 -109.56
C GLN RB 57 11.51 42.07 -109.97
N SER RB 58 12.28 41.34 -109.18
CA SER RB 58 12.67 39.98 -109.54
C SER RB 58 11.70 38.91 -109.02
N LEU RB 59 10.56 39.32 -108.46
CA LEU RB 59 9.59 38.34 -108.00
C LEU RB 59 8.86 37.71 -109.19
N PRO RB 60 8.51 36.42 -109.09
CA PRO RB 60 7.77 35.78 -110.18
C PRO RB 60 6.35 36.28 -110.25
N PRO RB 61 5.74 36.29 -111.45
CA PRO RB 61 4.39 36.87 -111.56
C PRO RB 61 3.29 35.99 -110.99
N GLY RB 62 3.52 34.67 -110.91
CA GLY RB 62 2.52 33.79 -110.36
C GLY RB 62 2.41 33.91 -108.84
N LEU RB 63 3.48 34.37 -108.19
CA LEU RB 63 3.48 34.52 -106.75
C LEU RB 63 2.87 35.86 -106.36
N ALA RB 64 1.90 35.84 -105.45
CA ALA RB 64 1.14 37.03 -105.09
C ALA RB 64 1.97 37.93 -104.20
N VAL RB 65 2.26 39.15 -104.68
CA VAL RB 65 3.07 40.14 -103.96
C VAL RB 65 2.15 41.05 -103.17
N LYS RB 66 2.48 41.25 -101.89
CA LYS RB 66 1.66 42.10 -101.03
C LYS RB 66 2.60 42.98 -100.20
N GLU RB 67 2.51 44.29 -100.41
CA GLU RB 67 3.27 45.23 -99.60
C GLU RB 67 2.50 45.53 -98.32
N LEU RB 68 2.94 44.95 -97.20
CA LEU RB 68 2.21 45.07 -95.95
C LEU RB 68 2.46 46.45 -95.35
N LYS RB 69 1.40 47.08 -94.85
CA LYS RB 69 1.47 48.40 -94.25
C LYS RB 69 0.38 48.59 -93.21
N SER SB 1 -18.58 17.05 -60.69
CA SER SB 1 -17.51 16.38 -61.41
C SER SB 1 -17.44 16.86 -62.86
N SER SB 2 -16.35 17.56 -63.20
CA SER SB 2 -16.16 18.00 -64.58
C SER SB 2 -15.78 16.83 -65.47
N HIS SB 3 -15.03 15.87 -64.95
CA HIS SB 3 -14.66 14.67 -65.70
C HIS SB 3 -15.83 13.70 -65.74
N LYS SB 4 -16.82 13.98 -66.57
CA LYS SB 4 -17.99 13.13 -66.68
C LYS SB 4 -17.71 11.94 -67.59
N THR SB 5 -18.53 10.91 -67.44
CA THR SB 5 -18.58 9.79 -68.38
C THR SB 5 -19.85 9.91 -69.21
N PHE SB 6 -19.90 9.14 -70.30
CA PHE SB 6 -21.02 9.25 -71.23
C PHE SB 6 -22.30 8.67 -70.65
N ARG SB 7 -22.19 7.59 -69.87
CA ARG SB 7 -23.37 6.98 -69.25
C ARG SB 7 -23.98 7.90 -68.20
N ILE SB 8 -23.12 8.49 -67.35
CA ILE SB 8 -23.60 9.41 -66.32
C ILE SB 8 -24.14 10.69 -66.95
N LYS SB 9 -23.52 11.15 -68.04
CA LYS SB 9 -24.00 12.35 -68.71
C LYS SB 9 -25.35 12.12 -69.38
N ARG SB 10 -25.56 10.93 -69.95
CA ARG SB 10 -26.87 10.61 -70.54
C ARG SB 10 -27.93 10.42 -69.46
N PHE SB 11 -27.56 9.85 -68.31
CA PHE SB 11 -28.48 9.70 -67.19
C PHE SB 11 -28.89 11.07 -66.63
N LEU SB 12 -27.95 12.02 -66.60
CA LEU SB 12 -28.30 13.38 -66.19
C LEU SB 12 -29.08 14.10 -67.26
N ALA SB 13 -28.85 13.77 -68.53
CA ALA SB 13 -29.55 14.42 -69.63
C ALA SB 13 -31.01 14.03 -69.66
N LYS SB 14 -31.33 12.80 -69.25
CA LYS SB 14 -32.75 12.42 -69.19
C LYS SB 14 -33.45 13.09 -68.01
N LYS SB 15 -32.76 13.21 -66.87
CA LYS SB 15 -33.35 13.86 -65.70
C LYS SB 15 -33.53 15.36 -65.90
N GLN SB 16 -32.64 15.99 -66.67
CA GLN SB 16 -32.81 17.41 -66.98
C GLN SB 16 -34.06 17.64 -67.83
N LYS SB 17 -34.38 16.70 -68.72
CA LYS SB 17 -35.61 16.81 -69.50
C LYS SB 17 -36.83 16.42 -68.69
N GLN SB 18 -36.67 15.54 -67.69
CA GLN SB 18 -37.78 15.23 -66.80
C GLN SB 18 -38.07 16.35 -65.81
N ASN SB 19 -37.10 17.24 -65.59
CA ASN SB 19 -37.25 18.30 -64.58
C ASN SB 19 -38.27 19.36 -64.99
N ARG SB 20 -38.65 19.42 -66.28
CA ARG SB 20 -39.52 20.49 -66.75
C ARG SB 20 -40.96 20.26 -66.28
N PRO SB 21 -41.72 21.32 -66.04
CA PRO SB 21 -43.10 21.17 -65.55
C PRO SB 21 -44.07 20.78 -66.66
N ILE SB 22 -45.35 20.74 -66.28
CA ILE SB 22 -46.44 20.37 -67.17
C ILE SB 22 -46.80 21.56 -68.05
N PRO SB 23 -47.42 21.36 -69.21
CA PRO SB 23 -47.98 22.48 -69.96
C PRO SB 23 -49.33 22.90 -69.42
N GLN SB 24 -49.90 23.93 -70.05
CA GLN SB 24 -51.15 24.50 -69.57
C GLN SB 24 -52.37 23.90 -70.24
N TRP SB 25 -52.19 23.13 -71.31
CA TRP SB 25 -53.32 22.53 -72.01
C TRP SB 25 -53.67 21.16 -71.45
N ILE SB 26 -52.85 20.61 -70.56
CA ILE SB 26 -53.03 19.23 -70.14
C ILE SB 26 -54.14 19.12 -69.09
N TRP SB 27 -54.43 20.21 -68.39
CA TRP SB 27 -55.51 20.25 -67.42
C TRP SB 27 -56.80 20.80 -68.02
N MET SB 28 -56.95 20.74 -69.35
CA MET SB 28 -58.15 21.15 -70.05
C MET SB 28 -58.91 19.95 -70.60
N LYS SB 29 -58.32 18.76 -70.52
CA LYS SB 29 -58.93 17.53 -71.00
C LYS SB 29 -60.07 17.10 -70.08
N THR SB 30 -60.80 16.07 -70.52
CA THR SB 30 -61.97 15.61 -69.78
C THR SB 30 -61.58 14.81 -68.54
N GLY SB 31 -60.88 13.69 -68.74
CA GLY SB 31 -60.55 12.82 -67.65
C GLY SB 31 -59.24 13.15 -66.95
N ASN SB 32 -59.01 14.44 -66.70
CA ASN SB 32 -57.79 14.88 -66.06
C ASN SB 32 -57.86 14.70 -64.55
N LYS SB 33 -56.73 14.29 -63.96
CA LYS SB 33 -56.57 14.19 -62.52
C LYS SB 33 -55.21 14.75 -62.12
N ILE SB 34 -54.70 15.67 -62.92
CA ILE SB 34 -53.36 16.22 -62.76
C ILE SB 34 -53.51 17.73 -62.59
N ARG SB 35 -53.18 18.24 -61.39
CA ARG SB 35 -53.20 19.68 -61.17
C ARG SB 35 -51.83 20.29 -61.44
N TYR SB 36 -50.78 19.69 -60.89
CA TYR SB 36 -49.42 20.18 -61.07
C TYR SB 36 -48.49 18.99 -61.18
N ASN SB 37 -47.24 19.26 -61.56
CA ASN SB 37 -46.23 18.21 -61.67
C ASN SB 37 -45.73 17.88 -60.27
N SER SB 38 -46.01 16.65 -59.81
CA SER SB 38 -45.63 16.29 -58.45
C SER SB 38 -44.22 15.74 -58.39
N LYS SB 39 -43.56 15.55 -59.53
CA LYS SB 39 -42.21 15.01 -59.59
C LYS SB 39 -41.18 16.10 -59.91
N ARG SB 40 -41.39 17.32 -59.42
CA ARG SB 40 -40.43 18.40 -59.60
C ARG SB 40 -39.27 18.19 -58.64
N ARG SB 41 -38.14 17.74 -59.17
CA ARG SB 41 -36.95 17.46 -58.38
C ARG SB 41 -36.06 18.70 -58.36
N HIS SB 42 -35.83 19.26 -57.18
CA HIS SB 42 -34.96 20.41 -57.03
C HIS SB 42 -33.54 19.93 -56.75
N TRP SB 43 -32.54 20.73 -57.17
CA TRP SB 43 -31.16 20.26 -57.13
C TRP SB 43 -30.55 20.40 -55.74
N ARG SB 44 -31.22 21.15 -54.85
CA ARG SB 44 -30.76 21.23 -53.46
C ARG SB 44 -31.56 20.30 -52.55
N ARG SB 45 -32.82 20.06 -52.88
CA ARG SB 45 -33.69 19.28 -52.00
C ARG SB 45 -33.44 17.79 -52.18
N THR SB 46 -33.65 17.28 -53.39
CA THR SB 46 -33.39 15.88 -53.70
C THR SB 46 -32.09 15.76 -54.50
N LYS SB 47 -31.14 14.99 -53.98
CA LYS SB 47 -29.81 14.89 -54.56
C LYS SB 47 -29.68 13.72 -55.52
N LEU SB 48 -30.78 13.28 -56.14
CA LEU SB 48 -30.82 12.34 -57.27
C LEU SB 48 -30.32 10.94 -56.87
N GLY SB 49 -30.21 10.67 -55.57
CA GLY SB 49 -29.63 9.42 -55.14
C GLY SB 49 -28.12 9.45 -55.23
N LEU SB 50 -27.56 8.42 -55.87
CA LEU SB 50 -26.12 8.20 -56.03
C LEU SB 50 -25.33 8.24 -54.72
N ILE TB 1 -16.04 49.32 65.26
CA ILE TB 1 -16.22 49.76 63.89
C ILE TB 1 -17.71 49.90 63.60
N ILE TB 2 -18.54 49.22 64.40
CA ILE TB 2 -19.98 49.26 64.22
C ILE TB 2 -20.63 48.97 65.58
N GLU TB 3 -21.77 49.59 65.83
CA GLU TB 3 -22.56 49.37 67.02
C GLU TB 3 -23.15 47.95 67.00
N PRO TB 4 -23.12 47.24 68.13
CA PRO TB 4 -23.66 45.86 68.13
C PRO TB 4 -25.17 45.80 68.01
N SER TB 5 -25.90 46.80 68.53
CA SER TB 5 -27.35 46.82 68.37
C SER TB 5 -27.73 47.07 66.91
N LEU TB 6 -27.03 47.99 66.25
CA LEU TB 6 -27.23 48.21 64.81
C LEU TB 6 -26.80 47.01 63.99
N ARG TB 7 -25.77 46.29 64.46
CA ARG TB 7 -25.32 45.09 63.78
C ARG TB 7 -26.37 43.99 63.86
N GLN TB 8 -26.99 43.81 65.03
CA GLN TB 8 -28.07 42.83 65.16
C GLN TB 8 -29.31 43.26 64.40
N LEU TB 9 -29.55 44.57 64.31
CA LEU TB 9 -30.68 45.07 63.52
C LEU TB 9 -30.45 44.83 62.03
N ALA TB 10 -29.18 44.83 61.60
CA ALA TB 10 -28.87 44.45 60.23
C ALA TB 10 -28.95 42.94 60.02
N GLN TB 11 -28.56 42.17 61.05
CA GLN TB 11 -28.65 40.71 60.99
C GLN TB 11 -30.11 40.25 60.87
N LYS TB 12 -31.02 40.96 61.54
CA LYS TB 12 -32.43 40.64 61.51
C LYS TB 12 -33.03 40.79 60.11
N TYR TB 13 -32.56 41.79 59.35
CA TYR TB 13 -33.14 42.03 58.04
C TYR TB 13 -32.34 41.37 56.92
N ASN TB 14 -31.11 40.94 57.18
CA ASN TB 14 -30.28 40.34 56.13
C ASN TB 14 -30.00 38.87 56.35
N CYS TB 15 -29.50 38.48 57.52
CA CYS TB 15 -28.94 37.14 57.68
C CYS TB 15 -29.96 36.15 58.25
N ASP TB 16 -30.80 36.60 59.19
CA ASP TB 16 -31.75 35.71 59.86
C ASP TB 16 -32.94 35.46 58.95
N LYS TB 17 -32.73 34.59 57.96
CA LYS TB 17 -33.74 34.28 56.97
C LYS TB 17 -33.77 32.77 56.73
N MET TB 18 -34.83 32.31 56.07
CA MET TB 18 -34.95 30.92 55.66
C MET TB 18 -34.86 30.83 54.15
N ILE TB 19 -34.15 29.82 53.65
CA ILE TB 19 -33.96 29.62 52.22
C ILE TB 19 -34.53 28.26 51.85
N CYS TB 20 -35.33 28.24 50.79
CA CYS TB 20 -35.88 26.99 50.29
C CYS TB 20 -34.82 26.19 49.53
N ARG TB 21 -35.00 24.87 49.48
CA ARG TB 21 -34.04 24.03 48.78
C ARG TB 21 -34.34 23.93 47.29
N LYS TB 22 -35.57 24.26 46.89
CA LYS TB 22 -35.97 24.09 45.49
C LYS TB 22 -35.78 25.37 44.69
N CYS TB 23 -36.40 26.47 45.13
CA CYS TB 23 -36.38 27.72 44.38
C CYS TB 23 -35.41 28.75 44.94
N TYR TB 24 -34.75 28.44 46.07
CA TYR TB 24 -33.73 29.28 46.71
C TYR TB 24 -34.24 30.68 47.07
N ALA TB 25 -35.50 30.78 47.47
CA ALA TB 25 -36.09 32.07 47.78
C ALA TB 25 -35.88 32.44 49.24
N ARG TB 26 -35.70 33.73 49.49
CA ARG TB 26 -35.52 34.24 50.85
C ARG TB 26 -36.87 34.32 51.55
N LEU TB 27 -36.95 33.78 52.76
CA LEU TB 27 -38.20 33.70 53.49
C LEU TB 27 -38.03 34.30 54.88
N HIS TB 28 -39.16 34.49 55.56
CA HIS TB 28 -39.15 34.96 56.94
C HIS TB 28 -38.60 33.85 57.85
N PRO TB 29 -37.94 34.21 58.96
CA PRO TB 29 -37.17 33.19 59.70
C PRO TB 29 -38.00 32.16 60.44
N ARG TB 30 -39.21 32.49 60.89
CA ARG TB 30 -40.08 31.51 61.52
C ARG TB 30 -41.10 30.98 60.50
N ALA TB 31 -40.59 30.18 59.57
CA ALA TB 31 -41.38 29.64 58.48
C ALA TB 31 -41.42 28.12 58.53
N VAL TB 32 -42.49 27.56 57.96
CA VAL TB 32 -42.62 26.11 57.84
C VAL TB 32 -42.65 25.70 56.38
N ASN TB 33 -43.25 26.52 55.52
CA ASN TB 33 -43.36 26.23 54.10
C ASN TB 33 -42.98 27.46 53.29
N CYS TB 34 -42.64 27.23 52.02
CA CYS TB 34 -42.25 28.31 51.13
C CYS TB 34 -43.48 29.11 50.69
N ARG TB 35 -43.22 30.27 50.09
CA ARG TB 35 -44.29 31.16 49.65
C ARG TB 35 -44.42 31.23 48.14
N LYS TB 36 -43.44 30.70 47.41
CA LYS TB 36 -43.46 30.80 45.95
C LYS TB 36 -44.29 29.70 45.32
N LYS TB 37 -44.84 29.99 44.14
CA LYS TB 37 -45.62 29.02 43.39
C LYS TB 37 -44.75 28.14 42.51
N LYS TB 38 -43.56 28.62 42.14
CA LYS TB 38 -42.71 27.90 41.20
C LYS TB 38 -42.09 26.64 41.81
N CYS TB 39 -42.04 26.55 43.14
CA CYS TB 39 -41.51 25.36 43.79
C CYS TB 39 -42.61 24.39 44.18
N GLY TB 40 -43.80 24.89 44.48
CA GLY TB 40 -44.90 24.05 44.88
C GLY TB 40 -45.05 23.97 46.39
N HIS TB 41 -44.65 25.06 47.07
CA HIS TB 41 -44.68 25.18 48.53
C HIS TB 41 -43.88 24.08 49.21
N THR TB 42 -42.61 23.98 48.85
CA THR TB 42 -41.77 22.89 49.32
C THR TB 42 -41.37 23.11 50.78
N ASN TB 43 -41.57 22.08 51.61
CA ASN TB 43 -41.22 22.16 53.01
C ASN TB 43 -39.73 22.03 53.28
N ASN TB 44 -38.93 21.71 52.26
CA ASN TB 44 -37.48 21.60 52.41
C ASN TB 44 -36.88 23.00 52.55
N LEU TB 45 -36.60 23.40 53.79
CA LEU TB 45 -36.08 24.71 54.11
C LEU TB 45 -34.76 24.56 54.85
N ARG TB 46 -34.01 25.65 54.93
CA ARG TB 46 -32.78 25.69 55.72
C ARG TB 46 -32.61 27.10 56.26
N PRO TB 47 -31.87 27.27 57.35
CA PRO TB 47 -31.48 28.62 57.75
C PRO TB 47 -30.45 29.18 56.78
N LYS TB 48 -30.43 30.51 56.66
CA LYS TB 48 -29.44 31.15 55.83
C LYS TB 48 -28.07 31.06 56.49
N LYS TB 49 -27.04 30.79 55.68
CA LYS TB 49 -25.72 30.48 56.19
C LYS TB 49 -25.05 31.71 56.81
N LYS TB 50 -24.66 31.57 58.07
CA LYS TB 50 -24.03 32.67 58.79
C LYS TB 50 -22.59 32.85 58.35
N VAL TB 51 -22.15 34.11 58.30
CA VAL TB 51 -20.78 34.41 57.89
C VAL TB 51 -19.81 34.07 59.02
N LYS TB 52 -18.66 33.53 58.65
CA LYS TB 52 -17.63 33.19 59.63
C LYS TB 52 -16.77 34.41 59.96
N MET UB 1 42.40 -11.28 16.06
CA MET UB 1 41.82 -10.67 14.88
C MET UB 1 42.87 -10.50 13.79
N ARG UB 2 42.65 -11.14 12.65
CA ARG UB 2 43.58 -11.02 11.53
C ARG UB 2 43.44 -9.64 10.89
N ALA UB 3 44.58 -9.07 10.50
CA ALA UB 3 44.59 -7.75 9.87
C ALA UB 3 43.91 -7.77 8.51
N LYS UB 4 43.96 -8.90 7.81
CA LYS UB 4 43.28 -9.03 6.51
C LYS UB 4 41.76 -8.98 6.67
N TRP UB 5 41.22 -9.70 7.66
CA TRP UB 5 39.77 -9.68 7.84
C TRP UB 5 39.32 -8.38 8.49
N ARG UB 6 40.19 -7.76 9.29
CA ARG UB 6 39.91 -6.41 9.79
C ARG UB 6 39.81 -5.41 8.63
N LYS UB 7 40.71 -5.54 7.66
CA LYS UB 7 40.67 -4.66 6.49
C LYS UB 7 39.43 -4.95 5.63
N LYS UB 8 39.03 -6.22 5.52
CA LYS UB 8 37.83 -6.56 4.77
C LYS UB 8 36.57 -6.04 5.45
N ARG UB 9 36.54 -6.10 6.79
CA ARG UB 9 35.41 -5.55 7.54
C ARG UB 9 35.36 -4.03 7.43
N MET UB 10 36.53 -3.37 7.40
CA MET UB 10 36.53 -1.94 7.16
C MET UB 10 36.12 -1.60 5.74
N ARG UB 11 36.39 -2.48 4.77
CA ARG UB 11 35.89 -2.27 3.41
C ARG UB 11 34.37 -2.37 3.35
N ARG UB 12 33.81 -3.34 4.08
CA ARG UB 12 32.36 -3.44 4.21
C ARG UB 12 31.77 -2.20 4.88
N LEU UB 13 32.48 -1.67 5.89
CA LEU UB 13 31.99 -0.49 6.61
C LEU UB 13 32.07 0.75 5.73
N LYS UB 14 33.10 0.83 4.88
CA LYS UB 14 33.19 1.93 3.92
C LYS UB 14 32.10 1.84 2.86
N ARG UB 15 31.79 0.61 2.42
CA ARG UB 15 30.70 0.43 1.46
C ARG UB 15 29.36 0.80 2.07
N LYS UB 16 29.17 0.50 3.36
CA LYS UB 16 27.94 0.88 4.05
C LYS UB 16 27.86 2.39 4.24
N ARG UB 17 29.00 3.04 4.51
CA ARG UB 17 29.00 4.50 4.63
C ARG UB 17 28.73 5.17 3.28
N ARG UB 18 29.26 4.61 2.19
CA ARG UB 18 28.94 5.15 0.87
C ARG UB 18 27.47 4.93 0.51
N LYS UB 19 26.89 3.80 0.91
CA LYS UB 19 25.48 3.55 0.67
C LYS UB 19 24.60 4.50 1.47
N MET UB 20 25.01 4.81 2.71
CA MET UB 20 24.24 5.75 3.52
C MET UB 20 24.42 7.19 3.02
N ARG UB 21 25.57 7.50 2.44
CA ARG UB 21 25.82 8.86 1.96
C ARG UB 21 25.14 9.12 0.61
N GLN UB 22 25.04 8.10 -0.24
CA GLN UB 22 24.42 8.27 -1.55
C GLN UB 22 22.92 8.50 -1.43
N ARG UB 23 22.29 7.97 -0.37
CA ARG UB 23 20.89 8.23 -0.13
C ARG UB 23 20.66 9.65 0.37
N SER UB 24 21.61 10.18 1.15
CA SER UB 24 21.50 11.57 1.61
C SER UB 24 21.79 12.55 0.50
N LYS UB 25 22.66 12.18 -0.44
CA LYS UB 25 22.91 13.03 -1.61
C LYS UB 25 21.72 13.06 -2.55
N VAL VB 1 -25.58 -56.67 11.62
CA VAL VB 1 -26.14 -57.59 12.59
C VAL VB 1 -25.61 -59.00 12.32
N ASN VB 2 -26.03 -59.95 13.15
CA ASN VB 2 -25.64 -61.35 12.97
C ASN VB 2 -26.86 -62.18 12.64
N VAL VB 3 -26.76 -62.96 11.56
CA VAL VB 3 -27.84 -63.84 11.12
C VAL VB 3 -27.29 -65.26 11.04
N PRO VB 4 -28.10 -66.29 11.26
CA PRO VB 4 -27.59 -67.66 11.15
C PRO VB 4 -27.61 -68.15 9.72
N LYS VB 5 -26.88 -69.23 9.47
CA LYS VB 5 -26.83 -69.79 8.13
C LYS VB 5 -27.98 -70.77 7.89
N THR VB 6 -28.52 -71.36 8.96
CA THR VB 6 -29.59 -72.34 8.85
C THR VB 6 -30.84 -71.76 9.51
N ARG VB 7 -31.84 -71.43 8.69
CA ARG VB 7 -33.11 -70.90 9.18
C ARG VB 7 -34.25 -71.84 8.76
N ARG VB 8 -34.94 -72.41 9.74
CA ARG VB 8 -36.08 -73.28 9.46
C ARG VB 8 -37.34 -72.43 9.42
N THR VB 9 -37.93 -72.30 8.23
CA THR VB 9 -39.08 -71.42 8.05
C THR VB 9 -39.97 -71.99 6.95
N PHE VB 10 -41.02 -71.24 6.62
CA PHE VB 10 -42.01 -71.66 5.64
C PHE VB 10 -41.42 -71.74 4.24
N CYS VB 11 -41.93 -72.68 3.45
CA CYS VB 11 -41.53 -72.85 2.06
C CYS VB 11 -42.77 -72.76 1.18
N LYS VB 12 -42.61 -72.19 -0.02
CA LYS VB 12 -43.77 -71.92 -0.86
C LYS VB 12 -44.28 -73.18 -1.54
N LYS VB 13 -43.39 -73.95 -2.17
CA LYS VB 13 -43.85 -75.09 -2.97
C LYS VB 13 -44.23 -76.27 -2.09
N CYS VB 14 -43.51 -76.48 -1.00
CA CYS VB 14 -43.87 -77.56 -0.08
C CYS VB 14 -45.09 -77.19 0.76
N GLY VB 15 -45.00 -76.11 1.53
CA GLY VB 15 -46.08 -75.65 2.37
C GLY VB 15 -45.86 -75.86 3.85
N LYS VB 16 -44.71 -76.36 4.25
CA LYS VB 16 -44.38 -76.60 5.64
C LYS VB 16 -43.06 -75.93 6.01
N HIS VB 17 -42.80 -75.88 7.32
CA HIS VB 17 -41.53 -75.34 7.80
C HIS VB 17 -40.41 -76.33 7.52
N GLN VB 18 -39.47 -75.93 6.68
CA GLN VB 18 -38.31 -76.71 6.29
C GLN VB 18 -37.09 -75.83 6.50
N PRO VB 19 -35.91 -76.44 6.70
CA PRO VB 19 -34.70 -75.62 6.84
C PRO VB 19 -34.23 -75.02 5.53
N HIS VB 20 -33.53 -73.90 5.66
CA HIS VB 20 -33.02 -73.14 4.52
C HIS VB 20 -31.59 -72.70 4.83
N LYS VB 21 -30.71 -72.94 3.87
CA LYS VB 21 -29.39 -72.32 3.87
C LYS VB 21 -29.57 -70.84 3.56
N VAL VB 22 -28.92 -70.00 4.34
CA VAL VB 22 -29.09 -68.55 4.25
C VAL VB 22 -27.77 -67.91 3.83
N THR VB 23 -27.82 -67.14 2.75
CA THR VB 23 -26.66 -66.38 2.29
C THR VB 23 -27.11 -64.96 2.00
N GLN VB 24 -26.15 -64.08 1.75
CA GLN VB 24 -26.48 -62.70 1.41
C GLN VB 24 -26.65 -62.56 -0.10
N TYR VB 25 -27.45 -61.58 -0.51
CA TYR VB 25 -27.74 -61.34 -1.91
C TYR VB 25 -26.95 -60.14 -2.43
N LYS VB 26 -26.40 -60.30 -3.63
CA LYS VB 26 -25.70 -59.22 -4.32
C LYS VB 26 -26.30 -59.05 -5.71
N LYS VB 27 -26.07 -57.87 -6.29
CA LYS VB 27 -26.58 -57.56 -7.62
C LYS VB 27 -25.80 -58.32 -8.68
N GLY VB 28 -26.53 -58.94 -9.61
CA GLY VB 28 -25.91 -59.67 -10.69
C GLY VB 28 -25.33 -58.75 -11.75
N LYS VB 29 -24.66 -59.37 -12.73
CA LYS VB 29 -24.07 -58.61 -13.82
C LYS VB 29 -25.16 -58.08 -14.75
N ASP VB 30 -25.04 -56.81 -15.13
CA ASP VB 30 -26.01 -56.20 -16.01
C ASP VB 30 -25.83 -56.74 -17.42
N SER VB 31 -26.89 -57.36 -17.96
CA SER VB 31 -26.82 -57.95 -19.29
C SER VB 31 -26.85 -56.86 -20.35
N LEU VB 32 -26.09 -57.07 -21.42
CA LEU VB 32 -26.03 -56.09 -22.50
C LEU VB 32 -27.27 -56.20 -23.39
N TYR VB 33 -27.97 -57.34 -23.34
CA TYR VB 33 -29.12 -57.58 -24.19
C TYR VB 33 -30.45 -57.43 -23.47
N ALA VB 34 -30.48 -56.68 -22.37
CA ALA VB 34 -31.75 -56.32 -21.76
C ALA VB 34 -32.46 -55.26 -22.59
N GLN VB 35 -33.75 -55.08 -22.34
CA GLN VB 35 -34.56 -54.18 -23.18
C GLN VB 35 -34.16 -52.72 -22.95
N GLY VB 36 -34.08 -52.30 -21.69
CA GLY VB 36 -33.64 -50.94 -21.40
C GLY VB 36 -32.19 -50.70 -21.73
N LYS VB 37 -31.36 -51.75 -21.65
CA LYS VB 37 -29.96 -51.61 -22.03
C LYS VB 37 -29.81 -51.41 -23.53
N ARG VB 38 -30.57 -52.16 -24.34
CA ARG VB 38 -30.57 -51.95 -25.78
C ARG VB 38 -31.18 -50.60 -26.15
N ARG VB 39 -32.21 -50.17 -25.42
CA ARG VB 39 -32.80 -48.85 -25.67
C ARG VB 39 -31.83 -47.73 -25.33
N TYR VB 40 -31.07 -47.88 -24.23
CA TYR VB 40 -30.09 -46.87 -23.87
C TYR VB 40 -28.90 -46.88 -24.82
N ASP VB 41 -28.53 -48.06 -25.33
CA ASP VB 41 -27.45 -48.13 -26.31
C ASP VB 41 -27.86 -47.51 -27.64
N ARG VB 42 -29.10 -47.71 -28.06
CA ARG VB 42 -29.58 -47.09 -29.30
C ARG VB 42 -29.76 -45.59 -29.12
N LYS VB 43 -30.14 -45.16 -27.92
CA LYS VB 43 -30.36 -43.74 -27.68
C LYS VB 43 -29.04 -43.01 -27.50
N GLN VB 44 -28.02 -43.69 -26.99
CA GLN VB 44 -26.70 -43.09 -26.85
C GLN VB 44 -25.93 -43.14 -28.16
N SER VB 45 -26.20 -44.15 -28.98
CA SER VB 45 -25.56 -44.25 -30.29
C SER VB 45 -26.04 -43.14 -31.20
N GLY VB 46 -25.12 -42.24 -31.54
CA GLY VB 46 -25.44 -41.00 -32.22
C GLY VB 46 -25.01 -39.81 -31.40
N TYR VB 47 -24.95 -38.66 -32.06
CA TYR VB 47 -24.62 -37.44 -31.35
C TYR VB 47 -25.80 -36.98 -30.50
N GLY VB 48 -25.48 -36.30 -29.42
CA GLY VB 48 -26.49 -35.91 -28.45
C GLY VB 48 -25.97 -36.00 -27.02
N GLY VB 49 -24.98 -36.86 -26.81
CA GLY VB 49 -24.36 -36.98 -25.50
C GLY VB 49 -25.13 -37.86 -24.54
N GLN VB 50 -25.02 -37.54 -23.25
CA GLN VB 50 -25.72 -38.29 -22.22
C GLN VB 50 -27.20 -37.95 -22.27
N THR VB 51 -28.01 -38.88 -22.77
CA THR VB 51 -29.44 -38.64 -22.92
C THR VB 51 -30.19 -38.82 -21.60
N LYS VB 52 -30.11 -40.00 -21.02
CA LYS VB 52 -30.77 -40.28 -19.76
C LYS VB 52 -29.92 -39.80 -18.59
N PRO VB 53 -30.56 -39.32 -17.52
CA PRO VB 53 -29.81 -38.67 -16.44
C PRO VB 53 -28.97 -39.64 -15.61
N ILE VB 54 -27.98 -39.08 -14.94
CA ILE VB 54 -27.06 -39.81 -14.09
C ILE VB 54 -27.25 -39.32 -12.66
N PHE VB 55 -27.57 -40.25 -11.76
CA PHE VB 55 -27.82 -39.90 -10.36
C PHE VB 55 -26.51 -39.55 -9.67
N ARG VB 56 -26.51 -38.43 -8.93
CA ARG VB 56 -25.29 -37.92 -8.30
C ARG VB 56 -25.43 -37.61 -6.81
N LYS VB 57 -26.61 -37.27 -6.31
CA LYS VB 57 -26.78 -36.83 -4.93
C LYS VB 57 -27.10 -38.03 -4.05
N LYS VB 58 -26.11 -38.90 -3.87
CA LYS VB 58 -26.23 -40.05 -2.97
C LYS VB 58 -26.16 -39.55 -1.54
N ALA VB 59 -27.21 -39.79 -0.76
CA ALA VB 59 -27.29 -39.29 0.59
C ALA VB 59 -27.09 -40.37 1.64
N LYS VB 60 -27.85 -41.46 1.56
CA LYS VB 60 -27.79 -42.53 2.55
C LYS VB 60 -26.54 -43.37 2.38
N THR VB 61 -26.07 -43.94 3.49
CA THR VB 61 -24.75 -44.57 3.52
C THR VB 61 -24.80 -46.09 3.63
N THR VB 62 -25.95 -46.69 3.89
CA THR VB 62 -26.07 -48.14 3.97
C THR VB 62 -27.15 -48.63 3.02
N LYS VB 63 -27.20 -49.95 2.86
CA LYS VB 63 -28.15 -50.60 1.97
C LYS VB 63 -29.07 -51.51 2.77
N LYS VB 64 -30.13 -51.98 2.10
CA LYS VB 64 -31.00 -53.00 2.67
C LYS VB 64 -30.44 -54.37 2.33
N ILE VB 65 -30.00 -55.10 3.34
CA ILE VB 65 -29.44 -56.43 3.11
C ILE VB 65 -30.56 -57.43 2.85
N VAL VB 66 -30.31 -58.36 1.93
CA VAL VB 66 -31.30 -59.32 1.48
C VAL VB 66 -30.76 -60.71 1.70
N LEU VB 67 -31.55 -61.58 2.32
CA LEU VB 67 -31.18 -62.97 2.55
C LEU VB 67 -31.78 -63.85 1.46
N ARG VB 68 -30.97 -64.75 0.91
CA ARG VB 68 -31.36 -65.65 -0.17
C ARG VB 68 -31.52 -67.04 0.43
N LEU VB 69 -32.77 -67.39 0.74
CA LEU VB 69 -33.08 -68.60 1.51
C LEU VB 69 -33.30 -69.77 0.56
N GLU VB 70 -32.29 -70.63 0.47
CA GLU VB 70 -32.38 -71.82 -0.37
C GLU VB 70 -32.82 -73.01 0.48
N CYS VB 71 -33.73 -73.82 -0.06
CA CYS VB 71 -34.27 -74.95 0.70
C CYS VB 71 -33.22 -76.05 0.86
N VAL VB 72 -33.23 -76.71 2.02
CA VAL VB 72 -32.27 -77.80 2.26
C VAL VB 72 -32.70 -79.07 1.55
N GLU VB 73 -34.01 -79.29 1.42
CA GLU VB 73 -34.54 -80.52 0.81
C GLU VB 73 -34.18 -80.56 -0.68
N PRO VB 74 -33.54 -81.64 -1.14
CA PRO VB 74 -33.04 -81.65 -2.53
C PRO VB 74 -34.13 -81.75 -3.58
N ASN VB 75 -35.33 -82.17 -3.19
CA ASN VB 75 -36.42 -82.28 -4.17
C ASN VB 75 -37.02 -80.92 -4.48
N CYS VB 76 -37.18 -80.07 -3.47
CA CYS VB 76 -37.80 -78.77 -3.68
C CYS VB 76 -36.78 -77.75 -4.20
N ARG VB 77 -35.78 -77.43 -3.37
CA ARG VB 77 -34.71 -76.47 -3.67
C ARG VB 77 -35.24 -75.11 -4.12
N SER VB 78 -36.30 -74.65 -3.47
CA SER VB 78 -36.89 -73.36 -3.82
C SER VB 78 -36.19 -72.22 -3.08
N LYS VB 79 -36.09 -71.08 -3.74
CA LYS VB 79 -35.39 -69.92 -3.22
C LYS VB 79 -36.30 -68.70 -3.27
N ARG VB 80 -36.12 -67.81 -2.30
CA ARG VB 80 -36.86 -66.55 -2.28
C ARG VB 80 -36.07 -65.52 -1.48
N MET VB 81 -36.51 -64.27 -1.59
CA MET VB 81 -35.85 -63.16 -0.92
C MET VB 81 -36.56 -62.83 0.39
N LEU VB 82 -35.85 -62.16 1.30
CA LEU VB 82 -36.39 -61.73 2.58
C LEU VB 82 -35.72 -60.41 2.95
N ALA VB 83 -36.51 -59.39 3.27
CA ALA VB 83 -35.98 -58.07 3.54
C ALA VB 83 -35.89 -57.78 5.04
N ILE VB 84 -34.74 -57.25 5.45
CA ILE VB 84 -34.49 -56.82 6.82
C ILE VB 84 -34.15 -55.34 6.75
N LYS VB 85 -34.40 -54.61 7.84
CA LYS VB 85 -34.16 -53.18 7.92
C LYS VB 85 -32.68 -52.83 7.72
N ARG VB 86 -32.43 -51.54 7.50
CA ARG VB 86 -31.10 -51.07 7.10
C ARG VB 86 -30.09 -51.22 8.23
N CYS VB 87 -28.92 -51.75 7.89
CA CYS VB 87 -27.87 -51.95 8.87
C CYS VB 87 -26.52 -51.72 8.21
N LYS VB 88 -25.59 -51.15 8.98
CA LYS VB 88 -24.26 -50.87 8.44
C LYS VB 88 -23.37 -52.10 8.56
N HIS VB 89 -23.12 -52.57 9.78
CA HIS VB 89 -22.33 -53.76 9.99
C HIS VB 89 -23.19 -55.00 9.88
N PHE VB 90 -22.65 -56.04 9.27
CA PHE VB 90 -23.43 -57.24 8.97
C PHE VB 90 -22.51 -58.43 8.80
N GLU VB 91 -22.96 -59.58 9.31
CA GLU VB 91 -22.18 -60.82 9.27
C GLU VB 91 -23.15 -61.99 9.32
N LEU VB 92 -22.63 -63.19 9.02
CA LEU VB 92 -23.44 -64.40 8.93
C LEU VB 92 -22.87 -65.47 9.87
N GLY VB 93 -23.56 -65.71 10.97
CA GLY VB 93 -23.25 -66.84 11.85
C GLY VB 93 -21.92 -66.74 12.56
N GLY VB 94 -21.54 -65.55 12.99
CA GLY VB 94 -20.26 -65.37 13.65
C GLY VB 94 -20.37 -64.84 15.07
N ASP VB 95 -19.67 -65.50 15.99
CA ASP VB 95 -19.52 -65.10 17.39
C ASP VB 95 -20.85 -64.98 18.13
N LYS VB 96 -21.53 -66.11 18.31
CA LYS VB 96 -22.75 -66.15 19.11
C LYS VB 96 -22.44 -65.80 20.56
N LYS VB 97 -22.90 -64.61 20.98
CA LYS VB 97 -22.45 -64.03 22.25
C LYS VB 97 -23.10 -64.73 23.43
N ARG VB 98 -22.47 -64.57 24.59
CA ARG VB 98 -22.92 -65.19 25.83
C ARG VB 98 -23.43 -64.13 26.80
N LYS VB 99 -23.78 -64.58 28.01
CA LYS VB 99 -24.26 -63.71 29.07
C LYS VB 99 -23.42 -63.94 30.32
N GLY VB 100 -22.92 -62.86 30.90
CA GLY VB 100 -22.14 -62.94 32.12
C GLY VB 100 -20.76 -63.54 31.94
N GLN VB 101 -19.95 -62.91 31.09
CA GLN VB 101 -18.59 -63.37 30.83
C GLN VB 101 -17.62 -62.21 31.08
N VAL VB 102 -16.34 -62.56 31.18
CA VAL VB 102 -15.29 -61.57 31.40
C VAL VB 102 -15.00 -60.85 30.09
N ILE VB 103 -15.07 -59.52 30.12
CA ILE VB 103 -14.76 -58.69 28.96
C ILE VB 103 -13.33 -58.19 29.10
N GLN VB 104 -12.47 -58.61 28.17
CA GLN VB 104 -11.07 -58.21 28.18
C GLN VB 104 -10.78 -57.31 26.98
N ALA WB 1 39.96 21.74 -31.30
CA ALA WB 1 39.85 21.72 -29.84
C ALA WB 1 39.04 20.52 -29.38
N LYS WB 2 39.44 19.94 -28.25
CA LYS WB 2 38.72 18.80 -27.69
C LYS WB 2 37.43 19.29 -27.03
N ARG WB 3 36.30 18.93 -27.61
CA ARG WB 3 35.00 19.42 -27.16
C ARG WB 3 34.46 18.62 -25.98
N THR WB 4 34.41 17.30 -26.13
CA THR WB 4 33.85 16.41 -25.13
C THR WB 4 34.96 15.55 -24.53
N LYS WB 5 34.66 14.91 -23.39
CA LYS WB 5 35.69 14.18 -22.67
C LYS WB 5 35.75 12.71 -23.11
N LYS WB 6 34.66 11.97 -22.94
CA LYS WB 6 34.69 10.53 -23.20
C LYS WB 6 33.49 10.11 -24.03
N VAL WB 7 32.84 11.08 -24.68
CA VAL WB 7 31.79 10.75 -25.66
C VAL WB 7 32.17 11.32 -27.03
N GLY WB 8 32.16 10.44 -28.03
CA GLY WB 8 32.56 10.83 -29.38
C GLY WB 8 31.41 10.96 -30.34
N ILE WB 9 31.19 9.91 -31.15
CA ILE WB 9 30.15 9.95 -32.17
C ILE WB 9 28.76 9.84 -31.55
N VAL WB 10 28.68 9.31 -30.32
CA VAL WB 10 27.40 9.08 -29.67
C VAL WB 10 26.86 10.35 -29.01
N GLY WB 11 27.65 11.44 -29.07
CA GLY WB 11 27.20 12.70 -28.53
C GLY WB 11 26.06 13.32 -29.32
N LYS WB 12 25.81 12.84 -30.53
CA LYS WB 12 24.62 13.26 -31.27
C LYS WB 12 23.36 12.66 -30.66
N TYR WB 13 23.49 11.58 -29.89
CA TYR WB 13 22.32 11.00 -29.24
C TYR WB 13 21.96 11.74 -27.96
N GLY WB 14 22.91 12.45 -27.37
CA GLY WB 14 22.64 13.28 -26.22
C GLY WB 14 22.67 12.54 -24.89
N THR WB 15 21.71 12.87 -24.02
CA THR WB 15 21.70 12.28 -22.68
C THR WB 15 20.98 10.94 -22.65
N ARG WB 16 20.38 10.54 -23.77
CA ARG WB 16 19.48 9.40 -23.76
C ARG WB 16 20.22 8.09 -23.97
N TYR WB 17 19.48 6.99 -23.82
CA TYR WB 17 19.77 5.61 -24.22
C TYR WB 17 20.83 4.92 -23.35
N GLY WB 18 21.32 5.55 -22.29
CA GLY WB 18 22.19 4.86 -21.36
C GLY WB 18 23.65 4.90 -21.78
N ALA WB 19 24.51 5.03 -20.77
CA ALA WB 19 25.93 5.26 -21.01
C ALA WB 19 26.64 4.00 -21.49
N SER WB 20 26.28 2.85 -20.91
CA SER WB 20 26.88 1.59 -21.34
C SER WB 20 26.44 1.21 -22.75
N LEU WB 21 25.18 1.51 -23.09
CA LEU WB 21 24.71 1.24 -24.45
C LEU WB 21 25.35 2.20 -25.46
N ARG WB 22 25.56 3.46 -25.06
CA ARG WB 22 26.27 4.38 -25.95
C ARG WB 22 27.73 4.00 -26.10
N LYS WB 23 28.35 3.45 -25.05
CA LYS WB 23 29.72 2.98 -25.14
C LYS WB 23 29.82 1.74 -26.03
N MET WB 24 28.79 0.89 -26.02
CA MET WB 24 28.77 -0.26 -26.92
C MET WB 24 28.52 0.18 -28.36
N VAL WB 25 27.71 1.22 -28.56
CA VAL WB 25 27.43 1.71 -29.91
C VAL WB 25 28.63 2.45 -30.50
N LYS WB 26 29.44 3.11 -29.64
CA LYS WB 26 30.48 4.04 -30.08
C LYS WB 26 31.55 3.41 -30.97
N LYS WB 27 32.02 2.22 -30.59
CA LYS WB 27 33.11 1.60 -31.34
C LYS WB 27 32.66 1.15 -32.72
N ILE WB 28 31.47 0.54 -32.80
CA ILE WB 28 30.92 0.10 -34.08
C ILE WB 28 30.57 1.32 -34.96
N GLU WB 29 30.07 2.38 -34.33
CA GLU WB 29 29.67 3.56 -35.08
C GLU WB 29 30.88 4.34 -35.60
N ILE WB 30 32.01 4.28 -34.88
CA ILE WB 30 33.25 4.85 -35.41
C ILE WB 30 33.81 3.94 -36.51
N SER WB 31 33.72 2.62 -36.32
CA SER WB 31 34.36 1.70 -37.24
C SER WB 31 33.63 1.60 -38.58
N GLN WB 32 32.34 1.93 -38.61
CA GLN WB 32 31.65 1.91 -39.90
C GLN WB 32 31.85 3.21 -40.68
N HIS WB 33 32.12 4.32 -39.99
CA HIS WB 33 32.32 5.58 -40.70
C HIS WB 33 33.79 5.86 -40.96
N ALA WB 34 34.69 5.12 -40.33
CA ALA WB 34 36.10 5.25 -40.62
C ALA WB 34 36.41 4.67 -42.00
N LYS WB 35 36.92 5.52 -42.89
CA LYS WB 35 37.27 5.09 -44.24
C LYS WB 35 38.49 4.17 -44.17
N TYR WB 36 38.42 3.06 -44.89
CA TYR WB 36 39.46 2.04 -44.82
C TYR WB 36 40.29 2.04 -46.09
N THR WB 37 41.53 1.58 -45.96
CA THR WB 37 42.42 1.49 -47.11
C THR WB 37 42.02 0.30 -47.97
N CYS WB 38 41.74 0.55 -49.24
CA CYS WB 38 41.38 -0.52 -50.16
C CYS WB 38 42.61 -1.34 -50.50
N SER WB 39 42.44 -2.66 -50.54
CA SER WB 39 43.57 -3.54 -50.85
C SER WB 39 43.93 -3.51 -52.33
N PHE WB 40 43.01 -3.03 -53.18
CA PHE WB 40 43.25 -3.00 -54.62
C PHE WB 40 44.06 -1.78 -55.03
N CYS WB 41 43.54 -0.59 -54.74
CA CYS WB 41 44.22 0.66 -55.14
C CYS WB 41 45.16 1.15 -54.05
N GLY WB 42 44.68 1.25 -52.82
CA GLY WB 42 45.47 1.81 -51.74
C GLY WB 42 44.89 3.11 -51.27
N LYS WB 43 44.03 3.70 -52.09
CA LYS WB 43 43.37 4.95 -51.71
C LYS WB 43 42.31 4.70 -50.65
N THR WB 44 42.33 5.53 -49.61
CA THR WB 44 41.43 5.35 -48.46
C THR WB 44 40.05 5.87 -48.87
N LYS WB 45 39.29 4.98 -49.52
CA LYS WB 45 37.97 5.34 -50.05
C LYS WB 45 36.91 4.28 -49.83
N MET WB 46 37.07 3.39 -48.86
CA MET WB 46 36.07 2.34 -48.65
C MET WB 46 34.94 2.90 -47.79
N LYS WB 47 33.83 3.22 -48.44
CA LYS WB 47 32.66 3.78 -47.77
C LYS WB 47 31.54 2.75 -47.73
N ARG WB 48 30.93 2.61 -46.56
CA ARG WB 48 29.86 1.64 -46.38
C ARG WB 48 28.57 2.12 -47.04
N ARG WB 49 28.01 1.29 -47.91
CA ARG WB 49 26.72 1.61 -48.51
C ARG WB 49 25.56 1.08 -47.66
N ALA WB 50 25.63 -0.19 -47.29
CA ALA WB 50 24.56 -0.86 -46.54
C ALA WB 50 25.20 -2.02 -45.78
N VAL WB 51 24.37 -2.97 -45.36
CA VAL WB 51 24.82 -4.10 -44.55
C VAL WB 51 25.69 -5.02 -45.41
N GLY WB 52 26.92 -5.24 -44.98
CA GLY WB 52 27.78 -6.22 -45.61
C GLY WB 52 28.40 -5.80 -46.92
N ILE WB 53 28.18 -4.57 -47.36
CA ILE WB 53 28.62 -4.12 -48.68
C ILE WB 53 29.46 -2.86 -48.57
N TRP WB 54 30.64 -2.88 -49.18
CA TRP WB 54 31.57 -1.75 -49.17
C TRP WB 54 31.87 -1.34 -50.61
N HIS WB 55 32.12 -0.05 -50.82
CA HIS WB 55 32.29 0.50 -52.16
C HIS WB 55 33.54 1.39 -52.18
N CYS WB 56 34.41 1.16 -53.14
CA CYS WB 56 35.60 1.99 -53.31
C CYS WB 56 35.24 3.21 -54.16
N GLY WB 57 35.82 4.37 -53.80
CA GLY WB 57 35.52 5.58 -54.54
C GLY WB 57 36.28 5.68 -55.84
N SER WB 58 37.55 5.25 -55.84
CA SER WB 58 38.38 5.41 -57.02
C SER WB 58 38.13 4.29 -58.04
N CYS WB 59 38.13 3.04 -57.58
CA CYS WB 59 38.03 1.93 -58.50
C CYS WB 59 36.58 1.65 -58.90
N MET WB 60 35.62 2.13 -58.09
CA MET WB 60 34.20 1.75 -58.16
C MET WB 60 34.04 0.23 -58.17
N LYS WB 61 34.70 -0.42 -57.20
CA LYS WB 61 34.84 -1.87 -57.16
C LYS WB 61 34.23 -2.34 -55.83
N THR WB 62 33.02 -2.89 -55.91
CA THR WB 62 32.25 -3.22 -54.72
C THR WB 62 32.72 -4.54 -54.12
N VAL WB 63 32.93 -4.54 -52.80
CA VAL WB 63 33.43 -5.71 -52.07
C VAL WB 63 32.42 -6.10 -51.00
N ALA WB 64 32.06 -7.38 -50.97
CA ALA WB 64 31.16 -7.91 -49.94
C ALA WB 64 32.00 -8.23 -48.71
N GLY WB 65 31.90 -7.38 -47.69
CA GLY WB 65 32.61 -7.55 -46.45
C GLY WB 65 31.68 -7.68 -45.26
N GLY WB 66 32.20 -7.32 -44.09
CA GLY WB 66 31.41 -7.38 -42.87
C GLY WB 66 30.31 -6.33 -42.81
N ALA WB 67 29.42 -6.51 -41.84
CA ALA WB 67 28.27 -5.62 -41.72
C ALA WB 67 28.68 -4.23 -41.24
N TRP WB 68 29.58 -4.17 -40.27
CA TRP WB 68 30.01 -2.91 -39.68
C TRP WB 68 31.48 -2.62 -39.92
N THR WB 69 32.28 -3.65 -40.21
CA THR WB 69 33.69 -3.50 -40.53
C THR WB 69 33.94 -4.08 -41.90
N TYR WB 70 35.21 -4.17 -42.28
CA TYR WB 70 35.57 -4.69 -43.60
C TYR WB 70 35.93 -6.17 -43.52
N ASN WB 71 36.95 -6.51 -42.75
CA ASN WB 71 37.35 -7.90 -42.55
C ASN WB 71 37.19 -8.25 -41.08
N THR WB 72 36.27 -9.16 -40.79
CA THR WB 72 36.12 -9.63 -39.42
C THR WB 72 37.12 -10.74 -39.13
N THR WB 73 37.40 -10.92 -37.83
CA THR WB 73 38.40 -11.89 -37.39
C THR WB 73 37.96 -13.31 -37.70
N SER WB 74 36.65 -13.59 -37.58
CA SER WB 74 36.11 -14.89 -37.96
C SER WB 74 36.28 -15.15 -39.45
N ALA WB 75 36.08 -14.13 -40.28
CA ALA WB 75 36.28 -14.28 -41.72
C ALA WB 75 37.75 -14.48 -42.06
N VAL WB 76 38.66 -13.83 -41.32
CA VAL WB 76 40.09 -14.04 -41.54
C VAL WB 76 40.50 -15.46 -41.19
N THR WB 77 40.00 -15.99 -40.07
CA THR WB 77 40.32 -17.37 -39.70
C THR WB 77 39.67 -18.39 -40.64
N VAL WB 78 38.48 -18.08 -41.15
CA VAL WB 78 37.84 -18.94 -42.15
C VAL WB 78 38.65 -18.94 -43.45
N LYS WB 79 39.12 -17.77 -43.89
CA LYS WB 79 39.94 -17.70 -45.10
C LYS WB 79 41.28 -18.43 -44.92
N SER WB 80 41.84 -18.37 -43.71
CA SER WB 80 43.08 -19.11 -43.43
C SER WB 80 42.85 -20.62 -43.45
N ALA WB 81 41.74 -21.08 -42.87
CA ALA WB 81 41.42 -22.51 -42.90
C ALA WB 81 41.12 -22.99 -44.31
N ILE WB 82 40.47 -22.14 -45.12
CA ILE WB 82 40.16 -22.52 -46.50
C ILE WB 82 41.41 -22.58 -47.35
N ARG WB 83 42.34 -21.64 -47.19
CA ARG WB 83 43.58 -21.72 -47.97
C ARG WB 83 44.47 -22.87 -47.48
N ARG WB 84 44.40 -23.21 -46.19
CA ARG WB 84 45.14 -24.37 -45.69
C ARG WB 84 44.58 -25.67 -46.25
N LEU WB 85 43.26 -25.80 -46.31
CA LEU WB 85 42.65 -26.98 -46.92
C LEU WB 85 42.90 -27.04 -48.42
N LYS WB 86 42.97 -25.88 -49.08
CA LYS WB 86 43.30 -25.85 -50.50
C LYS WB 86 44.73 -26.31 -50.74
N GLU WB 87 45.67 -25.87 -49.90
CA GLU WB 87 47.05 -26.35 -50.03
C GLU WB 87 47.18 -27.82 -49.66
N LEU WB 88 46.37 -28.31 -48.71
CA LEU WB 88 46.41 -29.72 -48.34
C LEU WB 88 45.84 -30.60 -49.44
N LYS WB 89 44.84 -30.10 -50.17
CA LYS WB 89 44.30 -30.84 -51.31
C LYS WB 89 45.25 -30.78 -52.51
N ASP WB 90 45.90 -29.63 -52.70
CA ASP WB 90 46.71 -29.42 -53.89
C ASP WB 90 48.06 -30.15 -53.78
N GLN WB 91 48.71 -30.04 -52.62
CA GLN WB 91 50.06 -30.58 -52.34
C GLN WB 91 51.11 -30.14 -53.36
N SER XB 1 122.53 -20.91 3.36
CA SER XB 1 121.34 -21.25 2.59
C SER XB 1 121.28 -20.43 1.31
N GLY XB 2 121.76 -19.19 1.38
CA GLY XB 2 121.75 -18.33 0.21
C GLY XB 2 123.15 -18.13 -0.34
N ALA XB 3 123.36 -18.63 -1.57
CA ALA XB 3 124.62 -18.54 -2.32
C ALA XB 3 125.78 -19.15 -1.53
N LEU XB 4 125.51 -20.24 -0.83
CA LEU XB 4 126.51 -20.94 -0.02
C LEU XB 4 126.63 -22.36 -0.57
N ASP XB 5 127.84 -22.74 -1.00
CA ASP XB 5 128.04 -24.01 -1.67
C ASP XB 5 127.98 -25.17 -0.66
N VAL XB 6 128.17 -24.88 0.62
CA VAL XB 6 128.14 -25.92 1.64
C VAL XB 6 126.72 -26.44 1.84
N LEU XB 7 125.76 -25.51 1.96
CA LEU XB 7 124.38 -25.89 2.22
C LEU XB 7 123.54 -26.10 0.96
N GLN XB 8 124.17 -26.47 -0.15
CA GLN XB 8 123.41 -26.72 -1.37
C GLN XB 8 122.77 -28.11 -1.35
N MET XB 9 121.90 -28.35 -2.33
CA MET XB 9 121.23 -29.63 -2.47
C MET XB 9 122.22 -30.67 -2.98
N LYS XB 10 122.16 -31.86 -2.37
CA LYS XB 10 123.17 -32.90 -2.57
C LYS XB 10 122.57 -34.09 -3.30
N GLU XB 11 123.41 -34.75 -4.09
CA GLU XB 11 122.99 -35.86 -4.96
C GLU XB 11 122.48 -37.05 -4.16
N GLU XB 12 122.99 -37.26 -2.94
CA GLU XB 12 122.45 -38.30 -2.08
C GLU XB 12 121.09 -37.91 -1.52
N ASP XB 13 120.76 -36.62 -1.52
CA ASP XB 13 119.44 -36.19 -1.09
C ASP XB 13 118.45 -36.20 -2.26
N VAL XB 14 118.96 -36.01 -3.48
CA VAL XB 14 118.11 -36.00 -4.68
C VAL XB 14 117.44 -37.35 -4.89
N LEU XB 15 118.22 -38.44 -4.82
CA LEU XB 15 117.69 -39.76 -5.06
C LEU XB 15 116.73 -40.20 -3.96
N LYS XB 16 116.95 -39.76 -2.73
CA LYS XB 16 116.05 -40.11 -1.64
C LYS XB 16 114.75 -39.31 -1.73
N PHE XB 17 114.83 -38.07 -2.21
CA PHE XB 17 113.62 -37.29 -2.52
C PHE XB 17 112.80 -37.96 -3.61
N LEU XB 18 113.48 -38.43 -4.66
CA LEU XB 18 112.77 -39.09 -5.75
C LEU XB 18 112.20 -40.45 -5.34
N ALA XB 19 112.88 -41.15 -4.43
CA ALA XB 19 112.39 -42.44 -3.97
C ALA XB 19 111.23 -42.29 -3.00
N ALA XB 20 111.30 -41.30 -2.11
CA ALA XB 20 110.21 -41.08 -1.15
C ALA XB 20 108.99 -40.47 -1.84
N GLY XB 21 109.19 -39.68 -2.88
CA GLY XB 21 108.08 -39.04 -3.55
C GLY XB 21 107.60 -37.78 -2.88
N THR XB 22 108.53 -36.96 -2.36
CA THR XB 22 108.14 -35.72 -1.72
C THR XB 22 107.78 -34.66 -2.76
N HIS XB 23 108.28 -34.81 -3.98
CA HIS XB 23 107.87 -33.95 -5.08
C HIS XB 23 106.49 -34.33 -5.59
N LEU XB 24 106.07 -35.57 -5.34
CA LEU XB 24 104.78 -36.07 -5.78
C LEU XB 24 103.70 -35.48 -4.89
N GLY XB 25 103.10 -34.37 -5.33
CA GLY XB 25 102.12 -33.64 -4.54
C GLY XB 25 100.74 -34.25 -4.59
N GLY XB 26 99.75 -33.46 -4.19
CA GLY XB 26 98.37 -33.91 -4.13
C GLY XB 26 97.59 -33.55 -5.38
N THR XB 27 96.31 -33.92 -5.36
CA THR XB 27 95.45 -33.67 -6.51
C THR XB 27 94.91 -32.24 -6.51
N ASN XB 28 94.28 -31.82 -5.40
CA ASN XB 28 93.72 -30.49 -5.33
C ASN XB 28 94.81 -29.46 -5.00
N LEU XB 29 94.39 -28.21 -4.86
CA LEU XB 29 95.34 -27.10 -4.72
C LEU XB 29 94.74 -26.00 -3.86
N ASP XB 30 95.51 -25.56 -2.87
CA ASP XB 30 95.20 -24.34 -2.13
C ASP XB 30 95.92 -23.17 -2.78
N PHE XB 31 95.33 -21.98 -2.70
CA PHE XB 31 95.89 -20.82 -3.40
C PHE XB 31 97.16 -20.31 -2.74
N GLN XB 32 97.34 -20.58 -1.44
CA GLN XB 32 98.55 -20.20 -0.74
C GLN XB 32 99.77 -21.00 -1.19
N MET XB 33 99.56 -22.24 -1.65
CA MET XB 33 100.68 -23.11 -1.98
C MET XB 33 101.02 -23.10 -3.46
N GLU XB 34 100.70 -22.02 -4.17
CA GLU XB 34 100.89 -22.01 -5.62
C GLU XB 34 102.31 -21.63 -6.02
N GLN XB 35 103.09 -21.08 -5.08
CA GLN XB 35 104.40 -20.55 -5.45
C GLN XB 35 105.48 -21.63 -5.42
N TYR XB 36 105.20 -22.80 -4.82
CA TYR XB 36 106.22 -23.82 -4.71
C TYR XB 36 106.09 -24.89 -5.79
N ILE XB 37 105.12 -24.75 -6.68
CA ILE XB 37 104.86 -25.78 -7.69
C ILE XB 37 105.41 -25.34 -9.04
N TYR XB 38 106.17 -26.23 -9.67
CA TYR XB 38 106.71 -25.98 -11.00
C TYR XB 38 105.68 -26.27 -12.10
N LYS XB 39 105.15 -27.49 -12.12
CA LYS XB 39 104.26 -27.89 -13.20
C LYS XB 39 103.33 -28.99 -12.72
N ARG XB 40 102.08 -28.95 -13.19
CA ARG XB 40 101.10 -29.98 -12.94
C ARG XB 40 101.23 -31.10 -13.97
N LYS XB 41 101.28 -32.34 -13.48
CA LYS XB 41 101.46 -33.50 -14.34
C LYS XB 41 100.16 -33.86 -15.07
N SER XB 42 100.24 -34.95 -15.81
CA SER XB 42 99.04 -35.68 -16.21
C SER XB 42 98.48 -36.41 -14.99
N ASP XB 43 97.19 -36.78 -15.08
CA ASP XB 43 96.37 -37.44 -14.05
C ASP XB 43 96.21 -36.51 -12.84
N GLY XB 44 96.40 -35.19 -13.02
CA GLY XB 44 96.12 -34.19 -12.01
C GLY XB 44 96.95 -34.25 -10.73
N ILE XB 45 98.27 -34.23 -10.86
CA ILE XB 45 99.16 -34.26 -9.70
C ILE XB 45 100.19 -33.14 -9.86
N TYR XB 46 100.26 -32.25 -8.87
CA TYR XB 46 101.23 -31.17 -8.90
C TYR XB 46 102.61 -31.66 -8.50
N ILE XB 47 103.65 -30.98 -8.99
CA ILE XB 47 105.03 -31.30 -8.66
C ILE XB 47 105.55 -30.25 -7.69
N ILE XB 48 105.96 -30.70 -6.51
CA ILE XB 48 106.56 -29.81 -5.52
C ILE XB 48 108.03 -29.65 -5.86
N ASN XB 49 108.48 -28.39 -5.98
CA ASN XB 49 109.85 -28.08 -6.34
C ASN XB 49 110.80 -28.45 -5.20
N LEU XB 50 111.70 -29.39 -5.47
CA LEU XB 50 112.58 -29.93 -4.45
C LEU XB 50 113.65 -28.95 -3.98
N LYS XB 51 114.11 -28.05 -4.85
CA LYS XB 51 115.09 -27.05 -4.44
C LYS XB 51 114.48 -26.05 -3.45
N ARG XB 52 113.27 -25.59 -3.75
CA ARG XB 52 112.56 -24.71 -2.82
C ARG XB 52 112.12 -25.45 -1.55
N THR XB 53 111.84 -26.75 -1.65
CA THR XB 53 111.60 -27.56 -0.45
C THR XB 53 112.85 -27.62 0.42
N TRP XB 54 114.02 -27.75 -0.21
CA TRP XB 54 115.28 -27.73 0.52
C TRP XB 54 115.54 -26.37 1.16
N GLU XB 55 115.15 -25.29 0.47
CA GLU XB 55 115.32 -23.95 1.03
C GLU XB 55 114.42 -23.72 2.23
N LYS XB 56 113.18 -24.20 2.17
CA LYS XB 56 112.29 -24.05 3.33
C LYS XB 56 112.71 -24.95 4.47
N LEU XB 57 113.28 -26.13 4.16
CA LEU XB 57 113.86 -26.99 5.20
C LEU XB 57 115.05 -26.32 5.86
N LEU XB 58 115.90 -25.64 5.07
CA LEU XB 58 117.02 -24.89 5.62
C LEU XB 58 116.55 -23.73 6.50
N LEU XB 59 115.48 -23.03 6.11
CA LEU XB 59 115.04 -21.91 6.94
C LEU XB 59 114.36 -22.41 8.22
N ALA XB 60 113.66 -23.54 8.15
CA ALA XB 60 113.11 -24.14 9.37
C ALA XB 60 114.22 -24.68 10.26
N ALA XB 61 115.34 -25.11 9.66
CA ALA XB 61 116.50 -25.52 10.43
C ALA XB 61 117.15 -24.32 11.12
N ARG XB 62 117.17 -23.17 10.44
CA ARG XB 62 117.57 -21.91 11.07
C ARG XB 62 116.68 -21.59 12.26
N ALA XB 63 115.37 -21.76 12.10
CA ALA XB 63 114.41 -21.47 13.17
C ALA XB 63 114.59 -22.42 14.35
N ILE XB 64 114.98 -23.67 14.09
CA ILE XB 64 115.20 -24.61 15.18
C ILE XB 64 116.51 -24.32 15.89
N VAL XB 65 117.59 -24.11 15.14
CA VAL XB 65 118.92 -23.93 15.73
C VAL XB 65 118.99 -22.61 16.50
N ALA XB 66 118.27 -21.58 16.02
CA ALA XB 66 118.30 -20.28 16.68
C ALA XB 66 117.65 -20.30 18.07
N ILE XB 67 116.75 -21.25 18.33
CA ILE XB 67 116.26 -21.46 19.68
C ILE XB 67 117.37 -22.10 20.50
N GLU XB 68 117.74 -21.46 21.60
CA GLU XB 68 118.89 -21.91 22.39
C GLU XB 68 118.56 -23.16 23.18
N ASN XB 69 117.45 -23.15 23.92
CA ASN XB 69 116.99 -24.29 24.68
C ASN XB 69 116.43 -25.35 23.74
N PRO XB 70 116.95 -26.58 23.76
CA PRO XB 70 116.39 -27.61 22.87
C PRO XB 70 115.16 -28.29 23.44
N ALA XB 71 114.93 -28.20 24.75
CA ALA XB 71 113.87 -29.01 25.38
C ALA XB 71 112.49 -28.45 25.11
N ASP XB 72 112.38 -27.13 24.90
CA ASP XB 72 111.08 -26.48 24.76
C ASP XB 72 110.69 -26.23 23.30
N VAL XB 73 111.04 -27.14 22.40
CA VAL XB 73 110.57 -27.09 21.02
C VAL XB 73 109.51 -28.16 20.84
N SER XB 74 108.26 -27.74 20.66
CA SER XB 74 107.13 -28.65 20.58
C SER XB 74 107.10 -29.31 19.21
N VAL XB 75 107.06 -30.65 19.20
CA VAL XB 75 107.06 -31.44 17.97
C VAL XB 75 105.78 -32.28 18.02
N ILE XB 76 104.83 -31.97 17.15
CA ILE XB 76 103.44 -32.43 17.29
C ILE XB 76 103.09 -33.37 16.14
N SER XB 77 102.40 -34.47 16.47
CA SER XB 77 101.82 -35.36 15.46
C SER XB 77 100.57 -36.00 16.04
N SER XB 78 99.46 -35.97 15.29
CA SER XB 78 98.22 -36.59 15.71
C SER XB 78 97.88 -37.83 14.90
N ARG XB 79 98.09 -37.77 13.58
CA ARG XB 79 97.88 -38.95 12.74
C ARG XB 79 98.98 -39.99 13.00
N ASN XB 80 98.68 -41.24 12.64
CA ASN XB 80 99.59 -42.33 12.94
C ASN XB 80 100.79 -42.37 11.99
N THR XB 81 100.80 -41.52 10.97
CA THR XB 81 101.89 -41.52 10.00
C THR XB 81 103.20 -41.04 10.62
N GLY XB 82 103.13 -40.06 11.52
CA GLY XB 82 104.32 -39.47 12.06
C GLY XB 82 104.55 -39.61 13.55
N GLN XB 83 103.81 -40.49 14.22
CA GLN XB 83 103.94 -40.63 15.68
C GLN XB 83 105.27 -41.25 16.08
N ARG XB 84 105.75 -42.24 15.33
CA ARG XB 84 107.08 -42.78 15.58
C ARG XB 84 108.15 -41.79 15.17
N ALA XB 85 107.88 -41.02 14.09
CA ALA XB 85 108.86 -40.09 13.55
C ALA XB 85 109.13 -38.95 14.51
N VAL XB 86 108.08 -38.41 15.14
CA VAL XB 86 108.27 -37.28 16.06
C VAL XB 86 108.91 -37.74 17.36
N LEU XB 87 108.66 -38.99 17.77
CA LEU XB 87 109.27 -39.51 18.99
C LEU XB 87 110.76 -39.75 18.79
N LYS XB 88 111.14 -40.37 17.67
CA LYS XB 88 112.56 -40.59 17.41
C LYS XB 88 113.26 -39.29 17.03
N PHE XB 89 112.53 -38.33 16.46
CA PHE XB 89 113.10 -37.02 16.18
C PHE XB 89 113.39 -36.25 17.47
N ALA XB 90 112.50 -36.36 18.46
CA ALA XB 90 112.75 -35.75 19.75
C ALA XB 90 113.86 -36.46 20.50
N ALA XB 91 113.99 -37.77 20.32
CA ALA XB 91 115.10 -38.50 20.93
C ALA XB 91 116.44 -38.14 20.29
N ALA XB 92 116.43 -37.84 18.99
CA ALA XB 92 117.66 -37.46 18.31
C ALA XB 92 118.05 -36.01 18.60
N THR XB 93 117.07 -35.10 18.61
CA THR XB 93 117.37 -33.68 18.74
C THR XB 93 117.49 -33.27 20.20
N GLY XB 94 116.53 -33.65 21.04
CA GLY XB 94 116.47 -33.16 22.40
C GLY XB 94 115.22 -32.38 22.71
N ALA XB 95 114.14 -32.60 21.96
CA ALA XB 95 112.90 -31.86 22.13
C ALA XB 95 111.88 -32.69 22.91
N THR XB 96 110.69 -32.14 23.10
CA THR XB 96 109.61 -32.85 23.81
C THR XB 96 108.56 -33.27 22.80
N PRO XB 97 108.27 -34.57 22.66
CA PRO XB 97 107.39 -35.02 21.59
C PRO XB 97 105.92 -35.04 21.99
N ILE XB 98 105.06 -34.92 20.97
CA ILE XB 98 103.61 -35.10 21.11
C ILE XB 98 103.18 -36.05 20.02
N ALA XB 99 102.79 -37.26 20.40
CA ALA XB 99 102.42 -38.31 19.45
C ALA XB 99 101.04 -38.86 19.86
N GLY XB 100 100.01 -38.31 19.24
CA GLY XB 100 98.65 -38.79 19.47
C GLY XB 100 98.00 -38.21 20.71
N ARG XB 101 96.71 -37.85 20.58
CA ARG XB 101 95.87 -37.26 21.62
C ARG XB 101 96.49 -35.99 22.18
N PHE XB 102 96.54 -34.95 21.35
CA PHE XB 102 96.92 -33.62 21.82
C PHE XB 102 95.77 -33.07 22.67
N THR XB 103 96.01 -32.91 23.96
CA THR XB 103 94.96 -32.43 24.85
C THR XB 103 94.73 -30.93 24.63
N PRO XB 104 93.48 -30.50 24.44
CA PRO XB 104 93.23 -29.06 24.31
C PRO XB 104 93.45 -28.33 25.63
N GLY XB 105 94.26 -27.27 25.58
CA GLY XB 105 94.54 -26.49 26.76
C GLY XB 105 95.89 -26.72 27.39
N THR XB 106 96.77 -27.47 26.73
CA THR XB 106 98.12 -27.68 27.28
C THR XB 106 98.97 -26.43 27.17
N PHE XB 107 98.62 -25.51 26.27
CA PHE XB 107 99.35 -24.27 26.12
C PHE XB 107 98.71 -23.12 26.89
N THR XB 108 97.45 -23.26 27.30
CA THR XB 108 96.71 -22.18 27.93
C THR XB 108 96.36 -22.44 29.39
N ASN XB 109 95.91 -23.65 29.72
CA ASN XB 109 95.41 -23.92 31.07
C ASN XB 109 96.57 -24.24 32.01
N GLN XB 110 96.66 -23.49 33.12
CA GLN XB 110 97.76 -23.70 34.06
C GLN XB 110 97.52 -24.92 34.94
N ILE XB 111 96.26 -25.19 35.32
CA ILE XB 111 95.97 -26.19 36.34
C ILE XB 111 96.11 -27.61 35.77
N GLN XB 112 96.10 -27.75 34.44
CA GLN XB 112 96.37 -29.03 33.81
C GLN XB 112 97.81 -29.47 34.08
N THR XB 113 98.02 -30.80 34.11
CA THR XB 113 99.32 -31.34 34.49
C THR XB 113 100.36 -31.12 33.41
N ALA XB 114 99.96 -31.28 32.14
CA ALA XB 114 100.89 -31.13 31.02
C ALA XB 114 100.88 -29.71 30.47
N PHE XB 115 101.06 -28.71 31.34
CA PHE XB 115 101.16 -27.32 30.90
C PHE XB 115 102.61 -27.03 30.54
N ARG XB 116 102.89 -27.10 29.25
CA ARG XB 116 104.18 -26.72 28.69
C ARG XB 116 104.03 -25.39 27.97
N GLU XB 117 105.00 -24.49 28.18
CA GLU XB 117 105.10 -23.24 27.44
C GLU XB 117 106.34 -23.30 26.56
N PRO XB 118 106.18 -23.77 25.31
CA PRO XB 118 107.35 -23.99 24.45
C PRO XB 118 107.83 -22.70 23.81
N ARG XB 119 108.80 -22.86 22.91
CA ARG XB 119 109.32 -21.75 22.13
C ARG XB 119 109.14 -21.92 20.62
N LEU XB 120 108.83 -23.13 20.15
CA LEU XB 120 108.69 -23.38 18.72
C LEU XB 120 107.85 -24.63 18.50
N LEU XB 121 106.88 -24.54 17.60
CA LEU XB 121 106.02 -25.64 17.24
C LEU XB 121 106.40 -26.17 15.86
N VAL XB 122 106.48 -27.49 15.75
CA VAL XB 122 106.85 -28.16 14.49
C VAL XB 122 105.68 -29.10 14.16
N VAL XB 123 104.76 -28.62 13.35
CA VAL XB 123 103.51 -29.32 13.06
C VAL XB 123 103.72 -30.31 11.91
N THR XB 124 103.26 -31.54 12.11
CA THR XB 124 103.27 -32.58 11.09
C THR XB 124 102.27 -32.30 9.96
N ASP XB 125 101.01 -32.02 10.30
CA ASP XB 125 99.99 -31.76 9.28
C ASP XB 125 99.02 -30.69 9.75
N PRO XB 126 98.67 -29.73 8.88
CA PRO XB 126 97.78 -28.62 9.31
C PRO XB 126 96.35 -29.04 9.63
N ARG XB 127 95.71 -29.83 8.75
CA ARG XB 127 94.34 -30.26 9.01
C ARG XB 127 94.27 -31.24 10.17
N ALA XB 128 95.34 -32.03 10.36
CA ALA XB 128 95.38 -32.96 11.48
C ALA XB 128 95.72 -32.25 12.78
N ASP XB 129 96.36 -31.09 12.71
CA ASP XB 129 96.73 -30.33 13.90
C ASP XB 129 96.23 -28.90 13.80
N HIS XB 130 94.95 -28.73 13.44
CA HIS XB 130 94.33 -27.41 13.45
C HIS XB 130 94.23 -26.81 14.85
N GLN XB 131 94.09 -27.65 15.88
CA GLN XB 131 93.97 -27.17 17.25
C GLN XB 131 95.26 -26.57 17.83
N PRO XB 132 96.50 -27.20 17.69
CA PRO XB 132 97.70 -26.51 18.18
C PRO XB 132 97.99 -25.20 17.47
N LEU XB 133 97.51 -25.05 16.24
CA LEU XB 133 97.52 -23.75 15.57
C LEU XB 133 96.66 -22.74 16.30
N THR XB 134 95.50 -23.19 16.81
CA THR XB 134 94.65 -22.27 17.56
C THR XB 134 95.26 -21.91 18.92
N GLU XB 135 95.92 -22.85 19.60
CA GLU XB 135 96.61 -22.44 20.83
C GLU XB 135 97.85 -21.60 20.54
N ALA XB 136 98.49 -21.79 19.39
CA ALA XB 136 99.60 -20.93 19.00
C ALA XB 136 99.14 -19.57 18.49
N SER XB 137 97.84 -19.42 18.26
CA SER XB 137 97.24 -18.11 18.07
C SER XB 137 97.04 -17.34 19.37
N TYR XB 138 96.88 -18.04 20.51
CA TYR XB 138 96.69 -17.32 21.77
C TYR XB 138 97.99 -17.18 22.54
N VAL XB 139 98.95 -18.07 22.32
CA VAL XB 139 100.25 -17.99 22.98
C VAL XB 139 101.27 -17.65 21.91
N ASN XB 140 102.25 -16.81 22.26
CA ASN XB 140 103.24 -16.30 21.31
C ASN XB 140 104.19 -17.43 20.92
N LEU XB 141 103.76 -18.18 19.92
CA LEU XB 141 104.41 -19.43 19.52
C LEU XB 141 104.61 -19.45 18.02
N PRO XB 142 105.84 -19.42 17.51
CA PRO XB 142 106.06 -19.65 16.08
C PRO XB 142 105.80 -21.10 15.71
N THR XB 143 105.62 -21.33 14.41
CA THR XB 143 105.11 -22.61 13.92
C THR XB 143 105.90 -23.06 12.70
N ILE XB 144 106.32 -24.33 12.70
CA ILE XB 144 106.85 -25.00 11.52
C ILE XB 144 105.82 -26.03 11.10
N ALA XB 145 105.55 -26.10 9.80
CA ALA XB 145 104.48 -26.99 9.34
C ALA XB 145 104.88 -27.69 8.06
N LEU XB 146 104.82 -29.03 8.07
CA LEU XB 146 105.00 -29.82 6.87
C LEU XB 146 103.70 -29.83 6.10
N CYS XB 147 103.62 -29.04 5.03
CA CYS XB 147 102.36 -28.76 4.35
C CYS XB 147 102.32 -29.46 3.00
N ASN XB 148 101.12 -29.87 2.60
CA ASN XB 148 100.89 -30.38 1.26
C ASN XB 148 100.45 -29.22 0.38
N THR XB 149 100.19 -29.49 -0.90
CA THR XB 149 99.67 -28.46 -1.79
C THR XB 149 98.20 -28.16 -1.46
N ASP XB 150 97.46 -29.16 -0.99
CA ASP XB 150 96.08 -28.96 -0.57
C ASP XB 150 95.99 -28.32 0.81
N SER XB 151 97.05 -28.44 1.62
CA SER XB 151 97.00 -27.97 2.98
C SER XB 151 97.05 -26.44 3.04
N PRO XB 152 96.12 -25.81 3.77
CA PRO XB 152 96.14 -24.35 3.89
C PRO XB 152 97.24 -23.87 4.84
N LEU XB 153 97.50 -22.56 4.79
CA LEU XB 153 98.53 -21.95 5.63
C LEU XB 153 97.93 -21.11 6.74
N ARG XB 154 96.82 -21.57 7.34
CA ARG XB 154 96.17 -20.82 8.40
C ARG XB 154 96.95 -20.96 9.71
N TYR XB 155 97.42 -19.83 10.24
CA TYR XB 155 98.18 -19.67 11.48
C TYR XB 155 99.52 -20.40 11.52
N VAL XB 156 100.03 -20.89 10.39
CA VAL XB 156 101.38 -21.41 10.36
C VAL XB 156 102.33 -20.25 10.13
N ASP XB 157 103.62 -20.48 10.35
CA ASP XB 157 104.58 -19.39 10.32
C ASP XB 157 105.75 -19.63 9.38
N ILE XB 158 106.26 -20.86 9.28
CA ILE XB 158 107.26 -21.19 8.26
C ILE XB 158 107.01 -22.62 7.76
N ALA XB 159 106.44 -22.72 6.56
CA ALA XB 159 105.99 -24.02 6.07
C ALA XB 159 106.99 -24.64 5.11
N ILE XB 160 106.97 -25.96 5.01
CA ILE XB 160 107.81 -26.71 4.09
C ILE XB 160 106.87 -27.52 3.19
N PRO XB 161 106.87 -27.28 1.86
CA PRO XB 161 105.96 -28.03 0.97
C PRO XB 161 106.45 -29.47 0.74
N CYS XB 162 105.66 -30.44 1.18
CA CYS XB 162 106.02 -31.84 1.08
C CYS XB 162 104.79 -32.67 0.78
N ASN XB 163 104.99 -33.99 0.69
CA ASN XB 163 103.88 -34.94 0.57
C ASN XB 163 103.67 -35.54 1.96
N ASN XB 164 102.68 -35.00 2.68
CA ASN XB 164 102.43 -35.42 4.05
C ASN XB 164 101.56 -36.66 4.15
N LYS XB 165 101.19 -37.27 3.02
CA LYS XB 165 100.37 -38.48 3.05
C LYS XB 165 101.22 -39.74 3.03
N GLY XB 166 102.32 -39.74 2.28
CA GLY XB 166 103.14 -40.92 2.17
C GLY XB 166 103.97 -41.16 3.42
N ALA XB 167 103.90 -42.38 3.93
CA ALA XB 167 104.60 -42.73 5.18
C ALA XB 167 106.11 -42.74 4.98
N HIS XB 168 106.57 -43.07 3.77
CA HIS XB 168 107.98 -42.96 3.47
C HIS XB 168 108.40 -41.49 3.39
N SER XB 169 107.56 -40.65 2.76
CA SER XB 169 107.91 -39.27 2.50
C SER XB 169 107.98 -38.44 3.79
N VAL XB 170 107.05 -38.69 4.71
CA VAL XB 170 107.03 -37.97 5.99
C VAL XB 170 108.28 -38.29 6.80
N GLY XB 171 108.58 -39.59 6.94
CA GLY XB 171 109.77 -39.99 7.68
C GLY XB 171 111.07 -39.55 7.02
N LEU XB 172 111.07 -39.48 5.68
CA LEU XB 172 112.26 -39.01 4.98
C LEU XB 172 112.47 -37.51 5.19
N MET XB 173 111.39 -36.73 5.23
CA MET XB 173 111.58 -35.30 5.45
C MET XB 173 111.93 -34.99 6.90
N TRP XB 174 111.40 -35.78 7.84
CA TRP XB 174 111.86 -35.68 9.23
C TRP XB 174 113.33 -36.05 9.36
N TRP XB 175 113.78 -37.03 8.57
CA TRP XB 175 115.18 -37.46 8.61
C TRP XB 175 116.10 -36.39 8.03
N MET XB 176 115.68 -35.78 6.91
CA MET XB 176 116.45 -34.68 6.33
C MET XB 176 116.54 -33.49 7.26
N LEU XB 177 115.43 -33.11 7.91
CA LEU XB 177 115.44 -31.97 8.81
C LEU XB 177 116.25 -32.26 10.07
N ALA XB 178 116.21 -33.51 10.56
CA ALA XB 178 117.01 -33.89 11.72
C ALA XB 178 118.50 -33.88 11.40
N ARG XB 179 118.89 -34.44 10.23
CA ARG XB 179 120.29 -34.39 9.83
C ARG XB 179 120.76 -32.96 9.63
N GLU XB 180 119.87 -32.10 9.10
CA GLU XB 180 120.27 -30.73 8.84
C GLU XB 180 120.47 -29.94 10.12
N VAL XB 181 119.60 -30.12 11.12
CA VAL XB 181 119.80 -29.37 12.37
C VAL XB 181 120.98 -29.94 13.16
N LEU XB 182 121.21 -31.26 13.08
CA LEU XB 182 122.35 -31.81 13.82
C LEU XB 182 123.67 -31.57 13.10
N ARG XB 183 123.61 -31.17 11.83
CA ARG XB 183 124.82 -30.66 11.18
C ARG XB 183 124.99 -29.16 11.40
N MET XB 184 123.91 -28.43 11.61
CA MET XB 184 124.04 -27.01 11.92
C MET XB 184 124.57 -26.75 13.32
N ARG XB 185 124.04 -27.40 14.36
CA ARG XB 185 124.73 -27.30 15.64
C ARG XB 185 125.82 -28.35 15.72
N GLY XB 186 126.77 -28.12 16.62
CA GLY XB 186 128.03 -28.82 16.60
C GLY XB 186 127.97 -30.28 17.03
N THR XB 187 127.34 -31.12 16.22
CA THR XB 187 127.29 -32.55 16.50
C THR XB 187 127.94 -33.36 15.37
N ILE XB 188 127.54 -33.10 14.13
CA ILE XB 188 127.93 -33.92 12.99
C ILE XB 188 128.74 -33.08 12.01
N SER XB 189 129.87 -33.62 11.57
CA SER XB 189 130.66 -33.03 10.51
C SER XB 189 130.00 -33.34 9.17
N ARG XB 190 130.05 -32.37 8.25
CA ARG XB 190 129.31 -32.49 7.00
C ARG XB 190 130.05 -33.31 5.94
N GLU XB 191 131.26 -33.78 6.23
CA GLU XB 191 131.98 -34.60 5.26
C GLU XB 191 131.45 -36.04 5.26
N HIS XB 192 131.16 -36.57 6.44
CA HIS XB 192 130.69 -37.94 6.57
C HIS XB 192 129.17 -37.99 6.68
N PRO XB 193 128.54 -39.03 6.14
CA PRO XB 193 127.10 -39.20 6.34
C PRO XB 193 126.78 -39.67 7.74
N TRP XB 194 125.53 -39.49 8.13
CA TRP XB 194 125.11 -39.84 9.48
C TRP XB 194 124.89 -41.33 9.61
N GLU XB 195 125.19 -41.85 10.80
CA GLU XB 195 125.22 -43.31 11.01
C GLU XB 195 123.83 -43.92 10.95
N VAL XB 196 122.83 -43.22 11.50
CA VAL XB 196 121.49 -43.79 11.59
C VAL XB 196 120.78 -43.64 10.25
N MET XB 197 120.32 -44.75 9.73
CA MET XB 197 119.60 -45.25 8.56
C MET XB 197 118.18 -44.70 8.54
N PRO XB 198 117.70 -44.24 7.39
CA PRO XB 198 116.40 -43.54 7.35
C PRO XB 198 115.17 -44.43 7.55
N ASP XB 199 115.34 -45.74 7.69
CA ASP XB 199 114.18 -46.60 7.96
C ASP XB 199 113.76 -46.57 9.42
N LEU XB 200 114.50 -45.86 10.29
CA LEU XB 200 114.12 -45.77 11.70
C LEU XB 200 112.88 -44.90 11.89
N TYR XB 201 112.80 -43.78 11.17
CA TYR XB 201 111.73 -42.81 11.38
C TYR XB 201 110.43 -43.19 10.69
N PHE XB 202 110.42 -44.28 9.93
CA PHE XB 202 109.25 -44.64 9.14
C PHE XB 202 108.23 -45.37 10.00
N TYR XB 203 106.96 -45.01 9.81
CA TYR XB 203 105.88 -45.73 10.46
C TYR XB 203 105.54 -46.99 9.68
N ARG XB 204 105.24 -48.06 10.41
CA ARG XB 204 105.05 -49.38 9.83
C ARG XB 204 103.59 -49.78 9.97
N ASP XB 205 103.03 -50.32 8.88
CA ASP XB 205 101.74 -51.00 8.95
C ASP XB 205 101.88 -52.25 9.80
N PRO XB 206 100.97 -52.48 10.77
CA PRO XB 206 101.05 -53.72 11.56
C PRO XB 206 100.90 -55.01 10.75
N GLU XB 207 100.24 -54.95 9.59
CA GLU XB 207 100.24 -56.10 8.68
C GLU XB 207 101.65 -56.33 8.12
N GLU XB 208 102.37 -55.26 7.81
CA GLU XB 208 103.76 -55.39 7.41
C GLU XB 208 104.66 -55.83 8.57
N ILE XB 209 104.29 -55.47 9.81
CA ILE XB 209 105.05 -55.93 10.98
C ILE XB 209 104.88 -57.43 11.17
N GLU XB 210 103.64 -57.92 11.01
CA GLU XB 210 103.39 -59.36 11.06
C GLU XB 210 104.06 -60.10 9.91
N LYS XB 211 104.10 -59.48 8.72
CA LYS XB 211 104.81 -60.07 7.58
C LYS XB 211 106.31 -60.15 7.83
N GLU XB 212 106.89 -59.11 8.42
CA GLU XB 212 108.32 -59.13 8.74
C GLU XB 212 108.62 -60.10 9.87
N GLU XB 213 107.69 -60.25 10.81
CA GLU XB 213 107.86 -61.23 11.89
C GLU XB 213 107.79 -62.65 11.36
N GLN XB 214 106.94 -62.89 10.35
CA GLN XB 214 106.90 -64.20 9.70
C GLN XB 214 108.17 -64.45 8.87
N ALA XB 215 108.67 -63.40 8.21
CA ALA XB 215 109.83 -63.57 7.34
C ALA XB 215 111.14 -63.67 8.11
N ALA XB 216 111.17 -63.14 9.34
CA ALA XB 216 112.40 -63.18 10.13
C ALA XB 216 112.67 -64.57 10.67
N ALA XB 217 111.65 -65.22 11.22
CA ALA XB 217 111.80 -66.56 11.79
C ALA XB 217 111.88 -67.62 10.69
N SER YB 1 -106.58 -27.17 -36.36
CA SER YB 1 -107.82 -26.70 -35.78
C SER YB 1 -107.74 -25.21 -35.45
N ALA YB 2 -108.04 -24.86 -34.19
CA ALA YB 2 -108.00 -23.46 -33.80
C ALA YB 2 -106.70 -23.13 -33.06
N HIS YB 3 -106.45 -23.81 -31.94
CA HIS YB 3 -105.26 -23.54 -31.14
C HIS YB 3 -103.99 -23.99 -31.86
N LEU YB 4 -104.10 -25.03 -32.69
CA LEU YB 4 -102.97 -25.55 -33.47
C LEU YB 4 -102.39 -24.49 -34.40
N GLN YB 5 -103.26 -23.70 -35.05
CA GLN YB 5 -102.76 -22.63 -35.88
C GLN YB 5 -102.63 -21.32 -35.13
N TRP YB 6 -103.28 -21.17 -33.97
CA TRP YB 6 -103.03 -19.99 -33.14
C TRP YB 6 -101.62 -19.98 -32.59
N MET YB 7 -101.09 -21.16 -32.24
CA MET YB 7 -99.71 -21.22 -31.74
C MET YB 7 -98.69 -20.99 -32.84
N VAL YB 8 -99.11 -21.00 -34.11
CA VAL YB 8 -98.21 -20.66 -35.20
C VAL YB 8 -98.36 -19.18 -35.58
N VAL YB 9 -99.60 -18.70 -35.62
CA VAL YB 9 -99.88 -17.33 -36.08
C VAL YB 9 -99.45 -16.31 -35.02
N ARG YB 10 -99.53 -16.69 -33.73
CA ARG YB 10 -99.45 -15.78 -32.59
C ARG YB 10 -98.23 -14.85 -32.50
N ASN YB 11 -97.14 -15.19 -33.18
CA ASN YB 11 -95.94 -14.35 -33.11
C ASN YB 11 -95.42 -13.95 -34.49
N CYS YB 12 -95.48 -14.84 -35.48
CA CYS YB 12 -94.83 -14.62 -36.77
C CYS YB 12 -95.83 -14.47 -37.92
N SER YB 13 -96.92 -13.76 -37.69
CA SER YB 13 -97.87 -13.49 -38.77
C SER YB 13 -97.55 -12.15 -39.44
N SER YB 14 -98.02 -12.02 -40.68
CA SER YB 14 -97.77 -10.81 -41.45
C SER YB 14 -98.67 -9.66 -41.01
N PHE YB 15 -99.84 -9.98 -40.46
CA PHE YB 15 -100.74 -8.92 -40.00
C PHE YB 15 -100.29 -8.35 -38.66
N LEU YB 16 -99.42 -9.06 -37.95
CA LEU YB 16 -98.95 -8.61 -36.65
C LEU YB 16 -98.04 -7.39 -36.80
N ILE YB 17 -98.14 -6.49 -35.83
CA ILE YB 17 -97.33 -5.27 -35.83
C ILE YB 17 -97.07 -4.88 -34.38
N LYS YB 18 -95.83 -4.49 -34.09
CA LYS YB 18 -95.40 -4.19 -32.73
C LYS YB 18 -94.55 -2.93 -32.74
N ARG YB 19 -95.04 -1.88 -32.10
CA ARG YB 19 -94.25 -0.68 -31.82
C ARG YB 19 -94.90 0.07 -30.67
N ASN YB 20 -94.07 0.90 -30.01
CA ASN YB 20 -94.48 1.76 -28.89
C ASN YB 20 -95.08 0.97 -27.73
N LYS YB 21 -94.45 -0.18 -27.46
CA LYS YB 21 -94.84 -1.12 -26.39
C LYS YB 21 -96.29 -1.60 -26.56
N GLN YB 22 -96.72 -1.77 -27.80
CA GLN YB 22 -98.08 -2.18 -28.12
C GLN YB 22 -98.03 -3.30 -29.14
N THR YB 23 -99.14 -4.04 -29.25
CA THR YB 23 -99.24 -5.17 -30.14
C THR YB 23 -100.62 -5.17 -30.79
N TYR YB 24 -100.66 -5.30 -32.12
CA TYR YB 24 -101.91 -5.26 -32.85
C TYR YB 24 -101.94 -6.33 -33.93
N SER YB 25 -102.98 -6.27 -34.75
CA SER YB 25 -103.13 -7.10 -35.93
C SER YB 25 -103.94 -6.32 -36.96
N THR YB 26 -103.49 -6.32 -38.21
CA THR YB 26 -104.07 -5.50 -39.26
C THR YB 26 -104.94 -6.33 -40.20
N GLU YB 27 -105.68 -7.29 -39.67
CA GLU YB 27 -106.54 -8.13 -40.46
C GLU YB 27 -107.80 -7.37 -40.88
N PRO YB 28 -108.37 -7.68 -42.05
CA PRO YB 28 -109.63 -7.05 -42.45
C PRO YB 28 -110.82 -7.54 -41.64
N ASN YB 29 -110.73 -8.76 -41.10
CA ASN YB 29 -111.81 -9.33 -40.31
C ASN YB 29 -111.61 -9.17 -38.81
N ASN YB 30 -110.48 -8.61 -38.38
CA ASN YB 30 -110.23 -8.41 -36.96
C ASN YB 30 -111.01 -7.20 -36.46
N LEU YB 31 -111.70 -7.38 -35.35
CA LEU YB 31 -112.39 -6.29 -34.66
C LEU YB 31 -111.74 -6.11 -33.30
N LYS YB 32 -111.62 -4.84 -32.90
CA LYS YB 32 -110.79 -4.22 -31.87
C LYS YB 32 -109.30 -4.24 -32.22
N ALA YB 33 -108.89 -4.88 -33.32
CA ALA YB 33 -107.63 -4.67 -34.05
C ALA YB 33 -106.38 -5.08 -33.26
N ARG YB 34 -106.51 -5.55 -32.03
CA ARG YB 34 -105.36 -5.99 -31.26
C ARG YB 34 -105.21 -7.50 -31.34
N ASN YB 35 -103.99 -7.98 -31.09
CA ASN YB 35 -103.68 -9.39 -31.17
C ASN YB 35 -104.28 -10.11 -29.97
N SER YB 36 -105.25 -10.97 -30.23
CA SER YB 36 -105.91 -11.76 -29.18
C SER YB 36 -106.51 -12.99 -29.82
N PHE YB 37 -106.64 -14.05 -29.02
CA PHE YB 37 -107.20 -15.30 -29.55
C PHE YB 37 -108.70 -15.18 -29.80
N ARG YB 38 -109.42 -14.53 -28.88
CA ARG YB 38 -110.88 -14.45 -29.02
C ARG YB 38 -111.28 -13.50 -30.13
N TYR YB 39 -110.44 -12.52 -30.43
CA TYR YB 39 -110.73 -11.49 -31.42
C TYR YB 39 -110.22 -11.82 -32.81
N ASN YB 40 -109.54 -12.97 -32.97
CA ASN YB 40 -108.96 -13.30 -34.26
C ASN YB 40 -110.02 -13.95 -35.15
N GLY YB 41 -110.11 -13.48 -36.38
CA GLY YB 41 -111.18 -13.90 -37.27
C GLY YB 41 -110.79 -14.90 -38.33
N LEU YB 42 -109.50 -14.95 -38.69
CA LEU YB 42 -109.07 -15.85 -39.75
C LEU YB 42 -109.04 -17.30 -39.28
N ILE YB 43 -108.97 -17.52 -37.97
CA ILE YB 43 -108.80 -18.87 -37.43
C ILE YB 43 -110.15 -19.54 -37.23
N HIS YB 44 -111.11 -18.84 -36.63
CA HIS YB 44 -112.37 -19.42 -36.19
C HIS YB 44 -113.24 -19.85 -37.36
N ARG YB 45 -114.04 -20.89 -37.11
CA ARG YB 45 -115.02 -21.33 -38.09
C ARG YB 45 -116.16 -20.33 -38.21
N LYS YB 46 -116.54 -19.70 -37.09
CA LYS YB 46 -117.61 -18.72 -37.04
C LYS YB 46 -117.00 -17.36 -36.76
N THR YB 47 -117.10 -16.45 -37.74
CA THR YB 47 -116.43 -15.15 -37.67
C THR YB 47 -117.40 -14.03 -38.03
N VAL YB 48 -117.55 -13.07 -37.11
CA VAL YB 48 -118.29 -11.83 -37.32
C VAL YB 48 -117.30 -10.70 -37.58
N GLY YB 49 -117.52 -9.96 -38.66
CA GLY YB 49 -116.73 -8.78 -38.94
C GLY YB 49 -117.59 -7.58 -39.28
N VAL YB 50 -117.18 -6.39 -38.84
CA VAL YB 50 -117.93 -5.16 -39.09
C VAL YB 50 -117.03 -4.22 -39.87
N GLU YB 51 -117.45 -3.85 -41.08
CA GLU YB 51 -116.67 -2.98 -41.94
C GLU YB 51 -117.52 -1.84 -42.47
N PRO YB 52 -116.90 -0.72 -42.85
CA PRO YB 52 -117.65 0.30 -43.59
C PRO YB 52 -117.96 -0.16 -45.00
N ALA YB 53 -119.04 0.38 -45.56
CA ALA YB 53 -119.52 -0.07 -46.86
C ALA YB 53 -118.64 0.46 -47.99
N ALA YB 54 -118.97 0.07 -49.21
CA ALA YB 54 -118.26 0.55 -50.39
C ALA YB 54 -118.52 2.04 -50.61
N ASP YB 55 -119.73 2.47 -50.31
CA ASP YB 55 -120.06 3.89 -50.38
C ASP YB 55 -119.72 4.57 -49.05
N GLY YB 56 -120.08 5.84 -48.95
CA GLY YB 56 -119.86 6.57 -47.71
C GLY YB 56 -120.85 6.19 -46.63
N LYS YB 57 -122.06 5.83 -47.04
CA LYS YB 57 -123.12 5.46 -46.09
C LYS YB 57 -123.28 3.95 -46.04
N GLY YB 58 -123.67 3.45 -44.87
CA GLY YB 58 -123.93 2.03 -44.70
C GLY YB 58 -122.80 1.29 -44.01
N VAL YB 59 -123.17 0.21 -43.35
CA VAL YB 59 -122.23 -0.66 -42.65
C VAL YB 59 -122.42 -2.09 -43.16
N VAL YB 60 -121.33 -2.72 -43.58
CA VAL YB 60 -121.39 -4.10 -44.06
C VAL YB 60 -120.95 -5.03 -42.93
N VAL YB 61 -121.61 -6.17 -42.86
CA VAL YB 61 -121.34 -7.22 -41.88
C VAL YB 61 -120.89 -8.45 -42.64
N VAL YB 62 -119.74 -8.99 -42.25
CA VAL YB 62 -119.13 -10.15 -42.87
C VAL YB 62 -119.36 -11.35 -41.96
N MET YB 63 -119.93 -12.41 -42.52
CA MET YB 63 -120.35 -13.60 -41.78
C MET YB 63 -119.65 -14.80 -42.39
N LYS YB 64 -118.83 -15.50 -41.60
CA LYS YB 64 -118.15 -16.70 -42.11
C LYS YB 64 -119.06 -17.91 -41.94
N ARG YB 65 -119.35 -18.60 -43.04
CA ARG YB 65 -120.17 -19.81 -42.96
C ARG YB 65 -119.30 -21.00 -42.61
N ARG YB 66 -119.94 -22.06 -42.11
CA ARG YB 66 -119.20 -23.21 -41.61
C ARG YB 66 -118.87 -24.24 -42.70
N SER YB 67 -119.53 -24.16 -43.86
CA SER YB 67 -119.35 -25.20 -44.87
C SER YB 67 -118.04 -25.04 -45.62
N GLY YB 68 -117.86 -23.92 -46.31
CA GLY YB 68 -116.67 -23.71 -47.11
C GLY YB 68 -115.51 -23.12 -46.32
N GLN YB 69 -114.91 -23.93 -45.44
CA GLN YB 69 -113.79 -23.45 -44.64
C GLN YB 69 -112.50 -23.44 -45.44
N ARG YB 70 -112.29 -24.45 -46.28
CA ARG YB 70 -111.11 -24.54 -47.13
C ARG YB 70 -111.29 -23.80 -48.46
N LYS YB 71 -112.42 -23.15 -48.67
CA LYS YB 71 -112.70 -22.39 -49.89
C LYS YB 71 -112.79 -20.91 -49.50
N PRO YB 72 -111.74 -20.13 -49.77
CA PRO YB 72 -111.73 -18.73 -49.31
C PRO YB 72 -112.71 -17.82 -50.04
N ALA YB 73 -113.14 -18.19 -51.25
CA ALA YB 73 -114.07 -17.34 -51.99
C ALA YB 73 -115.49 -17.47 -51.44
N THR YB 74 -115.89 -18.68 -51.08
CA THR YB 74 -117.24 -18.94 -50.57
C THR YB 74 -117.27 -19.08 -49.05
N SER YB 75 -116.23 -18.64 -48.35
CA SER YB 75 -116.22 -18.71 -46.89
C SER YB 75 -117.04 -17.58 -46.29
N TYR YB 76 -116.75 -16.34 -46.69
CA TYR YB 76 -117.37 -15.17 -46.12
C TYR YB 76 -118.52 -14.69 -46.98
N VAL YB 77 -119.57 -14.20 -46.33
CA VAL YB 77 -120.70 -13.58 -47.03
C VAL YB 77 -120.89 -12.18 -46.47
N ARG YB 78 -121.14 -11.22 -47.35
CA ARG YB 78 -121.21 -9.82 -46.97
C ARG YB 78 -122.64 -9.30 -47.12
N THR YB 79 -123.10 -8.59 -46.08
CA THR YB 79 -124.44 -8.01 -46.12
C THR YB 79 -124.35 -6.53 -45.79
N THR YB 80 -125.20 -5.72 -46.40
CA THR YB 80 -125.13 -4.27 -46.23
C THR YB 80 -126.36 -3.76 -45.48
N ILE YB 81 -126.12 -2.96 -44.43
CA ILE YB 81 -127.18 -2.29 -43.69
C ILE YB 81 -126.96 -0.79 -43.89
N ASN YB 82 -127.72 -0.19 -44.81
CA ASN YB 82 -127.72 1.25 -45.00
C ASN YB 82 -128.96 1.84 -44.32
N LYS YB 83 -129.01 1.66 -43.00
CA LYS YB 83 -130.17 2.06 -42.21
C LYS YB 83 -129.74 3.01 -41.09
N ASN YB 84 -130.72 3.45 -40.32
CA ASN YB 84 -130.50 4.41 -39.25
C ASN YB 84 -129.78 3.77 -38.06
N ALA YB 85 -129.47 4.62 -37.08
CA ALA YB 85 -128.49 4.29 -36.05
C ALA YB 85 -129.00 3.22 -35.08
N ARG YB 86 -130.27 3.31 -34.69
CA ARG YB 86 -130.80 2.35 -33.74
C ARG YB 86 -131.03 0.99 -34.39
N ALA YB 87 -131.63 0.98 -35.59
CA ALA YB 87 -131.98 -0.29 -36.21
C ALA YB 87 -130.78 -0.99 -36.81
N THR YB 88 -129.69 -0.27 -37.14
CA THR YB 88 -128.48 -0.93 -37.61
C THR YB 88 -127.83 -1.76 -36.51
N LEU YB 89 -127.63 -1.15 -35.34
CA LEU YB 89 -127.09 -1.86 -34.18
C LEU YB 89 -128.04 -2.94 -33.69
N SER YB 90 -129.36 -2.71 -33.77
CA SER YB 90 -130.31 -3.73 -33.38
C SER YB 90 -130.29 -4.91 -34.35
N SER YB 91 -130.10 -4.65 -35.64
CA SER YB 91 -130.01 -5.72 -36.62
C SER YB 91 -128.74 -6.56 -36.41
N ILE YB 92 -127.63 -5.90 -36.09
CA ILE YB 92 -126.40 -6.64 -35.81
C ILE YB 92 -126.50 -7.46 -34.53
N ARG YB 93 -127.14 -6.89 -33.49
CA ARG YB 93 -127.35 -7.63 -32.25
C ARG YB 93 -128.28 -8.82 -32.45
N HIS YB 94 -129.28 -8.68 -33.33
CA HIS YB 94 -130.16 -9.82 -33.63
C HIS YB 94 -129.48 -10.83 -34.55
N MET YB 95 -128.49 -10.39 -35.33
CA MET YB 95 -127.68 -11.35 -36.09
C MET YB 95 -126.84 -12.21 -35.17
N ILE YB 96 -126.18 -11.59 -34.20
CA ILE YB 96 -125.19 -12.34 -33.41
C ILE YB 96 -125.85 -13.09 -32.25
N ARG YB 97 -126.84 -12.47 -31.59
CA ARG YB 97 -127.43 -13.08 -30.40
C ARG YB 97 -128.37 -14.24 -30.76
N LYS YB 98 -129.43 -13.95 -31.51
CA LYS YB 98 -130.52 -14.91 -31.65
C LYS YB 98 -130.21 -16.04 -32.62
N ASN YB 99 -129.19 -15.90 -33.46
CA ASN YB 99 -128.81 -16.96 -34.37
C ASN YB 99 -127.79 -17.92 -33.78
N LYS YB 100 -127.36 -17.68 -32.53
CA LYS YB 100 -126.32 -18.45 -31.83
C LYS YB 100 -125.02 -18.51 -32.63
N TYR YB 101 -124.64 -17.38 -33.22
CA TYR YB 101 -123.47 -17.30 -34.09
C TYR YB 101 -122.40 -16.49 -33.36
N HIS YB 102 -121.57 -17.19 -32.59
CA HIS YB 102 -120.42 -16.71 -31.83
C HIS YB 102 -120.80 -15.55 -30.91
N PRO YB 103 -121.52 -15.81 -29.82
CA PRO YB 103 -122.08 -14.70 -29.01
C PRO YB 103 -121.05 -13.94 -28.20
N ASP YB 104 -119.78 -14.34 -28.22
CA ASP YB 104 -118.77 -13.69 -27.39
C ASP YB 104 -118.30 -12.35 -27.96
N LEU YB 105 -118.68 -12.04 -29.20
CA LEU YB 105 -118.17 -10.86 -29.89
C LEU YB 105 -119.27 -9.85 -30.28
N ARG YB 106 -120.48 -10.04 -29.75
CA ARG YB 106 -121.59 -9.15 -30.10
C ARG YB 106 -121.37 -7.74 -29.59
N MET YB 107 -120.81 -7.60 -28.38
CA MET YB 107 -120.66 -6.27 -27.82
C MET YB 107 -119.54 -5.52 -28.51
N ALA YB 108 -118.45 -6.22 -28.86
CA ALA YB 108 -117.38 -5.58 -29.62
C ALA YB 108 -117.82 -5.23 -31.04
N ALA YB 109 -118.69 -6.05 -31.64
CA ALA YB 109 -119.22 -5.71 -32.96
C ALA YB 109 -120.15 -4.51 -32.89
N ILE YB 110 -120.93 -4.39 -31.80
CA ILE YB 110 -121.78 -3.23 -31.62
C ILE YB 110 -120.96 -1.96 -31.40
N ARG YB 111 -119.85 -2.07 -30.65
CA ARG YB 111 -118.96 -0.92 -30.48
C ARG YB 111 -118.29 -0.52 -31.78
N ARG YB 112 -117.87 -1.50 -32.59
CA ARG YB 112 -117.24 -1.19 -33.87
C ARG YB 112 -118.24 -0.60 -34.86
N ALA YB 113 -119.49 -1.06 -34.80
CA ALA YB 113 -120.53 -0.46 -35.63
C ALA YB 113 -120.82 0.98 -35.21
N SER YB 114 -120.82 1.25 -33.90
CA SER YB 114 -120.95 2.63 -33.42
C SER YB 114 -119.78 3.50 -33.88
N ALA YB 115 -118.56 2.94 -33.92
CA ALA YB 115 -117.41 3.68 -34.41
C ALA YB 115 -117.50 3.97 -35.91
N ILE YB 116 -118.00 3.02 -36.69
CA ILE YB 116 -118.15 3.26 -38.14
C ILE YB 116 -119.26 4.26 -38.40
N LEU YB 117 -120.32 4.26 -37.58
CA LEU YB 117 -121.35 5.28 -37.66
C LEU YB 117 -120.81 6.66 -37.30
N ARG YB 118 -119.95 6.75 -36.28
CA ARG YB 118 -119.31 8.01 -35.92
C ARG YB 118 -118.35 8.47 -37.02
N SER YB 119 -117.75 7.52 -37.75
CA SER YB 119 -116.87 7.86 -38.86
C SER YB 119 -117.66 8.40 -40.05
N GLN YB 120 -118.75 7.74 -40.42
CA GLN YB 120 -119.51 8.15 -41.59
C GLN YB 120 -120.45 9.31 -41.30
N LYS YB 121 -120.64 9.66 -40.03
CA LYS YB 121 -121.31 10.90 -39.69
C LYS YB 121 -120.47 12.09 -40.15
N PRO YB 122 -121.10 13.12 -40.72
CA PRO YB 122 -120.32 14.29 -41.17
C PRO YB 122 -119.69 15.05 -40.02
N VAL YB 123 -118.49 15.58 -40.27
CA VAL YB 123 -117.71 16.23 -39.22
C VAL YB 123 -118.32 17.60 -38.90
N MET YB 124 -118.18 18.01 -37.64
CA MET YB 124 -118.74 19.27 -37.19
C MET YB 124 -117.92 20.45 -37.72
N ASP ZB 1 -48.34 7.84 85.02
CA ASP ZB 1 -48.29 8.93 84.04
C ASP ZB 1 -48.56 10.29 84.67
N ARG ZB 2 -49.00 11.24 83.84
CA ARG ZB 2 -49.27 12.60 84.32
C ARG ZB 2 -50.50 12.66 85.20
N ALA ZB 3 -51.52 11.84 84.90
CA ALA ZB 3 -52.74 11.85 85.70
C ALA ZB 3 -52.50 11.26 87.09
N THR ZB 4 -51.59 10.28 87.20
CA THR ZB 4 -51.21 9.77 88.50
C THR ZB 4 -50.25 10.71 89.21
N TRP ZB 5 -49.43 11.43 88.44
CA TRP ZB 5 -48.53 12.42 89.03
C TRP ZB 5 -49.29 13.59 89.65
N LYS ZB 6 -50.40 14.00 89.03
CA LYS ZB 6 -51.24 15.05 89.59
C LYS ZB 6 -51.85 14.62 90.92
N SER ZB 7 -52.36 13.39 90.99
CA SER ZB 7 -52.92 12.87 92.24
C SER ZB 7 -51.84 12.67 93.29
N ASN ZB 8 -50.62 12.34 92.87
CA ASN ZB 8 -49.49 12.26 93.79
C ASN ZB 8 -49.17 13.63 94.37
N TYR ZB 9 -49.26 14.69 93.55
CA TYR ZB 9 -49.03 16.04 94.08
C TYR ZB 9 -50.17 16.48 95.00
N PHE ZB 10 -51.40 16.05 94.72
CA PHE ZB 10 -52.49 16.31 95.65
C PHE ZB 10 -52.28 15.59 96.99
N LEU ZB 11 -51.77 14.35 96.94
CA LEU ZB 11 -51.45 13.63 98.18
C LEU ZB 11 -50.27 14.25 98.90
N LYS ZB 12 -49.37 14.92 98.18
CA LYS ZB 12 -48.30 15.67 98.84
C LYS ZB 12 -48.82 16.93 99.50
N ILE ZB 13 -49.71 17.67 98.82
CA ILE ZB 13 -50.14 18.96 99.35
C ILE ZB 13 -51.12 18.78 100.51
N ILE ZB 14 -51.92 17.71 100.50
CA ILE ZB 14 -52.80 17.47 101.66
C ILE ZB 14 -51.98 17.05 102.87
N GLN ZB 15 -50.87 16.32 102.65
CA GLN ZB 15 -50.02 15.91 103.76
C GLN ZB 15 -49.25 17.10 104.32
N LEU ZB 16 -48.75 17.98 103.45
CA LEU ZB 16 -48.01 19.14 103.93
C LEU ZB 16 -48.92 20.16 104.62
N LEU ZB 17 -50.15 20.32 104.13
CA LEU ZB 17 -51.07 21.25 104.79
C LEU ZB 17 -51.66 20.66 106.07
N ASP ZB 18 -51.67 19.34 106.19
CA ASP ZB 18 -52.07 18.74 107.46
C ASP ZB 18 -50.90 18.71 108.45
N ASP ZB 19 -49.67 18.77 107.94
CA ASP ZB 19 -48.51 18.69 108.82
C ASP ZB 19 -48.13 20.07 109.35
N TYR ZB 20 -48.04 21.06 108.46
CA TYR ZB 20 -47.50 22.37 108.85
C TYR ZB 20 -48.55 23.45 108.66
N PRO ZB 21 -49.21 23.92 109.72
CA PRO ZB 21 -50.12 25.08 109.57
C PRO ZB 21 -49.41 26.41 109.73
N LYS ZB 22 -48.26 26.58 109.08
CA LYS ZB 22 -47.49 27.82 109.12
C LYS ZB 22 -46.55 27.82 107.94
N CYS ZB 23 -46.73 28.76 107.01
CA CYS ZB 23 -46.03 28.72 105.74
C CYS ZB 23 -45.58 30.11 105.30
N PHE ZB 24 -44.56 30.13 104.45
CA PHE ZB 24 -44.03 31.34 103.84
C PHE ZB 24 -44.42 31.34 102.36
N ILE ZB 25 -45.08 32.41 101.92
CA ILE ZB 25 -45.37 32.61 100.51
C ILE ZB 25 -44.22 33.40 99.89
N VAL ZB 26 -43.38 32.73 99.10
CA VAL ZB 26 -42.19 33.34 98.54
C VAL ZB 26 -42.36 33.52 97.05
N GLY ZB 27 -41.61 34.48 96.50
CA GLY ZB 27 -41.62 34.73 95.08
C GLY ZB 27 -40.29 34.38 94.42
N ALA ZB 28 -40.27 33.30 93.65
CA ALA ZB 28 -39.05 32.84 92.98
C ALA ZB 28 -38.89 33.64 91.70
N ASP ZB 29 -38.10 34.71 91.77
CA ASP ZB 29 -37.81 35.55 90.60
C ASP ZB 29 -36.46 35.12 90.03
N ASN ZB 30 -36.50 34.62 88.77
CA ASN ZB 30 -35.38 34.26 87.87
C ASN ZB 30 -34.18 33.62 88.58
N VAL ZB 31 -34.46 32.69 89.49
CA VAL ZB 31 -33.44 32.04 90.31
C VAL ZB 31 -32.90 30.82 89.56
N GLY ZB 32 -31.61 30.52 89.76
CA GLY ZB 32 -31.02 29.36 89.12
C GLY ZB 32 -31.26 28.08 89.88
N SER ZB 33 -31.13 26.96 89.15
CA SER ZB 33 -31.37 25.65 89.73
C SER ZB 33 -30.27 25.25 90.70
N LYS ZB 34 -29.02 25.65 90.43
CA LYS ZB 34 -27.94 25.39 91.38
C LYS ZB 34 -28.14 26.20 92.66
N GLN ZB 35 -28.65 27.42 92.52
CA GLN ZB 35 -28.98 28.24 93.70
C GLN ZB 35 -30.12 27.62 94.49
N MET ZB 36 -31.13 27.06 93.80
CA MET ZB 36 -32.22 26.39 94.50
C MET ZB 36 -31.74 25.11 95.18
N GLN ZB 37 -30.77 24.40 94.57
CA GLN ZB 37 -30.20 23.23 95.23
C GLN ZB 37 -29.37 23.63 96.45
N GLN ZB 38 -28.71 24.79 96.40
CA GLN ZB 38 -28.03 25.29 97.58
C GLN ZB 38 -29.01 25.73 98.66
N ILE ZB 39 -30.17 26.28 98.27
CA ILE ZB 39 -31.22 26.60 99.23
C ILE ZB 39 -31.77 25.33 99.88
N ARG ZB 40 -31.90 24.25 99.10
CA ARG ZB 40 -32.31 22.96 99.67
C ARG ZB 40 -31.25 22.38 100.61
N MET ZB 41 -29.97 22.47 100.22
CA MET ZB 41 -28.90 21.95 101.07
C MET ZB 41 -28.74 22.76 102.35
N SER ZB 42 -29.12 24.04 102.30
CA SER ZB 42 -29.15 24.85 103.52
C SER ZB 42 -30.34 24.49 104.39
N LEU ZB 43 -31.56 24.70 103.88
CA LEU ZB 43 -32.77 24.40 104.63
C LEU ZB 43 -33.34 23.04 104.28
N ARG ZB 44 -32.53 21.98 104.43
CA ARG ZB 44 -33.01 20.62 104.18
C ARG ZB 44 -34.00 20.16 105.24
N GLY ZB 45 -33.58 20.13 106.50
CA GLY ZB 45 -34.35 19.47 107.54
C GLY ZB 45 -35.57 20.20 108.05
N LYS ZB 46 -35.38 21.42 108.56
CA LYS ZB 46 -36.46 22.08 109.28
C LYS ZB 46 -37.44 22.78 108.33
N ALA ZB 47 -37.02 23.03 107.09
CA ALA ZB 47 -37.88 23.69 106.12
C ALA ZB 47 -38.09 22.80 104.91
N VAL ZB 48 -39.26 22.95 104.29
CA VAL ZB 48 -39.64 22.21 103.09
C VAL ZB 48 -40.04 23.22 102.02
N VAL ZB 49 -39.36 23.18 100.88
CA VAL ZB 49 -39.64 24.10 99.77
C VAL ZB 49 -40.49 23.38 98.73
N LEU ZB 50 -41.57 24.03 98.31
CA LEU ZB 50 -42.51 23.42 97.38
C LEU ZB 50 -42.89 24.42 96.30
N MET ZB 51 -42.96 23.93 95.06
CA MET ZB 51 -43.43 24.70 93.91
C MET ZB 51 -44.59 23.93 93.30
N GLY ZB 52 -45.04 24.39 92.14
CA GLY ZB 52 -46.06 23.67 91.40
C GLY ZB 52 -46.91 24.61 90.58
N LYS ZB 53 -47.93 24.02 89.94
CA LYS ZB 53 -48.91 24.80 89.19
C LYS ZB 53 -49.83 25.55 90.15
N ASN ZB 54 -49.89 26.87 89.98
CA ASN ZB 54 -50.63 27.72 90.90
C ASN ZB 54 -52.13 27.45 90.85
N THR ZB 55 -52.68 27.15 89.67
CA THR ZB 55 -54.09 26.79 89.58
C THR ZB 55 -54.35 25.40 90.18
N MET ZB 56 -53.35 24.52 90.16
CA MET ZB 56 -53.48 23.24 90.84
C MET ZB 56 -53.52 23.42 92.35
N MET ZB 57 -52.69 24.34 92.88
CA MET ZB 57 -52.81 24.70 94.29
C MET ZB 57 -54.13 25.39 94.59
N ARG ZB 58 -54.67 26.15 93.62
CA ARG ZB 58 -55.99 26.78 93.79
C ARG ZB 58 -57.08 25.73 93.94
N LYS ZB 59 -57.07 24.70 93.07
CA LYS ZB 59 -58.06 23.63 93.19
C LYS ZB 59 -57.85 22.81 94.45
N ALA ZB 60 -56.60 22.61 94.88
CA ALA ZB 60 -56.33 21.91 96.13
C ALA ZB 60 -56.88 22.66 97.33
N ILE ZB 61 -56.72 23.99 97.34
CA ILE ZB 61 -57.23 24.79 98.46
C ILE ZB 61 -58.76 24.86 98.41
N ARG ZB 62 -59.36 24.91 97.21
CA ARG ZB 62 -60.81 24.80 97.09
C ARG ZB 62 -61.32 23.45 97.58
N GLY ZB 63 -60.51 22.39 97.44
CA GLY ZB 63 -60.88 21.11 98.03
C GLY ZB 63 -60.72 21.10 99.54
N HIS ZB 64 -59.71 21.83 100.05
CA HIS ZB 64 -59.53 21.91 101.50
C HIS ZB 64 -60.59 22.76 102.18
N LEU ZB 65 -61.24 23.66 101.43
CA LEU ZB 65 -62.25 24.56 102.01
C LEU ZB 65 -63.49 23.85 102.54
N GLU ZB 66 -63.72 22.60 102.16
CA GLU ZB 66 -64.86 21.87 102.69
C GLU ZB 66 -64.64 21.48 104.15
N ASN ZB 67 -63.38 21.33 104.56
CA ASN ZB 67 -63.06 20.96 105.94
C ASN ZB 67 -62.49 22.13 106.74
N ASN ZB 68 -61.47 22.80 106.19
CA ASN ZB 68 -60.79 23.88 106.90
C ASN ZB 68 -61.03 25.20 106.20
N PRO ZB 69 -61.90 26.08 106.72
CA PRO ZB 69 -62.10 27.39 106.09
C PRO ZB 69 -60.99 28.40 106.38
N ALA ZB 70 -59.98 28.04 107.19
CA ALA ZB 70 -58.96 29.02 107.58
C ALA ZB 70 -57.96 29.28 106.45
N LEU ZB 71 -57.93 28.41 105.44
CA LEU ZB 71 -57.03 28.57 104.31
C LEU ZB 71 -57.68 29.35 103.15
N GLU ZB 72 -58.67 30.19 103.45
CA GLU ZB 72 -59.42 30.85 102.39
C GLU ZB 72 -58.64 32.00 101.75
N LYS ZB 73 -57.89 32.76 102.54
CA LYS ZB 73 -57.24 33.96 102.03
C LYS ZB 73 -55.94 33.69 101.28
N LEU ZB 74 -55.58 32.41 101.07
CA LEU ZB 74 -54.36 32.11 100.32
C LEU ZB 74 -54.61 32.13 98.81
N LEU ZB 75 -55.88 32.16 98.39
CA LEU ZB 75 -56.19 32.07 96.97
C LEU ZB 75 -55.87 33.33 96.17
N PRO ZB 76 -56.31 34.56 96.53
CA PRO ZB 76 -55.97 35.70 95.66
C PRO ZB 76 -54.53 36.16 95.79
N HIS ZB 77 -53.82 35.74 96.85
CA HIS ZB 77 -52.44 36.17 97.04
C HIS ZB 77 -51.46 35.44 96.13
N ILE ZB 78 -51.85 34.29 95.59
CA ILE ZB 78 -50.98 33.55 94.67
C ILE ZB 78 -51.12 34.17 93.28
N ARG ZB 79 -50.24 35.13 92.98
CA ARG ZB 79 -50.15 35.72 91.66
C ARG ZB 79 -48.67 35.80 91.28
N GLY ZB 80 -48.34 35.24 90.12
CA GLY ZB 80 -46.96 35.19 89.69
C GLY ZB 80 -46.28 33.89 90.10
N ASN ZB 81 -44.96 33.91 90.03
CA ASN ZB 81 -44.15 32.75 90.38
C ASN ZB 81 -44.13 32.63 91.91
N VAL ZB 82 -45.01 31.80 92.44
CA VAL ZB 82 -45.28 31.73 93.87
C VAL ZB 82 -44.96 30.34 94.40
N GLY ZB 83 -44.17 30.28 95.48
CA GLY ZB 83 -43.82 29.02 96.09
C GLY ZB 83 -44.08 29.03 97.58
N PHE ZB 84 -44.07 27.84 98.17
CA PHE ZB 84 -44.40 27.63 99.56
C PHE ZB 84 -43.19 27.14 100.34
N VAL ZB 85 -43.03 27.68 101.56
CA VAL ZB 85 -41.99 27.20 102.47
C VAL ZB 85 -42.65 26.78 103.78
N PHE ZB 86 -42.67 25.49 104.06
CA PHE ZB 86 -43.30 24.98 105.27
C PHE ZB 86 -42.27 24.69 106.35
N THR ZB 87 -42.62 25.11 107.58
CA THR ZB 87 -41.77 24.84 108.74
C THR ZB 87 -42.63 24.90 110.00
N LYS ZB 88 -42.06 24.45 111.11
CA LYS ZB 88 -42.76 24.41 112.39
C LYS ZB 88 -41.94 25.00 113.54
N GLU ZB 89 -40.61 24.90 113.47
CA GLU ZB 89 -39.77 25.22 114.63
C GLU ZB 89 -39.66 26.73 114.84
N ASP ZB 90 -39.24 27.46 113.81
CA ASP ZB 90 -39.03 28.89 113.95
C ASP ZB 90 -39.34 29.56 112.61
N LEU ZB 91 -39.59 30.87 112.66
CA LEU ZB 91 -39.93 31.60 111.45
C LEU ZB 91 -38.93 32.70 111.10
N THR ZB 92 -38.44 33.44 112.10
CA THR ZB 92 -37.60 34.61 111.81
C THR ZB 92 -36.18 34.20 111.43
N GLU ZB 93 -35.70 33.06 111.94
CA GLU ZB 93 -34.38 32.59 111.58
C GLU ZB 93 -34.36 32.03 110.16
N ILE ZB 94 -35.43 31.34 109.76
CA ILE ZB 94 -35.56 30.86 108.39
C ILE ZB 94 -35.77 32.03 107.43
N ARG ZB 95 -36.48 33.08 107.87
CA ARG ZB 95 -36.60 34.28 107.05
C ARG ZB 95 -35.25 34.97 106.86
N ASP ZB 96 -34.43 35.03 107.93
CA ASP ZB 96 -33.10 35.60 107.81
C ASP ZB 96 -32.19 34.76 106.92
N MET ZB 97 -32.32 33.43 106.98
CA MET ZB 97 -31.53 32.56 106.12
C MET ZB 97 -31.94 32.67 104.66
N LEU ZB 98 -33.25 32.83 104.41
CA LEU ZB 98 -33.71 33.02 103.03
C LEU ZB 98 -33.31 34.39 102.50
N LEU ZB 99 -33.20 35.38 103.38
CA LEU ZB 99 -32.64 36.66 102.98
C LEU ZB 99 -31.14 36.55 102.74
N ALA ZB 100 -30.47 35.64 103.44
CA ALA ZB 100 -29.01 35.58 103.39
C ALA ZB 100 -28.50 34.81 102.17
N ASN ZB 101 -29.11 33.67 101.85
CA ASN ZB 101 -28.54 32.77 100.84
C ASN ZB 101 -28.75 33.32 99.42
N LYS ZB 102 -27.83 34.18 98.98
CA LYS ZB 102 -27.89 34.78 97.66
C LYS ZB 102 -26.57 34.56 96.94
N VAL ZB 103 -26.65 34.22 95.66
CA VAL ZB 103 -25.49 33.95 94.82
C VAL ZB 103 -25.47 34.98 93.69
N PRO ZB 104 -24.35 35.67 93.46
CA PRO ZB 104 -24.31 36.72 92.42
C PRO ZB 104 -24.33 36.13 91.02
N ALA ZB 105 -25.30 36.57 90.22
CA ALA ZB 105 -25.42 36.16 88.82
C ALA ZB 105 -25.18 37.36 87.91
N ALA ZB 106 -25.37 37.14 86.61
CA ALA ZB 106 -25.17 38.22 85.64
C ALA ZB 106 -26.36 39.17 85.63
N ALA ZB 107 -26.10 40.41 85.25
CA ALA ZB 107 -27.14 41.43 85.24
C ALA ZB 107 -28.01 41.30 83.98
N ARG ZB 108 -29.32 41.32 84.17
CA ARG ZB 108 -30.25 41.20 83.06
C ARG ZB 108 -30.44 42.56 82.38
N ALA ZB 109 -30.37 42.58 81.05
CA ALA ZB 109 -30.48 43.81 80.29
C ALA ZB 109 -31.95 44.04 79.91
N GLY ZB 110 -32.63 44.82 80.75
CA GLY ZB 110 -34.02 45.14 80.51
C GLY ZB 110 -34.87 45.11 81.77
N ALA ZB 111 -34.44 44.32 82.76
CA ALA ZB 111 -35.19 44.19 83.99
C ALA ZB 111 -35.00 45.44 84.86
N ILE ZB 112 -35.86 45.56 85.87
CA ILE ZB 112 -35.80 46.71 86.77
C ILE ZB 112 -34.73 46.47 87.84
N ALA ZB 113 -34.34 47.56 88.51
CA ALA ZB 113 -33.34 47.51 89.56
C ALA ZB 113 -33.97 47.93 90.89
N PRO ZB 114 -33.70 47.23 91.99
CA PRO ZB 114 -34.30 47.64 93.26
C PRO ZB 114 -33.67 48.88 93.86
N CYS ZB 115 -32.36 49.04 93.76
CA CYS ZB 115 -31.65 50.17 94.35
C CYS ZB 115 -30.61 50.71 93.36
N GLU ZB 116 -29.75 51.59 93.87
CA GLU ZB 116 -28.75 52.24 93.02
C GLU ZB 116 -27.57 51.32 92.75
N VAL ZB 117 -26.94 51.52 91.60
CA VAL ZB 117 -25.73 50.79 91.21
C VAL ZB 117 -24.56 51.76 91.19
N THR ZB 118 -23.50 51.44 91.93
CA THR ZB 118 -22.32 52.27 92.01
C THR ZB 118 -21.13 51.53 91.39
N VAL ZB 119 -20.25 52.29 90.76
CA VAL ZB 119 -19.07 51.72 90.11
C VAL ZB 119 -17.82 52.25 90.81
N PRO ZB 120 -17.12 51.44 91.59
CA PRO ZB 120 -15.88 51.90 92.22
C PRO ZB 120 -14.75 52.07 91.21
N ALA ZB 121 -13.72 52.78 91.64
CA ALA ZB 121 -12.55 53.03 90.81
C ALA ZB 121 -11.68 51.77 90.80
N GLN ZB 122 -11.75 51.03 89.70
CA GLN ZB 122 -10.98 49.80 89.55
C GLN ZB 122 -10.71 49.58 88.07
N ASN ZB 123 -9.49 49.14 87.77
CA ASN ZB 123 -9.10 48.89 86.39
C ASN ZB 123 -9.81 47.66 85.82
N THR ZB 124 -9.80 47.54 84.49
CA THR ZB 124 -10.49 46.44 83.83
C THR ZB 124 -9.73 45.13 84.01
N GLY ZB 125 -8.40 45.20 84.01
CA GLY ZB 125 -7.59 44.01 84.05
C GLY ZB 125 -7.38 43.45 82.66
N LEU ZB 126 -7.44 44.34 81.67
CA LEU ZB 126 -7.31 43.97 80.27
C LEU ZB 126 -6.34 44.93 79.60
N GLY ZB 127 -6.22 44.78 78.28
CA GLY ZB 127 -5.39 45.66 77.49
C GLY ZB 127 -6.14 46.89 77.03
N PRO ZB 128 -5.51 47.71 76.20
CA PRO ZB 128 -6.22 48.85 75.62
C PRO ZB 128 -7.16 48.44 74.50
N GLU ZB 129 -8.47 48.47 74.76
CA GLU ZB 129 -9.47 48.24 73.74
C GLU ZB 129 -10.16 49.56 73.40
N LYS ZB 130 -11.23 49.45 72.61
CA LYS ZB 130 -12.00 50.63 72.21
C LYS ZB 130 -12.71 51.22 73.43
N THR ZB 131 -12.37 52.46 73.76
CA THR ZB 131 -12.97 53.14 74.90
C THR ZB 131 -14.28 53.82 74.57
N SER ZB 132 -14.79 53.68 73.35
CA SER ZB 132 -16.05 54.31 72.98
C SER ZB 132 -17.24 53.68 73.68
N PHE ZB 133 -17.15 52.38 73.99
CA PHE ZB 133 -18.24 51.70 74.69
C PHE ZB 133 -18.36 52.18 76.13
N PHE ZB 134 -17.26 52.67 76.71
CA PHE ZB 134 -17.33 53.24 78.05
C PHE ZB 134 -17.66 54.73 78.00
N GLN ZB 135 -17.16 55.44 76.98
CA GLN ZB 135 -17.34 56.88 76.91
C GLN ZB 135 -18.64 57.30 76.23
N ALA ZB 136 -19.42 56.36 75.69
CA ALA ZB 136 -20.70 56.73 75.08
C ALA ZB 136 -21.73 57.09 76.14
N LEU ZB 137 -21.70 56.39 77.27
CA LEU ZB 137 -22.66 56.66 78.35
C LEU ZB 137 -22.29 57.94 79.10
N GLY ZB 138 -21.00 58.25 79.16
CA GLY ZB 138 -20.54 59.44 79.86
C GLY ZB 138 -19.77 59.12 81.13
N ILE ZB 139 -19.09 57.98 81.15
CA ILE ZB 139 -18.31 57.53 82.30
C ILE ZB 139 -16.88 58.03 82.11
N THR ZB 140 -16.31 58.61 83.16
CA THR ZB 140 -14.94 59.13 83.10
C THR ZB 140 -13.97 57.97 83.12
N THR ZB 141 -13.65 57.45 81.93
CA THR ZB 141 -12.75 56.31 81.77
C THR ZB 141 -11.54 56.77 80.97
N LYS ZB 142 -10.39 56.85 81.63
CA LYS ZB 142 -9.16 57.28 80.99
C LYS ZB 142 -8.23 56.09 80.79
N ILE ZB 143 -7.36 56.21 79.78
CA ILE ZB 143 -6.34 55.20 79.53
C ILE ZB 143 -5.13 55.61 80.37
N SER ZB 144 -5.15 55.17 81.63
CA SER ZB 144 -4.07 55.47 82.58
C SER ZB 144 -3.06 54.32 82.48
N ARG ZB 145 -2.07 54.52 81.61
CA ARG ZB 145 -1.00 53.57 81.30
C ARG ZB 145 -1.55 52.21 80.87
N GLY ZB 146 -2.32 52.20 79.78
CA GLY ZB 146 -2.84 50.96 79.24
C GLY ZB 146 -4.21 50.55 79.76
N THR ZB 147 -4.31 50.36 81.06
CA THR ZB 147 -5.55 49.89 81.67
C THR ZB 147 -6.58 51.01 81.70
N ILE ZB 148 -7.80 50.70 81.27
CA ILE ZB 148 -8.90 51.65 81.30
C ILE ZB 148 -9.37 51.80 82.74
N GLU ZB 149 -9.20 52.99 83.31
CA GLU ZB 149 -9.52 53.23 84.70
C GLU ZB 149 -10.60 54.29 84.82
N ILE ZB 150 -11.53 54.07 85.76
CA ILE ZB 150 -12.60 55.00 86.06
C ILE ZB 150 -12.10 56.00 87.09
N LEU ZB 151 -12.09 57.28 86.72
CA LEU ZB 151 -11.56 58.31 87.62
C LEU ZB 151 -12.58 58.71 88.67
N SER ZB 152 -13.76 59.16 88.24
CA SER ZB 152 -14.78 59.66 89.14
C SER ZB 152 -15.90 58.63 89.29
N ASP ZB 153 -16.35 58.45 90.53
CA ASP ZB 153 -17.43 57.52 90.82
C ASP ZB 153 -18.76 58.13 90.41
N VAL ZB 154 -19.42 57.54 89.41
CA VAL ZB 154 -20.68 58.02 88.88
C VAL ZB 154 -21.71 56.91 88.97
N GLN ZB 155 -22.85 57.19 89.60
CA GLN ZB 155 -23.93 56.23 89.72
C GLN ZB 155 -24.61 56.07 88.37
N LEU ZB 156 -24.59 54.87 87.82
CA LEU ZB 156 -25.17 54.63 86.50
C LEU ZB 156 -26.68 54.37 86.60
N ILE ZB 157 -27.07 53.32 87.30
CA ILE ZB 157 -28.47 52.91 87.38
C ILE ZB 157 -29.06 53.40 88.69
N LYS ZB 158 -30.17 54.12 88.59
CA LYS ZB 158 -30.85 54.67 89.75
C LYS ZB 158 -31.93 53.70 90.25
N THR ZB 159 -32.68 54.14 91.25
CA THR ZB 159 -33.76 53.33 91.80
C THR ZB 159 -34.95 53.34 90.85
N GLY ZB 160 -35.36 52.15 90.42
CA GLY ZB 160 -36.47 52.02 89.49
C GLY ZB 160 -36.12 52.50 88.09
N ASP ZB 161 -35.15 51.85 87.47
CA ASP ZB 161 -34.68 52.24 86.15
C ASP ZB 161 -34.41 50.98 85.33
N LYS ZB 162 -34.70 51.06 84.04
CA LYS ZB 162 -34.47 49.94 83.13
C LYS ZB 162 -32.99 49.78 82.85
N VAL ZB 163 -32.50 48.55 82.93
CA VAL ZB 163 -31.08 48.27 82.71
C VAL ZB 163 -30.83 48.13 81.22
N GLY ZB 164 -29.95 48.98 80.69
CA GLY ZB 164 -29.64 48.93 79.28
C GLY ZB 164 -28.63 47.86 78.94
N ALA ZB 165 -28.64 47.45 77.67
CA ALA ZB 165 -27.70 46.44 77.20
C ALA ZB 165 -26.28 46.97 77.15
N SER ZB 166 -26.11 48.23 76.76
CA SER ZB 166 -24.78 48.82 76.66
C SER ZB 166 -24.16 49.02 78.04
N GLU ZB 167 -24.99 49.27 79.05
CA GLU ZB 167 -24.46 49.40 80.41
C GLU ZB 167 -24.41 48.05 81.12
N ALA ZB 168 -25.09 47.03 80.57
CA ALA ZB 168 -25.02 45.70 81.17
C ALA ZB 168 -23.80 44.94 80.68
N THR ZB 169 -23.42 45.11 79.41
CA THR ZB 169 -22.26 44.40 78.87
C THR ZB 169 -20.96 44.90 79.47
N LEU ZB 170 -20.88 46.19 79.81
CA LEU ZB 170 -19.67 46.69 80.46
C LEU ZB 170 -19.55 46.16 81.88
N LEU ZB 171 -20.66 45.99 82.59
CA LEU ZB 171 -20.61 45.37 83.91
C LEU ZB 171 -20.29 43.88 83.82
N ASN ZB 172 -20.75 43.22 82.75
CA ASN ZB 172 -20.41 41.82 82.54
C ASN ZB 172 -18.93 41.65 82.19
N MET ZB 173 -18.34 42.63 81.50
CA MET ZB 173 -16.90 42.57 81.22
C MET ZB 173 -16.08 42.93 82.45
N LEU ZB 174 -16.58 43.84 83.28
CA LEU ZB 174 -15.87 44.19 84.51
C LEU ZB 174 -16.07 43.15 85.61
N ASN ZB 175 -17.03 42.23 85.44
CA ASN ZB 175 -17.28 41.10 86.34
C ASN ZB 175 -17.65 41.56 87.75
N ILE ZB 176 -18.45 42.62 87.84
CA ILE ZB 176 -18.94 43.13 89.12
C ILE ZB 176 -20.47 43.08 89.04
N SER ZB 177 -21.06 42.13 89.78
CA SER ZB 177 -22.51 41.99 89.76
C SER ZB 177 -23.16 43.09 90.58
N PRO ZB 178 -24.17 43.78 90.02
CA PRO ZB 178 -24.81 44.87 90.77
C PRO ZB 178 -25.69 44.38 91.93
N PHE ZB 179 -26.48 43.33 91.70
CA PHE ZB 179 -27.35 42.79 92.74
C PHE ZB 179 -27.44 41.28 92.57
N SER ZB 180 -27.14 40.55 93.65
CA SER ZB 180 -27.27 39.11 93.66
C SER ZB 180 -28.74 38.71 93.73
N PHE ZB 181 -29.14 37.76 92.90
CA PHE ZB 181 -30.54 37.37 92.82
C PHE ZB 181 -30.91 36.41 93.94
N GLY ZB 182 -32.18 36.43 94.30
CA GLY ZB 182 -32.69 35.57 95.36
C GLY ZB 182 -34.19 35.69 95.44
N LEU ZB 183 -34.78 34.76 96.20
CA LEU ZB 183 -36.24 34.73 96.36
C LEU ZB 183 -36.69 35.84 97.31
N ILE ZB 184 -37.69 36.60 96.90
CA ILE ZB 184 -38.23 37.68 97.74
C ILE ZB 184 -39.59 37.26 98.26
N ILE ZB 185 -39.76 37.33 99.59
CA ILE ZB 185 -41.01 36.90 100.21
C ILE ZB 185 -42.11 37.93 99.95
N GLN ZB 186 -43.31 37.43 99.67
CA GLN ZB 186 -44.46 38.27 99.35
C GLN ZB 186 -45.41 38.45 100.53
N GLN ZB 187 -45.93 37.36 101.07
CA GLN ZB 187 -46.86 37.41 102.20
C GLN ZB 187 -46.44 36.38 103.24
N VAL ZB 188 -46.71 36.69 104.50
CA VAL ZB 188 -46.42 35.80 105.61
C VAL ZB 188 -47.73 35.27 106.18
N PHE ZB 189 -47.84 33.95 106.25
CA PHE ZB 189 -49.05 33.30 106.74
C PHE ZB 189 -48.70 32.53 108.00
N ASP ZB 190 -49.20 33.00 109.15
CA ASP ZB 190 -48.87 32.44 110.45
C ASP ZB 190 -50.16 32.14 111.20
N ASN ZB 191 -50.61 30.88 111.13
CA ASN ZB 191 -51.73 30.33 111.90
C ASN ZB 191 -53.04 31.09 111.63
N GLY ZB 192 -53.34 31.30 110.35
CA GLY ZB 192 -54.55 31.99 109.97
C GLY ZB 192 -54.51 33.48 110.23
N SER ZB 193 -53.35 34.09 110.00
CA SER ZB 193 -53.18 35.52 110.21
C SER ZB 193 -52.12 36.02 109.23
N ILE ZB 194 -52.53 36.84 108.27
CA ILE ZB 194 -51.61 37.29 107.21
C ILE ZB 194 -50.90 38.55 107.67
N TYR ZB 195 -49.57 38.48 107.71
CA TYR ZB 195 -48.72 39.60 108.07
C TYR ZB 195 -48.02 40.11 106.82
N ASN ZB 196 -47.82 41.42 106.74
CA ASN ZB 196 -47.12 42.01 105.60
C ASN ZB 196 -45.62 42.06 105.89
N GLU AC 1 0.67 32.14 96.74
CA GLU AC 1 -0.66 32.27 96.16
C GLU AC 1 -1.27 30.90 95.86
N ILE AC 2 -2.44 30.65 96.44
CA ILE AC 2 -3.12 29.37 96.28
C ILE AC 2 -3.79 29.32 94.91
N LYS AC 3 -3.49 28.28 94.14
CA LYS AC 3 -4.22 28.06 92.88
C LYS AC 3 -4.59 26.60 92.78
N VAL AC 4 -5.89 26.30 92.82
CA VAL AC 4 -6.36 24.92 92.72
C VAL AC 4 -6.73 24.62 91.28
N VAL AC 5 -6.13 23.56 90.74
CA VAL AC 5 -6.35 23.18 89.35
C VAL AC 5 -6.77 21.70 89.32
N TYR AC 6 -7.60 21.36 88.34
CA TYR AC 6 -8.10 20.00 88.17
C TYR AC 6 -7.30 19.31 87.07
N LEU AC 7 -6.90 18.07 87.32
CA LEU AC 7 -6.14 17.31 86.32
C LEU AC 7 -6.63 15.88 86.31
N ARG AC 8 -7.17 15.44 85.17
CA ARG AC 8 -7.60 14.04 85.03
C ARG AC 8 -6.38 13.20 84.65
N CYS AC 9 -5.77 12.59 85.68
CA CYS AC 9 -4.59 11.78 85.45
C CYS AC 9 -4.96 10.33 85.17
N THR AC 10 -4.06 9.62 84.49
CA THR AC 10 -4.29 8.24 84.12
C THR AC 10 -3.93 7.27 85.24
N GLY AC 11 -3.47 7.77 86.38
CA GLY AC 11 -3.21 6.92 87.53
C GLY AC 11 -1.74 6.63 87.78
N GLY AC 12 -1.43 5.38 88.12
CA GLY AC 12 -0.04 5.03 88.40
C GLY AC 12 0.78 4.89 87.13
N GLU AC 13 0.13 4.54 86.02
CA GLU AC 13 0.83 4.44 84.74
C GLU AC 13 1.15 5.83 84.21
N VAL AC 14 2.40 6.03 83.82
CA VAL AC 14 2.85 7.32 83.28
C VAL AC 14 2.40 7.41 81.83
N GLY AC 15 1.56 8.40 81.53
CA GLY AC 15 1.08 8.59 80.18
C GLY AC 15 2.15 9.23 79.30
N ALA AC 16 2.13 8.87 78.01
CA ALA AC 16 3.09 9.42 77.07
C ALA AC 16 2.76 10.85 76.71
N THR AC 17 1.58 11.07 76.13
CA THR AC 17 1.13 12.40 75.76
C THR AC 17 0.54 13.09 76.98
N SER AC 18 1.25 14.07 77.53
CA SER AC 18 0.80 14.76 78.71
C SER AC 18 0.01 16.02 78.33
N ALA AC 19 -0.89 16.42 79.23
CA ALA AC 19 -1.69 17.63 79.07
C ALA AC 19 -1.43 18.57 80.24
N LEU AC 20 -0.16 18.73 80.61
CA LEU AC 20 0.25 19.48 81.77
C LEU AC 20 0.95 20.78 81.44
N ALA AC 21 1.51 20.89 80.23
CA ALA AC 21 2.28 22.07 79.87
C ALA AC 21 1.47 23.36 79.65
N PRO AC 22 0.28 23.37 79.01
CA PRO AC 22 -0.45 24.66 78.93
C PRO AC 22 -0.99 25.15 80.26
N LYS AC 23 -1.26 24.24 81.20
CA LYS AC 23 -1.86 24.64 82.48
C LYS AC 23 -0.82 25.02 83.52
N ILE AC 24 0.29 24.28 83.61
CA ILE AC 24 1.21 24.46 84.73
C ILE AC 24 2.48 25.17 84.27
N GLY AC 25 2.75 25.14 82.96
CA GLY AC 25 3.92 25.75 82.35
C GLY AC 25 4.18 27.23 82.63
N PRO AC 26 3.19 28.10 82.38
CA PRO AC 26 3.40 29.52 82.75
C PRO AC 26 3.47 29.79 84.24
N LEU AC 27 3.06 28.85 85.09
CA LEU AC 27 3.17 29.06 86.54
C LEU AC 27 4.62 28.91 87.00
N GLY AC 28 5.34 27.93 86.45
CA GLY AC 28 6.77 27.86 86.68
C GLY AC 28 7.36 26.49 86.97
N LEU AC 29 6.59 25.61 87.60
CA LEU AC 29 7.13 24.31 87.99
C LEU AC 29 7.08 23.37 86.80
N SER AC 30 8.03 22.44 86.75
CA SER AC 30 8.21 21.58 85.57
C SER AC 30 7.08 20.56 85.47
N PRO AC 31 6.42 20.49 84.30
CA PRO AC 31 5.28 19.55 84.16
C PRO AC 31 5.69 18.09 84.14
N LYS AC 32 6.92 17.77 83.73
CA LYS AC 32 7.42 16.41 83.83
C LYS AC 32 7.57 16.00 85.28
N LYS AC 33 8.07 16.91 86.12
CA LYS AC 33 8.16 16.65 87.56
C LYS AC 33 6.77 16.56 88.19
N VAL AC 34 5.81 17.36 87.69
CA VAL AC 34 4.42 17.27 88.15
C VAL AC 34 3.83 15.90 87.82
N GLY AC 35 4.03 15.42 86.59
CA GLY AC 35 3.51 14.12 86.20
C GLY AC 35 4.15 12.97 86.95
N ASP AC 36 5.47 13.08 87.22
CA ASP AC 36 6.15 12.06 88.00
C ASP AC 36 5.66 12.06 89.45
N ASP AC 37 5.41 13.25 90.02
CA ASP AC 37 4.90 13.33 91.38
C ASP AC 37 3.48 12.82 91.50
N ILE AC 38 2.63 13.06 90.49
CA ILE AC 38 1.27 12.52 90.53
C ILE AC 38 1.28 11.00 90.34
N ALA AC 39 2.17 10.50 89.46
CA ALA AC 39 2.28 9.06 89.26
C ALA AC 39 2.86 8.36 90.49
N LYS AC 40 3.66 9.09 91.29
CA LYS AC 40 4.13 8.53 92.55
C LYS AC 40 3.07 8.63 93.63
N ALA AC 41 2.25 9.68 93.60
CA ALA AC 41 1.29 9.93 94.69
C ALA AC 41 0.04 9.08 94.56
N THR AC 42 -0.34 8.68 93.33
CA THR AC 42 -1.46 7.76 93.16
C THR AC 42 -1.16 6.40 93.77
N GLY AC 43 -0.17 5.69 93.23
CA GLY AC 43 0.32 4.48 93.85
C GLY AC 43 -0.57 3.27 93.72
N ASP AC 44 -1.70 3.27 94.44
CA ASP AC 44 -2.53 2.07 94.51
C ASP AC 44 -3.61 2.01 93.44
N TRP AC 45 -3.81 3.09 92.68
CA TRP AC 45 -4.83 3.08 91.63
C TRP AC 45 -4.35 2.29 90.41
N LYS AC 46 -3.31 2.80 89.73
CA LYS AC 46 -2.45 2.10 88.78
C LYS AC 46 -3.13 1.78 87.44
N GLY AC 47 -4.45 1.92 87.36
CA GLY AC 47 -5.15 1.61 86.14
C GLY AC 47 -6.09 2.68 85.62
N LEU AC 48 -6.59 3.53 86.52
CA LEU AC 48 -7.78 4.32 86.21
C LEU AC 48 -7.47 5.82 86.22
N ARG AC 49 -8.38 6.59 85.64
CA ARG AC 49 -8.23 8.03 85.57
C ARG AC 49 -8.96 8.70 86.75
N ILE AC 50 -8.26 9.60 87.44
CA ILE AC 50 -8.80 10.29 88.59
C ILE AC 50 -8.62 11.80 88.39
N THR AC 51 -9.68 12.56 88.64
CA THR AC 51 -9.60 14.02 88.63
C THR AC 51 -8.95 14.47 89.94
N VAL AC 52 -7.64 14.62 89.90
CA VAL AC 52 -6.83 14.99 91.06
C VAL AC 52 -6.74 16.51 91.12
N LYS AC 53 -6.93 17.07 92.32
CA LYS AC 53 -6.71 18.49 92.51
C LYS AC 53 -5.24 18.75 92.85
N LEU AC 54 -4.75 19.88 92.35
CA LEU AC 54 -3.39 20.33 92.65
C LEU AC 54 -3.47 21.76 93.18
N THR AC 55 -3.01 21.95 94.40
CA THR AC 55 -2.91 23.27 95.01
C THR AC 55 -1.50 23.79 94.78
N ILE AC 56 -1.32 24.67 93.80
CA ILE AC 56 -0.01 25.18 93.42
C ILE AC 56 0.20 26.51 94.12
N GLN AC 57 1.34 26.63 94.79
CA GLN AC 57 1.80 27.85 95.42
C GLN AC 57 2.76 28.58 94.49
N ASN AC 58 3.45 29.57 95.04
CA ASN AC 58 4.52 30.23 94.28
C ASN AC 58 5.77 29.36 94.26
N ARG AC 59 6.01 28.59 95.33
CA ARG AC 59 7.19 27.76 95.41
C ARG AC 59 6.98 26.41 94.71
N GLN AC 60 6.02 25.63 95.19
CA GLN AC 60 5.76 24.30 94.65
C GLN AC 60 4.30 23.93 94.86
N ALA AC 61 3.95 22.73 94.43
CA ALA AC 61 2.56 22.29 94.43
C ALA AC 61 2.31 21.20 95.47
N GLN AC 62 1.02 20.97 95.73
CA GLN AC 62 0.55 19.91 96.60
C GLN AC 62 -0.53 19.12 95.86
N ILE AC 63 -0.59 17.82 96.12
CA ILE AC 63 -1.42 16.89 95.38
C ILE AC 63 -2.51 16.35 96.30
N GLU AC 64 -3.77 16.47 95.87
CA GLU AC 64 -4.90 15.94 96.64
C GLU AC 64 -5.77 15.10 95.73
N VAL AC 65 -5.84 13.81 96.02
CA VAL AC 65 -6.61 12.87 95.21
C VAL AC 65 -8.03 12.81 95.73
N VAL AC 66 -8.99 13.08 94.85
CA VAL AC 66 -10.41 13.00 95.15
C VAL AC 66 -11.02 11.92 94.27
N PRO AC 67 -11.38 10.77 94.84
CA PRO AC 67 -11.96 9.69 94.04
C PRO AC 67 -13.42 9.95 93.70
N SER AC 68 -13.81 9.61 92.48
CA SER AC 68 -15.20 9.68 92.07
C SER AC 68 -15.95 8.43 92.56
N ALA AC 69 -17.27 8.44 92.38
CA ALA AC 69 -18.08 7.29 92.78
C ALA AC 69 -17.79 6.08 91.89
N SER AC 70 -17.73 6.31 90.57
CA SER AC 70 -17.33 5.25 89.64
C SER AC 70 -15.88 4.83 89.88
N ALA AC 71 -15.02 5.78 90.28
CA ALA AC 71 -13.64 5.43 90.61
C ALA AC 71 -13.56 4.53 91.84
N LEU AC 72 -14.41 4.78 92.83
CA LEU AC 72 -14.47 3.90 94.00
C LEU AC 72 -15.06 2.54 93.67
N ILE AC 73 -16.03 2.49 92.75
CA ILE AC 73 -16.60 1.20 92.34
C ILE AC 73 -15.57 0.36 91.58
N ILE AC 74 -14.82 0.99 90.67
CA ILE AC 74 -13.81 0.24 89.94
C ILE AC 74 -12.59 -0.06 90.83
N LYS AC 75 -12.37 0.75 91.88
CA LYS AC 75 -11.35 0.40 92.87
C LYS AC 75 -11.78 -0.82 93.68
N ALA AC 76 -13.06 -0.91 94.00
CA ALA AC 76 -13.58 -2.08 94.72
C ALA AC 76 -13.53 -3.33 93.85
N LEU AC 77 -13.83 -3.19 92.56
CA LEU AC 77 -13.72 -4.30 91.62
C LEU AC 77 -12.25 -4.61 91.36
N LYS AC 78 -11.75 -5.70 91.93
CA LYS AC 78 -10.34 -6.04 91.86
C LYS AC 78 -10.11 -7.06 90.75
N GLU AC 79 -9.62 -6.58 89.60
CA GLU AC 79 -9.21 -7.45 88.51
C GLU AC 79 -7.70 -7.33 88.31
N PRO AC 80 -7.04 -8.34 87.76
CA PRO AC 80 -5.60 -8.20 87.41
C PRO AC 80 -5.42 -7.22 86.27
N PRO AC 81 -4.56 -6.21 86.44
CA PRO AC 81 -4.35 -5.24 85.36
C PRO AC 81 -3.49 -5.84 84.24
N ARG AC 82 -3.75 -5.36 83.03
CA ARG AC 82 -3.05 -5.87 81.85
C ARG AC 82 -1.96 -4.89 81.40
N ASP AC 83 -1.38 -5.18 80.23
CA ASP AC 83 -0.27 -4.39 79.71
C ASP AC 83 -0.78 -3.19 78.93
N ARG AC 84 0.14 -2.58 78.17
CA ARG AC 84 -0.19 -1.35 77.44
C ARG AC 84 -1.04 -1.65 76.21
N LYS AC 85 -1.06 -2.91 75.75
CA LYS AC 85 -1.75 -3.26 74.51
C LYS AC 85 -3.26 -3.14 74.63
N LYS AC 86 -3.79 -3.37 75.85
CA LYS AC 86 -5.18 -3.09 76.24
C LYS AC 86 -6.21 -3.83 75.39
N GLN AC 87 -6.27 -5.16 75.54
CA GLN AC 87 -7.16 -6.08 74.84
C GLN AC 87 -8.62 -5.63 74.93
N LYS AC 88 -9.30 -5.74 73.79
CA LYS AC 88 -10.67 -5.26 73.66
C LYS AC 88 -11.65 -6.10 74.48
N ASN AC 89 -12.86 -5.55 74.66
CA ASN AC 89 -13.93 -6.09 75.50
C ASN AC 89 -13.46 -6.36 76.92
N ILE AC 90 -12.94 -5.32 77.57
CA ILE AC 90 -12.35 -5.42 78.91
C ILE AC 90 -13.39 -4.97 79.92
N LYS AC 91 -14.67 -4.99 79.51
CA LYS AC 91 -15.79 -4.62 80.37
C LYS AC 91 -15.88 -5.54 81.59
N HIS AC 92 -16.21 -4.94 82.73
CA HIS AC 92 -16.02 -5.60 84.02
C HIS AC 92 -17.09 -6.66 84.27
N SER AC 93 -16.66 -7.79 84.82
CA SER AC 93 -17.54 -8.87 85.24
C SER AC 93 -17.13 -9.33 86.63
N GLY AC 94 -18.11 -9.51 87.50
CA GLY AC 94 -17.84 -9.90 88.86
C GLY AC 94 -19.03 -9.63 89.75
N ASN AC 95 -18.75 -9.47 91.05
CA ASN AC 95 -19.76 -9.23 92.06
C ASN AC 95 -19.27 -8.18 93.04
N ILE AC 96 -20.07 -7.13 93.25
CA ILE AC 96 -19.72 -6.07 94.19
C ILE AC 96 -20.27 -6.44 95.56
N THR AC 97 -19.44 -6.36 96.59
CA THR AC 97 -19.91 -6.54 97.97
C THR AC 97 -20.78 -5.36 98.38
N PHE AC 98 -21.90 -5.67 99.06
CA PHE AC 98 -22.81 -4.62 99.49
C PHE AC 98 -22.21 -3.76 100.59
N ASP AC 99 -21.32 -4.33 101.40
CA ASP AC 99 -20.62 -3.54 102.42
C ASP AC 99 -19.67 -2.52 101.78
N GLU AC 100 -19.14 -2.83 100.60
CA GLU AC 100 -18.35 -1.85 99.85
C GLU AC 100 -19.21 -0.69 99.37
N ILE AC 101 -20.45 -0.97 98.96
CA ILE AC 101 -21.38 0.09 98.56
C ILE AC 101 -21.77 0.93 99.78
N VAL AC 102 -21.91 0.29 100.95
CA VAL AC 102 -22.18 1.02 102.19
C VAL AC 102 -21.00 1.93 102.55
N ASN AC 103 -19.78 1.45 102.32
CA ASN AC 103 -18.59 2.27 102.62
C ASN AC 103 -18.46 3.45 101.65
N ILE AC 104 -18.76 3.23 100.37
CA ILE AC 104 -18.77 4.31 99.39
C ILE AC 104 -19.88 5.31 99.70
N ALA AC 105 -21.02 4.83 100.21
CA ALA AC 105 -22.11 5.73 100.61
C ALA AC 105 -21.73 6.55 101.83
N ARG AC 106 -20.99 5.96 102.77
CA ARG AC 106 -20.50 6.71 103.92
C ARG AC 106 -19.47 7.75 103.51
N GLN AC 107 -18.60 7.43 102.55
CA GLN AC 107 -17.63 8.42 102.06
C GLN AC 107 -18.32 9.54 101.29
N MET AC 108 -19.35 9.22 100.51
CA MET AC 108 -20.09 10.26 99.80
C MET AC 108 -20.96 11.09 100.75
N ARG AC 109 -21.36 10.50 101.88
CA ARG AC 109 -22.05 11.27 102.90
C ARG AC 109 -21.08 12.19 103.65
N HIS AC 110 -19.83 11.75 103.82
CA HIS AC 110 -18.80 12.62 104.38
C HIS AC 110 -18.47 13.76 103.43
N ARG AC 111 -18.49 13.51 102.12
CA ARG AC 111 -18.36 14.58 101.15
C ARG AC 111 -19.59 15.48 101.11
N SER AC 112 -20.78 14.92 101.41
CA SER AC 112 -22.02 15.63 101.68
C SER AC 112 -22.53 16.50 100.53
N LEU AC 113 -22.72 15.90 99.36
CA LEU AC 113 -23.53 16.53 98.32
C LEU AC 113 -24.54 15.52 97.79
N ALA AC 114 -25.64 15.36 98.54
CA ALA AC 114 -26.64 14.32 98.29
C ALA AC 114 -27.83 14.43 99.24
N ARG AC 115 -28.80 13.55 99.05
CA ARG AC 115 -29.81 13.24 100.04
C ARG AC 115 -29.18 12.37 101.15
N GLU AC 116 -29.94 12.11 102.21
CA GLU AC 116 -29.51 11.19 103.25
C GLU AC 116 -29.32 9.77 102.70
N LEU AC 117 -28.70 8.92 103.52
CA LEU AC 117 -28.07 7.64 103.19
C LEU AC 117 -28.88 6.72 102.27
N SER AC 118 -30.21 6.73 102.43
CA SER AC 118 -31.10 6.00 101.54
C SER AC 118 -30.99 6.49 100.10
N GLY AC 119 -30.81 7.81 99.91
CA GLY AC 119 -30.63 8.33 98.58
C GLY AC 119 -29.24 8.03 98.02
N THR AC 120 -28.22 8.02 98.89
CA THR AC 120 -26.85 7.77 98.45
C THR AC 120 -26.66 6.33 98.00
N ILE AC 121 -27.26 5.37 98.72
CA ILE AC 121 -27.19 3.97 98.32
C ILE AC 121 -27.85 3.76 96.97
N LYS AC 122 -29.00 4.41 96.75
CA LYS AC 122 -29.71 4.30 95.48
C LYS AC 122 -28.92 4.90 94.32
N GLU AC 123 -28.34 6.09 94.53
CA GLU AC 123 -27.64 6.73 93.42
C GLU AC 123 -26.31 6.06 93.12
N ILE AC 124 -25.62 5.53 94.15
CA ILE AC 124 -24.37 4.82 93.90
C ILE AC 124 -24.64 3.46 93.26
N LEU AC 125 -25.74 2.80 93.63
CA LEU AC 125 -26.09 1.55 92.97
C LEU AC 125 -26.60 1.79 91.56
N GLY AC 126 -27.15 2.98 91.30
CA GLY AC 126 -27.49 3.34 89.93
C GLY AC 126 -26.27 3.66 89.07
N THR AC 127 -25.21 4.21 89.68
CA THR AC 127 -23.96 4.38 88.95
C THR AC 127 -23.24 3.05 88.78
N ALA AC 128 -23.56 2.06 89.63
CA ALA AC 128 -22.91 0.75 89.54
C ALA AC 128 -23.24 0.03 88.24
N GLN AC 129 -24.48 0.17 87.75
CA GLN AC 129 -24.82 -0.47 86.48
C GLN AC 129 -24.27 0.32 85.30
N SER AC 130 -23.97 1.62 85.49
CA SER AC 130 -23.26 2.36 84.46
C SER AC 130 -21.80 1.96 84.40
N VAL AC 131 -21.23 1.58 85.56
CA VAL AC 131 -19.92 0.93 85.57
C VAL AC 131 -20.01 -0.43 84.87
N GLY AC 132 -21.11 -1.15 85.10
CA GLY AC 132 -21.32 -2.41 84.42
C GLY AC 132 -21.06 -3.64 85.27
N CYS AC 133 -21.58 -3.66 86.49
CA CYS AC 133 -21.51 -4.85 87.34
C CYS AC 133 -22.84 -5.01 88.06
N ASN AC 134 -22.99 -6.13 88.75
CA ASN AC 134 -24.23 -6.47 89.42
C ASN AC 134 -23.98 -7.10 90.78
N VAL AC 135 -24.77 -6.70 91.77
CA VAL AC 135 -24.72 -7.32 93.10
C VAL AC 135 -25.79 -8.40 93.15
N ASP AC 136 -25.43 -9.61 92.70
CA ASP AC 136 -26.30 -10.79 92.65
C ASP AC 136 -27.60 -10.51 91.91
N GLY AC 137 -27.52 -9.70 90.87
CA GLY AC 137 -28.68 -9.16 90.19
C GLY AC 137 -28.47 -7.67 89.96
N ARG AC 138 -29.25 -7.11 89.03
CA ARG AC 138 -29.08 -5.74 88.59
C ARG AC 138 -29.92 -4.78 89.44
N HIS AC 139 -30.04 -3.56 88.94
CA HIS AC 139 -30.76 -2.50 89.65
C HIS AC 139 -32.26 -2.73 89.87
N PRO AC 140 -33.04 -3.34 88.94
CA PRO AC 140 -34.44 -3.66 89.33
C PRO AC 140 -34.58 -4.70 90.43
N HIS AC 141 -33.56 -5.53 90.67
CA HIS AC 141 -33.61 -6.43 91.83
C HIS AC 141 -33.39 -5.66 93.12
N ASP AC 142 -32.47 -4.69 93.11
CA ASP AC 142 -32.25 -3.89 94.30
C ASP AC 142 -33.36 -2.87 94.54
N ILE AC 143 -34.13 -2.53 93.49
CA ILE AC 143 -35.38 -1.79 93.69
C ILE AC 143 -36.34 -2.60 94.56
N ILE AC 144 -36.46 -3.90 94.29
CA ILE AC 144 -37.29 -4.78 95.11
C ILE AC 144 -36.69 -4.96 96.50
N ASP AC 145 -35.36 -5.02 96.57
CA ASP AC 145 -34.67 -5.20 97.86
C ASP AC 145 -34.79 -3.97 98.75
N ASP AC 146 -34.90 -2.78 98.15
CA ASP AC 146 -35.03 -1.56 98.96
C ASP AC 146 -36.41 -1.46 99.58
N ILE AC 147 -37.42 -2.05 98.94
CA ILE AC 147 -38.79 -1.99 99.44
C ILE AC 147 -38.93 -2.95 100.62
N ASN AC 148 -39.20 -2.40 101.80
CA ASN AC 148 -39.53 -3.10 103.05
C ASN AC 148 -38.38 -3.98 103.59
N SER AC 149 -37.19 -3.91 103.00
CA SER AC 149 -36.05 -4.65 103.52
C SER AC 149 -34.79 -3.80 103.42
N GLY AC 150 -34.89 -2.52 103.79
CA GLY AC 150 -33.74 -1.63 103.70
C GLY AC 150 -32.73 -1.87 104.80
N ALA AC 151 -31.47 -1.55 104.50
CA ALA AC 151 -30.38 -1.70 105.46
C ALA AC 151 -29.72 -0.35 105.72
N VAL AC 152 -30.53 0.68 105.92
CA VAL AC 152 -30.06 2.05 106.09
C VAL AC 152 -30.03 2.38 107.57
N GLU AC 153 -28.90 2.92 108.04
CA GLU AC 153 -28.74 3.33 109.43
C GLU AC 153 -29.63 4.52 109.77
N VAL BC 1 17.98 -68.44 -14.94
CA VAL BC 1 17.91 -69.75 -14.31
C VAL BC 1 18.75 -70.76 -15.09
N VAL BC 2 19.56 -70.25 -16.02
CA VAL BC 2 20.38 -71.11 -16.86
C VAL BC 2 21.79 -70.51 -16.91
N ASP BC 3 22.78 -71.38 -17.11
CA ASP BC 3 24.17 -70.93 -17.15
C ASP BC 3 24.47 -70.35 -18.54
N PRO BC 4 24.85 -69.07 -18.64
CA PRO BC 4 25.14 -68.50 -19.97
C PRO BC 4 26.46 -68.97 -20.57
N PHE BC 5 27.32 -69.63 -19.78
CA PHE BC 5 28.57 -70.17 -20.31
C PHE BC 5 28.39 -71.47 -21.08
N SER BC 6 27.19 -72.07 -21.06
CA SER BC 6 26.95 -73.24 -21.88
C SER BC 6 26.71 -72.85 -23.33
N LYS BC 7 26.33 -71.60 -23.57
CA LYS BC 7 26.09 -71.11 -24.93
C LYS BC 7 27.37 -70.72 -25.64
N LYS BC 8 28.51 -70.76 -24.97
CA LYS BC 8 29.75 -70.26 -25.53
C LYS BC 8 30.40 -71.31 -26.43
N ASP BC 9 31.22 -70.83 -27.37
CA ASP BC 9 32.00 -71.68 -28.26
C ASP BC 9 33.44 -71.20 -28.26
N TRP BC 10 34.38 -72.14 -28.09
CA TRP BC 10 35.79 -71.81 -28.09
C TRP BC 10 36.36 -71.85 -29.51
N TYR BC 11 37.01 -70.77 -29.90
CA TYR BC 11 37.53 -70.60 -31.25
C TYR BC 11 39.03 -70.35 -31.17
N ASP BC 12 39.78 -71.08 -31.99
CA ASP BC 12 41.24 -70.96 -32.01
C ASP BC 12 41.67 -69.70 -32.75
N VAL BC 13 42.89 -69.25 -32.48
CA VAL BC 13 43.41 -67.99 -33.00
C VAL BC 13 44.69 -68.28 -33.77
N LYS BC 14 44.79 -67.75 -35.00
CA LYS BC 14 45.98 -67.87 -35.82
C LYS BC 14 46.55 -66.48 -36.10
N ALA BC 15 47.88 -66.35 -35.98
CA ALA BC 15 48.80 -65.24 -36.17
C ALA BC 15 49.17 -65.11 -37.64
N PRO BC 16 49.56 -63.92 -38.11
CA PRO BC 16 50.03 -63.82 -39.51
C PRO BC 16 51.39 -64.46 -39.69
N ALA BC 17 51.67 -64.84 -40.94
CA ALA BC 17 52.70 -65.81 -41.25
C ALA BC 17 54.12 -65.27 -41.17
N MET BC 18 54.33 -63.97 -40.94
CA MET BC 18 55.69 -63.48 -40.78
C MET BC 18 56.21 -63.75 -39.37
N PHE BC 19 55.36 -64.20 -38.47
CA PHE BC 19 55.76 -64.62 -37.13
C PHE BC 19 56.04 -66.11 -37.12
N ASN BC 20 56.60 -66.58 -36.01
CA ASN BC 20 56.93 -68.00 -35.89
C ASN BC 20 55.78 -68.78 -35.28
N ILE BC 21 55.33 -68.37 -34.10
CA ILE BC 21 54.27 -69.09 -33.39
C ILE BC 21 52.92 -68.72 -33.97
N ARG BC 22 52.17 -69.73 -34.39
CA ARG BC 22 50.88 -69.54 -35.05
C ARG BC 22 49.75 -69.33 -34.04
N ASN BC 23 49.62 -70.24 -33.09
CA ASN BC 23 48.51 -70.19 -32.13
C ASN BC 23 48.80 -69.15 -31.04
N ILE BC 24 47.80 -68.33 -30.75
CA ILE BC 24 47.93 -67.35 -29.67
C ILE BC 24 47.16 -67.81 -28.44
N GLY BC 25 45.85 -68.02 -28.59
CA GLY BC 25 45.04 -68.43 -27.48
C GLY BC 25 43.67 -68.86 -27.96
N LYS BC 26 42.76 -68.95 -27.00
CA LYS BC 26 41.38 -69.33 -27.26
C LYS BC 26 40.43 -68.25 -26.75
N THR BC 27 39.28 -68.12 -27.42
CA THR BC 27 38.34 -67.06 -27.11
C THR BC 27 36.93 -67.62 -27.20
N LEU BC 28 36.13 -67.37 -26.17
CA LEU BC 28 34.76 -67.88 -26.10
C LEU BC 28 33.80 -66.92 -26.78
N VAL BC 29 32.96 -67.46 -27.67
CA VAL BC 29 31.97 -66.67 -28.41
C VAL BC 29 30.63 -67.40 -28.26
N THR BC 30 29.56 -66.63 -28.04
CA THR BC 30 28.22 -67.19 -27.97
C THR BC 30 27.79 -67.76 -29.31
N ARG BC 31 26.87 -68.72 -29.27
CA ARG BC 31 26.36 -69.33 -30.49
C ARG BC 31 25.46 -68.35 -31.24
N THR BC 32 25.25 -68.65 -32.52
CA THR BC 32 24.40 -67.81 -33.35
C THR BC 32 22.93 -68.03 -33.01
N GLN BC 33 22.27 -66.97 -32.55
CA GLN BC 33 20.87 -67.06 -32.13
C GLN BC 33 20.20 -65.73 -32.45
N GLY BC 34 19.23 -65.76 -33.35
CA GLY BC 34 18.47 -64.58 -33.68
C GLY BC 34 19.12 -63.68 -34.71
N THR BC 35 19.12 -62.38 -34.43
CA THR BC 35 19.64 -61.40 -35.40
C THR BC 35 21.16 -61.38 -35.38
N LYS BC 36 21.75 -61.46 -34.18
CA LYS BC 36 23.20 -61.31 -34.04
C LYS BC 36 23.94 -62.53 -34.56
N ILE BC 37 25.18 -62.31 -35.00
CA ILE BC 37 26.01 -63.33 -35.61
C ILE BC 37 27.29 -63.47 -34.77
N ALA BC 38 27.71 -64.71 -34.53
CA ALA BC 38 28.94 -64.97 -33.78
C ALA BC 38 30.17 -64.45 -34.52
N SER BC 39 30.18 -64.55 -35.85
CA SER BC 39 31.28 -64.01 -36.64
C SER BC 39 31.34 -62.49 -36.57
N ASP BC 40 30.18 -61.83 -36.59
CA ASP BC 40 30.14 -60.38 -36.47
C ASP BC 40 30.51 -59.92 -35.07
N GLY BC 41 30.21 -60.74 -34.06
CA GLY BC 41 30.64 -60.40 -32.71
C GLY BC 41 32.12 -60.67 -32.48
N LEU BC 42 32.69 -61.60 -33.25
CA LEU BC 42 34.10 -61.94 -33.10
C LEU BC 42 35.01 -61.02 -33.93
N LYS BC 43 34.45 -60.42 -34.99
CA LYS BC 43 35.26 -59.62 -35.92
C LYS BC 43 35.81 -58.34 -35.29
N GLY BC 44 35.17 -57.81 -34.25
CA GLY BC 44 35.63 -56.58 -33.64
C GLY BC 44 36.56 -56.74 -32.45
N ARG BC 45 37.43 -57.74 -32.45
CA ARG BC 45 38.24 -58.00 -31.27
C ARG BC 45 39.72 -57.78 -31.54
N VAL BC 46 40.40 -57.28 -30.49
CA VAL BC 46 41.80 -56.86 -30.54
C VAL BC 46 42.55 -57.60 -29.44
N PHE BC 47 43.72 -58.14 -29.78
CA PHE BC 47 44.55 -58.92 -28.86
C PHE BC 47 45.82 -58.12 -28.54
N GLU BC 48 46.04 -57.85 -27.26
CA GLU BC 48 47.25 -57.21 -26.75
C GLU BC 48 48.21 -58.31 -26.29
N VAL BC 49 49.06 -58.78 -27.21
CA VAL BC 49 49.90 -59.94 -26.96
C VAL BC 49 51.36 -59.53 -27.13
N SER BC 50 52.21 -59.97 -26.19
CA SER BC 50 53.63 -59.62 -26.25
C SER BC 50 54.33 -60.34 -27.40
N LEU BC 51 55.50 -59.80 -27.77
CA LEU BC 51 56.21 -60.30 -28.95
C LEU BC 51 56.89 -61.63 -28.68
N ALA BC 52 57.13 -61.96 -27.41
CA ALA BC 52 57.78 -63.23 -27.10
C ALA BC 52 56.82 -64.41 -27.23
N ASP BC 53 55.50 -64.14 -27.23
CA ASP BC 53 54.52 -65.17 -27.51
C ASP BC 53 54.36 -65.46 -28.99
N LEU BC 54 54.95 -64.64 -29.85
CA LEU BC 54 54.85 -64.83 -31.30
C LEU BC 54 56.18 -65.25 -31.90
N GLN BC 55 57.28 -64.61 -31.48
CA GLN BC 55 58.60 -64.99 -31.95
C GLN BC 55 59.18 -66.10 -31.07
N ASN BC 56 60.21 -66.75 -31.60
CA ASN BC 56 60.79 -67.90 -30.91
C ASN BC 56 61.67 -67.45 -29.74
N ASP BC 57 62.74 -66.71 -30.03
CA ASP BC 57 63.66 -66.23 -29.00
C ASP BC 57 64.04 -64.80 -29.34
N GLU BC 58 63.25 -63.85 -28.82
CA GLU BC 58 63.51 -62.43 -29.02
C GLU BC 58 63.25 -61.70 -27.71
N VAL BC 59 63.11 -60.38 -27.81
CA VAL BC 59 62.83 -59.57 -26.64
C VAL BC 59 61.38 -59.76 -26.20
N ALA BC 60 61.08 -59.34 -24.97
CA ALA BC 60 59.75 -59.52 -24.41
C ALA BC 60 59.08 -58.22 -23.98
N PHE BC 61 59.78 -57.08 -24.06
CA PHE BC 61 59.20 -55.83 -23.62
C PHE BC 61 58.38 -55.11 -24.69
N ARG BC 62 58.14 -55.75 -25.83
CA ARG BC 62 57.36 -55.15 -26.90
C ARG BC 62 56.05 -55.92 -27.09
N LYS BC 63 54.97 -55.19 -27.34
CA LYS BC 63 53.65 -55.80 -27.48
C LYS BC 63 53.03 -55.41 -28.82
N PHE BC 64 52.18 -56.30 -29.33
CA PHE BC 64 51.47 -56.09 -30.59
C PHE BC 64 49.98 -56.18 -30.34
N LYS BC 65 49.22 -55.29 -30.98
CA LYS BC 65 47.79 -55.45 -31.10
C LYS BC 65 47.48 -56.21 -32.40
N LEU BC 66 46.56 -57.17 -32.30
CA LEU BC 66 46.19 -57.96 -33.46
C LEU BC 66 44.67 -57.99 -33.57
N ILE BC 67 44.14 -57.54 -34.70
CA ILE BC 67 42.70 -57.46 -34.94
C ILE BC 67 42.23 -58.73 -35.64
N THR BC 68 41.13 -59.29 -35.16
CA THR BC 68 40.56 -60.51 -35.75
C THR BC 68 39.67 -60.13 -36.92
N GLU BC 69 40.29 -59.98 -38.10
CA GLU BC 69 39.60 -59.39 -39.24
C GLU BC 69 38.61 -60.33 -39.92
N ASP BC 70 38.81 -61.64 -39.83
CA ASP BC 70 37.92 -62.55 -40.55
C ASP BC 70 37.79 -63.86 -39.77
N VAL BC 71 36.63 -64.50 -39.93
CA VAL BC 71 36.32 -65.75 -39.25
C VAL BC 71 36.15 -66.84 -40.30
N GLN BC 72 37.11 -67.76 -40.35
CA GLN BC 72 37.03 -68.88 -41.29
C GLN BC 72 36.16 -70.00 -40.72
N GLY BC 73 36.14 -70.15 -39.41
CA GLY BC 73 35.45 -71.26 -38.78
C GLY BC 73 36.41 -72.10 -37.98
N LYS BC 74 36.31 -71.99 -36.64
CA LYS BC 74 37.34 -72.41 -35.68
C LYS BC 74 38.71 -71.82 -36.04
N ASN BC 75 38.68 -70.56 -36.49
CA ASN BC 75 39.87 -69.83 -36.92
C ASN BC 75 39.64 -68.34 -36.68
N CYS BC 76 40.59 -67.70 -36.03
CA CYS BC 76 40.61 -66.26 -35.86
C CYS BC 76 41.89 -65.74 -36.51
N LEU BC 77 41.79 -65.37 -37.78
CA LEU BC 77 42.96 -64.90 -38.55
C LEU BC 77 43.23 -63.47 -38.12
N THR BC 78 44.41 -63.23 -37.56
CA THR BC 78 44.71 -61.90 -37.06
C THR BC 78 45.60 -61.13 -38.03
N ASN BC 79 45.61 -59.81 -37.86
CA ASN BC 79 46.38 -58.91 -38.71
C ASN BC 79 46.93 -57.80 -37.82
N PHE BC 80 48.01 -57.18 -38.28
CA PHE BC 80 48.74 -56.19 -37.49
C PHE BC 80 47.91 -54.93 -37.27
N HIS BC 81 47.82 -54.52 -36.01
CA HIS BC 81 47.09 -53.32 -35.63
C HIS BC 81 47.99 -52.25 -35.00
N GLY BC 82 49.07 -52.64 -34.33
CA GLY BC 82 49.92 -51.63 -33.73
C GLY BC 82 50.95 -52.12 -32.74
N MET BC 83 52.15 -51.54 -32.81
CA MET BC 83 53.22 -51.85 -31.89
C MET BC 83 53.16 -50.92 -30.68
N ASP BC 84 53.46 -51.46 -29.50
CA ASP BC 84 53.41 -50.70 -28.27
C ASP BC 84 54.58 -51.10 -27.37
N LEU BC 85 55.25 -50.10 -26.79
CA LEU BC 85 56.21 -50.37 -25.73
C LEU BC 85 55.52 -50.58 -24.39
N THR BC 86 56.15 -51.37 -23.54
CA THR BC 86 55.60 -51.68 -22.22
C THR BC 86 55.79 -50.47 -21.30
N ARG BC 87 54.80 -50.23 -20.44
CA ARG BC 87 54.87 -49.16 -19.46
C ARG BC 87 56.03 -49.36 -18.47
N ASP BC 88 56.32 -50.62 -18.14
CA ASP BC 88 57.47 -50.95 -17.31
C ASP BC 88 58.77 -50.56 -17.99
N LYS BC 89 58.93 -50.95 -19.25
CA LYS BC 89 60.14 -50.62 -20.00
C LYS BC 89 60.27 -49.12 -20.19
N MET BC 90 59.15 -48.42 -20.38
CA MET BC 90 59.18 -46.98 -20.57
C MET BC 90 59.58 -46.25 -19.28
N CYS BC 91 59.03 -46.68 -18.15
CA CYS BC 91 59.34 -46.03 -16.88
C CYS BC 91 60.73 -46.43 -16.38
N SER BC 92 61.25 -47.57 -16.84
CA SER BC 92 62.62 -47.92 -16.52
C SER BC 92 63.61 -47.18 -17.40
N MET BC 93 63.22 -46.91 -18.65
CA MET BC 93 64.08 -46.17 -19.56
C MET BC 93 64.16 -44.69 -19.18
N VAL BC 94 63.04 -44.09 -18.79
CA VAL BC 94 63.03 -42.66 -18.46
C VAL BC 94 63.73 -42.45 -17.13
N LYS BC 95 64.83 -41.70 -17.14
CA LYS BC 95 65.56 -41.37 -15.93
C LYS BC 95 66.04 -39.93 -15.98
N LYS BC 96 66.44 -39.42 -14.82
CA LYS BC 96 66.83 -38.03 -14.64
C LYS BC 96 68.22 -37.80 -15.24
N TRP BC 97 68.52 -36.52 -15.52
CA TRP BC 97 69.82 -36.04 -15.99
C TRP BC 97 70.17 -36.62 -17.37
N GLN BC 98 69.20 -36.57 -18.27
CA GLN BC 98 69.39 -36.89 -19.68
C GLN BC 98 68.28 -36.19 -20.46
N THR BC 99 68.49 -36.01 -21.76
CA THR BC 99 67.52 -35.28 -22.58
C THR BC 99 66.73 -36.28 -23.42
N MET BC 100 65.40 -36.11 -23.42
CA MET BC 100 64.47 -36.94 -24.16
C MET BC 100 64.11 -36.28 -25.48
N ILE BC 101 64.12 -37.05 -26.56
CA ILE BC 101 63.81 -36.57 -27.90
C ILE BC 101 62.73 -37.47 -28.48
N GLU BC 102 61.51 -36.95 -28.60
CA GLU BC 102 60.41 -37.68 -29.20
C GLU BC 102 60.32 -37.36 -30.68
N ALA BC 103 59.62 -38.22 -31.42
CA ALA BC 103 59.42 -38.00 -32.85
C ALA BC 103 58.12 -38.67 -33.27
N HIS BC 104 57.16 -37.87 -33.69
CA HIS BC 104 55.92 -38.36 -34.27
C HIS BC 104 55.94 -38.13 -35.78
N VAL BC 105 55.41 -39.10 -36.53
CA VAL BC 105 55.38 -38.97 -37.97
C VAL BC 105 54.14 -39.68 -38.51
N ASP BC 106 53.53 -39.07 -39.52
CA ASP BC 106 52.47 -39.69 -40.30
C ASP BC 106 53.06 -40.21 -41.60
N VAL BC 107 52.59 -41.36 -42.05
CA VAL BC 107 53.20 -42.01 -43.20
C VAL BC 107 52.14 -42.91 -43.84
N LYS BC 108 52.28 -43.15 -45.15
CA LYS BC 108 51.44 -44.09 -45.88
C LYS BC 108 52.34 -45.03 -46.67
N THR BC 109 52.03 -46.33 -46.60
CA THR BC 109 52.85 -47.32 -47.28
C THR BC 109 52.44 -47.42 -48.76
N THR BC 110 52.94 -48.46 -49.42
CA THR BC 110 52.56 -48.72 -50.81
C THR BC 110 51.08 -49.08 -50.91
N ASP BC 111 50.65 -50.08 -50.14
CA ASP BC 111 49.23 -50.32 -49.95
C ASP BC 111 48.63 -49.22 -49.07
N GLY BC 112 47.31 -49.09 -49.12
CA GLY BC 112 46.62 -48.01 -48.46
C GLY BC 112 46.43 -48.16 -46.96
N TYR BC 113 47.51 -48.43 -46.23
CA TYR BC 113 47.49 -48.54 -44.77
C TYR BC 113 48.20 -47.32 -44.20
N LEU BC 114 47.44 -46.45 -43.55
CA LEU BC 114 47.99 -45.18 -43.08
C LEU BC 114 48.45 -45.34 -41.64
N LEU BC 115 49.73 -45.06 -41.40
CA LEU BC 115 50.38 -45.34 -40.14
C LEU BC 115 50.82 -44.04 -39.46
N ARG BC 116 50.86 -44.09 -38.13
CA ARG BC 116 51.41 -43.03 -37.30
C ARG BC 116 52.45 -43.66 -36.39
N LEU BC 117 53.68 -43.17 -36.46
CA LEU BC 117 54.79 -43.77 -35.74
C LEU BC 117 55.37 -42.81 -34.71
N PHE BC 118 55.63 -43.34 -33.52
CA PHE BC 118 56.15 -42.61 -32.37
C PHE BC 118 57.47 -43.26 -31.97
N CYS BC 119 58.57 -42.53 -32.11
CA CYS BC 119 59.89 -42.94 -31.68
C CYS BC 119 60.39 -42.05 -30.54
N VAL BC 120 61.35 -42.57 -29.79
CA VAL BC 120 61.92 -41.84 -28.67
C VAL BC 120 63.42 -42.16 -28.61
N GLY BC 121 64.20 -41.18 -28.18
CA GLY BC 121 65.63 -41.37 -28.00
C GLY BC 121 66.11 -40.61 -26.79
N PHE BC 122 67.10 -41.18 -26.11
CA PHE BC 122 67.61 -40.62 -24.86
C PHE BC 122 69.08 -40.30 -25.02
N THR BC 123 69.49 -39.13 -24.53
CA THR BC 123 70.90 -38.76 -24.56
C THR BC 123 71.73 -39.64 -23.62
N LYS BC 124 72.94 -39.96 -24.04
CA LYS BC 124 73.78 -40.96 -23.39
C LYS BC 124 74.89 -40.32 -22.56
N LYS BC 125 75.11 -40.86 -21.36
CA LYS BC 125 76.32 -40.56 -20.61
C LYS BC 125 77.48 -41.37 -21.18
N ARG BC 126 78.59 -40.70 -21.47
CA ARG BC 126 79.69 -41.35 -22.16
C ARG BC 126 80.51 -42.22 -21.21
N ASN BC 127 81.53 -42.87 -21.77
CA ASN BC 127 82.36 -43.79 -21.00
C ASN BC 127 83.27 -43.04 -20.04
N ASN BC 128 84.06 -42.10 -20.57
CA ASN BC 128 84.98 -41.30 -19.77
C ASN BC 128 84.39 -39.97 -19.33
N GLN BC 129 83.07 -39.81 -19.44
CA GLN BC 129 82.46 -38.53 -19.10
C GLN BC 129 82.38 -38.36 -17.58
N ILE BC 130 82.91 -37.23 -17.11
CA ILE BC 130 82.82 -36.87 -15.71
C ILE BC 130 81.63 -35.95 -15.42
N ARG BC 131 81.21 -35.15 -16.41
CA ARG BC 131 80.11 -34.21 -16.23
C ARG BC 131 78.79 -34.94 -16.04
N LYS BC 132 78.03 -34.50 -15.02
CA LYS BC 132 76.83 -35.22 -14.60
C LYS BC 132 75.61 -34.87 -15.46
N THR BC 133 75.64 -33.71 -16.14
CA THR BC 133 74.45 -33.21 -16.83
C THR BC 133 74.16 -34.01 -18.10
N SER BC 134 75.12 -34.05 -19.03
CA SER BC 134 75.01 -34.72 -20.34
C SER BC 134 73.81 -34.21 -21.14
N TYR BC 135 73.67 -32.89 -21.24
CA TYR BC 135 72.57 -32.28 -21.95
C TYR BC 135 72.95 -31.98 -23.40
N ALA BC 136 71.93 -31.84 -24.24
CA ALA BC 136 72.10 -31.50 -25.64
C ALA BC 136 71.48 -30.13 -25.93
N GLN BC 137 71.85 -29.56 -27.06
CA GLN BC 137 71.30 -28.28 -27.47
C GLN BC 137 69.89 -28.47 -28.01
N HIS BC 138 69.10 -27.38 -27.98
CA HIS BC 138 67.75 -27.42 -28.54
C HIS BC 138 67.82 -27.53 -30.06
N GLN BC 139 68.80 -26.87 -30.68
CA GLN BC 139 69.02 -27.01 -32.11
C GLN BC 139 69.47 -28.43 -32.47
N GLN BC 140 70.25 -29.06 -31.58
CA GLN BC 140 70.67 -30.44 -31.82
C GLN BC 140 69.49 -31.40 -31.66
N VAL BC 141 68.58 -31.14 -30.71
CA VAL BC 141 67.37 -31.93 -30.58
C VAL BC 141 66.50 -31.78 -31.83
N ARG BC 142 66.44 -30.56 -32.38
CA ARG BC 142 65.68 -30.32 -33.62
C ARG BC 142 66.29 -31.08 -34.80
N GLN BC 143 67.62 -31.06 -34.92
CA GLN BC 143 68.27 -31.78 -36.01
C GLN BC 143 68.12 -33.29 -35.86
N ILE BC 144 68.17 -33.79 -34.62
CA ILE BC 144 68.03 -35.22 -34.38
C ILE BC 144 66.62 -35.69 -34.69
N ARG BC 145 65.60 -34.92 -34.27
CA ARG BC 145 64.22 -35.32 -34.55
C ARG BC 145 63.89 -35.16 -36.03
N LYS BC 146 64.55 -34.21 -36.71
CA LYS BC 146 64.38 -34.10 -38.16
C LYS BC 146 64.99 -35.28 -38.88
N LYS BC 147 66.17 -35.74 -38.44
CA LYS BC 147 66.77 -36.94 -39.01
C LYS BC 147 65.94 -38.18 -38.69
N MET BC 148 65.30 -38.20 -37.51
CA MET BC 148 64.38 -39.28 -37.17
C MET BC 148 63.19 -39.33 -38.11
N MET BC 149 62.58 -38.17 -38.37
CA MET BC 149 61.46 -38.10 -39.31
C MET BC 149 61.88 -38.52 -40.71
N GLU BC 150 63.07 -38.09 -41.15
CA GLU BC 150 63.55 -38.43 -42.49
C GLU BC 150 63.83 -39.93 -42.63
N ILE BC 151 64.48 -40.52 -41.62
CA ILE BC 151 64.81 -41.95 -41.66
C ILE BC 151 63.55 -42.79 -41.59
N MET BC 152 62.59 -42.41 -40.75
CA MET BC 152 61.37 -43.21 -40.61
C MET BC 152 60.49 -43.12 -41.85
N THR BC 153 60.40 -41.94 -42.48
CA THR BC 153 59.72 -41.85 -43.76
C THR BC 153 60.43 -42.63 -44.85
N ARG BC 154 61.77 -42.59 -44.87
CA ARG BC 154 62.53 -43.35 -45.87
C ARG BC 154 62.37 -44.85 -45.68
N GLU BC 155 62.20 -45.29 -44.44
CA GLU BC 155 62.03 -46.72 -44.19
C GLU BC 155 60.62 -47.19 -44.54
N VAL BC 156 59.60 -46.39 -44.23
CA VAL BC 156 58.24 -46.90 -44.34
C VAL BC 156 57.66 -46.65 -45.74
N GLN BC 157 57.99 -45.52 -46.37
CA GLN BC 157 57.37 -45.16 -47.65
C GLN BC 157 57.79 -46.06 -48.80
N THR BC 158 58.92 -46.76 -48.68
CA THR BC 158 59.43 -47.54 -49.81
C THR BC 158 58.85 -48.94 -49.89
N ASN BC 159 58.08 -49.38 -48.90
CA ASN BC 159 57.60 -50.75 -48.88
C ASN BC 159 56.29 -50.86 -48.11
N ASP BC 160 55.77 -52.09 -48.03
CA ASP BC 160 54.43 -52.33 -47.54
C ASP BC 160 54.43 -52.72 -46.07
N LEU BC 161 53.23 -53.09 -45.59
CA LEU BC 161 53.00 -53.29 -44.16
C LEU BC 161 53.69 -54.54 -43.66
N LYS BC 162 53.72 -55.60 -44.47
CA LYS BC 162 54.37 -56.85 -44.09
C LYS BC 162 55.88 -56.66 -43.91
N GLU BC 163 56.49 -55.84 -44.78
CA GLU BC 163 57.92 -55.62 -44.68
C GLU BC 163 58.26 -54.62 -43.57
N VAL BC 164 57.37 -53.66 -43.28
CA VAL BC 164 57.68 -52.78 -42.15
C VAL BC 164 57.42 -53.50 -40.83
N VAL BC 165 56.54 -54.52 -40.82
CA VAL BC 165 56.42 -55.37 -39.63
C VAL BC 165 57.67 -56.23 -39.48
N ASN BC 166 58.21 -56.73 -40.60
CA ASN BC 166 59.46 -57.48 -40.53
C ASN BC 166 60.65 -56.60 -40.17
N LYS BC 167 60.51 -55.28 -40.34
CA LYS BC 167 61.54 -54.37 -39.83
C LYS BC 167 61.32 -54.04 -38.35
N LEU BC 168 60.05 -53.98 -37.91
CA LEU BC 168 59.77 -53.59 -36.53
C LEU BC 168 59.83 -54.77 -35.57
N ILE BC 169 59.96 -55.99 -36.09
CA ILE BC 169 60.22 -57.12 -35.19
C ILE BC 169 61.64 -56.99 -34.61
N PRO BC 170 62.70 -56.62 -35.40
CA PRO BC 170 63.91 -56.11 -34.74
C PRO BC 170 63.78 -54.63 -34.41
N ASP BC 171 64.87 -54.02 -33.95
CA ASP BC 171 64.93 -52.58 -33.76
C ASP BC 171 65.62 -51.89 -34.92
N SER BC 172 65.38 -52.36 -36.16
CA SER BC 172 66.16 -51.96 -37.32
C SER BC 172 65.98 -50.49 -37.67
N ILE BC 173 64.75 -49.98 -37.52
CA ILE BC 173 64.52 -48.55 -37.71
C ILE BC 173 65.18 -47.76 -36.58
N GLY BC 174 65.03 -48.25 -35.35
CA GLY BC 174 65.72 -47.64 -34.23
C GLY BC 174 67.23 -47.77 -34.32
N LYS BC 175 67.71 -48.88 -34.90
CA LYS BC 175 69.15 -49.04 -35.11
C LYS BC 175 69.66 -48.11 -36.19
N ASP BC 176 68.87 -47.87 -37.24
CA ASP BC 176 69.26 -46.92 -38.28
C ASP BC 176 69.31 -45.50 -37.72
N ILE BC 177 68.33 -45.14 -36.87
CA ILE BC 177 68.35 -43.84 -36.20
C ILE BC 177 69.56 -43.72 -35.28
N GLU BC 178 69.85 -44.77 -34.52
CA GLU BC 178 70.96 -44.74 -33.56
C GLU BC 178 72.31 -44.67 -34.27
N LYS BC 179 72.42 -45.29 -35.45
CA LYS BC 179 73.65 -45.19 -36.22
C LYS BC 179 73.80 -43.81 -36.86
N ALA BC 180 72.73 -43.29 -37.46
CA ALA BC 180 72.87 -42.07 -38.26
C ALA BC 180 72.85 -40.82 -37.40
N CYS BC 181 72.43 -40.93 -36.14
CA CYS BC 181 72.38 -39.75 -35.29
C CYS BC 181 73.60 -39.60 -34.39
N GLN BC 182 74.66 -40.38 -34.59
CA GLN BC 182 75.85 -40.27 -33.74
C GLN BC 182 76.64 -39.01 -34.07
N SER BC 183 76.47 -38.48 -35.29
CA SER BC 183 77.23 -37.29 -35.69
C SER BC 183 76.73 -36.03 -34.98
N ILE BC 184 75.49 -36.01 -34.52
CA ILE BC 184 74.98 -34.85 -33.80
C ILE BC 184 75.16 -35.03 -32.30
N TYR BC 185 74.61 -36.13 -31.75
CA TYR BC 185 74.88 -36.49 -30.36
C TYR BC 185 74.92 -38.00 -30.24
N PRO BC 186 75.96 -38.57 -29.63
CA PRO BC 186 75.95 -40.02 -29.38
C PRO BC 186 74.92 -40.43 -28.33
N LEU BC 187 73.88 -41.11 -28.79
CA LEU BC 187 72.74 -41.52 -27.98
C LEU BC 187 72.43 -43.00 -28.20
N HIS BC 188 71.91 -43.64 -27.14
CA HIS BC 188 71.90 -45.10 -27.12
C HIS BC 188 70.50 -45.71 -27.08
N ASP BC 189 69.59 -45.09 -26.34
CA ASP BC 189 68.35 -45.75 -25.92
C ASP BC 189 67.24 -45.41 -26.90
N VAL BC 190 67.40 -45.91 -28.13
CA VAL BC 190 66.49 -45.61 -29.21
C VAL BC 190 65.51 -46.76 -29.39
N PHE BC 191 64.23 -46.48 -29.17
CA PHE BC 191 63.18 -47.44 -29.44
C PHE BC 191 62.00 -46.71 -30.05
N VAL BC 192 61.50 -47.24 -31.15
CA VAL BC 192 60.23 -46.79 -31.71
C VAL BC 192 59.15 -47.29 -30.76
N ARG BC 193 58.43 -46.35 -30.13
CA ARG BC 193 57.61 -46.73 -28.98
C ARG BC 193 56.18 -47.08 -29.36
N LYS BC 194 55.66 -46.54 -30.46
CA LYS BC 194 54.25 -46.80 -30.77
C LYS BC 194 54.00 -46.74 -32.27
N VAL BC 195 53.14 -47.63 -32.76
CA VAL BC 195 52.63 -47.61 -34.13
C VAL BC 195 51.11 -47.65 -34.06
N LYS BC 196 50.45 -46.79 -34.83
CA LYS BC 196 49.00 -46.70 -34.79
C LYS BC 196 48.44 -46.69 -36.21
N MET BC 197 47.53 -47.63 -36.50
CA MET BC 197 46.75 -47.61 -37.72
C MET BC 197 45.72 -46.49 -37.61
N LEU BC 198 45.59 -45.69 -38.67
CA LEU BC 198 44.61 -44.59 -38.66
C LEU BC 198 43.50 -44.77 -39.68
N LYS BC 199 43.84 -44.99 -40.95
CA LYS BC 199 42.84 -45.09 -42.01
C LYS BC 199 42.98 -46.44 -42.71
N LYS BC 200 42.01 -47.32 -42.47
CA LYS BC 200 41.97 -48.62 -43.14
C LYS BC 200 41.05 -48.55 -44.36
N PRO BC 201 41.43 -49.21 -45.45
CA PRO BC 201 40.62 -49.20 -46.67
C PRO BC 201 39.51 -50.24 -46.59
N LYS BC 202 38.84 -50.44 -47.72
CA LYS BC 202 37.94 -51.57 -47.88
C LYS BC 202 38.69 -52.88 -47.71
N PHE BC 203 38.15 -53.78 -46.90
CA PHE BC 203 38.80 -55.02 -46.49
C PHE BC 203 39.06 -55.97 -47.65
N GLU BC 204 40.27 -56.54 -47.71
CA GLU BC 204 40.66 -57.49 -48.73
C GLU BC 204 41.03 -58.82 -48.06
N LEU BC 205 40.14 -59.81 -48.22
CA LEU BC 205 40.36 -61.12 -47.64
C LEU BC 205 41.49 -61.82 -48.40
N GLY BC 206 41.70 -61.45 -49.67
CA GLY BC 206 42.83 -61.97 -50.40
C GLY BC 206 44.15 -61.46 -49.87
N LYS BC 207 44.20 -60.19 -49.47
CA LYS BC 207 45.40 -59.65 -48.83
C LYS BC 207 45.61 -60.27 -47.45
N LEU BC 208 44.51 -60.57 -46.74
CA LEU BC 208 44.64 -61.24 -45.45
C LEU BC 208 45.15 -62.68 -45.61
N MET BC 209 44.71 -63.37 -46.66
CA MET BC 209 45.24 -64.71 -46.92
C MET BC 209 46.67 -64.66 -47.42
N GLU BC 210 47.06 -63.56 -48.09
CA GLU BC 210 48.45 -63.38 -48.48
C GLU BC 210 49.33 -63.15 -47.26
N LEU BC 211 48.81 -62.43 -46.26
CA LEU BC 211 49.54 -62.25 -45.01
C LEU BC 211 49.59 -63.55 -44.21
N HIS BC 212 48.53 -64.36 -44.30
CA HIS BC 212 48.49 -65.68 -43.67
C HIS BC 212 48.97 -66.74 -44.67
N GLY BC 213 50.19 -66.56 -45.15
CA GLY BC 213 50.80 -67.49 -46.08
C GLY BC 213 50.20 -67.42 -47.47
N LYS CC 1 99.89 -17.38 51.11
CA LYS CC 1 100.60 -16.11 51.12
C LYS CC 1 101.79 -16.14 50.17
N GLU CC 2 102.63 -17.16 50.32
CA GLU CC 2 103.80 -17.31 49.46
C GLU CC 2 103.36 -17.80 48.08
N TRP CC 3 103.48 -16.94 47.08
CA TRP CC 3 102.99 -17.22 45.73
C TRP CC 3 103.98 -18.14 45.01
N LEU CC 4 103.60 -19.40 44.84
CA LEU CC 4 104.36 -20.33 44.02
C LEU CC 4 103.98 -20.11 42.57
N PRO CC 5 104.90 -19.73 41.69
CA PRO CC 5 104.53 -19.41 40.31
C PRO CC 5 104.32 -20.65 39.47
N VAL CC 6 103.46 -20.49 38.46
CA VAL CC 6 103.18 -21.58 37.53
C VAL CC 6 103.77 -21.22 36.18
N THR CC 7 103.54 -19.99 35.74
CA THR CC 7 104.02 -19.54 34.44
C THR CC 7 105.51 -19.23 34.48
N LYS CC 8 106.16 -19.36 33.33
CA LYS CC 8 107.58 -19.05 33.21
C LYS CC 8 107.83 -17.56 33.37
N LEU CC 9 106.92 -16.74 32.84
CA LEU CC 9 107.00 -15.29 33.03
C LEU CC 9 106.80 -14.93 34.50
N GLY CC 10 105.90 -15.64 35.19
CA GLY CC 10 105.72 -15.43 36.61
C GLY CC 10 106.94 -15.83 37.42
N ARG CC 11 107.64 -16.89 36.96
CA ARG CC 11 108.90 -17.27 37.61
C ARG CC 11 109.98 -16.21 37.39
N LEU CC 12 110.00 -15.59 36.20
CA LEU CC 12 110.91 -14.48 35.96
C LEU CC 12 110.58 -13.28 36.84
N VAL CC 13 109.30 -13.00 37.04
CA VAL CC 13 108.87 -11.89 37.89
C VAL CC 13 109.25 -12.16 39.35
N LYS CC 14 109.11 -13.42 39.79
CA LYS CC 14 109.48 -13.76 41.16
C LYS CC 14 111.00 -13.79 41.31
N ASP CC 15 111.74 -14.00 40.23
CA ASP CC 15 113.19 -13.90 40.27
C ASP CC 15 113.70 -12.48 40.04
N MET CC 16 112.80 -11.52 39.74
CA MET CC 16 113.11 -10.10 39.53
C MET CC 16 114.10 -9.85 38.40
N LYS CC 17 114.17 -10.76 37.42
CA LYS CC 17 115.15 -10.56 36.36
C LYS CC 17 114.57 -9.74 35.20
N ILE CC 18 113.28 -9.46 35.22
CA ILE CC 18 112.69 -8.45 34.34
C ILE CC 18 112.41 -7.21 35.19
N LYS CC 19 112.72 -6.02 34.64
CA LYS CC 19 112.69 -4.82 35.47
C LYS CC 19 111.29 -4.24 35.59
N SER CC 20 110.42 -4.47 34.60
CA SER CC 20 109.07 -3.92 34.60
C SER CC 20 108.20 -4.72 33.66
N LEU CC 21 106.89 -4.44 33.72
CA LEU CC 21 105.95 -4.99 32.75
C LEU CC 21 105.97 -4.26 31.41
N GLU CC 22 106.85 -3.27 31.26
CA GLU CC 22 107.00 -2.58 29.99
C GLU CC 22 107.55 -3.52 28.92
N GLU CC 23 108.48 -4.39 29.29
CA GLU CC 23 108.99 -5.38 28.34
C GLU CC 23 107.94 -6.46 28.06
N ILE CC 24 107.08 -6.74 29.03
CA ILE CC 24 105.98 -7.68 28.82
C ILE CC 24 105.01 -7.13 27.79
N TYR CC 25 104.70 -5.84 27.90
CA TYR CC 25 103.82 -5.21 26.90
C TYR CC 25 104.56 -4.94 25.59
N LEU CC 26 105.88 -4.91 25.64
CA LEU CC 26 106.68 -4.82 24.42
C LEU CC 26 106.59 -6.10 23.61
N PHE CC 27 106.87 -7.24 24.25
CA PHE CC 27 106.83 -8.53 23.55
C PHE CC 27 105.45 -9.15 23.53
N SER CC 28 104.43 -8.45 24.06
CA SER CC 28 103.01 -8.85 23.99
C SER CC 28 102.76 -10.19 24.67
N LEU CC 29 103.51 -10.45 25.75
CA LEU CC 29 103.35 -11.70 26.48
C LEU CC 29 102.09 -11.65 27.34
N PRO CC 30 101.32 -12.74 27.39
CA PRO CC 30 100.08 -12.73 28.16
C PRO CC 30 100.35 -12.82 29.66
N ILE CC 31 99.68 -11.96 30.42
CA ILE CC 31 99.79 -11.97 31.88
C ILE CC 31 98.63 -12.80 32.42
N LYS CC 32 98.88 -14.09 32.65
CA LYS CC 32 97.82 -14.99 33.09
C LYS CC 32 97.78 -15.12 34.60
N GLU CC 33 98.89 -14.78 35.27
CA GLU CC 33 98.93 -14.78 36.72
C GLU CC 33 98.46 -13.42 37.25
N SER CC 34 97.76 -13.43 38.38
CA SER CC 34 97.20 -12.22 38.93
C SER CC 34 98.16 -11.51 39.87
N GLU CC 35 99.16 -12.21 40.40
CA GLU CC 35 100.07 -11.63 41.38
C GLU CC 35 101.21 -10.85 40.77
N ILE CC 36 101.40 -10.94 39.44
CA ILE CC 36 102.46 -10.18 38.77
C ILE CC 36 102.18 -8.68 38.84
N ILE CC 37 100.91 -8.31 38.65
CA ILE CC 37 100.54 -6.89 38.68
C ILE CC 37 100.54 -6.39 40.14
N ASP CC 38 100.21 -7.29 41.08
CA ASP CC 38 100.30 -6.94 42.49
C ASP CC 38 101.76 -6.77 42.92
N PHE CC 39 102.68 -7.47 42.25
CA PHE CC 39 104.10 -7.27 42.51
C PHE CC 39 104.57 -5.93 41.95
N PHE CC 40 104.30 -5.67 40.66
CA PHE CC 40 104.85 -4.46 40.05
C PHE CC 40 104.11 -3.21 40.48
N LEU CC 41 102.81 -3.10 40.14
CA LEU CC 41 102.07 -1.88 40.37
C LEU CC 41 101.07 -2.00 41.53
N GLY CC 42 101.32 -2.91 42.47
CA GLY CC 42 100.34 -3.14 43.53
C GLY CC 42 100.33 -2.07 44.60
N ALA CC 43 101.32 -1.17 44.58
CA ALA CC 43 101.38 -0.13 45.60
C ALA CC 43 100.32 0.94 45.36
N SER CC 44 100.14 1.37 44.12
CA SER CC 44 99.19 2.43 43.80
C SER CC 44 97.94 1.90 43.10
N LEU CC 45 97.76 0.58 43.04
CA LEU CC 45 96.64 -0.01 42.33
C LEU CC 45 95.36 0.17 43.14
N LYS CC 46 94.29 0.60 42.47
CA LYS CC 46 93.05 0.93 43.16
C LYS CC 46 91.88 0.19 42.52
N ASP CC 47 90.94 -0.23 43.37
CA ASP CC 47 89.72 -0.93 42.99
C ASP CC 47 88.51 -0.05 43.23
N GLU CC 48 87.67 0.11 42.20
CA GLU CC 48 86.36 0.74 42.40
C GLU CC 48 85.32 -0.07 41.65
N VAL CC 49 84.27 -0.48 42.36
CA VAL CC 49 83.21 -1.30 41.77
C VAL CC 49 82.24 -0.39 41.04
N LEU CC 50 82.02 -0.66 39.75
CA LEU CC 50 81.11 0.18 38.98
C LEU CC 50 79.66 -0.16 39.28
N LYS CC 51 79.25 -1.40 39.02
CA LYS CC 51 77.86 -1.79 39.19
C LYS CC 51 77.78 -3.29 39.40
N ILE CC 52 77.01 -3.69 40.41
CA ILE CC 52 76.67 -5.09 40.67
C ILE CC 52 75.42 -5.40 39.86
N MET CC 53 75.52 -6.34 38.93
CA MET CC 53 74.46 -6.61 37.98
C MET CC 53 73.80 -7.95 38.29
N PRO CC 54 72.59 -7.97 38.85
CA PRO CC 54 71.97 -9.25 39.21
C PRO CC 54 71.30 -9.96 38.04
N VAL CC 55 72.09 -10.68 37.24
CA VAL CC 55 71.53 -11.49 36.17
C VAL CC 55 71.05 -12.81 36.74
N GLN CC 56 70.18 -13.49 36.01
CA GLN CC 56 69.60 -14.74 36.49
C GLN CC 56 69.12 -15.58 35.33
N LYS CC 57 69.09 -16.90 35.53
CA LYS CC 57 68.57 -17.84 34.54
C LYS CC 57 67.38 -18.59 35.12
N GLN CC 58 66.52 -19.08 34.24
CA GLN CC 58 65.30 -19.75 34.67
C GLN CC 58 65.52 -21.25 34.79
N THR CC 59 65.08 -21.81 35.92
CA THR CC 59 65.12 -23.24 36.16
C THR CC 59 63.69 -23.74 36.36
N ARG CC 60 63.54 -25.03 36.66
CA ARG CC 60 62.21 -25.57 36.88
C ARG CC 60 61.67 -25.20 38.27
N ALA CC 61 62.56 -25.03 39.25
CA ALA CC 61 62.18 -24.59 40.59
C ALA CC 61 62.45 -23.10 40.77
N GLY CC 62 61.71 -22.29 40.02
CA GLY CC 62 61.91 -20.84 40.11
C GLY CC 62 63.05 -20.40 39.22
N GLN CC 63 63.98 -19.64 39.79
CA GLN CC 63 65.12 -19.15 39.03
C GLN CC 63 66.35 -19.08 39.93
N ARG CC 64 67.52 -19.10 39.31
CA ARG CC 64 68.79 -19.02 40.03
C ARG CC 64 69.45 -17.67 39.74
N THR CC 65 69.63 -16.86 40.78
CA THR CC 65 70.17 -15.52 40.66
C THR CC 65 71.63 -15.50 41.08
N ARG CC 66 72.49 -14.93 40.23
CA ARG CC 66 73.91 -14.82 40.51
C ARG CC 66 74.43 -13.50 39.97
N PHE CC 67 75.25 -12.83 40.79
CA PHE CC 67 75.60 -11.43 40.57
C PHE CC 67 76.80 -11.30 39.64
N LYS CC 68 76.77 -10.27 38.80
CA LYS CC 68 77.79 -10.01 37.79
C LYS CC 68 78.50 -8.71 38.15
N ALA CC 69 79.67 -8.83 38.77
CA ALA CC 69 80.41 -7.69 39.28
C ALA CC 69 81.29 -7.09 38.18
N PHE CC 70 81.29 -5.76 38.12
CA PHE CC 70 82.14 -4.97 37.22
C PHE CC 70 83.08 -4.14 38.09
N VAL CC 71 84.39 -4.28 37.86
CA VAL CC 71 85.39 -3.60 38.68
C VAL CC 71 86.33 -2.82 37.77
N ALA CC 72 86.44 -1.51 38.00
CA ALA CC 72 87.45 -0.69 37.34
C ALA CC 72 88.68 -0.63 38.24
N ILE CC 73 89.82 -1.03 37.69
CA ILE CC 73 91.06 -1.13 38.44
C ILE CC 73 92.09 -0.20 37.78
N GLY CC 74 93.00 0.31 38.59
CA GLY CC 74 94.14 0.99 38.01
C GLY CC 74 94.83 2.03 38.85
N ASP CC 75 96.16 2.07 38.77
CA ASP CC 75 96.92 3.18 39.31
C ASP CC 75 96.75 4.40 38.41
N TYR CC 76 97.01 5.58 38.97
CA TYR CC 76 96.68 6.82 38.27
C TYR CC 76 97.68 7.23 37.20
N ASN CC 77 98.57 6.35 36.76
CA ASN CC 77 99.55 6.66 35.73
C ASN CC 77 99.56 5.54 34.69
N GLY CC 78 98.67 5.64 33.70
CA GLY CC 78 98.75 4.80 32.53
C GLY CC 78 97.94 3.51 32.51
N HIS CC 79 98.13 2.63 33.48
CA HIS CC 79 97.61 1.28 33.38
C HIS CC 79 96.27 1.15 34.11
N VAL CC 80 95.24 0.73 33.36
CA VAL CC 80 93.90 0.54 33.90
C VAL CC 80 93.29 -0.72 33.29
N GLY CC 81 92.35 -1.30 34.02
CA GLY CC 81 91.69 -2.51 33.57
C GLY CC 81 90.21 -2.52 33.95
N LEU CC 82 89.45 -3.33 33.23
CA LEU CC 82 88.00 -3.47 33.42
C LEU CC 82 87.72 -4.97 33.59
N GLY CC 83 87.38 -5.37 34.81
CA GLY CC 83 87.13 -6.77 35.11
C GLY CC 83 85.64 -7.07 35.22
N VAL CC 84 85.25 -8.20 34.65
CA VAL CC 84 83.86 -8.65 34.61
C VAL CC 84 83.84 -10.08 35.12
N LYS CC 85 83.07 -10.34 36.19
CA LYS CC 85 82.97 -11.69 36.71
C LYS CC 85 81.60 -11.94 37.32
N CYS CC 86 80.94 -13.02 36.90
CA CYS CC 86 79.64 -13.39 37.42
C CYS CC 86 79.77 -14.64 38.29
N SER CC 87 79.25 -14.54 39.51
CA SER CC 87 79.38 -15.61 40.50
C SER CC 87 78.16 -15.59 41.40
N LYS CC 88 77.99 -16.68 42.17
CA LYS CC 88 76.80 -16.87 42.98
C LYS CC 88 76.71 -15.88 44.14
N GLU CC 89 77.84 -15.38 44.62
CA GLU CC 89 77.87 -14.42 45.71
C GLU CC 89 78.71 -13.22 45.33
N VAL CC 90 78.35 -12.07 45.92
CA VAL CC 90 78.88 -10.79 45.45
C VAL CC 90 80.35 -10.63 45.84
N ALA CC 91 80.78 -11.24 46.95
CA ALA CC 91 82.16 -11.12 47.38
C ALA CC 91 83.09 -11.90 46.45
N THR CC 92 82.73 -13.13 46.11
CA THR CC 92 83.51 -13.92 45.16
C THR CC 92 83.43 -13.30 43.76
N ALA CC 93 82.31 -12.67 43.43
CA ALA CC 93 82.17 -12.00 42.13
C ALA CC 93 83.12 -10.81 42.02
N ILE CC 94 83.20 -9.98 43.07
CA ILE CC 94 84.09 -8.82 43.07
C ILE CC 94 85.55 -9.27 43.11
N ARG CC 95 85.85 -10.34 43.86
CA ARG CC 95 87.22 -10.83 43.95
C ARG CC 95 87.69 -11.41 42.61
N GLY CC 96 86.84 -12.19 41.95
CA GLY CC 96 87.16 -12.71 40.63
C GLY CC 96 87.24 -11.62 39.58
N ALA CC 97 86.44 -10.55 39.74
CA ALA CC 97 86.53 -9.42 38.82
C ALA CC 97 87.84 -8.68 38.99
N ILE CC 98 88.33 -8.55 40.23
CA ILE CC 98 89.62 -7.92 40.48
C ILE CC 98 90.76 -8.78 39.91
N ILE CC 99 90.63 -10.10 40.03
CA ILE CC 99 91.66 -11.01 39.51
C ILE CC 99 91.70 -10.96 37.98
N LEU CC 100 90.53 -11.03 37.33
CA LEU CC 100 90.48 -10.96 35.86
C LEU CC 100 90.85 -9.56 35.37
N ALA CC 101 90.64 -8.53 36.20
CA ALA CC 101 91.05 -7.19 35.84
C ALA CC 101 92.58 -7.06 35.89
N LYS CC 102 93.22 -7.68 36.89
CA LYS CC 102 94.67 -7.71 36.96
C LYS CC 102 95.25 -8.50 35.79
N LEU CC 103 94.54 -9.54 35.36
CA LEU CC 103 94.95 -10.24 34.13
C LEU CC 103 94.77 -9.36 32.89
N SER CC 104 93.76 -8.48 32.90
CA SER CC 104 93.46 -7.74 31.67
C SER CC 104 93.57 -6.22 31.81
N ILE CC 105 94.54 -5.68 32.55
CA ILE CC 105 94.83 -4.25 32.44
C ILE CC 105 95.49 -3.95 31.10
N VAL CC 106 95.31 -2.73 30.61
CA VAL CC 106 96.02 -2.23 29.43
C VAL CC 106 96.62 -0.87 29.74
N PRO CC 107 97.71 -0.47 29.08
CA PRO CC 107 98.20 0.91 29.21
C PRO CC 107 97.51 1.83 28.21
N VAL CC 108 97.35 3.08 28.61
CA VAL CC 108 96.67 4.07 27.79
C VAL CC 108 97.71 4.97 27.16
N ARG CC 109 97.34 5.66 26.10
CA ARG CC 109 98.24 6.63 25.48
C ARG CC 109 97.77 8.03 25.82
N ARG CC 110 98.70 8.86 26.31
CA ARG CC 110 98.43 10.26 26.61
C ARG CC 110 99.36 11.13 25.78
N GLY CC 111 98.83 12.27 25.29
CA GLY CC 111 99.56 13.11 24.37
C GLY CC 111 99.36 14.59 24.59
N TYR CC 112 99.61 15.40 23.55
CA TYR CC 112 99.55 16.86 23.66
C TYR CC 112 98.51 17.42 22.70
N TRP CC 113 98.01 18.61 23.05
CA TRP CC 113 97.15 19.39 22.17
C TRP CC 113 97.83 20.71 21.84
N GLY CC 114 98.19 20.88 20.57
CA GLY CC 114 98.82 22.12 20.16
C GLY CC 114 100.27 22.15 20.60
N ASN CC 115 100.58 22.97 21.60
CA ASN CC 115 101.93 23.06 22.12
C ASN CC 115 102.28 21.78 22.88
N LYS CC 116 103.53 21.35 22.74
CA LYS CC 116 103.96 20.06 23.28
C LYS CC 116 104.78 20.19 24.55
N ILE CC 117 104.73 21.35 25.21
CA ILE CC 117 105.55 21.53 26.41
C ILE CC 117 104.82 20.91 27.61
N GLY CC 118 105.61 20.42 28.56
CA GLY CC 118 105.06 19.83 29.76
C GLY CC 118 104.84 18.34 29.65
N LYS CC 119 103.98 17.84 30.53
CA LYS CC 119 103.66 16.42 30.53
C LYS CC 119 102.44 16.15 29.66
N PRO CC 120 102.37 14.98 29.04
CA PRO CC 120 101.20 14.65 28.21
C PRO CC 120 99.97 14.42 29.08
N HIS CC 121 98.85 14.97 28.64
CA HIS CC 121 97.65 15.07 29.45
C HIS CC 121 96.39 14.55 28.78
N THR CC 122 96.30 14.66 27.45
CA THR CC 122 95.09 14.34 26.72
C THR CC 122 95.30 13.14 25.82
N VAL CC 123 94.19 12.64 25.27
CA VAL CC 123 94.27 11.63 24.21
C VAL CC 123 94.88 12.25 22.97
N PRO CC 124 95.91 11.65 22.36
CA PRO CC 124 96.66 12.36 21.31
C PRO CC 124 95.91 12.56 20.00
N CYS CC 125 94.92 11.71 19.69
CA CYS CC 125 94.16 11.86 18.46
C CYS CC 125 92.75 11.30 18.68
N LYS CC 126 91.86 11.58 17.72
CA LYS CC 126 90.46 11.16 17.80
C LYS CC 126 90.38 9.66 17.56
N VAL CC 127 90.25 8.92 18.66
CA VAL CC 127 90.19 7.46 18.60
C VAL CC 127 88.78 7.00 18.91
N THR CC 128 88.52 5.72 18.70
CA THR CC 128 87.20 5.15 18.91
C THR CC 128 87.30 3.74 19.48
N GLY CC 129 86.19 3.26 20.03
CA GLY CC 129 86.11 1.91 20.53
C GLY CC 129 84.67 1.47 20.67
N ARG CC 130 84.43 0.20 20.37
CA ARG CC 130 83.05 -0.27 20.40
C ARG CC 130 82.98 -1.77 20.65
N CYS CC 131 81.86 -2.18 21.24
CA CYS CC 131 81.39 -3.56 21.24
C CYS CC 131 79.87 -3.49 21.31
N GLY CC 132 79.21 -4.33 20.52
CA GLY CC 132 77.76 -4.20 20.39
C GLY CC 132 77.43 -2.95 19.61
N SER CC 133 76.49 -2.16 20.12
CA SER CC 133 76.10 -0.93 19.44
C SER CC 133 76.66 0.31 20.12
N VAL CC 134 77.27 0.15 21.29
CA VAL CC 134 77.81 1.30 22.02
C VAL CC 134 79.14 1.73 21.40
N LEU CC 135 79.20 2.99 20.98
CA LEU CC 135 80.37 3.54 20.29
C LEU CC 135 80.91 4.71 21.10
N VAL CC 136 82.11 4.56 21.64
CA VAL CC 136 82.73 5.60 22.47
C VAL CC 136 83.90 6.20 21.70
N ARG CC 137 83.81 7.50 21.46
CA ARG CC 137 84.84 8.24 20.73
C ARG CC 137 85.57 9.18 21.68
N LEU CC 138 86.89 9.20 21.61
CA LEU CC 138 87.71 10.03 22.47
C LEU CC 138 88.40 11.10 21.63
N ILE CC 139 88.29 12.34 22.07
CA ILE CC 139 88.72 13.54 21.34
C ILE CC 139 89.85 14.19 22.12
N PRO CC 140 90.86 14.79 21.46
CA PRO CC 140 91.84 15.59 22.21
C PRO CC 140 91.22 16.82 22.85
N ALA CC 141 91.86 17.27 23.93
CA ALA CC 141 91.37 18.36 24.77
C ALA CC 141 92.52 19.26 25.17
N PRO CC 142 92.28 20.55 25.40
CA PRO CC 142 93.32 21.42 25.95
C PRO CC 142 93.56 21.14 27.43
N ARG CC 143 94.56 21.84 27.99
CA ARG CC 143 94.98 21.58 29.35
C ARG CC 143 93.98 22.11 30.36
N GLY CC 144 93.80 21.36 31.45
CA GLY CC 144 92.99 21.82 32.57
C GLY CC 144 91.49 21.77 32.37
N THR CC 145 91.01 21.11 31.32
CA THR CC 145 89.58 21.12 31.04
C THR CC 145 88.83 20.12 31.91
N GLY CC 146 89.40 18.94 32.11
CA GLY CC 146 88.70 17.86 32.77
C GLY CC 146 88.06 16.92 31.75
N ILE CC 147 87.70 15.74 32.21
CA ILE CC 147 87.10 14.73 31.34
C ILE CC 147 85.63 15.10 31.17
N VAL CC 148 85.30 15.72 30.05
CA VAL CC 148 83.93 16.12 29.77
C VAL CC 148 83.21 14.90 29.22
N SER CC 149 82.53 14.15 30.10
CA SER CC 149 82.02 12.84 29.73
C SER CC 149 80.98 12.38 30.73
N ALA CC 150 80.48 11.16 30.49
CA ALA CC 150 79.67 10.45 31.46
C ALA CC 150 80.51 10.06 32.68
N PRO CC 151 79.88 9.86 33.85
CA PRO CC 151 80.67 9.59 35.07
C PRO CC 151 81.49 8.31 35.07
N VAL CC 152 81.03 7.24 34.44
CA VAL CC 152 81.78 5.99 34.40
C VAL CC 152 83.02 6.08 33.50
N PRO CC 153 82.95 6.55 32.23
CA PRO CC 153 84.22 6.70 31.50
C PRO CC 153 85.04 7.88 31.99
N LYS CC 154 84.41 8.84 32.68
CA LYS CC 154 85.17 9.87 33.39
C LYS CC 154 86.00 9.25 34.50
N LYS CC 155 85.41 8.29 35.23
CA LYS CC 155 86.15 7.55 36.25
C LYS CC 155 87.28 6.73 35.64
N LEU CC 156 87.02 6.09 34.49
CA LEU CC 156 88.06 5.29 33.84
C LEU CC 156 89.20 6.16 33.30
N LEU CC 157 88.89 7.34 32.76
CA LEU CC 157 89.96 8.20 32.25
C LEU CC 157 90.68 8.92 33.39
N MET CC 158 89.99 9.17 34.51
CA MET CC 158 90.64 9.73 35.69
C MET CC 158 91.60 8.72 36.30
N MET CC 159 91.23 7.44 36.28
CA MET CC 159 92.18 6.39 36.66
C MET CC 159 93.29 6.25 35.63
N ALA CC 160 92.98 6.47 34.35
CA ALA CC 160 93.98 6.34 33.29
C ALA CC 160 95.03 7.44 33.36
N GLY CC 161 94.68 8.58 33.92
CA GLY CC 161 95.62 9.67 34.03
C GLY CC 161 95.51 10.63 32.88
N ILE CC 162 94.52 10.39 32.01
CA ILE CC 162 94.16 11.32 30.95
C ILE CC 162 93.28 12.36 31.62
N ASP CC 163 93.88 13.49 31.98
CA ASP CC 163 93.19 14.47 32.81
C ASP CC 163 92.15 15.25 32.00
N ASP CC 164 92.34 15.35 30.69
CA ASP CC 164 91.52 16.17 29.82
C ASP CC 164 91.10 15.39 28.60
N CYS CC 165 89.79 15.23 28.40
CA CYS CC 165 89.28 14.50 27.23
C CYS CC 165 87.84 14.87 26.92
N TYR CC 166 87.57 15.20 25.66
CA TYR CC 166 86.20 15.32 25.18
C TYR CC 166 85.73 13.97 24.63
N THR CC 167 84.46 13.65 24.84
CA THR CC 167 83.94 12.36 24.42
C THR CC 167 82.66 12.54 23.60
N SER CC 168 82.23 11.42 23.02
CA SER CC 168 80.95 11.31 22.35
C SER CC 168 80.41 9.90 22.53
N ALA CC 169 79.11 9.74 22.33
CA ALA CC 169 78.47 8.45 22.54
C ALA CC 169 77.45 8.20 21.42
N ARG CC 170 77.13 6.92 21.24
CA ARG CC 170 76.17 6.50 20.22
C ARG CC 170 75.55 5.16 20.59
N GLY CC 171 74.23 5.12 20.71
CA GLY CC 171 73.54 3.88 21.00
C GLY CC 171 72.96 3.86 22.41
N CYS CC 172 72.46 2.67 22.78
CA CYS CC 172 71.87 2.45 24.10
C CYS CC 172 73.01 2.35 25.11
N THR CC 173 73.35 3.50 25.69
CA THR CC 173 74.47 3.56 26.63
C THR CC 173 74.09 3.09 28.03
N ALA CC 174 72.83 2.67 28.24
CA ALA CC 174 72.42 2.19 29.56
C ALA CC 174 73.05 0.84 29.89
N THR CC 175 73.43 0.08 28.86
CA THR CC 175 74.16 -1.16 29.07
C THR CC 175 75.58 -0.85 29.51
N LEU CC 176 75.80 -0.82 30.82
CA LEU CC 176 77.04 -0.28 31.38
C LEU CC 176 78.21 -1.21 31.11
N GLY CC 177 77.94 -2.51 30.96
CA GLY CC 177 78.99 -3.46 30.63
C GLY CC 177 79.59 -3.22 29.26
N ASN CC 178 78.74 -3.12 28.23
CA ASN CC 178 79.23 -2.82 26.89
C ASN CC 178 79.75 -1.39 26.79
N PHE CC 179 79.23 -0.49 27.62
CA PHE CC 179 79.70 0.89 27.63
C PHE CC 179 81.14 0.98 28.17
N ALA CC 180 81.40 0.29 29.28
CA ALA CC 180 82.75 0.25 29.84
C ALA CC 180 83.69 -0.55 28.95
N LYS CC 181 83.21 -1.63 28.32
CA LYS CC 181 84.08 -2.37 27.41
C LYS CC 181 84.34 -1.60 26.13
N ALA CC 182 83.43 -0.72 25.72
CA ALA CC 182 83.65 0.11 24.53
C ALA CC 182 84.70 1.17 24.79
N THR CC 183 84.62 1.85 25.94
CA THR CC 183 85.67 2.81 26.26
C THR CC 183 86.99 2.11 26.61
N PHE CC 184 86.92 0.85 27.07
CA PHE CC 184 88.12 0.05 27.27
C PHE CC 184 88.77 -0.30 25.94
N ASP CC 185 87.96 -0.64 24.93
CA ASP CC 185 88.51 -0.92 23.60
C ASP CC 185 89.08 0.34 22.97
N ALA CC 186 88.48 1.50 23.27
CA ALA CC 186 89.02 2.77 22.77
C ALA CC 186 90.40 3.06 23.38
N ILE CC 187 90.52 2.95 24.70
CA ILE CC 187 91.81 3.25 25.33
C ILE CC 187 92.82 2.13 25.07
N SER CC 188 92.35 0.94 24.65
CA SER CC 188 93.28 -0.09 24.19
C SER CC 188 93.79 0.21 22.78
N LYS CC 189 92.92 0.69 21.90
CA LYS CC 189 93.31 1.03 20.54
C LYS CC 189 94.07 2.35 20.44
N THR CC 190 94.15 3.13 21.53
CA THR CC 190 95.07 4.26 21.57
C THR CC 190 96.51 3.82 21.29
N TYR CC 191 96.97 2.75 21.95
CA TYR CC 191 98.27 2.18 21.65
C TYR CC 191 98.28 1.26 20.43
N SER CC 192 97.13 1.05 19.78
CA SER CC 192 97.13 0.29 18.53
C SER CC 192 97.09 1.20 17.31
N TYR CC 193 96.74 2.47 17.47
CA TYR CC 193 96.75 3.41 16.36
C TYR CC 193 98.18 3.77 15.98
N LEU CC 194 98.46 3.76 14.68
CA LEU CC 194 99.78 4.09 14.15
C LEU CC 194 99.96 5.60 14.25
N THR CC 195 100.83 6.04 15.16
CA THR CC 195 101.20 7.43 15.30
C THR CC 195 102.32 7.77 14.33
N PRO CC 196 102.26 8.93 13.66
CA PRO CC 196 103.36 9.33 12.77
C PRO CC 196 104.69 9.60 13.47
N ASP CC 197 104.72 9.70 14.80
CA ASP CC 197 106.00 9.80 15.51
C ASP CC 197 106.73 8.46 15.52
N LEU CC 198 106.01 7.37 15.29
CA LEU CC 198 106.55 6.02 15.32
C LEU CC 198 107.18 5.60 14.00
N TRP CC 199 107.60 6.54 13.16
CA TRP CC 199 108.19 6.20 11.86
C TRP CC 199 109.59 5.61 11.98
N LYS CC 200 110.23 5.71 13.14
CA LYS CC 200 111.53 5.09 13.33
C LYS CC 200 111.39 3.57 13.36
N GLU CC 201 112.30 2.89 12.67
CA GLU CC 201 112.26 1.44 12.62
C GLU CC 201 112.56 0.83 13.98
N THR CC 202 111.89 -0.28 14.28
CA THR CC 202 111.98 -0.87 15.61
C THR CC 202 113.19 -1.78 15.70
N VAL CC 203 114.15 -1.40 16.53
CA VAL CC 203 115.28 -2.27 16.84
C VAL CC 203 114.85 -3.27 17.92
N PHE CC 204 114.73 -4.54 17.52
CA PHE CC 204 114.11 -5.54 18.37
C PHE CC 204 115.15 -6.05 19.37
N THR CC 205 114.91 -5.79 20.65
CA THR CC 205 115.77 -6.35 21.68
C THR CC 205 115.44 -7.82 21.91
N LYS CC 206 116.27 -8.47 22.71
CA LYS CC 206 116.15 -9.90 22.89
C LYS CC 206 114.99 -10.22 23.83
N SER CC 207 114.22 -11.25 23.46
CA SER CC 207 113.11 -11.71 24.29
C SER CC 207 113.66 -12.26 25.61
N PRO CC 208 112.96 -12.03 26.73
CA PRO CC 208 113.49 -12.49 28.03
C PRO CC 208 113.49 -14.00 28.19
N TYR CC 209 112.59 -14.69 27.48
CA TYR CC 209 112.62 -16.16 27.42
C TYR CC 209 113.91 -16.66 26.80
N GLN CC 210 114.44 -15.92 25.83
CA GLN CC 210 115.70 -16.31 25.20
C GLN CC 210 116.88 -15.74 25.97
N GLU CC 211 116.65 -14.68 26.75
CA GLU CC 211 117.68 -14.10 27.60
C GLU CC 211 118.05 -15.02 28.75
N PHE CC 212 117.07 -15.37 29.58
CA PHE CC 212 117.33 -16.11 30.81
C PHE CC 212 116.94 -17.57 30.70
N THR CC 213 117.21 -18.19 29.55
CA THR CC 213 116.79 -19.57 29.33
C THR CC 213 117.61 -20.55 30.14
N ASP CC 214 118.79 -20.14 30.63
CA ASP CC 214 119.59 -21.02 31.46
C ASP CC 214 119.08 -21.08 32.88
N HIS CC 215 118.71 -19.92 33.45
CA HIS CC 215 118.17 -19.90 34.80
C HIS CC 215 116.81 -20.56 34.86
N LEU CC 216 116.01 -20.42 33.80
CA LEU CC 216 114.66 -20.97 33.78
C LEU CC 216 114.67 -22.49 33.67
N VAL CC 217 115.79 -23.10 33.28
CA VAL CC 217 115.85 -24.55 33.26
C VAL CC 217 116.70 -25.06 34.42
N LYS CC 218 117.49 -24.19 35.06
CA LYS CC 218 118.28 -24.70 36.16
C LYS CC 218 117.61 -24.47 37.52
N THR CC 219 116.61 -23.58 37.60
CA THR CC 219 115.98 -23.35 38.90
C THR CC 219 114.66 -24.11 39.02
N HIS CC 220 114.07 -24.53 37.90
CA HIS CC 220 112.83 -25.29 37.92
C HIS CC 220 112.69 -26.07 36.63
N THR CC 221 111.55 -26.75 36.50
CA THR CC 221 111.27 -27.54 35.31
C THR CC 221 110.59 -26.69 34.23
N MET DC 1 69.30 -54.35 93.59
CA MET DC 1 68.59 -53.15 94.00
C MET DC 1 67.18 -53.56 94.44
N ALA DC 2 66.60 -52.80 95.37
CA ALA DC 2 65.34 -53.21 95.98
C ALA DC 2 64.17 -53.03 95.02
N VAL DC 3 64.25 -52.04 94.13
CA VAL DC 3 63.17 -51.83 93.17
C VAL DC 3 63.20 -52.89 92.07
N GLN DC 4 64.41 -53.39 91.74
CA GLN DC 4 64.65 -54.47 90.77
C GLN DC 4 64.05 -54.13 89.40
N ILE DC 5 64.61 -53.10 88.76
CA ILE DC 5 64.15 -52.72 87.43
C ILE DC 5 64.81 -53.62 86.39
N SER DC 6 64.11 -53.84 85.27
CA SER DC 6 64.63 -54.69 84.23
C SER DC 6 65.69 -53.95 83.42
N LYS DC 7 66.43 -54.72 82.61
CA LYS DC 7 67.45 -54.12 81.76
C LYS DC 7 66.82 -53.36 80.60
N LYS DC 8 65.64 -53.84 80.15
CA LYS DC 8 64.84 -53.18 79.12
C LYS DC 8 64.47 -51.76 79.51
N ARG DC 9 64.07 -51.57 80.77
CA ARG DC 9 63.78 -50.22 81.24
C ARG DC 9 65.05 -49.50 81.69
N LYS DC 10 66.08 -50.26 82.06
CA LYS DC 10 67.30 -49.65 82.61
C LYS DC 10 68.10 -48.93 81.55
N PHE DC 11 68.29 -49.56 80.38
CA PHE DC 11 69.02 -48.90 79.31
C PHE DC 11 68.24 -47.74 78.71
N VAL DC 12 66.90 -47.85 78.70
CA VAL DC 12 66.05 -46.74 78.25
C VAL DC 12 66.17 -45.56 79.21
N ALA DC 13 66.16 -45.84 80.52
CA ALA DC 13 66.29 -44.78 81.52
C ALA DC 13 67.67 -44.15 81.49
N ASP DC 14 68.70 -44.95 81.18
CA ASP DC 14 70.05 -44.40 81.04
C ASP DC 14 70.17 -43.55 79.78
N GLY DC 15 69.46 -43.92 78.71
CA GLY DC 15 69.46 -43.10 77.52
C GLY DC 15 68.74 -41.77 77.71
N ILE DC 16 67.64 -41.79 78.44
CA ILE DC 16 66.92 -40.54 78.75
C ILE DC 16 67.75 -39.70 79.72
N PHE DC 17 68.50 -40.36 80.61
CA PHE DC 17 69.47 -39.68 81.48
C PHE DC 17 70.52 -38.93 80.68
N LYS DC 18 71.12 -39.61 79.70
CA LYS DC 18 72.13 -38.98 78.84
C LYS DC 18 71.53 -37.85 78.01
N ALA DC 19 70.29 -38.01 77.53
CA ALA DC 19 69.64 -36.99 76.72
C ALA DC 19 69.31 -35.74 77.52
N GLU DC 20 68.78 -35.92 78.74
CA GLU DC 20 68.47 -34.79 79.60
C GLU DC 20 69.74 -34.10 80.08
N LEU DC 21 70.80 -34.89 80.31
CA LEU DC 21 72.12 -34.35 80.64
C LEU DC 21 72.66 -33.46 79.52
N ASN DC 22 72.60 -33.96 78.29
CA ASN DC 22 73.14 -33.25 77.13
C ASN DC 22 72.34 -31.98 76.88
N GLU DC 23 71.02 -32.05 77.04
CA GLU DC 23 70.18 -30.87 76.79
C GLU DC 23 70.37 -29.81 77.87
N PHE DC 24 70.46 -30.22 79.15
CA PHE DC 24 70.67 -29.26 80.22
C PHE DC 24 72.03 -28.60 80.14
N LEU DC 25 73.07 -29.34 79.80
CA LEU DC 25 74.37 -28.70 79.67
C LEU DC 25 74.50 -27.90 78.38
N THR DC 26 73.69 -28.22 77.36
CA THR DC 26 73.64 -27.37 76.17
C THR DC 26 72.99 -26.04 76.48
N ARG DC 27 71.91 -26.06 77.28
CA ARG DC 27 71.25 -24.82 77.68
C ARG DC 27 72.12 -24.00 78.64
N GLU DC 28 72.87 -24.67 79.51
CA GLU DC 28 73.54 -23.93 80.58
C GLU DC 28 74.95 -23.50 80.19
N LEU DC 29 75.70 -24.35 79.49
CA LEU DC 29 77.08 -24.06 79.12
C LEU DC 29 77.19 -23.51 77.70
N ALA DC 30 76.19 -22.77 77.24
CA ALA DC 30 76.14 -22.35 75.84
C ALA DC 30 77.17 -21.26 75.55
N GLU DC 31 77.31 -20.29 76.45
CA GLU DC 31 78.25 -19.19 76.23
C GLU DC 31 79.66 -19.59 76.61
N ASP DC 32 79.83 -20.75 77.25
CA ASP DC 32 81.14 -21.17 77.76
C ASP DC 32 81.87 -22.13 76.85
N GLY DC 33 81.23 -22.63 75.78
CA GLY DC 33 81.91 -23.51 74.84
C GLY DC 33 81.69 -24.98 75.09
N TYR DC 34 80.43 -25.38 75.26
CA TYR DC 34 80.10 -26.78 75.49
C TYR DC 34 80.26 -27.59 74.21
N SER DC 35 80.77 -28.81 74.33
CA SER DC 35 80.98 -29.68 73.18
C SER DC 35 80.47 -31.09 73.38
N GLY DC 36 80.25 -31.54 74.62
CA GLY DC 36 79.62 -32.81 74.86
C GLY DC 36 79.86 -33.31 76.26
N VAL DC 37 79.37 -34.52 76.52
CA VAL DC 37 79.56 -35.20 77.80
C VAL DC 37 79.97 -36.64 77.54
N GLU DC 38 80.59 -37.24 78.55
CA GLU DC 38 80.94 -38.66 78.53
C GLU DC 38 80.79 -39.19 79.94
N VAL DC 39 79.87 -40.14 80.15
CA VAL DC 39 79.53 -40.60 81.48
C VAL DC 39 80.05 -42.04 81.62
N ARG DC 40 80.95 -42.22 82.59
CA ARG DC 40 81.46 -43.53 82.98
C ARG DC 40 80.78 -43.93 84.29
N VAL DC 41 79.89 -44.91 84.20
CA VAL DC 41 79.15 -45.39 85.37
C VAL DC 41 79.90 -46.59 85.94
N THR DC 42 80.59 -46.36 87.04
CA THR DC 42 81.31 -47.39 87.77
C THR DC 42 80.48 -47.78 88.99
N PRO DC 43 80.79 -48.91 89.64
CA PRO DC 43 80.15 -49.19 90.94
C PRO DC 43 80.60 -48.19 92.00
N THR DC 44 79.60 -47.54 92.61
CA THR DC 44 79.63 -46.63 93.77
C THR DC 44 80.20 -45.25 93.38
N ARG DC 45 80.74 -45.11 92.17
CA ARG DC 45 81.22 -43.83 91.69
C ARG DC 45 80.73 -43.57 90.27
N THR DC 46 80.34 -42.33 90.00
CA THR DC 46 79.87 -41.92 88.67
C THR DC 46 80.79 -40.81 88.16
N GLU DC 47 81.70 -41.17 87.26
CA GLU DC 47 82.51 -40.17 86.60
C GLU DC 47 81.71 -39.58 85.44
N ILE DC 48 81.68 -38.25 85.37
CA ILE DC 48 80.91 -37.61 84.32
C ILE DC 48 81.68 -36.43 83.76
N ILE DC 49 82.33 -36.64 82.61
CA ILE DC 49 83.27 -35.68 82.07
C ILE DC 49 82.54 -34.75 81.11
N ILE DC 50 82.55 -33.46 81.42
CA ILE DC 50 82.22 -32.43 80.45
C ILE DC 50 83.38 -32.30 79.49
N LEU DC 51 83.10 -32.43 78.20
CA LEU DC 51 84.07 -32.16 77.14
C LEU DC 51 83.73 -30.77 76.61
N ALA DC 52 84.57 -29.79 76.91
CA ALA DC 52 84.27 -28.40 76.58
C ALA DC 52 85.54 -27.72 76.08
N THR DC 53 85.37 -26.51 75.57
CA THR DC 53 86.50 -25.79 74.98
C THR DC 53 87.18 -24.90 76.02
N ARG DC 54 86.43 -23.99 76.64
CA ARG DC 54 86.99 -23.00 77.56
C ARG DC 54 86.84 -23.53 78.98
N THR DC 55 87.88 -24.27 79.42
CA THR DC 55 87.84 -24.91 80.73
C THR DC 55 87.93 -23.90 81.86
N GLN DC 56 88.65 -22.80 81.66
CA GLN DC 56 88.70 -21.73 82.65
C GLN DC 56 87.34 -21.09 82.84
N ASN DC 57 86.58 -20.94 81.74
CA ASN DC 57 85.26 -20.34 81.83
C ASN DC 57 84.24 -21.31 82.42
N VAL DC 58 84.42 -22.63 82.21
CA VAL DC 58 83.45 -23.54 82.81
C VAL DC 58 83.81 -23.81 84.27
N LEU DC 59 85.05 -23.54 84.69
CA LEU DC 59 85.36 -23.69 86.11
C LEU DC 59 85.02 -22.43 86.88
N GLY DC 60 85.31 -21.26 86.32
CA GLY DC 60 84.88 -20.02 86.94
C GLY DC 60 85.75 -19.58 88.10
N GLU DC 61 85.10 -19.20 89.20
CA GLU DC 61 85.80 -18.69 90.37
C GLU DC 61 86.15 -19.84 91.31
N LYS DC 62 87.35 -20.42 91.12
CA LYS DC 62 87.92 -21.49 91.94
C LYS DC 62 87.03 -22.74 91.98
N GLY DC 63 86.57 -23.19 90.82
CA GLY DC 63 85.77 -24.40 90.74
C GLY DC 63 84.36 -24.29 91.27
N ARG DC 64 83.76 -23.10 91.27
CA ARG DC 64 82.45 -22.90 91.87
C ARG DC 64 81.34 -23.48 91.01
N ARG DC 65 81.40 -23.24 89.69
CA ARG DC 65 80.34 -23.68 88.80
C ARG DC 65 80.35 -25.20 88.63
N ILE DC 66 81.52 -25.82 88.76
CA ILE DC 66 81.61 -27.28 88.71
C ILE DC 66 80.91 -27.89 89.92
N ARG DC 67 81.15 -27.32 91.11
CA ARG DC 67 80.47 -27.78 92.32
C ARG DC 67 78.97 -27.53 92.25
N GLU DC 68 78.57 -26.42 91.62
CA GLU DC 68 77.16 -26.16 91.39
C GLU DC 68 76.54 -27.21 90.46
N LEU DC 69 77.27 -27.63 89.42
CA LEU DC 69 76.75 -28.66 88.53
C LEU DC 69 76.68 -30.03 89.21
N THR DC 70 77.65 -30.33 90.09
CA THR DC 70 77.56 -31.55 90.90
C THR DC 70 76.32 -31.54 91.79
N ALA DC 71 76.03 -30.39 92.39
CA ALA DC 71 74.85 -30.28 93.24
C ALA DC 71 73.56 -30.33 92.43
N VAL DC 72 73.60 -29.84 91.18
CA VAL DC 72 72.45 -29.95 90.27
C VAL DC 72 72.15 -31.41 89.97
N VAL DC 73 73.18 -32.17 89.56
CA VAL DC 73 72.98 -33.57 89.20
C VAL DC 73 72.56 -34.39 90.43
N GLN DC 74 73.15 -34.08 91.59
CA GLN DC 74 72.79 -34.77 92.83
C GLN DC 74 71.33 -34.51 93.22
N LYS DC 75 70.93 -33.23 93.28
CA LYS DC 75 69.58 -32.88 93.72
C LYS DC 75 68.52 -33.30 92.71
N ARG DC 76 68.87 -33.34 91.42
CA ARG DC 76 67.85 -33.66 90.42
C ARG DC 76 67.70 -35.16 90.24
N PHE DC 77 68.79 -35.91 90.16
CA PHE DC 77 68.67 -37.33 89.93
C PHE DC 77 68.73 -38.15 91.21
N GLY DC 78 68.78 -37.52 92.38
CA GLY DC 78 68.69 -38.25 93.63
C GLY DC 78 69.91 -39.07 93.98
N PHE DC 79 71.08 -38.68 93.48
CA PHE DC 79 72.31 -39.39 93.75
C PHE DC 79 72.76 -39.17 95.19
N PRO DC 80 73.44 -40.15 95.79
CA PRO DC 80 73.96 -39.97 97.15
C PRO DC 80 75.09 -38.96 97.21
N GLU DC 81 75.44 -38.59 98.44
CA GLU DC 81 76.48 -37.60 98.66
C GLU DC 81 77.85 -38.20 98.35
N GLY DC 82 78.57 -37.58 97.41
CA GLY DC 82 79.87 -38.07 97.01
C GLY DC 82 79.85 -39.24 96.07
N SER DC 83 78.70 -39.55 95.47
CA SER DC 83 78.59 -40.68 94.56
C SER DC 83 78.82 -40.31 93.11
N VAL DC 84 78.81 -39.02 92.79
CA VAL DC 84 78.99 -38.53 91.43
C VAL DC 84 80.02 -37.41 91.44
N GLU DC 85 80.85 -37.33 90.39
CA GLU DC 85 81.87 -36.30 90.32
C GLU DC 85 82.17 -35.93 88.87
N LEU DC 86 82.25 -34.63 88.61
CA LEU DC 86 82.44 -34.10 87.26
C LEU DC 86 83.90 -33.75 87.02
N TYR DC 87 84.28 -33.73 85.74
CA TYR DC 87 85.63 -33.38 85.30
C TYR DC 87 85.52 -32.62 83.98
N ALA DC 88 86.13 -31.44 83.90
CA ALA DC 88 86.09 -30.63 82.69
C ALA DC 88 87.36 -30.90 81.89
N GLU DC 89 87.21 -31.28 80.63
CA GLU DC 89 88.33 -31.59 79.75
C GLU DC 89 88.27 -30.76 78.47
N LYS DC 90 89.44 -30.27 78.06
CA LYS DC 90 89.54 -29.37 76.92
C LYS DC 90 89.48 -30.14 75.60
N VAL DC 91 88.74 -29.58 74.66
CA VAL DC 91 88.60 -30.17 73.33
C VAL DC 91 89.86 -29.89 72.52
N ALA DC 92 90.54 -30.94 72.08
CA ALA DC 92 91.60 -30.78 71.10
C ALA DC 92 90.99 -30.55 69.72
N THR DC 93 91.61 -29.63 68.96
CA THR DC 93 91.23 -29.11 67.64
C THR DC 93 89.72 -28.85 67.52
N ARG DC 94 89.25 -27.86 68.28
CA ARG DC 94 87.83 -27.56 68.47
C ARG DC 94 87.11 -27.07 67.21
N GLY DC 95 87.83 -26.82 66.11
CA GLY DC 95 87.15 -26.41 64.89
C GLY DC 95 86.35 -27.54 64.27
N LEU DC 96 86.76 -28.78 64.50
CA LEU DC 96 86.04 -29.92 63.95
C LEU DC 96 84.74 -30.20 64.71
N CYS DC 97 84.60 -29.70 65.92
CA CYS DC 97 83.35 -29.88 66.68
C CYS DC 97 82.25 -29.04 66.05
N ALA DC 98 81.14 -29.68 65.68
CA ALA DC 98 80.11 -28.98 64.94
C ALA DC 98 79.26 -28.08 65.83
N ILE DC 99 78.95 -28.53 67.05
CA ILE DC 99 78.09 -27.73 67.91
C ILE DC 99 78.86 -26.56 68.52
N ALA DC 100 80.19 -26.68 68.61
CA ALA DC 100 80.99 -25.55 69.09
C ALA DC 100 81.03 -24.43 68.06
N GLN DC 101 81.17 -24.77 66.78
CA GLN DC 101 81.10 -23.75 65.74
C GLN DC 101 79.70 -23.20 65.59
N ALA DC 102 78.68 -24.02 65.90
CA ALA DC 102 77.30 -23.54 65.87
C ALA DC 102 77.03 -22.53 66.98
N GLU DC 103 77.50 -22.81 68.19
CA GLU DC 103 77.29 -21.86 69.29
C GLU DC 103 78.15 -20.61 69.09
N SER DC 104 79.33 -20.78 68.48
CA SER DC 104 80.15 -19.64 68.11
C SER DC 104 79.45 -18.75 67.09
N LEU DC 105 78.81 -19.36 66.08
CA LEU DC 105 78.15 -18.60 65.04
C LEU DC 105 76.90 -17.88 65.58
N ARG DC 106 76.13 -18.54 66.46
CA ARG DC 106 74.94 -17.88 66.98
C ARG DC 106 75.30 -16.79 67.99
N TYR DC 107 76.39 -16.96 68.75
CA TYR DC 107 76.82 -15.84 69.61
C TYR DC 107 77.47 -14.71 68.80
N LYS DC 108 78.05 -15.01 67.63
CA LYS DC 108 78.49 -13.93 66.74
C LYS DC 108 77.30 -13.15 66.20
N LEU DC 109 76.24 -13.87 65.79
CA LEU DC 109 75.04 -13.20 65.29
C LEU DC 109 74.32 -12.44 66.40
N LEU DC 110 74.46 -12.90 67.64
CA LEU DC 110 73.86 -12.18 68.76
C LEU DC 110 74.68 -10.95 69.13
N GLY DC 111 76.02 -11.04 69.02
CA GLY DC 111 76.86 -9.88 69.27
C GLY DC 111 76.69 -8.81 68.20
N GLY DC 112 76.42 -9.22 66.98
CA GLY DC 112 76.05 -8.25 65.97
C GLY DC 112 76.92 -8.24 64.73
N LEU DC 113 77.68 -9.31 64.52
CA LEU DC 113 78.44 -9.45 63.29
C LEU DC 113 77.48 -9.80 62.15
N ALA DC 114 77.86 -9.42 60.93
CA ALA DC 114 77.03 -9.70 59.77
C ALA DC 114 76.99 -11.20 59.48
N VAL DC 115 75.92 -11.62 58.80
CA VAL DC 115 75.69 -13.05 58.58
C VAL DC 115 76.72 -13.61 57.60
N ARG DC 116 76.95 -12.88 56.50
CA ARG DC 116 77.91 -13.32 55.49
C ARG DC 116 79.33 -13.32 56.03
N ARG DC 117 79.69 -12.27 56.76
CA ARG DC 117 81.04 -12.16 57.32
C ARG DC 117 81.26 -13.20 58.42
N ALA DC 118 80.21 -13.50 59.19
CA ALA DC 118 80.32 -14.49 60.26
C ALA DC 118 80.45 -15.90 59.68
N CYS DC 119 79.69 -16.20 58.62
CA CYS DC 119 79.83 -17.50 57.97
C CYS DC 119 81.18 -17.64 57.30
N TYR DC 120 81.70 -16.56 56.70
CA TYR DC 120 83.03 -16.58 56.11
C TYR DC 120 84.10 -16.81 57.18
N GLY DC 121 83.92 -16.19 58.35
CA GLY DC 121 84.89 -16.37 59.43
C GLY DC 121 84.88 -17.77 60.01
N VAL DC 122 83.69 -18.34 60.21
CA VAL DC 122 83.58 -19.70 60.74
C VAL DC 122 84.13 -20.71 59.73
N LEU DC 123 83.81 -20.52 58.45
CA LEU DC 123 84.29 -21.43 57.41
C LEU DC 123 85.80 -21.33 57.23
N ARG DC 124 86.35 -20.11 57.30
CA ARG DC 124 87.79 -19.93 57.20
C ARG DC 124 88.51 -20.51 58.41
N PHE DC 125 87.91 -20.39 59.60
CA PHE DC 125 88.52 -20.94 60.81
C PHE DC 125 88.53 -22.46 60.78
N ILE DC 126 87.46 -23.09 60.28
CA ILE DC 126 87.45 -24.54 60.27
C ILE DC 126 88.28 -25.10 59.11
N MET DC 127 88.41 -24.35 58.02
CA MET DC 127 89.32 -24.79 56.97
C MET DC 127 90.78 -24.58 57.36
N GLU DC 128 91.04 -23.61 58.24
CA GLU DC 128 92.39 -23.44 58.78
C GLU DC 128 92.70 -24.53 59.80
N SER DC 129 91.71 -24.92 60.60
CA SER DC 129 91.90 -26.01 61.55
C SER DC 129 92.05 -27.35 60.82
N GLY DC 130 91.39 -27.50 59.68
CA GLY DC 130 91.55 -28.68 58.86
C GLY DC 130 90.33 -29.58 58.85
N ALA DC 131 89.54 -29.48 57.78
CA ALA DC 131 88.34 -30.28 57.62
C ALA DC 131 88.26 -30.81 56.20
N LYS DC 132 87.59 -31.96 56.06
CA LYS DC 132 87.41 -32.55 54.74
C LYS DC 132 86.40 -31.76 53.93
N GLY DC 133 85.40 -31.20 54.60
CA GLY DC 133 84.43 -30.36 53.94
C GLY DC 133 83.39 -29.90 54.93
N CYS DC 134 82.59 -28.92 54.53
CA CYS DC 134 81.63 -28.38 55.47
C CYS DC 134 80.40 -27.86 54.73
N GLU DC 135 79.36 -27.59 55.50
CA GLU DC 135 78.08 -27.11 54.97
C GLU DC 135 77.44 -26.27 56.09
N VAL DC 136 77.33 -24.97 55.84
CA VAL DC 136 76.73 -24.04 56.79
C VAL DC 136 75.44 -23.53 56.18
N VAL DC 137 74.32 -23.90 56.78
CA VAL DC 137 72.99 -23.49 56.32
C VAL DC 137 72.37 -22.59 57.38
N VAL DC 138 72.18 -21.32 57.03
CA VAL DC 138 71.59 -20.35 57.93
C VAL DC 138 70.20 -20.02 57.37
N SER DC 139 69.17 -20.50 58.04
CA SER DC 139 67.79 -20.27 57.60
C SER DC 139 67.12 -19.25 58.51
N GLY DC 140 66.30 -18.41 57.91
CA GLY DC 140 65.59 -17.40 58.67
C GLY DC 140 65.21 -16.22 57.79
N LYS DC 141 64.98 -15.08 58.43
CA LYS DC 141 64.57 -13.85 57.74
C LYS DC 141 65.78 -12.93 57.61
N LEU DC 142 66.18 -12.68 56.37
CA LEU DC 142 67.30 -11.82 56.05
C LEU DC 142 66.89 -10.80 55.00
N ARG DC 143 67.47 -9.60 55.12
CA ARG DC 143 67.29 -8.40 54.29
C ARG DC 143 65.84 -8.10 53.89
N GLY DC 144 64.91 -8.34 54.80
CA GLY DC 144 63.51 -8.13 54.53
C GLY DC 144 62.66 -9.09 55.35
N GLN DC 145 61.39 -9.18 54.96
CA GLN DC 145 60.43 -10.03 55.65
C GLN DC 145 60.38 -11.45 55.08
N ARG DC 146 60.74 -11.62 53.80
CA ARG DC 146 60.70 -12.94 53.18
C ARG DC 146 61.87 -13.79 53.68
N ALA DC 147 61.58 -15.05 53.95
CA ALA DC 147 62.54 -15.98 54.55
C ALA DC 147 63.55 -16.40 53.49
N LYS DC 148 64.76 -15.83 53.56
CA LYS DC 148 65.85 -16.23 52.70
C LYS DC 148 66.85 -17.08 53.49
N SER DC 149 67.21 -18.22 52.92
CA SER DC 149 68.09 -19.19 53.57
C SER DC 149 69.40 -19.28 52.81
N MET DC 150 70.50 -18.96 53.48
CA MET DC 150 71.80 -19.01 52.84
C MET DC 150 72.47 -20.37 53.10
N LYS DC 151 73.31 -20.77 52.15
CA LYS DC 151 73.96 -22.08 52.19
C LYS DC 151 75.37 -21.93 51.65
N PHE DC 152 76.35 -22.27 52.49
CA PHE DC 152 77.77 -22.17 52.14
C PHE DC 152 78.36 -23.56 52.18
N VAL DC 153 78.77 -24.07 51.01
CA VAL DC 153 79.27 -25.43 50.86
C VAL DC 153 80.61 -25.39 50.14
N ASP DC 154 81.65 -25.92 50.80
CA ASP DC 154 82.92 -26.17 50.13
C ASP DC 154 83.64 -27.32 50.84
N GLY DC 155 84.52 -27.97 50.07
CA GLY DC 155 85.20 -29.16 50.53
C GLY DC 155 84.42 -30.41 50.22
N LEU DC 156 85.05 -31.55 50.53
CA LEU DC 156 84.42 -32.85 50.32
C LEU DC 156 83.39 -33.10 51.41
N MET DC 157 82.12 -33.16 51.02
CA MET DC 157 81.02 -33.39 51.96
C MET DC 157 80.07 -34.44 51.40
N ILE DC 158 79.97 -35.57 52.09
CA ILE DC 158 79.06 -36.64 51.70
C ILE DC 158 77.74 -36.46 52.45
N HIS DC 159 76.66 -36.92 51.82
CA HIS DC 159 75.32 -36.76 52.37
C HIS DC 159 74.65 -38.10 52.66
N SER DC 160 74.76 -39.03 51.71
CA SER DC 160 73.96 -40.24 51.76
C SER DC 160 74.71 -41.38 52.42
N GLY DC 161 73.96 -42.44 52.74
CA GLY DC 161 74.54 -43.68 53.21
C GLY DC 161 74.78 -43.72 54.70
N ASP DC 162 75.09 -44.92 55.17
CA ASP DC 162 75.60 -45.20 56.51
C ASP DC 162 76.84 -44.41 56.96
N PRO DC 163 77.80 -44.00 56.08
CA PRO DC 163 78.86 -43.09 56.55
C PRO DC 163 78.43 -41.73 57.10
N VAL DC 164 77.17 -41.31 56.91
CA VAL DC 164 76.74 -40.01 57.45
C VAL DC 164 76.52 -40.11 58.95
N ASN DC 165 76.48 -41.34 59.49
CA ASN DC 165 76.26 -41.52 60.92
C ASN DC 165 77.53 -41.23 61.71
N TYR DC 166 78.69 -41.61 61.18
CA TYR DC 166 79.93 -41.51 61.93
C TYR DC 166 81.11 -41.00 61.12
N TYR DC 167 80.88 -40.32 60.00
CA TYR DC 167 81.92 -39.60 59.28
C TYR DC 167 81.76 -38.09 59.30
N VAL DC 168 80.54 -37.59 59.49
CA VAL DC 168 80.30 -36.15 59.60
C VAL DC 168 79.75 -35.85 60.98
N ASP DC 169 79.80 -34.58 61.37
CA ASP DC 169 79.19 -34.10 62.60
C ASP DC 169 78.16 -33.05 62.23
N THR DC 170 76.96 -33.17 62.80
CA THR DC 170 75.82 -32.32 62.46
C THR DC 170 75.37 -31.53 63.68
N ALA DC 171 75.14 -30.24 63.47
CA ALA DC 171 74.71 -29.35 64.54
C ALA DC 171 73.52 -28.54 64.08
N VAL DC 172 72.44 -28.57 64.87
CA VAL DC 172 71.26 -27.77 64.61
C VAL DC 172 70.97 -26.92 65.83
N ARG DC 173 71.07 -25.60 65.67
CA ARG DC 173 70.88 -24.68 66.80
C ARG DC 173 69.96 -23.53 66.41
N HIS DC 174 69.42 -22.86 67.41
CA HIS DC 174 68.58 -21.69 67.23
C HIS DC 174 69.30 -20.44 67.73
N VAL DC 175 68.90 -19.28 67.20
CA VAL DC 175 69.35 -18.00 67.70
C VAL DC 175 68.17 -17.03 67.68
N LEU DC 176 68.06 -16.23 68.75
CA LEU DC 176 66.91 -15.35 68.95
C LEU DC 176 67.34 -13.92 68.66
N LEU DC 177 67.06 -13.47 67.45
CA LEU DC 177 67.27 -12.07 67.11
C LEU DC 177 66.08 -11.23 67.56
N ARG DC 178 66.16 -9.93 67.29
CA ARG DC 178 65.06 -9.04 67.65
C ARG DC 178 63.87 -9.21 66.72
N GLN DC 179 64.12 -9.33 65.42
CA GLN DC 179 63.02 -9.44 64.47
C GLN DC 179 62.45 -10.85 64.42
N GLY DC 180 63.30 -11.87 64.51
CA GLY DC 180 62.84 -13.23 64.47
C GLY DC 180 63.83 -14.24 65.03
N VAL DC 181 63.65 -15.51 64.68
CA VAL DC 181 64.48 -16.61 65.18
C VAL DC 181 65.10 -17.32 63.99
N LEU DC 182 66.41 -17.47 64.00
CA LEU DC 182 67.14 -18.04 62.87
C LEU DC 182 67.74 -19.39 63.28
N GLY DC 183 67.70 -20.34 62.34
CA GLY DC 183 68.28 -21.64 62.58
C GLY DC 183 69.62 -21.80 61.87
N ILE DC 184 70.54 -22.50 62.55
CA ILE DC 184 71.90 -22.73 62.07
C ILE DC 184 72.14 -24.22 61.99
N LYS DC 185 72.53 -24.70 60.81
CA LYS DC 185 72.91 -26.09 60.60
C LYS DC 185 74.36 -26.13 60.14
N VAL DC 186 75.22 -26.72 60.96
CA VAL DC 186 76.63 -26.84 60.66
C VAL DC 186 76.96 -28.32 60.50
N LYS DC 187 77.39 -28.70 59.31
CA LYS DC 187 77.80 -30.07 59.02
C LYS DC 187 79.28 -30.04 58.67
N ILE DC 188 80.09 -30.82 59.39
CA ILE DC 188 81.54 -30.83 59.22
C ILE DC 188 81.97 -32.27 59.03
N MET DC 189 82.59 -32.58 57.88
CA MET DC 189 83.07 -33.93 57.63
C MET DC 189 84.46 -34.09 58.24
N LEU DC 190 84.61 -35.09 59.10
CA LEU DC 190 85.89 -35.32 59.75
C LEU DC 190 86.83 -36.10 58.84
N PRO DC 191 88.10 -35.71 58.79
CA PRO DC 191 89.07 -36.45 57.97
C PRO DC 191 89.50 -37.75 58.63
N TRP DC 192 89.94 -38.68 57.79
CA TRP DC 192 90.34 -40.00 58.27
C TRP DC 192 91.74 -39.95 58.88
N ASP DC 193 91.91 -40.69 59.98
CA ASP DC 193 93.20 -40.81 60.64
C ASP DC 193 93.44 -42.24 61.10
N PRO DC 194 94.69 -42.72 61.10
CA PRO DC 194 94.95 -44.06 61.64
C PRO DC 194 94.82 -44.13 63.15
N SER DC 195 95.07 -43.03 63.85
CA SER DC 195 94.99 -43.04 65.31
C SER DC 195 93.55 -43.03 65.78
N GLY DC 196 92.72 -42.18 65.18
CA GLY DC 196 91.32 -42.08 65.56
C GLY DC 196 91.01 -40.97 66.55
N LYS DC 197 91.95 -40.06 66.80
CA LYS DC 197 91.69 -38.97 67.74
C LYS DC 197 91.04 -37.78 67.04
N ILE DC 198 91.54 -37.41 65.86
CA ILE DC 198 90.96 -36.27 65.16
C ILE DC 198 89.76 -36.70 64.32
N GLY DC 199 89.68 -37.97 63.95
CA GLY DC 199 88.58 -38.45 63.13
C GLY DC 199 88.24 -39.90 63.41
N PRO DC 200 87.49 -40.52 62.50
CA PRO DC 200 87.15 -41.93 62.66
C PRO DC 200 88.29 -42.84 62.22
N LYS DC 201 88.29 -44.05 62.79
CA LYS DC 201 89.36 -45.00 62.48
C LYS DC 201 89.13 -45.68 61.13
N LYS DC 202 87.87 -45.94 60.79
CA LYS DC 202 87.57 -46.69 59.57
C LYS DC 202 87.73 -45.79 58.35
N PRO DC 203 88.39 -46.26 57.29
CA PRO DC 203 88.52 -45.47 56.07
C PRO DC 203 87.21 -45.47 55.27
N LEU DC 204 87.19 -44.62 54.24
CA LEU DC 204 85.99 -44.48 53.41
C LEU DC 204 85.78 -45.74 52.56
N PRO DC 205 84.52 -46.12 52.31
CA PRO DC 205 84.26 -47.31 51.49
C PRO DC 205 84.64 -47.15 50.02
N ASP DC 206 84.84 -45.93 49.54
CA ASP DC 206 85.25 -45.72 48.16
C ASP DC 206 86.75 -45.56 48.00
N HIS DC 207 87.45 -45.11 49.04
CA HIS DC 207 88.88 -44.88 48.99
C HIS DC 207 89.60 -46.23 49.08
N VAL DC 208 90.13 -46.69 47.95
CA VAL DC 208 90.91 -47.92 47.89
C VAL DC 208 92.37 -47.51 47.99
N SER DC 209 92.97 -47.69 49.16
CA SER DC 209 94.36 -47.30 49.42
C SER DC 209 95.27 -48.36 48.85
N ILE DC 210 95.98 -48.03 47.78
CA ILE DC 210 96.90 -48.94 47.12
C ILE DC 210 98.32 -48.46 47.39
N VAL DC 211 99.14 -49.33 47.98
CA VAL DC 211 100.51 -48.96 48.34
C VAL DC 211 101.42 -49.11 47.13
N GLU DC 212 102.57 -48.46 47.18
CA GLU DC 212 103.54 -48.51 46.10
C GLU DC 212 104.41 -49.75 46.22
N PRO DC 213 104.69 -50.45 45.12
CA PRO DC 213 105.58 -51.61 45.18
C PRO DC 213 107.03 -51.21 45.35
N LYS DC 214 107.77 -52.01 46.10
CA LYS DC 214 109.18 -51.73 46.32
C LYS DC 214 110.00 -52.08 45.08
N ASP DC 215 111.07 -51.31 44.87
CA ASP DC 215 111.94 -51.51 43.71
C ASP DC 215 112.82 -52.73 43.94
N GLU DC 216 112.56 -53.80 43.20
CA GLU DC 216 113.33 -55.03 43.27
C GLU DC 216 114.15 -55.18 41.99
N ILE DC 217 115.32 -55.78 42.11
CA ILE DC 217 116.18 -56.06 40.97
C ILE DC 217 116.18 -57.58 40.76
N LEU DC 218 115.69 -58.01 39.60
CA LEU DC 218 115.60 -59.44 39.31
C LEU DC 218 116.99 -60.01 39.02
N PRO DC 219 117.40 -61.09 39.72
CA PRO DC 219 118.73 -61.67 39.46
C PRO DC 219 118.70 -62.63 38.29
N THR DC 220 119.56 -62.39 37.30
CA THR DC 220 119.64 -63.28 36.15
C THR DC 220 120.66 -64.39 36.37
N THR DC 221 121.46 -64.27 37.43
CA THR DC 221 122.49 -65.26 37.75
C THR DC 221 122.15 -65.96 39.06
N PRO DC 222 122.01 -67.28 39.04
CA PRO DC 222 121.72 -68.01 40.28
C PRO DC 222 122.92 -68.03 41.22
N ILE DC 223 122.72 -67.48 42.43
CA ILE DC 223 123.75 -67.40 43.45
C ILE DC 223 123.20 -68.01 44.73
N SER DC 224 124.04 -68.03 45.77
CA SER DC 224 123.68 -68.60 47.06
C SER DC 224 123.98 -67.61 48.17
N GLU DC 225 123.35 -67.81 49.31
CA GLU DC 225 123.54 -66.97 50.49
C GLU DC 225 123.70 -67.89 51.71
N GLN DC 226 124.61 -68.86 51.58
CA GLN DC 226 124.80 -69.89 52.61
C GLN DC 226 125.45 -69.28 53.85
N LYS DC 227 124.83 -69.51 55.01
CA LYS DC 227 125.34 -68.99 56.27
C LYS DC 227 124.85 -69.88 57.41
N GLY DC 228 125.65 -69.94 58.47
CA GLY DC 228 125.30 -70.73 59.64
C GLY DC 228 125.43 -72.23 59.43
N ALA EC 1 57.43 59.09 7.85
CA ALA EC 1 57.40 60.46 8.35
C ALA EC 1 56.66 61.37 7.38
N ARG EC 2 55.95 62.36 7.92
CA ARG EC 2 55.20 63.29 7.09
C ARG EC 2 55.98 64.56 6.76
N GLY EC 3 57.24 64.65 7.19
CA GLY EC 3 58.05 65.81 6.89
C GLY EC 3 59.49 65.64 7.32
N PRO EC 4 60.21 66.77 7.45
CA PRO EC 4 61.63 66.69 7.86
C PRO EC 4 61.76 66.43 9.35
N LYS EC 5 62.93 65.90 9.72
CA LYS EC 5 63.23 65.57 11.11
C LYS EC 5 63.90 66.76 11.78
N LYS EC 6 63.53 67.01 13.05
CA LYS EC 6 64.12 68.09 13.82
C LYS EC 6 64.91 67.61 15.03
N HIS EC 7 64.57 66.45 15.59
CA HIS EC 7 65.27 65.89 16.72
C HIS EC 7 66.32 64.89 16.26
N LEU EC 8 67.24 64.57 17.17
CA LEU EC 8 68.27 63.56 16.94
C LEU EC 8 68.48 62.81 18.24
N LYS EC 9 68.44 61.48 18.19
CA LYS EC 9 68.60 60.69 19.39
C LYS EC 9 70.07 60.59 19.79
N ARG EC 10 70.30 60.37 21.08
CA ARG EC 10 71.66 60.24 21.60
C ARG EC 10 72.32 58.97 21.08
N VAL EC 11 71.54 57.90 20.92
CA VAL EC 11 72.05 56.69 20.29
C VAL EC 11 72.27 56.91 18.80
N ALA EC 12 71.37 57.66 18.16
CA ALA EC 12 71.48 57.90 16.71
C ALA EC 12 72.54 58.95 16.37
N ALA EC 13 73.18 59.54 17.37
CA ALA EC 13 74.29 60.45 17.12
C ALA EC 13 75.49 59.68 16.56
N PRO EC 14 76.29 60.32 15.71
CA PRO EC 14 77.47 59.62 15.17
C PRO EC 14 78.55 59.38 16.22
N LYS EC 15 79.51 58.55 15.85
CA LYS EC 15 80.48 58.04 16.83
C LYS EC 15 81.57 59.06 17.15
N HIS EC 16 81.91 59.91 16.18
CA HIS EC 16 83.02 60.85 16.38
C HIS EC 16 82.68 62.02 17.29
N TRP EC 17 81.39 62.21 17.62
CA TRP EC 17 81.05 63.25 18.60
C TRP EC 17 81.40 62.80 20.02
N MET EC 18 81.42 61.49 20.26
CA MET EC 18 81.74 60.86 21.55
C MET EC 18 80.79 61.32 22.66
N LEU EC 19 79.51 61.45 22.34
CA LEU EC 19 78.52 61.77 23.34
C LEU EC 19 78.24 60.55 24.21
N ASP EC 20 78.07 60.79 25.51
CA ASP EC 20 77.83 59.72 26.46
C ASP EC 20 76.38 59.25 26.42
N LYS EC 21 76.15 58.05 26.96
CA LYS EC 21 74.86 57.38 26.80
C LYS EC 21 73.89 57.70 27.93
N LEU EC 22 74.39 57.91 29.15
CA LEU EC 22 73.55 57.98 30.34
C LEU EC 22 72.89 59.33 30.56
N THR EC 23 73.48 60.43 30.07
CA THR EC 23 73.02 61.75 30.48
C THR EC 23 71.74 62.17 29.77
N GLY EC 24 71.60 61.85 28.48
CA GLY EC 24 70.46 62.38 27.76
C GLY EC 24 69.88 61.39 26.78
N VAL EC 25 68.59 61.63 26.46
CA VAL EC 25 67.90 60.83 25.46
C VAL EC 25 68.13 61.41 24.07
N PHE EC 26 68.07 62.73 23.93
CA PHE EC 26 68.25 63.41 22.66
C PHE EC 26 69.68 63.92 22.54
N ALA EC 27 70.16 63.95 21.30
CA ALA EC 27 71.43 64.55 20.93
C ALA EC 27 71.16 65.91 20.32
N PRO EC 28 72.13 66.84 20.36
CA PRO EC 28 71.94 68.12 19.69
C PRO EC 28 71.97 67.97 18.17
N ARG EC 29 70.79 68.05 17.56
CA ARG EC 29 70.65 67.97 16.12
C ARG EC 29 71.23 69.24 15.51
N PRO EC 30 72.23 69.15 14.63
CA PRO EC 30 72.82 70.35 14.04
C PRO EC 30 71.85 71.01 13.07
N SER EC 31 71.91 72.34 13.02
CA SER EC 31 71.12 73.08 12.04
C SER EC 31 71.70 72.88 10.65
N THR EC 32 70.91 73.23 9.63
CA THR EC 32 71.38 73.16 8.26
C THR EC 32 72.47 74.19 8.03
N GLY EC 33 73.42 73.86 7.15
CA GLY EC 33 74.54 74.74 6.91
C GLY EC 33 75.51 74.24 5.86
N PRO EC 34 76.78 74.62 6.00
CA PRO EC 34 77.78 74.30 4.98
C PRO EC 34 78.31 72.88 5.04
N HIS EC 35 77.84 72.03 5.96
CA HIS EC 35 78.34 70.69 6.13
C HIS EC 35 77.19 69.72 6.31
N LYS EC 36 77.48 68.43 6.13
CA LYS EC 36 76.45 67.41 6.25
C LYS EC 36 76.14 67.09 7.71
N LEU EC 37 75.24 66.13 7.91
CA LEU EC 37 74.82 65.77 9.25
C LEU EC 37 75.92 65.01 9.99
N ARG EC 38 76.47 63.97 9.36
CA ARG EC 38 77.45 63.11 10.01
C ARG EC 38 78.89 63.51 9.70
N GLU EC 39 79.11 64.67 9.08
CA GLU EC 39 80.48 65.10 8.82
C GLU EC 39 80.92 66.22 9.75
N CYS EC 40 79.98 67.02 10.23
CA CYS EC 40 80.31 68.16 11.06
C CYS EC 40 80.38 67.76 12.54
N LEU EC 41 80.62 68.76 13.39
CA LEU EC 41 80.54 68.60 14.84
C LEU EC 41 79.91 69.90 15.37
N PRO EC 42 78.88 69.82 16.20
CA PRO EC 42 78.17 71.05 16.60
C PRO EC 42 78.98 71.93 17.55
N LEU EC 43 78.58 73.20 17.60
CA LEU EC 43 79.28 74.17 18.44
C LEU EC 43 79.07 73.89 19.92
N ILE EC 44 77.91 73.34 20.28
CA ILE EC 44 77.63 73.01 21.68
C ILE EC 44 78.50 71.83 22.14
N ILE EC 45 78.77 70.87 21.24
CA ILE EC 45 79.64 69.76 21.58
C ILE EC 45 81.10 70.21 21.61
N PHE EC 46 81.47 71.10 20.67
CA PHE EC 46 82.85 71.61 20.64
C PHE EC 46 83.14 72.49 21.84
N LEU EC 47 82.14 73.17 22.37
CA LEU EC 47 82.36 74.11 23.46
C LEU EC 47 82.19 73.45 24.83
N ARG EC 48 81.20 72.56 24.96
CA ARG EC 48 80.84 71.99 26.25
C ARG EC 48 81.53 70.65 26.50
N ASN EC 49 81.53 69.75 25.52
CA ASN EC 49 82.01 68.40 25.73
C ASN EC 49 83.52 68.25 25.52
N ARG EC 50 84.12 69.08 24.68
CA ARG EC 50 85.54 68.96 24.35
C ARG EC 50 86.38 69.99 25.08
N LEU EC 51 86.04 71.27 24.96
CA LEU EC 51 86.81 72.31 25.63
C LEU EC 51 86.48 72.43 27.11
N LYS EC 52 85.29 71.94 27.50
CA LYS EC 52 84.77 72.00 28.88
C LYS EC 52 84.72 73.43 29.42
N TYR EC 53 84.41 74.40 28.56
CA TYR EC 53 84.29 75.78 29.02
C TYR EC 53 82.97 76.03 29.74
N ALA EC 54 81.91 75.34 29.33
CA ALA EC 54 80.59 75.49 29.93
C ALA EC 54 80.11 74.16 30.47
N LEU EC 55 79.17 74.22 31.42
CA LEU EC 55 78.62 72.99 31.99
C LEU EC 55 77.38 72.54 31.25
N THR EC 56 76.45 73.46 30.97
CA THR EC 56 75.14 73.12 30.42
C THR EC 56 74.89 73.84 29.11
N GLY EC 57 73.85 73.38 28.41
CA GLY EC 57 73.46 74.00 27.16
C GLY EC 57 72.94 75.41 27.33
N ASP EC 58 72.37 75.71 28.50
CA ASP EC 58 72.00 77.09 28.81
C ASP EC 58 73.23 77.98 28.89
N GLU EC 59 74.32 77.46 29.46
CA GLU EC 59 75.57 78.21 29.52
C GLU EC 59 76.18 78.36 28.12
N VAL EC 60 76.02 77.33 27.28
CA VAL EC 60 76.48 77.43 25.89
C VAL EC 60 75.68 78.49 25.13
N LYS EC 61 74.37 78.56 25.41
CA LYS EC 61 73.51 79.59 24.83
C LYS EC 61 73.92 80.99 25.31
N LYS EC 62 74.29 81.10 26.58
CA LYS EC 62 74.77 82.38 27.11
C LYS EC 62 76.09 82.80 26.45
N ILE EC 63 76.98 81.84 26.20
CA ILE EC 63 78.25 82.14 25.54
C ILE EC 63 78.02 82.57 24.09
N CYS EC 64 77.09 81.91 23.39
CA CYS EC 64 76.89 82.25 21.99
C CYS EC 64 76.03 83.51 21.84
N MET EC 65 75.34 83.93 22.90
CA MET EC 65 74.54 85.14 22.84
C MET EC 65 75.19 86.35 23.50
N GLN EC 66 76.34 86.18 24.18
CA GLN EC 66 77.17 87.33 24.49
C GLN EC 66 78.03 87.81 23.32
N ARG EC 67 77.86 87.22 22.13
CA ARG EC 67 78.64 87.54 20.91
C ARG EC 67 80.15 87.37 21.17
N PHE EC 68 80.54 86.14 21.46
CA PHE EC 68 81.95 85.83 21.72
C PHE EC 68 82.53 84.89 20.67
N ILE EC 69 81.76 83.87 20.27
CA ILE EC 69 82.26 82.88 19.33
C ILE EC 69 82.22 83.44 17.91
N LYS EC 70 83.35 83.35 17.21
CA LYS EC 70 83.47 83.88 15.85
C LYS EC 70 83.92 82.74 14.94
N ILE EC 71 82.97 82.16 14.22
CA ILE EC 71 83.23 81.06 13.31
C ILE EC 71 83.53 81.63 11.93
N ASP EC 72 84.71 81.25 11.39
CA ASP EC 72 85.29 81.62 10.07
C ASP EC 72 84.98 83.06 9.61
N GLY EC 73 85.15 84.00 10.52
CA GLY EC 73 85.03 85.41 10.20
C GLY EC 73 83.64 86.01 10.30
N LYS EC 74 82.77 85.42 11.13
CA LYS EC 74 81.41 85.91 11.31
C LYS EC 74 80.86 85.34 12.62
N VAL EC 75 80.07 86.13 13.34
CA VAL EC 75 79.49 85.65 14.58
C VAL EC 75 78.26 84.80 14.29
N ARG EC 76 78.30 83.54 14.71
CA ARG EC 76 77.15 82.66 14.69
C ARG EC 76 76.57 82.58 16.09
N THR EC 77 75.27 82.83 16.21
CA THR EC 77 74.59 82.82 17.50
C THR EC 77 73.80 81.55 17.76
N ASP EC 78 74.06 80.47 17.03
CA ASP EC 78 73.31 79.25 17.18
C ASP EC 78 74.16 78.18 17.87
N ILE EC 79 73.57 77.46 18.81
CA ILE EC 79 74.29 76.40 19.51
C ILE EC 79 74.44 75.16 18.63
N THR EC 80 73.60 75.02 17.61
CA THR EC 80 73.63 73.87 16.72
C THR EC 80 74.15 74.21 15.33
N TYR EC 81 75.07 75.15 15.23
CA TYR EC 81 75.64 75.48 13.93
C TYR EC 81 76.63 74.40 13.51
N PRO EC 82 76.57 73.91 12.27
CA PRO EC 82 77.47 72.84 11.84
C PRO EC 82 78.89 73.35 11.60
N ALA EC 83 79.79 73.04 12.52
CA ALA EC 83 81.20 73.33 12.37
C ALA EC 83 81.91 72.09 11.88
N GLY EC 84 82.29 72.08 10.60
CA GLY EC 84 82.87 70.93 9.97
C GLY EC 84 84.37 71.04 9.78
N PHE EC 85 84.85 70.42 8.70
CA PHE EC 85 86.28 70.34 8.44
C PHE EC 85 86.79 71.69 7.92
N MET EC 86 88.01 72.04 8.35
CA MET EC 86 88.70 73.30 8.08
C MET EC 86 87.93 74.53 8.52
N ASP EC 87 87.15 74.42 9.60
CA ASP EC 87 86.45 75.59 10.14
C ASP EC 87 87.31 76.26 11.20
N VAL EC 88 87.31 77.59 11.20
CA VAL EC 88 88.13 78.38 12.11
C VAL EC 88 87.18 79.04 13.10
N ILE EC 89 87.27 78.66 14.37
CA ILE EC 89 86.51 79.27 15.44
C ILE EC 89 87.44 80.18 16.23
N SER EC 90 87.08 81.46 16.31
CA SER EC 90 87.88 82.46 17.01
C SER EC 90 87.16 82.93 18.27
N ILE EC 91 87.87 82.94 19.39
CA ILE EC 91 87.36 83.50 20.64
C ILE EC 91 88.29 84.65 21.01
N ASP EC 92 87.72 85.86 21.13
CA ASP EC 92 88.54 87.06 21.23
C ASP EC 92 89.06 87.28 22.64
N LYS EC 93 88.23 87.02 23.66
CA LYS EC 93 88.62 87.36 25.03
C LYS EC 93 89.69 86.43 25.56
N THR EC 94 89.62 85.14 25.22
CA THR EC 94 90.70 84.23 25.56
C THR EC 94 91.84 84.33 24.57
N GLY EC 95 91.59 84.92 23.40
CA GLY EC 95 92.60 85.03 22.38
C GLY EC 95 92.95 83.71 21.72
N GLU EC 96 91.95 82.87 21.47
CA GLU EC 96 92.19 81.50 21.03
C GLU EC 96 91.59 81.29 19.65
N ASN EC 97 92.42 80.85 18.71
CA ASN EC 97 91.97 80.49 17.37
C ASN EC 97 92.09 78.98 17.21
N PHE EC 98 90.99 78.34 16.81
CA PHE EC 98 90.93 76.90 16.68
C PHE EC 98 90.60 76.51 15.24
N ARG EC 99 91.32 75.54 14.71
CA ARG EC 99 91.09 75.03 13.37
C ARG EC 99 90.64 73.58 13.47
N LEU EC 100 89.41 73.31 13.05
CA LEU EC 100 88.83 71.97 13.19
C LEU EC 100 89.43 71.04 12.15
N ILE EC 101 90.58 70.47 12.49
CA ILE EC 101 91.22 69.43 11.70
C ILE EC 101 90.96 68.11 12.44
N TYR EC 102 90.74 67.04 11.68
CA TYR EC 102 90.63 65.71 12.29
C TYR EC 102 91.92 65.31 12.98
N ASP EC 103 91.80 64.48 14.00
CA ASP EC 103 92.94 63.88 14.67
C ASP EC 103 93.40 62.67 13.83
N THR EC 104 94.30 61.85 14.38
CA THR EC 104 94.66 60.62 13.67
C THR EC 104 93.52 59.60 13.72
N LYS EC 105 92.66 59.69 14.73
CA LYS EC 105 91.47 58.85 14.78
C LYS EC 105 90.33 59.52 14.02
N GLY EC 106 89.13 58.98 14.21
CA GLY EC 106 87.96 59.50 13.50
C GLY EC 106 87.45 60.80 14.07
N ARG EC 107 87.85 61.13 15.29
CA ARG EC 107 87.34 62.32 15.96
C ARG EC 107 88.02 63.58 15.42
N PHE EC 108 87.36 64.72 15.65
CA PHE EC 108 88.02 66.01 15.50
C PHE EC 108 88.96 66.26 16.66
N ALA EC 109 89.92 67.16 16.45
CA ALA EC 109 90.93 67.47 17.44
C ALA EC 109 90.89 68.95 17.80
N VAL EC 110 91.17 69.23 19.07
CA VAL EC 110 91.32 70.60 19.54
C VAL EC 110 92.70 71.08 19.12
N HIS EC 111 92.76 71.92 18.10
CA HIS EC 111 94.00 72.27 17.43
C HIS EC 111 94.22 73.78 17.55
N ARG EC 112 95.24 74.17 18.31
CA ARG EC 112 95.56 75.57 18.49
C ARG EC 112 96.44 76.09 17.35
N ILE EC 113 96.05 77.24 16.81
CA ILE EC 113 96.78 77.87 15.70
C ILE EC 113 97.04 79.34 16.03
N THR EC 114 97.87 79.95 15.21
CA THR EC 114 98.19 81.37 15.28
C THR EC 114 97.14 82.19 14.52
N PRO EC 115 97.02 83.49 14.82
CA PRO EC 115 96.14 84.35 14.00
C PRO EC 115 96.59 84.49 12.55
N GLU EC 116 97.89 84.39 12.28
CA GLU EC 116 98.38 84.42 10.89
C GLU EC 116 97.89 83.21 10.12
N GLU EC 117 97.75 82.06 10.80
CA GLU EC 117 97.17 80.89 10.16
C GLU EC 117 95.65 80.96 10.13
N ALA EC 118 95.04 81.58 11.15
CA ALA EC 118 93.59 81.71 11.22
C ALA EC 118 93.04 82.73 10.23
N LYS EC 119 93.89 83.59 9.67
CA LYS EC 119 93.46 84.54 8.65
C LYS EC 119 92.97 83.84 7.37
N TYR EC 120 93.53 82.68 7.04
CA TYR EC 120 93.15 81.94 5.84
C TYR EC 120 92.64 80.55 6.23
N LYS EC 121 92.01 79.88 5.26
CA LYS EC 121 91.67 78.48 5.39
C LYS EC 121 91.67 77.86 3.99
N LEU EC 122 91.60 76.53 3.93
CA LEU EC 122 91.68 75.77 2.70
C LEU EC 122 90.39 75.00 2.49
N CYS EC 123 89.90 74.99 1.24
CA CYS EC 123 88.61 74.37 0.94
C CYS EC 123 88.68 73.65 -0.38
N LYS EC 124 88.16 72.42 -0.42
CA LYS EC 124 88.09 71.66 -1.67
C LYS EC 124 86.85 72.04 -2.46
N VAL EC 125 87.03 72.33 -3.73
CA VAL EC 125 85.89 72.63 -4.59
C VAL EC 125 85.27 71.32 -5.04
N ARG EC 126 83.96 71.37 -5.33
CA ARG EC 126 83.21 70.20 -5.77
C ARG EC 126 82.85 70.24 -7.25
N LYS EC 127 82.46 71.41 -7.77
CA LYS EC 127 82.09 71.51 -9.18
C LYS EC 127 82.27 72.94 -9.66
N ILE EC 128 82.36 73.09 -10.98
CA ILE EC 128 82.42 74.39 -11.63
C ILE EC 128 81.11 74.59 -12.38
N PHE EC 129 80.39 75.65 -12.04
CA PHE EC 129 79.11 75.97 -12.65
C PHE EC 129 79.26 77.21 -13.52
N VAL EC 130 78.62 77.20 -14.68
CA VAL EC 130 78.60 78.37 -15.56
C VAL EC 130 77.32 79.15 -15.31
N GLY EC 131 77.47 80.39 -14.81
CA GLY EC 131 76.33 81.20 -14.45
C GLY EC 131 75.61 81.80 -15.66
N THR EC 132 74.72 82.75 -15.35
CA THR EC 132 73.74 83.22 -16.34
C THR EC 132 74.35 84.08 -17.44
N LYS EC 133 75.58 84.53 -17.29
CA LYS EC 133 76.22 85.34 -18.33
C LYS EC 133 77.62 84.82 -18.62
N GLY EC 134 77.77 83.49 -18.58
CA GLY EC 134 79.05 82.86 -18.86
C GLY EC 134 80.10 83.11 -17.80
N ILE EC 135 79.74 82.94 -16.54
CA ILE EC 135 80.59 83.30 -15.41
C ILE EC 135 81.00 82.01 -14.70
N PRO EC 136 82.30 81.73 -14.56
CA PRO EC 136 82.70 80.50 -13.86
C PRO EC 136 82.48 80.64 -12.36
N HIS EC 137 82.03 79.55 -11.74
CA HIS EC 137 81.73 79.50 -10.32
C HIS EC 137 82.31 78.24 -9.71
N LEU EC 138 82.99 78.38 -8.58
CA LEU EC 138 83.47 77.24 -7.80
C LEU EC 138 82.45 76.93 -6.71
N VAL EC 139 82.17 75.64 -6.51
CA VAL EC 139 81.33 75.18 -5.41
C VAL EC 139 82.21 74.42 -4.44
N THR EC 140 82.51 75.01 -3.30
CA THR EC 140 83.40 74.38 -2.33
C THR EC 140 82.63 73.40 -1.46
N HIS EC 141 83.36 72.76 -0.54
CA HIS EC 141 82.72 71.79 0.35
C HIS EC 141 81.92 72.48 1.43
N ASP EC 142 82.27 73.72 1.77
CA ASP EC 142 81.55 74.53 2.76
C ASP EC 142 80.62 75.53 2.08
N ALA EC 143 80.09 75.14 0.92
CA ALA EC 143 79.05 75.82 0.14
C ALA EC 143 79.42 77.23 -0.29
N ARG EC 144 80.69 77.60 -0.32
CA ARG EC 144 81.09 78.94 -0.75
C ARG EC 144 81.04 79.01 -2.27
N THR EC 145 80.24 79.95 -2.80
CA THR EC 145 80.11 80.14 -4.24
C THR EC 145 80.99 81.33 -4.66
N ILE EC 146 82.20 81.01 -5.11
CA ILE EC 146 83.15 82.02 -5.52
C ILE EC 146 83.15 82.13 -7.05
N ARG EC 147 83.06 83.36 -7.56
CA ARG EC 147 82.95 83.58 -9.00
C ARG EC 147 84.19 84.30 -9.52
N TYR EC 148 84.36 84.17 -10.84
CA TYR EC 148 85.61 84.42 -11.55
C TYR EC 148 86.85 83.81 -10.87
N PRO EC 149 87.02 82.47 -10.93
CA PRO EC 149 88.26 81.88 -10.41
C PRO EC 149 89.37 81.80 -11.45
N ASP EC 150 90.49 81.21 -11.05
CA ASP EC 150 91.55 80.87 -12.00
C ASP EC 150 91.08 79.67 -12.83
N PRO EC 151 91.10 79.75 -14.16
CA PRO EC 151 90.62 78.62 -14.98
C PRO EC 151 91.44 77.34 -14.89
N LEU EC 152 92.65 77.37 -14.32
CA LEU EC 152 93.38 76.13 -14.08
C LEU EC 152 92.83 75.35 -12.89
N ILE EC 153 92.03 75.99 -12.04
CA ILE EC 153 91.35 75.28 -10.96
C ILE EC 153 90.29 74.38 -11.57
N LYS EC 154 90.34 73.09 -11.23
CA LYS EC 154 89.47 72.08 -11.80
C LYS EC 154 88.60 71.50 -10.70
N VAL EC 155 87.92 70.39 -11.03
CA VAL EC 155 86.85 69.83 -10.21
C VAL EC 155 87.36 69.33 -8.86
N ASN EC 156 88.51 68.66 -8.84
CA ASN EC 156 89.00 67.99 -7.64
C ASN EC 156 90.11 68.76 -6.95
N ASP EC 157 90.09 70.09 -7.02
CA ASP EC 157 91.19 70.89 -6.52
C ASP EC 157 90.82 71.55 -5.18
N THR EC 158 91.80 72.20 -4.56
CA THR EC 158 91.58 72.95 -3.35
C THR EC 158 92.05 74.39 -3.53
N ILE EC 159 91.40 75.31 -2.80
CA ILE EC 159 91.68 76.73 -2.89
C ILE EC 159 91.91 77.29 -1.48
N GLN EC 160 92.84 78.24 -1.40
CA GLN EC 160 93.22 78.90 -0.14
C GLN EC 160 92.54 80.26 -0.10
N ILE EC 161 91.34 80.29 0.47
CA ILE EC 161 90.55 81.52 0.49
C ILE EC 161 90.99 82.39 1.65
N ASP EC 162 90.57 83.65 1.65
CA ASP EC 162 90.84 84.58 2.74
C ASP EC 162 89.54 84.86 3.47
N LEU EC 163 89.61 84.94 4.79
CA LEU EC 163 88.41 85.10 5.59
C LEU EC 163 87.88 86.53 5.54
N GLU EC 164 88.76 87.51 5.28
CA GLU EC 164 88.35 88.90 5.37
C GLU EC 164 87.69 89.38 4.09
N THR EC 165 87.98 88.74 2.96
CA THR EC 165 87.44 89.18 1.69
C THR EC 165 86.68 88.11 0.93
N GLY EC 166 86.86 86.83 1.26
CA GLY EC 166 86.17 85.76 0.57
C GLY EC 166 86.65 85.52 -0.84
N LYS EC 167 87.94 85.71 -1.10
CA LYS EC 167 88.50 85.51 -2.43
C LYS EC 167 89.69 84.56 -2.32
N ILE EC 168 90.05 83.96 -3.46
CA ILE EC 168 91.09 82.93 -3.48
C ILE EC 168 92.46 83.60 -3.52
N THR EC 169 93.44 82.97 -2.87
CA THR EC 169 94.82 83.43 -2.96
C THR EC 169 95.65 82.45 -3.80
N ASP EC 170 95.67 81.18 -3.40
CA ASP EC 170 96.41 80.14 -4.10
C ASP EC 170 95.52 78.91 -4.27
N PHE EC 171 96.04 77.92 -4.98
CA PHE EC 171 95.27 76.71 -5.23
C PHE EC 171 96.22 75.53 -5.38
N ILE EC 172 95.74 74.36 -4.98
CA ILE EC 172 96.46 73.11 -5.15
C ILE EC 172 95.66 72.23 -6.11
N LYS EC 173 96.32 71.81 -7.19
CA LYS EC 173 95.73 70.93 -8.18
C LYS EC 173 95.94 69.47 -7.77
N PHE EC 174 94.93 68.65 -8.03
CA PHE EC 174 94.97 67.24 -7.63
C PHE EC 174 95.96 66.49 -8.52
N ASP EC 175 97.21 66.38 -8.08
CA ASP EC 175 98.25 65.71 -8.83
C ASP EC 175 98.92 64.67 -7.95
N THR EC 176 99.72 63.81 -8.58
CA THR EC 176 100.43 62.76 -7.87
C THR EC 176 101.66 63.32 -7.18
N GLY EC 177 101.90 62.84 -5.96
CA GLY EC 177 102.99 63.30 -5.13
C GLY EC 177 102.57 64.29 -4.06
N ASN EC 178 101.37 64.85 -4.18
CA ASN EC 178 100.88 65.83 -3.20
C ASN EC 178 100.42 65.13 -1.93
N LEU EC 179 100.32 65.90 -0.85
CA LEU EC 179 99.83 65.36 0.41
C LEU EC 179 98.32 65.13 0.34
N CYS EC 180 97.80 64.42 1.35
CA CYS EC 180 96.40 63.97 1.29
C CYS EC 180 95.85 63.79 2.70
N MET EC 181 94.88 64.63 3.06
CA MET EC 181 94.05 64.39 4.23
C MET EC 181 92.82 63.57 3.82
N VAL EC 182 92.55 62.48 4.54
CA VAL EC 182 91.45 61.60 4.20
C VAL EC 182 90.25 62.01 5.06
N THR EC 183 89.27 62.64 4.44
CA THR EC 183 88.10 63.14 5.15
C THR EC 183 86.89 62.20 5.00
N GLY EC 184 86.97 61.05 5.65
CA GLY EC 184 85.80 60.22 5.84
C GLY EC 184 86.13 58.75 5.79
N GLY EC 185 85.34 57.97 6.51
CA GLY EC 185 85.37 56.52 6.42
C GLY EC 185 86.30 55.86 7.43
N ALA EC 186 86.80 54.68 7.03
CA ALA EC 186 87.66 53.89 7.90
C ALA EC 186 89.07 54.45 8.01
N ASN EC 187 89.53 55.18 7.00
CA ASN EC 187 90.85 55.82 7.02
C ASN EC 187 90.75 57.29 7.42
N LEU EC 188 89.74 57.66 8.20
CA LEU EC 188 89.52 59.04 8.58
C LEU EC 188 90.62 59.54 9.53
N GLY EC 189 91.46 60.45 9.03
CA GLY EC 189 92.55 61.00 9.80
C GLY EC 189 93.92 60.73 9.24
N ARG EC 190 94.03 60.03 8.11
CA ARG EC 190 95.33 59.66 7.58
C ARG EC 190 95.94 60.81 6.79
N ILE EC 191 97.27 60.90 6.85
CA ILE EC 191 98.04 61.92 6.13
C ILE EC 191 99.16 61.22 5.38
N GLY EC 192 99.20 61.40 4.06
CA GLY EC 192 100.21 60.75 3.26
C GLY EC 192 100.25 61.32 1.86
N VAL EC 193 101.19 60.82 1.07
CA VAL EC 193 101.36 61.30 -0.30
C VAL EC 193 100.60 60.41 -1.28
N ILE EC 194 100.12 61.01 -2.35
CA ILE EC 194 99.34 60.31 -3.38
C ILE EC 194 100.28 59.55 -4.29
N THR EC 195 100.08 58.23 -4.41
CA THR EC 195 100.97 57.45 -5.26
C THR EC 195 100.27 56.87 -6.48
N ASN EC 196 98.94 56.79 -6.48
CA ASN EC 196 98.26 56.22 -7.65
C ASN EC 196 96.85 56.78 -7.76
N ARG EC 197 96.39 56.94 -9.00
CA ARG EC 197 95.03 57.33 -9.33
C ARG EC 197 94.44 56.30 -10.30
N GLU EC 198 93.34 55.66 -9.92
CA GLU EC 198 92.68 54.66 -10.76
C GLU EC 198 91.30 55.17 -11.12
N ARG EC 199 91.10 55.40 -12.42
CA ARG EC 199 89.83 55.89 -12.93
C ARG EC 199 88.87 54.73 -13.18
N HIS EC 200 87.57 55.01 -13.07
CA HIS EC 200 86.53 54.04 -13.37
C HIS EC 200 85.35 54.74 -14.02
N PRO EC 201 84.90 54.30 -15.20
CA PRO EC 201 83.65 54.83 -15.74
C PRO EC 201 82.45 54.22 -15.04
N GLY EC 202 81.51 55.07 -14.64
CA GLY EC 202 80.33 54.60 -13.94
C GLY EC 202 80.57 54.42 -12.46
N SER EC 203 81.36 53.41 -12.09
CA SER EC 203 81.76 53.24 -10.69
C SER EC 203 82.70 54.37 -10.28
N PHE EC 204 82.80 54.59 -8.98
CA PHE EC 204 83.53 55.76 -8.51
C PHE EC 204 85.03 55.48 -8.51
N ASP EC 205 85.82 56.53 -8.71
CA ASP EC 205 87.27 56.42 -8.89
C ASP EC 205 87.94 56.19 -7.54
N VAL EC 206 89.15 55.63 -7.56
CA VAL EC 206 89.85 55.40 -6.30
C VAL EC 206 91.27 55.96 -6.40
N VAL EC 207 91.86 56.29 -5.24
CA VAL EC 207 93.19 56.86 -5.16
C VAL EC 207 93.97 56.05 -4.13
N HIS EC 208 95.15 55.56 -4.52
CA HIS EC 208 96.08 54.95 -3.58
C HIS EC 208 97.01 56.03 -3.03
N VAL EC 209 97.01 56.15 -1.70
CA VAL EC 209 97.79 57.14 -0.98
C VAL EC 209 98.81 56.41 -0.12
N LYS EC 210 100.08 56.82 -0.24
CA LYS EC 210 101.18 56.21 0.49
C LYS EC 210 101.49 57.04 1.73
N ASP EC 211 101.57 56.38 2.88
CA ASP EC 211 101.94 57.06 4.11
C ASP EC 211 103.45 57.35 4.10
N ALA EC 212 103.87 58.27 4.97
CA ALA EC 212 105.29 58.60 5.10
C ALA EC 212 106.08 57.44 5.70
N ASN EC 213 105.41 56.58 6.48
CA ASN EC 213 106.03 55.38 7.03
C ASN EC 213 105.84 54.17 6.13
N GLY EC 214 105.37 54.37 4.90
CA GLY EC 214 105.26 53.30 3.93
C GLY EC 214 103.96 52.52 3.97
N ASN EC 215 102.94 53.00 4.67
CA ASN EC 215 101.67 52.28 4.78
C ASN EC 215 100.72 52.77 3.70
N SER EC 216 100.76 52.15 2.53
CA SER EC 216 99.89 52.53 1.43
C SER EC 216 98.48 52.02 1.65
N PHE EC 217 97.51 52.79 1.14
CA PHE EC 217 96.10 52.46 1.37
C PHE EC 217 95.26 53.09 0.27
N ALA EC 218 94.21 52.39 -0.14
CA ALA EC 218 93.26 52.90 -1.12
C ALA EC 218 92.12 53.63 -0.43
N THR EC 219 91.62 54.67 -1.10
CA THR EC 219 90.52 55.48 -0.59
C THR EC 219 89.80 56.09 -1.80
N ARG EC 220 88.47 56.08 -1.77
CA ARG EC 220 87.69 56.75 -2.79
C ARG EC 220 87.85 58.27 -2.66
N LEU EC 221 87.68 58.96 -3.78
CA LEU EC 221 88.09 60.36 -3.87
C LEU EC 221 87.11 61.28 -3.15
N SER EC 222 85.91 60.79 -2.85
CA SER EC 222 84.89 61.57 -2.16
C SER EC 222 85.30 61.94 -0.73
N ASN EC 223 86.17 61.14 -0.14
CA ASN EC 223 86.69 61.37 1.20
C ASN EC 223 88.17 61.77 1.18
N ILE EC 224 88.59 62.53 0.18
CA ILE EC 224 90.01 62.87 0.00
C ILE EC 224 90.17 64.38 -0.15
N PHE EC 225 91.14 64.92 0.58
CA PHE EC 225 91.37 66.36 0.66
C PHE EC 225 92.89 66.60 0.63
N VAL EC 226 93.40 67.25 -0.42
CA VAL EC 226 94.82 67.54 -0.47
C VAL EC 226 95.11 68.81 0.32
N ILE EC 227 96.30 68.86 0.94
CA ILE EC 227 96.62 69.95 1.87
C ILE EC 227 97.92 70.65 1.49
N GLY EC 228 98.52 70.28 0.37
CA GLY EC 228 99.75 70.94 -0.03
C GLY EC 228 100.51 70.14 -1.07
N LYS EC 229 101.56 70.77 -1.59
CA LYS EC 229 102.37 70.20 -2.65
C LYS EC 229 103.54 69.40 -2.10
N GLY EC 230 103.75 68.21 -2.65
CA GLY EC 230 104.91 67.41 -2.29
C GLY EC 230 104.78 66.84 -0.90
N ASN EC 231 105.73 67.19 -0.03
CA ASN EC 231 105.71 66.80 1.37
C ASN EC 231 105.75 68.02 2.28
N LYS EC 232 105.29 69.16 1.79
CA LYS EC 232 105.30 70.41 2.54
C LYS EC 232 103.87 70.92 2.70
N PRO EC 233 103.25 70.79 3.87
CA PRO EC 233 101.89 71.31 4.05
C PRO EC 233 101.89 72.82 4.21
N TRP EC 234 100.71 73.39 4.02
CA TRP EC 234 100.52 74.83 4.21
C TRP EC 234 99.79 75.15 5.50
N ILE EC 235 99.46 74.14 6.31
CA ILE EC 235 98.75 74.34 7.57
C ILE EC 235 99.59 73.77 8.70
N SER EC 236 99.10 73.94 9.92
CA SER EC 236 99.72 73.28 11.07
C SER EC 236 99.02 71.97 11.35
N LEU EC 237 99.81 70.97 11.73
CA LEU EC 237 99.33 69.60 11.92
C LEU EC 237 99.29 69.24 13.40
N PRO EC 238 98.30 68.47 13.83
CA PRO EC 238 98.26 68.03 15.23
C PRO EC 238 99.28 66.95 15.51
N ARG EC 239 99.35 66.57 16.78
CA ARG EC 239 100.24 65.48 17.19
C ARG EC 239 99.73 64.15 16.68
N GLY EC 240 100.65 63.24 16.38
CA GLY EC 240 100.31 62.01 15.70
C GLY EC 240 100.59 62.10 14.21
N LYS EC 241 100.29 63.27 13.63
CA LYS EC 241 100.61 63.66 12.24
C LYS EC 241 99.95 62.74 11.21
N GLY EC 242 98.85 62.09 11.58
CA GLY EC 242 98.10 61.27 10.66
C GLY EC 242 98.81 60.01 10.18
N ILE EC 243 99.08 59.09 11.11
CA ILE EC 243 99.80 57.87 10.78
C ILE EC 243 98.91 56.63 10.96
N ARG EC 244 98.15 56.58 12.07
CA ARG EC 244 97.40 55.41 12.52
C ARG EC 244 98.31 54.18 12.62
N LEU EC 245 99.26 54.29 13.54
CA LEU EC 245 100.08 53.16 13.93
C LEU EC 245 99.24 52.10 14.65
N THR EC 246 99.81 50.91 14.77
CA THR EC 246 99.05 49.75 15.25
C THR EC 246 98.73 49.88 16.74
N ILE EC 247 97.83 49.01 17.19
CA ILE EC 247 97.36 49.07 18.57
C ILE EC 247 98.43 48.57 19.53
N ALA EC 248 99.31 47.68 19.07
CA ALA EC 248 100.45 47.26 19.88
C ALA EC 248 101.45 48.39 20.06
N GLU EC 249 101.68 49.16 19.00
CA GLU EC 249 102.60 50.31 19.09
C GLU EC 249 101.96 51.43 19.92
N GLU EC 250 100.64 51.54 19.88
CA GLU EC 250 99.95 52.52 20.74
C GLU EC 250 100.05 52.12 22.20
N ARG EC 251 99.91 50.81 22.48
CA ARG EC 251 100.10 50.28 23.83
C ARG EC 251 101.54 50.51 24.30
N ASP EC 252 102.50 50.36 23.40
CA ASP EC 252 103.90 50.59 23.76
C ASP EC 252 104.18 52.05 24.05
N LYS EC 253 103.66 52.96 23.21
CA LYS EC 253 103.88 54.39 23.39
C LYS EC 253 103.15 54.91 24.61
N ARG EC 254 102.07 54.23 25.01
CA ARG EC 254 101.42 54.59 26.26
C ARG EC 254 102.21 54.06 27.47
N LEU EC 255 102.55 52.77 27.45
CA LEU EC 255 103.09 52.10 28.64
C LEU EC 255 104.52 52.53 28.93
N ALA EC 256 105.36 52.66 27.90
CA ALA EC 256 106.74 53.05 28.11
C ALA EC 256 106.84 54.50 28.60
N ALA EC 257 105.99 55.38 28.05
CA ALA EC 257 105.96 56.76 28.51
C ALA EC 257 105.41 56.87 29.92
N LYS EC 258 104.42 56.02 30.26
CA LYS EC 258 103.87 56.02 31.61
C LYS EC 258 104.89 55.53 32.63
N GLN EC 259 105.65 54.49 32.30
CA GLN EC 259 106.66 53.97 33.22
C GLN EC 259 107.87 54.88 33.29
N SER EC 260 108.14 55.64 32.22
CA SER EC 260 109.23 56.61 32.27
C SER EC 260 108.84 57.83 33.07
N SER EC 261 107.56 58.21 33.04
CA SER EC 261 107.09 59.33 33.85
C SER EC 261 107.00 58.95 35.31
N GLY EC 262 106.53 57.74 35.60
CA GLY EC 262 106.42 57.27 36.97
C GLY EC 262 105.14 57.69 37.64
N THR FC 1 56.80 -100.23 43.70
CA THR FC 1 56.99 -99.77 42.33
C THR FC 1 58.07 -98.68 42.19
N PRO FC 2 59.35 -99.09 42.20
CA PRO FC 2 60.42 -98.08 42.13
C PRO FC 2 60.64 -97.54 40.73
N ASP FC 3 60.42 -98.34 39.69
CA ASP FC 3 60.74 -97.91 38.33
C ASP FC 3 59.64 -97.02 37.76
N ILE FC 4 58.43 -97.55 37.63
CA ILE FC 4 57.31 -96.79 37.10
C ILE FC 4 56.60 -96.07 38.25
N LYS FC 5 56.17 -94.84 38.00
CA LYS FC 5 55.51 -94.02 39.00
C LYS FC 5 54.00 -94.18 38.89
N LEU FC 6 53.34 -94.23 40.04
CA LEU FC 6 51.90 -94.42 40.12
C LEU FC 6 51.27 -93.19 40.75
N PHE FC 7 50.52 -92.43 39.95
CA PHE FC 7 49.79 -91.27 40.44
C PHE FC 7 48.61 -91.76 41.27
N GLY FC 8 48.81 -91.90 42.58
CA GLY FC 8 47.83 -92.56 43.42
C GLY FC 8 47.73 -94.03 43.06
N LYS FC 9 46.65 -94.37 42.35
CA LYS FC 9 46.53 -95.69 41.73
C LYS FC 9 46.59 -95.63 40.20
N TRP FC 10 47.00 -94.52 39.62
CA TRP FC 10 46.96 -94.34 38.18
C TRP FC 10 48.35 -94.40 37.56
N SER FC 11 48.42 -95.00 36.38
CA SER FC 11 49.68 -95.22 35.69
C SER FC 11 50.14 -93.96 34.97
N THR FC 12 51.44 -93.72 35.00
CA THR FC 12 52.04 -92.62 34.23
C THR FC 12 51.96 -92.91 32.73
N ASP FC 13 52.20 -94.15 32.34
CA ASP FC 13 52.21 -94.52 30.94
C ASP FC 13 50.79 -94.68 30.39
N ASP FC 14 50.72 -95.12 29.13
CA ASP FC 14 49.48 -95.27 28.35
C ASP FC 14 48.72 -93.94 28.28
N VAL FC 15 49.46 -92.85 28.05
CA VAL FC 15 48.88 -91.52 27.89
C VAL FC 15 49.33 -91.02 26.52
N GLN FC 16 48.42 -91.04 25.56
CA GLN FC 16 48.73 -90.62 24.21
C GLN FC 16 48.33 -89.16 24.03
N ILE FC 17 49.30 -88.29 23.77
CA ILE FC 17 49.03 -86.90 23.46
C ILE FC 17 48.81 -86.80 21.95
N ASN FC 18 47.60 -86.43 21.57
CA ASN FC 18 47.22 -86.45 20.15
C ASN FC 18 47.87 -85.30 19.39
N ASP FC 19 47.73 -84.09 19.90
CA ASP FC 19 48.27 -82.90 19.23
C ASP FC 19 49.77 -82.85 19.46
N ILE FC 20 50.53 -82.78 18.36
CA ILE FC 20 51.99 -82.71 18.48
C ILE FC 20 52.41 -81.27 18.81
N SER FC 21 51.51 -80.31 18.62
CA SER FC 21 51.79 -78.94 19.04
C SER FC 21 51.80 -78.82 20.56
N LEU FC 22 51.03 -79.67 21.24
CA LEU FC 22 50.92 -79.66 22.69
C LEU FC 22 51.68 -80.81 23.33
N GLN FC 23 52.75 -81.26 22.69
CA GLN FC 23 53.51 -82.39 23.20
C GLN FC 23 54.47 -81.97 24.30
N ASP FC 24 55.23 -80.89 24.07
CA ASP FC 24 56.21 -80.45 25.08
C ASP FC 24 55.53 -79.70 26.22
N TYR FC 25 54.48 -78.94 25.93
CA TYR FC 25 53.87 -78.09 26.94
C TYR FC 25 52.89 -78.83 27.84
N ILE FC 26 52.56 -80.08 27.53
CA ILE FC 26 51.82 -80.94 28.44
C ILE FC 26 52.85 -81.84 29.10
N ALA FC 27 53.14 -81.57 30.37
CA ALA FC 27 54.17 -82.29 31.11
C ALA FC 27 53.52 -83.36 31.98
N VAL FC 28 53.28 -84.52 31.36
CA VAL FC 28 52.52 -85.58 32.00
C VAL FC 28 53.20 -86.94 31.88
N LYS FC 29 54.20 -87.07 31.00
CA LYS FC 29 54.74 -88.38 30.65
C LYS FC 29 56.19 -88.52 31.06
N GLU FC 30 56.44 -89.51 31.91
CA GLU FC 30 57.73 -90.21 32.12
C GLU FC 30 58.71 -89.35 32.92
N LYS FC 31 58.47 -88.06 33.14
CA LYS FC 31 59.36 -87.30 34.01
C LYS FC 31 58.58 -86.47 35.02
N TYR FC 32 57.46 -85.89 34.61
CA TYR FC 32 56.86 -84.82 35.38
C TYR FC 32 55.67 -85.31 36.21
N ALA FC 33 55.17 -86.50 35.94
CA ALA FC 33 54.12 -87.07 36.76
C ALA FC 33 54.68 -87.55 38.09
N LYS FC 34 54.00 -87.21 39.18
CA LYS FC 34 54.44 -87.56 40.52
C LYS FC 34 53.32 -88.30 41.23
N TYR FC 35 53.48 -88.49 42.54
CA TYR FC 35 52.48 -89.21 43.30
C TYR FC 35 51.28 -88.32 43.63
N LEU FC 36 51.52 -87.06 43.97
CA LEU FC 36 50.48 -86.10 44.26
C LEU FC 36 50.66 -84.88 43.38
N PRO FC 37 49.59 -84.16 43.06
CA PRO FC 37 49.76 -82.88 42.36
C PRO FC 37 50.30 -81.76 43.23
N HIS FC 38 50.45 -81.98 44.53
CA HIS FC 38 51.05 -80.99 45.40
C HIS FC 38 52.55 -80.95 45.18
N SER FC 39 53.15 -79.77 45.38
CA SER FC 39 54.58 -79.61 45.20
C SER FC 39 55.07 -78.48 46.09
N ALA FC 40 56.36 -78.16 45.94
CA ALA FC 40 56.98 -77.14 46.78
C ALA FC 40 56.76 -75.74 46.18
N GLY FC 41 57.15 -75.56 44.92
CA GLY FC 41 57.02 -74.27 44.27
C GLY FC 41 58.05 -74.05 43.18
N ARG FC 42 58.54 -72.81 43.06
CA ARG FC 42 59.67 -72.35 42.24
C ARG FC 42 59.34 -72.31 40.74
N TYR FC 43 58.16 -72.81 40.33
CA TYR FC 43 57.82 -72.86 38.90
C TYR FC 43 57.55 -71.49 38.27
N ALA FC 44 57.32 -70.46 39.08
CA ALA FC 44 57.08 -69.13 38.57
C ALA FC 44 58.32 -68.25 38.57
N ALA FC 45 59.51 -68.85 38.61
CA ALA FC 45 60.75 -68.08 38.61
C ALA FC 45 61.10 -67.60 37.21
N LYS FC 46 61.23 -68.55 36.27
CA LYS FC 46 61.62 -68.26 34.90
C LYS FC 46 60.36 -68.20 34.03
N ARG FC 47 60.50 -67.69 32.81
CA ARG FC 47 59.41 -67.51 31.87
C ARG FC 47 58.78 -68.84 31.45
N PHE FC 48 59.59 -69.76 30.92
CA PHE FC 48 59.10 -71.05 30.46
C PHE FC 48 59.34 -72.17 31.45
N ARG FC 49 59.53 -71.86 32.74
CA ARG FC 49 59.54 -72.91 33.75
C ARG FC 49 58.13 -73.37 34.07
N LYS FC 50 57.14 -72.55 33.71
CA LYS FC 50 55.74 -72.91 33.88
C LYS FC 50 55.35 -74.06 32.96
N ALA FC 51 56.06 -74.23 31.85
CA ALA FC 51 55.83 -75.37 30.97
C ALA FC 51 56.30 -76.67 31.61
N GLN FC 52 57.35 -76.60 32.43
CA GLN FC 52 57.85 -77.77 33.13
C GLN FC 52 56.99 -78.17 34.32
N CYS FC 53 56.01 -77.35 34.70
CA CYS FC 53 55.09 -77.75 35.76
C CYS FC 53 54.09 -78.75 35.20
N PRO FC 54 53.77 -79.82 35.93
CA PRO FC 54 52.80 -80.79 35.42
C PRO FC 54 51.38 -80.24 35.42
N ILE FC 55 50.57 -80.73 34.48
CA ILE FC 55 49.27 -80.15 34.19
C ILE FC 55 48.27 -80.41 35.31
N VAL FC 56 48.46 -81.49 36.06
CA VAL FC 56 47.57 -81.76 37.18
C VAL FC 56 47.85 -80.79 38.32
N GLU FC 57 49.12 -80.46 38.53
CA GLU FC 57 49.49 -79.40 39.48
C GLU FC 57 49.00 -78.04 39.00
N ARG FC 58 48.99 -77.81 37.69
CA ARG FC 58 48.52 -76.54 37.15
C ARG FC 58 47.01 -76.39 37.34
N LEU FC 59 46.26 -77.48 37.15
CA LEU FC 59 44.83 -77.45 37.42
C LEU FC 59 44.55 -77.30 38.92
N THR FC 60 45.35 -77.98 39.75
CA THR FC 60 45.24 -77.87 41.20
C THR FC 60 45.49 -76.45 41.68
N ASN FC 61 46.45 -75.76 41.04
CA ASN FC 61 46.74 -74.39 41.40
C ASN FC 61 45.70 -73.42 40.86
N SER FC 62 45.18 -73.69 39.66
CA SER FC 62 44.21 -72.76 39.07
C SER FC 62 42.81 -72.94 39.63
N MET FC 63 42.57 -74.05 40.35
CA MET FC 63 41.24 -74.27 40.92
C MET FC 63 40.96 -73.32 42.09
N MET FC 64 41.96 -73.05 42.93
CA MET FC 64 41.76 -72.21 44.11
C MET FC 64 41.68 -70.74 43.69
N MET FC 65 40.46 -70.19 43.68
CA MET FC 65 40.21 -68.81 43.26
C MET FC 65 39.10 -68.23 44.13
N HIS FC 66 38.81 -66.95 43.87
CA HIS FC 66 37.63 -66.23 44.39
C HIS FC 66 37.61 -66.13 45.92
N GLY FC 67 38.69 -65.57 46.47
CA GLY FC 67 38.69 -65.08 47.83
C GLY FC 67 38.67 -66.13 48.92
N ARG FC 68 37.55 -66.86 49.05
CA ARG FC 68 37.37 -67.78 50.16
C ARG FC 68 38.19 -69.05 49.99
N ASN FC 69 38.64 -69.33 48.77
CA ASN FC 69 39.31 -70.60 48.48
C ASN FC 69 40.80 -70.44 48.19
N ASN FC 70 41.32 -69.22 48.25
CA ASN FC 70 42.74 -69.00 47.97
C ASN FC 70 43.60 -69.56 49.10
N GLY FC 71 44.50 -70.46 48.74
CA GLY FC 71 45.38 -71.10 49.70
C GLY FC 71 44.78 -72.31 50.38
N LYS FC 72 44.05 -73.15 49.63
CA LYS FC 72 43.58 -74.44 50.14
C LYS FC 72 43.98 -75.51 49.13
N LYS FC 73 45.26 -75.88 49.17
CA LYS FC 73 45.79 -76.72 48.11
C LYS FC 73 45.58 -78.19 48.42
N LEU FC 74 45.61 -78.55 49.71
CA LEU FC 74 45.24 -79.89 50.14
C LEU FC 74 43.77 -80.16 49.79
N MET FC 75 42.94 -79.13 49.97
CA MET FC 75 41.50 -79.24 49.72
C MET FC 75 41.21 -79.40 48.23
N THR FC 76 41.90 -78.63 47.38
CA THR FC 76 41.71 -78.86 45.95
C THR FC 76 42.43 -80.09 45.42
N VAL FC 77 43.45 -80.61 46.12
CA VAL FC 77 43.97 -81.94 45.81
C VAL FC 77 42.91 -83.01 46.03
N ARG FC 78 42.17 -82.88 47.15
CA ARG FC 78 41.03 -83.77 47.41
C ARG FC 78 39.98 -83.65 46.30
N ILE FC 79 39.72 -82.42 45.85
CA ILE FC 79 38.77 -82.19 44.76
C ILE FC 79 39.21 -82.88 43.47
N VAL FC 80 40.48 -82.71 43.09
CA VAL FC 80 40.99 -83.28 41.84
C VAL FC 80 41.03 -84.80 41.92
N LYS FC 81 41.32 -85.35 43.10
CA LYS FC 81 41.36 -86.80 43.26
C LYS FC 81 39.96 -87.41 43.14
N HIS FC 82 38.97 -86.83 43.82
CA HIS FC 82 37.61 -87.34 43.71
C HIS FC 82 37.04 -87.08 42.31
N ALA FC 83 37.50 -86.01 41.65
CA ALA FC 83 37.07 -85.76 40.28
C ALA FC 83 37.63 -86.79 39.32
N PHE FC 84 38.87 -87.23 39.53
CA PHE FC 84 39.44 -88.31 38.73
C PHE FC 84 38.72 -89.63 38.99
N GLU FC 85 38.30 -89.85 40.24
CA GLU FC 85 37.50 -91.02 40.55
C GLU FC 85 36.17 -91.01 39.80
N ILE FC 86 35.49 -89.86 39.77
CA ILE FC 86 34.20 -89.77 39.08
C ILE FC 86 34.38 -89.88 37.56
N ILE FC 87 35.49 -89.35 37.04
CA ILE FC 87 35.80 -89.48 35.61
C ILE FC 87 36.02 -90.95 35.24
N HIS FC 88 36.72 -91.70 36.10
CA HIS FC 88 36.89 -93.13 35.84
C HIS FC 88 35.57 -93.90 35.95
N LEU FC 89 34.74 -93.54 36.93
CA LEU FC 89 33.52 -94.32 37.17
C LEU FC 89 32.43 -93.98 36.16
N LEU FC 90 32.58 -92.86 35.44
CA LEU FC 90 31.65 -92.59 34.35
C LEU FC 90 32.19 -93.07 33.01
N THR FC 91 33.38 -92.60 32.62
CA THR FC 91 33.89 -92.90 31.29
C THR FC 91 34.46 -94.31 31.20
N GLY FC 92 35.31 -94.69 32.15
CA GLY FC 92 35.95 -95.98 32.12
C GLY FC 92 37.27 -95.97 31.39
N GLU FC 93 37.93 -94.81 31.41
CA GLU FC 93 39.23 -94.63 30.76
C GLU FC 93 40.17 -94.00 31.77
N ASN FC 94 41.37 -93.66 31.30
CA ASN FC 94 42.38 -92.97 32.09
C ASN FC 94 41.96 -91.52 32.28
N PRO FC 95 41.79 -91.05 33.54
CA PRO FC 95 41.44 -89.64 33.78
C PRO FC 95 42.48 -88.66 33.30
N LEU FC 96 43.76 -89.09 33.29
CA LEU FC 96 44.82 -88.26 32.73
C LEU FC 96 44.66 -88.11 31.21
N GLN FC 97 44.29 -89.18 30.52
CA GLN FC 97 44.05 -89.12 29.09
C GLN FC 97 42.82 -88.27 28.78
N VAL FC 98 41.79 -88.37 29.63
CA VAL FC 98 40.60 -87.54 29.49
C VAL FC 98 40.95 -86.06 29.66
N LEU FC 99 41.82 -85.75 30.62
CA LEU FC 99 42.20 -84.36 30.86
C LEU FC 99 43.07 -83.81 29.73
N VAL FC 100 43.96 -84.66 29.18
CA VAL FC 100 44.79 -84.23 28.05
C VAL FC 100 43.94 -83.96 26.82
N ASN FC 101 42.95 -84.84 26.56
CA ASN FC 101 42.03 -84.62 25.45
C ASN FC 101 41.15 -83.40 25.68
N ALA FC 102 40.82 -83.13 26.94
CA ALA FC 102 40.02 -81.95 27.26
C ALA FC 102 40.82 -80.67 27.04
N ILE FC 103 42.12 -80.67 27.37
CA ILE FC 103 42.98 -79.53 27.09
C ILE FC 103 43.11 -79.31 25.58
N ILE FC 104 43.32 -80.39 24.83
CA ILE FC 104 43.50 -80.30 23.37
C ILE FC 104 42.22 -79.80 22.70
N ASN FC 105 41.05 -80.25 23.18
CA ASN FC 105 39.81 -79.81 22.56
C ASN FC 105 39.41 -78.40 22.99
N SER FC 106 39.54 -78.09 24.28
CA SER FC 106 39.09 -76.81 24.82
C SER FC 106 40.07 -75.69 24.59
N GLY FC 107 41.29 -75.97 24.15
CA GLY FC 107 42.23 -74.92 23.87
C GLY FC 107 41.97 -74.23 22.54
N PRO FC 108 41.74 -72.92 22.57
CA PRO FC 108 41.44 -72.18 21.33
C PRO FC 108 42.70 -71.97 20.50
N ARG FC 109 42.60 -72.24 19.20
CA ARG FC 109 43.79 -72.19 18.34
C ARG FC 109 44.10 -70.76 17.90
N GLU FC 110 43.13 -69.86 18.01
CA GLU FC 110 43.33 -68.47 17.62
C GLU FC 110 42.54 -67.56 18.55
N ASP FC 111 42.90 -66.27 18.52
CA ASP FC 111 42.21 -65.25 19.30
C ASP FC 111 42.26 -63.96 18.49
N SER FC 112 41.65 -62.90 19.01
CA SER FC 112 41.67 -61.60 18.36
C SER FC 112 42.14 -60.56 19.37
N THR FC 113 42.80 -59.52 18.86
CA THR FC 113 43.44 -58.54 19.72
C THR FC 113 43.53 -57.21 19.01
N ARG FC 114 43.93 -56.18 19.76
CA ARG FC 114 44.05 -54.81 19.24
C ARG FC 114 45.47 -54.61 18.70
N ILE FC 115 45.58 -54.39 17.39
CA ILE FC 115 46.86 -54.12 16.77
C ILE FC 115 47.01 -52.62 16.51
N ARG FC 122 38.11 -52.03 16.09
CA ARG FC 122 38.99 -52.72 15.18
C ARG FC 122 39.88 -53.74 15.90
N ARG FC 123 39.65 -55.02 15.63
CA ARG FC 123 40.45 -56.10 16.19
C ARG FC 123 40.89 -57.03 15.07
N GLN FC 124 42.11 -57.55 15.20
CA GLN FC 124 42.69 -58.44 14.21
C GLN FC 124 42.98 -59.79 14.86
N ALA FC 125 42.78 -60.86 14.11
CA ALA FC 125 42.91 -62.20 14.64
C ALA FC 125 44.30 -62.76 14.38
N VAL FC 126 44.85 -63.40 15.42
CA VAL FC 126 46.17 -64.03 15.37
C VAL FC 126 46.08 -65.39 16.05
N ASP FC 127 46.94 -66.31 15.60
CA ASP FC 127 47.01 -67.63 16.21
C ASP FC 127 47.89 -67.57 17.46
N VAL FC 128 47.43 -68.22 18.53
CA VAL FC 128 48.06 -68.08 19.85
C VAL FC 128 49.20 -69.07 20.03
N SER FC 129 50.04 -68.82 21.03
CA SER FC 129 51.09 -69.70 21.50
C SER FC 129 50.48 -70.96 22.11
N PRO FC 130 51.16 -72.11 22.01
CA PRO FC 130 50.62 -73.33 22.64
C PRO FC 130 50.61 -73.30 24.16
N LEU FC 131 51.58 -72.63 24.78
CA LEU FC 131 51.56 -72.48 26.23
C LEU FC 131 50.40 -71.59 26.67
N ARG FC 132 50.16 -70.49 25.94
CA ARG FC 132 48.99 -69.64 26.18
C ARG FC 132 47.69 -70.40 25.94
N ARG FC 133 47.70 -71.33 24.99
CA ARG FC 133 46.53 -72.15 24.72
C ARG FC 133 46.25 -73.13 25.85
N VAL FC 134 47.30 -73.73 26.41
CA VAL FC 134 47.15 -74.60 27.59
C VAL FC 134 46.62 -73.81 28.78
N ASN FC 135 47.17 -72.61 28.99
CA ASN FC 135 46.74 -71.79 30.13
C ASN FC 135 45.30 -71.32 29.96
N GLN FC 136 44.90 -71.00 28.72
CA GLN FC 136 43.53 -70.60 28.44
C GLN FC 136 42.56 -71.75 28.65
N ALA FC 137 42.96 -72.97 28.26
CA ALA FC 137 42.10 -74.13 28.47
C ALA FC 137 41.92 -74.45 29.95
N ILE FC 138 43.02 -74.37 30.72
CA ILE FC 138 42.96 -74.62 32.16
C ILE FC 138 42.11 -73.56 32.86
N TRP FC 139 42.17 -72.31 32.38
CA TRP FC 139 41.33 -71.27 32.97
C TRP FC 139 39.86 -71.47 32.60
N LEU FC 140 39.57 -71.85 31.35
CA LEU FC 140 38.19 -71.93 30.89
C LEU FC 140 37.45 -73.12 31.51
N LEU FC 141 38.10 -74.28 31.61
CA LEU FC 141 37.40 -75.42 32.19
C LEU FC 141 37.19 -75.26 33.69
N CYS FC 142 38.14 -74.60 34.37
CA CYS FC 142 37.96 -74.29 35.78
C CYS FC 142 36.84 -73.28 36.00
N THR FC 143 36.75 -72.27 35.14
CA THR FC 143 35.68 -71.28 35.23
C THR FC 143 34.32 -71.92 34.97
N GLY FC 144 34.26 -72.83 34.00
CA GLY FC 144 33.02 -73.54 33.74
C GLY FC 144 32.61 -74.47 34.86
N ALA FC 145 33.59 -75.15 35.49
CA ALA FC 145 33.30 -76.03 36.62
C ALA FC 145 32.83 -75.23 37.83
N ARG FC 146 33.43 -74.07 38.06
CA ARG FC 146 33.01 -73.24 39.20
C ARG FC 146 31.65 -72.61 38.95
N GLU FC 147 31.35 -72.25 37.69
CA GLU FC 147 30.04 -71.72 37.36
C GLU FC 147 28.96 -72.79 37.48
N ALA FC 148 29.31 -74.05 37.17
CA ALA FC 148 28.36 -75.13 37.34
C ALA FC 148 28.17 -75.48 38.82
N ALA FC 149 29.22 -75.31 39.63
CA ALA FC 149 29.12 -75.70 41.04
C ALA FC 149 28.52 -74.60 41.90
N PHE FC 150 28.53 -73.36 41.42
CA PHE FC 150 28.02 -72.25 42.22
C PHE FC 150 26.50 -72.29 42.27
N ARG FC 151 25.97 -72.24 43.50
CA ARG FC 151 24.52 -72.31 43.81
C ARG FC 151 23.89 -73.57 43.21
N ASN FC 152 24.44 -74.74 43.55
CA ASN FC 152 23.99 -75.98 42.95
C ASN FC 152 24.12 -77.11 43.97
N ILE FC 153 23.25 -78.11 43.83
CA ILE FC 153 23.32 -79.30 44.66
C ILE FC 153 24.53 -80.13 44.25
N LYS FC 154 24.87 -80.11 42.95
CA LYS FC 154 25.98 -80.90 42.42
C LYS FC 154 27.31 -80.36 42.92
N THR FC 155 28.16 -81.26 43.42
CA THR FC 155 29.40 -80.87 44.09
C THR FC 155 30.45 -80.43 43.08
N ILE FC 156 31.54 -79.87 43.61
CA ILE FC 156 32.61 -79.33 42.77
C ILE FC 156 33.36 -80.44 42.06
N ALA FC 157 33.49 -81.60 42.71
CA ALA FC 157 34.15 -82.74 42.07
C ALA FC 157 33.33 -83.29 40.91
N GLU FC 158 32.01 -83.42 41.12
CA GLU FC 158 31.13 -83.88 40.06
C GLU FC 158 31.06 -82.88 38.91
N CYS FC 159 31.07 -81.58 39.23
CA CYS FC 159 31.04 -80.56 38.18
C CYS FC 159 32.33 -80.54 37.38
N LEU FC 160 33.49 -80.66 38.06
CA LEU FC 160 34.77 -80.67 37.35
C LEU FC 160 34.92 -81.93 36.51
N ALA FC 161 34.42 -83.06 37.01
CA ALA FC 161 34.43 -84.29 36.24
C ALA FC 161 33.53 -84.19 35.01
N ASP FC 162 32.33 -83.62 35.16
CA ASP FC 162 31.41 -83.47 34.03
C ASP FC 162 31.97 -82.48 33.00
N GLU FC 163 32.64 -81.42 33.46
CA GLU FC 163 33.23 -80.46 32.53
C GLU FC 163 34.39 -81.06 31.77
N LEU FC 164 35.24 -81.85 32.44
CA LEU FC 164 36.35 -82.50 31.73
C LEU FC 164 35.86 -83.57 30.76
N ILE FC 165 34.81 -84.31 31.12
CA ILE FC 165 34.29 -85.35 30.23
C ILE FC 165 33.58 -84.72 29.03
N ASN FC 166 32.83 -83.63 29.27
CA ASN FC 166 32.18 -82.92 28.16
C ASN FC 166 33.19 -82.23 27.26
N ALA FC 167 34.31 -81.77 27.83
CA ALA FC 167 35.35 -81.16 27.00
C ALA FC 167 36.11 -82.22 26.21
N ALA FC 168 36.27 -83.42 26.77
CA ALA FC 168 36.94 -84.48 26.03
C ALA FC 168 36.03 -85.04 24.94
N LYS FC 169 34.72 -85.02 25.15
CA LYS FC 169 33.79 -85.49 24.13
C LYS FC 169 33.61 -84.44 23.03
N GLY FC 170 33.51 -83.17 23.41
CA GLY FC 170 33.29 -82.11 22.45
C GLY FC 170 31.85 -82.07 21.96
N SER FC 171 30.91 -82.22 22.88
CA SER FC 171 29.49 -82.25 22.50
C SER FC 171 28.84 -80.88 22.62
N SER FC 172 29.65 -79.81 22.75
CA SER FC 172 29.23 -78.41 22.87
C SER FC 172 28.31 -78.16 24.06
N ASN FC 173 28.45 -78.95 25.13
CA ASN FC 173 27.67 -78.76 26.34
C ASN FC 173 28.48 -78.12 27.45
N SER FC 174 29.80 -78.06 27.31
CA SER FC 174 30.66 -77.48 28.32
C SER FC 174 30.80 -75.98 28.12
N TYR FC 175 30.96 -75.25 29.23
CA TYR FC 175 31.15 -73.81 29.16
C TYR FC 175 32.50 -73.47 28.53
N ALA FC 176 33.51 -74.31 28.78
CA ALA FC 176 34.82 -74.09 28.18
C ALA FC 176 34.78 -74.30 26.66
N ILE FC 177 34.06 -75.32 26.21
CA ILE FC 177 33.91 -75.58 24.78
C ILE FC 177 33.07 -74.46 24.13
N LYS FC 178 32.08 -73.95 24.87
CA LYS FC 178 31.25 -72.88 24.34
C LYS FC 178 32.03 -71.57 24.20
N LYS FC 179 32.85 -71.24 25.20
CA LYS FC 179 33.68 -70.03 25.10
C LYS FC 179 34.79 -70.20 24.08
N LYS FC 180 35.29 -71.42 23.90
CA LYS FC 180 36.29 -71.69 22.86
C LYS FC 180 35.69 -71.49 21.47
N ASP FC 181 34.48 -72.02 21.25
CA ASP FC 181 33.81 -71.83 19.96
C ASP FC 181 33.43 -70.36 19.75
N GLU FC 182 33.09 -69.65 20.83
CA GLU FC 182 32.74 -68.23 20.71
C GLU FC 182 33.95 -67.39 20.33
N LEU FC 183 35.10 -67.64 20.98
CA LEU FC 183 36.32 -66.91 20.65
C LEU FC 183 36.82 -67.26 19.25
N GLU FC 184 36.68 -68.53 18.85
CA GLU FC 184 37.09 -68.93 17.51
C GLU FC 184 36.19 -68.32 16.44
N ARG FC 185 34.89 -68.19 16.73
CA ARG FC 185 33.97 -67.57 15.78
C ARG FC 185 34.19 -66.06 15.69
N VAL FC 186 34.48 -65.40 16.81
CA VAL FC 186 34.79 -63.97 16.78
C VAL FC 186 36.09 -63.72 16.02
N ALA FC 187 37.09 -64.58 16.21
CA ALA FC 187 38.36 -64.43 15.50
C ALA FC 187 38.20 -64.76 14.01
N LYS FC 188 37.32 -65.69 13.68
CA LYS FC 188 37.03 -65.96 12.27
C LYS FC 188 36.29 -64.80 11.63
N SER FC 189 35.47 -64.10 12.42
CA SER FC 189 34.74 -62.95 11.89
C SER FC 189 35.66 -61.75 11.66
N ASN FC 190 36.44 -61.35 12.67
CA ASN FC 190 37.21 -60.12 12.52
C ASN FC 190 38.62 -60.35 11.97
N ARG FC 191 38.72 -61.08 10.87
CA ARG FC 191 40.02 -61.30 10.24
C ARG FC 191 39.93 -61.10 8.73
N MET GC 1 9.43 91.02 18.20
CA MET GC 1 10.43 91.09 17.14
C MET GC 1 11.16 92.43 17.25
N LYS GC 2 12.35 92.39 17.84
CA LYS GC 2 13.07 93.59 18.23
C LYS GC 2 13.73 94.26 17.03
N LEU GC 3 14.02 95.55 17.19
CA LEU GC 3 14.70 96.35 16.17
C LEU GC 3 15.91 96.99 16.83
N ASN GC 4 17.10 96.60 16.41
CA ASN GC 4 18.33 97.28 16.79
C ASN GC 4 18.57 98.37 15.74
N ILE GC 5 18.13 99.58 16.06
CA ILE GC 5 18.17 100.69 15.12
C ILE GC 5 19.37 101.56 15.45
N SER GC 6 20.19 101.85 14.44
CA SER GC 6 21.45 102.55 14.63
C SER GC 6 21.51 103.75 13.69
N PHE GC 7 21.92 104.89 14.24
CA PHE GC 7 22.12 106.10 13.46
C PHE GC 7 23.62 106.37 13.41
N PRO GC 8 24.26 106.28 12.24
CA PRO GC 8 25.74 106.35 12.18
C PRO GC 8 26.30 107.76 12.15
N ALA GC 9 25.49 108.73 11.77
CA ALA GC 9 25.95 110.12 11.68
C ALA GC 9 26.19 110.75 13.05
N THR GC 10 25.60 110.18 14.11
CA THR GC 10 25.97 110.50 15.48
C THR GC 10 26.64 109.33 16.18
N GLY GC 11 26.54 108.12 15.64
CA GLY GC 11 27.17 106.97 16.24
C GLY GC 11 26.42 106.36 17.40
N CYS GC 12 25.10 106.22 17.28
CA CYS GC 12 24.28 105.72 18.37
C CYS GC 12 23.42 104.56 17.90
N GLN GC 13 22.83 103.85 18.86
CA GLN GC 13 22.00 102.69 18.56
C GLN GC 13 21.08 102.42 19.74
N LYS GC 14 19.96 101.76 19.47
CA LYS GC 14 18.93 101.56 20.47
C LYS GC 14 18.07 100.35 20.08
N LEU GC 15 17.65 99.59 21.10
CA LEU GC 15 16.77 98.43 20.93
C LEU GC 15 15.34 98.86 21.20
N ILE GC 16 14.47 98.70 20.19
CA ILE GC 16 13.05 99.04 20.32
C ILE GC 16 12.22 97.80 20.00
N GLU GC 17 11.28 97.46 20.87
CA GLU GC 17 10.42 96.30 20.69
C GLU GC 17 9.14 96.71 19.97
N VAL GC 18 8.94 96.17 18.77
CA VAL GC 18 7.71 96.38 18.02
C VAL GC 18 6.93 95.08 17.96
N ASP GC 19 5.64 95.14 18.28
CA ASP GC 19 4.78 93.94 18.37
C ASP GC 19 3.55 94.14 17.48
N ASP GC 20 3.77 94.55 16.24
CA ASP GC 20 2.67 94.74 15.31
C ASP GC 20 3.09 94.27 13.93
N GLU GC 21 2.37 93.28 13.39
CA GLU GC 21 2.64 92.79 12.05
C GLU GC 21 2.24 93.80 10.99
N ARG GC 22 1.29 94.69 11.29
CA ARG GC 22 0.98 95.78 10.37
C ARG GC 22 2.11 96.78 10.27
N LYS GC 23 2.87 96.95 11.35
CA LYS GC 23 4.07 97.79 11.30
C LYS GC 23 5.22 97.06 10.62
N LEU GC 24 5.32 95.74 10.83
CA LEU GC 24 6.44 94.98 10.32
C LEU GC 24 6.23 94.42 8.91
N ARG GC 25 5.05 94.62 8.32
CA ARG GC 25 4.77 94.11 6.98
C ARG GC 25 5.61 94.80 5.91
N THR GC 26 5.97 96.07 6.13
CA THR GC 26 6.79 96.79 5.17
C THR GC 26 8.22 96.25 5.18
N PHE GC 27 8.71 95.86 6.36
CA PHE GC 27 10.02 95.21 6.42
C PHE GC 27 9.96 93.75 5.97
N TYR GC 28 8.78 93.14 6.04
CA TYR GC 28 8.62 91.78 5.55
C TYR GC 28 8.75 91.71 4.03
N GLU GC 29 9.17 90.53 3.56
CA GLU GC 29 9.42 90.22 2.14
C GLU GC 29 10.45 91.19 1.54
N LYS GC 30 11.54 91.43 2.26
CA LYS GC 30 12.61 92.31 1.83
C LYS GC 30 13.95 91.60 1.96
N ARG GC 31 14.85 91.89 1.04
CA ARG GC 31 16.18 91.30 1.08
C ARG GC 31 17.10 92.10 1.99
N MET GC 32 18.38 91.75 1.94
CA MET GC 32 19.37 92.42 2.77
C MET GC 32 19.92 93.65 2.02
N ALA GC 33 20.37 94.64 2.80
CA ALA GC 33 20.96 95.90 2.34
C ALA GC 33 20.03 96.69 1.44
N THR GC 34 18.72 96.61 1.66
CA THR GC 34 17.75 97.39 0.91
C THR GC 34 17.27 98.57 1.75
N GLU GC 35 16.99 99.67 1.07
CA GLU GC 35 16.56 100.91 1.72
C GLU GC 35 15.04 100.98 1.74
N VAL GC 36 14.47 100.93 2.94
CA VAL GC 36 13.02 100.89 3.14
C VAL GC 36 12.61 102.19 3.80
N ALA GC 37 11.48 102.74 3.35
CA ALA GC 37 10.88 103.88 4.03
C ALA GC 37 10.17 103.38 5.30
N ALA GC 38 10.54 103.95 6.44
CA ALA GC 38 10.02 103.52 7.72
C ALA GC 38 8.91 104.42 8.26
N ASP GC 39 8.16 105.08 7.38
CA ASP GC 39 7.08 105.96 7.83
C ASP GC 39 5.91 105.17 8.39
N ALA GC 40 5.73 103.92 7.96
CA ALA GC 40 4.65 103.11 8.48
C ALA GC 40 5.03 102.41 9.78
N LEU GC 41 6.29 102.55 10.21
CA LEU GC 41 6.74 101.86 11.43
C LEU GC 41 6.17 102.54 12.67
N GLY GC 42 5.90 103.84 12.61
CA GLY GC 42 5.34 104.54 13.73
C GLY GC 42 4.88 105.93 13.33
N GLU GC 43 4.19 106.59 14.28
CA GLU GC 43 3.77 107.97 14.05
C GLU GC 43 4.96 108.93 14.20
N GLU GC 44 5.95 108.55 15.01
CA GLU GC 44 7.14 109.38 15.17
C GLU GC 44 7.99 109.34 13.91
N TRP GC 45 8.18 108.16 13.33
CA TRP GC 45 9.00 108.00 12.14
C TRP GC 45 8.23 108.45 10.91
N LYS GC 46 8.78 109.40 10.17
CA LYS GC 46 8.20 109.85 8.91
C LYS GC 46 9.32 110.35 8.01
N GLY GC 47 9.44 109.75 6.83
CA GLY GC 47 10.50 110.11 5.92
C GLY GC 47 11.87 109.61 6.33
N TYR GC 48 11.94 108.50 7.05
CA TYR GC 48 13.19 107.89 7.46
C TYR GC 48 13.52 106.75 6.52
N VAL GC 49 14.47 106.98 5.61
CA VAL GC 49 15.00 105.93 4.76
C VAL GC 49 16.01 105.16 5.60
N VAL GC 50 15.82 103.85 5.71
CA VAL GC 50 16.64 103.01 6.58
C VAL GC 50 17.04 101.75 5.83
N ARG GC 51 18.33 101.45 5.84
CA ARG GC 51 18.82 100.22 5.25
C ARG GC 51 18.65 99.07 6.24
N ILE GC 52 18.06 97.99 5.76
CA ILE GC 52 17.88 96.81 6.61
C ILE GC 52 18.99 95.80 6.34
N SER GC 53 19.79 95.51 7.36
CA SER GC 53 20.99 94.69 7.13
C SER GC 53 20.83 93.25 7.58
N GLY GC 54 19.65 92.82 8.02
CA GLY GC 54 19.47 91.47 8.53
C GLY GC 54 19.89 91.37 9.98
N GLY GC 55 19.30 90.43 10.72
CA GLY GC 55 19.57 90.28 12.14
C GLY GC 55 19.63 88.83 12.60
N ASN GC 56 19.15 88.63 13.82
CA ASN GC 56 19.27 87.34 14.48
C ASN GC 56 17.96 86.55 14.44
N ASP GC 57 18.09 85.28 14.08
CA ASP GC 57 17.00 84.30 14.12
C ASP GC 57 16.60 84.03 15.57
N LYS GC 58 15.36 83.57 15.76
CA LYS GC 58 14.81 83.33 17.08
C LYS GC 58 15.36 82.07 17.75
N GLN GC 59 16.18 81.29 17.03
CA GLN GC 59 16.90 80.18 17.64
C GLN GC 59 18.40 80.47 17.81
N GLY GC 60 18.83 81.69 17.57
CA GLY GC 60 20.19 82.11 17.88
C GLY GC 60 21.17 82.08 16.74
N PHE GC 61 20.73 81.89 15.50
CA PHE GC 61 21.67 81.82 14.40
C PHE GC 61 21.71 83.13 13.62
N PRO GC 62 22.91 83.63 13.29
CA PRO GC 62 22.98 84.89 12.54
C PRO GC 62 22.58 84.74 11.09
N MET GC 63 22.37 85.87 10.44
CA MET GC 63 22.00 85.92 9.04
C MET GC 63 23.26 85.83 8.16
N LYS GC 64 23.05 85.72 6.85
CA LYS GC 64 24.17 85.73 5.92
C LYS GC 64 23.76 86.40 4.61
N GLN GC 65 24.63 87.29 4.13
CA GLN GC 65 24.43 87.93 2.84
C GLN GC 65 24.63 86.92 1.71
N GLY GC 66 23.68 86.86 0.79
CA GLY GC 66 23.84 86.08 -0.42
C GLY GC 66 23.68 84.58 -0.22
N VAL GC 67 22.52 84.18 0.29
CA VAL GC 67 22.14 82.77 0.33
C VAL GC 67 20.75 82.55 -0.28
N LEU GC 68 19.90 83.58 -0.31
CA LEU GC 68 18.64 83.65 -1.06
C LEU GC 68 17.66 82.55 -0.63
N THR GC 69 17.44 82.44 0.67
CA THR GC 69 16.40 81.58 1.22
C THR GC 69 15.66 82.37 2.30
N HIS GC 70 14.78 81.67 3.01
CA HIS GC 70 14.20 82.21 4.24
C HIS GC 70 14.28 81.24 5.40
N GLY GC 71 14.67 79.99 5.14
CA GLY GC 71 14.84 79.01 6.18
C GLY GC 71 16.25 78.99 6.72
N ARG GC 72 16.66 77.81 7.18
CA ARG GC 72 17.98 77.60 7.75
C ARG GC 72 18.88 76.84 6.79
N VAL GC 73 20.07 77.39 6.53
CA VAL GC 73 21.01 76.83 5.57
C VAL GC 73 22.36 76.64 6.26
N ARG GC 74 22.92 75.44 6.13
CA ARG GC 74 24.25 75.11 6.64
C ARG GC 74 25.26 75.22 5.51
N LEU GC 75 26.35 75.97 5.75
CA LEU GC 75 27.31 76.27 4.71
C LEU GC 75 28.75 76.11 5.21
N LEU GC 76 29.64 75.74 4.29
CA LEU GC 76 31.07 75.76 4.53
C LEU GC 76 31.54 77.20 4.58
N LEU GC 77 32.27 77.55 5.64
CA LEU GC 77 32.84 78.88 5.78
C LEU GC 77 34.34 78.79 6.07
N SER GC 78 35.09 79.69 5.45
CA SER GC 78 36.54 79.76 5.58
C SER GC 78 36.95 81.18 5.93
N LYS GC 79 38.26 81.43 5.87
CA LYS GC 79 38.80 82.76 6.15
C LYS GC 79 38.40 83.73 5.04
N GLY GC 80 37.88 84.89 5.43
CA GLY GC 80 37.39 85.86 4.49
C GLY GC 80 35.89 85.84 4.27
N HIS GC 81 35.16 85.08 5.08
CA HIS GC 81 33.71 85.00 4.97
C HIS GC 81 33.08 85.54 6.25
N SER GC 82 31.78 85.82 6.17
CA SER GC 82 31.05 86.36 7.30
C SER GC 82 30.62 85.23 8.24
N CYS GC 83 30.34 85.62 9.49
CA CYS GC 83 29.82 84.76 10.56
C CYS GC 83 30.74 83.59 10.90
N TYR GC 84 32.05 83.75 10.69
CA TYR GC 84 33.01 82.71 11.03
C TYR GC 84 34.39 83.30 11.25
N ARG GC 85 35.03 82.93 12.36
CA ARG GC 85 36.40 83.31 12.64
C ARG GC 85 37.28 82.07 12.55
N PRO GC 86 38.27 82.04 11.65
CA PRO GC 86 39.13 80.85 11.55
C PRO GC 86 40.10 80.79 12.71
N ARG GC 87 40.18 79.61 13.34
CA ARG GC 87 41.07 79.43 14.47
C ARG GC 87 42.46 79.00 14.00
N ARG GC 88 42.55 77.87 13.30
CA ARG GC 88 43.77 77.49 12.62
C ARG GC 88 43.86 78.24 11.30
N THR GC 89 45.06 78.25 10.72
CA THR GC 89 45.28 79.02 9.50
C THR GC 89 44.64 78.31 8.32
N GLY GC 90 43.57 78.89 7.79
CA GLY GC 90 42.85 78.30 6.69
C GLY GC 90 41.82 77.25 7.08
N GLU GC 91 41.28 77.32 8.28
CA GLU GC 91 40.35 76.31 8.78
C GLU GC 91 38.96 76.53 8.19
N ARG GC 92 38.37 75.44 7.69
CA ARG GC 92 37.03 75.44 7.14
C ARG GC 92 36.11 74.68 8.09
N LYS GC 93 34.88 75.17 8.25
CA LYS GC 93 33.94 74.56 9.18
C LYS GC 93 32.52 74.90 8.75
N ARG GC 94 31.62 73.91 8.89
CA ARG GC 94 30.20 74.11 8.65
C ARG GC 94 29.62 75.04 9.71
N LYS GC 95 28.85 76.03 9.27
CA LYS GC 95 28.10 76.90 10.17
C LYS GC 95 26.69 77.08 9.65
N SER GC 96 25.76 77.29 10.58
CA SER GC 96 24.34 77.34 10.26
C SER GC 96 23.85 78.78 10.30
N VAL GC 97 23.31 79.27 9.18
CA VAL GC 97 22.82 80.64 9.10
C VAL GC 97 21.37 80.64 8.60
N ARG GC 98 20.78 81.83 8.53
CA ARG GC 98 19.41 82.03 8.06
C ARG GC 98 19.43 82.80 6.74
N GLY GC 99 18.38 82.62 5.94
CA GLY GC 99 18.26 83.34 4.70
C GLY GC 99 18.13 84.85 4.87
N CYS GC 100 18.53 85.57 3.82
CA CYS GC 100 18.54 87.02 3.85
C CYS GC 100 17.15 87.63 3.66
N ILE GC 101 16.20 86.87 3.13
CA ILE GC 101 14.85 87.37 2.96
C ILE GC 101 14.15 87.44 4.31
N VAL GC 102 13.66 88.64 4.66
CA VAL GC 102 13.08 88.92 5.97
C VAL GC 102 11.67 88.35 6.02
N ASP GC 103 11.44 87.47 6.99
CA ASP GC 103 10.13 86.89 7.24
C ASP GC 103 9.88 86.92 8.75
N ALA GC 104 8.83 86.21 9.18
CA ALA GC 104 8.45 86.23 10.59
C ALA GC 104 9.36 85.36 11.45
N ASN GC 105 10.23 84.56 10.83
CA ASN GC 105 11.14 83.69 11.57
C ASN GC 105 12.41 84.46 11.96
N LEU GC 106 12.25 85.52 12.75
CA LEU GC 106 13.37 86.35 13.17
C LEU GC 106 13.16 86.91 14.56
N SER GC 107 14.25 87.06 15.32
CA SER GC 107 14.17 87.69 16.63
C SER GC 107 14.52 89.17 16.55
N VAL GC 108 15.62 89.51 15.89
CA VAL GC 108 16.15 90.86 15.85
C VAL GC 108 16.27 91.28 14.38
N LEU GC 109 15.92 92.54 14.10
CA LEU GC 109 16.25 93.17 12.82
C LEU GC 109 17.23 94.31 13.06
N ASN GC 110 18.33 94.31 12.32
CA ASN GC 110 19.32 95.37 12.41
C ASN GC 110 19.02 96.42 11.34
N LEU GC 111 18.84 97.66 11.77
CA LEU GC 111 18.41 98.76 10.92
C LEU GC 111 19.43 99.89 11.02
N VAL GC 112 19.77 100.49 9.89
CA VAL GC 112 20.76 101.55 9.81
C VAL GC 112 20.12 102.75 9.12
N ILE GC 113 19.89 103.83 9.86
CA ILE GC 113 19.20 104.99 9.30
C ILE GC 113 20.14 105.72 8.34
N VAL GC 114 19.75 105.78 7.06
CA VAL GC 114 20.60 106.39 6.05
C VAL GC 114 20.23 107.87 5.92
N LYS GC 115 18.94 108.15 5.70
CA LYS GC 115 18.43 109.50 5.55
C LYS GC 115 17.68 109.91 6.80
N LYS GC 116 17.96 111.12 7.29
CA LYS GC 116 17.33 111.64 8.50
C LYS GC 116 16.04 112.35 8.11
N GLY GC 117 14.97 112.08 8.85
CA GLY GC 117 13.66 112.59 8.53
C GLY GC 117 13.39 113.99 9.06
N GLU GC 118 12.13 114.30 9.28
CA GLU GC 118 11.75 115.63 9.75
C GLU GC 118 11.92 115.74 11.27
N LYS GC 119 11.35 114.80 12.01
CA LYS GC 119 11.38 114.84 13.47
C LYS GC 119 12.74 114.41 13.99
N ASP GC 120 12.93 114.56 15.30
CA ASP GC 120 14.16 114.18 15.98
C ASP GC 120 13.84 113.14 17.04
N ILE GC 121 14.41 111.95 16.89
CA ILE GC 121 14.24 110.89 17.89
C ILE GC 121 15.12 111.23 19.08
N PRO GC 122 14.65 111.09 20.32
CA PRO GC 122 15.52 111.38 21.47
C PRO GC 122 16.52 110.27 21.76
N GLY GC 123 16.32 109.07 21.21
CA GLY GC 123 17.21 107.97 21.52
C GLY GC 123 18.49 107.98 20.70
N LEU GC 124 18.37 108.24 19.39
CA LEU GC 124 19.48 108.03 18.46
C LEU GC 124 20.10 109.36 18.04
N THR GC 125 19.31 110.29 17.51
CA THR GC 125 19.86 111.49 16.90
C THR GC 125 20.16 112.57 17.92
N ASP GC 126 19.57 112.48 19.12
CA ASP GC 126 19.79 113.51 20.13
C ASP GC 126 21.16 113.37 20.78
N THR GC 127 21.50 112.17 21.24
CA THR GC 127 22.76 111.94 21.92
C THR GC 127 23.87 111.79 20.89
N THR GC 128 24.77 112.77 20.85
CA THR GC 128 25.88 112.75 19.91
C THR GC 128 27.08 112.05 20.53
N VAL GC 129 27.52 110.97 19.88
CA VAL GC 129 28.65 110.19 20.40
C VAL GC 129 29.86 110.46 19.54
N PRO GC 130 30.98 110.92 20.11
CA PRO GC 130 32.16 111.24 19.31
C PRO GC 130 32.93 109.99 18.90
N ARG GC 131 33.92 110.22 18.03
CA ARG GC 131 34.88 109.18 17.67
C ARG GC 131 35.58 108.63 18.90
N ARG GC 132 35.99 107.36 18.83
CA ARG GC 132 36.73 106.78 19.94
C ARG GC 132 38.23 107.01 19.79
N LEU GC 133 38.74 106.91 18.56
CA LEU GC 133 40.14 107.15 18.27
C LEU GC 133 40.27 108.26 17.23
N GLY GC 134 41.50 108.73 17.05
CA GLY GC 134 41.79 109.75 16.08
C GLY GC 134 42.69 109.24 14.97
N PRO GC 135 42.84 110.03 13.89
CA PRO GC 135 43.65 109.60 12.73
C PRO GC 135 45.13 109.46 13.05
N LYS GC 136 45.71 108.33 12.65
CA LYS GC 136 47.09 107.98 12.96
C LYS GC 136 48.01 108.08 11.75
N ARG GC 137 47.50 107.70 10.57
CA ARG GC 137 48.29 107.83 9.35
C ARG GC 137 48.42 109.29 8.95
N ALA GC 138 49.62 109.68 8.53
CA ALA GC 138 49.89 111.07 8.16
C ALA GC 138 49.09 111.49 6.95
N SER GC 139 48.88 110.57 6.00
CA SER GC 139 48.07 110.88 4.83
C SER GC 139 46.60 111.06 5.20
N ARG GC 140 46.12 110.30 6.19
CA ARG GC 140 44.74 110.48 6.66
C ARG GC 140 44.59 111.78 7.44
N ILE GC 141 45.63 112.19 8.17
CA ILE GC 141 45.60 113.48 8.86
C ILE GC 141 45.61 114.62 7.83
N ARG GC 142 46.37 114.47 6.75
CA ARG GC 142 46.36 115.46 5.67
C ARG GC 142 45.00 115.52 4.98
N LYS GC 143 44.35 114.36 4.78
CA LYS GC 143 43.03 114.34 4.16
C LYS GC 143 41.98 114.95 5.09
N LEU GC 144 42.14 114.78 6.40
CA LEU GC 144 41.19 115.36 7.34
C LEU GC 144 41.35 116.88 7.45
N PHE GC 145 42.59 117.35 7.61
CA PHE GC 145 42.84 118.76 7.87
C PHE GC 145 43.15 119.55 6.60
N ASN GC 146 42.97 118.91 5.43
CA ASN GC 146 43.15 119.53 4.10
C ASN GC 146 44.57 120.06 3.93
N LEU GC 147 45.55 119.23 4.26
CA LEU GC 147 46.93 119.65 4.28
C LEU GC 147 47.61 119.38 2.94
N SER GC 148 48.74 120.05 2.71
CA SER GC 148 49.51 119.88 1.49
C SER GC 148 50.49 118.73 1.65
N LYS GC 149 51.44 118.65 0.72
CA LYS GC 149 52.46 117.61 0.80
C LYS GC 149 53.72 118.11 1.50
N GLU GC 150 53.78 119.42 1.79
CA GLU GC 150 55.00 119.98 2.37
C GLU GC 150 54.80 120.41 3.82
N ASP GC 151 53.55 120.63 4.23
CA ASP GC 151 53.29 121.16 5.55
C ASP GC 151 53.43 120.08 6.64
N ASP GC 152 53.28 120.51 7.89
CA ASP GC 152 53.60 119.67 9.02
C ASP GC 152 52.39 118.83 9.46
N VAL GC 153 52.68 117.63 9.96
CA VAL GC 153 51.67 116.75 10.52
C VAL GC 153 51.83 116.67 12.05
N ARG GC 154 53.05 116.94 12.52
CA ARG GC 154 53.38 116.83 13.95
C ARG GC 154 52.64 117.87 14.77
N GLN GC 155 52.39 119.04 14.20
CA GLN GC 155 51.66 120.09 14.92
C GLN GC 155 50.16 119.80 14.90
N TYR GC 156 49.67 119.21 13.82
CA TYR GC 156 48.23 119.03 13.63
C TYR GC 156 47.75 117.62 13.93
N VAL GC 157 48.57 116.79 14.57
CA VAL GC 157 48.13 115.46 14.97
C VAL GC 157 47.12 115.58 16.11
N VAL GC 158 46.13 114.69 16.14
CA VAL GC 158 45.09 114.72 17.16
C VAL GC 158 45.56 113.94 18.39
N ARG GC 159 45.59 114.61 19.53
CA ARG GC 159 46.06 114.02 20.79
C ARG GC 159 44.90 113.99 21.77
N LYS GC 160 44.86 112.95 22.61
CA LYS GC 160 43.70 112.71 23.45
C LYS GC 160 44.00 113.05 24.90
N PRO GC 161 43.14 113.81 25.58
CA PRO GC 161 43.33 114.05 27.02
C PRO GC 161 42.87 112.87 27.85
N LEU GC 162 43.56 112.67 28.96
CA LEU GC 162 43.30 111.58 29.88
C LEU GC 162 43.19 112.14 31.30
N ASN GC 163 42.06 111.87 31.96
CA ASN GC 163 41.80 112.44 33.27
C ASN GC 163 40.91 111.50 34.09
N LYS GC 164 41.36 111.17 35.30
CA LYS GC 164 40.58 110.38 36.25
C LYS GC 164 41.11 110.66 37.65
N GLU GC 165 40.37 110.19 38.64
CA GLU GC 165 40.72 110.46 40.03
C GLU GC 165 41.97 109.68 40.45
N GLY GC 166 42.76 110.29 41.32
CA GLY GC 166 43.99 109.69 41.78
C GLY GC 166 45.19 110.03 40.93
N LYS GC 167 45.09 109.79 39.62
CA LYS GC 167 46.17 110.03 38.68
C LYS GC 167 46.17 111.48 38.23
N LYS GC 168 47.32 111.91 37.71
CA LYS GC 168 47.48 113.26 37.18
C LYS GC 168 46.84 113.36 35.80
N PRO GC 169 46.38 114.56 35.43
CA PRO GC 169 45.89 114.76 34.06
C PRO GC 169 47.03 114.69 33.05
N ARG GC 170 46.80 113.91 31.99
CA ARG GC 170 47.80 113.65 30.98
C ARG GC 170 47.21 113.93 29.60
N THR GC 171 48.09 113.93 28.60
CA THR GC 171 47.68 114.10 27.20
C THR GC 171 48.52 113.17 26.35
N LYS GC 172 47.89 112.17 25.74
CA LYS GC 172 48.60 111.09 25.08
C LYS GC 172 48.46 111.27 23.57
N ALA GC 173 49.60 111.19 22.85
CA ALA GC 173 49.69 111.43 21.43
C ALA GC 173 50.05 110.15 20.69
N PRO GC 174 49.46 109.91 19.51
CA PRO GC 174 49.77 108.70 18.76
C PRO GC 174 51.07 108.81 17.98
N LYS GC 175 51.70 107.65 17.78
CA LYS GC 175 52.89 107.56 16.92
C LYS GC 175 52.48 107.67 15.47
N ILE GC 176 52.92 108.73 14.78
CA ILE GC 176 52.54 108.92 13.39
C ILE GC 176 53.32 107.95 12.51
N GLN GC 177 52.59 107.14 11.75
CA GLN GC 177 53.16 106.17 10.83
C GLN GC 177 53.14 106.75 9.42
N ARG GC 178 54.12 106.32 8.61
CA ARG GC 178 54.35 106.79 7.23
C ARG GC 178 54.63 108.29 7.18
N LEU GC 179 55.40 108.79 8.15
CA LEU GC 179 55.90 110.16 8.13
C LEU GC 179 57.35 110.15 7.68
N VAL GC 180 57.71 111.10 6.83
CA VAL GC 180 59.06 111.15 6.27
C VAL GC 180 60.04 111.61 7.33
N THR GC 181 60.90 110.71 7.78
CA THR GC 181 61.88 110.98 8.80
C THR GC 181 63.29 110.80 8.23
N PRO GC 182 64.31 111.48 8.81
CA PRO GC 182 65.69 111.26 8.37
C PRO GC 182 66.22 109.84 8.54
N ARG GC 183 65.61 109.02 9.39
CA ARG GC 183 65.98 107.61 9.47
C ARG GC 183 65.58 106.88 8.19
N VAL GC 184 64.36 107.11 7.72
CA VAL GC 184 63.90 106.52 6.45
C VAL GC 184 64.69 107.09 5.28
N LEU GC 185 65.06 108.38 5.36
CA LEU GC 185 65.91 108.97 4.32
C LEU GC 185 67.31 108.34 4.33
N GLN GC 186 67.84 108.04 5.51
CA GLN GC 186 69.14 107.38 5.62
C GLN GC 186 69.10 105.96 5.06
N HIS GC 187 68.00 105.24 5.31
CA HIS GC 187 67.88 103.88 4.76
C HIS GC 187 67.68 103.91 3.25
N LYS GC 188 66.97 104.95 2.75
CA LYS GC 188 66.78 105.13 1.31
C LYS GC 188 68.09 105.45 0.62
N ARG GC 189 68.96 106.23 1.27
CA ARG GC 189 70.30 106.44 0.73
C ARG GC 189 71.17 105.20 0.90
N ARG GC 190 70.88 104.39 1.93
CA ARG GC 190 71.74 103.25 2.26
C ARG GC 190 71.60 102.13 1.24
N ARG GC 191 70.37 101.83 0.80
CA ARG GC 191 70.25 100.72 -0.13
C ARG GC 191 70.76 101.08 -1.52
N ILE GC 192 70.69 102.35 -1.93
CA ILE GC 192 71.28 102.71 -3.21
C ILE GC 192 72.79 102.85 -3.09
N ALA GC 193 73.31 103.13 -1.89
CA ALA GC 193 74.75 103.05 -1.67
C ALA GC 193 75.23 101.59 -1.75
N LEU GC 194 74.42 100.66 -1.26
CA LEU GC 194 74.73 99.24 -1.43
C LEU GC 194 74.67 98.83 -2.90
N LYS GC 195 73.76 99.43 -3.67
CA LYS GC 195 73.71 99.22 -5.11
C LYS GC 195 74.99 99.73 -5.79
N LYS GC 196 75.47 100.90 -5.37
CA LYS GC 196 76.74 101.44 -5.84
C LYS GC 196 77.90 100.49 -5.55
N GLN GC 197 77.93 99.96 -4.33
CA GLN GC 197 78.99 99.03 -3.92
C GLN GC 197 78.93 97.74 -4.73
N ARG GC 198 77.73 97.23 -5.00
CA ARG GC 198 77.60 96.00 -5.79
C ARG GC 198 78.06 96.21 -7.24
N THR GC 199 77.67 97.34 -7.85
CA THR GC 199 78.09 97.61 -9.23
C THR GC 199 79.60 97.85 -9.32
N LYS GC 200 80.18 98.51 -8.31
CA LYS GC 200 81.64 98.70 -8.28
C LYS GC 200 82.36 97.37 -8.13
N LYS GC 201 81.83 96.46 -7.31
CA LYS GC 201 82.43 95.15 -7.13
C LYS GC 201 82.35 94.33 -8.42
N ASN GC 202 81.20 94.42 -9.12
CA ASN GC 202 81.06 93.75 -10.42
C ASN GC 202 82.07 94.27 -11.43
N LYS GC 203 82.24 95.60 -11.51
CA LYS GC 203 83.17 96.17 -12.48
C LYS GC 203 84.62 95.80 -12.18
N GLU GC 204 84.99 95.86 -10.89
CA GLU GC 204 86.37 95.56 -10.50
C GLU GC 204 86.72 94.08 -10.69
N GLU GC 205 85.80 93.19 -10.30
CA GLU GC 205 86.11 91.76 -10.42
C GLU GC 205 86.02 91.32 -11.88
N ALA GC 206 85.20 92.00 -12.69
CA ALA GC 206 85.17 91.73 -14.12
C ALA GC 206 86.46 92.16 -14.80
N ALA GC 207 87.00 93.32 -14.41
CA ALA GC 207 88.28 93.76 -14.98
C ALA GC 207 89.43 92.87 -14.53
N GLU GC 208 89.38 92.40 -13.27
CA GLU GC 208 90.42 91.50 -12.76
C GLU GC 208 90.39 90.16 -13.51
N TYR GC 209 89.18 89.64 -13.78
CA TYR GC 209 89.10 88.39 -14.53
C TYR GC 209 89.44 88.61 -16.01
N ALA GC 210 89.21 89.81 -16.54
CA ALA GC 210 89.62 90.10 -17.91
C ALA GC 210 91.14 90.07 -18.04
N LYS GC 211 91.85 90.68 -17.07
CA LYS GC 211 93.31 90.63 -17.07
C LYS GC 211 93.82 89.20 -16.86
N LEU GC 212 93.19 88.46 -15.94
CA LEU GC 212 93.61 87.09 -15.67
C LEU GC 212 93.36 86.17 -16.87
N LEU GC 213 92.23 86.36 -17.56
CA LEU GC 213 91.92 85.53 -18.72
C LEU GC 213 92.82 85.87 -19.89
N ALA GC 214 93.22 87.15 -20.01
CA ALA GC 214 94.21 87.52 -21.01
C ALA GC 214 95.55 86.85 -20.75
N LYS GC 215 95.96 86.80 -19.47
CA LYS GC 215 97.20 86.12 -19.11
C LYS GC 215 97.13 84.62 -19.41
N ARG GC 216 95.99 83.99 -19.08
CA ARG GC 216 95.84 82.56 -19.32
C ARG GC 216 95.80 82.25 -20.81
N MET GC 217 95.18 83.13 -21.61
CA MET GC 217 95.12 82.93 -23.06
C MET GC 217 96.50 83.11 -23.68
N LYS GC 218 97.30 84.06 -23.18
CA LYS GC 218 98.66 84.23 -23.68
C LYS GC 218 99.54 83.03 -23.35
N GLU GC 219 99.41 82.48 -22.14
CA GLU GC 219 100.20 81.30 -21.79
C GLU GC 219 99.74 80.06 -22.56
N ALA GC 220 98.44 79.94 -22.81
CA ALA GC 220 97.94 78.82 -23.62
C ALA GC 220 98.38 78.94 -25.07
N LYS GC 221 98.45 80.17 -25.60
CA LYS GC 221 98.95 80.38 -26.95
C LYS GC 221 100.44 80.07 -27.04
N GLU GC 222 101.20 80.41 -25.99
CA GLU GC 222 102.62 80.07 -25.96
C GLU GC 222 102.83 78.56 -25.88
N LYS GC 223 101.97 77.85 -25.13
CA LYS GC 223 102.04 76.39 -25.08
C LYS GC 223 101.69 75.77 -26.41
N ARG GC 224 100.70 76.34 -27.12
CA ARG GC 224 100.34 75.84 -28.45
C ARG GC 224 101.47 76.07 -29.45
N GLN GC 225 102.13 77.24 -29.36
CA GLN GC 225 103.26 77.51 -30.25
C GLN GC 225 104.44 76.60 -29.94
N GLU GC 226 104.65 76.27 -28.67
CA GLU GC 226 105.71 75.32 -28.30
C GLU GC 226 105.39 73.92 -28.81
N GLN GC 227 104.11 73.52 -28.77
CA GLN GC 227 103.72 72.21 -29.28
C GLN GC 227 103.85 72.13 -30.79
N ILE GC 228 103.49 73.22 -31.50
CA ILE GC 228 103.64 73.24 -32.95
C ILE GC 228 105.11 73.28 -33.34
N ALA GC 229 105.95 73.95 -32.54
CA ALA GC 229 107.39 73.93 -32.79
C ALA GC 229 107.99 72.56 -32.54
N LYS GC 230 107.46 71.83 -31.55
CA LYS GC 230 107.90 70.46 -31.30
C LYS GC 230 107.47 69.55 -32.46
N ARG GC 231 106.27 69.77 -33.01
CA ARG GC 231 105.81 69.01 -34.17
C ARG GC 231 106.68 69.31 -35.40
N ARG GC 232 107.10 70.57 -35.55
CA ARG GC 232 108.00 70.93 -36.64
C ARG GC 232 109.37 70.29 -36.46
N ARG GC 233 109.84 70.21 -35.22
CA ARG GC 233 111.13 69.55 -34.96
C ARG GC 233 111.05 68.06 -35.25
N LEU GC 234 109.91 67.43 -34.93
CA LEU GC 234 109.73 66.01 -35.25
C LEU GC 234 109.59 65.79 -36.75
N SER GC 235 109.00 66.75 -37.46
CA SER GC 235 108.88 66.62 -38.91
C SER GC 235 110.21 66.85 -39.60
N SER GC 236 111.06 67.71 -39.03
CA SER GC 236 112.39 67.94 -39.60
C SER GC 236 113.32 66.77 -39.29
N LEU GC 237 113.16 66.17 -38.11
CA LEU GC 237 113.97 65.02 -37.73
C LEU GC 237 113.46 63.77 -38.46
N ALA HC 1 -55.65 43.46 -108.23
CA ALA HC 1 -55.62 42.68 -107.00
C ALA HC 1 -56.17 41.28 -107.23
N ASP HC 2 -56.50 40.99 -108.50
CA ASP HC 2 -57.04 39.70 -108.87
C ASP HC 2 -55.90 38.74 -109.20
N LEU HC 3 -54.84 39.28 -109.83
CA LEU HC 3 -53.70 38.47 -110.24
C LEU HC 3 -52.94 37.95 -109.03
N GLY HC 4 -52.88 38.76 -107.98
CA GLY HC 4 -52.24 38.33 -106.75
C GLY HC 4 -52.98 37.20 -106.07
N ARG HC 5 -54.31 37.24 -106.09
CA ARG HC 5 -55.11 36.14 -105.57
C ARG HC 5 -54.98 34.89 -106.44
N LYS HC 6 -54.91 35.07 -107.76
CA LYS HC 6 -54.79 33.93 -108.66
C LYS HC 6 -53.43 33.24 -108.54
N ILE HC 7 -52.38 33.99 -108.23
CA ILE HC 7 -51.07 33.36 -108.08
C ILE HC 7 -50.84 32.90 -106.64
N THR HC 8 -51.54 33.51 -105.68
CA THR HC 8 -51.54 33.02 -104.31
C THR HC 8 -52.27 31.68 -104.22
N SER HC 9 -53.31 31.52 -105.04
CA SER HC 9 -53.96 30.21 -105.18
C SER HC 9 -53.03 29.18 -105.79
N ALA HC 10 -52.16 29.61 -106.72
CA ALA HC 10 -51.19 28.70 -107.31
C ALA HC 10 -50.11 28.31 -106.29
N LEU HC 11 -49.76 29.23 -105.40
CA LEU HC 11 -48.82 28.90 -104.33
C LEU HC 11 -49.45 27.98 -103.28
N ARG HC 12 -50.74 28.16 -102.99
CA ARG HC 12 -51.46 27.25 -102.11
C ARG HC 12 -51.66 25.89 -102.75
N SER HC 13 -51.74 25.82 -104.07
CA SER HC 13 -51.72 24.55 -104.80
C SER HC 13 -50.37 23.87 -104.74
N LEU HC 14 -49.27 24.62 -104.70
CA LEU HC 14 -47.95 24.03 -104.44
C LEU HC 14 -47.87 23.50 -103.01
N SER HC 15 -48.41 24.26 -102.06
CA SER HC 15 -48.41 23.85 -100.67
C SER HC 15 -49.44 22.75 -100.44
N ASN HC 16 -49.36 22.11 -99.27
CA ASN HC 16 -50.29 21.12 -98.75
C ASN HC 16 -50.35 19.86 -99.63
N ALA HC 17 -49.31 19.61 -100.42
CA ALA HC 17 -49.23 18.40 -101.24
C ALA HC 17 -47.96 17.63 -100.92
N THR HC 18 -48.02 16.30 -101.03
CA THR HC 18 -46.86 15.44 -100.87
C THR HC 18 -46.67 14.69 -102.19
N ILE HC 19 -46.06 15.37 -103.16
CA ILE HC 19 -45.84 14.83 -104.50
C ILE HC 19 -44.37 14.98 -104.90
N ILE HC 20 -43.78 16.11 -104.52
CA ILE HC 20 -43.05 17.05 -105.40
C ILE HC 20 -42.29 16.39 -106.55
N ASN HC 21 -42.59 16.86 -107.76
CA ASN HC 21 -42.08 16.33 -109.02
C ASN HC 21 -42.23 17.44 -110.04
N GLU HC 22 -41.92 17.16 -111.31
CA GLU HC 22 -42.02 18.17 -112.36
C GLU HC 22 -43.48 18.48 -112.68
N GLU HC 23 -44.37 17.53 -112.42
CA GLU HC 23 -45.77 17.67 -112.78
C GLU HC 23 -46.48 18.75 -111.95
N VAL HC 24 -46.07 18.91 -110.68
CA VAL HC 24 -46.66 19.95 -109.83
C VAL HC 24 -46.25 21.34 -110.31
N LEU HC 25 -44.97 21.49 -110.69
CA LEU HC 25 -44.50 22.75 -111.25
C LEU HC 25 -45.17 23.05 -112.59
N ASN HC 26 -45.42 22.01 -113.39
CA ASN HC 26 -46.13 22.16 -114.65
C ASN HC 26 -47.57 22.61 -114.42
N ALA HC 27 -48.25 21.98 -113.45
CA ALA HC 27 -49.65 22.34 -113.16
C ALA HC 27 -49.74 23.72 -112.51
N MET HC 28 -48.70 24.15 -111.80
CA MET HC 28 -48.69 25.49 -111.22
C MET HC 28 -48.47 26.55 -112.30
N LEU HC 29 -47.54 26.29 -113.23
CA LEU HC 29 -47.33 27.25 -114.31
C LEU HC 29 -48.50 27.27 -115.29
N LYS HC 30 -49.25 26.16 -115.37
CA LYS HC 30 -50.50 26.14 -116.14
C LYS HC 30 -51.55 27.06 -115.52
N GLU HC 31 -51.52 27.25 -114.20
CA GLU HC 31 -52.41 28.20 -113.54
C GLU HC 31 -51.87 29.62 -113.58
N VAL HC 32 -50.55 29.78 -113.62
CA VAL HC 32 -49.96 31.12 -113.71
C VAL HC 32 -50.19 31.71 -115.10
N CYS HC 33 -49.96 30.90 -116.15
CA CYS HC 33 -50.13 31.38 -117.52
C CYS HC 33 -51.59 31.70 -117.82
N THR HC 34 -52.51 30.96 -117.19
CA THR HC 34 -53.94 31.24 -117.30
C THR HC 34 -54.28 32.60 -116.70
N ALA HC 35 -53.67 32.91 -115.55
CA ALA HC 35 -53.89 34.21 -114.91
C ALA HC 35 -53.28 35.36 -115.71
N LEU HC 36 -52.12 35.16 -116.33
CA LEU HC 36 -51.51 36.20 -117.15
C LEU HC 36 -52.31 36.45 -118.42
N LEU HC 37 -52.80 35.38 -119.06
CA LEU HC 37 -53.68 35.50 -120.23
C LEU HC 37 -55.01 36.15 -119.87
N GLU HC 38 -55.56 35.84 -118.70
CA GLU HC 38 -56.78 36.50 -118.27
C GLU HC 38 -56.54 37.95 -117.89
N ALA HC 39 -55.32 38.31 -117.51
CA ALA HC 39 -55.01 39.73 -117.42
C ALA HC 39 -55.04 40.36 -118.81
N ASP HC 40 -53.97 40.16 -119.60
CA ASP HC 40 -54.03 40.12 -121.06
C ASP HC 40 -52.91 39.28 -121.65
N VAL HC 41 -51.87 39.05 -120.84
CA VAL HC 41 -50.47 39.05 -121.27
C VAL HC 41 -50.17 37.97 -122.30
N ASN HC 42 -49.44 38.36 -123.35
CA ASN HC 42 -49.22 37.61 -124.59
C ASN HC 42 -48.62 36.24 -124.34
N ILE HC 43 -49.26 35.21 -124.90
CA ILE HC 43 -48.95 33.80 -124.67
C ILE HC 43 -47.51 33.46 -125.09
N LYS HC 44 -46.99 34.16 -126.10
CA LYS HC 44 -45.60 33.95 -126.52
C LYS HC 44 -44.62 34.40 -125.45
N LEU HC 45 -44.83 35.59 -124.88
CA LEU HC 45 -43.96 36.09 -123.82
C LEU HC 45 -44.14 35.33 -122.53
N VAL HC 46 -45.36 34.83 -122.27
CA VAL HC 46 -45.60 34.04 -121.07
C VAL HC 46 -44.92 32.67 -121.17
N LYS HC 47 -44.97 32.05 -122.35
CA LYS HC 47 -44.25 30.80 -122.55
C LYS HC 47 -42.74 31.01 -122.57
N GLN HC 48 -42.29 32.20 -122.98
CA GLN HC 48 -40.88 32.54 -122.85
C GLN HC 48 -40.45 32.66 -121.39
N LEU HC 49 -41.28 33.30 -120.56
CA LEU HC 49 -41.06 33.30 -119.11
C LEU HC 49 -41.05 31.90 -118.53
N ARG HC 50 -41.96 31.04 -119.01
CA ARG HC 50 -42.08 29.68 -118.49
C ARG HC 50 -40.84 28.85 -118.85
N GLU HC 51 -40.36 28.97 -120.09
CA GLU HC 51 -39.17 28.22 -120.48
C GLU HC 51 -37.91 28.83 -119.85
N ASN HC 52 -37.94 30.12 -119.51
CA ASN HC 52 -36.82 30.70 -118.76
C ASN HC 52 -36.79 30.20 -117.33
N VAL HC 53 -37.97 30.06 -116.70
CA VAL HC 53 -38.07 29.45 -115.37
C VAL HC 53 -37.57 28.00 -115.40
N LYS HC 54 -37.94 27.25 -116.45
CA LYS HC 54 -37.48 25.87 -116.54
C LYS HC 54 -35.99 25.77 -116.84
N SER HC 55 -35.46 26.63 -117.71
CA SER HC 55 -34.03 26.61 -118.01
C SER HC 55 -33.20 27.11 -116.83
N ALA HC 56 -33.78 27.96 -115.98
CA ALA HC 56 -33.10 28.36 -114.76
C ALA HC 56 -33.10 27.22 -113.74
N ILE HC 57 -34.29 26.78 -113.33
CA ILE HC 57 -34.44 25.77 -112.29
C ILE HC 57 -35.24 24.61 -112.88
N ASP HC 58 -34.54 23.54 -113.27
CA ASP HC 58 -35.16 22.26 -113.58
C ASP HC 58 -35.28 21.46 -112.28
N LEU HC 59 -35.79 20.24 -112.39
CA LEU HC 59 -35.87 19.34 -111.25
C LEU HC 59 -35.21 18.01 -111.60
N GLU HC 60 -34.53 17.96 -112.75
CA GLU HC 60 -33.78 16.76 -113.12
C GLU HC 60 -32.39 16.75 -112.47
N GLU HC 61 -31.79 17.92 -112.30
CA GLU HC 61 -30.53 17.98 -111.56
C GLU HC 61 -30.80 18.13 -110.07
N MET HC 62 -29.90 17.56 -109.27
CA MET HC 62 -30.10 17.50 -107.83
C MET HC 62 -29.13 18.43 -107.15
N ALA HC 63 -29.66 19.56 -106.69
CA ALA HC 63 -29.01 20.34 -105.64
C ALA HC 63 -29.48 19.73 -104.33
N SER HC 64 -28.80 18.65 -103.94
CA SER HC 64 -29.26 17.74 -102.88
C SER HC 64 -29.33 18.44 -101.53
N GLY HC 65 -30.54 18.55 -100.99
CA GLY HC 65 -30.76 19.24 -99.73
C GLY HC 65 -31.12 20.68 -100.00
N LEU HC 66 -32.40 21.00 -99.89
CA LEU HC 66 -32.90 22.24 -100.46
C LEU HC 66 -34.31 22.50 -99.93
N ASN HC 67 -34.52 23.70 -99.40
CA ASN HC 67 -35.86 24.11 -99.01
C ASN HC 67 -36.62 24.51 -100.27
N LYS HC 68 -37.78 23.90 -100.50
CA LYS HC 68 -38.50 24.14 -101.76
C LYS HC 68 -39.64 25.13 -101.60
N ARG HC 69 -40.15 25.58 -102.76
CA ARG HC 69 -41.23 26.54 -103.04
C ARG HC 69 -40.80 27.98 -102.77
N LYS HC 70 -39.70 28.17 -102.04
CA LYS HC 70 -39.25 29.52 -101.70
C LYS HC 70 -38.45 30.12 -102.85
N MET HC 71 -37.43 29.39 -103.32
CA MET HC 71 -36.72 29.79 -104.53
C MET HC 71 -37.58 29.64 -105.78
N ILE HC 72 -38.62 28.81 -105.75
CA ILE HC 72 -39.56 28.75 -106.86
C ILE HC 72 -40.37 30.04 -106.96
N GLN HC 73 -40.92 30.49 -105.82
CA GLN HC 73 -41.61 31.77 -105.77
C GLN HC 73 -40.67 32.93 -106.10
N HIS HC 74 -39.41 32.83 -105.65
CA HIS HC 74 -38.41 33.84 -105.96
C HIS HC 74 -38.05 33.86 -107.44
N ALA HC 75 -38.02 32.70 -108.11
CA ALA HC 75 -37.71 32.67 -109.54
C ALA HC 75 -38.88 33.19 -110.37
N VAL HC 76 -40.11 32.89 -109.93
CA VAL HC 76 -41.29 33.45 -110.61
C VAL HC 76 -41.33 34.97 -110.44
N PHE HC 77 -41.02 35.46 -109.24
CA PHE HC 77 -40.91 36.89 -108.97
C PHE HC 77 -39.80 37.52 -109.81
N LYS HC 78 -38.67 36.82 -109.94
CA LYS HC 78 -37.52 37.35 -110.68
C LYS HC 78 -37.83 37.44 -112.17
N GLU HC 79 -38.53 36.45 -112.72
CA GLU HC 79 -38.84 36.50 -114.15
C GLU HC 79 -39.96 37.52 -114.44
N LEU HC 80 -40.89 37.70 -113.49
CA LEU HC 80 -41.88 38.77 -113.65
C LEU HC 80 -41.23 40.15 -113.51
N VAL HC 81 -40.09 40.24 -112.82
CA VAL HC 81 -39.31 41.48 -112.87
C VAL HC 81 -38.60 41.61 -114.22
N LYS HC 82 -37.93 40.54 -114.67
CA LYS HC 82 -37.07 40.63 -115.85
C LYS HC 82 -37.85 40.79 -117.15
N LEU HC 83 -39.14 40.49 -117.16
CA LEU HC 83 -39.94 40.89 -118.32
C LEU HC 83 -40.07 42.41 -118.40
N VAL HC 84 -42.06 43.27 -115.96
CA VAL HC 84 -42.96 44.38 -115.70
C VAL HC 84 -42.19 45.69 -115.69
N ASP HC 85 -41.18 45.78 -114.83
CA ASP HC 85 -40.34 46.96 -114.69
C ASP HC 85 -38.90 46.53 -114.85
N PRO HC 86 -38.06 47.35 -115.52
CA PRO HC 86 -36.72 46.89 -115.90
C PRO HC 86 -35.73 46.74 -114.75
N GLY HC 87 -36.08 47.16 -113.55
CA GLY HC 87 -35.20 46.98 -112.43
C GLY HC 87 -35.47 47.97 -111.31
N VAL HC 88 -34.39 48.67 -110.92
CA VAL HC 88 -34.42 49.65 -109.85
C VAL HC 88 -35.27 50.85 -110.30
N LYS HC 89 -35.87 51.55 -109.33
CA LYS HC 89 -36.81 52.66 -109.45
C LYS HC 89 -36.50 53.69 -110.54
N ALA HC 90 -37.52 54.04 -111.32
CA ALA HC 90 -37.41 55.16 -112.25
C ALA HC 90 -37.31 56.46 -111.47
N TRP HC 91 -36.45 57.36 -111.94
CA TRP HC 91 -36.08 58.55 -111.16
C TRP HC 91 -37.23 59.56 -111.07
N THR HC 92 -37.92 59.52 -109.94
CA THR HC 92 -39.02 60.40 -109.55
C THR HC 92 -38.70 61.86 -109.13
N PRO HC 93 -37.55 62.22 -108.42
CA PRO HC 93 -37.46 63.60 -107.90
C PRO HC 93 -37.29 64.70 -108.94
N THR HC 94 -37.11 65.92 -108.46
CA THR HC 94 -37.38 67.13 -109.23
C THR HC 94 -36.18 67.65 -110.02
N LYS HC 95 -35.27 66.75 -110.41
CA LYS HC 95 -34.40 66.85 -111.61
C LYS HC 95 -33.66 68.18 -111.77
N GLY HC 96 -33.33 68.82 -110.65
CA GLY HC 96 -32.64 70.10 -110.74
C GLY HC 96 -33.62 71.26 -110.69
N LYS HC 97 -33.47 72.19 -111.63
CA LYS HC 97 -34.23 73.44 -111.56
C LYS HC 97 -35.14 73.62 -112.77
N GLN HC 98 -36.30 74.23 -112.53
CA GLN HC 98 -37.28 74.75 -113.51
C GLN HC 98 -38.02 73.70 -114.33
N ASN HC 99 -37.60 72.43 -114.23
CA ASN HC 99 -38.28 71.17 -114.56
C ASN HC 99 -39.32 71.20 -115.68
N VAL HC 100 -38.91 71.50 -116.91
CA VAL HC 100 -39.81 71.56 -118.04
C VAL HC 100 -40.15 70.13 -118.47
N ILE HC 101 -41.38 69.71 -118.20
CA ILE HC 101 -41.85 68.36 -118.49
C ILE HC 101 -43.07 68.46 -119.39
N MET HC 102 -43.02 67.73 -120.51
CA MET HC 102 -44.09 67.72 -121.51
C MET HC 102 -45.00 66.53 -121.27
N PHE HC 103 -46.30 66.71 -121.53
CA PHE HC 103 -47.28 65.63 -121.41
C PHE HC 103 -48.14 65.53 -122.67
N VAL HC 104 -48.08 64.37 -123.32
CA VAL HC 104 -48.97 64.04 -124.43
C VAL HC 104 -49.75 62.78 -124.07
N GLY HC 105 -51.08 62.87 -124.13
CA GLY HC 105 -51.91 61.71 -123.90
C GLY HC 105 -52.58 61.22 -125.16
N LEU HC 106 -53.68 60.50 -124.96
CA LEU HC 106 -54.57 60.09 -126.04
C LEU HC 106 -55.95 60.63 -125.75
N GLN HC 107 -56.81 60.66 -126.77
CA GLN HC 107 -58.16 61.16 -126.58
C GLN HC 107 -59.01 60.15 -125.81
N GLY HC 108 -59.37 60.50 -124.57
CA GLY HC 108 -60.06 59.60 -123.68
C GLY HC 108 -59.20 59.00 -122.59
N SER HC 109 -58.00 59.56 -122.37
CA SER HC 109 -57.03 58.95 -121.46
C SER HC 109 -56.98 59.75 -120.16
N GLY HC 110 -57.99 60.60 -119.95
CA GLY HC 110 -58.06 61.45 -118.79
C GLY HC 110 -56.92 62.43 -118.66
N LYS HC 111 -56.69 63.20 -119.73
CA LYS HC 111 -55.61 64.18 -119.77
C LYS HC 111 -55.76 65.23 -118.67
N THR HC 112 -56.97 65.77 -118.53
CA THR HC 112 -57.27 66.76 -117.50
C THR HC 112 -57.05 66.20 -116.10
N THR HC 113 -57.46 64.94 -115.88
CA THR HC 113 -57.32 64.32 -114.57
C THR HC 113 -55.85 64.10 -114.21
N THR HC 114 -55.07 63.53 -115.12
CA THR HC 114 -53.65 63.30 -114.86
C THR HC 114 -52.90 64.61 -114.64
N CYS HC 115 -53.13 65.58 -115.53
CA CYS HC 115 -52.39 66.84 -115.48
C CYS HC 115 -52.82 67.71 -114.31
N SER HC 116 -54.02 67.50 -113.78
CA SER HC 116 -54.43 68.18 -112.56
C SER HC 116 -53.84 67.52 -111.31
N LYS HC 117 -53.88 66.19 -111.25
CA LYS HC 117 -53.57 65.46 -110.02
C LYS HC 117 -52.08 65.17 -109.83
N LEU HC 118 -51.27 65.37 -110.87
CA LEU HC 118 -49.82 65.15 -110.69
C LEU HC 118 -49.15 66.28 -109.91
N ALA HC 119 -49.76 67.47 -109.90
CA ALA HC 119 -49.12 68.61 -109.23
C ALA HC 119 -49.23 68.55 -107.72
N TYR HC 120 -50.25 67.86 -107.19
CA TYR HC 120 -50.52 67.85 -105.76
C TYR HC 120 -49.42 67.12 -104.98
N TYR HC 121 -48.82 66.09 -105.57
CA TYR HC 121 -47.80 65.33 -104.86
C TYR HC 121 -46.51 66.13 -104.73
N TYR HC 122 -46.15 66.88 -105.78
CA TYR HC 122 -44.98 67.75 -105.69
C TYR HC 122 -45.24 68.95 -104.78
N GLN HC 123 -46.49 69.43 -104.73
CA GLN HC 123 -46.80 70.52 -103.81
C GLN HC 123 -46.78 70.05 -102.35
N ARG HC 124 -47.18 68.80 -102.11
CA ARG HC 124 -47.08 68.24 -100.76
C ARG HC 124 -45.65 67.92 -100.38
N LYS HC 125 -44.80 67.53 -101.34
CA LYS HC 125 -43.38 67.34 -101.08
C LYS HC 125 -42.61 68.64 -101.02
N GLY HC 126 -43.22 69.75 -101.44
CA GLY HC 126 -42.58 71.05 -101.30
C GLY HC 126 -41.87 71.54 -102.54
N TRP HC 127 -42.53 71.49 -103.69
CA TRP HC 127 -41.96 71.94 -104.95
C TRP HC 127 -43.03 72.71 -105.73
N LYS HC 128 -42.65 73.86 -106.28
CA LYS HC 128 -43.60 74.79 -106.89
C LYS HC 128 -43.85 74.38 -108.34
N THR HC 129 -45.08 73.95 -108.61
CA THR HC 129 -45.50 73.50 -109.93
C THR HC 129 -46.34 74.56 -110.63
N CYS HC 130 -46.25 74.58 -111.96
CA CYS HC 130 -47.00 75.53 -112.79
C CYS HC 130 -47.44 74.81 -114.06
N LEU HC 131 -48.74 74.84 -114.34
CA LEU HC 131 -49.32 74.11 -115.45
C LEU HC 131 -49.60 75.03 -116.62
N ILE HC 132 -49.07 74.68 -117.79
CA ILE HC 132 -49.34 75.41 -119.03
C ILE HC 132 -50.35 74.60 -119.85
N CYS HC 133 -51.58 75.09 -119.93
CA CYS HC 133 -52.66 74.37 -120.60
C CYS HC 133 -52.71 74.79 -122.06
N ALA HC 134 -51.97 74.07 -122.91
CA ALA HC 134 -52.00 74.33 -124.34
C ALA HC 134 -52.96 73.35 -125.01
N ASP HC 135 -54.06 73.03 -124.34
CA ASP HC 135 -55.09 72.13 -124.87
C ASP HC 135 -56.04 72.89 -125.79
N THR HC 136 -55.48 73.42 -126.88
CA THR HC 136 -56.13 74.44 -127.70
C THR HC 136 -57.39 73.96 -128.39
N PHE HC 137 -57.51 72.66 -128.64
CA PHE HC 137 -58.68 72.15 -129.33
C PHE HC 137 -59.72 71.56 -128.39
N ARG HC 138 -59.60 71.81 -127.09
CA ARG HC 138 -60.55 71.33 -126.11
C ARG HC 138 -61.01 72.51 -125.25
N ALA HC 139 -61.99 73.26 -125.76
CA ALA HC 139 -62.48 74.45 -125.06
C ALA HC 139 -63.21 74.08 -123.77
N GLY HC 140 -63.92 72.95 -123.75
CA GLY HC 140 -64.57 72.51 -122.53
C GLY HC 140 -63.59 72.03 -121.49
N ALA HC 141 -62.49 71.42 -121.93
CA ALA HC 141 -61.48 70.92 -121.02
C ALA HC 141 -60.64 72.05 -120.45
N PHE HC 142 -60.57 73.18 -121.17
CA PHE HC 142 -60.09 74.42 -120.54
C PHE HC 142 -60.88 74.74 -119.27
N ASP HC 143 -62.21 74.67 -119.36
CA ASP HC 143 -63.05 75.06 -118.24
C ASP HC 143 -62.99 74.01 -117.12
N GLN HC 144 -62.91 72.72 -117.50
CA GLN HC 144 -62.75 71.69 -116.47
C GLN HC 144 -61.39 71.79 -115.77
N LEU HC 145 -60.32 72.09 -116.51
CA LEU HC 145 -59.02 72.27 -115.89
C LEU HC 145 -58.99 73.48 -114.97
N LYS HC 146 -59.62 74.58 -115.37
CA LYS HC 146 -59.68 75.74 -114.51
C LYS HC 146 -60.55 75.52 -113.26
N GLN HC 147 -61.70 74.86 -113.39
CA GLN HC 147 -62.56 74.62 -112.24
C GLN HC 147 -61.96 73.60 -111.28
N ASN HC 148 -61.16 72.66 -111.79
CA ASN HC 148 -60.49 71.74 -110.89
C ASN HC 148 -59.19 72.31 -110.33
N ALA HC 149 -58.64 73.34 -110.96
CA ALA HC 149 -57.33 73.87 -110.57
C ALA HC 149 -57.39 75.10 -109.67
N THR HC 150 -58.51 75.85 -109.69
CA THR HC 150 -58.61 77.02 -108.83
C THR HC 150 -58.70 76.68 -107.33
N LYS HC 151 -58.89 75.41 -106.98
CA LYS HC 151 -58.85 74.97 -105.59
C LYS HC 151 -57.45 74.61 -105.10
N ALA HC 152 -56.39 74.98 -105.84
CA ALA HC 152 -55.05 74.52 -105.49
C ALA HC 152 -54.01 75.64 -105.51
N ARG HC 153 -54.45 76.89 -105.74
CA ARG HC 153 -53.61 78.09 -105.77
C ARG HC 153 -52.48 78.01 -106.79
N ILE HC 154 -52.82 77.90 -108.06
CA ILE HC 154 -51.83 77.74 -109.14
C ILE HC 154 -52.00 78.87 -110.13
N PRO HC 155 -50.88 79.53 -110.51
CA PRO HC 155 -50.95 80.55 -111.57
C PRO HC 155 -51.09 79.95 -112.96
N PHE HC 156 -51.71 80.69 -113.88
CA PHE HC 156 -51.97 80.21 -115.25
C PHE HC 156 -51.77 81.36 -116.24
N TYR HC 157 -51.00 81.09 -117.29
CA TYR HC 157 -50.84 82.03 -118.39
C TYR HC 157 -51.16 81.34 -119.71
N GLY HC 158 -52.35 81.58 -120.23
CA GLY HC 158 -52.77 81.01 -121.49
C GLY HC 158 -54.12 81.53 -121.94
N SER HC 159 -54.24 81.92 -123.19
CA SER HC 159 -55.47 82.50 -123.70
C SER HC 159 -56.12 81.58 -124.71
N TYR HC 160 -57.30 81.99 -125.19
CA TYR HC 160 -58.15 81.15 -126.03
C TYR HC 160 -57.95 81.46 -127.51
N THR HC 161 -58.00 80.39 -128.32
CA THR HC 161 -58.09 80.46 -129.80
C THR HC 161 -56.91 81.19 -130.44
N GLU HC 162 -55.70 80.92 -129.96
CA GLU HC 162 -54.52 81.44 -130.66
C GLU HC 162 -54.03 80.48 -131.72
N MET HC 163 -54.48 79.22 -131.68
CA MET HC 163 -54.22 78.16 -132.65
C MET HC 163 -52.74 77.82 -132.81
N ASP HC 164 -51.90 78.18 -131.85
CA ASP HC 164 -50.45 77.99 -131.93
C ASP HC 164 -49.94 77.44 -130.61
N PRO HC 165 -49.87 76.11 -130.45
CA PRO HC 165 -49.36 75.54 -129.20
C PRO HC 165 -47.87 75.80 -128.98
N VAL HC 166 -47.10 75.99 -130.05
CA VAL HC 166 -45.69 76.39 -129.93
C VAL HC 166 -45.57 77.75 -129.25
N ILE HC 167 -46.31 78.74 -129.74
CA ILE HC 167 -46.27 80.09 -129.17
C ILE HC 167 -46.86 80.11 -127.76
N ILE HC 168 -47.93 79.35 -127.53
CA ILE HC 168 -48.56 79.31 -126.21
C ILE HC 168 -47.63 78.69 -125.17
N ALA HC 169 -46.99 77.57 -125.52
CA ALA HC 169 -46.06 76.92 -124.58
C ALA HC 169 -44.79 77.73 -124.37
N SER HC 170 -44.29 78.40 -125.42
CA SER HC 170 -43.08 79.21 -125.27
C SER HC 170 -43.36 80.45 -124.41
N GLU HC 171 -44.51 81.09 -124.62
CA GLU HC 171 -44.85 82.25 -123.81
C GLU HC 171 -45.27 81.84 -122.40
N GLY HC 172 -45.69 80.60 -122.21
CA GLY HC 172 -45.92 80.10 -120.87
C GLY HC 172 -44.63 79.89 -120.10
N VAL HC 173 -43.66 79.24 -120.75
CA VAL HC 173 -42.37 78.98 -120.11
C VAL HC 173 -41.63 80.29 -119.82
N GLU HC 174 -41.67 81.22 -120.77
CA GLU HC 174 -40.94 82.48 -120.58
C GLU HC 174 -41.64 83.42 -119.60
N LYS HC 175 -42.90 83.13 -119.25
CA LYS HC 175 -43.56 83.90 -118.19
C LYS HC 175 -43.47 83.20 -116.83
N PHE HC 176 -43.38 81.88 -116.81
CA PHE HC 176 -43.14 81.21 -115.52
C PHE HC 176 -41.67 81.15 -115.15
N LYS HC 177 -40.76 81.61 -116.01
CA LYS HC 177 -39.39 81.86 -115.59
C LYS HC 177 -39.19 83.19 -114.87
N ASN HC 178 -40.26 83.85 -114.43
CA ASN HC 178 -40.17 85.16 -113.79
C ASN HC 178 -39.94 85.05 -112.28
N GLU HC 179 -40.86 84.38 -111.56
CA GLU HC 179 -40.79 84.32 -110.11
C GLU HC 179 -39.99 83.13 -109.59
N ASN HC 180 -39.06 82.61 -110.38
CA ASN HC 180 -38.12 81.53 -110.01
C ASN HC 180 -38.86 80.26 -109.61
N PHE HC 181 -39.69 79.76 -110.52
CA PHE HC 181 -40.42 78.53 -110.25
C PHE HC 181 -39.53 77.32 -110.55
N GLU HC 182 -40.07 76.14 -110.25
CA GLU HC 182 -39.30 74.90 -110.17
C GLU HC 182 -39.79 73.81 -111.11
N ILE HC 183 -41.10 73.62 -111.25
CA ILE HC 183 -41.67 72.59 -112.11
C ILE HC 183 -42.63 73.24 -113.09
N ILE HC 184 -42.41 72.98 -114.37
CA ILE HC 184 -43.22 73.54 -115.45
C ILE HC 184 -43.79 72.36 -116.23
N ILE HC 185 -45.07 72.07 -116.04
CA ILE HC 185 -45.73 70.93 -116.65
C ILE HC 185 -46.58 71.46 -117.80
N VAL HC 186 -46.29 71.01 -119.02
CA VAL HC 186 -46.93 71.55 -120.22
C VAL HC 186 -47.88 70.50 -120.78
N ASP HC 187 -49.16 70.84 -120.83
CA ASP HC 187 -50.24 69.92 -121.20
C ASP HC 187 -50.68 70.24 -122.62
N THR HC 188 -50.30 69.41 -123.58
CA THR HC 188 -50.56 69.68 -124.98
C THR HC 188 -51.86 69.01 -125.44
N SER HC 189 -52.37 69.49 -126.58
CA SER HC 189 -53.74 69.21 -127.01
C SER HC 189 -53.89 67.86 -127.70
N GLY HC 190 -55.09 67.62 -128.23
CA GLY HC 190 -55.42 66.42 -128.97
C GLY HC 190 -56.00 66.68 -130.34
N ARG HC 191 -55.83 65.73 -131.27
CA ARG HC 191 -56.22 65.93 -132.67
C ARG HC 191 -56.33 64.57 -133.36
N HIS HC 192 -57.39 64.42 -134.18
CA HIS HC 192 -57.60 63.34 -135.13
C HIS HC 192 -57.66 61.91 -134.56
N LYS HC 193 -57.72 61.73 -133.24
CA LYS HC 193 -57.54 60.43 -132.57
C LYS HC 193 -56.19 59.84 -132.99
N GLN HC 194 -55.11 60.41 -132.46
CA GLN HC 194 -53.86 60.75 -133.15
C GLN HC 194 -53.27 59.65 -134.01
N GLU HC 195 -53.32 59.82 -135.33
CA GLU HC 195 -52.70 58.84 -136.22
C GLU HC 195 -51.19 59.05 -136.30
N ASP HC 196 -50.77 60.13 -136.95
CA ASP HC 196 -49.36 60.49 -137.14
C ASP HC 196 -49.17 62.01 -137.13
N SER HC 197 -50.10 62.76 -136.54
CA SER HC 197 -50.24 64.16 -136.89
C SER HC 197 -49.80 65.17 -135.83
N LEU HC 198 -49.90 64.85 -134.54
CA LEU HC 198 -49.50 65.82 -133.53
C LEU HC 198 -48.01 65.72 -133.21
N PHE HC 199 -47.34 64.70 -133.72
CA PHE HC 199 -45.94 64.51 -133.39
C PHE HC 199 -45.07 65.50 -134.15
N GLU HC 200 -45.55 65.98 -135.31
CA GLU HC 200 -44.88 67.06 -136.02
C GLU HC 200 -44.91 68.36 -135.21
N GLU HC 201 -46.07 68.70 -134.67
CA GLU HC 201 -46.19 69.87 -133.80
C GLU HC 201 -45.44 69.70 -132.49
N MET HC 202 -45.37 68.49 -131.95
CA MET HC 202 -44.59 68.28 -130.73
C MET HC 202 -43.09 68.38 -130.99
N LEU HC 203 -42.64 67.97 -132.19
CA LEU HC 203 -41.26 68.21 -132.56
C LEU HC 203 -40.99 69.70 -132.80
N GLN HC 204 -41.99 70.45 -133.28
CA GLN HC 204 -41.84 71.91 -133.38
C GLN HC 204 -41.71 72.54 -132.00
N VAL HC 205 -42.53 72.09 -131.05
CA VAL HC 205 -42.45 72.59 -129.66
C VAL HC 205 -41.11 72.24 -129.03
N ALA HC 206 -40.63 71.02 -129.27
CA ALA HC 206 -39.35 70.58 -128.70
C ALA HC 206 -38.17 71.30 -129.34
N ASN HC 207 -38.25 71.62 -130.63
CA ASN HC 207 -37.18 72.38 -131.28
C ASN HC 207 -37.22 73.84 -130.86
N ALA HC 208 -38.40 74.34 -130.50
CA ALA HC 208 -38.52 75.72 -130.04
C ALA HC 208 -38.04 75.91 -128.61
N ILE HC 209 -38.36 74.96 -127.73
CA ILE HC 209 -38.19 75.15 -126.29
C ILE HC 209 -37.01 74.35 -125.74
N GLN HC 210 -36.78 73.14 -126.27
CA GLN HC 210 -35.82 72.13 -125.82
C GLN HC 210 -36.11 71.74 -124.37
N PRO HC 211 -37.18 70.97 -124.12
CA PRO HC 211 -37.58 70.67 -122.73
C PRO HC 211 -36.63 69.71 -122.01
N ASP HC 212 -36.93 69.43 -120.75
CA ASP HC 212 -36.11 68.52 -119.94
C ASP HC 212 -36.64 67.09 -119.97
N ASN HC 213 -37.93 66.90 -119.75
CA ASN HC 213 -38.52 65.56 -119.73
C ASN HC 213 -39.75 65.50 -120.60
N ILE HC 214 -40.01 64.31 -121.16
CA ILE HC 214 -41.19 64.05 -121.98
C ILE HC 214 -41.86 62.78 -121.46
N VAL HC 215 -43.11 62.91 -121.02
CA VAL HC 215 -43.85 61.80 -120.43
C VAL HC 215 -45.14 61.65 -121.23
N TYR HC 216 -45.39 60.43 -121.73
CA TYR HC 216 -46.61 60.14 -122.46
C TYR HC 216 -47.58 59.40 -121.56
N VAL HC 217 -48.87 59.66 -121.74
CA VAL HC 217 -49.92 59.05 -120.93
C VAL HC 217 -50.59 57.95 -121.74
N MET HC 218 -50.66 56.75 -121.15
CA MET HC 218 -51.28 55.59 -121.79
C MET HC 218 -52.35 55.02 -120.88
N ASP HC 219 -53.28 54.29 -121.48
CA ASP HC 219 -54.40 53.70 -120.77
C ASP HC 219 -54.16 52.21 -120.54
N ALA HC 220 -54.97 51.66 -119.63
CA ALA HC 220 -55.00 50.22 -119.39
C ALA HC 220 -56.11 49.52 -120.18
N SER HC 221 -57.01 50.28 -120.80
CA SER HC 221 -58.11 49.67 -121.54
C SER HC 221 -57.68 49.27 -122.94
N ILE HC 222 -56.52 49.77 -123.40
CA ILE HC 222 -56.07 49.47 -124.75
C ILE HC 222 -55.54 48.04 -124.83
N GLY HC 223 -54.72 47.64 -123.86
CA GLY HC 223 -54.26 46.27 -123.77
C GLY HC 223 -53.03 45.96 -124.60
N GLN HC 224 -53.15 45.01 -125.53
CA GLN HC 224 -51.99 44.59 -126.31
C GLN HC 224 -51.88 45.36 -127.61
N ALA HC 225 -52.67 46.42 -127.76
CA ALA HC 225 -52.56 47.30 -128.91
C ALA HC 225 -51.69 48.50 -128.58
N CYS HC 226 -51.00 48.44 -127.43
CA CYS HC 226 -50.13 49.54 -127.04
C CYS HC 226 -48.78 49.46 -127.73
N GLU HC 227 -48.48 48.31 -128.36
CA GLU HC 227 -47.14 48.03 -128.85
C GLU HC 227 -46.80 48.88 -130.08
N ALA HC 228 -47.71 48.92 -131.05
CA ALA HC 228 -47.47 49.67 -132.28
C ALA HC 228 -47.42 51.18 -132.02
N GLN HC 229 -48.17 51.64 -131.02
CA GLN HC 229 -48.09 53.05 -130.63
C GLN HC 229 -46.77 53.32 -129.91
N ALA HC 230 -46.40 52.44 -128.97
CA ALA HC 230 -45.20 52.60 -128.15
C ALA HC 230 -43.92 52.55 -128.96
N LYS HC 231 -43.93 51.81 -130.08
CA LYS HC 231 -42.80 51.85 -131.01
C LYS HC 231 -42.54 53.26 -131.51
N ALA HC 232 -43.61 53.96 -131.92
CA ALA HC 232 -43.48 55.35 -132.33
C ALA HC 232 -43.12 56.27 -131.16
N PHE HC 233 -43.76 56.06 -130.00
CA PHE HC 233 -43.48 56.87 -128.81
C PHE HC 233 -42.04 56.76 -128.34
N LYS HC 234 -41.37 55.63 -128.57
CA LYS HC 234 -40.02 55.43 -128.08
C LYS HC 234 -38.97 55.56 -129.18
N ASP HC 235 -39.41 55.61 -130.44
CA ASP HC 235 -38.47 55.90 -131.53
C ASP HC 235 -38.41 57.38 -131.84
N LYS HC 236 -39.48 58.13 -131.60
CA LYS HC 236 -39.44 59.56 -131.90
C LYS HC 236 -38.68 60.33 -130.84
N VAL HC 237 -38.89 59.99 -129.56
CA VAL HC 237 -38.15 60.58 -128.45
C VAL HC 237 -37.56 59.42 -127.66
N ASP HC 238 -36.23 59.40 -127.53
CA ASP HC 238 -35.57 58.33 -126.77
C ASP HC 238 -35.68 58.53 -125.26
N VAL HC 239 -35.25 59.69 -124.75
CA VAL HC 239 -35.37 59.97 -123.31
C VAL HC 239 -36.81 60.39 -123.04
N ALA HC 240 -37.65 59.42 -122.69
CA ALA HC 240 -39.07 59.67 -122.45
C ALA HC 240 -39.60 58.57 -121.54
N SER HC 241 -40.76 58.80 -120.96
CA SER HC 241 -41.34 57.84 -120.02
C SER HC 241 -42.84 57.72 -120.22
N VAL HC 242 -43.43 56.78 -119.48
CA VAL HC 242 -44.83 56.41 -119.62
C VAL HC 242 -45.52 56.65 -118.27
N ILE HC 243 -46.82 56.99 -118.31
CA ILE HC 243 -47.71 56.89 -117.16
C ILE HC 243 -48.91 56.06 -117.59
N VAL HC 244 -49.08 54.89 -116.98
CA VAL HC 244 -50.21 54.01 -117.26
C VAL HC 244 -51.33 54.35 -116.28
N THR HC 245 -52.52 54.64 -116.81
CA THR HC 245 -53.64 55.11 -116.00
C THR HC 245 -54.81 54.14 -116.08
N LYS HC 246 -55.84 54.44 -115.28
CA LYS HC 246 -57.13 53.76 -115.23
C LYS HC 246 -57.03 52.28 -114.89
N LEU HC 247 -56.60 51.94 -113.66
CA LEU HC 247 -56.45 50.54 -113.28
C LEU HC 247 -57.73 49.95 -112.71
N ASP HC 248 -58.43 50.70 -111.85
CA ASP HC 248 -59.57 50.12 -111.13
C ASP HC 248 -60.81 49.98 -112.00
N GLY HC 249 -60.84 50.61 -113.18
CA GLY HC 249 -61.98 50.48 -114.05
C GLY HC 249 -61.91 49.38 -115.08
N HIS HC 250 -60.79 48.67 -115.15
CA HIS HC 250 -60.59 47.62 -116.15
C HIS HC 250 -59.79 46.48 -115.54
N ALA HC 251 -59.78 45.33 -116.21
CA ALA HC 251 -58.96 44.21 -115.81
C ALA HC 251 -57.79 43.96 -116.74
N LYS HC 252 -57.30 44.98 -117.44
CA LYS HC 252 -56.34 44.82 -118.53
C LYS HC 252 -55.09 45.67 -118.34
N GLY HC 253 -54.72 45.95 -117.09
CA GLY HC 253 -53.53 46.75 -116.83
C GLY HC 253 -52.22 46.01 -116.98
N GLY HC 254 -52.19 44.73 -116.62
CA GLY HC 254 -50.99 43.92 -116.73
C GLY HC 254 -50.55 43.71 -118.17
N GLY HC 255 -51.51 43.70 -119.10
CA GLY HC 255 -51.16 43.61 -120.51
C GLY HC 255 -50.50 44.87 -121.03
N ALA HC 256 -50.97 46.04 -120.59
CA ALA HC 256 -50.31 47.29 -120.94
C ALA HC 256 -48.92 47.38 -120.31
N LEU HC 257 -48.78 46.91 -119.07
CA LEU HC 257 -47.49 46.87 -118.42
C LEU HC 257 -46.53 45.94 -119.15
N SER HC 258 -47.04 44.80 -119.63
CA SER HC 258 -46.21 43.86 -120.37
C SER HC 258 -45.84 44.41 -121.75
N ALA HC 259 -46.74 45.20 -122.36
CA ALA HC 259 -46.43 45.83 -123.64
C ALA HC 259 -45.34 46.88 -123.49
N VAL HC 260 -45.42 47.69 -122.43
CA VAL HC 260 -44.37 48.67 -122.15
C VAL HC 260 -43.05 48.00 -121.79
N ALA HC 261 -43.09 46.88 -121.05
CA ALA HC 261 -41.86 46.16 -120.73
C ALA HC 261 -41.27 45.47 -121.96
N ALA HC 262 -42.12 45.05 -122.90
CA ALA HC 262 -41.61 44.46 -124.14
C ALA HC 262 -41.01 45.52 -125.05
N THR HC 263 -41.54 46.74 -124.99
CA THR HC 263 -40.92 47.85 -125.68
C THR HC 263 -39.84 48.55 -124.85
N LYS HC 264 -39.48 47.96 -123.70
CA LYS HC 264 -38.27 48.26 -122.93
C LYS HC 264 -38.15 49.70 -122.44
N SER HC 265 -39.03 50.13 -121.55
CA SER HC 265 -38.90 51.43 -120.90
C SER HC 265 -39.35 51.38 -119.46
N PRO HC 266 -38.77 52.21 -118.57
CA PRO HC 266 -39.27 52.29 -117.18
C PRO HC 266 -40.48 53.19 -117.06
N ILE HC 267 -41.31 52.98 -116.03
CA ILE HC 267 -42.52 53.76 -115.82
C ILE HC 267 -42.41 54.53 -114.51
N ILE HC 268 -42.71 55.83 -114.54
CA ILE HC 268 -42.53 56.72 -113.39
C ILE HC 268 -43.78 56.76 -112.51
N PHE HC 269 -44.90 57.24 -113.04
CA PHE HC 269 -46.12 57.39 -112.25
C PHE HC 269 -47.16 56.38 -112.71
N ILE HC 270 -48.17 56.15 -111.88
CA ILE HC 270 -49.28 55.27 -112.23
C ILE HC 270 -50.56 55.81 -111.60
N GLY HC 271 -51.68 55.62 -112.31
CA GLY HC 271 -52.97 56.11 -111.85
C GLY HC 271 -53.90 54.96 -111.51
N THR HC 272 -54.65 55.14 -110.43
CA THR HC 272 -55.51 54.09 -109.87
C THR HC 272 -56.92 54.60 -109.61
N GLY HC 273 -57.53 55.29 -110.56
CA GLY HC 273 -58.94 55.62 -110.45
C GLY HC 273 -59.22 57.06 -110.86
N GLU HC 274 -60.42 57.52 -110.49
CA GLU HC 274 -60.92 58.84 -110.89
C GLU HC 274 -60.74 59.91 -109.82
N HIS HC 275 -60.45 59.53 -108.57
CA HIS HC 275 -60.31 60.52 -107.50
C HIS HC 275 -58.99 61.28 -107.62
N ILE HC 276 -58.87 62.33 -106.79
CA ILE HC 276 -57.68 63.17 -106.77
C ILE HC 276 -56.47 62.38 -106.26
N ASP HC 277 -56.68 61.51 -105.27
CA ASP HC 277 -55.61 60.85 -104.54
C ASP HC 277 -55.09 59.59 -105.23
N ASP HC 278 -55.50 59.34 -106.47
CA ASP HC 278 -55.24 58.04 -107.11
C ASP HC 278 -54.03 58.07 -108.04
N PHE HC 279 -52.89 58.46 -107.50
CA PHE HC 279 -51.63 58.42 -108.25
C PHE HC 279 -50.49 58.01 -107.32
N GLU HC 280 -49.58 57.20 -107.86
CA GLU HC 280 -48.49 56.65 -107.08
C GLU HC 280 -47.22 56.66 -107.92
N PRO HC 281 -46.06 56.95 -107.32
CA PRO HC 281 -44.80 56.65 -107.99
C PRO HC 281 -44.49 55.17 -107.94
N PHE HC 282 -43.43 54.77 -108.64
CA PHE HC 282 -43.04 53.36 -108.74
C PHE HC 282 -41.98 52.90 -107.75
N LYS HC 283 -42.38 52.04 -106.83
CA LYS HC 283 -41.47 51.19 -106.08
C LYS HC 283 -41.55 49.80 -106.70
N THR HC 284 -40.77 49.58 -107.77
CA THR HC 284 -41.01 48.58 -108.81
C THR HC 284 -41.17 47.15 -108.30
N GLN HC 285 -40.10 46.58 -107.73
CA GLN HC 285 -40.19 45.21 -107.22
C GLN HC 285 -41.11 45.06 -106.01
N PRO HC 286 -41.16 45.98 -105.02
CA PRO HC 286 -42.19 45.84 -103.98
C PRO HC 286 -43.64 46.00 -104.44
N PHE HC 287 -43.94 46.63 -105.59
CA PHE HC 287 -45.31 46.57 -106.12
C PHE HC 287 -45.69 45.15 -106.49
N ILE HC 288 -44.81 44.44 -107.22
CA ILE HC 288 -45.07 43.04 -107.57
C ILE HC 288 -45.13 42.17 -106.31
N SER HC 289 -44.31 42.50 -105.29
CA SER HC 289 -44.33 41.68 -104.08
C SER HC 289 -45.62 41.88 -103.28
N LYS HC 290 -46.04 43.15 -103.12
CA LYS HC 290 -47.29 43.45 -102.41
C LYS HC 290 -48.50 42.90 -103.16
N LEU HC 291 -48.42 42.84 -104.49
CA LEU HC 291 -49.46 42.18 -105.27
C LEU HC 291 -49.48 40.67 -105.02
N LEU HC 292 -48.36 39.98 -105.21
CA LEU HC 292 -48.38 38.52 -105.17
C LEU HC 292 -48.47 38.01 -103.74
N GLY HC 293 -47.45 38.28 -102.92
CA GLY HC 293 -47.46 37.75 -101.56
C GLY HC 293 -47.32 38.83 -100.51
N MET HC 294 -48.38 39.00 -99.71
CA MET HC 294 -48.58 40.12 -98.77
C MET HC 294 -47.43 40.38 -97.80
N GLN HC 323 -49.41 58.99 -70.12
CA GLN HC 323 -50.74 59.58 -70.02
C GLN HC 323 -51.30 59.90 -71.41
N PHE HC 324 -52.37 59.20 -71.78
CA PHE HC 324 -52.99 59.31 -73.10
C PHE HC 324 -54.29 60.10 -72.98
N THR HC 325 -54.41 61.17 -73.77
CA THR HC 325 -55.54 62.09 -73.67
C THR HC 325 -56.34 62.11 -74.97
N LEU HC 326 -57.47 62.83 -74.92
CA LEU HC 326 -58.25 63.09 -76.12
C LEU HC 326 -57.50 63.96 -77.12
N ARG HC 327 -56.72 64.93 -76.63
CA ARG HC 327 -55.86 65.71 -77.53
C ARG HC 327 -54.75 64.83 -78.10
N ASP HC 328 -54.27 63.86 -77.33
CA ASP HC 328 -53.28 62.91 -77.85
C ASP HC 328 -53.86 62.06 -78.97
N MET HC 329 -55.11 61.58 -78.81
CA MET HC 329 -55.73 60.80 -79.87
C MET HC 329 -56.06 61.67 -81.08
N TYR HC 330 -56.41 62.94 -80.84
CA TYR HC 330 -56.67 63.86 -81.94
C TYR HC 330 -55.40 64.18 -82.73
N GLU HC 331 -54.28 64.34 -82.02
CA GLU HC 331 -53.02 64.63 -82.71
C GLU HC 331 -52.45 63.40 -83.40
N GLN HC 332 -52.67 62.21 -82.82
CA GLN HC 332 -52.28 60.98 -83.50
C GLN HC 332 -53.15 60.73 -84.73
N PHE HC 333 -54.42 61.13 -84.68
CA PHE HC 333 -55.25 61.04 -85.88
C PHE HC 333 -54.85 62.08 -86.91
N GLN HC 334 -54.37 63.25 -86.47
CA GLN HC 334 -53.75 64.20 -87.40
C GLN HC 334 -52.52 63.61 -88.08
N ASN HC 335 -51.66 62.92 -87.31
CA ASN HC 335 -50.47 62.32 -87.90
C ASN HC 335 -50.81 61.16 -88.81
N ILE HC 336 -51.87 60.41 -88.49
CA ILE HC 336 -52.27 59.28 -89.32
C ILE HC 336 -52.93 59.76 -90.60
N MET HC 337 -53.73 60.83 -90.54
CA MET HC 337 -54.29 61.36 -91.79
C MET HC 337 -53.26 62.21 -92.55
N LYS HC 338 -52.18 62.59 -91.89
CA LYS HC 338 -51.05 63.21 -92.59
C LYS HC 338 -50.27 62.15 -93.37
N MET HC 339 -50.15 60.95 -92.79
CA MET HC 339 -49.72 59.77 -93.53
C MET HC 339 -50.87 59.12 -94.32
N GLY HC 340 -52.01 59.78 -94.37
CA GLY HC 340 -53.20 59.39 -95.08
C GLY HC 340 -53.12 58.78 -96.47
N PRO HC 341 -52.61 59.55 -97.51
CA PRO HC 341 -52.91 59.18 -98.91
C PRO HC 341 -52.44 57.81 -99.36
N PHE HC 342 -51.14 57.58 -99.53
CA PHE HC 342 -50.36 56.45 -99.00
C PHE HC 342 -51.06 55.10 -98.80
N SER HC 343 -52.12 54.78 -99.54
CA SER HC 343 -52.97 53.65 -99.15
C SER HC 343 -52.45 52.35 -99.74
N GLN HC 344 -51.71 52.45 -100.84
CA GLN HC 344 -51.18 51.25 -101.46
C GLN HC 344 -49.93 50.77 -100.72
N ILE HC 345 -49.30 51.68 -99.96
CA ILE HC 345 -48.15 51.32 -99.14
C ILE HC 345 -48.62 50.87 -97.75
N LEU HC 346 -49.54 51.61 -97.14
CA LEU HC 346 -49.92 51.34 -95.76
C LEU HC 346 -50.85 50.13 -95.65
N GLY HC 347 -51.50 49.75 -96.75
CA GLY HC 347 -52.47 48.68 -96.68
C GLY HC 347 -52.00 47.34 -97.20
N MET HC 348 -50.81 47.27 -97.77
CA MET HC 348 -50.28 46.05 -98.35
C MET HC 348 -49.01 45.56 -97.66
N ILE HC 349 -48.98 45.61 -96.34
CA ILE HC 349 -47.84 45.21 -95.51
C ILE HC 349 -48.16 43.84 -94.91
N PRO HC 350 -47.20 42.90 -94.89
CA PRO HC 350 -47.49 41.58 -94.29
C PRO HC 350 -47.75 41.65 -92.80
N GLY HC 351 -48.77 40.91 -92.37
CA GLY HC 351 -49.22 40.92 -91.00
C GLY HC 351 -50.61 41.50 -90.79
N PHE HC 352 -51.42 41.60 -91.84
CA PHE HC 352 -52.75 42.20 -91.69
C PHE HC 352 -53.83 41.13 -91.63
N GLY HC 353 -53.75 40.11 -92.48
CA GLY HC 353 -54.74 39.07 -92.52
C GLY HC 353 -55.66 39.19 -93.73
N THR HC 354 -56.57 38.23 -93.82
CA THR HC 354 -57.50 38.18 -94.93
C THR HC 354 -58.76 39.00 -94.63
N ASP HC 355 -59.72 38.95 -95.58
CA ASP HC 355 -61.00 39.65 -95.54
C ASP HC 355 -60.81 41.17 -95.46
N PHE HC 356 -60.12 41.70 -96.48
CA PHE HC 356 -59.97 43.14 -96.64
C PHE HC 356 -60.08 43.54 -98.10
N MET HC 357 -59.32 44.57 -98.49
CA MET HC 357 -59.11 45.08 -99.85
C MET HC 357 -60.36 45.74 -100.46
N SER HC 358 -61.52 45.68 -99.82
CA SER HC 358 -62.65 46.48 -100.29
C SER HC 358 -63.16 47.42 -99.21
N LYS HC 359 -63.59 46.83 -98.09
CA LYS HC 359 -64.24 47.51 -96.95
C LYS HC 359 -65.34 48.47 -97.42
N GLY HC 360 -66.23 47.97 -98.27
CA GLY HC 360 -67.23 48.80 -98.89
C GLY HC 360 -66.64 49.81 -99.85
N ASN HC 361 -65.91 49.30 -100.85
CA ASN HC 361 -65.20 49.96 -101.95
C ASN HC 361 -64.30 51.13 -101.53
N GLU HC 362 -63.85 51.13 -100.27
CA GLU HC 362 -62.84 52.00 -99.69
C GLU HC 362 -63.15 53.48 -99.85
N GLN HC 363 -63.94 54.05 -98.94
CA GLN HC 363 -64.29 55.47 -98.95
C GLN HC 363 -64.77 55.94 -97.59
N GLU HC 364 -65.75 55.23 -97.01
CA GLU HC 364 -66.44 55.73 -95.82
C GLU HC 364 -65.56 55.63 -94.58
N SER HC 365 -64.63 54.67 -94.56
CA SER HC 365 -63.74 54.52 -93.41
C SER HC 365 -62.71 55.65 -93.35
N MET HC 366 -62.32 56.17 -94.52
CA MET HC 366 -61.48 57.35 -94.55
C MET HC 366 -62.29 58.63 -94.35
N ALA HC 367 -63.58 58.59 -94.73
CA ALA HC 367 -64.40 59.79 -94.68
C ALA HC 367 -64.85 60.11 -93.25
N ARG HC 368 -65.16 59.08 -92.46
CA ARG HC 368 -65.75 59.31 -91.14
C ARG HC 368 -64.71 59.78 -90.12
N LEU HC 369 -63.43 59.63 -90.44
CA LEU HC 369 -62.34 60.05 -89.56
C LEU HC 369 -62.34 61.55 -89.35
N LYS HC 370 -62.62 62.31 -90.41
CA LYS HC 370 -62.71 63.77 -90.28
C LYS HC 370 -63.91 64.18 -89.45
N LYS HC 371 -65.01 63.41 -89.55
CA LYS HC 371 -66.18 63.65 -88.70
C LYS HC 371 -65.88 63.41 -87.23
N LEU HC 372 -65.14 62.34 -86.92
CA LEU HC 372 -64.73 62.09 -85.55
C LEU HC 372 -63.74 63.14 -85.05
N MET HC 373 -62.88 63.64 -85.95
CA MET HC 373 -61.98 64.74 -85.61
C MET HC 373 -62.73 66.02 -85.30
N THR HC 374 -63.86 66.26 -85.97
CA THR HC 374 -64.67 67.43 -85.64
C THR HC 374 -65.43 67.25 -84.32
N ILE HC 375 -65.84 66.01 -84.02
CA ILE HC 375 -66.40 65.71 -82.70
C ILE HC 375 -65.38 66.00 -81.60
N MET HC 376 -64.10 65.67 -81.85
CA MET HC 376 -63.04 66.04 -80.93
C MET HC 376 -62.72 67.54 -80.95
N ASP HC 377 -62.95 68.21 -82.09
CA ASP HC 377 -62.78 69.66 -82.18
C ASP HC 377 -63.89 70.43 -81.46
N SER HC 378 -64.98 69.76 -81.11
CA SER HC 378 -66.00 70.35 -80.27
C SER HC 378 -65.68 70.28 -78.78
N MET HC 379 -64.40 70.13 -78.41
CA MET HC 379 -63.96 70.05 -77.01
C MET HC 379 -62.97 71.19 -76.76
N ASN HC 380 -62.87 71.59 -75.50
CA ASN HC 380 -61.96 72.68 -75.12
C ASN HC 380 -60.63 72.17 -74.58
N ASP HC 381 -59.80 73.09 -74.07
CA ASP HC 381 -58.46 72.72 -73.63
C ASP HC 381 -58.49 71.90 -72.34
N GLN HC 382 -59.52 72.09 -71.52
CA GLN HC 382 -59.63 71.34 -70.27
C GLN HC 382 -59.99 69.87 -70.53
N GLU HC 383 -60.95 69.64 -71.42
CA GLU HC 383 -61.36 68.28 -71.76
C GLU HC 383 -60.30 67.56 -72.56
N LEU HC 384 -59.55 68.29 -73.39
CA LEU HC 384 -58.51 67.67 -74.21
C LEU HC 384 -57.22 67.46 -73.41
N ASP HC 385 -56.99 68.28 -72.38
CA ASP HC 385 -55.76 68.23 -71.60
C ASP HC 385 -55.92 67.56 -70.25
N SER HC 386 -57.13 67.13 -69.90
CA SER HC 386 -57.31 66.37 -68.67
C SER HC 386 -56.77 64.96 -68.84
N THR HC 387 -56.57 64.27 -67.71
CA THR HC 387 -55.93 62.96 -67.74
C THR HC 387 -56.84 61.89 -68.34
N ASP HC 388 -58.09 61.79 -67.86
CA ASP HC 388 -59.03 60.79 -68.36
C ASP HC 388 -60.30 61.53 -68.78
N GLY HC 389 -60.40 61.80 -70.09
CA GLY HC 389 -61.56 62.52 -70.61
C GLY HC 389 -62.85 61.73 -70.53
N ALA HC 390 -62.77 60.40 -70.55
CA ALA HC 390 -63.96 59.58 -70.34
C ALA HC 390 -64.44 59.67 -68.91
N LYS HC 391 -63.52 59.73 -67.95
CA LYS HC 391 -63.90 59.89 -66.54
C LYS HC 391 -64.48 61.28 -66.29
N VAL HC 392 -63.90 62.31 -66.90
CA VAL HC 392 -64.45 63.67 -66.80
C VAL HC 392 -65.83 63.77 -67.43
N PHE HC 393 -66.04 63.12 -68.59
CA PHE HC 393 -67.36 63.09 -69.22
C PHE HC 393 -68.38 62.24 -68.46
N SER HC 394 -67.93 61.22 -67.72
CA SER HC 394 -68.84 60.47 -66.88
C SER HC 394 -69.22 61.25 -65.63
N LYS HC 395 -68.28 62.05 -65.09
CA LYS HC 395 -68.60 62.92 -63.96
C LYS HC 395 -69.53 64.06 -64.36
N GLN HC 396 -69.32 64.64 -65.54
CA GLN HC 396 -70.15 65.74 -66.03
C GLN HC 396 -70.83 65.31 -67.33
N PRO HC 397 -72.10 64.89 -67.25
CA PRO HC 397 -72.81 64.46 -68.46
C PRO HC 397 -73.19 65.61 -69.38
N GLY HC 398 -73.18 66.86 -68.88
CA GLY HC 398 -73.46 67.99 -69.75
C GLY HC 398 -72.33 68.29 -70.71
N ARG HC 399 -71.11 67.85 -70.38
CA ARG HC 399 -69.99 67.96 -71.32
C ARG HC 399 -70.20 67.09 -72.55
N ILE HC 400 -70.83 65.92 -72.37
CA ILE HC 400 -71.24 65.10 -73.50
C ILE HC 400 -72.31 65.82 -74.32
N GLN HC 401 -73.20 66.54 -73.64
CA GLN HC 401 -74.30 67.20 -74.31
C GLN HC 401 -73.84 68.51 -74.95
N ARG HC 402 -72.68 69.02 -74.53
CA ARG HC 402 -72.17 70.28 -75.07
C ARG HC 402 -71.49 70.05 -76.42
N VAL HC 403 -71.00 68.83 -76.65
CA VAL HC 403 -70.41 68.47 -77.95
C VAL HC 403 -71.47 68.50 -79.04
N ALA HC 404 -72.70 68.11 -78.70
CA ALA HC 404 -73.75 67.97 -79.70
C ALA HC 404 -74.25 69.31 -80.21
N ARG HC 405 -74.01 70.39 -79.47
CA ARG HC 405 -74.43 71.71 -79.93
C ARG HC 405 -73.55 72.19 -81.07
N GLY HC 406 -72.26 71.87 -81.03
CA GLY HC 406 -71.34 72.44 -81.99
C GLY HC 406 -70.86 71.49 -83.07
N SER HC 407 -70.85 70.19 -82.76
CA SER HC 407 -70.56 69.20 -83.78
C SER HC 407 -71.79 68.87 -84.61
N GLY HC 408 -72.98 68.93 -84.02
CA GLY HC 408 -74.21 68.64 -84.73
C GLY HC 408 -74.44 67.16 -84.98
N VAL HC 409 -73.57 66.30 -84.48
CA VAL HC 409 -73.74 64.86 -84.55
C VAL HC 409 -74.60 64.45 -83.35
N SER HC 410 -75.19 63.27 -83.45
CA SER HC 410 -76.10 62.79 -82.42
C SER HC 410 -75.35 62.45 -81.13
N THR HC 411 -76.07 62.58 -80.01
CA THR HC 411 -75.51 62.26 -78.71
C THR HC 411 -75.25 60.76 -78.59
N ARG HC 412 -76.02 59.95 -79.31
CA ARG HC 412 -75.75 58.52 -79.40
C ARG HC 412 -74.41 58.26 -80.09
N ASP HC 413 -74.10 59.02 -81.14
CA ASP HC 413 -72.81 58.86 -81.81
C ASP HC 413 -71.66 59.38 -80.95
N VAL HC 414 -71.91 60.44 -80.17
CA VAL HC 414 -70.94 60.90 -79.17
C VAL HC 414 -70.65 59.84 -78.12
N GLN HC 415 -71.69 59.21 -77.57
CA GLN HC 415 -71.53 58.11 -76.62
C GLN HC 415 -70.86 56.88 -77.21
N GLU HC 416 -71.13 56.57 -78.49
CA GLU HC 416 -70.41 55.48 -79.16
C GLU HC 416 -68.94 55.80 -79.33
N LEU HC 417 -68.63 57.06 -79.66
CA LEU HC 417 -67.24 57.51 -79.72
C LEU HC 417 -66.56 57.41 -78.36
N LEU HC 418 -67.31 57.70 -77.30
CA LEU HC 418 -66.71 57.65 -75.96
C LEU HC 418 -66.48 56.21 -75.50
N THR HC 419 -67.38 55.30 -75.87
CA THR HC 419 -67.15 53.89 -75.56
C THR HC 419 -65.99 53.32 -76.37
N GLN HC 420 -65.85 53.74 -77.63
CA GLN HC 420 -64.71 53.32 -78.43
C GLN HC 420 -63.42 53.91 -77.89
N TYR HC 421 -63.45 55.16 -77.40
CA TYR HC 421 -62.28 55.75 -76.76
C TYR HC 421 -61.94 55.06 -75.45
N THR HC 422 -62.95 54.60 -74.71
CA THR HC 422 -62.72 53.89 -73.46
C THR HC 422 -62.05 52.55 -73.70
N LYS HC 423 -62.58 51.77 -74.66
CA LYS HC 423 -61.94 50.50 -75.02
C LYS HC 423 -60.56 50.72 -75.64
N PHE HC 424 -60.40 51.83 -76.37
CA PHE HC 424 -59.13 52.19 -76.99
C PHE HC 424 -58.08 52.50 -75.93
N ALA HC 425 -58.45 53.29 -74.92
CA ALA HC 425 -57.51 53.65 -73.86
C ALA HC 425 -57.22 52.45 -72.95
N GLN HC 426 -58.19 51.55 -72.78
CA GLN HC 426 -57.92 50.31 -72.06
C GLN HC 426 -56.91 49.44 -72.80
N MET HC 427 -57.06 49.34 -74.13
CA MET HC 427 -56.09 48.58 -74.92
C MET HC 427 -54.73 49.27 -74.98
N VAL HC 428 -54.70 50.60 -74.87
CA VAL HC 428 -53.41 51.30 -74.83
C VAL HC 428 -52.71 51.07 -73.50
N LYS HC 429 -53.40 51.29 -72.36
CA LYS HC 429 -52.72 51.14 -71.07
C LYS HC 429 -52.52 49.69 -70.67
N LYS HC 430 -53.17 48.74 -71.34
CA LYS HC 430 -52.78 47.34 -71.23
C LYS HC 430 -51.66 47.00 -72.19
N MET HC 431 -51.62 47.66 -73.35
CA MET HC 431 -50.60 47.46 -74.37
C MET HC 431 -49.24 47.97 -73.93
N ASP JC 1 -94.25 67.62 -104.89
CA ASP JC 1 -93.26 68.05 -103.90
C ASP JC 1 -93.65 69.38 -103.27
N ARG JC 2 -94.90 69.79 -103.51
CA ARG JC 2 -95.43 71.02 -102.93
C ARG JC 2 -96.23 70.68 -101.66
N PHE JC 3 -95.57 69.92 -100.78
CA PHE JC 3 -96.21 69.32 -99.61
C PHE JC 3 -95.66 69.95 -98.35
N ILE JC 4 -96.56 70.29 -97.42
CA ILE JC 4 -96.16 71.07 -96.25
C ILE JC 4 -95.57 70.14 -95.20
N CYS JC 5 -94.73 70.71 -94.33
CA CYS JC 5 -93.97 69.94 -93.37
C CYS JC 5 -94.53 70.09 -91.97
N ILE JC 6 -94.56 68.97 -91.24
CA ILE JC 6 -94.89 68.97 -89.82
C ILE JC 6 -93.80 68.23 -89.06
N TYR JC 7 -93.23 68.89 -88.00
CA TYR JC 7 -92.19 68.69 -87.01
C TYR JC 7 -92.78 68.46 -85.62
N PRO JC 8 -92.16 67.60 -84.81
CA PRO JC 8 -92.65 67.42 -83.43
C PRO JC 8 -92.39 68.62 -82.52
N ALA JC 9 -91.43 69.49 -82.86
CA ALA JC 9 -91.18 70.68 -82.06
C ALA JC 9 -92.29 71.71 -82.24
N TYR JC 10 -93.03 71.61 -83.36
CA TYR JC 10 -94.22 72.43 -83.55
C TYR JC 10 -95.32 72.10 -82.55
N LEU JC 11 -95.37 70.86 -82.07
CA LEU JC 11 -96.45 70.40 -81.21
C LEU JC 11 -96.02 70.14 -79.77
N ASN JC 12 -94.72 70.14 -79.48
CA ASN JC 12 -94.23 69.87 -78.13
C ASN JC 12 -94.45 71.10 -77.25
N ASN JC 13 -95.08 70.90 -76.08
CA ASN JC 13 -95.31 71.98 -75.14
C ASN JC 13 -94.09 72.33 -74.29
N LYS JC 14 -93.12 71.42 -74.18
CA LYS JC 14 -91.93 71.64 -73.36
C LYS JC 14 -90.82 72.36 -74.13
N LYS JC 15 -91.15 72.92 -75.29
CA LYS JC 15 -90.22 73.72 -76.08
C LYS JC 15 -90.84 75.09 -76.31
N THR JC 16 -90.02 76.13 -76.22
CA THR JC 16 -90.52 77.49 -76.30
C THR JC 16 -90.70 77.93 -77.74
N ILE JC 17 -91.07 79.21 -77.91
CA ILE JC 17 -91.23 79.79 -79.25
C ILE JC 17 -89.89 79.87 -79.96
N ALA JC 18 -88.83 80.21 -79.22
CA ALA JC 18 -87.49 80.26 -79.79
C ALA JC 18 -86.89 78.88 -80.02
N GLU JC 19 -87.51 77.82 -79.50
CA GLU JC 19 -87.07 76.46 -79.76
C GLU JC 19 -87.90 75.76 -80.83
N GLY JC 20 -88.87 76.44 -81.43
CA GLY JC 20 -89.58 75.87 -82.57
C GLY JC 20 -91.09 75.84 -82.49
N ARG JC 21 -91.66 76.02 -81.30
CA ARG JC 21 -93.10 75.85 -81.10
C ARG JC 21 -93.89 76.98 -81.73
N ARG JC 22 -94.94 76.60 -82.49
CA ARG JC 22 -95.80 77.53 -83.20
C ARG JC 22 -97.19 77.63 -82.62
N ILE JC 23 -97.63 76.67 -81.81
CA ILE JC 23 -98.99 76.62 -81.29
C ILE JC 23 -98.93 77.02 -79.82
N PRO JC 24 -100.04 77.47 -79.20
CA PRO JC 24 -99.98 77.77 -77.76
C PRO JC 24 -99.89 76.52 -76.90
N ILE JC 25 -99.54 76.72 -75.63
CA ILE JC 25 -99.20 75.60 -74.74
C ILE JC 25 -100.47 74.88 -74.28
N SER JC 26 -101.59 75.61 -74.18
CA SER JC 26 -102.81 75.05 -73.60
C SER JC 26 -103.47 74.03 -74.52
N LYS JC 27 -103.14 74.09 -75.82
CA LYS JC 27 -103.62 73.09 -76.77
C LYS JC 27 -102.52 72.15 -77.23
N ALA JC 28 -101.28 72.34 -76.78
CA ALA JC 28 -100.17 71.51 -77.19
C ALA JC 28 -100.14 70.20 -76.38
N VAL JC 29 -99.24 69.30 -76.77
CA VAL JC 29 -99.11 67.98 -76.16
C VAL JC 29 -97.69 67.81 -75.63
N GLU JC 30 -97.52 66.81 -74.77
CA GLU JC 30 -96.23 66.52 -74.17
C GLU JC 30 -95.51 65.41 -74.93
N ASN JC 31 -94.37 65.75 -75.53
CA ASN JC 31 -93.50 64.87 -76.29
C ASN JC 31 -94.22 64.09 -77.40
N PRO JC 32 -94.59 64.75 -78.50
CA PRO JC 32 -95.18 64.00 -79.62
C PRO JC 32 -94.11 63.40 -80.51
N THR JC 33 -94.47 62.34 -81.22
CA THR JC 33 -93.60 61.74 -82.22
C THR JC 33 -94.24 61.84 -83.60
N ALA JC 34 -93.40 61.77 -84.63
CA ALA JC 34 -93.86 61.94 -86.00
C ALA JC 34 -94.71 60.77 -86.46
N THR JC 35 -94.49 59.59 -85.87
CA THR JC 35 -95.36 58.45 -86.14
C THR JC 35 -96.78 58.70 -85.62
N GLU JC 36 -96.88 59.29 -84.42
CA GLU JC 36 -98.18 59.66 -83.88
C GLU JC 36 -98.82 60.79 -84.68
N ILE JC 37 -98.00 61.69 -85.21
CA ILE JC 37 -98.51 62.77 -86.07
C ILE JC 37 -99.09 62.19 -87.36
N GLN JC 38 -98.37 61.24 -87.96
CA GLN JC 38 -98.87 60.54 -89.15
C GLN JC 38 -100.15 59.77 -88.86
N ASP JC 39 -100.24 59.17 -87.67
CA ASP JC 39 -101.45 58.44 -87.29
C ASP JC 39 -102.65 59.37 -87.12
N VAL JC 40 -102.46 60.50 -86.43
CA VAL JC 40 -103.60 61.39 -86.20
C VAL JC 40 -103.95 62.20 -87.45
N CYS JC 41 -103.03 62.30 -88.42
CA CYS JC 41 -103.38 62.95 -89.68
C CYS JC 41 -104.00 61.97 -90.67
N SER JC 42 -103.63 60.69 -90.58
CA SER JC 42 -104.20 59.69 -91.48
C SER JC 42 -105.53 59.17 -90.95
N ALA JC 43 -105.81 59.41 -89.66
CA ALA JC 43 -107.09 58.98 -89.09
C ALA JC 43 -108.27 59.80 -89.60
N VAL JC 44 -108.02 61.02 -90.08
CA VAL JC 44 -109.10 61.87 -90.58
C VAL JC 44 -109.23 61.80 -92.10
N GLY JC 45 -108.18 61.37 -92.80
CA GLY JC 45 -108.24 61.22 -94.24
C GLY JC 45 -107.33 62.12 -95.04
N LEU JC 46 -106.28 62.66 -94.43
CA LEU JC 46 -105.34 63.51 -95.15
C LEU JC 46 -104.29 62.68 -95.87
N ASN JC 47 -103.77 63.22 -96.96
CA ASN JC 47 -102.74 62.54 -97.75
C ASN JC 47 -101.38 62.90 -97.16
N VAL JC 48 -100.86 62.02 -96.30
CA VAL JC 48 -99.62 62.27 -95.58
C VAL JC 48 -98.64 61.14 -95.85
N PHE JC 49 -97.35 61.42 -95.66
CA PHE JC 49 -96.34 60.38 -95.61
C PHE JC 49 -95.18 60.81 -94.71
N LEU JC 50 -94.35 59.84 -94.33
CA LEU JC 50 -93.36 60.01 -93.27
C LEU JC 50 -91.95 59.88 -93.84
N GLU JC 51 -91.06 60.79 -93.44
CA GLU JC 51 -89.63 60.69 -93.70
C GLU JC 51 -88.93 60.59 -92.35
N LYS JC 52 -88.44 59.40 -92.04
CA LYS JC 52 -87.96 59.10 -90.69
C LYS JC 52 -86.60 59.72 -90.39
N ASN JC 53 -85.80 60.01 -91.43
CA ASN JC 53 -84.41 60.45 -91.24
C ASN JC 53 -84.26 61.97 -91.36
N LYS JC 54 -85.32 62.72 -91.12
CA LYS JC 54 -85.26 64.18 -91.23
C LYS JC 54 -85.23 64.82 -89.84
N MET JC 55 -84.42 65.86 -89.70
CA MET JC 55 -84.22 66.57 -88.45
C MET JC 55 -84.59 68.03 -88.57
N TYR JC 56 -85.27 68.55 -87.57
CA TYR JC 56 -85.48 69.99 -87.45
C TYR JC 56 -84.21 70.65 -86.90
N SER JC 57 -83.97 71.89 -87.32
CA SER JC 57 -82.69 72.55 -87.05
C SER JC 57 -82.51 72.88 -85.58
N ARG JC 58 -83.58 73.25 -84.88
CA ARG JC 58 -83.52 73.52 -83.45
C ARG JC 58 -83.90 72.32 -82.60
N GLU JC 59 -84.30 71.21 -83.22
CA GLU JC 59 -84.52 69.96 -82.50
C GLU JC 59 -83.17 69.41 -82.07
N TRP JC 60 -82.96 69.35 -80.75
CA TRP JC 60 -81.63 69.21 -80.18
C TRP JC 60 -81.38 67.88 -79.50
N ASN JC 61 -82.39 67.25 -78.89
CA ASN JC 61 -82.24 65.90 -78.37
C ASN JC 61 -82.31 64.94 -79.57
N ARG JC 62 -81.15 64.47 -80.01
CA ARG JC 62 -80.98 63.77 -81.27
C ARG JC 62 -81.33 62.28 -81.21
N ASP JC 63 -82.09 61.83 -80.22
CA ASP JC 63 -82.44 60.42 -80.09
C ASP JC 63 -83.49 60.01 -81.12
N VAL JC 64 -83.85 58.73 -81.10
CA VAL JC 64 -84.68 58.17 -82.16
C VAL JC 64 -86.15 58.56 -81.98
N GLN JC 65 -86.54 58.94 -80.77
CA GLN JC 65 -87.94 59.30 -80.52
C GLN JC 65 -88.25 60.76 -80.83
N TYR JC 66 -87.30 61.50 -81.38
CA TYR JC 66 -87.51 62.90 -81.75
C TYR JC 66 -87.26 63.18 -83.23
N ARG JC 67 -86.94 62.16 -84.02
CA ARG JC 67 -86.58 62.38 -85.42
C ARG JC 67 -87.76 62.03 -86.32
N GLY JC 68 -87.94 62.82 -87.38
CA GLY JC 68 -88.97 62.54 -88.36
C GLY JC 68 -89.72 63.75 -88.87
N ARG JC 69 -90.21 63.67 -90.11
CA ARG JC 69 -90.98 64.73 -90.73
C ARG JC 69 -92.21 64.14 -91.40
N VAL JC 70 -93.34 64.82 -91.26
CA VAL JC 70 -94.60 64.41 -91.88
C VAL JC 70 -94.90 65.38 -93.01
N ARG JC 71 -94.96 64.86 -94.23
CA ARG JC 71 -95.31 65.66 -95.40
C ARG JC 71 -96.80 65.47 -95.70
N VAL JC 72 -97.51 66.60 -95.74
CA VAL JC 72 -98.97 66.63 -95.85
C VAL JC 72 -99.34 67.35 -97.14
N GLN JC 73 -100.29 66.79 -97.88
CA GLN JC 73 -100.82 67.43 -99.08
C GLN JC 73 -102.01 68.32 -98.71
N LEU JC 74 -101.99 69.55 -99.19
CA LEU JC 74 -103.09 70.48 -99.00
C LEU JC 74 -103.76 70.93 -100.29
N LYS JC 75 -103.11 70.77 -101.44
CA LYS JC 75 -103.64 71.22 -102.72
C LYS JC 75 -103.55 70.09 -103.74
N GLN JC 76 -104.52 70.04 -104.64
CA GLN JC 76 -104.61 68.98 -105.65
C GLN JC 76 -104.11 69.42 -107.01
N GLU JC 77 -103.14 70.34 -107.07
CA GLU JC 77 -102.62 70.99 -108.27
C GLU JC 77 -103.74 71.60 -109.12
N ASP JC 78 -104.68 72.29 -108.47
CA ASP JC 78 -105.70 73.06 -109.16
C ASP JC 78 -105.98 74.39 -108.49
N GLY JC 79 -105.32 74.69 -107.37
CA GLY JC 79 -105.58 75.87 -106.60
C GLY JC 79 -106.52 75.67 -105.43
N SER JC 80 -107.33 74.62 -105.46
CA SER JC 80 -108.30 74.37 -104.42
C SER JC 80 -107.71 73.48 -103.32
N LEU JC 81 -108.42 73.42 -102.20
CA LEU JC 81 -107.97 72.64 -101.05
C LEU JC 81 -108.41 71.19 -101.19
N CYS JC 82 -107.67 70.28 -100.54
CA CYS JC 82 -108.08 68.89 -100.48
C CYS JC 82 -109.33 68.73 -99.63
N LEU JC 83 -109.31 69.31 -98.43
CA LEU JC 83 -110.46 69.35 -97.54
C LEU JC 83 -110.66 70.78 -97.07
N VAL JC 84 -111.92 71.19 -96.96
CA VAL JC 84 -112.23 72.55 -96.50
C VAL JC 84 -112.08 72.70 -94.99
N GLN JC 85 -111.91 71.59 -94.27
CA GLN JC 85 -111.70 71.66 -92.82
C GLN JC 85 -110.30 72.14 -92.48
N PHE JC 86 -109.32 71.93 -93.37
CA PHE JC 86 -107.92 72.24 -93.11
C PHE JC 86 -107.41 73.22 -94.14
N PRO JC 87 -107.60 74.53 -93.93
CA PRO JC 87 -107.08 75.50 -94.91
C PRO JC 87 -105.63 75.88 -94.67
N SER JC 88 -105.10 75.70 -93.46
CA SER JC 88 -103.78 76.19 -93.12
C SER JC 88 -103.01 75.17 -92.30
N ARG JC 89 -101.70 75.40 -92.23
CA ARG JC 89 -100.80 74.53 -91.47
C ARG JC 89 -101.15 74.55 -89.98
N LYS JC 90 -101.50 75.72 -89.46
CA LYS JC 90 -101.92 75.83 -88.07
C LYS JC 90 -103.23 75.10 -87.81
N SER JC 91 -104.14 75.14 -88.80
CA SER JC 91 -105.40 74.41 -88.68
C SER JC 91 -105.18 72.90 -88.72
N VAL JC 92 -104.14 72.44 -89.41
CA VAL JC 92 -103.80 71.02 -89.36
C VAL JC 92 -103.16 70.67 -88.01
N MET JC 93 -102.26 71.53 -87.53
CA MET JC 93 -101.47 71.22 -86.35
C MET JC 93 -102.31 71.26 -85.07
N LEU JC 94 -103.32 72.14 -85.02
CA LEU JC 94 -104.18 72.18 -83.84
C LEU JC 94 -105.06 70.94 -83.75
N TYR JC 95 -105.56 70.45 -84.90
CA TYR JC 95 -106.34 69.22 -84.89
C TYR JC 95 -105.45 68.02 -84.60
N ALA JC 96 -104.19 68.06 -85.03
CA ALA JC 96 -103.25 67.00 -84.72
C ALA JC 96 -102.94 66.96 -83.23
N ALA JC 97 -102.76 68.13 -82.62
CA ALA JC 97 -102.51 68.20 -81.19
C ALA JC 97 -103.76 67.86 -80.39
N GLU JC 98 -104.94 68.06 -80.99
CA GLU JC 98 -106.17 67.61 -80.35
C GLU JC 98 -106.30 66.09 -80.39
N MET JC 99 -105.87 65.46 -81.48
CA MET JC 99 -106.07 64.03 -81.66
C MET JC 99 -104.92 63.16 -81.15
N ILE JC 100 -103.75 63.72 -80.84
CA ILE JC 100 -102.66 62.94 -80.27
C ILE JC 100 -102.95 62.32 -78.89
N PRO JC 101 -103.51 63.02 -77.87
CA PRO JC 101 -103.68 62.33 -76.57
C PRO JC 101 -104.77 61.25 -76.55
N LYS JC 102 -105.58 61.12 -77.61
CA LYS JC 102 -106.60 60.08 -77.64
C LYS JC 102 -106.05 58.72 -78.03
N LEU JC 103 -104.80 58.64 -78.49
CA LEU JC 103 -104.22 57.36 -78.89
C LEU JC 103 -103.74 56.57 -77.67
N LYS JC 104 -102.80 57.13 -76.92
CA LYS JC 104 -102.26 56.42 -75.76
C LYS JC 104 -103.15 56.57 -74.53
N THR JC 105 -103.68 57.77 -74.29
CA THR JC 105 -104.55 58.00 -73.14
C THR JC 105 -106.01 58.03 -73.56
N LEU KC 1 -72.36 122.67 -18.12
CA LEU KC 1 -71.68 122.21 -19.32
C LEU KC 1 -71.58 123.29 -20.37
N SER KC 2 -70.44 123.34 -21.07
CA SER KC 2 -70.22 124.32 -22.13
C SER KC 2 -69.43 123.67 -23.26
N LEU KC 3 -69.48 124.29 -24.43
CA LEU KC 3 -68.78 123.78 -25.60
C LEU KC 3 -68.51 124.94 -26.54
N GLU KC 4 -67.24 125.30 -26.71
CA GLU KC 4 -66.83 126.35 -27.63
C GLU KC 4 -66.87 125.79 -29.05
N ILE KC 5 -68.06 125.81 -29.63
CA ILE KC 5 -68.36 125.08 -30.87
C ILE KC 5 -67.58 125.66 -32.04
N LEU KC 6 -67.70 126.97 -32.24
CA LEU KC 6 -67.06 127.63 -33.39
C LEU KC 6 -65.55 127.59 -33.27
N GLN KC 7 -65.03 127.77 -32.04
CA GLN KC 7 -63.59 127.72 -31.82
C GLN KC 7 -63.02 126.33 -32.10
N ILE KC 8 -63.72 125.29 -31.66
CA ILE KC 8 -63.25 123.92 -31.88
C ILE KC 8 -63.31 123.54 -33.36
N ILE KC 9 -64.41 123.90 -34.04
CA ILE KC 9 -64.52 123.51 -35.45
C ILE KC 9 -63.54 124.32 -36.31
N LYS KC 10 -63.27 125.59 -35.95
CA LYS KC 10 -62.34 126.37 -36.74
C LYS KC 10 -60.90 125.97 -36.49
N GLU KC 11 -60.54 125.60 -35.26
CA GLU KC 11 -59.18 125.11 -35.03
C GLU KC 11 -58.98 123.73 -35.65
N SER KC 12 -60.03 122.91 -35.71
CA SER KC 12 -59.93 121.61 -36.38
C SER KC 12 -59.76 121.78 -37.90
N GLN KC 13 -60.51 122.72 -38.48
CA GLN KC 13 -60.41 122.98 -39.92
C GLN KC 13 -59.07 123.60 -40.28
N GLN KC 14 -58.53 124.47 -39.43
CA GLN KC 14 -57.25 125.09 -39.73
C GLN KC 14 -56.08 124.19 -39.38
N GLN KC 15 -56.30 123.15 -38.57
CA GLN KC 15 -55.18 122.30 -38.19
C GLN KC 15 -55.10 121.01 -39.00
N HIS KC 16 -56.23 120.43 -39.42
CA HIS KC 16 -56.20 119.07 -39.94
C HIS KC 16 -56.83 118.90 -41.32
N GLY KC 17 -56.44 119.74 -42.28
CA GLY KC 17 -56.74 119.43 -43.66
C GLY KC 17 -57.24 120.57 -44.54
N LEU KC 18 -57.97 121.51 -43.95
CA LEU KC 18 -58.59 122.57 -44.76
C LEU KC 18 -57.72 123.82 -44.83
N ARG KC 19 -56.45 123.70 -44.39
CA ARG KC 19 -55.48 124.74 -44.71
C ARG KC 19 -55.21 124.77 -46.21
N HIS KC 20 -55.19 123.61 -46.86
CA HIS KC 20 -55.13 123.50 -48.31
C HIS KC 20 -56.44 123.02 -48.91
N GLY KC 21 -57.36 122.49 -48.11
CA GLY KC 21 -58.65 122.06 -48.61
C GLY KC 21 -58.83 120.56 -48.78
N ASP KC 22 -58.39 119.75 -47.83
CA ASP KC 22 -58.47 118.30 -47.94
C ASP KC 22 -59.65 117.82 -47.08
N PHE KC 23 -60.84 117.87 -47.68
CA PHE KC 23 -62.06 117.46 -46.98
C PHE KC 23 -62.10 115.96 -46.69
N GLN KC 24 -61.47 115.14 -47.52
CA GLN KC 24 -61.36 113.70 -47.24
C GLN KC 24 -60.58 113.46 -45.95
N ARG KC 25 -59.44 114.15 -45.80
CA ARG KC 25 -58.61 113.97 -44.61
C ARG KC 25 -59.28 114.58 -43.39
N TYR KC 26 -60.02 115.68 -43.58
CA TYR KC 26 -60.77 116.27 -42.46
C TYR KC 26 -61.90 115.35 -42.00
N ARG KC 27 -62.58 114.70 -42.96
CA ARG KC 27 -63.68 113.79 -42.61
C ARG KC 27 -63.16 112.52 -41.96
N GLY KC 28 -62.01 112.01 -42.43
CA GLY KC 28 -61.40 110.86 -41.77
C GLY KC 28 -60.91 111.19 -40.37
N TYR KC 29 -60.36 112.39 -40.19
CA TYR KC 29 -59.96 112.87 -38.87
C TYR KC 29 -61.15 112.96 -37.92
N CYS KC 30 -62.25 113.56 -38.36
CA CYS KC 30 -63.43 113.66 -37.51
C CYS KC 30 -64.11 112.30 -37.31
N SER KC 31 -63.92 111.38 -38.27
CA SER KC 31 -64.43 110.02 -38.11
C SER KC 31 -63.68 109.28 -37.01
N ARG KC 32 -62.35 109.38 -37.02
CA ARG KC 32 -61.55 108.78 -35.95
C ARG KC 32 -61.82 109.45 -34.61
N ARG KC 33 -62.10 110.76 -34.63
CA ARG KC 33 -62.43 111.47 -33.39
C ARG KC 33 -63.77 110.99 -32.82
N GLN KC 34 -64.77 110.79 -33.70
CA GLN KC 34 -66.06 110.24 -33.28
C GLN KC 34 -65.92 108.81 -32.75
N ARG KC 35 -65.07 108.00 -33.38
CA ARG KC 35 -64.87 106.64 -32.90
C ARG KC 35 -64.17 106.61 -31.55
N ARG KC 36 -63.20 107.51 -31.34
CA ARG KC 36 -62.53 107.57 -30.04
C ARG KC 36 -63.45 108.12 -28.96
N LEU KC 37 -64.34 109.06 -29.33
CA LEU KC 37 -65.32 109.55 -28.38
C LEU KC 37 -66.31 108.46 -27.97
N ARG KC 38 -66.74 107.64 -28.93
CA ARG KC 38 -67.72 106.59 -28.60
C ARG KC 38 -67.06 105.46 -27.83
N LYS KC 39 -65.79 105.15 -28.12
CA LYS KC 39 -65.07 104.15 -27.33
C LYS KC 39 -64.74 104.67 -25.94
N THR KC 40 -64.58 105.98 -25.80
CA THR KC 40 -64.33 106.57 -24.49
C THR KC 40 -65.59 106.59 -23.64
N LEU KC 41 -66.71 106.99 -24.24
CA LEU KC 41 -67.97 107.05 -23.50
C LEU KC 41 -68.57 105.67 -23.27
N ASN KC 42 -68.19 104.69 -24.07
CA ASN KC 42 -68.68 103.32 -23.85
C ASN KC 42 -67.76 102.61 -22.87
N ASP KC 59 -81.15 109.45 -18.98
CA ASP KC 59 -80.59 110.77 -18.78
C ASP KC 59 -80.20 111.47 -20.08
N LEU KC 60 -80.52 112.76 -20.17
CA LEU KC 60 -80.30 113.56 -21.37
C LEU KC 60 -78.81 113.79 -21.62
N LEU KC 61 -78.14 114.49 -20.70
CA LEU KC 61 -76.73 114.81 -20.85
C LEU KC 61 -76.01 114.58 -19.54
N THR KC 62 -74.78 114.05 -19.65
CA THR KC 62 -73.90 113.95 -18.50
C THR KC 62 -72.70 114.87 -18.70
N ASP KC 63 -72.09 114.80 -19.88
CA ASP KC 63 -70.97 115.64 -20.24
C ASP KC 63 -71.19 116.17 -21.66
N ASN KC 64 -70.38 117.14 -22.07
CA ASN KC 64 -70.52 117.77 -23.39
C ASN KC 64 -69.97 116.93 -24.54
N ARG KC 65 -69.52 115.70 -24.26
CA ARG KC 65 -68.97 114.87 -25.33
C ARG KC 65 -70.08 114.27 -26.20
N TYR KC 66 -71.31 114.22 -25.70
CA TYR KC 66 -72.46 113.91 -26.55
C TYR KC 66 -72.65 114.99 -27.60
N LEU KC 67 -72.58 116.25 -27.17
CA LEU KC 67 -72.68 117.39 -28.09
C LEU KC 67 -71.51 117.42 -29.05
N LEU KC 68 -70.32 117.06 -28.57
CA LEU KC 68 -69.15 117.00 -29.44
C LEU KC 68 -69.26 115.84 -30.43
N LEU KC 69 -69.91 114.75 -30.03
CA LEU KC 69 -70.15 113.62 -30.92
C LEU KC 69 -71.08 114.01 -32.07
N VAL KC 70 -72.20 114.66 -31.74
CA VAL KC 70 -73.15 115.10 -32.77
C VAL KC 70 -72.52 116.19 -33.64
N LEU KC 71 -71.69 117.05 -33.03
CA LEU KC 71 -71.01 118.11 -33.77
C LEU KC 71 -69.99 117.56 -34.76
N MET KC 72 -69.22 116.54 -34.35
CA MET KC 72 -68.27 115.94 -35.28
C MET KC 72 -68.96 115.13 -36.36
N ASP KC 73 -70.13 114.55 -36.05
CA ASP KC 73 -70.92 113.89 -37.09
C ASP KC 73 -71.42 114.91 -38.13
N ALA KC 74 -71.87 116.08 -37.67
CA ALA KC 74 -72.28 117.13 -38.59
C ALA KC 74 -71.11 117.69 -39.39
N GLU KC 75 -69.92 117.75 -38.78
CA GLU KC 75 -68.73 118.18 -39.51
C GLU KC 75 -68.33 117.16 -40.57
N ARG KC 76 -68.48 115.87 -40.28
CA ARG KC 76 -68.27 114.81 -41.27
C ARG KC 76 -69.26 114.96 -42.44
N ALA KC 77 -70.51 115.28 -42.11
CA ALA KC 77 -71.52 115.46 -43.16
C ALA KC 77 -71.24 116.66 -44.03
N TRP KC 78 -70.83 117.79 -43.41
CA TRP KC 78 -70.52 118.99 -44.18
C TRP KC 78 -69.25 118.81 -45.01
N SER KC 79 -68.28 118.07 -44.48
CA SER KC 79 -67.06 117.80 -45.22
C SER KC 79 -67.31 116.87 -46.40
N TYR KC 80 -68.21 115.89 -46.22
CA TYR KC 80 -68.55 115.01 -47.33
C TYR KC 80 -69.38 115.76 -48.38
N ALA KC 81 -70.18 116.72 -47.94
CA ALA KC 81 -70.91 117.58 -48.88
C ALA KC 81 -69.98 118.46 -49.70
N MET KC 82 -68.99 119.07 -49.06
CA MET KC 82 -68.04 119.89 -49.82
C MET KC 82 -67.11 119.05 -50.67
N GLN KC 83 -66.84 117.80 -50.25
CA GLN KC 83 -66.06 116.88 -51.07
C GLN KC 83 -66.85 116.47 -52.31
N LEU KC 84 -68.17 116.25 -52.15
CA LEU KC 84 -69.01 115.97 -53.31
C LEU KC 84 -69.16 117.21 -54.20
N LYS KC 85 -69.03 118.41 -53.63
CA LYS KC 85 -68.99 119.61 -54.47
C LYS KC 85 -67.72 119.67 -55.31
N GLN KC 86 -66.56 119.42 -54.68
CA GLN KC 86 -65.29 119.44 -55.40
C GLN KC 86 -65.18 118.29 -56.40
N GLU KC 87 -65.87 117.17 -56.16
CA GLU KC 87 -65.90 116.08 -57.14
C GLU KC 87 -67.04 116.24 -58.14
N ALA KC 88 -68.03 117.08 -57.83
CA ALA KC 88 -69.16 117.34 -58.71
C ALA KC 88 -68.99 118.62 -59.49
N ASN KC 89 -67.80 119.24 -59.44
CA ASN KC 89 -67.44 120.24 -60.43
C ASN KC 89 -67.52 119.67 -61.85
N THR KC 90 -67.18 118.39 -62.03
CA THR KC 90 -67.28 117.73 -63.34
C THR KC 90 -68.24 116.55 -63.38
N GLU KC 91 -68.78 116.08 -62.25
CA GLU KC 91 -69.62 114.89 -62.19
C GLU KC 91 -71.04 115.28 -61.77
N PRO KC 92 -72.02 115.16 -62.67
CA PRO KC 92 -73.38 115.67 -62.38
C PRO KC 92 -74.19 114.81 -61.41
N ARG KC 93 -73.81 113.54 -61.24
CA ARG KC 93 -74.64 112.64 -60.44
C ARG KC 93 -74.40 112.81 -58.95
N LYS KC 94 -73.31 113.47 -58.55
CA LYS KC 94 -73.02 113.62 -57.13
C LYS KC 94 -73.83 114.73 -56.47
N ARG KC 95 -74.59 115.49 -57.25
CA ARG KC 95 -75.36 116.61 -56.70
C ARG KC 95 -76.51 116.12 -55.83
N PHE KC 96 -77.16 115.02 -56.21
CA PHE KC 96 -78.27 114.50 -55.42
C PHE KC 96 -77.78 113.89 -54.11
N HIS KC 97 -76.63 113.22 -54.16
CA HIS KC 97 -76.02 112.69 -52.94
C HIS KC 97 -75.52 113.83 -52.05
N LEU KC 98 -75.09 114.93 -52.65
CA LEU KC 98 -74.73 116.14 -51.91
C LEU KC 98 -75.94 116.70 -51.18
N LEU KC 99 -77.07 116.79 -51.89
CA LEU KC 99 -78.31 117.29 -51.28
C LEU KC 99 -78.78 116.38 -50.15
N SER KC 100 -78.66 115.06 -50.31
CA SER KC 100 -79.06 114.13 -49.26
C SER KC 100 -78.13 114.23 -48.04
N ARG KC 101 -76.82 114.30 -48.27
CA ARG KC 101 -75.86 114.43 -47.18
C ARG KC 101 -76.01 115.77 -46.46
N LEU KC 102 -76.36 116.82 -47.19
CA LEU KC 102 -76.50 118.14 -46.58
C LEU KC 102 -77.82 118.26 -45.83
N ARG KC 103 -78.87 117.58 -46.31
CA ARG KC 103 -80.10 117.47 -45.53
C ARG KC 103 -79.87 116.65 -44.26
N LYS KC 104 -79.03 115.62 -44.33
CA LYS KC 104 -78.60 114.88 -43.14
C LYS KC 104 -77.81 115.79 -42.19
N ALA KC 105 -77.00 116.69 -42.74
CA ALA KC 105 -76.25 117.64 -41.93
C ALA KC 105 -77.18 118.61 -41.20
N VAL KC 106 -78.20 119.11 -41.91
CA VAL KC 106 -79.18 120.00 -41.29
C VAL KC 106 -80.00 119.25 -40.23
N LYS KC 107 -80.31 117.97 -40.48
CA LYS KC 107 -81.04 117.17 -39.51
C LYS KC 107 -80.23 116.94 -38.24
N HIS KC 108 -78.95 116.62 -38.39
CA HIS KC 108 -78.10 116.45 -37.20
C HIS KC 108 -77.75 117.77 -36.54
N ALA KC 109 -77.77 118.88 -37.28
CA ALA KC 109 -77.62 120.19 -36.66
C ALA KC 109 -78.86 120.55 -35.85
N GLU KC 110 -80.04 120.17 -36.32
CA GLU KC 110 -81.27 120.35 -35.56
C GLU KC 110 -81.26 119.46 -34.31
N GLU KC 111 -80.71 118.24 -34.45
CA GLU KC 111 -80.54 117.36 -33.29
C GLU KC 111 -79.57 117.96 -32.27
N LEU KC 112 -78.49 118.59 -32.75
CA LEU KC 112 -77.54 119.24 -31.85
C LEU KC 112 -78.17 120.44 -31.14
N GLU KC 113 -78.97 121.22 -31.87
CA GLU KC 113 -79.70 122.33 -31.27
C GLU KC 113 -80.74 121.85 -30.26
N ARG KC 114 -81.40 120.71 -30.53
CA ARG KC 114 -82.35 120.14 -29.59
C ARG KC 114 -81.66 119.62 -28.33
N LEU KC 115 -80.48 119.04 -28.48
CA LEU KC 115 -79.74 118.56 -27.30
C LEU KC 115 -79.12 119.71 -26.53
N CYS KC 116 -78.86 120.84 -27.18
CA CYS KC 116 -78.34 122.01 -26.49
C CYS KC 116 -79.42 122.85 -25.81
N GLU KC 117 -80.69 122.44 -25.89
CA GLU KC 117 -81.76 123.14 -25.19
C GLU KC 117 -81.96 122.65 -23.75
N SER KC 118 -81.02 121.89 -23.20
CA SER KC 118 -81.10 121.47 -21.81
C SER KC 118 -80.77 122.64 -20.89
N ASN KC 119 -81.22 122.55 -19.64
CA ASN KC 119 -81.00 123.60 -18.65
C ASN KC 119 -79.59 123.58 -18.07
N ARG KC 120 -78.82 122.52 -18.28
CA ARG KC 120 -77.44 122.43 -17.82
C ARG KC 120 -76.46 122.87 -18.90
N VAL KC 121 -76.96 123.45 -19.98
CA VAL KC 121 -76.14 123.98 -21.07
C VAL KC 121 -76.40 125.49 -21.15
N ASP KC 122 -75.32 126.27 -21.14
CA ASP KC 122 -75.46 127.72 -21.03
C ASP KC 122 -75.88 128.35 -22.36
N ALA KC 123 -76.32 129.61 -22.27
CA ALA KC 123 -76.88 130.33 -23.40
C ALA KC 123 -75.84 130.64 -24.49
N LYS KC 124 -74.56 130.72 -24.14
CA LYS KC 124 -73.52 130.86 -25.14
C LYS KC 124 -73.47 129.64 -26.06
N THR KC 125 -73.48 128.44 -25.47
CA THR KC 125 -73.49 127.22 -26.28
C THR KC 125 -74.83 127.05 -27.00
N LYS KC 126 -75.92 127.54 -26.40
CA LYS KC 126 -77.21 127.56 -27.09
C LYS KC 126 -77.17 128.41 -28.36
N LEU KC 127 -76.61 129.62 -28.27
CA LEU KC 127 -76.54 130.50 -29.43
C LEU KC 127 -75.52 130.00 -30.45
N GLU KC 128 -74.47 129.32 -29.99
CA GLU KC 128 -73.52 128.69 -30.91
C GLU KC 128 -74.19 127.56 -31.70
N ALA KC 129 -75.01 126.74 -31.03
CA ALA KC 129 -75.72 125.66 -31.70
C ALA KC 129 -76.76 126.21 -32.67
N GLN KC 130 -77.44 127.29 -32.28
CA GLN KC 130 -78.39 127.95 -33.19
C GLN KC 130 -77.71 128.57 -34.40
N ALA KC 131 -76.54 129.19 -34.23
CA ALA KC 131 -75.80 129.74 -35.36
C ALA KC 131 -75.26 128.65 -36.27
N TYR KC 132 -74.85 127.51 -35.71
CA TYR KC 132 -74.35 126.40 -36.52
C TYR KC 132 -75.47 125.76 -37.33
N THR KC 133 -76.64 125.59 -36.69
CA THR KC 133 -77.82 125.05 -37.39
C THR KC 133 -78.29 126.02 -38.46
N ALA KC 134 -78.27 127.33 -38.18
CA ALA KC 134 -78.67 128.32 -39.17
C ALA KC 134 -77.69 128.38 -40.33
N TYR KC 135 -76.40 128.18 -40.06
CA TYR KC 135 -75.41 128.14 -41.12
C TYR KC 135 -75.60 126.93 -42.04
N LEU KC 136 -75.85 125.76 -41.45
CA LEU KC 136 -76.04 124.57 -42.29
C LEU KC 136 -77.37 124.63 -43.06
N SER KC 137 -78.41 125.19 -42.44
CA SER KC 137 -79.68 125.36 -43.15
C SER KC 137 -79.55 126.40 -44.27
N GLY KC 138 -78.74 127.44 -44.05
CA GLY KC 138 -78.50 128.43 -45.08
C GLY KC 138 -77.70 127.88 -46.24
N MET KC 139 -76.72 127.02 -45.96
CA MET KC 139 -75.99 126.36 -47.04
C MET KC 139 -76.87 125.34 -47.76
N LEU KC 140 -77.83 124.74 -47.04
CA LEU KC 140 -78.79 123.83 -47.66
C LEU KC 140 -79.69 124.57 -48.66
N ARG KC 141 -80.25 125.70 -48.22
CA ARG KC 141 -81.09 126.49 -49.12
C ARG KC 141 -80.26 127.22 -50.17
N PHE KC 142 -78.97 127.41 -49.91
CA PHE KC 142 -78.07 127.96 -50.92
C PHE KC 142 -77.76 126.96 -52.01
N GLU KC 143 -77.69 125.67 -51.68
CA GLU KC 143 -77.51 124.66 -52.71
C GLU KC 143 -78.83 124.30 -53.41
N HIS KC 144 -79.95 124.38 -52.68
CA HIS KC 144 -81.26 124.21 -53.30
C HIS KC 144 -81.74 125.45 -54.05
N GLN KC 145 -81.01 126.57 -53.96
CA GLN KC 145 -81.29 127.82 -54.68
C GLN KC 145 -82.66 128.40 -54.33
N GLU KC 146 -83.08 128.24 -53.07
CA GLU KC 146 -84.24 128.94 -52.52
C GLU KC 146 -83.73 130.19 -51.80
N TRP KC 147 -83.58 131.26 -52.59
CA TRP KC 147 -82.69 132.35 -52.21
C TRP KC 147 -83.28 133.23 -51.11
N LYS KC 148 -84.61 133.34 -51.06
CA LYS KC 148 -85.25 134.19 -50.04
C LYS KC 148 -85.09 133.59 -48.64
N ALA KC 149 -85.47 132.32 -48.47
CA ALA KC 149 -85.29 131.66 -47.19
C ALA KC 149 -83.81 131.43 -46.89
N ALA KC 150 -82.99 131.31 -47.94
CA ALA KC 150 -81.54 131.21 -47.76
C ALA KC 150 -80.95 132.49 -47.16
N ILE KC 151 -81.37 133.65 -47.68
CA ILE KC 151 -80.84 134.90 -47.14
C ILE KC 151 -81.50 135.23 -45.81
N GLU KC 152 -82.69 134.68 -45.54
CA GLU KC 152 -83.28 134.78 -44.19
C GLU KC 152 -82.42 134.01 -43.18
N ALA KC 153 -82.03 132.78 -43.52
CA ALA KC 153 -81.17 131.99 -42.65
C ALA KC 153 -79.79 132.61 -42.50
N PHE KC 154 -79.25 133.17 -43.59
CA PHE KC 154 -77.96 133.87 -43.52
C PHE KC 154 -78.02 135.13 -42.66
N ASN KC 155 -79.11 135.91 -42.75
CA ASN KC 155 -79.26 137.09 -41.91
C ASN KC 155 -79.46 136.70 -40.45
N LYS KC 156 -80.17 135.60 -40.18
CA LYS KC 156 -80.32 135.12 -38.81
C LYS KC 156 -78.99 134.67 -38.23
N CYS KC 157 -78.20 133.93 -39.01
CA CYS KC 157 -76.90 133.46 -38.55
C CYS KC 157 -75.92 134.62 -38.38
N LYS KC 158 -76.00 135.63 -39.25
CA LYS KC 158 -75.16 136.82 -39.11
C LYS KC 158 -75.56 137.64 -37.89
N THR KC 159 -76.87 137.66 -37.59
CA THR KC 159 -77.35 138.37 -36.40
C THR KC 159 -76.88 137.68 -35.12
N ILE KC 160 -76.91 136.34 -35.10
CA ILE KC 160 -76.43 135.60 -33.94
C ILE KC 160 -74.91 135.75 -33.81
N TYR KC 161 -74.20 135.80 -34.95
CA TYR KC 161 -72.76 136.07 -34.92
C TYR KC 161 -72.43 137.45 -34.37
N GLU KC 162 -73.19 138.48 -34.77
CA GLU KC 162 -72.94 139.82 -34.25
C GLU KC 162 -73.34 139.94 -32.79
N LYS KC 163 -74.38 139.21 -32.37
CA LYS KC 163 -74.76 139.23 -30.96
C LYS KC 163 -73.72 138.53 -30.08
N LEU KC 164 -73.15 137.43 -30.57
CA LEU KC 164 -72.10 136.76 -29.81
C LEU KC 164 -70.79 137.54 -29.86
N ALA KC 165 -70.58 138.34 -30.91
CA ALA KC 165 -69.37 139.14 -30.99
C ALA KC 165 -69.47 140.42 -30.17
N SER KC 166 -70.68 140.93 -29.97
CA SER KC 166 -70.84 142.18 -29.23
C SER KC 166 -70.68 141.99 -27.72
N ALA KC 167 -70.93 140.78 -27.24
CA ALA KC 167 -70.84 140.51 -25.80
C ALA KC 167 -69.41 140.31 -25.31
N PHE KC 168 -68.45 140.13 -26.21
CA PHE KC 168 -67.05 139.92 -25.84
C PHE KC 168 -66.24 141.13 -26.28
N THR KC 169 -64.93 141.07 -26.01
CA THR KC 169 -64.04 142.16 -26.38
C THR KC 169 -63.59 142.01 -27.83
N GLU KC 170 -62.63 142.85 -28.21
CA GLU KC 170 -62.16 142.86 -29.59
C GLU KC 170 -61.23 141.68 -29.90
N GLU KC 171 -60.64 141.08 -28.86
CA GLU KC 171 -59.66 140.02 -29.09
C GLU KC 171 -60.34 138.68 -29.35
N GLN KC 172 -61.41 138.38 -28.61
CA GLN KC 172 -62.12 137.12 -28.81
C GLN KC 172 -63.03 137.16 -30.03
N ALA KC 173 -63.40 138.36 -30.49
CA ALA KC 173 -64.32 138.50 -31.62
C ALA KC 173 -63.61 138.51 -32.97
N VAL KC 174 -62.31 138.19 -33.01
CA VAL KC 174 -61.59 138.18 -34.28
C VAL KC 174 -62.08 137.04 -35.17
N LEU KC 175 -62.25 135.85 -34.57
CA LEU KC 175 -62.77 134.70 -35.32
C LEU KC 175 -64.22 134.93 -35.75
N TYR KC 176 -64.99 135.63 -34.92
CA TYR KC 176 -66.38 135.95 -35.28
C TYR KC 176 -66.43 136.95 -36.44
N ASN KC 177 -65.55 137.96 -36.43
CA ASN KC 177 -65.52 138.93 -37.51
C ASN KC 177 -65.02 138.31 -38.81
N GLN KC 178 -64.03 137.42 -38.73
CA GLN KC 178 -63.59 136.70 -39.92
C GLN KC 178 -64.63 135.71 -40.42
N ARG KC 179 -65.44 135.15 -39.53
CA ARG KC 179 -66.54 134.28 -39.95
C ARG KC 179 -67.64 135.07 -40.65
N VAL KC 180 -67.93 136.28 -40.16
CA VAL KC 180 -68.86 137.18 -40.83
C VAL KC 180 -68.33 137.59 -42.20
N GLU KC 181 -67.03 137.89 -42.30
CA GLU KC 181 -66.43 138.24 -43.59
C GLU KC 181 -66.37 137.04 -44.53
N GLU KC 182 -66.37 135.82 -43.97
CA GLU KC 182 -66.40 134.62 -44.80
C GLU KC 182 -67.80 134.35 -45.33
N ILE KC 183 -68.83 134.54 -44.50
CA ILE KC 183 -70.21 134.31 -44.95
C ILE KC 183 -70.79 135.50 -45.69
N SER KC 184 -70.08 136.63 -45.75
CA SER KC 184 -70.58 137.79 -46.50
C SER KC 184 -70.64 137.62 -48.01
N PRO KC 185 -69.70 136.94 -48.72
CA PRO KC 185 -69.95 136.70 -50.16
C PRO KC 185 -71.13 135.79 -50.44
N ASN KC 186 -71.51 134.93 -49.50
CA ASN KC 186 -72.74 134.15 -49.66
C ASN KC 186 -73.96 135.05 -49.65
N ILE KC 187 -73.99 136.01 -48.72
CA ILE KC 187 -75.11 136.95 -48.63
C ILE KC 187 -75.11 137.87 -49.85
N ARG KC 188 -73.93 138.21 -50.36
CA ARG KC 188 -73.82 139.00 -51.58
C ARG KC 188 -74.33 138.23 -52.79
N TYR KC 189 -74.06 136.92 -52.85
CA TYR KC 189 -74.51 136.13 -54.00
C TYR KC 189 -76.00 135.84 -53.92
N CYS KC 190 -76.54 135.80 -52.70
CA CYS KC 190 -78.00 135.74 -52.56
C CYS KC 190 -78.64 137.08 -52.92
N ALA KC 191 -77.97 138.19 -52.59
CA ALA KC 191 -78.56 139.51 -52.82
C ALA KC 191 -78.56 139.86 -54.31
N TYR KC 192 -77.47 139.55 -55.02
CA TYR KC 192 -77.44 139.79 -56.45
C TYR KC 192 -78.24 138.77 -57.25
N ASN KC 193 -78.79 137.73 -56.62
CA ASN KC 193 -79.72 136.84 -57.28
C ASN KC 193 -81.18 137.12 -56.94
N ILE KC 194 -81.44 137.75 -55.80
CA ILE KC 194 -82.78 138.21 -55.46
C ILE KC 194 -83.08 139.58 -56.08
N GLY KC 195 -82.27 140.59 -55.79
CA GLY KC 195 -82.50 141.92 -56.32
C GLY KC 195 -82.17 142.05 -57.79
N PRO LC 1 21.73 80.54 56.46
CA PRO LC 1 21.43 79.15 56.83
C PRO LC 1 21.02 78.30 55.63
N GLN LC 2 19.90 78.67 54.99
CA GLN LC 2 19.37 77.94 53.85
C GLN LC 2 19.80 78.65 52.58
N TYR LC 3 21.05 78.43 52.17
CA TYR LC 3 21.57 79.02 50.94
C TYR LC 3 21.05 78.28 49.73
N GLN LC 4 19.89 78.68 49.21
CA GLN LC 4 19.31 78.02 48.05
C GLN LC 4 19.87 78.60 46.76
N THR LC 5 19.05 78.53 45.70
CA THR LC 5 19.41 78.76 44.30
C THR LC 5 20.65 77.97 43.92
N TRP LC 6 21.75 78.66 43.60
CA TRP LC 6 23.02 78.00 43.35
C TRP LC 6 24.17 78.98 43.61
N GLU LC 7 25.34 78.39 43.89
CA GLU LC 7 26.69 78.92 44.09
C GLU LC 7 26.87 79.59 45.44
N GLU LC 8 25.76 79.91 46.11
CA GLU LC 8 25.85 80.41 47.48
C GLU LC 8 26.20 79.26 48.43
N PHE LC 9 25.50 78.14 48.29
CA PHE LC 9 25.78 76.96 49.09
C PHE LC 9 27.15 76.38 48.78
N SER LC 10 27.57 76.47 47.51
CA SER LC 10 28.87 75.92 47.13
C SER LC 10 30.01 76.74 47.73
N ARG LC 11 29.91 78.08 47.65
CA ARG LC 11 30.93 78.93 48.26
C ARG LC 11 30.93 78.81 49.78
N ALA LC 12 29.74 78.69 50.39
CA ALA LC 12 29.66 78.59 51.85
C ALA LC 12 30.16 77.23 52.34
N ALA LC 13 29.93 76.17 51.55
CA ALA LC 13 30.38 74.84 51.97
C ALA LC 13 31.87 74.66 51.73
N GLU LC 14 32.42 75.30 50.68
CA GLU LC 14 33.86 75.32 50.52
C GLU LC 14 34.53 76.14 51.61
N LYS LC 15 33.87 77.21 52.08
CA LYS LC 15 34.39 77.96 53.22
C LYS LC 15 34.33 77.14 54.51
N LEU LC 16 33.25 76.37 54.70
CA LEU LC 16 33.15 75.47 55.86
C LEU LC 16 34.22 74.40 55.83
N TYR LC 17 34.54 73.88 54.64
CA TYR LC 17 35.55 72.83 54.55
C TYR LC 17 36.95 73.41 54.75
N LEU LC 18 37.21 74.60 54.19
CA LEU LC 18 38.53 75.20 54.34
C LEU LC 18 38.73 75.82 55.73
N ALA LC 19 37.65 75.98 56.50
CA ALA LC 19 37.82 76.36 57.90
C ALA LC 19 38.48 75.25 58.71
N ASP LC 20 37.97 74.02 58.57
CA ASP LC 20 38.50 72.86 59.29
C ASP LC 20 38.05 71.61 58.54
N PRO LC 21 38.98 70.80 58.03
CA PRO LC 21 38.57 69.58 57.33
C PRO LC 21 38.32 68.40 58.27
N MET LC 22 38.71 68.54 59.54
CA MET LC 22 38.63 67.40 60.45
C MET LC 22 37.22 67.23 61.01
N LYS LC 23 36.68 68.26 61.66
CA LYS LC 23 35.38 68.12 62.30
C LYS LC 23 34.24 68.24 61.30
N ALA LC 24 34.51 68.73 60.10
CA ALA LC 24 33.47 68.91 59.11
C ALA LC 24 33.08 67.58 58.46
N ARG LC 25 31.78 67.39 58.29
CA ARG LC 25 31.24 66.26 57.56
C ARG LC 25 30.15 66.75 56.62
N VAL LC 26 29.83 65.90 55.63
CA VAL LC 26 28.78 66.20 54.67
C VAL LC 26 27.79 65.05 54.67
N VAL LC 27 26.49 65.37 54.65
CA VAL LC 27 25.44 64.38 54.62
C VAL LC 27 24.56 64.62 53.39
N LEU LC 28 24.05 63.53 52.84
CA LEU LC 28 23.33 63.52 51.57
C LEU LC 28 22.05 62.70 51.79
N LYS LC 29 20.90 63.34 51.66
CA LYS LC 29 19.61 62.72 51.87
C LYS LC 29 18.86 62.60 50.55
N TYR LC 30 18.65 61.37 50.10
CA TYR LC 30 17.90 61.11 48.88
C TYR LC 30 16.51 60.58 49.23
N ARG LC 31 15.50 61.07 48.49
CA ARG LC 31 14.11 60.72 48.69
C ARG LC 31 13.51 60.39 47.31
N HIS LC 32 12.82 59.25 47.23
CA HIS LC 32 12.24 58.83 45.96
C HIS LC 32 10.72 58.87 45.99
N SER LC 33 10.11 58.71 47.18
CA SER LC 33 8.65 58.76 47.27
C SER LC 33 8.15 60.20 47.06
N ASP LC 34 8.84 61.17 47.66
CA ASP LC 34 8.66 62.57 47.29
C ASP LC 34 9.68 63.02 46.25
N GLY LC 35 10.83 62.34 46.17
CA GLY LC 35 11.74 62.49 45.05
C GLY LC 35 12.64 63.71 45.05
N ASN LC 36 13.17 64.09 46.21
CA ASN LC 36 14.04 65.25 46.29
C ASN LC 36 15.36 64.91 47.00
N LEU LC 37 16.33 65.80 46.84
CA LEU LC 37 17.69 65.59 47.32
C LEU LC 37 18.08 66.73 48.25
N CYS LC 38 18.89 66.39 49.25
CA CYS LC 38 19.26 67.35 50.29
C CYS LC 38 20.73 67.20 50.61
N VAL LC 39 21.47 68.29 50.60
CA VAL LC 39 22.87 68.29 51.00
C VAL LC 39 23.00 69.12 52.26
N LYS LC 40 23.79 68.66 53.23
CA LYS LC 40 24.06 69.50 54.38
C LYS LC 40 25.50 69.31 54.82
N VAL LC 41 26.23 70.42 54.92
CA VAL LC 41 27.61 70.43 55.37
C VAL LC 41 27.65 71.05 56.75
N THR LC 42 28.33 70.38 57.69
CA THR LC 42 28.51 70.94 59.02
C THR LC 42 29.97 70.84 59.44
N ASP LC 43 30.39 71.77 60.29
CA ASP LC 43 31.74 71.79 60.84
C ASP LC 43 31.70 71.90 62.36
N ASP LC 44 30.61 71.44 62.99
CA ASP LC 44 30.33 71.46 64.42
C ASP LC 44 30.31 72.87 65.01
N LEU LC 45 30.19 73.90 64.16
CA LEU LC 45 29.93 75.26 64.60
C LEU LC 45 28.65 75.83 64.03
N VAL LC 46 28.44 75.75 62.70
CA VAL LC 46 27.18 76.08 62.06
C VAL LC 46 26.85 74.96 61.08
N CYS LC 47 25.58 74.87 60.67
CA CYS LC 47 25.13 73.83 59.75
C CYS LC 47 24.48 74.51 58.56
N LEU LC 48 24.94 74.17 57.35
CA LEU LC 48 24.42 74.82 56.17
C LEU LC 48 23.83 73.78 55.23
N VAL LC 49 22.60 74.02 54.78
CA VAL LC 49 21.79 73.02 54.12
C VAL LC 49 21.37 73.54 52.74
N TYR LC 50 21.00 72.61 51.86
CA TYR LC 50 20.63 72.89 50.48
C TYR LC 50 19.59 71.86 50.06
N LYS LC 51 18.38 72.33 49.76
CA LYS LC 51 17.23 71.45 49.57
C LYS LC 51 16.54 71.74 48.24
N THR LC 52 17.05 71.13 47.16
CA THR LC 52 16.35 71.09 45.87
C THR LC 52 16.83 69.90 45.06
N ASP LC 53 16.06 69.51 44.05
CA ASP LC 53 16.46 68.38 43.20
C ASP LC 53 16.74 68.81 41.76
N GLN LC 54 15.74 69.36 41.07
CA GLN LC 54 15.80 69.98 39.74
C GLN LC 54 16.55 69.20 38.66
N ALA LC 55 16.59 67.86 38.76
CA ALA LC 55 17.24 66.93 37.82
C ALA LC 55 18.72 67.21 37.56
N GLN LC 56 19.03 68.39 36.98
CA GLN LC 56 20.39 68.72 36.57
C GLN LC 56 21.36 68.88 37.73
N ASP LC 57 20.87 69.09 38.95
CA ASP LC 57 21.75 69.34 40.09
C ASP LC 57 22.46 68.09 40.59
N VAL LC 58 22.05 66.89 40.14
CA VAL LC 58 22.62 65.64 40.61
C VAL LC 58 24.10 65.54 40.24
N LYS LC 59 24.45 65.93 39.01
CA LYS LC 59 25.82 65.86 38.53
C LYS LC 59 26.73 66.82 39.29
N LYS LC 60 26.27 68.04 39.53
CA LYS LC 60 27.13 69.01 40.21
C LYS LC 60 27.25 68.70 41.70
N ILE LC 61 26.21 68.09 42.29
CA ILE LC 61 26.29 67.67 43.69
C ILE LC 61 27.28 66.51 43.84
N GLU LC 62 27.25 65.53 42.91
CA GLU LC 62 28.23 64.45 43.02
C GLU LC 62 29.63 64.90 42.66
N LYS LC 63 29.79 65.90 41.78
CA LYS LC 63 31.11 66.45 41.51
C LYS LC 63 31.64 67.20 42.72
N PHE LC 64 30.77 67.90 43.45
CA PHE LC 64 31.19 68.57 44.68
C PHE LC 64 31.56 67.55 45.75
N HIS LC 65 30.84 66.44 45.81
CA HIS LC 65 31.13 65.37 46.76
C HIS LC 65 32.47 64.70 46.44
N SER LC 66 32.73 64.44 45.15
CA SER LC 66 34.00 63.85 44.75
C SER LC 66 35.15 64.83 44.91
N GLN LC 67 34.88 66.13 44.81
CA GLN LC 67 35.91 67.13 45.08
C GLN LC 67 36.24 67.18 46.56
N LEU LC 68 35.21 67.08 47.42
CA LEU LC 68 35.43 67.00 48.86
C LEU LC 68 36.21 65.75 49.25
N MET LC 69 35.94 64.62 48.60
CA MET LC 69 36.67 63.40 48.93
C MET LC 69 38.13 63.48 48.50
N ARG LC 70 38.38 64.09 47.33
CA ARG LC 70 39.76 64.29 46.89
C ARG LC 70 40.50 65.29 47.76
N LEU LC 71 39.79 66.29 48.31
CA LEU LC 71 40.45 67.20 49.25
C LEU LC 71 40.64 66.57 50.61
N MET LC 72 39.81 65.58 50.98
CA MET LC 72 40.06 64.85 52.21
C MET LC 72 41.25 63.91 52.09
N VAL LC 73 41.43 63.31 50.92
CA VAL LC 73 42.53 62.35 50.74
C VAL LC 73 43.83 63.08 50.48
N ALA LC 74 43.83 64.01 49.52
CA ALA LC 74 45.03 64.79 49.22
C ALA LC 74 45.20 65.93 50.21
N VAL MC 1 27.82 48.32 59.64
CA VAL MC 1 28.54 47.13 59.21
C VAL MC 1 29.72 47.53 58.35
N LEU MC 2 30.94 47.28 58.87
CA LEU MC 2 32.17 47.65 58.17
C LEU MC 2 32.46 46.59 57.11
N LEU MC 3 32.47 47.00 55.85
CA LEU MC 3 32.61 46.09 54.72
C LEU MC 3 33.77 46.50 53.82
N GLU MC 4 33.92 45.76 52.74
CA GLU MC 4 34.91 46.06 51.71
C GLU MC 4 34.37 47.21 50.86
N SER MC 5 35.25 47.85 50.08
CA SER MC 5 34.86 48.99 49.24
C SER MC 5 33.93 48.58 48.11
N GLU MC 6 34.06 47.35 47.61
CA GLU MC 6 33.17 46.88 46.54
C GLU MC 6 31.86 46.35 47.11
N GLN MC 7 31.95 45.66 48.27
CA GLN MC 7 30.76 45.17 48.94
C GLN MC 7 29.89 46.32 49.44
N PHE MC 8 30.53 47.43 49.81
CA PHE MC 8 29.82 48.64 50.19
C PHE MC 8 29.02 49.21 49.02
N LEU MC 9 29.62 49.19 47.82
CA LEU MC 9 28.92 49.70 46.65
C LEU MC 9 27.77 48.78 46.23
N THR MC 10 27.96 47.47 46.36
CA THR MC 10 26.86 46.54 46.05
C THR MC 10 25.71 46.67 47.04
N GLU MC 11 26.02 46.80 48.34
CA GLU MC 11 24.96 46.97 49.33
C GLU MC 11 24.33 48.35 49.23
N LEU MC 12 25.09 49.35 48.77
CA LEU MC 12 24.51 50.66 48.53
C LEU MC 12 23.57 50.66 47.33
N THR MC 13 23.89 49.88 46.30
CA THR MC 13 22.98 49.69 45.19
C THR MC 13 21.71 48.96 45.64
N ARG MC 14 21.88 47.96 46.52
CA ARG MC 14 20.73 47.25 47.07
C ARG MC 14 19.88 48.15 47.97
N LEU MC 15 20.49 49.15 48.62
CA LEU MC 15 19.72 50.11 49.40
C LEU MC 15 18.81 50.97 48.53
N PHE MC 16 19.31 51.43 47.38
CA PHE MC 16 18.45 52.16 46.45
C PHE MC 16 17.39 51.26 45.84
N GLN MC 17 17.74 50.02 45.51
CA GLN MC 17 16.77 49.09 44.92
C GLN MC 17 15.70 48.68 45.93
N LYS MC 18 16.02 48.74 47.23
CA LYS MC 18 15.00 48.54 48.25
C LYS MC 18 14.20 49.82 48.49
N CYS MC 19 14.83 50.98 48.32
CA CYS MC 19 14.16 52.26 48.51
C CYS MC 19 13.62 52.84 47.20
N ARG MC 20 13.33 51.98 46.22
CA ARG MC 20 12.59 52.41 45.03
C ARG MC 20 11.12 52.71 45.32
N THR MC 21 10.63 52.31 46.49
CA THR MC 21 9.25 52.60 46.87
C THR MC 21 9.15 53.66 47.95
N SER MC 22 9.69 53.41 49.15
CA SER MC 22 9.64 54.38 50.23
C SER MC 22 10.87 54.19 51.11
N GLY MC 23 11.31 55.27 51.74
CA GLY MC 23 12.50 55.23 52.56
C GLY MC 23 13.54 56.25 52.16
N SER MC 24 14.32 56.73 53.13
CA SER MC 24 15.36 57.72 52.88
C SER MC 24 16.69 57.04 52.64
N VAL MC 25 17.59 57.74 51.94
CA VAL MC 25 18.96 57.29 51.76
C VAL MC 25 19.86 58.35 52.40
N TYR MC 26 20.62 57.95 53.42
CA TYR MC 26 21.53 58.84 54.11
C TYR MC 26 22.97 58.44 53.81
N ILE MC 27 23.74 59.40 53.32
CA ILE MC 27 25.14 59.18 52.97
C ILE MC 27 25.97 60.20 53.77
N THR MC 28 26.85 59.71 54.64
CA THR MC 28 27.66 60.56 55.51
C THR MC 28 29.12 60.37 55.13
N LEU MC 29 29.77 61.45 54.71
CA LEU MC 29 31.21 61.43 54.46
C LEU MC 29 31.94 62.31 55.46
N LYS MC 30 33.01 61.77 56.04
CA LYS MC 30 33.76 62.48 57.07
C LYS MC 30 35.23 62.04 56.98
N LYS MC 31 36.12 62.88 57.51
CA LYS MC 31 37.53 62.55 57.66
C LYS MC 31 37.70 61.37 58.61
N TYR MC 32 38.72 60.54 58.36
CA TYR MC 32 38.97 59.40 59.24
C TYR MC 32 40.46 59.24 59.46
N ASP MC 33 40.85 59.09 60.72
CA ASP MC 33 42.24 58.83 61.08
C ASP MC 33 42.38 57.51 61.84
N GLY MC 34 41.39 57.19 62.65
CA GLY MC 34 41.40 55.95 63.42
C GLY MC 34 40.18 55.79 64.30
N ASN MC 53 45.73 58.59 53.28
CA ASN MC 53 44.77 59.32 54.11
C ASN MC 53 43.37 58.77 53.85
N LYS MC 54 42.56 58.68 54.90
CA LYS MC 54 41.34 57.90 54.86
C LYS MC 54 40.09 58.74 55.11
N CYS MC 55 39.00 58.32 54.47
CA CYS MC 55 37.71 58.95 54.67
C CYS MC 55 36.66 57.90 55.00
N LEU MC 56 35.84 58.19 56.01
CA LEU MC 56 34.76 57.31 56.43
C LEU MC 56 33.50 57.67 55.62
N LEU MC 57 32.95 56.67 54.94
CA LEU MC 57 31.76 56.83 54.13
C LEU MC 57 30.72 55.82 54.58
N ARG MC 58 29.58 56.30 55.08
CA ARG MC 58 28.58 55.45 55.70
C ARG MC 58 27.23 55.71 55.05
N ALA MC 59 26.40 54.68 55.00
CA ALA MC 59 25.08 54.77 54.37
C ALA MC 59 24.04 54.11 55.25
N THR MC 60 22.86 54.71 55.29
CA THR MC 60 21.80 54.29 56.20
C THR MC 60 20.46 54.47 55.51
N ASP MC 61 19.64 53.42 55.49
CA ASP MC 61 18.29 53.55 54.97
C ASP MC 61 17.28 53.86 56.07
N GLY MC 62 17.64 53.62 57.33
CA GLY MC 62 16.71 53.78 58.43
C GLY MC 62 16.60 52.50 59.22
N LYS MC 63 16.91 51.37 58.58
CA LYS MC 63 16.84 50.05 59.18
C LYS MC 63 18.19 49.33 59.20
N LYS MC 64 18.91 49.35 58.09
CA LYS MC 64 20.17 48.63 57.96
C LYS MC 64 21.29 49.61 57.61
N LYS MC 65 22.33 49.64 58.43
CA LYS MC 65 23.44 50.56 58.24
C LYS MC 65 24.64 49.83 57.66
N ILE MC 66 25.30 50.46 56.68
CA ILE MC 66 26.54 49.95 56.12
C ILE MC 66 27.59 51.05 56.20
N SER MC 67 28.86 50.65 56.19
CA SER MC 67 29.94 51.59 56.43
C SER MC 67 31.20 51.10 55.75
N THR MC 68 32.04 52.04 55.33
CA THR MC 68 33.35 51.68 54.78
C THR MC 68 34.33 52.81 55.04
N VAL MC 69 35.61 52.47 54.92
CA VAL MC 69 36.70 53.42 55.02
C VAL MC 69 37.49 53.36 53.72
N VAL MC 70 37.54 54.47 53.00
CA VAL MC 70 38.23 54.55 51.72
C VAL MC 70 39.61 55.15 51.98
N SER MC 71 40.65 54.42 51.63
CA SER MC 71 42.03 54.85 51.80
C SER MC 71 42.52 55.55 50.54
N SER MC 72 43.79 55.99 50.58
CA SER MC 72 44.35 56.77 49.48
C SER MC 72 44.66 55.88 48.27
N LYS MC 73 44.79 54.57 48.50
CA LYS MC 73 45.23 53.65 47.45
C LYS MC 73 44.11 53.33 46.45
N GLU MC 74 42.86 53.68 46.79
CA GLU MC 74 41.74 53.21 45.97
C GLU MC 74 40.73 54.30 45.62
N VAL MC 75 41.08 55.58 45.70
CA VAL MC 75 40.10 56.63 45.45
C VAL MC 75 39.80 56.75 43.96
N ASN MC 76 40.81 56.52 43.10
CA ASN MC 76 40.56 56.58 41.66
C ASN MC 76 39.69 55.41 41.22
N LYS MC 77 39.86 54.26 41.85
CA LYS MC 77 38.98 53.13 41.55
C LYS MC 77 37.59 53.33 42.12
N PHE MC 78 37.49 54.06 43.24
CA PHE MC 78 36.23 54.15 43.98
C PHE MC 78 35.32 55.25 43.45
N GLN MC 79 35.86 56.46 43.23
CA GLN MC 79 35.04 57.64 43.01
C GLN MC 79 34.31 57.60 41.67
N MET MC 80 34.89 56.95 40.67
CA MET MC 80 34.30 56.93 39.34
C MET MC 80 33.07 56.02 39.29
N ALA MC 81 33.21 54.82 39.86
CA ALA MC 81 32.08 53.91 39.97
C ALA MC 81 31.03 54.46 40.93
N TYR MC 82 31.45 55.17 41.99
CA TYR MC 82 30.50 55.79 42.90
C TYR MC 82 29.74 56.93 42.22
N SER MC 83 30.42 57.67 41.35
CA SER MC 83 29.79 58.73 40.58
C SER MC 83 28.77 58.16 39.58
N ASN MC 84 29.14 57.09 38.88
CA ASN MC 84 28.19 56.46 37.95
C ASN MC 84 27.02 55.82 38.70
N LEU MC 85 27.27 55.31 39.91
CA LEU MC 85 26.21 54.78 40.76
C LEU MC 85 25.22 55.85 41.17
N LEU MC 86 25.73 57.02 41.57
CA LEU MC 86 24.86 58.13 41.95
C LEU MC 86 24.08 58.68 40.75
N ARG MC 87 24.75 58.80 39.59
CA ARG MC 87 24.07 59.31 38.41
C ARG MC 87 23.03 58.34 37.88
N ALA MC 88 23.23 57.04 38.11
CA ALA MC 88 22.24 56.06 37.68
C ALA MC 88 21.10 55.92 38.68
N ASN MC 89 21.36 56.21 39.97
CA ASN MC 89 20.38 55.93 41.00
C ASN MC 89 19.61 57.14 41.50
N MET MC 90 20.05 58.37 41.20
CA MET MC 90 19.35 59.56 41.68
C MET MC 90 18.67 60.26 40.50
N ASP MC 91 17.36 60.46 40.63
CA ASP MC 91 16.55 61.22 39.67
C ASP MC 91 15.44 61.95 40.43
N GLY MC 92 15.35 63.26 40.21
CA GLY MC 92 14.35 64.07 40.90
C GLY MC 92 13.20 64.49 40.02
N LEU MC 93 12.96 65.79 39.93
CA LEU MC 93 11.89 66.33 39.09
C LEU MC 93 12.49 67.02 37.87
N LYS MC 94 11.74 66.98 36.77
CA LYS MC 94 12.18 67.57 35.51
C LYS MC 94 12.04 69.10 35.54
N LEU NC 1 -45.62 51.79 -81.71
CA LEU NC 1 -46.89 52.40 -81.33
C LEU NC 1 -47.77 52.65 -82.54
N LEU NC 2 -47.16 53.22 -83.59
CA LEU NC 2 -47.92 53.71 -84.75
C LEU NC 2 -48.53 52.56 -85.55
N LEU NC 3 -47.79 51.44 -85.66
CA LEU NC 3 -48.31 50.27 -86.36
C LEU NC 3 -49.48 49.66 -85.59
N LEU NC 4 -49.43 49.72 -84.26
CA LEU NC 4 -50.53 49.21 -83.45
C LEU NC 4 -51.73 50.14 -83.53
N LEU NC 5 -51.49 51.45 -83.68
CA LEU NC 5 -52.58 52.39 -83.93
C LEU NC 5 -53.24 52.12 -85.28
N LEU NC 6 -52.43 51.78 -86.29
CA LEU NC 6 -52.96 51.44 -87.60
C LEU NC 6 -53.76 50.14 -87.56
N LEU NC 7 -53.31 49.18 -86.75
CA LEU NC 7 -54.05 47.93 -86.60
C LEU NC 7 -55.38 48.17 -85.88
N LEU NC 8 -55.40 49.05 -84.89
CA LEU NC 8 -56.64 49.36 -84.20
C LEU NC 8 -57.59 50.16 -85.08
N LEU NC 9 -57.06 50.96 -86.00
CA LEU NC 9 -57.92 51.66 -86.95
C LEU NC 9 -58.43 50.73 -88.05
N LEU NC 10 -57.65 49.68 -88.36
CA LEU NC 10 -58.16 48.66 -89.27
C LEU NC 10 -59.24 47.81 -88.60
N LEU NC 11 -59.14 47.64 -87.28
CA LEU NC 11 -60.24 47.03 -86.53
C LEU NC 11 -61.46 47.94 -86.51
N LEU NC 12 -61.23 49.24 -86.41
CA LEU NC 12 -62.32 50.22 -86.52
C LEU NC 12 -62.73 50.40 -87.99
#